data_6MSE
#
_entry.id   6MSE
#
loop_
_entity.id
_entity.type
_entity.pdbx_description
1 polymer '26S proteasome non-ATPase regulatory subunit 1'
2 polymer '26S proteasome non-ATPase regulatory subunit 3'
3 polymer '26S proteasome non-ATPase regulatory subunit 12'
4 polymer '26S proteasome non-ATPase regulatory subunit 11'
5 polymer '26S proteasome non-ATPase regulatory subunit 6'
6 polymer '26S proteasome non-ATPase regulatory subunit 7'
7 polymer '26S proteasome non-ATPase regulatory subunit 13'
8 polymer '26S proteasome non-ATPase regulatory subunit 4'
9 polymer '26S proteasome non-ATPase regulatory subunit 14'
10 polymer '26S proteasome non-ATPase regulatory subunit 8'
11 polymer '26S proteasome complex subunit SEM1'
12 polymer '26S proteasome non-ATPase regulatory subunit 2'
13 polymer '26S proteasome regulatory subunit 7'
14 polymer '26S proteasome regulatory subunit 4'
15 polymer '26S proteasome regulatory subunit 8'
16 polymer '26S proteasome regulatory subunit 6B'
17 polymer '26S proteasome regulatory subunit 10B'
18 polymer '26S proteasome regulatory subunit 6A'
19 polymer Ubiquitin
20 polymer substrate
21 polymer 'Proteasome subunit alpha type-6'
22 polymer 'Proteasome subunit alpha type-2'
23 polymer 'Proteasome subunit alpha type-4'
24 polymer 'Proteasome subunit alpha type-7'
25 polymer 'Proteasome subunit alpha type-5'
26 polymer 'Proteasome subunit alpha type-1'
27 polymer 'Proteasome subunit alpha type-3'
28 polymer 'Proteasome subunit beta type-6'
29 polymer 'Proteasome subunit beta type-7'
30 polymer 'Proteasome subunit beta type-3'
31 polymer 'Proteasome subunit beta type-2'
32 polymer 'Proteasome subunit beta type-5'
33 polymer 'Proteasome subunit beta type-1'
34 polymer 'Proteasome subunit beta type-4'
35 non-polymer 'ZINC ION'
36 non-polymer "ADENOSINE-5'-TRIPHOSPHATE"
37 non-polymer 'MAGNESIUM ION'
38 non-polymer "ADENOSINE-5'-DIPHOSPHATE"
#
loop_
_entity_poly.entity_id
_entity_poly.type
_entity_poly.pdbx_seq_one_letter_code
_entity_poly.pdbx_strand_id
1 'polypeptide(L)'
;MITSAAGIISLLDEDEPQLKEFALHKLNAVVNDFWAEISESVDKIEVLYEDEGFRSRQFAALVASKVFYHLGAFEESLNY
ALGAGDLFNVNDNSEYVETIIAKCIDHYTKQCVENADLPEGEKKPIDQRLEGIVNKMFQRCLDDHKYKQAIGIALETRRL
DVFEKTILESNDVPGMLAYSLKLCMSLMQNKQFRNKVLRVLVKIYMNLEKPDFINVCQCLIFLDDPQAVSDILEKLVKED
NLLMAYQICFDLYESASQQFLSSVIQNLRTVGTPIASVPGSTNTGTVPGSEKDSDSMETEEKTSSAFVGKTPEASPEPKD
QTLKMIKILSGEMAIELHLQFLIRNNNTDLMILKNTKDAVRNSVCHTATVIANSFMHCGTTSDQFLRDNLEWLARATNWA
KFTATASLGVIHKGHEKEALQLMATYLPKDTSPGSAYQEGGGLYALGLIHANHGGDIIDYLLNQLKNASNDIVRHGGSLG
LGLAAMGTARQDVYDLLKTNLYQDDAVTGEAAGLALGLVMLGSKNAQAIEDMVGYAQETQHEKILRGLAVGIALVMYGRM
EEADALIESLCRDKDPILRRSGMYTVAMAYCGSGNNKAIRRLLHVAVSDVNDDVRRAAVESLGFILFRTPEQCPSVVSLL
SESYNPHVRYGAAMALGICCAGTGNKEAINLLEPMTNDPVNYVRQGALIASALIMIQQTEITCPKVNQFRQLYSKVINDK
HDDVMAKFGAILAQGILDAGGHNVTISLQSRTGHTHMPSVVGVLVFTQFWFWFPLSHFLSLAYTPTCVIGLNKDLKMPKV
QYKSNCKPSTFAYPAPLEVPKEKEKEKVSTAVLSITAKAKKKEKEKEKKEEEKMEVDEAEKKEEKEKKKEPEPNFQLLDN
PARVMPAQLKVLTMPETCRYQPFKPLSIGGIIILKDTSEDIEELVEPVAAHGPKIEEEEQEPEPPEPFEYIDD
;
U
2 'polypeptide(L)'
;KQEGSARRRGADKAKPPPGGGEQEPPPPPAPQDVEMKEEAATGGGSTGEADGKTAAAAAEHSQRELDTVTLEDIKEHVKQ
LEKAVSGKEPRFVLRALRMLPSTSRRLNHYVLYKAVQGFFTSNNATRDFLLPFLEEPMDTEADLQFRPRTGKAASTPLLP
EVEAYLQLLVVIFMMNSKRYKEAQKISDDLMQKISTQNRRALDLVAAKCYYYHARVYEFLDKLDVVRSFLHARLRTATLR
HDADGQATLLNLLLRNYLHYSLYDQAEKLVSKSVFPEQANNNEWARYLYYTGRIKAIQLEYSEARRTMTNALRKAPQHTA
VGFKQTVHKLLIVVELLLGEIPDRLQFRQPSLKRSLMPYFLLTQAVRTGNLAKFNQVLDQFGEKFQADGTYTLIIRLRHN
VIKTGVRMISLSYSRISLADIAQKLQLDSPEDAEFIVAKAIRDGVIEASINHEKGYVQSKEMIDIYSTREPQLAFHQRIS
FCLDIHNMSVKAMRFPPKSYNKDLESAEERREREQQDLEFAKEMAEDDDDSFP
;
V
3 'polypeptide(L)'
;MADGGSERADGRIVKMEVDYSATVDQRLPECAKLAKEGRLQEVIETLLSLEKQTRTASDMVSTSRILVAVVKMCYEAKEW
DLLNENIMLLSKRRSQLKQAVAKMVQQCCTYVEEITDLPIKLRLIDTLRMVTEGKIYVEIERARLTKTLATIKEQNGDVK
EAASILQELQVETYGSMEKKERVEFILEQMRLCLAVKDYIRTQIISKKINTKFFQEENTEKLKLKYYNLMIQLDQHEGSY
LSICKHYRAIYDTPCIQAESEKWQQALKSVVLYVILAPFDNEQSDLVHRISGDKKLEEIPKYKDLLKLFTTMELMRWSTL
VEDYGMELRKGSLESPATDVFGSTEEGEKRWKDLKNRVVEHNIRIMAKYYTRITMKRMAQLLDLSVDESEAFLSNLVVNK
TIFAKVDRLAGIINFQRPKDPNNLLNDWSQKLNSLMSLVNKTTHLIAKEEMIHNLQ
;
W
4 'polypeptide(L)'
;MAAAAVVEFQRAQSLLSTDREASIDILHSIVKRDIQENDEEAVQVKEQSILELGSLLAKTGQAAELGGLLKYVRPFLNSI
SKAKAARLVRSLLDLFLDMEAATGQEVELCLECIEWAKSEKRTFLRQALEARLVSLYFDTKRYQEALHLGSQLLRELKKM
DDKALLVEVQLLESKTYHALSNLPKARAALTSARTTANAIYCPPKLQATLDMQSGIIHAAEEKDWKTAYSYFYEAFEGYD
SIDSPKAITSLKYMLLCKIMLNTPEDVQALVSGKLALRYAGRQTEALKCVAQASKNRSLADFEKALTDYRAELRDDPIIS
THLAKLYDNLLEQNLIRVIEPFSRVQIEHISSLIKLSKADVERKLSQMILDKKFHGILDQGEGVLIIFDEPPVDKTYEAA
LETIQNMSKVVDSLYNKAKKLT
;
X
5 'polypeptide(L)'
;MPLENLEEEGLPKNPDLRIAQLRFLLSLPEHRGDAAVRDELMAAVRDNNMAPYYEALCKSLDWQIDVDLLNKMKKANEDE
LKRLDEELEDAEKNLGESEIRDAMMAKAEYLCRIGDKEGALTAFRKTYDKTVALGHRLDIVFYLLRIGLFYMDNDLITRN
TEKAKSLIEEGGDWDRRNRLKVYQGLYCVAIRDFKQAAELFLDTVSTFTSYELMDYKTFVTYTVYVSMIALERPDLREKV
IKGAEILEVLHSLPAVRQYLFSLYECRYSVFFQSLAVVEQEMKKDWLFAPHYRYYVREMRIHAYSQLLESYRSLTLGYMA
EAFGVGVEFIDQELSRFIAAGRLHCKIDKVNEIVETNRPDSKNWQYQETIKKGDLLLNRVQKLSRVINM
;
Y
6 'polypeptide(L)'
;MPELAVQKVVVHPLVLLSVVDHFNRIGKVGNQKRVVGVLLGSWQKKVLDVSNSFAVPFDEDDKDDSVWFLDHDYLENMYG
MFKKVNARERIVGWYHTGPKLHKNDIAINELMKRYCPNSVLVIIDVKPKDLGLPTEAYISVEEVHDDGTPTSKTFEHVTS
EIGAEEAEEVGVEHLLRDIKDTTVGTLSQRITNQVHGLKGLNSKLLDIRSYLEKVATGKLPINHQIIYQLQDVFNLLPDV
SLQEFVKAFYLKTNDQMVVVYLASLIRSVVALHNLINNKIANRDAEKKEGQEKEESKKDRKEDKEKDKDKEKSDVKKEEK
KEKK
;
Z
7 'polypeptide(L)'
;MKDVPGFLQQSQNSGPGQPAVWHRLEELYTKKLWHQLTLQVLDFVQDPCFAQGDGLIKLYENFISEFEHRVNPLSLVEII
LHVVRQMTDPNVALTFLEKTREKVKSSDEAVILCKTAIGALKLNIGDLQVTKETIEDVEEMLNNLPGVTSVHSRFYDLSS
KYYQTIGNHASYYKDALRFLGCVDIKDLPVSEQQERAFTLGLAGLLGEGVFNFGELLMHPVLESLRNTDRQWLIDTLYAF
NSGNVERFQTLKTAWGQQPDLAANEAQLLRKIQLLCLMEMTFTRPANHRQLTFEEIAKSAKITVNEVELLVMKALSVGLV
KGSIDEVDKRVHMTWVQPRVLDLQQIKGMKDRLEFWCTDVKSMEMLVEHQAHDILT
;
a
8 'polypeptide(L)'
;MVLESTMVCVDNSEYMRNGDFLPTRLQAQQDAVNIVCHSKTRSNPENNVGLITLANDCEVLTTLTPDTGRILSKLHTVQP
KGKITFCTGIRVAHLALKHRQGKNHKMRIIAFVGSPVEDNEKDLVKLAKRLKKEKVNVDIINFGEEEVNTEKLTAFVNTL
NGKDGTGSHLVTVPPGPSLADALISSPILAGEGGAMLGLGASDFEFGVDPSADPELALALRVSMEEQRQRQEEEARRAAA
ASAAEAGIATTGTEDSDDALLKMTISQQEFGRTGLPDLSSMTEEEQIAYAMQMSLQGAEFGQAESADIDASSAMDTSEPA
KEEDDYDVMQDPEFLQSVLENLPGVDPNNEAIRNAMGSLASQATKDGKKDKKEEDKK
;
b
9 'polypeptide(L)'
;DRLLRLGGGMPGLGQGPPTDAPAVDTAEQVYISSLALLKMLKHGRAGVPMEVMGLMLGEFVDDYTVRVIDVFAMPQSGTG
VSVEAVDPVFQAKMLDMLKQTGRPEMVVGWYHSHPGFGCWLSGVDINTQQSFEALSERAVAVVVDPIQSVKGKVVIDAFR
LINANMMVLGHEPRQTTSNLGHLNKPSIQALIHGLNRHYYSITINYRKNELEQKMLLNLHKKSWMEGLTLQDYSEHCKHN
ESVVKEMLELAKNYNKAVEEEDKMTPEQLAIKNVGKQDPKRHLEEHVDVLMTSNIVQCLAAMLDTVVFK
;
c
10 'polypeptide(L)'
;FIKGRAPRAPPRERRRATRGGLRQVVAPPRALGSTSRPHFRRASVCRRRCRKSGGLLAASRKMAAAAVNGAAGFSSSGPA
ATSGAVLQAATGMYEQLKGEWNRKSPNLSKCGEELGRLKLVLLELNFLPTTGTKLTKQQLILARDILEIGAQWSILRKDI
PSFERYMAQLKCYYFDYKEQLPESAYMHQLLGLNLLFLLSQNRVAEFHTELERLPAKDIQTNVYIKHPVSLEQYLMEGSY
NKVFLAKGNIPAESYTFFIDILLDTIRDEIAGCIEKAYEKILFTEATRILFFNTPKKMTDYAKKRGWVLGPNNYYSFASQ
QQKPEDTTIPSTELAKQVIEYARQLEMIV
;
d
11 'polypeptide(L)' MSEKKQPVDLGLLEEDDEFEEFPAEDWAGLDEDEDAHVWEDNWDDDNVEDDFSNQLRAELEKHGYKMETS e
12 'polypeptide(L)'
;MEEGGRDKAPVQPQQSPAAAPGGTDEKPSGKERRDAGDKDKEQELSEEDKQLQDELEMLVERLGEKDTSLYRPALEELRR
QIRSSTTSMTSVPKPLKFLRPHYGKLKEIYENMAPGENKRFAADIISVLAMTMSGERECLKYRLVGSQEELASWGHEYVR
HLAGEVAKEWQELDDAEKVQREPLLTLVKEIVPYNMAHNAEHEACDLLMEIEQVDMLEKDIDENAYAKVCLYLTSCVNYV
PEPENSALLRCALGVFRKFSRFPEALRLALMLNDMELVEDIFTSCKDVVVQKQMAFMLGRHGVFLELSEDVEEYEDLTEI
MSNVQLNSNFLALARELDIMEPKVPDDIYKTHLENNRFGGSGSQVDSARMNLASSFVNGFVNAAFGQDKLLTDDGNKWLY
KNKDHGMLSAAASLGMILLWDVDGGLTQIDKYLYSSEDYIKSGALLACGIVNSGVRNECDPALALLSDYVLHNSNTMRLG
SIFGLGLAYAGSNREDVLTLLLPVMGDSKSSMEVAGVTALACGMIAVGSCNGDVTSTILQTIMEKSETELKDTYARWLPL
GLGLNHLGKGEAIEAILAALEVVSEPFRSFANTLVDVCAYAGSGNVLKVQQLLHICSEHFDSKEKEEDKDKKEKKDKDKK
EAPADMGAHQGVAVLGIALIAMGEEIGAEMALRTFGHLLRYGEPTLRRAVPLALALISVSNPRLNILDTLSKFSHDADPE
VSYNSIFAMGMVGSGTNNARLAAMLRQLAQYHAKDPNNLFMVRLAQGLTHLGKGTLTLCPYHSDRQLMSQVAVAGLLTVL
VSFLDVRNIILGKSHYVLYGLVAAMQPRMLVTFDEELRPLPVSVRVGQAVDVVGQAGKPKTITGFQTHTTPVLLAHGERA
ELATEEFLPVTP
;
f
13 'polypeptide(L)'
;MPDYLGADQRKTKEDEKDDKPIRALDEGDIALLKTYGQSTYSRQIKQVEDDIQQLLKKINELTGIKESDTGLAPPALWDL
AADKQTLQSEQPLQVARCTKIINADSEDPKYIINVKQFAKFVVDLSDQVAPTDIEEGMRVGVDRNKYQIHIPLPPKIDPT
VTMMQVEEKPDVTYSDVGGCKEQIEKLREVVETPLLHPERFVNLGIEPPKGVLLFGPPGTGKTLCARAVANRTDACFIRV
IGSELVQKYVGEGARMVRELFEMARTKKACLIFFDEIDAIGGARFDDGAGGDNEVQRTMLELINQLDGFDPRGNIKVLMA
TNRPDTLDPALMRPGRLDRKIEFSLPDLEGRTHIFKIHARSMSVERDIRFELLARLCPNSTGAEIRSVCTEAGMFAIRAR
RKIATEKDFLEAVNKVIKSYAKFSATPRYMTYN
;
A
14 'polypeptide(L)'
;MGQSQSGGHGPGGGKKDDKDKKKKYEPPVPTRVGKKKKKTKGPDAASKLPLVTPHTQCRLKLLKLERIKDYLLMEEEFIR
NQEQMKPLEEKQEEERSKVDDLRGTPMSVGTLEEIIDDNHAIVSTSVGSEHYVSILSFVDKDLLEPGCSVLLNHKVHAVI
GVLMDDTDPLVTVMKVEKAPQETYADIGGLDNQIQEIKESVELPLTHPEYYEEMGIKPPKGVILYGPPGTGKTLLAKAVA
NQTSATFLRVVGSELIQKYLGDGPKLVRELFRVAEEHAPSIVFIDEIDAIGTKRYDSNSGGEREIQRTMLELLNQLDGFD
SRGDVKVIMATNRIETLDPALIRPGRIDRKIEFPLPDEKTKKRIFQIHTSRMTLADDVTLDDLIMAKDDLSGADIKAICT
EAGLMALRERRMKVTNEDFKKSKENVLYKKQEGTPEGLYL
;
B
15 'polypeptide(L)'
;MELEEGKAGSGLRQYYLSKIEELQLIVNDKSQNLRRLQAQRNELNAKVRLLREELQLLQEQGSYVGEVVRAMDKKKVLVK
VHPEGKFVVDVDKNIDINDVTPNCRVALRNDSYTLHKILPNKVDPLVSLMMVEKVPDSTYEMIGGLDKQIKEIKEVIELP
VKHPELFEALGIAQPKGVLLYGPPGTGKTLLARAVAHHTDCTFIRVSGSELVQKFIGEGARMVRELFVMAREHAPSIIFM
DEIDSIGSSRLEGGSGGDSEVQRTMLELLNQLDGFEATKNIKVIMATNRIDILDSALLRPGRIDRKIEFPPPNEEARLDI
LKIHSRKMNLTRGINLRKIAELMPGASGAEVKGVCTEAGMYALRERRVHVTQEDFEMAVAKVMQKDSEKNMSIKKLWK
;
C
16 'polypeptide(L)'
;MEEIGILVEKAQDEIPALSVSRPQTGLSFLGPEPEDLEDLYSRYKKLQQELEFLEVQEEYIKDEQKNLKKEFLHAQEEVK
RIQSIPLVIGQFLEAVDQNTAIVGSTTGSNYYVRILSTIDRELLKPNASVALHKHSNALVDVLPPEADSSIMMLTSDQKP
DVMYADIGGMDIQKQEVREAVELPLTHFELYKQIGIDPPRGVLMYGPPGCGKTMLAKAVAHHTTAAFIRVVGSEFVQKYL
GEGPRMVRDVFRLAKENAPAIIFIDEIDAIATKRFDAQTGADREVQRILLELLNQMDGFDQNVNVKVIMATNRADTLDPA
LLRPGRLDRKIEFPLPDRRQKRLIFSTITSKMNLSEEVDLEDYVARPDKISGADINSICQESGMLAVRENRYIVLAKDFE
KAYKTVIKKDEQEHEFYK
;
D
17 'polypeptide(L)'
;MAIPGIPYERRLLIMADPRDKALQDYRKKLLEHKEIDGRLKELREQLKELTKQYEKSENDLKALQSVGQIVGEVLKQLTE
EKFIVKATNGPRYVVGCRRQLDKSKLKPGTRVALDMTTLTIMRYLPREVDPLVYNMSHEDPGNVSYSEIGGLSEQIRELR
EVIELPLTNPELFQRVGIIPPKGCLLYGPPGTGKTLLARAVASQLDCNFLKVVSSSIVDKYIGESARLIREMFNYARDHQ
PCIIFMDEIDAIGGRRFSEGTSADREIQRTLMELLNQMDGFDTLHRVKMIMATNRPDTLDPALLRPGRLDRKIHIDLPNE
QARLDILKIHAGPITKHGEIDYEAIVKLSDGFNGADLRNVCTEAGMFAIRADHDFVVQEDFMKAVRKVADSKKLESKLDY
KPV
;
E
18 'polypeptide(L)'
;MNLLPNIESPVTRQEKMATVWDEAEQDGIGEEVLKMSTEEIIQRTRLLDSEIKIMKSEVLRVTHELQAMKDKIKENSEKI
KVNKTLPYLVSNVIELLDVDPNDQEEDGANIDLDSQRKGKCAVIKTSTRQTYFLPVIGLVDAEKLKPGDLVGVNKDSYLI
LETLPTEYDSRVKAMEVDERPTEQYSDIGGLDKQIQELVEAIVLPMNHKEKFENLGIQPPKGVLMYGPPGTGKTLLARAC
AAQTKATFLKLAGPQLVQMFIGDGAKLVRDAFALAKEKAPSIIFIDELDAIGTKRFDSEKAGDREVQRTMLELLNQLDGF
QPNTQVKVIAATNRVDILDPALLRSGRLDRKIEFPMPNEEARARIMQIHSRKMNVSPDVNYEELARCTDDFNGAQCKAVC
VEAGMIALRRGATELTHEDYMEGILEVQAKKKANLQYYA
;
F
19 'polypeptide(L)' MQIFVKTLTGKTITLEVEPSDTIENVKAKIQDKEGIPPDQQRLIFAGKQLEDGRTLSDYNIQRESTLHLVLRLRGG u
20 'polypeptide(L)'
;(UNK)(UNK)(UNK)(UNK)(UNK)(UNK)(UNK)(UNK)(UNK)(UNK)(UNK)(UNK)(UNK)(UNK)(UNK)(UNK)
(UNK)(UNK)(UNK)(UNK)(UNK)(UNK)(UNK)(UNK)K(UNK)(UNK)(UNK)
;
v
21 'polypeptide(L)'
;SRGSSAGFDRHITIFSPEGRLYQVEYAFKAINQGGLTSVAVRGKDCAVIVTQKKVPDKLLDSSTVTHLFKITENIGCVMT
GMTADSRSQVQRARYEAANWKYKYGYEIPVDMLCKRIADISQVYTQNAEMRPLGCCMILIGIDEEQGPQVYKCDPAGYYC
GFKATAAGVKQTESTSFLEKKVKKKFDWTFEQTVETAITCLSTVLSIDFKPSEIEVGVVTVENPKFRILTEAEIDAHLVA
LAERD
;
G,g
22 'polypeptide(L)'
;AERGYSFSLTTFSPSGKLVQIEYALAAVAGGAPSVGIKAANGVVLATEKKQKSILYDERSVHKVEPITKHIGLVYSGMGP
DYRVLVHRARKLAQQYYLVYQEPIPTAQLVQRVASVMQEYTQSGGVRPFGVSLLICGWNEGRPYLFQSDPSGAYFAWKAT
AMGKNYVNGKTFLEKRYNEDLELEDAIHTAILTLKESFEGQMTEDNIEVGICNEAGFRRLTPTEVKDYLAAIA
;
H,h
23 'polypeptide(L)'
;SRRYDSRTTIFSPEGRLYQVEYAMEAIGHAGTCLGILANDGVLLAAERRNIHKLLDEVFFSEKIYKLNEDMACSVAGITS
DANVLTNELRLIAQRYLLQYQEPIPCEQLVTALCDIKQAYTQFGGKRPFGVSLLYIGWDKHYGFQLYQSDPSGNYGGWKA
TCIGNNSAAAVSMLKQDYKEGEMTLKSALALAIKVLNKTMDVSKLSAEKVEIATLTRENGKTVIRVLKQKEVEQLIKKHE
EEEAKAEREKKEKEQKEKDK
;
I,i
24 'polypeptide(L)'
;SYDRAITVFSPDGHLFQVEYAQEAVKKGSTAVGVRGRDIVVLGVEKKSVAKLQDERTVRKICALDDNVCMAFAGLTADAR
IVINRARVECQSHRLTVEDPVTVEYITRYIASLKQRYTQSNGRRPFGISALIVGFDFDGTPRLYQTDPSGTYHAWKANAI
GRGAKSVREFLEKNYTDEAIETDDLTIKLVIKALLEVVQSGGKNIELAVMRRDQSLKILNPEEIEKYVAEIEKEKEENEK
KKQKKAS
;
J,j
25 'polypeptide(L)'
;FLTRSEYDRGVNTFSPEGRLFQVEYAIEAIKLGSTAIGIQTSEGVCLAVEKRITSPLMEPSSIEKIVEIDAHIGCAMSGL
IADAKTLIDKARVETQNHWFTYNETMTVESVTQAVSNLALQFGEEDADPGAMSRPFGVALLFGGVDEKGPQLFHMDPSGT
FVQCDARAIGSASEGAQSSLQEVYHKSMTLKEAIKSSLIILKQVMEEKLNATNIELATVQPGQNFHMFTKEELEEVIKDI
;
K,k
26 'polypeptide(L)'
;QLSKVKFRNQYDNDVTVWSPQGRIHQIEYAMEAVKQGSATVGLKSKTHAVLVALKRAQSELAAHQKKILHVDNHIGISIA
GLTADARLLCNFMRQECLDSRFVFDRPLPVSRLVSLIGSKTQIPTQRYGRRPYGVGLLIAGYDDMGPHIFQTCPSANYFD
CRAMSIGARSQSARTYLERHMSEFMECNLNELVKHGLRALRETLPAEQDLTTKNVSIGIVGKDLEFTIYDDDDVSPFLEG
LEERPQRKAQPAQPADEPAEKADEPMEH
;
L,l
27 'polypeptide(L)'
;SSIGTGYDLSASTFSPDGRVFQVEYAMKAVENSSTAIGIRCKDGVVFGVEKLVLSKLYEEGSNKRLFNVDRHVGMAVAGL
LADARSLADIAREEASNFRSNFGYNIPLKHLADRVAMYVHAYTLYSAVRPFGCSFMLGSYSVNDGAQLYMIDPSGVSYGY
WGCAIGKARQAAKTEIEKLQMKEMTCRDIVKEVAKIIYIVHDEVKDKAFELELSWVGELTNGRHEIVPKDIREEAEKYAK
ESLKEEDESDDDNM
;
M,m
28 'polypeptide(L)'
;AATLLAARGAGPAPAWGPEAFTPDWESREVSTGTTIMAVQFDGGVVLGADSRTTTGSYIANRVTDKLTPIHDRIFCCRSG
SAADTQAVADAVTYQLGFHSIELNEPPLVHTAASLFKEMCYRYREDLMAGIIIAGWDPQEGGQVYSVPMGGMMVRQSFAI
GGSGSSYIYGYVDATYREGMTKEECLQFTANALALAMERDGSSGGVIRLAAIAESGVERQVLLGDQIPKFAVATLPPA
;
N,n
29 'polypeptide(L)'
;AAVSVYAPPVGGFSFDNCRRNAVLEADFAKRGYKLPKVRKTGTTIAGVVYKDGIVLGADTRATEGMVVADKNCSKIHFIS
PNIYCCGAGTAADTDMTTQLISSNLELHSLSTGRLPRVVTANRMLKQMLFRYQGYIGAALVLGGVDVTGPHLYSIYPHGS
TDKLPYVTMGSGSLAAMAVFEDKFRPDMEEEEAKNLVSEAIAAGIFNDLGSGSNIDLCVISKNKLDFLRPYTVPNKKGTR
LGRYRCEKGTTAVLTEKITPLEIEVLEETVQTMDTS
;
O,o
30 'polypeptide(L)'
;SIMSYNGGAVMAMKGKNCVAIAADRRFGIQAQMVTTDFQKIFPMGDRLYIGLAGLATDVQTVAQRLKFRLNLYELKEGRQ
IKPYTLMSMVANLLYEKRFGPYYTEPVIAGLDPKTFKPFICSLDLIGCPMVTDDFVVSGTCAEQMYGMCESLWEPNMDPD
HLFETISQAMLNAVDRDAVSGMGVIVHIIEKDKITTRTLKARMD
;
P,p
31 'polypeptide(L)'
;MEYLIGIQGPDYVLVASDRVAASNIVQMKDDHDKMFKMSEKILLLCVGEAGDTVQFAEYIQKNVQLYKMRNGYELSPTAA
ANFTRRNLADCLRSRTPYHVNLLLAGYDEHEGPALYYMDYLAALAKAPFAAHGYGAFLTLSILDRYYTPTISRERAVELL
RKCLEELQKRFILNLPTFSVRIIDKNGIHDLDNISFPKQGS
;
Q,q
32 'polypeptide(L)'
;ALASVLERPLPVNQRGFFGLGGRADLLDLGPGSLSDGLSLAAPGWGVPEEPGIEMLHGTTTLAFKFRHGVIVAADSRATA
GAYIASQTVKKVIEINPYLLGTMAGGAADCSFWERLLARQCRIYELRNKERISVAAASKLLANMVYQYKGMGLSMGTMIC
GWDKRGPGLYYVDSEGNRISGATFSVGSGSVYAYGVMDRGYSYDLEVEQAYDLARRAIYQATYRDAYSGGAVNLYHVRED
GWIRVSSDNVADLHEKYSGSTP
;
R,r
33 'polypeptide(L)'
;LSSTAMYSAPGRDLGMEPHRAAGPLQLRFSPYVFNGGTILAIAGEDFAIVASDTRLSEGFSIHTRDSPKCYKLTDKTVIG
CSGFHGDCLTLTKIIEARLKMYKHSNNKAMTTGAIAAMLSTILYSRRFFPYYVYNIIGGLDEEGKGAVYSFDPVGSYQRD
SFKAGGSASAMLQPLLDNQVGFKNMQNVEHVPLSLDRAMRLVKDVFISAAERDVYTGDALRICIVTKEGIREETVSLRKD
;
S,s
34 'polypeptide(L)'
;EAFLGSRSGLWAGGPAPGQFYRIPSTPDSFMDPASALYRGPITRTQNPMVTGTSVLGVKFEGGVVIAADMLGSYGSLARF
RNISRIMRVNNSTMLGASGDYADFQYLKQVLGQMVIDEELLGDGHSYSPRAIHSWLTRAMYSRRSKMNPLWNTMVIGGYA
DGESFLGYVDMLGVAYEAPSLATGYGAYLAQPLLREVLEKQPVLSQTEARDLVERCMRVLYYRDARSYNRFQIATVTEKG
VEIEGPLSTETNWDIAHMISGFE
;
T,t
#
loop_
_chem_comp.id
_chem_comp.type
_chem_comp.name
_chem_comp.formula
ADP non-polymer ADENOSINE-5'-DIPHOSPHATE 'C10 H15 N5 O10 P2'
ATP non-polymer ADENOSINE-5'-TRIPHOSPHATE 'C10 H16 N5 O13 P3'
MG non-polymer 'MAGNESIUM ION' 'Mg 2'
ZN non-polymer 'ZINC ION' 'Zn 2'
#
# COMPACT_ATOMS: atom_id res chain seq x y z
N GLY A 7 -13.86 -128.66 60.47
CA GLY A 7 -14.70 -129.81 60.67
C GLY A 7 -14.15 -131.05 60.02
N ILE A 8 -13.28 -130.84 59.05
CA ILE A 8 -12.58 -131.94 58.40
C ILE A 8 -11.07 -131.87 58.62
N ILE A 9 -10.53 -130.73 59.04
CA ILE A 9 -9.12 -130.61 59.30
C ILE A 9 -8.76 -131.35 60.57
N SER A 10 -9.55 -131.17 61.61
CA SER A 10 -9.29 -131.71 62.94
C SER A 10 -9.53 -133.21 63.05
N LEU A 11 -9.96 -133.86 61.97
CA LEU A 11 -10.01 -135.32 61.88
C LEU A 11 -8.63 -135.94 61.81
N LEU A 12 -7.59 -135.15 61.52
CA LEU A 12 -6.22 -135.65 61.41
C LEU A 12 -5.42 -135.45 62.69
N ASP A 13 -6.10 -135.49 63.84
CA ASP A 13 -5.46 -135.30 65.13
C ASP A 13 -5.26 -136.59 65.91
N GLU A 14 -6.11 -137.59 65.66
CA GLU A 14 -6.23 -138.74 66.54
C GLU A 14 -5.20 -139.80 66.17
N ASP A 15 -4.81 -140.61 67.16
CA ASP A 15 -3.63 -141.46 67.05
C ASP A 15 -3.90 -142.94 66.83
N GLU A 16 -5.14 -143.40 67.01
CA GLU A 16 -5.45 -144.81 66.78
C GLU A 16 -5.38 -145.14 65.30
N PRO A 17 -4.85 -146.33 64.94
CA PRO A 17 -4.73 -146.67 63.52
C PRO A 17 -6.05 -146.91 62.84
N GLN A 18 -7.08 -147.32 63.58
CA GLN A 18 -8.41 -147.53 63.00
C GLN A 18 -9.07 -146.24 62.54
N LEU A 19 -8.58 -145.08 62.98
CA LEU A 19 -8.97 -143.83 62.36
C LEU A 19 -7.94 -143.34 61.34
N LYS A 20 -6.69 -143.82 61.44
CA LYS A 20 -5.69 -143.52 60.41
C LYS A 20 -6.11 -144.09 59.06
N GLU A 21 -6.48 -145.37 59.02
CA GLU A 21 -7.03 -145.88 57.77
C GLU A 21 -8.47 -145.41 57.52
N PHE A 22 -9.11 -144.75 58.47
CA PHE A 22 -10.32 -144.01 58.17
C PHE A 22 -10.05 -142.55 57.87
N ALA A 23 -8.85 -142.05 58.20
CA ALA A 23 -8.47 -140.72 57.76
C ALA A 23 -8.28 -140.68 56.26
N LEU A 24 -7.66 -141.73 55.70
CA LEU A 24 -7.55 -141.83 54.24
C LEU A 24 -8.90 -142.06 53.59
N HIS A 25 -9.84 -142.68 54.34
CA HIS A 25 -11.25 -142.72 53.91
C HIS A 25 -11.86 -141.32 53.93
N LYS A 26 -11.30 -140.42 54.73
CA LYS A 26 -11.76 -139.04 54.74
C LYS A 26 -10.80 -138.09 54.04
N LEU A 27 -9.57 -138.53 53.77
CA LEU A 27 -8.69 -137.79 52.88
C LEU A 27 -9.23 -137.76 51.46
N ASN A 28 -9.63 -138.92 50.94
CA ASN A 28 -10.21 -138.95 49.60
C ASN A 28 -11.65 -138.48 49.58
N ALA A 29 -12.27 -138.27 50.75
CA ALA A 29 -13.59 -137.66 50.78
C ALA A 29 -13.50 -136.17 50.45
N VAL A 30 -12.62 -135.44 51.16
CA VAL A 30 -12.58 -133.98 51.10
C VAL A 30 -11.57 -133.52 50.05
N VAL A 31 -11.23 -134.43 49.13
CA VAL A 31 -10.11 -134.25 48.21
C VAL A 31 -10.48 -133.28 47.08
N ASN A 32 -11.75 -132.86 47.00
CA ASN A 32 -12.24 -132.20 45.79
C ASN A 32 -11.87 -130.71 45.72
N ASP A 33 -12.34 -129.90 46.67
CA ASP A 33 -12.46 -128.46 46.45
C ASP A 33 -11.59 -127.63 47.39
N PHE A 34 -11.70 -127.83 48.70
CA PHE A 34 -11.19 -126.85 49.66
C PHE A 34 -9.69 -126.99 49.88
N TRP A 35 -8.92 -126.95 48.79
CA TRP A 35 -7.48 -127.08 48.89
C TRP A 35 -6.83 -125.79 49.40
N ALA A 36 -7.52 -124.66 49.28
CA ALA A 36 -7.02 -123.44 49.90
C ALA A 36 -7.08 -123.52 51.42
N GLU A 37 -8.02 -124.31 51.95
CA GLU A 37 -8.11 -124.49 53.40
C GLU A 37 -6.95 -125.34 53.92
N ILE A 38 -6.40 -126.20 53.08
CA ILE A 38 -5.31 -127.09 53.49
C ILE A 38 -3.97 -126.36 53.47
N SER A 39 -3.97 -125.07 53.12
CA SER A 39 -2.76 -124.25 53.22
C SER A 39 -2.25 -124.16 54.64
N GLU A 40 -3.16 -124.16 55.62
CA GLU A 40 -2.80 -124.19 57.03
C GLU A 40 -2.58 -125.61 57.54
N SER A 41 -2.68 -126.61 56.68
CA SER A 41 -2.58 -128.00 57.10
C SER A 41 -1.39 -128.68 56.44
N VAL A 42 -0.24 -127.99 56.41
CA VAL A 42 0.94 -128.55 55.79
C VAL A 42 1.54 -129.64 56.66
N ASP A 43 1.75 -129.35 57.95
CA ASP A 43 2.32 -130.33 58.86
C ASP A 43 1.37 -131.48 59.14
N LYS A 44 0.06 -131.24 59.10
CA LYS A 44 -0.90 -132.30 59.41
C LYS A 44 -0.97 -133.33 58.31
N ILE A 45 -0.44 -133.03 57.13
CA ILE A 45 -0.11 -134.04 56.14
C ILE A 45 1.34 -134.51 56.32
N GLU A 46 2.24 -133.61 56.69
CA GLU A 46 3.66 -133.92 56.76
C GLU A 46 3.98 -134.81 57.95
N VAL A 47 3.47 -134.46 59.13
CA VAL A 47 3.66 -135.30 60.32
C VAL A 47 2.91 -136.62 60.14
N LEU A 48 1.76 -136.58 59.48
CA LEU A 48 1.04 -137.81 59.14
C LEU A 48 1.80 -138.61 58.09
N TYR A 49 2.60 -137.93 57.25
CA TYR A 49 3.50 -138.66 56.36
C TYR A 49 4.64 -139.30 57.12
N GLU A 50 5.07 -138.69 58.22
CA GLU A 50 6.16 -139.24 59.02
C GLU A 50 5.73 -140.40 59.90
N ASP A 51 4.46 -140.80 59.89
CA ASP A 51 4.00 -141.96 60.64
C ASP A 51 4.32 -143.20 59.83
N GLU A 52 5.03 -144.14 60.46
CA GLU A 52 5.29 -145.44 59.85
C GLU A 52 4.23 -146.46 60.23
N GLY A 53 3.49 -146.23 61.31
CA GLY A 53 2.31 -147.03 61.60
C GLY A 53 1.12 -146.69 60.74
N PHE A 54 1.19 -145.58 60.00
CA PHE A 54 0.22 -145.26 58.97
C PHE A 54 0.64 -145.98 57.71
N ARG A 55 -0.17 -146.96 57.29
CA ARG A 55 0.23 -147.90 56.24
C ARG A 55 0.29 -147.26 54.86
N SER A 56 -0.60 -146.31 54.58
CA SER A 56 -0.74 -145.71 53.25
C SER A 56 -0.09 -144.34 53.17
N ARG A 57 1.10 -144.19 53.75
CA ARG A 57 1.81 -142.90 53.78
C ARG A 57 2.05 -142.32 52.39
N GLN A 58 2.15 -143.16 51.36
CA GLN A 58 2.27 -142.65 50.00
C GLN A 58 1.00 -141.96 49.53
N PHE A 59 -0.17 -142.42 50.00
CA PHE A 59 -1.43 -141.77 49.68
C PHE A 59 -1.54 -140.38 50.31
N ALA A 60 -0.83 -140.14 51.43
CA ALA A 60 -0.74 -138.78 51.96
C ALA A 60 0.04 -137.88 51.02
N ALA A 61 1.00 -138.43 50.29
CA ALA A 61 1.73 -137.66 49.29
C ALA A 61 0.92 -137.44 48.03
N LEU A 62 -0.11 -138.25 47.77
CA LEU A 62 -1.02 -137.99 46.67
C LEU A 62 -1.81 -136.70 46.91
N VAL A 63 -2.49 -136.62 48.05
CA VAL A 63 -3.28 -135.44 48.37
C VAL A 63 -2.39 -134.24 48.68
N ALA A 64 -1.11 -134.47 49.02
CA ALA A 64 -0.19 -133.35 49.18
C ALA A 64 0.20 -132.78 47.82
N SER A 65 0.39 -133.65 46.82
CA SER A 65 0.61 -133.15 45.46
C SER A 65 -0.63 -132.51 44.88
N LYS A 66 -1.81 -132.79 45.46
CA LYS A 66 -3.01 -132.06 45.07
C LYS A 66 -3.00 -130.64 45.64
N VAL A 67 -2.60 -130.48 46.91
CA VAL A 67 -2.72 -129.17 47.53
C VAL A 67 -1.57 -128.24 47.13
N PHE A 68 -0.35 -128.76 46.96
CA PHE A 68 0.72 -127.87 46.54
C PHE A 68 0.63 -127.49 45.06
N TYR A 69 -0.20 -128.18 44.29
CA TYR A 69 -0.53 -127.73 42.95
C TYR A 69 -1.59 -126.63 42.98
N HIS A 70 -2.50 -126.68 43.94
CA HIS A 70 -3.44 -125.58 44.16
C HIS A 70 -2.70 -124.31 44.54
N LEU A 71 -1.77 -124.43 45.48
CA LEU A 71 -0.98 -123.28 45.91
C LEU A 71 0.09 -122.89 44.90
N GLY A 72 0.41 -123.76 43.96
CA GLY A 72 1.45 -123.46 43.02
C GLY A 72 2.85 -123.74 43.52
N ALA A 73 3.01 -124.69 44.44
CA ALA A 73 4.32 -125.15 44.85
C ALA A 73 4.69 -126.31 43.95
N PHE A 74 5.20 -125.97 42.76
CA PHE A 74 5.35 -126.94 41.69
C PHE A 74 6.49 -127.92 41.94
N GLU A 75 7.54 -127.49 42.63
CA GLU A 75 8.58 -128.44 43.00
C GLU A 75 8.13 -129.32 44.16
N GLU A 76 7.34 -128.76 45.07
CA GLU A 76 6.86 -129.53 46.21
C GLU A 76 5.84 -130.58 45.78
N SER A 77 5.03 -130.27 44.75
CA SER A 77 4.21 -131.31 44.14
C SER A 77 5.06 -132.32 43.38
N LEU A 78 6.18 -131.87 42.82
CA LEU A 78 7.06 -132.77 42.09
C LEU A 78 7.78 -133.72 43.03
N ASN A 79 8.28 -133.21 44.17
CA ASN A 79 9.01 -134.07 45.11
C ASN A 79 8.08 -135.05 45.82
N TYR A 80 6.81 -134.71 45.98
CA TYR A 80 5.87 -135.64 46.59
C TYR A 80 5.22 -136.55 45.57
N ALA A 81 5.26 -136.22 44.28
CA ALA A 81 4.94 -137.20 43.26
C ALA A 81 6.03 -138.25 43.16
N LEU A 82 7.27 -137.89 43.51
CA LEU A 82 8.35 -138.86 43.63
C LEU A 82 8.07 -139.84 44.76
N GLY A 83 7.93 -139.33 45.97
CA GLY A 83 7.80 -140.16 47.15
C GLY A 83 6.47 -140.88 47.32
N ALA A 84 5.52 -140.66 46.42
CA ALA A 84 4.25 -141.36 46.50
C ALA A 84 4.28 -142.74 45.86
N GLY A 85 5.39 -143.09 45.21
CA GLY A 85 5.66 -144.49 44.88
C GLY A 85 4.71 -145.08 43.86
N ASP A 86 4.26 -146.31 44.16
CA ASP A 86 3.38 -147.04 43.26
C ASP A 86 2.00 -146.41 43.17
N LEU A 87 1.53 -145.80 44.27
CA LEU A 87 0.21 -145.17 44.28
C LEU A 87 0.17 -143.95 43.36
N PHE A 88 1.31 -143.31 43.12
CA PHE A 88 1.39 -142.33 42.04
C PHE A 88 1.63 -142.99 40.70
N ASN A 89 2.41 -144.08 40.69
CA ASN A 89 2.76 -144.76 39.44
C ASN A 89 1.54 -145.42 38.80
N VAL A 90 0.56 -145.83 39.60
CA VAL A 90 -0.66 -146.41 39.05
C VAL A 90 -1.56 -145.31 38.46
N ASN A 91 -1.44 -144.08 38.95
CA ASN A 91 -2.34 -143.00 38.58
C ASN A 91 -1.67 -142.14 37.51
N ASP A 92 -2.01 -142.39 36.25
CA ASP A 92 -1.53 -141.54 35.17
C ASP A 92 -2.57 -141.29 34.09
N ASN A 93 -3.83 -141.69 34.29
CA ASN A 93 -4.88 -141.43 33.31
C ASN A 93 -5.74 -140.26 33.80
N SER A 94 -5.22 -139.05 33.57
CA SER A 94 -5.91 -137.82 33.92
C SER A 94 -5.24 -136.66 33.19
N GLU A 95 -5.94 -135.54 33.15
CA GLU A 95 -5.36 -134.29 32.68
C GLU A 95 -4.87 -133.43 33.83
N TYR A 96 -5.05 -133.89 35.06
CA TYR A 96 -4.30 -133.33 36.18
C TYR A 96 -2.83 -133.71 36.09
N VAL A 97 -2.56 -135.01 35.90
CA VAL A 97 -1.22 -135.54 36.05
C VAL A 97 -0.34 -135.18 34.86
N GLU A 98 -0.92 -134.74 33.74
CA GLU A 98 -0.12 -134.39 32.58
C GLU A 98 0.67 -133.11 32.78
N THR A 99 0.29 -132.29 33.75
CA THR A 99 1.06 -131.09 34.07
C THR A 99 2.26 -131.42 34.94
N ILE A 100 2.11 -132.38 35.86
CA ILE A 100 3.22 -132.68 36.75
C ILE A 100 4.16 -133.72 36.15
N ILE A 101 3.76 -134.44 35.11
CA ILE A 101 4.75 -135.17 34.34
C ILE A 101 5.45 -134.26 33.37
N ALA A 102 4.87 -133.10 33.04
CA ALA A 102 5.54 -132.14 32.20
C ALA A 102 6.72 -131.51 32.93
N LYS A 103 6.54 -131.22 34.22
CA LYS A 103 7.65 -130.77 35.04
C LYS A 103 8.65 -131.89 35.29
N CYS A 104 8.19 -133.14 35.24
CA CYS A 104 9.06 -134.28 35.42
C CYS A 104 10.06 -134.41 34.27
N ILE A 105 9.55 -134.47 33.04
CA ILE A 105 10.39 -134.62 31.84
C ILE A 105 11.29 -133.41 31.69
N ASP A 106 10.79 -132.23 32.03
CA ASP A 106 11.61 -131.02 31.99
C ASP A 106 12.74 -131.10 33.00
N HIS A 107 12.45 -131.56 34.23
CA HIS A 107 13.51 -131.77 35.20
C HIS A 107 14.38 -132.96 34.81
N TYR A 108 13.81 -133.92 34.08
CA TYR A 108 14.56 -135.11 33.70
C TYR A 108 15.60 -134.79 32.62
N THR A 109 15.18 -134.11 31.55
CA THR A 109 16.09 -133.91 30.43
C THR A 109 17.16 -132.86 30.72
N LYS A 110 16.94 -131.98 31.69
CA LYS A 110 18.02 -131.09 32.11
C LYS A 110 18.93 -131.75 33.13
N GLN A 111 18.46 -132.80 33.78
CA GLN A 111 19.34 -133.61 34.61
C GLN A 111 20.23 -134.49 33.75
N CYS A 112 19.69 -135.02 32.65
CA CYS A 112 20.46 -135.94 31.82
C CYS A 112 21.53 -135.23 31.01
N VAL A 113 21.25 -134.03 30.52
CA VAL A 113 22.27 -133.23 29.85
C VAL A 113 23.33 -132.80 30.85
N GLU A 114 22.93 -132.55 32.11
CA GLU A 114 23.89 -132.27 33.17
C GLU A 114 24.79 -133.48 33.43
N ASN A 115 24.19 -134.68 33.51
CA ASN A 115 25.01 -135.87 33.70
C ASN A 115 25.73 -136.30 32.43
N ALA A 116 25.28 -135.85 31.25
CA ALA A 116 26.06 -136.05 30.03
C ALA A 116 27.27 -135.14 29.95
N ASP A 117 27.29 -134.05 30.72
CA ASP A 117 28.44 -133.16 30.74
C ASP A 117 29.62 -133.83 31.45
N LEU A 118 29.44 -134.17 32.72
CA LEU A 118 30.50 -134.78 33.53
C LEU A 118 30.02 -136.13 34.04
N PRO A 119 30.24 -137.20 33.27
CA PRO A 119 30.03 -138.55 33.81
C PRO A 119 31.21 -139.06 34.61
N GLU A 120 32.34 -138.35 34.59
CA GLU A 120 33.54 -138.76 35.30
C GLU A 120 33.46 -138.21 36.73
N GLY A 121 32.77 -138.96 37.58
CA GLY A 121 32.65 -138.62 38.98
C GLY A 121 31.65 -137.50 39.25
N GLU A 122 31.31 -137.39 40.54
CA GLU A 122 30.37 -136.42 41.15
C GLU A 122 29.07 -136.25 40.35
N LYS A 123 28.56 -137.36 39.80
CA LYS A 123 27.30 -137.34 39.10
C LYS A 123 26.14 -137.22 40.07
N LYS A 124 25.13 -136.46 39.67
CA LYS A 124 23.90 -136.39 40.44
C LYS A 124 23.06 -137.62 40.13
N PRO A 125 22.78 -138.48 41.11
CA PRO A 125 22.03 -139.71 40.82
C PRO A 125 20.56 -139.41 40.54
N ILE A 126 20.08 -139.92 39.41
CA ILE A 126 18.68 -139.76 39.03
C ILE A 126 17.82 -140.61 39.96
N ASP A 127 16.73 -140.04 40.45
CA ASP A 127 15.76 -140.81 41.23
C ASP A 127 15.13 -141.88 40.35
N GLN A 128 14.96 -143.07 40.93
CA GLN A 128 14.40 -144.17 40.17
C GLN A 128 12.90 -144.02 39.99
N ARG A 129 12.25 -143.37 40.94
CA ARG A 129 10.84 -143.03 40.78
C ARG A 129 10.64 -141.82 39.90
N LEU A 130 11.70 -141.06 39.63
CA LEU A 130 11.62 -140.02 38.60
C LEU A 130 11.53 -140.66 37.22
N GLU A 131 12.40 -141.62 36.94
CA GLU A 131 12.36 -142.35 35.68
C GLU A 131 11.34 -143.48 35.68
N GLY A 132 10.66 -143.71 36.81
CA GLY A 132 9.67 -144.76 36.86
C GLY A 132 8.45 -144.45 36.02
N ILE A 133 8.09 -143.16 35.91
CA ILE A 133 7.01 -142.75 35.02
C ILE A 133 7.52 -142.33 33.64
N VAL A 134 8.82 -142.20 33.45
CA VAL A 134 9.36 -141.77 32.16
C VAL A 134 9.24 -142.89 31.14
N ASN A 135 9.79 -144.05 31.45
CA ASN A 135 9.65 -145.21 30.59
C ASN A 135 8.22 -145.75 30.58
N LYS A 136 7.47 -145.54 31.66
CA LYS A 136 6.07 -145.94 31.68
C LYS A 136 5.23 -145.11 30.72
N MET A 137 5.51 -143.80 30.65
CA MET A 137 4.85 -142.99 29.64
C MET A 137 5.41 -143.28 28.26
N PHE A 138 6.66 -143.74 28.20
CA PHE A 138 7.20 -144.24 26.94
C PHE A 138 6.52 -145.55 26.53
N GLN A 139 6.01 -146.32 27.49
CA GLN A 139 5.20 -147.49 27.14
C GLN A 139 3.87 -147.08 26.53
N ARG A 140 3.34 -145.90 26.91
CA ARG A 140 2.13 -145.40 26.28
C ARG A 140 2.37 -145.05 24.81
N CYS A 141 3.59 -144.65 24.48
CA CYS A 141 3.95 -144.47 23.08
C CYS A 141 3.96 -145.81 22.34
N LEU A 142 4.33 -146.89 23.03
CA LEU A 142 4.39 -148.20 22.41
C LEU A 142 3.00 -148.78 22.18
N ASP A 143 2.00 -148.33 22.94
CA ASP A 143 0.69 -148.95 22.92
C ASP A 143 -0.39 -148.09 22.31
N ASP A 144 -0.18 -146.77 22.17
CA ASP A 144 -1.15 -145.90 21.53
C ASP A 144 -0.81 -145.68 20.06
N HIS A 145 -0.09 -146.64 19.46
CA HIS A 145 0.10 -146.81 18.01
C HIS A 145 1.02 -145.75 17.39
N LYS A 146 1.40 -144.74 18.15
CA LYS A 146 2.13 -143.60 17.63
C LYS A 146 3.62 -143.75 17.91
N TYR A 147 4.43 -143.65 16.86
CA TYR A 147 5.86 -143.90 16.98
C TYR A 147 6.74 -142.73 16.55
N LYS A 148 6.17 -141.69 15.94
CA LYS A 148 6.91 -140.45 15.78
C LYS A 148 7.04 -139.72 17.12
N GLN A 149 6.11 -139.97 18.04
CA GLN A 149 6.30 -139.51 19.40
C GLN A 149 7.28 -140.39 20.15
N ALA A 150 7.29 -141.70 19.84
CA ALA A 150 8.20 -142.62 20.53
C ALA A 150 9.65 -142.36 20.13
N ILE A 151 9.87 -141.92 18.89
CA ILE A 151 11.20 -141.50 18.50
C ILE A 151 11.50 -140.09 19.01
N GLY A 152 10.48 -139.34 19.39
CA GLY A 152 10.69 -137.93 19.72
C GLY A 152 11.34 -137.73 21.08
N ILE A 153 10.83 -138.43 22.10
CA ILE A 153 11.44 -138.38 23.43
C ILE A 153 12.84 -139.00 23.39
N ALA A 154 13.02 -140.02 22.55
CA ALA A 154 14.26 -140.80 22.52
C ALA A 154 15.48 -139.97 22.11
N LEU A 155 15.27 -138.93 21.30
CA LEU A 155 16.33 -137.96 21.07
C LEU A 155 16.49 -137.02 22.26
N GLU A 156 15.37 -136.52 22.79
CA GLU A 156 15.40 -135.51 23.83
C GLU A 156 15.83 -136.06 25.18
N THR A 157 15.64 -137.35 25.42
CA THR A 157 16.03 -137.94 26.69
C THR A 157 17.54 -138.12 26.83
N ARG A 158 18.29 -137.96 25.73
CA ARG A 158 19.74 -138.15 25.66
C ARG A 158 20.16 -139.54 26.13
N ARG A 159 19.34 -140.54 25.82
CA ARG A 159 19.63 -141.92 26.14
C ARG A 159 19.80 -142.70 24.85
N LEU A 160 20.83 -143.54 24.80
CA LEU A 160 21.25 -144.19 23.57
C LEU A 160 20.55 -145.53 23.32
N ASP A 161 20.40 -146.36 24.35
CA ASP A 161 19.93 -147.73 24.11
C ASP A 161 18.43 -147.82 23.90
N VAL A 162 17.65 -146.90 24.49
CA VAL A 162 16.23 -146.87 24.19
C VAL A 162 15.99 -146.37 22.78
N PHE A 163 16.93 -145.58 22.24
CA PHE A 163 16.87 -145.15 20.85
C PHE A 163 17.10 -146.32 19.91
N GLU A 164 17.96 -147.26 20.32
CA GLU A 164 18.11 -148.50 19.59
C GLU A 164 16.87 -149.38 19.76
N LYS A 165 16.17 -149.25 20.88
CA LYS A 165 14.97 -150.04 21.09
C LYS A 165 13.82 -149.55 20.22
N THR A 166 13.79 -148.26 19.89
CA THR A 166 12.71 -147.71 19.07
C THR A 166 12.77 -148.20 17.64
N ILE A 167 13.97 -148.38 17.10
CA ILE A 167 14.09 -148.80 15.71
C ILE A 167 13.99 -150.31 15.55
N LEU A 168 14.05 -151.06 16.65
CA LEU A 168 14.08 -152.52 16.62
C LEU A 168 12.96 -153.06 17.50
N GLU A 169 11.75 -152.57 17.27
CA GLU A 169 10.58 -153.00 18.02
C GLU A 169 9.38 -153.16 17.10
N SER A 170 8.18 -153.26 17.67
CA SER A 170 6.95 -153.33 16.89
C SER A 170 6.70 -151.94 16.28
N ASN A 171 7.40 -151.68 15.19
CA ASN A 171 7.43 -150.37 14.57
C ASN A 171 7.94 -150.59 13.15
N ASP A 172 7.14 -150.22 12.16
CA ASP A 172 7.47 -150.52 10.77
C ASP A 172 8.63 -149.64 10.30
N VAL A 173 9.38 -150.15 9.32
CA VAL A 173 10.45 -149.36 8.71
C VAL A 173 10.15 -149.16 7.22
N PRO A 174 9.26 -148.23 6.83
CA PRO A 174 9.30 -147.77 5.44
C PRO A 174 10.51 -146.88 5.20
N GLY A 175 10.60 -145.83 6.01
CA GLY A 175 11.72 -144.90 5.95
C GLY A 175 12.04 -144.29 7.30
N MET A 176 11.58 -144.91 8.39
CA MET A 176 11.79 -144.34 9.71
C MET A 176 13.24 -144.45 10.16
N LEU A 177 14.00 -145.35 9.56
CA LEU A 177 15.44 -145.41 9.74
C LEU A 177 16.19 -144.62 8.68
N ALA A 178 15.53 -143.68 8.02
CA ALA A 178 16.17 -142.82 7.03
C ALA A 178 16.15 -141.35 7.43
N TYR A 179 14.98 -140.80 7.76
CA TYR A 179 14.96 -139.39 8.19
C TYR A 179 15.48 -139.22 9.61
N SER A 180 15.53 -140.31 10.40
CA SER A 180 16.19 -140.24 11.69
C SER A 180 17.68 -139.98 11.53
N LEU A 181 18.29 -140.49 10.44
CA LEU A 181 19.64 -140.08 10.10
C LEU A 181 19.68 -138.61 9.69
N LYS A 182 18.62 -138.13 9.06
CA LYS A 182 18.60 -136.74 8.61
C LYS A 182 18.43 -135.78 9.77
N LEU A 183 17.58 -136.12 10.73
CA LEU A 183 17.38 -135.26 11.90
C LEU A 183 18.61 -135.25 12.78
N CYS A 184 19.28 -136.39 12.92
CA CYS A 184 20.47 -136.47 13.76
C CYS A 184 21.71 -135.91 13.07
N MET A 185 21.63 -135.57 11.79
CA MET A 185 22.72 -134.89 11.11
C MET A 185 22.48 -133.40 10.94
N SER A 186 21.24 -133.00 10.66
CA SER A 186 20.96 -131.60 10.37
C SER A 186 20.88 -130.76 11.64
N LEU A 187 19.93 -131.05 12.52
CA LEU A 187 19.63 -130.22 13.68
C LEU A 187 20.36 -130.66 14.94
N MET A 188 21.47 -131.37 14.79
CA MET A 188 22.19 -131.88 15.94
C MET A 188 22.99 -130.77 16.63
N GLN A 189 22.98 -130.80 17.97
CA GLN A 189 23.61 -129.75 18.77
C GLN A 189 25.12 -129.78 18.65
N ASN A 190 25.74 -130.89 19.04
CA ASN A 190 27.19 -131.00 19.09
C ASN A 190 27.66 -132.29 18.41
N LYS A 191 28.98 -132.44 18.33
CA LYS A 191 29.55 -133.69 17.86
C LYS A 191 29.48 -134.78 18.92
N GLN A 192 29.30 -134.40 20.18
CA GLN A 192 29.39 -135.36 21.28
C GLN A 192 28.17 -136.26 21.34
N PHE A 193 26.99 -135.70 21.13
CA PHE A 193 25.79 -136.51 21.06
C PHE A 193 25.51 -136.99 19.63
N ARG A 194 26.20 -136.41 18.63
CA ARG A 194 26.01 -136.88 17.26
C ARG A 194 26.59 -138.26 17.06
N ASN A 195 27.89 -138.41 17.34
CA ASN A 195 28.58 -139.66 17.04
C ASN A 195 28.10 -140.80 17.93
N LYS A 196 27.66 -140.49 19.16
CA LYS A 196 27.09 -141.53 20.02
C LYS A 196 25.79 -142.09 19.45
N VAL A 197 25.01 -141.24 18.78
CA VAL A 197 23.81 -141.71 18.09
C VAL A 197 24.18 -142.36 16.76
N LEU A 198 25.09 -141.72 16.01
CA LEU A 198 25.29 -142.08 14.61
C LEU A 198 26.04 -143.40 14.45
N ARG A 199 26.95 -143.73 15.38
CA ARG A 199 27.78 -144.90 15.19
C ARG A 199 27.02 -146.20 15.36
N VAL A 200 25.90 -146.20 16.10
CA VAL A 200 25.14 -147.42 16.28
C VAL A 200 24.11 -147.59 15.16
N LEU A 201 23.77 -146.51 14.44
CA LEU A 201 22.70 -146.57 13.46
C LEU A 201 23.11 -147.30 12.19
N VAL A 202 24.40 -147.44 11.93
CA VAL A 202 24.83 -148.24 10.79
C VAL A 202 25.35 -149.61 11.22
N LYS A 203 25.64 -149.79 12.51
CA LYS A 203 25.89 -151.13 13.02
C LYS A 203 24.63 -151.97 12.97
N ILE A 204 23.46 -151.35 13.19
CA ILE A 204 22.22 -152.06 12.97
C ILE A 204 21.91 -152.20 11.47
N TYR A 205 22.51 -151.35 10.63
CA TYR A 205 22.37 -151.55 9.19
C TYR A 205 23.23 -152.72 8.72
N MET A 206 24.39 -152.90 9.36
CA MET A 206 25.16 -154.13 9.15
C MET A 206 24.45 -155.31 9.79
N ASN A 207 23.71 -155.08 10.88
CA ASN A 207 22.89 -156.12 11.47
C ASN A 207 21.60 -156.35 10.71
N LEU A 208 21.22 -155.44 9.83
CA LEU A 208 20.09 -155.68 8.96
C LEU A 208 20.47 -156.69 7.89
N GLU A 209 19.46 -157.41 7.37
CA GLU A 209 19.72 -158.52 6.47
C GLU A 209 20.32 -158.06 5.15
N LYS A 210 19.83 -156.94 4.61
CA LYS A 210 20.47 -156.33 3.46
C LYS A 210 21.31 -155.15 3.94
N PRO A 211 22.64 -155.23 3.88
CA PRO A 211 23.45 -154.11 4.37
C PRO A 211 23.40 -152.94 3.40
N ASP A 212 22.89 -151.81 3.88
CA ASP A 212 22.84 -150.59 3.07
C ASP A 212 24.25 -150.02 3.00
N PHE A 213 24.56 -149.41 1.87
CA PHE A 213 25.95 -149.10 1.52
C PHE A 213 26.26 -147.62 1.41
N ILE A 214 25.33 -146.82 0.88
CA ILE A 214 25.62 -145.40 0.75
C ILE A 214 25.58 -144.71 2.11
N ASN A 215 24.71 -145.16 3.02
CA ASN A 215 24.59 -144.51 4.31
C ASN A 215 25.69 -144.90 5.28
N VAL A 216 26.21 -146.13 5.17
CA VAL A 216 27.30 -146.54 6.04
C VAL A 216 28.60 -145.87 5.59
N CYS A 217 28.68 -145.43 4.33
CA CYS A 217 29.78 -144.60 3.90
C CYS A 217 29.55 -143.13 4.26
N GLN A 218 28.30 -142.68 4.20
CA GLN A 218 27.97 -141.29 4.48
C GLN A 218 28.22 -140.94 5.95
N CYS A 219 27.81 -141.82 6.86
CA CYS A 219 28.02 -141.57 8.28
C CYS A 219 29.50 -141.67 8.64
N LEU A 220 30.23 -142.55 7.96
CA LEU A 220 31.60 -142.85 8.36
C LEU A 220 32.54 -141.69 8.08
N ILE A 221 32.32 -140.99 6.96
CA ILE A 221 33.13 -139.82 6.67
C ILE A 221 32.73 -138.65 7.55
N PHE A 222 31.52 -138.70 8.12
CA PHE A 222 31.17 -137.80 9.21
C PHE A 222 31.78 -138.27 10.52
N LEU A 223 32.05 -139.57 10.64
CA LEU A 223 32.59 -140.17 11.85
C LEU A 223 34.10 -140.33 11.82
N ASP A 224 34.70 -140.25 10.62
CA ASP A 224 36.15 -140.30 10.39
C ASP A 224 36.75 -141.62 10.91
N ASP A 225 36.35 -142.71 10.25
CA ASP A 225 36.90 -144.03 10.50
C ASP A 225 37.66 -144.51 9.26
N PRO A 226 38.96 -144.26 9.16
CA PRO A 226 39.72 -144.70 7.99
C PRO A 226 40.05 -146.18 7.95
N GLN A 227 39.44 -147.01 8.80
CA GLN A 227 39.73 -148.44 8.80
C GLN A 227 38.45 -149.24 8.65
N ALA A 228 37.32 -148.65 9.08
CA ALA A 228 36.07 -149.39 9.12
C ALA A 228 35.46 -149.53 7.73
N VAL A 229 35.69 -148.57 6.85
CA VAL A 229 35.22 -148.71 5.47
C VAL A 229 36.09 -149.73 4.74
N SER A 230 37.36 -149.87 5.14
CA SER A 230 38.20 -150.92 4.56
C SER A 230 37.82 -152.29 5.10
N ASP A 231 37.21 -152.33 6.28
CA ASP A 231 36.74 -153.60 6.85
C ASP A 231 35.58 -154.15 6.05
N ILE A 232 34.59 -153.31 5.74
CA ILE A 232 33.48 -153.76 4.92
C ILE A 232 33.85 -153.84 3.44
N LEU A 233 34.93 -153.17 3.04
CA LEU A 233 35.47 -153.37 1.70
C LEU A 233 36.07 -154.77 1.57
N GLU A 234 36.71 -155.24 2.64
CA GLU A 234 37.24 -156.59 2.67
C GLU A 234 36.13 -157.63 2.62
N LYS A 235 34.97 -157.32 3.21
CA LYS A 235 33.82 -158.19 3.09
C LYS A 235 33.28 -158.21 1.67
N LEU A 236 33.39 -157.10 0.95
CA LEU A 236 32.98 -157.08 -0.45
C LEU A 236 34.02 -157.73 -1.34
N VAL A 237 35.29 -157.69 -0.95
CA VAL A 237 36.29 -158.55 -1.58
C VAL A 237 35.99 -160.01 -1.30
N LYS A 238 35.58 -160.32 -0.06
CA LYS A 238 35.15 -161.65 0.30
C LYS A 238 33.87 -162.05 -0.45
N GLU A 239 32.96 -161.10 -0.66
CA GLU A 239 31.77 -161.38 -1.45
C GLU A 239 32.09 -161.43 -2.94
N ASP A 240 33.06 -160.63 -3.39
CA ASP A 240 33.57 -160.60 -4.77
C ASP A 240 32.47 -160.24 -5.78
N ASN A 241 32.00 -158.99 -5.65
CA ASN A 241 31.23 -158.36 -6.72
C ASN A 241 31.52 -156.86 -6.65
N LEU A 242 32.03 -156.33 -7.75
CA LEU A 242 32.30 -154.89 -7.84
C LEU A 242 31.04 -154.08 -8.11
N LEU A 243 29.90 -154.75 -8.33
CA LEU A 243 28.64 -154.04 -8.51
C LEU A 243 28.19 -153.38 -7.20
N MET A 244 28.17 -154.15 -6.12
CA MET A 244 27.86 -153.59 -4.82
C MET A 244 29.08 -153.00 -4.13
N ALA A 245 30.28 -153.23 -4.66
CA ALA A 245 31.50 -152.59 -4.18
C ALA A 245 31.80 -151.31 -4.94
N TYR A 246 30.77 -150.63 -5.41
CA TYR A 246 30.91 -149.48 -6.30
C TYR A 246 30.41 -148.19 -5.66
N GLN A 247 29.15 -148.15 -5.25
CA GLN A 247 28.60 -146.96 -4.61
C GLN A 247 29.11 -146.77 -3.17
N ILE A 248 29.68 -147.81 -2.59
CA ILE A 248 30.45 -147.64 -1.36
C ILE A 248 31.74 -146.89 -1.64
N CYS A 249 32.20 -146.88 -2.89
CA CYS A 249 33.52 -146.37 -3.22
C CYS A 249 33.53 -145.03 -3.93
N PHE A 250 32.59 -144.78 -4.84
CA PHE A 250 32.60 -143.48 -5.50
C PHE A 250 31.87 -142.40 -4.72
N ASP A 251 30.91 -142.78 -3.87
CA ASP A 251 30.42 -141.85 -2.86
C ASP A 251 31.52 -141.52 -1.86
N LEU A 252 32.42 -142.47 -1.61
CA LEU A 252 33.60 -142.20 -0.80
C LEU A 252 34.54 -141.24 -1.52
N TYR A 253 34.66 -141.37 -2.85
CA TYR A 253 35.54 -140.47 -3.56
C TYR A 253 34.92 -139.09 -3.74
N GLU A 254 33.60 -139.02 -3.92
CA GLU A 254 32.95 -137.75 -4.18
C GLU A 254 32.87 -136.90 -2.92
N SER A 255 32.58 -137.52 -1.78
CA SER A 255 32.32 -136.75 -0.57
C SER A 255 33.57 -136.51 0.27
N ALA A 256 34.35 -137.56 0.53
CA ALA A 256 35.36 -137.51 1.57
C ALA A 256 36.57 -136.67 1.14
N SER A 257 37.40 -136.34 2.15
CA SER A 257 38.51 -135.44 1.97
C SER A 257 39.69 -136.14 1.30
N GLN A 258 40.61 -135.33 0.77
CA GLN A 258 41.79 -135.84 0.12
C GLN A 258 42.74 -136.51 1.11
N GLN A 259 42.91 -135.91 2.29
CA GLN A 259 43.72 -136.52 3.33
C GLN A 259 43.08 -137.79 3.87
N PHE A 260 41.74 -137.82 3.92
CA PHE A 260 41.04 -139.03 4.36
C PHE A 260 41.23 -140.16 3.37
N LEU A 261 41.22 -139.85 2.07
CA LEU A 261 41.50 -140.88 1.09
C LEU A 261 42.98 -141.23 1.05
N SER A 262 43.84 -140.25 1.36
CA SER A 262 45.26 -140.53 1.49
C SER A 262 45.57 -141.31 2.77
N SER A 263 44.68 -141.30 3.76
CA SER A 263 44.89 -142.06 4.98
C SER A 263 44.25 -143.45 4.89
N VAL A 264 43.16 -143.58 4.15
CA VAL A 264 42.46 -144.85 4.08
C VAL A 264 43.16 -145.83 3.14
N ILE A 265 44.05 -145.33 2.26
CA ILE A 265 44.64 -146.16 1.22
C ILE A 265 45.63 -147.17 1.81
N GLN A 266 46.18 -146.87 2.98
CA GLN A 266 47.02 -147.83 3.69
C GLN A 266 46.21 -149.02 4.14
N ASN A 267 44.98 -148.79 4.56
CA ASN A 267 44.10 -149.88 4.97
C ASN A 267 43.49 -150.61 3.79
N LEU A 268 43.47 -150.00 2.60
CA LEU A 268 42.97 -150.71 1.43
C LEU A 268 44.01 -151.64 0.82
N ARG A 269 45.28 -151.25 0.79
CA ARG A 269 46.32 -152.09 0.23
C ARG A 269 46.87 -153.10 1.23
N THR A 270 46.28 -153.19 2.41
CA THR A 270 46.75 -154.11 3.43
C THR A 270 45.59 -154.90 4.01
N ASP A 320 39.74 -155.07 -11.29
CA ASP A 320 39.75 -156.10 -10.25
C ASP A 320 39.81 -155.48 -8.86
N GLN A 321 39.76 -156.35 -7.85
CA GLN A 321 39.91 -155.91 -6.47
C GLN A 321 41.35 -155.47 -6.18
N THR A 322 42.32 -155.97 -6.94
CA THR A 322 43.68 -155.44 -6.86
C THR A 322 43.76 -154.09 -7.55
N LEU A 323 43.08 -153.94 -8.68
CA LEU A 323 42.98 -152.68 -9.39
C LEU A 323 42.00 -151.71 -8.75
N LYS A 324 41.30 -152.13 -7.69
CA LYS A 324 40.19 -151.36 -7.14
C LYS A 324 40.66 -150.06 -6.51
N MET A 325 41.76 -150.10 -5.76
CA MET A 325 42.28 -148.90 -5.10
C MET A 325 42.77 -147.85 -6.09
N ILE A 326 43.18 -148.28 -7.29
CA ILE A 326 43.49 -147.32 -8.34
C ILE A 326 42.21 -146.74 -8.92
N LYS A 327 41.19 -147.59 -9.07
CA LYS A 327 39.95 -147.17 -9.71
C LYS A 327 39.15 -146.20 -8.87
N ILE A 328 39.31 -146.20 -7.55
CA ILE A 328 38.43 -145.43 -6.68
C ILE A 328 39.15 -144.30 -5.96
N LEU A 329 40.46 -144.34 -5.79
CA LEU A 329 41.16 -143.33 -5.00
C LEU A 329 41.98 -142.37 -5.83
N SER A 330 42.48 -142.82 -6.98
CA SER A 330 42.99 -141.87 -7.95
C SER A 330 41.85 -141.03 -8.51
N GLY A 331 40.69 -141.65 -8.74
CA GLY A 331 39.56 -140.96 -9.32
C GLY A 331 39.77 -140.52 -10.75
N GLU A 332 40.65 -141.20 -11.49
CA GLU A 332 41.01 -140.78 -12.83
C GLU A 332 39.86 -140.99 -13.80
N MET A 333 39.10 -142.07 -13.63
CA MET A 333 37.99 -142.36 -14.55
C MET A 333 36.83 -141.39 -14.37
N ALA A 334 36.81 -140.58 -13.31
CA ALA A 334 35.90 -139.45 -13.27
C ALA A 334 36.46 -138.24 -13.99
N ILE A 335 37.79 -138.15 -14.11
CA ILE A 335 38.42 -136.96 -14.68
C ILE A 335 38.26 -136.94 -16.19
N GLU A 336 38.74 -137.98 -16.89
CA GLU A 336 38.61 -138.00 -18.34
C GLU A 336 37.18 -138.20 -18.79
N LEU A 337 36.30 -138.75 -17.94
CA LEU A 337 34.89 -138.82 -18.28
C LEU A 337 34.22 -137.46 -18.20
N HIS A 338 34.60 -136.67 -17.19
CA HIS A 338 34.23 -135.25 -17.19
C HIS A 338 34.82 -134.54 -18.40
N LEU A 339 36.04 -134.90 -18.77
CA LEU A 339 36.60 -134.42 -20.02
C LEU A 339 35.86 -134.99 -21.22
N GLN A 340 35.39 -136.24 -21.10
CA GLN A 340 34.58 -136.83 -22.16
C GLN A 340 33.24 -136.12 -22.29
N PHE A 341 32.67 -135.70 -21.16
CA PHE A 341 31.41 -134.98 -21.20
C PHE A 341 31.57 -133.60 -21.82
N LEU A 342 32.74 -132.97 -21.65
CA LEU A 342 32.90 -131.62 -22.17
C LEU A 342 33.31 -131.62 -23.64
N ILE A 343 34.04 -132.63 -24.08
CA ILE A 343 34.41 -132.70 -25.48
C ILE A 343 33.21 -133.11 -26.34
N ARG A 344 32.22 -133.77 -25.75
CA ARG A 344 31.01 -134.13 -26.49
C ARG A 344 29.94 -133.05 -26.37
N ASN A 345 29.65 -132.62 -25.15
CA ASN A 345 28.66 -131.57 -24.91
C ASN A 345 29.40 -130.24 -24.83
N ASN A 346 29.19 -129.39 -25.82
CA ASN A 346 29.79 -128.06 -25.85
C ASN A 346 28.88 -127.17 -26.69
N ASN A 347 28.10 -126.33 -26.01
CA ASN A 347 27.08 -125.51 -26.65
C ASN A 347 27.38 -124.05 -26.28
N THR A 348 28.26 -123.42 -27.05
CA THR A 348 28.69 -122.05 -26.79
C THR A 348 28.48 -121.18 -28.04
N ASP A 349 28.98 -119.95 -27.98
CA ASP A 349 28.79 -118.99 -29.05
C ASP A 349 30.07 -118.20 -29.25
N LEU A 350 30.42 -117.98 -30.51
CA LEU A 350 31.49 -117.05 -30.86
C LEU A 350 31.02 -115.60 -30.91
N MET A 351 29.73 -115.39 -31.19
CA MET A 351 29.20 -114.05 -31.45
C MET A 351 29.20 -113.20 -30.18
N ILE A 352 29.07 -113.83 -29.01
CA ILE A 352 29.03 -113.08 -27.75
C ILE A 352 30.37 -112.42 -27.48
N LEU A 353 31.47 -113.11 -27.77
CA LEU A 353 32.77 -112.47 -27.75
C LEU A 353 32.91 -111.44 -28.87
N LYS A 354 32.26 -111.68 -30.01
CA LYS A 354 32.28 -110.70 -31.09
C LYS A 354 31.42 -109.49 -30.76
N ASN A 355 30.38 -109.65 -29.95
CA ASN A 355 29.62 -108.48 -29.50
C ASN A 355 30.44 -107.67 -28.52
N THR A 356 31.23 -108.31 -27.69
CA THR A 356 32.11 -107.63 -26.75
C THR A 356 33.47 -107.32 -27.34
N LYS A 357 33.67 -107.62 -28.63
CA LYS A 357 34.94 -107.34 -29.27
C LYS A 357 35.15 -105.84 -29.47
N ASP A 358 34.07 -105.08 -29.59
CA ASP A 358 34.10 -103.70 -30.05
C ASP A 358 34.58 -102.69 -28.99
N ALA A 359 35.10 -103.14 -27.85
CA ALA A 359 35.58 -102.23 -26.81
C ALA A 359 37.10 -102.12 -26.83
N VAL A 360 37.68 -102.08 -28.02
CA VAL A 360 39.13 -102.04 -28.19
C VAL A 360 39.64 -100.66 -27.74
N ARG A 361 40.42 -100.66 -26.67
CA ARG A 361 41.03 -99.46 -26.12
C ARG A 361 42.17 -99.91 -25.20
N ASN A 362 42.73 -98.96 -24.46
CA ASN A 362 43.84 -99.25 -23.55
C ASN A 362 43.37 -99.62 -22.14
N SER A 363 42.10 -99.98 -21.98
CA SER A 363 41.53 -100.22 -20.65
C SER A 363 41.70 -101.65 -20.18
N VAL A 364 40.88 -102.00 -19.18
CA VAL A 364 40.82 -103.35 -18.61
C VAL A 364 40.54 -104.40 -19.68
N CYS A 365 39.67 -104.06 -20.64
CA CYS A 365 38.91 -104.93 -21.53
C CYS A 365 39.62 -106.15 -22.09
N HIS A 366 40.92 -106.03 -22.38
CA HIS A 366 41.68 -107.19 -22.84
C HIS A 366 41.79 -108.25 -21.75
N THR A 367 42.01 -107.85 -20.50
CA THR A 367 41.94 -108.80 -19.40
C THR A 367 40.50 -109.24 -19.16
N ALA A 368 39.55 -108.35 -19.43
CA ALA A 368 38.14 -108.65 -19.17
C ALA A 368 37.58 -109.64 -20.18
N THR A 369 38.09 -109.63 -21.42
CA THR A 369 37.65 -110.62 -22.39
C THR A 369 38.30 -111.97 -22.14
N VAL A 370 39.60 -111.98 -21.81
CA VAL A 370 40.28 -113.26 -21.64
C VAL A 370 39.92 -113.93 -20.33
N ILE A 371 39.35 -113.19 -19.38
CA ILE A 371 38.83 -113.83 -18.19
C ILE A 371 37.42 -114.34 -18.44
N ALA A 372 36.76 -113.89 -19.50
CA ALA A 372 35.42 -114.36 -19.81
C ALA A 372 35.45 -115.71 -20.50
N ASN A 373 36.19 -115.84 -21.60
CA ASN A 373 36.23 -117.09 -22.33
C ASN A 373 36.99 -118.19 -21.59
N SER A 374 37.81 -117.83 -20.62
CA SER A 374 38.42 -118.87 -19.79
C SER A 374 37.40 -119.48 -18.84
N PHE A 375 36.43 -118.68 -18.35
CA PHE A 375 35.44 -119.21 -17.43
C PHE A 375 34.39 -120.05 -18.15
N MET A 376 34.01 -119.66 -19.37
CA MET A 376 32.97 -120.36 -20.09
C MET A 376 33.50 -121.50 -20.95
N HIS A 377 34.79 -121.83 -20.83
CA HIS A 377 35.36 -122.94 -21.56
C HIS A 377 36.29 -123.75 -20.67
N CYS A 378 35.86 -124.02 -19.44
CA CYS A 378 36.68 -124.77 -18.51
C CYS A 378 36.72 -126.23 -18.91
N GLY A 379 37.94 -126.76 -19.11
CA GLY A 379 38.12 -128.18 -19.33
C GLY A 379 37.65 -128.71 -20.66
N THR A 380 37.43 -127.85 -21.65
CA THR A 380 36.96 -128.30 -22.95
C THR A 380 38.04 -128.29 -24.02
N THR A 381 39.22 -127.70 -23.72
CA THR A 381 40.42 -127.71 -24.57
C THR A 381 40.15 -127.15 -25.97
N SER A 382 39.36 -126.09 -26.05
CA SER A 382 38.88 -125.55 -27.31
C SER A 382 39.52 -124.18 -27.54
N ASP A 383 40.61 -124.16 -28.30
CA ASP A 383 41.31 -122.91 -28.63
C ASP A 383 40.94 -122.43 -30.03
N GLN A 384 39.68 -122.02 -30.20
CA GLN A 384 39.27 -121.31 -31.41
C GLN A 384 38.73 -119.92 -31.10
N PHE A 385 38.38 -119.65 -29.85
CA PHE A 385 37.96 -118.34 -29.40
C PHE A 385 39.14 -117.43 -29.13
N LEU A 386 40.34 -117.99 -29.08
CA LEU A 386 41.57 -117.24 -28.87
C LEU A 386 42.46 -117.21 -30.09
N ARG A 387 42.49 -118.29 -30.87
CA ARG A 387 43.36 -118.39 -32.04
C ARG A 387 42.76 -117.74 -33.28
N ASP A 388 41.67 -116.99 -33.14
CA ASP A 388 41.16 -116.20 -34.25
C ASP A 388 42.10 -115.05 -34.60
N ASN A 389 42.88 -114.58 -33.62
CA ASN A 389 43.80 -113.48 -33.82
C ASN A 389 45.08 -113.75 -33.05
N LEU A 390 46.02 -112.84 -33.18
CA LEU A 390 47.19 -112.83 -32.33
C LEU A 390 47.42 -111.46 -31.72
N GLU A 391 47.15 -110.40 -32.46
CA GLU A 391 47.62 -109.06 -32.10
C GLU A 391 46.73 -108.41 -31.05
N TRP A 392 45.41 -108.56 -31.19
CA TRP A 392 44.49 -108.07 -30.17
C TRP A 392 44.64 -108.85 -28.88
N LEU A 393 45.00 -110.13 -28.97
CA LEU A 393 45.34 -110.89 -27.78
C LEU A 393 46.66 -110.43 -27.20
N ALA A 394 47.66 -110.17 -28.05
CA ALA A 394 48.97 -109.71 -27.60
C ALA A 394 49.07 -108.19 -27.57
N ARG A 395 47.95 -107.49 -27.42
CA ARG A 395 48.03 -106.04 -27.30
C ARG A 395 48.41 -105.62 -25.88
N ALA A 396 47.61 -106.02 -24.90
CA ALA A 396 47.88 -105.65 -23.52
C ALA A 396 49.07 -106.44 -22.97
N THR A 397 49.78 -105.83 -22.04
CA THR A 397 51.09 -106.31 -21.64
C THR A 397 51.25 -106.37 -20.14
N ASN A 398 52.28 -107.13 -19.74
CA ASN A 398 53.04 -107.03 -18.50
C ASN A 398 52.30 -107.55 -17.26
N TRP A 399 50.97 -107.65 -17.33
CA TRP A 399 50.20 -108.51 -16.43
C TRP A 399 49.07 -109.23 -17.13
N ALA A 400 48.57 -108.72 -18.26
CA ALA A 400 47.60 -109.45 -19.05
C ALA A 400 48.23 -110.67 -19.68
N LYS A 401 49.49 -110.56 -20.09
CA LYS A 401 50.20 -111.71 -20.64
C LYS A 401 50.51 -112.72 -19.56
N PHE A 402 50.62 -112.27 -18.30
CA PHE A 402 50.64 -113.20 -17.19
C PHE A 402 49.31 -113.91 -17.04
N THR A 403 48.21 -113.22 -17.39
CA THR A 403 46.89 -113.81 -17.33
C THR A 403 46.55 -114.55 -18.61
N ALA A 404 47.13 -114.13 -19.75
CA ALA A 404 46.86 -114.79 -21.02
C ALA A 404 47.43 -116.20 -21.05
N THR A 405 48.66 -116.39 -20.56
CA THR A 405 49.16 -117.74 -20.40
C THR A 405 48.56 -118.45 -19.19
N ALA A 406 47.91 -117.70 -18.29
CA ALA A 406 47.20 -118.34 -17.19
C ALA A 406 45.89 -118.95 -17.66
N SER A 407 45.17 -118.23 -18.53
CA SER A 407 43.87 -118.69 -19.01
C SER A 407 43.99 -119.89 -19.95
N LEU A 408 45.19 -120.19 -20.43
CA LEU A 408 45.40 -121.31 -21.34
C LEU A 408 45.19 -122.64 -20.62
N GLY A 409 45.58 -122.73 -19.35
CA GLY A 409 45.48 -123.99 -18.63
C GLY A 409 44.10 -124.30 -18.12
N VAL A 410 43.28 -123.28 -17.84
CA VAL A 410 41.91 -123.49 -17.38
C VAL A 410 41.06 -124.13 -18.47
N ILE A 411 41.33 -123.78 -19.72
CA ILE A 411 40.65 -124.43 -20.83
C ILE A 411 41.09 -125.88 -20.96
N HIS A 412 42.32 -126.19 -20.58
CA HIS A 412 42.83 -127.56 -20.58
C HIS A 412 42.78 -128.18 -19.19
N LYS A 413 41.73 -127.87 -18.42
CA LYS A 413 41.61 -128.36 -17.05
C LYS A 413 41.34 -129.86 -17.04
N GLY A 414 42.06 -130.57 -16.17
CA GLY A 414 41.84 -132.00 -15.96
C GLY A 414 42.24 -132.85 -17.15
N HIS A 415 43.48 -132.68 -17.61
CA HIS A 415 43.97 -133.41 -18.78
C HIS A 415 45.48 -133.44 -18.73
N GLU A 416 46.05 -134.65 -18.74
CA GLU A 416 47.48 -134.81 -18.50
C GLU A 416 48.32 -134.48 -19.72
N LYS A 417 47.87 -134.88 -20.91
CA LYS A 417 48.74 -134.87 -22.08
C LYS A 417 48.96 -133.47 -22.63
N GLU A 418 47.88 -132.76 -22.94
CA GLU A 418 47.97 -131.44 -23.58
C GLU A 418 48.17 -130.35 -22.50
N ALA A 419 49.26 -130.51 -21.76
CA ALA A 419 49.78 -129.48 -20.87
C ALA A 419 51.21 -129.13 -21.21
N LEU A 420 52.07 -130.12 -21.37
CA LEU A 420 53.45 -129.88 -21.76
C LEU A 420 53.55 -129.62 -23.26
N GLN A 421 52.74 -130.33 -24.07
CA GLN A 421 52.91 -130.29 -25.51
C GLN A 421 52.36 -129.02 -26.15
N LEU A 422 51.30 -128.42 -25.59
CA LEU A 422 50.80 -127.19 -26.16
C LEU A 422 51.58 -125.99 -25.65
N MET A 423 52.06 -126.07 -24.41
CA MET A 423 52.85 -125.01 -23.83
C MET A 423 54.33 -125.16 -24.11
N ALA A 424 54.71 -126.01 -25.09
CA ALA A 424 56.10 -126.16 -25.46
C ALA A 424 56.68 -124.89 -26.07
N THR A 425 55.82 -124.06 -26.68
CA THR A 425 56.24 -122.70 -27.03
C THR A 425 56.47 -121.89 -25.76
N TYR A 426 55.66 -122.13 -24.73
CA TYR A 426 55.59 -121.27 -23.57
C TYR A 426 56.42 -121.77 -22.39
N LEU A 427 57.27 -122.77 -22.60
CA LEU A 427 58.35 -123.02 -21.66
C LEU A 427 59.30 -121.83 -21.64
N PRO A 428 59.85 -121.46 -20.47
CA PRO A 428 60.62 -120.21 -20.38
C PRO A 428 62.00 -120.26 -21.02
N LYS A 429 62.52 -121.45 -21.37
CA LYS A 429 63.87 -121.57 -21.89
C LYS A 429 63.90 -121.86 -23.40
N ASP A 430 62.77 -121.71 -24.09
CA ASP A 430 62.70 -122.04 -25.51
C ASP A 430 62.70 -120.81 -26.40
N THR A 431 61.76 -119.89 -26.19
CA THR A 431 61.65 -118.71 -27.04
C THR A 431 62.51 -117.55 -26.54
N SER A 432 62.52 -117.33 -25.22
CA SER A 432 63.14 -116.22 -24.51
C SER A 432 62.82 -114.85 -25.11
N PRO A 433 61.57 -114.35 -24.96
CA PRO A 433 61.26 -113.02 -25.48
C PRO A 433 61.65 -111.93 -24.50
N GLY A 434 61.26 -110.69 -24.79
CA GLY A 434 61.40 -109.61 -23.81
C GLY A 434 60.39 -109.68 -22.68
N SER A 435 59.42 -110.58 -22.77
CA SER A 435 58.39 -110.74 -21.75
C SER A 435 58.67 -112.00 -20.94
N ALA A 436 58.91 -111.83 -19.64
CA ALA A 436 59.06 -112.97 -18.75
C ALA A 436 57.75 -113.37 -18.10
N TYR A 437 56.77 -112.47 -18.04
CA TYR A 437 55.45 -112.81 -17.51
C TYR A 437 54.71 -113.77 -18.44
N GLN A 438 54.98 -113.68 -19.74
CA GLN A 438 54.40 -114.61 -20.71
C GLN A 438 54.90 -116.02 -20.47
N GLU A 439 56.16 -116.16 -20.07
CA GLU A 439 56.77 -117.46 -19.90
C GLU A 439 56.81 -117.91 -18.44
N GLY A 440 56.68 -116.99 -17.49
CA GLY A 440 56.66 -117.36 -16.10
C GLY A 440 55.30 -117.73 -15.56
N GLY A 441 54.25 -117.24 -16.19
CA GLY A 441 52.90 -117.53 -15.76
C GLY A 441 52.34 -118.83 -16.28
N GLY A 442 53.13 -119.62 -17.00
CA GLY A 442 52.65 -120.91 -17.45
C GLY A 442 52.55 -121.90 -16.31
N LEU A 443 53.49 -121.84 -15.37
CA LEU A 443 53.49 -122.73 -14.22
C LEU A 443 52.29 -122.48 -13.31
N TYR A 444 51.76 -121.25 -13.34
CA TYR A 444 50.47 -120.96 -12.73
C TYR A 444 49.38 -121.82 -13.36
N ALA A 445 49.39 -121.93 -14.68
CA ALA A 445 48.36 -122.70 -15.37
C ALA A 445 48.57 -124.20 -15.24
N LEU A 446 49.82 -124.65 -15.02
CA LEU A 446 50.05 -126.09 -14.78
C LEU A 446 49.43 -126.54 -13.47
N GLY A 447 49.46 -125.69 -12.46
CA GLY A 447 48.79 -126.02 -11.21
C GLY A 447 47.27 -126.02 -11.34
N LEU A 448 46.75 -125.19 -12.23
CA LEU A 448 45.31 -125.14 -12.48
C LEU A 448 44.81 -126.40 -13.15
N ILE A 449 45.66 -127.06 -13.95
CA ILE A 449 45.25 -128.27 -14.63
C ILE A 449 45.18 -129.43 -13.64
N HIS A 450 46.21 -129.60 -12.82
CA HIS A 450 46.35 -130.75 -11.95
C HIS A 450 46.02 -130.43 -10.50
N ALA A 451 44.97 -129.65 -10.26
CA ALA A 451 44.49 -129.44 -8.91
C ALA A 451 43.94 -130.74 -8.34
N ASN A 452 44.27 -131.01 -7.07
CA ASN A 452 43.96 -132.23 -6.33
C ASN A 452 44.49 -133.48 -7.02
N HIS A 453 45.60 -133.37 -7.75
CA HIS A 453 46.25 -134.52 -8.36
C HIS A 453 47.75 -134.25 -8.33
N GLY A 454 48.46 -134.96 -7.46
CA GLY A 454 49.88 -134.75 -7.25
C GLY A 454 50.69 -135.89 -7.84
N GLY A 455 51.60 -135.52 -8.74
CA GLY A 455 52.50 -136.48 -9.35
C GLY A 455 53.85 -135.85 -9.62
N ASP A 456 54.31 -135.96 -10.87
CA ASP A 456 55.48 -135.20 -11.31
C ASP A 456 55.19 -133.70 -11.30
N ILE A 457 53.92 -133.32 -11.43
CA ILE A 457 53.47 -131.93 -11.45
C ILE A 457 53.91 -131.20 -10.17
N ILE A 458 53.97 -131.92 -9.05
CA ILE A 458 54.65 -131.39 -7.86
C ILE A 458 56.13 -131.18 -8.16
N ASP A 459 56.82 -132.24 -8.54
CA ASP A 459 58.27 -132.20 -8.63
C ASP A 459 58.79 -131.49 -9.87
N TYR A 460 58.00 -131.43 -10.93
CA TYR A 460 58.37 -130.61 -12.08
C TYR A 460 58.32 -129.13 -11.73
N LEU A 461 57.36 -128.76 -10.89
CA LEU A 461 57.28 -127.42 -10.35
C LEU A 461 58.22 -127.19 -9.17
N LEU A 462 58.62 -128.27 -8.49
CA LEU A 462 59.50 -128.10 -7.33
C LEU A 462 60.92 -127.77 -7.75
N ASN A 463 61.45 -128.50 -8.73
CA ASN A 463 62.84 -128.36 -9.11
C ASN A 463 63.12 -127.10 -9.92
N GLN A 464 62.10 -126.52 -10.55
CA GLN A 464 62.31 -125.29 -11.30
C GLN A 464 62.33 -124.06 -10.39
N LEU A 465 61.66 -124.14 -9.24
CA LEU A 465 61.67 -123.02 -8.31
C LEU A 465 62.86 -123.06 -7.37
N LYS A 466 63.73 -124.07 -7.49
CA LYS A 466 65.02 -124.01 -6.83
C LYS A 466 65.90 -122.94 -7.45
N ASN A 467 65.98 -122.94 -8.79
CA ASN A 467 66.81 -121.99 -9.53
C ASN A 467 65.95 -121.35 -10.59
N ALA A 468 65.62 -120.07 -10.41
CA ALA A 468 64.76 -119.35 -11.34
C ALA A 468 65.09 -117.87 -11.28
N SER A 469 64.22 -117.07 -11.88
CA SER A 469 64.31 -115.61 -11.88
C SER A 469 63.78 -115.03 -10.57
N ASN A 470 63.50 -113.73 -10.58
CA ASN A 470 62.87 -113.07 -9.45
C ASN A 470 61.39 -113.44 -9.38
N ASP A 471 60.63 -112.75 -8.55
CA ASP A 471 59.24 -113.10 -8.30
C ASP A 471 58.32 -112.65 -9.44
N ILE A 472 58.64 -113.08 -10.65
CA ILE A 472 57.85 -112.85 -11.85
C ILE A 472 57.54 -114.21 -12.42
N VAL A 473 58.39 -115.18 -12.08
CA VAL A 473 58.09 -116.57 -12.32
C VAL A 473 57.67 -117.24 -11.02
N ARG A 474 58.22 -116.77 -9.90
CA ARG A 474 57.93 -117.36 -8.59
C ARG A 474 56.52 -117.05 -8.11
N HIS A 475 55.81 -116.11 -8.74
CA HIS A 475 54.37 -116.03 -8.51
C HIS A 475 53.66 -117.23 -9.11
N GLY A 476 53.93 -117.50 -10.38
CA GLY A 476 53.22 -118.58 -11.06
C GLY A 476 53.62 -119.95 -10.54
N GLY A 477 54.88 -120.13 -10.20
CA GLY A 477 55.31 -121.44 -9.71
C GLY A 477 54.78 -121.76 -8.33
N SER A 478 54.86 -120.80 -7.40
CA SER A 478 54.46 -121.07 -6.02
C SER A 478 52.95 -121.19 -5.89
N LEU A 479 52.21 -120.38 -6.64
CA LEU A 479 50.74 -120.50 -6.61
C LEU A 479 50.28 -121.78 -7.27
N GLY A 480 50.98 -122.22 -8.31
CA GLY A 480 50.66 -123.51 -8.90
C GLY A 480 51.03 -124.67 -8.01
N LEU A 481 52.18 -124.58 -7.35
CA LEU A 481 52.67 -125.71 -6.56
C LEU A 481 51.87 -125.90 -5.28
N GLY A 482 51.47 -124.80 -4.65
CA GLY A 482 50.58 -124.90 -3.51
C GLY A 482 49.19 -125.38 -3.88
N LEU A 483 48.78 -125.16 -5.13
CA LEU A 483 47.48 -125.62 -5.58
C LEU A 483 47.47 -127.12 -5.83
N ALA A 484 48.55 -127.65 -6.41
CA ALA A 484 48.60 -129.09 -6.67
C ALA A 484 48.81 -129.88 -5.40
N ALA A 485 49.49 -129.29 -4.40
CA ALA A 485 49.71 -129.93 -3.11
C ALA A 485 48.74 -129.39 -2.06
N MET A 486 47.51 -129.09 -2.46
CA MET A 486 46.55 -128.46 -1.56
C MET A 486 46.06 -129.46 -0.52
N GLY A 487 46.31 -129.14 0.75
CA GLY A 487 45.86 -129.98 1.83
C GLY A 487 46.59 -131.31 1.94
N THR A 488 47.85 -131.35 1.54
CA THR A 488 48.63 -132.58 1.54
C THR A 488 49.72 -132.62 2.60
N ALA A 489 50.06 -131.46 3.18
CA ALA A 489 51.05 -131.33 4.26
C ALA A 489 52.42 -131.87 3.88
N ARG A 490 52.81 -131.64 2.63
CA ARG A 490 54.13 -132.08 2.16
C ARG A 490 55.22 -131.22 2.77
N GLN A 491 56.27 -131.86 3.26
CA GLN A 491 57.41 -131.12 3.79
C GLN A 491 58.21 -130.47 2.67
N ASP A 492 58.25 -131.10 1.50
CA ASP A 492 59.11 -130.64 0.41
C ASP A 492 58.63 -129.32 -0.18
N VAL A 493 57.32 -129.09 -0.20
CA VAL A 493 56.80 -127.79 -0.63
C VAL A 493 56.91 -126.77 0.50
N TYR A 494 56.92 -127.23 1.75
CA TYR A 494 57.07 -126.31 2.87
C TYR A 494 58.49 -125.77 2.97
N ASP A 495 59.46 -126.48 2.40
CA ASP A 495 60.86 -126.09 2.52
C ASP A 495 61.16 -124.86 1.67
N LEU A 496 60.85 -124.91 0.38
CA LEU A 496 61.14 -123.77 -0.47
C LEU A 496 60.13 -122.66 -0.29
N LEU A 497 59.01 -122.92 0.38
CA LEU A 497 58.12 -121.84 0.81
C LEU A 497 58.60 -121.15 2.08
N LYS A 498 59.53 -121.76 2.82
CA LYS A 498 60.20 -121.02 3.89
C LYS A 498 61.07 -119.92 3.32
N THR A 499 62.00 -120.28 2.45
CA THR A 499 62.93 -119.30 1.87
C THR A 499 62.24 -118.34 0.91
N ASN A 500 61.06 -118.68 0.41
CA ASN A 500 60.28 -117.72 -0.34
C ASN A 500 59.62 -116.72 0.58
N LEU A 501 59.32 -117.14 1.81
CA LEU A 501 58.65 -116.25 2.76
C LEU A 501 59.63 -115.23 3.32
N TYR A 502 60.85 -115.66 3.66
CA TYR A 502 61.80 -114.81 4.36
C TYR A 502 62.70 -114.04 3.41
N GLN A 503 62.20 -113.68 2.22
CA GLN A 503 62.94 -112.83 1.32
C GLN A 503 62.97 -111.38 1.78
N ASP A 504 62.10 -111.00 2.71
CA ASP A 504 61.85 -109.60 3.13
C ASP A 504 61.55 -108.75 1.91
N ASP A 505 60.57 -109.20 1.13
CA ASP A 505 60.32 -108.69 -0.20
C ASP A 505 58.82 -108.53 -0.38
N ALA A 506 58.42 -107.48 -1.10
CA ALA A 506 57.00 -107.24 -1.31
C ALA A 506 56.42 -108.19 -2.33
N VAL A 507 57.17 -108.47 -3.39
CA VAL A 507 56.64 -109.20 -4.54
C VAL A 507 56.56 -110.69 -4.28
N THR A 508 57.23 -111.21 -3.27
CA THR A 508 57.00 -112.59 -2.84
C THR A 508 55.82 -112.73 -1.89
N GLY A 509 55.07 -111.65 -1.65
CA GLY A 509 54.07 -111.66 -0.60
C GLY A 509 52.87 -112.52 -0.92
N GLU A 510 52.32 -112.39 -2.12
CA GLU A 510 51.28 -113.30 -2.56
C GLU A 510 51.83 -114.67 -2.92
N ALA A 511 53.13 -114.77 -3.18
CA ALA A 511 53.72 -116.03 -3.58
C ALA A 511 53.74 -117.02 -2.42
N ALA A 512 54.33 -116.62 -1.29
CA ALA A 512 54.49 -117.54 -0.18
C ALA A 512 53.19 -117.72 0.60
N GLY A 513 52.63 -116.60 1.09
CA GLY A 513 51.61 -116.64 2.12
C GLY A 513 50.30 -117.27 1.72
N LEU A 514 50.00 -117.32 0.43
CA LEU A 514 48.80 -118.02 0.00
C LEU A 514 49.04 -119.52 -0.05
N ALA A 515 50.11 -119.94 -0.74
CA ALA A 515 50.42 -121.35 -0.85
C ALA A 515 50.91 -121.95 0.46
N LEU A 516 51.35 -121.12 1.40
CA LEU A 516 51.76 -121.64 2.71
C LEU A 516 50.55 -122.13 3.49
N GLY A 517 49.38 -121.55 3.24
CA GLY A 517 48.16 -122.06 3.85
C GLY A 517 47.54 -123.19 3.07
N LEU A 518 47.70 -123.20 1.74
CA LEU A 518 47.05 -124.18 0.89
C LEU A 518 47.56 -125.59 1.16
N VAL A 519 48.87 -125.74 1.37
CA VAL A 519 49.41 -127.05 1.70
C VAL A 519 49.16 -127.44 3.14
N MET A 520 48.73 -126.50 3.97
CA MET A 520 48.45 -126.75 5.38
C MET A 520 46.96 -126.57 5.66
N LEU A 521 46.12 -127.01 4.74
CA LEU A 521 44.67 -126.82 4.84
C LEU A 521 44.09 -127.71 5.93
N GLY A 522 43.41 -127.09 6.91
CA GLY A 522 42.81 -127.82 8.02
C GLY A 522 43.80 -128.55 8.88
N SER A 523 45.04 -128.07 8.96
CA SER A 523 46.12 -128.83 9.58
C SER A 523 46.37 -128.43 11.02
N LYS A 524 46.13 -127.16 11.36
CA LYS A 524 46.40 -126.49 12.64
C LYS A 524 47.73 -126.88 13.29
N ASN A 525 48.79 -126.99 12.49
CA ASN A 525 50.13 -127.19 13.01
C ASN A 525 50.58 -125.89 13.67
N ALA A 526 50.39 -125.80 14.99
CA ALA A 526 50.40 -124.52 15.70
C ALA A 526 51.76 -123.81 15.67
N GLN A 527 52.84 -124.53 15.41
CA GLN A 527 54.11 -123.86 15.18
C GLN A 527 54.11 -123.11 13.85
N ALA A 528 53.48 -123.69 12.82
CA ALA A 528 53.38 -123.00 11.54
C ALA A 528 52.44 -121.79 11.62
N ILE A 529 51.40 -121.88 12.45
CA ILE A 529 50.58 -120.69 12.73
C ILE A 529 51.41 -119.64 13.44
N GLU A 530 52.18 -120.05 14.45
CA GLU A 530 53.03 -119.14 15.19
C GLU A 530 54.11 -118.53 14.30
N ASP A 531 54.59 -119.30 13.32
CA ASP A 531 55.55 -118.76 12.37
C ASP A 531 54.92 -117.73 11.45
N MET A 532 53.66 -117.95 11.07
CA MET A 532 53.01 -117.02 10.14
C MET A 532 52.61 -115.73 10.83
N VAL A 533 51.83 -115.83 11.91
CA VAL A 533 51.37 -114.61 12.58
C VAL A 533 52.50 -113.93 13.33
N GLY A 534 53.56 -114.67 13.68
CA GLY A 534 54.74 -114.05 14.21
C GLY A 534 55.56 -113.33 13.16
N TYR A 535 55.38 -113.71 11.89
CA TYR A 535 56.08 -113.01 10.82
C TYR A 535 55.33 -111.77 10.38
N ALA A 536 54.01 -111.81 10.38
CA ALA A 536 53.21 -110.70 9.85
C ALA A 536 52.90 -109.66 10.92
N GLN A 537 53.93 -109.21 11.62
CA GLN A 537 53.79 -108.11 12.56
C GLN A 537 54.90 -107.09 12.36
N GLU A 538 56.05 -107.56 11.88
CA GLU A 538 57.24 -106.72 11.78
C GLU A 538 57.60 -106.37 10.34
N THR A 539 57.03 -107.05 9.35
CA THR A 539 57.33 -106.73 7.97
C THR A 539 56.67 -105.41 7.58
N GLN A 540 57.23 -104.77 6.56
CA GLN A 540 56.87 -103.40 6.21
C GLN A 540 56.19 -103.27 4.86
N HIS A 541 55.88 -104.37 4.20
CA HIS A 541 55.13 -104.33 2.95
C HIS A 541 53.70 -104.74 3.22
N GLU A 542 52.88 -104.79 2.18
CA GLU A 542 51.46 -105.02 2.40
C GLU A 542 50.93 -106.31 1.80
N LYS A 543 51.47 -106.76 0.65
CA LYS A 543 51.06 -108.05 0.12
C LYS A 543 51.58 -109.19 0.98
N ILE A 544 52.73 -108.99 1.62
CA ILE A 544 53.22 -109.97 2.58
C ILE A 544 52.36 -109.92 3.84
N LEU A 545 51.69 -108.79 4.11
CA LEU A 545 50.65 -108.80 5.13
C LEU A 545 49.35 -109.38 4.59
N ARG A 546 49.16 -109.35 3.27
CA ARG A 546 47.87 -109.72 2.72
C ARG A 546 47.79 -111.20 2.37
N GLY A 547 48.86 -111.76 1.81
CA GLY A 547 48.84 -113.16 1.44
C GLY A 547 48.83 -114.08 2.65
N LEU A 548 49.52 -113.69 3.71
CA LEU A 548 49.46 -114.44 4.95
C LEU A 548 48.12 -114.24 5.67
N ALA A 549 47.41 -113.16 5.37
CA ALA A 549 46.12 -112.92 6.02
C ALA A 549 45.09 -113.94 5.58
N VAL A 550 45.13 -114.35 4.32
CA VAL A 550 44.23 -115.40 3.86
C VAL A 550 44.77 -116.77 4.28
N GLY A 551 46.10 -116.89 4.35
CA GLY A 551 46.69 -118.19 4.63
C GLY A 551 46.46 -118.67 6.06
N ILE A 552 46.52 -117.76 7.03
CA ILE A 552 46.23 -118.17 8.40
C ILE A 552 44.74 -118.35 8.62
N ALA A 553 43.91 -117.84 7.73
CA ALA A 553 42.50 -118.19 7.77
C ALA A 553 42.28 -119.59 7.23
N LEU A 554 43.12 -120.00 6.28
CA LEU A 554 42.93 -121.24 5.56
C LEU A 554 43.61 -122.42 6.24
N VAL A 555 44.49 -122.17 7.21
CA VAL A 555 45.14 -123.26 7.92
C VAL A 555 44.17 -123.96 8.88
N MET A 556 43.14 -123.26 9.33
CA MET A 556 42.09 -123.85 10.16
C MET A 556 40.80 -123.90 9.37
N TYR A 557 40.14 -125.05 9.43
CA TYR A 557 39.01 -125.32 8.55
C TYR A 557 38.04 -126.25 9.26
N GLY A 558 36.88 -125.71 9.67
CA GLY A 558 35.82 -126.51 10.24
C GLY A 558 36.17 -127.15 11.57
N ARG A 559 36.31 -126.33 12.60
CA ARG A 559 36.77 -126.78 13.90
C ARG A 559 35.77 -126.55 15.02
N MET A 560 34.91 -125.54 14.88
CA MET A 560 33.75 -125.18 15.70
C MET A 560 34.10 -124.62 17.09
N GLU A 561 35.31 -124.88 17.59
CA GLU A 561 35.74 -124.26 18.83
C GLU A 561 37.24 -124.00 18.83
N GLU A 562 37.97 -124.67 17.94
CA GLU A 562 39.41 -124.81 18.08
C GLU A 562 40.18 -123.65 17.47
N ALA A 563 39.48 -122.58 17.08
CA ALA A 563 40.12 -121.36 16.66
C ALA A 563 39.85 -120.19 17.61
N ASP A 564 38.93 -120.36 18.57
CA ASP A 564 38.34 -119.22 19.27
C ASP A 564 39.35 -118.48 20.15
N ALA A 565 40.42 -119.15 20.57
CA ALA A 565 41.51 -118.43 21.21
C ALA A 565 42.22 -117.52 20.22
N LEU A 566 42.40 -118.00 18.99
CA LEU A 566 43.07 -117.20 17.97
C LEU A 566 42.16 -116.13 17.41
N ILE A 567 40.85 -116.39 17.31
CA ILE A 567 39.91 -115.42 16.73
C ILE A 567 39.85 -114.18 17.60
N GLU A 568 39.80 -114.36 18.92
CA GLU A 568 39.86 -113.22 19.83
C GLU A 568 41.23 -112.55 19.78
N SER A 569 42.29 -113.32 19.54
CA SER A 569 43.62 -112.75 19.48
C SER A 569 43.82 -111.88 18.25
N LEU A 570 43.10 -112.16 17.16
CA LEU A 570 43.25 -111.35 15.96
C LEU A 570 42.31 -110.14 15.99
N CYS A 571 41.09 -110.33 16.50
CA CYS A 571 40.10 -109.26 16.50
C CYS A 571 40.47 -108.13 17.46
N ARG A 572 41.19 -108.45 18.54
CA ARG A 572 41.60 -107.43 19.49
C ARG A 572 42.79 -106.61 18.99
N ASP A 573 43.53 -107.13 18.00
CA ASP A 573 44.77 -106.51 17.55
C ASP A 573 44.49 -105.20 16.82
N LYS A 574 45.52 -104.35 16.79
CA LYS A 574 45.41 -103.04 16.16
C LYS A 574 45.42 -103.10 14.64
N ASP A 575 45.89 -104.20 14.06
CA ASP A 575 46.12 -104.26 12.62
C ASP A 575 44.80 -104.45 11.91
N PRO A 576 44.42 -103.53 11.00
CA PRO A 576 43.15 -103.72 10.28
C PRO A 576 43.18 -104.88 9.32
N ILE A 577 44.35 -105.21 8.77
CA ILE A 577 44.45 -106.38 7.90
C ILE A 577 44.29 -107.65 8.72
N LEU A 578 44.85 -107.68 9.93
CA LEU A 578 44.85 -108.90 10.71
C LEU A 578 43.52 -109.12 11.42
N ARG A 579 42.82 -108.05 11.79
CA ARG A 579 41.43 -108.19 12.23
C ARG A 579 40.56 -108.70 11.10
N ARG A 580 40.82 -108.22 9.87
CA ARG A 580 40.13 -108.72 8.70
C ARG A 580 40.46 -110.18 8.45
N SER A 581 41.69 -110.58 8.80
CA SER A 581 42.09 -111.98 8.62
C SER A 581 41.41 -112.89 9.63
N GLY A 582 41.09 -112.38 10.82
CA GLY A 582 40.32 -113.15 11.76
C GLY A 582 38.89 -113.37 11.31
N MET A 583 38.36 -112.46 10.50
CA MET A 583 37.00 -112.59 10.02
C MET A 583 36.87 -113.70 8.99
N TYR A 584 37.90 -113.88 8.15
CA TYR A 584 37.89 -115.02 7.24
C TYR A 584 38.13 -116.33 7.97
N THR A 585 38.81 -116.26 9.12
CA THR A 585 39.17 -117.48 9.84
C THR A 585 37.96 -118.05 10.56
N VAL A 586 37.16 -117.19 11.19
CA VAL A 586 35.92 -117.61 11.81
C VAL A 586 34.89 -117.99 10.76
N ALA A 587 35.03 -117.46 9.54
CA ALA A 587 34.19 -117.91 8.44
C ALA A 587 34.56 -119.33 8.01
N MET A 588 35.84 -119.70 8.10
CA MET A 588 36.27 -121.02 7.71
C MET A 588 36.28 -122.02 8.86
N ALA A 589 36.25 -121.56 10.10
CA ALA A 589 36.12 -122.48 11.21
C ALA A 589 34.67 -122.87 11.47
N TYR A 590 33.73 -122.28 10.74
CA TYR A 590 32.30 -122.51 10.91
C TYR A 590 31.62 -122.68 9.56
N CYS A 591 32.21 -123.50 8.69
CA CYS A 591 31.69 -123.72 7.34
C CYS A 591 30.36 -124.45 7.41
N GLY A 592 29.29 -123.79 6.99
CA GLY A 592 27.96 -124.36 7.06
C GLY A 592 27.37 -124.45 8.44
N SER A 593 28.05 -123.91 9.45
CA SER A 593 27.64 -124.09 10.83
C SER A 593 26.57 -123.07 11.20
N GLY A 594 25.46 -123.56 11.71
CA GLY A 594 24.40 -122.67 12.15
C GLY A 594 24.54 -122.24 13.59
N ASN A 595 25.78 -122.19 14.09
CA ASN A 595 26.04 -121.80 15.48
C ASN A 595 25.71 -120.33 15.69
N ASN A 596 24.80 -120.08 16.62
CA ASN A 596 24.47 -118.72 17.03
C ASN A 596 25.50 -118.12 17.97
N LYS A 597 26.51 -118.90 18.39
CA LYS A 597 27.58 -118.34 19.18
C LYS A 597 28.52 -117.50 18.33
N ALA A 598 28.89 -118.02 17.16
CA ALA A 598 29.81 -117.30 16.27
C ALA A 598 29.18 -116.06 15.68
N ILE A 599 27.85 -116.06 15.50
CA ILE A 599 27.18 -114.94 14.84
C ILE A 599 27.03 -113.74 15.77
N ARG A 600 27.33 -113.91 17.07
CA ARG A 600 27.26 -112.78 17.99
C ARG A 600 28.33 -111.74 17.68
N ARG A 601 29.59 -112.17 17.68
CA ARG A 601 30.71 -111.22 17.59
C ARG A 601 31.31 -111.11 16.20
N LEU A 602 31.01 -112.04 15.29
CA LEU A 602 31.28 -111.81 13.88
C LEU A 602 30.45 -110.65 13.37
N LEU A 603 29.19 -110.62 13.75
CA LEU A 603 28.25 -109.61 13.30
C LEU A 603 28.20 -108.39 14.21
N HIS A 604 28.82 -108.47 15.40
CA HIS A 604 28.99 -107.28 16.22
C HIS A 604 30.05 -106.36 15.63
N VAL A 605 31.18 -106.93 15.20
CA VAL A 605 32.25 -106.12 14.61
C VAL A 605 31.91 -105.71 13.19
N ALA A 606 30.87 -106.30 12.59
CA ALA A 606 30.33 -105.76 11.35
C ALA A 606 29.66 -104.41 11.58
N VAL A 607 29.23 -104.15 12.82
CA VAL A 607 28.59 -102.88 13.13
C VAL A 607 29.62 -101.82 13.48
N SER A 608 30.53 -102.16 14.41
CA SER A 608 31.25 -101.15 15.16
C SER A 608 32.58 -100.74 14.54
N ASP A 609 33.23 -101.62 13.79
CA ASP A 609 34.62 -101.39 13.42
C ASP A 609 34.72 -100.34 12.32
N VAL A 610 35.85 -99.64 12.30
CA VAL A 610 35.97 -98.39 11.57
C VAL A 610 36.57 -98.53 10.17
N ASN A 611 37.37 -99.57 9.92
CA ASN A 611 37.92 -99.75 8.58
C ASN A 611 36.84 -100.31 7.66
N ASP A 612 36.91 -99.91 6.40
CA ASP A 612 35.95 -100.42 5.43
C ASP A 612 36.31 -101.83 4.99
N ASP A 613 37.59 -102.18 5.03
CA ASP A 613 38.03 -103.50 4.57
C ASP A 613 37.51 -104.60 5.48
N VAL A 614 37.55 -104.37 6.79
CA VAL A 614 37.09 -105.38 7.73
C VAL A 614 35.56 -105.48 7.71
N ARG A 615 34.87 -104.39 7.39
CA ARG A 615 33.41 -104.43 7.34
C ARG A 615 32.90 -105.17 6.12
N ARG A 616 33.63 -105.09 5.00
CA ARG A 616 33.27 -105.87 3.83
C ARG A 616 33.55 -107.35 4.05
N ALA A 617 34.65 -107.67 4.72
CA ALA A 617 34.95 -109.07 5.03
C ALA A 617 34.04 -109.61 6.13
N ALA A 618 33.41 -108.73 6.91
CA ALA A 618 32.55 -109.21 7.98
C ALA A 618 31.22 -109.72 7.43
N VAL A 619 30.57 -108.95 6.56
CA VAL A 619 29.27 -109.37 6.06
C VAL A 619 29.37 -110.40 4.95
N GLU A 620 30.54 -110.54 4.33
CA GLU A 620 30.74 -111.62 3.36
C GLU A 620 31.08 -112.94 4.03
N SER A 621 31.20 -112.96 5.35
CA SER A 621 31.36 -114.20 6.09
C SER A 621 30.02 -114.88 6.39
N LEU A 622 28.91 -114.26 6.02
CA LEU A 622 27.61 -114.77 6.42
C LEU A 622 27.17 -115.94 5.55
N GLY A 623 27.33 -115.81 4.23
CA GLY A 623 26.96 -116.91 3.35
C GLY A 623 27.89 -118.10 3.48
N PHE A 624 29.13 -117.87 3.88
CA PHE A 624 30.08 -118.96 4.07
C PHE A 624 29.74 -119.81 5.29
N ILE A 625 29.03 -119.26 6.26
CA ILE A 625 28.65 -120.03 7.43
C ILE A 625 27.18 -120.45 7.41
N LEU A 626 26.37 -119.84 6.54
CA LEU A 626 24.94 -120.11 6.53
C LEU A 626 24.45 -120.43 5.13
N PHE A 627 25.25 -121.15 4.34
CA PHE A 627 24.75 -121.64 3.07
C PHE A 627 23.93 -122.91 3.21
N ARG A 628 23.98 -123.55 4.38
CA ARG A 628 23.29 -124.83 4.56
C ARG A 628 21.79 -124.65 4.55
N THR A 629 21.30 -123.54 5.08
CA THR A 629 19.92 -123.09 4.84
C THR A 629 19.91 -121.74 4.15
N PRO A 630 19.68 -121.71 2.84
CA PRO A 630 19.64 -120.42 2.13
C PRO A 630 18.35 -119.63 2.34
N GLU A 631 17.41 -120.14 3.15
CA GLU A 631 16.18 -119.42 3.41
C GLU A 631 16.37 -118.20 4.29
N GLN A 632 17.37 -118.21 5.16
CA GLN A 632 17.50 -117.22 6.21
C GLN A 632 18.35 -116.02 5.83
N CYS A 633 19.32 -116.20 4.95
CA CYS A 633 20.24 -115.13 4.56
C CYS A 633 19.59 -113.96 3.81
N PRO A 634 18.57 -114.12 2.96
CA PRO A 634 17.87 -112.91 2.49
C PRO A 634 17.07 -112.19 3.56
N SER A 635 16.80 -112.82 4.70
CA SER A 635 16.06 -112.14 5.75
C SER A 635 16.94 -111.27 6.64
N VAL A 636 18.24 -111.53 6.68
CA VAL A 636 19.13 -110.84 7.60
C VAL A 636 20.03 -109.83 6.91
N VAL A 637 20.27 -109.98 5.61
CA VAL A 637 21.17 -109.09 4.89
C VAL A 637 20.38 -108.03 4.12
N SER A 638 19.06 -108.20 4.01
CA SER A 638 18.21 -107.23 3.30
C SER A 638 18.21 -105.87 3.98
N LEU A 639 18.38 -105.83 5.30
CA LEU A 639 18.53 -104.55 5.97
C LEU A 639 19.91 -103.94 5.70
N LEU A 640 20.93 -104.79 5.51
CA LEU A 640 22.27 -104.31 5.27
C LEU A 640 22.49 -103.81 3.85
N SER A 641 21.56 -104.08 2.94
CA SER A 641 21.70 -103.59 1.58
C SER A 641 21.40 -102.10 1.46
N GLU A 642 20.92 -101.47 2.52
CA GLU A 642 20.59 -100.06 2.54
C GLU A 642 21.46 -99.28 3.53
N SER A 643 22.67 -99.75 3.78
CA SER A 643 23.53 -99.12 4.77
C SER A 643 24.06 -97.79 4.24
N TYR A 644 24.59 -96.98 5.16
CA TYR A 644 25.01 -95.63 4.80
C TYR A 644 26.30 -95.67 3.99
N ASN A 645 27.19 -96.60 4.29
CA ASN A 645 28.38 -96.64 3.44
C ASN A 645 28.21 -97.65 2.32
N PRO A 646 28.86 -97.43 1.16
CA PRO A 646 28.76 -98.41 0.07
C PRO A 646 29.49 -99.71 0.34
N HIS A 647 30.39 -99.73 1.32
CA HIS A 647 31.19 -100.91 1.58
C HIS A 647 30.34 -102.02 2.18
N VAL A 648 29.49 -101.68 3.14
CA VAL A 648 28.53 -102.66 3.62
C VAL A 648 27.45 -102.90 2.57
N ARG A 649 27.13 -101.88 1.76
CA ARG A 649 26.21 -102.09 0.65
C ARG A 649 26.81 -102.99 -0.42
N TYR A 650 28.14 -103.01 -0.55
CA TYR A 650 28.76 -104.00 -1.44
C TYR A 650 28.63 -105.39 -0.85
N GLY A 651 29.16 -105.58 0.36
CA GLY A 651 29.26 -106.91 0.96
C GLY A 651 27.93 -107.53 1.29
N ALA A 652 26.86 -106.73 1.31
CA ALA A 652 25.53 -107.29 1.29
C ALA A 652 25.25 -108.03 0.00
N ALA A 653 25.77 -107.53 -1.13
CA ALA A 653 25.42 -108.13 -2.41
C ALA A 653 26.16 -109.44 -2.65
N MET A 654 27.43 -109.52 -2.25
CA MET A 654 28.14 -110.79 -2.41
C MET A 654 27.66 -111.84 -1.42
N ALA A 655 27.11 -111.42 -0.28
CA ALA A 655 26.64 -112.38 0.71
C ALA A 655 25.42 -113.15 0.20
N LEU A 656 24.54 -112.47 -0.52
CA LEU A 656 23.47 -113.20 -1.20
C LEU A 656 24.01 -113.99 -2.38
N GLY A 657 25.10 -113.51 -2.98
CA GLY A 657 25.64 -114.18 -4.15
C GLY A 657 26.37 -115.46 -3.80
N ILE A 658 26.91 -115.55 -2.59
CA ILE A 658 27.63 -116.76 -2.19
C ILE A 658 26.74 -117.77 -1.48
N CYS A 659 25.55 -117.38 -1.06
CA CYS A 659 24.69 -118.28 -0.31
C CYS A 659 23.71 -119.03 -1.21
N CYS A 660 22.85 -118.28 -1.90
CA CYS A 660 21.75 -118.87 -2.64
C CYS A 660 22.11 -119.21 -4.07
N ALA A 661 23.40 -119.35 -4.37
CA ALA A 661 23.85 -119.38 -5.77
C ALA A 661 23.47 -120.69 -6.45
N GLY A 662 23.38 -121.78 -5.70
CA GLY A 662 22.92 -123.02 -6.30
C GLY A 662 21.45 -123.06 -6.61
N THR A 663 20.66 -122.14 -6.06
CA THR A 663 19.22 -122.14 -6.20
C THR A 663 18.76 -120.95 -7.04
N GLY A 664 17.63 -121.12 -7.70
CA GLY A 664 16.97 -120.00 -8.34
C GLY A 664 16.11 -119.28 -7.33
N ASN A 665 16.76 -118.51 -6.45
CA ASN A 665 16.05 -117.88 -5.34
C ASN A 665 15.16 -116.75 -5.83
N LYS A 666 13.88 -116.84 -5.47
CA LYS A 666 12.93 -115.80 -5.84
C LYS A 666 13.11 -114.54 -4.99
N GLU A 667 13.53 -114.71 -3.74
CA GLU A 667 13.65 -113.57 -2.84
C GLU A 667 14.93 -112.78 -3.07
N ALA A 668 16.03 -113.46 -3.44
CA ALA A 668 17.31 -112.78 -3.56
C ALA A 668 17.35 -111.88 -4.78
N ILE A 669 16.77 -112.32 -5.90
CA ILE A 669 16.70 -111.50 -7.09
C ILE A 669 15.78 -110.31 -6.86
N ASN A 670 14.76 -110.49 -6.03
CA ASN A 670 13.91 -109.38 -5.61
C ASN A 670 14.69 -108.34 -4.81
N LEU A 671 15.68 -108.78 -4.03
CA LEU A 671 16.50 -107.84 -3.28
C LEU A 671 17.56 -107.19 -4.16
N LEU A 672 18.14 -107.94 -5.08
CA LEU A 672 19.20 -107.41 -5.93
C LEU A 672 18.68 -106.63 -7.13
N GLU A 673 17.37 -106.46 -7.26
CA GLU A 673 16.84 -105.67 -8.37
C GLU A 673 17.17 -104.17 -8.26
N PRO A 674 16.94 -103.47 -7.15
CA PRO A 674 17.36 -102.06 -7.15
C PRO A 674 18.82 -101.84 -6.82
N MET A 675 19.57 -102.89 -6.53
CA MET A 675 20.96 -102.75 -6.12
C MET A 675 21.87 -102.34 -7.26
N THR A 676 21.46 -102.58 -8.50
CA THR A 676 22.24 -102.18 -9.67
C THR A 676 22.01 -100.72 -10.07
N ASN A 677 21.35 -99.93 -9.23
CA ASN A 677 20.99 -98.56 -9.55
C ASN A 677 21.79 -97.55 -8.75
N ASP A 678 22.65 -98.02 -7.85
CA ASP A 678 23.27 -97.15 -6.86
C ASP A 678 24.36 -96.29 -7.51
N PRO A 679 24.53 -95.04 -7.08
CA PRO A 679 25.53 -94.17 -7.71
C PRO A 679 26.98 -94.52 -7.43
N VAL A 680 27.26 -95.50 -6.59
CA VAL A 680 28.63 -95.96 -6.39
C VAL A 680 28.90 -97.06 -7.41
N ASN A 681 30.11 -97.04 -8.00
CA ASN A 681 30.38 -97.89 -9.16
C ASN A 681 30.56 -99.36 -8.77
N TYR A 682 31.30 -99.64 -7.70
CA TYR A 682 31.62 -101.03 -7.42
C TYR A 682 30.47 -101.78 -6.79
N VAL A 683 29.50 -101.09 -6.19
CA VAL A 683 28.31 -101.80 -5.74
C VAL A 683 27.40 -102.10 -6.93
N ARG A 684 27.50 -101.33 -8.01
CA ARG A 684 26.87 -101.76 -9.26
C ARG A 684 27.60 -102.95 -9.86
N GLN A 685 28.90 -103.06 -9.60
CA GLN A 685 29.67 -104.18 -10.11
C GLN A 685 29.24 -105.48 -9.45
N GLY A 686 29.39 -105.57 -8.14
CA GLY A 686 29.11 -106.79 -7.40
C GLY A 686 27.67 -107.22 -7.39
N ALA A 687 26.75 -106.31 -7.74
CA ALA A 687 25.38 -106.74 -8.00
C ALA A 687 25.32 -107.63 -9.23
N LEU A 688 26.16 -107.36 -10.22
CA LEU A 688 26.12 -108.12 -11.47
C LEU A 688 26.73 -109.50 -11.31
N ILE A 689 27.80 -109.62 -10.50
CA ILE A 689 28.38 -110.93 -10.25
C ILE A 689 27.42 -111.78 -9.43
N ALA A 690 26.78 -111.17 -8.43
CA ALA A 690 25.77 -111.90 -7.65
C ALA A 690 24.55 -112.24 -8.48
N SER A 691 24.19 -111.38 -9.44
CA SER A 691 23.15 -111.73 -10.40
C SER A 691 23.60 -112.82 -11.36
N ALA A 692 24.92 -113.00 -11.54
CA ALA A 692 25.38 -114.09 -12.38
C ALA A 692 25.34 -115.41 -11.64
N LEU A 693 25.80 -115.41 -10.38
CA LEU A 693 25.90 -116.65 -9.62
C LEU A 693 24.56 -117.22 -9.23
N ILE A 694 23.51 -116.39 -9.22
CA ILE A 694 22.22 -116.83 -8.71
C ILE A 694 21.46 -117.68 -9.72
N MET A 695 21.77 -117.58 -11.01
CA MET A 695 20.90 -118.15 -12.05
C MET A 695 21.69 -118.85 -13.14
N ILE A 696 22.75 -119.56 -12.80
CA ILE A 696 23.44 -120.32 -13.84
C ILE A 696 22.69 -121.62 -14.09
N GLN A 697 22.70 -122.05 -15.36
CA GLN A 697 21.98 -123.22 -15.88
C GLN A 697 20.47 -123.14 -15.62
N GLN A 698 19.90 -121.94 -15.64
CA GLN A 698 18.48 -121.75 -15.37
C GLN A 698 17.84 -120.98 -16.52
N THR A 699 16.80 -121.55 -17.11
CA THR A 699 16.23 -121.05 -18.36
C THR A 699 14.74 -120.73 -18.17
N GLU A 700 14.46 -119.51 -17.69
CA GLU A 700 13.21 -118.79 -17.91
C GLU A 700 12.01 -119.36 -17.15
N ILE A 701 12.13 -120.53 -16.56
CA ILE A 701 11.02 -121.16 -15.86
C ILE A 701 11.29 -121.39 -14.38
N THR A 702 12.55 -121.51 -13.97
CA THR A 702 12.86 -121.47 -12.55
C THR A 702 12.63 -120.08 -11.98
N CYS A 703 12.89 -119.04 -12.79
CA CYS A 703 12.58 -117.66 -12.47
C CYS A 703 12.56 -116.87 -13.77
N PRO A 704 11.60 -115.97 -13.97
CA PRO A 704 11.50 -115.24 -15.24
C PRO A 704 12.55 -114.16 -15.43
N LYS A 705 13.37 -113.88 -14.42
CA LYS A 705 14.34 -112.79 -14.50
C LYS A 705 15.64 -113.19 -15.18
N VAL A 706 15.68 -114.36 -15.84
CA VAL A 706 16.89 -114.77 -16.53
C VAL A 706 17.10 -113.91 -17.77
N ASN A 707 16.16 -113.98 -18.71
CA ASN A 707 16.28 -113.19 -19.95
C ASN A 707 16.02 -111.71 -19.71
N GLN A 708 15.43 -111.35 -18.56
CA GLN A 708 15.38 -109.95 -18.17
C GLN A 708 16.76 -109.40 -17.82
N PHE A 709 17.70 -110.27 -17.47
CA PHE A 709 19.04 -109.83 -17.13
C PHE A 709 20.07 -110.13 -18.22
N ARG A 710 19.77 -111.06 -19.12
CA ARG A 710 20.62 -111.30 -20.28
C ARG A 710 20.74 -110.04 -21.13
N GLN A 711 19.60 -109.38 -21.37
CA GLN A 711 19.60 -108.11 -22.07
C GLN A 711 20.19 -106.99 -21.21
N LEU A 712 20.20 -107.14 -19.89
CA LEU A 712 20.68 -106.07 -19.02
C LEU A 712 22.19 -105.97 -19.03
N TYR A 713 22.91 -107.09 -19.17
CA TYR A 713 24.35 -107.00 -19.29
C TYR A 713 24.75 -106.40 -20.64
N SER A 714 24.00 -106.75 -21.69
CA SER A 714 24.24 -106.15 -22.99
C SER A 714 23.78 -104.70 -23.02
N LYS A 715 22.83 -104.33 -22.16
CA LYS A 715 22.41 -102.94 -22.05
C LYS A 715 23.54 -102.05 -21.52
N VAL A 716 24.34 -102.57 -20.59
CA VAL A 716 25.34 -101.75 -19.92
C VAL A 716 26.74 -101.93 -20.47
N ILE A 717 26.95 -102.91 -21.36
CA ILE A 717 28.28 -103.06 -21.92
C ILE A 717 28.42 -102.29 -23.24
N ASN A 718 27.32 -102.05 -23.94
CA ASN A 718 27.39 -101.32 -25.19
C ASN A 718 27.29 -99.81 -25.02
N ASP A 719 27.11 -99.33 -23.79
CA ASP A 719 27.11 -97.90 -23.55
C ASP A 719 28.55 -97.41 -23.46
N LYS A 720 28.75 -96.16 -23.86
CA LYS A 720 30.05 -95.51 -23.82
C LYS A 720 30.28 -94.72 -22.55
N HIS A 721 29.24 -94.07 -22.02
CA HIS A 721 29.39 -93.18 -20.89
C HIS A 721 29.41 -93.90 -19.55
N ASP A 722 29.37 -95.22 -19.53
CA ASP A 722 29.45 -95.94 -18.26
C ASP A 722 30.88 -95.94 -17.73
N ASP A 723 31.02 -96.34 -16.47
CA ASP A 723 32.33 -96.48 -15.86
C ASP A 723 33.01 -97.75 -16.37
N VAL A 724 34.33 -97.80 -16.21
CA VAL A 724 35.07 -99.01 -16.51
C VAL A 724 34.75 -100.09 -15.49
N MET A 725 34.73 -99.70 -14.22
CA MET A 725 34.43 -100.63 -13.13
C MET A 725 32.97 -101.07 -13.15
N ALA A 726 32.08 -100.21 -13.67
CA ALA A 726 30.66 -100.59 -13.75
C ALA A 726 30.44 -101.68 -14.79
N LYS A 727 31.06 -101.56 -15.96
CA LYS A 727 30.88 -102.55 -17.01
C LYS A 727 31.83 -103.72 -16.88
N PHE A 728 32.72 -103.71 -15.87
CA PHE A 728 33.58 -104.86 -15.68
C PHE A 728 32.81 -106.05 -15.10
N GLY A 729 31.75 -105.78 -14.34
CA GLY A 729 30.92 -106.87 -13.87
C GLY A 729 30.10 -107.50 -14.97
N ALA A 730 29.75 -106.73 -16.00
CA ALA A 730 28.92 -107.26 -17.08
C ALA A 730 29.72 -108.19 -17.98
N ILE A 731 30.93 -107.78 -18.37
CA ILE A 731 31.79 -108.61 -19.19
C ILE A 731 32.26 -109.84 -18.41
N LEU A 732 32.35 -109.75 -17.09
CA LEU A 732 32.71 -110.91 -16.30
C LEU A 732 31.55 -111.89 -16.21
N ALA A 733 30.33 -111.37 -16.11
CA ALA A 733 29.16 -112.23 -15.96
C ALA A 733 28.83 -113.01 -17.23
N GLN A 734 29.31 -112.55 -18.39
CA GLN A 734 29.09 -113.28 -19.63
C GLN A 734 29.80 -114.63 -19.62
N GLY A 735 31.01 -114.68 -19.04
CA GLY A 735 31.71 -115.95 -18.92
C GLY A 735 31.20 -116.81 -17.78
N ILE A 736 30.55 -116.21 -16.80
CA ILE A 736 29.99 -116.96 -15.68
C ILE A 736 28.72 -117.67 -16.11
N LEU A 737 27.80 -116.92 -16.72
CA LEU A 737 26.43 -117.39 -16.89
C LEU A 737 26.30 -118.43 -18.00
N ASP A 738 27.32 -118.59 -18.84
CA ASP A 738 27.33 -119.59 -19.89
C ASP A 738 28.53 -120.52 -19.74
N ALA A 739 28.76 -120.98 -18.51
CA ALA A 739 30.00 -121.66 -18.17
C ALA A 739 30.03 -123.07 -18.74
N GLY A 740 31.02 -123.35 -19.58
CA GLY A 740 31.19 -124.66 -20.16
C GLY A 740 30.10 -125.08 -21.13
N GLY A 741 29.38 -124.12 -21.71
CA GLY A 741 28.24 -124.44 -22.53
C GLY A 741 27.08 -124.97 -21.71
N HIS A 742 26.80 -124.33 -20.57
CA HIS A 742 25.75 -124.71 -19.61
C HIS A 742 25.92 -126.13 -19.09
N ASN A 743 27.16 -126.60 -18.98
CA ASN A 743 27.40 -127.98 -18.60
C ASN A 743 27.93 -128.09 -17.17
N VAL A 744 28.68 -127.11 -16.70
CA VAL A 744 29.21 -127.10 -15.35
C VAL A 744 28.46 -126.08 -14.52
N THR A 745 28.51 -126.25 -13.20
CA THR A 745 27.85 -125.35 -12.28
C THR A 745 28.66 -125.27 -11.00
N ILE A 746 28.29 -124.33 -10.14
CA ILE A 746 28.88 -124.27 -8.82
C ILE A 746 28.19 -125.27 -7.91
N SER A 747 28.94 -125.81 -6.96
CA SER A 747 28.37 -126.69 -5.96
C SER A 747 29.26 -126.64 -4.73
N LEU A 748 28.78 -125.99 -3.67
CA LEU A 748 29.43 -126.01 -2.36
C LEU A 748 28.84 -127.08 -1.47
N GLN A 749 28.38 -128.18 -2.06
CA GLN A 749 27.43 -129.05 -1.40
C GLN A 749 27.36 -130.38 -2.13
N SER A 750 27.31 -131.47 -1.36
CA SER A 750 26.98 -132.78 -1.89
C SER A 750 25.57 -133.14 -1.47
N ARG A 751 25.08 -134.28 -1.98
CA ARG A 751 23.79 -134.77 -1.51
C ARG A 751 23.89 -135.33 -0.10
N THR A 752 25.08 -135.78 0.30
CA THR A 752 25.31 -136.33 1.64
C THR A 752 25.22 -135.30 2.76
N GLY A 753 25.07 -134.01 2.43
CA GLY A 753 25.14 -132.96 3.41
C GLY A 753 26.54 -132.41 3.62
N HIS A 754 27.56 -133.11 3.11
CA HIS A 754 28.93 -132.69 3.31
C HIS A 754 29.32 -131.66 2.27
N THR A 755 30.07 -130.66 2.70
CA THR A 755 30.43 -129.57 1.81
C THR A 755 31.60 -129.98 0.91
N HIS A 756 31.70 -129.31 -0.23
CA HIS A 756 32.72 -129.62 -1.23
C HIS A 756 33.87 -128.64 -1.02
N MET A 757 34.87 -129.06 -0.25
CA MET A 757 35.93 -128.17 0.22
C MET A 757 36.85 -127.52 -0.82
N PRO A 758 37.11 -128.03 -2.04
CA PRO A 758 37.85 -127.19 -2.98
C PRO A 758 37.00 -126.08 -3.56
N SER A 759 35.68 -126.27 -3.65
CA SER A 759 34.82 -125.18 -4.09
C SER A 759 34.68 -124.11 -3.02
N VAL A 760 34.80 -124.51 -1.75
CA VAL A 760 34.80 -123.54 -0.66
C VAL A 760 36.07 -122.70 -0.69
N VAL A 761 37.21 -123.34 -0.93
CA VAL A 761 38.46 -122.61 -1.14
C VAL A 761 38.37 -121.76 -2.40
N GLY A 762 37.74 -122.30 -3.45
CA GLY A 762 37.70 -121.60 -4.73
C GLY A 762 36.83 -120.35 -4.71
N VAL A 763 35.75 -120.37 -3.94
CA VAL A 763 34.86 -119.20 -3.94
C VAL A 763 35.35 -118.15 -2.95
N LEU A 764 36.10 -118.56 -1.91
CA LEU A 764 36.65 -117.59 -0.97
C LEU A 764 37.82 -116.83 -1.61
N VAL A 765 38.69 -117.56 -2.29
CA VAL A 765 39.81 -116.96 -3.00
C VAL A 765 39.33 -116.10 -4.16
N PHE A 766 38.16 -116.44 -4.72
CA PHE A 766 37.54 -115.61 -5.75
C PHE A 766 37.13 -114.22 -5.24
N THR A 767 36.91 -114.06 -3.94
CA THR A 767 36.51 -112.76 -3.41
C THR A 767 37.61 -111.71 -3.52
N GLN A 768 38.87 -112.14 -3.64
CA GLN A 768 39.98 -111.20 -3.69
C GLN A 768 40.41 -110.92 -5.13
N PHE A 769 39.47 -110.43 -5.93
CA PHE A 769 39.82 -109.81 -7.20
C PHE A 769 40.09 -108.33 -7.05
N TRP A 770 39.70 -107.76 -5.91
CA TRP A 770 40.01 -106.36 -5.63
C TRP A 770 41.47 -106.09 -5.44
N PHE A 771 42.23 -107.05 -4.93
CA PHE A 771 43.59 -106.80 -4.55
C PHE A 771 44.58 -107.48 -5.47
N TRP A 772 44.10 -108.33 -6.39
CA TRP A 772 44.91 -108.98 -7.41
C TRP A 772 43.93 -109.54 -8.43
N PHE A 773 44.11 -109.20 -9.71
CA PHE A 773 43.16 -109.69 -10.71
C PHE A 773 43.25 -111.18 -10.99
N PRO A 774 44.41 -111.79 -11.28
CA PRO A 774 44.39 -113.24 -11.51
C PRO A 774 44.42 -114.08 -10.25
N LEU A 775 44.14 -113.49 -9.09
CA LEU A 775 43.95 -114.28 -7.89
C LEU A 775 42.55 -114.89 -7.86
N SER A 776 41.57 -114.20 -8.44
CA SER A 776 40.23 -114.72 -8.65
C SER A 776 40.11 -115.45 -9.98
N HIS A 777 41.24 -115.72 -10.63
CA HIS A 777 41.29 -116.75 -11.65
C HIS A 777 41.10 -118.13 -11.04
N PHE A 778 41.35 -118.27 -9.73
CA PHE A 778 41.05 -119.49 -8.97
C PHE A 778 39.55 -119.58 -8.79
N LEU A 779 38.88 -120.03 -9.85
CA LEU A 779 37.44 -120.23 -9.82
C LEU A 779 37.06 -121.57 -10.45
N SER A 780 37.97 -122.22 -11.16
CA SER A 780 37.71 -123.51 -11.78
C SER A 780 37.47 -124.62 -10.76
N LEU A 781 37.91 -124.44 -9.52
CA LEU A 781 37.59 -125.38 -8.46
C LEU A 781 36.11 -125.40 -8.12
N ALA A 782 35.41 -124.28 -8.34
CA ALA A 782 33.99 -124.23 -8.05
C ALA A 782 33.14 -124.91 -9.12
N TYR A 783 33.62 -124.99 -10.35
CA TYR A 783 32.80 -125.52 -11.44
C TYR A 783 32.75 -127.04 -11.36
N THR A 784 31.52 -127.57 -11.27
CA THR A 784 31.24 -128.99 -11.24
C THR A 784 30.13 -129.30 -12.22
N PRO A 785 30.20 -130.43 -12.93
CA PRO A 785 29.14 -130.79 -13.86
C PRO A 785 27.89 -131.27 -13.14
N THR A 786 26.76 -131.17 -13.84
CA THR A 786 25.53 -131.82 -13.43
C THR A 786 25.09 -132.71 -14.58
N CYS A 787 25.61 -133.93 -14.60
CA CYS A 787 25.26 -134.90 -15.63
C CYS A 787 25.14 -136.27 -15.00
N VAL A 788 24.00 -136.92 -15.20
CA VAL A 788 23.89 -138.34 -14.90
C VAL A 788 24.76 -139.11 -15.87
N ILE A 789 25.40 -140.18 -15.40
CA ILE A 789 26.30 -140.99 -16.19
C ILE A 789 26.03 -142.46 -15.88
N GLY A 790 25.84 -143.27 -16.91
CA GLY A 790 25.66 -144.71 -16.72
C GLY A 790 26.92 -145.49 -17.00
N LEU A 791 27.02 -146.70 -16.44
CA LEU A 791 28.21 -147.54 -16.58
C LEU A 791 27.82 -148.97 -16.23
N ASN A 792 28.36 -149.94 -16.97
CA ASN A 792 28.08 -151.35 -16.70
C ASN A 792 29.31 -152.20 -16.48
N LYS A 793 30.45 -151.83 -17.03
CA LYS A 793 31.68 -152.61 -16.86
C LYS A 793 32.73 -151.60 -16.39
N ASP A 794 34.01 -151.96 -16.38
CA ASP A 794 35.04 -150.98 -16.02
C ASP A 794 35.20 -149.89 -17.08
N LEU A 795 34.85 -150.19 -18.33
CA LEU A 795 35.18 -149.29 -19.42
C LEU A 795 33.96 -148.97 -20.29
N LYS A 796 33.04 -149.93 -20.41
CA LYS A 796 32.04 -149.89 -21.47
C LYS A 796 30.96 -148.85 -21.16
N MET A 797 30.67 -148.02 -22.16
CA MET A 797 29.50 -147.16 -22.08
C MET A 797 28.25 -148.01 -22.33
N PRO A 798 27.19 -147.83 -21.56
CA PRO A 798 25.95 -148.55 -21.83
C PRO A 798 25.19 -147.88 -22.97
N LYS A 799 23.99 -148.38 -23.24
CA LYS A 799 23.08 -147.74 -24.19
C LYS A 799 21.69 -147.78 -23.57
N VAL A 800 21.32 -146.71 -22.87
CA VAL A 800 20.00 -146.61 -22.27
C VAL A 800 19.42 -145.25 -22.62
N GLN A 801 18.10 -145.21 -22.79
CA GLN A 801 17.36 -144.00 -23.10
C GLN A 801 16.08 -144.00 -22.27
N TYR A 802 15.98 -143.08 -21.33
CA TYR A 802 14.80 -142.91 -20.49
C TYR A 802 14.18 -141.55 -20.80
N LYS A 803 13.13 -141.19 -20.06
CA LYS A 803 12.42 -139.95 -20.36
C LYS A 803 12.09 -139.13 -19.12
N SER A 804 11.27 -138.10 -19.28
CA SER A 804 10.84 -137.23 -18.19
C SER A 804 9.34 -137.31 -18.01
N ASN A 805 8.84 -136.63 -16.98
CA ASN A 805 7.42 -136.66 -16.66
C ASN A 805 6.79 -135.29 -16.52
N CYS A 806 7.50 -134.32 -15.94
CA CYS A 806 6.94 -132.99 -15.73
C CYS A 806 7.07 -132.17 -17.01
N LYS A 807 6.91 -130.86 -16.87
CA LYS A 807 6.66 -130.00 -18.01
C LYS A 807 7.91 -129.84 -18.88
N PRO A 808 7.78 -129.91 -20.21
CA PRO A 808 8.95 -130.15 -21.07
C PRO A 808 9.78 -128.93 -21.38
N SER A 809 9.26 -127.72 -21.20
CA SER A 809 10.00 -126.51 -21.55
C SER A 809 11.15 -126.22 -20.59
N THR A 810 11.18 -126.90 -19.44
CA THR A 810 12.28 -126.76 -18.49
C THR A 810 13.61 -127.25 -19.04
N PHE A 811 13.57 -128.17 -20.00
CA PHE A 811 14.77 -128.77 -20.58
C PHE A 811 15.32 -127.94 -21.74
N ALA A 812 15.01 -126.65 -21.78
CA ALA A 812 15.42 -125.81 -22.90
C ALA A 812 16.92 -125.53 -22.86
N TYR A 813 17.40 -124.89 -23.92
CA TYR A 813 18.80 -124.61 -24.18
C TYR A 813 18.92 -123.09 -24.27
N PRO A 814 20.13 -122.50 -24.40
CA PRO A 814 20.17 -121.05 -24.65
C PRO A 814 19.52 -120.61 -25.95
N ALA A 815 19.63 -121.40 -27.03
CA ALA A 815 19.08 -121.14 -28.36
C ALA A 815 19.52 -119.78 -28.91
N PRO A 816 20.76 -119.64 -29.37
CA PRO A 816 21.27 -118.33 -29.77
C PRO A 816 20.61 -117.83 -31.04
N LEU A 817 20.66 -116.51 -31.23
CA LEU A 817 19.93 -115.91 -32.34
C LEU A 817 20.65 -116.09 -33.67
N GLU A 818 21.96 -115.80 -33.69
CA GLU A 818 22.84 -115.93 -34.87
C GLU A 818 22.28 -115.17 -36.08
N VAL A 819 22.30 -113.85 -35.97
CA VAL A 819 21.87 -113.00 -37.09
C VAL A 819 23.12 -112.68 -37.91
N PRO A 820 23.02 -112.51 -39.24
CA PRO A 820 24.16 -111.94 -39.96
C PRO A 820 24.17 -110.43 -39.94
N PRO A 871 1.15 -130.34 -28.85
CA PRO A 871 2.18 -130.94 -29.70
C PRO A 871 3.59 -130.72 -29.16
N GLU A 872 4.02 -131.56 -28.22
CA GLU A 872 5.22 -131.26 -27.45
C GLU A 872 5.70 -132.53 -26.76
N PRO A 873 7.02 -132.63 -26.47
CA PRO A 873 7.55 -133.66 -25.54
C PRO A 873 7.14 -133.50 -24.09
N ASN A 874 7.99 -134.01 -23.17
CA ASN A 874 7.82 -134.79 -21.93
C ASN A 874 8.04 -136.28 -22.16
N PHE A 875 8.79 -136.62 -23.21
CA PHE A 875 9.32 -137.97 -23.37
C PHE A 875 10.80 -137.90 -23.80
N GLN A 876 11.55 -136.97 -23.21
CA GLN A 876 12.90 -136.61 -23.64
C GLN A 876 13.87 -137.77 -23.47
N LEU A 877 14.28 -138.37 -24.58
CA LEU A 877 15.29 -139.42 -24.54
C LEU A 877 16.67 -138.81 -24.31
N LEU A 878 17.53 -139.59 -23.66
CA LEU A 878 18.83 -139.11 -23.22
C LEU A 878 19.85 -140.22 -23.39
N ASP A 879 21.01 -139.88 -23.91
CA ASP A 879 22.14 -140.79 -23.93
C ASP A 879 22.87 -140.72 -22.59
N ASN A 880 23.93 -141.51 -22.47
CA ASN A 880 24.53 -141.75 -21.16
C ASN A 880 25.24 -140.55 -20.54
N PRO A 881 26.02 -139.72 -21.27
CA PRO A 881 26.40 -138.45 -20.60
C PRO A 881 25.39 -137.34 -20.84
N ALA A 882 24.25 -137.41 -20.16
CA ALA A 882 23.19 -136.42 -20.31
C ALA A 882 23.25 -135.40 -19.19
N ARG A 883 23.36 -134.12 -19.56
CA ARG A 883 23.26 -133.05 -18.59
C ARG A 883 21.84 -132.95 -18.07
N VAL A 884 21.69 -132.48 -16.84
CA VAL A 884 20.38 -132.36 -16.21
C VAL A 884 20.50 -131.30 -15.11
N MET A 885 19.43 -130.55 -14.92
CA MET A 885 19.34 -129.71 -13.74
C MET A 885 19.17 -130.61 -12.52
N PRO A 886 19.79 -130.26 -11.38
CA PRO A 886 19.55 -131.04 -10.16
C PRO A 886 18.11 -130.98 -9.68
N ALA A 887 17.38 -129.91 -9.99
CA ALA A 887 15.95 -129.87 -9.73
C ALA A 887 15.17 -130.75 -10.70
N GLN A 888 15.77 -131.12 -11.83
CA GLN A 888 15.14 -132.02 -12.79
C GLN A 888 15.50 -133.47 -12.57
N LEU A 889 16.14 -133.80 -11.45
CA LEU A 889 16.40 -135.20 -11.13
C LEU A 889 15.13 -135.95 -10.74
N LYS A 890 14.13 -135.24 -10.23
CA LYS A 890 12.89 -135.87 -9.81
C LYS A 890 11.87 -135.98 -10.93
N VAL A 891 12.00 -135.17 -11.99
CA VAL A 891 10.99 -135.12 -13.03
C VAL A 891 11.20 -136.20 -14.09
N LEU A 892 12.24 -137.01 -13.97
CA LEU A 892 12.58 -137.97 -15.01
C LEU A 892 11.93 -139.32 -14.72
N THR A 893 12.11 -140.26 -15.65
CA THR A 893 11.50 -141.57 -15.60
C THR A 893 12.61 -142.61 -15.49
N MET A 894 12.39 -143.62 -14.65
CA MET A 894 13.32 -144.73 -14.59
C MET A 894 13.26 -145.55 -15.87
N PRO A 895 14.37 -146.15 -16.28
CA PRO A 895 14.35 -147.03 -17.46
C PRO A 895 13.73 -148.38 -17.13
N GLU A 896 12.50 -148.59 -17.62
CA GLU A 896 11.76 -149.81 -17.35
C GLU A 896 11.65 -150.74 -18.55
N THR A 897 11.80 -150.23 -19.76
CA THR A 897 11.63 -151.03 -20.96
C THR A 897 12.95 -151.37 -21.63
N CYS A 898 14.05 -150.78 -21.20
CA CYS A 898 15.33 -151.02 -21.84
C CYS A 898 15.95 -152.31 -21.35
N ARG A 899 17.10 -152.66 -21.93
CA ARG A 899 17.84 -153.83 -21.48
C ARG A 899 18.47 -153.59 -20.11
N TYR A 900 18.83 -152.34 -19.82
CA TYR A 900 19.51 -151.99 -18.58
C TYR A 900 18.50 -151.63 -17.50
N GLN A 901 18.80 -152.02 -16.26
CA GLN A 901 18.01 -151.67 -15.09
C GLN A 901 18.95 -151.26 -13.97
N PRO A 902 18.84 -150.04 -13.45
CA PRO A 902 19.81 -149.56 -12.46
C PRO A 902 19.63 -150.22 -11.10
N PHE A 903 20.73 -150.74 -10.56
CA PHE A 903 20.69 -151.34 -9.23
C PHE A 903 20.54 -150.28 -8.15
N LYS A 904 21.08 -149.11 -8.37
CA LYS A 904 20.97 -148.03 -7.41
C LYS A 904 19.66 -147.27 -7.61
N PRO A 905 18.99 -146.88 -6.53
CA PRO A 905 17.91 -145.87 -6.64
C PRO A 905 18.49 -144.56 -7.14
N LEU A 906 17.95 -144.06 -8.25
CA LEU A 906 18.51 -142.90 -8.93
C LEU A 906 18.09 -141.64 -8.22
N SER A 907 18.97 -141.12 -7.36
CA SER A 907 18.72 -139.92 -6.60
C SER A 907 19.76 -138.83 -6.84
N ILE A 908 20.96 -139.18 -7.27
CA ILE A 908 22.02 -138.21 -7.55
C ILE A 908 22.54 -138.51 -8.95
N GLY A 909 23.13 -137.51 -9.58
CA GLY A 909 23.81 -137.70 -10.85
C GLY A 909 25.17 -138.34 -10.69
N GLY A 910 26.12 -137.92 -11.52
CA GLY A 910 27.41 -138.56 -11.51
C GLY A 910 27.32 -139.93 -12.18
N ILE A 911 28.31 -140.75 -11.87
CA ILE A 911 28.38 -142.07 -12.48
C ILE A 911 27.86 -143.11 -11.49
N ILE A 912 27.10 -144.08 -12.02
CA ILE A 912 26.54 -145.19 -11.26
C ILE A 912 26.75 -146.47 -12.05
N ILE A 913 26.70 -147.60 -11.35
CA ILE A 913 26.64 -148.87 -12.05
C ILE A 913 25.23 -149.09 -12.58
N LEU A 914 25.14 -149.52 -13.83
CA LEU A 914 23.87 -149.72 -14.52
C LEU A 914 23.80 -151.19 -14.87
N LYS A 915 23.08 -151.96 -14.06
CA LYS A 915 23.07 -153.40 -14.19
C LYS A 915 22.31 -153.82 -15.44
N ASP A 916 22.96 -154.63 -16.26
CA ASP A 916 22.35 -155.10 -17.50
C ASP A 916 21.47 -156.31 -17.17
N THR A 917 20.19 -156.20 -17.52
CA THR A 917 19.25 -157.29 -17.28
C THR A 917 18.74 -157.85 -18.59
N PRO B 17 -55.73 -97.97 14.49
CA PRO B 17 -55.30 -98.52 13.20
C PRO B 17 -54.90 -97.50 12.10
N PRO B 18 -55.51 -96.29 11.98
CA PRO B 18 -54.86 -95.28 11.11
C PRO B 18 -53.70 -94.59 11.82
N GLY B 19 -53.77 -94.54 13.15
CA GLY B 19 -52.73 -93.91 13.93
C GLY B 19 -51.50 -94.78 14.10
N GLY B 20 -51.71 -96.07 14.36
CA GLY B 20 -50.62 -97.01 14.52
C GLY B 20 -50.18 -97.72 13.27
N GLY B 21 -50.94 -97.58 12.17
CA GLY B 21 -50.57 -98.26 10.94
C GLY B 21 -49.43 -97.60 10.21
N GLU B 22 -49.43 -96.27 10.13
CA GLU B 22 -48.38 -95.55 9.42
C GLU B 22 -47.09 -95.43 10.21
N GLN B 23 -47.12 -95.75 11.51
CA GLN B 23 -45.92 -95.73 12.34
C GLN B 23 -45.15 -97.03 12.27
N GLU B 24 -45.58 -97.97 11.44
CA GLU B 24 -44.95 -99.28 11.26
C GLU B 24 -43.75 -99.37 10.30
N PRO B 25 -43.70 -98.71 9.13
CA PRO B 25 -42.50 -98.88 8.24
C PRO B 25 -41.20 -98.27 8.76
N PRO B 26 -41.14 -97.12 9.44
CA PRO B 26 -39.79 -96.61 9.89
C PRO B 26 -39.07 -97.43 10.96
N PRO B 27 -39.71 -98.10 11.94
CA PRO B 27 -38.90 -98.83 12.97
C PRO B 27 -38.07 -100.01 12.47
N PRO B 28 -38.45 -100.81 11.46
CA PRO B 28 -37.55 -101.93 11.05
C PRO B 28 -36.21 -101.51 10.46
N PRO B 29 -36.12 -100.61 9.45
CA PRO B 29 -34.83 -100.50 8.75
C PRO B 29 -33.71 -99.86 9.53
N ALA B 30 -33.97 -99.27 10.69
CA ALA B 30 -32.83 -98.71 11.42
C ALA B 30 -32.05 -99.82 12.14
N PRO B 31 -32.67 -100.85 12.78
CA PRO B 31 -31.87 -102.05 13.08
C PRO B 31 -31.51 -102.87 11.86
N GLN B 32 -32.28 -102.82 10.78
CA GLN B 32 -31.93 -103.60 9.60
C GLN B 32 -30.76 -103.01 8.84
N ASP B 33 -30.33 -101.78 9.14
CA ASP B 33 -29.15 -101.21 8.50
C ASP B 33 -27.92 -101.24 9.41
N VAL B 34 -27.97 -100.57 10.56
CA VAL B 34 -26.74 -100.41 11.32
C VAL B 34 -26.50 -101.56 12.28
N GLU B 35 -27.56 -102.14 12.86
CA GLU B 35 -27.38 -103.34 13.66
C GLU B 35 -27.06 -104.54 12.78
N MET B 36 -27.37 -104.45 11.48
CA MET B 36 -26.94 -105.46 10.52
C MET B 36 -25.44 -105.45 10.32
N LYS B 37 -24.86 -104.26 10.13
CA LYS B 37 -23.51 -104.18 9.59
C LYS B 37 -22.40 -104.22 10.64
N GLU B 38 -22.71 -103.92 11.91
CA GLU B 38 -21.67 -103.73 12.92
C GLU B 38 -20.97 -105.03 13.25
N GLU B 39 -21.73 -106.07 13.57
CA GLU B 39 -21.10 -107.38 13.73
C GLU B 39 -20.72 -107.99 12.39
N ALA B 40 -21.31 -107.52 11.29
CA ALA B 40 -20.87 -107.97 9.97
C ALA B 40 -19.47 -107.44 9.66
N ALA B 41 -19.15 -106.25 10.17
CA ALA B 41 -17.78 -105.76 10.12
C ALA B 41 -16.92 -106.37 11.21
N THR B 42 -17.51 -106.62 12.38
CA THR B 42 -16.76 -107.21 13.48
C THR B 42 -16.43 -108.67 13.22
N GLY B 43 -17.43 -109.43 12.78
CA GLY B 43 -17.21 -110.83 12.45
C GLY B 43 -16.35 -111.03 11.23
N GLY B 44 -16.23 -110.02 10.38
CA GLY B 44 -15.26 -110.07 9.31
C GLY B 44 -13.87 -109.65 9.77
N GLY B 45 -13.80 -108.55 10.53
CA GLY B 45 -12.50 -108.00 10.89
C GLY B 45 -11.77 -108.80 11.95
N SER B 46 -12.49 -109.36 12.92
CA SER B 46 -11.84 -110.23 13.90
C SER B 46 -11.45 -111.56 13.27
N THR B 47 -12.18 -112.00 12.24
CA THR B 47 -11.79 -113.22 11.53
C THR B 47 -10.52 -113.00 10.74
N GLY B 48 -10.41 -111.86 10.05
CA GLY B 48 -9.16 -111.50 9.39
C GLY B 48 -8.03 -111.24 10.35
N GLU B 49 -8.34 -110.91 11.59
CA GLU B 49 -7.34 -110.84 12.65
C GLU B 49 -7.33 -112.07 13.53
N ALA B 50 -8.11 -113.09 13.19
CA ALA B 50 -7.85 -114.43 13.70
C ALA B 50 -6.97 -115.21 12.74
N ASP B 51 -7.22 -115.08 11.44
CA ASP B 51 -6.39 -115.73 10.43
C ASP B 51 -5.04 -115.03 10.32
N GLY B 52 -5.07 -113.76 9.91
CA GLY B 52 -3.92 -112.89 10.09
C GLY B 52 -3.86 -112.40 11.51
N LYS B 53 -2.92 -111.48 11.75
CA LYS B 53 -2.64 -110.89 13.06
C LYS B 53 -2.39 -111.99 14.10
N THR B 54 -1.23 -112.64 13.94
CA THR B 54 -0.81 -113.65 14.91
C THR B 54 -0.71 -113.09 16.32
N ALA B 55 -0.36 -111.81 16.46
CA ALA B 55 -0.37 -111.15 17.77
C ALA B 55 -1.70 -110.42 17.96
N ALA B 56 -2.76 -111.22 18.05
CA ALA B 56 -4.11 -110.73 18.29
C ALA B 56 -4.50 -110.88 19.75
N ALA B 57 -3.54 -110.70 20.65
CA ALA B 57 -3.85 -110.66 22.08
C ALA B 57 -4.72 -109.46 22.40
N ALA B 58 -4.47 -108.33 21.75
CA ALA B 58 -5.31 -107.14 21.86
C ALA B 58 -5.75 -106.79 20.44
N ALA B 59 -6.89 -107.35 20.04
CA ALA B 59 -7.50 -106.92 18.79
C ALA B 59 -8.08 -105.51 18.96
N GLU B 60 -8.31 -104.84 17.83
CA GLU B 60 -9.11 -103.62 17.93
C GLU B 60 -10.58 -103.93 18.10
N HIS B 61 -10.98 -105.18 17.87
CA HIS B 61 -12.30 -105.67 18.21
C HIS B 61 -12.44 -106.00 19.69
N SER B 62 -11.36 -105.82 20.47
CA SER B 62 -11.50 -105.84 21.92
C SER B 62 -12.16 -104.58 22.42
N GLN B 63 -11.95 -103.44 21.75
CA GLN B 63 -12.78 -102.27 22.00
C GLN B 63 -14.18 -102.47 21.44
N ARG B 64 -14.32 -103.21 20.34
CA ARG B 64 -15.64 -103.59 19.88
C ARG B 64 -16.25 -104.63 20.81
N GLU B 65 -15.41 -105.46 21.43
CA GLU B 65 -15.87 -106.29 22.55
C GLU B 65 -16.35 -105.40 23.69
N LEU B 66 -15.65 -104.28 23.93
CA LEU B 66 -16.17 -103.29 24.87
C LEU B 66 -17.37 -102.54 24.31
N ASP B 67 -17.49 -102.45 22.98
CA ASP B 67 -18.70 -101.87 22.43
C ASP B 67 -19.88 -102.81 22.60
N THR B 68 -19.68 -104.11 22.39
CA THR B 68 -20.74 -105.09 22.60
C THR B 68 -21.16 -105.22 24.05
N VAL B 69 -20.35 -104.74 25.00
CA VAL B 69 -20.85 -104.50 26.35
C VAL B 69 -21.96 -103.46 26.31
N THR B 70 -21.72 -102.37 25.60
CA THR B 70 -22.64 -101.24 25.58
C THR B 70 -23.69 -101.33 24.49
N LEU B 71 -23.43 -102.12 23.44
CA LEU B 71 -24.25 -102.06 22.24
C LEU B 71 -25.61 -102.72 22.49
N GLU B 72 -25.61 -104.03 22.72
CA GLU B 72 -26.84 -104.80 22.76
C GLU B 72 -27.62 -104.61 24.05
N ASP B 73 -27.03 -103.94 25.05
CA ASP B 73 -27.82 -103.54 26.20
C ASP B 73 -28.75 -102.37 25.88
N ILE B 74 -28.46 -101.61 24.83
CA ILE B 74 -29.33 -100.51 24.43
C ILE B 74 -29.79 -100.59 22.99
N LYS B 75 -29.11 -101.31 22.10
CA LYS B 75 -29.47 -101.28 20.68
C LYS B 75 -30.73 -102.08 20.42
N GLU B 76 -30.68 -103.38 20.67
CA GLU B 76 -31.84 -104.23 20.51
C GLU B 76 -32.01 -105.07 21.76
N HIS B 77 -33.26 -105.25 22.19
CA HIS B 77 -33.58 -106.21 23.24
C HIS B 77 -34.45 -107.33 22.71
N VAL B 78 -35.61 -107.02 22.16
CA VAL B 78 -36.46 -108.03 21.53
C VAL B 78 -35.93 -108.21 20.11
N LYS B 79 -36.36 -109.27 19.42
CA LYS B 79 -36.00 -109.54 18.03
C LYS B 79 -36.77 -108.69 17.02
N GLN B 80 -37.50 -107.67 17.50
CA GLN B 80 -38.02 -106.56 16.72
C GLN B 80 -38.96 -107.02 15.61
N LEU B 81 -40.12 -107.52 16.05
CA LEU B 81 -41.21 -107.87 15.14
C LEU B 81 -41.66 -106.65 14.34
N GLU B 82 -42.40 -106.94 13.25
CA GLU B 82 -42.36 -106.26 11.94
C GLU B 82 -40.99 -106.49 11.28
N LYS B 83 -40.38 -107.63 11.63
CA LYS B 83 -39.37 -108.34 10.83
C LYS B 83 -38.09 -107.51 10.64
N ALA B 84 -37.43 -107.20 11.75
CA ALA B 84 -36.19 -106.44 11.73
C ALA B 84 -34.99 -107.25 12.19
N VAL B 85 -35.03 -107.78 13.42
CA VAL B 85 -33.94 -108.56 13.97
C VAL B 85 -34.23 -110.06 13.92
N SER B 86 -35.50 -110.44 13.73
CA SER B 86 -35.92 -111.84 13.68
C SER B 86 -35.27 -112.62 12.54
N GLY B 87 -34.85 -111.96 11.47
CA GLY B 87 -34.14 -112.62 10.39
C GLY B 87 -32.64 -112.56 10.47
N LYS B 88 -32.08 -111.85 11.45
CA LYS B 88 -30.64 -111.83 11.64
C LYS B 88 -30.13 -113.20 12.07
N GLU B 89 -30.75 -113.80 13.08
CA GLU B 89 -30.28 -115.07 13.63
C GLU B 89 -30.32 -116.24 12.63
N PRO B 90 -31.37 -116.48 11.83
CA PRO B 90 -31.25 -117.55 10.81
C PRO B 90 -30.26 -117.21 9.71
N ARG B 91 -29.96 -115.93 9.48
CA ARG B 91 -28.87 -115.59 8.57
C ARG B 91 -27.52 -115.91 9.18
N PHE B 92 -27.24 -115.32 10.34
CA PHE B 92 -25.89 -115.37 10.90
C PHE B 92 -25.55 -116.72 11.53
N VAL B 93 -26.54 -117.57 11.83
CA VAL B 93 -26.20 -118.91 12.32
C VAL B 93 -26.08 -119.89 11.15
N LEU B 94 -26.57 -119.53 9.97
CA LEU B 94 -26.37 -120.37 8.79
C LEU B 94 -25.04 -119.94 8.19
N ARG B 95 -23.97 -120.45 8.79
CA ARG B 95 -22.60 -120.17 8.36
C ARG B 95 -21.82 -121.48 8.32
N ALA B 96 -21.56 -121.96 7.12
CA ALA B 96 -20.70 -123.13 6.98
C ALA B 96 -19.29 -122.70 6.59
N LEU B 97 -19.18 -121.82 5.59
CA LEU B 97 -17.96 -121.09 5.21
C LEU B 97 -16.84 -122.05 4.80
N ARG B 98 -17.06 -122.74 3.68
CA ARG B 98 -16.15 -123.78 3.22
C ARG B 98 -14.84 -123.21 2.68
N MET B 99 -14.90 -122.45 1.58
CA MET B 99 -13.71 -121.87 0.96
C MET B 99 -14.17 -120.58 0.26
N LEU B 100 -13.20 -119.87 -0.35
CA LEU B 100 -13.47 -118.61 -1.07
C LEU B 100 -14.62 -118.64 -2.08
N PRO B 101 -14.89 -119.70 -2.86
CA PRO B 101 -16.16 -119.70 -3.60
C PRO B 101 -17.37 -119.94 -2.72
N SER B 102 -17.25 -120.77 -1.68
CA SER B 102 -18.38 -121.10 -0.81
C SER B 102 -18.42 -120.25 0.46
N THR B 103 -17.53 -119.26 0.60
CA THR B 103 -17.75 -118.15 1.51
C THR B 103 -18.32 -116.94 0.81
N SER B 104 -17.95 -116.72 -0.46
CA SER B 104 -18.57 -115.66 -1.25
C SER B 104 -20.03 -115.95 -1.56
N ARG B 105 -20.42 -117.22 -1.53
CA ARG B 105 -21.85 -117.55 -1.45
C ARG B 105 -22.46 -116.97 -0.18
N ARG B 106 -21.78 -117.14 0.96
CA ARG B 106 -22.30 -116.61 2.21
C ARG B 106 -22.14 -115.09 2.28
N LEU B 107 -21.11 -114.55 1.61
CA LEU B 107 -20.99 -113.10 1.51
C LEU B 107 -22.11 -112.52 0.66
N ASN B 108 -22.66 -113.29 -0.27
CA ASN B 108 -23.90 -112.90 -0.92
C ASN B 108 -25.08 -113.04 0.04
N HIS B 109 -25.03 -114.01 0.97
CA HIS B 109 -26.14 -114.22 1.89
C HIS B 109 -26.26 -113.11 2.93
N TYR B 110 -25.20 -112.32 3.15
CA TYR B 110 -25.37 -111.10 3.94
C TYR B 110 -26.29 -110.12 3.22
N VAL B 111 -26.33 -110.17 1.90
CA VAL B 111 -27.19 -109.30 1.10
C VAL B 111 -28.53 -109.98 0.79
N LEU B 112 -28.54 -111.30 0.55
CA LEU B 112 -29.74 -111.96 0.04
C LEU B 112 -30.82 -112.11 1.10
N TYR B 113 -30.46 -112.36 2.37
CA TYR B 113 -31.51 -112.49 3.39
C TYR B 113 -32.08 -111.13 3.80
N LYS B 114 -31.48 -110.03 3.35
CA LYS B 114 -32.05 -108.70 3.60
C LYS B 114 -33.38 -108.54 2.86
N ALA B 115 -33.51 -109.18 1.69
CA ALA B 115 -34.80 -109.21 1.02
C ALA B 115 -35.78 -110.13 1.74
N VAL B 116 -35.26 -111.13 2.46
CA VAL B 116 -36.14 -112.01 3.23
C VAL B 116 -36.69 -111.27 4.46
N GLN B 117 -35.89 -110.37 5.02
CA GLN B 117 -36.41 -109.54 6.11
C GLN B 117 -37.41 -108.50 5.60
N GLY B 118 -37.04 -107.76 4.56
CA GLY B 118 -37.85 -106.65 4.10
C GLY B 118 -39.06 -107.05 3.28
N PHE B 119 -38.84 -107.79 2.19
CA PHE B 119 -39.94 -108.16 1.31
C PHE B 119 -40.77 -109.29 1.89
N PHE B 120 -40.10 -110.32 2.43
CA PHE B 120 -40.75 -111.51 2.94
C PHE B 120 -40.89 -111.41 4.46
N THR B 121 -41.29 -112.52 5.08
CA THR B 121 -41.29 -112.64 6.53
C THR B 121 -39.99 -113.27 6.99
N SER B 122 -39.59 -112.95 8.22
CA SER B 122 -38.38 -113.48 8.81
C SER B 122 -38.67 -114.83 9.47
N ASN B 123 -37.65 -115.49 9.96
CA ASN B 123 -37.80 -116.76 10.68
C ASN B 123 -37.87 -116.44 12.16
N ASN B 124 -39.07 -116.49 12.70
CA ASN B 124 -39.33 -116.11 14.08
C ASN B 124 -38.87 -117.25 14.99
N ALA B 125 -37.83 -116.99 15.78
CA ALA B 125 -37.31 -117.98 16.73
C ALA B 125 -37.57 -117.44 18.13
N THR B 126 -38.79 -117.66 18.63
CA THR B 126 -39.21 -117.12 19.92
C THR B 126 -38.61 -117.98 21.02
N ARG B 127 -37.38 -117.64 21.41
CA ARG B 127 -36.67 -118.09 22.62
C ARG B 127 -36.32 -119.58 22.63
N ASP B 128 -36.68 -120.34 21.61
CA ASP B 128 -36.51 -121.79 21.66
C ASP B 128 -35.74 -122.34 20.47
N PHE B 129 -35.98 -121.81 19.28
CA PHE B 129 -35.48 -122.42 18.05
C PHE B 129 -34.00 -122.17 17.82
N LEU B 130 -33.36 -121.31 18.60
CA LEU B 130 -31.94 -121.04 18.41
C LEU B 130 -31.08 -122.23 18.79
N LEU B 131 -31.55 -123.06 19.72
CA LEU B 131 -30.81 -124.25 20.11
C LEU B 131 -30.81 -125.33 19.02
N PRO B 132 -31.92 -125.61 18.30
CA PRO B 132 -31.75 -126.39 17.06
C PRO B 132 -31.20 -125.59 15.89
N PHE B 133 -31.10 -124.27 15.98
CA PHE B 133 -30.38 -123.52 14.97
C PHE B 133 -28.87 -123.66 15.09
N LEU B 134 -28.38 -124.25 16.18
CA LEU B 134 -26.96 -124.54 16.36
C LEU B 134 -26.53 -125.83 15.67
N GLU B 135 -27.36 -126.36 14.77
CA GLU B 135 -26.94 -127.41 13.86
C GLU B 135 -26.50 -126.87 12.50
N GLU B 136 -26.97 -125.70 12.10
CA GLU B 136 -26.38 -125.02 10.96
C GLU B 136 -24.91 -124.61 11.13
N PRO B 137 -24.37 -124.39 12.34
CA PRO B 137 -22.92 -124.45 12.51
C PRO B 137 -22.33 -125.86 12.55
N MET B 138 -23.09 -126.88 12.12
CA MET B 138 -22.55 -128.20 11.82
C MET B 138 -22.89 -128.64 10.41
N ASP B 139 -23.93 -128.07 9.79
CA ASP B 139 -24.42 -128.55 8.50
C ASP B 139 -23.51 -128.14 7.36
N THR B 140 -23.19 -129.11 6.50
CA THR B 140 -22.60 -128.94 5.16
C THR B 140 -21.23 -128.26 5.24
N GLU B 141 -20.30 -128.99 5.87
CA GLU B 141 -18.89 -128.61 6.01
C GLU B 141 -18.72 -127.26 6.70
N ALA B 142 -19.16 -127.20 7.96
CA ALA B 142 -19.03 -126.00 8.74
C ALA B 142 -17.62 -125.89 9.32
N ASP B 143 -17.38 -124.81 10.07
CA ASP B 143 -16.07 -124.55 10.65
C ASP B 143 -16.12 -124.66 12.17
N LEU B 144 -15.22 -125.47 12.73
CA LEU B 144 -15.02 -125.54 14.17
C LEU B 144 -13.79 -124.76 14.63
N GLN B 145 -12.89 -124.42 13.71
CA GLN B 145 -11.68 -123.68 14.06
C GLN B 145 -12.00 -122.25 14.47
N PHE B 146 -13.08 -121.68 13.94
CA PHE B 146 -13.45 -120.31 14.25
C PHE B 146 -14.31 -120.24 15.52
N ARG B 147 -13.73 -120.75 16.60
CA ARG B 147 -14.26 -120.60 17.95
C ARG B 147 -14.34 -119.15 18.46
N PRO B 148 -13.63 -118.14 17.91
CA PRO B 148 -14.13 -116.78 18.16
C PRO B 148 -15.44 -116.50 17.46
N ARG B 149 -15.56 -116.92 16.20
CA ARG B 149 -16.76 -116.64 15.42
C ARG B 149 -17.96 -117.39 15.97
N THR B 150 -17.82 -118.69 16.21
CA THR B 150 -18.88 -119.44 16.85
C THR B 150 -19.01 -119.12 18.32
N GLY B 151 -17.96 -118.60 18.96
CA GLY B 151 -18.08 -118.16 20.33
C GLY B 151 -18.90 -116.89 20.44
N LYS B 152 -18.73 -115.97 19.50
CA LYS B 152 -19.67 -114.85 19.40
C LYS B 152 -21.04 -115.34 18.96
N ALA B 153 -21.07 -116.32 18.06
CA ALA B 153 -22.33 -116.95 17.67
C ALA B 153 -22.87 -117.92 18.72
N ALA B 154 -22.15 -118.11 19.83
CA ALA B 154 -22.75 -118.68 21.03
C ALA B 154 -23.20 -117.61 22.01
N SER B 155 -22.69 -116.39 21.87
CA SER B 155 -23.23 -115.27 22.65
C SER B 155 -24.55 -114.80 22.07
N THR B 156 -24.67 -114.76 20.75
CA THR B 156 -25.88 -114.31 20.05
C THR B 156 -27.18 -115.08 20.33
N PRO B 157 -27.19 -116.34 20.76
CA PRO B 157 -28.45 -116.86 21.33
C PRO B 157 -28.86 -116.16 22.61
N LEU B 158 -27.90 -115.65 23.38
CA LEU B 158 -28.26 -114.94 24.59
C LEU B 158 -28.70 -113.51 24.29
N LEU B 159 -28.09 -112.88 23.28
CA LEU B 159 -28.07 -111.43 23.10
C LEU B 159 -29.43 -110.78 22.88
N PRO B 160 -30.42 -111.40 22.18
CA PRO B 160 -31.78 -110.88 22.34
C PRO B 160 -32.49 -111.50 23.52
N GLU B 161 -32.10 -112.71 23.89
CA GLU B 161 -32.89 -113.47 24.84
C GLU B 161 -32.61 -113.03 26.28
N VAL B 162 -31.36 -113.16 26.73
CA VAL B 162 -30.98 -112.79 28.10
C VAL B 162 -31.15 -111.30 28.33
N GLU B 163 -30.63 -110.49 27.40
CA GLU B 163 -30.63 -109.04 27.54
C GLU B 163 -32.02 -108.40 27.41
N ALA B 164 -33.05 -109.18 27.09
CA ALA B 164 -34.42 -108.69 27.23
C ALA B 164 -34.93 -108.78 28.66
N TYR B 165 -34.16 -109.39 29.57
CA TYR B 165 -34.48 -109.51 30.99
C TYR B 165 -35.80 -110.22 31.21
N LEU B 166 -35.95 -111.36 30.55
CA LEU B 166 -37.16 -112.16 30.71
C LEU B 166 -37.16 -112.88 32.04
N GLN B 167 -36.08 -113.63 32.33
CA GLN B 167 -35.91 -114.45 33.54
C GLN B 167 -37.12 -115.35 33.80
N LEU B 168 -37.65 -115.94 32.74
CA LEU B 168 -38.95 -116.60 32.78
C LEU B 168 -38.91 -117.80 31.85
N LEU B 169 -38.63 -118.98 32.42
CA LEU B 169 -38.80 -120.32 31.80
C LEU B 169 -37.85 -120.61 30.64
N VAL B 170 -37.13 -119.59 30.16
CA VAL B 170 -36.06 -119.77 29.19
C VAL B 170 -34.71 -119.63 29.87
N VAL B 171 -34.73 -119.39 31.19
CA VAL B 171 -33.57 -119.53 32.06
C VAL B 171 -32.96 -120.92 31.92
N ILE B 172 -33.78 -121.95 31.81
CA ILE B 172 -33.26 -123.29 31.55
C ILE B 172 -32.69 -123.38 30.15
N PHE B 173 -33.18 -122.58 29.20
CA PHE B 173 -32.60 -122.55 27.86
C PHE B 173 -31.52 -121.49 27.73
N MET B 174 -31.52 -120.50 28.62
CA MET B 174 -30.28 -119.76 28.89
C MET B 174 -29.18 -120.73 29.31
N MET B 175 -29.53 -121.67 30.20
CA MET B 175 -28.55 -122.58 30.75
C MET B 175 -28.05 -123.56 29.70
N ASN B 176 -28.97 -124.08 28.88
CA ASN B 176 -28.60 -125.08 27.87
C ASN B 176 -27.80 -124.45 26.74
N SER B 177 -28.06 -123.18 26.42
CA SER B 177 -27.22 -122.46 25.48
C SER B 177 -25.83 -122.21 26.06
N LYS B 178 -25.75 -122.02 27.37
CA LYS B 178 -24.44 -121.88 27.99
C LYS B 178 -23.72 -123.22 28.12
N ARG B 179 -24.46 -124.32 28.28
CA ARG B 179 -23.81 -125.62 28.27
C ARG B 179 -23.22 -125.95 26.90
N TYR B 180 -23.88 -125.50 25.83
CA TYR B 180 -23.29 -125.55 24.51
C TYR B 180 -22.07 -124.65 24.43
N LYS B 181 -22.10 -123.54 25.16
CA LYS B 181 -20.96 -122.63 25.22
C LYS B 181 -19.89 -123.14 26.20
N GLU B 182 -20.29 -123.86 27.24
CA GLU B 182 -19.31 -124.59 28.03
C GLU B 182 -18.75 -125.77 27.26
N ALA B 183 -19.49 -126.28 26.28
CA ALA B 183 -18.92 -127.22 25.33
C ALA B 183 -17.99 -126.55 24.34
N GLN B 184 -18.04 -125.22 24.23
CA GLN B 184 -17.05 -124.50 23.44
C GLN B 184 -15.76 -124.26 24.22
N LYS B 185 -15.83 -124.27 25.56
CA LYS B 185 -14.60 -124.42 26.34
C LYS B 185 -13.95 -125.77 26.06
N ILE B 186 -14.77 -126.81 25.90
CA ILE B 186 -14.27 -128.14 25.57
C ILE B 186 -13.62 -128.13 24.19
N SER B 187 -14.23 -127.43 23.23
CA SER B 187 -13.62 -127.29 21.91
C SER B 187 -12.39 -126.40 21.93
N ASP B 188 -12.26 -125.53 22.93
CA ASP B 188 -11.01 -124.79 23.08
C ASP B 188 -9.95 -125.67 23.72
N ASP B 189 -10.33 -126.48 24.70
CA ASP B 189 -9.37 -127.27 25.46
C ASP B 189 -9.05 -128.61 24.84
N LEU B 190 -9.85 -129.08 23.88
CA LEU B 190 -9.61 -130.38 23.25
C LEU B 190 -9.47 -130.31 21.73
N MET B 191 -10.13 -129.36 21.07
CA MET B 191 -10.19 -129.34 19.61
C MET B 191 -9.29 -128.24 19.05
N GLN B 192 -8.04 -128.61 18.74
CA GLN B 192 -7.10 -127.82 17.93
C GLN B 192 -6.79 -126.47 18.58
N LYS B 193 -6.11 -126.54 19.71
CA LYS B 193 -5.81 -125.36 20.54
C LYS B 193 -4.57 -124.60 20.07
N ILE B 194 -4.46 -124.38 18.75
CA ILE B 194 -3.18 -124.02 18.14
C ILE B 194 -3.04 -122.50 18.19
N SER B 195 -2.55 -122.01 19.34
CA SER B 195 -1.84 -120.74 19.49
C SER B 195 -2.67 -119.51 19.06
N THR B 196 -3.98 -119.54 19.30
CA THR B 196 -4.83 -118.47 18.85
C THR B 196 -5.25 -117.55 20.00
N GLN B 197 -5.03 -117.98 21.25
CA GLN B 197 -5.33 -117.21 22.47
C GLN B 197 -6.79 -116.79 22.54
N ASN B 198 -7.68 -117.65 22.08
CA ASN B 198 -9.09 -117.29 22.02
C ASN B 198 -9.77 -117.32 23.38
N ARG B 199 -9.11 -117.89 24.39
CA ARG B 199 -9.68 -117.93 25.74
C ARG B 199 -9.83 -116.52 26.31
N ARG B 200 -8.87 -115.64 26.01
CA ARG B 200 -8.96 -114.25 26.45
C ARG B 200 -10.09 -113.48 25.77
N ALA B 201 -10.59 -114.00 24.66
CA ALA B 201 -11.89 -113.57 24.15
C ALA B 201 -13.03 -114.35 24.80
N LEU B 202 -12.82 -115.64 25.05
CA LEU B 202 -13.88 -116.48 25.61
C LEU B 202 -14.11 -116.19 27.08
N ASP B 203 -13.08 -115.73 27.81
CA ASP B 203 -13.27 -115.41 29.22
C ASP B 203 -14.17 -114.21 29.42
N LEU B 204 -14.05 -113.21 28.54
CA LEU B 204 -15.00 -112.11 28.55
C LEU B 204 -16.38 -112.58 28.12
N VAL B 205 -16.44 -113.59 27.26
CA VAL B 205 -17.72 -114.24 26.98
C VAL B 205 -18.15 -115.06 28.18
N ALA B 206 -17.20 -115.74 28.83
CA ALA B 206 -17.49 -116.42 30.09
C ALA B 206 -17.78 -115.45 31.23
N ALA B 207 -17.42 -114.17 31.06
CA ALA B 207 -17.89 -113.16 32.01
C ALA B 207 -19.35 -112.82 31.75
N LYS B 208 -19.68 -112.48 30.49
CA LYS B 208 -20.97 -111.90 30.11
C LYS B 208 -22.14 -112.80 30.50
N CYS B 209 -22.02 -114.08 30.18
CA CYS B 209 -23.02 -115.05 30.57
C CYS B 209 -23.09 -115.19 32.08
N TYR B 210 -21.94 -115.26 32.73
CA TYR B 210 -21.88 -115.46 34.17
C TYR B 210 -22.02 -114.16 34.94
N TYR B 211 -22.38 -113.05 34.29
CA TYR B 211 -23.02 -111.96 35.03
C TYR B 211 -24.50 -112.24 35.21
N TYR B 212 -25.12 -112.87 34.22
CA TYR B 212 -26.54 -113.19 34.26
C TYR B 212 -26.80 -114.60 34.76
N HIS B 213 -25.91 -115.53 34.44
CA HIS B 213 -25.90 -116.83 35.11
C HIS B 213 -25.57 -116.70 36.59
N ALA B 214 -24.86 -115.63 36.96
CA ALA B 214 -24.86 -115.19 38.35
C ALA B 214 -26.24 -114.77 38.80
N ARG B 215 -26.91 -113.93 38.02
CA ARG B 215 -28.27 -113.50 38.36
C ARG B 215 -29.25 -114.65 38.31
N VAL B 216 -29.07 -115.57 37.36
CA VAL B 216 -29.84 -116.82 37.31
C VAL B 216 -29.67 -117.61 38.59
N TYR B 217 -28.45 -117.69 39.11
CA TYR B 217 -28.25 -118.38 40.37
C TYR B 217 -28.51 -117.49 41.57
N GLU B 218 -28.97 -116.25 41.35
CA GLU B 218 -29.65 -115.50 42.38
C GLU B 218 -31.15 -115.76 42.36
N PHE B 219 -31.70 -116.09 41.19
CA PHE B 219 -33.08 -116.56 41.13
C PHE B 219 -33.23 -118.00 41.59
N LEU B 220 -32.12 -118.71 41.76
CA LEU B 220 -32.20 -120.06 42.30
C LEU B 220 -31.18 -120.23 43.42
N ASP B 221 -30.98 -121.46 43.87
CA ASP B 221 -30.13 -121.79 45.01
C ASP B 221 -28.64 -121.75 44.68
N LYS B 222 -27.83 -122.35 45.55
CA LYS B 222 -26.38 -122.19 45.57
C LYS B 222 -25.73 -122.80 44.32
N LEU B 223 -24.42 -122.60 44.24
CA LEU B 223 -23.67 -122.69 43.01
C LEU B 223 -22.49 -123.66 43.13
N ASP B 224 -22.58 -124.63 44.04
CA ASP B 224 -21.50 -125.58 44.30
C ASP B 224 -21.15 -126.45 43.10
N VAL B 225 -22.09 -126.62 42.15
CA VAL B 225 -21.73 -127.21 40.87
C VAL B 225 -20.81 -126.27 40.10
N VAL B 226 -21.17 -124.98 40.05
CA VAL B 226 -20.35 -124.00 39.36
C VAL B 226 -19.08 -123.70 40.15
N ARG B 227 -19.12 -123.85 41.49
CA ARG B 227 -17.89 -123.76 42.29
C ARG B 227 -16.87 -124.81 41.86
N SER B 228 -17.33 -126.05 41.63
CA SER B 228 -16.45 -127.05 41.04
C SER B 228 -16.08 -126.70 39.61
N PHE B 229 -16.99 -126.03 38.89
CA PHE B 229 -16.67 -125.58 37.55
C PHE B 229 -15.71 -124.41 37.56
N LEU B 230 -15.94 -123.43 38.46
CA LEU B 230 -15.17 -122.20 38.44
C LEU B 230 -13.74 -122.42 38.92
N HIS B 231 -13.55 -123.31 39.89
CA HIS B 231 -12.19 -123.66 40.31
C HIS B 231 -11.42 -124.35 39.20
N ALA B 232 -12.10 -125.22 38.44
CA ALA B 232 -11.46 -125.85 37.30
C ALA B 232 -11.28 -124.86 36.16
N ARG B 233 -12.23 -123.96 35.97
CA ARG B 233 -12.08 -122.91 34.96
C ARG B 233 -11.00 -121.92 35.37
N LEU B 234 -10.82 -121.69 36.66
CA LEU B 234 -9.66 -120.91 37.13
C LEU B 234 -8.38 -121.71 37.04
N ARG B 235 -8.49 -123.05 37.09
CA ARG B 235 -7.29 -123.89 37.16
C ARG B 235 -6.49 -123.82 35.86
N THR B 236 -7.18 -123.75 34.71
CA THR B 236 -6.49 -123.71 33.44
C THR B 236 -5.79 -122.38 33.17
N ALA B 237 -6.05 -121.36 33.99
CA ALA B 237 -5.23 -120.16 33.95
C ALA B 237 -3.87 -120.43 34.60
N THR B 238 -2.94 -119.49 34.35
CA THR B 238 -1.58 -119.38 34.91
C THR B 238 -0.63 -120.42 34.30
N LEU B 239 -1.18 -121.39 33.57
CA LEU B 239 -0.39 -122.38 32.86
C LEU B 239 -0.56 -122.22 31.36
N ARG B 240 -1.80 -122.16 30.89
CA ARG B 240 -2.05 -122.01 29.46
C ARG B 240 -1.93 -120.56 29.03
N HIS B 241 -2.82 -119.70 29.53
CA HIS B 241 -2.82 -118.28 29.21
C HIS B 241 -3.32 -117.52 30.44
N ASP B 242 -2.82 -116.31 30.62
CA ASP B 242 -3.16 -115.55 31.82
C ASP B 242 -3.17 -114.06 31.48
N ALA B 243 -4.35 -113.54 31.14
CA ALA B 243 -4.62 -112.10 31.10
C ALA B 243 -6.13 -111.92 31.17
N ASP B 244 -6.61 -111.33 32.27
CA ASP B 244 -7.99 -110.85 32.47
C ASP B 244 -9.00 -112.00 32.56
N GLY B 245 -8.56 -113.24 32.37
CA GLY B 245 -9.42 -114.37 32.51
C GLY B 245 -9.39 -114.85 33.94
N GLN B 246 -8.18 -114.85 34.52
CA GLN B 246 -8.04 -115.09 35.94
C GLN B 246 -8.72 -114.01 36.77
N ALA B 247 -8.69 -112.77 36.27
CA ALA B 247 -9.19 -111.64 37.05
C ALA B 247 -10.70 -111.64 37.17
N THR B 248 -11.39 -111.73 36.03
CA THR B 248 -12.85 -111.57 36.02
C THR B 248 -13.55 -112.73 36.72
N LEU B 249 -12.99 -113.93 36.61
CA LEU B 249 -13.55 -115.06 37.34
C LEU B 249 -13.30 -114.92 38.83
N LEU B 250 -12.25 -114.22 39.23
CA LEU B 250 -11.93 -114.09 40.64
C LEU B 250 -12.90 -113.15 41.35
N ASN B 251 -13.44 -112.16 40.66
CA ASN B 251 -14.54 -111.40 41.23
C ASN B 251 -15.81 -112.23 41.28
N LEU B 252 -16.04 -113.05 40.25
CA LEU B 252 -17.17 -113.97 40.25
C LEU B 252 -17.01 -115.05 41.31
N LEU B 253 -15.76 -115.38 41.64
CA LEU B 253 -15.51 -116.29 42.76
C LEU B 253 -15.74 -115.59 44.09
N LEU B 254 -15.46 -114.29 44.16
CA LEU B 254 -15.47 -113.61 45.45
C LEU B 254 -16.87 -113.16 45.85
N ARG B 255 -17.66 -112.73 44.87
CA ARG B 255 -18.90 -112.01 45.12
C ARG B 255 -19.97 -112.85 45.79
N ASN B 256 -19.90 -114.18 45.71
CA ASN B 256 -20.93 -115.02 46.29
C ASN B 256 -20.39 -115.86 47.43
N TYR B 257 -19.06 -115.99 47.55
CA TYR B 257 -18.45 -116.22 48.84
C TYR B 257 -18.78 -115.08 49.80
N LEU B 258 -18.87 -113.86 49.28
CA LEU B 258 -19.30 -112.72 50.09
C LEU B 258 -20.80 -112.72 50.29
N HIS B 259 -21.57 -113.07 49.24
CA HIS B 259 -23.03 -113.02 49.34
C HIS B 259 -23.56 -114.09 50.27
N TYR B 260 -22.85 -115.20 50.41
CA TYR B 260 -23.17 -116.19 51.42
C TYR B 260 -22.39 -115.83 52.68
N SER B 261 -23.03 -116.01 53.83
CA SER B 261 -22.64 -115.35 55.06
C SER B 261 -21.77 -116.22 55.97
N LEU B 262 -21.02 -117.16 55.40
CA LEU B 262 -20.24 -118.10 56.21
C LEU B 262 -18.86 -117.48 56.44
N TYR B 263 -17.92 -118.29 56.95
CA TYR B 263 -16.57 -117.85 57.30
C TYR B 263 -15.84 -117.28 56.08
N ASP B 264 -15.71 -118.08 55.02
CA ASP B 264 -15.67 -117.63 53.63
C ASP B 264 -14.58 -116.65 53.22
N GLN B 265 -13.83 -116.08 54.15
CA GLN B 265 -13.12 -114.85 53.85
C GLN B 265 -11.62 -114.96 54.13
N ALA B 266 -11.24 -115.81 55.07
CA ALA B 266 -9.82 -116.13 55.21
C ALA B 266 -9.38 -117.04 54.08
N GLU B 267 -10.32 -117.76 53.48
CA GLU B 267 -10.08 -118.46 52.22
C GLU B 267 -9.71 -117.48 51.13
N LYS B 268 -10.31 -116.30 51.13
CA LYS B 268 -10.00 -115.28 50.14
C LYS B 268 -8.62 -114.71 50.35
N LEU B 269 -8.21 -114.56 51.61
CA LEU B 269 -6.91 -113.99 51.92
C LEU B 269 -5.79 -114.94 51.54
N VAL B 270 -5.95 -116.23 51.84
CA VAL B 270 -4.97 -117.23 51.43
C VAL B 270 -5.10 -117.58 49.95
N SER B 271 -6.14 -117.08 49.27
CA SER B 271 -6.27 -117.25 47.83
C SER B 271 -5.24 -116.32 47.19
N LYS B 272 -4.02 -116.83 47.07
CA LYS B 272 -2.88 -116.03 46.61
C LYS B 272 -2.88 -116.01 45.08
N SER B 273 -3.84 -115.26 44.54
CA SER B 273 -4.02 -115.09 43.10
C SER B 273 -4.43 -113.66 42.80
N VAL B 274 -3.98 -112.73 43.62
CA VAL B 274 -4.53 -111.38 43.64
C VAL B 274 -4.07 -110.56 42.44
N PHE B 275 -3.03 -111.02 41.75
CA PHE B 275 -2.16 -110.13 40.98
C PHE B 275 -2.05 -110.49 39.49
N PRO B 276 -3.13 -110.32 38.68
CA PRO B 276 -2.87 -110.29 37.23
C PRO B 276 -2.55 -108.89 36.71
N GLU B 277 -1.89 -108.08 37.54
CA GLU B 277 -1.07 -106.93 37.19
C GLU B 277 -1.78 -105.75 36.50
N GLN B 278 -3.01 -105.94 36.02
CA GLN B 278 -3.84 -104.96 35.33
C GLN B 278 -5.19 -105.60 35.04
N ALA B 279 -6.24 -104.79 34.93
CA ALA B 279 -7.48 -105.30 34.36
C ALA B 279 -8.19 -104.21 33.57
N ASN B 280 -7.40 -103.43 32.82
CA ASN B 280 -7.88 -102.37 31.93
C ASN B 280 -8.71 -101.32 32.64
N ASN B 281 -8.37 -101.04 33.90
CA ASN B 281 -8.88 -99.94 34.72
C ASN B 281 -10.39 -100.08 34.99
N ASN B 282 -10.99 -101.25 34.78
CA ASN B 282 -12.40 -101.43 35.08
C ASN B 282 -12.63 -102.59 36.05
N GLU B 283 -12.08 -103.75 35.78
CA GLU B 283 -12.29 -104.88 36.68
C GLU B 283 -11.41 -104.76 37.92
N TRP B 284 -10.21 -104.21 37.76
CA TRP B 284 -9.31 -104.02 38.88
C TRP B 284 -9.82 -102.95 39.84
N ALA B 285 -10.66 -102.05 39.37
CA ALA B 285 -11.20 -101.01 40.24
C ALA B 285 -12.19 -101.60 41.24
N ARG B 286 -13.12 -102.41 40.78
CA ARG B 286 -14.05 -103.05 41.68
C ARG B 286 -13.43 -104.21 42.44
N TYR B 287 -12.34 -104.79 41.90
CA TYR B 287 -11.64 -105.88 42.57
C TYR B 287 -11.07 -105.42 43.91
N LEU B 288 -10.55 -104.20 43.96
CA LEU B 288 -10.15 -103.59 45.22
C LEU B 288 -11.35 -103.37 46.14
N TYR B 289 -12.52 -103.15 45.57
CA TYR B 289 -13.68 -102.86 46.39
C TYR B 289 -14.26 -104.10 47.03
N TYR B 290 -14.25 -105.23 46.30
CA TYR B 290 -14.76 -106.46 46.89
C TYR B 290 -13.88 -106.92 48.04
N THR B 291 -12.56 -106.87 47.85
CA THR B 291 -11.66 -107.21 48.95
C THR B 291 -11.54 -106.10 49.99
N GLY B 292 -12.05 -104.91 49.70
CA GLY B 292 -12.05 -103.87 50.72
C GLY B 292 -13.09 -104.11 51.79
N ARG B 293 -14.25 -104.64 51.41
CA ARG B 293 -15.24 -105.06 52.39
C ARG B 293 -14.74 -106.25 53.19
N ILE B 294 -13.90 -107.10 52.58
CA ILE B 294 -13.37 -108.28 53.26
C ILE B 294 -12.44 -107.88 54.38
N LYS B 295 -11.50 -106.96 54.11
CA LYS B 295 -10.57 -106.52 55.14
C LYS B 295 -11.23 -105.63 56.18
N ALA B 296 -12.42 -105.11 55.91
CA ALA B 296 -13.10 -104.24 56.87
C ALA B 296 -13.78 -105.02 57.97
N ILE B 297 -14.21 -106.25 57.70
CA ILE B 297 -14.98 -106.98 58.69
C ILE B 297 -14.09 -107.56 59.78
N GLN B 298 -12.79 -107.73 59.54
CA GLN B 298 -11.86 -108.11 60.59
C GLN B 298 -11.16 -106.91 61.20
N LEU B 299 -11.87 -105.78 61.28
CA LEU B 299 -11.60 -104.63 62.14
C LEU B 299 -10.40 -103.80 61.71
N GLU B 300 -9.67 -104.24 60.69
CA GLU B 300 -8.64 -103.40 60.10
C GLU B 300 -9.32 -102.32 59.28
N TYR B 301 -9.03 -101.06 59.59
CA TYR B 301 -9.77 -99.94 59.05
C TYR B 301 -8.91 -99.04 58.17
N SER B 302 -7.74 -98.64 58.67
CA SER B 302 -6.91 -97.69 57.94
C SER B 302 -6.31 -98.32 56.70
N GLU B 303 -5.97 -99.60 56.77
CA GLU B 303 -5.58 -100.31 55.56
C GLU B 303 -6.80 -100.56 54.67
N ALA B 304 -7.98 -100.67 55.28
CA ALA B 304 -9.18 -100.89 54.47
C ALA B 304 -9.61 -99.61 53.78
N ARG B 305 -9.66 -98.49 54.51
CA ARG B 305 -10.22 -97.27 53.95
C ARG B 305 -9.33 -96.64 52.88
N ARG B 306 -8.06 -97.04 52.79
CA ARG B 306 -7.21 -96.47 51.76
C ARG B 306 -7.36 -97.21 50.44
N THR B 307 -7.76 -98.48 50.46
CA THR B 307 -8.17 -99.12 49.23
C THR B 307 -9.67 -98.96 48.96
N MET B 308 -10.44 -98.57 49.97
CA MET B 308 -11.78 -98.06 49.72
C MET B 308 -11.73 -96.76 48.95
N THR B 309 -10.84 -95.85 49.36
CA THR B 309 -10.67 -94.59 48.66
C THR B 309 -10.06 -94.80 47.29
N ASN B 310 -9.16 -95.78 47.16
CA ASN B 310 -8.55 -96.09 45.88
C ASN B 310 -9.57 -96.65 44.90
N ALA B 311 -10.53 -97.45 45.38
CA ALA B 311 -11.52 -98.02 44.49
C ALA B 311 -12.54 -97.00 44.02
N LEU B 312 -12.86 -96.00 44.86
CA LEU B 312 -13.81 -94.96 44.47
C LEU B 312 -13.27 -94.10 43.35
N ARG B 313 -11.99 -93.74 43.43
CA ARG B 313 -11.40 -92.82 42.47
C ARG B 313 -10.75 -93.53 41.28
N LYS B 314 -10.83 -94.85 41.20
CA LYS B 314 -10.13 -95.52 40.12
C LYS B 314 -10.96 -95.55 38.84
N ALA B 315 -12.18 -96.07 38.90
CA ALA B 315 -13.11 -95.98 37.78
C ALA B 315 -14.49 -95.48 38.23
N PRO B 316 -14.65 -94.18 38.48
CA PRO B 316 -15.99 -93.63 38.71
C PRO B 316 -16.61 -92.97 37.49
N GLN B 317 -16.02 -93.12 36.29
CA GLN B 317 -16.29 -92.22 35.18
C GLN B 317 -17.61 -92.50 34.46
N HIS B 318 -18.70 -92.50 35.22
CA HIS B 318 -20.06 -92.54 34.71
C HIS B 318 -20.90 -91.68 35.66
N THR B 319 -22.21 -91.78 35.53
CA THR B 319 -23.14 -91.01 36.37
C THR B 319 -24.03 -92.00 37.12
N ALA B 320 -23.69 -92.24 38.40
CA ALA B 320 -24.48 -93.02 39.35
C ALA B 320 -24.73 -94.44 38.85
N VAL B 321 -23.63 -95.18 38.64
CA VAL B 321 -23.71 -96.45 37.94
C VAL B 321 -24.32 -97.55 38.83
N GLY B 322 -24.34 -97.36 40.14
CA GLY B 322 -25.03 -98.30 41.01
C GLY B 322 -24.14 -98.94 42.04
N PHE B 323 -22.93 -99.33 41.65
CA PHE B 323 -21.93 -99.73 42.64
C PHE B 323 -21.05 -98.56 43.03
N LYS B 324 -21.02 -97.52 42.22
CA LYS B 324 -20.52 -96.23 42.68
C LYS B 324 -21.39 -95.69 43.81
N GLN B 325 -22.68 -96.00 43.79
CA GLN B 325 -23.58 -95.71 44.91
C GLN B 325 -23.18 -96.48 46.16
N THR B 326 -22.55 -97.64 45.99
CA THR B 326 -22.27 -98.51 47.12
C THR B 326 -20.88 -98.25 47.71
N VAL B 327 -19.90 -97.95 46.85
CA VAL B 327 -18.55 -97.68 47.37
C VAL B 327 -18.52 -96.31 48.05
N HIS B 328 -19.30 -95.35 47.55
CA HIS B 328 -19.44 -94.07 48.23
C HIS B 328 -20.22 -94.22 49.53
N LYS B 329 -21.08 -95.23 49.61
CA LYS B 329 -21.79 -95.50 50.86
C LYS B 329 -20.85 -96.10 51.90
N LEU B 330 -20.13 -97.16 51.53
CA LEU B 330 -19.36 -97.90 52.51
C LEU B 330 -18.06 -97.20 52.91
N LEU B 331 -17.65 -96.14 52.18
CA LEU B 331 -16.33 -95.57 52.38
C LEU B 331 -16.21 -94.84 53.71
N ILE B 332 -17.14 -93.91 54.00
CA ILE B 332 -17.08 -93.19 55.26
C ILE B 332 -17.81 -93.92 56.38
N VAL B 333 -18.32 -95.12 56.12
CA VAL B 333 -18.74 -95.98 57.21
C VAL B 333 -17.54 -96.42 58.02
N VAL B 334 -16.51 -96.96 57.35
CA VAL B 334 -15.31 -97.37 58.06
C VAL B 334 -14.47 -96.18 58.48
N GLU B 335 -14.68 -95.02 57.88
CA GLU B 335 -14.05 -93.80 58.39
C GLU B 335 -14.84 -93.21 59.56
N LEU B 336 -16.10 -93.59 59.70
CA LEU B 336 -16.78 -93.48 60.98
C LEU B 336 -16.58 -94.69 61.86
N LEU B 337 -15.65 -95.58 61.52
CA LEU B 337 -15.19 -96.61 62.44
C LEU B 337 -13.81 -96.31 63.01
N LEU B 338 -13.09 -95.34 62.43
CA LEU B 338 -11.94 -94.76 63.10
C LEU B 338 -12.35 -93.55 63.93
N GLY B 339 -12.98 -92.57 63.28
CA GLY B 339 -13.58 -91.48 64.01
C GLY B 339 -13.22 -90.11 63.49
N GLU B 340 -12.44 -90.07 62.41
CA GLU B 340 -12.40 -88.86 61.61
C GLU B 340 -13.78 -88.60 61.02
N ILE B 341 -14.10 -87.34 60.79
CA ILE B 341 -15.48 -87.00 60.46
C ILE B 341 -15.59 -86.38 59.06
N PRO B 342 -15.52 -87.16 57.97
CA PRO B 342 -16.09 -86.67 56.72
C PRO B 342 -17.53 -87.15 56.58
N ASP B 343 -18.40 -86.30 56.05
CA ASP B 343 -19.75 -86.72 55.72
C ASP B 343 -19.91 -86.57 54.20
N ARG B 344 -21.14 -86.66 53.72
CA ARG B 344 -21.38 -87.44 52.53
C ARG B 344 -21.68 -86.69 51.23
N LEU B 345 -22.59 -85.70 51.19
CA LEU B 345 -23.20 -85.39 49.89
C LEU B 345 -22.39 -84.41 49.04
N GLN B 346 -21.08 -84.29 49.25
CA GLN B 346 -20.25 -83.39 48.44
C GLN B 346 -20.15 -83.81 46.98
N PHE B 347 -20.49 -85.05 46.64
CA PHE B 347 -20.69 -85.49 45.26
C PHE B 347 -22.05 -86.18 45.20
N ARG B 348 -23.10 -85.41 44.96
CA ARG B 348 -24.46 -85.94 45.03
C ARG B 348 -25.05 -86.16 43.63
N GLN B 349 -25.86 -87.19 43.53
CA GLN B 349 -26.42 -87.68 42.28
C GLN B 349 -27.94 -87.76 42.39
N PRO B 350 -28.66 -87.74 41.27
CA PRO B 350 -30.11 -87.94 41.34
C PRO B 350 -30.51 -89.34 41.77
N SER B 351 -29.69 -90.36 41.48
CA SER B 351 -29.90 -91.69 42.05
C SER B 351 -29.31 -91.80 43.45
N LEU B 352 -28.71 -90.74 43.97
CA LEU B 352 -28.17 -90.70 45.32
C LEU B 352 -29.04 -89.92 46.28
N LYS B 353 -29.88 -89.01 45.77
CA LYS B 353 -30.71 -88.15 46.61
C LYS B 353 -31.69 -88.96 47.45
N ARG B 354 -32.24 -90.03 46.89
CA ARG B 354 -33.06 -90.93 47.69
C ARG B 354 -32.20 -91.78 48.60
N SER B 355 -31.08 -92.31 48.09
CA SER B 355 -30.25 -93.24 48.84
C SER B 355 -29.29 -92.53 49.79
N LEU B 356 -29.42 -91.22 49.96
CA LEU B 356 -28.63 -90.56 50.99
C LEU B 356 -29.43 -90.35 52.27
N MET B 357 -30.75 -90.25 52.16
CA MET B 357 -31.60 -89.71 53.23
C MET B 357 -31.62 -90.48 54.56
N PRO B 358 -31.42 -91.80 54.65
CA PRO B 358 -31.19 -92.37 55.99
C PRO B 358 -29.74 -92.24 56.42
N TYR B 359 -28.86 -92.33 55.43
CA TYR B 359 -27.42 -92.21 55.59
C TYR B 359 -27.04 -90.77 55.93
N PHE B 360 -27.89 -89.83 55.49
CA PHE B 360 -27.96 -88.43 55.93
C PHE B 360 -27.82 -88.31 57.45
N LEU B 361 -28.77 -88.88 58.19
CA LEU B 361 -28.83 -88.68 59.64
C LEU B 361 -27.74 -89.43 60.37
N LEU B 362 -27.20 -90.50 59.75
CA LEU B 362 -26.33 -91.46 60.42
C LEU B 362 -25.04 -90.83 60.92
N THR B 363 -24.47 -89.91 60.16
CA THR B 363 -23.16 -89.36 60.45
C THR B 363 -23.18 -88.09 61.27
N GLN B 364 -24.33 -87.45 61.44
CA GLN B 364 -24.37 -86.23 62.24
C GLN B 364 -24.35 -86.54 63.72
N ALA B 365 -25.02 -87.61 64.13
CA ALA B 365 -25.05 -87.99 65.55
C ALA B 365 -23.71 -88.51 66.05
N VAL B 366 -22.74 -88.78 65.18
CA VAL B 366 -21.40 -89.14 65.62
C VAL B 366 -20.74 -87.96 66.31
N ARG B 367 -20.85 -86.77 65.71
CA ARG B 367 -20.17 -85.61 66.27
C ARG B 367 -20.87 -85.08 67.51
N THR B 368 -22.20 -85.12 67.53
CA THR B 368 -22.93 -84.71 68.72
C THR B 368 -22.90 -85.81 69.77
N GLY B 369 -23.12 -85.41 71.02
CA GLY B 369 -23.09 -86.31 72.14
C GLY B 369 -24.40 -86.99 72.45
N ASN B 370 -25.39 -86.91 71.56
CA ASN B 370 -26.68 -87.52 71.80
C ASN B 370 -26.72 -88.89 71.14
N LEU B 371 -27.04 -89.92 71.93
CA LEU B 371 -27.05 -91.29 71.46
C LEU B 371 -28.45 -91.87 71.38
N ALA B 372 -29.37 -91.40 72.24
CA ALA B 372 -30.76 -91.79 72.12
C ALA B 372 -31.37 -91.24 70.83
N LYS B 373 -30.90 -90.09 70.38
CA LYS B 373 -31.25 -89.61 69.05
C LYS B 373 -30.68 -90.54 67.98
N PHE B 374 -29.47 -91.06 68.21
CA PHE B 374 -28.92 -92.02 67.27
C PHE B 374 -29.67 -93.35 67.33
N ASN B 375 -30.03 -93.80 68.53
CA ASN B 375 -30.81 -95.02 68.67
C ASN B 375 -32.24 -94.82 68.20
N GLN B 376 -32.71 -93.57 68.12
CA GLN B 376 -33.98 -93.27 67.48
C GLN B 376 -33.92 -93.52 65.98
N VAL B 377 -32.88 -93.02 65.32
CA VAL B 377 -32.76 -93.10 63.87
C VAL B 377 -32.48 -94.53 63.42
N LEU B 378 -31.64 -95.25 64.18
CA LEU B 378 -31.39 -96.66 63.91
C LEU B 378 -32.66 -97.49 64.02
N ASP B 379 -33.49 -97.19 65.02
CA ASP B 379 -34.80 -97.82 65.10
C ASP B 379 -35.72 -97.32 64.00
N GLN B 380 -35.53 -96.07 63.57
CA GLN B 380 -36.38 -95.52 62.52
C GLN B 380 -36.03 -96.08 61.15
N PHE B 381 -34.74 -96.16 60.85
CA PHE B 381 -34.25 -96.43 59.51
C PHE B 381 -33.43 -97.71 59.45
N GLY B 382 -33.71 -98.66 60.35
CA GLY B 382 -32.98 -99.91 60.34
C GLY B 382 -33.28 -100.78 59.15
N GLU B 383 -34.48 -100.68 58.59
CA GLU B 383 -34.85 -101.51 57.43
C GLU B 383 -34.05 -101.12 56.20
N LYS B 384 -33.80 -99.83 56.02
CA LYS B 384 -32.90 -99.40 54.95
C LYS B 384 -31.46 -99.80 55.24
N PHE B 385 -31.05 -99.71 56.51
CA PHE B 385 -29.71 -100.12 56.91
C PHE B 385 -29.53 -101.62 56.71
N GLN B 386 -30.55 -102.40 57.02
CA GLN B 386 -30.49 -103.84 56.78
C GLN B 386 -30.63 -104.19 55.31
N ALA B 387 -31.23 -103.30 54.51
CA ALA B 387 -31.23 -103.52 53.07
C ALA B 387 -29.86 -103.27 52.45
N ASP B 388 -29.04 -102.44 53.10
CA ASP B 388 -27.74 -102.08 52.56
C ASP B 388 -26.69 -103.17 52.79
N GLY B 389 -26.91 -104.05 53.76
CA GLY B 389 -25.90 -105.04 54.09
C GLY B 389 -24.84 -104.52 55.04
N THR B 390 -25.24 -103.68 55.99
CA THR B 390 -24.37 -103.11 57.00
C THR B 390 -24.95 -103.33 58.39
N TYR B 391 -25.27 -104.60 58.67
CA TYR B 391 -25.85 -105.00 59.96
C TYR B 391 -24.95 -104.66 61.13
N THR B 392 -23.65 -104.90 60.96
CA THR B 392 -22.71 -104.93 62.07
C THR B 392 -22.06 -103.58 62.33
N LEU B 393 -22.76 -102.47 62.04
CA LEU B 393 -22.26 -101.18 62.44
C LEU B 393 -22.49 -100.94 63.93
N ILE B 394 -23.69 -101.26 64.43
CA ILE B 394 -24.11 -100.84 65.77
C ILE B 394 -23.35 -101.58 66.86
N ILE B 395 -22.88 -102.80 66.57
CA ILE B 395 -22.05 -103.52 67.52
C ILE B 395 -20.67 -102.87 67.63
N ARG B 396 -20.29 -102.03 66.67
CA ARG B 396 -19.03 -101.31 66.73
C ARG B 396 -19.15 -99.82 66.47
N LEU B 397 -20.36 -99.25 66.38
CA LEU B 397 -20.46 -97.80 66.22
C LEU B 397 -20.51 -97.09 67.56
N ARG B 398 -21.17 -97.70 68.57
CA ARG B 398 -21.20 -97.11 69.90
C ARG B 398 -19.80 -97.06 70.51
N HIS B 399 -18.93 -97.96 70.08
CA HIS B 399 -17.48 -97.83 70.22
C HIS B 399 -17.00 -96.43 69.82
N ASN B 400 -17.21 -96.06 68.57
CA ASN B 400 -16.65 -94.84 68.01
C ASN B 400 -17.40 -93.59 68.43
N VAL B 401 -18.52 -93.71 69.16
CA VAL B 401 -19.21 -92.52 69.64
C VAL B 401 -18.35 -91.76 70.63
N ILE B 402 -17.70 -92.49 71.55
CA ILE B 402 -16.81 -91.86 72.51
C ILE B 402 -15.39 -91.79 72.00
N LYS B 403 -15.05 -92.50 70.92
CA LYS B 403 -13.74 -92.39 70.32
C LYS B 403 -13.60 -91.16 69.45
N THR B 404 -14.69 -90.74 68.80
CA THR B 404 -14.67 -89.50 68.03
C THR B 404 -14.49 -88.30 68.94
N GLY B 405 -15.09 -88.35 70.13
CA GLY B 405 -14.94 -87.25 71.07
C GLY B 405 -13.53 -87.13 71.63
N VAL B 406 -12.90 -88.27 71.93
CA VAL B 406 -11.61 -88.21 72.61
C VAL B 406 -10.49 -87.86 71.63
N ARG B 407 -10.64 -88.20 70.34
CA ARG B 407 -9.65 -87.79 69.36
C ARG B 407 -9.77 -86.31 69.05
N MET B 408 -11.00 -85.80 69.05
CA MET B 408 -11.24 -84.37 68.82
C MET B 408 -10.62 -83.53 69.93
N ILE B 409 -10.67 -84.02 71.17
CA ILE B 409 -10.05 -83.31 72.27
C ILE B 409 -8.54 -83.41 72.20
N SER B 410 -8.02 -84.60 71.91
CA SER B 410 -6.57 -84.79 71.84
C SER B 410 -5.96 -84.08 70.65
N LEU B 411 -6.74 -83.87 69.59
CA LEU B 411 -6.28 -83.02 68.51
C LEU B 411 -6.35 -81.55 68.91
N SER B 412 -7.30 -81.20 69.78
CA SER B 412 -7.40 -79.82 70.23
C SER B 412 -6.34 -79.50 71.28
N TYR B 413 -6.41 -80.19 72.41
CA TYR B 413 -5.53 -79.90 73.54
C TYR B 413 -4.19 -80.61 73.35
N SER B 414 -3.11 -79.87 73.60
CA SER B 414 -1.78 -80.43 73.51
C SER B 414 -1.35 -81.15 74.78
N ARG B 415 -1.89 -80.72 75.92
CA ARG B 415 -1.51 -81.30 77.21
C ARG B 415 -2.75 -81.22 78.10
N ILE B 416 -3.56 -82.27 78.08
CA ILE B 416 -4.86 -82.26 78.72
C ILE B 416 -4.76 -83.01 80.05
N SER B 417 -5.45 -82.50 81.05
CA SER B 417 -5.60 -83.24 82.30
C SER B 417 -6.63 -84.34 82.15
N LEU B 418 -6.53 -85.36 82.99
CA LEU B 418 -7.64 -86.29 83.12
C LEU B 418 -8.81 -85.63 83.82
N ALA B 419 -8.53 -84.75 84.77
CA ALA B 419 -9.56 -84.14 85.59
C ALA B 419 -10.41 -83.12 84.86
N ASP B 420 -10.29 -82.91 83.55
CA ASP B 420 -11.06 -81.89 82.86
C ASP B 420 -11.73 -82.44 81.60
N ILE B 421 -11.10 -83.45 80.98
CA ILE B 421 -11.63 -84.06 79.76
C ILE B 421 -12.92 -84.82 80.02
N ALA B 422 -13.15 -85.23 81.27
CA ALA B 422 -14.41 -85.88 81.62
C ALA B 422 -15.58 -84.93 81.57
N GLN B 423 -15.52 -83.85 82.37
CA GLN B 423 -16.69 -83.01 82.65
C GLN B 423 -17.18 -82.27 81.41
N LYS B 424 -16.32 -82.15 80.39
CA LYS B 424 -16.76 -81.61 79.12
C LYS B 424 -17.57 -82.62 78.32
N LEU B 425 -17.25 -83.92 78.45
CA LEU B 425 -17.90 -84.98 77.69
C LEU B 425 -19.16 -85.51 78.37
N GLN B 426 -19.80 -84.68 79.23
CA GLN B 426 -20.92 -85.03 80.14
C GLN B 426 -20.70 -86.39 80.81
N LEU B 427 -19.50 -86.55 81.33
CA LEU B 427 -18.97 -87.84 81.73
C LEU B 427 -18.72 -87.88 83.25
N ASP B 428 -19.07 -86.78 83.93
CA ASP B 428 -19.36 -86.62 85.36
C ASP B 428 -18.16 -86.63 86.30
N SER B 429 -17.02 -87.16 85.85
CA SER B 429 -16.02 -87.51 86.86
C SER B 429 -14.67 -87.91 86.28
N PRO B 430 -13.57 -87.53 86.92
CA PRO B 430 -12.24 -87.77 86.35
C PRO B 430 -11.80 -89.23 86.29
N GLU B 431 -12.62 -90.19 86.72
CA GLU B 431 -12.30 -91.53 86.31
C GLU B 431 -12.91 -91.82 84.95
N ASP B 432 -14.11 -91.31 84.67
CA ASP B 432 -14.75 -91.69 83.43
C ASP B 432 -14.07 -91.01 82.23
N ALA B 433 -13.20 -90.04 82.50
CA ALA B 433 -12.20 -89.51 81.58
C ALA B 433 -11.26 -90.55 80.98
N GLU B 434 -10.41 -91.15 81.82
CA GLU B 434 -9.47 -92.10 81.25
C GLU B 434 -9.99 -93.52 81.28
N PHE B 435 -11.32 -93.67 81.33
CA PHE B 435 -11.99 -94.82 80.74
C PHE B 435 -12.05 -94.75 79.22
N ILE B 436 -11.38 -93.79 78.57
CA ILE B 436 -11.20 -93.78 77.12
C ILE B 436 -9.72 -93.45 76.82
N VAL B 437 -8.82 -93.56 77.80
CA VAL B 437 -7.44 -93.21 77.48
C VAL B 437 -6.51 -94.39 77.78
N ALA B 438 -6.92 -95.63 77.41
CA ALA B 438 -5.93 -96.70 77.43
C ALA B 438 -6.02 -97.74 76.32
N LYS B 439 -6.89 -97.60 75.33
CA LYS B 439 -6.86 -98.48 74.17
C LYS B 439 -6.70 -97.65 72.91
N ALA B 440 -7.03 -96.37 73.00
CA ALA B 440 -6.90 -95.45 71.87
C ALA B 440 -5.46 -95.31 71.42
N ILE B 441 -4.51 -95.28 72.35
CA ILE B 441 -3.10 -95.39 72.00
C ILE B 441 -2.81 -96.76 71.41
N ARG B 442 -3.39 -97.82 71.98
CA ARG B 442 -3.25 -99.16 71.46
C ARG B 442 -4.00 -99.35 70.14
N ASP B 443 -5.04 -98.56 69.88
CA ASP B 443 -5.70 -98.56 68.58
C ASP B 443 -5.08 -97.59 67.59
N GLY B 444 -4.13 -96.77 68.02
CA GLY B 444 -3.47 -95.86 67.12
C GLY B 444 -4.23 -94.57 66.89
N VAL B 445 -4.68 -93.94 67.97
CA VAL B 445 -5.40 -92.68 67.85
C VAL B 445 -4.48 -91.51 68.12
N ILE B 446 -3.83 -91.50 69.28
CA ILE B 446 -3.02 -90.36 69.71
C ILE B 446 -1.64 -90.85 70.13
N GLU B 447 -0.64 -90.00 69.87
CA GLU B 447 0.75 -90.26 70.24
C GLU B 447 0.98 -90.14 71.74
N ALA B 448 0.05 -89.53 72.47
CA ALA B 448 0.32 -88.96 73.79
C ALA B 448 0.63 -90.01 74.85
N SER B 449 1.36 -89.58 75.88
CA SER B 449 1.76 -90.41 77.00
C SER B 449 1.20 -89.85 78.30
N ILE B 450 1.15 -90.70 79.33
CA ILE B 450 0.51 -90.39 80.59
C ILE B 450 1.49 -90.67 81.72
N ASN B 451 1.77 -89.67 82.54
CA ASN B 451 2.59 -89.86 83.74
C ASN B 451 1.68 -90.03 84.94
N HIS B 452 2.02 -90.97 85.82
CA HIS B 452 1.33 -91.10 87.10
C HIS B 452 2.05 -90.31 88.20
N GLU B 453 2.36 -89.06 87.86
CA GLU B 453 2.71 -88.01 88.80
C GLU B 453 1.76 -86.84 88.67
N LYS B 454 1.27 -86.58 87.46
CA LYS B 454 0.32 -85.54 87.19
C LYS B 454 -0.98 -86.06 86.59
N GLY B 455 -0.98 -87.22 85.94
CA GLY B 455 -2.16 -87.72 85.26
C GLY B 455 -2.54 -86.88 84.06
N TYR B 456 -1.55 -86.30 83.38
CA TYR B 456 -1.80 -85.41 82.27
C TYR B 456 -1.39 -86.09 80.98
N VAL B 457 -2.11 -85.78 79.91
CA VAL B 457 -2.01 -86.50 78.65
C VAL B 457 -1.44 -85.53 77.63
N GLN B 458 -0.15 -85.65 77.33
CA GLN B 458 0.53 -84.72 76.43
C GLN B 458 1.15 -85.47 75.26
N SER B 459 0.99 -84.91 74.06
CA SER B 459 1.56 -85.45 72.84
C SER B 459 2.58 -84.49 72.28
N LYS B 460 3.35 -84.95 71.30
CA LYS B 460 4.37 -84.12 70.68
C LYS B 460 4.10 -83.94 69.19
N GLU B 461 5.00 -83.25 68.52
CA GLU B 461 4.87 -82.84 67.13
C GLU B 461 5.92 -83.54 66.29
N MET B 462 5.56 -83.83 65.04
CA MET B 462 6.45 -84.45 64.07
C MET B 462 7.16 -83.39 63.26
N ILE B 463 8.48 -83.42 63.25
CA ILE B 463 9.28 -82.46 62.50
C ILE B 463 10.19 -83.12 61.48
N ASP B 464 10.68 -84.34 61.71
CA ASP B 464 11.77 -84.94 60.96
C ASP B 464 11.37 -85.50 59.60
N ILE B 465 10.20 -85.13 59.05
CA ILE B 465 9.79 -85.68 57.77
C ILE B 465 10.67 -85.13 56.65
N TYR B 466 11.04 -83.86 56.74
CA TYR B 466 12.03 -83.36 55.78
C TYR B 466 13.44 -83.41 56.35
N SER B 467 13.58 -83.52 57.67
CA SER B 467 14.91 -83.52 58.26
C SER B 467 15.57 -84.89 58.15
N THR B 468 14.78 -85.94 57.94
CA THR B 468 15.26 -87.31 57.81
C THR B 468 14.58 -87.92 56.58
N ARG B 469 15.07 -89.06 56.11
CA ARG B 469 14.72 -89.57 54.77
C ARG B 469 13.29 -90.14 54.72
N GLU B 470 12.35 -89.27 54.91
CA GLU B 470 11.02 -89.58 54.41
C GLU B 470 10.81 -89.31 52.91
N PRO B 471 11.23 -88.13 52.30
CA PRO B 471 10.81 -87.86 50.90
C PRO B 471 11.38 -88.81 49.87
N GLN B 472 12.67 -89.15 49.98
CA GLN B 472 13.27 -90.01 48.97
C GLN B 472 12.85 -91.47 49.11
N LEU B 473 12.24 -91.85 50.23
CA LEU B 473 11.55 -93.14 50.25
C LEU B 473 10.34 -93.10 49.34
N ALA B 474 9.53 -92.05 49.43
CA ALA B 474 8.32 -91.96 48.63
C ALA B 474 8.63 -91.69 47.17
N PHE B 475 9.76 -91.07 46.87
CA PHE B 475 10.05 -90.68 45.49
C PHE B 475 10.46 -91.88 44.64
N HIS B 476 11.07 -92.90 45.25
CA HIS B 476 11.67 -94.00 44.49
C HIS B 476 10.61 -94.84 43.82
N GLN B 477 9.42 -94.95 44.41
CA GLN B 477 8.33 -95.62 43.72
C GLN B 477 7.84 -94.78 42.55
N ARG B 478 7.80 -93.47 42.73
CA ARG B 478 7.20 -92.59 41.74
C ARG B 478 8.17 -92.29 40.62
N ILE B 479 9.48 -92.32 40.91
CA ILE B 479 10.46 -92.35 39.83
C ILE B 479 10.31 -93.61 39.02
N SER B 480 10.17 -94.75 39.69
CA SER B 480 9.99 -96.02 39.01
C SER B 480 8.65 -96.10 38.28
N PHE B 481 7.65 -95.34 38.70
CA PHE B 481 6.38 -95.37 38.01
C PHE B 481 6.44 -94.56 36.72
N CYS B 482 7.12 -93.42 36.74
CA CYS B 482 7.14 -92.54 35.58
C CYS B 482 7.98 -93.12 34.45
N LEU B 483 9.04 -93.86 34.80
CA LEU B 483 9.84 -94.48 33.76
C LEU B 483 9.13 -95.67 33.13
N ASP B 484 8.17 -96.28 33.83
CA ASP B 484 7.40 -97.36 33.25
C ASP B 484 6.47 -96.85 32.15
N ILE B 485 5.91 -95.65 32.34
CA ILE B 485 5.05 -95.06 31.31
C ILE B 485 5.85 -94.75 30.07
N HIS B 486 7.09 -94.27 30.24
CA HIS B 486 7.98 -94.08 29.11
C HIS B 486 8.35 -95.41 28.47
N ASN B 487 8.43 -96.48 29.27
CA ASN B 487 8.70 -97.78 28.69
C ASN B 487 7.46 -98.38 28.04
N MET B 488 6.27 -98.14 28.60
CA MET B 488 5.05 -98.62 27.95
C MET B 488 4.76 -97.83 26.68
N SER B 489 5.25 -96.60 26.59
CA SER B 489 4.98 -95.78 25.42
C SER B 489 5.80 -96.24 24.22
N VAL B 490 7.11 -96.41 24.41
CA VAL B 490 7.99 -96.68 23.28
C VAL B 490 7.78 -98.10 22.75
N LYS B 491 7.49 -99.05 23.64
CA LYS B 491 7.20 -100.42 23.21
C LYS B 491 5.90 -100.53 22.45
N ALA B 492 4.96 -99.60 22.66
CA ALA B 492 3.67 -99.65 21.99
C ALA B 492 3.49 -98.54 20.96
N MET B 493 4.57 -98.14 20.27
CA MET B 493 4.48 -96.95 19.44
C MET B 493 4.50 -97.26 17.93
N ARG B 494 5.54 -97.94 17.47
CA ARG B 494 5.91 -97.91 16.06
C ARG B 494 5.22 -98.97 15.21
N PHE B 495 3.99 -99.34 15.56
CA PHE B 495 3.15 -100.23 14.79
C PHE B 495 2.97 -99.83 13.33
N PRO B 496 3.01 -98.53 12.96
CA PRO B 496 3.25 -98.35 11.52
C PRO B 496 4.70 -98.64 11.15
N MET C 1 60.81 10.92 22.99
CA MET C 1 62.01 10.14 22.65
C MET C 1 62.83 9.89 23.93
N ALA C 2 63.43 8.70 24.01
CA ALA C 2 64.00 8.23 25.27
C ALA C 2 65.34 8.87 25.60
N ASP C 3 66.23 9.00 24.61
CA ASP C 3 67.60 9.43 24.90
C ASP C 3 67.66 10.91 25.23
N GLY C 4 66.89 11.74 24.53
CA GLY C 4 66.78 13.14 24.92
C GLY C 4 66.05 13.32 26.22
N GLY C 5 64.95 12.58 26.40
CA GLY C 5 64.17 12.67 27.62
C GLY C 5 64.87 12.12 28.85
N SER C 6 65.87 11.25 28.67
CA SER C 6 66.68 10.80 29.79
C SER C 6 67.59 11.91 30.28
N GLU C 7 68.33 12.54 29.37
CA GLU C 7 69.27 13.58 29.76
C GLU C 7 68.59 14.88 30.14
N ARG C 8 67.33 15.08 29.72
CA ARG C 8 66.56 16.19 30.28
C ARG C 8 66.22 15.92 31.73
N ALA C 9 65.70 14.73 32.02
CA ALA C 9 65.39 14.32 33.39
C ALA C 9 66.65 14.14 34.24
N ASP C 10 67.81 13.96 33.61
CA ASP C 10 69.08 14.00 34.32
C ASP C 10 69.30 15.38 34.93
N GLY C 11 68.89 16.43 34.22
CA GLY C 11 68.97 17.77 34.78
C GLY C 11 67.86 18.08 35.75
N ARG C 12 66.72 17.40 35.61
CA ARG C 12 65.52 17.76 36.38
C ARG C 12 65.42 17.04 37.72
N ILE C 13 66.28 16.07 37.99
CA ILE C 13 66.34 15.50 39.34
C ILE C 13 67.06 16.44 40.30
N VAL C 14 67.80 17.41 39.77
CA VAL C 14 68.44 18.43 40.61
C VAL C 14 67.38 19.35 41.20
N LYS C 15 66.31 19.62 40.45
CA LYS C 15 65.34 20.65 40.79
C LYS C 15 64.30 20.19 41.81
N MET C 16 64.54 19.10 42.53
CA MET C 16 63.67 18.70 43.62
C MET C 16 63.69 19.72 44.76
N GLU C 17 64.89 20.14 45.15
CA GLU C 17 65.06 21.20 46.13
C GLU C 17 65.29 22.55 45.49
N VAL C 18 65.93 22.58 44.31
CA VAL C 18 66.24 23.83 43.64
C VAL C 18 64.96 24.55 43.21
N ASP C 19 64.06 23.82 42.58
CA ASP C 19 62.73 24.34 42.26
C ASP C 19 61.73 23.71 43.21
N TYR C 20 60.54 24.30 43.27
CA TYR C 20 59.48 23.78 44.11
C TYR C 20 58.93 22.48 43.51
N SER C 21 58.40 21.62 44.38
CA SER C 21 58.08 20.26 43.99
C SER C 21 56.86 20.19 43.09
N ALA C 22 55.85 21.04 43.33
CA ALA C 22 54.66 20.99 42.49
C ALA C 22 54.94 21.51 41.07
N THR C 23 55.95 22.36 40.92
CA THR C 23 56.39 22.75 39.58
C THR C 23 57.00 21.57 38.84
N VAL C 24 57.69 20.68 39.57
CA VAL C 24 58.12 19.42 38.98
C VAL C 24 56.92 18.52 38.73
N ASP C 25 55.89 18.61 39.58
CA ASP C 25 54.64 17.94 39.28
C ASP C 25 53.92 18.60 38.12
N GLN C 26 54.11 19.91 37.94
CA GLN C 26 53.68 20.59 36.73
C GLN C 26 54.62 20.35 35.56
N ARG C 27 55.83 19.85 35.82
CA ARG C 27 56.73 19.40 34.77
C ARG C 27 56.43 17.97 34.34
N LEU C 28 55.76 17.20 35.19
CA LEU C 28 55.33 15.85 34.84
C LEU C 28 54.39 15.71 33.63
N PRO C 29 53.40 16.59 33.36
CA PRO C 29 52.59 16.38 32.15
C PRO C 29 53.34 16.54 30.83
N GLU C 30 54.45 17.29 30.82
CA GLU C 30 55.33 17.28 29.64
C GLU C 30 55.96 15.92 29.45
N CYS C 31 56.31 15.25 30.54
CA CYS C 31 56.74 13.87 30.46
C CYS C 31 55.57 12.95 30.12
N ALA C 32 54.35 13.34 30.53
CA ALA C 32 53.17 12.59 30.12
C ALA C 32 52.81 12.88 28.68
N LYS C 33 53.22 14.04 28.15
CA LYS C 33 53.10 14.28 26.72
C LYS C 33 54.06 13.38 25.95
N LEU C 34 55.21 13.07 26.53
CA LEU C 34 56.06 12.03 25.98
C LEU C 34 55.40 10.66 26.11
N ALA C 35 54.61 10.47 27.16
CA ALA C 35 53.78 9.28 27.29
C ALA C 35 52.54 9.35 26.41
N LYS C 36 52.15 10.54 25.97
CA LYS C 36 51.11 10.66 24.95
C LYS C 36 51.60 10.25 23.57
N GLU C 37 52.91 10.28 23.35
CA GLU C 37 53.50 9.96 22.05
C GLU C 37 53.29 8.50 21.66
N GLY C 38 53.92 7.58 22.39
CA GLY C 38 53.97 6.20 21.98
C GLY C 38 54.70 6.04 20.66
N ARG C 39 55.90 6.64 20.57
CA ARG C 39 56.66 6.63 19.32
C ARG C 39 57.13 5.22 18.97
N LEU C 40 57.95 4.63 19.83
CA LEU C 40 58.34 3.25 19.72
C LEU C 40 57.90 2.53 20.99
N GLN C 41 57.61 1.23 20.84
CA GLN C 41 57.06 0.43 21.92
C GLN C 41 58.05 0.28 23.09
N GLU C 42 59.35 0.35 22.80
CA GLU C 42 60.35 0.31 23.84
C GLU C 42 60.82 1.68 24.28
N VAL C 43 60.68 2.70 23.43
CA VAL C 43 61.10 4.05 23.80
C VAL C 43 60.22 4.60 24.92
N ILE C 44 58.90 4.52 24.75
CA ILE C 44 57.98 4.94 25.80
C ILE C 44 58.09 4.03 27.02
N GLU C 45 58.47 2.77 26.81
CA GLU C 45 58.80 1.88 27.91
C GLU C 45 60.07 2.36 28.63
N THR C 46 61.11 2.71 27.88
CA THR C 46 62.29 3.28 28.50
C THR C 46 62.12 4.75 28.87
N LEU C 47 61.11 5.44 28.31
CA LEU C 47 60.70 6.71 28.89
C LEU C 47 60.17 6.51 30.29
N LEU C 48 59.02 5.83 30.38
CA LEU C 48 58.25 5.78 31.61
C LEU C 48 58.88 4.90 32.67
N SER C 49 59.93 4.16 32.33
CA SER C 49 60.80 3.61 33.35
C SER C 49 61.46 4.72 34.17
N LEU C 50 61.76 5.85 33.52
CA LEU C 50 62.57 6.87 34.16
C LEU C 50 61.72 7.89 34.91
N GLU C 51 60.57 8.30 34.38
CA GLU C 51 59.83 9.34 35.07
C GLU C 51 59.08 8.83 36.28
N LYS C 52 58.81 7.53 36.36
CA LYS C 52 58.31 6.98 37.61
C LYS C 52 59.41 6.97 38.67
N GLN C 53 60.66 6.81 38.24
CA GLN C 53 61.78 6.88 39.17
C GLN C 53 61.95 8.30 39.71
N THR C 54 61.77 9.31 38.86
CA THR C 54 61.77 10.68 39.32
C THR C 54 60.52 10.99 40.15
N ARG C 55 59.44 10.29 39.87
CA ARG C 55 58.23 10.40 40.67
C ARG C 55 58.45 9.83 42.06
N THR C 56 59.26 8.76 42.17
CA THR C 56 59.67 8.28 43.48
C THR C 56 60.78 9.14 44.05
N ALA C 57 61.60 9.75 43.20
CA ALA C 57 62.57 10.72 43.69
C ALA C 57 61.87 11.96 44.24
N SER C 58 60.73 12.32 43.64
CA SER C 58 59.89 13.33 44.25
C SER C 58 59.20 12.79 45.51
N ASP C 59 58.96 11.48 45.55
CA ASP C 59 58.44 10.88 46.78
C ASP C 59 59.50 10.83 47.86
N MET C 60 60.76 10.56 47.48
CA MET C 60 61.84 10.54 48.46
C MET C 60 62.20 11.92 48.98
N VAL C 61 61.65 12.99 48.40
CA VAL C 61 61.68 14.30 49.02
C VAL C 61 60.42 14.55 49.82
N SER C 62 59.27 14.17 49.27
CA SER C 62 57.99 14.53 49.86
C SER C 62 57.57 13.60 50.99
N THR C 63 57.78 12.29 50.83
CA THR C 63 57.49 11.38 51.92
C THR C 63 58.54 11.43 53.02
N SER C 64 59.73 11.96 52.70
CA SER C 64 60.72 12.23 53.73
C SER C 64 60.34 13.42 54.59
N ARG C 65 59.45 14.28 54.08
CA ARG C 65 58.87 15.39 54.82
C ARG C 65 57.39 15.09 55.06
N ILE C 66 56.65 16.08 55.55
CA ILE C 66 55.23 15.90 55.87
C ILE C 66 54.35 15.82 54.64
N LEU C 67 54.90 15.97 53.44
CA LEU C 67 54.09 15.98 52.22
C LEU C 67 53.85 14.53 51.79
N VAL C 68 53.00 13.86 52.56
CA VAL C 68 52.74 12.43 52.38
C VAL C 68 51.30 12.21 51.94
N ALA C 69 50.33 12.69 52.72
CA ALA C 69 48.93 12.61 52.33
C ALA C 69 48.63 13.41 51.07
N VAL C 70 49.41 14.44 50.78
CA VAL C 70 49.23 15.17 49.53
C VAL C 70 49.80 14.38 48.37
N VAL C 71 50.96 13.74 48.57
CA VAL C 71 51.70 13.19 47.45
C VAL C 71 51.15 11.85 46.99
N LYS C 72 50.32 11.20 47.80
CA LYS C 72 49.83 9.89 47.39
C LYS C 72 48.63 10.02 46.46
N MET C 73 47.52 10.56 46.98
CA MET C 73 46.24 10.53 46.27
C MET C 73 46.23 11.44 45.04
N CYS C 74 47.18 12.36 44.94
CA CYS C 74 47.40 13.05 43.67
C CYS C 74 47.99 12.11 42.64
N TYR C 75 48.81 11.16 43.07
CA TYR C 75 49.61 10.40 42.10
C TYR C 75 48.85 9.21 41.54
N GLU C 76 48.27 8.37 42.40
CA GLU C 76 47.60 7.20 41.83
C GLU C 76 46.24 7.52 41.21
N ALA C 77 45.79 8.77 41.31
CA ALA C 77 44.68 9.22 40.48
C ALA C 77 45.13 9.54 39.06
N LYS C 78 46.38 9.96 38.87
CA LYS C 78 46.87 10.25 37.53
C LYS C 78 47.64 9.08 36.92
N GLU C 79 47.60 7.92 37.57
CA GLU C 79 47.75 6.65 36.86
C GLU C 79 46.40 6.07 36.50
N TRP C 80 45.38 6.39 37.29
CA TRP C 80 44.01 6.03 36.97
C TRP C 80 43.53 6.78 35.74
N ASP C 81 43.73 8.09 35.71
CA ASP C 81 43.36 8.93 34.58
C ASP C 81 44.36 8.81 33.43
N LEU C 82 45.50 8.16 33.67
CA LEU C 82 46.51 7.95 32.64
C LEU C 82 45.99 7.05 31.52
N LEU C 83 44.99 6.23 31.79
CA LEU C 83 44.31 5.50 30.74
C LEU C 83 43.52 6.41 29.81
N ASN C 84 43.08 7.57 30.29
CA ASN C 84 42.34 8.54 29.49
C ASN C 84 43.17 9.73 29.02
N GLU C 85 44.15 10.18 29.81
CA GLU C 85 44.95 11.32 29.38
C GLU C 85 46.14 10.89 28.53
N ASN C 86 46.73 9.74 28.82
CA ASN C 86 47.72 9.11 27.97
C ASN C 86 47.04 7.95 27.26
N ILE C 87 47.84 7.13 26.57
CA ILE C 87 47.30 5.90 25.98
C ILE C 87 46.90 4.97 27.11
N MET C 88 45.75 4.31 26.94
CA MET C 88 45.17 3.36 27.89
C MET C 88 46.15 2.24 28.22
N LEU C 89 45.97 1.66 29.42
CA LEU C 89 46.70 0.47 29.93
C LEU C 89 48.17 0.83 30.16
N LEU C 90 48.37 1.98 30.83
CA LEU C 90 49.60 2.76 31.06
C LEU C 90 50.45 2.76 29.81
N SER C 91 49.75 2.98 28.69
CA SER C 91 50.16 3.00 27.29
C SER C 91 50.64 1.66 26.73
N LYS C 92 51.20 0.78 27.55
CA LYS C 92 51.50 -0.61 27.20
C LYS C 92 51.41 -1.50 28.43
N ARG C 93 51.61 -0.87 29.60
CA ARG C 93 51.80 -1.41 30.97
C ARG C 93 53.15 -2.11 31.16
N ARG C 94 53.84 -2.45 30.07
CA ARG C 94 54.90 -3.45 30.13
C ARG C 94 56.19 -2.80 30.60
N SER C 95 56.64 -3.19 31.80
CA SER C 95 57.85 -2.68 32.46
C SER C 95 57.84 -1.16 32.63
N GLN C 96 56.64 -0.59 32.71
CA GLN C 96 56.47 0.81 33.03
C GLN C 96 55.35 1.06 34.03
N LEU C 97 54.39 0.15 34.16
CA LEU C 97 53.53 0.10 35.33
C LEU C 97 54.10 -0.85 36.36
N LYS C 98 54.68 -1.96 35.90
CA LYS C 98 55.20 -2.99 36.80
C LYS C 98 56.36 -2.45 37.65
N GLN C 99 57.49 -2.12 37.00
CA GLN C 99 58.65 -1.67 37.76
C GLN C 99 58.50 -0.26 38.30
N ALA C 100 57.43 0.46 37.92
CA ALA C 100 56.95 1.53 38.77
C ALA C 100 56.51 0.94 40.11
N VAL C 101 55.49 0.08 40.08
CA VAL C 101 54.89 -0.46 41.29
C VAL C 101 55.82 -1.45 41.99
N ALA C 102 56.62 -2.20 41.22
CA ALA C 102 57.62 -3.09 41.83
C ALA C 102 58.70 -2.30 42.55
N LYS C 103 58.91 -1.04 42.17
CA LYS C 103 59.72 -0.14 42.96
C LYS C 103 58.91 0.59 44.02
N MET C 104 57.59 0.73 43.83
CA MET C 104 56.75 1.28 44.89
C MET C 104 56.69 0.35 46.09
N VAL C 105 56.62 -0.96 45.85
CA VAL C 105 56.70 -1.90 46.97
C VAL C 105 58.12 -2.01 47.49
N GLN C 106 59.11 -1.64 46.68
CA GLN C 106 60.47 -1.48 47.20
C GLN C 106 60.57 -0.24 48.07
N GLN C 107 59.81 0.80 47.73
CA GLN C 107 59.67 1.93 48.64
C GLN C 107 58.95 1.52 49.90
N CYS C 108 57.80 0.83 49.76
CA CYS C 108 57.00 0.41 50.90
C CYS C 108 57.72 -0.58 51.80
N CYS C 109 58.73 -1.28 51.29
CA CYS C 109 59.59 -2.07 52.16
C CYS C 109 60.49 -1.17 52.99
N THR C 110 60.89 -0.03 52.44
CA THR C 110 61.74 0.90 53.17
C THR C 110 60.94 1.80 54.09
N TYR C 111 59.67 2.08 53.76
CA TYR C 111 58.88 2.95 54.62
C TYR C 111 58.21 2.21 55.76
N VAL C 112 58.02 0.89 55.64
CA VAL C 112 57.32 0.13 56.69
C VAL C 112 58.14 0.10 57.98
N GLU C 113 59.45 0.23 57.89
CA GLU C 113 60.27 0.43 59.08
C GLU C 113 60.37 1.90 59.48
N GLU C 114 59.86 2.82 58.66
CA GLU C 114 59.94 4.23 58.94
C GLU C 114 58.57 4.85 59.18
N ILE C 115 57.65 4.74 58.22
CA ILE C 115 56.42 5.51 58.26
C ILE C 115 55.47 4.85 59.25
N THR C 116 54.69 5.67 59.96
CA THR C 116 53.89 5.17 61.07
C THR C 116 52.58 4.61 60.53
N ASP C 117 51.71 4.19 61.45
CA ASP C 117 50.59 3.32 61.11
C ASP C 117 49.49 4.04 60.33
N LEU C 118 49.32 5.35 60.51
CA LEU C 118 48.24 6.02 59.80
C LEU C 118 48.55 6.26 58.32
N PRO C 119 49.64 6.91 57.91
CA PRO C 119 49.83 7.08 56.47
C PRO C 119 50.45 5.88 55.77
N ILE C 120 50.61 4.74 56.45
CA ILE C 120 50.96 3.53 55.70
C ILE C 120 49.70 2.82 55.24
N LYS C 121 48.60 2.90 56.00
CA LYS C 121 47.35 2.34 55.51
C LYS C 121 46.60 3.32 54.62
N LEU C 122 46.94 4.60 54.69
CA LEU C 122 46.65 5.48 53.57
C LEU C 122 47.45 5.08 52.34
N ARG C 123 48.70 4.64 52.55
CA ARG C 123 49.52 4.20 51.42
C ARG C 123 49.02 2.88 50.84
N LEU C 124 48.54 1.98 51.69
CA LEU C 124 48.02 0.72 51.19
C LEU C 124 46.72 0.90 50.45
N ILE C 125 45.80 1.71 50.99
CA ILE C 125 44.50 1.88 50.36
C ILE C 125 44.61 2.63 49.02
N ASP C 126 45.72 3.31 48.78
CA ASP C 126 45.95 3.86 47.44
C ASP C 126 46.42 2.79 46.46
N THR C 127 47.22 1.83 46.92
CA THR C 127 47.63 0.74 46.06
C THR C 127 46.75 -0.50 46.18
N LEU C 128 45.88 -0.56 47.20
CA LEU C 128 44.83 -1.57 47.19
C LEU C 128 43.70 -1.24 46.22
N ARG C 129 43.62 0.00 45.73
CA ARG C 129 42.73 0.25 44.61
C ARG C 129 43.28 -0.34 43.33
N MET C 130 44.60 -0.38 43.19
CA MET C 130 45.21 -1.02 42.04
C MET C 130 45.09 -2.54 42.10
N VAL C 131 44.92 -3.10 43.29
CA VAL C 131 44.66 -4.53 43.50
C VAL C 131 43.41 -4.99 42.78
N THR C 132 42.41 -4.11 42.66
CA THR C 132 41.18 -4.44 41.94
C THR C 132 41.45 -4.72 40.46
N GLU C 133 41.93 -3.71 39.74
CA GLU C 133 42.07 -3.82 38.29
C GLU C 133 43.50 -4.09 37.84
N GLY C 134 44.42 -3.17 38.13
CA GLY C 134 45.68 -3.14 37.43
C GLY C 134 46.90 -2.89 38.28
N LYS C 135 47.84 -3.84 38.18
CA LYS C 135 49.09 -3.90 38.92
C LYS C 135 50.09 -4.60 38.03
N ILE C 136 50.99 -5.39 38.61
CA ILE C 136 52.06 -6.11 37.91
C ILE C 136 51.56 -7.10 36.84
N TYR C 137 50.24 -7.18 36.62
CA TYR C 137 49.56 -8.32 36.06
C TYR C 137 49.92 -8.59 34.61
N VAL C 138 50.94 -9.44 34.46
CA VAL C 138 51.07 -10.33 33.32
C VAL C 138 51.08 -11.72 33.94
N GLU C 139 52.11 -12.03 34.75
CA GLU C 139 52.03 -13.20 35.63
C GLU C 139 52.72 -13.03 36.98
N ILE C 140 53.18 -11.83 37.36
CA ILE C 140 54.09 -11.69 38.50
C ILE C 140 53.37 -10.89 39.59
N GLU C 141 52.09 -11.16 39.78
CA GLU C 141 51.26 -10.52 40.80
C GLU C 141 51.63 -10.87 42.23
N ARG C 142 52.75 -11.54 42.52
CA ARG C 142 53.19 -11.70 43.90
C ARG C 142 53.65 -10.39 44.53
N ALA C 143 53.88 -9.34 43.73
CA ALA C 143 54.15 -8.03 44.31
C ALA C 143 52.91 -7.44 44.96
N ARG C 144 51.73 -7.82 44.48
CA ARG C 144 50.52 -7.61 45.28
C ARG C 144 50.54 -8.48 46.52
N LEU C 145 50.99 -9.73 46.37
CA LEU C 145 50.95 -10.68 47.49
C LEU C 145 51.98 -10.35 48.55
N THR C 146 53.14 -9.80 48.14
CA THR C 146 54.17 -9.52 49.13
C THR C 146 53.84 -8.31 49.98
N LYS C 147 52.80 -7.55 49.64
CA LYS C 147 52.36 -6.45 50.48
C LYS C 147 50.99 -6.68 51.09
N THR C 148 50.13 -7.50 50.48
CA THR C 148 48.89 -7.85 51.16
C THR C 148 49.14 -8.91 52.24
N LEU C 149 50.29 -9.58 52.19
CA LEU C 149 50.79 -10.29 53.36
C LEU C 149 51.18 -9.31 54.45
N ALA C 150 51.75 -8.17 54.06
CA ALA C 150 52.15 -7.16 55.03
C ALA C 150 50.97 -6.40 55.60
N THR C 151 49.79 -6.49 54.98
CA THR C 151 48.61 -5.84 55.53
C THR C 151 48.11 -6.51 56.80
N ILE C 152 48.51 -7.75 57.06
CA ILE C 152 48.06 -8.44 58.26
C ILE C 152 49.07 -8.33 59.39
N LYS C 153 50.36 -8.48 59.06
CA LYS C 153 51.41 -8.60 60.06
C LYS C 153 51.68 -7.32 60.84
N GLU C 154 51.14 -6.19 60.40
CA GLU C 154 51.35 -4.93 61.12
C GLU C 154 50.54 -4.92 62.42
N GLN C 155 49.23 -5.05 62.29
CA GLN C 155 48.31 -5.09 63.42
C GLN C 155 48.26 -6.44 64.11
N ASN C 156 49.03 -7.41 63.62
CA ASN C 156 49.19 -8.78 64.14
C ASN C 156 47.90 -9.59 64.07
N GLY C 157 46.92 -9.15 63.28
CA GLY C 157 45.75 -9.96 62.98
C GLY C 157 44.72 -10.10 64.08
N ASP C 158 43.53 -10.51 63.67
CA ASP C 158 42.42 -10.88 64.55
C ASP C 158 41.51 -11.80 63.75
N VAL C 159 40.24 -11.89 64.16
CA VAL C 159 39.23 -12.53 63.32
C VAL C 159 39.15 -11.87 61.95
N LYS C 160 39.03 -10.54 61.92
CA LYS C 160 38.75 -9.85 60.66
C LYS C 160 39.99 -9.65 59.81
N GLU C 161 41.14 -9.38 60.45
CA GLU C 161 42.34 -9.12 59.66
C GLU C 161 42.90 -10.39 59.05
N ALA C 162 42.63 -11.55 59.67
CA ALA C 162 42.91 -12.81 59.01
C ALA C 162 41.90 -13.13 57.93
N ALA C 163 40.69 -12.54 58.01
CA ALA C 163 39.70 -12.71 56.95
C ALA C 163 39.98 -11.83 55.75
N SER C 164 40.95 -10.92 55.83
CA SER C 164 41.29 -10.10 54.68
C SER C 164 42.01 -10.90 53.61
N ILE C 165 42.80 -11.89 54.01
CA ILE C 165 43.54 -12.68 53.02
C ILE C 165 42.67 -13.73 52.37
N LEU C 166 41.56 -14.12 53.03
CA LEU C 166 40.75 -15.26 52.59
C LEU C 166 40.06 -15.03 51.26
N GLN C 167 39.88 -13.77 50.86
CA GLN C 167 39.25 -13.47 49.59
C GLN C 167 40.22 -13.54 48.41
N GLU C 168 41.53 -13.44 48.67
CA GLU C 168 42.52 -13.37 47.59
C GLU C 168 43.48 -14.55 47.64
N LEU C 169 42.99 -15.70 48.09
CA LEU C 169 43.85 -16.89 48.15
C LEU C 169 43.95 -17.52 46.78
N GLN C 170 42.82 -17.89 46.19
CA GLN C 170 42.76 -18.61 44.92
C GLN C 170 43.09 -17.75 43.71
N VAL C 171 43.44 -16.48 43.90
CA VAL C 171 43.67 -15.58 42.78
C VAL C 171 44.92 -15.97 42.02
N GLU C 172 46.03 -16.16 42.73
CA GLU C 172 47.29 -16.48 42.08
C GLU C 172 47.55 -17.97 42.02
N THR C 173 46.58 -18.80 42.40
CA THR C 173 46.54 -20.15 41.87
C THR C 173 46.37 -20.10 40.36
N TYR C 174 45.52 -19.20 39.89
CA TYR C 174 45.36 -18.95 38.47
C TYR C 174 46.37 -17.94 37.93
N GLY C 175 47.02 -17.19 38.82
CA GLY C 175 47.99 -16.21 38.38
C GLY C 175 49.28 -16.84 37.92
N SER C 176 50.00 -17.40 38.89
CA SER C 176 51.25 -18.12 38.63
C SER C 176 51.56 -18.90 39.90
N MET C 177 51.82 -20.18 39.76
CA MET C 177 52.15 -21.03 40.89
C MET C 177 53.61 -21.44 40.82
N GLU C 178 54.36 -21.13 41.87
CA GLU C 178 55.78 -21.40 41.94
C GLU C 178 56.04 -22.33 43.11
N LYS C 179 57.07 -23.15 42.96
CA LYS C 179 57.29 -24.27 43.88
C LYS C 179 57.72 -23.84 45.28
N LYS C 180 58.09 -22.58 45.46
CA LYS C 180 58.44 -22.08 46.79
C LYS C 180 57.54 -20.94 47.26
N GLU C 181 57.44 -19.86 46.49
CA GLU C 181 56.81 -18.64 47.00
C GLU C 181 55.30 -18.76 47.04
N ARG C 182 54.72 -19.45 46.06
CA ARG C 182 53.29 -19.72 46.12
C ARG C 182 52.97 -20.68 47.27
N VAL C 183 53.89 -21.61 47.56
CA VAL C 183 53.67 -22.60 48.61
C VAL C 183 53.75 -21.96 49.98
N GLU C 184 54.71 -21.07 50.19
CA GLU C 184 54.85 -20.39 51.47
C GLU C 184 53.70 -19.43 51.73
N PHE C 185 53.09 -18.90 50.67
CA PHE C 185 51.96 -18.02 50.85
C PHE C 185 50.70 -18.81 51.20
N ILE C 186 50.55 -20.01 50.65
CA ILE C 186 49.27 -20.71 50.71
C ILE C 186 49.12 -21.56 51.98
N LEU C 187 50.21 -21.91 52.64
CA LEU C 187 50.06 -22.52 53.96
C LEU C 187 49.99 -21.48 55.06
N GLU C 188 50.19 -20.22 54.73
CA GLU C 188 50.34 -19.19 55.75
C GLU C 188 49.01 -18.76 56.34
N GLN C 189 47.93 -18.84 55.57
CA GLN C 189 46.66 -18.32 56.07
C GLN C 189 45.91 -19.32 56.92
N MET C 190 46.20 -20.61 56.80
CA MET C 190 45.40 -21.59 57.51
C MET C 190 45.79 -21.70 58.97
N ARG C 191 47.03 -21.34 59.32
CA ARG C 191 47.36 -21.22 60.74
C ARG C 191 46.65 -20.02 61.36
N LEU C 192 46.34 -18.99 60.57
CA LEU C 192 45.44 -17.96 61.04
C LEU C 192 44.03 -18.49 61.14
N CYS C 193 43.64 -19.38 60.22
CA CYS C 193 42.31 -19.99 60.28
C CYS C 193 42.17 -20.91 61.47
N LEU C 194 43.27 -21.49 61.94
CA LEU C 194 43.23 -22.21 63.21
C LEU C 194 43.00 -21.26 64.37
N ALA C 195 43.56 -20.05 64.28
CA ALA C 195 43.33 -19.05 65.33
C ALA C 195 41.91 -18.51 65.30
N VAL C 196 41.20 -18.65 64.18
CA VAL C 196 39.79 -18.30 64.12
C VAL C 196 38.93 -19.39 64.78
N LYS C 197 39.53 -20.54 65.10
CA LYS C 197 38.84 -21.78 65.49
C LYS C 197 37.87 -22.20 64.37
N ASP C 198 38.38 -22.17 63.14
CA ASP C 198 37.67 -22.67 61.98
C ASP C 198 38.49 -23.78 61.35
N TYR C 199 37.84 -24.92 61.13
CA TYR C 199 38.53 -26.09 60.60
C TYR C 199 37.93 -26.49 59.27
N ILE C 200 36.63 -26.22 59.11
CA ILE C 200 35.95 -26.62 57.89
C ILE C 200 36.38 -25.77 56.71
N ARG C 201 36.80 -24.53 56.95
CA ARG C 201 37.47 -23.75 55.92
C ARG C 201 38.91 -24.20 55.76
N THR C 202 39.52 -24.65 56.86
CA THR C 202 40.95 -24.92 56.88
C THR C 202 41.31 -26.14 56.04
N GLN C 203 40.52 -27.21 56.13
CA GLN C 203 40.84 -28.42 55.39
C GLN C 203 40.52 -28.30 53.91
N ILE C 204 39.70 -27.33 53.51
CA ILE C 204 39.44 -27.12 52.10
C ILE C 204 40.64 -26.48 51.43
N ILE C 205 41.20 -25.44 52.05
CA ILE C 205 42.41 -24.84 51.52
C ILE C 205 43.64 -25.69 51.81
N SER C 206 43.56 -26.60 52.78
CA SER C 206 44.62 -27.58 52.97
C SER C 206 44.60 -28.67 51.92
N LYS C 207 43.49 -28.82 51.19
CA LYS C 207 43.42 -29.79 50.12
C LYS C 207 44.24 -29.36 48.92
N LYS C 208 44.54 -28.07 48.81
CA LYS C 208 45.47 -27.61 47.77
C LYS C 208 46.92 -27.88 48.17
N ILE C 209 47.20 -28.10 49.45
CA ILE C 209 48.57 -28.34 49.90
C ILE C 209 49.06 -29.70 49.45
N ASN C 210 48.30 -30.76 49.76
CA ASN C 210 48.78 -32.12 49.55
C ASN C 210 48.72 -32.58 48.09
N THR C 211 48.37 -31.71 47.15
CA THR C 211 48.66 -31.92 45.75
C THR C 211 49.82 -31.06 45.28
N LYS C 212 50.33 -30.18 46.13
CA LYS C 212 51.47 -29.33 45.82
C LYS C 212 52.74 -29.88 46.48
N PHE C 213 52.88 -31.20 46.41
CA PHE C 213 54.07 -31.88 46.89
C PHE C 213 55.08 -31.97 45.76
N PHE C 214 56.12 -32.81 45.95
CA PHE C 214 57.26 -32.97 45.03
C PHE C 214 58.04 -31.67 44.84
N GLN C 215 58.22 -30.92 45.93
CA GLN C 215 59.30 -29.96 46.02
C GLN C 215 60.01 -30.06 47.37
N GLU C 216 59.62 -31.03 48.21
CA GLU C 216 60.33 -31.32 49.45
C GLU C 216 61.75 -31.81 49.22
N GLU C 217 62.06 -32.30 48.01
CA GLU C 217 63.41 -32.72 47.67
C GLU C 217 64.39 -31.56 47.59
N ASN C 218 63.89 -30.33 47.45
CA ASN C 218 64.71 -29.14 47.50
C ASN C 218 64.39 -28.24 48.69
N THR C 219 63.15 -28.27 49.18
CA THR C 219 62.76 -27.47 50.33
C THR C 219 62.95 -28.27 51.60
N GLU C 220 63.82 -27.77 52.48
CA GLU C 220 64.16 -28.47 53.72
C GLU C 220 63.30 -28.02 54.90
N LYS C 221 63.39 -26.73 55.24
CA LYS C 221 62.86 -26.24 56.51
C LYS C 221 61.39 -25.86 56.45
N LEU C 222 60.75 -25.95 55.29
CA LEU C 222 59.39 -25.47 55.17
C LEU C 222 58.40 -26.55 54.76
N LYS C 223 58.68 -27.27 53.66
CA LYS C 223 57.68 -28.13 53.04
C LYS C 223 57.34 -29.32 53.92
N LEU C 224 58.36 -30.00 54.44
CA LEU C 224 58.11 -31.08 55.36
C LEU C 224 57.86 -30.59 56.78
N LYS C 225 57.98 -29.29 57.03
CA LYS C 225 57.93 -28.76 58.38
C LYS C 225 56.80 -27.77 58.63
N TYR C 226 55.92 -27.51 57.67
CA TYR C 226 54.63 -26.99 58.09
C TYR C 226 53.77 -28.09 58.70
N TYR C 227 54.07 -29.34 58.35
CA TYR C 227 53.27 -30.52 58.69
C TYR C 227 52.97 -30.63 60.19
N ASN C 228 53.87 -30.11 61.02
CA ASN C 228 53.66 -29.98 62.46
C ASN C 228 52.43 -29.16 62.82
N LEU C 229 51.95 -28.30 61.92
CA LEU C 229 50.69 -27.62 62.12
C LEU C 229 49.54 -28.23 61.34
N MET C 230 49.83 -29.18 60.44
CA MET C 230 48.75 -29.87 59.77
C MET C 230 48.18 -30.98 60.63
N ILE C 231 48.89 -31.40 61.67
CA ILE C 231 48.29 -32.33 62.62
C ILE C 231 47.29 -31.61 63.50
N GLN C 232 47.43 -30.30 63.69
CA GLN C 232 46.50 -29.55 64.55
C GLN C 232 45.12 -29.52 63.94
N LEU C 233 45.03 -29.53 62.61
CA LEU C 233 43.77 -29.81 61.94
C LEU C 233 43.35 -31.26 62.14
N ASP C 234 44.30 -32.19 62.06
CA ASP C 234 43.98 -33.61 62.18
C ASP C 234 43.80 -34.05 63.62
N GLN C 235 44.19 -33.20 64.58
CA GLN C 235 44.07 -33.55 65.98
C GLN C 235 42.61 -33.53 66.44
N HIS C 236 41.78 -32.74 65.75
CA HIS C 236 40.60 -32.15 66.36
C HIS C 236 39.55 -33.19 66.74
N GLU C 237 39.09 -33.99 65.79
CA GLU C 237 38.03 -34.92 66.19
C GLU C 237 38.53 -36.32 66.51
N GLY C 238 39.06 -37.09 65.55
CA GLY C 238 39.44 -38.45 65.83
C GLY C 238 40.56 -39.02 64.98
N SER C 239 41.13 -38.19 64.09
CA SER C 239 41.88 -38.68 62.93
C SER C 239 43.23 -39.23 63.39
N TYR C 240 43.20 -40.47 63.88
CA TYR C 240 44.35 -41.08 64.50
C TYR C 240 45.13 -41.98 63.56
N LEU C 241 44.53 -42.37 62.43
CA LEU C 241 45.27 -43.08 61.39
C LEU C 241 45.76 -42.15 60.30
N SER C 242 45.13 -40.98 60.13
CA SER C 242 45.64 -39.98 59.21
C SER C 242 46.98 -39.45 59.67
N ILE C 243 47.18 -39.35 60.99
CA ILE C 243 48.47 -38.93 61.52
C ILE C 243 49.47 -40.06 61.62
N CYS C 244 49.07 -41.31 61.35
CA CYS C 244 50.01 -42.43 61.34
C CYS C 244 51.03 -42.28 60.21
N LYS C 245 50.54 -42.14 58.98
CA LYS C 245 51.42 -41.90 57.84
C LYS C 245 52.08 -40.53 57.93
N HIS C 246 51.47 -39.61 58.68
CA HIS C 246 51.92 -38.24 58.71
C HIS C 246 53.17 -38.07 59.57
N TYR C 247 53.26 -38.77 60.70
CA TYR C 247 54.49 -38.65 61.46
C TYR C 247 55.65 -39.38 60.80
N ARG C 248 55.35 -40.36 59.94
CA ARG C 248 56.38 -40.95 59.11
C ARG C 248 56.92 -39.96 58.10
N ALA C 249 56.11 -38.99 57.70
CA ALA C 249 56.58 -37.96 56.79
C ALA C 249 57.58 -37.03 57.48
N ILE C 250 57.28 -36.61 58.72
CA ILE C 250 58.24 -35.82 59.48
C ILE C 250 59.29 -36.68 60.17
N TYR C 251 59.22 -38.00 60.02
CA TYR C 251 60.28 -38.88 60.49
C TYR C 251 61.54 -38.75 59.63
N ASP C 252 61.40 -38.33 58.38
CA ASP C 252 62.53 -38.33 57.48
C ASP C 252 63.44 -37.13 57.70
N THR C 253 62.88 -35.96 58.02
CA THR C 253 63.66 -34.72 58.00
C THR C 253 64.74 -34.67 59.10
N PRO C 254 64.52 -35.08 60.36
CA PRO C 254 65.65 -35.27 61.26
C PRO C 254 66.42 -36.57 61.04
N CYS C 255 66.20 -37.27 59.94
CA CYS C 255 67.17 -38.21 59.40
C CYS C 255 67.86 -37.69 58.15
N ILE C 256 67.17 -36.86 57.35
CA ILE C 256 67.87 -35.96 56.43
C ILE C 256 68.83 -35.07 57.21
N GLN C 257 68.34 -34.41 58.24
CA GLN C 257 69.22 -33.71 59.16
C GLN C 257 69.92 -34.74 60.05
N ALA C 258 71.20 -34.52 60.32
CA ALA C 258 71.97 -35.45 61.16
C ALA C 258 71.55 -35.26 62.61
N GLU C 259 70.42 -35.84 62.96
CA GLU C 259 69.76 -35.58 64.23
C GLU C 259 69.46 -36.90 64.93
N SER C 260 69.61 -36.90 66.26
CA SER C 260 69.22 -38.05 67.06
C SER C 260 68.56 -37.64 68.37
N GLU C 261 68.03 -36.42 68.46
CA GLU C 261 67.27 -36.00 69.63
C GLU C 261 65.86 -35.56 69.25
N LYS C 262 65.73 -34.61 68.33
CA LYS C 262 64.45 -34.35 67.69
C LYS C 262 64.02 -35.56 66.88
N TRP C 263 64.98 -36.26 66.28
CA TRP C 263 64.72 -37.53 65.65
C TRP C 263 64.33 -38.59 66.67
N GLN C 264 64.88 -38.51 67.88
CA GLN C 264 64.64 -39.54 68.89
C GLN C 264 63.21 -39.51 69.40
N GLN C 265 62.65 -38.32 69.59
CA GLN C 265 61.25 -38.21 69.95
C GLN C 265 60.33 -38.48 68.77
N ALA C 266 60.86 -38.47 67.55
CA ALA C 266 60.05 -38.81 66.38
C ALA C 266 59.75 -40.31 66.31
N LEU C 267 60.63 -41.15 66.83
CA LEU C 267 60.31 -42.57 66.92
C LEU C 267 59.21 -42.81 67.95
N LYS C 268 59.26 -42.10 69.08
CA LYS C 268 58.23 -42.28 70.08
C LYS C 268 56.94 -41.57 69.71
N SER C 269 57.03 -40.50 68.93
CA SER C 269 55.80 -39.83 68.50
C SER C 269 55.00 -40.71 67.56
N VAL C 270 55.67 -41.34 66.58
CA VAL C 270 55.00 -42.10 65.52
C VAL C 270 54.40 -43.40 66.03
N VAL C 271 54.74 -43.84 67.23
CA VAL C 271 54.36 -45.18 67.67
C VAL C 271 53.30 -45.18 68.77
N LEU C 272 53.13 -44.09 69.52
CA LEU C 272 52.25 -44.12 70.68
C LEU C 272 50.76 -44.11 70.35
N TYR C 273 50.38 -44.02 69.09
CA TYR C 273 48.96 -43.96 68.75
C TYR C 273 48.56 -44.92 67.65
N VAL C 274 49.51 -45.67 67.08
CA VAL C 274 49.14 -46.75 66.16
C VAL C 274 48.39 -47.82 66.93
N ILE C 275 48.75 -48.00 68.21
CA ILE C 275 47.90 -48.71 69.15
C ILE C 275 46.53 -48.02 69.26
N LEU C 276 46.55 -46.70 69.38
CA LEU C 276 45.32 -45.94 69.61
C LEU C 276 44.45 -45.80 68.37
N ALA C 277 44.94 -46.22 67.21
CA ALA C 277 44.11 -46.23 66.03
C ALA C 277 43.09 -47.37 66.09
N PRO C 278 41.92 -47.20 65.49
CA PRO C 278 41.00 -48.32 65.34
C PRO C 278 41.59 -49.35 64.39
N PHE C 279 41.15 -50.60 64.55
CA PHE C 279 41.79 -51.68 63.83
C PHE C 279 41.39 -51.69 62.36
N ASP C 280 42.39 -51.86 61.51
CA ASP C 280 42.23 -51.94 60.07
C ASP C 280 43.29 -52.89 59.55
N ASN C 281 43.14 -53.31 58.29
CA ASN C 281 44.25 -53.97 57.64
C ASN C 281 45.40 -52.99 57.38
N GLU C 282 45.06 -51.71 57.19
CA GLU C 282 46.07 -50.67 57.03
C GLU C 282 46.84 -50.44 58.33
N GLN C 283 46.26 -50.78 59.48
CA GLN C 283 47.04 -50.81 60.69
C GLN C 283 47.89 -52.07 60.76
N SER C 284 47.33 -53.21 60.34
CA SER C 284 47.96 -54.51 60.56
C SER C 284 49.20 -54.73 59.71
N ASP C 285 49.38 -53.96 58.65
CA ASP C 285 50.66 -53.97 57.95
C ASP C 285 51.56 -52.80 58.30
N LEU C 286 50.98 -51.68 58.76
CA LEU C 286 51.80 -50.57 59.23
C LEU C 286 52.53 -50.93 60.51
N VAL C 287 51.94 -51.78 61.35
CA VAL C 287 52.66 -52.30 62.50
C VAL C 287 53.79 -53.24 62.08
N HIS C 288 53.71 -53.82 60.87
CA HIS C 288 54.84 -54.58 60.35
C HIS C 288 55.87 -53.65 59.71
N ARG C 289 55.41 -52.56 59.10
CA ARG C 289 56.34 -51.64 58.45
C ARG C 289 57.14 -50.85 59.47
N ILE C 290 56.54 -50.52 60.61
CA ILE C 290 57.34 -49.89 61.66
C ILE C 290 58.13 -50.93 62.44
N SER C 291 57.76 -52.20 62.35
CA SER C 291 58.60 -53.25 62.90
C SER C 291 59.75 -53.54 61.96
N GLY C 292 60.77 -54.21 62.51
CA GLY C 292 61.96 -54.51 61.73
C GLY C 292 62.85 -53.32 61.44
N ASP C 293 62.63 -52.20 62.13
CA ASP C 293 63.46 -51.02 61.92
C ASP C 293 64.81 -51.21 62.60
N LYS C 294 65.88 -50.83 61.89
CA LYS C 294 67.22 -50.91 62.44
C LYS C 294 67.44 -49.88 63.54
N LYS C 295 66.66 -48.81 63.57
CA LYS C 295 66.77 -47.78 64.59
C LYS C 295 65.85 -48.01 65.77
N LEU C 296 65.08 -49.09 65.75
CA LEU C 296 63.95 -49.25 66.65
C LEU C 296 64.36 -49.68 68.06
N GLU C 297 65.51 -50.34 68.20
CA GLU C 297 65.95 -50.84 69.50
C GLU C 297 66.53 -49.75 70.38
N GLU C 298 66.59 -48.50 69.91
CA GLU C 298 66.97 -47.38 70.77
C GLU C 298 65.96 -47.14 71.88
N ILE C 299 64.72 -47.58 71.69
CA ILE C 299 63.73 -47.57 72.76
C ILE C 299 63.53 -49.03 73.17
N PRO C 300 64.09 -49.45 74.31
CA PRO C 300 63.91 -50.84 74.75
C PRO C 300 62.50 -51.17 75.20
N LYS C 301 61.68 -50.16 75.48
CA LYS C 301 60.28 -50.39 75.83
C LYS C 301 59.41 -50.68 74.63
N TYR C 302 59.97 -50.74 73.42
CA TYR C 302 59.24 -51.23 72.26
C TYR C 302 58.88 -52.70 72.40
N LYS C 303 59.75 -53.49 73.02
CA LYS C 303 59.45 -54.90 73.23
C LYS C 303 58.29 -55.07 74.22
N ASP C 304 58.25 -54.20 75.23
CA ASP C 304 57.06 -54.12 76.07
C ASP C 304 55.88 -53.59 75.27
N LEU C 305 56.13 -52.68 74.34
CA LEU C 305 55.08 -52.19 73.46
C LEU C 305 54.70 -53.23 72.41
N LEU C 306 55.57 -54.19 72.15
CA LEU C 306 55.28 -55.29 71.23
C LEU C 306 54.28 -56.28 71.83
N LYS C 307 54.09 -56.25 73.15
CA LYS C 307 53.20 -57.18 73.83
C LYS C 307 51.75 -57.02 73.40
N LEU C 308 51.35 -55.80 73.04
CA LEU C 308 50.00 -55.56 72.58
C LEU C 308 49.76 -56.03 71.15
N PHE C 309 50.79 -56.46 70.43
CA PHE C 309 50.65 -56.66 68.98
C PHE C 309 49.85 -57.90 68.64
N THR C 310 50.30 -59.07 69.07
CA THR C 310 49.73 -60.34 68.63
C THR C 310 49.22 -61.17 69.80
N THR C 311 47.96 -61.65 69.66
CA THR C 311 47.33 -62.69 70.48
C THR C 311 47.37 -62.39 71.99
N MET C 312 47.42 -61.09 72.32
CA MET C 312 47.22 -60.48 73.63
C MET C 312 48.35 -60.73 74.64
N GLU C 313 49.19 -61.74 74.38
CA GLU C 313 50.27 -62.23 75.26
C GLU C 313 49.85 -62.19 76.73
N LEU C 314 48.77 -62.94 77.02
CA LEU C 314 47.55 -62.44 77.68
C LEU C 314 47.78 -61.33 78.70
N MET C 315 47.14 -60.18 78.45
CA MET C 315 47.52 -58.91 79.05
C MET C 315 46.45 -58.40 79.98
N ARG C 316 46.79 -57.34 80.70
CA ARG C 316 45.87 -56.69 81.60
C ARG C 316 46.23 -55.22 81.69
N TRP C 317 45.21 -54.36 81.71
CA TRP C 317 45.44 -52.93 81.76
C TRP C 317 46.06 -52.51 83.09
N SER C 318 45.73 -53.21 84.17
CA SER C 318 46.35 -52.89 85.46
C SER C 318 47.82 -53.29 85.46
N THR C 319 48.17 -54.39 84.80
CA THR C 319 49.58 -54.74 84.63
C THR C 319 50.26 -53.80 83.65
N LEU C 320 49.49 -53.20 82.74
CA LEU C 320 50.06 -52.24 81.80
C LEU C 320 50.46 -50.95 82.50
N VAL C 321 49.61 -50.45 83.40
CA VAL C 321 49.90 -49.21 84.11
C VAL C 321 51.08 -49.39 85.05
N GLU C 322 51.19 -50.56 85.67
CA GLU C 322 52.33 -50.87 86.53
C GLU C 322 53.63 -50.98 85.76
N ASP C 323 53.58 -51.21 84.45
CA ASP C 323 54.77 -51.24 83.62
C ASP C 323 55.02 -49.92 82.90
N TYR C 324 54.02 -49.06 82.80
CA TYR C 324 54.11 -47.84 82.01
C TYR C 324 53.85 -46.57 82.81
N GLY C 325 53.84 -46.65 84.15
CA GLY C 325 53.53 -45.49 84.96
C GLY C 325 54.59 -44.40 84.93
N MET C 326 55.78 -44.71 84.42
CA MET C 326 56.85 -43.75 84.34
C MET C 326 57.21 -43.33 82.93
N GLU C 327 56.69 -44.00 81.90
CA GLU C 327 56.93 -43.51 80.55
C GLU C 327 56.09 -42.28 80.25
N LEU C 328 55.02 -42.05 81.01
CA LEU C 328 54.30 -40.80 80.95
C LEU C 328 55.15 -39.65 81.46
N ARG C 329 55.67 -39.80 82.67
CA ARG C 329 56.22 -38.70 83.44
C ARG C 329 57.75 -38.67 83.46
N LYS C 330 58.39 -39.81 83.64
CA LYS C 330 59.84 -39.87 83.71
C LYS C 330 60.41 -40.12 82.33
N GLY C 331 61.69 -40.45 82.26
CA GLY C 331 62.35 -40.77 81.02
C GLY C 331 63.43 -39.74 80.69
N SER C 332 63.92 -39.84 79.46
CA SER C 332 64.91 -38.90 78.97
C SER C 332 64.39 -38.01 77.86
N LEU C 333 63.43 -38.50 77.07
CA LEU C 333 62.81 -37.66 76.03
C LEU C 333 61.47 -37.11 76.52
N GLU C 334 60.55 -37.99 76.92
CA GLU C 334 59.36 -37.72 77.74
C GLU C 334 58.28 -36.90 77.03
N SER C 335 58.59 -36.32 75.87
CA SER C 335 57.72 -35.32 75.25
C SER C 335 56.47 -35.82 74.51
N PRO C 336 56.44 -36.95 73.79
CA PRO C 336 55.15 -37.35 73.22
C PRO C 336 54.15 -37.84 74.24
N ALA C 337 54.60 -38.57 75.27
CA ALA C 337 53.66 -39.20 76.21
C ALA C 337 52.96 -38.17 77.09
N THR C 338 53.63 -37.05 77.40
CA THR C 338 52.96 -35.95 78.07
C THR C 338 51.95 -35.30 77.14
N ASP C 339 52.27 -35.22 75.85
CA ASP C 339 51.24 -34.83 74.88
C ASP C 339 50.18 -35.91 74.74
N VAL C 340 50.52 -37.17 74.99
CA VAL C 340 49.51 -38.22 74.96
C VAL C 340 48.70 -38.23 76.25
N PHE C 341 49.36 -38.25 77.41
CA PHE C 341 48.64 -38.37 78.67
C PHE C 341 48.76 -37.21 79.64
N GLY C 342 49.83 -36.43 79.58
CA GLY C 342 50.08 -35.45 80.62
C GLY C 342 49.19 -34.22 80.57
N SER C 343 48.96 -33.68 79.37
CA SER C 343 47.99 -32.62 79.20
C SER C 343 46.61 -33.16 79.50
N THR C 344 45.82 -32.38 80.26
CA THR C 344 44.64 -32.92 80.93
C THR C 344 43.53 -33.31 79.96
N GLU C 345 43.09 -32.34 79.14
CA GLU C 345 41.97 -32.61 78.24
C GLU C 345 42.38 -33.52 77.07
N GLU C 346 43.66 -33.50 76.68
CA GLU C 346 44.12 -34.42 75.66
C GLU C 346 44.40 -35.79 76.25
N GLY C 347 44.89 -35.82 77.50
CA GLY C 347 45.14 -37.11 78.14
C GLY C 347 43.87 -37.85 78.48
N GLU C 348 42.86 -37.13 78.98
CA GLU C 348 41.63 -37.77 79.40
C GLU C 348 40.87 -38.38 78.22
N LYS C 349 41.00 -37.77 77.04
CA LYS C 349 40.56 -38.44 75.83
C LYS C 349 41.45 -39.65 75.53
N ARG C 350 42.75 -39.52 75.74
CA ARG C 350 43.66 -40.60 75.39
C ARG C 350 43.85 -41.61 76.52
N TRP C 351 43.47 -41.28 77.76
CA TRP C 351 43.31 -42.31 78.79
C TRP C 351 42.22 -43.28 78.39
N LYS C 352 41.02 -42.77 78.16
CA LYS C 352 39.86 -43.60 77.88
C LYS C 352 39.95 -44.28 76.52
N ASP C 353 40.68 -43.66 75.59
CA ASP C 353 40.86 -44.33 74.31
C ASP C 353 41.84 -45.48 74.43
N LEU C 354 42.82 -45.36 75.32
CA LEU C 354 43.69 -46.50 75.61
C LEU C 354 42.91 -47.60 76.30
N LYS C 355 41.98 -47.23 77.18
CA LYS C 355 41.00 -48.17 77.70
C LYS C 355 40.17 -48.77 76.59
N ASN C 356 39.79 -47.96 75.60
CA ASN C 356 38.98 -48.44 74.50
C ASN C 356 39.77 -49.41 73.63
N ARG C 357 41.05 -49.14 73.40
CA ARG C 357 41.81 -50.00 72.51
C ARG C 357 42.23 -51.31 73.17
N VAL C 358 42.40 -51.34 74.48
CA VAL C 358 42.77 -52.61 75.09
C VAL C 358 41.55 -53.51 75.23
N VAL C 359 40.36 -52.95 75.40
CA VAL C 359 39.19 -53.82 75.48
C VAL C 359 38.77 -54.23 74.08
N GLU C 360 39.05 -53.40 73.07
CA GLU C 360 38.87 -53.81 71.68
C GLU C 360 39.88 -54.89 71.31
N HIS C 361 41.03 -54.90 72.00
CA HIS C 361 42.05 -55.89 71.69
C HIS C 361 41.63 -57.28 72.14
N ASN C 362 40.97 -57.37 73.29
CA ASN C 362 40.75 -58.69 73.87
C ASN C 362 39.56 -59.39 73.22
N ILE C 363 38.54 -58.63 72.84
CA ILE C 363 37.33 -59.20 72.24
C ILE C 363 37.63 -59.86 70.91
N ARG C 364 38.62 -59.33 70.18
CA ARG C 364 39.01 -59.92 68.89
C ARG C 364 39.55 -61.34 69.06
N ILE C 365 40.46 -61.56 70.00
CA ILE C 365 40.95 -62.92 70.17
C ILE C 365 39.96 -63.79 70.92
N MET C 366 38.99 -63.20 71.61
CA MET C 366 37.91 -64.01 72.18
C MET C 366 37.05 -64.60 71.07
N ALA C 367 36.75 -63.80 70.05
CA ALA C 367 36.05 -64.31 68.88
C ALA C 367 36.88 -65.32 68.10
N LYS C 368 38.20 -65.29 68.24
CA LYS C 368 39.04 -66.27 67.55
C LYS C 368 38.94 -67.64 68.21
N TYR C 369 38.99 -67.68 69.55
CA TYR C 369 39.26 -68.92 70.25
C TYR C 369 38.17 -69.29 71.27
N TYR C 370 36.92 -68.99 70.95
CA TYR C 370 35.82 -69.44 71.81
C TYR C 370 34.62 -69.83 70.96
N THR C 371 34.21 -71.08 71.10
CA THR C 371 32.87 -71.49 70.65
C THR C 371 31.82 -70.68 71.39
N ARG C 372 31.82 -70.75 72.72
CA ARG C 372 30.95 -69.96 73.55
C ARG C 372 31.77 -69.39 74.70
N ILE C 373 31.18 -68.42 75.38
CA ILE C 373 31.77 -67.86 76.60
C ILE C 373 30.63 -67.43 77.51
N THR C 374 30.77 -67.71 78.80
CA THR C 374 29.74 -67.33 79.74
C THR C 374 29.81 -65.83 80.02
N MET C 375 28.73 -65.32 80.63
CA MET C 375 28.68 -63.91 80.95
C MET C 375 29.63 -63.55 82.08
N LYS C 376 29.77 -64.45 83.06
CA LYS C 376 30.57 -64.15 84.24
C LYS C 376 32.07 -64.16 83.93
N ARG C 377 32.50 -65.06 83.04
CA ARG C 377 33.92 -65.17 82.75
C ARG C 377 34.41 -63.99 81.92
N MET C 378 33.58 -63.45 81.05
CA MET C 378 33.97 -62.27 80.29
C MET C 378 34.15 -61.06 81.19
N ALA C 379 33.28 -60.91 82.19
CA ALA C 379 33.36 -59.78 83.10
C ALA C 379 34.59 -59.84 83.99
N GLN C 380 35.07 -61.04 84.30
CA GLN C 380 36.25 -61.17 85.12
C GLN C 380 37.54 -61.26 84.31
N LEU C 381 37.44 -61.52 83.01
CA LEU C 381 38.59 -61.45 82.13
C LEU C 381 38.73 -60.11 81.44
N LEU C 382 37.76 -59.22 81.60
CA LEU C 382 37.91 -57.82 81.26
C LEU C 382 38.02 -56.92 82.48
N ASP C 383 37.74 -57.47 83.67
CA ASP C 383 37.82 -56.78 84.97
C ASP C 383 36.95 -55.53 85.00
N LEU C 384 35.66 -55.77 84.76
CA LEU C 384 34.65 -54.73 84.77
C LEU C 384 33.29 -55.39 84.94
N SER C 385 32.27 -54.58 85.15
CA SER C 385 30.95 -55.09 85.51
C SER C 385 30.29 -55.78 84.32
N VAL C 386 29.21 -56.52 84.64
CA VAL C 386 28.43 -57.16 83.60
C VAL C 386 27.61 -56.15 82.82
N ASP C 387 27.37 -54.96 83.38
CA ASP C 387 26.67 -53.92 82.64
C ASP C 387 27.59 -53.32 81.59
N GLU C 388 28.82 -52.97 81.99
CA GLU C 388 29.77 -52.37 81.08
C GLU C 388 30.26 -53.36 80.03
N SER C 389 30.17 -54.65 80.31
CA SER C 389 30.43 -55.65 79.28
C SER C 389 29.37 -55.61 78.18
N GLU C 390 28.12 -55.37 78.56
CA GLU C 390 27.05 -55.31 77.57
C GLU C 390 27.16 -54.07 76.69
N ALA C 391 27.68 -52.97 77.23
CA ALA C 391 27.86 -51.76 76.43
C ALA C 391 28.99 -51.93 75.44
N PHE C 392 30.06 -52.66 75.81
CA PHE C 392 31.19 -52.86 74.91
C PHE C 392 30.85 -53.78 73.76
N LEU C 393 30.01 -54.78 73.99
CA LEU C 393 29.63 -55.64 72.89
C LEU C 393 28.52 -55.02 72.04
N SER C 394 27.81 -54.02 72.57
CA SER C 394 26.76 -53.38 71.79
C SER C 394 27.35 -52.44 70.74
N ASN C 395 28.26 -51.56 71.16
CA ASN C 395 28.79 -50.59 70.21
C ASN C 395 29.86 -51.17 69.28
N LEU C 396 30.24 -52.44 69.46
CA LEU C 396 31.09 -53.11 68.50
C LEU C 396 30.32 -54.01 67.56
N VAL C 397 29.03 -54.24 67.83
CA VAL C 397 28.21 -55.01 66.91
C VAL C 397 27.30 -54.10 66.08
N VAL C 398 27.06 -52.87 66.53
CA VAL C 398 26.49 -51.88 65.63
C VAL C 398 27.58 -51.30 64.75
N ASN C 399 28.84 -51.44 65.16
CA ASN C 399 29.98 -51.26 64.28
C ASN C 399 30.12 -52.46 63.35
N LYS C 400 29.53 -53.59 63.73
CA LYS C 400 29.64 -54.94 63.16
C LYS C 400 31.06 -55.32 62.73
N THR C 401 32.03 -54.88 63.53
CA THR C 401 33.41 -55.36 63.39
C THR C 401 33.66 -56.62 64.20
N ILE C 402 32.80 -56.90 65.18
CA ILE C 402 32.74 -58.20 65.83
C ILE C 402 31.27 -58.58 65.91
N PHE C 403 30.91 -59.70 65.29
CA PHE C 403 29.55 -60.22 65.40
C PHE C 403 29.44 -61.08 66.66
N ALA C 404 28.33 -60.92 67.36
CA ALA C 404 28.10 -61.63 68.61
C ALA C 404 26.61 -61.76 68.82
N LYS C 405 26.23 -62.38 69.93
CA LYS C 405 24.83 -62.67 70.19
C LYS C 405 24.66 -62.84 71.70
N VAL C 406 24.22 -61.79 72.39
CA VAL C 406 24.27 -61.76 73.86
C VAL C 406 22.94 -62.31 74.37
N ASP C 407 22.86 -63.65 74.39
CA ASP C 407 21.74 -64.34 75.00
C ASP C 407 21.84 -64.19 76.52
N ARG C 408 20.95 -63.39 77.11
CA ARG C 408 21.15 -62.97 78.49
C ARG C 408 20.08 -63.42 79.47
N LEU C 409 19.13 -64.28 79.09
CA LEU C 409 18.39 -64.96 80.15
C LEU C 409 19.17 -66.13 80.70
N ALA C 410 20.20 -66.58 79.98
CA ALA C 410 21.14 -67.57 80.48
C ALA C 410 22.53 -67.01 80.70
N GLY C 411 22.90 -65.92 80.02
CA GLY C 411 24.24 -65.38 80.08
C GLY C 411 25.21 -66.01 79.12
N ILE C 412 24.92 -67.21 78.63
CA ILE C 412 25.82 -67.90 77.70
C ILE C 412 25.66 -67.26 76.33
N ILE C 413 26.74 -66.69 75.82
CA ILE C 413 26.74 -66.07 74.51
C ILE C 413 27.65 -66.89 73.61
N ASN C 414 27.53 -66.68 72.31
CA ASN C 414 28.36 -67.40 71.36
C ASN C 414 29.05 -66.43 70.42
N PHE C 415 30.19 -66.88 69.90
CA PHE C 415 30.96 -66.13 68.93
C PHE C 415 30.95 -66.79 67.56
N GLN C 416 30.27 -67.91 67.41
CA GLN C 416 30.23 -68.60 66.16
C GLN C 416 29.15 -68.02 65.26
N ARG C 417 28.96 -68.65 64.11
CA ARG C 417 28.01 -68.23 63.11
C ARG C 417 27.07 -69.37 62.82
N PRO C 418 25.76 -69.11 62.69
CA PRO C 418 24.84 -70.15 62.25
C PRO C 418 25.13 -70.59 60.83
N LYS C 419 25.31 -71.90 60.66
CA LYS C 419 25.72 -72.47 59.40
C LYS C 419 24.53 -73.04 58.64
N ASP C 420 24.76 -73.29 57.38
CA ASP C 420 23.86 -73.80 56.38
C ASP C 420 24.32 -75.18 55.94
N PRO C 421 23.39 -76.12 55.69
CA PRO C 421 23.78 -77.32 54.92
C PRO C 421 24.27 -77.04 53.52
N ASN C 422 23.99 -75.86 52.95
CA ASN C 422 24.72 -75.43 51.77
C ASN C 422 26.17 -75.12 52.11
N ASN C 423 26.42 -74.65 53.33
CA ASN C 423 27.77 -74.30 53.79
C ASN C 423 28.48 -75.46 54.46
N LEU C 424 27.77 -76.24 55.27
CA LEU C 424 28.39 -77.34 56.00
C LEU C 424 28.82 -78.45 55.06
N LEU C 425 28.00 -78.76 54.07
CA LEU C 425 28.37 -79.76 53.08
C LEU C 425 29.45 -79.24 52.14
N ASN C 426 29.53 -77.92 51.99
CA ASN C 426 30.61 -77.33 51.21
C ASN C 426 31.94 -77.47 51.93
N ASP C 427 31.96 -77.24 53.24
CA ASP C 427 33.20 -77.35 54.00
C ASP C 427 33.64 -78.80 54.14
N TRP C 428 32.69 -79.74 54.09
CA TRP C 428 33.04 -81.15 54.09
C TRP C 428 33.75 -81.53 52.79
N SER C 429 33.22 -81.07 51.66
CA SER C 429 33.85 -81.34 50.38
C SER C 429 35.14 -80.53 50.20
N GLN C 430 35.28 -79.42 50.92
CA GLN C 430 36.47 -78.59 50.77
C GLN C 430 37.69 -79.25 51.38
N LYS C 431 37.55 -79.83 52.57
CA LYS C 431 38.61 -80.64 53.15
C LYS C 431 38.81 -81.91 52.34
N LEU C 432 37.74 -82.43 51.74
CA LEU C 432 37.83 -83.67 51.00
C LEU C 432 38.57 -83.47 49.68
N ASN C 433 38.37 -82.34 49.03
CA ASN C 433 39.02 -82.12 47.75
C ASN C 433 40.46 -81.67 47.96
N SER C 434 40.65 -80.62 48.76
CA SER C 434 41.93 -79.93 48.80
C SER C 434 42.99 -80.70 49.56
N LEU C 435 42.60 -81.44 50.58
CA LEU C 435 43.59 -81.94 51.52
C LEU C 435 43.36 -83.42 51.79
N MET C 436 42.79 -84.12 50.83
CA MET C 436 42.72 -85.58 50.90
C MET C 436 43.19 -86.17 49.59
N SER C 437 43.01 -85.43 48.50
CA SER C 437 43.43 -85.88 47.18
C SER C 437 44.70 -85.20 46.70
N LEU C 438 44.89 -83.92 47.02
CA LEU C 438 46.08 -83.22 46.57
C LEU C 438 47.30 -83.62 47.40
N VAL C 439 47.10 -83.81 48.71
CA VAL C 439 48.22 -84.25 49.53
C VAL C 439 48.51 -85.74 49.26
N ASN C 440 47.52 -86.49 48.80
CA ASN C 440 47.74 -87.87 48.39
C ASN C 440 48.61 -87.93 47.15
N LYS C 441 48.41 -86.99 46.23
CA LYS C 441 49.29 -86.85 45.07
C LYS C 441 50.69 -86.45 45.49
N THR C 442 50.81 -85.67 46.57
CA THR C 442 52.10 -85.16 46.98
C THR C 442 52.98 -86.28 47.55
N THR C 443 52.43 -87.07 48.48
CA THR C 443 53.20 -88.09 49.19
C THR C 443 53.75 -89.17 48.26
N HIS C 444 53.06 -89.44 47.15
CA HIS C 444 53.53 -90.47 46.24
C HIS C 444 54.78 -90.04 45.47
N LEU C 445 54.91 -88.75 45.16
CA LEU C 445 56.06 -88.32 44.37
C LEU C 445 57.32 -88.27 45.21
N ILE C 446 57.23 -87.86 46.47
CA ILE C 446 58.42 -87.92 47.32
C ILE C 446 58.75 -89.37 47.65
N ALA C 447 57.74 -90.24 47.72
CA ALA C 447 58.02 -91.67 47.88
C ALA C 447 58.68 -92.25 46.65
N LYS C 448 58.44 -91.67 45.48
CA LYS C 448 59.18 -92.06 44.29
C LYS C 448 60.63 -91.60 44.37
N GLU C 449 60.86 -90.44 44.98
CA GLU C 449 62.20 -89.87 45.10
C GLU C 449 63.10 -90.68 46.03
N GLU C 450 62.52 -91.37 47.01
CA GLU C 450 63.34 -92.14 47.94
C GLU C 450 63.88 -93.43 47.33
N MET C 451 63.31 -93.89 46.22
CA MET C 451 63.94 -94.98 45.47
C MET C 451 65.26 -94.53 44.87
N ILE C 452 65.33 -93.28 44.40
CA ILE C 452 66.48 -92.80 43.65
C ILE C 452 67.69 -92.62 44.57
N HIS C 453 67.45 -92.09 45.77
CA HIS C 453 68.53 -91.85 46.71
C HIS C 453 69.05 -93.13 47.34
N ASN C 454 68.25 -94.20 47.37
CA ASN C 454 68.56 -95.33 48.23
C ASN C 454 68.83 -96.64 47.51
N LEU C 455 68.17 -96.91 46.38
CA LEU C 455 68.54 -98.06 45.57
C LEU C 455 68.84 -97.59 44.14
N GLN C 456 70.08 -97.75 43.70
CA GLN C 456 71.16 -98.36 44.48
C GLN C 456 71.99 -97.32 45.20
N VAL D 43 3.00 25.65 52.95
CA VAL D 43 1.89 24.93 52.35
C VAL D 43 2.28 23.49 52.09
N GLN D 44 3.24 23.30 51.19
CA GLN D 44 3.69 21.97 50.83
C GLN D 44 4.70 21.41 51.83
N VAL D 45 5.50 22.30 52.45
CA VAL D 45 6.60 21.87 53.29
C VAL D 45 6.12 21.24 54.58
N LYS D 46 4.91 21.60 55.03
CA LYS D 46 4.33 20.89 56.16
C LYS D 46 3.74 19.55 55.71
N GLU D 47 3.07 19.54 54.55
CA GLU D 47 2.36 18.35 54.10
C GLU D 47 3.30 17.23 53.69
N GLN D 48 4.53 17.57 53.29
CA GLN D 48 5.55 16.54 53.11
C GLN D 48 6.21 16.15 54.42
N SER D 49 6.07 16.98 55.46
CA SER D 49 6.67 16.66 56.74
C SER D 49 5.86 15.65 57.53
N ILE D 50 4.56 15.52 57.27
CA ILE D 50 3.81 14.39 57.80
C ILE D 50 4.38 13.09 57.25
N LEU D 51 4.74 13.09 55.96
CA LEU D 51 5.47 11.96 55.39
C LEU D 51 6.86 11.83 55.98
N GLU D 52 7.48 12.95 56.37
CA GLU D 52 8.80 12.88 56.98
C GLU D 52 8.71 12.42 58.43
N LEU D 53 7.82 13.04 59.21
CA LEU D 53 7.66 12.62 60.60
C LEU D 53 7.04 11.23 60.71
N GLY D 54 6.21 10.85 59.74
CA GLY D 54 5.76 9.47 59.66
C GLY D 54 6.89 8.50 59.32
N SER D 55 7.88 8.96 58.57
CA SER D 55 9.04 8.13 58.28
C SER D 55 9.95 8.01 59.49
N LEU D 56 10.02 9.05 60.33
CA LEU D 56 10.83 8.97 61.54
C LEU D 56 10.24 7.99 62.54
N LEU D 57 8.91 8.00 62.70
CA LEU D 57 8.24 7.08 63.61
C LEU D 57 8.30 5.64 63.11
N ALA D 58 8.52 5.44 61.81
CA ALA D 58 8.61 4.10 61.25
C ALA D 58 10.02 3.53 61.29
N LYS D 59 11.05 4.38 61.22
CA LYS D 59 12.42 3.89 61.33
C LYS D 59 12.83 3.62 62.77
N THR D 60 12.40 4.47 63.70
CA THR D 60 12.79 4.32 65.10
C THR D 60 12.04 3.21 65.82
N GLY D 61 10.92 2.74 65.26
CA GLY D 61 10.32 1.52 65.74
C GLY D 61 9.21 1.64 66.77
N GLN D 62 8.21 2.47 66.49
CA GLN D 62 7.08 2.61 67.39
C GLN D 62 5.81 2.87 66.60
N ALA D 63 4.67 2.57 67.21
CA ALA D 63 3.39 2.54 66.52
C ALA D 63 2.34 3.45 67.13
N ALA D 64 2.24 3.52 68.46
CA ALA D 64 1.24 4.38 69.08
C ALA D 64 1.58 5.86 68.90
N GLU D 65 2.87 6.18 68.85
CA GLU D 65 3.28 7.52 68.45
C GLU D 65 2.90 7.80 67.00
N LEU D 66 2.91 6.76 66.16
CA LEU D 66 2.46 6.91 64.78
C LEU D 66 0.94 6.90 64.68
N GLY D 67 0.27 6.10 65.51
CA GLY D 67 -1.19 6.04 65.49
C GLY D 67 -1.85 7.32 65.94
N GLY D 68 -1.17 8.09 66.81
CA GLY D 68 -1.66 9.41 67.15
C GLY D 68 -1.43 10.42 66.04
N LEU D 69 -0.44 10.17 65.18
CA LEU D 69 -0.17 11.07 64.07
C LEU D 69 -1.23 10.94 62.98
N LEU D 70 -1.71 9.71 62.74
CA LEU D 70 -2.72 9.50 61.71
C LEU D 70 -4.04 10.15 62.08
N LYS D 71 -4.45 10.06 63.34
CA LYS D 71 -5.68 10.72 63.76
C LYS D 71 -5.51 12.23 63.88
N TYR D 72 -4.27 12.71 63.93
CA TYR D 72 -4.03 14.15 64.06
C TYR D 72 -4.34 14.90 62.79
N VAL D 73 -4.25 14.25 61.63
CA VAL D 73 -4.30 14.94 60.35
C VAL D 73 -5.56 14.56 59.57
N ARG D 74 -6.55 13.97 60.21
CA ARG D 74 -7.77 13.57 59.52
C ARG D 74 -8.65 14.75 59.06
N PRO D 75 -8.77 15.86 59.80
CA PRO D 75 -9.36 17.06 59.17
C PRO D 75 -8.37 17.87 58.36
N PHE D 76 -7.07 17.62 58.49
CA PHE D 76 -6.06 18.35 57.74
C PHE D 76 -6.05 17.95 56.27
N LEU D 77 -6.65 16.82 55.93
CA LEU D 77 -6.63 16.31 54.56
C LEU D 77 -7.37 17.22 53.61
N ASN D 78 -8.45 17.86 54.07
CA ASN D 78 -9.37 18.55 53.16
C ASN D 78 -8.84 19.96 52.83
N SER D 79 -7.66 20.00 52.22
CA SER D 79 -7.14 21.24 51.67
C SER D 79 -6.40 21.06 50.36
N ILE D 80 -6.19 19.84 49.87
CA ILE D 80 -5.33 19.59 48.73
C ILE D 80 -5.94 18.59 47.75
N SER D 81 -5.17 18.22 46.73
CA SER D 81 -5.65 17.38 45.65
C SER D 81 -5.88 15.94 46.11
N LYS D 82 -6.78 15.26 45.41
CA LYS D 82 -7.09 13.87 45.74
C LYS D 82 -5.93 12.94 45.41
N ALA D 83 -5.10 13.32 44.44
CA ALA D 83 -3.91 12.53 44.12
C ALA D 83 -2.91 12.57 45.26
N LYS D 84 -2.68 13.76 45.83
CA LYS D 84 -1.82 13.84 47.00
C LYS D 84 -2.52 13.28 48.22
N ALA D 85 -3.84 13.36 48.27
CA ALA D 85 -4.59 12.68 49.32
C ALA D 85 -4.51 11.18 49.18
N ALA D 86 -4.37 10.68 47.95
CA ALA D 86 -4.14 9.26 47.75
C ALA D 86 -2.77 8.85 48.29
N ARG D 87 -1.72 9.56 47.86
CA ARG D 87 -0.35 9.21 48.21
C ARG D 87 -0.09 9.38 49.71
N LEU D 88 -0.84 10.25 50.37
CA LEU D 88 -0.70 10.41 51.82
C LEU D 88 -1.31 9.25 52.58
N VAL D 89 -2.53 8.83 52.19
CA VAL D 89 -3.24 7.80 52.94
C VAL D 89 -2.62 6.43 52.68
N ARG D 90 -2.14 6.20 51.44
CA ARG D 90 -1.45 4.94 51.15
C ARG D 90 -0.13 4.85 51.89
N SER D 91 0.55 5.98 52.11
CA SER D 91 1.85 5.92 52.77
C SER D 91 1.69 5.67 54.26
N LEU D 92 0.83 6.46 54.93
CA LEU D 92 0.78 6.43 56.38
C LEU D 92 0.11 5.17 56.90
N LEU D 93 -0.76 4.55 56.12
CA LEU D 93 -1.38 3.32 56.59
C LEU D 93 -0.44 2.13 56.40
N ASP D 94 0.34 2.12 55.32
CA ASP D 94 1.22 1.00 55.06
C ASP D 94 2.44 1.01 55.97
N LEU D 95 2.94 2.20 56.32
CA LEU D 95 3.99 2.31 57.32
C LEU D 95 3.50 1.93 58.72
N PHE D 96 2.19 1.98 58.95
CA PHE D 96 1.63 1.67 60.26
C PHE D 96 1.30 0.20 60.43
N LEU D 97 0.91 -0.48 59.37
CA LEU D 97 0.46 -1.87 59.49
C LEU D 97 1.60 -2.87 59.37
N ASP D 98 2.65 -2.55 58.63
CA ASP D 98 3.69 -3.52 58.34
C ASP D 98 4.65 -3.74 59.49
N MET D 99 4.59 -2.94 60.55
CA MET D 99 5.59 -2.99 61.60
C MET D 99 5.18 -3.88 62.78
N GLU D 100 4.10 -3.51 63.45
CA GLU D 100 3.80 -4.00 64.78
C GLU D 100 2.53 -4.86 64.74
N ALA D 101 2.50 -5.90 65.59
CA ALA D 101 1.30 -6.69 65.79
C ALA D 101 0.55 -6.24 67.04
N ALA D 102 0.16 -4.98 67.06
CA ALA D 102 -0.66 -4.42 68.13
C ALA D 102 -2.03 -4.09 67.56
N THR D 103 -3.04 -4.85 67.96
CA THR D 103 -4.38 -4.75 67.39
C THR D 103 -5.23 -3.67 68.04
N GLY D 104 -4.66 -2.85 68.93
CA GLY D 104 -5.44 -1.85 69.62
C GLY D 104 -5.86 -0.68 68.77
N GLN D 105 -5.24 -0.48 67.61
CA GLN D 105 -5.58 0.64 66.74
C GLN D 105 -5.78 0.20 65.31
N GLU D 106 -5.20 -0.95 64.95
CA GLU D 106 -5.05 -1.28 63.53
C GLU D 106 -6.38 -1.69 62.90
N VAL D 107 -7.21 -2.44 63.62
CA VAL D 107 -8.53 -2.77 63.07
C VAL D 107 -9.44 -1.55 63.12
N GLU D 108 -9.11 -0.56 63.93
CA GLU D 108 -9.96 0.63 64.03
C GLU D 108 -9.56 1.66 62.97
N LEU D 109 -8.26 1.95 62.84
CA LEU D 109 -7.81 2.97 61.90
C LEU D 109 -7.97 2.57 60.44
N CYS D 110 -8.03 1.27 60.15
CA CYS D 110 -8.30 0.86 58.78
C CYS D 110 -9.76 1.05 58.42
N LEU D 111 -10.67 0.75 59.35
CA LEU D 111 -12.08 0.97 59.12
C LEU D 111 -12.44 2.46 59.11
N GLU D 112 -11.57 3.30 59.67
CA GLU D 112 -11.68 4.74 59.48
C GLU D 112 -11.51 5.10 58.00
N CYS D 113 -10.43 4.60 57.39
CA CYS D 113 -10.07 5.01 56.04
C CYS D 113 -11.01 4.42 55.00
N ILE D 114 -11.56 3.23 55.27
CA ILE D 114 -12.50 2.62 54.33
C ILE D 114 -13.81 3.39 54.30
N GLU D 115 -14.29 3.82 55.46
CA GLU D 115 -15.50 4.63 55.49
C GLU D 115 -15.27 6.03 54.97
N TRP D 116 -14.03 6.53 55.04
CA TRP D 116 -13.72 7.77 54.33
C TRP D 116 -13.68 7.52 52.83
N ALA D 117 -13.23 6.34 52.40
CA ALA D 117 -13.28 5.99 50.99
C ALA D 117 -14.71 5.84 50.50
N LYS D 118 -15.63 5.48 51.39
CA LYS D 118 -17.04 5.57 51.06
C LYS D 118 -17.47 7.02 50.86
N SER D 119 -16.97 7.91 51.73
CA SER D 119 -17.30 9.32 51.64
C SER D 119 -16.65 10.00 50.44
N GLU D 120 -15.51 9.50 49.98
CA GLU D 120 -14.80 10.08 48.86
C GLU D 120 -15.13 9.39 47.54
N LYS D 121 -15.62 8.15 47.60
CA LYS D 121 -16.09 7.36 46.46
C LYS D 121 -14.98 7.15 45.42
N ARG D 122 -13.97 6.38 45.83
CA ARG D 122 -13.00 5.81 44.92
C ARG D 122 -13.11 4.30 44.97
N THR D 123 -13.22 3.69 43.79
CA THR D 123 -13.36 2.24 43.71
C THR D 123 -12.06 1.54 44.07
N PHE D 124 -10.94 1.96 43.47
CA PHE D 124 -9.67 1.28 43.67
C PHE D 124 -9.12 1.48 45.07
N LEU D 125 -9.50 2.58 45.73
CA LEU D 125 -9.00 2.84 47.08
C LEU D 125 -9.50 1.82 48.07
N ARG D 126 -10.82 1.58 48.08
CA ARG D 126 -11.38 0.67 49.05
C ARG D 126 -11.05 -0.78 48.73
N GLN D 127 -10.93 -1.13 47.45
CA GLN D 127 -10.64 -2.52 47.09
C GLN D 127 -9.20 -2.89 47.41
N ALA D 128 -8.30 -1.91 47.43
CA ALA D 128 -6.97 -2.16 47.94
C ALA D 128 -6.98 -2.33 49.46
N LEU D 129 -7.86 -1.60 50.13
CA LEU D 129 -7.87 -1.64 51.60
C LEU D 129 -8.69 -2.81 52.13
N GLU D 130 -9.68 -3.29 51.37
CA GLU D 130 -10.42 -4.48 51.79
C GLU D 130 -9.52 -5.71 51.76
N ALA D 131 -8.61 -5.79 50.80
CA ALA D 131 -7.67 -6.89 50.75
C ALA D 131 -6.62 -6.79 51.84
N ARG D 132 -6.29 -5.56 52.25
CA ARG D 132 -5.37 -5.39 53.37
C ARG D 132 -6.04 -5.74 54.68
N LEU D 133 -7.33 -5.38 54.80
CA LEU D 133 -8.07 -5.58 56.05
C LEU D 133 -8.27 -7.05 56.36
N VAL D 134 -8.54 -7.86 55.34
CA VAL D 134 -8.77 -9.28 55.56
C VAL D 134 -7.47 -9.99 55.90
N SER D 135 -6.33 -9.45 55.46
CA SER D 135 -5.04 -9.94 55.94
C SER D 135 -4.83 -9.59 57.39
N LEU D 136 -5.36 -8.46 57.84
CA LEU D 136 -5.34 -8.14 59.26
C LEU D 136 -6.33 -9.00 60.04
N TYR D 137 -7.40 -9.45 59.40
CA TYR D 137 -8.35 -10.35 60.06
C TYR D 137 -7.76 -11.73 60.25
N PHE D 138 -6.81 -12.14 59.42
CA PHE D 138 -6.16 -13.43 59.61
C PHE D 138 -5.25 -13.42 60.84
N ASP D 139 -4.70 -12.24 61.18
CA ASP D 139 -3.67 -12.15 62.20
C ASP D 139 -4.20 -12.43 63.60
N THR D 140 -5.51 -12.39 63.80
CA THR D 140 -6.12 -12.82 65.04
C THR D 140 -6.94 -14.09 64.86
N LYS D 141 -6.86 -14.72 63.69
CA LYS D 141 -7.58 -15.93 63.30
C LYS D 141 -9.09 -15.74 63.45
N ARG D 142 -9.60 -14.86 62.60
CA ARG D 142 -11.03 -14.57 62.57
C ARG D 142 -11.74 -15.60 61.70
N TYR D 143 -12.81 -16.16 62.24
CA TYR D 143 -13.32 -17.44 61.80
C TYR D 143 -14.29 -17.35 60.63
N GLN D 144 -15.00 -16.23 60.48
CA GLN D 144 -15.99 -16.13 59.43
C GLN D 144 -15.82 -14.89 58.56
N GLU D 145 -15.43 -13.76 59.15
CA GLU D 145 -15.26 -12.56 58.35
C GLU D 145 -14.01 -12.59 57.49
N ALA D 146 -13.04 -13.45 57.82
CA ALA D 146 -11.97 -13.72 56.86
C ALA D 146 -12.47 -14.63 55.75
N LEU D 147 -13.54 -15.39 55.99
CA LEU D 147 -14.20 -16.17 54.95
C LEU D 147 -15.29 -15.39 54.25
N HIS D 148 -15.64 -14.20 54.75
CA HIS D 148 -16.54 -13.30 54.05
C HIS D 148 -15.84 -12.49 52.98
N LEU D 149 -14.56 -12.76 52.73
CA LEU D 149 -13.86 -12.16 51.61
C LEU D 149 -14.45 -12.58 50.28
N GLY D 150 -14.84 -13.85 50.17
CA GLY D 150 -15.40 -14.40 48.95
C GLY D 150 -16.73 -13.82 48.57
N SER D 151 -17.65 -13.71 49.54
CA SER D 151 -18.97 -13.18 49.26
C SER D 151 -18.95 -11.67 49.03
N GLN D 152 -17.96 -10.96 49.56
CA GLN D 152 -17.93 -9.51 49.45
C GLN D 152 -16.99 -8.99 48.39
N LEU D 153 -15.84 -9.63 48.17
CA LEU D 153 -14.84 -9.10 47.26
C LEU D 153 -14.68 -9.89 45.97
N LEU D 154 -14.79 -11.22 46.03
CA LEU D 154 -14.63 -12.00 44.80
C LEU D 154 -15.78 -11.82 43.84
N ARG D 155 -16.94 -11.35 44.31
CA ARG D 155 -17.99 -10.91 43.39
C ARG D 155 -17.56 -9.66 42.62
N GLU D 156 -16.76 -8.80 43.26
CA GLU D 156 -16.27 -7.61 42.58
C GLU D 156 -15.09 -7.92 41.66
N LEU D 157 -14.20 -8.82 42.09
CA LEU D 157 -12.90 -8.93 41.47
C LEU D 157 -12.94 -9.65 40.14
N LYS D 158 -13.52 -10.86 40.09
CA LYS D 158 -13.59 -11.57 38.82
C LYS D 158 -14.64 -10.99 37.89
N LYS D 159 -15.55 -10.16 38.39
CA LYS D 159 -16.39 -9.36 37.51
C LYS D 159 -15.58 -8.30 36.78
N MET D 160 -14.54 -7.79 37.43
CA MET D 160 -13.63 -6.85 36.79
C MET D 160 -12.57 -7.62 36.00
N ASP D 161 -11.57 -6.89 35.51
CA ASP D 161 -10.55 -7.47 34.65
C ASP D 161 -9.27 -7.82 35.40
N ASP D 162 -9.17 -7.44 36.68
CA ASP D 162 -7.91 -7.34 37.40
C ASP D 162 -7.23 -8.71 37.54
N LYS D 163 -5.90 -8.67 37.64
CA LYS D 163 -5.10 -9.88 37.65
C LYS D 163 -4.17 -9.98 38.85
N ALA D 164 -3.56 -8.87 39.27
CA ALA D 164 -2.54 -8.92 40.31
C ALA D 164 -3.13 -9.11 41.70
N LEU D 165 -4.24 -8.43 41.98
CA LEU D 165 -4.87 -8.55 43.29
C LEU D 165 -5.60 -9.87 43.45
N LEU D 166 -6.04 -10.46 42.33
CA LEU D 166 -6.78 -11.72 42.38
C LEU D 166 -5.89 -12.89 42.75
N VAL D 167 -4.59 -12.78 42.48
CA VAL D 167 -3.65 -13.79 42.94
C VAL D 167 -3.51 -13.71 44.45
N GLU D 168 -3.60 -12.51 45.01
CA GLU D 168 -3.40 -12.33 46.45
C GLU D 168 -4.58 -12.87 47.24
N VAL D 169 -5.81 -12.58 46.82
CA VAL D 169 -6.96 -12.97 47.60
C VAL D 169 -7.24 -14.46 47.49
N GLN D 170 -6.85 -15.10 46.39
CA GLN D 170 -6.94 -16.56 46.34
C GLN D 170 -5.87 -17.20 47.18
N LEU D 171 -4.70 -16.57 47.28
CA LEU D 171 -3.64 -17.09 48.14
C LEU D 171 -4.00 -16.95 49.60
N LEU D 172 -4.66 -15.85 49.96
CA LEU D 172 -5.05 -15.66 51.35
C LEU D 172 -6.20 -16.58 51.75
N GLU D 173 -7.12 -16.86 50.82
CA GLU D 173 -8.16 -17.83 51.11
C GLU D 173 -7.64 -19.25 51.12
N SER D 174 -6.47 -19.51 50.51
CA SER D 174 -5.84 -20.81 50.68
C SER D 174 -5.30 -21.00 52.09
N LYS D 175 -5.04 -19.92 52.81
CA LYS D 175 -4.62 -20.02 54.20
C LYS D 175 -5.81 -20.33 55.09
N THR D 176 -6.91 -19.60 54.91
CA THR D 176 -7.98 -19.56 55.88
C THR D 176 -8.83 -20.82 55.91
N TYR D 177 -8.64 -21.75 54.97
CA TYR D 177 -9.25 -23.05 55.13
C TYR D 177 -8.27 -24.07 55.71
N HIS D 178 -6.99 -23.94 55.40
CA HIS D 178 -6.01 -24.81 56.03
C HIS D 178 -5.77 -24.40 57.49
N ALA D 179 -5.82 -23.11 57.78
CA ALA D 179 -5.74 -22.66 59.16
C ALA D 179 -7.00 -23.01 59.93
N LEU D 180 -8.14 -23.08 59.25
CA LEU D 180 -9.38 -23.52 59.87
C LEU D 180 -9.78 -24.92 59.44
N SER D 181 -8.77 -25.74 59.08
CA SER D 181 -8.87 -27.20 58.93
C SER D 181 -9.87 -27.59 57.82
N ASN D 182 -9.51 -27.23 56.60
CA ASN D 182 -10.21 -27.73 55.42
C ASN D 182 -9.16 -27.89 54.32
N LEU D 183 -8.77 -29.14 54.05
CA LEU D 183 -7.73 -29.38 53.04
C LEU D 183 -8.21 -29.19 51.61
N PRO D 184 -9.23 -29.92 51.11
CA PRO D 184 -9.40 -29.95 49.64
C PRO D 184 -9.97 -28.67 49.07
N LYS D 185 -10.70 -27.89 49.87
CA LYS D 185 -11.11 -26.57 49.42
C LYS D 185 -9.92 -25.62 49.36
N ALA D 186 -8.98 -25.75 50.30
CA ALA D 186 -7.75 -24.97 50.23
C ALA D 186 -6.83 -25.47 49.12
N ARG D 187 -6.89 -26.77 48.81
CA ARG D 187 -6.14 -27.30 47.67
C ARG D 187 -6.66 -26.75 46.35
N ALA D 188 -7.99 -26.61 46.24
CA ALA D 188 -8.57 -26.11 45.00
C ALA D 188 -8.35 -24.61 44.87
N ALA D 189 -8.46 -23.88 45.98
CA ALA D 189 -8.20 -22.44 45.95
C ALA D 189 -6.74 -22.13 45.73
N LEU D 190 -5.83 -23.05 46.08
CA LEU D 190 -4.44 -22.88 45.72
C LEU D 190 -4.24 -23.01 44.22
N THR D 191 -4.88 -24.01 43.61
CA THR D 191 -4.70 -24.29 42.19
C THR D 191 -5.30 -23.19 41.32
N SER D 192 -6.40 -22.58 41.77
CA SER D 192 -6.98 -21.45 41.06
C SER D 192 -6.05 -20.24 41.09
N ALA D 193 -5.24 -20.12 42.14
CA ALA D 193 -4.21 -19.09 42.16
C ALA D 193 -3.00 -19.47 41.34
N ARG D 194 -2.78 -20.76 41.09
CA ARG D 194 -1.63 -21.18 40.28
C ARG D 194 -1.83 -20.79 38.82
N THR D 195 -2.99 -21.10 38.26
CA THR D 195 -3.26 -20.79 36.86
C THR D 195 -3.46 -19.30 36.62
N THR D 196 -3.80 -18.54 37.66
CA THR D 196 -3.98 -17.10 37.50
C THR D 196 -2.64 -16.38 37.53
N ALA D 197 -1.67 -16.91 38.27
CA ALA D 197 -0.32 -16.35 38.35
C ALA D 197 0.53 -16.65 37.13
N ASN D 198 -0.03 -17.21 36.07
CA ASN D 198 0.66 -17.42 34.81
C ASN D 198 0.50 -16.24 33.85
N ALA D 199 0.19 -15.05 34.38
CA ALA D 199 -0.04 -13.89 33.53
C ALA D 199 0.57 -12.61 34.10
N ILE D 200 1.40 -12.70 35.14
CA ILE D 200 2.00 -11.52 35.76
C ILE D 200 3.48 -11.51 35.40
N TYR D 201 3.92 -10.42 34.79
CA TYR D 201 5.29 -10.32 34.28
C TYR D 201 6.30 -10.09 35.39
N CYS D 202 5.89 -9.47 36.50
CA CYS D 202 6.77 -9.26 37.64
C CYS D 202 6.05 -9.62 38.93
N PRO D 203 6.08 -10.88 39.34
CA PRO D 203 5.85 -11.21 40.75
C PRO D 203 7.15 -11.40 41.53
N PRO D 204 7.87 -10.34 41.89
CA PRO D 204 9.20 -10.55 42.47
C PRO D 204 9.18 -11.04 43.90
N LYS D 205 8.05 -10.91 44.60
CA LYS D 205 7.93 -11.28 45.99
C LYS D 205 6.72 -12.19 46.17
N LEU D 206 5.71 -12.00 45.33
CA LEU D 206 4.50 -12.81 45.38
C LEU D 206 4.72 -14.21 44.86
N GLN D 207 5.80 -14.43 44.09
CA GLN D 207 6.15 -15.77 43.66
C GLN D 207 6.55 -16.63 44.85
N ALA D 208 7.55 -16.17 45.62
CA ALA D 208 8.03 -16.94 46.76
C ALA D 208 7.01 -16.99 47.88
N THR D 209 6.10 -16.01 47.95
CA THR D 209 4.99 -16.10 48.88
C THR D 209 4.05 -17.23 48.47
N LEU D 210 3.82 -17.37 47.18
CA LEU D 210 3.05 -18.50 46.68
C LEU D 210 3.83 -19.79 46.78
N ASP D 211 5.15 -19.73 46.69
CA ASP D 211 5.95 -20.95 46.70
C ASP D 211 6.06 -21.58 48.07
N MET D 212 5.85 -20.82 49.14
CA MET D 212 5.86 -21.42 50.48
C MET D 212 4.62 -22.28 50.69
N GLN D 213 3.45 -21.72 50.43
CA GLN D 213 2.22 -22.47 50.63
C GLN D 213 1.92 -23.42 49.49
N SER D 214 2.71 -23.36 48.42
CA SER D 214 2.88 -24.54 47.58
C SER D 214 3.40 -25.69 48.41
N GLY D 215 4.53 -25.49 49.09
CA GLY D 215 5.14 -26.53 49.88
C GLY D 215 4.40 -26.89 51.16
N ILE D 216 3.56 -25.99 51.68
CA ILE D 216 2.78 -26.30 52.87
C ILE D 216 1.74 -27.36 52.57
N ILE D 217 0.83 -27.05 51.64
CA ILE D 217 -0.33 -27.89 51.42
C ILE D 217 0.03 -29.14 50.62
N HIS D 218 1.11 -29.09 49.82
CA HIS D 218 1.64 -30.32 49.22
C HIS D 218 2.19 -31.27 50.28
N ALA D 219 2.72 -30.74 51.39
CA ALA D 219 3.17 -31.57 52.49
C ALA D 219 2.11 -31.78 53.56
N ALA D 220 0.95 -31.11 53.44
CA ALA D 220 -0.11 -31.29 54.41
C ALA D 220 -0.82 -32.63 54.27
N GLU D 221 -0.58 -33.36 53.18
CA GLU D 221 -1.11 -34.70 53.03
C GLU D 221 -0.02 -35.76 52.96
N GLU D 222 1.26 -35.35 53.05
CA GLU D 222 2.39 -36.23 53.35
C GLU D 222 2.60 -37.29 52.27
N LYS D 223 2.69 -36.85 51.03
CA LYS D 223 2.91 -37.74 49.91
C LYS D 223 4.25 -37.54 49.23
N ASP D 224 4.59 -36.30 48.89
CA ASP D 224 5.79 -36.00 48.13
C ASP D 224 6.64 -35.07 48.98
N TRP D 225 7.60 -35.65 49.71
CA TRP D 225 8.54 -34.89 50.52
C TRP D 225 9.80 -34.52 49.76
N LYS D 226 9.72 -34.44 48.44
CA LYS D 226 10.84 -34.00 47.63
C LYS D 226 10.51 -32.74 46.84
N THR D 227 9.37 -32.73 46.14
CA THR D 227 8.97 -31.52 45.44
C THR D 227 8.50 -30.46 46.41
N ALA D 228 7.83 -30.86 47.50
CA ALA D 228 7.46 -29.92 48.54
C ALA D 228 8.69 -29.34 49.22
N TYR D 229 9.76 -30.14 49.32
CA TYR D 229 11.06 -29.59 49.73
C TYR D 229 11.56 -28.56 48.72
N SER D 230 11.32 -28.81 47.43
CA SER D 230 11.79 -27.87 46.41
C SER D 230 10.98 -26.58 46.41
N TYR D 231 9.71 -26.64 46.83
CA TYR D 231 8.94 -25.41 46.92
C TYR D 231 9.46 -24.52 48.04
N PHE D 232 9.85 -25.10 49.17
CA PHE D 232 10.42 -24.29 50.24
C PHE D 232 11.80 -23.79 49.87
N TYR D 233 12.54 -24.55 49.06
CA TYR D 233 13.80 -24.04 48.56
C TYR D 233 13.59 -22.89 47.59
N GLU D 234 12.57 -23.02 46.74
CA GLU D 234 12.25 -21.94 45.80
C GLU D 234 11.68 -20.73 46.53
N ALA D 235 10.89 -20.96 47.58
CA ALA D 235 10.36 -19.86 48.37
C ALA D 235 11.46 -19.15 49.15
N PHE D 236 12.49 -19.88 49.56
CA PHE D 236 13.58 -19.26 50.30
C PHE D 236 14.51 -18.47 49.38
N GLU D 237 14.77 -18.99 48.18
CA GLU D 237 15.62 -18.26 47.24
C GLU D 237 14.93 -17.00 46.73
N GLY D 238 13.59 -17.00 46.68
CA GLY D 238 12.88 -15.79 46.36
C GLY D 238 12.95 -14.77 47.48
N TYR D 239 12.85 -15.24 48.73
CA TYR D 239 12.95 -14.36 49.89
C TYR D 239 14.37 -13.87 50.15
N ASP D 240 15.34 -14.31 49.37
CA ASP D 240 16.74 -14.08 49.68
C ASP D 240 17.12 -12.61 49.52
N SER D 241 17.60 -12.02 50.61
CA SER D 241 18.17 -10.68 50.71
C SER D 241 17.17 -9.57 50.39
N ILE D 242 15.87 -9.86 50.37
CA ILE D 242 14.87 -8.82 50.19
C ILE D 242 13.87 -8.76 51.33
N ASP D 243 13.72 -9.82 52.12
CA ASP D 243 12.72 -9.85 53.18
C ASP D 243 13.18 -10.85 54.22
N SER D 244 13.54 -10.36 55.40
CA SER D 244 14.10 -11.17 56.46
C SER D 244 13.10 -11.99 57.30
N PRO D 245 11.94 -11.48 57.75
CA PRO D 245 11.05 -12.35 58.54
C PRO D 245 10.41 -13.47 57.75
N LYS D 246 10.27 -13.31 56.43
CA LYS D 246 9.76 -14.40 55.62
C LYS D 246 10.84 -15.43 55.31
N ALA D 247 12.10 -14.99 55.18
CA ALA D 247 13.17 -15.91 54.83
C ALA D 247 13.62 -16.75 56.01
N ILE D 248 13.48 -16.24 57.23
CA ILE D 248 14.04 -16.91 58.39
C ILE D 248 13.19 -18.13 58.76
N THR D 249 11.91 -18.11 58.44
CA THR D 249 11.06 -19.26 58.73
C THR D 249 11.13 -20.31 57.64
N SER D 250 11.73 -20.00 56.50
CA SER D 250 11.82 -20.97 55.42
C SER D 250 12.82 -22.07 55.70
N LEU D 251 13.84 -21.80 56.53
CA LEU D 251 14.82 -22.84 56.84
C LEU D 251 14.22 -23.93 57.72
N LYS D 252 13.19 -23.59 58.49
CA LYS D 252 12.53 -24.58 59.34
C LYS D 252 11.89 -25.67 58.51
N TYR D 253 11.05 -25.29 57.55
CA TYR D 253 10.22 -26.26 56.85
C TYR D 253 11.02 -27.09 55.84
N MET D 254 12.15 -26.57 55.37
CA MET D 254 12.98 -27.39 54.49
C MET D 254 13.77 -28.43 55.26
N LEU D 255 14.17 -28.12 56.50
CA LEU D 255 14.91 -29.09 57.29
C LEU D 255 13.97 -30.01 58.06
N LEU D 256 12.76 -29.53 58.34
CA LEU D 256 11.70 -30.41 58.82
C LEU D 256 11.39 -31.48 57.77
N CYS D 257 11.36 -31.08 56.50
CA CYS D 257 11.06 -32.04 55.45
C CYS D 257 12.23 -32.97 55.19
N LYS D 258 13.46 -32.49 55.40
CA LYS D 258 14.64 -33.29 55.15
C LYS D 258 14.87 -34.34 56.24
N ILE D 259 14.57 -34.00 57.49
CA ILE D 259 14.61 -34.99 58.57
C ILE D 259 13.50 -36.01 58.37
N MET D 260 12.31 -35.56 57.99
CA MET D 260 11.20 -36.45 57.73
C MET D 260 11.41 -37.27 56.45
N LEU D 261 12.35 -36.86 55.60
CA LEU D 261 12.82 -37.64 54.48
C LEU D 261 13.81 -38.73 54.90
N ASN D 262 14.20 -38.76 56.19
CA ASN D 262 15.20 -39.67 56.76
C ASN D 262 16.55 -39.52 56.07
N THR D 263 16.92 -38.28 55.78
CA THR D 263 18.26 -37.93 55.31
C THR D 263 18.80 -36.87 56.26
N PRO D 264 19.32 -37.28 57.41
CA PRO D 264 19.59 -36.32 58.47
C PRO D 264 20.89 -35.54 58.31
N GLU D 265 21.88 -36.14 57.63
CA GLU D 265 23.21 -35.54 57.59
C GLU D 265 23.24 -34.30 56.71
N ASP D 266 22.37 -34.24 55.69
CA ASP D 266 22.36 -33.10 54.80
C ASP D 266 21.78 -31.84 55.44
N VAL D 267 21.11 -31.98 56.59
CA VAL D 267 20.68 -30.82 57.37
C VAL D 267 21.90 -30.03 57.85
N GLN D 268 22.88 -30.74 58.40
CA GLN D 268 24.13 -30.09 58.82
C GLN D 268 24.90 -29.56 57.63
N ALA D 269 24.78 -30.20 56.46
CA ALA D 269 25.50 -29.75 55.28
C ALA D 269 24.95 -28.43 54.75
N LEU D 270 23.65 -28.19 54.92
CA LEU D 270 23.09 -26.92 54.45
C LEU D 270 23.46 -25.77 55.36
N VAL D 271 23.32 -25.96 56.69
CA VAL D 271 23.64 -24.90 57.62
C VAL D 271 25.13 -24.66 57.75
N SER D 272 25.96 -25.58 57.26
CA SER D 272 27.37 -25.33 57.07
C SER D 272 27.64 -24.51 55.80
N GLY D 273 26.64 -24.35 54.95
CA GLY D 273 26.81 -23.53 53.77
C GLY D 273 26.86 -22.05 54.11
N LYS D 274 27.43 -21.28 53.18
CA LYS D 274 27.65 -19.85 53.41
C LYS D 274 26.36 -19.05 53.34
N LEU D 275 25.30 -19.59 52.73
CA LEU D 275 24.05 -18.84 52.65
C LEU D 275 23.31 -18.87 53.98
N ALA D 276 23.34 -20.01 54.68
CA ALA D 276 22.65 -20.11 55.96
C ALA D 276 23.38 -19.35 57.07
N LEU D 277 24.66 -19.03 56.87
CA LEU D 277 25.39 -18.23 57.84
C LEU D 277 24.88 -16.79 57.88
N ARG D 278 24.24 -16.33 56.80
CA ARG D 278 23.54 -15.07 56.80
C ARG D 278 22.37 -15.07 57.78
N TYR D 279 21.72 -16.23 57.95
CA TYR D 279 20.47 -16.35 58.69
C TYR D 279 20.61 -17.29 59.88
N ALA D 280 21.71 -17.21 60.61
CA ALA D 280 21.88 -18.05 61.78
C ALA D 280 21.03 -17.54 62.93
N GLY D 281 20.76 -18.43 63.88
CA GLY D 281 19.91 -18.07 65.00
C GLY D 281 19.61 -19.25 65.88
N ARG D 282 18.60 -19.07 66.73
CA ARG D 282 18.21 -20.12 67.66
C ARG D 282 17.46 -21.25 66.96
N GLN D 283 16.74 -20.92 65.89
CA GLN D 283 15.90 -21.92 65.24
C GLN D 283 16.74 -22.90 64.42
N THR D 284 17.83 -22.43 63.83
CA THR D 284 18.70 -23.37 63.14
C THR D 284 19.51 -24.20 64.13
N GLU D 285 19.81 -23.66 65.31
CA GLU D 285 20.42 -24.46 66.35
C GLU D 285 19.43 -25.43 66.96
N ALA D 286 18.15 -25.08 66.91
CA ALA D 286 17.11 -26.02 67.33
C ALA D 286 17.03 -27.20 66.39
N LEU D 287 17.27 -26.98 65.11
CA LEU D 287 17.21 -28.07 64.14
C LEU D 287 18.48 -28.89 64.08
N LYS D 288 19.62 -28.32 64.48
CA LYS D 288 20.88 -29.07 64.44
C LYS D 288 20.90 -30.19 65.47
N CYS D 289 20.44 -29.91 66.68
CA CYS D 289 20.41 -30.94 67.71
C CYS D 289 19.34 -31.99 67.43
N VAL D 290 18.22 -31.59 66.83
CA VAL D 290 17.20 -32.54 66.42
C VAL D 290 17.72 -33.42 65.29
N ALA D 291 18.46 -32.82 64.35
CA ALA D 291 19.13 -33.62 63.32
C ALA D 291 20.20 -34.50 63.92
N GLN D 292 20.88 -34.02 64.96
CA GLN D 292 21.88 -34.85 65.62
C GLN D 292 21.22 -35.97 66.43
N ALA D 293 20.06 -35.70 67.03
CA ALA D 293 19.36 -36.73 67.78
C ALA D 293 18.77 -37.78 66.85
N SER D 294 18.24 -37.34 65.70
CA SER D 294 17.70 -38.29 64.73
C SER D 294 18.82 -39.07 64.05
N LYS D 295 20.01 -38.47 63.95
CA LYS D 295 21.16 -39.22 63.45
C LYS D 295 21.63 -40.25 64.46
N ASN D 296 21.69 -39.87 65.73
CA ASN D 296 22.16 -40.77 66.78
C ASN D 296 21.08 -41.73 67.25
N ARG D 297 19.84 -41.56 66.79
CA ARG D 297 18.70 -42.43 67.11
C ARG D 297 18.49 -42.54 68.62
N SER D 298 18.15 -41.42 69.24
CA SER D 298 18.01 -41.34 70.68
C SER D 298 16.70 -40.65 71.02
N LEU D 299 15.88 -41.31 71.83
CA LEU D 299 14.64 -40.69 72.26
C LEU D 299 14.90 -39.63 73.31
N ALA D 300 15.89 -39.86 74.17
CA ALA D 300 16.15 -38.93 75.27
C ALA D 300 16.80 -37.65 74.76
N ASP D 301 17.67 -37.76 73.74
CA ASP D 301 18.25 -36.57 73.14
C ASP D 301 17.18 -35.74 72.43
N PHE D 302 16.23 -36.42 71.80
CA PHE D 302 15.15 -35.70 71.11
C PHE D 302 14.20 -35.06 72.10
N GLU D 303 13.80 -35.80 73.13
CA GLU D 303 12.85 -35.28 74.11
C GLU D 303 13.45 -34.14 74.92
N LYS D 304 14.75 -34.19 75.18
CA LYS D 304 15.44 -33.06 75.80
C LYS D 304 15.46 -31.85 74.87
N ALA D 305 15.75 -32.09 73.59
CA ALA D 305 15.71 -31.01 72.61
C ALA D 305 14.29 -30.54 72.35
N LEU D 306 13.32 -31.44 72.48
CA LEU D 306 11.92 -31.04 72.37
C LEU D 306 11.50 -30.17 73.55
N THR D 307 12.04 -30.46 74.73
CA THR D 307 11.67 -29.70 75.92
C THR D 307 12.40 -28.36 75.99
N ASP D 308 13.71 -28.37 75.69
CA ASP D 308 14.51 -27.16 75.86
C ASP D 308 14.16 -26.10 74.83
N TYR D 309 14.00 -26.51 73.58
CA TYR D 309 13.76 -25.60 72.47
C TYR D 309 12.29 -25.60 72.08
N ARG D 310 11.41 -25.71 73.08
CA ARG D 310 10.00 -25.93 72.83
C ARG D 310 9.32 -24.70 72.24
N ALA D 311 9.63 -23.51 72.79
CA ALA D 311 9.06 -22.28 72.26
C ALA D 311 9.58 -21.97 70.87
N GLU D 312 10.81 -22.39 70.57
CA GLU D 312 11.34 -22.30 69.20
C GLU D 312 10.75 -23.37 68.30
N LEU D 313 10.08 -24.37 68.84
CA LEU D 313 9.54 -25.48 68.07
C LEU D 313 8.05 -25.36 67.83
N ARG D 314 7.35 -24.52 68.59
CA ARG D 314 5.90 -24.37 68.49
C ARG D 314 5.45 -23.77 67.16
N ASP D 315 6.34 -23.06 66.46
CA ASP D 315 5.97 -22.23 65.31
C ASP D 315 5.54 -23.02 64.07
N ASP D 316 5.57 -24.36 64.08
CA ASP D 316 4.91 -25.09 63.02
C ASP D 316 3.40 -24.87 63.11
N PRO D 317 2.71 -24.84 61.97
CA PRO D 317 1.25 -24.79 62.03
C PRO D 317 0.67 -26.06 62.59
N ILE D 318 1.25 -27.20 62.23
CA ILE D 318 0.84 -28.49 62.76
C ILE D 318 2.09 -29.08 63.42
N ILE D 319 2.22 -28.82 64.72
CA ILE D 319 3.13 -29.59 65.56
C ILE D 319 2.51 -30.91 65.99
N SER D 320 1.23 -31.12 65.71
CA SER D 320 0.55 -32.32 66.17
C SER D 320 0.96 -33.53 65.33
N THR D 321 0.75 -33.47 64.02
CA THR D 321 1.04 -34.60 63.15
C THR D 321 2.53 -34.73 62.88
N HIS D 322 3.21 -33.61 62.63
CA HIS D 322 4.59 -33.65 62.16
C HIS D 322 5.55 -34.10 63.25
N LEU D 323 5.24 -33.83 64.51
CA LEU D 323 6.06 -34.39 65.58
C LEU D 323 5.73 -35.86 65.82
N ALA D 324 4.44 -36.19 65.88
CA ALA D 324 4.02 -37.52 66.32
C ALA D 324 4.39 -38.59 65.31
N LYS D 325 4.30 -38.28 64.02
CA LYS D 325 4.77 -39.22 63.01
C LYS D 325 6.29 -39.30 63.03
N LEU D 326 6.97 -38.21 63.37
CA LEU D 326 8.40 -38.29 63.60
C LEU D 326 8.68 -38.98 64.93
N TYR D 327 7.80 -38.81 65.91
CA TYR D 327 7.96 -39.50 67.18
C TYR D 327 7.78 -40.99 67.01
N ASP D 328 6.67 -41.40 66.39
CA ASP D 328 6.40 -42.81 66.17
C ASP D 328 7.28 -43.43 65.09
N ASN D 329 8.03 -42.61 64.34
CA ASN D 329 9.15 -43.15 63.59
C ASN D 329 10.33 -43.40 64.51
N LEU D 330 10.53 -42.52 65.48
CA LEU D 330 11.74 -42.53 66.29
C LEU D 330 11.79 -43.71 67.26
N LEU D 331 10.64 -44.31 67.58
CA LEU D 331 10.63 -45.50 68.45
C LEU D 331 11.39 -46.65 67.83
N GLU D 332 11.01 -47.07 66.63
CA GLU D 332 11.75 -48.15 65.99
C GLU D 332 13.10 -47.72 65.46
N GLN D 333 13.38 -46.41 65.38
CA GLN D 333 14.75 -45.98 65.18
C GLN D 333 15.61 -46.31 66.39
N ASN D 334 15.05 -46.11 67.59
CA ASN D 334 15.72 -46.55 68.80
C ASN D 334 15.83 -48.07 68.84
N LEU D 335 14.74 -48.76 68.47
CA LEU D 335 14.60 -50.17 68.76
C LEU D 335 15.48 -51.04 67.88
N ILE D 336 15.84 -50.58 66.68
CA ILE D 336 16.67 -51.42 65.82
C ILE D 336 18.09 -51.53 66.33
N ARG D 337 18.54 -50.57 67.13
CA ARG D 337 19.89 -50.63 67.69
C ARG D 337 19.92 -51.48 68.95
N VAL D 338 18.94 -51.30 69.83
CA VAL D 338 19.01 -51.86 71.17
C VAL D 338 18.42 -53.26 71.21
N ILE D 339 18.00 -53.76 70.05
CA ILE D 339 17.60 -55.16 69.93
C ILE D 339 18.63 -55.98 69.16
N GLU D 340 19.32 -55.38 68.19
CA GLU D 340 20.44 -55.88 67.41
C GLU D 340 21.50 -56.77 68.10
N PRO D 341 22.04 -56.45 69.30
CA PRO D 341 23.18 -57.27 69.78
C PRO D 341 22.82 -58.68 70.23
N PHE D 342 21.59 -58.96 70.60
CA PHE D 342 21.25 -60.28 71.10
C PHE D 342 20.44 -61.07 70.08
N SER D 343 19.99 -62.24 70.52
CA SER D 343 18.89 -62.96 69.91
C SER D 343 17.72 -63.14 70.88
N ARG D 344 18.00 -63.30 72.17
CA ARG D 344 17.00 -63.66 73.15
C ARG D 344 17.21 -62.82 74.41
N VAL D 345 16.26 -61.94 74.70
CA VAL D 345 16.31 -61.05 75.85
C VAL D 345 15.02 -61.27 76.65
N GLN D 346 15.05 -60.83 77.90
CA GLN D 346 13.85 -60.63 78.69
C GLN D 346 13.44 -59.16 78.62
N ILE D 347 12.12 -58.92 78.63
CA ILE D 347 11.60 -57.63 78.18
C ILE D 347 11.68 -56.52 79.20
N GLU D 348 12.06 -56.80 80.44
CA GLU D 348 12.17 -55.70 81.39
C GLU D 348 13.45 -54.90 81.18
N HIS D 349 14.48 -55.51 80.60
CA HIS D 349 15.69 -54.77 80.27
C HIS D 349 15.45 -53.83 79.11
N ILE D 350 14.71 -54.29 78.10
CA ILE D 350 14.45 -53.44 76.94
C ILE D 350 13.45 -52.34 77.28
N SER D 351 12.64 -52.54 78.32
CA SER D 351 11.82 -51.44 78.82
C SER D 351 12.67 -50.42 79.57
N SER D 352 13.80 -50.86 80.12
CA SER D 352 14.68 -49.93 80.83
C SER D 352 15.54 -49.13 79.86
N LEU D 353 16.11 -49.79 78.85
CA LEU D 353 16.93 -49.11 77.86
C LEU D 353 16.13 -48.15 76.99
N ILE D 354 14.82 -48.35 76.85
CA ILE D 354 13.98 -47.38 76.16
C ILE D 354 13.48 -46.32 77.13
N LYS D 355 13.60 -46.55 78.45
CA LYS D 355 13.17 -45.66 79.52
C LYS D 355 11.67 -45.35 79.38
N LEU D 356 10.88 -46.40 79.55
CA LEU D 356 9.45 -46.37 79.32
C LEU D 356 8.84 -47.59 79.99
N SER D 357 7.54 -47.52 80.25
CA SER D 357 6.79 -48.69 80.66
C SER D 357 6.79 -49.74 79.57
N LYS D 358 6.65 -51.00 79.97
CA LYS D 358 6.73 -52.09 79.00
C LYS D 358 5.39 -52.43 78.38
N ALA D 359 4.31 -51.77 78.79
CA ALA D 359 2.99 -52.12 78.27
C ALA D 359 2.82 -51.70 76.82
N ASP D 360 3.21 -50.46 76.49
CA ASP D 360 3.15 -50.05 75.10
C ASP D 360 4.28 -50.64 74.27
N VAL D 361 5.36 -51.05 74.92
CA VAL D 361 6.47 -51.69 74.23
C VAL D 361 6.02 -53.04 73.67
N GLU D 362 5.21 -53.77 74.43
CA GLU D 362 4.63 -55.00 73.93
C GLU D 362 3.68 -54.74 72.76
N ARG D 363 2.97 -53.62 72.80
CA ARG D 363 2.09 -53.28 71.69
C ARG D 363 2.88 -52.71 70.51
N LYS D 364 3.98 -52.02 70.79
CA LYS D 364 4.77 -51.44 69.70
C LYS D 364 5.55 -52.52 68.96
N LEU D 365 6.15 -53.45 69.71
CA LEU D 365 6.89 -54.55 69.10
C LEU D 365 5.99 -55.50 68.33
N SER D 366 4.77 -55.71 68.84
CA SER D 366 3.80 -56.55 68.13
C SER D 366 3.43 -55.94 66.78
N GLN D 367 3.39 -54.61 66.70
CA GLN D 367 3.18 -53.94 65.43
C GLN D 367 4.36 -54.15 64.49
N MET D 368 5.57 -54.35 65.03
CA MET D 368 6.75 -54.47 64.18
C MET D 368 6.78 -55.81 63.46
N ILE D 369 6.49 -56.91 64.16
CA ILE D 369 6.51 -58.21 63.53
C ILE D 369 5.33 -58.36 62.57
N LEU D 370 4.14 -57.89 62.99
CA LEU D 370 2.94 -58.02 62.16
C LEU D 370 3.04 -57.20 60.86
N ASP D 371 3.87 -56.17 60.85
CA ASP D 371 4.08 -55.39 59.64
C ASP D 371 5.39 -55.72 58.95
N LYS D 372 6.04 -56.83 59.35
CA LYS D 372 7.29 -57.33 58.77
C LYS D 372 8.42 -56.31 58.85
N LYS D 373 8.43 -55.47 59.88
CA LYS D 373 9.52 -54.55 60.13
C LYS D 373 10.70 -55.22 60.79
N PHE D 374 10.59 -56.51 61.10
CA PHE D 374 11.40 -57.12 62.15
C PHE D 374 11.19 -58.63 62.11
N HIS D 375 12.25 -59.39 62.32
CA HIS D 375 12.19 -60.85 62.30
C HIS D 375 12.30 -61.34 63.75
N GLY D 376 11.16 -61.43 64.42
CA GLY D 376 11.15 -61.81 65.82
C GLY D 376 9.88 -62.54 66.21
N ILE D 377 9.81 -62.90 67.49
CA ILE D 377 8.66 -63.60 68.04
C ILE D 377 8.65 -63.34 69.54
N LEU D 378 7.45 -63.29 70.13
CA LEU D 378 7.31 -62.97 71.53
C LEU D 378 6.71 -64.13 72.30
N ASP D 379 6.84 -64.06 73.62
CA ASP D 379 6.33 -65.08 74.54
C ASP D 379 5.63 -64.40 75.70
N GLN D 380 4.35 -64.71 75.89
CA GLN D 380 3.61 -64.17 77.02
C GLN D 380 3.98 -64.88 78.31
N GLY D 381 4.17 -66.20 78.26
CA GLY D 381 4.54 -66.97 79.43
C GLY D 381 5.99 -66.86 79.84
N GLU D 382 6.78 -66.09 79.09
CA GLU D 382 8.18 -65.89 79.41
C GLU D 382 8.57 -64.42 79.49
N GLY D 383 7.85 -63.52 78.83
CA GLY D 383 8.27 -62.14 78.73
C GLY D 383 9.57 -62.00 77.96
N VAL D 384 9.69 -62.71 76.85
CA VAL D 384 10.97 -62.94 76.19
C VAL D 384 10.82 -62.70 74.70
N LEU D 385 11.65 -61.80 74.16
CA LEU D 385 11.74 -61.57 72.72
C LEU D 385 12.83 -62.44 72.11
N ILE D 386 12.51 -63.11 71.01
CA ILE D 386 13.41 -64.06 70.37
C ILE D 386 13.56 -63.70 68.91
N ILE D 387 14.81 -63.60 68.45
CA ILE D 387 15.15 -63.13 67.10
C ILE D 387 15.78 -64.26 66.32
N PHE D 388 15.30 -64.48 65.09
CA PHE D 388 15.82 -65.47 64.17
C PHE D 388 16.06 -64.81 62.82
N ASP D 389 16.73 -65.52 61.92
CA ASP D 389 17.11 -65.00 60.62
C ASP D 389 16.12 -65.45 59.55
N GLU D 390 16.42 -65.17 58.29
CA GLU D 390 15.48 -65.47 57.21
C GLU D 390 16.11 -66.40 56.18
N PRO D 391 15.47 -67.52 55.87
CA PRO D 391 16.00 -68.43 54.85
C PRO D 391 15.49 -68.06 53.46
N PRO D 392 16.37 -68.02 52.46
CA PRO D 392 15.94 -67.75 51.07
C PRO D 392 15.62 -69.01 50.29
N VAL D 393 15.38 -70.12 51.00
CA VAL D 393 15.44 -71.45 50.39
C VAL D 393 14.22 -71.71 49.50
N ASP D 394 13.03 -71.35 49.98
CA ASP D 394 11.77 -71.87 49.43
C ASP D 394 11.44 -71.32 48.04
N LYS D 395 12.23 -71.70 47.06
CA LYS D 395 12.08 -71.24 45.69
C LYS D 395 12.00 -72.37 44.68
N THR D 396 12.72 -73.47 44.92
CA THR D 396 12.64 -74.60 44.02
C THR D 396 11.31 -75.31 44.13
N TYR D 397 10.82 -75.50 45.37
CA TYR D 397 9.55 -76.18 45.55
C TYR D 397 8.38 -75.32 45.13
N GLU D 398 8.56 -73.99 45.16
CA GLU D 398 7.50 -73.09 44.74
C GLU D 398 7.31 -73.15 43.23
N ALA D 399 8.41 -73.12 42.48
CA ALA D 399 8.32 -73.24 41.03
C ALA D 399 8.05 -74.67 40.59
N ALA D 400 8.19 -75.64 41.49
CA ALA D 400 7.95 -77.03 41.13
C ALA D 400 6.47 -77.29 40.92
N LEU D 401 5.64 -76.87 41.86
CA LEU D 401 4.22 -77.20 41.83
C LEU D 401 3.46 -76.41 40.78
N GLU D 402 3.98 -75.28 40.33
CA GLU D 402 3.30 -74.51 39.28
C GLU D 402 3.46 -75.17 37.92
N THR D 403 4.57 -75.87 37.69
CA THR D 403 4.71 -76.68 36.49
C THR D 403 3.76 -77.86 36.49
N ILE D 404 3.40 -78.36 37.67
CA ILE D 404 2.41 -79.42 37.77
C ILE D 404 1.04 -78.89 37.37
N GLN D 405 0.76 -77.63 37.68
CA GLN D 405 -0.48 -77.00 37.23
C GLN D 405 -0.53 -76.87 35.72
N ASN D 406 0.63 -76.66 35.09
CA ASN D 406 0.66 -76.62 33.64
C ASN D 406 0.60 -78.01 33.05
N MET D 407 1.20 -78.99 33.73
CA MET D 407 1.12 -80.36 33.25
C MET D 407 -0.26 -80.97 33.48
N SER D 408 -1.06 -80.39 34.36
CA SER D 408 -2.44 -80.84 34.50
C SER D 408 -3.26 -80.52 33.26
N LYS D 409 -2.96 -79.40 32.61
CA LYS D 409 -3.78 -78.99 31.48
C LYS D 409 -3.35 -79.64 30.18
N VAL D 410 -2.07 -79.96 30.02
CA VAL D 410 -1.63 -80.58 28.78
C VAL D 410 -2.07 -82.03 28.69
N VAL D 411 -2.33 -82.69 29.82
CA VAL D 411 -2.91 -84.01 29.78
C VAL D 411 -4.40 -83.92 29.49
N ASP D 412 -5.05 -82.87 30.02
CA ASP D 412 -6.43 -82.57 29.67
C ASP D 412 -6.55 -82.24 28.18
N SER D 413 -5.55 -81.55 27.64
CA SER D 413 -5.53 -81.29 26.20
C SER D 413 -5.31 -82.56 25.40
N LEU D 414 -4.65 -83.56 25.98
CA LEU D 414 -4.58 -84.86 25.36
C LEU D 414 -5.78 -85.74 25.69
N TYR D 415 -6.52 -85.40 26.75
CA TYR D 415 -7.61 -86.26 27.19
C TYR D 415 -8.80 -86.17 26.25
N ASN D 416 -9.16 -84.96 25.82
CA ASN D 416 -10.19 -84.84 24.81
C ASN D 416 -9.67 -85.17 23.42
N LYS D 417 -8.35 -85.11 23.21
CA LYS D 417 -7.77 -85.47 21.92
C LYS D 417 -7.95 -86.96 21.65
N ALA D 418 -7.78 -87.79 22.66
CA ALA D 418 -8.09 -89.20 22.51
C ALA D 418 -9.60 -89.44 22.55
N LYS D 419 -10.34 -88.58 23.26
CA LYS D 419 -11.78 -88.77 23.36
C LYS D 419 -12.50 -88.37 22.07
N LYS D 420 -12.02 -87.31 21.41
CA LYS D 420 -12.60 -86.90 20.13
C LYS D 420 -12.35 -87.94 19.07
N LEU D 421 -11.15 -88.54 19.07
CA LEU D 421 -10.82 -89.59 18.13
C LEU D 421 -9.81 -90.51 18.79
N THR D 422 -10.07 -91.81 18.72
CA THR D 422 -9.30 -92.85 19.40
C THR D 422 -7.81 -92.86 19.05
N PRO E 12 -38.15 -43.73 36.29
CA PRO E 12 -38.98 -44.88 35.91
C PRO E 12 -38.36 -46.20 36.34
N LYS E 13 -37.66 -46.85 35.41
CA LYS E 13 -37.04 -48.15 35.69
C LYS E 13 -35.76 -48.03 36.51
N ASN E 14 -35.19 -46.84 36.61
CA ASN E 14 -34.03 -46.64 37.46
C ASN E 14 -34.37 -46.49 38.94
N PRO E 15 -35.50 -45.88 39.34
CA PRO E 15 -35.98 -46.11 40.72
C PRO E 15 -36.81 -47.38 40.90
N ASP E 16 -36.78 -48.31 39.95
CA ASP E 16 -37.53 -49.56 40.11
C ASP E 16 -36.74 -50.57 40.94
N LEU E 17 -35.50 -50.24 41.32
CA LEU E 17 -34.69 -51.07 42.22
C LEU E 17 -35.33 -51.24 43.59
N ARG E 18 -36.06 -50.23 44.05
CA ARG E 18 -36.59 -50.22 45.41
C ARG E 18 -37.72 -51.22 45.60
N ILE E 19 -38.55 -51.42 44.58
CA ILE E 19 -39.79 -52.19 44.76
C ILE E 19 -39.47 -53.66 44.97
N ALA E 20 -38.59 -54.23 44.14
CA ALA E 20 -38.22 -55.64 44.28
C ALA E 20 -37.42 -55.89 45.55
N GLN E 21 -36.71 -54.87 46.04
CA GLN E 21 -35.93 -55.03 47.26
C GLN E 21 -36.82 -54.99 48.50
N LEU E 22 -37.81 -54.10 48.50
CA LEU E 22 -38.79 -54.09 49.58
C LEU E 22 -39.70 -55.30 49.54
N ARG E 23 -39.96 -55.86 48.35
CA ARG E 23 -40.71 -57.10 48.27
C ARG E 23 -39.88 -58.28 48.76
N PHE E 24 -38.56 -58.20 48.60
CA PHE E 24 -37.59 -59.15 49.15
C PHE E 24 -37.51 -59.08 50.67
N LEU E 25 -38.05 -58.03 51.27
CA LEU E 25 -37.92 -57.73 52.69
C LEU E 25 -39.11 -58.16 53.54
N LEU E 26 -40.32 -58.18 52.99
CA LEU E 26 -41.52 -58.14 53.82
C LEU E 26 -41.82 -59.48 54.50
N SER E 27 -42.13 -60.51 53.72
CA SER E 27 -42.90 -61.63 54.26
C SER E 27 -42.04 -62.58 55.08
N LEU E 28 -40.75 -62.68 54.77
CA LEU E 28 -39.90 -63.70 55.37
C LEU E 28 -39.58 -63.44 56.86
N PRO E 29 -39.42 -62.17 57.34
CA PRO E 29 -39.61 -61.95 58.77
C PRO E 29 -41.09 -61.85 59.11
N GLU E 30 -41.61 -62.90 59.76
CA GLU E 30 -43.04 -62.96 60.04
C GLU E 30 -43.43 -61.97 61.12
N HIS E 31 -42.60 -61.83 62.15
CA HIS E 31 -42.88 -60.88 63.22
C HIS E 31 -42.69 -59.45 62.74
N ARG E 32 -41.72 -59.22 61.85
CA ARG E 32 -41.42 -57.87 61.36
C ARG E 32 -42.31 -57.61 60.16
N GLY E 33 -43.50 -57.07 60.42
CA GLY E 33 -44.45 -56.78 59.37
C GLY E 33 -45.32 -55.57 59.58
N ASP E 34 -44.98 -54.70 60.54
CA ASP E 34 -45.83 -53.54 60.79
C ASP E 34 -45.49 -52.38 59.85
N ALA E 35 -44.24 -51.92 59.87
CA ALA E 35 -43.79 -50.90 58.93
C ALA E 35 -43.60 -51.45 57.53
N ALA E 36 -43.54 -52.77 57.38
CA ALA E 36 -43.44 -53.38 56.05
C ALA E 36 -44.71 -53.16 55.24
N VAL E 37 -45.88 -53.39 55.85
CA VAL E 37 -47.13 -53.17 55.15
C VAL E 37 -47.45 -51.67 55.06
N ARG E 38 -46.82 -50.85 55.90
CA ARG E 38 -47.09 -49.41 55.88
C ARG E 38 -46.48 -48.73 54.67
N ASP E 39 -45.47 -49.34 54.05
CA ASP E 39 -44.97 -48.83 52.78
C ASP E 39 -45.04 -49.85 51.65
N GLU E 40 -45.57 -51.05 51.91
CA GLU E 40 -45.96 -51.93 50.82
C GLU E 40 -47.17 -51.37 50.09
N LEU E 41 -48.04 -50.67 50.82
CA LEU E 41 -49.18 -50.00 50.22
C LEU E 41 -48.73 -48.92 49.24
N MET E 42 -47.54 -48.34 49.46
CA MET E 42 -46.94 -47.46 48.48
C MET E 42 -46.45 -48.26 47.26
N ALA E 43 -46.07 -49.52 47.46
CA ALA E 43 -45.55 -50.34 46.38
C ALA E 43 -46.61 -51.20 45.70
N ALA E 44 -47.81 -51.29 46.27
CA ALA E 44 -48.86 -52.17 45.76
C ALA E 44 -49.82 -51.43 44.83
N VAL E 45 -50.45 -50.37 45.32
CA VAL E 45 -51.49 -49.71 44.55
C VAL E 45 -50.98 -48.49 43.80
N ARG E 46 -49.87 -47.90 44.23
CA ARG E 46 -49.24 -46.81 43.51
C ARG E 46 -48.23 -47.37 42.51
N ASP E 47 -47.72 -46.46 41.68
CA ASP E 47 -46.71 -46.68 40.63
C ASP E 47 -47.22 -47.64 39.54
N ASN E 48 -48.54 -47.89 39.49
CA ASN E 48 -49.20 -48.85 38.57
C ASN E 48 -48.60 -50.25 38.69
N ASN E 49 -48.12 -50.61 39.88
CA ASN E 49 -47.55 -51.94 40.07
C ASN E 49 -48.68 -52.95 40.06
N MET E 50 -48.59 -53.94 39.18
CA MET E 50 -49.74 -54.79 38.93
C MET E 50 -49.56 -56.24 39.37
N ALA E 51 -48.55 -56.96 38.88
CA ALA E 51 -48.57 -58.40 39.12
C ALA E 51 -48.30 -58.84 40.56
N PRO E 52 -47.08 -58.66 41.12
CA PRO E 52 -46.55 -59.65 42.09
C PRO E 52 -47.28 -59.73 43.43
N TYR E 53 -48.28 -58.88 43.70
CA TYR E 53 -49.06 -59.01 44.93
C TYR E 53 -50.35 -59.80 44.74
N TYR E 54 -50.87 -59.89 43.51
CA TYR E 54 -51.96 -60.82 43.26
C TYR E 54 -51.51 -62.27 43.33
N GLU E 55 -50.22 -62.54 43.10
CA GLU E 55 -49.68 -63.87 43.39
C GLU E 55 -49.39 -64.06 44.86
N ALA E 56 -49.45 -63.00 45.67
CA ALA E 56 -49.35 -63.12 47.12
C ALA E 56 -50.70 -63.31 47.79
N LEU E 57 -51.72 -63.71 47.01
CA LEU E 57 -53.11 -63.76 47.46
C LEU E 57 -53.32 -64.77 48.58
N CYS E 58 -52.51 -65.83 48.62
CA CYS E 58 -52.50 -66.75 49.74
C CYS E 58 -51.19 -66.71 50.49
N LYS E 59 -50.30 -65.78 50.15
CA LYS E 59 -49.03 -65.59 50.84
C LYS E 59 -49.10 -64.44 51.85
N SER E 60 -49.54 -63.28 51.40
CA SER E 60 -49.58 -62.09 52.24
C SER E 60 -50.95 -61.98 52.91
N LEU E 61 -51.27 -60.78 53.41
CA LEU E 61 -52.37 -60.58 54.36
C LEU E 61 -53.74 -60.66 53.67
N ASP E 62 -54.78 -60.27 54.42
CA ASP E 62 -56.17 -60.63 54.16
C ASP E 62 -56.70 -60.11 52.83
N TRP E 63 -56.88 -58.79 52.70
CA TRP E 63 -56.42 -57.89 51.64
C TRP E 63 -57.17 -56.58 51.80
N GLN E 64 -56.83 -55.59 50.99
CA GLN E 64 -57.71 -54.45 50.74
C GLN E 64 -58.45 -54.76 49.44
N ILE E 65 -59.45 -53.95 49.09
CA ILE E 65 -60.06 -54.12 47.79
C ILE E 65 -59.13 -53.49 46.75
N ASP E 66 -58.19 -54.31 46.27
CA ASP E 66 -57.21 -53.90 45.29
C ASP E 66 -57.61 -54.36 43.90
N VAL E 67 -58.80 -54.90 43.75
CA VAL E 67 -59.22 -55.56 42.52
C VAL E 67 -59.68 -54.51 41.53
N ASP E 68 -60.75 -53.80 41.86
CA ASP E 68 -61.43 -52.98 40.85
C ASP E 68 -60.71 -51.67 40.59
N LEU E 69 -60.03 -51.13 41.61
CA LEU E 69 -59.39 -49.84 41.48
C LEU E 69 -58.18 -49.89 40.56
N LEU E 70 -57.56 -51.06 40.44
CA LEU E 70 -56.31 -51.21 39.70
C LEU E 70 -56.47 -52.01 38.43
N ASN E 71 -57.47 -52.88 38.34
CA ASN E 71 -57.75 -53.56 37.08
C ASN E 71 -58.33 -52.61 36.04
N LYS E 72 -58.89 -51.48 36.47
CA LYS E 72 -59.18 -50.43 35.52
C LYS E 72 -57.95 -49.60 35.20
N MET E 73 -56.99 -49.53 36.13
CA MET E 73 -55.78 -48.77 35.87
C MET E 73 -54.76 -49.58 35.07
N LYS E 74 -54.81 -50.90 35.16
CA LYS E 74 -54.03 -51.68 34.21
C LYS E 74 -54.68 -51.69 32.84
N LYS E 75 -56.00 -51.46 32.76
CA LYS E 75 -56.70 -51.59 31.50
C LYS E 75 -56.54 -50.35 30.65
N ALA E 76 -56.78 -49.17 31.26
CA ALA E 76 -56.65 -47.91 30.53
C ALA E 76 -55.20 -47.62 30.16
N ASN E 77 -54.24 -48.11 30.95
CA ASN E 77 -52.85 -47.91 30.60
C ASN E 77 -52.37 -48.95 29.59
N GLU E 78 -52.98 -50.14 29.58
CA GLU E 78 -52.74 -51.05 28.46
C GLU E 78 -53.37 -50.50 27.20
N ASP E 79 -54.63 -50.04 27.29
CA ASP E 79 -55.32 -49.39 26.19
C ASP E 79 -54.66 -48.07 25.78
N GLU E 80 -53.86 -47.47 26.65
CA GLU E 80 -52.97 -46.39 26.26
C GLU E 80 -51.83 -46.88 25.38
N LEU E 81 -51.43 -48.15 25.50
CA LEU E 81 -50.25 -48.67 24.84
C LEU E 81 -50.56 -49.73 23.79
N LYS E 82 -51.52 -50.61 24.07
CA LYS E 82 -51.71 -51.79 23.23
C LYS E 82 -52.28 -51.46 21.87
N ARG E 83 -52.79 -50.24 21.66
CA ARG E 83 -53.25 -49.92 20.31
C ARG E 83 -52.08 -49.69 19.37
N LEU E 84 -51.06 -48.93 19.78
CA LEU E 84 -50.02 -48.50 18.84
C LEU E 84 -49.00 -49.60 18.57
N ASP E 85 -48.75 -50.48 19.55
CA ASP E 85 -47.62 -51.40 19.49
C ASP E 85 -47.84 -52.50 18.46
N GLU E 86 -49.07 -52.95 18.29
CA GLU E 86 -49.36 -54.13 17.49
C GLU E 86 -49.71 -53.84 16.03
N GLU E 87 -49.67 -52.57 15.61
CA GLU E 87 -50.28 -52.17 14.35
C GLU E 87 -49.32 -51.58 13.32
N LEU E 88 -48.10 -51.22 13.72
CA LEU E 88 -47.58 -49.86 13.55
C LEU E 88 -48.05 -49.07 12.33
N GLU E 89 -47.77 -49.50 11.09
CA GLU E 89 -48.37 -49.06 9.81
C GLU E 89 -48.56 -47.54 9.59
N ASP E 90 -47.98 -46.69 10.43
CA ASP E 90 -48.37 -45.28 10.42
C ASP E 90 -47.52 -44.46 9.46
N ALA E 91 -46.20 -44.57 9.54
CA ALA E 91 -45.32 -43.87 8.64
C ALA E 91 -44.94 -44.72 7.43
N GLU E 92 -45.66 -45.81 7.18
CA GLU E 92 -45.51 -46.52 5.92
C GLU E 92 -46.38 -45.91 4.82
N LYS E 93 -47.14 -44.86 5.15
CA LYS E 93 -47.93 -44.14 4.14
C LYS E 93 -47.02 -43.53 3.08
N ASN E 94 -45.92 -42.92 3.50
CA ASN E 94 -44.82 -42.61 2.61
C ASN E 94 -43.90 -43.82 2.64
N LEU E 95 -43.86 -44.57 1.53
CA LEU E 95 -43.40 -45.95 1.56
C LEU E 95 -41.88 -45.99 1.71
N GLY E 96 -41.43 -46.11 2.95
CA GLY E 96 -40.03 -46.31 3.24
C GLY E 96 -39.72 -47.79 3.16
N GLU E 97 -39.27 -48.39 4.25
CA GLU E 97 -38.99 -49.82 4.28
C GLU E 97 -40.25 -50.66 4.51
N SER E 98 -41.44 -50.07 4.26
CA SER E 98 -42.78 -50.52 4.62
C SER E 98 -42.97 -50.58 6.14
N GLU E 99 -42.08 -49.98 6.90
CA GLU E 99 -42.14 -49.94 8.36
C GLU E 99 -41.60 -48.59 8.82
N ILE E 100 -41.54 -48.41 10.14
CA ILE E 100 -40.89 -47.27 10.75
C ILE E 100 -40.44 -47.72 12.14
N ARG E 101 -39.38 -47.10 12.64
CA ARG E 101 -38.78 -47.52 13.90
C ARG E 101 -39.10 -46.48 14.97
N ASP E 102 -40.31 -46.58 15.51
CA ASP E 102 -40.72 -45.80 16.67
C ASP E 102 -41.63 -46.59 17.59
N ALA E 103 -41.94 -47.85 17.26
CA ALA E 103 -43.05 -48.53 17.91
C ALA E 103 -42.62 -49.41 19.08
N MET E 104 -41.83 -50.44 18.82
CA MET E 104 -41.56 -51.43 19.85
C MET E 104 -40.33 -51.09 20.68
N MET E 105 -39.45 -50.24 20.17
CA MET E 105 -38.29 -49.82 20.94
C MET E 105 -38.64 -48.77 21.99
N ALA E 106 -39.80 -48.14 21.87
CA ALA E 106 -40.20 -47.07 22.78
C ALA E 106 -41.20 -47.53 23.84
N LYS E 107 -41.86 -48.67 23.63
CA LYS E 107 -42.91 -49.12 24.55
C LYS E 107 -42.64 -50.50 25.16
N ALA E 108 -41.51 -51.13 24.84
CA ALA E 108 -41.16 -52.37 25.52
C ALA E 108 -40.71 -52.11 26.95
N GLU E 109 -40.33 -50.88 27.28
CA GLU E 109 -39.88 -50.57 28.64
C GLU E 109 -41.05 -50.58 29.62
N TYR E 110 -42.23 -50.16 29.17
CA TYR E 110 -43.44 -50.34 29.99
C TYR E 110 -43.78 -51.81 30.13
N LEU E 111 -43.46 -52.61 29.11
CA LEU E 111 -43.72 -54.04 29.14
C LEU E 111 -42.79 -54.78 30.08
N CYS E 112 -41.78 -54.12 30.63
CA CYS E 112 -40.95 -54.66 31.69
C CYS E 112 -41.26 -54.05 33.05
N ARG E 113 -41.52 -52.75 33.09
CA ARG E 113 -41.80 -52.06 34.35
C ARG E 113 -43.13 -52.50 34.94
N ILE E 114 -44.20 -52.37 34.16
CA ILE E 114 -45.54 -52.71 34.61
C ILE E 114 -46.01 -54.01 33.99
N GLY E 115 -45.76 -54.18 32.70
CA GLY E 115 -45.84 -55.50 32.10
C GLY E 115 -44.80 -56.42 32.69
N ASP E 116 -45.11 -57.71 32.66
CA ASP E 116 -44.31 -58.68 33.38
C ASP E 116 -43.17 -59.17 32.51
N LYS E 117 -42.49 -60.24 32.97
CA LYS E 117 -41.38 -60.78 32.20
C LYS E 117 -41.85 -61.43 30.92
N GLU E 118 -43.10 -61.91 30.88
CA GLU E 118 -43.65 -62.51 29.68
C GLU E 118 -43.86 -61.47 28.59
N GLY E 119 -44.45 -60.33 28.95
CA GLY E 119 -44.49 -59.19 28.06
C GLY E 119 -43.14 -58.55 27.83
N ALA E 120 -42.18 -58.81 28.71
CA ALA E 120 -40.82 -58.33 28.48
C ALA E 120 -40.05 -59.27 27.54
N LEU E 121 -40.19 -60.59 27.73
CA LEU E 121 -39.39 -61.54 26.97
C LEU E 121 -39.78 -61.56 25.50
N THR E 122 -41.07 -61.43 25.20
CA THR E 122 -41.48 -61.40 23.80
C THR E 122 -41.25 -60.07 23.15
N ALA E 123 -41.11 -58.99 23.93
CA ALA E 123 -40.84 -57.69 23.34
C ALA E 123 -39.36 -57.45 23.16
N PHE E 124 -38.54 -57.93 24.10
CA PHE E 124 -37.12 -57.63 24.06
C PHE E 124 -36.42 -58.43 22.98
N ARG E 125 -36.84 -59.67 22.75
CA ARG E 125 -36.32 -60.42 21.61
C ARG E 125 -36.89 -59.91 20.29
N LYS E 126 -38.06 -59.28 20.32
CA LYS E 126 -38.62 -58.69 19.11
C LYS E 126 -37.86 -57.43 18.71
N THR E 127 -37.43 -56.63 19.69
CA THR E 127 -36.57 -55.51 19.40
C THR E 127 -35.09 -55.89 19.39
N TYR E 128 -34.77 -57.15 19.68
CA TYR E 128 -33.39 -57.61 19.56
C TYR E 128 -32.98 -57.74 18.10
N ASP E 129 -33.76 -58.48 17.32
CA ASP E 129 -33.48 -58.64 15.89
C ASP E 129 -33.90 -57.43 15.06
N LYS E 130 -34.59 -56.47 15.67
CA LYS E 130 -34.97 -55.25 14.97
C LYS E 130 -33.74 -54.40 14.63
N THR E 131 -32.90 -54.16 15.64
CA THR E 131 -31.72 -53.32 15.49
C THR E 131 -30.49 -54.11 15.95
N VAL E 132 -29.44 -54.07 15.14
CA VAL E 132 -28.29 -54.95 15.32
C VAL E 132 -27.14 -54.21 16.00
N ALA E 133 -27.39 -53.01 16.49
CA ALA E 133 -26.33 -52.26 17.15
C ALA E 133 -26.04 -52.82 18.53
N LEU E 134 -24.78 -52.68 18.95
CA LEU E 134 -24.43 -52.91 20.34
C LEU E 134 -25.09 -51.89 21.25
N GLY E 135 -25.30 -50.67 20.77
CA GLY E 135 -25.92 -49.65 21.60
C GLY E 135 -27.40 -49.86 21.80
N HIS E 136 -28.03 -50.62 20.90
CA HIS E 136 -29.38 -51.11 21.18
C HIS E 136 -29.33 -52.35 22.06
N ARG E 137 -28.41 -53.28 21.76
CA ARG E 137 -28.16 -54.43 22.62
C ARG E 137 -27.54 -54.05 23.95
N LEU E 138 -27.07 -52.81 24.08
CA LEU E 138 -26.73 -52.24 25.38
C LEU E 138 -27.92 -52.31 26.31
N ASP E 139 -28.95 -51.51 26.02
CA ASP E 139 -30.00 -51.25 26.99
C ASP E 139 -30.95 -52.42 27.15
N ILE E 140 -31.04 -53.29 26.13
CA ILE E 140 -31.96 -54.42 26.20
C ILE E 140 -31.48 -55.46 27.20
N VAL E 141 -30.21 -55.89 27.04
CA VAL E 141 -29.63 -56.91 27.91
C VAL E 141 -29.55 -56.43 29.35
N PHE E 142 -29.36 -55.12 29.53
CA PHE E 142 -29.34 -54.56 30.88
C PHE E 142 -30.73 -54.52 31.49
N TYR E 143 -31.78 -54.51 30.64
CA TYR E 143 -33.13 -54.61 31.15
C TYR E 143 -33.49 -56.05 31.50
N LEU E 144 -32.97 -57.03 30.75
CA LEU E 144 -33.12 -58.43 31.13
C LEU E 144 -32.42 -58.71 32.46
N LEU E 145 -31.34 -57.98 32.75
CA LEU E 145 -30.62 -58.20 33.99
C LEU E 145 -31.21 -57.41 35.14
N ARG E 146 -31.82 -56.26 34.87
CA ARG E 146 -32.49 -55.54 35.94
C ARG E 146 -33.78 -56.26 36.34
N ILE E 147 -34.49 -56.83 35.37
CA ILE E 147 -35.64 -57.66 35.70
C ILE E 147 -35.19 -59.00 36.26
N GLY E 148 -33.95 -59.42 35.98
CA GLY E 148 -33.39 -60.60 36.61
C GLY E 148 -33.22 -60.48 38.11
N LEU E 149 -33.17 -59.26 38.62
CA LEU E 149 -33.27 -59.00 40.05
C LEU E 149 -34.71 -58.81 40.49
N PHE E 150 -35.57 -58.33 39.59
CA PHE E 150 -36.94 -57.98 39.95
C PHE E 150 -37.76 -59.21 40.31
N TYR E 151 -37.94 -60.12 39.36
CA TYR E 151 -38.61 -61.38 39.65
C TYR E 151 -37.64 -62.44 40.17
N MET E 152 -36.37 -62.04 40.39
CA MET E 152 -35.26 -62.79 40.97
C MET E 152 -35.12 -64.22 40.45
N ASP E 153 -35.44 -64.43 39.17
CA ASP E 153 -35.21 -65.71 38.49
C ASP E 153 -33.73 -65.80 38.18
N ASN E 154 -32.96 -66.16 39.21
CA ASN E 154 -31.52 -65.90 39.25
C ASN E 154 -30.71 -67.02 38.64
N ASP E 155 -31.24 -67.72 37.66
CA ASP E 155 -30.50 -68.74 36.92
C ASP E 155 -30.50 -68.49 35.42
N LEU E 156 -31.63 -68.02 34.86
CA LEU E 156 -31.66 -67.71 33.44
C LEU E 156 -30.88 -66.44 33.13
N ILE E 157 -30.87 -65.49 34.06
CA ILE E 157 -30.11 -64.26 33.85
C ILE E 157 -28.66 -64.40 34.26
N THR E 158 -28.24 -65.58 34.70
CA THR E 158 -26.81 -65.87 34.76
C THR E 158 -26.23 -66.17 33.39
N ARG E 159 -27.10 -66.47 32.42
CA ARG E 159 -26.63 -66.83 31.08
C ARG E 159 -26.25 -65.60 30.27
N ASN E 160 -27.19 -64.67 30.10
CA ASN E 160 -27.02 -63.51 29.24
C ASN E 160 -25.98 -62.51 29.73
N THR E 161 -25.54 -62.61 30.98
CA THR E 161 -24.34 -61.89 31.40
C THR E 161 -23.13 -62.37 30.62
N GLU E 162 -22.87 -63.68 30.67
CA GLU E 162 -21.77 -64.28 29.92
C GLU E 162 -21.98 -64.14 28.43
N LYS E 163 -23.24 -64.13 27.98
CA LYS E 163 -23.52 -63.92 26.56
C LYS E 163 -23.28 -62.47 26.18
N ALA E 164 -23.31 -61.55 27.15
CA ALA E 164 -22.88 -60.18 26.92
C ALA E 164 -21.40 -59.98 27.26
N LYS E 165 -20.84 -60.83 28.12
CA LYS E 165 -19.39 -60.84 28.31
C LYS E 165 -18.67 -61.29 27.06
N SER E 166 -19.27 -62.21 26.31
CA SER E 166 -18.61 -62.73 25.11
C SER E 166 -18.61 -61.70 23.99
N LEU E 167 -19.80 -61.27 23.58
CA LEU E 167 -19.92 -60.48 22.36
C LEU E 167 -20.01 -58.98 22.63
N ILE E 168 -20.83 -58.55 23.60
CA ILE E 168 -21.02 -57.13 23.83
C ILE E 168 -19.80 -56.48 24.49
N GLU E 169 -19.17 -57.15 25.44
CA GLU E 169 -17.97 -56.58 26.06
C GLU E 169 -16.78 -56.60 25.11
N GLU E 170 -16.39 -55.44 24.58
CA GLU E 170 -15.14 -55.33 23.84
C GLU E 170 -14.08 -54.51 24.56
N GLY E 171 -14.37 -53.93 25.73
CA GLY E 171 -13.34 -53.22 26.47
C GLY E 171 -13.81 -52.40 27.65
N GLY E 172 -13.04 -51.38 28.01
CA GLY E 172 -13.36 -50.47 29.11
C GLY E 172 -13.85 -49.15 28.55
N ASP E 173 -13.14 -48.05 28.84
CA ASP E 173 -13.11 -46.84 28.01
C ASP E 173 -14.50 -46.22 27.82
N TRP E 174 -14.98 -45.55 28.88
CA TRP E 174 -16.35 -45.48 29.38
C TRP E 174 -17.45 -45.72 28.35
N ASP E 175 -18.29 -46.71 28.66
CA ASP E 175 -19.02 -47.47 27.66
C ASP E 175 -20.25 -48.08 28.33
N ARG E 176 -20.58 -49.29 27.91
CA ARG E 176 -21.25 -50.31 28.70
C ARG E 176 -20.63 -50.59 30.08
N ARG E 177 -19.49 -50.00 30.42
CA ARG E 177 -19.10 -49.84 31.83
C ARG E 177 -20.19 -49.18 32.68
N ASN E 178 -21.08 -48.38 32.09
CA ASN E 178 -22.33 -47.96 32.70
C ASN E 178 -23.06 -49.13 33.36
N ARG E 179 -23.17 -50.25 32.64
CA ARG E 179 -23.65 -51.49 33.23
C ARG E 179 -22.71 -52.69 32.98
N LEU E 180 -21.39 -52.44 32.97
CA LEU E 180 -20.42 -53.30 33.68
C LEU E 180 -20.40 -52.97 35.17
N LYS E 181 -21.28 -52.04 35.54
CA LYS E 181 -22.05 -52.05 36.77
C LYS E 181 -23.29 -52.95 36.52
N VAL E 182 -23.12 -54.02 35.71
CA VAL E 182 -23.71 -55.34 35.91
C VAL E 182 -22.57 -56.39 35.76
N TYR E 183 -21.28 -56.07 36.18
CA TYR E 183 -20.22 -57.12 36.30
C TYR E 183 -19.32 -57.20 37.60
N GLN E 184 -19.56 -56.45 38.77
CA GLN E 184 -19.11 -56.90 40.17
C GLN E 184 -20.04 -56.71 41.51
N GLY E 185 -21.36 -56.27 41.53
CA GLY E 185 -22.56 -56.47 42.48
C GLY E 185 -24.13 -56.75 42.14
N LEU E 186 -24.58 -57.50 41.05
CA LEU E 186 -25.62 -58.50 40.60
C LEU E 186 -25.17 -59.92 40.04
N TYR E 187 -24.36 -60.12 38.90
CA TYR E 187 -23.55 -61.34 38.50
C TYR E 187 -22.03 -61.19 38.26
N CYS E 188 -21.11 -61.65 39.17
CA CYS E 188 -19.77 -62.28 39.06
C CYS E 188 -19.24 -62.90 40.40
N VAL E 189 -19.60 -62.30 41.57
CA VAL E 189 -19.27 -62.80 42.93
C VAL E 189 -20.47 -63.13 43.85
N ALA E 190 -20.95 -64.40 43.84
CA ALA E 190 -22.07 -64.72 44.73
C ALA E 190 -21.86 -65.85 45.74
N ILE E 191 -21.90 -67.08 45.25
CA ILE E 191 -21.57 -68.24 46.06
C ILE E 191 -20.53 -68.98 45.22
N ARG E 192 -19.39 -68.30 45.10
CA ARG E 192 -18.04 -68.76 44.81
C ARG E 192 -17.11 -67.87 45.59
N ASP E 193 -17.70 -67.04 46.45
CA ASP E 193 -17.07 -65.89 47.06
C ASP E 193 -16.01 -66.33 48.06
N PHE E 194 -14.79 -66.42 47.57
CA PHE E 194 -13.58 -66.28 48.38
C PHE E 194 -12.63 -65.26 47.75
N LYS E 195 -12.61 -65.21 46.41
CA LYS E 195 -11.66 -64.38 45.69
C LYS E 195 -12.27 -63.52 44.60
N GLN E 196 -13.53 -63.71 44.24
CA GLN E 196 -14.12 -62.82 43.25
C GLN E 196 -14.50 -61.48 43.86
N ALA E 197 -14.56 -61.42 45.20
CA ALA E 197 -14.51 -60.14 45.90
C ALA E 197 -13.09 -59.63 45.99
N ALA E 198 -12.11 -60.54 45.91
CA ALA E 198 -10.72 -60.14 46.10
C ALA E 198 -10.16 -59.47 44.85
N GLU E 199 -10.12 -60.20 43.74
CA GLU E 199 -9.44 -59.73 42.55
C GLU E 199 -10.22 -58.63 41.84
N LEU E 200 -11.55 -58.65 41.96
CA LEU E 200 -12.40 -57.85 41.10
C LEU E 200 -12.94 -56.60 41.79
N PHE E 201 -12.49 -56.30 43.01
CA PHE E 201 -12.92 -55.10 43.71
C PHE E 201 -11.82 -54.07 43.80
N LEU E 202 -10.85 -54.13 42.89
CA LEU E 202 -9.65 -53.32 42.98
C LEU E 202 -9.94 -51.85 42.65
N ASP E 203 -10.98 -51.59 41.88
CA ASP E 203 -11.30 -50.23 41.45
C ASP E 203 -12.48 -49.68 42.25
N THR E 204 -12.29 -48.48 42.83
CA THR E 204 -13.35 -47.70 43.48
C THR E 204 -13.53 -46.34 42.80
N VAL E 205 -13.17 -46.26 41.52
CA VAL E 205 -12.68 -45.01 40.93
C VAL E 205 -13.87 -44.27 40.33
N SER E 206 -14.69 -43.65 41.20
CA SER E 206 -15.60 -42.51 40.99
C SER E 206 -16.35 -42.24 42.29
N THR E 207 -17.12 -41.15 42.34
CA THR E 207 -17.88 -40.80 43.53
C THR E 207 -19.37 -40.52 43.29
N PHE E 208 -19.73 -39.89 42.16
CA PHE E 208 -20.96 -39.10 42.07
C PHE E 208 -22.21 -39.98 41.99
N THR E 209 -23.34 -39.40 42.41
CA THR E 209 -24.66 -40.02 42.36
C THR E 209 -25.48 -39.29 41.30
N SER E 210 -25.54 -39.88 40.11
CA SER E 210 -26.35 -39.31 39.03
C SER E 210 -27.81 -39.75 39.20
N TYR E 211 -28.63 -39.52 38.18
CA TYR E 211 -30.06 -39.79 38.31
C TYR E 211 -30.39 -41.29 38.29
N GLU E 212 -29.45 -42.14 37.89
CA GLU E 212 -29.61 -43.58 38.01
C GLU E 212 -28.58 -44.22 38.94
N LEU E 213 -27.70 -43.41 39.54
CA LEU E 213 -26.81 -43.86 40.61
C LEU E 213 -27.45 -43.55 41.95
N MET E 214 -28.55 -44.26 42.22
CA MET E 214 -29.35 -44.00 43.41
C MET E 214 -28.70 -44.55 44.68
N ASP E 215 -27.74 -45.46 44.56
CA ASP E 215 -27.10 -46.09 45.71
C ASP E 215 -25.59 -45.91 45.57
N TYR E 216 -25.03 -44.97 46.32
CA TYR E 216 -23.59 -44.86 46.45
C TYR E 216 -23.13 -44.99 47.89
N LYS E 217 -23.68 -44.18 48.80
CA LYS E 217 -23.14 -44.11 50.16
C LYS E 217 -23.38 -45.39 50.95
N THR E 218 -24.60 -45.93 50.85
CA THR E 218 -24.85 -47.25 51.41
C THR E 218 -24.21 -48.36 50.59
N PHE E 219 -23.92 -48.10 49.31
CA PHE E 219 -23.17 -49.07 48.51
C PHE E 219 -21.73 -49.18 48.97
N VAL E 220 -21.16 -48.09 49.51
CA VAL E 220 -19.81 -48.14 50.02
C VAL E 220 -19.75 -49.01 51.28
N THR E 221 -20.83 -49.02 52.07
CA THR E 221 -20.88 -49.83 53.28
C THR E 221 -20.83 -51.33 52.97
N TYR E 222 -21.29 -51.73 51.78
CA TYR E 222 -21.00 -53.07 51.29
C TYR E 222 -19.50 -53.26 51.13
N THR E 223 -18.91 -52.47 50.22
CA THR E 223 -17.55 -52.69 49.75
C THR E 223 -16.49 -52.27 50.75
N VAL E 224 -16.88 -51.86 51.96
CA VAL E 224 -15.96 -51.85 53.09
C VAL E 224 -16.19 -53.06 54.00
N TYR E 225 -17.42 -53.57 54.09
CA TYR E 225 -17.65 -54.78 54.86
C TYR E 225 -17.19 -56.03 54.13
N VAL E 226 -16.93 -55.92 52.83
CA VAL E 226 -16.32 -57.00 52.07
C VAL E 226 -14.87 -56.65 51.70
N SER E 227 -14.40 -55.47 52.08
CA SER E 227 -13.05 -55.05 51.73
C SER E 227 -11.98 -55.84 52.46
N MET E 228 -12.15 -56.05 53.77
CA MET E 228 -11.09 -56.47 54.68
C MET E 228 -10.92 -57.99 54.69
N ILE E 229 -11.28 -58.58 53.55
CA ILE E 229 -11.49 -60.00 53.38
C ILE E 229 -10.45 -60.60 52.44
N ALA E 230 -10.03 -59.81 51.44
CA ALA E 230 -9.19 -60.28 50.36
C ALA E 230 -7.79 -60.64 50.82
N LEU E 231 -7.16 -59.75 51.58
CA LEU E 231 -5.74 -59.87 51.93
C LEU E 231 -5.54 -59.32 53.33
N GLU E 232 -4.84 -60.07 54.18
CA GLU E 232 -4.85 -59.73 55.61
C GLU E 232 -3.97 -58.52 55.91
N ARG E 233 -2.67 -58.66 55.77
CA ARG E 233 -1.76 -57.51 55.73
C ARG E 233 -0.65 -57.54 54.67
N PRO E 234 -0.87 -57.93 53.38
CA PRO E 234 0.08 -57.43 52.35
C PRO E 234 -0.42 -56.13 51.73
N ASP E 235 -0.61 -55.12 52.59
CA ASP E 235 -1.03 -53.76 52.25
C ASP E 235 -2.43 -53.73 51.65
N LEU E 236 -3.40 -54.25 52.42
CA LEU E 236 -4.78 -53.82 52.24
C LEU E 236 -4.99 -52.43 52.84
N ARG E 237 -4.15 -52.03 53.79
CA ARG E 237 -4.34 -50.81 54.57
C ARG E 237 -4.25 -49.54 53.73
N GLU E 238 -3.62 -49.59 52.55
CA GLU E 238 -3.57 -48.40 51.71
C GLU E 238 -4.92 -48.17 51.05
N LYS E 239 -5.53 -49.23 50.52
CA LYS E 239 -6.74 -49.08 49.74
C LYS E 239 -7.98 -48.87 50.58
N VAL E 240 -7.88 -49.00 51.91
CA VAL E 240 -9.03 -48.77 52.77
C VAL E 240 -8.81 -47.64 53.77
N ILE E 241 -7.57 -47.29 54.12
CA ILE E 241 -7.30 -46.24 55.09
C ILE E 241 -6.53 -45.09 54.46
N LYS E 242 -5.49 -45.40 53.70
CA LYS E 242 -4.81 -44.36 52.93
C LYS E 242 -5.60 -43.94 51.70
N GLY E 243 -6.63 -44.70 51.32
CA GLY E 243 -7.54 -44.23 50.29
C GLY E 243 -8.35 -43.04 50.76
N ALA E 244 -8.68 -42.16 49.82
CA ALA E 244 -9.25 -40.85 50.14
C ALA E 244 -10.75 -40.80 49.96
N GLU E 245 -11.29 -41.44 48.92
CA GLU E 245 -12.74 -41.47 48.74
C GLU E 245 -13.39 -42.36 49.79
N ILE E 246 -12.66 -43.36 50.29
CA ILE E 246 -13.15 -44.16 51.41
C ILE E 246 -12.96 -43.39 52.71
N LEU E 247 -12.03 -42.43 52.73
CA LEU E 247 -11.77 -41.66 53.94
C LEU E 247 -12.91 -40.70 54.24
N GLU E 248 -13.59 -40.21 53.20
CA GLU E 248 -14.63 -39.21 53.41
C GLU E 248 -15.88 -39.82 54.01
N VAL E 249 -16.19 -41.06 53.64
CA VAL E 249 -17.42 -41.66 54.14
C VAL E 249 -17.23 -42.23 55.54
N LEU E 250 -16.01 -42.66 55.90
CA LEU E 250 -15.76 -43.00 57.29
C LEU E 250 -15.65 -41.77 58.16
N HIS E 251 -15.26 -40.64 57.56
CA HIS E 251 -15.41 -39.35 58.24
C HIS E 251 -16.88 -39.00 58.43
N SER E 252 -17.74 -39.50 57.55
CA SER E 252 -19.18 -39.36 57.74
C SER E 252 -19.72 -40.43 58.68
N LEU E 253 -19.38 -41.69 58.43
CA LEU E 253 -19.98 -42.80 59.16
C LEU E 253 -19.05 -43.30 60.25
N PRO E 254 -19.40 -43.19 61.53
CA PRO E 254 -18.52 -43.72 62.57
C PRO E 254 -18.59 -45.24 62.70
N ALA E 255 -19.72 -45.85 62.33
CA ALA E 255 -19.85 -47.30 62.44
C ALA E 255 -18.97 -48.01 61.43
N VAL E 256 -18.71 -47.39 60.30
CA VAL E 256 -17.72 -47.90 59.37
C VAL E 256 -16.31 -47.61 59.89
N ARG E 257 -16.11 -46.41 60.42
CA ARG E 257 -14.77 -45.95 60.79
C ARG E 257 -14.23 -46.70 62.00
N GLN E 258 -15.04 -46.81 63.05
CA GLN E 258 -14.61 -47.51 64.25
C GLN E 258 -14.41 -48.99 63.98
N TYR E 259 -15.21 -49.57 63.10
CA TYR E 259 -15.05 -50.98 62.78
C TYR E 259 -13.79 -51.23 61.95
N LEU E 260 -13.44 -50.29 61.07
CA LEU E 260 -12.16 -50.37 60.39
C LEU E 260 -11.01 -50.16 61.36
N PHE E 261 -11.08 -49.10 62.16
CA PHE E 261 -9.97 -48.75 63.03
C PHE E 261 -9.92 -49.57 64.30
N SER E 262 -10.86 -50.50 64.49
CA SER E 262 -10.66 -51.53 65.50
C SER E 262 -9.68 -52.58 64.98
N LEU E 263 -9.85 -52.98 63.72
CA LEU E 263 -9.15 -54.15 63.21
C LEU E 263 -7.69 -53.85 62.92
N TYR E 264 -7.41 -52.74 62.23
CA TYR E 264 -6.03 -52.44 61.87
C TYR E 264 -5.22 -51.98 63.07
N GLU E 265 -5.82 -51.15 63.92
CA GLU E 265 -5.13 -50.56 65.06
C GLU E 265 -5.07 -51.53 66.25
N CYS E 266 -5.60 -52.74 66.06
CA CYS E 266 -5.43 -53.88 66.97
C CYS E 266 -6.07 -53.62 68.34
N ARG E 267 -7.24 -52.98 68.33
CA ARG E 267 -8.06 -52.90 69.53
C ARG E 267 -8.91 -54.18 69.59
N TYR E 268 -8.29 -55.24 70.11
CA TYR E 268 -8.95 -56.54 70.13
C TYR E 268 -10.09 -56.61 71.12
N SER E 269 -10.14 -55.71 72.10
CA SER E 269 -11.20 -55.77 73.09
C SER E 269 -12.53 -55.24 72.56
N VAL E 270 -12.49 -54.33 71.59
CA VAL E 270 -13.68 -53.61 71.18
C VAL E 270 -14.28 -54.31 69.96
N PHE E 271 -13.76 -55.48 69.62
CA PHE E 271 -14.27 -56.23 68.47
C PHE E 271 -15.70 -56.68 68.69
N PHE E 272 -15.99 -57.24 69.87
CA PHE E 272 -17.35 -57.68 70.18
C PHE E 272 -18.32 -56.51 70.21
N GLN E 273 -17.85 -55.33 70.59
CA GLN E 273 -18.64 -54.13 70.41
C GLN E 273 -18.82 -53.82 68.93
N SER E 274 -17.72 -53.80 68.18
CA SER E 274 -17.77 -53.36 66.79
C SER E 274 -18.40 -54.42 65.89
N LEU E 275 -18.39 -55.68 66.30
CA LEU E 275 -19.08 -56.70 65.53
C LEU E 275 -20.58 -56.67 65.79
N ALA E 276 -20.97 -56.42 67.04
CA ALA E 276 -22.39 -56.38 67.38
C ALA E 276 -23.09 -55.19 66.77
N VAL E 277 -22.39 -54.07 66.63
CA VAL E 277 -22.95 -52.91 65.93
C VAL E 277 -23.16 -53.24 64.46
N VAL E 278 -22.23 -54.00 63.86
CA VAL E 278 -22.47 -54.54 62.53
C VAL E 278 -23.57 -55.58 62.56
N GLU E 279 -23.59 -56.40 63.62
CA GLU E 279 -24.66 -57.38 63.80
C GLU E 279 -26.02 -56.71 64.01
N GLN E 280 -26.07 -55.63 64.79
CA GLN E 280 -27.32 -54.89 64.97
C GLN E 280 -27.77 -54.24 63.68
N GLU E 281 -26.82 -53.85 62.83
CA GLU E 281 -27.16 -53.41 61.48
C GLU E 281 -27.66 -54.59 60.64
N MET E 282 -27.15 -55.80 60.91
CA MET E 282 -27.60 -57.00 60.20
C MET E 282 -28.87 -57.59 60.81
N LYS E 283 -29.49 -56.92 61.77
CA LYS E 283 -30.78 -57.34 62.28
C LYS E 283 -31.95 -56.77 61.50
N LYS E 284 -31.82 -55.57 60.97
CA LYS E 284 -32.90 -54.87 60.26
C LYS E 284 -32.50 -54.62 58.82
N ASP E 285 -31.93 -55.62 58.18
CA ASP E 285 -31.53 -55.51 56.79
C ASP E 285 -32.39 -56.46 55.96
N TRP E 286 -32.56 -56.13 54.68
CA TRP E 286 -33.39 -56.90 53.75
C TRP E 286 -32.85 -58.29 53.48
N LEU E 287 -31.54 -58.50 53.66
CA LEU E 287 -30.93 -59.76 53.27
C LEU E 287 -31.36 -60.77 54.33
N PHE E 288 -32.30 -61.65 53.96
CA PHE E 288 -32.89 -62.47 55.02
C PHE E 288 -32.98 -63.96 54.62
N ALA E 289 -32.54 -64.39 53.38
CA ALA E 289 -32.39 -65.87 53.24
C ALA E 289 -31.04 -66.61 53.55
N PRO E 290 -29.78 -66.56 52.79
CA PRO E 290 -28.59 -67.35 53.27
C PRO E 290 -27.27 -66.74 53.87
N HIS E 291 -27.07 -66.42 55.16
CA HIS E 291 -26.09 -65.38 55.54
C HIS E 291 -24.52 -65.43 55.64
N TYR E 292 -23.78 -65.70 56.81
CA TYR E 292 -22.36 -65.20 56.78
C TYR E 292 -21.41 -66.11 56.09
N ARG E 293 -21.69 -66.36 54.81
CA ARG E 293 -20.85 -67.18 53.93
C ARG E 293 -19.43 -66.66 53.73
N TYR E 294 -19.06 -65.55 54.39
CA TYR E 294 -17.70 -65.35 54.90
C TYR E 294 -17.60 -65.25 56.42
N TYR E 295 -18.43 -64.43 57.08
CA TYR E 295 -17.91 -63.33 57.92
C TYR E 295 -17.40 -63.59 59.35
N VAL E 296 -18.29 -63.77 60.35
CA VAL E 296 -17.94 -63.47 61.76
C VAL E 296 -16.88 -64.42 62.33
N ARG E 297 -17.12 -65.74 62.34
CA ARG E 297 -16.10 -66.52 63.03
C ARG E 297 -14.97 -66.89 62.08
N GLU E 298 -15.06 -66.46 60.83
CA GLU E 298 -13.85 -66.20 60.06
C GLU E 298 -13.25 -64.85 60.44
N MET E 299 -14.07 -63.82 60.66
CA MET E 299 -13.49 -62.58 61.18
C MET E 299 -12.99 -62.75 62.62
N ARG E 300 -13.53 -63.71 63.35
CA ARG E 300 -12.87 -64.12 64.60
C ARG E 300 -11.53 -64.77 64.31
N ILE E 301 -11.47 -65.66 63.32
CA ILE E 301 -10.18 -66.26 63.00
C ILE E 301 -9.30 -65.26 62.26
N HIS E 302 -9.90 -64.25 61.61
CA HIS E 302 -9.11 -63.15 61.06
C HIS E 302 -8.54 -62.31 62.18
N ALA E 303 -9.31 -62.14 63.26
CA ALA E 303 -8.77 -61.50 64.46
C ALA E 303 -7.76 -62.40 65.15
N TYR E 304 -7.94 -63.72 65.07
CA TYR E 304 -7.05 -64.63 65.76
C TYR E 304 -5.77 -64.89 64.99
N SER E 305 -5.83 -64.89 63.65
CA SER E 305 -4.64 -65.16 62.85
C SER E 305 -3.60 -64.05 63.02
N GLN E 306 -4.05 -62.82 63.25
CA GLN E 306 -3.10 -61.76 63.55
C GLN E 306 -2.76 -61.70 65.02
N LEU E 307 -3.63 -62.20 65.89
CA LEU E 307 -3.32 -62.21 67.32
C LEU E 307 -2.39 -63.37 67.67
N LEU E 308 -2.65 -64.55 67.11
CA LEU E 308 -1.78 -65.70 67.36
C LEU E 308 -0.45 -65.54 66.65
N GLU E 309 -0.38 -64.73 65.62
CA GLU E 309 0.89 -64.30 65.07
C GLU E 309 1.54 -63.34 66.06
N SER E 310 2.88 -63.36 66.09
CA SER E 310 3.85 -62.63 66.91
C SER E 310 3.94 -63.19 68.32
N TYR E 311 3.07 -64.10 68.73
CA TYR E 311 3.09 -64.72 70.05
C TYR E 311 3.12 -66.22 69.84
N ARG E 312 4.24 -66.87 70.15
CA ARG E 312 4.24 -68.33 70.04
C ARG E 312 4.05 -69.01 71.38
N SER E 313 4.22 -68.29 72.49
CA SER E 313 3.88 -68.80 73.82
C SER E 313 2.92 -67.79 74.44
N LEU E 314 1.64 -68.05 74.32
CA LEU E 314 0.60 -67.16 74.80
C LEU E 314 -0.18 -67.84 75.92
N THR E 315 -0.72 -67.03 76.83
CA THR E 315 -1.60 -67.53 77.88
C THR E 315 -2.99 -66.94 77.70
N LEU E 316 -4.01 -67.76 77.94
CA LEU E 316 -5.38 -67.29 77.79
C LEU E 316 -5.86 -66.49 78.98
N GLY E 317 -5.07 -66.41 80.05
CA GLY E 317 -5.34 -65.40 81.07
C GLY E 317 -5.13 -64.00 80.54
N TYR E 318 -4.21 -63.83 79.59
CA TYR E 318 -4.09 -62.58 78.87
C TYR E 318 -5.23 -62.36 77.89
N MET E 319 -5.90 -63.43 77.46
CA MET E 319 -7.05 -63.30 76.59
C MET E 319 -8.29 -62.83 77.33
N ALA E 320 -8.29 -62.92 78.67
CA ALA E 320 -9.45 -62.56 79.46
C ALA E 320 -9.73 -61.06 79.49
N GLU E 321 -8.79 -60.23 79.06
CA GLU E 321 -9.01 -58.80 79.01
C GLU E 321 -8.55 -58.14 77.72
N ALA E 322 -7.63 -58.75 76.98
CA ALA E 322 -7.14 -58.11 75.76
C ALA E 322 -8.12 -58.20 74.61
N PHE E 323 -9.01 -59.19 74.64
CA PHE E 323 -9.91 -59.47 73.54
C PHE E 323 -11.36 -59.54 73.97
N GLY E 324 -11.63 -59.86 75.22
CA GLY E 324 -12.98 -60.07 75.70
C GLY E 324 -12.96 -60.95 76.93
N VAL E 325 -14.16 -61.20 77.46
CA VAL E 325 -14.28 -61.86 78.76
C VAL E 325 -14.82 -63.26 78.55
N GLY E 326 -15.00 -64.01 79.64
CA GLY E 326 -15.39 -65.38 79.47
C GLY E 326 -14.20 -66.29 79.18
N VAL E 327 -13.36 -66.49 80.19
CA VAL E 327 -12.23 -67.44 80.10
C VAL E 327 -12.68 -68.80 79.57
N GLU E 328 -13.80 -69.29 80.08
CA GLU E 328 -14.39 -70.51 79.55
C GLU E 328 -14.98 -70.31 78.16
N PHE E 329 -15.34 -69.08 77.79
CA PHE E 329 -15.94 -68.85 76.48
C PHE E 329 -14.89 -68.87 75.38
N ILE E 330 -13.70 -68.30 75.63
CA ILE E 330 -12.60 -68.41 74.68
C ILE E 330 -12.16 -69.86 74.55
N ASP E 331 -12.15 -70.60 75.66
CA ASP E 331 -11.65 -71.96 75.66
C ASP E 331 -12.53 -72.89 74.84
N GLN E 332 -13.85 -72.74 74.94
CA GLN E 332 -14.74 -73.53 74.10
C GLN E 332 -14.80 -72.99 72.68
N GLU E 333 -14.37 -71.75 72.47
CA GLU E 333 -14.35 -71.18 71.14
C GLU E 333 -13.18 -71.71 70.32
N LEU E 334 -11.99 -71.73 70.92
CA LEU E 334 -10.83 -72.29 70.26
C LEU E 334 -10.92 -73.80 70.09
N SER E 335 -11.67 -74.47 70.96
CA SER E 335 -11.92 -75.90 70.77
C SER E 335 -12.74 -76.15 69.51
N ARG E 336 -13.59 -75.21 69.13
CA ARG E 336 -14.31 -75.35 67.87
C ARG E 336 -13.40 -75.14 66.67
N PHE E 337 -12.35 -74.32 66.82
CA PHE E 337 -11.66 -73.84 65.63
C PHE E 337 -10.48 -74.72 65.29
N ILE E 338 -9.72 -75.12 66.31
CA ILE E 338 -8.55 -75.97 66.11
C ILE E 338 -8.97 -77.34 65.61
N ALA E 339 -10.02 -77.89 66.21
CA ALA E 339 -10.34 -79.30 66.06
C ALA E 339 -10.93 -79.64 64.70
N ALA E 340 -11.31 -78.65 63.91
CA ALA E 340 -11.93 -78.90 62.62
C ALA E 340 -11.12 -78.26 61.49
N GLY E 341 -9.80 -78.28 61.63
CA GLY E 341 -8.92 -77.98 60.51
C GLY E 341 -8.60 -76.52 60.28
N ARG E 342 -8.93 -75.63 61.21
CA ARG E 342 -8.58 -74.22 61.09
C ARG E 342 -7.72 -73.83 62.28
N LEU E 343 -7.17 -72.62 62.22
CA LEU E 343 -6.49 -71.95 63.33
C LEU E 343 -5.32 -72.78 63.85
N HIS E 344 -4.24 -72.82 63.08
CA HIS E 344 -3.16 -73.75 63.33
C HIS E 344 -2.41 -73.44 64.62
N CYS E 345 -2.84 -74.07 65.72
CA CYS E 345 -2.16 -73.96 67.00
C CYS E 345 -2.57 -75.17 67.83
N LYS E 346 -2.01 -75.26 69.04
CA LYS E 346 -2.29 -76.36 69.97
C LYS E 346 -2.53 -75.79 71.36
N ILE E 347 -3.80 -75.77 71.77
CA ILE E 347 -4.19 -75.19 73.05
C ILE E 347 -3.76 -76.13 74.18
N ASP E 348 -3.59 -75.57 75.37
CA ASP E 348 -3.17 -76.32 76.54
C ASP E 348 -4.19 -76.13 77.67
N LYS E 349 -4.31 -77.18 78.48
CA LYS E 349 -5.07 -77.22 79.73
C LYS E 349 -4.13 -76.70 80.83
N VAL E 350 -4.33 -77.08 82.09
CA VAL E 350 -4.12 -76.35 83.34
C VAL E 350 -2.85 -75.52 83.49
N ASN E 351 -1.84 -75.74 82.63
CA ASN E 351 -0.77 -74.77 82.50
C ASN E 351 -1.26 -73.41 81.98
N GLU E 352 -2.43 -73.40 81.32
CA GLU E 352 -3.09 -72.20 80.79
C GLU E 352 -2.20 -71.52 79.75
N ILE E 353 -1.95 -72.25 78.67
CA ILE E 353 -1.09 -71.82 77.57
C ILE E 353 -1.87 -71.96 76.28
N VAL E 354 -1.71 -71.01 75.37
CA VAL E 354 -2.13 -71.19 73.99
C VAL E 354 -0.85 -71.27 73.16
N GLU E 355 -0.44 -72.47 72.80
CA GLU E 355 0.78 -72.71 72.06
C GLU E 355 0.46 -72.87 70.58
N THR E 356 1.29 -72.30 69.72
CA THR E 356 1.09 -72.46 68.29
C THR E 356 2.25 -73.20 67.65
N ASN E 357 1.92 -73.96 66.61
CA ASN E 357 2.87 -74.66 65.77
C ASN E 357 2.61 -74.32 64.31
N ARG E 358 3.65 -74.27 63.52
CA ARG E 358 3.58 -73.85 62.14
C ARG E 358 4.29 -74.89 61.29
N PRO E 359 3.91 -75.04 60.02
CA PRO E 359 4.71 -75.87 59.12
C PRO E 359 6.01 -75.15 58.79
N ASP E 360 6.98 -75.93 58.35
CA ASP E 360 8.26 -75.35 57.98
C ASP E 360 8.19 -74.84 56.55
N SER E 361 9.30 -74.29 56.08
CA SER E 361 9.38 -73.82 54.71
C SER E 361 9.48 -74.96 53.71
N LYS E 362 9.65 -76.20 54.17
CA LYS E 362 9.69 -77.35 53.29
C LYS E 362 8.68 -78.43 53.66
N ASN E 363 8.26 -78.52 54.92
CA ASN E 363 7.26 -79.51 55.31
C ASN E 363 5.91 -79.19 54.69
N TRP E 364 5.61 -77.91 54.52
CA TRP E 364 4.34 -77.51 53.93
C TRP E 364 4.32 -77.83 52.44
N GLN E 365 5.42 -77.59 51.73
CA GLN E 365 5.45 -77.84 50.30
C GLN E 365 5.57 -79.32 49.99
N TYR E 366 6.23 -80.09 50.85
CA TYR E 366 6.24 -81.53 50.66
C TYR E 366 4.86 -82.12 50.90
N GLN E 367 4.07 -81.48 51.75
CA GLN E 367 2.67 -81.87 51.91
C GLN E 367 1.86 -81.45 50.69
N GLU E 368 2.28 -80.40 49.99
CA GLU E 368 1.53 -79.95 48.84
C GLU E 368 1.90 -80.70 47.56
N THR E 369 3.19 -81.03 47.39
CA THR E 369 3.59 -81.77 46.20
C THR E 369 3.16 -83.23 46.27
N ILE E 370 2.88 -83.74 47.47
CA ILE E 370 2.38 -85.09 47.56
C ILE E 370 0.89 -85.14 47.21
N LYS E 371 0.19 -84.01 47.25
CA LYS E 371 -1.22 -84.01 46.86
C LYS E 371 -1.37 -83.90 45.35
N LYS E 372 -0.63 -82.98 44.72
CA LYS E 372 -0.73 -82.80 43.29
C LYS E 372 -0.08 -83.94 42.53
N GLY E 373 0.96 -84.56 43.11
CA GLY E 373 1.58 -85.70 42.47
C GLY E 373 0.69 -86.92 42.41
N ASP E 374 -0.17 -87.09 43.41
CA ASP E 374 -1.10 -88.22 43.37
C ASP E 374 -2.23 -87.98 42.38
N LEU E 375 -2.60 -86.72 42.16
CA LEU E 375 -3.69 -86.44 41.22
C LEU E 375 -3.23 -86.65 39.78
N LEU E 376 -2.01 -86.24 39.47
CA LEU E 376 -1.51 -86.41 38.11
C LEU E 376 -1.10 -87.85 37.84
N LEU E 377 -0.67 -88.57 38.88
CA LEU E 377 -0.37 -89.99 38.72
C LEU E 377 -1.65 -90.79 38.47
N ASN E 378 -2.71 -90.48 39.22
CA ASN E 378 -4.01 -91.10 38.98
C ASN E 378 -4.56 -90.73 37.61
N ARG E 379 -4.18 -89.56 37.10
CA ARG E 379 -4.62 -89.15 35.77
C ARG E 379 -3.94 -89.98 34.70
N VAL E 380 -2.62 -90.12 34.76
CA VAL E 380 -1.91 -90.91 33.75
C VAL E 380 -2.05 -92.41 33.96
N GLN E 381 -2.57 -92.86 35.11
CA GLN E 381 -3.08 -94.22 35.20
C GLN E 381 -4.17 -94.47 34.17
N LYS E 382 -5.13 -93.55 34.11
CA LYS E 382 -6.32 -93.77 33.30
C LYS E 382 -6.02 -93.66 31.82
N LEU E 383 -5.27 -92.62 31.42
CA LEU E 383 -4.99 -92.42 30.01
C LEU E 383 -3.98 -93.41 29.46
N SER E 384 -3.30 -94.17 30.31
CA SER E 384 -2.45 -95.24 29.82
C SER E 384 -3.26 -96.40 29.27
N ARG E 385 -4.46 -96.63 29.83
CA ARG E 385 -5.25 -97.79 29.47
C ARG E 385 -6.48 -97.47 28.63
N VAL E 386 -6.82 -96.18 28.46
CA VAL E 386 -7.85 -95.84 27.49
C VAL E 386 -7.35 -96.14 26.08
N ILE E 387 -6.20 -95.58 25.72
CA ILE E 387 -5.46 -96.11 24.59
C ILE E 387 -4.77 -97.40 24.99
N ASN E 388 -4.34 -98.15 23.98
CA ASN E 388 -3.58 -99.41 24.12
C ASN E 388 -4.38 -100.42 24.95
N MET E 389 -5.51 -100.83 24.37
CA MET E 389 -6.53 -101.70 24.98
C MET E 389 -7.08 -101.13 26.29
N ALA F 5 57.91 -68.57 40.33
CA ALA F 5 57.23 -69.84 40.08
C ALA F 5 56.48 -69.81 38.75
N VAL F 6 56.13 -70.99 38.25
CA VAL F 6 55.52 -71.15 36.93
C VAL F 6 54.09 -71.68 37.03
N GLN F 7 53.82 -72.56 38.00
CA GLN F 7 52.53 -73.02 38.53
C GLN F 7 51.60 -73.74 37.54
N LYS F 8 51.96 -73.83 36.25
CA LYS F 8 51.55 -74.84 35.27
C LYS F 8 52.25 -74.56 33.96
N VAL F 9 52.31 -75.60 33.12
CA VAL F 9 52.77 -75.49 31.74
C VAL F 9 51.68 -76.00 30.81
N VAL F 10 51.76 -75.57 29.56
CA VAL F 10 50.74 -75.86 28.56
C VAL F 10 51.45 -76.53 27.39
N VAL F 11 51.15 -77.80 27.16
CA VAL F 11 51.87 -78.63 26.19
C VAL F 11 50.97 -78.89 24.99
N HIS F 12 51.40 -78.45 23.82
CA HIS F 12 50.66 -78.73 22.61
C HIS F 12 50.85 -80.18 22.19
N PRO F 13 49.86 -80.80 21.56
CA PRO F 13 49.98 -82.20 21.14
C PRO F 13 50.86 -82.45 19.92
N LEU F 14 51.57 -81.46 19.39
CA LEU F 14 52.58 -81.77 18.38
C LEU F 14 53.79 -82.43 19.03
N VAL F 15 54.15 -81.99 20.23
CA VAL F 15 55.09 -82.72 21.06
C VAL F 15 54.20 -83.60 21.92
N LEU F 16 54.79 -84.64 22.55
CA LEU F 16 54.30 -85.95 22.95
C LEU F 16 54.21 -86.87 21.74
N LEU F 17 54.41 -86.36 20.53
CA LEU F 17 54.53 -87.19 19.35
C LEU F 17 55.84 -86.95 18.63
N SER F 18 56.39 -85.74 18.71
CA SER F 18 57.73 -85.45 18.23
C SER F 18 58.80 -85.84 19.23
N VAL F 19 58.43 -86.48 20.33
CA VAL F 19 59.39 -87.19 21.17
C VAL F 19 59.45 -88.66 20.78
N VAL F 20 58.28 -89.26 20.58
CA VAL F 20 58.14 -90.69 20.37
C VAL F 20 58.71 -91.14 19.04
N ASP F 21 58.77 -90.24 18.05
CA ASP F 21 59.50 -90.57 16.83
C ASP F 21 60.98 -90.72 17.10
N HIS F 22 61.53 -89.88 17.99
CA HIS F 22 62.95 -89.99 18.28
C HIS F 22 63.24 -91.20 19.17
N PHE F 23 62.28 -91.59 20.00
CA PHE F 23 62.38 -92.89 20.65
C PHE F 23 62.26 -94.02 19.63
N ASN F 24 61.57 -93.76 18.52
CA ASN F 24 61.45 -94.76 17.47
C ASN F 24 62.63 -94.72 16.51
N ARG F 25 63.42 -93.65 16.50
CA ARG F 25 64.64 -93.62 15.70
C ARG F 25 65.66 -94.61 16.22
N ILE F 26 66.08 -94.43 17.48
CA ILE F 26 67.13 -95.24 18.08
C ILE F 26 66.58 -96.45 18.83
N GLY F 27 65.29 -96.73 18.69
CA GLY F 27 64.64 -97.80 19.41
C GLY F 27 64.95 -99.20 18.94
N LYS F 28 65.83 -99.36 17.95
CA LYS F 28 66.24 -100.68 17.50
C LYS F 28 67.15 -101.38 18.50
N VAL F 29 67.77 -100.62 19.42
CA VAL F 29 68.60 -101.24 20.45
C VAL F 29 67.72 -101.95 21.50
N GLY F 30 66.48 -101.50 21.67
CA GLY F 30 65.51 -102.25 22.45
C GLY F 30 65.65 -102.21 23.95
N ASN F 31 66.82 -102.59 24.47
CA ASN F 31 67.04 -102.78 25.90
C ASN F 31 66.89 -101.50 26.71
N GLN F 32 67.79 -100.55 26.51
CA GLN F 32 67.70 -99.25 27.19
C GLN F 32 68.59 -98.26 26.48
N LYS F 33 68.01 -97.15 26.03
CA LYS F 33 68.75 -96.01 25.52
C LYS F 33 67.83 -94.80 25.70
N ARG F 34 68.12 -94.01 26.73
CA ARG F 34 67.25 -92.88 27.05
C ARG F 34 67.36 -91.78 26.00
N VAL F 35 66.20 -91.27 25.61
CA VAL F 35 66.08 -90.14 24.69
C VAL F 35 66.10 -88.86 25.52
N VAL F 36 66.99 -87.94 25.15
CA VAL F 36 67.03 -86.60 25.71
C VAL F 36 66.99 -85.62 24.57
N GLY F 37 66.10 -84.63 24.64
CA GLY F 37 66.07 -83.59 23.64
C GLY F 37 65.87 -82.21 24.23
N VAL F 38 65.65 -81.21 23.38
CA VAL F 38 65.58 -79.82 23.78
C VAL F 38 64.15 -79.33 23.60
N LEU F 39 63.61 -78.67 24.61
CA LEU F 39 62.23 -78.21 24.62
C LEU F 39 62.16 -76.74 24.24
N LEU F 40 61.13 -76.38 23.49
CA LEU F 40 60.93 -75.02 23.01
C LEU F 40 59.58 -74.51 23.47
N GLY F 41 59.54 -73.28 23.94
CA GLY F 41 58.31 -72.73 24.49
C GLY F 41 58.29 -71.22 24.46
N SER F 42 57.32 -70.65 25.17
CA SER F 42 57.09 -69.22 25.18
C SER F 42 57.35 -68.66 26.57
N TRP F 43 58.14 -67.58 26.62
CA TRP F 43 58.31 -66.77 27.82
C TRP F 43 57.04 -65.95 28.00
N GLN F 44 55.98 -66.59 28.51
CA GLN F 44 54.63 -66.09 28.32
C GLN F 44 54.18 -65.14 29.42
N LYS F 45 54.19 -65.62 30.65
CA LYS F 45 53.49 -65.06 31.80
C LYS F 45 54.09 -65.80 32.99
N LYS F 46 53.49 -65.66 34.17
CA LYS F 46 53.69 -66.69 35.20
C LYS F 46 53.32 -68.05 34.66
N VAL F 47 52.18 -68.15 33.98
CA VAL F 47 51.86 -69.34 33.21
C VAL F 47 52.72 -69.37 31.95
N LEU F 48 53.11 -70.57 31.53
CA LEU F 48 54.09 -70.74 30.47
C LEU F 48 53.55 -71.68 29.42
N ASP F 49 54.08 -71.55 28.21
CA ASP F 49 53.60 -72.28 27.05
C ASP F 49 54.73 -73.14 26.50
N VAL F 50 54.34 -74.23 25.85
CA VAL F 50 55.27 -75.16 25.21
C VAL F 50 54.76 -75.43 23.79
N SER F 51 55.61 -75.22 22.80
CA SER F 51 55.19 -75.31 21.41
C SER F 51 55.94 -76.36 20.62
N ASN F 52 57.27 -76.41 20.72
CA ASN F 52 58.07 -77.18 19.79
C ASN F 52 59.14 -77.95 20.56
N SER F 53 59.80 -78.88 19.89
CA SER F 53 60.90 -79.63 20.48
C SER F 53 61.81 -80.15 19.38
N PHE F 54 63.03 -80.47 19.77
CA PHE F 54 63.95 -81.19 18.91
C PHE F 54 64.91 -81.97 19.79
N ALA F 55 65.72 -82.81 19.16
CA ALA F 55 66.53 -83.79 19.86
C ALA F 55 67.98 -83.31 19.95
N VAL F 56 68.79 -84.12 20.62
CA VAL F 56 70.21 -83.85 20.85
C VAL F 56 70.84 -85.20 21.18
N PRO F 57 72.07 -85.48 20.74
CA PRO F 57 72.68 -86.78 21.08
C PRO F 57 73.02 -86.92 22.56
N PHE F 58 72.84 -88.13 23.07
CA PHE F 58 72.98 -88.40 24.50
C PHE F 58 73.20 -89.89 24.69
N ASP F 59 74.24 -90.26 25.43
CA ASP F 59 74.42 -91.63 25.91
C ASP F 59 74.98 -91.60 27.32
N GLU F 60 74.80 -92.72 28.02
CA GLU F 60 75.09 -92.81 29.44
C GLU F 60 75.14 -94.29 29.80
N ASP F 61 75.99 -94.63 30.78
CA ASP F 61 76.28 -96.01 31.14
C ASP F 61 75.22 -96.57 32.08
N ASP F 62 75.49 -97.74 32.65
CA ASP F 62 74.62 -98.33 33.66
C ASP F 62 75.14 -98.12 35.07
N LYS F 63 76.43 -98.34 35.28
CA LYS F 63 77.10 -98.01 36.52
C LYS F 63 77.80 -96.68 36.37
N ASP F 64 78.01 -96.01 37.52
CA ASP F 64 78.67 -94.71 37.61
C ASP F 64 77.96 -93.67 36.75
N ASP F 65 76.74 -93.33 37.17
CA ASP F 65 75.91 -92.42 36.40
C ASP F 65 76.40 -90.98 36.47
N SER F 66 77.58 -90.74 35.91
CA SER F 66 78.17 -89.42 35.81
C SER F 66 78.81 -89.22 34.44
N VAL F 67 78.67 -90.17 33.55
CA VAL F 67 79.27 -90.13 32.23
C VAL F 67 78.12 -89.93 31.25
N TRP F 68 77.95 -88.69 30.79
CA TRP F 68 76.83 -88.37 29.92
C TRP F 68 77.21 -87.20 29.03
N PHE F 69 76.43 -87.02 27.96
CA PHE F 69 76.86 -86.18 26.85
C PHE F 69 75.72 -85.35 26.32
N LEU F 70 75.91 -84.05 26.32
CA LEU F 70 75.08 -83.13 25.54
C LEU F 70 76.01 -82.37 24.61
N ASP F 71 75.89 -82.62 23.32
CA ASP F 71 76.63 -81.88 22.30
C ASP F 71 76.17 -80.43 22.32
N HIS F 72 77.01 -79.55 22.85
CA HIS F 72 76.71 -78.13 22.84
C HIS F 72 76.73 -77.58 21.42
N ASP F 73 77.67 -78.05 20.61
CA ASP F 73 77.83 -77.56 19.24
C ASP F 73 76.60 -77.91 18.41
N TYR F 74 76.05 -79.11 18.60
CA TYR F 74 74.79 -79.46 17.95
C TYR F 74 73.64 -78.62 18.51
N LEU F 75 73.71 -78.25 19.78
CA LEU F 75 72.66 -77.46 20.38
C LEU F 75 72.73 -76.01 19.93
N GLU F 76 73.91 -75.53 19.58
CA GLU F 76 74.02 -74.13 19.13
C GLU F 76 73.55 -73.98 17.69
N ASN F 77 73.92 -74.91 16.82
CA ASN F 77 73.63 -74.74 15.40
C ASN F 77 72.17 -75.01 15.08
N MET F 78 71.62 -76.10 15.62
CA MET F 78 70.26 -76.47 15.25
C MET F 78 69.23 -75.52 15.86
N TYR F 79 69.48 -75.03 17.07
CA TYR F 79 68.67 -73.95 17.60
C TYR F 79 68.89 -72.66 16.83
N GLY F 80 70.11 -72.45 16.31
CA GLY F 80 70.35 -71.32 15.43
C GLY F 80 69.58 -71.40 14.14
N MET F 81 69.27 -72.62 13.69
CA MET F 81 68.39 -72.80 12.53
C MET F 81 66.96 -72.47 12.91
N PHE F 82 66.50 -72.95 14.06
CA PHE F 82 65.11 -72.73 14.44
C PHE F 82 64.87 -71.28 14.86
N LYS F 83 65.91 -70.61 15.35
CA LYS F 83 65.83 -69.17 15.54
C LYS F 83 65.77 -68.46 14.19
N LYS F 84 66.43 -69.03 13.17
CA LYS F 84 66.42 -68.42 11.85
C LYS F 84 65.07 -68.58 11.17
N VAL F 85 64.48 -69.78 11.24
CA VAL F 85 63.18 -69.98 10.59
C VAL F 85 62.04 -69.43 11.45
N ASN F 86 62.26 -69.25 12.75
CA ASN F 86 61.19 -68.79 13.65
C ASN F 86 61.81 -67.83 14.66
N ALA F 87 61.47 -66.55 14.54
CA ALA F 87 61.93 -65.54 15.47
C ALA F 87 61.07 -65.42 16.72
N ARG F 88 59.82 -65.88 16.64
CA ARG F 88 58.92 -65.83 17.79
C ARG F 88 59.37 -66.80 18.88
N GLU F 89 59.98 -67.90 18.49
CA GLU F 89 60.25 -69.01 19.38
C GLU F 89 61.63 -68.92 20.00
N ARG F 90 61.73 -69.22 21.31
CA ARG F 90 63.02 -69.41 21.94
C ARG F 90 62.94 -70.54 22.95
N ILE F 91 64.11 -70.91 23.49
CA ILE F 91 64.23 -72.08 24.35
C ILE F 91 63.56 -71.84 25.70
N VAL F 92 63.01 -72.91 26.27
CA VAL F 92 62.49 -72.87 27.63
C VAL F 92 63.02 -73.99 28.51
N GLY F 93 63.48 -75.11 27.96
CA GLY F 93 64.00 -76.20 28.76
C GLY F 93 64.34 -77.45 27.99
N TRP F 94 64.00 -78.62 28.53
CA TRP F 94 64.43 -79.88 27.96
C TRP F 94 63.48 -80.99 28.41
N TYR F 95 63.73 -82.19 27.91
CA TYR F 95 62.90 -83.34 28.26
C TYR F 95 63.76 -84.59 28.25
N HIS F 96 63.26 -85.64 28.92
CA HIS F 96 63.79 -86.97 28.72
C HIS F 96 62.65 -87.97 28.83
N THR F 97 62.86 -89.14 28.24
CA THR F 97 61.80 -90.11 28.03
C THR F 97 61.66 -91.13 29.15
N GLY F 98 62.53 -91.10 30.15
CA GLY F 98 62.58 -92.10 31.19
C GLY F 98 61.32 -92.15 32.03
N PRO F 99 60.84 -93.37 32.31
CA PRO F 99 59.56 -93.53 33.02
C PRO F 99 59.59 -93.02 34.45
N LYS F 100 60.64 -93.38 35.18
CA LYS F 100 60.94 -92.73 36.45
C LYS F 100 62.26 -91.99 36.28
N LEU F 101 62.38 -90.84 36.94
CA LEU F 101 63.56 -90.02 36.74
C LEU F 101 64.75 -90.64 37.45
N HIS F 102 65.93 -90.41 36.89
CA HIS F 102 67.15 -91.07 37.35
C HIS F 102 67.94 -90.13 38.25
N LYS F 103 69.05 -90.61 38.79
CA LYS F 103 69.91 -89.84 39.66
C LYS F 103 70.75 -88.83 38.88
N ASN F 104 71.06 -89.16 37.62
CA ASN F 104 71.80 -88.28 36.73
C ASN F 104 71.06 -86.98 36.43
N ASP F 105 69.73 -86.98 36.48
CA ASP F 105 68.83 -85.96 35.94
C ASP F 105 68.94 -84.60 36.58
N ILE F 106 69.83 -84.31 37.53
CA ILE F 106 69.95 -82.97 38.07
C ILE F 106 71.10 -82.20 37.46
N ALA F 107 72.17 -82.87 37.01
CA ALA F 107 73.29 -82.17 36.40
C ALA F 107 72.97 -81.73 34.98
N ILE F 108 72.01 -82.39 34.35
CA ILE F 108 71.53 -81.94 33.04
C ILE F 108 70.85 -80.59 33.16
N ASN F 109 70.04 -80.41 34.21
CA ASN F 109 69.45 -79.11 34.48
C ASN F 109 70.51 -78.09 34.83
N GLU F 110 71.51 -78.49 35.62
CA GLU F 110 72.56 -77.58 36.04
C GLU F 110 73.47 -77.16 34.89
N LEU F 111 73.45 -77.88 33.78
CA LEU F 111 74.11 -77.40 32.58
C LEU F 111 73.36 -76.23 31.98
N MET F 112 72.12 -76.46 31.57
CA MET F 112 71.43 -75.54 30.68
C MET F 112 70.59 -74.49 31.41
N LYS F 113 70.89 -74.20 32.67
CA LYS F 113 70.34 -73.00 33.27
C LYS F 113 71.04 -71.74 32.77
N ARG F 114 72.16 -71.89 32.06
CA ARG F 114 72.82 -70.78 31.40
C ARG F 114 72.19 -70.44 30.05
N TYR F 115 71.22 -71.23 29.58
CA TYR F 115 70.46 -70.87 28.40
C TYR F 115 69.18 -70.12 28.77
N CYS F 116 68.33 -70.77 29.53
CA CYS F 116 67.22 -70.05 30.10
C CYS F 116 67.40 -69.97 31.60
N PRO F 117 67.15 -68.81 32.21
CA PRO F 117 67.33 -68.68 33.67
C PRO F 117 66.45 -69.60 34.49
N ASN F 118 65.24 -69.90 34.04
CA ASN F 118 64.41 -70.95 34.63
C ASN F 118 64.23 -72.06 33.60
N SER F 119 65.21 -72.95 33.53
CA SER F 119 65.15 -74.08 32.62
C SER F 119 64.33 -75.19 33.26
N VAL F 120 63.27 -75.60 32.58
CA VAL F 120 62.28 -76.52 33.12
C VAL F 120 62.36 -77.84 32.36
N LEU F 121 62.27 -78.95 33.09
CA LEU F 121 62.21 -80.25 32.43
C LEU F 121 60.76 -80.67 32.23
N VAL F 122 60.58 -81.67 31.38
CA VAL F 122 59.33 -82.39 31.22
C VAL F 122 59.68 -83.87 31.12
N ILE F 123 59.19 -84.66 32.06
CA ILE F 123 59.25 -86.11 31.90
C ILE F 123 58.04 -86.54 31.10
N ILE F 124 58.27 -87.35 30.07
CA ILE F 124 57.16 -87.97 29.36
C ILE F 124 57.25 -89.47 29.63
N ASP F 125 56.30 -90.23 29.08
CA ASP F 125 56.33 -91.67 29.20
C ASP F 125 55.88 -92.26 27.88
N VAL F 126 56.78 -92.98 27.22
CA VAL F 126 56.40 -93.67 25.99
C VAL F 126 55.49 -94.84 26.29
N LYS F 127 55.60 -95.43 27.48
CA LYS F 127 54.75 -96.54 27.90
C LYS F 127 54.04 -96.20 29.20
N PRO F 128 52.93 -95.46 29.14
CA PRO F 128 52.13 -95.29 30.36
C PRO F 128 51.35 -96.55 30.70
N LYS F 129 52.00 -97.44 31.45
CA LYS F 129 51.28 -98.56 32.04
C LYS F 129 50.19 -98.07 33.00
N ASP F 130 50.41 -96.93 33.63
CA ASP F 130 49.32 -96.21 34.26
C ASP F 130 48.39 -95.68 33.18
N LEU F 131 47.11 -95.97 33.31
CA LEU F 131 46.10 -95.48 32.38
C LEU F 131 45.69 -94.04 32.66
N GLY F 132 46.34 -93.38 33.62
CA GLY F 132 46.06 -91.99 33.94
C GLY F 132 46.92 -91.02 33.17
N LEU F 133 46.90 -89.78 33.62
CA LEU F 133 47.46 -88.66 32.88
C LEU F 133 48.98 -88.71 32.87
N PRO F 134 49.62 -88.86 31.70
CA PRO F 134 51.07 -88.94 31.63
C PRO F 134 51.70 -87.56 31.57
N THR F 135 53.00 -87.52 31.31
CA THR F 135 53.76 -86.35 30.88
C THR F 135 53.71 -85.21 31.90
N GLU F 136 54.35 -85.47 33.04
CA GLU F 136 54.42 -84.53 34.14
C GLU F 136 55.80 -83.87 34.20
N ALA F 137 55.84 -82.64 34.68
CA ALA F 137 57.00 -81.77 34.57
C ALA F 137 57.43 -81.24 35.94
N TYR F 138 58.73 -80.97 36.08
CA TYR F 138 59.31 -80.54 37.34
C TYR F 138 60.13 -79.27 37.17
N ILE F 139 60.53 -78.69 38.30
CA ILE F 139 61.43 -77.55 38.34
C ILE F 139 62.25 -77.62 39.62
N SER F 140 63.50 -77.16 39.55
CA SER F 140 64.46 -77.31 40.63
C SER F 140 64.57 -76.04 41.46
N VAL F 141 64.55 -76.21 42.79
CA VAL F 141 64.78 -75.12 43.74
C VAL F 141 65.75 -75.62 44.81
N GLU F 142 65.98 -74.76 45.81
CA GLU F 142 66.84 -75.07 46.95
C GLU F 142 66.02 -74.98 48.23
N GLU F 143 66.11 -76.02 49.07
CA GLU F 143 65.24 -76.17 50.22
C GLU F 143 66.04 -76.59 51.46
N VAL F 144 67.12 -75.83 51.73
CA VAL F 144 68.18 -76.17 52.69
C VAL F 144 67.62 -76.48 54.07
N HIS F 145 67.97 -77.66 54.58
CA HIS F 145 67.23 -78.37 55.61
C HIS F 145 67.90 -78.20 56.97
N ASP F 146 67.15 -78.55 58.03
CA ASP F 146 67.63 -78.56 59.41
C ASP F 146 68.80 -79.52 59.61
N ASP F 147 68.92 -80.54 58.75
CA ASP F 147 69.96 -81.56 58.87
C ASP F 147 71.35 -80.98 58.67
N GLY F 148 71.47 -79.91 57.90
CA GLY F 148 72.75 -79.37 57.55
C GLY F 148 73.21 -79.71 56.15
N THR F 149 72.28 -79.90 55.23
CA THR F 149 72.62 -80.01 53.82
C THR F 149 73.17 -78.67 53.36
N PRO F 150 74.34 -78.64 52.72
CA PRO F 150 74.85 -77.37 52.17
C PRO F 150 73.95 -76.80 51.09
N THR F 151 73.36 -77.67 50.25
CA THR F 151 72.33 -77.25 49.29
C THR F 151 71.39 -78.42 49.09
N SER F 152 70.25 -78.38 49.76
CA SER F 152 69.19 -79.35 49.50
C SER F 152 68.55 -78.97 48.19
N LYS F 153 68.86 -79.71 47.13
CA LYS F 153 68.46 -79.37 45.77
C LYS F 153 67.72 -80.56 45.16
N THR F 154 66.39 -80.46 45.08
CA THR F 154 65.55 -81.51 44.52
C THR F 154 64.41 -80.84 43.78
N PHE F 155 63.95 -81.48 42.70
CA PHE F 155 62.91 -80.92 41.86
C PHE F 155 61.56 -80.85 42.57
N GLU F 156 60.71 -79.93 42.12
CA GLU F 156 59.37 -79.74 42.67
C GLU F 156 58.32 -80.10 41.64
N HIS F 157 57.22 -80.68 42.12
CA HIS F 157 56.11 -81.03 41.25
C HIS F 157 55.40 -79.79 40.74
N VAL F 158 55.18 -79.72 39.44
CA VAL F 158 54.40 -78.67 38.80
C VAL F 158 53.30 -79.34 38.02
N THR F 159 52.07 -78.84 38.18
CA THR F 159 50.94 -79.38 37.43
C THR F 159 51.08 -79.04 35.95
N SER F 160 50.37 -79.80 35.12
CA SER F 160 50.50 -79.66 33.68
C SER F 160 49.22 -80.13 33.00
N GLU F 161 49.09 -79.77 31.73
CA GLU F 161 47.91 -80.11 30.94
C GLU F 161 48.28 -80.05 29.47
N ILE F 162 47.42 -80.65 28.65
CA ILE F 162 47.62 -80.70 27.21
C ILE F 162 46.97 -79.48 26.58
N GLY F 163 47.75 -78.74 25.81
CA GLY F 163 47.26 -77.54 25.17
C GLY F 163 46.39 -77.83 23.97
N ALA F 164 45.95 -76.74 23.33
CA ALA F 164 45.04 -76.84 22.20
C ALA F 164 45.22 -75.65 21.29
N GLU F 165 45.06 -75.88 19.99
CA GLU F 165 45.13 -74.86 18.97
C GLU F 165 44.22 -75.29 17.84
N GLU F 166 43.72 -74.30 17.08
CA GLU F 166 42.63 -74.54 16.14
C GLU F 166 43.06 -75.43 14.98
N ALA F 167 44.29 -75.26 14.49
CA ALA F 167 44.75 -76.10 13.40
C ALA F 167 45.06 -77.52 13.89
N GLU F 168 45.67 -77.65 15.06
CA GLU F 168 46.09 -78.98 15.51
C GLU F 168 44.92 -79.82 16.01
N GLU F 169 43.79 -79.21 16.40
CA GLU F 169 42.62 -80.00 16.74
C GLU F 169 42.02 -80.65 15.51
N VAL F 170 42.22 -80.05 14.33
CA VAL F 170 41.80 -80.65 13.08
C VAL F 170 42.59 -81.91 12.79
N GLY F 171 43.91 -81.82 12.82
CA GLY F 171 44.76 -82.92 12.43
C GLY F 171 44.79 -84.06 13.43
N VAL F 172 44.68 -83.74 14.72
CA VAL F 172 44.68 -84.78 15.74
C VAL F 172 43.38 -85.58 15.69
N GLU F 173 42.24 -84.88 15.72
CA GLU F 173 40.97 -85.58 15.82
C GLU F 173 40.55 -86.21 14.50
N HIS F 174 41.21 -85.89 13.40
CA HIS F 174 41.09 -86.72 12.20
C HIS F 174 41.73 -88.08 12.42
N LEU F 175 42.86 -88.12 13.11
CA LEU F 175 43.55 -89.38 13.37
C LEU F 175 42.90 -90.17 14.48
N LEU F 176 41.96 -89.58 15.24
CA LEU F 176 41.21 -90.34 16.23
C LEU F 176 40.16 -91.25 15.60
N ARG F 177 39.95 -91.15 14.29
CA ARG F 177 38.93 -91.98 13.64
C ARG F 177 39.37 -93.43 13.46
N ASP F 178 40.61 -93.77 13.80
CA ASP F 178 41.03 -95.18 13.76
C ASP F 178 40.47 -95.98 14.93
N ILE F 179 39.95 -95.33 15.96
CA ILE F 179 39.26 -96.00 17.06
C ILE F 179 37.93 -95.29 17.30
N LYS F 180 37.04 -95.97 18.01
CA LYS F 180 35.76 -95.40 18.37
C LYS F 180 35.86 -94.68 19.70
N ASP F 181 35.00 -93.68 19.89
CA ASP F 181 35.05 -92.85 21.08
C ASP F 181 33.67 -92.24 21.32
N THR F 182 33.36 -92.03 22.59
CA THR F 182 32.12 -91.37 23.01
C THR F 182 32.51 -90.11 23.75
N THR F 183 32.78 -89.05 23.01
CA THR F 183 32.89 -87.73 23.63
C THR F 183 31.53 -87.05 23.70
N VAL F 184 30.66 -87.39 22.76
CA VAL F 184 29.31 -86.83 22.72
C VAL F 184 28.37 -87.47 23.74
N GLY F 185 28.74 -88.62 24.31
CA GLY F 185 27.85 -89.32 25.21
C GLY F 185 27.85 -88.71 26.59
N THR F 186 26.72 -88.13 26.97
CA THR F 186 26.56 -87.64 28.34
C THR F 186 26.37 -88.82 29.27
N LEU F 187 26.94 -88.70 30.48
CA LEU F 187 26.91 -89.66 31.60
C LEU F 187 27.50 -91.02 31.28
N SER F 188 28.01 -91.24 30.06
CA SER F 188 28.76 -92.45 29.78
C SER F 188 30.23 -92.22 30.07
N GLN F 189 30.73 -91.01 29.79
CA GLN F 189 32.05 -90.65 30.28
C GLN F 189 32.07 -90.51 31.79
N ARG F 190 30.94 -90.08 32.37
CA ARG F 190 30.93 -89.70 33.79
C ARG F 190 31.08 -90.92 34.68
N ILE F 191 30.38 -91.99 34.35
CA ILE F 191 30.47 -93.23 35.12
C ILE F 191 31.86 -93.84 34.98
N THR F 192 32.49 -93.68 33.82
CA THR F 192 33.89 -94.10 33.71
C THR F 192 34.82 -93.20 34.50
N ASN F 193 34.45 -91.93 34.69
CA ASN F 193 35.34 -91.00 35.38
C ASN F 193 35.50 -91.33 36.85
N GLN F 194 34.45 -91.84 37.49
CA GLN F 194 34.65 -92.31 38.85
C GLN F 194 35.31 -93.69 38.86
N VAL F 195 35.14 -94.46 37.78
CA VAL F 195 35.92 -95.68 37.63
C VAL F 195 37.38 -95.34 37.35
N HIS F 196 37.64 -94.40 36.44
CA HIS F 196 39.02 -93.94 36.26
C HIS F 196 39.51 -93.14 37.46
N GLY F 197 38.60 -92.60 38.26
CA GLY F 197 39.02 -91.93 39.47
C GLY F 197 39.49 -92.89 40.54
N LEU F 198 38.63 -93.81 40.95
CA LEU F 198 38.93 -94.69 42.07
C LEU F 198 39.98 -95.73 41.72
N LYS F 199 40.20 -96.00 40.43
CA LYS F 199 41.36 -96.79 40.02
C LYS F 199 42.65 -96.05 40.36
N GLY F 200 42.64 -94.72 40.22
CA GLY F 200 43.78 -93.93 40.65
C GLY F 200 43.95 -93.93 42.15
N LEU F 201 42.85 -94.06 42.90
CA LEU F 201 42.95 -94.14 44.35
C LEU F 201 43.58 -95.44 44.80
N ASN F 202 43.18 -96.55 44.20
CA ASN F 202 43.74 -97.84 44.56
C ASN F 202 45.19 -97.95 44.13
N SER F 203 45.55 -97.31 43.02
CA SER F 203 46.93 -97.39 42.53
C SER F 203 47.89 -96.65 43.45
N LYS F 204 47.45 -95.55 44.05
CA LYS F 204 48.34 -94.81 44.93
C LYS F 204 48.44 -95.47 46.31
N LEU F 205 47.49 -96.34 46.65
CA LEU F 205 47.56 -97.00 47.95
C LEU F 205 48.40 -98.26 47.90
N LEU F 206 48.40 -98.95 46.76
CA LEU F 206 49.27 -100.11 46.60
C LEU F 206 50.72 -99.70 46.48
N ASP F 207 50.98 -98.50 45.96
CA ASP F 207 52.35 -98.00 45.90
C ASP F 207 52.83 -97.56 47.28
N ILE F 208 51.95 -96.96 48.07
CA ILE F 208 52.41 -96.35 49.31
C ILE F 208 52.63 -97.41 50.39
N ARG F 209 51.91 -98.53 50.33
CA ARG F 209 52.15 -99.58 51.31
C ARG F 209 53.38 -100.39 50.95
N SER F 210 53.74 -100.42 49.66
CA SER F 210 54.99 -101.05 49.26
C SER F 210 56.18 -100.27 49.78
N TYR F 211 56.07 -98.94 49.79
CA TYR F 211 57.07 -98.12 50.46
C TYR F 211 57.00 -98.29 51.97
N LEU F 212 55.80 -98.53 52.51
CA LEU F 212 55.63 -98.53 53.95
C LEU F 212 55.99 -99.88 54.56
N GLU F 213 55.86 -100.96 53.79
CA GLU F 213 56.29 -102.26 54.29
C GLU F 213 57.81 -102.36 54.33
N LYS F 214 58.49 -101.69 53.40
CA LYS F 214 59.95 -101.75 53.38
C LYS F 214 60.55 -100.92 54.51
N VAL F 215 60.03 -99.71 54.72
CA VAL F 215 60.59 -98.83 55.73
C VAL F 215 60.22 -99.26 57.14
N ALA F 216 59.24 -100.16 57.28
CA ALA F 216 58.92 -100.69 58.59
C ALA F 216 60.01 -101.63 59.09
N THR F 217 60.44 -102.57 58.24
CA THR F 217 61.21 -103.69 58.69
C THR F 217 62.33 -103.99 57.70
N GLY F 218 63.54 -104.14 58.23
CA GLY F 218 64.65 -104.69 57.48
C GLY F 218 65.53 -103.67 56.80
N LYS F 219 64.98 -102.97 55.80
CA LYS F 219 65.79 -102.05 55.00
C LYS F 219 64.92 -100.94 54.44
N LEU F 220 65.20 -99.70 54.86
CA LEU F 220 65.05 -98.38 54.23
C LEU F 220 65.48 -97.30 55.21
N PRO F 221 65.94 -96.14 54.72
CA PRO F 221 66.12 -94.98 55.61
C PRO F 221 64.80 -94.45 56.13
N ILE F 222 64.71 -94.35 57.45
CA ILE F 222 63.48 -94.14 58.20
C ILE F 222 63.17 -92.65 58.32
N ASN F 223 63.90 -91.81 57.57
CA ASN F 223 64.04 -90.36 57.72
C ASN F 223 62.78 -89.53 57.94
N HIS F 224 62.97 -88.32 58.51
CA HIS F 224 61.96 -87.33 58.91
C HIS F 224 61.28 -86.65 57.73
N GLN F 225 61.43 -87.21 56.55
CA GLN F 225 60.52 -87.05 55.43
C GLN F 225 59.28 -87.91 55.72
N ILE F 226 58.53 -88.29 54.69
CA ILE F 226 57.09 -88.52 54.59
C ILE F 226 56.37 -89.00 55.84
N ILE F 227 57.03 -89.86 56.64
CA ILE F 227 56.43 -90.62 57.75
C ILE F 227 55.65 -89.77 58.75
N TYR F 228 55.93 -88.46 58.86
CA TYR F 228 54.97 -87.63 59.57
C TYR F 228 54.25 -86.64 58.68
N GLN F 229 54.76 -86.36 57.48
CA GLN F 229 53.96 -85.61 56.52
C GLN F 229 52.79 -86.45 56.03
N LEU F 230 52.95 -87.77 56.03
CA LEU F 230 51.85 -88.68 55.75
C LEU F 230 50.99 -88.94 56.97
N GLN F 231 51.51 -88.66 58.16
CA GLN F 231 50.69 -88.70 59.37
C GLN F 231 49.63 -87.61 59.35
N ASP F 232 49.94 -86.47 58.73
CA ASP F 232 48.98 -85.39 58.60
C ASP F 232 47.85 -85.75 57.65
N VAL F 233 48.08 -86.70 56.75
CA VAL F 233 47.04 -87.17 55.83
C VAL F 233 45.95 -87.89 56.62
N PHE F 234 46.35 -88.69 57.62
CA PHE F 234 45.38 -89.35 58.49
C PHE F 234 44.61 -88.38 59.37
N ASN F 235 45.14 -87.16 59.57
CA ASN F 235 44.52 -86.25 60.51
C ASN F 235 43.24 -85.67 59.96
N LEU F 236 43.05 -85.68 58.65
CA LEU F 236 41.88 -84.99 58.08
C LEU F 236 40.64 -85.88 58.19
N LEU F 237 40.61 -86.99 57.39
CA LEU F 237 39.74 -88.17 57.45
C LEU F 237 38.35 -87.95 58.04
N PRO F 238 37.47 -87.22 57.33
CA PRO F 238 36.24 -86.72 57.97
C PRO F 238 35.34 -87.84 58.45
N ASP F 239 34.62 -87.55 59.54
CA ASP F 239 34.04 -88.56 60.41
C ASP F 239 32.62 -88.90 60.00
N VAL F 240 32.44 -89.04 58.67
CA VAL F 240 31.30 -88.63 57.87
C VAL F 240 29.96 -88.82 58.54
N SER F 241 29.69 -90.01 59.05
CA SER F 241 28.39 -90.28 59.64
C SER F 241 28.47 -89.93 61.13
N LEU F 242 28.17 -88.68 61.44
CA LEU F 242 28.10 -88.23 62.82
C LEU F 242 26.93 -87.26 62.93
N GLN F 243 26.86 -86.56 64.05
CA GLN F 243 25.66 -85.88 64.57
C GLN F 243 24.91 -84.99 63.58
N GLU F 244 25.57 -83.95 63.08
CA GLU F 244 24.90 -82.95 62.27
C GLU F 244 25.09 -83.12 60.78
N PHE F 245 26.04 -83.97 60.35
CA PHE F 245 26.23 -84.20 58.92
C PHE F 245 25.11 -85.02 58.32
N VAL F 246 24.37 -85.76 59.15
CA VAL F 246 23.18 -86.49 58.68
C VAL F 246 22.12 -85.52 58.17
N LYS F 247 22.04 -84.36 58.81
CA LYS F 247 21.14 -83.30 58.35
C LYS F 247 21.71 -82.51 57.19
N ALA F 248 22.84 -82.92 56.62
CA ALA F 248 23.28 -82.38 55.35
C ALA F 248 22.89 -83.26 54.18
N PHE F 249 22.71 -84.56 54.38
CA PHE F 249 22.23 -85.42 53.31
C PHE F 249 20.73 -85.54 53.26
N TYR F 250 20.03 -85.25 54.34
CA TYR F 250 18.59 -85.39 54.29
C TYR F 250 17.89 -84.06 54.13
N LEU F 251 18.65 -82.97 54.07
CA LEU F 251 18.10 -81.69 53.68
C LEU F 251 18.54 -81.26 52.29
N LYS F 252 19.53 -81.92 51.69
CA LYS F 252 20.04 -81.49 50.40
C LYS F 252 19.90 -82.51 49.29
N THR F 253 19.97 -83.81 49.59
CA THR F 253 19.78 -84.81 48.55
C THR F 253 18.32 -84.85 48.11
N ASN F 254 17.40 -84.74 49.07
CA ASN F 254 15.98 -84.72 48.73
C ASN F 254 15.54 -83.43 48.02
N ASP F 255 16.36 -82.38 48.08
CA ASP F 255 16.15 -81.26 47.17
C ASP F 255 16.39 -81.69 45.73
N GLN F 256 17.48 -82.40 45.49
CA GLN F 256 17.82 -82.81 44.14
C GLN F 256 16.98 -83.99 43.67
N MET F 257 16.28 -84.66 44.58
CA MET F 257 15.36 -85.71 44.19
C MET F 257 14.07 -85.15 43.61
N VAL F 258 13.64 -83.98 44.07
CA VAL F 258 12.40 -83.39 43.57
C VAL F 258 12.56 -82.92 42.14
N VAL F 259 13.74 -82.37 41.82
CA VAL F 259 14.02 -81.89 40.47
C VAL F 259 14.05 -83.06 39.50
N VAL F 260 14.58 -84.20 39.94
CA VAL F 260 14.53 -85.41 39.14
C VAL F 260 13.10 -85.92 39.05
N TYR F 261 12.33 -85.76 40.14
CA TYR F 261 10.94 -86.19 40.12
C TYR F 261 10.09 -85.28 39.23
N LEU F 262 10.48 -84.00 39.14
CA LEU F 262 9.83 -83.11 38.19
C LEU F 262 10.17 -83.52 36.77
N ALA F 263 11.43 -83.87 36.52
CA ALA F 263 11.90 -84.11 35.16
C ALA F 263 11.33 -85.41 34.59
N SER F 264 11.09 -86.38 35.45
CA SER F 264 10.45 -87.61 35.01
C SER F 264 8.98 -87.37 34.69
N LEU F 265 8.34 -86.47 35.44
CA LEU F 265 6.90 -86.25 35.35
C LEU F 265 6.51 -85.59 34.04
N ILE F 266 7.44 -84.86 33.42
CA ILE F 266 7.25 -84.27 32.12
C ILE F 266 7.69 -85.21 31.00
N ARG F 267 8.81 -85.92 31.20
CA ARG F 267 9.33 -86.85 30.21
C ARG F 267 8.35 -87.97 29.90
N SER F 268 7.58 -88.39 30.90
CA SER F 268 6.53 -89.38 30.66
C SER F 268 5.38 -88.80 29.86
N VAL F 269 5.03 -87.54 30.11
CA VAL F 269 3.94 -86.89 29.38
C VAL F 269 4.37 -86.59 27.95
N VAL F 270 5.65 -86.26 27.74
CA VAL F 270 6.18 -86.02 26.40
C VAL F 270 6.12 -87.28 25.56
N ALA F 271 6.52 -88.42 26.14
CA ALA F 271 6.43 -89.69 25.44
C ALA F 271 4.99 -90.15 25.26
N LEU F 272 4.05 -89.59 26.02
CA LEU F 272 2.65 -89.94 25.84
C LEU F 272 2.02 -89.17 24.68
N HIS F 273 2.58 -88.00 24.34
CA HIS F 273 2.15 -87.31 23.12
C HIS F 273 2.44 -88.13 21.89
N ASN F 274 3.59 -88.80 21.87
CA ASN F 274 4.01 -89.56 20.70
C ASN F 274 3.19 -90.82 20.52
N LEU F 275 2.44 -91.25 21.54
CA LEU F 275 1.51 -92.37 21.37
C LEU F 275 0.30 -91.97 20.55
N ILE F 276 -0.45 -90.96 21.04
CA ILE F 276 -1.71 -90.56 20.42
C ILE F 276 -1.47 -90.00 19.04
N ASN F 277 -0.38 -89.26 18.87
CA ASN F 277 0.00 -88.74 17.56
C ASN F 277 0.36 -89.86 16.59
N ASN F 278 0.84 -90.99 17.10
CA ASN F 278 1.08 -92.12 16.21
C ASN F 278 -0.19 -92.95 16.03
N LYS F 279 -1.00 -93.07 17.09
CA LYS F 279 -2.19 -93.90 16.98
C LYS F 279 -3.27 -93.24 16.15
N ILE F 280 -3.32 -91.90 16.14
CA ILE F 280 -4.19 -91.21 15.19
C ILE F 280 -3.69 -91.42 13.76
N ALA F 281 -2.40 -91.23 13.54
CA ALA F 281 -1.82 -91.37 12.21
C ALA F 281 -1.82 -92.82 11.72
N ASN F 282 -1.92 -93.80 12.63
CA ASN F 282 -1.92 -95.19 12.21
C ASN F 282 -3.24 -95.58 11.59
N ARG F 283 -4.31 -95.50 12.36
CA ARG F 283 -5.60 -96.04 11.92
C ARG F 283 -6.33 -95.12 10.94
N ASP F 284 -6.05 -93.82 10.95
CA ASP F 284 -6.73 -92.92 10.04
C ASP F 284 -6.12 -92.94 8.65
N ALA F 285 -4.82 -93.26 8.55
CA ALA F 285 -4.25 -93.60 7.25
C ALA F 285 -4.67 -94.99 6.80
N GLU F 286 -5.08 -95.85 7.74
CA GLU F 286 -5.57 -97.18 7.38
C GLU F 286 -7.02 -97.12 6.91
N LYS F 287 -7.88 -96.41 7.65
CA LYS F 287 -9.31 -96.42 7.36
C LYS F 287 -9.66 -95.65 6.09
N LYS F 288 -8.77 -94.78 5.62
CA LYS F 288 -8.94 -94.14 4.33
C LYS F 288 -8.32 -94.93 3.20
N GLU F 289 -7.34 -95.77 3.50
CA GLU F 289 -6.78 -96.67 2.49
C GLU F 289 -7.76 -97.76 2.12
N GLY F 290 -8.43 -98.34 3.12
CA GLY F 290 -9.41 -99.39 2.88
C GLY F 290 -10.76 -98.87 2.43
N VAL G 4 117.06 -63.13 50.34
CA VAL G 4 116.17 -64.29 50.34
C VAL G 4 116.90 -65.66 50.34
N PRO G 5 117.93 -65.91 49.51
CA PRO G 5 118.66 -67.18 49.67
C PRO G 5 119.51 -67.25 50.93
N GLY G 6 119.84 -66.11 51.55
CA GLY G 6 120.59 -66.14 52.78
C GLY G 6 119.70 -66.30 53.99
N PHE G 7 118.43 -65.93 53.84
CA PHE G 7 117.50 -66.05 54.96
C PHE G 7 117.08 -67.50 55.18
N LEU G 8 116.99 -68.29 54.11
CA LEU G 8 116.67 -69.70 54.27
C LEU G 8 117.82 -70.50 54.85
N GLN G 9 119.06 -70.04 54.70
CA GLN G 9 120.20 -70.73 55.29
C GLN G 9 120.20 -70.64 56.82
N GLN G 10 119.69 -69.55 57.37
CA GLN G 10 119.65 -69.39 58.82
C GLN G 10 118.34 -69.86 59.42
N SER G 11 117.25 -69.87 58.65
CA SER G 11 116.03 -70.54 59.10
C SER G 11 116.19 -72.05 59.04
N GLN G 12 117.12 -72.53 58.21
CA GLN G 12 117.59 -73.92 58.27
C GLN G 12 118.16 -74.25 59.64
N ASN G 13 118.80 -73.28 60.27
CA ASN G 13 119.30 -73.44 61.63
C ASN G 13 118.20 -73.09 62.64
N SER G 14 118.24 -73.78 63.78
CA SER G 14 117.43 -73.57 64.99
C SER G 14 115.94 -73.87 64.83
N GLY G 15 115.47 -74.20 63.63
CA GLY G 15 114.12 -74.67 63.46
C GLY G 15 114.04 -76.13 63.86
N PRO G 16 113.12 -76.47 64.78
CA PRO G 16 113.24 -77.72 65.55
C PRO G 16 113.18 -78.99 64.70
N GLY G 17 114.10 -79.90 64.97
CA GLY G 17 114.41 -80.96 64.03
C GLY G 17 115.22 -80.45 62.87
N GLN G 18 116.33 -79.76 63.15
CA GLN G 18 117.11 -79.02 62.15
C GLN G 18 117.61 -79.82 60.94
N PRO G 19 118.18 -81.07 61.06
CA PRO G 19 118.58 -81.77 59.83
C PRO G 19 117.42 -82.24 58.98
N ALA G 20 116.46 -82.94 59.60
CA ALA G 20 115.56 -83.82 58.87
C ALA G 20 114.54 -83.09 58.00
N VAL G 21 114.19 -81.86 58.33
CA VAL G 21 113.16 -81.16 57.59
C VAL G 21 113.69 -79.94 56.86
N TRP G 22 114.83 -79.38 57.26
CA TRP G 22 115.34 -78.18 56.63
C TRP G 22 116.28 -78.48 55.48
N HIS G 23 117.05 -79.57 55.56
CA HIS G 23 117.77 -80.04 54.38
C HIS G 23 116.81 -80.58 53.33
N ARG G 24 115.63 -81.03 53.75
CA ARG G 24 114.60 -81.40 52.77
C ARG G 24 113.99 -80.15 52.14
N LEU G 25 113.61 -79.16 52.96
CA LEU G 25 112.94 -77.95 52.48
C LEU G 25 113.77 -77.17 51.49
N GLU G 26 115.10 -77.20 51.62
CA GLU G 26 115.98 -76.56 50.66
C GLU G 26 116.14 -77.37 49.36
N GLU G 27 115.29 -78.38 49.13
CA GLU G 27 115.15 -79.05 47.85
C GLU G 27 113.77 -78.91 47.24
N LEU G 28 112.77 -78.43 47.99
CA LEU G 28 111.41 -78.34 47.47
C LEU G 28 111.26 -77.21 46.46
N TYR G 29 111.66 -75.99 46.83
CA TYR G 29 111.52 -74.85 45.94
C TYR G 29 112.52 -74.89 44.79
N THR G 30 113.59 -75.69 44.92
CA THR G 30 114.58 -75.78 43.85
C THR G 30 114.01 -76.49 42.64
N LYS G 31 113.03 -77.36 42.83
CA LYS G 31 112.27 -77.95 41.74
C LYS G 31 111.08 -77.08 41.33
N LYS G 32 110.90 -75.94 42.01
CA LYS G 32 109.94 -74.89 41.70
C LYS G 32 108.49 -75.37 41.78
N LEU G 33 108.23 -76.44 42.50
CA LEU G 33 106.87 -76.88 42.73
C LEU G 33 106.21 -75.99 43.78
N TRP G 34 104.89 -76.13 43.91
CA TRP G 34 104.14 -75.26 44.80
C TRP G 34 103.05 -75.98 45.58
N HIS G 35 103.08 -77.31 45.64
CA HIS G 35 102.02 -78.04 46.34
C HIS G 35 102.54 -78.91 47.46
N GLN G 36 103.60 -79.67 47.22
CA GLN G 36 104.32 -80.27 48.33
C GLN G 36 105.01 -79.19 49.15
N LEU G 37 105.35 -78.07 48.52
CA LEU G 37 105.84 -76.90 49.23
C LEU G 37 104.76 -76.32 50.12
N THR G 38 103.57 -76.10 49.57
CA THR G 38 102.48 -75.49 50.32
C THR G 38 102.00 -76.40 51.45
N LEU G 39 101.98 -77.71 51.21
CA LEU G 39 101.63 -78.64 52.27
C LEU G 39 102.72 -78.75 53.32
N GLN G 40 103.98 -78.54 52.94
CA GLN G 40 105.05 -78.59 53.93
C GLN G 40 105.04 -77.32 54.78
N VAL G 41 104.64 -76.19 54.18
CA VAL G 41 104.36 -74.99 54.96
C VAL G 41 103.23 -75.25 55.94
N LEU G 42 102.20 -75.98 55.50
CA LEU G 42 101.18 -76.45 56.42
C LEU G 42 101.74 -77.46 57.42
N ASP G 43 102.68 -78.30 56.99
CA ASP G 43 103.26 -79.31 57.88
C ASP G 43 104.15 -78.68 58.94
N PHE G 44 104.90 -77.63 58.58
CA PHE G 44 105.81 -76.98 59.52
C PHE G 44 105.10 -76.23 60.63
N VAL G 45 103.82 -75.91 60.43
CA VAL G 45 103.12 -75.03 61.34
C VAL G 45 102.10 -75.85 62.14
N GLN G 46 101.53 -76.87 61.51
CA GLN G 46 100.76 -77.88 62.23
C GLN G 46 101.64 -78.76 63.11
N ASP G 47 102.96 -78.74 62.88
CA ASP G 47 103.99 -79.39 63.68
C ASP G 47 103.85 -79.00 65.14
N PRO G 48 103.54 -79.95 66.03
CA PRO G 48 103.38 -79.59 67.45
C PRO G 48 104.71 -79.27 68.10
N CYS G 49 104.93 -77.98 68.28
CA CYS G 49 106.11 -77.44 68.94
C CYS G 49 105.63 -76.26 69.78
N PHE G 50 106.57 -75.45 70.24
CA PHE G 50 106.17 -74.21 70.90
C PHE G 50 105.70 -73.17 69.90
N ALA G 51 106.16 -73.27 68.64
CA ALA G 51 105.77 -72.40 67.52
C ALA G 51 106.07 -70.93 67.81
N GLN G 52 107.28 -70.67 68.31
CA GLN G 52 107.75 -69.31 68.53
C GLN G 52 108.26 -68.65 67.25
N GLY G 53 108.58 -69.43 66.22
CA GLY G 53 109.23 -68.90 65.05
C GLY G 53 108.29 -68.38 63.98
N ASP G 54 107.10 -67.93 64.40
CA ASP G 54 106.19 -67.32 63.45
C ASP G 54 106.71 -65.98 62.94
N GLY G 55 107.38 -65.21 63.80
CA GLY G 55 107.99 -63.96 63.37
C GLY G 55 109.14 -64.13 62.43
N LEU G 56 109.82 -65.28 62.48
CA LEU G 56 110.83 -65.60 61.48
C LEU G 56 110.19 -66.08 60.19
N ILE G 57 109.26 -67.02 60.29
CA ILE G 57 108.74 -67.68 59.10
C ILE G 57 107.80 -66.77 58.32
N LYS G 58 107.24 -65.73 58.95
CA LYS G 58 106.40 -64.77 58.23
C LYS G 58 107.21 -63.93 57.25
N LEU G 59 108.51 -63.83 57.45
CA LEU G 59 109.36 -63.22 56.44
C LEU G 59 109.68 -64.22 55.34
N TYR G 60 109.82 -65.50 55.68
CA TYR G 60 110.01 -66.53 54.67
C TYR G 60 108.73 -66.78 53.88
N GLU G 61 107.58 -66.68 54.54
CA GLU G 61 106.32 -66.80 53.80
C GLU G 61 106.01 -65.54 53.03
N ASN G 62 106.55 -64.40 53.48
CA ASN G 62 106.59 -63.23 52.61
C ASN G 62 107.47 -63.49 51.39
N PHE G 63 108.58 -64.19 51.60
CA PHE G 63 109.48 -64.53 50.50
C PHE G 63 108.84 -65.54 49.55
N ILE G 64 108.03 -66.44 50.08
CA ILE G 64 107.19 -67.27 49.22
C ILE G 64 106.14 -66.41 48.53
N SER G 65 105.56 -65.46 49.25
CA SER G 65 104.54 -64.58 48.68
C SER G 65 105.11 -63.56 47.70
N GLU G 66 106.42 -63.41 47.61
CA GLU G 66 107.02 -62.58 46.58
C GLU G 66 106.77 -63.17 45.20
N PHE G 67 107.28 -64.37 44.95
CA PHE G 67 107.10 -65.08 43.69
C PHE G 67 106.07 -66.20 43.84
N GLU G 68 105.00 -65.91 44.58
CA GLU G 68 103.88 -66.82 44.73
C GLU G 68 103.06 -66.91 43.46
N HIS G 69 102.37 -65.80 43.14
CA HIS G 69 101.71 -65.44 41.88
C HIS G 69 100.69 -66.44 41.31
N ARG G 70 100.52 -67.61 41.93
CA ARG G 70 99.44 -68.51 41.58
C ARG G 70 98.82 -69.23 42.77
N VAL G 71 99.56 -69.39 43.88
CA VAL G 71 99.23 -70.36 44.91
C VAL G 71 97.97 -69.94 45.65
N ASN G 72 97.12 -70.94 45.96
CA ASN G 72 95.86 -70.82 46.66
C ASN G 72 96.01 -70.04 47.96
N PRO G 73 95.35 -68.89 48.10
CA PRO G 73 95.55 -68.05 49.29
C PRO G 73 94.82 -68.53 50.53
N LEU G 74 94.21 -69.72 50.47
CA LEU G 74 93.67 -70.34 51.66
C LEU G 74 94.78 -70.61 52.67
N SER G 75 95.90 -71.16 52.20
CA SER G 75 97.05 -71.44 53.06
C SER G 75 97.69 -70.18 53.61
N LEU G 76 97.53 -69.05 52.92
CA LEU G 76 97.97 -67.77 53.48
C LEU G 76 97.16 -67.42 54.72
N VAL G 77 95.86 -67.70 54.70
CA VAL G 77 95.04 -67.46 55.88
C VAL G 77 95.30 -68.54 56.92
N GLU G 78 95.58 -69.76 56.48
CA GLU G 78 95.85 -70.88 57.38
C GLU G 78 97.12 -70.70 58.20
N ILE G 79 98.04 -69.83 57.77
CA ILE G 79 99.27 -69.67 58.52
C ILE G 79 99.21 -68.38 59.34
N ILE G 80 98.47 -67.37 58.86
CA ILE G 80 98.41 -66.12 59.59
C ILE G 80 97.52 -66.25 60.83
N LEU G 81 96.59 -67.22 60.83
CA LEU G 81 95.85 -67.50 62.05
C LEU G 81 96.77 -68.15 63.08
N HIS G 82 97.76 -68.90 62.63
CA HIS G 82 98.78 -69.40 63.54
C HIS G 82 99.80 -68.33 63.92
N VAL G 83 100.04 -67.38 63.02
CA VAL G 83 100.96 -66.28 63.34
C VAL G 83 100.34 -65.37 64.39
N VAL G 84 99.05 -65.09 64.28
CA VAL G 84 98.38 -64.30 65.31
C VAL G 84 98.10 -65.15 66.55
N ARG G 85 98.19 -66.48 66.42
CA ARG G 85 98.02 -67.36 67.58
C ARG G 85 99.14 -67.17 68.59
N GLN G 86 100.38 -66.99 68.11
CA GLN G 86 101.50 -66.83 69.01
C GLN G 86 101.82 -65.36 69.28
N MET G 87 101.66 -64.48 68.30
CA MET G 87 102.02 -63.07 68.49
C MET G 87 101.02 -62.35 69.40
N THR G 88 99.73 -62.50 69.09
CA THR G 88 98.60 -61.92 69.84
C THR G 88 98.72 -60.40 69.98
N ASP G 89 98.92 -59.74 68.85
CA ASP G 89 98.90 -58.28 68.76
C ASP G 89 97.86 -57.90 67.73
N PRO G 90 96.77 -57.22 68.11
CA PRO G 90 95.75 -56.85 67.12
C PRO G 90 96.19 -55.77 66.16
N ASN G 91 97.24 -55.02 66.48
CA ASN G 91 97.64 -53.91 65.63
C ASN G 91 98.42 -54.40 64.41
N VAL G 92 99.40 -55.27 64.62
CA VAL G 92 100.19 -55.79 63.51
C VAL G 92 99.50 -56.91 62.77
N ALA G 93 98.32 -57.33 63.21
CA ALA G 93 97.58 -58.41 62.58
C ALA G 93 96.42 -57.91 61.74
N LEU G 94 95.53 -57.12 62.34
CA LEU G 94 94.33 -56.67 61.65
C LEU G 94 94.67 -55.73 60.51
N THR G 95 95.76 -54.96 60.65
CA THR G 95 96.25 -54.19 59.53
C THR G 95 96.89 -55.10 58.48
N PHE G 96 97.59 -56.14 58.92
CA PHE G 96 98.18 -57.09 57.97
C PHE G 96 97.13 -57.97 57.34
N LEU G 97 96.07 -58.30 58.08
CA LEU G 97 95.04 -59.19 57.54
C LEU G 97 94.21 -58.46 56.49
N GLU G 98 93.86 -57.20 56.75
CA GLU G 98 93.19 -56.39 55.75
C GLU G 98 94.10 -56.07 54.58
N LYS G 99 95.42 -56.05 54.81
CA LYS G 99 96.37 -55.91 53.71
C LYS G 99 96.33 -57.14 52.82
N THR G 100 96.34 -58.33 53.43
CA THR G 100 96.18 -59.57 52.65
C THR G 100 94.78 -59.68 52.07
N ARG G 101 93.78 -59.08 52.73
CA ARG G 101 92.42 -59.11 52.22
C ARG G 101 92.27 -58.24 50.98
N GLU G 102 93.02 -57.15 50.88
CA GLU G 102 92.91 -56.28 49.72
C GLU G 102 93.94 -56.59 48.64
N LYS G 103 95.06 -57.23 48.97
CA LYS G 103 96.00 -57.63 47.94
C LYS G 103 95.66 -59.00 47.37
N VAL G 104 94.70 -59.70 47.95
CA VAL G 104 94.16 -60.93 47.40
C VAL G 104 92.65 -60.71 47.26
N LYS G 105 92.22 -60.41 46.05
CA LYS G 105 90.79 -60.28 45.75
C LYS G 105 90.39 -61.23 44.63
N SER G 106 91.19 -62.27 44.39
CA SER G 106 91.07 -63.11 43.20
C SER G 106 89.88 -64.06 43.33
N SER G 107 89.75 -64.97 42.35
CA SER G 107 88.60 -65.86 42.26
C SER G 107 88.56 -66.89 43.37
N ASP G 108 89.69 -67.14 44.05
CA ASP G 108 89.69 -68.03 45.20
C ASP G 108 88.99 -67.36 46.37
N GLU G 109 88.09 -68.09 47.02
CA GLU G 109 87.28 -67.53 48.10
C GLU G 109 87.99 -67.77 49.42
N ALA G 110 89.06 -66.99 49.62
CA ALA G 110 89.67 -66.83 50.93
C ALA G 110 89.34 -65.49 51.55
N VAL G 111 88.92 -64.52 50.74
CA VAL G 111 88.55 -63.20 51.23
C VAL G 111 87.29 -63.26 52.10
N ILE G 112 86.43 -64.27 51.85
CA ILE G 112 85.25 -64.44 52.69
C ILE G 112 85.61 -64.99 54.05
N LEU G 113 86.70 -65.74 54.16
CA LEU G 113 87.17 -66.24 55.43
C LEU G 113 88.31 -65.41 56.00
N CYS G 114 88.74 -64.38 55.26
CA CYS G 114 89.44 -63.28 55.91
C CYS G 114 88.48 -62.46 56.75
N LYS G 115 87.22 -62.35 56.29
CA LYS G 115 86.20 -61.65 57.06
C LYS G 115 85.88 -62.36 58.36
N THR G 116 85.94 -63.70 58.34
CA THR G 116 85.75 -64.47 59.57
C THR G 116 86.90 -64.25 60.53
N ALA G 117 88.13 -64.18 60.00
CA ALA G 117 89.30 -64.04 60.86
C ALA G 117 89.40 -62.65 61.48
N ILE G 118 88.74 -61.65 60.87
CA ILE G 118 88.60 -60.36 61.53
C ILE G 118 87.73 -60.50 62.78
N GLY G 119 86.55 -61.09 62.61
CA GLY G 119 85.66 -61.31 63.73
C GLY G 119 86.07 -62.44 64.65
N ALA G 120 87.03 -63.26 64.24
CA ALA G 120 87.48 -64.37 65.10
C ALA G 120 88.24 -63.86 66.31
N LEU G 121 88.87 -62.70 66.22
CA LEU G 121 89.57 -62.13 67.35
C LEU G 121 88.86 -60.91 67.90
N LYS G 122 87.63 -60.65 67.47
CA LYS G 122 86.80 -59.67 68.13
C LYS G 122 85.91 -60.33 69.17
N LEU G 123 86.15 -61.61 69.46
CA LEU G 123 85.52 -62.26 70.60
C LEU G 123 85.97 -61.65 71.92
N ASN G 124 87.19 -61.13 71.97
CA ASN G 124 87.72 -60.60 73.21
C ASN G 124 87.13 -59.23 73.51
N ILE G 125 87.40 -58.25 72.64
CA ILE G 125 86.98 -56.87 72.85
C ILE G 125 86.18 -56.42 71.64
N GLY G 126 85.46 -55.31 71.80
CA GLY G 126 84.68 -54.75 70.72
C GLY G 126 83.51 -55.59 70.28
N ASP G 127 82.75 -56.13 71.23
CA ASP G 127 81.79 -57.20 70.95
C ASP G 127 80.52 -56.74 70.25
N LEU G 128 80.46 -55.52 69.72
CA LEU G 128 79.28 -55.03 69.03
C LEU G 128 79.57 -54.34 67.71
N GLN G 129 80.75 -53.74 67.53
CA GLN G 129 80.94 -52.73 66.50
C GLN G 129 80.99 -53.30 65.08
N VAL G 130 81.49 -54.53 64.88
CA VAL G 130 81.36 -55.20 63.60
C VAL G 130 80.92 -56.65 63.75
N THR G 131 80.82 -57.15 64.98
CA THR G 131 80.33 -58.52 65.19
C THR G 131 78.84 -58.64 64.89
N LYS G 132 78.09 -57.54 65.03
CA LYS G 132 76.75 -57.55 64.48
C LYS G 132 76.79 -57.31 62.98
N GLU G 133 77.85 -56.68 62.49
CA GLU G 133 77.91 -56.20 61.12
C GLU G 133 78.58 -57.18 60.17
N THR G 134 79.84 -57.56 60.43
CA THR G 134 80.52 -58.40 59.45
C THR G 134 80.16 -59.87 59.57
N ILE G 135 79.60 -60.29 60.70
CA ILE G 135 79.03 -61.63 60.77
C ILE G 135 77.78 -61.71 59.91
N GLU G 136 76.99 -60.64 59.89
CA GLU G 136 75.84 -60.54 59.01
C GLU G 136 76.22 -60.49 57.54
N ASP G 137 77.45 -60.07 57.24
CA ASP G 137 77.89 -59.96 55.86
C ASP G 137 78.13 -61.33 55.22
N VAL G 138 78.50 -62.33 56.02
CA VAL G 138 79.06 -63.56 55.45
C VAL G 138 77.96 -64.43 54.84
N GLU G 139 76.77 -64.47 55.45
CA GLU G 139 75.70 -65.21 54.80
C GLU G 139 75.16 -64.48 53.59
N GLU G 140 75.34 -63.15 53.51
CA GLU G 140 75.09 -62.45 52.26
C GLU G 140 76.19 -62.74 51.25
N MET G 141 77.40 -63.05 51.73
CA MET G 141 78.45 -63.56 50.87
C MET G 141 78.33 -65.05 50.63
N LEU G 142 77.58 -65.77 51.46
CA LEU G 142 77.33 -67.19 51.24
C LEU G 142 76.29 -67.28 50.13
N ASN G 143 76.80 -67.23 48.90
CA ASN G 143 75.97 -67.25 47.70
C ASN G 143 76.75 -67.97 46.61
N ASN G 144 76.09 -68.90 45.93
CA ASN G 144 76.53 -69.63 44.74
C ASN G 144 77.67 -70.61 45.00
N LEU G 145 78.22 -70.67 46.21
CA LEU G 145 79.24 -71.66 46.53
C LEU G 145 79.26 -71.94 48.03
N PRO G 146 78.44 -72.86 48.53
CA PRO G 146 78.66 -73.40 49.88
C PRO G 146 79.43 -74.71 49.91
N GLY G 147 79.94 -75.17 48.76
CA GLY G 147 80.48 -76.52 48.63
C GLY G 147 81.78 -76.74 49.36
N VAL G 148 82.50 -75.69 49.71
CA VAL G 148 83.66 -75.83 50.57
C VAL G 148 83.24 -76.24 51.97
N THR G 149 82.41 -75.40 52.61
CA THR G 149 81.70 -75.58 53.88
C THR G 149 82.68 -75.57 55.08
N SER G 150 83.99 -75.54 54.80
CA SER G 150 84.97 -75.12 55.78
C SER G 150 84.89 -73.62 56.01
N VAL G 151 84.40 -72.89 55.01
CA VAL G 151 83.90 -71.54 55.23
C VAL G 151 82.76 -71.55 56.24
N HIS G 152 81.86 -72.53 56.13
CA HIS G 152 80.76 -72.62 57.09
C HIS G 152 81.25 -73.14 58.42
N SER G 153 82.36 -73.89 58.43
CA SER G 153 83.04 -74.20 59.68
C SER G 153 83.57 -72.93 60.34
N ARG G 154 84.15 -72.04 59.54
CA ARG G 154 84.56 -70.74 60.07
C ARG G 154 83.36 -69.88 60.42
N PHE G 155 82.27 -70.01 59.64
CA PHE G 155 81.10 -69.19 59.90
C PHE G 155 80.32 -69.70 61.11
N TYR G 156 80.46 -70.99 61.45
CA TYR G 156 79.80 -71.46 62.65
C TYR G 156 80.53 -71.01 63.90
N ASP G 157 81.86 -70.95 63.84
CA ASP G 157 82.66 -70.67 65.03
C ASP G 157 82.43 -69.27 65.54
N LEU G 158 82.24 -68.31 64.64
CA LEU G 158 81.87 -66.97 65.08
C LEU G 158 80.40 -66.91 65.49
N SER G 159 79.54 -67.67 64.80
CA SER G 159 78.10 -67.59 65.10
C SER G 159 77.78 -68.28 66.41
N SER G 160 78.50 -69.35 66.72
CA SER G 160 78.34 -69.99 68.02
C SER G 160 78.90 -69.15 69.15
N LYS G 161 79.86 -68.26 68.86
CA LYS G 161 80.41 -67.40 69.89
C LYS G 161 79.79 -66.00 69.92
N TYR G 162 79.23 -65.53 68.80
CA TYR G 162 78.37 -64.36 68.85
C TYR G 162 77.04 -64.70 69.51
N TYR G 163 76.71 -65.99 69.56
CA TYR G 163 75.52 -66.49 70.25
C TYR G 163 75.49 -66.09 71.72
N GLN G 164 76.65 -65.92 72.36
CA GLN G 164 76.66 -65.44 73.75
C GLN G 164 76.60 -63.92 73.83
N THR G 165 75.68 -63.35 73.06
CA THR G 165 74.93 -62.16 73.39
C THR G 165 73.62 -62.75 73.87
N ILE G 166 73.46 -62.79 75.20
CA ILE G 166 72.64 -63.71 75.99
C ILE G 166 71.23 -63.93 75.42
N GLY G 167 70.59 -62.84 74.98
CA GLY G 167 69.24 -62.93 74.47
C GLY G 167 69.09 -63.57 73.10
N ASN G 168 69.48 -64.84 73.01
CA ASN G 168 69.37 -65.64 71.81
C ASN G 168 69.45 -67.09 72.25
N HIS G 169 68.63 -67.92 71.62
CA HIS G 169 68.59 -69.34 71.99
C HIS G 169 68.57 -70.23 70.76
N ALA G 170 68.18 -69.68 69.63
CA ALA G 170 67.99 -70.49 68.44
C ALA G 170 69.27 -70.65 67.63
N SER G 171 70.10 -69.60 67.57
CA SER G 171 71.15 -69.54 66.54
C SER G 171 72.28 -70.51 66.80
N TYR G 172 72.61 -70.78 68.07
CA TYR G 172 73.47 -71.91 68.37
C TYR G 172 72.80 -73.21 67.99
N TYR G 173 71.54 -73.36 68.41
CA TYR G 173 70.78 -74.58 68.17
C TYR G 173 70.51 -74.79 66.69
N LYS G 174 70.31 -73.70 65.95
CA LYS G 174 70.04 -73.82 64.52
C LYS G 174 71.31 -74.18 63.76
N ASP G 175 72.44 -73.59 64.14
CA ASP G 175 73.63 -73.71 63.30
C ASP G 175 74.53 -74.87 63.73
N ALA G 176 74.40 -75.34 64.98
CA ALA G 176 75.10 -76.56 65.36
C ALA G 176 74.53 -77.76 64.63
N LEU G 177 73.23 -77.73 64.34
CA LEU G 177 72.66 -78.75 63.49
C LEU G 177 73.14 -78.62 62.07
N ARG G 178 73.54 -77.42 61.64
CA ARG G 178 74.19 -77.30 60.35
C ARG G 178 75.65 -77.72 60.45
N PHE G 179 76.34 -77.28 61.50
CA PHE G 179 77.78 -77.51 61.58
C PHE G 179 78.10 -78.96 61.86
N LEU G 180 77.37 -79.60 62.78
CA LEU G 180 77.61 -81.01 62.99
C LEU G 180 77.05 -81.84 61.85
N GLY G 181 76.07 -81.30 61.12
CA GLY G 181 75.56 -82.00 59.96
C GLY G 181 76.48 -81.96 58.76
N CYS G 182 77.39 -80.98 58.71
CA CYS G 182 78.30 -80.85 57.58
C CYS G 182 79.70 -81.37 57.88
N VAL G 183 79.96 -81.83 59.10
CA VAL G 183 81.19 -82.55 59.43
C VAL G 183 80.81 -84.00 59.71
N ASP G 184 81.66 -84.93 59.27
CA ASP G 184 81.33 -86.34 59.28
C ASP G 184 82.18 -87.13 60.27
N ILE G 185 83.49 -87.12 60.11
CA ILE G 185 84.35 -87.73 61.12
C ILE G 185 84.44 -86.78 62.30
N LYS G 186 84.62 -87.36 63.48
CA LYS G 186 84.48 -86.55 64.68
C LYS G 186 85.74 -85.72 64.96
N ASP G 187 86.91 -86.31 64.67
CA ASP G 187 88.26 -85.73 64.50
C ASP G 187 88.61 -84.57 65.45
N LEU G 188 88.12 -84.66 66.68
CA LEU G 188 88.33 -83.68 67.74
C LEU G 188 87.89 -84.34 69.04
N PRO G 189 88.36 -83.86 70.20
CA PRO G 189 88.16 -84.62 71.47
C PRO G 189 86.71 -84.92 71.83
N VAL G 190 86.45 -86.23 72.00
CA VAL G 190 85.21 -86.74 72.57
C VAL G 190 84.97 -86.13 73.94
N SER G 191 86.03 -85.96 74.72
CA SER G 191 85.99 -85.28 76.01
C SER G 191 85.72 -83.78 75.90
N GLU G 192 85.56 -83.23 74.71
CA GLU G 192 84.92 -81.95 74.49
C GLU G 192 83.50 -82.10 73.95
N GLN G 193 83.30 -83.10 73.08
CA GLN G 193 82.05 -83.23 72.34
C GLN G 193 80.88 -83.60 73.23
N GLN G 194 81.13 -84.38 74.29
CA GLN G 194 80.07 -84.75 75.20
C GLN G 194 79.61 -83.58 76.07
N GLU G 195 80.45 -82.56 76.22
CA GLU G 195 80.01 -81.30 76.81
C GLU G 195 79.51 -80.32 75.76
N ARG G 196 80.01 -80.46 74.52
CA ARG G 196 79.47 -79.70 73.40
C ARG G 196 78.03 -80.09 73.12
N ALA G 197 77.71 -81.38 73.22
CA ALA G 197 76.33 -81.81 73.12
C ALA G 197 75.55 -81.49 74.38
N PHE G 198 76.24 -81.39 75.51
CA PHE G 198 75.58 -81.04 76.77
C PHE G 198 75.07 -79.62 76.74
N THR G 199 75.90 -78.68 76.29
CA THR G 199 75.43 -77.31 76.13
C THR G 199 74.54 -77.14 74.91
N LEU G 200 74.56 -78.09 73.98
CA LEU G 200 73.58 -78.05 72.89
C LEU G 200 72.19 -78.38 73.41
N GLY G 201 72.10 -79.36 74.31
CA GLY G 201 70.83 -79.67 74.94
C GLY G 201 70.34 -78.56 75.84
N LEU G 202 71.26 -77.83 76.48
CA LEU G 202 70.85 -76.71 77.33
C LEU G 202 70.36 -75.54 76.49
N ALA G 203 71.07 -75.22 75.42
CA ALA G 203 70.66 -74.12 74.55
C ALA G 203 69.38 -74.46 73.80
N GLY G 204 69.22 -75.73 73.41
CA GLY G 204 67.98 -76.16 72.81
C GLY G 204 66.83 -76.25 73.78
N LEU G 205 67.11 -76.27 75.09
CA LEU G 205 66.04 -76.39 76.06
C LEU G 205 65.39 -75.04 76.34
N LEU G 206 66.19 -74.00 76.48
CA LEU G 206 65.66 -72.66 76.73
C LEU G 206 65.24 -71.96 75.44
N GLY G 207 65.28 -72.64 74.31
CA GLY G 207 64.71 -72.09 73.09
C GLY G 207 63.20 -72.01 73.18
N GLU G 208 62.64 -71.01 72.50
CA GLU G 208 61.21 -70.76 72.60
C GLU G 208 60.41 -71.78 71.81
N GLY G 209 60.78 -72.01 70.55
CA GLY G 209 60.05 -72.96 69.73
C GLY G 209 60.43 -74.39 70.06
N VAL G 210 61.71 -74.62 70.27
CA VAL G 210 62.22 -75.96 70.48
C VAL G 210 62.03 -76.36 71.94
N PHE G 211 61.46 -77.55 72.15
CA PHE G 211 61.37 -78.16 73.48
C PHE G 211 62.16 -79.45 73.57
N ASN G 212 61.88 -80.44 72.72
CA ASN G 212 62.76 -81.58 72.55
C ASN G 212 63.19 -81.72 71.09
N PHE G 213 62.22 -81.74 70.17
CA PHE G 213 62.40 -81.99 68.74
C PHE G 213 63.25 -83.25 68.51
N GLY G 214 62.62 -84.39 68.82
CA GLY G 214 63.27 -85.69 68.93
C GLY G 214 64.08 -86.21 67.76
N GLU G 215 64.15 -85.44 66.68
CA GLU G 215 65.25 -85.51 65.73
C GLU G 215 66.62 -85.48 66.42
N LEU G 216 66.76 -84.70 67.49
CA LEU G 216 67.98 -84.78 68.27
C LEU G 216 67.96 -85.95 69.24
N LEU G 217 66.78 -86.41 69.64
CA LEU G 217 66.73 -87.64 70.43
C LEU G 217 67.00 -88.84 69.54
N MET G 218 66.62 -88.76 68.27
CA MET G 218 67.00 -89.71 67.24
C MET G 218 68.16 -89.16 66.42
N HIS G 219 69.07 -88.45 67.09
CA HIS G 219 70.27 -88.01 66.41
C HIS G 219 71.30 -89.14 66.42
N PRO G 220 71.91 -89.46 65.29
CA PRO G 220 72.80 -90.62 65.25
C PRO G 220 74.18 -90.41 65.83
N VAL G 221 74.80 -89.24 65.60
CA VAL G 221 76.24 -89.10 65.83
C VAL G 221 76.56 -88.05 66.89
N LEU G 222 75.63 -87.76 67.80
CA LEU G 222 75.98 -87.15 69.07
C LEU G 222 75.31 -87.87 70.24
N GLU G 223 74.66 -89.00 69.98
CA GLU G 223 73.98 -89.73 71.05
C GLU G 223 74.97 -90.48 71.94
N SER G 224 76.03 -91.06 71.36
CA SER G 224 76.99 -91.83 72.14
C SER G 224 77.83 -90.95 73.03
N LEU G 225 77.97 -89.68 72.68
CA LEU G 225 78.52 -88.69 73.60
C LEU G 225 77.64 -88.57 74.82
N ARG G 226 76.33 -88.55 74.61
CA ARG G 226 75.37 -88.42 75.69
C ARG G 226 75.17 -89.72 76.46
N ASN G 227 75.30 -90.88 75.79
CA ASN G 227 75.09 -92.14 76.47
C ASN G 227 76.19 -92.46 77.47
N THR G 228 77.39 -91.90 77.26
CA THR G 228 78.45 -92.00 78.26
C THR G 228 78.27 -91.00 79.39
N ASP G 229 77.51 -89.92 79.15
CA ASP G 229 77.39 -88.85 80.12
C ASP G 229 76.52 -89.27 81.30
N ARG G 230 76.49 -88.39 82.30
CA ARG G 230 75.52 -88.49 83.37
C ARG G 230 74.15 -88.19 82.79
N GLN G 231 73.33 -89.23 82.64
CA GLN G 231 72.16 -89.17 81.78
C GLN G 231 70.95 -88.53 82.43
N TRP G 232 71.14 -87.71 83.47
CA TRP G 232 70.03 -86.94 84.03
C TRP G 232 69.51 -85.93 83.02
N LEU G 233 70.37 -85.43 82.13
CA LEU G 233 69.90 -84.60 81.03
C LEU G 233 69.15 -85.45 80.02
N ILE G 234 69.62 -86.66 79.77
CA ILE G 234 68.98 -87.55 78.80
C ILE G 234 67.67 -88.08 79.40
N ASP G 235 67.64 -88.26 80.72
CA ASP G 235 66.41 -88.66 81.38
C ASP G 235 65.38 -87.55 81.34
N THR G 236 65.80 -86.30 81.56
CA THR G 236 64.81 -85.23 81.57
C THR G 236 64.36 -84.87 80.15
N LEU G 237 65.21 -85.07 79.14
CA LEU G 237 64.76 -84.91 77.76
C LEU G 237 63.76 -85.99 77.37
N TYR G 238 63.82 -87.15 78.03
CA TYR G 238 62.75 -88.12 77.87
C TYR G 238 61.47 -87.65 78.53
N ALA G 239 61.58 -86.83 79.59
CA ALA G 239 60.39 -86.26 80.19
C ALA G 239 59.81 -85.14 79.34
N PHE G 240 60.67 -84.42 78.62
CA PHE G 240 60.16 -83.56 77.55
C PHE G 240 59.65 -84.39 76.39
N ASN G 241 60.14 -85.63 76.24
CA ASN G 241 59.60 -86.52 75.22
C ASN G 241 58.30 -87.17 75.70
N SER G 242 58.28 -87.62 76.96
CA SER G 242 57.05 -88.16 77.53
C SER G 242 56.05 -87.06 77.90
N GLY G 243 56.45 -85.79 77.84
CA GLY G 243 55.53 -84.67 77.95
C GLY G 243 54.87 -84.47 79.30
N ASN G 244 55.10 -85.35 80.27
CA ASN G 244 54.44 -85.31 81.55
C ASN G 244 55.00 -84.18 82.42
N VAL G 245 54.28 -83.90 83.51
CA VAL G 245 54.73 -82.90 84.46
C VAL G 245 55.94 -83.41 85.23
N GLU G 246 55.75 -84.49 86.01
CA GLU G 246 56.80 -85.36 86.52
C GLU G 246 57.83 -84.58 87.36
N ARG G 247 57.36 -84.16 88.55
CA ARG G 247 58.07 -83.21 89.40
C ARG G 247 59.46 -83.65 89.83
N PHE G 248 59.79 -84.94 89.74
CA PHE G 248 61.08 -85.38 90.27
C PHE G 248 62.21 -85.00 89.31
N GLN G 249 62.23 -85.60 88.11
CA GLN G 249 63.36 -85.41 87.21
C GLN G 249 63.38 -84.02 86.57
N THR G 250 62.23 -83.35 86.51
CA THR G 250 62.23 -81.98 86.02
C THR G 250 62.79 -81.01 87.05
N LEU G 251 62.97 -81.46 88.29
CA LEU G 251 63.78 -80.75 89.27
C LEU G 251 65.18 -81.35 89.41
N LYS G 252 65.33 -82.65 89.16
CA LYS G 252 66.65 -83.28 89.22
C LYS G 252 67.59 -82.73 88.16
N THR G 253 67.04 -82.24 87.04
CA THR G 253 67.88 -81.50 86.10
C THR G 253 68.33 -80.17 86.68
N ALA G 254 67.53 -79.57 87.54
CA ALA G 254 67.94 -78.36 88.23
C ALA G 254 68.79 -78.67 89.46
N TRP G 255 68.64 -79.88 90.03
CA TRP G 255 69.57 -80.32 91.04
C TRP G 255 70.97 -80.50 90.45
N GLY G 256 71.06 -81.00 89.22
CA GLY G 256 72.34 -81.20 88.56
C GLY G 256 72.97 -79.92 88.05
N GLN G 257 72.35 -79.29 87.05
CA GLN G 257 72.87 -78.05 86.47
C GLN G 257 72.27 -76.88 87.23
N GLN G 258 73.05 -76.30 88.14
CA GLN G 258 72.56 -75.16 88.90
C GLN G 258 72.57 -73.86 88.08
N PRO G 259 73.66 -73.39 87.45
CA PRO G 259 73.56 -72.10 86.76
C PRO G 259 72.84 -72.22 85.44
N ASP G 260 72.15 -71.14 85.08
CA ASP G 260 71.40 -70.92 83.84
C ASP G 260 70.23 -71.88 83.64
N LEU G 261 69.91 -72.69 84.63
CA LEU G 261 68.81 -73.63 84.51
C LEU G 261 67.84 -73.53 85.67
N ALA G 262 68.34 -73.32 86.88
CA ALA G 262 67.44 -73.14 88.02
C ALA G 262 66.78 -71.77 87.96
N ALA G 263 67.50 -70.76 87.45
CA ALA G 263 66.94 -69.42 87.38
C ALA G 263 65.89 -69.29 86.29
N ASN G 264 65.98 -70.12 85.25
CA ASN G 264 65.05 -70.10 84.13
C ASN G 264 63.99 -71.18 84.26
N GLU G 265 63.57 -71.44 85.49
CA GLU G 265 62.64 -72.55 85.75
C GLU G 265 61.25 -72.27 85.22
N ALA G 266 60.76 -71.05 85.44
CA ALA G 266 59.37 -70.70 85.12
C ALA G 266 59.07 -70.74 83.63
N GLN G 267 60.10 -70.57 82.78
CA GLN G 267 59.93 -70.88 81.37
C GLN G 267 59.67 -72.36 81.17
N LEU G 268 60.52 -73.21 81.76
CA LEU G 268 60.41 -74.63 81.56
C LEU G 268 59.23 -75.24 82.29
N LEU G 269 58.74 -74.58 83.34
CA LEU G 269 57.47 -74.97 83.92
C LEU G 269 56.34 -74.75 82.92
N ARG G 270 56.34 -73.59 82.26
CA ARG G 270 55.30 -73.25 81.29
C ARG G 270 55.39 -74.12 80.05
N LYS G 271 56.60 -74.52 79.65
CA LYS G 271 56.75 -75.30 78.43
C LYS G 271 56.23 -76.72 78.60
N ILE G 272 56.22 -77.26 79.81
CA ILE G 272 55.68 -78.60 80.00
C ILE G 272 54.23 -78.59 80.47
N GLN G 273 53.71 -77.45 80.93
CA GLN G 273 52.28 -77.36 81.18
C GLN G 273 51.49 -77.44 79.87
N LEU G 274 52.08 -76.98 78.77
CA LEU G 274 51.47 -77.10 77.46
C LEU G 274 51.88 -78.36 76.73
N LEU G 275 52.70 -79.20 77.34
CA LEU G 275 53.33 -80.29 76.61
C LEU G 275 52.62 -81.62 76.79
N CYS G 276 51.96 -81.84 77.93
CA CYS G 276 51.09 -82.99 78.03
C CYS G 276 49.84 -82.83 77.19
N LEU G 277 49.52 -81.60 76.78
CA LEU G 277 48.40 -81.34 75.87
C LEU G 277 48.58 -82.07 74.55
N MET G 278 49.75 -81.95 73.95
CA MET G 278 49.95 -82.52 72.62
C MET G 278 50.14 -84.03 72.64
N GLU G 279 50.07 -84.68 73.79
CA GLU G 279 49.97 -86.13 73.85
C GLU G 279 48.57 -86.62 74.17
N MET G 280 47.84 -85.91 75.05
CA MET G 280 46.48 -86.30 75.37
C MET G 280 45.53 -86.10 74.19
N THR G 281 45.88 -85.21 73.26
CA THR G 281 45.19 -85.17 71.97
C THR G 281 45.80 -86.11 70.96
N PHE G 282 47.01 -86.62 71.22
CA PHE G 282 47.63 -87.61 70.36
C PHE G 282 47.25 -89.02 70.76
N THR G 283 46.89 -89.22 72.03
CA THR G 283 46.61 -90.56 72.54
C THR G 283 45.32 -91.10 71.96
N ARG G 284 44.23 -90.37 72.12
CA ARG G 284 42.95 -90.84 71.60
C ARG G 284 42.91 -90.62 70.09
N PRO G 285 42.52 -91.63 69.30
CA PRO G 285 42.54 -91.49 67.83
C PRO G 285 41.34 -90.74 67.27
N ALA G 286 41.21 -89.47 67.69
CA ALA G 286 40.32 -88.46 67.11
C ALA G 286 38.84 -88.87 67.15
N ASN G 287 38.46 -89.71 68.10
CA ASN G 287 37.08 -90.18 68.20
C ASN G 287 36.24 -89.27 69.07
N HIS G 288 36.59 -89.14 70.35
CA HIS G 288 36.05 -88.08 71.19
C HIS G 288 37.25 -87.26 71.66
N ARG G 289 37.76 -86.43 70.76
CA ARG G 289 38.92 -85.61 71.04
C ARG G 289 38.52 -84.24 71.57
N GLN G 290 37.20 -84.01 71.70
CA GLN G 290 36.69 -82.84 72.42
C GLN G 290 36.87 -83.12 73.90
N LEU G 291 38.07 -82.84 74.40
CA LEU G 291 38.41 -83.16 75.78
C LEU G 291 37.90 -82.07 76.70
N THR G 292 37.42 -82.49 77.87
CA THR G 292 36.99 -81.53 78.88
C THR G 292 38.17 -81.10 79.74
N PHE G 293 37.96 -80.01 80.49
CA PHE G 293 39.01 -79.32 81.22
C PHE G 293 39.66 -80.16 82.31
N GLU G 294 38.95 -81.18 82.81
CA GLU G 294 39.39 -81.90 83.99
C GLU G 294 40.64 -82.72 83.72
N GLU G 295 40.72 -83.34 82.55
CA GLU G 295 41.89 -84.15 82.24
C GLU G 295 43.08 -83.28 81.87
N ILE G 296 42.84 -82.09 81.34
CA ILE G 296 43.91 -81.11 81.20
C ILE G 296 44.40 -80.66 82.58
N ALA G 297 43.46 -80.30 83.45
CA ALA G 297 43.80 -79.82 84.80
C ALA G 297 44.37 -80.92 85.68
N LYS G 298 44.15 -82.20 85.33
CA LYS G 298 44.78 -83.27 86.08
C LYS G 298 46.18 -83.56 85.56
N SER G 299 46.31 -83.77 84.24
CA SER G 299 47.58 -84.21 83.69
C SER G 299 48.61 -83.09 83.66
N ALA G 300 48.17 -81.84 83.59
CA ALA G 300 49.09 -80.73 83.73
C ALA G 300 49.23 -80.27 85.18
N LYS G 301 48.40 -80.83 86.07
CA LYS G 301 48.21 -80.48 87.49
C LYS G 301 48.22 -78.98 87.77
N ILE G 302 47.58 -78.22 86.88
CA ILE G 302 47.26 -76.83 87.11
C ILE G 302 45.79 -76.77 87.49
N THR G 303 45.38 -75.67 88.10
CA THR G 303 44.00 -75.53 88.58
C THR G 303 43.04 -75.34 87.41
N VAL G 304 41.75 -75.28 87.74
CA VAL G 304 40.71 -75.23 86.72
C VAL G 304 40.69 -73.88 86.02
N ASN G 305 40.87 -72.80 86.76
CA ASN G 305 40.73 -71.46 86.21
C ASN G 305 41.97 -70.98 85.45
N GLU G 306 42.91 -71.87 85.14
CA GLU G 306 44.08 -71.49 84.38
C GLU G 306 44.30 -72.34 83.14
N VAL G 307 43.45 -73.34 82.89
CA VAL G 307 43.64 -74.18 81.72
C VAL G 307 43.27 -73.43 80.44
N GLU G 308 42.42 -72.41 80.53
CA GLU G 308 42.05 -71.65 79.34
C GLU G 308 43.20 -70.75 78.91
N LEU G 309 43.83 -70.07 79.87
CA LEU G 309 45.02 -69.28 79.57
C LEU G 309 46.18 -70.16 79.14
N LEU G 310 46.16 -71.43 79.56
CA LEU G 310 47.16 -72.37 79.12
C LEU G 310 46.95 -72.79 77.67
N VAL G 311 45.71 -73.11 77.30
CA VAL G 311 45.50 -73.63 75.95
C VAL G 311 45.46 -72.50 74.91
N MET G 312 45.11 -71.27 75.32
CA MET G 312 45.18 -70.15 74.39
C MET G 312 46.62 -69.80 74.06
N LYS G 313 47.55 -70.12 74.95
CA LYS G 313 48.96 -69.95 74.64
C LYS G 313 49.40 -70.90 73.55
N ALA G 314 49.00 -72.17 73.64
CA ALA G 314 49.39 -73.16 72.64
C ALA G 314 48.72 -72.91 71.31
N LEU G 315 47.50 -72.35 71.34
CA LEU G 315 46.85 -71.92 70.12
C LEU G 315 47.54 -70.69 69.52
N SER G 316 48.03 -69.80 70.38
CA SER G 316 48.69 -68.59 69.89
C SER G 316 50.04 -68.91 69.29
N VAL G 317 50.77 -69.86 69.88
CA VAL G 317 52.03 -70.30 69.31
C VAL G 317 51.78 -71.07 68.02
N GLY G 318 50.84 -72.00 68.05
CA GLY G 318 50.41 -72.64 66.82
C GLY G 318 50.84 -74.08 66.65
N LEU G 319 50.84 -74.85 67.74
CA LEU G 319 51.06 -76.28 67.67
C LEU G 319 49.75 -77.06 67.71
N VAL G 320 48.62 -76.35 67.70
CA VAL G 320 47.31 -76.96 67.82
C VAL G 320 46.31 -75.95 67.28
N LYS G 321 45.21 -76.44 66.73
CA LYS G 321 44.20 -75.57 66.13
C LYS G 321 42.79 -75.95 66.57
N GLY G 322 42.58 -76.10 67.88
CA GLY G 322 41.25 -76.44 68.35
C GLY G 322 40.35 -75.26 68.67
N SER G 323 39.42 -75.45 69.61
CA SER G 323 38.50 -74.40 70.03
C SER G 323 38.07 -74.65 71.47
N ILE G 324 37.41 -73.65 72.07
CA ILE G 324 37.07 -73.69 73.49
C ILE G 324 35.59 -73.43 73.64
N ASP G 325 34.88 -74.36 74.29
CA ASP G 325 33.54 -74.13 74.79
C ASP G 325 33.63 -73.80 76.27
N GLU G 326 32.61 -73.13 76.79
CA GLU G 326 32.53 -72.86 78.22
C GLU G 326 31.22 -73.28 78.86
N VAL G 327 30.13 -73.47 78.09
CA VAL G 327 28.89 -73.93 78.67
C VAL G 327 29.00 -75.40 79.06
N ASP G 328 29.90 -76.16 78.43
CA ASP G 328 30.30 -77.47 78.89
C ASP G 328 31.74 -77.52 79.32
N LYS G 329 32.52 -76.48 79.01
CA LYS G 329 33.96 -76.38 79.25
C LYS G 329 34.71 -77.56 78.63
N ARG G 330 34.26 -77.96 77.44
CA ARG G 330 34.95 -78.96 76.64
C ARG G 330 35.82 -78.24 75.62
N VAL G 331 37.04 -78.73 75.44
CA VAL G 331 38.00 -78.08 74.55
C VAL G 331 38.16 -79.01 73.34
N HIS G 332 37.50 -78.65 72.25
CA HIS G 332 37.54 -79.46 71.04
C HIS G 332 38.91 -79.36 70.38
N MET G 333 39.34 -80.47 69.79
CA MET G 333 40.61 -80.59 69.09
C MET G 333 40.33 -80.83 67.62
N THR G 334 41.08 -80.16 66.75
CA THR G 334 40.98 -80.38 65.31
C THR G 334 42.29 -80.88 64.73
N TRP G 335 43.38 -80.15 64.96
CA TRP G 335 44.63 -80.39 64.26
C TRP G 335 45.73 -80.54 65.27
N VAL G 336 46.56 -81.55 65.08
CA VAL G 336 47.75 -81.75 65.89
C VAL G 336 48.93 -81.62 64.95
N GLN G 337 50.03 -81.08 65.46
CA GLN G 337 51.25 -81.07 64.68
C GLN G 337 51.76 -82.51 64.53
N PRO G 338 52.44 -82.81 63.44
CA PRO G 338 52.97 -84.16 63.27
C PRO G 338 54.26 -84.36 64.05
N ARG G 339 54.38 -85.51 64.69
CA ARG G 339 55.53 -85.83 65.52
C ARG G 339 56.30 -87.02 64.94
N VAL G 340 57.39 -87.34 65.59
CA VAL G 340 58.21 -88.50 65.25
C VAL G 340 57.57 -89.75 65.87
N LEU G 341 57.71 -90.88 65.20
CA LEU G 341 57.16 -92.14 65.66
C LEU G 341 58.20 -93.23 65.39
N ASP G 342 57.79 -94.49 65.51
CA ASP G 342 58.76 -95.58 65.50
C ASP G 342 58.13 -96.80 64.82
N LEU G 343 58.70 -97.98 65.11
CA LEU G 343 58.35 -99.23 64.44
C LEU G 343 56.87 -99.58 64.63
N GLN G 344 56.43 -99.70 65.89
CA GLN G 344 55.08 -100.18 66.16
C GLN G 344 54.01 -99.17 65.79
N GLN G 345 54.36 -97.89 65.63
CA GLN G 345 53.40 -96.94 65.08
C GLN G 345 53.19 -97.17 63.59
N ILE G 346 54.25 -97.60 62.88
CA ILE G 346 54.11 -97.97 61.47
C ILE G 346 53.29 -99.24 61.34
N LYS G 347 53.43 -100.15 62.32
CA LYS G 347 52.71 -101.43 62.29
C LYS G 347 51.20 -101.22 62.36
N GLY G 348 50.76 -100.33 63.24
CA GLY G 348 49.35 -99.99 63.27
C GLY G 348 48.92 -99.14 62.09
N MET G 349 49.87 -98.42 61.48
CA MET G 349 49.52 -97.52 60.39
C MET G 349 49.32 -98.29 59.09
N LYS G 350 50.09 -99.36 58.87
CA LYS G 350 49.78 -100.28 57.78
C LYS G 350 48.46 -100.98 58.02
N ASP G 351 48.15 -101.28 59.28
CA ASP G 351 46.85 -101.87 59.62
C ASP G 351 45.73 -100.88 59.39
N ARG G 352 46.00 -99.58 59.56
CA ARG G 352 45.04 -98.58 59.14
C ARG G 352 45.00 -98.48 57.62
N LEU G 353 46.14 -98.66 56.96
CA LEU G 353 46.20 -98.47 55.52
C LEU G 353 45.60 -99.67 54.80
N GLU G 354 45.91 -100.89 55.25
CA GLU G 354 45.37 -102.08 54.61
C GLU G 354 43.86 -102.17 54.80
N PHE G 355 43.38 -101.83 56.01
CA PHE G 355 41.95 -101.79 56.25
C PHE G 355 41.26 -100.70 55.44
N TRP G 356 41.99 -99.65 55.05
CA TRP G 356 41.42 -98.66 54.16
C TRP G 356 41.60 -99.01 52.69
N CYS G 357 42.71 -99.64 52.32
CA CYS G 357 42.95 -99.99 50.93
C CYS G 357 42.01 -101.07 50.41
N THR G 358 41.80 -102.13 51.19
CA THR G 358 40.97 -103.23 50.69
C THR G 358 39.48 -102.91 50.75
N ASP G 359 39.09 -101.85 51.45
CA ASP G 359 37.69 -101.47 51.43
C ASP G 359 37.37 -100.61 50.21
N VAL G 360 38.32 -99.78 49.75
CA VAL G 360 38.12 -99.00 48.54
C VAL G 360 37.97 -99.90 47.32
N LYS G 361 38.80 -100.94 47.24
CA LYS G 361 38.77 -101.86 46.11
C LYS G 361 37.49 -102.67 46.09
N SER G 362 37.02 -103.10 47.26
CA SER G 362 35.77 -103.86 47.34
C SER G 362 34.57 -102.99 46.96
N MET G 363 34.56 -101.74 47.40
CA MET G 363 33.47 -100.83 47.10
C MET G 363 33.54 -100.27 45.68
N GLU G 364 34.70 -100.41 45.02
CA GLU G 364 34.79 -100.06 43.61
C GLU G 364 34.36 -101.21 42.72
N MET G 365 34.52 -102.45 43.18
CA MET G 365 33.92 -103.59 42.49
C MET G 365 32.40 -103.49 42.47
N LEU G 366 31.80 -102.99 43.56
CA LEU G 366 30.35 -102.94 43.67
C LEU G 366 29.73 -101.92 42.73
N VAL G 367 30.53 -101.00 42.20
CA VAL G 367 30.04 -100.09 41.17
C VAL G 367 30.04 -100.78 39.81
N GLU G 368 31.15 -101.44 39.47
CA GLU G 368 31.26 -102.11 38.18
C GLU G 368 30.39 -103.36 38.12
N HIS G 369 30.25 -104.07 39.24
CA HIS G 369 29.38 -105.24 39.28
C HIS G 369 27.92 -104.84 39.10
N GLN G 370 27.57 -103.64 39.58
CA GLN G 370 26.20 -103.15 39.43
C GLN G 370 25.90 -102.80 37.99
N ALA G 371 26.89 -102.30 37.26
CA ALA G 371 26.70 -101.83 35.89
C ALA G 371 27.80 -102.42 35.01
N HIS G 372 27.51 -103.56 34.38
CA HIS G 372 28.49 -104.20 33.51
C HIS G 372 28.48 -103.61 32.10
N ASP G 373 27.38 -103.78 31.38
CA ASP G 373 27.30 -103.39 29.98
C ASP G 373 26.39 -102.18 29.84
N ILE G 374 26.51 -101.29 30.80
CA ILE G 374 25.63 -100.14 30.92
C ILE G 374 26.45 -98.88 30.66
N LEU G 375 27.75 -98.97 30.94
CA LEU G 375 28.63 -97.82 30.81
C LEU G 375 29.55 -97.92 29.59
N THR G 376 29.46 -99.01 28.83
CA THR G 376 30.31 -99.37 27.67
C THR G 376 31.80 -99.47 28.03
N MET H 1 96.36 -86.32 6.03
CA MET H 1 95.44 -86.82 5.02
C MET H 1 94.63 -87.99 5.56
N VAL H 2 95.20 -88.67 6.56
CA VAL H 2 94.54 -89.82 7.18
C VAL H 2 93.36 -89.33 8.02
N LEU H 3 92.43 -90.26 8.29
CA LEU H 3 91.14 -89.94 8.90
C LEU H 3 91.15 -90.32 10.37
N GLU H 4 91.09 -89.31 11.24
CA GLU H 4 91.01 -89.55 12.68
C GLU H 4 90.18 -88.44 13.31
N SER H 5 90.00 -88.56 14.62
CA SER H 5 89.26 -87.57 15.40
C SER H 5 90.06 -87.31 16.66
N THR H 6 90.73 -86.17 16.70
CA THR H 6 91.66 -85.86 17.79
C THR H 6 90.89 -85.55 19.06
N MET H 7 91.12 -86.32 20.11
CA MET H 7 90.51 -86.09 21.41
C MET H 7 91.63 -85.80 22.41
N VAL H 8 91.79 -84.54 22.77
CA VAL H 8 92.87 -84.13 23.67
C VAL H 8 92.32 -84.00 25.09
N CYS H 9 93.08 -84.52 26.05
CA CYS H 9 92.72 -84.48 27.46
C CYS H 9 93.70 -83.54 28.17
N VAL H 10 93.26 -82.31 28.40
CA VAL H 10 94.12 -81.30 29.03
C VAL H 10 94.10 -81.49 30.53
N ASP H 11 95.02 -80.83 31.21
CA ASP H 11 95.19 -80.93 32.66
C ASP H 11 95.02 -79.54 33.26
N ASN H 12 93.95 -79.36 34.01
CA ASN H 12 93.75 -78.16 34.83
C ASN H 12 93.60 -78.53 36.30
N SER H 13 94.30 -79.56 36.74
CA SER H 13 94.41 -79.83 38.16
C SER H 13 95.40 -78.87 38.79
N GLU H 14 95.64 -79.02 40.09
CA GLU H 14 96.45 -78.03 40.78
C GLU H 14 97.94 -78.22 40.53
N TYR H 15 98.40 -79.43 40.22
CA TYR H 15 99.85 -79.64 40.06
C TYR H 15 100.43 -79.02 38.80
N MET H 16 99.61 -78.42 37.94
CA MET H 16 100.11 -77.66 36.81
C MET H 16 100.50 -76.23 37.19
N ARG H 17 100.32 -75.83 38.45
CA ARG H 17 100.52 -74.45 38.86
C ARG H 17 101.97 -74.12 39.21
N ASN H 18 102.93 -74.92 38.75
CA ASN H 18 104.32 -74.72 39.10
C ASN H 18 105.15 -74.32 37.87
N GLY H 19 106.46 -74.25 38.04
CA GLY H 19 107.34 -73.82 36.97
C GLY H 19 108.44 -74.80 36.62
N ASP H 20 108.14 -76.11 36.62
CA ASP H 20 109.14 -77.06 36.16
C ASP H 20 109.27 -77.06 34.63
N PHE H 21 108.34 -76.43 33.93
CA PHE H 21 108.57 -75.97 32.57
C PHE H 21 108.74 -74.46 32.63
N LEU H 22 109.21 -73.87 31.51
CA LEU H 22 110.00 -72.64 31.63
C LEU H 22 109.17 -71.42 32.02
N PRO H 23 108.06 -71.02 31.32
CA PRO H 23 107.22 -69.97 31.91
C PRO H 23 106.39 -70.51 33.07
N THR H 24 105.60 -71.53 32.76
CA THR H 24 104.59 -72.18 33.59
C THR H 24 104.13 -73.35 32.71
N ARG H 25 103.62 -74.43 33.30
CA ARG H 25 103.15 -75.58 32.51
C ARG H 25 101.96 -75.23 31.62
N LEU H 26 101.18 -74.21 32.00
CA LEU H 26 99.97 -73.88 31.29
C LEU H 26 100.27 -73.41 29.87
N GLN H 27 101.20 -72.47 29.74
CA GLN H 27 101.66 -72.07 28.42
C GLN H 27 102.44 -73.18 27.74
N ALA H 28 103.08 -74.05 28.53
CA ALA H 28 103.78 -75.20 27.96
C ALA H 28 102.81 -76.20 27.35
N GLN H 29 101.71 -76.49 28.07
CA GLN H 29 100.73 -77.40 27.49
C GLN H 29 99.82 -76.70 26.48
N GLN H 30 99.71 -75.38 26.54
CA GLN H 30 98.95 -74.67 25.51
C GLN H 30 99.69 -74.70 24.18
N ASP H 31 101.01 -74.52 24.22
CA ASP H 31 101.80 -74.57 23.00
C ASP H 31 101.89 -75.97 22.43
N ALA H 32 101.72 -76.99 23.29
CA ALA H 32 101.57 -78.35 22.79
C ALA H 32 100.24 -78.50 22.04
N VAL H 33 99.19 -77.83 22.53
CA VAL H 33 97.92 -77.83 21.82
C VAL H 33 98.03 -76.97 20.56
N ASN H 34 98.85 -75.92 20.59
CA ASN H 34 99.06 -75.08 19.41
C ASN H 34 99.69 -75.86 18.26
N ILE H 35 100.61 -76.76 18.57
CA ILE H 35 101.30 -77.44 17.47
C ILE H 35 100.52 -78.66 16.99
N VAL H 36 99.70 -79.28 17.84
CA VAL H 36 98.98 -80.46 17.36
C VAL H 36 97.77 -80.06 16.53
N CYS H 37 97.15 -78.91 16.80
CA CYS H 37 96.01 -78.49 16.02
C CYS H 37 96.43 -78.00 14.65
N HIS H 38 97.60 -77.37 14.56
CA HIS H 38 98.17 -77.06 13.26
C HIS H 38 98.69 -78.32 12.57
N SER H 39 99.05 -79.34 13.36
CA SER H 39 99.42 -80.61 12.75
C SER H 39 98.22 -81.31 12.14
N LYS H 40 97.09 -81.29 12.84
CA LYS H 40 95.90 -81.95 12.32
C LYS H 40 95.21 -81.12 11.23
N THR H 41 95.48 -79.82 11.17
CA THR H 41 94.92 -79.01 10.11
C THR H 41 95.69 -79.22 8.81
N ARG H 42 97.02 -79.15 8.87
CA ARG H 42 97.84 -79.28 7.68
C ARG H 42 97.91 -80.71 7.18
N SER H 43 97.53 -81.67 8.03
CA SER H 43 97.34 -83.04 7.55
C SER H 43 96.09 -83.16 6.70
N ASN H 44 94.94 -82.81 7.26
CA ASN H 44 93.66 -83.03 6.61
C ASN H 44 92.62 -82.09 7.20
N PRO H 45 91.94 -81.27 6.39
CA PRO H 45 90.78 -80.53 6.90
C PRO H 45 89.60 -81.40 7.27
N GLU H 46 89.56 -82.66 6.81
CA GLU H 46 88.48 -83.55 7.19
C GLU H 46 88.60 -84.02 8.63
N ASN H 47 89.81 -83.98 9.21
CA ASN H 47 89.97 -84.34 10.60
C ASN H 47 89.39 -83.25 11.50
N ASN H 48 89.22 -83.61 12.78
CA ASN H 48 88.49 -82.75 13.70
C ASN H 48 88.97 -82.98 15.13
N VAL H 49 88.83 -81.94 15.95
CA VAL H 49 89.47 -81.86 17.25
C VAL H 49 88.41 -81.58 18.31
N GLY H 50 88.38 -82.40 19.36
CA GLY H 50 87.60 -82.10 20.54
C GLY H 50 88.47 -82.23 21.78
N LEU H 51 88.07 -81.52 22.84
CA LEU H 51 88.88 -81.48 24.04
C LEU H 51 88.07 -81.89 25.26
N ILE H 52 88.78 -82.35 26.28
CA ILE H 52 88.20 -82.75 27.55
C ILE H 52 89.21 -82.41 28.63
N THR H 53 88.72 -82.16 29.83
CA THR H 53 89.59 -81.99 30.98
C THR H 53 89.45 -83.18 31.92
N LEU H 54 90.32 -83.21 32.92
CA LEU H 54 90.38 -84.28 33.92
C LEU H 54 90.11 -83.76 35.33
N ALA H 55 89.36 -82.66 35.43
CA ALA H 55 89.08 -82.00 36.70
C ALA H 55 88.02 -82.72 37.51
N ASN H 56 87.47 -82.01 38.50
CA ASN H 56 86.32 -82.50 39.27
C ASN H 56 85.16 -82.89 38.36
N ASP H 57 84.89 -82.08 37.34
CA ASP H 57 84.02 -82.47 36.25
C ASP H 57 84.86 -82.62 34.99
N CYS H 58 84.53 -83.61 34.19
CA CYS H 58 85.15 -83.80 32.87
C CYS H 58 84.33 -82.99 31.88
N GLU H 59 84.78 -81.78 31.57
CA GLU H 59 83.99 -80.82 30.83
C GLU H 59 84.34 -80.85 29.36
N VAL H 60 83.32 -80.97 28.52
CA VAL H 60 83.48 -80.85 27.07
C VAL H 60 83.30 -79.37 26.76
N LEU H 61 84.42 -78.66 26.62
CA LEU H 61 84.32 -77.24 26.28
C LEU H 61 84.07 -77.08 24.78
N THR H 62 84.74 -77.87 23.96
CA THR H 62 84.44 -77.97 22.54
C THR H 62 84.12 -79.41 22.21
N THR H 63 82.95 -79.64 21.65
CA THR H 63 82.70 -80.93 21.03
C THR H 63 83.45 -80.95 19.71
N LEU H 64 83.68 -82.17 19.20
CA LEU H 64 84.60 -82.48 18.11
C LEU H 64 84.33 -81.70 16.83
N THR H 65 85.27 -80.81 16.47
CA THR H 65 85.11 -79.86 15.39
C THR H 65 86.42 -79.70 14.62
N PRO H 66 86.34 -79.46 13.29
CA PRO H 66 87.57 -79.26 12.51
C PRO H 66 88.19 -77.88 12.69
N ASP H 67 87.38 -76.88 13.05
CA ASP H 67 87.92 -75.55 13.31
C ASP H 67 88.67 -75.56 14.64
N THR H 68 89.80 -74.86 14.68
CA THR H 68 90.63 -74.81 15.88
C THR H 68 90.62 -73.45 16.56
N GLY H 69 90.01 -72.43 15.96
CA GLY H 69 89.94 -71.13 16.61
C GLY H 69 89.05 -71.14 17.84
N ARG H 70 88.07 -72.04 17.87
CA ARG H 70 87.23 -72.18 19.05
C ARG H 70 88.00 -72.79 20.21
N ILE H 71 88.89 -73.74 19.91
CA ILE H 71 89.71 -74.37 20.94
C ILE H 71 90.65 -73.35 21.57
N LEU H 72 91.25 -72.50 20.73
CA LEU H 72 92.17 -71.47 21.21
C LEU H 72 91.46 -70.41 22.05
N SER H 73 90.16 -70.22 21.84
CA SER H 73 89.40 -69.38 22.74
C SER H 73 89.19 -70.05 24.10
N LYS H 74 89.09 -71.38 24.12
CA LYS H 74 88.83 -72.08 25.37
C LYS H 74 90.08 -72.21 26.23
N LEU H 75 91.25 -72.17 25.61
CA LEU H 75 92.49 -72.39 26.36
C LEU H 75 92.82 -71.24 27.29
N HIS H 76 92.32 -70.04 27.02
CA HIS H 76 92.46 -68.94 27.95
C HIS H 76 91.53 -69.14 29.13
N THR H 77 91.92 -68.52 30.25
CA THR H 77 91.37 -68.71 31.62
C THR H 77 90.97 -70.16 31.90
N VAL H 78 91.95 -71.05 31.72
CA VAL H 78 91.69 -72.48 31.83
C VAL H 78 91.54 -72.91 33.29
N GLN H 79 91.98 -72.07 34.24
CA GLN H 79 91.88 -72.26 35.69
C GLN H 79 92.48 -73.60 36.13
N PRO H 80 93.81 -73.70 36.24
CA PRO H 80 94.44 -74.96 36.68
C PRO H 80 94.20 -75.28 38.14
N LYS H 81 92.95 -75.48 38.55
CA LYS H 81 92.63 -75.75 39.94
C LYS H 81 91.67 -76.91 40.00
N GLY H 82 92.01 -77.91 40.79
CA GLY H 82 91.15 -79.06 40.99
C GLY H 82 91.98 -80.31 41.22
N LYS H 83 91.26 -81.42 41.31
CA LYS H 83 91.86 -82.73 41.51
C LYS H 83 91.90 -83.48 40.18
N ILE H 84 93.01 -84.18 39.94
CA ILE H 84 93.10 -85.06 38.78
C ILE H 84 92.12 -86.22 38.94
N THR H 85 91.35 -86.49 37.90
CA THR H 85 90.42 -87.60 37.89
C THR H 85 90.61 -88.33 36.56
N PHE H 86 90.83 -89.65 36.63
CA PHE H 86 91.42 -90.37 35.51
C PHE H 86 90.51 -91.46 34.94
N CYS H 87 89.89 -92.27 35.81
CA CYS H 87 89.16 -93.45 35.35
C CYS H 87 87.90 -93.08 34.57
N THR H 88 87.29 -91.94 34.89
CA THR H 88 86.17 -91.44 34.10
C THR H 88 86.61 -90.50 32.99
N GLY H 89 87.86 -90.06 32.99
CA GLY H 89 88.33 -89.16 31.94
C GLY H 89 88.50 -89.85 30.61
N ILE H 90 88.93 -91.11 30.62
CA ILE H 90 88.93 -91.89 29.39
C ILE H 90 87.52 -92.30 29.02
N ARG H 91 86.71 -92.64 30.04
CA ARG H 91 85.34 -93.08 29.82
C ARG H 91 84.48 -91.99 29.20
N VAL H 92 84.74 -90.73 29.53
CA VAL H 92 84.02 -89.64 28.90
C VAL H 92 84.63 -89.33 27.52
N ALA H 93 85.84 -89.79 27.24
CA ALA H 93 86.33 -89.77 25.87
C ALA H 93 85.97 -91.04 25.13
N HIS H 94 85.61 -92.09 25.86
CA HIS H 94 85.26 -93.36 25.25
C HIS H 94 83.92 -93.28 24.54
N LEU H 95 82.88 -92.90 25.26
CA LEU H 95 81.53 -92.84 24.70
C LEU H 95 81.28 -91.58 23.89
N ALA H 96 82.21 -90.60 23.92
CA ALA H 96 82.05 -89.41 23.09
C ALA H 96 82.29 -89.71 21.62
N LEU H 97 83.32 -90.50 21.32
CA LEU H 97 83.74 -90.70 19.94
C LEU H 97 82.97 -91.81 19.23
N LYS H 98 81.91 -92.32 19.85
CA LYS H 98 80.95 -93.15 19.14
C LYS H 98 79.76 -92.36 18.65
N HIS H 99 79.77 -91.04 18.84
CA HIS H 99 78.75 -90.14 18.29
C HIS H 99 79.31 -89.26 17.18
N ARG H 100 80.32 -89.76 16.49
CA ARG H 100 80.98 -88.98 15.45
C ARG H 100 80.12 -88.94 14.19
N GLN H 101 80.41 -87.98 13.32
CA GLN H 101 79.70 -87.85 12.06
C GLN H 101 80.41 -88.53 10.90
N GLY H 102 81.74 -88.63 10.94
CA GLY H 102 82.47 -89.42 9.98
C GLY H 102 83.00 -90.68 10.63
N LYS H 103 82.37 -91.82 10.37
CA LYS H 103 82.78 -93.07 11.00
C LYS H 103 84.02 -93.66 10.36
N ASN H 104 84.50 -93.09 9.25
CA ASN H 104 85.78 -93.48 8.69
C ASN H 104 86.96 -92.93 9.48
N HIS H 105 86.72 -91.97 10.37
CA HIS H 105 87.79 -91.43 11.19
C HIS H 105 88.12 -92.40 12.32
N LYS H 106 89.42 -92.53 12.60
CA LYS H 106 89.89 -93.41 13.67
C LYS H 106 89.79 -92.70 15.02
N MET H 107 89.33 -93.44 16.03
CA MET H 107 89.21 -92.91 17.38
C MET H 107 90.60 -92.86 18.01
N ARG H 108 91.21 -91.68 17.98
CA ARG H 108 92.51 -91.46 18.58
C ARG H 108 92.40 -90.44 19.72
N ILE H 109 92.96 -90.78 20.87
CA ILE H 109 92.92 -89.94 22.06
C ILE H 109 94.35 -89.60 22.45
N ILE H 110 94.62 -88.32 22.65
CA ILE H 110 95.87 -87.90 23.29
C ILE H 110 95.53 -87.32 24.66
N ALA H 111 96.47 -87.50 25.59
CA ALA H 111 96.21 -87.13 26.97
C ALA H 111 97.42 -86.40 27.54
N PHE H 112 97.14 -85.34 28.30
CA PHE H 112 98.17 -84.53 28.95
C PHE H 112 98.03 -84.73 30.45
N VAL H 113 98.96 -85.45 31.06
CA VAL H 113 98.92 -85.74 32.48
C VAL H 113 100.13 -85.09 33.12
N GLY H 114 99.89 -84.09 33.96
CA GLY H 114 100.95 -83.43 34.69
C GLY H 114 100.68 -83.38 36.17
N SER H 115 100.07 -84.44 36.69
CA SER H 115 99.71 -84.54 38.08
C SER H 115 99.84 -86.00 38.52
N PRO H 116 100.17 -86.25 39.77
CA PRO H 116 100.22 -87.65 40.25
C PRO H 116 98.84 -88.25 40.35
N VAL H 117 98.66 -89.40 39.70
CA VAL H 117 97.39 -90.10 39.68
C VAL H 117 97.39 -91.14 40.80
N GLU H 118 96.23 -91.29 41.45
CA GLU H 118 96.05 -92.27 42.52
C GLU H 118 95.27 -93.48 42.04
N ASP H 119 95.52 -93.90 40.81
CA ASP H 119 94.76 -94.99 40.21
C ASP H 119 95.25 -96.33 40.74
N ASN H 120 94.34 -97.31 40.74
CA ASN H 120 94.71 -98.70 40.95
C ASN H 120 95.08 -99.32 39.61
N GLU H 121 95.96 -100.33 39.67
CA GLU H 121 96.28 -101.10 38.47
C GLU H 121 95.12 -101.97 38.01
N LYS H 122 94.17 -102.28 38.91
CA LYS H 122 93.01 -103.05 38.52
C LYS H 122 91.99 -102.19 37.78
N ASP H 123 91.90 -100.91 38.14
CA ASP H 123 90.90 -100.05 37.51
C ASP H 123 91.29 -99.71 36.08
N LEU H 124 92.58 -99.60 35.81
CA LEU H 124 93.03 -99.28 34.46
C LEU H 124 93.03 -100.49 33.56
N VAL H 125 93.29 -101.69 34.10
CA VAL H 125 93.28 -102.88 33.26
C VAL H 125 91.86 -103.29 32.92
N LYS H 126 90.87 -102.88 33.73
CA LYS H 126 89.49 -103.00 33.28
C LYS H 126 89.21 -102.04 32.15
N LEU H 127 89.76 -100.82 32.21
CA LEU H 127 89.61 -99.87 31.13
C LEU H 127 90.42 -100.29 29.91
N ALA H 128 91.56 -100.95 30.13
CA ALA H 128 92.44 -101.33 29.03
C ALA H 128 91.82 -102.41 28.17
N LYS H 129 91.26 -103.45 28.79
CA LYS H 129 90.57 -104.47 28.01
C LYS H 129 89.22 -103.99 27.53
N ARG H 130 88.66 -102.94 28.13
CA ARG H 130 87.47 -102.30 27.57
C ARG H 130 87.80 -101.62 26.25
N LEU H 131 88.98 -101.01 26.16
CA LEU H 131 89.44 -100.41 24.91
C LEU H 131 89.85 -101.45 23.89
N LYS H 132 90.20 -102.66 24.34
CA LYS H 132 90.45 -103.76 23.41
C LYS H 132 89.18 -104.15 22.66
N LYS H 133 88.04 -104.10 23.35
CA LYS H 133 86.78 -104.55 22.75
C LYS H 133 86.22 -103.56 21.73
N GLU H 134 86.73 -102.33 21.67
CA GLU H 134 86.24 -101.37 20.69
C GLU H 134 87.33 -100.81 19.78
N LYS H 135 88.60 -101.23 19.98
CA LYS H 135 89.74 -100.90 19.12
C LYS H 135 89.96 -99.39 19.05
N VAL H 136 90.36 -98.85 20.19
CA VAL H 136 90.70 -97.43 20.34
C VAL H 136 92.19 -97.33 20.64
N ASN H 137 92.89 -96.49 19.88
CA ASN H 137 94.32 -96.26 20.08
C ASN H 137 94.54 -94.93 20.78
N VAL H 138 95.28 -94.95 21.88
CA VAL H 138 95.50 -93.78 22.72
C VAL H 138 97.00 -93.58 22.88
N ASP H 139 97.48 -92.36 22.63
CA ASP H 139 98.88 -92.00 22.81
C ASP H 139 98.97 -90.96 23.92
N ILE H 140 99.54 -91.34 25.06
CA ILE H 140 99.57 -90.50 26.25
C ILE H 140 100.91 -89.78 26.30
N ILE H 141 100.86 -88.45 26.45
CA ILE H 141 102.06 -87.64 26.64
C ILE H 141 102.13 -87.26 28.10
N ASN H 142 103.26 -87.57 28.75
CA ASN H 142 103.44 -87.31 30.17
C ASN H 142 104.06 -85.94 30.39
N PHE H 143 103.55 -85.23 31.39
CA PHE H 143 104.07 -83.95 31.83
C PHE H 143 104.48 -84.05 33.29
N GLY H 144 105.51 -83.27 33.64
CA GLY H 144 105.80 -82.90 35.03
C GLY H 144 106.06 -84.06 35.97
N GLU H 145 105.32 -84.10 37.08
CA GLU H 145 105.38 -85.19 38.04
C GLU H 145 104.14 -86.07 37.93
N GLU H 146 104.34 -87.35 38.24
CA GLU H 146 103.32 -88.38 38.29
C GLU H 146 103.95 -89.49 39.15
N GLU H 147 103.43 -90.70 39.04
CA GLU H 147 104.24 -91.85 39.40
C GLU H 147 105.45 -91.82 38.48
N VAL H 148 106.59 -91.41 39.02
CA VAL H 148 107.76 -91.13 38.19
C VAL H 148 108.42 -92.46 37.84
N ASN H 149 109.11 -92.48 36.68
CA ASN H 149 109.56 -93.69 35.99
C ASN H 149 108.37 -94.64 35.80
N THR H 150 107.44 -94.15 34.96
CA THR H 150 106.00 -94.41 35.02
C THR H 150 105.60 -95.86 35.18
N GLU H 151 105.03 -96.17 36.34
CA GLU H 151 104.44 -97.45 36.63
C GLU H 151 102.93 -97.27 36.61
N LYS H 152 102.22 -98.32 36.20
CA LYS H 152 100.79 -98.35 35.85
C LYS H 152 100.45 -97.49 34.64
N LEU H 153 101.46 -97.03 33.90
CA LEU H 153 101.26 -96.29 32.66
C LEU H 153 101.82 -97.08 31.47
N THR H 154 103.10 -97.45 31.56
CA THR H 154 103.65 -98.41 30.59
C THR H 154 102.93 -99.74 30.69
N ALA H 155 102.56 -100.14 31.91
CA ALA H 155 101.69 -101.29 32.09
C ALA H 155 100.31 -101.05 31.48
N PHE H 156 99.83 -99.81 31.48
CA PHE H 156 98.52 -99.54 30.88
C PHE H 156 98.60 -99.52 29.35
N VAL H 157 99.66 -98.93 28.81
CA VAL H 157 99.80 -98.84 27.36
C VAL H 157 100.06 -100.23 26.76
N ASN H 158 100.89 -101.03 27.44
CA ASN H 158 101.17 -102.38 26.95
C ASN H 158 99.95 -103.28 27.04
N THR H 159 99.18 -103.17 28.13
CA THR H 159 97.91 -103.89 28.23
C THR H 159 96.78 -103.19 27.48
N LEU H 160 97.07 -102.11 26.77
CA LEU H 160 96.13 -101.61 25.77
C LEU H 160 96.42 -102.23 24.41
N ASN H 161 97.70 -102.24 24.00
CA ASN H 161 98.08 -102.73 22.69
C ASN H 161 98.83 -104.06 22.78
N GLY H 162 98.39 -104.93 23.68
CA GLY H 162 98.92 -106.28 23.71
C GLY H 162 98.38 -107.10 22.56
N LYS H 163 99.05 -108.24 22.33
CA LYS H 163 98.71 -109.24 21.31
C LYS H 163 98.69 -108.62 19.90
N ASP H 164 99.90 -108.23 19.47
CA ASP H 164 100.17 -107.61 18.17
C ASP H 164 99.42 -106.29 18.01
N GLY H 165 99.72 -105.37 18.91
CA GLY H 165 99.14 -104.05 18.91
C GLY H 165 100.12 -103.03 18.35
N THR H 166 100.86 -102.38 19.26
CA THR H 166 101.89 -101.33 19.05
C THR H 166 101.44 -100.21 18.10
N GLY H 167 100.13 -99.93 18.09
CA GLY H 167 99.63 -98.70 17.54
C GLY H 167 99.49 -97.59 18.56
N SER H 168 99.58 -97.95 19.83
CA SER H 168 99.50 -97.00 20.94
C SER H 168 100.88 -96.88 21.58
N HIS H 169 101.24 -95.66 21.97
CA HIS H 169 102.57 -95.38 22.51
C HIS H 169 102.44 -94.65 23.83
N LEU H 170 103.56 -94.55 24.54
CA LEU H 170 103.67 -93.78 25.77
C LEU H 170 104.93 -92.93 25.68
N VAL H 171 104.75 -91.66 25.32
CA VAL H 171 105.84 -90.70 25.36
C VAL H 171 105.91 -90.15 26.78
N THR H 172 106.98 -90.49 27.49
CA THR H 172 107.17 -89.97 28.83
C THR H 172 107.66 -88.53 28.78
N VAL H 173 107.75 -87.91 29.94
CA VAL H 173 108.18 -86.51 30.00
C VAL H 173 109.69 -86.44 29.78
N PRO H 174 110.19 -85.42 29.08
CA PRO H 174 111.58 -85.03 29.24
C PRO H 174 111.74 -84.20 30.50
N PRO H 175 112.36 -84.75 31.55
CA PRO H 175 112.41 -84.04 32.84
C PRO H 175 113.39 -82.88 32.83
N GLY H 176 113.02 -81.81 32.11
CA GLY H 176 113.86 -80.65 31.99
C GLY H 176 113.04 -79.43 31.62
N PRO H 177 113.31 -78.31 32.29
CA PRO H 177 112.63 -77.05 31.94
C PRO H 177 113.11 -76.51 30.61
N SER H 178 112.27 -76.61 29.58
CA SER H 178 112.64 -76.13 28.25
C SER H 178 111.35 -75.75 27.52
N LEU H 179 111.51 -75.26 26.30
CA LEU H 179 110.38 -74.91 25.47
C LEU H 179 109.63 -76.17 25.02
N ALA H 180 108.35 -76.00 24.71
CA ALA H 180 107.49 -77.12 24.40
C ALA H 180 107.81 -77.76 23.05
N ASP H 181 108.55 -77.05 22.18
CA ASP H 181 108.97 -77.64 20.91
C ASP H 181 109.99 -78.75 21.13
N ALA H 182 110.83 -78.62 22.17
CA ALA H 182 111.75 -79.70 22.50
C ALA H 182 111.02 -80.89 23.11
N LEU H 183 109.84 -80.65 23.69
CA LEU H 183 109.03 -81.75 24.20
C LEU H 183 108.45 -82.59 23.06
N ILE H 184 108.12 -81.95 21.94
CA ILE H 184 107.44 -82.62 20.85
C ILE H 184 108.39 -82.95 19.70
N SER H 185 109.69 -83.06 19.98
CA SER H 185 110.68 -83.28 18.92
C SER H 185 110.53 -84.67 18.32
N SER H 186 110.37 -85.70 19.15
CA SER H 186 109.99 -87.02 18.66
C SER H 186 108.49 -87.17 18.39
N PRO H 187 107.53 -86.66 19.25
CA PRO H 187 106.12 -86.81 18.87
C PRO H 187 105.60 -85.86 17.79
N ILE H 188 106.48 -85.21 17.02
CA ILE H 188 106.02 -84.36 15.92
C ILE H 188 105.36 -85.21 14.83
N LEU H 189 105.81 -86.45 14.65
CA LEU H 189 105.11 -87.41 13.80
C LEU H 189 104.18 -88.30 14.60
N ALA H 190 104.75 -89.09 15.52
CA ALA H 190 104.02 -90.00 16.39
C ALA H 190 104.92 -90.38 17.54
N GLY H 191 104.45 -91.27 18.40
CA GLY H 191 105.23 -91.74 19.52
C GLY H 191 106.37 -92.66 19.10
N ALA I 23 59.31 -101.98 -17.05
CA ALA I 23 59.08 -100.79 -16.24
C ALA I 23 57.67 -100.26 -16.47
N VAL I 24 56.92 -100.14 -15.38
CA VAL I 24 55.50 -99.77 -15.44
C VAL I 24 55.10 -99.27 -14.05
N ASP I 25 54.00 -98.50 -14.00
CA ASP I 25 53.39 -98.12 -12.74
C ASP I 25 52.57 -99.29 -12.18
N THR I 26 51.87 -99.04 -11.07
CA THR I 26 51.02 -100.01 -10.39
C THR I 26 49.88 -99.26 -9.73
N ALA I 27 49.23 -99.89 -8.76
CA ALA I 27 48.41 -99.20 -7.78
C ALA I 27 49.31 -98.77 -6.63
N GLU I 28 49.71 -97.51 -6.64
CA GLU I 28 50.65 -97.04 -5.64
C GLU I 28 49.91 -96.65 -4.36
N GLN I 29 50.69 -96.51 -3.29
CA GLN I 29 50.11 -96.18 -1.99
C GLN I 29 51.10 -95.32 -1.22
N VAL I 30 50.61 -94.20 -0.71
CA VAL I 30 51.45 -93.24 0.01
C VAL I 30 51.30 -93.50 1.49
N TYR I 31 52.32 -94.11 2.10
CA TYR I 31 52.34 -94.19 3.54
C TYR I 31 52.75 -92.84 4.11
N ILE I 32 52.46 -92.65 5.39
CA ILE I 32 52.77 -91.38 6.04
C ILE I 32 53.55 -91.61 7.33
N SER I 33 53.81 -90.53 8.03
CA SER I 33 54.06 -90.55 9.47
C SER I 33 53.04 -89.62 10.11
N SER I 34 52.69 -89.94 11.36
CA SER I 34 51.72 -89.12 12.07
C SER I 34 52.26 -87.75 12.43
N LEU I 35 53.58 -87.62 12.54
CA LEU I 35 54.17 -86.32 12.79
C LEU I 35 54.08 -85.42 11.57
N ALA I 36 54.00 -86.02 10.38
CA ALA I 36 54.09 -85.26 9.14
C ALA I 36 52.87 -84.38 8.94
N LEU I 37 51.67 -84.95 9.11
CA LEU I 37 50.42 -84.25 8.85
C LEU I 37 50.23 -83.06 9.79
N LEU I 38 50.75 -83.14 11.01
CA LEU I 38 50.67 -82.00 11.90
C LEU I 38 51.69 -80.94 11.52
N LYS I 39 52.83 -81.34 10.97
CA LYS I 39 53.76 -80.36 10.40
C LYS I 39 53.20 -79.76 9.12
N MET I 40 52.36 -80.50 8.41
CA MET I 40 51.77 -80.00 7.16
C MET I 40 50.85 -78.81 7.43
N LEU I 41 49.84 -79.02 8.28
CA LEU I 41 48.79 -78.01 8.41
C LEU I 41 49.21 -76.83 9.26
N LYS I 42 50.08 -77.02 10.26
CA LYS I 42 50.44 -75.92 11.14
C LYS I 42 51.32 -74.91 10.42
N HIS I 43 52.21 -75.38 9.57
CA HIS I 43 52.94 -74.48 8.68
C HIS I 43 52.00 -73.87 7.64
N GLY I 44 50.97 -74.60 7.24
CA GLY I 44 50.00 -74.09 6.29
C GLY I 44 49.04 -73.08 6.89
N ARG I 45 48.61 -73.34 8.13
CA ARG I 45 47.67 -72.43 8.76
C ARG I 45 48.34 -71.14 9.20
N ALA I 46 49.59 -71.22 9.65
CA ALA I 46 50.30 -70.02 10.08
C ALA I 46 50.75 -69.16 8.90
N GLY I 47 50.76 -69.69 7.69
CA GLY I 47 51.07 -68.90 6.52
C GLY I 47 49.89 -68.86 5.60
N VAL I 48 48.69 -68.62 6.17
CA VAL I 48 47.43 -68.89 5.45
C VAL I 48 47.22 -68.12 4.14
N PRO I 49 47.43 -66.81 4.04
CA PRO I 49 46.92 -66.12 2.85
C PRO I 49 47.76 -66.29 1.60
N MET I 50 48.71 -67.23 1.59
CA MET I 50 49.59 -67.45 0.45
C MET I 50 50.00 -68.92 0.45
N GLU I 51 50.66 -69.33 -0.61
CA GLU I 51 51.21 -70.67 -0.66
C GLU I 51 52.47 -70.72 0.17
N VAL I 52 52.55 -71.62 1.13
CA VAL I 52 53.76 -71.86 1.90
C VAL I 52 54.32 -73.21 1.49
N MET I 53 55.65 -73.31 1.45
CA MET I 53 56.36 -74.39 0.80
C MET I 53 57.11 -75.23 1.83
N GLY I 54 57.35 -76.50 1.49
CA GLY I 54 58.22 -77.31 2.32
C GLY I 54 58.65 -78.57 1.62
N LEU I 55 59.74 -79.16 2.11
CA LEU I 55 60.21 -80.42 1.59
C LEU I 55 59.62 -81.60 2.34
N MET I 56 59.69 -82.75 1.71
CA MET I 56 59.10 -83.97 2.22
C MET I 56 60.15 -85.08 2.20
N LEU I 57 60.24 -85.84 3.28
CA LEU I 57 61.45 -86.58 3.61
C LEU I 57 61.08 -87.98 4.08
N GLY I 58 61.46 -88.99 3.30
CA GLY I 58 61.01 -90.35 3.59
C GLY I 58 61.88 -91.46 3.02
N GLU I 59 61.26 -92.48 2.44
CA GLU I 59 61.99 -93.61 1.89
C GLU I 59 61.15 -94.33 0.84
N PHE I 60 61.82 -94.86 -0.18
CA PHE I 60 61.21 -95.63 -1.26
C PHE I 60 61.28 -97.09 -0.89
N VAL I 61 60.22 -97.61 -0.25
CA VAL I 61 60.32 -98.92 0.38
C VAL I 61 60.25 -100.03 -0.66
N ASP I 62 59.51 -99.84 -1.74
CA ASP I 62 59.53 -100.78 -2.85
C ASP I 62 59.22 -100.01 -4.13
N ASP I 63 59.02 -100.75 -5.21
CA ASP I 63 58.55 -100.17 -6.45
C ASP I 63 57.05 -99.95 -6.47
N TYR I 64 56.35 -100.28 -5.38
CA TYR I 64 54.90 -100.23 -5.36
C TYR I 64 54.37 -99.14 -4.45
N THR I 65 54.89 -99.02 -3.24
CA THR I 65 54.40 -98.03 -2.28
C THR I 65 55.52 -97.07 -1.92
N VAL I 66 55.14 -95.95 -1.29
CA VAL I 66 56.09 -94.92 -0.90
C VAL I 66 55.77 -94.52 0.54
N ARG I 67 56.81 -94.17 1.30
CA ARG I 67 56.68 -93.92 2.72
C ARG I 67 57.45 -92.65 3.07
N VAL I 68 56.73 -91.64 3.55
CA VAL I 68 57.33 -90.46 4.16
C VAL I 68 57.36 -90.64 5.67
N ILE I 69 58.48 -90.28 6.30
CA ILE I 69 58.54 -90.26 7.75
C ILE I 69 58.79 -88.85 8.31
N ASP I 70 59.36 -87.93 7.55
CA ASP I 70 59.71 -86.64 8.13
C ASP I 70 59.31 -85.52 7.18
N VAL I 71 59.07 -84.35 7.77
CA VAL I 71 58.65 -83.14 7.07
C VAL I 71 59.33 -81.96 7.74
N PHE I 72 60.01 -81.13 6.96
CA PHE I 72 60.55 -79.87 7.48
C PHE I 72 60.39 -78.79 6.42
N ALA I 73 60.40 -77.55 6.89
CA ALA I 73 60.29 -76.39 6.02
C ALA I 73 61.65 -75.72 5.87
N MET I 74 61.67 -74.61 5.16
CA MET I 74 62.86 -73.81 4.93
C MET I 74 62.46 -72.34 5.02
N PRO I 75 63.41 -71.43 5.24
CA PRO I 75 63.08 -70.01 5.12
C PRO I 75 62.73 -69.68 3.68
N GLN I 76 61.77 -68.77 3.52
CA GLN I 76 61.13 -68.53 2.24
C GLN I 76 61.02 -67.04 2.01
N SER I 77 60.45 -66.69 0.86
CA SER I 77 60.09 -65.33 0.54
C SER I 77 58.97 -65.39 -0.49
N GLY I 78 57.85 -64.75 -0.17
CA GLY I 78 56.65 -64.91 -0.97
C GLY I 78 56.13 -63.58 -1.47
N THR I 79 55.16 -63.68 -2.36
CA THR I 79 54.31 -62.58 -2.80
C THR I 79 52.87 -63.01 -2.59
N GLY I 80 51.94 -62.21 -3.12
CA GLY I 80 50.54 -62.61 -3.07
C GLY I 80 50.18 -63.69 -4.06
N VAL I 81 51.02 -63.92 -5.06
CA VAL I 81 50.68 -64.82 -6.15
C VAL I 81 51.75 -65.88 -6.30
N SER I 82 52.93 -65.64 -5.74
CA SER I 82 54.05 -66.54 -5.89
C SER I 82 54.82 -66.63 -4.59
N VAL I 83 55.56 -67.72 -4.42
CA VAL I 83 56.41 -67.90 -3.25
C VAL I 83 57.72 -68.52 -3.71
N GLU I 84 58.82 -68.07 -3.11
CA GLU I 84 60.14 -68.56 -3.46
C GLU I 84 60.87 -68.98 -2.20
N ALA I 85 61.83 -69.87 -2.38
CA ALA I 85 62.73 -70.22 -1.30
C ALA I 85 63.93 -69.29 -1.31
N VAL I 86 64.72 -69.37 -0.25
CA VAL I 86 65.96 -68.63 -0.16
C VAL I 86 67.05 -69.67 0.10
N ASP I 87 68.26 -69.21 0.46
CA ASP I 87 69.57 -69.83 0.33
C ASP I 87 69.65 -71.33 0.56
N PRO I 88 70.24 -72.07 -0.39
CA PRO I 88 70.36 -73.52 -0.24
C PRO I 88 71.44 -73.97 0.73
N VAL I 89 72.16 -73.05 1.36
CA VAL I 89 73.08 -73.42 2.42
C VAL I 89 72.33 -73.87 3.67
N PHE I 90 71.06 -73.47 3.81
CA PHE I 90 70.22 -74.04 4.85
C PHE I 90 69.88 -75.49 4.56
N GLN I 91 69.83 -75.86 3.28
CA GLN I 91 69.25 -77.14 2.88
C GLN I 91 70.16 -78.31 3.27
N ALA I 92 71.40 -78.29 2.79
CA ALA I 92 72.31 -79.40 3.03
C ALA I 92 72.76 -79.46 4.49
N LYS I 93 72.81 -78.29 5.15
CA LYS I 93 73.21 -78.29 6.55
C LYS I 93 72.07 -78.80 7.44
N MET I 94 70.82 -78.67 6.99
CA MET I 94 69.71 -79.23 7.73
C MET I 94 69.72 -80.75 7.68
N LEU I 95 69.94 -81.31 6.49
CA LEU I 95 69.96 -82.76 6.34
C LEU I 95 71.19 -83.37 6.99
N ASP I 96 72.27 -82.61 7.10
CA ASP I 96 73.48 -83.11 7.75
C ASP I 96 73.24 -83.35 9.23
N MET I 97 72.58 -82.40 9.90
CA MET I 97 72.34 -82.55 11.33
C MET I 97 71.16 -83.44 11.65
N LEU I 98 70.38 -83.82 10.63
CA LEU I 98 69.39 -84.87 10.84
C LEU I 98 69.98 -86.25 10.63
N LYS I 99 71.14 -86.36 9.97
CA LYS I 99 71.79 -87.65 9.84
C LYS I 99 72.45 -88.07 11.15
N GLN I 100 73.21 -87.15 11.76
CA GLN I 100 74.00 -87.51 12.93
C GLN I 100 73.16 -87.67 14.18
N THR I 101 71.95 -87.14 14.21
CA THR I 101 71.02 -87.38 15.29
C THR I 101 69.87 -88.20 14.73
N GLY I 102 69.77 -89.45 15.17
CA GLY I 102 68.85 -90.39 14.56
C GLY I 102 69.56 -91.27 13.55
N ARG I 103 69.42 -90.94 12.27
CA ARG I 103 69.93 -91.77 11.19
C ARG I 103 69.92 -90.93 9.92
N PRO I 104 70.58 -91.37 8.87
CA PRO I 104 70.38 -90.75 7.56
C PRO I 104 69.10 -91.23 6.88
N GLU I 105 68.57 -90.38 6.01
CA GLU I 105 67.35 -90.70 5.28
C GLU I 105 67.38 -89.98 3.93
N MET I 106 66.22 -89.94 3.26
CA MET I 106 66.10 -89.70 1.83
C MET I 106 64.97 -88.72 1.56
N VAL I 107 65.19 -87.76 0.67
CA VAL I 107 64.08 -86.91 0.26
C VAL I 107 63.25 -87.67 -0.78
N VAL I 108 61.94 -87.52 -0.69
CA VAL I 108 61.03 -88.24 -1.57
C VAL I 108 60.15 -87.31 -2.39
N GLY I 109 60.06 -86.05 -2.01
CA GLY I 109 59.20 -85.10 -2.67
C GLY I 109 59.14 -83.82 -1.88
N TRP I 110 57.96 -83.21 -1.84
CA TRP I 110 57.79 -81.85 -1.35
C TRP I 110 56.31 -81.60 -1.20
N TYR I 111 55.96 -80.42 -0.70
CA TYR I 111 54.55 -80.09 -0.51
C TYR I 111 54.41 -78.59 -0.53
N HIS I 112 53.19 -78.13 -0.78
CA HIS I 112 52.81 -76.76 -0.50
C HIS I 112 51.29 -76.72 -0.32
N SER I 113 50.76 -75.51 -0.19
CA SER I 113 49.35 -75.32 0.08
C SER I 113 48.65 -74.67 -1.11
N HIS I 114 47.35 -74.87 -1.18
CA HIS I 114 46.48 -74.09 -2.05
C HIS I 114 45.34 -73.57 -1.19
N PRO I 115 45.51 -72.39 -0.58
CA PRO I 115 44.57 -71.93 0.43
C PRO I 115 43.19 -71.56 -0.11
N GLY I 116 42.19 -72.35 0.27
CA GLY I 116 40.84 -72.14 -0.20
C GLY I 116 40.60 -72.52 -1.64
N PHE I 117 41.54 -73.20 -2.28
CA PHE I 117 41.47 -73.49 -3.71
C PHE I 117 40.90 -74.89 -3.92
N GLY I 118 40.96 -75.36 -5.15
CA GLY I 118 40.45 -76.67 -5.48
C GLY I 118 41.51 -77.76 -5.49
N CYS I 119 42.52 -77.62 -4.62
CA CYS I 119 43.63 -78.55 -4.36
C CYS I 119 44.25 -79.15 -5.62
N TRP I 120 44.69 -78.28 -6.54
CA TRP I 120 45.09 -78.69 -7.88
C TRP I 120 46.43 -78.05 -8.25
N LEU I 121 47.23 -78.79 -9.02
CA LEU I 121 48.58 -78.37 -9.37
C LEU I 121 48.56 -77.19 -10.32
N SER I 122 49.15 -76.08 -9.90
CA SER I 122 49.15 -74.86 -10.71
C SER I 122 50.21 -74.91 -11.80
N GLY I 123 50.23 -73.90 -12.65
CA GLY I 123 51.14 -73.85 -13.77
C GLY I 123 52.58 -73.62 -13.38
N VAL I 124 52.81 -73.07 -12.20
CA VAL I 124 54.16 -73.01 -11.66
C VAL I 124 54.45 -74.26 -10.83
N ASP I 125 53.41 -74.81 -10.19
CA ASP I 125 53.56 -76.05 -9.43
C ASP I 125 53.95 -77.21 -10.32
N ILE I 126 53.50 -77.21 -11.57
CA ILE I 126 53.90 -78.25 -12.49
C ILE I 126 55.31 -78.00 -13.01
N ASN I 127 55.79 -76.75 -12.99
CA ASN I 127 57.10 -76.44 -13.55
C ASN I 127 58.23 -76.91 -12.66
N THR I 128 57.99 -77.05 -11.36
CA THR I 128 59.01 -77.59 -10.48
C THR I 128 58.98 -79.11 -10.41
N GLN I 129 58.15 -79.75 -11.24
CA GLN I 129 58.01 -81.20 -11.19
C GLN I 129 58.80 -81.93 -12.27
N GLN I 130 59.00 -81.33 -13.45
CA GLN I 130 59.99 -81.90 -14.34
C GLN I 130 61.40 -81.64 -13.81
N SER I 131 61.55 -80.64 -12.94
CA SER I 131 62.79 -80.50 -12.19
C SER I 131 62.99 -81.67 -11.24
N PHE I 132 61.92 -82.10 -10.59
CA PHE I 132 62.06 -83.14 -9.57
C PHE I 132 61.94 -84.55 -10.12
N GLU I 133 61.12 -84.77 -11.15
CA GLU I 133 60.99 -86.12 -11.67
C GLU I 133 62.20 -86.56 -12.48
N ALA I 134 62.99 -85.61 -12.97
CA ALA I 134 64.20 -85.97 -13.68
C ALA I 134 65.31 -86.37 -12.72
N LEU I 135 65.29 -85.84 -11.50
CA LEU I 135 66.33 -86.17 -10.53
C LEU I 135 66.08 -87.51 -9.86
N SER I 136 64.91 -87.67 -9.25
CA SER I 136 64.45 -88.96 -8.78
C SER I 136 63.11 -89.25 -9.43
N GLU I 137 62.84 -90.53 -9.66
CA GLU I 137 61.69 -90.92 -10.48
C GLU I 137 60.35 -90.63 -9.84
N ARG I 138 60.08 -91.23 -8.69
CA ARG I 138 58.74 -91.19 -8.10
C ARG I 138 58.59 -90.03 -7.10
N ALA I 139 58.99 -88.85 -7.55
CA ALA I 139 58.91 -87.64 -6.73
C ALA I 139 57.47 -87.20 -6.63
N VAL I 140 56.95 -87.15 -5.41
CA VAL I 140 55.54 -86.92 -5.16
C VAL I 140 55.31 -85.45 -4.86
N ALA I 141 54.36 -84.85 -5.55
CA ALA I 141 53.85 -83.54 -5.19
C ALA I 141 52.64 -83.71 -4.30
N VAL I 142 52.61 -82.97 -3.18
CA VAL I 142 51.61 -83.13 -2.15
C VAL I 142 50.92 -81.78 -1.91
N VAL I 143 49.59 -81.80 -1.88
CA VAL I 143 48.78 -80.61 -1.72
C VAL I 143 48.01 -80.72 -0.41
N VAL I 144 48.07 -79.66 0.39
CA VAL I 144 47.32 -79.58 1.64
C VAL I 144 46.49 -78.30 1.61
N ASP I 145 45.36 -78.31 2.30
CA ASP I 145 44.58 -77.10 2.49
C ASP I 145 44.05 -77.01 3.92
N PRO I 146 44.51 -76.04 4.70
CA PRO I 146 44.05 -75.92 6.09
C PRO I 146 42.78 -75.09 6.24
N ILE I 147 42.06 -74.86 5.14
CA ILE I 147 40.89 -73.99 5.13
C ILE I 147 39.62 -74.79 4.87
N GLN I 148 39.64 -75.68 3.88
CA GLN I 148 38.53 -76.60 3.66
C GLN I 148 38.59 -77.82 4.58
N SER I 149 39.50 -77.83 5.54
CA SER I 149 39.64 -78.92 6.49
C SER I 149 38.99 -78.51 7.80
N VAL I 150 38.04 -79.31 8.26
CA VAL I 150 37.30 -79.05 9.49
C VAL I 150 37.85 -80.00 10.55
N LYS I 151 37.42 -79.79 11.80
CA LYS I 151 37.93 -80.58 12.93
C LYS I 151 37.59 -82.07 12.78
N GLY I 152 36.54 -82.37 12.03
CA GLY I 152 36.27 -83.75 11.65
C GLY I 152 37.35 -84.35 10.76
N LYS I 153 37.62 -83.72 9.62
CA LYS I 153 38.47 -84.37 8.63
C LYS I 153 39.34 -83.37 7.88
N VAL I 154 40.45 -83.89 7.35
CA VAL I 154 41.45 -83.10 6.67
C VAL I 154 41.35 -83.37 5.17
N VAL I 155 41.58 -82.33 4.38
CA VAL I 155 41.66 -82.45 2.92
C VAL I 155 43.14 -82.50 2.56
N ILE I 156 43.67 -83.72 2.49
CA ILE I 156 45.06 -83.93 2.09
C ILE I 156 45.01 -84.45 0.66
N ASP I 157 46.10 -84.29 -0.08
CA ASP I 157 46.08 -84.56 -1.52
C ASP I 157 47.51 -84.74 -1.99
N ALA I 158 47.68 -85.64 -2.95
CA ALA I 158 49.02 -85.91 -3.47
C ALA I 158 48.90 -86.28 -4.93
N PHE I 159 49.84 -85.79 -5.74
CA PHE I 159 49.76 -86.03 -7.18
C PHE I 159 51.10 -86.46 -7.74
N ARG I 160 51.03 -86.99 -8.95
CA ARG I 160 52.16 -87.64 -9.61
C ARG I 160 52.11 -87.32 -11.09
N LEU I 161 53.14 -86.66 -11.59
CA LEU I 161 53.16 -86.14 -12.95
C LEU I 161 53.25 -87.27 -13.99
N ILE I 162 52.58 -87.08 -15.12
CA ILE I 162 52.69 -88.02 -16.23
C ILE I 162 53.16 -87.24 -17.45
N ASN I 163 53.79 -87.96 -18.38
CA ASN I 163 54.26 -87.36 -19.62
C ASN I 163 53.10 -86.99 -20.53
N ALA I 164 53.37 -86.12 -21.49
CA ALA I 164 52.45 -85.87 -22.58
C ALA I 164 52.82 -86.65 -23.83
N ASN I 165 54.03 -87.21 -23.88
CA ASN I 165 54.45 -88.01 -25.03
C ASN I 165 53.72 -89.36 -25.05
N MET I 166 53.29 -89.84 -23.89
CA MET I 166 52.52 -91.08 -23.78
C MET I 166 51.04 -90.79 -23.58
N MET I 167 50.52 -89.76 -24.25
CA MET I 167 49.11 -89.40 -24.10
C MET I 167 48.17 -90.38 -24.79
N VAL I 168 48.66 -91.12 -25.78
CA VAL I 168 47.85 -92.14 -26.44
C VAL I 168 48.04 -93.50 -25.78
N LEU I 169 49.30 -93.85 -25.51
CA LEU I 169 49.63 -95.12 -24.89
C LEU I 169 49.19 -95.12 -23.42
N GLY I 170 48.90 -96.31 -22.90
CA GLY I 170 48.49 -96.43 -21.52
C GLY I 170 49.60 -96.11 -20.55
N HIS I 171 49.22 -95.56 -19.41
CA HIS I 171 50.16 -95.08 -18.39
C HIS I 171 50.18 -95.92 -17.13
N GLU I 172 49.07 -96.57 -16.79
CA GLU I 172 49.01 -97.52 -15.68
C GLU I 172 48.45 -98.85 -16.18
N PRO I 173 48.97 -99.98 -15.69
CA PRO I 173 48.52 -101.27 -16.21
C PRO I 173 47.22 -101.76 -15.63
N ARG I 174 46.82 -101.25 -14.46
CA ARG I 174 45.48 -101.41 -13.88
C ARG I 174 45.16 -102.90 -13.63
N GLN I 175 45.94 -103.47 -12.71
CA GLN I 175 45.83 -104.89 -12.36
C GLN I 175 45.03 -105.14 -11.10
N THR I 176 44.33 -104.12 -10.61
CA THR I 176 43.54 -104.23 -9.38
C THR I 176 42.55 -103.07 -9.36
N THR I 177 41.69 -103.06 -8.34
CA THR I 177 40.66 -102.04 -8.25
C THR I 177 41.01 -100.92 -7.27
N SER I 178 42.14 -101.01 -6.57
CA SER I 178 42.33 -100.21 -5.36
C SER I 178 42.58 -98.73 -5.66
N ASN I 179 43.13 -98.40 -6.82
CA ASN I 179 43.30 -97.00 -7.20
C ASN I 179 42.39 -96.59 -8.37
N LEU I 180 41.23 -97.21 -8.52
CA LEU I 180 40.34 -96.84 -9.62
C LEU I 180 39.03 -96.24 -9.13
N GLY I 181 38.25 -96.96 -8.36
CA GLY I 181 36.97 -96.47 -7.92
C GLY I 181 36.91 -96.14 -6.46
N HIS I 182 38.02 -96.24 -5.75
CA HIS I 182 38.01 -96.05 -4.31
C HIS I 182 38.38 -94.63 -3.94
N LEU I 183 37.90 -94.23 -2.76
CA LEU I 183 38.18 -93.03 -1.97
C LEU I 183 37.54 -91.77 -2.54
N ASN I 184 37.19 -91.77 -3.84
CA ASN I 184 36.20 -90.95 -4.54
C ASN I 184 36.26 -91.25 -6.04
N LYS I 185 35.33 -90.67 -6.79
CA LYS I 185 35.62 -90.26 -8.15
C LYS I 185 36.15 -88.82 -8.10
N PRO I 186 37.03 -88.43 -9.02
CA PRO I 186 37.73 -87.14 -8.89
C PRO I 186 36.79 -85.94 -8.97
N SER I 187 37.06 -84.96 -8.12
CA SER I 187 36.15 -83.84 -7.93
C SER I 187 36.16 -82.91 -9.13
N ILE I 188 35.02 -82.26 -9.36
CA ILE I 188 34.80 -81.49 -10.57
C ILE I 188 35.66 -80.23 -10.62
N GLN I 189 36.05 -79.68 -9.46
CA GLN I 189 36.90 -78.51 -9.41
C GLN I 189 38.37 -78.85 -9.45
N ALA I 190 38.73 -80.13 -9.42
CA ALA I 190 40.11 -80.55 -9.58
C ALA I 190 40.39 -81.19 -10.93
N LEU I 191 39.40 -81.80 -11.56
CA LEU I 191 39.57 -82.30 -12.91
C LEU I 191 39.45 -81.20 -13.95
N ILE I 192 38.98 -80.02 -13.55
CA ILE I 192 38.89 -78.89 -14.46
C ILE I 192 40.25 -78.36 -14.84
N HIS I 193 41.28 -78.63 -14.03
CA HIS I 193 42.66 -78.36 -14.40
C HIS I 193 43.44 -79.64 -14.67
N GLY I 194 43.20 -80.68 -13.88
CA GLY I 194 44.06 -81.83 -13.84
C GLY I 194 43.53 -83.11 -14.44
N LEU I 195 43.00 -83.98 -13.59
CA LEU I 195 42.61 -85.36 -13.86
C LEU I 195 41.76 -85.50 -15.12
N ASN I 196 42.21 -86.32 -16.07
CA ASN I 196 43.44 -87.09 -15.95
C ASN I 196 44.46 -86.56 -16.95
N ARG I 197 44.48 -85.26 -17.15
CA ARG I 197 45.44 -84.63 -18.05
C ARG I 197 46.66 -84.20 -17.26
N HIS I 198 47.83 -84.48 -17.82
CA HIS I 198 49.17 -84.05 -17.40
C HIS I 198 49.67 -84.70 -16.11
N TYR I 199 48.81 -85.40 -15.36
CA TYR I 199 49.25 -86.13 -14.19
C TYR I 199 48.19 -87.15 -13.80
N TYR I 200 48.44 -87.86 -12.71
CA TYR I 200 47.50 -88.81 -12.16
C TYR I 200 47.54 -88.69 -10.64
N SER I 201 46.39 -88.94 -10.02
CA SER I 201 46.30 -88.88 -8.57
C SER I 201 46.81 -90.19 -7.96
N ILE I 202 46.85 -90.23 -6.64
CA ILE I 202 47.46 -91.34 -5.92
C ILE I 202 46.77 -91.44 -4.56
N THR I 203 46.74 -92.65 -4.01
CA THR I 203 46.01 -92.91 -2.77
C THR I 203 46.89 -92.71 -1.56
N ILE I 204 46.25 -92.35 -0.45
CA ILE I 204 46.93 -92.04 0.81
C ILE I 204 46.24 -92.81 1.92
N ASN I 205 47.02 -93.52 2.74
CA ASN I 205 46.51 -94.13 3.95
C ASN I 205 47.33 -93.69 5.16
N TYR I 206 47.15 -94.36 6.30
CA TYR I 206 47.77 -93.96 7.55
C TYR I 206 48.34 -95.19 8.24
N ARG I 207 49.65 -95.33 8.24
CA ARG I 207 50.30 -96.36 9.02
C ARG I 207 50.53 -95.84 10.43
N LYS I 208 50.41 -96.73 11.41
CA LYS I 208 50.47 -96.34 12.82
C LYS I 208 51.31 -97.35 13.57
N ASN I 209 52.40 -96.88 14.19
CA ASN I 209 53.10 -97.73 15.15
C ASN I 209 52.27 -97.86 16.41
N GLU I 210 52.43 -98.99 17.11
CA GLU I 210 51.63 -99.29 18.29
C GLU I 210 51.91 -98.31 19.42
N LEU I 211 53.16 -97.82 19.50
CA LEU I 211 53.59 -97.03 20.63
C LEU I 211 52.91 -95.67 20.64
N GLU I 212 52.84 -95.02 19.49
CA GLU I 212 52.13 -93.75 19.42
C GLU I 212 50.63 -93.94 19.38
N GLN I 213 50.17 -95.09 18.86
CA GLN I 213 48.75 -95.40 18.80
C GLN I 213 48.15 -95.50 20.19
N LYS I 214 48.92 -96.04 21.14
CA LYS I 214 48.42 -96.19 22.51
C LYS I 214 48.31 -94.85 23.21
N MET I 215 49.21 -93.90 22.92
CA MET I 215 49.16 -92.61 23.57
C MET I 215 48.36 -91.57 22.79
N LEU I 216 48.11 -91.80 21.50
CA LEU I 216 47.17 -90.95 20.78
C LEU I 216 45.75 -91.23 21.23
N LEU I 217 45.50 -92.39 21.84
CA LEU I 217 44.19 -92.74 22.36
C LEU I 217 43.85 -91.92 23.59
N ASN I 218 44.77 -91.81 24.54
CA ASN I 218 44.46 -91.25 25.85
C ASN I 218 45.24 -89.96 26.08
N LEU I 219 44.63 -88.85 25.66
CA LEU I 219 45.18 -87.54 25.99
C LEU I 219 44.08 -86.55 26.34
N HIS I 220 42.84 -87.03 26.52
CA HIS I 220 41.74 -86.15 26.90
C HIS I 220 41.19 -86.49 28.28
N LYS I 221 41.89 -87.32 29.05
CA LYS I 221 41.46 -87.74 30.37
C LYS I 221 42.26 -86.97 31.42
N LYS I 222 41.80 -87.07 32.66
CA LYS I 222 42.38 -86.32 33.77
C LYS I 222 42.80 -87.25 34.90
N SER I 223 43.15 -86.66 36.03
CA SER I 223 43.49 -87.44 37.21
C SER I 223 42.21 -87.81 37.96
N TRP I 224 42.35 -88.38 39.14
CA TRP I 224 41.18 -88.70 39.95
C TRP I 224 40.58 -87.48 40.62
N MET I 225 41.30 -86.36 40.63
CA MET I 225 40.76 -85.12 41.18
C MET I 225 39.52 -84.69 40.41
N GLU I 226 39.59 -84.74 39.08
CA GLU I 226 38.45 -84.36 38.26
C GLU I 226 37.31 -85.37 38.39
N GLY I 227 37.63 -86.64 38.62
CA GLY I 227 36.59 -87.62 38.77
C GLY I 227 35.87 -87.61 40.10
N LEU I 228 36.38 -86.87 41.08
CA LEU I 228 35.82 -86.90 42.42
C LEU I 228 35.43 -85.51 42.92
N THR I 229 35.22 -84.54 42.02
CA THR I 229 34.77 -83.23 42.46
C THR I 229 33.29 -83.25 42.84
N LEU I 230 32.91 -82.29 43.67
CA LEU I 230 31.52 -81.98 43.99
C LEU I 230 31.45 -80.47 43.77
N GLN I 231 30.85 -80.07 42.63
CA GLN I 231 31.07 -78.79 41.96
C GLN I 231 31.00 -77.56 42.86
N ASP I 232 29.80 -77.22 43.33
CA ASP I 232 29.51 -76.49 44.57
C ASP I 232 28.00 -76.47 44.74
N TYR I 233 27.52 -76.70 45.95
CA TYR I 233 26.09 -76.89 46.15
C TYR I 233 25.31 -75.58 46.08
N SER I 234 25.99 -74.43 46.22
CA SER I 234 25.29 -73.17 46.09
C SER I 234 24.91 -72.91 44.64
N GLU I 235 25.89 -72.99 43.72
CA GLU I 235 25.59 -72.77 42.31
C GLU I 235 24.80 -73.92 41.71
N HIS I 236 24.99 -75.13 42.22
CA HIS I 236 24.24 -76.28 41.71
C HIS I 236 22.75 -76.15 42.02
N CYS I 237 22.42 -75.70 43.24
CA CYS I 237 21.03 -75.37 43.53
C CYS I 237 20.59 -74.13 42.77
N LYS I 238 21.51 -73.18 42.55
CA LYS I 238 21.19 -71.99 41.79
C LYS I 238 20.92 -72.32 40.33
N HIS I 239 21.71 -73.23 39.77
CA HIS I 239 21.49 -73.68 38.41
C HIS I 239 20.18 -74.43 38.28
N ASN I 240 19.83 -75.23 39.28
CA ASN I 240 18.54 -75.90 39.27
C ASN I 240 17.41 -74.90 39.48
N GLU I 241 17.65 -73.88 40.31
CA GLU I 241 16.67 -72.81 40.47
C GLU I 241 16.51 -72.02 39.17
N SER I 242 17.60 -71.88 38.41
CA SER I 242 17.54 -71.16 37.15
C SER I 242 16.72 -71.91 36.11
N VAL I 243 17.09 -73.17 35.85
CA VAL I 243 16.63 -73.89 34.68
C VAL I 243 15.15 -74.23 34.79
N VAL I 244 14.70 -74.64 35.98
CA VAL I 244 13.30 -74.95 36.22
C VAL I 244 12.41 -73.72 36.02
N LYS I 245 12.95 -72.54 36.30
CA LYS I 245 12.16 -71.31 36.26
C LYS I 245 11.73 -70.97 34.83
N GLU I 246 12.64 -71.02 33.85
CA GLU I 246 12.18 -70.86 32.48
C GLU I 246 11.50 -72.12 31.96
N MET I 247 11.75 -73.26 32.59
CA MET I 247 11.08 -74.49 32.16
C MET I 247 9.59 -74.43 32.50
N LEU I 248 9.24 -73.66 33.53
CA LEU I 248 7.84 -73.31 33.76
C LEU I 248 7.29 -72.53 32.58
N GLU I 249 8.06 -71.57 32.07
CA GLU I 249 7.59 -70.73 30.97
C GLU I 249 7.52 -71.50 29.65
N LEU I 250 8.43 -72.45 29.44
CA LEU I 250 8.30 -73.36 28.31
C LEU I 250 7.05 -74.20 28.41
N ALA I 251 6.61 -74.54 29.63
CA ALA I 251 5.38 -75.29 29.80
C ALA I 251 4.16 -74.40 29.60
N LYS I 252 4.29 -73.09 29.84
CA LYS I 252 3.22 -72.16 29.54
C LYS I 252 2.93 -72.12 28.05
N ASN I 253 4.00 -72.04 27.25
CA ASN I 253 3.85 -72.04 25.80
C ASN I 253 3.46 -73.42 25.28
N TYR I 254 3.78 -74.47 26.02
CA TYR I 254 3.52 -75.82 25.55
C TYR I 254 2.03 -76.15 25.63
N ASN I 255 1.32 -75.56 26.59
CA ASN I 255 -0.11 -75.79 26.71
C ASN I 255 -0.86 -75.18 25.54
N LYS I 256 -0.39 -74.03 25.06
CA LYS I 256 -1.10 -73.34 24.00
C LYS I 256 -0.98 -74.06 22.68
N ALA I 257 0.24 -74.49 22.31
CA ALA I 257 0.49 -74.99 20.96
C ALA I 257 -0.06 -76.39 20.76
N VAL I 258 0.05 -77.24 21.77
CA VAL I 258 -0.43 -78.61 21.64
C VAL I 258 -1.95 -78.64 21.60
N GLU I 259 -2.60 -77.75 22.37
CA GLU I 259 -4.04 -77.63 22.32
C GLU I 259 -4.51 -77.01 21.00
N GLU I 260 -3.63 -76.25 20.34
CA GLU I 260 -4.05 -75.38 19.26
C GLU I 260 -4.44 -76.18 18.04
N GLU I 261 -3.44 -76.78 17.39
CA GLU I 261 -3.55 -77.76 16.30
C GLU I 261 -4.63 -77.39 15.28
N ASP I 262 -4.39 -76.29 14.57
CA ASP I 262 -5.24 -76.00 13.42
C ASP I 262 -5.04 -77.09 12.37
N LYS I 263 -6.15 -77.58 11.83
CA LYS I 263 -6.12 -78.72 10.93
C LYS I 263 -5.57 -78.25 9.60
N MET I 264 -4.26 -78.35 9.45
CA MET I 264 -3.54 -77.56 8.46
C MET I 264 -2.67 -78.41 7.55
N THR I 265 -2.79 -79.76 7.62
CA THR I 265 -1.98 -80.74 6.88
C THR I 265 -0.50 -80.50 7.16
N PRO I 266 0.04 -81.11 8.24
CA PRO I 266 1.11 -80.51 9.05
C PRO I 266 2.45 -80.13 8.40
N GLU I 267 2.61 -80.25 7.08
CA GLU I 267 3.72 -79.54 6.46
C GLU I 267 3.51 -78.03 6.51
N GLN I 268 2.25 -77.59 6.55
CA GLN I 268 1.98 -76.18 6.79
C GLN I 268 2.13 -75.83 8.25
N LEU I 269 1.95 -76.80 9.14
CA LEU I 269 2.43 -76.65 10.50
C LEU I 269 3.95 -76.55 10.52
N ALA I 270 4.61 -77.26 9.61
CA ALA I 270 6.06 -77.30 9.51
C ALA I 270 6.64 -76.13 8.72
N ILE I 271 5.81 -75.18 8.29
CA ILE I 271 6.34 -73.95 7.72
C ILE I 271 5.99 -72.75 8.60
N LYS I 272 4.97 -72.84 9.43
CA LYS I 272 4.68 -71.75 10.35
C LYS I 272 5.43 -71.90 11.67
N ASN I 273 6.28 -72.91 11.80
CA ASN I 273 7.09 -73.09 12.99
C ASN I 273 8.52 -72.58 12.85
N VAL I 274 9.03 -72.44 11.63
CA VAL I 274 10.29 -71.72 11.46
C VAL I 274 10.00 -70.24 11.72
N GLY I 275 10.77 -69.64 12.61
CA GLY I 275 10.41 -68.36 13.17
C GLY I 275 10.87 -68.32 14.60
N LYS I 276 9.94 -68.07 15.53
CA LYS I 276 10.25 -68.07 16.95
C LYS I 276 9.73 -69.31 17.66
N GLN I 277 9.08 -70.21 16.94
CA GLN I 277 8.30 -71.28 17.55
C GLN I 277 9.21 -72.39 18.06
N ASP I 278 9.08 -72.72 19.35
CA ASP I 278 9.84 -73.81 19.92
C ASP I 278 9.23 -74.56 21.12
N PRO I 279 8.04 -75.16 21.03
CA PRO I 279 7.69 -76.17 22.02
C PRO I 279 8.34 -77.49 21.65
N LYS I 280 8.39 -78.41 22.62
CA LYS I 280 8.74 -79.82 22.48
C LYS I 280 10.24 -80.02 22.20
N ARG I 281 10.96 -78.94 21.95
CA ARG I 281 12.38 -79.00 21.59
C ARG I 281 13.28 -78.57 22.74
N HIS I 282 12.94 -77.47 23.41
CA HIS I 282 13.59 -77.16 24.66
C HIS I 282 13.10 -78.06 25.79
N LEU I 283 11.89 -78.60 25.66
CA LEU I 283 11.32 -79.42 26.72
C LEU I 283 12.05 -80.75 26.86
N GLU I 284 12.52 -81.31 25.75
CA GLU I 284 13.38 -82.48 25.88
C GLU I 284 14.78 -82.08 26.32
N GLU I 285 15.20 -80.86 26.02
CA GLU I 285 16.58 -80.46 26.21
C GLU I 285 16.89 -80.21 27.68
N HIS I 286 16.08 -79.39 28.35
CA HIS I 286 16.37 -79.00 29.73
C HIS I 286 16.19 -80.16 30.69
N VAL I 287 15.33 -81.12 30.35
CA VAL I 287 15.18 -82.33 31.16
C VAL I 287 16.46 -83.15 31.14
N ASP I 288 17.12 -83.21 29.98
CA ASP I 288 18.40 -83.90 29.87
C ASP I 288 19.48 -83.21 30.70
N VAL I 289 19.46 -81.89 30.74
CA VAL I 289 20.44 -81.15 31.54
C VAL I 289 20.17 -81.32 33.02
N LEU I 290 18.90 -81.24 33.43
CA LEU I 290 18.55 -81.42 34.83
C LEU I 290 18.75 -82.86 35.29
N MET I 291 18.73 -83.81 34.36
CA MET I 291 18.97 -85.20 34.73
C MET I 291 20.45 -85.42 35.01
N THR I 292 21.31 -85.20 34.00
CA THR I 292 22.70 -85.60 34.09
C THR I 292 23.47 -84.76 35.10
N SER I 293 23.00 -83.55 35.41
CA SER I 293 23.63 -82.77 36.46
C SER I 293 23.30 -83.35 37.83
N ASN I 294 22.03 -83.63 38.08
CA ASN I 294 21.60 -84.06 39.42
C ASN I 294 22.06 -85.47 39.73
N ILE I 295 22.13 -86.35 38.73
CA ILE I 295 22.51 -87.73 38.98
C ILE I 295 23.99 -87.82 39.37
N VAL I 296 24.85 -87.14 38.61
CA VAL I 296 26.28 -87.20 38.87
C VAL I 296 26.62 -86.47 40.16
N GLN I 297 25.92 -85.37 40.45
CA GLN I 297 26.15 -84.63 41.69
C GLN I 297 25.74 -85.45 42.91
N CYS I 298 24.68 -86.25 42.78
CA CYS I 298 24.34 -87.16 43.86
C CYS I 298 25.34 -88.30 43.95
N LEU I 299 25.60 -88.97 42.81
CA LEU I 299 26.33 -90.23 42.82
C LEU I 299 27.80 -90.04 43.22
N ALA I 300 28.39 -88.90 42.87
CA ALA I 300 29.74 -88.63 43.33
C ALA I 300 29.75 -88.31 44.82
N ALA I 301 28.68 -87.70 45.33
CA ALA I 301 28.56 -87.48 46.77
C ALA I 301 28.26 -88.76 47.51
N MET I 302 27.72 -89.77 46.82
CA MET I 302 27.52 -91.07 47.44
C MET I 302 28.86 -91.73 47.74
N LEU I 303 29.77 -91.71 46.77
CA LEU I 303 31.02 -92.45 46.89
C LEU I 303 31.97 -91.81 47.90
N ASP I 304 31.87 -90.50 48.11
CA ASP I 304 32.78 -89.82 49.04
C ASP I 304 32.46 -90.11 50.50
N THR I 305 31.41 -90.85 50.78
CA THR I 305 31.11 -91.34 52.12
C THR I 305 31.35 -92.83 52.27
N VAL I 306 31.03 -93.58 51.22
CA VAL I 306 31.27 -95.03 51.24
C VAL I 306 32.76 -95.30 51.22
N VAL I 307 33.50 -94.60 50.36
CA VAL I 307 34.94 -94.83 50.22
C VAL I 307 35.70 -94.20 51.39
N PHE I 308 35.46 -92.93 51.65
CA PHE I 308 36.25 -92.18 52.63
C PHE I 308 35.68 -92.40 54.02
N LYS I 309 36.53 -92.94 54.91
CA LYS I 309 36.20 -93.29 56.29
C LYS I 309 35.00 -94.23 56.42
N MET J 93 -25.36 -149.86 66.97
CA MET J 93 -26.63 -149.16 66.92
C MET J 93 -27.05 -148.66 68.30
N TYR J 94 -26.81 -147.36 68.53
CA TYR J 94 -27.10 -146.66 69.78
C TYR J 94 -26.38 -147.31 70.95
N GLU J 95 -25.05 -147.32 70.86
CA GLU J 95 -24.19 -147.98 71.84
C GLU J 95 -24.04 -147.07 73.06
N GLN J 96 -24.69 -147.46 74.16
CA GLN J 96 -24.60 -146.80 75.47
C GLN J 96 -25.02 -145.32 75.36
N LEU J 97 -26.29 -145.15 75.03
CA LEU J 97 -26.81 -143.84 74.62
C LEU J 97 -26.82 -142.86 75.79
N LYS J 98 -27.47 -143.22 76.88
CA LYS J 98 -27.57 -142.35 78.05
C LYS J 98 -27.18 -143.11 79.32
N GLY J 99 -26.07 -143.83 79.26
CA GLY J 99 -25.59 -144.57 80.40
C GLY J 99 -25.07 -143.69 81.52
N GLU J 100 -23.97 -142.98 81.26
CA GLU J 100 -23.38 -142.02 82.19
C GLU J 100 -23.72 -140.60 81.77
N TRP J 101 -24.99 -140.41 81.39
CA TRP J 101 -25.43 -139.19 80.73
C TRP J 101 -25.38 -137.98 81.64
N ASN J 102 -26.14 -138.00 82.75
CA ASN J 102 -26.35 -136.80 83.55
C ASN J 102 -25.45 -136.68 84.77
N ARG J 103 -25.22 -137.78 85.50
CA ARG J 103 -24.61 -137.68 86.81
C ARG J 103 -23.10 -137.42 86.74
N LYS J 104 -22.36 -138.38 86.21
CA LYS J 104 -20.91 -138.27 86.07
C LYS J 104 -20.51 -138.97 84.79
N SER J 105 -19.23 -138.85 84.42
CA SER J 105 -18.65 -139.67 83.36
C SER J 105 -17.18 -139.94 83.68
N PRO J 106 -16.91 -140.85 84.62
CA PRO J 106 -15.51 -141.14 84.96
C PRO J 106 -14.87 -142.16 84.04
N ASN J 107 -15.65 -142.79 83.17
CA ASN J 107 -15.16 -143.90 82.37
C ASN J 107 -14.25 -143.41 81.24
N LEU J 108 -13.17 -144.14 81.01
CA LEU J 108 -12.18 -143.81 80.00
C LEU J 108 -12.27 -144.68 78.75
N SER J 109 -12.66 -145.94 78.90
CA SER J 109 -12.95 -146.79 77.75
C SER J 109 -14.34 -146.55 77.18
N LYS J 110 -15.15 -145.71 77.83
CA LYS J 110 -16.39 -145.25 77.23
C LYS J 110 -16.12 -144.42 75.99
N CYS J 111 -15.07 -143.60 76.03
CA CYS J 111 -14.77 -142.68 74.95
C CYS J 111 -14.33 -143.42 73.69
N GLY J 112 -13.53 -144.48 73.85
CA GLY J 112 -13.22 -145.33 72.72
C GLY J 112 -14.42 -146.13 72.25
N GLU J 113 -15.31 -146.50 73.16
CA GLU J 113 -16.60 -147.06 72.78
C GLU J 113 -17.48 -145.98 72.17
N GLU J 114 -17.39 -144.75 72.67
CA GLU J 114 -18.07 -143.63 72.03
C GLU J 114 -17.45 -143.34 70.67
N LEU J 115 -16.11 -143.43 70.58
CA LEU J 115 -15.47 -143.37 69.26
C LEU J 115 -15.83 -144.59 68.43
N GLY J 116 -16.01 -145.74 69.09
CA GLY J 116 -16.52 -146.92 68.41
C GLY J 116 -17.94 -146.74 67.91
N ARG J 117 -18.76 -145.97 68.64
CA ARG J 117 -20.02 -145.51 68.08
C ARG J 117 -19.80 -144.57 66.92
N LEU J 118 -18.79 -143.70 67.02
CA LEU J 118 -18.47 -142.77 65.93
C LEU J 118 -17.78 -143.46 64.77
N LYS J 119 -17.27 -144.69 64.97
CA LYS J 119 -16.88 -145.51 63.82
C LYS J 119 -18.09 -145.85 62.98
N LEU J 120 -19.23 -146.08 63.62
CA LEU J 120 -20.42 -146.48 62.90
C LEU J 120 -21.07 -145.30 62.20
N VAL J 121 -20.97 -144.10 62.77
CA VAL J 121 -21.70 -142.93 62.28
C VAL J 121 -21.19 -142.51 60.90
N LEU J 122 -19.87 -142.47 60.73
CA LEU J 122 -19.30 -142.09 59.45
C LEU J 122 -19.34 -143.22 58.44
N LEU J 123 -19.72 -144.43 58.85
CA LEU J 123 -19.70 -145.60 58.00
C LEU J 123 -21.08 -146.20 57.75
N GLU J 124 -22.16 -145.51 58.15
CA GLU J 124 -23.49 -146.00 57.78
C GLU J 124 -23.77 -145.71 56.31
N LEU J 125 -23.91 -144.43 55.95
CA LEU J 125 -24.01 -144.05 54.55
C LEU J 125 -22.87 -143.15 54.13
N ASN J 126 -22.73 -141.96 54.75
CA ASN J 126 -21.78 -140.93 54.33
C ASN J 126 -21.85 -139.80 55.35
N PHE J 127 -20.99 -138.80 55.20
CA PHE J 127 -21.09 -137.56 55.96
C PHE J 127 -20.97 -136.31 55.10
N LEU J 128 -20.28 -136.36 53.96
CA LEU J 128 -19.83 -135.14 53.32
C LEU J 128 -20.95 -134.42 52.56
N PRO J 129 -21.70 -135.02 51.56
CA PRO J 129 -22.90 -134.28 51.11
C PRO J 129 -24.14 -134.61 51.93
N THR J 130 -24.22 -135.86 52.42
CA THR J 130 -25.41 -136.47 53.02
C THR J 130 -26.67 -136.12 52.22
N THR J 131 -26.68 -136.58 50.97
CA THR J 131 -27.67 -136.12 49.99
C THR J 131 -29.04 -136.72 50.23
N GLY J 132 -29.17 -138.04 50.07
CA GLY J 132 -30.44 -138.71 50.13
C GLY J 132 -30.70 -139.38 51.48
N THR J 133 -31.93 -139.89 51.62
CA THR J 133 -32.40 -140.62 52.80
C THR J 133 -32.29 -139.76 54.05
N LYS J 134 -33.17 -138.76 54.14
CA LYS J 134 -33.25 -137.80 55.25
C LYS J 134 -33.25 -138.47 56.63
N LEU J 135 -33.72 -139.72 56.72
CA LEU J 135 -33.61 -140.49 57.95
C LEU J 135 -32.16 -140.82 58.32
N THR J 136 -31.20 -140.73 57.39
CA THR J 136 -29.82 -140.93 57.82
C THR J 136 -29.23 -139.69 58.47
N LYS J 137 -29.96 -138.57 58.42
CA LYS J 137 -29.63 -137.43 59.26
C LYS J 137 -30.22 -137.56 60.65
N GLN J 138 -31.08 -138.54 60.90
CA GLN J 138 -31.75 -138.62 62.19
C GLN J 138 -30.83 -139.15 63.28
N GLN J 139 -29.93 -140.06 62.93
CA GLN J 139 -28.85 -140.37 63.86
C GLN J 139 -27.81 -139.25 63.86
N LEU J 140 -27.74 -138.46 62.79
CA LEU J 140 -26.89 -137.28 62.80
C LEU J 140 -27.50 -136.17 63.64
N ILE J 141 -28.82 -136.20 63.88
CA ILE J 141 -29.39 -135.37 64.94
C ILE J 141 -28.80 -135.77 66.28
N LEU J 142 -28.72 -137.07 66.54
CA LEU J 142 -28.12 -137.55 67.77
C LEU J 142 -26.61 -137.60 67.70
N ALA J 143 -26.02 -137.65 66.49
CA ALA J 143 -24.57 -137.49 66.40
C ALA J 143 -24.16 -136.06 66.74
N ARG J 144 -25.06 -135.10 66.57
CA ARG J 144 -24.83 -133.78 67.14
C ARG J 144 -24.82 -133.84 68.65
N ASP J 145 -25.79 -134.55 69.24
CA ASP J 145 -25.99 -134.52 70.68
C ASP J 145 -24.90 -135.26 71.43
N ILE J 146 -24.35 -136.32 70.83
CA ILE J 146 -23.29 -137.08 71.50
C ILE J 146 -21.96 -136.35 71.45
N LEU J 147 -21.79 -135.42 70.51
CA LEU J 147 -20.61 -134.56 70.51
C LEU J 147 -20.82 -133.31 71.35
N GLU J 148 -22.07 -132.90 71.55
CA GLU J 148 -22.38 -131.87 72.53
C GLU J 148 -21.94 -132.29 73.92
N ILE J 149 -22.35 -133.49 74.35
CA ILE J 149 -21.91 -134.00 75.63
C ILE J 149 -20.44 -134.42 75.58
N GLY J 150 -19.92 -134.72 74.40
CA GLY J 150 -18.48 -134.91 74.25
C GLY J 150 -17.72 -133.62 74.47
N ALA J 151 -18.30 -132.50 74.04
CA ALA J 151 -17.75 -131.20 74.40
C ALA J 151 -17.98 -130.90 75.88
N GLN J 152 -19.10 -131.36 76.44
CA GLN J 152 -19.30 -131.27 77.88
C GLN J 152 -18.33 -132.18 78.63
N TRP J 153 -17.91 -133.29 78.02
CA TRP J 153 -16.86 -134.09 78.60
C TRP J 153 -15.51 -133.38 78.50
N SER J 154 -15.28 -132.64 77.42
CA SER J 154 -14.03 -131.91 77.28
C SER J 154 -13.98 -130.71 78.20
N ILE J 155 -15.11 -130.07 78.48
CA ILE J 155 -15.11 -128.98 79.44
C ILE J 155 -15.09 -129.52 80.86
N LEU J 156 -15.43 -130.79 81.04
CA LEU J 156 -15.23 -131.43 82.34
C LEU J 156 -13.75 -131.70 82.59
N ARG J 157 -13.01 -132.09 81.55
CA ARG J 157 -11.61 -132.47 81.69
C ARG J 157 -10.65 -131.38 81.26
N LYS J 158 -11.16 -130.21 80.83
CA LYS J 158 -10.39 -129.05 80.39
C LYS J 158 -9.46 -129.43 79.23
N ASP J 159 -10.10 -129.76 78.11
CA ASP J 159 -9.39 -130.16 76.90
C ASP J 159 -9.70 -129.13 75.82
N ILE J 160 -8.80 -128.16 75.69
CA ILE J 160 -8.98 -127.11 74.67
C ILE J 160 -8.82 -127.63 73.24
N PRO J 161 -7.78 -128.42 72.88
CA PRO J 161 -7.71 -128.88 71.48
C PRO J 161 -8.82 -129.84 71.07
N SER J 162 -9.45 -130.54 72.01
CA SER J 162 -10.62 -131.33 71.65
C SER J 162 -11.86 -130.46 71.50
N PHE J 163 -11.99 -129.43 72.34
CA PHE J 163 -13.21 -128.63 72.35
C PHE J 163 -13.41 -127.86 71.05
N GLU J 164 -12.32 -127.51 70.37
CA GLU J 164 -12.43 -127.01 69.01
C GLU J 164 -12.58 -128.13 67.99
N ARG J 165 -12.09 -129.33 68.28
CA ARG J 165 -12.28 -130.45 67.37
C ARG J 165 -13.74 -130.89 67.34
N TYR J 166 -14.40 -130.90 68.50
CA TYR J 166 -15.82 -131.21 68.53
C TYR J 166 -16.64 -130.12 67.86
N MET J 167 -16.35 -128.85 68.18
CA MET J 167 -17.21 -127.75 67.76
C MET J 167 -17.14 -127.51 66.25
N ALA J 168 -15.96 -127.72 65.65
CA ALA J 168 -15.83 -127.54 64.21
C ALA J 168 -16.56 -128.62 63.44
N GLN J 169 -16.50 -129.86 63.92
CA GLN J 169 -17.25 -130.94 63.29
C GLN J 169 -18.74 -130.78 63.51
N LEU J 170 -19.14 -130.20 64.64
CA LEU J 170 -20.54 -129.90 64.87
C LEU J 170 -21.03 -128.80 63.94
N LYS J 171 -20.28 -127.70 63.85
CA LYS J 171 -20.68 -126.57 63.02
C LYS J 171 -20.68 -126.93 61.53
N CYS J 172 -19.77 -127.79 61.10
CA CYS J 172 -19.81 -128.33 59.76
C CYS J 172 -20.89 -129.39 59.59
N TYR J 173 -21.52 -129.84 60.68
CA TYR J 173 -22.77 -130.59 60.58
C TYR J 173 -23.99 -129.71 60.85
N TYR J 174 -23.80 -128.54 61.48
CA TYR J 174 -24.78 -127.47 61.33
C TYR J 174 -24.63 -126.78 59.98
N PHE J 175 -23.55 -127.04 59.26
CA PHE J 175 -23.40 -126.67 57.86
C PHE J 175 -23.27 -127.98 57.09
N ASP J 176 -24.20 -128.89 57.33
CA ASP J 176 -24.38 -129.99 56.40
C ASP J 176 -24.81 -129.42 55.06
N TYR J 177 -24.27 -129.98 53.97
CA TYR J 177 -24.50 -129.43 52.63
C TYR J 177 -25.95 -129.56 52.19
N LYS J 178 -26.71 -130.47 52.79
CA LYS J 178 -28.18 -130.43 52.74
C LYS J 178 -28.64 -129.84 54.06
N GLU J 179 -28.63 -128.51 54.14
CA GLU J 179 -28.98 -127.82 55.38
C GLU J 179 -30.50 -127.70 55.44
N GLN J 180 -31.14 -128.73 56.00
CA GLN J 180 -32.54 -128.67 56.37
C GLN J 180 -32.70 -128.45 57.86
N LEU J 181 -31.96 -129.24 58.67
CA LEU J 181 -31.64 -129.00 60.08
C LEU J 181 -32.84 -128.74 60.98
N PRO J 182 -33.58 -129.78 61.39
CA PRO J 182 -34.62 -129.57 62.40
C PRO J 182 -34.02 -129.10 63.71
N GLU J 183 -34.73 -128.19 64.37
CA GLU J 183 -34.16 -127.35 65.42
C GLU J 183 -33.98 -128.14 66.70
N SER J 184 -32.75 -128.27 67.15
CA SER J 184 -32.47 -128.75 68.48
C SER J 184 -32.22 -127.56 69.41
N ALA J 185 -32.64 -127.72 70.66
CA ALA J 185 -32.54 -126.63 71.63
C ALA J 185 -31.15 -126.43 72.17
N TYR J 186 -30.27 -127.43 72.05
CA TYR J 186 -28.93 -127.34 72.61
C TYR J 186 -27.94 -126.68 71.67
N MET J 187 -28.40 -126.17 70.53
CA MET J 187 -27.51 -125.49 69.60
C MET J 187 -27.15 -124.10 70.08
N HIS J 188 -28.11 -123.37 70.63
CA HIS J 188 -27.98 -121.95 70.86
C HIS J 188 -27.04 -121.58 72.00
N GLN J 189 -26.85 -122.47 72.97
CA GLN J 189 -25.84 -122.24 73.98
C GLN J 189 -24.53 -122.95 73.67
N LEU J 190 -24.56 -123.94 72.79
CA LEU J 190 -23.32 -124.53 72.30
C LEU J 190 -22.54 -123.53 71.47
N LEU J 191 -23.23 -122.76 70.64
CA LEU J 191 -22.59 -121.64 69.97
C LEU J 191 -22.19 -120.56 70.97
N GLY J 192 -22.96 -120.42 72.05
CA GLY J 192 -22.55 -119.53 73.13
C GLY J 192 -21.30 -120.02 73.84
N LEU J 193 -21.18 -121.34 73.97
CA LEU J 193 -19.93 -121.92 74.44
C LEU J 193 -18.80 -121.67 73.44
N ASN J 194 -19.12 -121.71 72.14
CA ASN J 194 -18.13 -121.38 71.12
C ASN J 194 -17.81 -119.90 71.13
N LEU J 195 -18.82 -119.06 71.36
CA LEU J 195 -18.62 -117.62 71.28
C LEU J 195 -17.87 -117.10 72.50
N LEU J 196 -17.88 -117.85 73.60
CA LEU J 196 -17.10 -117.47 74.78
C LEU J 196 -15.75 -118.16 74.81
N PHE J 197 -15.64 -119.33 74.17
CA PHE J 197 -14.33 -119.92 73.86
C PHE J 197 -13.48 -118.97 73.04
N LEU J 198 -14.09 -118.34 72.05
CA LEU J 198 -13.40 -117.57 71.04
C LEU J 198 -13.16 -116.13 71.46
N LEU J 199 -14.06 -115.56 72.26
CA LEU J 199 -13.89 -114.19 72.71
C LEU J 199 -12.75 -114.05 73.70
N SER J 200 -12.52 -115.08 74.52
CA SER J 200 -11.53 -115.02 75.58
C SER J 200 -10.12 -115.31 75.11
N GLN J 201 -9.91 -115.49 73.80
CA GLN J 201 -8.60 -115.85 73.27
C GLN J 201 -8.13 -114.85 72.21
N ASN J 202 -8.61 -113.61 72.29
CA ASN J 202 -8.23 -112.49 71.40
C ASN J 202 -8.54 -112.82 69.93
N ARG J 203 -9.63 -113.54 69.71
CA ARG J 203 -10.11 -113.81 68.36
C ARG J 203 -11.24 -112.84 67.99
N VAL J 204 -10.94 -111.55 68.08
CA VAL J 204 -11.94 -110.55 67.74
C VAL J 204 -12.17 -110.50 66.23
N ALA J 205 -11.18 -110.92 65.44
CA ALA J 205 -11.42 -111.09 64.00
C ALA J 205 -12.32 -112.28 63.74
N GLU J 206 -12.13 -113.36 64.50
CA GLU J 206 -12.99 -114.53 64.37
C GLU J 206 -14.38 -114.25 64.94
N PHE J 207 -14.50 -113.29 65.85
CA PHE J 207 -15.80 -112.93 66.41
C PHE J 207 -16.68 -112.30 65.34
N HIS J 208 -16.20 -111.22 64.75
CA HIS J 208 -17.02 -110.40 63.88
C HIS J 208 -17.18 -110.97 62.49
N THR J 209 -16.52 -112.08 62.18
CA THR J 209 -16.84 -112.88 61.00
C THR J 209 -17.78 -114.03 61.35
N GLU J 210 -17.98 -114.32 62.63
CA GLU J 210 -18.94 -115.35 63.01
C GLU J 210 -20.36 -114.83 62.94
N LEU J 211 -20.58 -113.59 63.33
CA LEU J 211 -21.92 -113.00 63.44
C LEU J 211 -22.58 -112.73 62.10
N GLU J 212 -21.87 -112.93 60.99
CA GLU J 212 -22.43 -112.64 59.67
C GLU J 212 -23.55 -113.63 59.32
N ARG J 213 -23.48 -114.86 59.84
CA ARG J 213 -24.39 -115.90 59.37
C ARG J 213 -25.73 -115.92 60.09
N LEU J 214 -25.85 -115.30 61.27
CA LEU J 214 -27.09 -115.36 62.05
C LEU J 214 -27.55 -113.94 62.37
N PRO J 215 -28.31 -113.32 61.44
CA PRO J 215 -28.66 -111.90 61.60
C PRO J 215 -29.62 -111.59 62.74
N ALA J 216 -30.77 -112.25 62.76
CA ALA J 216 -31.76 -112.02 63.80
C ALA J 216 -31.69 -113.05 64.92
N LYS J 217 -31.01 -114.17 64.68
CA LYS J 217 -30.82 -115.17 65.72
C LYS J 217 -29.94 -114.62 66.85
N ASP J 218 -28.89 -113.88 66.49
CA ASP J 218 -27.91 -113.44 67.48
C ASP J 218 -28.39 -112.24 68.29
N ILE J 219 -29.48 -111.58 67.89
CA ILE J 219 -29.84 -110.30 68.49
C ILE J 219 -31.23 -110.37 69.11
N GLN J 220 -32.24 -110.72 68.30
CA GLN J 220 -33.64 -110.61 68.72
C GLN J 220 -34.04 -111.62 69.76
N THR J 221 -33.29 -112.72 69.88
CA THR J 221 -33.55 -113.77 70.85
C THR J 221 -32.18 -114.34 71.24
N ASN J 222 -32.19 -115.55 71.82
CA ASN J 222 -30.99 -116.34 72.08
C ASN J 222 -30.04 -115.60 73.02
N VAL J 223 -30.48 -115.54 74.29
CA VAL J 223 -29.73 -114.93 75.39
C VAL J 223 -28.34 -115.53 75.54
N TYR J 224 -28.15 -116.78 75.10
CA TYR J 224 -26.82 -117.38 75.09
C TYR J 224 -25.93 -116.84 73.98
N ILE J 225 -26.48 -116.09 73.02
CA ILE J 225 -25.67 -115.27 72.13
C ILE J 225 -25.86 -113.79 72.42
N LYS J 226 -27.04 -113.39 72.92
CA LYS J 226 -27.28 -112.00 73.30
C LYS J 226 -26.38 -111.57 74.46
N HIS J 227 -26.07 -112.46 75.38
CA HIS J 227 -25.15 -112.08 76.46
C HIS J 227 -23.69 -111.96 75.98
N PRO J 228 -23.11 -112.87 75.17
CA PRO J 228 -21.75 -112.58 74.68
C PRO J 228 -21.67 -111.44 73.67
N VAL J 229 -22.76 -111.00 73.05
CA VAL J 229 -22.64 -109.83 72.20
C VAL J 229 -22.94 -108.55 72.99
N SER J 230 -23.73 -108.64 74.06
CA SER J 230 -23.79 -107.54 75.01
C SER J 230 -22.52 -107.48 75.84
N LEU J 231 -21.84 -108.60 75.99
CA LEU J 231 -20.46 -108.60 76.44
C LEU J 231 -19.58 -107.82 75.47
N GLU J 232 -19.77 -108.07 74.16
CA GLU J 232 -18.91 -107.41 73.19
C GLU J 232 -19.29 -105.94 73.01
N GLN J 233 -20.57 -105.61 73.16
CA GLN J 233 -20.94 -104.19 73.18
C GLN J 233 -20.41 -103.53 74.45
N TYR J 234 -20.31 -104.28 75.55
CA TYR J 234 -19.50 -103.82 76.68
C TYR J 234 -18.03 -103.77 76.31
N LEU J 235 -17.55 -104.77 75.58
CA LEU J 235 -16.14 -104.84 75.19
C LEU J 235 -15.75 -103.85 74.07
N MET J 236 -16.53 -102.83 73.77
CA MET J 236 -16.13 -101.79 72.82
C MET J 236 -15.49 -100.59 73.52
N GLU J 237 -16.23 -99.96 74.44
CA GLU J 237 -15.91 -98.59 74.84
C GLU J 237 -15.01 -98.55 76.07
N GLY J 238 -15.54 -98.90 77.24
CA GLY J 238 -14.78 -98.83 78.47
C GLY J 238 -15.14 -99.89 79.47
N SER J 239 -15.97 -100.85 79.06
CA SER J 239 -16.58 -101.82 79.95
C SER J 239 -15.91 -103.16 79.72
N TYR J 240 -14.76 -103.35 80.37
CA TYR J 240 -14.07 -104.64 80.36
C TYR J 240 -13.91 -105.24 81.74
N ASN J 241 -13.90 -104.43 82.80
CA ASN J 241 -14.01 -104.98 84.14
C ASN J 241 -15.32 -104.53 84.81
N LYS J 242 -16.05 -103.63 84.16
CA LYS J 242 -17.49 -103.55 84.36
C LYS J 242 -18.17 -104.85 83.94
N VAL J 243 -17.59 -105.56 82.97
CA VAL J 243 -17.83 -106.97 82.68
C VAL J 243 -17.80 -107.82 83.94
N PHE J 244 -16.75 -107.65 84.77
CA PHE J 244 -16.70 -108.39 86.02
C PHE J 244 -17.73 -107.89 87.03
N LEU J 245 -18.22 -106.65 86.87
CA LEU J 245 -19.34 -106.23 87.69
C LEU J 245 -20.65 -106.82 87.20
N ALA J 246 -20.68 -107.28 85.95
CA ALA J 246 -21.78 -108.07 85.40
C ALA J 246 -21.44 -109.55 85.31
N LYS J 247 -20.49 -110.02 86.13
CA LYS J 247 -20.12 -111.43 86.12
C LYS J 247 -21.26 -112.33 86.57
N GLY J 248 -22.01 -111.91 87.59
CA GLY J 248 -23.03 -112.75 88.20
C GLY J 248 -24.30 -112.99 87.40
N ASN J 249 -24.25 -112.78 86.09
CA ASN J 249 -25.35 -113.08 85.19
C ASN J 249 -24.87 -114.15 84.21
N ILE J 250 -24.94 -115.41 84.62
CA ILE J 250 -24.75 -116.53 83.71
C ILE J 250 -26.12 -117.18 83.50
N PRO J 251 -26.62 -117.22 82.27
CA PRO J 251 -27.91 -117.90 82.04
C PRO J 251 -27.81 -119.43 82.05
N ALA J 252 -26.65 -119.99 81.69
CA ALA J 252 -26.48 -121.44 81.66
C ALA J 252 -25.87 -121.93 82.97
N GLU J 253 -25.30 -123.13 82.92
CA GLU J 253 -24.35 -123.62 83.91
C GLU J 253 -23.10 -122.74 83.93
N SER J 254 -22.25 -122.99 84.93
CA SER J 254 -21.32 -122.05 85.56
C SER J 254 -20.53 -121.12 84.66
N TYR J 255 -20.17 -121.59 83.45
CA TYR J 255 -19.32 -120.85 82.49
C TYR J 255 -17.98 -120.41 83.09
N THR J 256 -17.50 -121.15 84.09
CA THR J 256 -16.34 -120.68 84.85
C THR J 256 -15.06 -120.82 84.06
N PHE J 257 -14.94 -121.89 83.25
CA PHE J 257 -13.72 -122.22 82.54
C PHE J 257 -13.33 -121.19 81.50
N PHE J 258 -14.27 -120.37 81.04
CA PHE J 258 -13.96 -119.33 80.07
C PHE J 258 -14.12 -117.92 80.61
N ILE J 259 -14.67 -117.74 81.81
CA ILE J 259 -14.48 -116.46 82.47
C ILE J 259 -13.18 -116.48 83.27
N ASP J 260 -12.62 -117.66 83.54
CA ASP J 260 -11.27 -117.75 84.08
C ASP J 260 -10.23 -117.41 83.04
N ILE J 261 -10.45 -117.85 81.80
CA ILE J 261 -9.59 -117.39 80.71
C ILE J 261 -9.83 -115.91 80.46
N LEU J 262 -11.07 -115.46 80.64
CA LEU J 262 -11.36 -114.03 80.59
C LEU J 262 -10.78 -113.31 81.80
N LEU J 263 -10.68 -113.99 82.94
CA LEU J 263 -9.85 -113.47 84.02
C LEU J 263 -8.39 -113.42 83.61
N ASP J 264 -7.92 -114.45 82.88
CA ASP J 264 -6.52 -114.51 82.52
C ASP J 264 -6.19 -113.47 81.46
N THR J 265 -6.99 -113.39 80.40
CA THR J 265 -6.62 -112.56 79.25
C THR J 265 -6.82 -111.07 79.51
N ILE J 266 -7.40 -110.70 80.63
CA ILE J 266 -7.49 -109.29 81.00
C ILE J 266 -6.35 -108.89 81.93
N ARG J 267 -6.12 -109.67 82.98
CA ARG J 267 -5.15 -109.34 84.02
C ARG J 267 -3.70 -109.40 83.54
N ASP J 268 -3.42 -110.05 82.41
CA ASP J 268 -2.05 -110.12 81.91
C ASP J 268 -1.69 -108.93 81.03
N GLU J 269 -2.62 -108.43 80.22
CA GLU J 269 -2.42 -107.20 79.48
C GLU J 269 -2.58 -105.99 80.38
N ILE J 270 -3.33 -106.15 81.48
CA ILE J 270 -3.22 -105.26 82.63
C ILE J 270 -1.78 -105.18 83.10
N ALA J 271 -1.11 -106.33 83.19
CA ALA J 271 0.29 -106.33 83.59
C ALA J 271 1.18 -105.83 82.46
N GLY J 272 0.75 -106.01 81.22
CA GLY J 272 1.51 -105.47 80.10
C GLY J 272 1.42 -103.97 79.99
N CYS J 273 0.27 -103.40 80.35
CA CYS J 273 0.10 -101.95 80.22
C CYS J 273 0.78 -101.21 81.35
N ILE J 274 0.96 -101.86 82.50
CA ILE J 274 1.70 -101.21 83.59
C ILE J 274 3.20 -101.34 83.37
N GLU J 275 3.65 -102.28 82.53
CA GLU J 275 5.04 -102.26 82.10
C GLU J 275 5.32 -101.09 81.17
N LYS J 276 4.28 -100.61 80.48
CA LYS J 276 4.37 -99.48 79.57
C LYS J 276 4.34 -98.15 80.32
N ALA J 277 4.03 -97.07 79.60
CA ALA J 277 4.10 -95.69 80.09
C ALA J 277 3.25 -95.39 81.32
N TYR J 278 2.34 -96.30 81.71
CA TYR J 278 1.80 -96.23 83.06
C TYR J 278 2.90 -96.66 84.01
N GLU J 279 3.61 -95.69 84.60
CA GLU J 279 4.95 -95.94 85.10
C GLU J 279 4.95 -96.72 86.41
N LYS J 280 4.37 -96.16 87.46
CA LYS J 280 4.40 -96.82 88.76
C LYS J 280 3.18 -96.41 89.57
N ILE J 281 2.70 -97.35 90.39
CA ILE J 281 1.55 -97.14 91.25
C ILE J 281 1.81 -97.81 92.59
N LEU J 282 1.21 -97.27 93.64
CA LEU J 282 1.31 -97.85 94.97
C LEU J 282 0.39 -99.08 95.05
N PHE J 283 0.49 -99.81 96.18
CA PHE J 283 -0.22 -101.07 96.35
C PHE J 283 -1.74 -100.90 96.32
N THR J 284 -2.26 -99.78 96.83
CA THR J 284 -3.70 -99.62 96.95
C THR J 284 -4.37 -99.28 95.62
N GLU J 285 -3.63 -98.83 94.60
CA GLU J 285 -4.19 -98.70 93.27
C GLU J 285 -4.29 -100.05 92.58
N ALA J 286 -3.45 -101.00 92.97
CA ALA J 286 -3.59 -102.38 92.55
C ALA J 286 -4.66 -103.11 93.34
N THR J 287 -5.17 -102.51 94.41
CA THR J 287 -6.11 -103.19 95.29
C THR J 287 -7.55 -102.90 94.91
N ARG J 288 -7.94 -101.62 94.93
CA ARG J 288 -9.34 -101.26 94.71
C ARG J 288 -9.76 -101.42 93.27
N ILE J 289 -8.82 -101.24 92.34
CA ILE J 289 -9.15 -100.94 90.96
C ILE J 289 -8.86 -102.13 90.04
N LEU J 290 -7.83 -102.93 90.33
CA LEU J 290 -7.63 -104.16 89.57
C LEU J 290 -8.79 -105.11 89.79
N PHE J 291 -8.90 -105.66 91.00
CA PHE J 291 -10.11 -105.97 91.81
C PHE J 291 -9.65 -106.68 93.07
N PHE J 292 -10.59 -107.09 93.92
CA PHE J 292 -10.35 -108.10 94.96
C PHE J 292 -9.31 -107.73 96.02
N ASN J 293 -9.69 -106.95 97.04
CA ASN J 293 -8.80 -106.67 98.16
C ASN J 293 -8.23 -107.95 98.77
N THR J 294 -7.00 -107.83 99.29
CA THR J 294 -5.88 -108.73 99.07
C THR J 294 -6.10 -110.22 99.35
N PRO J 295 -6.27 -111.03 98.29
CA PRO J 295 -5.97 -112.46 98.34
C PRO J 295 -4.53 -112.69 97.91
N LYS J 296 -4.23 -113.89 97.46
CA LYS J 296 -2.97 -114.17 96.78
C LYS J 296 -2.92 -113.62 95.34
N LYS J 297 -3.79 -112.65 95.02
CA LYS J 297 -3.58 -111.81 93.84
C LYS J 297 -2.27 -111.04 93.93
N MET J 298 -1.83 -110.69 95.15
CA MET J 298 -0.52 -110.06 95.27
C MET J 298 0.59 -111.06 94.99
N THR J 299 0.32 -112.35 95.20
CA THR J 299 1.24 -113.40 94.78
C THR J 299 1.16 -113.61 93.27
N ASP J 300 0.02 -113.28 92.66
CA ASP J 300 -0.11 -113.36 91.21
C ASP J 300 0.80 -112.34 90.52
N TYR J 301 0.79 -111.09 90.98
CA TYR J 301 1.59 -110.08 90.30
C TYR J 301 3.07 -110.15 90.68
N ALA J 302 3.39 -110.59 91.89
CA ALA J 302 4.78 -110.66 92.29
C ALA J 302 5.53 -111.85 91.71
N LYS J 303 4.81 -112.84 91.18
CA LYS J 303 5.44 -114.06 90.68
C LYS J 303 5.30 -114.26 89.19
N LYS J 304 4.12 -114.02 88.62
CA LYS J 304 3.98 -113.99 87.17
C LYS J 304 4.77 -112.83 86.58
N ARG J 305 4.71 -111.68 87.22
CA ARG J 305 5.48 -110.50 86.86
C ARG J 305 6.47 -110.19 87.98
N GLY J 306 7.13 -109.04 87.85
CA GLY J 306 7.98 -108.56 88.93
C GLY J 306 7.16 -107.72 89.87
N TRP J 307 7.46 -106.42 89.91
CA TRP J 307 6.68 -105.40 90.64
C TRP J 307 6.60 -105.72 92.14
N VAL J 308 7.78 -105.93 92.73
CA VAL J 308 7.86 -106.28 94.14
C VAL J 308 7.50 -105.06 94.98
N LEU J 309 6.52 -105.22 95.85
CA LEU J 309 6.12 -104.14 96.76
C LEU J 309 7.20 -104.00 97.83
N GLY J 310 8.10 -103.05 97.62
CA GLY J 310 9.09 -102.73 98.61
C GLY J 310 8.55 -101.74 99.61
N PRO J 311 9.29 -100.67 99.86
CA PRO J 311 8.75 -99.59 100.71
C PRO J 311 7.67 -98.78 100.02
N ASN J 312 6.45 -99.32 100.05
CA ASN J 312 5.19 -98.60 99.79
C ASN J 312 5.05 -98.19 98.32
N ASN J 313 5.52 -99.01 97.39
CA ASN J 313 5.40 -98.72 95.97
C ASN J 313 5.66 -99.98 95.17
N TYR J 314 5.00 -100.09 94.02
CA TYR J 314 5.44 -100.99 92.96
C TYR J 314 6.44 -100.25 92.09
N TYR J 315 7.60 -100.86 91.87
CA TYR J 315 8.73 -100.17 91.27
C TYR J 315 8.93 -100.59 89.82
N SER J 316 9.01 -99.59 88.94
CA SER J 316 9.29 -99.81 87.52
C SER J 316 10.79 -99.85 87.28
N PHE J 317 11.18 -100.49 86.20
CA PHE J 317 12.57 -100.58 85.80
C PHE J 317 12.77 -99.89 84.45
N ALA J 318 13.99 -100.00 83.92
CA ALA J 318 14.36 -99.29 82.70
C ALA J 318 13.69 -99.92 81.47
N SER J 319 12.96 -99.09 80.72
CA SER J 319 12.24 -99.54 79.53
C SER J 319 12.52 -98.59 78.37
N GLN J 320 13.78 -98.19 78.20
CA GLN J 320 14.16 -97.25 77.17
C GLN J 320 15.24 -97.85 76.28
N GLN J 321 15.66 -97.09 75.27
CA GLN J 321 16.63 -97.54 74.29
C GLN J 321 17.62 -96.40 74.04
N GLN J 322 18.53 -96.62 73.08
CA GLN J 322 19.58 -95.66 72.78
C GLN J 322 19.34 -94.87 71.51
N LYS J 323 18.59 -95.44 70.56
CA LYS J 323 18.32 -94.92 69.22
C LYS J 323 19.60 -94.55 68.48
N PRO J 324 20.36 -95.51 67.97
CA PRO J 324 21.51 -95.17 67.12
C PRO J 324 21.08 -95.01 65.68
N GLU J 325 21.87 -94.24 64.93
CA GLU J 325 21.64 -94.13 63.49
C GLU J 325 22.98 -93.97 62.80
N ASP J 326 23.06 -94.52 61.59
CA ASP J 326 24.21 -94.38 60.74
C ASP J 326 23.92 -93.54 59.51
N THR J 327 22.84 -93.86 58.78
CA THR J 327 22.31 -93.18 57.60
C THR J 327 23.29 -93.15 56.42
N THR J 328 24.39 -93.90 56.51
CA THR J 328 25.26 -94.18 55.39
C THR J 328 25.39 -95.67 55.15
N ILE J 329 24.77 -96.50 55.99
CA ILE J 329 24.36 -97.84 55.60
C ILE J 329 23.49 -97.77 54.34
N PRO J 330 22.52 -96.85 54.17
CA PRO J 330 21.89 -96.73 52.85
C PRO J 330 22.79 -96.18 51.76
N SER J 331 23.96 -95.62 52.09
CA SER J 331 24.79 -95.01 51.05
C SER J 331 25.43 -96.04 50.13
N THR J 332 25.44 -97.32 50.51
CA THR J 332 25.75 -98.35 49.53
C THR J 332 24.56 -98.61 48.61
N GLU J 333 23.37 -98.68 49.18
CA GLU J 333 22.20 -99.12 48.42
C GLU J 333 21.41 -97.97 47.80
N LEU J 334 21.54 -96.74 48.31
CA LEU J 334 20.97 -95.62 47.58
C LEU J 334 21.75 -95.33 46.32
N ALA J 335 23.05 -95.64 46.32
CA ALA J 335 23.83 -95.59 45.09
C ALA J 335 23.38 -96.65 44.11
N LYS J 336 22.86 -97.78 44.61
CA LYS J 336 22.36 -98.83 43.73
C LYS J 336 21.10 -98.38 43.00
N GLN J 337 20.29 -97.52 43.62
CA GLN J 337 19.12 -97.01 42.93
C GLN J 337 19.49 -95.98 41.87
N VAL J 338 20.49 -95.15 42.15
CA VAL J 338 20.89 -94.09 41.24
C VAL J 338 21.55 -94.66 39.99
N ILE J 339 22.36 -95.72 40.15
CA ILE J 339 22.92 -96.42 39.00
C ILE J 339 21.82 -97.08 38.19
N GLU J 340 20.79 -97.58 38.87
CA GLU J 340 19.65 -98.18 38.18
C GLU J 340 18.83 -97.12 37.45
N TYR J 341 18.80 -95.89 37.96
CA TYR J 341 18.03 -94.82 37.31
C TYR J 341 18.62 -94.49 35.94
N ALA J 342 19.93 -94.25 35.89
CA ALA J 342 20.59 -93.99 34.63
C ALA J 342 20.78 -95.25 33.79
N ARG J 343 20.56 -96.43 34.36
CA ARG J 343 20.64 -97.66 33.58
C ARG J 343 19.50 -97.72 32.57
N GLN J 344 18.26 -97.74 33.06
CA GLN J 344 17.10 -97.89 32.19
C GLN J 344 16.86 -96.65 31.34
N LEU J 345 17.31 -95.49 31.78
CA LEU J 345 17.13 -94.25 31.03
C LEU J 345 18.09 -94.14 29.85
N GLU J 346 19.20 -94.85 29.87
CA GLU J 346 20.16 -94.84 28.79
C GLU J 346 19.98 -95.99 27.81
N MET J 347 19.41 -97.10 28.27
CA MET J 347 19.20 -98.27 27.42
C MET J 347 18.19 -98.00 26.32
N ILE J 348 18.48 -98.52 25.14
CA ILE J 348 17.56 -98.44 24.01
C ILE J 348 16.38 -99.33 24.33
N VAL J 349 15.25 -98.73 24.64
CA VAL J 349 14.09 -99.49 25.08
C VAL J 349 13.28 -99.94 23.88
N MET K 1 -10.69 -107.27 77.51
CA MET K 1 -9.35 -106.83 77.86
C MET K 1 -9.26 -105.37 78.37
N SER K 2 -8.71 -105.22 79.59
CA SER K 2 -8.07 -103.99 80.05
C SER K 2 -8.96 -102.75 80.08
N GLU K 3 -9.81 -102.62 81.11
CA GLU K 3 -10.96 -101.72 81.16
C GLU K 3 -10.68 -100.23 80.99
N LYS K 4 -9.44 -99.82 80.69
CA LYS K 4 -8.99 -98.42 80.66
C LYS K 4 -9.16 -97.87 82.06
N LYS K 5 -8.26 -98.30 82.95
CA LYS K 5 -8.51 -98.64 84.35
C LYS K 5 -8.40 -97.44 85.29
N GLN K 6 -9.45 -97.17 86.07
CA GLN K 6 -9.69 -95.83 86.64
C GLN K 6 -10.03 -95.76 88.13
N PRO K 7 -9.48 -94.75 88.87
CA PRO K 7 -9.66 -94.70 90.33
C PRO K 7 -10.65 -93.70 90.95
N VAL K 8 -11.19 -92.72 90.22
CA VAL K 8 -11.60 -91.46 90.84
C VAL K 8 -12.97 -91.50 91.52
N ASP K 9 -14.08 -91.74 90.81
CA ASP K 9 -15.36 -91.82 91.56
C ASP K 9 -15.89 -93.26 91.64
N GLU K 40 -27.44 -79.11 60.51
CA GLU K 40 -27.49 -80.53 60.15
C GLU K 40 -26.76 -80.81 58.83
N ASP K 41 -25.98 -81.89 58.83
CA ASP K 41 -25.46 -82.57 57.63
C ASP K 41 -24.60 -81.66 56.77
N ASN K 42 -23.43 -81.40 57.34
CA ASN K 42 -22.58 -80.26 57.18
C ASN K 42 -21.12 -80.73 57.12
N TRP K 43 -20.78 -81.46 56.04
CA TRP K 43 -19.74 -82.48 55.97
C TRP K 43 -18.27 -82.07 56.03
N ASP K 44 -17.92 -81.23 57.00
CA ASP K 44 -16.92 -80.15 57.00
C ASP K 44 -17.49 -78.95 56.26
N ASP K 45 -18.72 -79.07 55.75
CA ASP K 45 -19.66 -78.00 55.52
C ASP K 45 -20.28 -77.50 56.83
N ASP K 46 -19.72 -77.86 58.01
CA ASP K 46 -20.09 -77.24 59.28
C ASP K 46 -19.05 -76.25 59.75
N ASN K 47 -17.77 -76.59 59.60
CA ASN K 47 -16.73 -75.58 59.69
C ASN K 47 -16.73 -74.69 58.45
N VAL K 48 -17.56 -75.02 57.45
CA VAL K 48 -18.10 -74.07 56.52
C VAL K 48 -19.40 -73.46 57.07
N GLU K 49 -20.47 -74.27 57.38
CA GLU K 49 -21.74 -73.56 57.80
C GLU K 49 -21.72 -73.00 59.23
N ASP K 50 -21.23 -73.56 60.35
CA ASP K 50 -21.14 -72.80 61.59
C ASP K 50 -20.09 -71.71 61.53
N ASP K 51 -19.26 -71.72 60.50
CA ASP K 51 -18.48 -70.56 60.13
C ASP K 51 -19.30 -69.54 59.33
N PHE K 52 -20.65 -69.73 59.09
CA PHE K 52 -21.48 -68.97 58.11
C PHE K 52 -22.94 -68.67 58.59
N SER K 53 -23.21 -67.48 59.22
CA SER K 53 -24.54 -67.06 59.77
C SER K 53 -25.13 -65.61 59.88
N ASN K 54 -24.51 -64.48 59.40
CA ASN K 54 -25.01 -63.10 59.59
C ASN K 54 -24.77 -62.12 58.41
N GLN K 55 -23.82 -62.38 57.49
CA GLN K 55 -23.60 -61.50 56.32
C GLN K 55 -23.06 -62.26 55.09
N LEU K 56 -23.94 -62.76 54.21
CA LEU K 56 -23.97 -62.45 52.78
C LEU K 56 -25.22 -63.10 52.21
N ARG K 57 -26.28 -62.32 51.98
CA ARG K 57 -27.44 -62.86 51.30
C ARG K 57 -27.80 -61.97 50.11
N ALA K 58 -27.50 -60.69 50.25
CA ALA K 58 -27.34 -59.75 49.15
C ALA K 58 -25.89 -59.74 48.73
N GLU K 59 -25.28 -60.93 48.69
CA GLU K 59 -24.12 -61.25 47.87
C GLU K 59 -24.40 -62.65 47.32
N LEU K 60 -25.63 -62.88 46.85
CA LEU K 60 -26.02 -64.15 46.26
C LEU K 60 -26.58 -63.98 44.86
N GLU K 61 -27.21 -62.85 44.56
CA GLU K 61 -27.21 -62.29 43.23
C GLU K 61 -26.85 -60.81 43.38
N LYS K 62 -25.87 -60.54 44.23
CA LYS K 62 -25.16 -59.26 44.30
C LYS K 62 -23.67 -59.55 44.11
N HIS K 63 -23.31 -59.53 42.85
CA HIS K 63 -22.33 -60.33 42.19
C HIS K 63 -21.65 -59.52 41.00
N GLY K 64 -22.37 -58.66 40.19
CA GLY K 64 -22.39 -57.71 38.98
C GLY K 64 -22.52 -56.11 38.97
N TYR K 65 -23.36 -55.34 39.66
CA TYR K 65 -23.17 -53.86 39.77
C TYR K 65 -21.85 -53.21 40.26
N LYS K 66 -20.71 -53.29 39.55
CA LYS K 66 -19.54 -52.44 39.95
C LYS K 66 -18.54 -52.03 38.86
N MET K 67 -18.92 -51.40 37.71
CA MET K 67 -17.83 -50.73 36.94
C MET K 67 -18.26 -49.42 36.28
N GLU K 68 -19.26 -48.69 36.78
CA GLU K 68 -19.29 -47.28 36.36
C GLU K 68 -18.84 -46.34 37.47
N THR K 69 -19.31 -46.49 38.69
CA THR K 69 -18.62 -45.71 39.71
C THR K 69 -17.34 -46.44 40.10
N SER K 70 -17.45 -47.61 40.67
CA SER K 70 -16.28 -48.21 41.28
C SER K 70 -15.50 -49.13 40.35
N MET L 1 -40.72 -33.21 -36.65
CA MET L 1 -41.75 -33.64 -37.57
C MET L 1 -42.92 -32.65 -37.61
N GLU L 2 -42.73 -31.54 -38.33
CA GLU L 2 -43.75 -30.51 -38.44
C GLU L 2 -44.48 -30.68 -39.78
N GLU L 3 -45.33 -31.70 -39.83
CA GLU L 3 -46.17 -31.94 -40.99
C GLU L 3 -47.63 -31.72 -40.62
N GLY L 4 -48.46 -31.56 -41.65
CA GLY L 4 -49.86 -31.23 -41.44
C GLY L 4 -50.07 -29.74 -41.37
N GLY L 5 -51.03 -29.24 -42.16
CA GLY L 5 -51.32 -27.83 -42.26
C GLY L 5 -50.68 -27.16 -43.46
N ARG L 6 -49.45 -27.55 -43.80
CA ARG L 6 -48.75 -26.99 -44.95
C ARG L 6 -48.55 -28.02 -46.05
N ASP L 7 -49.30 -29.13 -45.99
CA ASP L 7 -49.25 -30.14 -47.04
C ASP L 7 -50.27 -29.77 -48.11
N LYS L 8 -49.93 -28.76 -48.91
CA LYS L 8 -50.77 -28.38 -50.03
C LYS L 8 -50.66 -29.40 -51.15
N ALA L 9 -49.44 -29.66 -51.60
CA ALA L 9 -49.15 -30.62 -52.65
C ALA L 9 -49.44 -32.09 -52.31
N PRO L 10 -49.41 -32.56 -51.06
CA PRO L 10 -50.01 -33.87 -50.76
C PRO L 10 -51.53 -33.90 -50.68
N VAL L 11 -52.24 -32.86 -51.10
CA VAL L 11 -53.70 -32.90 -51.08
C VAL L 11 -54.29 -32.66 -52.46
N GLN L 12 -54.02 -31.50 -53.06
CA GLN L 12 -54.67 -31.16 -54.32
C GLN L 12 -54.04 -31.89 -55.51
N PRO L 13 -52.72 -32.10 -55.60
CA PRO L 13 -52.21 -33.13 -56.52
C PRO L 13 -52.42 -34.55 -56.04
N GLN L 14 -53.00 -34.78 -54.86
CA GLN L 14 -53.50 -36.10 -54.53
C GLN L 14 -54.95 -36.26 -54.96
N GLN L 15 -55.69 -35.15 -55.04
CA GLN L 15 -57.10 -35.18 -55.36
C GLN L 15 -57.39 -35.09 -56.86
N SER L 16 -56.81 -34.09 -57.53
CA SER L 16 -57.15 -33.85 -58.94
C SER L 16 -56.57 -34.87 -59.92
N PRO L 17 -55.37 -35.46 -59.71
CA PRO L 17 -55.05 -36.68 -60.46
C PRO L 17 -55.91 -37.87 -60.08
N ALA L 18 -56.43 -37.94 -58.85
CA ALA L 18 -57.44 -38.93 -58.56
C ALA L 18 -58.80 -38.53 -59.13
N ALA L 19 -59.02 -37.23 -59.32
CA ALA L 19 -60.17 -36.73 -60.07
C ALA L 19 -59.90 -36.65 -61.56
N ALA L 20 -58.74 -37.08 -62.02
CA ALA L 20 -58.47 -37.10 -63.45
C ALA L 20 -59.21 -38.24 -64.16
N PRO L 21 -59.29 -39.48 -63.63
CA PRO L 21 -60.28 -40.41 -64.22
C PRO L 21 -61.70 -40.07 -63.84
N GLY L 22 -61.90 -39.29 -62.78
CA GLY L 22 -63.20 -38.70 -62.51
C GLY L 22 -63.48 -37.47 -63.32
N GLY L 23 -62.55 -37.06 -64.16
CA GLY L 23 -62.72 -35.93 -65.05
C GLY L 23 -62.11 -36.15 -66.41
N THR L 24 -61.82 -37.41 -66.76
CA THR L 24 -61.41 -37.72 -68.12
C THR L 24 -62.61 -37.75 -69.05
N ASP L 25 -63.54 -38.67 -68.80
CA ASP L 25 -64.83 -38.65 -69.46
C ASP L 25 -65.69 -37.58 -68.81
N GLU L 26 -66.68 -37.10 -69.58
CA GLU L 26 -67.69 -36.07 -69.28
C GLU L 26 -67.12 -34.73 -68.80
N LYS L 27 -65.81 -34.52 -68.91
CA LYS L 27 -65.16 -33.26 -68.53
C LYS L 27 -63.99 -33.04 -69.48
N PRO L 28 -64.25 -32.46 -70.66
CA PRO L 28 -63.18 -32.30 -71.65
C PRO L 28 -62.18 -31.20 -71.30
N SER L 29 -62.55 -30.25 -70.45
CA SER L 29 -61.63 -29.21 -70.02
C SER L 29 -60.82 -29.64 -68.80
N GLY L 30 -61.45 -30.36 -67.86
CA GLY L 30 -60.74 -30.85 -66.70
C GLY L 30 -59.78 -31.99 -67.00
N LYS L 31 -59.96 -32.67 -68.13
CA LYS L 31 -59.04 -33.74 -68.52
C LYS L 31 -57.70 -33.18 -68.97
N GLU L 32 -57.67 -31.96 -69.51
CA GLU L 32 -56.48 -31.39 -70.13
C GLU L 32 -55.93 -30.17 -69.40
N ARG L 33 -56.79 -29.30 -68.89
CA ARG L 33 -56.30 -28.10 -68.23
C ARG L 33 -55.80 -28.38 -66.83
N ARG L 34 -56.42 -29.34 -66.13
CA ARG L 34 -55.82 -29.83 -64.90
C ARG L 34 -54.63 -30.73 -65.18
N ASP L 35 -54.58 -31.34 -66.37
CA ASP L 35 -53.38 -32.06 -66.78
C ASP L 35 -52.24 -31.09 -67.09
N ALA L 36 -52.54 -30.01 -67.82
CA ALA L 36 -51.51 -29.03 -68.13
C ALA L 36 -51.12 -28.24 -66.89
N GLY L 37 -52.07 -27.95 -66.01
CA GLY L 37 -51.78 -27.31 -64.73
C GLY L 37 -51.00 -28.19 -63.77
N ASP L 38 -51.04 -29.51 -63.96
CA ASP L 38 -50.18 -30.41 -63.20
C ASP L 38 -48.84 -30.57 -63.87
N LYS L 39 -48.82 -30.61 -65.20
CA LYS L 39 -47.61 -30.93 -65.95
C LYS L 39 -46.58 -29.82 -65.86
N ASP L 40 -47.01 -28.56 -65.95
CA ASP L 40 -46.08 -27.46 -65.81
C ASP L 40 -45.62 -27.31 -64.37
N LYS L 41 -46.49 -27.64 -63.41
CA LYS L 41 -46.18 -27.46 -62.00
C LYS L 41 -45.18 -28.50 -61.51
N GLU L 42 -45.35 -29.75 -61.91
CA GLU L 42 -44.38 -30.78 -61.54
C GLU L 42 -43.07 -30.56 -62.28
N GLN L 43 -43.13 -30.05 -63.50
CA GLN L 43 -41.92 -29.59 -64.18
C GLN L 43 -41.34 -28.36 -63.49
N GLU L 44 -42.18 -27.50 -62.91
CA GLU L 44 -41.68 -26.38 -62.14
C GLU L 44 -41.10 -26.84 -60.80
N LEU L 45 -41.69 -27.85 -60.19
CA LEU L 45 -41.20 -28.41 -58.93
C LEU L 45 -40.13 -29.48 -59.13
N SER L 46 -39.44 -29.48 -60.27
CA SER L 46 -38.36 -30.42 -60.51
C SER L 46 -37.09 -29.80 -61.08
N GLU L 47 -37.15 -28.62 -61.69
CA GLU L 47 -35.97 -28.08 -62.36
C GLU L 47 -34.93 -27.58 -61.37
N GLU L 48 -35.36 -26.97 -60.27
CA GLU L 48 -34.42 -26.63 -59.21
C GLU L 48 -33.98 -27.91 -58.52
N ASP L 49 -32.67 -28.04 -58.34
CA ASP L 49 -32.09 -29.26 -57.79
C ASP L 49 -31.62 -29.09 -56.36
N LYS L 50 -32.09 -28.06 -55.66
CA LYS L 50 -31.78 -27.89 -54.26
C LYS L 50 -32.66 -28.75 -53.36
N GLN L 51 -33.67 -29.41 -53.93
CA GLN L 51 -34.60 -30.26 -53.21
C GLN L 51 -34.71 -31.56 -53.99
N LEU L 52 -33.97 -32.60 -53.57
CA LEU L 52 -34.18 -33.91 -54.17
C LEU L 52 -35.55 -34.46 -53.81
N GLN L 53 -36.03 -34.13 -52.62
CA GLN L 53 -37.41 -34.40 -52.24
C GLN L 53 -38.32 -33.44 -52.99
N ASP L 54 -39.20 -33.98 -53.81
CA ASP L 54 -40.20 -33.18 -54.50
C ASP L 54 -41.56 -33.49 -53.91
N GLU L 55 -42.39 -32.45 -53.76
CA GLU L 55 -43.65 -32.57 -53.04
C GLU L 55 -44.73 -33.29 -53.84
N LEU L 56 -44.46 -33.68 -55.07
CA LEU L 56 -45.31 -34.58 -55.83
C LEU L 56 -44.61 -35.87 -56.21
N GLU L 57 -43.33 -35.79 -56.61
CA GLU L 57 -42.63 -36.90 -57.25
C GLU L 57 -42.37 -38.06 -56.30
N MET L 58 -42.36 -37.81 -54.99
CA MET L 58 -42.39 -38.86 -53.99
C MET L 58 -43.71 -38.89 -53.24
N LEU L 59 -44.74 -38.24 -53.77
CA LEU L 59 -46.02 -38.13 -53.08
C LEU L 59 -47.20 -38.59 -53.91
N VAL L 60 -47.20 -38.34 -55.22
CA VAL L 60 -48.42 -38.61 -55.99
C VAL L 60 -48.55 -40.09 -56.33
N GLU L 61 -47.43 -40.81 -56.50
CA GLU L 61 -47.46 -42.16 -57.05
C GLU L 61 -47.89 -43.21 -56.02
N ARG L 62 -48.23 -42.81 -54.79
CA ARG L 62 -48.91 -43.71 -53.89
C ARG L 62 -50.28 -44.10 -54.44
N LEU L 63 -50.95 -43.16 -55.12
CA LEU L 63 -52.10 -43.46 -55.96
C LEU L 63 -51.80 -43.24 -57.43
N GLY L 64 -50.84 -42.37 -57.76
CA GLY L 64 -50.54 -42.03 -59.14
C GLY L 64 -49.97 -43.17 -59.96
N GLU L 65 -49.38 -44.17 -59.32
CA GLU L 65 -48.93 -45.35 -60.04
C GLU L 65 -50.13 -46.19 -60.49
N LYS L 66 -51.07 -46.44 -59.57
CA LYS L 66 -52.30 -47.12 -59.94
C LYS L 66 -53.24 -46.22 -60.74
N ASP L 67 -53.06 -44.90 -60.63
CA ASP L 67 -53.81 -43.98 -61.49
C ASP L 67 -53.35 -44.12 -62.94
N THR L 68 -52.05 -43.92 -63.19
CA THR L 68 -51.49 -43.93 -64.54
C THR L 68 -51.66 -45.29 -65.22
N SER L 69 -51.62 -46.37 -64.44
CA SER L 69 -51.91 -47.70 -64.97
C SER L 69 -53.36 -47.86 -65.40
N LEU L 70 -54.26 -47.02 -64.90
CA LEU L 70 -55.65 -47.01 -65.33
C LEU L 70 -56.02 -45.73 -66.07
N TYR L 71 -55.09 -44.79 -66.20
CA TYR L 71 -55.32 -43.57 -66.97
C TYR L 71 -54.66 -43.62 -68.35
N ARG L 72 -53.42 -44.09 -68.43
CA ARG L 72 -52.74 -44.10 -69.72
C ARG L 72 -53.16 -45.27 -70.62
N PRO L 73 -53.12 -46.58 -70.20
CA PRO L 73 -53.56 -47.62 -71.14
C PRO L 73 -55.08 -47.67 -71.30
N ALA L 74 -55.79 -47.58 -70.18
CA ALA L 74 -57.21 -47.88 -70.13
C ALA L 74 -58.08 -46.79 -70.75
N LEU L 75 -57.50 -45.67 -71.15
CA LEU L 75 -58.28 -44.64 -71.82
C LEU L 75 -58.62 -45.05 -73.25
N GLU L 76 -57.64 -45.63 -73.97
CA GLU L 76 -57.80 -46.30 -75.27
C GLU L 76 -58.28 -45.39 -76.40
N GLU L 77 -58.39 -44.09 -76.16
CA GLU L 77 -58.78 -43.14 -77.19
C GLU L 77 -57.88 -41.91 -77.08
N LEU L 78 -56.58 -42.19 -76.92
CA LEU L 78 -55.60 -41.16 -76.60
C LEU L 78 -55.42 -40.20 -77.77
N ARG L 79 -55.72 -38.93 -77.52
CA ARG L 79 -55.71 -37.90 -78.55
C ARG L 79 -54.28 -37.46 -78.87
N ARG L 80 -54.16 -36.43 -79.69
CA ARG L 80 -52.86 -35.99 -80.16
C ARG L 80 -52.16 -35.02 -79.19
N GLN L 81 -52.90 -34.34 -78.33
CA GLN L 81 -52.32 -33.45 -77.34
C GLN L 81 -52.34 -34.03 -75.94
N ILE L 82 -53.35 -34.84 -75.60
CA ILE L 82 -53.42 -35.43 -74.27
C ILE L 82 -52.41 -36.55 -74.08
N ARG L 83 -51.73 -36.98 -75.15
CA ARG L 83 -50.56 -37.84 -75.00
C ARG L 83 -49.30 -37.01 -74.75
N SER L 84 -49.25 -35.79 -75.28
CA SER L 84 -48.14 -34.88 -75.01
C SER L 84 -48.27 -34.21 -73.65
N SER L 85 -49.38 -34.42 -72.96
CA SER L 85 -49.55 -33.94 -71.59
C SER L 85 -49.45 -35.06 -70.57
N THR L 86 -49.85 -36.29 -70.93
CA THR L 86 -49.73 -37.41 -70.01
C THR L 86 -48.31 -37.95 -69.96
N THR L 87 -47.74 -38.28 -71.13
CA THR L 87 -46.42 -38.88 -71.17
C THR L 87 -45.32 -37.89 -70.79
N SER L 88 -45.55 -36.60 -71.00
CA SER L 88 -44.56 -35.62 -70.58
C SER L 88 -44.53 -35.44 -69.07
N MET L 89 -45.64 -35.73 -68.39
CA MET L 89 -45.68 -35.63 -66.94
C MET L 89 -45.37 -36.95 -66.25
N THR L 90 -45.82 -38.07 -66.82
CA THR L 90 -45.76 -39.35 -66.13
C THR L 90 -44.48 -40.13 -66.41
N SER L 91 -43.73 -39.79 -67.45
CA SER L 91 -42.44 -40.44 -67.68
C SER L 91 -41.33 -39.87 -66.81
N VAL L 92 -41.61 -38.81 -66.06
CA VAL L 92 -40.64 -38.19 -65.18
C VAL L 92 -40.45 -38.98 -63.87
N PRO L 93 -41.46 -39.34 -63.08
CA PRO L 93 -41.16 -40.02 -61.82
C PRO L 93 -40.90 -41.51 -61.96
N LYS L 94 -41.03 -42.08 -63.17
CA LYS L 94 -40.97 -43.53 -63.34
C LYS L 94 -39.66 -44.24 -62.95
N PRO L 95 -38.45 -43.63 -62.95
CA PRO L 95 -37.34 -44.34 -62.28
C PRO L 95 -37.51 -44.44 -60.77
N LEU L 96 -38.31 -43.56 -60.18
CA LEU L 96 -38.60 -43.59 -58.75
C LEU L 96 -40.00 -44.07 -58.42
N LYS L 97 -40.92 -44.04 -59.39
CA LYS L 97 -42.17 -44.80 -59.25
C LYS L 97 -41.88 -46.29 -59.13
N PHE L 98 -41.13 -46.82 -60.08
CA PHE L 98 -40.85 -48.24 -60.12
C PHE L 98 -39.61 -48.58 -59.31
N LEU L 99 -39.52 -49.84 -58.92
CA LEU L 99 -38.32 -50.38 -58.31
C LEU L 99 -37.46 -51.01 -59.41
N ARG L 100 -36.44 -51.77 -59.00
CA ARG L 100 -35.36 -52.27 -59.87
C ARG L 100 -35.74 -53.11 -61.09
N PRO L 101 -36.91 -53.80 -61.15
CA PRO L 101 -37.38 -54.23 -62.49
C PRO L 101 -38.13 -53.15 -63.25
N HIS L 102 -37.62 -51.92 -63.21
CA HIS L 102 -38.04 -50.89 -64.15
C HIS L 102 -37.47 -51.14 -65.53
N TYR L 103 -36.34 -51.85 -65.62
CA TYR L 103 -35.46 -51.86 -66.79
C TYR L 103 -36.11 -52.46 -68.03
N GLY L 104 -37.20 -53.22 -67.88
CA GLY L 104 -37.96 -53.67 -69.02
C GLY L 104 -39.13 -52.77 -69.35
N LYS L 105 -39.47 -51.86 -68.43
CA LYS L 105 -40.67 -51.03 -68.55
C LYS L 105 -40.35 -49.55 -68.29
N LEU L 106 -39.27 -49.06 -68.89
CA LEU L 106 -39.11 -47.62 -69.13
C LEU L 106 -39.88 -47.18 -70.37
N LYS L 107 -40.67 -48.08 -70.96
CA LYS L 107 -41.36 -47.86 -72.22
C LYS L 107 -42.87 -47.85 -72.10
N GLU L 108 -43.44 -48.47 -71.06
CA GLU L 108 -44.90 -48.56 -70.93
C GLU L 108 -45.52 -47.25 -70.49
N ILE L 109 -44.71 -46.25 -70.18
CA ILE L 109 -45.16 -44.88 -70.04
C ILE L 109 -44.58 -43.99 -71.13
N TYR L 110 -43.32 -44.23 -71.50
CA TYR L 110 -42.62 -43.33 -72.40
C TYR L 110 -42.84 -43.68 -73.87
N GLU L 111 -42.66 -44.95 -74.24
CA GLU L 111 -42.71 -45.34 -75.65
C GLU L 111 -44.15 -45.56 -76.15
N ASN L 112 -45.16 -45.16 -75.37
CA ASN L 112 -46.49 -44.98 -75.94
C ASN L 112 -46.44 -43.91 -77.02
N MET L 113 -45.86 -42.76 -76.68
CA MET L 113 -45.30 -41.80 -77.63
C MET L 113 -44.35 -40.92 -76.84
N ALA L 114 -43.11 -40.81 -77.31
CA ALA L 114 -42.18 -39.85 -76.73
C ALA L 114 -42.70 -38.46 -77.04
N PRO L 115 -43.16 -37.68 -76.04
CA PRO L 115 -43.88 -36.43 -76.35
C PRO L 115 -42.98 -35.32 -76.87
N GLY L 116 -43.02 -35.13 -78.19
CA GLY L 116 -42.33 -34.05 -78.86
C GLY L 116 -40.82 -34.01 -78.73
N GLU L 117 -40.34 -33.04 -77.96
CA GLU L 117 -38.95 -32.61 -77.96
C GLU L 117 -38.42 -32.58 -76.53
N ASN L 118 -38.52 -33.73 -75.84
CA ASN L 118 -38.47 -33.94 -74.40
C ASN L 118 -37.46 -33.11 -73.59
N LYS L 119 -36.36 -32.70 -74.24
CA LYS L 119 -35.45 -31.71 -73.68
C LYS L 119 -36.04 -30.30 -73.64
N ARG L 120 -37.24 -30.07 -74.20
CA ARG L 120 -37.92 -28.80 -74.01
C ARG L 120 -38.28 -28.57 -72.55
N PHE L 121 -38.58 -29.65 -71.81
CA PHE L 121 -38.77 -29.58 -70.37
C PHE L 121 -37.67 -30.33 -69.62
N ALA L 122 -36.55 -30.60 -70.29
CA ALA L 122 -35.42 -31.28 -69.69
C ALA L 122 -34.09 -30.68 -70.10
N ALA L 123 -34.07 -29.38 -70.43
CA ALA L 123 -32.82 -28.75 -70.86
C ALA L 123 -31.94 -28.40 -69.67
N ASP L 124 -32.46 -27.62 -68.73
CA ASP L 124 -31.66 -27.07 -67.65
C ASP L 124 -31.34 -28.10 -66.57
N ILE L 125 -32.13 -29.16 -66.47
CA ILE L 125 -31.98 -30.14 -65.40
C ILE L 125 -30.83 -31.09 -65.73
N ILE L 126 -30.07 -31.47 -64.71
CA ILE L 126 -28.81 -32.17 -64.90
C ILE L 126 -29.03 -33.66 -65.16
N SER L 127 -29.61 -34.37 -64.19
CA SER L 127 -29.75 -35.81 -64.34
C SER L 127 -31.03 -36.35 -63.72
N VAL L 128 -31.90 -35.49 -63.18
CA VAL L 128 -33.01 -35.98 -62.38
C VAL L 128 -34.22 -36.32 -63.26
N LEU L 129 -34.45 -35.56 -64.32
CA LEU L 129 -35.65 -35.75 -65.15
C LEU L 129 -35.53 -37.03 -65.98
N ALA L 130 -34.60 -37.04 -66.91
CA ALA L 130 -34.46 -38.16 -67.81
C ALA L 130 -33.03 -38.53 -68.15
N MET L 131 -32.02 -37.77 -67.71
CA MET L 131 -30.67 -38.01 -68.17
C MET L 131 -30.06 -39.25 -67.51
N THR L 132 -30.40 -39.49 -66.25
CA THR L 132 -30.11 -40.79 -65.67
C THR L 132 -31.03 -41.85 -66.27
N MET L 133 -32.28 -41.48 -66.54
CA MET L 133 -33.24 -42.41 -67.14
C MET L 133 -32.86 -42.77 -68.56
N SER L 134 -32.27 -41.84 -69.31
CA SER L 134 -31.81 -42.17 -70.66
C SER L 134 -30.62 -43.11 -70.63
N GLY L 135 -29.77 -43.00 -69.60
CA GLY L 135 -28.75 -44.01 -69.38
C GLY L 135 -29.36 -45.33 -68.94
N GLU L 136 -30.48 -45.28 -68.22
CA GLU L 136 -31.21 -46.51 -67.90
C GLU L 136 -31.88 -47.08 -69.14
N ARG L 137 -32.17 -46.25 -70.14
CA ARG L 137 -32.67 -46.77 -71.41
C ARG L 137 -31.57 -47.51 -72.16
N GLU L 138 -30.41 -46.89 -72.30
CA GLU L 138 -29.38 -47.43 -73.16
C GLU L 138 -28.63 -48.58 -72.50
N CYS L 139 -28.77 -48.76 -71.20
CA CYS L 139 -28.13 -49.89 -70.52
C CYS L 139 -28.80 -51.20 -70.91
N LEU L 140 -30.08 -51.35 -70.57
CA LEU L 140 -30.74 -52.64 -70.70
C LEU L 140 -31.67 -52.72 -71.90
N LYS L 141 -32.36 -51.64 -72.26
CA LYS L 141 -33.40 -51.72 -73.28
C LYS L 141 -32.81 -51.78 -74.68
N TYR L 142 -31.87 -50.90 -74.99
CA TYR L 142 -31.28 -50.90 -76.32
C TYR L 142 -30.35 -52.08 -76.53
N ARG L 143 -29.76 -52.60 -75.45
CA ARG L 143 -28.79 -53.68 -75.60
C ARG L 143 -29.49 -55.00 -75.93
N LEU L 144 -30.65 -55.26 -75.33
CA LEU L 144 -31.42 -56.44 -75.72
C LEU L 144 -31.95 -56.30 -77.14
N VAL L 145 -32.28 -55.08 -77.54
CA VAL L 145 -32.54 -54.81 -78.96
C VAL L 145 -31.25 -54.96 -79.76
N GLY L 146 -30.21 -54.24 -79.36
CA GLY L 146 -28.96 -54.27 -80.10
C GLY L 146 -27.99 -55.36 -79.69
N SER L 147 -28.53 -56.55 -79.41
CA SER L 147 -27.68 -57.73 -79.25
C SER L 147 -27.54 -58.48 -80.57
N GLN L 148 -28.66 -58.70 -81.26
CA GLN L 148 -28.67 -59.29 -82.59
C GLN L 148 -29.63 -58.59 -83.55
N GLU L 149 -30.36 -57.57 -83.09
CA GLU L 149 -31.38 -56.87 -83.84
C GLU L 149 -31.14 -55.36 -83.73
N GLU L 150 -29.91 -54.95 -84.05
CA GLU L 150 -29.58 -53.53 -84.10
C GLU L 150 -30.43 -52.80 -85.14
N LEU L 151 -30.43 -53.30 -86.38
CA LEU L 151 -31.28 -52.76 -87.42
C LEU L 151 -32.72 -53.18 -87.16
N ALA L 152 -33.50 -52.29 -86.53
CA ALA L 152 -34.80 -52.68 -86.02
C ALA L 152 -35.73 -51.47 -86.06
N SER L 153 -36.80 -51.54 -85.27
CA SER L 153 -37.84 -50.52 -85.19
C SER L 153 -37.43 -49.35 -84.33
N TRP L 154 -38.42 -48.57 -83.86
CA TRP L 154 -38.33 -47.39 -83.02
C TRP L 154 -37.33 -47.48 -81.85
N GLY L 155 -37.09 -48.68 -81.34
CA GLY L 155 -36.06 -48.91 -80.32
C GLY L 155 -34.63 -48.69 -80.80
N HIS L 156 -34.43 -48.47 -82.09
CA HIS L 156 -33.15 -48.02 -82.63
C HIS L 156 -33.28 -46.74 -83.43
N GLU L 157 -34.40 -46.56 -84.16
CA GLU L 157 -34.51 -45.52 -85.17
C GLU L 157 -34.55 -44.13 -84.54
N TYR L 158 -35.53 -43.88 -83.67
CA TYR L 158 -35.54 -42.62 -82.94
C TYR L 158 -34.50 -42.62 -81.83
N VAL L 159 -34.14 -43.79 -81.33
CA VAL L 159 -33.18 -43.95 -80.23
C VAL L 159 -31.80 -43.48 -80.65
N ARG L 160 -31.47 -43.57 -81.95
CA ARG L 160 -30.24 -42.98 -82.47
C ARG L 160 -30.23 -41.47 -82.28
N HIS L 161 -31.28 -40.79 -82.70
CA HIS L 161 -31.30 -39.33 -82.57
C HIS L 161 -31.65 -38.89 -81.16
N LEU L 162 -32.39 -39.71 -80.41
CA LEU L 162 -32.67 -39.40 -79.01
C LEU L 162 -31.39 -39.40 -78.19
N ALA L 163 -30.56 -40.42 -78.38
CA ALA L 163 -29.21 -40.37 -77.84
C ALA L 163 -28.32 -39.39 -78.58
N GLY L 164 -28.72 -38.98 -79.79
CA GLY L 164 -27.92 -38.01 -80.54
C GLY L 164 -27.95 -36.63 -79.93
N GLU L 165 -29.05 -36.28 -79.26
CA GLU L 165 -29.13 -34.96 -78.62
C GLU L 165 -28.74 -35.01 -77.15
N VAL L 166 -28.93 -36.15 -76.49
CA VAL L 166 -28.47 -36.29 -75.11
C VAL L 166 -26.95 -36.27 -75.05
N ALA L 167 -26.30 -36.90 -76.04
CA ALA L 167 -24.84 -36.84 -76.13
C ALA L 167 -24.34 -35.44 -76.41
N LYS L 168 -25.14 -34.60 -77.08
CA LYS L 168 -24.80 -33.20 -77.18
C LYS L 168 -25.04 -32.47 -75.86
N GLU L 169 -25.99 -32.94 -75.06
CA GLU L 169 -26.41 -32.23 -73.86
C GLU L 169 -25.36 -32.26 -72.75
N TRP L 170 -24.48 -33.27 -72.75
CA TRP L 170 -23.43 -33.33 -71.73
C TRP L 170 -22.41 -32.22 -71.90
N GLN L 171 -22.22 -31.74 -73.13
CA GLN L 171 -21.36 -30.59 -73.39
C GLN L 171 -22.19 -29.35 -73.66
N GLU L 172 -23.42 -29.34 -73.18
CA GLU L 172 -24.31 -28.22 -73.46
C GLU L 172 -24.86 -27.56 -72.19
N LEU L 173 -25.10 -28.33 -71.13
CA LEU L 173 -25.64 -27.77 -69.89
C LEU L 173 -24.62 -26.83 -69.23
N ASP L 174 -23.44 -27.36 -68.91
CA ASP L 174 -22.39 -26.52 -68.36
C ASP L 174 -21.01 -26.92 -68.88
N ASP L 175 -20.94 -27.93 -69.76
CA ASP L 175 -19.68 -28.50 -70.28
C ASP L 175 -18.78 -28.95 -69.12
N ALA L 176 -19.33 -29.86 -68.32
CA ALA L 176 -18.71 -30.29 -67.07
C ALA L 176 -17.63 -31.33 -67.32
N GLU L 177 -17.19 -32.03 -66.27
CA GLU L 177 -16.31 -33.18 -66.46
C GLU L 177 -17.05 -34.40 -67.00
N LYS L 178 -18.38 -34.34 -67.09
CA LYS L 178 -19.19 -35.40 -67.67
C LYS L 178 -19.27 -35.30 -69.18
N VAL L 179 -18.31 -34.59 -69.80
CA VAL L 179 -17.93 -34.86 -71.18
C VAL L 179 -17.57 -36.33 -71.33
N GLN L 180 -16.79 -36.85 -70.38
CA GLN L 180 -16.41 -38.26 -70.40
C GLN L 180 -17.57 -39.19 -70.09
N ARG L 181 -18.69 -38.68 -69.56
CA ARG L 181 -19.92 -39.46 -69.47
C ARG L 181 -20.52 -39.74 -70.86
N GLU L 182 -20.14 -38.98 -71.88
CA GLU L 182 -20.61 -39.31 -73.22
C GLU L 182 -19.94 -40.59 -73.75
N PRO L 183 -18.63 -40.85 -73.54
CA PRO L 183 -18.16 -42.23 -73.73
C PRO L 183 -18.74 -43.24 -72.76
N LEU L 184 -19.21 -42.83 -71.58
CA LEU L 184 -20.01 -43.75 -70.78
C LEU L 184 -21.37 -44.04 -71.40
N LEU L 185 -21.82 -43.21 -72.34
CA LEU L 185 -23.03 -43.48 -73.10
C LEU L 185 -22.72 -44.19 -74.41
N THR L 186 -21.77 -43.63 -75.17
CA THR L 186 -21.47 -44.10 -76.52
C THR L 186 -20.85 -45.51 -76.54
N LEU L 187 -20.18 -45.91 -75.45
CA LEU L 187 -19.64 -47.26 -75.42
C LEU L 187 -20.66 -48.27 -74.90
N VAL L 188 -21.48 -47.87 -73.93
CA VAL L 188 -22.51 -48.78 -73.41
C VAL L 188 -23.62 -48.99 -74.45
N LYS L 189 -24.07 -47.92 -75.08
CA LYS L 189 -24.92 -48.06 -76.25
C LYS L 189 -24.13 -48.69 -77.39
N GLU L 190 -24.62 -49.81 -77.92
CA GLU L 190 -24.08 -50.54 -79.09
C GLU L 190 -22.56 -50.76 -78.97
N ILE L 191 -22.24 -51.66 -78.03
CA ILE L 191 -20.86 -51.93 -77.59
C ILE L 191 -19.97 -52.32 -78.77
N VAL L 192 -20.40 -53.30 -79.55
CA VAL L 192 -19.67 -53.71 -80.75
C VAL L 192 -19.89 -52.71 -81.89
N PRO L 193 -21.20 -52.16 -82.19
CA PRO L 193 -21.33 -51.04 -83.14
C PRO L 193 -20.94 -49.68 -82.57
N TYR L 194 -19.78 -49.62 -81.92
CA TYR L 194 -19.29 -48.38 -81.33
C TYR L 194 -18.97 -47.35 -82.40
N ASN L 195 -18.44 -47.80 -83.55
CA ASN L 195 -18.12 -46.90 -84.64
C ASN L 195 -19.38 -46.29 -85.26
N MET L 196 -20.46 -47.06 -85.34
CA MET L 196 -21.74 -46.52 -85.78
C MET L 196 -22.29 -45.53 -84.75
N ALA L 197 -21.97 -45.73 -83.48
CA ALA L 197 -22.22 -44.71 -82.48
C ALA L 197 -21.21 -43.57 -82.60
N HIS L 198 -19.94 -43.90 -82.82
CA HIS L 198 -18.90 -42.87 -82.85
C HIS L 198 -18.97 -42.01 -84.10
N ASN L 199 -19.50 -42.54 -85.21
CA ASN L 199 -19.53 -41.77 -86.46
C ASN L 199 -20.47 -40.58 -86.34
N ALA L 200 -21.59 -40.76 -85.65
CA ALA L 200 -22.42 -39.61 -85.31
C ALA L 200 -21.73 -38.73 -84.28
N GLU L 201 -20.96 -39.33 -83.39
CA GLU L 201 -20.30 -38.57 -82.33
C GLU L 201 -18.95 -38.01 -82.75
N HIS L 202 -18.39 -38.47 -83.87
CA HIS L 202 -17.19 -37.85 -84.40
C HIS L 202 -17.49 -36.45 -84.92
N GLU L 203 -18.46 -36.35 -85.83
CA GLU L 203 -18.83 -35.07 -86.42
C GLU L 203 -19.49 -34.16 -85.42
N ALA L 204 -20.21 -34.72 -84.44
CA ALA L 204 -20.74 -33.91 -83.35
C ALA L 204 -19.63 -33.37 -82.47
N CYS L 205 -18.52 -34.12 -82.35
CA CYS L 205 -17.34 -33.59 -81.67
C CYS L 205 -16.57 -32.63 -82.56
N ASP L 206 -16.65 -32.80 -83.88
CA ASP L 206 -15.94 -31.91 -84.81
C ASP L 206 -16.50 -30.50 -84.77
N LEU L 207 -17.78 -30.35 -84.39
CA LEU L 207 -18.40 -29.05 -84.21
C LEU L 207 -18.66 -28.72 -82.75
N LEU L 208 -18.10 -29.50 -81.81
CA LEU L 208 -18.41 -29.30 -80.40
C LEU L 208 -17.56 -28.17 -79.82
N MET L 209 -16.26 -28.35 -79.79
CA MET L 209 -15.34 -27.39 -79.20
C MET L 209 -13.95 -27.74 -79.73
N GLU L 210 -13.02 -26.81 -79.58
CA GLU L 210 -11.62 -27.10 -79.82
C GLU L 210 -10.78 -26.93 -78.57
N ILE L 211 -11.38 -26.51 -77.47
CA ILE L 211 -10.75 -26.57 -76.15
C ILE L 211 -11.16 -27.83 -75.40
N GLU L 212 -12.38 -28.30 -75.64
CA GLU L 212 -12.92 -29.47 -74.96
C GLU L 212 -12.78 -30.71 -75.85
N GLN L 213 -11.64 -30.80 -76.52
CA GLN L 213 -11.25 -32.05 -77.15
C GLN L 213 -10.42 -32.91 -76.24
N VAL L 214 -9.47 -32.30 -75.53
CA VAL L 214 -8.27 -32.99 -75.08
C VAL L 214 -8.52 -33.94 -73.92
N ASP L 215 -9.45 -33.64 -73.02
CA ASP L 215 -9.67 -34.55 -71.90
C ASP L 215 -10.52 -35.75 -72.29
N MET L 216 -11.48 -35.55 -73.18
CA MET L 216 -12.18 -36.69 -73.78
C MET L 216 -11.25 -37.46 -74.71
N LEU L 217 -10.32 -36.74 -75.35
CA LEU L 217 -9.32 -37.37 -76.21
C LEU L 217 -8.47 -38.36 -75.42
N GLU L 218 -7.92 -37.92 -74.29
CA GLU L 218 -7.15 -38.86 -73.47
C GLU L 218 -8.04 -39.85 -72.76
N LYS L 219 -9.33 -39.55 -72.59
CA LYS L 219 -10.26 -40.53 -72.03
C LYS L 219 -10.47 -41.70 -72.99
N ASP L 220 -10.40 -41.46 -74.29
CA ASP L 220 -10.50 -42.55 -75.25
C ASP L 220 -9.31 -43.49 -75.17
N ILE L 221 -8.09 -42.93 -75.15
CA ILE L 221 -6.91 -43.78 -75.02
C ILE L 221 -6.77 -44.30 -73.59
N ASP L 222 -7.41 -43.65 -72.61
CA ASP L 222 -7.61 -44.27 -71.30
C ASP L 222 -8.43 -45.54 -71.43
N GLU L 223 -9.49 -45.49 -72.21
CA GLU L 223 -10.30 -46.67 -72.49
C GLU L 223 -9.66 -47.58 -73.51
N ASN L 224 -8.54 -47.19 -74.10
CA ASN L 224 -7.84 -47.98 -75.11
C ASN L 224 -6.47 -48.45 -74.64
N ALA L 225 -6.20 -48.39 -73.34
CA ALA L 225 -5.02 -49.07 -72.82
C ALA L 225 -5.25 -50.57 -72.72
N TYR L 226 -6.50 -50.99 -72.81
CA TYR L 226 -7.00 -52.34 -72.69
C TYR L 226 -8.47 -52.27 -73.05
N ALA L 227 -8.98 -53.35 -73.65
CA ALA L 227 -10.39 -53.47 -73.99
C ALA L 227 -10.68 -54.92 -74.32
N LYS L 228 -11.90 -55.18 -74.79
CA LYS L 228 -12.16 -56.38 -75.58
C LYS L 228 -11.46 -56.24 -76.92
N VAL L 229 -11.18 -57.38 -77.57
CA VAL L 229 -10.36 -57.43 -78.78
C VAL L 229 -11.01 -56.63 -79.91
N CYS L 230 -12.30 -56.84 -80.13
CA CYS L 230 -13.00 -56.07 -81.16
C CYS L 230 -13.26 -54.64 -80.72
N LEU L 231 -13.36 -54.38 -79.42
CA LEU L 231 -13.49 -53.01 -78.93
C LEU L 231 -12.17 -52.25 -79.08
N TYR L 232 -11.06 -52.89 -78.73
CA TYR L 232 -9.74 -52.33 -78.96
C TYR L 232 -9.45 -52.22 -80.46
N LEU L 233 -10.11 -53.06 -81.26
CA LEU L 233 -10.06 -52.90 -82.72
C LEU L 233 -10.88 -51.69 -83.18
N THR L 234 -11.93 -51.34 -82.46
CA THR L 234 -12.89 -50.34 -82.95
C THR L 234 -12.54 -48.93 -82.52
N SER L 235 -12.45 -48.69 -81.21
CA SER L 235 -12.33 -47.33 -80.70
C SER L 235 -10.97 -46.71 -80.98
N CYS L 236 -9.95 -47.51 -81.32
CA CYS L 236 -8.64 -46.93 -81.60
C CYS L 236 -8.57 -46.30 -82.99
N VAL L 237 -9.36 -46.79 -83.95
CA VAL L 237 -9.42 -46.11 -85.23
C VAL L 237 -10.43 -44.96 -85.18
N ASN L 238 -11.40 -45.02 -84.26
CA ASN L 238 -12.22 -43.84 -83.97
C ASN L 238 -11.39 -42.75 -83.30
N TYR L 239 -10.35 -43.15 -82.57
CA TYR L 239 -9.47 -42.21 -81.89
C TYR L 239 -8.67 -41.36 -82.87
N VAL L 240 -8.37 -41.89 -84.04
CA VAL L 240 -7.43 -41.29 -84.99
C VAL L 240 -7.88 -39.93 -85.54
N PRO L 241 -9.06 -39.75 -86.14
CA PRO L 241 -9.27 -38.50 -86.88
C PRO L 241 -9.60 -37.29 -86.02
N GLU L 242 -9.70 -37.43 -84.70
CA GLU L 242 -10.07 -36.27 -83.89
C GLU L 242 -8.94 -35.24 -83.77
N PRO L 243 -7.66 -35.61 -83.66
CA PRO L 243 -6.60 -34.63 -83.98
C PRO L 243 -6.38 -34.39 -85.47
N GLU L 244 -7.17 -35.01 -86.34
CA GLU L 244 -7.08 -34.75 -87.78
C GLU L 244 -8.23 -33.91 -88.31
N ASN L 245 -9.45 -34.15 -87.83
CA ASN L 245 -10.64 -33.48 -88.33
C ASN L 245 -11.05 -32.28 -87.49
N SER L 246 -11.32 -32.49 -86.19
CA SER L 246 -11.73 -31.38 -85.33
C SER L 246 -10.55 -30.47 -85.06
N ALA L 247 -9.52 -31.00 -84.42
CA ALA L 247 -8.30 -30.26 -84.20
C ALA L 247 -7.29 -30.66 -85.25
N LEU L 248 -6.18 -29.92 -85.29
CA LEU L 248 -4.99 -30.29 -86.03
C LEU L 248 -3.79 -30.21 -85.11
N LEU L 249 -3.93 -30.81 -83.91
CA LEU L 249 -2.77 -31.04 -83.06
C LEU L 249 -1.74 -31.88 -83.80
N ARG L 250 -2.17 -33.04 -84.34
CA ARG L 250 -1.64 -33.74 -85.53
C ARG L 250 -0.17 -34.13 -85.48
N CYS L 251 0.53 -33.81 -84.39
CA CYS L 251 1.86 -34.30 -84.15
C CYS L 251 1.83 -35.56 -83.31
N ALA L 252 0.67 -35.89 -82.75
CA ALA L 252 0.43 -37.17 -82.10
C ALA L 252 -0.02 -38.24 -83.08
N LEU L 253 0.35 -38.12 -84.35
CA LEU L 253 -0.02 -39.14 -85.32
C LEU L 253 0.90 -40.35 -85.19
N GLY L 254 2.19 -40.15 -85.47
CA GLY L 254 3.07 -41.25 -85.86
C GLY L 254 3.33 -42.25 -84.75
N VAL L 255 3.42 -41.78 -83.51
CA VAL L 255 3.59 -42.70 -82.39
C VAL L 255 2.27 -43.18 -81.83
N PHE L 256 1.23 -42.34 -81.84
CA PHE L 256 -0.04 -42.72 -81.24
C PHE L 256 -1.00 -43.31 -82.25
N ARG L 257 -0.54 -43.55 -83.47
CA ARG L 257 -1.24 -44.41 -84.42
C ARG L 257 -0.42 -45.62 -84.77
N LYS L 258 0.83 -45.68 -84.29
CA LYS L 258 1.51 -46.95 -84.07
C LYS L 258 0.75 -47.77 -83.03
N PHE L 259 0.05 -47.10 -82.10
CA PHE L 259 -1.07 -47.68 -81.36
C PHE L 259 -2.01 -48.44 -82.27
N SER L 260 -2.43 -47.82 -83.38
CA SER L 260 -3.42 -48.37 -84.27
C SER L 260 -2.83 -49.03 -85.50
N ARG L 261 -1.51 -49.23 -85.54
CA ARG L 261 -0.89 -49.84 -86.72
C ARG L 261 -1.21 -51.32 -86.80
N PHE L 262 -0.82 -52.07 -85.80
CA PHE L 262 -1.04 -53.52 -85.75
C PHE L 262 -2.48 -54.00 -85.51
N PRO L 263 -3.34 -53.35 -84.65
CA PRO L 263 -4.72 -53.86 -84.51
C PRO L 263 -5.57 -53.78 -85.78
N GLU L 264 -5.75 -52.59 -86.34
CA GLU L 264 -6.70 -52.43 -87.42
C GLU L 264 -6.14 -52.90 -88.75
N ALA L 265 -5.11 -52.23 -89.26
CA ALA L 265 -4.48 -52.58 -90.52
C ALA L 265 -3.10 -51.94 -90.59
N LEU L 266 -2.13 -52.70 -91.08
CA LEU L 266 -0.77 -52.18 -91.24
C LEU L 266 -0.73 -51.11 -92.32
N ARG L 267 -1.54 -51.24 -93.36
CA ARG L 267 -1.63 -50.21 -94.38
C ARG L 267 -2.36 -48.96 -93.89
N LEU L 268 -3.20 -49.11 -92.86
CA LEU L 268 -3.97 -47.98 -92.35
C LEU L 268 -3.06 -46.92 -91.73
N ALA L 269 -2.13 -47.36 -90.89
CA ALA L 269 -1.09 -46.46 -90.41
C ALA L 269 -0.15 -46.04 -91.52
N LEU L 270 -0.01 -46.86 -92.57
CA LEU L 270 0.71 -46.42 -93.76
C LEU L 270 -0.12 -45.39 -94.53
N MET L 271 -1.44 -45.51 -94.51
CA MET L 271 -2.28 -44.42 -95.01
C MET L 271 -2.20 -43.21 -94.09
N LEU L 272 -1.94 -43.44 -92.81
CA LEU L 272 -1.67 -42.33 -91.90
C LEU L 272 -0.23 -41.85 -92.03
N ASN L 273 0.68 -42.75 -92.38
CA ASN L 273 1.99 -42.32 -92.87
C ASN L 273 1.85 -41.53 -94.17
N ASP L 274 0.85 -41.87 -94.99
CA ASP L 274 0.51 -41.02 -96.11
C ASP L 274 -0.12 -39.71 -95.64
N MET L 275 -0.94 -39.78 -94.58
CA MET L 275 -1.47 -38.56 -93.97
C MET L 275 -0.39 -37.71 -93.30
N GLU L 276 0.73 -38.33 -92.90
CA GLU L 276 1.92 -37.54 -92.59
C GLU L 276 2.38 -36.79 -93.82
N LEU L 277 2.54 -37.50 -94.93
CA LEU L 277 2.97 -36.87 -96.19
C LEU L 277 1.90 -35.99 -96.82
N VAL L 278 0.74 -35.81 -96.20
CA VAL L 278 -0.21 -34.79 -96.63
C VAL L 278 0.06 -33.47 -95.91
N GLU L 279 0.02 -33.48 -94.58
CA GLU L 279 0.06 -32.26 -93.79
C GLU L 279 1.50 -31.73 -93.68
N ASP L 280 2.00 -31.24 -94.82
CA ASP L 280 3.42 -30.93 -94.97
C ASP L 280 3.78 -29.51 -94.57
N ILE L 281 3.04 -28.91 -93.64
CA ILE L 281 3.31 -27.56 -93.19
C ILE L 281 3.80 -27.59 -91.74
N PHE L 282 4.98 -27.04 -91.49
CA PHE L 282 5.92 -26.66 -92.55
C PHE L 282 7.17 -27.56 -92.45
N THR L 283 7.87 -27.53 -91.33
CA THR L 283 8.90 -28.50 -91.00
C THR L 283 8.88 -28.92 -89.53
N SER L 284 8.47 -28.06 -88.60
CA SER L 284 8.77 -28.25 -87.18
C SER L 284 7.97 -29.39 -86.58
N CYS L 285 6.66 -29.42 -86.82
CA CYS L 285 5.89 -30.59 -86.47
C CYS L 285 6.25 -31.75 -87.38
N LYS L 286 6.57 -31.45 -88.64
CA LYS L 286 6.90 -32.49 -89.62
C LYS L 286 8.17 -33.22 -89.25
N ASP L 287 9.20 -32.47 -88.82
CA ASP L 287 10.48 -33.08 -88.49
C ASP L 287 10.40 -33.99 -87.28
N VAL L 288 9.57 -33.62 -86.29
CA VAL L 288 9.50 -34.38 -85.05
C VAL L 288 8.55 -35.58 -85.16
N VAL L 289 7.50 -35.48 -85.98
CA VAL L 289 6.72 -36.66 -86.35
C VAL L 289 7.61 -37.71 -86.99
N VAL L 290 8.52 -37.28 -87.86
CA VAL L 290 9.36 -38.25 -88.54
C VAL L 290 10.66 -38.48 -87.78
N GLN L 291 10.83 -37.84 -86.61
CA GLN L 291 11.97 -38.23 -85.78
C GLN L 291 11.82 -39.65 -85.26
N LYS L 292 10.59 -40.04 -84.90
CA LYS L 292 10.42 -41.33 -84.25
C LYS L 292 10.39 -42.49 -85.23
N GLN L 293 10.20 -42.20 -86.51
CA GLN L 293 9.97 -43.22 -87.54
C GLN L 293 11.20 -44.05 -87.87
N MET L 294 12.36 -43.82 -87.24
CA MET L 294 13.58 -44.52 -87.59
C MET L 294 14.05 -45.47 -86.49
N ALA L 295 14.30 -44.96 -85.30
CA ALA L 295 14.84 -45.75 -84.20
C ALA L 295 14.12 -45.39 -82.92
N PHE L 296 12.80 -45.30 -82.96
CA PHE L 296 12.08 -45.05 -81.72
C PHE L 296 10.90 -45.99 -81.52
N MET L 297 10.24 -46.39 -82.60
CA MET L 297 9.36 -47.56 -82.52
C MET L 297 9.46 -48.50 -83.70
N LEU L 298 9.91 -48.04 -84.87
CA LEU L 298 10.10 -48.91 -86.02
C LEU L 298 11.08 -48.21 -86.96
N GLY L 299 11.61 -48.98 -87.90
CA GLY L 299 12.40 -48.41 -88.97
C GLY L 299 11.65 -48.48 -90.28
N ARG L 300 12.27 -49.14 -91.28
CA ARG L 300 11.73 -49.56 -92.59
C ARG L 300 10.92 -48.48 -93.32
N HIS L 301 11.24 -47.20 -93.09
CA HIS L 301 10.49 -46.11 -93.70
C HIS L 301 11.32 -45.34 -94.71
N GLY L 302 12.56 -45.80 -94.96
CA GLY L 302 13.49 -45.07 -95.80
C GLY L 302 13.31 -45.28 -97.29
N VAL L 303 12.13 -45.71 -97.70
CA VAL L 303 11.82 -45.93 -99.11
C VAL L 303 10.65 -45.11 -99.59
N PHE L 304 10.05 -44.28 -98.73
CA PHE L 304 8.83 -43.58 -99.06
C PHE L 304 9.00 -42.06 -99.12
N LEU L 305 10.22 -41.55 -98.91
CA LEU L 305 10.46 -40.12 -98.93
C LEU L 305 11.53 -39.75 -99.95
N GLU L 306 11.57 -40.46 -101.07
CA GLU L 306 12.43 -40.14 -102.21
C GLU L 306 11.54 -39.80 -103.41
N LEU L 307 10.44 -39.11 -103.13
CA LEU L 307 9.53 -38.67 -104.16
C LEU L 307 9.94 -37.26 -104.61
N SER L 308 9.05 -36.56 -105.31
CA SER L 308 9.40 -35.42 -106.16
C SER L 308 9.89 -34.16 -105.44
N GLU L 309 9.98 -34.16 -104.11
CA GLU L 309 10.41 -32.98 -103.37
C GLU L 309 11.75 -33.20 -102.68
N ASP L 310 12.70 -33.84 -103.37
CA ASP L 310 14.01 -34.15 -102.80
C ASP L 310 14.93 -32.93 -102.78
N VAL L 311 14.57 -31.91 -101.98
CA VAL L 311 15.42 -30.73 -101.85
C VAL L 311 15.80 -30.54 -100.39
N GLU L 312 14.82 -30.25 -99.54
CA GLU L 312 14.96 -30.36 -98.09
C GLU L 312 13.77 -31.02 -97.44
N GLU L 313 12.58 -30.96 -98.07
CA GLU L 313 11.37 -31.49 -97.47
C GLU L 313 11.32 -33.01 -97.55
N TYR L 314 12.01 -33.60 -98.54
CA TYR L 314 12.19 -35.04 -98.58
C TYR L 314 13.64 -35.46 -98.35
N GLU L 315 14.55 -34.52 -98.17
CA GLU L 315 15.92 -34.84 -97.79
C GLU L 315 16.08 -34.92 -96.28
N ASP L 316 14.98 -34.86 -95.53
CA ASP L 316 15.00 -35.18 -94.12
C ASP L 316 15.18 -36.67 -93.89
N LEU L 317 14.84 -37.50 -94.89
CA LEU L 317 14.73 -38.95 -94.73
C LEU L 317 16.05 -39.57 -94.32
N THR L 318 17.12 -39.29 -95.08
CA THR L 318 18.44 -39.78 -94.73
C THR L 318 18.96 -39.08 -93.48
N GLU L 319 18.59 -37.81 -93.30
CA GLU L 319 18.90 -37.11 -92.06
C GLU L 319 18.20 -37.75 -90.87
N ILE L 320 16.98 -38.23 -91.07
CA ILE L 320 16.32 -39.06 -90.06
C ILE L 320 17.04 -40.39 -89.90
N MET L 321 17.52 -40.95 -91.01
CA MET L 321 17.98 -42.33 -91.03
C MET L 321 19.30 -42.50 -90.28
N SER L 322 20.28 -41.64 -90.57
CA SER L 322 21.61 -41.79 -89.99
C SER L 322 22.22 -40.50 -89.44
N ASN L 323 21.77 -39.33 -89.87
CA ASN L 323 22.43 -38.10 -89.45
C ASN L 323 22.01 -37.67 -88.05
N VAL L 324 20.71 -37.76 -87.74
CA VAL L 324 20.31 -37.55 -86.35
C VAL L 324 20.71 -38.75 -85.50
N GLN L 325 20.87 -39.92 -86.11
CA GLN L 325 21.57 -41.02 -85.45
C GLN L 325 23.03 -40.67 -85.21
N LEU L 326 23.64 -39.93 -86.14
CA LEU L 326 24.98 -39.42 -85.88
C LEU L 326 24.94 -38.25 -84.90
N ASN L 327 23.83 -37.51 -84.86
CA ASN L 327 23.62 -36.58 -83.76
C ASN L 327 23.29 -37.33 -82.47
N SER L 328 22.71 -38.52 -82.59
CA SER L 328 22.62 -39.41 -81.44
C SER L 328 23.98 -39.97 -81.06
N ASN L 329 24.91 -40.06 -82.03
CA ASN L 329 26.29 -40.30 -81.66
C ASN L 329 26.93 -39.07 -81.05
N PHE L 330 26.50 -37.88 -81.48
CA PHE L 330 27.00 -36.63 -80.93
C PHE L 330 26.51 -36.38 -79.51
N LEU L 331 25.47 -37.10 -79.08
CA LEU L 331 25.14 -37.19 -77.66
C LEU L 331 26.32 -37.74 -76.87
N ALA L 332 26.68 -39.00 -77.14
CA ALA L 332 27.70 -39.68 -76.35
C ALA L 332 29.12 -39.21 -76.68
N LEU L 333 29.32 -38.61 -77.84
CA LEU L 333 30.62 -38.02 -78.14
C LEU L 333 30.82 -36.72 -77.38
N ALA L 334 29.97 -35.73 -77.63
CA ALA L 334 30.16 -34.42 -77.00
C ALA L 334 29.64 -34.40 -75.57
N ARG L 335 28.35 -34.67 -75.41
CA ARG L 335 27.66 -34.32 -74.16
C ARG L 335 27.99 -35.26 -73.01
N GLU L 336 28.43 -36.49 -73.29
CA GLU L 336 28.63 -37.44 -72.21
C GLU L 336 30.09 -37.61 -71.82
N LEU L 337 31.03 -37.15 -72.64
CA LEU L 337 32.37 -36.89 -72.12
C LEU L 337 32.40 -35.66 -71.24
N ASP L 338 31.41 -34.77 -71.38
CA ASP L 338 31.35 -33.55 -70.58
C ASP L 338 30.81 -33.82 -69.17
N ILE L 339 29.77 -34.65 -69.06
CA ILE L 339 29.12 -34.83 -67.77
C ILE L 339 29.96 -35.69 -66.84
N MET L 340 30.29 -36.91 -67.23
CA MET L 340 30.98 -37.75 -66.26
C MET L 340 32.24 -38.40 -66.78
N GLU L 341 32.25 -38.88 -68.02
CA GLU L 341 32.96 -40.11 -68.37
C GLU L 341 34.30 -39.84 -69.06
N PRO L 342 35.43 -40.26 -68.48
CA PRO L 342 36.63 -40.51 -69.26
C PRO L 342 36.59 -41.96 -69.74
N LYS L 343 37.45 -42.24 -70.73
CA LYS L 343 37.30 -43.40 -71.62
C LYS L 343 37.33 -44.74 -70.88
N VAL L 344 38.15 -44.84 -69.83
CA VAL L 344 38.23 -46.09 -69.09
C VAL L 344 37.98 -45.87 -67.60
N PRO L 345 36.74 -46.02 -67.14
CA PRO L 345 36.49 -46.10 -65.70
C PRO L 345 37.14 -47.32 -65.09
N ASP L 346 36.80 -48.53 -65.57
CA ASP L 346 37.49 -49.80 -65.33
C ASP L 346 37.43 -50.28 -63.87
N ASP L 347 36.86 -49.49 -62.96
CA ASP L 347 37.14 -49.66 -61.54
C ASP L 347 35.95 -50.21 -60.75
N ILE L 348 34.95 -50.79 -61.41
CA ILE L 348 33.99 -51.59 -60.66
C ILE L 348 34.66 -52.91 -60.29
N TYR L 349 35.58 -53.38 -61.14
CA TYR L 349 36.46 -54.47 -60.74
C TYR L 349 37.41 -54.02 -59.63
N LYS L 350 37.88 -52.78 -59.69
CA LYS L 350 38.70 -52.25 -58.60
C LYS L 350 37.86 -51.96 -57.36
N THR L 351 36.54 -51.81 -57.51
CA THR L 351 35.66 -51.66 -56.34
C THR L 351 35.62 -52.93 -55.49
N HIS L 352 36.00 -54.07 -56.07
CA HIS L 352 36.32 -55.28 -55.32
C HIS L 352 37.74 -55.21 -54.74
N LEU L 353 37.98 -54.18 -53.93
CA LEU L 353 39.27 -53.95 -53.27
C LEU L 353 39.27 -54.39 -51.81
N GLU L 354 38.18 -54.12 -51.09
CA GLU L 354 38.11 -54.38 -49.67
C GLU L 354 37.83 -55.84 -49.34
N ASN L 355 37.63 -56.70 -50.34
CA ASN L 355 37.37 -58.11 -50.08
C ASN L 355 38.63 -58.85 -49.59
N ASN L 356 39.81 -58.37 -49.96
CA ASN L 356 41.04 -59.09 -49.63
C ASN L 356 41.43 -58.94 -48.17
N ARG L 357 40.86 -57.97 -47.46
CA ARG L 357 41.12 -57.81 -46.03
C ARG L 357 39.97 -58.29 -45.17
N PHE L 358 38.84 -58.65 -45.76
CA PHE L 358 37.68 -59.13 -45.01
C PHE L 358 37.87 -60.60 -44.69
N GLY L 359 38.49 -60.87 -43.54
CA GLY L 359 38.74 -62.24 -43.14
C GLY L 359 40.15 -62.71 -43.45
N GLY L 360 41.12 -61.85 -43.19
CA GLY L 360 42.52 -62.22 -43.35
C GLY L 360 43.09 -61.77 -44.70
N SER L 361 43.36 -62.73 -45.58
CA SER L 361 44.05 -62.49 -46.83
C SER L 361 43.14 -62.83 -48.00
N GLY L 362 43.71 -62.74 -49.21
CA GLY L 362 42.99 -63.08 -50.43
C GLY L 362 43.87 -63.86 -51.40
N SER L 363 43.78 -63.51 -52.69
CA SER L 363 44.54 -64.13 -53.79
C SER L 363 44.28 -65.64 -53.87
N GLN L 364 43.03 -66.04 -53.61
CA GLN L 364 42.65 -67.44 -53.62
C GLN L 364 41.93 -67.85 -54.89
N VAL L 365 41.20 -66.94 -55.53
CA VAL L 365 40.39 -67.26 -56.69
C VAL L 365 41.29 -67.29 -57.91
N ASP L 366 41.41 -68.47 -58.52
CA ASP L 366 42.23 -68.66 -59.72
C ASP L 366 41.42 -69.37 -60.80
N SER L 367 40.10 -69.19 -60.79
CA SER L 367 39.23 -69.89 -61.74
C SER L 367 39.36 -69.26 -63.13
N ALA L 368 39.59 -70.11 -64.14
CA ALA L 368 39.79 -69.62 -65.49
C ALA L 368 38.50 -69.19 -66.15
N ARG L 369 37.35 -69.61 -65.60
CA ARG L 369 36.07 -69.16 -66.12
C ARG L 369 35.65 -67.80 -65.56
N MET L 370 36.38 -67.29 -64.57
CA MET L 370 36.24 -65.89 -64.19
C MET L 370 36.80 -64.97 -65.26
N ASN L 371 37.77 -65.47 -66.05
CA ASN L 371 38.39 -64.70 -67.13
C ASN L 371 37.39 -64.40 -68.25
N LEU L 372 36.28 -65.13 -68.31
CA LEU L 372 35.15 -64.73 -69.15
C LEU L 372 34.58 -63.40 -68.70
N ALA L 373 34.43 -63.22 -67.38
CA ALA L 373 33.96 -61.95 -66.85
C ALA L 373 35.03 -60.87 -66.93
N SER L 374 36.30 -61.26 -67.09
CA SER L 374 37.37 -60.28 -67.18
C SER L 374 37.32 -59.47 -68.47
N SER L 375 36.62 -59.98 -69.49
CA SER L 375 36.36 -59.19 -70.69
C SER L 375 35.34 -58.10 -70.44
N PHE L 376 34.43 -58.27 -69.49
CA PHE L 376 33.35 -57.31 -69.28
C PHE L 376 33.75 -56.13 -68.41
N VAL L 377 34.92 -56.19 -67.76
CA VAL L 377 35.49 -54.97 -67.20
C VAL L 377 35.86 -54.03 -68.34
N ASN L 378 36.30 -54.59 -69.46
CA ASN L 378 36.44 -53.84 -70.70
C ASN L 378 35.11 -53.72 -71.43
N GLY L 379 34.27 -54.76 -71.36
CA GLY L 379 33.13 -54.91 -72.23
C GLY L 379 31.97 -53.94 -72.03
N PHE L 380 31.29 -54.03 -70.89
CA PHE L 380 30.06 -53.28 -70.69
C PHE L 380 30.29 -51.79 -70.51
N VAL L 381 31.42 -51.40 -69.91
CA VAL L 381 31.62 -49.99 -69.57
C VAL L 381 31.92 -49.15 -70.80
N ASN L 382 32.37 -49.77 -71.89
CA ASN L 382 32.83 -49.05 -73.06
C ASN L 382 31.74 -48.86 -74.10
N ALA L 383 30.49 -49.12 -73.74
CA ALA L 383 29.40 -48.74 -74.61
C ALA L 383 29.29 -47.23 -74.67
N ALA L 384 28.75 -46.73 -75.79
CA ALA L 384 28.64 -45.31 -76.12
C ALA L 384 30.03 -44.63 -76.12
N PHE L 385 30.83 -45.08 -77.09
CA PHE L 385 32.14 -44.51 -77.44
C PHE L 385 33.16 -44.65 -76.31
N GLY L 386 33.31 -45.88 -75.82
CA GLY L 386 34.40 -46.17 -74.91
C GLY L 386 35.60 -46.75 -75.64
N GLN L 387 36.07 -46.06 -76.68
CA GLN L 387 37.06 -46.64 -77.58
C GLN L 387 38.42 -46.80 -76.89
N ASP L 388 39.09 -47.92 -77.19
CA ASP L 388 40.25 -48.37 -76.41
C ASP L 388 41.35 -48.81 -77.36
N LYS L 389 42.45 -48.07 -77.39
CA LYS L 389 43.68 -48.51 -78.01
C LYS L 389 44.63 -49.00 -76.92
N LEU L 390 44.94 -50.30 -76.95
CA LEU L 390 45.76 -51.07 -76.01
C LEU L 390 45.15 -51.17 -74.61
N LEU L 391 43.94 -50.63 -74.38
CA LEU L 391 43.20 -50.97 -73.17
C LEU L 391 42.41 -52.26 -73.36
N THR L 392 42.43 -52.82 -74.56
CA THR L 392 41.91 -54.15 -74.85
C THR L 392 42.99 -55.23 -74.72
N ASP L 393 44.11 -54.92 -74.05
CA ASP L 393 45.19 -55.91 -73.94
C ASP L 393 44.85 -57.02 -72.98
N ASP L 394 43.90 -56.80 -72.06
CA ASP L 394 43.36 -57.92 -71.30
C ASP L 394 42.59 -58.87 -72.20
N GLY L 395 41.93 -58.33 -73.24
CA GLY L 395 41.39 -59.19 -74.27
C GLY L 395 42.46 -59.74 -75.18
N ASN L 396 43.42 -58.89 -75.59
CA ASN L 396 44.42 -59.25 -76.61
C ASN L 396 45.32 -60.39 -76.15
N LYS L 397 45.65 -60.42 -74.87
CA LYS L 397 46.39 -61.57 -74.35
C LYS L 397 45.48 -62.79 -74.24
N TRP L 398 44.27 -62.60 -73.72
CA TRP L 398 43.33 -63.71 -73.55
C TRP L 398 42.72 -64.16 -74.86
N LEU L 399 42.73 -63.32 -75.90
CA LEU L 399 42.35 -63.77 -77.23
C LEU L 399 43.34 -64.79 -77.76
N TYR L 400 44.61 -64.62 -77.41
CA TYR L 400 45.68 -65.49 -77.87
C TYR L 400 46.16 -66.46 -76.80
N LYS L 401 45.32 -66.78 -75.81
CA LYS L 401 45.73 -67.67 -74.73
C LYS L 401 44.94 -68.97 -74.68
N ASN L 402 43.63 -68.93 -74.50
CA ASN L 402 42.78 -70.13 -74.50
C ASN L 402 41.33 -69.72 -74.75
N LYS L 403 40.40 -70.62 -74.40
CA LYS L 403 38.96 -70.35 -74.29
C LYS L 403 38.37 -69.92 -75.63
N ASP L 404 38.18 -70.92 -76.51
CA ASP L 404 37.69 -70.70 -77.87
C ASP L 404 36.39 -69.90 -77.91
N HIS L 405 35.45 -70.20 -77.03
CA HIS L 405 34.22 -69.40 -76.97
C HIS L 405 34.49 -68.02 -76.39
N GLY L 406 35.52 -67.89 -75.55
CA GLY L 406 35.97 -66.58 -75.10
C GLY L 406 36.86 -65.85 -76.08
N MET L 407 37.51 -66.58 -77.00
CA MET L 407 38.06 -65.93 -78.18
C MET L 407 36.95 -65.34 -79.03
N LEU L 408 35.83 -66.05 -79.11
CA LEU L 408 34.63 -65.49 -79.74
C LEU L 408 34.04 -64.36 -78.92
N SER L 409 34.10 -64.48 -77.60
CA SER L 409 33.43 -63.50 -76.73
C SER L 409 34.20 -62.17 -76.69
N ALA L 410 35.52 -62.25 -76.54
CA ALA L 410 36.31 -61.02 -76.50
C ALA L 410 36.32 -60.29 -77.84
N ALA L 411 36.20 -61.03 -78.93
CA ALA L 411 36.06 -60.39 -80.23
C ALA L 411 34.66 -59.83 -80.43
N ALA L 412 33.65 -60.45 -79.81
CA ALA L 412 32.29 -59.92 -79.88
C ALA L 412 32.06 -58.77 -78.92
N SER L 413 32.94 -58.59 -77.94
CA SER L 413 32.82 -57.46 -77.03
C SER L 413 33.20 -56.15 -77.69
N LEU L 414 34.00 -56.20 -78.77
CA LEU L 414 34.46 -54.99 -79.43
C LEU L 414 33.33 -54.27 -80.15
N GLY L 415 32.30 -55.00 -80.59
CA GLY L 415 31.17 -54.37 -81.23
C GLY L 415 30.31 -53.56 -80.28
N MET L 416 30.21 -54.01 -79.02
CA MET L 416 29.54 -53.21 -78.02
C MET L 416 30.35 -52.00 -77.60
N ILE L 417 31.67 -52.04 -77.79
CA ILE L 417 32.52 -50.90 -77.49
C ILE L 417 32.25 -49.77 -78.48
N LEU L 418 32.24 -50.09 -79.76
CA LEU L 418 31.89 -49.10 -80.78
C LEU L 418 30.44 -49.34 -81.15
N LEU L 419 29.54 -48.75 -80.38
CA LEU L 419 28.11 -48.92 -80.57
C LEU L 419 27.54 -47.73 -81.33
N TRP L 420 26.53 -48.01 -82.16
CA TRP L 420 25.85 -47.04 -83.02
C TRP L 420 26.82 -46.33 -83.96
N ASP L 421 27.70 -47.09 -84.62
CA ASP L 421 28.78 -46.49 -85.37
C ASP L 421 28.82 -46.98 -86.81
N VAL L 422 29.21 -46.08 -87.72
CA VAL L 422 29.33 -46.42 -89.14
C VAL L 422 30.63 -45.84 -89.68
N ASP L 423 31.25 -44.92 -88.94
CA ASP L 423 32.33 -44.11 -89.50
C ASP L 423 33.65 -44.86 -89.56
N GLY L 424 34.04 -45.51 -88.46
CA GLY L 424 35.31 -46.22 -88.42
C GLY L 424 35.20 -47.50 -87.64
N GLY L 425 33.98 -48.02 -87.53
CA GLY L 425 33.76 -49.23 -86.76
C GLY L 425 34.34 -50.45 -87.43
N LEU L 426 34.29 -50.50 -88.76
CA LEU L 426 34.94 -51.60 -89.47
C LEU L 426 36.45 -51.46 -89.46
N THR L 427 36.95 -50.22 -89.35
CA THR L 427 38.40 -50.00 -89.33
C THR L 427 39.04 -50.53 -88.06
N GLN L 428 38.26 -50.59 -86.97
CA GLN L 428 38.80 -51.11 -85.72
C GLN L 428 38.82 -52.63 -85.71
N ILE L 429 37.89 -53.26 -86.44
CA ILE L 429 37.81 -54.71 -86.44
C ILE L 429 38.95 -55.31 -87.25
N ASP L 430 39.34 -54.63 -88.34
CA ASP L 430 40.21 -55.22 -89.36
C ASP L 430 41.61 -55.50 -88.83
N LYS L 431 42.12 -54.63 -87.95
CA LYS L 431 43.42 -54.89 -87.35
C LYS L 431 43.36 -56.05 -86.36
N TYR L 432 42.20 -56.28 -85.76
CA TYR L 432 41.99 -57.41 -84.87
C TYR L 432 41.28 -58.58 -85.55
N LEU L 433 41.11 -58.50 -86.87
CA LEU L 433 40.42 -59.55 -87.61
C LEU L 433 41.38 -60.63 -88.12
N TYR L 434 42.50 -60.22 -88.70
CA TYR L 434 43.36 -61.15 -89.43
C TYR L 434 44.24 -61.91 -88.44
N SER L 435 43.60 -62.90 -87.80
CA SER L 435 44.31 -63.91 -87.03
C SER L 435 44.10 -65.31 -87.58
N SER L 436 43.29 -65.45 -88.63
CA SER L 436 43.06 -66.70 -89.36
C SER L 436 42.48 -67.79 -88.45
N GLU L 437 41.61 -67.40 -87.53
CA GLU L 437 41.02 -68.34 -86.59
C GLU L 437 39.51 -68.40 -86.75
N ASP L 438 38.95 -69.59 -86.53
CA ASP L 438 37.51 -69.77 -86.60
C ASP L 438 36.80 -69.00 -85.48
N TYR L 439 37.45 -68.90 -84.32
CA TYR L 439 36.79 -68.28 -83.18
C TYR L 439 37.03 -66.78 -83.12
N ILE L 440 38.16 -66.30 -83.65
CA ILE L 440 38.47 -64.88 -83.55
C ILE L 440 37.70 -64.08 -84.58
N LYS L 441 37.69 -64.55 -85.84
CA LYS L 441 37.00 -63.81 -86.89
C LYS L 441 35.49 -63.85 -86.74
N SER L 442 34.94 -65.04 -86.43
CA SER L 442 33.49 -65.17 -86.30
C SER L 442 32.97 -64.50 -85.02
N GLY L 443 33.84 -64.15 -84.08
CA GLY L 443 33.47 -63.27 -83.01
C GLY L 443 33.60 -61.82 -83.46
N ALA L 444 34.60 -61.55 -84.30
CA ALA L 444 34.83 -60.19 -84.77
C ALA L 444 33.85 -59.78 -85.86
N LEU L 445 33.59 -60.67 -86.81
CA LEU L 445 32.65 -60.35 -87.89
C LEU L 445 31.20 -60.38 -87.44
N LEU L 446 30.90 -61.13 -86.38
CA LEU L 446 29.59 -60.99 -85.75
C LEU L 446 29.48 -59.63 -85.05
N ALA L 447 30.59 -59.13 -84.51
CA ALA L 447 30.59 -57.81 -83.89
C ALA L 447 30.47 -56.69 -84.91
N CYS L 448 30.79 -56.97 -86.18
CA CYS L 448 30.59 -55.98 -87.24
C CYS L 448 29.10 -55.69 -87.44
N GLY L 449 28.25 -56.72 -87.32
CA GLY L 449 26.82 -56.49 -87.38
C GLY L 449 26.29 -55.72 -86.20
N ILE L 450 27.01 -55.77 -85.07
CA ILE L 450 26.63 -55.01 -83.88
C ILE L 450 26.96 -53.53 -84.05
N VAL L 451 28.05 -53.22 -84.75
CA VAL L 451 28.51 -51.84 -84.87
C VAL L 451 27.55 -51.03 -85.74
N ASN L 452 27.19 -51.57 -86.90
CA ASN L 452 26.28 -50.90 -87.83
C ASN L 452 24.81 -51.15 -87.50
N SER L 453 24.50 -51.60 -86.30
CA SER L 453 23.11 -51.84 -85.92
C SER L 453 22.39 -50.52 -85.70
N GLY L 454 21.17 -50.43 -86.22
CA GLY L 454 20.43 -49.19 -86.23
C GLY L 454 20.77 -48.23 -87.34
N VAL L 455 21.84 -48.49 -88.09
CA VAL L 455 22.23 -47.64 -89.21
C VAL L 455 21.41 -47.96 -90.46
N ARG L 456 21.39 -49.25 -90.80
CA ARG L 456 20.75 -49.86 -91.99
C ARG L 456 21.07 -49.14 -93.31
N ASN L 457 22.20 -48.43 -93.37
CA ASN L 457 22.67 -47.82 -94.62
C ASN L 457 23.45 -48.88 -95.39
N GLU L 458 24.19 -48.47 -96.42
CA GLU L 458 25.08 -49.42 -97.08
C GLU L 458 26.31 -49.60 -96.20
N CYS L 459 26.37 -50.73 -95.51
CA CYS L 459 27.61 -51.16 -94.88
C CYS L 459 28.03 -52.52 -95.39
N ASP L 460 27.15 -53.52 -95.29
CA ASP L 460 27.31 -54.85 -95.86
C ASP L 460 25.96 -55.57 -95.95
N PRO L 461 25.12 -55.24 -96.94
CA PRO L 461 23.90 -56.06 -97.12
C PRO L 461 24.22 -57.46 -97.63
N ALA L 462 25.21 -57.58 -98.50
CA ALA L 462 25.77 -58.87 -98.89
C ALA L 462 27.29 -58.79 -99.04
N LEU L 463 27.90 -57.75 -98.49
CA LEU L 463 29.32 -57.48 -98.74
C LEU L 463 30.21 -58.33 -97.84
N ALA L 464 30.13 -58.10 -96.53
CA ALA L 464 31.11 -58.67 -95.61
C ALA L 464 30.66 -60.01 -95.04
N LEU L 465 29.52 -60.01 -94.34
CA LEU L 465 29.08 -61.21 -93.64
C LEU L 465 28.50 -62.27 -94.56
N LEU L 466 28.05 -61.88 -95.75
CA LEU L 466 27.68 -62.90 -96.74
C LEU L 466 28.93 -63.55 -97.33
N SER L 467 30.00 -62.76 -97.49
CA SER L 467 31.29 -63.34 -97.86
C SER L 467 31.88 -64.15 -96.72
N ASP L 468 31.56 -63.79 -95.47
CA ASP L 468 31.93 -64.61 -94.33
C ASP L 468 31.17 -65.93 -94.32
N TYR L 469 29.90 -65.91 -94.72
CA TYR L 469 29.07 -67.09 -94.55
C TYR L 469 29.40 -68.17 -95.55
N VAL L 470 29.77 -67.79 -96.78
CA VAL L 470 30.02 -68.74 -97.86
C VAL L 470 31.34 -69.48 -97.68
N LEU L 471 32.11 -69.08 -96.68
CA LEU L 471 33.35 -69.76 -96.29
C LEU L 471 33.06 -71.07 -95.54
N HIS L 472 31.80 -71.37 -95.25
CA HIS L 472 31.47 -72.44 -94.31
C HIS L 472 31.73 -73.82 -94.90
N ASN L 473 32.53 -74.60 -94.16
CA ASN L 473 32.54 -76.06 -94.21
C ASN L 473 32.76 -76.61 -92.80
N SER L 474 32.43 -75.82 -91.78
CA SER L 474 33.12 -75.91 -90.51
C SER L 474 32.22 -75.30 -89.43
N ASN L 475 32.84 -74.87 -88.34
CA ASN L 475 32.23 -74.25 -87.17
C ASN L 475 31.86 -72.80 -87.49
N THR L 476 31.82 -71.93 -86.46
CA THR L 476 31.09 -70.66 -86.37
C THR L 476 31.19 -69.67 -87.53
N MET L 477 32.11 -69.90 -88.48
CA MET L 477 31.93 -69.31 -89.81
C MET L 477 30.58 -69.71 -90.40
N ARG L 478 30.18 -70.97 -90.18
CA ARG L 478 28.83 -71.41 -90.50
C ARG L 478 27.79 -70.72 -89.60
N LEU L 479 28.12 -70.47 -88.34
CA LEU L 479 27.14 -69.99 -87.37
C LEU L 479 27.15 -68.48 -87.22
N GLY L 480 28.29 -67.89 -86.83
CA GLY L 480 28.32 -66.50 -86.42
C GLY L 480 28.22 -65.48 -87.53
N SER L 481 28.09 -65.91 -88.78
CA SER L 481 28.01 -64.97 -89.89
C SER L 481 26.58 -64.56 -90.22
N ILE L 482 25.60 -65.43 -89.94
CA ILE L 482 24.22 -65.04 -90.18
C ILE L 482 23.67 -64.16 -89.06
N PHE L 483 24.33 -64.15 -87.90
CA PHE L 483 23.73 -63.53 -86.73
C PHE L 483 23.86 -62.01 -86.76
N GLY L 484 25.03 -61.49 -87.16
CA GLY L 484 25.26 -60.06 -87.08
C GLY L 484 24.45 -59.26 -88.07
N LEU L 485 24.25 -59.81 -89.27
CA LEU L 485 23.53 -59.08 -90.30
C LEU L 485 22.03 -59.03 -90.01
N GLY L 486 21.48 -60.15 -89.54
CA GLY L 486 20.09 -60.15 -89.09
C GLY L 486 19.88 -59.30 -87.85
N LEU L 487 20.92 -59.16 -87.03
CA LEU L 487 20.90 -58.18 -85.95
C LEU L 487 20.98 -56.76 -86.51
N ALA L 488 21.78 -56.57 -87.57
CA ALA L 488 21.95 -55.23 -88.12
C ALA L 488 20.71 -54.80 -88.92
N TYR L 489 20.05 -55.75 -89.57
CA TYR L 489 18.86 -55.47 -90.37
C TYR L 489 17.60 -56.02 -89.71
N ALA L 490 17.54 -55.95 -88.38
CA ALA L 490 16.36 -56.43 -87.66
C ALA L 490 15.19 -55.49 -87.84
N GLY L 491 15.44 -54.19 -87.76
CA GLY L 491 14.37 -53.21 -87.86
C GLY L 491 13.78 -53.05 -89.24
N SER L 492 14.46 -53.58 -90.26
CA SER L 492 13.94 -53.56 -91.62
C SER L 492 13.08 -54.79 -91.87
N ASN L 493 12.25 -54.70 -92.90
CA ASN L 493 11.52 -55.84 -93.43
C ASN L 493 11.93 -56.08 -94.87
N ARG L 494 13.24 -56.01 -95.13
CA ARG L 494 13.75 -56.25 -96.46
C ARG L 494 13.63 -57.73 -96.80
N GLU L 495 13.22 -58.01 -98.03
CA GLU L 495 12.92 -59.37 -98.46
C GLU L 495 14.14 -60.06 -99.07
N ASP L 496 15.08 -59.30 -99.62
CA ASP L 496 16.12 -59.88 -100.45
C ASP L 496 17.12 -60.71 -99.63
N VAL L 497 17.70 -60.12 -98.59
CA VAL L 497 18.72 -60.85 -97.83
C VAL L 497 18.10 -61.88 -96.90
N LEU L 498 16.79 -61.77 -96.64
CA LEU L 498 16.03 -62.88 -96.08
C LEU L 498 16.09 -64.08 -97.00
N THR L 499 15.94 -63.85 -98.30
CA THR L 499 16.07 -64.92 -99.30
C THR L 499 17.52 -65.26 -99.60
N LEU L 500 18.47 -64.38 -99.24
CA LEU L 500 19.86 -64.80 -99.23
C LEU L 500 20.13 -65.80 -98.11
N LEU L 501 19.40 -65.66 -97.00
CA LEU L 501 19.64 -66.47 -95.82
C LEU L 501 18.55 -67.50 -95.56
N LEU L 502 17.57 -67.60 -96.44
CA LEU L 502 16.64 -68.74 -96.40
C LEU L 502 17.28 -70.06 -96.84
N PRO L 503 18.23 -70.11 -97.81
CA PRO L 503 18.97 -71.37 -98.01
C PRO L 503 19.89 -71.77 -96.86
N VAL L 504 20.10 -70.92 -95.85
CA VAL L 504 20.69 -71.41 -94.60
C VAL L 504 19.72 -72.40 -93.94
N MET L 505 18.43 -72.04 -93.92
CA MET L 505 17.41 -72.97 -93.46
C MET L 505 17.22 -74.11 -94.46
N GLY L 506 17.33 -73.80 -95.75
CA GLY L 506 17.15 -74.79 -96.79
C GLY L 506 18.36 -75.62 -97.12
N ASP L 507 19.47 -75.44 -96.40
CA ASP L 507 20.66 -76.26 -96.65
C ASP L 507 20.45 -77.68 -96.12
N SER L 508 19.84 -77.79 -94.94
CA SER L 508 19.74 -79.01 -94.12
C SER L 508 21.11 -79.61 -93.79
N LYS L 509 22.17 -78.81 -93.85
CA LYS L 509 23.45 -79.15 -93.23
C LYS L 509 23.22 -79.14 -91.72
N SER L 510 23.39 -80.30 -91.09
CA SER L 510 22.70 -80.59 -89.84
C SER L 510 23.42 -80.07 -88.60
N SER L 511 24.21 -79.00 -88.73
CA SER L 511 24.72 -78.29 -87.56
C SER L 511 23.54 -77.65 -86.83
N MET L 512 23.18 -78.21 -85.68
CA MET L 512 21.91 -77.90 -85.05
C MET L 512 21.90 -76.49 -84.45
N GLU L 513 23.04 -76.05 -83.92
CA GLU L 513 23.11 -74.70 -83.35
C GLU L 513 23.10 -73.63 -84.42
N VAL L 514 23.40 -73.96 -85.66
CA VAL L 514 23.38 -72.98 -86.74
C VAL L 514 21.96 -72.74 -87.22
N ALA L 515 21.21 -73.83 -87.46
CA ALA L 515 19.83 -73.69 -87.89
C ALA L 515 18.93 -73.17 -86.77
N GLY L 516 19.34 -73.34 -85.51
CA GLY L 516 18.57 -72.79 -84.42
C GLY L 516 18.67 -71.27 -84.35
N VAL L 517 19.89 -70.73 -84.47
CA VAL L 517 20.05 -69.27 -84.50
C VAL L 517 19.70 -68.68 -85.85
N THR L 518 19.51 -69.53 -86.87
CA THR L 518 18.98 -69.04 -88.14
C THR L 518 17.54 -68.57 -88.00
N ALA L 519 16.72 -69.35 -87.29
CA ALA L 519 15.37 -68.91 -86.96
C ALA L 519 15.38 -67.71 -86.02
N LEU L 520 16.43 -67.60 -85.20
CA LEU L 520 16.59 -66.40 -84.38
C LEU L 520 16.97 -65.20 -85.24
N ALA L 521 17.79 -65.42 -86.27
CA ALA L 521 18.26 -64.30 -87.10
C ALA L 521 17.15 -63.78 -88.00
N CYS L 522 16.46 -64.68 -88.70
CA CYS L 522 15.41 -64.24 -89.62
C CYS L 522 14.17 -63.78 -88.87
N GLY L 523 13.95 -64.30 -87.66
CA GLY L 523 12.83 -63.85 -86.85
C GLY L 523 12.98 -62.42 -86.39
N MET L 524 14.23 -61.98 -86.17
CA MET L 524 14.49 -60.59 -85.79
C MET L 524 14.16 -59.62 -86.92
N ILE L 525 14.09 -60.09 -88.16
CA ILE L 525 13.88 -59.18 -89.28
C ILE L 525 12.39 -58.88 -89.47
N ALA L 526 11.58 -59.91 -89.73
CA ALA L 526 10.19 -59.72 -90.10
C ALA L 526 9.25 -60.09 -88.96
N VAL L 527 8.12 -59.38 -88.89
CA VAL L 527 7.07 -59.65 -87.91
C VAL L 527 5.71 -59.87 -88.54
N GLY L 528 5.56 -59.61 -89.83
CA GLY L 528 4.26 -59.65 -90.49
C GLY L 528 4.11 -60.76 -91.50
N SER L 529 4.35 -60.39 -92.76
CA SER L 529 4.18 -61.26 -93.92
C SER L 529 5.31 -62.25 -94.08
N CYS L 530 5.46 -62.79 -95.29
CA CYS L 530 6.42 -63.83 -95.67
C CYS L 530 6.16 -65.12 -94.89
N ASN L 531 5.02 -65.74 -95.23
CA ASN L 531 4.67 -67.07 -94.77
C ASN L 531 5.66 -68.13 -95.24
N GLY L 532 6.45 -67.84 -96.29
CA GLY L 532 7.50 -68.74 -96.73
C GLY L 532 8.61 -68.96 -95.72
N ASP L 533 8.81 -68.00 -94.79
CA ASP L 533 9.65 -68.27 -93.64
C ASP L 533 9.04 -69.33 -92.76
N VAL L 534 7.76 -69.17 -92.42
CA VAL L 534 7.02 -70.15 -91.62
C VAL L 534 6.90 -71.48 -92.37
N THR L 535 6.93 -71.43 -93.70
CA THR L 535 7.09 -72.65 -94.48
C THR L 535 8.48 -73.25 -94.29
N SER L 536 9.53 -72.45 -94.50
CA SER L 536 10.89 -72.98 -94.57
C SER L 536 11.37 -73.52 -93.22
N THR L 537 10.93 -72.90 -92.13
CA THR L 537 11.30 -73.38 -90.80
C THR L 537 10.69 -74.76 -90.51
N ILE L 538 9.38 -74.91 -90.74
CA ILE L 538 8.72 -76.15 -90.33
C ILE L 538 9.06 -77.33 -91.23
N LEU L 539 9.64 -77.09 -92.40
CA LEU L 539 10.11 -78.19 -93.23
C LEU L 539 11.27 -78.91 -92.56
N GLN L 540 12.30 -78.17 -92.15
CA GLN L 540 13.41 -78.78 -91.43
C GLN L 540 13.00 -79.24 -90.03
N THR L 541 11.98 -78.62 -89.44
CA THR L 541 11.50 -79.04 -88.13
C THR L 541 10.88 -80.43 -88.19
N ILE L 542 10.06 -80.69 -89.21
CA ILE L 542 9.50 -82.03 -89.38
C ILE L 542 10.58 -83.01 -89.80
N MET L 543 11.64 -82.53 -90.47
CA MET L 543 12.73 -83.44 -90.82
C MET L 543 13.55 -83.84 -89.59
N GLU L 544 13.83 -82.90 -88.69
CA GLU L 544 14.80 -83.15 -87.63
C GLU L 544 14.17 -83.40 -86.27
N LYS L 545 13.24 -82.54 -85.83
CA LYS L 545 12.67 -82.66 -84.50
C LYS L 545 11.72 -83.85 -84.39
N SER L 546 11.12 -84.29 -85.49
CA SER L 546 10.30 -85.50 -85.44
C SER L 546 11.14 -86.74 -85.22
N GLU L 547 12.37 -86.76 -85.74
CA GLU L 547 13.26 -87.90 -85.52
C GLU L 547 14.18 -87.68 -84.33
N THR L 548 13.60 -87.23 -83.22
CA THR L 548 14.30 -87.01 -81.95
C THR L 548 13.25 -86.76 -80.88
N GLU L 549 13.67 -86.91 -79.63
CA GLU L 549 12.89 -86.53 -78.45
C GLU L 549 13.81 -85.85 -77.45
N LEU L 550 14.65 -84.95 -77.95
CA LEU L 550 15.84 -84.50 -77.24
C LEU L 550 15.86 -82.99 -77.03
N LYS L 551 17.07 -82.48 -76.72
CA LYS L 551 17.35 -81.20 -76.07
C LYS L 551 16.65 -79.97 -76.63
N ASP L 552 16.56 -78.93 -75.81
CA ASP L 552 15.82 -77.72 -76.12
C ASP L 552 16.50 -76.82 -77.14
N THR L 553 17.67 -77.21 -77.65
CA THR L 553 18.23 -76.57 -78.84
C THR L 553 17.25 -76.66 -80.02
N TYR L 554 16.55 -77.80 -80.12
CA TYR L 554 15.37 -77.89 -80.97
C TYR L 554 14.29 -76.91 -80.53
N ALA L 555 14.03 -76.85 -79.23
CA ALA L 555 12.80 -76.26 -78.72
C ALA L 555 12.92 -74.77 -78.40
N ARG L 556 14.09 -74.28 -77.99
CA ARG L 556 14.24 -72.88 -77.60
C ARG L 556 14.56 -71.96 -78.75
N TRP L 557 14.84 -72.48 -79.93
CA TRP L 557 15.36 -71.65 -81.01
C TRP L 557 14.53 -71.69 -82.27
N LEU L 558 13.97 -72.84 -82.60
CA LEU L 558 13.22 -72.97 -83.84
C LEU L 558 11.79 -72.42 -83.78
N PRO L 559 10.94 -72.70 -82.76
CA PRO L 559 9.59 -72.11 -82.79
C PRO L 559 9.56 -70.63 -82.44
N LEU L 560 10.69 -70.06 -82.01
CA LEU L 560 10.68 -68.70 -81.49
C LEU L 560 10.64 -67.68 -82.63
N GLY L 561 11.44 -67.88 -83.67
CA GLY L 561 11.42 -66.98 -84.81
C GLY L 561 10.10 -67.03 -85.59
N LEU L 562 9.38 -68.14 -85.46
CA LEU L 562 7.99 -68.19 -85.89
C LEU L 562 7.15 -67.15 -85.16
N GLY L 563 7.24 -67.16 -83.82
CA GLY L 563 6.54 -66.17 -83.04
C GLY L 563 7.11 -64.78 -83.20
N LEU L 564 8.39 -64.69 -83.58
CA LEU L 564 8.95 -63.39 -83.95
C LEU L 564 8.40 -62.92 -85.29
N ASN L 565 8.12 -63.86 -86.20
CA ASN L 565 7.48 -63.53 -87.46
C ASN L 565 5.97 -63.37 -87.32
N HIS L 566 5.41 -63.68 -86.16
CA HIS L 566 3.99 -63.46 -85.92
C HIS L 566 3.76 -62.86 -84.53
N LEU L 567 4.51 -61.82 -84.23
CA LEU L 567 4.36 -61.13 -82.96
C LEU L 567 3.33 -60.01 -83.08
N GLY L 568 2.56 -59.83 -82.02
CA GLY L 568 1.78 -58.62 -81.81
C GLY L 568 0.48 -58.46 -82.58
N LYS L 569 -0.47 -59.39 -82.38
CA LYS L 569 -1.82 -59.25 -82.91
C LYS L 569 -2.78 -60.16 -82.14
N GLY L 570 -3.89 -59.59 -81.68
CA GLY L 570 -4.83 -60.34 -80.87
C GLY L 570 -5.95 -60.93 -81.70
N GLU L 571 -5.67 -61.18 -82.98
CA GLU L 571 -6.69 -61.63 -83.90
C GLU L 571 -7.09 -63.09 -83.67
N ALA L 572 -6.21 -63.88 -83.04
CA ALA L 572 -6.37 -65.33 -82.85
C ALA L 572 -6.54 -66.07 -84.18
N ILE L 573 -5.94 -65.56 -85.25
CA ILE L 573 -5.81 -66.30 -86.50
C ILE L 573 -4.46 -67.00 -86.58
N GLU L 574 -3.40 -66.34 -86.11
CA GLU L 574 -2.07 -66.92 -86.12
C GLU L 574 -1.96 -68.10 -85.16
N ALA L 575 -2.82 -68.15 -84.14
CA ALA L 575 -2.94 -69.35 -83.34
C ALA L 575 -3.59 -70.47 -84.14
N ILE L 576 -4.62 -70.14 -84.93
CA ILE L 576 -5.26 -71.14 -85.78
C ILE L 576 -4.31 -71.58 -86.89
N LEU L 577 -3.46 -70.67 -87.37
CA LEU L 577 -2.48 -71.02 -88.39
C LEU L 577 -1.42 -71.96 -87.83
N ALA L 578 -0.74 -71.55 -86.77
CA ALA L 578 0.49 -72.23 -86.36
C ALA L 578 0.23 -73.50 -85.57
N ALA L 579 -0.83 -73.53 -84.74
CA ALA L 579 -1.05 -74.70 -83.90
C ALA L 579 -1.63 -75.86 -84.69
N LEU L 580 -2.44 -75.58 -85.71
CA LEU L 580 -2.91 -76.61 -86.63
C LEU L 580 -1.83 -77.02 -87.63
N GLU L 581 -0.73 -76.28 -87.69
CA GLU L 581 0.33 -76.54 -88.65
C GLU L 581 1.28 -77.62 -88.18
N VAL L 582 1.50 -77.70 -86.87
CA VAL L 582 2.48 -78.62 -86.29
C VAL L 582 1.68 -79.53 -85.36
N VAL L 583 0.50 -79.94 -85.79
CA VAL L 583 -0.24 -81.01 -85.12
C VAL L 583 0.64 -82.25 -85.05
N SER L 584 1.02 -82.65 -83.85
CA SER L 584 2.20 -83.48 -83.63
C SER L 584 2.21 -83.99 -82.19
N GLU L 585 3.29 -84.67 -81.84
CA GLU L 585 3.47 -85.24 -80.51
C GLU L 585 3.75 -84.12 -79.50
N PRO L 586 3.47 -84.33 -78.20
CA PRO L 586 3.52 -83.22 -77.24
C PRO L 586 4.90 -82.61 -77.00
N PHE L 587 5.99 -83.30 -77.34
CA PHE L 587 7.29 -82.63 -77.25
C PHE L 587 7.53 -81.73 -78.45
N ARG L 588 6.84 -81.97 -79.57
CA ARG L 588 6.74 -80.99 -80.63
C ARG L 588 5.55 -80.05 -80.44
N SER L 589 4.55 -80.46 -79.65
CA SER L 589 3.51 -79.54 -79.20
C SER L 589 3.93 -78.76 -77.97
N PHE L 590 5.21 -78.84 -77.60
CA PHE L 590 5.84 -77.79 -76.81
C PHE L 590 5.73 -76.44 -77.50
N ALA L 591 5.81 -76.43 -78.84
CA ALA L 591 5.69 -75.24 -79.66
C ALA L 591 4.26 -74.71 -79.77
N ASN L 592 3.29 -75.33 -79.09
CA ASN L 592 1.93 -74.81 -79.09
C ASN L 592 1.86 -73.47 -78.39
N THR L 593 2.50 -73.37 -77.22
CA THR L 593 2.40 -72.17 -76.40
C THR L 593 3.26 -71.02 -76.91
N LEU L 594 4.10 -71.25 -77.93
CA LEU L 594 4.99 -70.19 -78.39
C LEU L 594 4.25 -69.16 -79.23
N VAL L 595 3.77 -69.58 -80.41
CA VAL L 595 3.21 -68.63 -81.36
C VAL L 595 1.78 -68.25 -80.98
N ASP L 596 1.19 -68.97 -80.02
CA ASP L 596 -0.08 -68.58 -79.43
C ASP L 596 0.02 -67.20 -78.77
N VAL L 597 1.00 -67.04 -77.90
CA VAL L 597 1.07 -65.86 -77.04
C VAL L 597 2.17 -64.90 -77.50
N CYS L 598 3.03 -65.29 -78.44
CA CYS L 598 3.92 -64.33 -79.07
C CYS L 598 3.15 -63.30 -79.87
N ALA L 599 2.00 -63.67 -80.41
CA ALA L 599 1.10 -62.69 -80.99
C ALA L 599 0.38 -61.84 -79.95
N TYR L 600 0.57 -62.13 -78.66
CA TYR L 600 -0.20 -61.56 -77.56
C TYR L 600 0.74 -60.83 -76.62
N ALA L 601 1.49 -59.86 -77.16
CA ALA L 601 2.49 -59.15 -76.37
C ALA L 601 1.85 -58.33 -75.26
N GLY L 602 0.84 -57.52 -75.59
CA GLY L 602 0.15 -56.78 -74.55
C GLY L 602 -1.17 -56.18 -74.97
N SER L 603 -2.21 -56.48 -74.19
CA SER L 603 -3.58 -56.00 -74.34
C SER L 603 -4.33 -56.44 -73.08
N GLY L 604 -5.65 -56.31 -73.09
CA GLY L 604 -6.45 -57.01 -72.11
C GLY L 604 -7.18 -58.21 -72.67
N ASN L 605 -6.66 -59.42 -72.46
CA ASN L 605 -7.32 -60.62 -72.97
C ASN L 605 -7.28 -61.76 -71.95
N VAL L 606 -7.70 -61.50 -70.70
CA VAL L 606 -7.52 -62.44 -69.59
C VAL L 606 -8.24 -63.79 -69.81
N LEU L 607 -9.15 -63.85 -70.78
CA LEU L 607 -9.63 -65.12 -71.34
C LEU L 607 -8.49 -65.94 -71.95
N LYS L 608 -7.42 -65.30 -72.40
CA LYS L 608 -6.21 -66.05 -72.73
C LYS L 608 -5.41 -66.35 -71.47
N VAL L 609 -5.46 -65.48 -70.47
CA VAL L 609 -4.68 -65.71 -69.26
C VAL L 609 -5.25 -66.88 -68.48
N GLN L 610 -6.56 -67.11 -68.58
CA GLN L 610 -7.12 -68.31 -67.97
C GLN L 610 -6.75 -69.56 -68.77
N GLN L 611 -6.66 -69.49 -70.10
CA GLN L 611 -6.14 -70.67 -70.79
C GLN L 611 -4.62 -70.73 -70.75
N LEU L 612 -3.97 -69.71 -70.18
CA LEU L 612 -2.54 -69.72 -69.92
C LEU L 612 -2.18 -70.47 -68.64
N LEU L 613 -3.15 -70.82 -67.80
CA LEU L 613 -2.80 -71.60 -66.62
C LEU L 613 -3.69 -72.82 -66.39
N HIS L 614 -4.95 -72.76 -66.81
CA HIS L 614 -5.89 -73.80 -66.41
C HIS L 614 -5.67 -75.12 -67.14
N ILE L 615 -5.08 -75.11 -68.33
CA ILE L 615 -4.91 -76.36 -69.07
C ILE L 615 -3.80 -77.20 -68.46
N CYS L 616 -2.56 -76.69 -68.46
CA CYS L 616 -1.43 -77.37 -67.84
C CYS L 616 -1.11 -76.69 -66.52
N SER L 617 -1.92 -77.00 -65.49
CA SER L 617 -1.73 -76.30 -64.22
C SER L 617 -0.60 -76.91 -63.41
N GLU L 618 -0.79 -78.13 -62.88
CA GLU L 618 0.35 -78.85 -62.33
C GLU L 618 0.50 -80.27 -62.85
N HIS L 619 -0.53 -81.11 -62.63
CA HIS L 619 -0.67 -82.52 -63.02
C HIS L 619 0.31 -83.50 -62.37
N PHE L 620 1.28 -82.97 -61.62
CA PHE L 620 2.36 -83.62 -60.85
C PHE L 620 3.43 -84.27 -61.73
N ASP L 621 3.08 -84.55 -63.01
CA ASP L 621 3.91 -84.53 -64.21
C ASP L 621 5.33 -85.06 -64.05
N SER L 622 5.50 -86.37 -63.95
CA SER L 622 6.80 -86.95 -63.62
C SER L 622 7.80 -86.78 -64.76
N LYS L 623 8.29 -85.55 -64.92
CA LYS L 623 9.42 -85.17 -65.78
C LYS L 623 9.13 -85.43 -67.26
N GLU L 624 7.94 -85.04 -67.70
CA GLU L 624 7.58 -85.13 -69.11
C GLU L 624 7.36 -83.77 -69.76
N LYS L 625 6.41 -82.97 -69.28
CA LYS L 625 6.15 -81.65 -69.86
C LYS L 625 6.42 -80.54 -68.85
N GLU L 626 7.42 -80.74 -68.00
CA GLU L 626 7.84 -79.69 -67.07
C GLU L 626 8.40 -78.48 -67.81
N GLU L 627 9.09 -78.71 -68.94
CA GLU L 627 9.51 -77.59 -69.79
C GLU L 627 8.31 -76.91 -70.43
N ASP L 628 7.25 -77.67 -70.72
CA ASP L 628 6.06 -77.09 -71.34
C ASP L 628 5.35 -76.14 -70.39
N LYS L 629 5.32 -76.46 -69.10
CA LYS L 629 4.76 -75.52 -68.13
C LYS L 629 5.73 -74.42 -67.75
N ASP L 630 7.02 -74.60 -68.02
CA ASP L 630 7.97 -73.49 -67.90
C ASP L 630 7.72 -72.46 -68.99
N LYS L 631 7.61 -72.92 -70.23
CA LYS L 631 7.39 -72.01 -71.35
C LYS L 631 5.97 -71.45 -71.34
N LYS L 632 5.02 -72.21 -70.78
CA LYS L 632 3.69 -71.66 -70.55
C LYS L 632 3.74 -70.52 -69.54
N GLU L 633 4.63 -70.63 -68.55
CA GLU L 633 4.83 -69.52 -67.62
C GLU L 633 5.66 -68.41 -68.26
N LYS L 634 6.50 -68.76 -69.23
CA LYS L 634 7.27 -67.76 -69.99
C LYS L 634 6.36 -66.79 -70.73
N LYS L 635 5.20 -67.26 -71.16
CA LYS L 635 4.26 -66.43 -71.89
C LYS L 635 3.28 -65.74 -70.96
N ASP L 636 3.35 -66.02 -69.67
CA ASP L 636 2.71 -65.19 -68.66
C ASP L 636 3.51 -63.92 -68.40
N LYS L 637 4.78 -63.89 -68.83
CA LYS L 637 5.65 -62.76 -68.53
C LYS L 637 5.30 -61.54 -69.38
N ASP L 638 5.01 -61.77 -70.67
CA ASP L 638 4.33 -60.74 -71.42
C ASP L 638 2.83 -60.85 -71.18
N LYS L 639 2.07 -59.92 -71.78
CA LYS L 639 0.70 -59.53 -71.42
C LYS L 639 0.64 -58.95 -69.99
N LYS L 640 1.78 -58.54 -69.47
CA LYS L 640 1.89 -57.98 -68.13
C LYS L 640 2.76 -56.73 -68.08
N GLU L 641 3.67 -56.54 -69.04
CA GLU L 641 4.53 -55.38 -69.08
C GLU L 641 3.84 -54.15 -69.64
N ALA L 642 2.75 -54.32 -70.38
CA ALA L 642 2.03 -53.14 -70.85
C ALA L 642 0.50 -53.17 -70.75
N PRO L 643 -0.10 -53.45 -69.58
CA PRO L 643 -1.36 -52.77 -69.24
C PRO L 643 -1.16 -51.51 -68.42
N ALA L 644 0.07 -51.01 -68.32
CA ALA L 644 0.45 -49.80 -67.57
C ALA L 644 0.11 -49.95 -66.09
N ASP L 645 0.85 -50.84 -65.44
CA ASP L 645 0.90 -51.08 -64.00
C ASP L 645 -0.37 -51.77 -63.52
N MET L 646 -1.17 -52.34 -64.43
CA MET L 646 -2.45 -52.90 -64.03
C MET L 646 -2.34 -54.38 -63.67
N GLY L 647 -1.69 -55.16 -64.50
CA GLY L 647 -1.51 -56.56 -64.21
C GLY L 647 -0.16 -56.80 -63.59
N ALA L 648 0.65 -55.74 -63.51
CA ALA L 648 1.98 -55.84 -62.92
C ALA L 648 1.89 -56.09 -61.42
N HIS L 649 1.02 -55.35 -60.73
CA HIS L 649 0.77 -55.64 -59.32
C HIS L 649 0.03 -56.96 -59.17
N GLN L 650 -0.82 -57.30 -60.14
CA GLN L 650 -1.47 -58.61 -60.11
C GLN L 650 -0.49 -59.73 -60.43
N GLY L 651 0.54 -59.43 -61.22
CA GLY L 651 1.52 -60.45 -61.52
C GLY L 651 2.45 -60.74 -60.36
N VAL L 652 2.87 -59.69 -59.65
CA VAL L 652 3.74 -59.91 -58.49
C VAL L 652 2.95 -60.48 -57.33
N ALA L 653 1.63 -60.31 -57.30
CA ALA L 653 0.84 -60.89 -56.22
C ALA L 653 0.62 -62.38 -56.45
N VAL L 654 0.45 -62.79 -57.70
CA VAL L 654 0.24 -64.20 -58.01
C VAL L 654 1.55 -64.97 -57.88
N LEU L 655 2.57 -64.56 -58.62
CA LEU L 655 3.78 -65.35 -58.78
C LEU L 655 4.65 -65.37 -57.53
N GLY L 656 4.45 -64.43 -56.62
CA GLY L 656 5.15 -64.45 -55.36
C GLY L 656 4.51 -65.41 -54.38
N ILE L 657 3.27 -65.79 -54.66
CA ILE L 657 2.52 -66.66 -53.76
C ILE L 657 2.28 -68.03 -54.38
N ALA L 658 1.86 -68.06 -55.63
CA ALA L 658 1.39 -69.30 -56.23
C ALA L 658 2.54 -70.23 -56.59
N LEU L 659 3.60 -69.71 -57.21
CA LEU L 659 4.64 -70.57 -57.76
C LEU L 659 5.81 -70.78 -56.80
N ILE L 660 6.47 -69.70 -56.39
CA ILE L 660 7.75 -69.80 -55.71
C ILE L 660 7.60 -70.36 -54.30
N ALA L 661 6.42 -70.27 -53.70
CA ALA L 661 6.16 -70.89 -52.41
C ALA L 661 5.62 -72.30 -52.57
N MET L 662 4.52 -72.45 -53.29
CA MET L 662 3.77 -73.71 -53.28
C MET L 662 3.70 -74.31 -54.69
N GLY L 663 4.83 -74.29 -55.40
CA GLY L 663 5.01 -75.04 -56.62
C GLY L 663 6.29 -75.85 -56.52
N GLU L 664 6.57 -76.71 -57.49
CA GLU L 664 7.68 -77.64 -57.37
C GLU L 664 8.81 -77.35 -58.34
N GLU L 665 8.51 -77.37 -59.64
CA GLU L 665 9.51 -77.14 -60.65
C GLU L 665 9.26 -75.87 -61.44
N ILE L 666 8.00 -75.47 -61.60
CA ILE L 666 7.69 -74.24 -62.33
C ILE L 666 8.18 -73.04 -61.51
N GLY L 667 8.00 -73.08 -60.21
CA GLY L 667 8.46 -72.02 -59.34
C GLY L 667 9.95 -72.06 -59.04
N ALA L 668 10.44 -73.20 -58.57
CA ALA L 668 11.78 -73.31 -58.01
C ALA L 668 12.88 -73.47 -59.06
N GLU L 669 12.55 -73.40 -60.35
CA GLU L 669 13.56 -73.47 -61.40
C GLU L 669 13.54 -72.25 -62.30
N MET L 670 12.36 -71.70 -62.57
CA MET L 670 12.16 -70.85 -63.74
C MET L 670 11.38 -69.57 -63.47
N ALA L 671 10.55 -69.49 -62.44
CA ALA L 671 9.52 -68.47 -62.32
C ALA L 671 10.05 -67.10 -61.90
N LEU L 672 11.36 -66.89 -61.89
CA LEU L 672 11.92 -65.60 -61.55
C LEU L 672 12.21 -64.76 -62.78
N ARG L 673 12.18 -65.36 -63.98
CA ARG L 673 12.42 -64.62 -65.20
C ARG L 673 11.28 -63.67 -65.57
N THR L 674 10.16 -63.73 -64.85
CA THR L 674 9.16 -62.68 -64.93
C THR L 674 9.75 -61.36 -64.49
N PHE L 675 10.43 -61.38 -63.34
CA PHE L 675 10.99 -60.16 -62.78
C PHE L 675 12.20 -59.70 -63.58
N GLY L 676 12.87 -60.63 -64.26
CA GLY L 676 13.85 -60.30 -65.27
C GLY L 676 13.26 -59.91 -66.60
N HIS L 677 11.93 -59.86 -66.70
CA HIS L 677 11.25 -59.37 -67.90
C HIS L 677 10.19 -58.32 -67.62
N LEU L 678 9.50 -58.35 -66.48
CA LEU L 678 8.41 -57.41 -66.20
C LEU L 678 8.96 -56.03 -65.87
N LEU L 679 9.77 -55.94 -64.83
CA LEU L 679 10.22 -54.65 -64.34
C LEU L 679 11.70 -54.46 -64.68
N ARG L 680 12.06 -53.23 -65.06
CA ARG L 680 13.39 -52.94 -65.56
C ARG L 680 14.00 -51.71 -64.90
N TYR L 681 13.51 -51.35 -63.73
CA TYR L 681 13.96 -50.17 -63.01
C TYR L 681 14.33 -50.47 -61.57
N GLY L 682 13.69 -51.46 -60.95
CA GLY L 682 14.00 -51.83 -59.59
C GLY L 682 13.21 -51.00 -58.60
N GLU L 683 12.47 -51.69 -57.75
CA GLU L 683 11.76 -51.07 -56.64
C GLU L 683 11.87 -52.05 -55.49
N PRO L 684 11.88 -51.58 -54.24
CA PRO L 684 12.20 -52.48 -53.12
C PRO L 684 11.14 -53.51 -52.79
N THR L 685 10.04 -53.59 -53.53
CA THR L 685 9.15 -54.73 -53.40
C THR L 685 9.81 -55.98 -53.97
N LEU L 686 10.12 -55.97 -55.27
CA LEU L 686 10.71 -57.15 -55.88
C LEU L 686 12.21 -57.21 -55.67
N ARG L 687 12.89 -56.06 -55.53
CA ARG L 687 14.34 -56.08 -55.34
C ARG L 687 14.72 -56.64 -53.96
N ARG L 688 13.78 -56.73 -53.03
CA ARG L 688 14.07 -57.37 -51.76
C ARG L 688 13.47 -58.77 -51.66
N ALA L 689 12.35 -59.03 -52.35
CA ALA L 689 11.71 -60.33 -52.25
C ALA L 689 12.43 -61.41 -53.04
N VAL L 690 13.26 -61.03 -54.00
CA VAL L 690 14.03 -62.01 -54.76
C VAL L 690 15.25 -62.51 -53.96
N PRO L 691 16.07 -61.68 -53.29
CA PRO L 691 17.09 -62.27 -52.39
C PRO L 691 16.51 -62.96 -51.17
N LEU L 692 15.21 -62.81 -50.90
CA LEU L 692 14.47 -63.69 -50.01
C LEU L 692 14.11 -65.00 -50.66
N ALA L 693 14.64 -65.29 -51.86
CA ALA L 693 14.73 -66.64 -52.39
C ALA L 693 16.05 -66.85 -53.13
N LEU L 694 16.95 -65.88 -53.10
CA LEU L 694 18.23 -65.96 -53.78
C LEU L 694 19.43 -66.03 -52.85
N ALA L 695 19.44 -65.23 -51.78
CA ALA L 695 20.44 -65.43 -50.74
C ALA L 695 20.30 -66.82 -50.14
N LEU L 696 19.07 -67.30 -50.00
CA LEU L 696 18.84 -68.73 -49.79
C LEU L 696 18.78 -69.41 -51.14
N ILE L 697 19.91 -70.03 -51.52
CA ILE L 697 20.05 -70.65 -52.83
C ILE L 697 19.19 -71.92 -52.91
N SER L 698 19.00 -72.59 -51.77
CA SER L 698 18.34 -73.91 -51.65
C SER L 698 19.05 -74.94 -52.53
N VAL L 699 20.29 -75.23 -52.12
CA VAL L 699 21.31 -75.91 -52.93
C VAL L 699 20.99 -77.36 -53.27
N SER L 700 19.86 -77.89 -52.78
CA SER L 700 19.49 -79.27 -53.06
C SER L 700 19.15 -79.49 -54.52
N ASN L 701 18.66 -78.46 -55.19
CA ASN L 701 18.32 -78.53 -56.62
C ASN L 701 19.62 -78.39 -57.42
N PRO L 702 19.57 -78.48 -58.77
CA PRO L 702 20.74 -78.05 -59.55
C PRO L 702 20.93 -76.55 -59.45
N ARG L 703 21.59 -76.13 -58.35
CA ARG L 703 21.54 -74.78 -57.77
C ARG L 703 21.82 -73.64 -58.74
N LEU L 704 22.41 -73.92 -59.90
CA LEU L 704 22.55 -72.94 -60.97
C LEU L 704 21.21 -72.53 -61.57
N ASN L 705 20.14 -73.30 -61.32
CA ASN L 705 18.78 -72.81 -61.58
C ASN L 705 18.48 -71.57 -60.77
N ILE L 706 18.78 -71.61 -59.47
CA ILE L 706 18.62 -70.42 -58.65
C ILE L 706 19.74 -69.43 -58.96
N LEU L 707 20.93 -69.93 -59.31
CA LEU L 707 21.96 -69.00 -59.74
C LEU L 707 21.71 -68.48 -61.16
N ASP L 708 20.83 -69.10 -61.94
CA ASP L 708 20.32 -68.39 -63.10
C ASP L 708 19.48 -67.20 -62.69
N THR L 709 18.73 -67.33 -61.61
CA THR L 709 17.93 -66.24 -61.09
C THR L 709 18.76 -65.23 -60.31
N LEU L 710 20.01 -65.57 -60.01
CA LEU L 710 20.97 -64.57 -59.54
C LEU L 710 21.24 -63.55 -60.63
N SER L 711 21.48 -64.03 -61.85
CA SER L 711 22.06 -63.21 -62.91
C SER L 711 21.09 -62.15 -63.38
N LYS L 712 19.88 -62.56 -63.76
CA LYS L 712 18.90 -61.61 -64.25
C LYS L 712 17.92 -61.17 -63.17
N PHE L 713 18.30 -61.30 -61.91
CA PHE L 713 17.81 -60.37 -60.91
C PHE L 713 18.49 -59.02 -61.05
N SER L 714 19.73 -59.01 -61.55
CA SER L 714 20.42 -57.80 -61.93
C SER L 714 20.11 -57.38 -63.36
N HIS L 715 18.95 -57.76 -63.86
CA HIS L 715 18.40 -57.31 -65.14
C HIS L 715 17.58 -56.04 -64.95
N ASP L 716 17.89 -55.31 -63.90
CA ASP L 716 17.38 -53.97 -63.69
C ASP L 716 18.53 -53.01 -63.91
N ALA L 717 18.47 -52.26 -65.01
CA ALA L 717 19.46 -51.24 -65.34
C ALA L 717 19.17 -49.96 -64.56
N ASP L 718 19.74 -48.81 -65.00
CA ASP L 718 19.68 -47.52 -64.30
C ASP L 718 20.26 -47.65 -62.89
N PRO L 719 21.61 -47.57 -62.76
CA PRO L 719 22.34 -47.92 -61.51
C PRO L 719 21.81 -47.35 -60.20
N GLU L 720 21.93 -48.13 -59.13
CA GLU L 720 21.18 -47.90 -57.90
C GLU L 720 22.11 -48.12 -56.71
N VAL L 721 21.49 -48.29 -55.55
CA VAL L 721 22.19 -48.53 -54.29
C VAL L 721 22.31 -50.04 -54.08
N SER L 722 21.89 -50.81 -55.08
CA SER L 722 21.88 -52.26 -55.00
C SER L 722 23.26 -52.90 -55.18
N TYR L 723 24.34 -52.12 -55.15
CA TYR L 723 25.68 -52.70 -55.02
C TYR L 723 25.82 -53.44 -53.69
N ASN L 724 25.09 -53.00 -52.67
CA ASN L 724 25.08 -53.67 -51.38
C ASN L 724 24.55 -55.10 -51.50
N SER L 725 23.56 -55.30 -52.36
CA SER L 725 22.97 -56.63 -52.50
C SER L 725 23.91 -57.57 -53.24
N ILE L 726 24.64 -57.05 -54.22
CA ILE L 726 25.43 -57.93 -55.08
C ILE L 726 26.80 -58.19 -54.48
N PHE L 727 27.45 -57.16 -53.95
CA PHE L 727 28.81 -57.32 -53.44
C PHE L 727 28.83 -58.13 -52.15
N ALA L 728 27.78 -58.03 -51.34
CA ALA L 728 27.68 -58.91 -50.18
C ALA L 728 27.38 -60.34 -50.60
N MET L 729 26.62 -60.51 -51.68
CA MET L 729 26.38 -61.84 -52.20
C MET L 729 27.60 -62.38 -52.94
N GLY L 730 28.41 -61.50 -53.52
CA GLY L 730 29.69 -61.92 -54.06
C GLY L 730 30.69 -62.28 -52.98
N MET L 731 30.52 -61.76 -51.76
CA MET L 731 31.41 -62.11 -50.67
C MET L 731 31.08 -63.48 -50.10
N VAL L 732 29.79 -63.79 -49.94
CA VAL L 732 29.39 -65.13 -49.55
C VAL L 732 29.50 -66.08 -50.74
N GLY L 733 29.51 -65.55 -51.96
CA GLY L 733 29.61 -66.34 -53.16
C GLY L 733 31.01 -66.55 -53.69
N SER L 734 32.04 -66.25 -52.90
CA SER L 734 33.40 -66.54 -53.36
C SER L 734 33.78 -67.98 -53.07
N GLY L 735 33.79 -68.37 -51.80
CA GLY L 735 34.07 -69.73 -51.41
C GLY L 735 32.92 -70.66 -51.74
N THR L 736 31.80 -70.45 -51.05
CA THR L 736 30.55 -71.13 -51.41
C THR L 736 30.01 -70.54 -52.71
N ASN L 737 28.98 -71.21 -53.25
CA ASN L 737 28.37 -70.89 -54.55
C ASN L 737 29.44 -70.83 -55.65
N ASN L 738 30.02 -72.02 -55.90
CA ASN L 738 31.40 -72.18 -56.28
C ASN L 738 31.78 -71.44 -57.56
N ALA L 739 33.02 -70.94 -57.59
CA ALA L 739 33.52 -70.10 -58.67
C ALA L 739 33.78 -70.86 -59.96
N ARG L 740 33.67 -72.19 -59.95
CA ARG L 740 33.84 -72.95 -61.18
C ARG L 740 32.68 -72.73 -62.15
N LEU L 741 31.52 -72.36 -61.63
CA LEU L 741 30.31 -72.30 -62.46
C LEU L 741 29.70 -70.91 -62.54
N ALA L 742 29.99 -70.01 -61.61
CA ALA L 742 29.32 -68.71 -61.61
C ALA L 742 30.23 -67.52 -61.32
N ALA L 743 31.55 -67.69 -61.31
CA ALA L 743 32.42 -66.54 -61.09
C ALA L 743 32.34 -65.55 -62.24
N MET L 744 32.03 -66.03 -63.44
CA MET L 744 31.59 -65.14 -64.49
C MET L 744 30.26 -64.50 -64.13
N LEU L 745 29.34 -65.29 -63.57
CA LEU L 745 27.92 -64.92 -63.53
C LEU L 745 27.65 -63.81 -62.53
N ARG L 746 28.25 -63.88 -61.34
CA ARG L 746 28.02 -62.84 -60.33
C ARG L 746 28.57 -61.50 -60.79
N GLN L 747 29.76 -61.50 -61.39
CA GLN L 747 30.31 -60.27 -61.91
C GLN L 747 29.68 -59.86 -63.23
N LEU L 748 29.09 -60.81 -63.96
CA LEU L 748 28.20 -60.44 -65.05
C LEU L 748 26.99 -59.68 -64.51
N ALA L 749 26.46 -60.14 -63.39
CA ALA L 749 25.35 -59.44 -62.74
C ALA L 749 25.84 -58.14 -62.12
N GLN L 750 27.06 -58.13 -61.60
CA GLN L 750 27.60 -56.94 -60.93
C GLN L 750 27.82 -55.80 -61.91
N TYR L 751 28.38 -56.10 -63.07
CA TYR L 751 28.82 -55.07 -64.00
C TYR L 751 27.71 -54.60 -64.92
N HIS L 752 26.49 -55.12 -64.75
CA HIS L 752 25.43 -54.89 -65.71
C HIS L 752 24.57 -53.68 -65.37
N ALA L 753 24.33 -53.40 -64.09
CA ALA L 753 23.52 -52.24 -63.72
C ALA L 753 24.20 -50.95 -64.12
N LYS L 754 25.48 -50.79 -63.77
CA LYS L 754 26.31 -49.74 -64.33
C LYS L 754 26.87 -50.24 -65.67
N ASP L 755 25.99 -50.26 -66.67
CA ASP L 755 26.44 -50.68 -67.98
C ASP L 755 27.31 -49.58 -68.61
N PRO L 756 26.79 -48.44 -69.15
CA PRO L 756 27.41 -47.16 -68.80
C PRO L 756 26.71 -46.49 -67.64
N ASN L 757 27.13 -45.25 -67.37
CA ASN L 757 26.38 -44.36 -66.51
C ASN L 757 24.95 -44.15 -67.03
N ASN L 758 24.80 -44.11 -68.35
CA ASN L 758 23.52 -43.80 -68.99
C ASN L 758 23.13 -44.94 -69.91
N LEU L 759 22.13 -44.69 -70.77
CA LEU L 759 21.70 -45.59 -71.83
C LEU L 759 21.15 -46.89 -71.24
N PHE L 760 20.08 -46.75 -70.46
CA PHE L 760 19.45 -47.90 -69.82
C PHE L 760 18.07 -48.20 -70.37
N MET L 761 17.58 -47.41 -71.31
CA MET L 761 16.17 -47.42 -71.70
C MET L 761 15.88 -48.68 -72.51
N VAL L 762 15.33 -49.70 -71.84
CA VAL L 762 15.09 -51.01 -72.44
C VAL L 762 13.66 -51.46 -72.15
N ARG L 763 12.79 -50.51 -71.78
CA ARG L 763 11.53 -50.89 -71.12
C ARG L 763 10.49 -51.40 -72.10
N LEU L 764 10.66 -51.10 -73.39
CA LEU L 764 9.70 -51.31 -74.48
C LEU L 764 8.47 -50.45 -74.25
N ALA L 765 8.68 -49.22 -73.78
CA ALA L 765 7.59 -48.28 -73.57
C ALA L 765 8.08 -46.91 -74.02
N GLN L 766 7.52 -46.40 -75.11
CA GLN L 766 7.95 -45.11 -75.64
C GLN L 766 6.78 -44.15 -75.66
N GLY L 767 7.11 -42.86 -75.54
CA GLY L 767 6.12 -41.80 -75.58
C GLY L 767 5.38 -41.77 -74.27
N LEU L 768 4.43 -42.70 -74.10
CA LEU L 768 4.01 -43.10 -72.77
C LEU L 768 4.03 -44.62 -72.68
N THR L 769 3.50 -45.29 -73.71
CA THR L 769 3.25 -46.72 -73.55
C THR L 769 3.46 -47.59 -74.80
N HIS L 770 3.85 -47.07 -75.95
CA HIS L 770 3.89 -47.96 -77.10
C HIS L 770 5.19 -48.74 -77.15
N LEU L 771 5.17 -49.84 -77.89
CA LEU L 771 6.11 -50.95 -77.65
C LEU L 771 7.50 -50.63 -78.19
N GLY L 772 7.65 -50.51 -79.51
CA GLY L 772 8.94 -50.24 -80.09
C GLY L 772 9.92 -51.40 -80.04
N LYS L 773 9.61 -52.47 -80.76
CA LYS L 773 10.29 -53.75 -80.55
C LYS L 773 11.59 -53.85 -81.34
N GLY L 774 12.69 -54.22 -80.66
CA GLY L 774 12.76 -54.34 -79.20
C GLY L 774 12.54 -55.68 -78.51
N THR L 775 11.30 -56.17 -78.50
CA THR L 775 11.01 -57.47 -77.90
C THR L 775 11.71 -58.60 -78.63
N LEU L 776 11.89 -58.45 -79.94
CA LEU L 776 12.55 -59.43 -80.80
C LEU L 776 14.03 -59.62 -80.48
N THR L 777 14.62 -58.71 -79.72
CA THR L 777 16.04 -58.75 -79.39
C THR L 777 16.31 -59.24 -77.97
N LEU L 778 15.40 -58.96 -77.05
CA LEU L 778 15.53 -59.33 -75.65
C LEU L 778 15.12 -60.78 -75.42
N CYS L 779 13.87 -61.08 -75.70
CA CYS L 779 13.18 -62.36 -75.55
C CYS L 779 13.94 -63.59 -76.10
N PRO L 780 14.82 -63.46 -77.11
CA PRO L 780 15.81 -64.54 -77.31
C PRO L 780 16.64 -64.90 -76.10
N TYR L 781 16.99 -63.96 -75.21
CA TYR L 781 17.84 -64.33 -74.09
C TYR L 781 17.07 -65.06 -73.01
N HIS L 782 15.89 -64.57 -72.64
CA HIS L 782 15.15 -65.22 -71.56
C HIS L 782 14.54 -66.54 -72.00
N SER L 783 14.40 -66.75 -73.31
CA SER L 783 14.14 -68.09 -73.81
C SER L 783 15.40 -68.95 -73.78
N ASP L 784 16.57 -68.33 -73.91
CA ASP L 784 17.82 -69.08 -74.00
C ASP L 784 18.22 -69.69 -72.67
N ARG L 785 17.82 -69.07 -71.55
CA ARG L 785 18.26 -69.51 -70.23
C ARG L 785 17.39 -70.63 -69.69
N GLN L 786 17.26 -71.70 -70.47
CA GLN L 786 16.49 -72.88 -70.09
C GLN L 786 17.28 -74.14 -70.43
N LEU L 787 18.12 -74.61 -69.52
CA LEU L 787 18.56 -73.91 -68.31
C LEU L 787 20.08 -73.82 -68.22
N MET L 788 20.71 -74.98 -68.32
CA MET L 788 22.13 -75.20 -68.08
C MET L 788 22.79 -75.53 -69.43
N SER L 789 24.11 -75.80 -69.39
CA SER L 789 24.99 -76.25 -70.47
C SER L 789 25.25 -75.20 -71.53
N GLN L 790 24.63 -74.04 -71.45
CA GLN L 790 24.96 -72.90 -72.28
C GLN L 790 25.75 -71.85 -71.54
N VAL L 791 26.06 -72.08 -70.26
CA VAL L 791 27.01 -71.25 -69.54
C VAL L 791 28.44 -71.52 -69.96
N ALA L 792 28.68 -72.58 -70.73
CA ALA L 792 30.01 -72.96 -71.17
C ALA L 792 30.19 -72.86 -72.68
N VAL L 793 29.23 -73.35 -73.47
CA VAL L 793 29.47 -73.50 -74.90
C VAL L 793 28.56 -72.59 -75.73
N ALA L 794 27.26 -72.82 -75.69
CA ALA L 794 26.40 -72.27 -76.73
C ALA L 794 25.86 -70.89 -76.40
N GLY L 795 25.56 -70.63 -75.13
CA GLY L 795 24.98 -69.35 -74.77
C GLY L 795 25.92 -68.17 -74.78
N LEU L 796 27.22 -68.40 -74.93
CA LEU L 796 28.18 -67.29 -75.02
C LEU L 796 28.02 -66.50 -76.30
N LEU L 797 27.45 -67.10 -77.34
CA LEU L 797 26.94 -66.32 -78.46
C LEU L 797 25.82 -65.40 -78.00
N THR L 798 24.95 -65.89 -77.13
CA THR L 798 23.75 -65.17 -76.74
C THR L 798 24.05 -64.18 -75.61
N VAL L 799 24.65 -64.67 -74.50
CA VAL L 799 24.63 -63.97 -73.21
C VAL L 799 25.36 -62.64 -73.26
N LEU L 800 26.30 -62.49 -74.19
CA LEU L 800 26.95 -61.19 -74.37
C LEU L 800 26.04 -60.21 -75.08
N VAL L 801 25.59 -60.57 -76.28
CA VAL L 801 25.08 -59.60 -77.22
C VAL L 801 23.65 -59.93 -77.64
N SER L 802 22.87 -60.52 -76.73
CA SER L 802 21.50 -60.89 -77.07
C SER L 802 20.63 -59.67 -77.32
N PHE L 803 20.43 -58.86 -76.29
CA PHE L 803 19.61 -57.66 -76.41
C PHE L 803 20.53 -56.47 -76.66
N LEU L 804 20.32 -55.81 -77.80
CA LEU L 804 21.12 -54.67 -78.22
C LEU L 804 20.23 -53.61 -78.83
N ASP L 805 19.06 -53.39 -78.23
CA ASP L 805 18.14 -52.38 -78.74
C ASP L 805 17.88 -51.30 -77.70
N VAL L 806 18.92 -50.78 -77.09
CA VAL L 806 18.78 -49.66 -76.17
C VAL L 806 18.68 -48.39 -77.00
N ARG L 807 17.61 -47.63 -76.80
CA ARG L 807 17.38 -46.39 -77.53
C ARG L 807 17.47 -45.27 -76.52
N ASN L 808 18.15 -44.18 -76.92
CA ASN L 808 19.38 -43.81 -76.22
C ASN L 808 19.25 -43.72 -74.71
N ILE L 809 18.95 -42.53 -74.17
CA ILE L 809 18.43 -42.41 -72.81
C ILE L 809 17.50 -41.22 -72.60
N ILE L 810 18.03 -40.01 -72.84
CA ILE L 810 17.61 -38.77 -72.18
C ILE L 810 16.71 -37.96 -73.08
N LEU L 811 16.01 -37.01 -72.48
CA LEU L 811 15.18 -36.07 -73.22
C LEU L 811 15.67 -34.63 -73.13
N GLY L 812 16.84 -34.41 -72.55
CA GLY L 812 17.29 -33.04 -72.51
C GLY L 812 18.12 -32.66 -73.72
N LYS L 813 17.44 -32.21 -74.76
CA LYS L 813 17.97 -31.66 -76.00
C LYS L 813 16.91 -30.74 -76.58
N SER L 814 17.33 -29.80 -77.39
CA SER L 814 16.37 -28.80 -77.83
C SER L 814 16.23 -28.70 -79.33
N HIS L 815 17.32 -28.90 -80.08
CA HIS L 815 17.33 -29.04 -81.54
C HIS L 815 16.66 -27.93 -82.35
N TYR L 816 16.48 -26.75 -81.77
CA TYR L 816 16.13 -25.59 -82.58
C TYR L 816 17.31 -25.29 -83.50
N VAL L 817 17.00 -25.03 -84.78
CA VAL L 817 17.72 -25.49 -85.97
C VAL L 817 19.25 -25.53 -85.82
N LEU L 818 19.83 -24.50 -85.21
CA LEU L 818 21.25 -24.47 -84.93
C LEU L 818 21.68 -25.46 -83.85
N TYR L 819 20.74 -25.96 -83.04
CA TYR L 819 20.99 -26.82 -81.86
C TYR L 819 21.92 -26.10 -80.87
N GLY L 820 21.37 -25.02 -80.32
CA GLY L 820 22.10 -24.25 -79.33
C GLY L 820 21.33 -24.00 -78.05
N LEU L 821 20.00 -24.12 -78.12
CA LEU L 821 19.16 -23.92 -76.94
C LEU L 821 19.36 -25.07 -75.96
N VAL L 822 19.19 -24.78 -74.68
CA VAL L 822 19.40 -25.84 -73.70
C VAL L 822 18.07 -26.41 -73.22
N ALA L 823 17.39 -25.72 -72.28
CA ALA L 823 15.95 -25.59 -72.02
C ALA L 823 15.81 -24.86 -70.69
N ALA L 824 14.57 -24.73 -70.21
CA ALA L 824 14.30 -24.58 -68.78
C ALA L 824 13.37 -25.73 -68.38
N MET L 825 13.96 -26.90 -68.15
CA MET L 825 13.17 -28.11 -67.89
C MET L 825 12.89 -28.29 -66.41
N GLN L 826 12.17 -29.36 -66.10
CA GLN L 826 11.57 -29.53 -64.78
C GLN L 826 11.18 -31.00 -64.55
N PRO L 827 12.09 -31.83 -64.02
CA PRO L 827 11.81 -33.27 -63.92
C PRO L 827 11.05 -33.66 -62.66
N ARG L 828 10.19 -34.67 -62.80
CA ARG L 828 9.19 -35.03 -61.80
C ARG L 828 8.83 -36.50 -61.84
N MET L 829 8.25 -36.99 -60.74
CA MET L 829 7.57 -38.28 -60.66
C MET L 829 6.44 -38.34 -61.69
N LEU L 830 6.07 -39.55 -62.10
CA LEU L 830 5.11 -39.74 -63.18
C LEU L 830 3.72 -39.24 -62.76
N VAL L 831 2.95 -38.88 -63.78
CA VAL L 831 1.65 -38.25 -63.67
C VAL L 831 0.66 -39.16 -62.93
N THR L 832 -0.35 -38.55 -62.33
CA THR L 832 -1.49 -39.27 -61.80
C THR L 832 -2.80 -38.79 -62.37
N PHE L 833 -2.80 -37.70 -63.14
CA PHE L 833 -4.02 -36.98 -63.44
C PHE L 833 -4.77 -37.64 -64.58
N ASP L 834 -6.01 -38.04 -64.32
CA ASP L 834 -6.77 -38.64 -65.39
C ASP L 834 -8.06 -37.87 -65.65
N GLU L 835 -8.92 -37.76 -64.63
CA GLU L 835 -10.05 -36.84 -64.73
C GLU L 835 -10.35 -36.30 -63.32
N GLU L 836 -10.05 -35.03 -63.15
CA GLU L 836 -10.33 -34.29 -61.93
C GLU L 836 -10.67 -32.87 -62.38
N LEU L 837 -10.57 -31.93 -61.46
CA LEU L 837 -10.77 -30.52 -61.74
C LEU L 837 -9.78 -30.01 -62.80
N ARG L 838 -10.34 -29.67 -63.96
CA ARG L 838 -9.58 -29.11 -65.07
C ARG L 838 -9.07 -27.74 -64.69
N PRO L 839 -7.87 -27.33 -65.18
CA PRO L 839 -6.84 -28.19 -65.72
C PRO L 839 -6.03 -28.73 -64.57
N LEU L 840 -5.03 -29.54 -64.84
CA LEU L 840 -4.64 -30.36 -63.71
C LEU L 840 -3.15 -30.18 -63.42
N PRO L 841 -2.77 -30.18 -62.14
CA PRO L 841 -1.33 -30.23 -61.79
C PRO L 841 -0.76 -31.57 -62.24
N VAL L 842 0.12 -31.50 -63.23
CA VAL L 842 0.43 -32.68 -64.02
C VAL L 842 1.32 -33.66 -63.26
N SER L 843 2.17 -33.18 -62.36
CA SER L 843 2.94 -34.10 -61.54
C SER L 843 3.29 -33.44 -60.21
N VAL L 844 4.14 -34.11 -59.42
CA VAL L 844 4.15 -33.92 -57.97
C VAL L 844 5.56 -33.73 -57.39
N ARG L 845 6.61 -34.06 -58.15
CA ARG L 845 7.95 -34.11 -57.58
C ARG L 845 8.72 -32.95 -58.20
N VAL L 846 8.08 -31.78 -58.13
CA VAL L 846 8.49 -30.58 -58.84
C VAL L 846 9.83 -30.02 -58.33
N GLY L 847 10.30 -30.46 -57.16
CA GLY L 847 11.55 -30.02 -56.55
C GLY L 847 12.81 -30.06 -57.40
N GLN L 848 12.97 -31.10 -58.22
CA GLN L 848 14.10 -31.13 -59.13
C GLN L 848 13.85 -30.21 -60.32
N ALA L 849 14.90 -29.54 -60.77
CA ALA L 849 14.80 -28.60 -61.88
C ALA L 849 16.16 -28.50 -62.56
N VAL L 850 16.23 -28.92 -63.81
CA VAL L 850 17.45 -28.84 -64.60
C VAL L 850 17.17 -28.03 -65.86
N ASP L 851 18.15 -27.92 -66.75
CA ASP L 851 17.99 -27.15 -67.97
C ASP L 851 18.40 -27.90 -69.22
N VAL L 852 19.30 -28.87 -69.10
CA VAL L 852 20.00 -29.48 -70.23
C VAL L 852 20.03 -30.98 -69.92
N VAL L 853 20.94 -31.74 -70.54
CA VAL L 853 20.94 -33.17 -70.84
C VAL L 853 20.61 -34.15 -69.70
N GLY L 854 20.22 -33.66 -68.52
CA GLY L 854 19.78 -34.47 -67.40
C GLY L 854 18.79 -35.59 -67.69
N GLN L 855 18.75 -36.56 -66.78
CA GLN L 855 18.43 -37.95 -67.08
C GLN L 855 16.96 -38.17 -67.39
N ALA L 856 16.65 -39.41 -67.76
CA ALA L 856 15.28 -39.80 -68.09
C ALA L 856 14.56 -40.42 -66.89
N GLY L 857 15.07 -41.54 -66.37
CA GLY L 857 14.43 -42.24 -65.29
C GLY L 857 13.17 -42.99 -65.72
N LYS L 858 12.71 -43.89 -64.83
CA LYS L 858 11.50 -44.64 -65.18
C LYS L 858 10.24 -43.77 -65.05
N PRO L 859 9.83 -43.26 -63.84
CA PRO L 859 8.50 -42.61 -63.80
C PRO L 859 8.57 -41.11 -64.03
N LYS L 860 8.88 -40.63 -65.23
CA LYS L 860 9.13 -39.21 -65.40
C LYS L 860 8.34 -38.61 -66.55
N THR L 861 7.67 -37.48 -66.27
CA THR L 861 7.07 -36.63 -67.30
C THR L 861 7.62 -35.22 -67.09
N ILE L 862 8.61 -34.86 -67.89
CA ILE L 862 9.32 -33.59 -67.68
C ILE L 862 8.70 -32.50 -68.53
N THR L 863 8.36 -31.37 -67.90
CA THR L 863 7.79 -30.24 -68.61
C THR L 863 8.70 -29.02 -68.47
N GLY L 864 8.23 -27.89 -68.99
CA GLY L 864 9.00 -26.67 -68.98
C GLY L 864 8.14 -25.47 -68.61
N PHE L 865 8.77 -24.31 -68.66
CA PHE L 865 8.15 -23.05 -68.26
C PHE L 865 8.78 -21.93 -69.09
N GLN L 866 8.67 -20.69 -68.60
CA GLN L 866 9.33 -19.47 -69.10
C GLN L 866 8.66 -18.97 -70.38
N THR L 867 7.52 -19.56 -70.72
CA THR L 867 6.73 -19.28 -71.92
C THR L 867 7.60 -19.43 -73.17
N HIS L 868 8.08 -20.65 -73.36
CA HIS L 868 8.66 -21.08 -74.62
C HIS L 868 7.64 -21.87 -75.44
N THR L 869 6.48 -22.14 -74.83
CA THR L 869 5.24 -22.74 -75.33
C THR L 869 5.32 -24.22 -75.63
N THR L 870 6.55 -24.79 -75.65
CA THR L 870 6.96 -26.16 -75.95
C THR L 870 6.06 -26.83 -77.00
N PRO L 871 5.80 -26.18 -78.13
CA PRO L 871 4.53 -26.41 -78.83
C PRO L 871 4.51 -27.62 -79.73
N VAL L 872 5.49 -28.52 -79.60
CA VAL L 872 5.75 -29.47 -80.67
C VAL L 872 4.74 -30.61 -80.66
N LEU L 873 4.74 -31.42 -79.60
CA LEU L 873 3.90 -32.61 -79.59
C LEU L 873 3.13 -32.84 -78.31
N LEU L 874 3.56 -32.25 -77.18
CA LEU L 874 2.83 -32.26 -75.91
C LEU L 874 2.67 -33.68 -75.35
N ALA L 875 3.48 -34.64 -75.79
CA ALA L 875 3.38 -35.91 -75.11
C ALA L 875 4.66 -36.20 -74.32
N HIS L 876 5.73 -36.55 -75.04
CA HIS L 876 7.16 -36.26 -74.89
C HIS L 876 7.85 -37.15 -75.91
N GLY L 877 9.16 -37.33 -75.84
CA GLY L 877 9.79 -38.10 -76.89
C GLY L 877 11.16 -37.67 -77.35
N GLU L 878 11.82 -36.85 -76.53
CA GLU L 878 13.27 -36.73 -76.37
C GLU L 878 13.99 -36.12 -77.56
N ARG L 879 13.26 -35.65 -78.56
CA ARG L 879 13.81 -34.70 -79.51
C ARG L 879 12.76 -33.64 -79.81
N ALA L 880 12.27 -33.01 -78.75
CA ALA L 880 11.41 -31.84 -78.91
C ALA L 880 12.16 -30.74 -79.67
N GLU L 881 11.41 -30.01 -80.49
CA GLU L 881 11.98 -29.01 -81.40
C GLU L 881 12.05 -27.62 -80.78
N LEU L 882 11.04 -27.26 -79.98
CA LEU L 882 11.04 -26.08 -79.12
C LEU L 882 11.19 -24.76 -79.86
N ALA L 883 10.19 -24.38 -80.65
CA ALA L 883 10.10 -23.02 -81.17
C ALA L 883 9.76 -22.07 -80.02
N THR L 884 9.74 -20.76 -80.31
CA THR L 884 9.58 -19.78 -79.25
C THR L 884 8.43 -18.83 -79.56
N GLU L 885 7.73 -18.39 -78.50
CA GLU L 885 6.58 -17.50 -78.61
C GLU L 885 6.19 -16.91 -77.26
N GLU L 886 6.03 -15.58 -77.20
CA GLU L 886 5.69 -14.90 -75.94
C GLU L 886 4.67 -13.78 -76.19
N PHE L 887 3.51 -14.09 -76.77
CA PHE L 887 2.49 -13.04 -76.84
C PHE L 887 1.67 -12.92 -75.56
N LEU L 888 2.29 -12.96 -74.38
CA LEU L 888 1.52 -12.83 -73.15
C LEU L 888 2.04 -11.77 -72.18
N PRO L 889 2.18 -10.47 -72.56
CA PRO L 889 2.25 -9.58 -71.41
C PRO L 889 0.88 -8.97 -71.07
N LYS M 34 -37.49 -46.55 -51.49
CA LYS M 34 -36.41 -47.18 -50.74
C LYS M 34 -35.08 -46.53 -51.12
N THR M 35 -34.71 -46.72 -52.38
CA THR M 35 -33.53 -46.08 -52.96
C THR M 35 -33.73 -45.99 -54.46
N TYR M 36 -32.71 -45.47 -55.15
CA TYR M 36 -32.77 -45.36 -56.60
C TYR M 36 -31.35 -45.43 -57.16
N GLY M 37 -31.28 -45.72 -58.45
CA GLY M 37 -29.99 -45.77 -59.11
C GLY M 37 -29.43 -44.37 -59.32
N GLN M 38 -28.20 -44.16 -58.86
CA GLN M 38 -27.54 -42.87 -59.00
C GLN M 38 -26.87 -42.75 -60.36
N SER M 39 -26.14 -43.78 -60.77
CA SER M 39 -25.72 -43.98 -62.14
C SER M 39 -25.73 -45.48 -62.39
N THR M 40 -25.98 -45.86 -63.65
CA THR M 40 -26.78 -47.02 -64.04
C THR M 40 -26.58 -48.30 -63.24
N TYR M 41 -25.39 -48.90 -63.32
CA TYR M 41 -25.17 -50.21 -62.71
C TYR M 41 -24.52 -50.08 -61.34
N SER M 42 -25.20 -49.35 -60.45
CA SER M 42 -24.60 -48.80 -59.23
C SER M 42 -24.16 -49.89 -58.26
N ARG M 43 -25.08 -50.78 -57.89
CA ARG M 43 -24.69 -51.92 -57.07
C ARG M 43 -23.94 -52.97 -57.88
N GLN M 44 -24.16 -52.99 -59.20
CA GLN M 44 -23.66 -54.06 -60.05
C GLN M 44 -22.14 -54.03 -60.16
N ILE M 45 -21.55 -52.84 -60.05
CA ILE M 45 -20.09 -52.76 -59.96
C ILE M 45 -19.63 -52.87 -58.50
N LYS M 46 -20.53 -52.65 -57.54
CA LYS M 46 -20.11 -52.50 -56.15
C LYS M 46 -19.83 -53.84 -55.51
N GLN M 47 -20.82 -54.73 -55.53
CA GLN M 47 -20.65 -56.03 -54.88
C GLN M 47 -19.69 -56.94 -55.64
N VAL M 48 -19.51 -56.69 -56.94
CA VAL M 48 -18.43 -57.32 -57.69
C VAL M 48 -17.08 -56.91 -57.12
N GLU M 49 -16.95 -55.64 -56.74
CA GLU M 49 -15.75 -55.21 -56.04
C GLU M 49 -15.75 -55.67 -54.58
N ASP M 50 -16.93 -55.79 -53.97
CA ASP M 50 -16.99 -56.05 -52.53
C ASP M 50 -16.64 -57.49 -52.20
N ASP M 51 -17.16 -58.45 -52.97
CA ASP M 51 -16.91 -59.85 -52.64
C ASP M 51 -15.49 -60.28 -52.99
N ILE M 52 -14.86 -59.66 -53.97
CA ILE M 52 -13.50 -60.05 -54.33
C ILE M 52 -12.51 -59.52 -53.28
N GLN M 53 -12.84 -58.42 -52.62
CA GLN M 53 -12.05 -58.03 -51.45
C GLN M 53 -12.32 -58.97 -50.29
N GLN M 54 -13.55 -59.46 -50.17
CA GLN M 54 -13.83 -60.53 -49.24
C GLN M 54 -13.13 -61.81 -49.67
N LEU M 55 -13.01 -62.04 -50.97
CA LEU M 55 -12.38 -63.27 -51.45
C LEU M 55 -10.86 -63.23 -51.32
N LEU M 56 -10.24 -62.05 -51.41
CA LEU M 56 -8.80 -61.92 -51.19
C LEU M 56 -8.42 -62.28 -49.76
N LYS M 57 -9.33 -62.05 -48.81
CA LYS M 57 -9.19 -62.65 -47.50
C LYS M 57 -9.27 -64.17 -47.60
N LYS M 58 -10.41 -64.67 -48.11
CA LYS M 58 -10.72 -66.10 -48.12
C LYS M 58 -9.79 -66.92 -48.99
N ILE M 59 -8.97 -66.28 -49.84
CA ILE M 59 -7.79 -66.93 -50.37
C ILE M 59 -6.86 -67.32 -49.23
N ASN M 60 -6.52 -66.37 -48.37
CA ASN M 60 -5.34 -66.51 -47.51
C ASN M 60 -5.57 -67.51 -46.37
N GLU M 61 -6.77 -67.51 -45.78
CA GLU M 61 -7.05 -68.53 -44.77
C GLU M 61 -7.22 -69.91 -45.40
N LEU M 62 -7.64 -69.97 -46.67
CA LEU M 62 -7.68 -71.25 -47.36
C LEU M 62 -6.29 -71.77 -47.64
N THR M 63 -5.36 -70.90 -48.01
CA THR M 63 -3.96 -71.27 -48.12
C THR M 63 -3.32 -71.53 -46.77
N GLY M 64 -3.88 -70.97 -45.71
CA GLY M 64 -3.23 -70.99 -44.42
C GLY M 64 -2.42 -69.72 -44.28
N ILE M 65 -2.89 -68.81 -43.43
CA ILE M 65 -2.23 -67.54 -43.21
C ILE M 65 -1.82 -67.47 -41.75
N LYS M 66 -0.64 -66.91 -41.49
CA LYS M 66 -0.09 -66.84 -40.14
C LYS M 66 0.08 -65.36 -39.80
N GLU M 67 -0.93 -64.81 -39.13
CA GLU M 67 -0.96 -63.40 -38.76
C GLU M 67 -0.97 -63.24 -37.25
N SER M 68 -0.51 -62.06 -36.81
CA SER M 68 -0.58 -61.58 -35.44
C SER M 68 0.14 -62.47 -34.44
N ASP M 69 1.26 -63.08 -34.85
CA ASP M 69 1.97 -64.04 -34.00
C ASP M 69 2.99 -63.35 -33.09
N THR M 70 2.46 -62.41 -32.30
CA THR M 70 3.15 -61.54 -31.32
C THR M 70 4.52 -61.05 -31.80
N GLY M 71 4.52 -60.45 -32.98
CA GLY M 71 5.69 -59.74 -33.47
C GLY M 71 6.67 -60.56 -34.29
N LEU M 72 6.20 -61.19 -35.35
CA LEU M 72 7.07 -61.92 -36.26
C LEU M 72 6.78 -61.44 -37.69
N ALA M 73 7.36 -62.14 -38.65
CA ALA M 73 7.13 -61.93 -40.07
C ALA M 73 6.20 -63.01 -40.61
N PRO M 74 5.41 -62.71 -41.63
CA PRO M 74 4.59 -63.75 -42.29
C PRO M 74 5.46 -64.79 -42.96
N PRO M 75 5.03 -66.06 -42.96
CA PRO M 75 5.94 -67.16 -43.28
C PRO M 75 6.32 -67.27 -44.75
N ALA M 76 5.64 -66.56 -45.63
CA ALA M 76 5.83 -66.72 -47.06
C ALA M 76 7.11 -66.09 -47.59
N LEU M 77 7.87 -65.40 -46.74
CA LEU M 77 9.09 -64.75 -47.23
C LEU M 77 10.31 -64.96 -46.34
N TRP M 78 10.20 -65.59 -45.18
CA TRP M 78 11.39 -65.94 -44.43
C TRP M 78 11.71 -67.42 -44.41
N ASP M 79 10.83 -68.28 -44.96
CA ASP M 79 11.17 -69.70 -45.07
C ASP M 79 12.34 -69.91 -46.02
N LEU M 80 12.43 -69.08 -47.06
CA LEU M 80 13.65 -68.96 -47.85
C LEU M 80 14.52 -67.78 -47.40
N ALA M 81 14.55 -67.51 -46.09
CA ALA M 81 15.56 -66.64 -45.51
C ALA M 81 16.17 -67.33 -44.29
N ALA M 82 15.40 -68.21 -43.67
CA ALA M 82 15.68 -68.78 -42.34
C ALA M 82 16.95 -69.60 -42.28
N ASP M 83 17.33 -70.27 -43.37
CA ASP M 83 18.45 -71.20 -43.30
C ASP M 83 19.78 -70.46 -43.44
N LYS M 84 20.84 -71.22 -43.79
CA LYS M 84 22.24 -70.90 -43.48
C LYS M 84 22.71 -69.51 -43.87
N GLN M 85 21.99 -68.77 -44.73
CA GLN M 85 22.24 -67.33 -44.80
C GLN M 85 21.40 -66.54 -43.79
N THR M 86 21.41 -67.02 -42.58
CA THR M 86 21.27 -66.46 -41.24
C THR M 86 22.45 -66.86 -40.39
N LEU M 87 22.97 -68.07 -40.59
CA LEU M 87 24.25 -68.47 -40.01
C LEU M 87 25.38 -67.66 -40.61
N GLN M 88 25.21 -67.14 -41.82
CA GLN M 88 26.13 -66.15 -42.36
C GLN M 88 26.05 -64.82 -41.61
N SER M 89 24.97 -64.59 -40.89
CA SER M 89 24.87 -63.47 -39.96
C SER M 89 25.10 -63.90 -38.51
N GLU M 90 25.15 -65.20 -38.22
CA GLU M 90 25.46 -65.63 -36.87
C GLU M 90 26.97 -65.65 -36.63
N GLN M 91 27.67 -66.53 -37.33
CA GLN M 91 29.09 -66.75 -37.05
C GLN M 91 30.05 -65.71 -37.65
N PRO M 92 29.90 -65.23 -38.90
CA PRO M 92 30.81 -64.17 -39.34
C PRO M 92 30.56 -62.81 -38.70
N LEU M 93 29.32 -62.50 -38.32
CA LEU M 93 29.05 -61.18 -37.79
C LEU M 93 29.32 -61.11 -36.29
N GLN M 94 29.43 -59.88 -35.80
CA GLN M 94 29.80 -59.64 -34.41
C GLN M 94 28.79 -58.75 -33.71
N VAL M 95 29.11 -58.29 -32.51
CA VAL M 95 28.22 -57.46 -31.72
C VAL M 95 28.62 -55.98 -31.78
N ALA M 96 29.92 -55.68 -31.66
CA ALA M 96 30.55 -54.37 -31.95
C ALA M 96 29.95 -53.25 -31.11
N ARG M 97 30.21 -53.32 -29.81
CA ARG M 97 29.66 -52.36 -28.84
C ARG M 97 30.12 -50.93 -29.13
N CYS M 98 29.17 -50.00 -29.12
CA CYS M 98 29.45 -48.62 -29.54
C CYS M 98 29.97 -47.80 -28.37
N THR M 99 30.67 -46.73 -28.70
CA THR M 99 31.49 -45.98 -27.75
C THR M 99 31.51 -44.50 -28.14
N LYS M 100 32.48 -43.77 -27.61
CA LYS M 100 32.67 -42.35 -27.88
C LYS M 100 34.15 -42.03 -27.68
N ILE M 101 34.68 -41.17 -28.54
CA ILE M 101 36.11 -40.82 -28.54
C ILE M 101 36.31 -39.54 -27.75
N ILE M 102 37.34 -39.51 -26.91
CA ILE M 102 37.71 -38.26 -26.26
C ILE M 102 38.82 -37.57 -27.05
N ASN M 103 39.99 -38.20 -27.17
CA ASN M 103 41.10 -37.54 -27.85
C ASN M 103 42.04 -38.56 -28.46
N ALA M 104 43.06 -38.05 -29.14
CA ALA M 104 44.09 -38.83 -29.81
C ALA M 104 45.43 -38.57 -29.13
N ASP M 105 46.45 -39.31 -29.58
CA ASP M 105 47.81 -39.07 -29.12
C ASP M 105 48.76 -38.89 -30.29
N SER M 106 50.06 -38.86 -30.02
CA SER M 106 51.06 -38.53 -31.03
C SER M 106 51.75 -39.79 -31.54
N GLU M 107 52.22 -39.72 -32.79
CA GLU M 107 53.03 -40.69 -33.54
C GLU M 107 52.32 -42.00 -33.86
N ASP M 108 51.12 -42.21 -33.34
CA ASP M 108 50.40 -43.47 -33.19
C ASP M 108 49.00 -43.06 -32.79
N PRO M 109 47.97 -43.88 -33.03
CA PRO M 109 46.62 -43.50 -32.61
C PRO M 109 46.43 -43.30 -31.11
N LYS M 110 46.56 -44.37 -30.32
CA LYS M 110 46.46 -44.38 -28.85
C LYS M 110 45.25 -43.59 -28.34
N TYR M 111 44.08 -44.09 -28.67
CA TYR M 111 42.84 -43.34 -28.49
C TYR M 111 42.23 -43.59 -27.12
N ILE M 112 41.77 -42.51 -26.47
CA ILE M 112 41.14 -42.59 -25.16
C ILE M 112 39.64 -42.51 -25.35
N ILE M 113 38.92 -43.52 -24.84
CA ILE M 113 37.54 -43.80 -25.21
C ILE M 113 36.78 -44.34 -24.01
N ASN M 114 35.60 -43.79 -23.74
CA ASN M 114 34.63 -44.36 -22.82
C ASN M 114 33.60 -45.20 -23.57
N VAL M 115 32.92 -46.08 -22.84
CA VAL M 115 31.92 -46.89 -23.52
C VAL M 115 30.61 -46.11 -23.52
N LYS M 116 29.90 -46.12 -22.39
CA LYS M 116 29.07 -44.99 -22.00
C LYS M 116 29.11 -44.83 -20.50
N GLN M 117 28.99 -45.96 -19.81
CA GLN M 117 28.98 -46.02 -18.35
C GLN M 117 29.67 -47.29 -17.87
N PHE M 118 30.54 -47.83 -18.70
CA PHE M 118 31.16 -49.10 -18.33
C PHE M 118 32.55 -48.82 -17.79
N ALA M 119 33.39 -48.20 -18.60
CA ALA M 119 34.76 -47.84 -18.22
C ALA M 119 35.34 -46.98 -19.34
N LYS M 120 36.27 -46.10 -19.00
CA LYS M 120 37.04 -45.40 -20.02
C LYS M 120 38.32 -46.15 -20.31
N PHE M 121 38.65 -46.32 -21.59
CA PHE M 121 39.76 -47.16 -22.00
C PHE M 121 40.72 -46.38 -22.88
N VAL M 122 41.94 -46.93 -23.02
CA VAL M 122 42.90 -46.50 -24.02
C VAL M 122 43.05 -47.66 -25.00
N VAL M 123 42.51 -47.50 -26.20
CA VAL M 123 42.40 -48.60 -27.15
C VAL M 123 42.95 -48.18 -28.50
N ASP M 124 43.02 -49.14 -29.40
CA ASP M 124 43.62 -48.99 -30.71
C ASP M 124 42.59 -49.37 -31.78
N LEU M 125 42.81 -48.87 -32.99
CA LEU M 125 42.00 -49.24 -34.12
C LEU M 125 42.40 -50.60 -34.66
N SER M 126 41.42 -51.34 -35.17
CA SER M 126 41.74 -52.54 -35.92
C SER M 126 42.25 -52.17 -37.30
N ASP M 127 42.77 -53.16 -38.02
CA ASP M 127 43.46 -52.90 -39.27
C ASP M 127 42.53 -52.64 -40.45
N GLN M 128 41.22 -52.72 -40.25
CA GLN M 128 40.26 -52.55 -41.34
C GLN M 128 39.88 -51.10 -41.58
N VAL M 129 40.52 -50.15 -40.88
CA VAL M 129 40.22 -48.73 -41.06
C VAL M 129 41.48 -48.01 -41.46
N ALA M 130 41.29 -46.81 -41.99
CA ALA M 130 42.38 -45.88 -42.20
C ALA M 130 42.38 -44.82 -41.12
N PRO M 131 43.53 -44.46 -40.55
CA PRO M 131 43.56 -43.51 -39.44
C PRO M 131 43.38 -42.04 -39.85
N THR M 132 42.32 -41.78 -40.61
CA THR M 132 42.00 -40.43 -41.07
C THR M 132 40.69 -39.93 -40.50
N ASP M 133 39.59 -40.64 -40.71
CA ASP M 133 38.28 -40.17 -40.27
C ASP M 133 37.89 -40.75 -38.91
N ILE M 134 38.81 -40.66 -37.95
CA ILE M 134 38.58 -41.14 -36.59
C ILE M 134 38.78 -39.93 -35.69
N GLU M 135 38.31 -38.77 -36.14
CA GLU M 135 38.45 -37.52 -35.40
C GLU M 135 37.73 -37.58 -34.06
N GLU M 136 38.03 -36.61 -33.20
CA GLU M 136 37.55 -36.63 -31.83
C GLU M 136 36.06 -36.31 -31.76
N GLY M 137 35.44 -36.77 -30.68
CA GLY M 137 34.02 -36.55 -30.47
C GLY M 137 33.18 -37.32 -31.45
N MET M 138 33.54 -38.58 -31.69
CA MET M 138 32.88 -39.39 -32.70
C MET M 138 32.37 -40.67 -32.06
N ARG M 139 31.09 -40.96 -32.28
CA ARG M 139 30.53 -42.25 -31.92
C ARG M 139 31.16 -43.32 -32.80
N VAL M 140 31.83 -44.29 -32.19
CA VAL M 140 32.47 -45.37 -32.92
C VAL M 140 32.13 -46.71 -32.26
N GLY M 141 32.16 -47.76 -33.07
CA GLY M 141 31.87 -49.10 -32.61
C GLY M 141 33.17 -49.85 -32.35
N VAL M 142 33.22 -50.53 -31.21
CA VAL M 142 34.43 -51.17 -30.73
C VAL M 142 34.13 -52.64 -30.45
N ASP M 143 35.05 -53.52 -30.85
CA ASP M 143 34.99 -54.95 -30.58
C ASP M 143 34.82 -55.24 -29.09
N ARG M 144 34.02 -56.25 -28.78
CA ARG M 144 33.72 -56.57 -27.39
C ARG M 144 34.85 -57.34 -26.72
N ASN M 145 35.61 -58.12 -27.47
CA ASN M 145 36.61 -58.98 -26.84
C ASN M 145 37.89 -58.22 -26.52
N LYS M 146 38.58 -57.76 -27.55
CA LYS M 146 39.90 -57.17 -27.37
C LYS M 146 39.87 -55.65 -27.29
N TYR M 147 38.68 -55.05 -27.41
CA TYR M 147 38.45 -53.62 -27.35
C TYR M 147 39.27 -52.89 -28.42
N GLN M 148 38.88 -53.12 -29.67
CA GLN M 148 39.52 -52.44 -30.79
C GLN M 148 38.46 -51.84 -31.70
N ILE M 149 38.83 -50.73 -32.35
CA ILE M 149 37.89 -49.94 -33.12
C ILE M 149 37.65 -50.59 -34.46
N HIS M 150 36.38 -50.78 -34.83
CA HIS M 150 36.01 -51.33 -36.12
C HIS M 150 35.30 -50.32 -37.02
N ILE M 151 34.25 -49.66 -36.52
CA ILE M 151 33.38 -48.88 -37.39
C ILE M 151 33.18 -47.48 -36.83
N PRO M 152 33.38 -46.42 -37.62
CA PRO M 152 32.91 -45.09 -37.22
C PRO M 152 31.44 -44.93 -37.56
N LEU M 153 30.71 -44.26 -36.67
CA LEU M 153 29.27 -44.15 -36.75
C LEU M 153 28.84 -42.71 -36.92
N PRO M 154 27.66 -42.46 -37.53
CA PRO M 154 27.15 -41.09 -37.58
C PRO M 154 26.79 -40.59 -36.19
N PRO M 155 26.90 -39.29 -35.95
CA PRO M 155 26.78 -38.76 -34.59
C PRO M 155 25.33 -38.75 -34.10
N LYS M 156 25.18 -38.43 -32.82
CA LYS M 156 23.88 -38.49 -32.16
C LYS M 156 23.10 -37.23 -32.48
N ILE M 157 22.15 -37.36 -33.38
CA ILE M 157 21.17 -36.30 -33.64
C ILE M 157 19.88 -36.69 -32.92
N ASP M 158 19.49 -35.92 -31.91
CA ASP M 158 18.27 -36.18 -31.19
C ASP M 158 17.04 -35.97 -32.09
N PRO M 159 15.98 -36.78 -31.90
CA PRO M 159 14.90 -36.77 -32.89
C PRO M 159 14.06 -35.51 -32.90
N THR M 160 14.12 -34.71 -31.83
CA THR M 160 13.32 -33.50 -31.74
C THR M 160 13.71 -32.46 -32.79
N VAL M 161 14.96 -32.49 -33.28
CA VAL M 161 15.34 -31.66 -34.40
C VAL M 161 15.40 -32.45 -35.70
N THR M 162 15.35 -33.78 -35.62
CA THR M 162 15.17 -34.56 -36.83
C THR M 162 13.76 -34.39 -37.37
N MET M 163 12.78 -34.24 -36.48
CA MET M 163 11.39 -34.06 -36.88
C MET M 163 11.09 -32.67 -37.41
N MET M 164 12.07 -31.77 -37.45
CA MET M 164 11.86 -30.48 -38.08
C MET M 164 12.66 -30.31 -39.37
N GLN M 165 13.55 -31.23 -39.70
CA GLN M 165 14.05 -31.31 -41.06
C GLN M 165 12.94 -31.85 -41.94
N VAL M 166 12.69 -31.20 -43.07
CA VAL M 166 11.42 -31.46 -43.76
C VAL M 166 11.48 -32.75 -44.58
N GLU M 167 12.62 -33.04 -45.21
CA GLU M 167 12.93 -34.27 -45.96
C GLU M 167 12.03 -34.57 -47.15
N GLU M 168 11.06 -33.70 -47.42
CA GLU M 168 10.23 -33.72 -48.62
C GLU M 168 10.02 -32.27 -49.01
N LYS M 169 9.49 -32.04 -50.21
CA LYS M 169 9.28 -30.69 -50.71
C LYS M 169 7.86 -30.59 -51.25
N PRO M 170 7.05 -29.65 -50.78
CA PRO M 170 5.69 -29.55 -51.28
C PRO M 170 5.62 -28.97 -52.68
N ASP M 171 4.56 -29.32 -53.39
CA ASP M 171 4.33 -28.87 -54.76
C ASP M 171 3.65 -27.50 -54.68
N VAL M 172 4.47 -26.45 -54.68
CA VAL M 172 4.00 -25.09 -54.78
C VAL M 172 4.84 -24.39 -55.85
N THR M 173 4.18 -23.96 -56.92
CA THR M 173 4.84 -23.28 -58.02
C THR M 173 4.86 -21.78 -57.71
N TYR M 174 5.89 -21.10 -58.23
CA TYR M 174 5.97 -19.64 -58.16
C TYR M 174 4.77 -18.96 -58.79
N SER M 175 4.16 -19.58 -59.81
CA SER M 175 2.97 -19.05 -60.44
C SER M 175 1.76 -19.04 -59.52
N ASP M 176 1.76 -19.82 -58.46
CA ASP M 176 0.63 -19.89 -57.55
C ASP M 176 0.55 -18.72 -56.57
N VAL M 177 1.55 -17.84 -56.58
CA VAL M 177 1.62 -16.76 -55.61
C VAL M 177 1.50 -15.48 -56.43
N GLY M 178 0.66 -15.52 -57.47
CA GLY M 178 0.46 -14.37 -58.31
C GLY M 178 -0.09 -13.17 -57.56
N GLY M 179 0.29 -11.99 -58.03
CA GLY M 179 -0.07 -10.75 -57.38
C GLY M 179 1.04 -10.11 -56.57
N CYS M 180 2.25 -10.65 -56.63
CA CYS M 180 3.37 -10.22 -55.79
C CYS M 180 4.63 -10.05 -56.62
N LYS M 181 4.52 -9.28 -57.71
CA LYS M 181 5.60 -9.19 -58.69
C LYS M 181 6.83 -8.49 -58.11
N GLU M 182 6.64 -7.52 -57.23
CA GLU M 182 7.78 -6.86 -56.59
C GLU M 182 8.39 -7.74 -55.52
N GLN M 183 7.55 -8.39 -54.73
CA GLN M 183 8.02 -9.04 -53.52
C GLN M 183 8.77 -10.33 -53.82
N ILE M 184 8.30 -11.10 -54.79
CA ILE M 184 8.99 -12.31 -55.19
C ILE M 184 10.32 -11.97 -55.86
N GLU M 185 10.34 -10.85 -56.60
CA GLU M 185 11.55 -10.46 -57.33
C GLU M 185 12.67 -10.05 -56.39
N LYS M 186 12.32 -9.35 -55.30
CA LYS M 186 13.32 -9.05 -54.28
C LYS M 186 13.83 -10.32 -53.61
N LEU M 187 12.93 -11.24 -53.32
CA LEU M 187 13.31 -12.47 -52.64
C LEU M 187 13.98 -13.45 -53.59
N ARG M 188 13.71 -13.33 -54.89
CA ARG M 188 14.45 -14.11 -55.88
C ARG M 188 15.91 -13.72 -55.88
N GLU M 189 16.19 -12.42 -55.73
CA GLU M 189 17.54 -11.88 -55.83
C GLU M 189 18.44 -12.39 -54.71
N VAL M 190 17.87 -12.74 -53.58
CA VAL M 190 18.64 -13.00 -52.37
C VAL M 190 18.76 -14.48 -52.07
N VAL M 191 17.64 -15.19 -52.00
CA VAL M 191 17.69 -16.58 -51.59
C VAL M 191 18.07 -17.47 -52.75
N GLU M 192 17.52 -17.22 -53.92
CA GLU M 192 17.65 -18.15 -55.03
C GLU M 192 18.97 -17.97 -55.77
N THR M 193 19.24 -16.77 -56.26
CA THR M 193 20.28 -16.52 -57.24
C THR M 193 21.75 -16.76 -56.84
N PRO M 194 22.21 -16.56 -55.59
CA PRO M 194 23.57 -17.02 -55.29
C PRO M 194 23.67 -18.53 -55.21
N LEU M 195 22.61 -19.21 -54.80
CA LEU M 195 22.66 -20.66 -54.68
C LEU M 195 22.63 -21.36 -56.03
N LEU M 196 22.13 -20.69 -57.07
CA LEU M 196 22.07 -21.29 -58.40
C LEU M 196 22.94 -20.59 -59.42
N HIS M 197 23.42 -19.39 -59.13
CA HIS M 197 24.40 -18.71 -59.99
C HIS M 197 25.41 -18.01 -59.08
N PRO M 198 26.46 -18.73 -58.64
CA PRO M 198 27.55 -18.09 -57.91
C PRO M 198 28.61 -17.50 -58.85
N GLU M 199 28.14 -16.80 -59.87
CA GLU M 199 29.00 -16.26 -60.93
C GLU M 199 28.99 -14.75 -60.93
N ARG M 200 27.81 -14.14 -61.03
CA ARG M 200 27.68 -12.69 -61.14
C ARG M 200 28.17 -11.99 -59.90
N PHE M 201 28.05 -12.62 -58.74
CA PHE M 201 28.50 -11.99 -57.51
C PHE M 201 30.02 -12.02 -57.42
N VAL M 202 30.64 -13.02 -58.04
CA VAL M 202 32.10 -13.05 -58.13
C VAL M 202 32.59 -11.98 -59.09
N ASN M 203 31.95 -11.88 -60.25
CA ASN M 203 32.42 -11.00 -61.31
C ASN M 203 32.21 -9.52 -61.00
N LEU M 204 31.44 -9.20 -59.98
CA LEU M 204 31.31 -7.83 -59.53
C LEU M 204 31.94 -7.61 -58.16
N GLY M 205 32.03 -8.65 -57.34
CA GLY M 205 32.68 -8.53 -56.05
C GLY M 205 31.80 -7.91 -54.98
N ILE M 206 30.72 -8.60 -54.62
CA ILE M 206 29.82 -8.20 -53.54
C ILE M 206 29.59 -9.41 -52.64
N GLU M 207 28.75 -9.20 -51.62
CA GLU M 207 28.27 -10.27 -50.77
C GLU M 207 26.75 -10.20 -50.72
N PRO M 208 26.05 -11.31 -50.87
CA PRO M 208 24.59 -11.28 -50.84
C PRO M 208 24.06 -11.02 -49.45
N PRO M 209 22.86 -10.47 -49.33
CA PRO M 209 22.29 -10.18 -48.01
C PRO M 209 21.78 -11.41 -47.28
N LYS M 210 22.64 -12.05 -46.49
CA LYS M 210 22.42 -13.39 -45.96
C LYS M 210 21.17 -13.63 -45.10
N GLY M 211 20.35 -12.61 -44.85
CA GLY M 211 19.13 -12.80 -44.09
C GLY M 211 17.98 -11.88 -44.48
N VAL M 212 16.77 -12.42 -44.56
CA VAL M 212 15.59 -11.70 -45.04
C VAL M 212 14.44 -11.89 -44.05
N LEU M 213 13.77 -10.79 -43.70
CA LEU M 213 12.52 -10.84 -42.94
C LEU M 213 11.34 -10.64 -43.89
N LEU M 214 10.23 -11.28 -43.56
CA LEU M 214 8.97 -11.14 -44.28
C LEU M 214 7.90 -10.73 -43.29
N PHE M 215 7.03 -9.81 -43.69
CA PHE M 215 5.98 -9.37 -42.78
C PHE M 215 4.80 -8.83 -43.59
N GLY M 216 3.76 -8.42 -42.87
CA GLY M 216 2.55 -7.91 -43.48
C GLY M 216 1.29 -8.39 -42.76
N PRO M 217 0.13 -7.98 -43.26
CA PRO M 217 -1.13 -8.50 -42.71
C PRO M 217 -1.28 -9.98 -43.02
N PRO M 218 -2.06 -10.71 -42.21
CA PRO M 218 -2.10 -12.16 -42.35
C PRO M 218 -2.88 -12.62 -43.57
N GLY M 219 -2.68 -13.89 -43.91
CA GLY M 219 -3.36 -14.49 -45.04
C GLY M 219 -2.96 -13.93 -46.38
N THR M 220 -1.74 -13.42 -46.50
CA THR M 220 -1.35 -12.64 -47.66
C THR M 220 -0.37 -13.37 -48.56
N GLY M 221 0.33 -14.37 -48.05
CA GLY M 221 1.23 -15.12 -48.89
C GLY M 221 2.60 -15.37 -48.30
N LYS M 222 2.73 -15.18 -46.99
CA LYS M 222 3.98 -15.47 -46.30
C LYS M 222 4.34 -16.93 -46.41
N THR M 223 3.40 -17.80 -46.04
CA THR M 223 3.67 -19.23 -46.00
C THR M 223 3.74 -19.81 -47.41
N LEU M 224 3.08 -19.18 -48.37
CA LEU M 224 3.17 -19.61 -49.77
C LEU M 224 4.58 -19.47 -50.30
N CYS M 225 5.18 -18.30 -50.07
CA CYS M 225 6.55 -18.07 -50.52
C CYS M 225 7.52 -18.96 -49.75
N ALA M 226 7.19 -19.32 -48.52
CA ALA M 226 8.00 -20.27 -47.77
C ALA M 226 7.96 -21.65 -48.43
N ARG M 227 6.79 -22.07 -48.88
CA ARG M 227 6.68 -23.37 -49.53
C ARG M 227 7.27 -23.33 -50.93
N ALA M 228 7.15 -22.20 -51.62
CA ALA M 228 7.60 -22.12 -53.00
C ALA M 228 9.11 -22.05 -53.10
N VAL M 229 9.78 -21.49 -52.10
CA VAL M 229 11.24 -21.50 -52.08
C VAL M 229 11.74 -22.86 -51.63
N ALA M 230 11.03 -23.47 -50.68
CA ALA M 230 11.34 -24.84 -50.28
C ALA M 230 11.06 -25.84 -51.39
N ASN M 231 10.28 -25.45 -52.40
CA ASN M 231 10.14 -26.26 -53.59
C ASN M 231 11.45 -26.33 -54.38
N ARG M 232 11.93 -25.18 -54.84
CA ARG M 232 13.04 -25.12 -55.79
C ARG M 232 14.37 -24.89 -55.10
N THR M 233 14.58 -25.53 -53.96
CA THR M 233 15.61 -25.08 -53.05
C THR M 233 17.01 -25.52 -53.47
N ASP M 234 17.15 -26.76 -53.98
CA ASP M 234 18.45 -27.42 -54.23
C ASP M 234 19.35 -27.32 -53.00
N ALA M 235 18.79 -27.62 -51.82
CA ALA M 235 19.47 -27.36 -50.57
C ALA M 235 18.84 -28.20 -49.46
N CYS M 236 19.41 -28.08 -48.26
CA CYS M 236 18.90 -28.79 -47.10
C CYS M 236 17.98 -27.83 -46.35
N PHE M 237 16.74 -27.75 -46.83
CA PHE M 237 15.75 -26.86 -46.22
C PHE M 237 15.35 -27.39 -44.85
N ILE M 238 15.41 -26.52 -43.85
CA ILE M 238 15.17 -26.92 -42.47
C ILE M 238 14.06 -26.05 -41.90
N ARG M 239 12.95 -26.68 -41.54
CA ARG M 239 11.82 -25.99 -40.95
C ARG M 239 12.08 -25.76 -39.47
N VAL M 240 11.63 -24.61 -38.96
CA VAL M 240 11.65 -24.33 -37.53
C VAL M 240 10.33 -23.67 -37.17
N ILE M 241 9.56 -24.31 -36.29
CA ILE M 241 8.43 -23.65 -35.65
C ILE M 241 8.95 -22.89 -34.45
N GLY M 242 8.51 -21.63 -34.31
CA GLY M 242 9.12 -20.73 -33.34
C GLY M 242 8.89 -21.11 -31.89
N SER M 243 7.72 -21.68 -31.57
CA SER M 243 7.43 -22.00 -30.18
C SER M 243 7.95 -23.36 -29.75
N GLU M 244 8.70 -24.05 -30.61
CA GLU M 244 9.27 -25.33 -30.23
C GLU M 244 10.50 -25.19 -29.34
N LEU M 245 10.97 -23.97 -29.11
CA LEU M 245 12.17 -23.76 -28.31
C LEU M 245 11.85 -23.52 -26.84
N VAL M 246 10.66 -23.01 -26.54
CA VAL M 246 10.27 -22.79 -25.15
C VAL M 246 10.05 -24.14 -24.48
N GLN M 247 10.78 -24.39 -23.40
CA GLN M 247 10.68 -25.66 -22.70
C GLN M 247 10.60 -25.45 -21.20
N LYS M 248 10.72 -26.53 -20.43
CA LYS M 248 10.50 -26.43 -18.99
C LYS M 248 11.82 -26.22 -18.26
N TYR M 249 12.89 -26.79 -18.78
CA TYR M 249 14.18 -26.68 -18.12
C TYR M 249 14.98 -25.51 -18.68
N VAL M 250 15.97 -25.08 -17.92
CA VAL M 250 16.83 -23.97 -18.33
C VAL M 250 17.95 -24.52 -19.18
N GLY M 251 18.38 -23.73 -20.17
CA GLY M 251 19.52 -24.07 -20.99
C GLY M 251 19.27 -25.09 -22.08
N GLU M 252 18.29 -25.98 -21.92
CA GLU M 252 18.03 -26.98 -22.94
C GLU M 252 17.42 -26.36 -24.19
N GLY M 253 16.68 -25.26 -24.01
CA GLY M 253 16.20 -24.52 -25.17
C GLY M 253 17.33 -23.88 -25.95
N ALA M 254 18.42 -23.54 -25.28
CA ALA M 254 19.60 -23.07 -25.99
C ALA M 254 20.27 -24.20 -26.75
N ARG M 255 20.32 -25.39 -26.13
CA ARG M 255 21.01 -26.54 -26.72
C ARG M 255 20.39 -27.03 -28.01
N MET M 256 19.15 -26.63 -28.30
CA MET M 256 18.60 -26.86 -29.63
C MET M 256 19.35 -26.04 -30.66
N VAL M 257 19.58 -24.75 -30.36
CA VAL M 257 20.10 -23.80 -31.33
C VAL M 257 21.54 -24.13 -31.70
N ARG M 258 22.29 -24.77 -30.80
CA ARG M 258 23.61 -25.27 -31.15
C ARG M 258 23.52 -26.34 -32.22
N GLU M 259 22.64 -27.31 -32.00
CA GLU M 259 22.53 -28.45 -32.91
C GLU M 259 21.99 -28.05 -34.27
N LEU M 260 21.21 -26.97 -34.34
CA LEU M 260 20.82 -26.42 -35.64
C LEU M 260 22.02 -25.90 -36.41
N PHE M 261 22.79 -25.01 -35.79
CA PHE M 261 23.92 -24.44 -36.49
C PHE M 261 25.13 -25.37 -36.57
N GLU M 262 25.08 -26.53 -35.92
CA GLU M 262 26.12 -27.51 -36.20
C GLU M 262 25.80 -28.33 -37.44
N MET M 263 24.53 -28.72 -37.61
CA MET M 263 24.13 -29.38 -38.85
C MET M 263 24.15 -28.42 -40.02
N ALA M 264 24.01 -27.11 -39.76
CA ALA M 264 24.07 -26.13 -40.83
C ALA M 264 25.48 -26.02 -41.40
N ARG M 265 26.50 -26.16 -40.58
CA ARG M 265 27.86 -26.07 -41.08
C ARG M 265 28.32 -27.36 -41.74
N THR M 266 27.62 -28.47 -41.51
CA THR M 266 27.92 -29.71 -42.19
C THR M 266 27.16 -29.82 -43.51
N LYS M 267 25.84 -29.67 -43.45
CA LYS M 267 25.02 -29.62 -44.66
C LYS M 267 25.30 -28.28 -45.33
N LYS M 268 26.22 -28.29 -46.29
CA LYS M 268 26.66 -27.04 -46.90
C LYS M 268 25.56 -26.45 -47.77
N ALA M 269 25.40 -25.13 -47.66
CA ALA M 269 24.39 -24.33 -48.35
C ALA M 269 22.98 -24.84 -48.02
N CYS M 270 22.60 -24.68 -46.75
CA CYS M 270 21.28 -25.10 -46.31
C CYS M 270 20.42 -23.87 -45.99
N LEU M 271 19.12 -24.04 -46.10
CA LEU M 271 18.16 -22.99 -45.78
C LEU M 271 17.50 -23.29 -44.44
N ILE M 272 17.22 -22.23 -43.69
CA ILE M 272 16.54 -22.33 -42.41
C ILE M 272 15.39 -21.35 -42.41
N PHE M 273 14.18 -21.86 -42.17
CA PHE M 273 13.00 -21.02 -42.12
C PHE M 273 12.49 -20.91 -40.69
N PHE M 274 12.40 -19.69 -40.20
CA PHE M 274 11.74 -19.38 -38.94
C PHE M 274 10.32 -18.93 -39.20
N ASP M 275 9.46 -19.09 -38.20
CA ASP M 275 8.09 -18.64 -38.37
C ASP M 275 7.53 -18.24 -37.01
N GLU M 276 6.87 -17.09 -36.98
CA GLU M 276 6.34 -16.46 -35.77
C GLU M 276 7.40 -16.33 -34.68
N ILE M 277 8.38 -15.49 -34.97
CA ILE M 277 9.55 -15.31 -34.12
C ILE M 277 9.28 -14.45 -32.90
N ASP M 278 8.02 -14.06 -32.69
CA ASP M 278 7.67 -13.34 -31.47
C ASP M 278 7.80 -14.23 -30.23
N ALA M 279 7.59 -15.53 -30.40
CA ALA M 279 7.76 -16.45 -29.28
C ALA M 279 9.22 -16.63 -28.91
N ILE M 280 10.13 -16.49 -29.88
CA ILE M 280 11.54 -16.63 -29.60
C ILE M 280 12.05 -15.41 -28.84
N GLY M 281 11.35 -14.29 -28.92
CA GLY M 281 11.68 -13.17 -28.06
C GLY M 281 11.58 -11.83 -28.76
N GLY M 282 10.92 -10.87 -28.10
CA GLY M 282 10.79 -9.57 -28.70
C GLY M 282 11.33 -8.41 -27.87
N ALA M 283 11.36 -8.55 -26.55
CA ALA M 283 11.73 -7.43 -25.70
C ALA M 283 12.67 -7.91 -24.60
N ARG M 284 13.20 -6.93 -23.87
CA ARG M 284 14.13 -7.17 -22.78
C ARG M 284 13.55 -6.46 -21.55
N PHE M 285 12.30 -6.81 -21.22
CA PHE M 285 11.59 -6.28 -20.07
C PHE M 285 12.38 -6.40 -18.78
N ASP M 286 12.80 -5.26 -18.24
CA ASP M 286 13.65 -5.22 -17.06
C ASP M 286 13.11 -4.32 -15.95
N ASP M 287 12.08 -3.52 -16.23
CA ASP M 287 11.37 -2.80 -15.17
C ASP M 287 10.60 -3.86 -14.39
N GLY M 288 11.16 -4.28 -13.27
CA GLY M 288 10.69 -5.48 -12.61
C GLY M 288 11.24 -6.70 -13.30
N ALA M 289 12.57 -6.84 -13.31
CA ALA M 289 13.26 -7.91 -14.04
C ALA M 289 13.13 -9.23 -13.27
N GLY M 290 11.90 -9.75 -13.26
CA GLY M 290 11.60 -11.01 -12.62
C GLY M 290 10.60 -11.80 -13.44
N GLY M 291 10.32 -11.31 -14.64
CA GLY M 291 9.36 -11.98 -15.51
C GLY M 291 10.03 -12.99 -16.42
N ASP M 292 9.94 -12.76 -17.73
CA ASP M 292 10.54 -13.66 -18.69
C ASP M 292 12.05 -13.47 -18.71
N ASN M 293 12.78 -14.55 -18.46
CA ASN M 293 14.22 -14.51 -18.59
C ASN M 293 14.73 -15.66 -19.45
N GLU M 294 14.10 -16.84 -19.35
CA GLU M 294 14.65 -18.01 -20.03
C GLU M 294 14.49 -17.91 -21.55
N VAL M 295 13.52 -17.12 -22.01
CA VAL M 295 13.38 -16.94 -23.43
C VAL M 295 14.41 -15.93 -23.91
N GLN M 296 14.75 -14.97 -23.04
CA GLN M 296 15.79 -14.00 -23.35
C GLN M 296 17.16 -14.67 -23.49
N ARG M 297 17.47 -15.63 -22.61
CA ARG M 297 18.73 -16.37 -22.74
C ARG M 297 18.77 -17.20 -24.01
N THR M 298 17.64 -17.80 -24.38
CA THR M 298 17.58 -18.57 -25.63
C THR M 298 17.71 -17.64 -26.83
N MET M 299 17.12 -16.45 -26.74
CA MET M 299 17.19 -15.50 -27.83
C MET M 299 18.59 -14.92 -27.99
N LEU M 300 19.33 -14.80 -26.89
CA LEU M 300 20.72 -14.32 -27.00
C LEU M 300 21.62 -15.37 -27.62
N GLU M 301 21.30 -16.66 -27.44
CA GLU M 301 22.08 -17.70 -28.07
C GLU M 301 21.87 -17.72 -29.58
N LEU M 302 20.65 -17.38 -30.02
CA LEU M 302 20.40 -17.22 -31.44
C LEU M 302 21.20 -16.06 -32.03
N ILE M 303 21.44 -15.03 -31.25
CA ILE M 303 22.17 -13.85 -31.70
C ILE M 303 23.61 -14.19 -32.03
N ASN M 304 24.28 -14.96 -31.16
CA ASN M 304 25.70 -15.19 -31.31
C ASN M 304 26.00 -16.13 -32.47
N GLN M 305 25.26 -17.25 -32.55
CA GLN M 305 25.49 -18.19 -33.64
C GLN M 305 24.90 -17.73 -34.96
N LEU M 306 24.20 -16.59 -34.98
CA LEU M 306 23.84 -15.99 -36.25
C LEU M 306 25.00 -15.21 -36.83
N ASP M 307 25.44 -14.16 -36.12
CA ASP M 307 26.56 -13.33 -36.56
C ASP M 307 27.43 -12.98 -35.38
N GLY M 308 28.74 -12.95 -35.59
CA GLY M 308 29.69 -12.63 -34.55
C GLY M 308 30.55 -13.82 -34.19
N PHE M 309 31.88 -13.67 -34.29
CA PHE M 309 32.88 -14.71 -34.04
C PHE M 309 32.74 -15.94 -34.92
N ASP M 310 33.47 -15.95 -36.06
CA ASP M 310 33.55 -17.08 -37.00
C ASP M 310 32.22 -17.20 -37.72
N PRO M 311 32.02 -16.39 -38.77
CA PRO M 311 30.77 -16.41 -39.55
C PRO M 311 30.40 -17.77 -40.14
N ARG M 312 29.17 -17.84 -40.63
CA ARG M 312 28.53 -19.13 -40.86
C ARG M 312 28.81 -19.68 -42.25
N GLY M 313 29.17 -18.85 -43.20
CA GLY M 313 29.38 -19.34 -44.56
C GLY M 313 28.09 -19.29 -45.39
N ASN M 314 27.56 -20.46 -45.73
CA ASN M 314 26.44 -20.56 -46.64
C ASN M 314 25.21 -21.01 -45.86
N ILE M 315 24.53 -20.05 -45.23
CA ILE M 315 23.25 -20.24 -44.57
C ILE M 315 22.41 -19.01 -44.83
N LYS M 316 21.20 -19.20 -45.34
CA LYS M 316 20.25 -18.11 -45.48
C LYS M 316 19.09 -18.33 -44.51
N VAL M 317 18.58 -17.25 -43.94
CA VAL M 317 17.54 -17.31 -42.92
C VAL M 317 16.35 -16.49 -43.39
N LEU M 318 15.17 -17.10 -43.35
CA LEU M 318 13.92 -16.41 -43.62
C LEU M 318 13.10 -16.35 -42.35
N MET M 319 12.50 -15.20 -42.08
CA MET M 319 11.62 -15.03 -40.94
C MET M 319 10.27 -14.51 -41.40
N ALA M 320 9.26 -14.73 -40.58
CA ALA M 320 7.90 -14.31 -40.92
C ALA M 320 7.13 -14.07 -39.63
N THR M 321 6.63 -12.85 -39.47
CA THR M 321 5.80 -12.51 -38.33
C THR M 321 4.68 -11.59 -38.76
N ASN M 322 3.71 -11.40 -37.87
CA ASN M 322 2.60 -10.50 -38.13
C ASN M 322 2.81 -9.13 -37.53
N ARG M 323 3.54 -9.03 -36.41
CA ARG M 323 3.85 -7.74 -35.80
C ARG M 323 5.37 -7.57 -35.76
N PRO M 324 5.96 -6.99 -36.80
CA PRO M 324 7.40 -6.72 -36.79
C PRO M 324 7.75 -5.40 -36.15
N ASP M 325 7.14 -5.08 -35.02
CA ASP M 325 7.34 -3.80 -34.38
C ASP M 325 7.93 -3.91 -32.99
N THR M 326 7.59 -4.95 -32.26
CA THR M 326 8.07 -5.15 -30.89
C THR M 326 9.19 -6.17 -30.85
N LEU M 327 10.09 -6.15 -31.81
CA LEU M 327 11.24 -7.03 -31.80
C LEU M 327 12.47 -6.30 -31.25
N ASP M 328 13.42 -7.10 -30.79
CA ASP M 328 14.66 -6.56 -30.26
C ASP M 328 15.49 -6.00 -31.41
N PRO M 329 15.98 -4.76 -31.30
CA PRO M 329 16.81 -4.20 -32.39
C PRO M 329 18.15 -4.87 -32.60
N ALA M 330 18.56 -5.82 -31.76
CA ALA M 330 19.71 -6.64 -32.09
C ALA M 330 19.43 -7.51 -33.31
N LEU M 331 18.19 -7.98 -33.47
CA LEU M 331 17.82 -8.67 -34.69
C LEU M 331 17.73 -7.71 -35.85
N MET M 332 17.25 -6.49 -35.59
CA MET M 332 17.05 -5.50 -36.65
C MET M 332 18.34 -4.94 -37.21
N ARG M 333 19.48 -5.25 -36.60
CA ARG M 333 20.77 -4.86 -37.15
C ARG M 333 20.98 -5.55 -38.49
N PRO M 334 21.34 -4.82 -39.54
CA PRO M 334 21.66 -5.46 -40.81
C PRO M 334 22.91 -6.33 -40.70
N GLY M 335 22.97 -7.31 -41.60
CA GLY M 335 23.87 -8.44 -41.45
C GLY M 335 23.06 -9.61 -40.97
N ARG M 336 22.11 -9.35 -40.07
CA ARG M 336 21.18 -10.35 -39.58
C ARG M 336 19.87 -10.32 -40.34
N LEU M 337 19.18 -9.20 -40.32
CA LEU M 337 17.92 -9.02 -41.03
C LEU M 337 18.09 -7.82 -41.95
N ASP M 338 18.21 -8.08 -43.25
CA ASP M 338 18.61 -7.06 -44.20
C ASP M 338 17.42 -6.43 -44.90
N ARG M 339 16.56 -7.24 -45.51
CA ARG M 339 15.46 -6.75 -46.33
C ARG M 339 14.14 -6.91 -45.58
N LYS M 340 13.36 -5.82 -45.55
CA LYS M 340 12.06 -5.81 -44.91
C LYS M 340 10.98 -5.81 -46.00
N ILE M 341 10.60 -7.00 -46.42
CA ILE M 341 9.61 -7.16 -47.47
C ILE M 341 8.23 -7.22 -46.83
N GLU M 342 7.32 -6.35 -47.28
CA GLU M 342 5.95 -6.35 -46.80
C GLU M 342 5.00 -6.88 -47.87
N PHE M 343 3.86 -7.39 -47.41
CA PHE M 343 2.88 -8.06 -48.26
C PHE M 343 1.55 -7.32 -48.14
N SER M 344 1.16 -6.58 -49.17
CA SER M 344 -0.07 -5.82 -49.11
C SER M 344 -1.17 -6.48 -49.94
N LEU M 345 -2.39 -5.94 -49.80
CA LEU M 345 -3.56 -6.37 -50.55
C LEU M 345 -3.53 -5.68 -51.90
N PRO M 346 -3.30 -6.43 -53.02
CA PRO M 346 -2.45 -5.91 -54.10
C PRO M 346 -2.90 -4.64 -54.83
N ASP M 347 -3.79 -4.67 -55.82
CA ASP M 347 -4.66 -3.53 -56.06
C ASP M 347 -6.08 -3.89 -56.50
N LEU M 348 -6.22 -4.34 -57.75
CA LEU M 348 -7.47 -4.80 -58.34
C LEU M 348 -7.21 -5.94 -59.32
N GLU M 349 -5.95 -6.10 -59.72
CA GLU M 349 -5.58 -7.03 -60.78
C GLU M 349 -4.89 -8.27 -60.28
N GLY M 350 -4.24 -8.20 -59.12
CA GLY M 350 -3.80 -9.41 -58.47
C GLY M 350 -4.98 -10.30 -58.12
N ARG M 351 -6.09 -9.69 -57.69
CA ARG M 351 -7.30 -10.44 -57.37
C ARG M 351 -7.84 -11.16 -58.59
N THR M 352 -7.86 -10.48 -59.76
CA THR M 352 -8.26 -11.14 -60.99
C THR M 352 -7.31 -12.27 -61.35
N HIS M 353 -6.03 -12.11 -61.03
CA HIS M 353 -5.08 -13.17 -61.35
C HIS M 353 -5.17 -14.32 -60.37
N ILE M 354 -5.43 -14.02 -59.08
CA ILE M 354 -5.61 -15.09 -58.11
C ILE M 354 -6.90 -15.84 -58.38
N PHE M 355 -7.93 -15.14 -58.88
CA PHE M 355 -9.10 -15.78 -59.46
C PHE M 355 -8.68 -16.75 -60.56
N LYS M 356 -7.79 -16.31 -61.44
CA LYS M 356 -7.31 -17.19 -62.50
C LYS M 356 -6.36 -18.25 -61.98
N ILE M 357 -5.90 -18.15 -60.73
CA ILE M 357 -5.14 -19.24 -60.15
C ILE M 357 -6.07 -20.26 -59.50
N HIS M 358 -7.04 -19.79 -58.71
CA HIS M 358 -7.89 -20.73 -58.00
C HIS M 358 -9.02 -21.24 -58.87
N ALA M 359 -9.59 -20.39 -59.72
CA ALA M 359 -10.67 -20.82 -60.58
C ALA M 359 -10.20 -21.16 -61.98
N ARG M 360 -8.89 -21.33 -62.20
CA ARG M 360 -8.52 -22.21 -63.30
C ARG M 360 -8.84 -23.64 -62.89
N SER M 361 -8.40 -24.03 -61.70
CA SER M 361 -8.46 -25.41 -61.25
C SER M 361 -9.75 -25.61 -60.47
N MET M 362 -10.80 -25.83 -61.24
CA MET M 362 -12.11 -26.37 -60.88
C MET M 362 -12.88 -26.51 -62.19
N SER M 363 -14.09 -27.05 -62.09
CA SER M 363 -14.87 -27.40 -63.27
C SER M 363 -16.03 -26.43 -63.42
N VAL M 364 -15.86 -25.45 -64.31
CA VAL M 364 -16.80 -24.33 -64.42
C VAL M 364 -17.32 -24.22 -65.84
N GLU M 365 -18.12 -23.19 -66.05
CA GLU M 365 -18.66 -22.81 -67.35
C GLU M 365 -17.65 -21.92 -68.06
N ARG M 366 -17.69 -21.94 -69.39
CA ARG M 366 -16.78 -21.15 -70.20
C ARG M 366 -17.15 -19.67 -70.27
N ASP M 367 -18.17 -19.22 -69.54
CA ASP M 367 -18.63 -17.84 -69.57
C ASP M 367 -18.05 -17.03 -68.42
N ILE M 368 -16.78 -17.28 -68.08
CA ILE M 368 -16.14 -16.61 -66.95
C ILE M 368 -15.97 -15.12 -67.26
N ARG M 369 -15.91 -14.35 -66.18
CA ARG M 369 -15.32 -13.01 -66.15
C ARG M 369 -15.02 -12.72 -64.69
N PHE M 370 -13.93 -11.99 -64.46
CA PHE M 370 -13.47 -11.80 -63.10
C PHE M 370 -13.13 -10.37 -62.75
N GLU M 371 -13.09 -9.45 -63.72
CA GLU M 371 -13.08 -8.04 -63.37
C GLU M 371 -14.39 -7.64 -62.72
N LEU M 372 -15.49 -8.28 -63.14
CA LEU M 372 -16.75 -8.14 -62.43
C LEU M 372 -16.66 -8.68 -61.01
N LEU M 373 -15.88 -9.74 -60.80
CA LEU M 373 -15.79 -10.34 -59.48
C LEU M 373 -14.88 -9.54 -58.55
N ALA M 374 -13.75 -9.05 -59.07
CA ALA M 374 -12.78 -8.38 -58.22
C ALA M 374 -13.24 -7.00 -57.79
N ARG M 375 -14.05 -6.34 -58.62
CA ARG M 375 -14.58 -5.02 -58.25
C ARG M 375 -15.64 -5.12 -57.16
N LEU M 376 -16.16 -6.31 -56.90
CA LEU M 376 -17.12 -6.52 -55.83
C LEU M 376 -16.45 -6.79 -54.49
N CYS M 377 -15.18 -7.16 -54.48
CA CYS M 377 -14.43 -7.39 -53.25
C CYS M 377 -13.12 -6.60 -53.33
N PRO M 378 -13.14 -5.32 -52.94
CA PRO M 378 -11.92 -4.51 -53.06
C PRO M 378 -10.87 -4.85 -52.02
N ASN M 379 -11.28 -5.04 -50.77
CA ASN M 379 -10.36 -5.32 -49.67
C ASN M 379 -10.51 -6.77 -49.28
N SER M 380 -9.61 -7.61 -49.76
CA SER M 380 -9.69 -9.04 -49.49
C SER M 380 -8.31 -9.65 -49.63
N THR M 381 -8.10 -10.72 -48.89
CA THR M 381 -6.88 -11.51 -48.99
C THR M 381 -7.09 -12.64 -49.97
N GLY M 382 -5.98 -13.28 -50.34
CA GLY M 382 -6.06 -14.47 -51.16
C GLY M 382 -6.72 -15.64 -50.45
N ALA M 383 -6.65 -15.67 -49.12
CA ALA M 383 -7.41 -16.65 -48.35
C ALA M 383 -8.90 -16.41 -48.50
N GLU M 384 -9.31 -15.13 -48.52
CA GLU M 384 -10.72 -14.81 -48.71
C GLU M 384 -11.14 -15.06 -50.15
N ILE M 385 -10.19 -15.02 -51.08
CA ILE M 385 -10.49 -15.37 -52.46
C ILE M 385 -10.77 -16.86 -52.58
N ARG M 386 -9.92 -17.69 -51.99
CA ARG M 386 -10.08 -19.14 -52.08
C ARG M 386 -11.27 -19.60 -51.27
N SER M 387 -11.64 -18.85 -50.22
CA SER M 387 -12.82 -19.20 -49.44
C SER M 387 -14.09 -19.07 -50.27
N VAL M 388 -14.12 -18.09 -51.18
CA VAL M 388 -15.25 -17.92 -52.07
C VAL M 388 -15.33 -19.07 -53.06
N CYS M 389 -14.19 -19.46 -53.63
CA CYS M 389 -14.16 -20.53 -54.62
C CYS M 389 -14.53 -21.87 -54.01
N THR M 390 -14.17 -22.09 -52.75
CA THR M 390 -14.64 -23.30 -52.08
C THR M 390 -16.08 -23.17 -51.64
N GLU M 391 -16.53 -21.94 -51.35
CA GLU M 391 -17.95 -21.73 -51.06
C GLU M 391 -18.79 -21.96 -52.30
N ALA M 392 -18.26 -21.60 -53.46
CA ALA M 392 -19.00 -21.72 -54.73
C ALA M 392 -19.32 -23.16 -55.06
N GLY M 393 -18.42 -24.09 -54.73
CA GLY M 393 -18.72 -25.49 -54.95
C GLY M 393 -19.77 -26.03 -54.00
N MET M 394 -19.98 -25.37 -52.87
CA MET M 394 -21.00 -25.84 -51.94
C MET M 394 -22.40 -25.60 -52.47
N PHE M 395 -22.60 -24.53 -53.24
CA PHE M 395 -23.93 -24.23 -53.79
C PHE M 395 -24.37 -25.28 -54.80
N ALA M 396 -23.42 -25.79 -55.59
CA ALA M 396 -23.72 -26.91 -56.48
C ALA M 396 -24.03 -28.17 -55.70
N ILE M 397 -23.56 -28.26 -54.46
CA ILE M 397 -23.89 -29.38 -53.60
C ILE M 397 -25.01 -29.00 -52.63
N ARG M 398 -25.26 -27.71 -52.41
CA ARG M 398 -26.57 -27.29 -51.93
C ARG M 398 -27.64 -27.68 -52.93
N ALA M 399 -27.38 -27.45 -54.21
CA ALA M 399 -28.19 -28.05 -55.25
C ALA M 399 -27.76 -29.50 -55.46
N ARG M 400 -28.30 -30.13 -56.49
CA ARG M 400 -27.82 -31.45 -56.90
C ARG M 400 -27.38 -31.32 -58.35
N ARG M 401 -26.15 -30.84 -58.52
CA ARG M 401 -25.60 -30.60 -59.84
C ARG M 401 -24.36 -31.46 -60.04
N LYS M 402 -23.86 -31.45 -61.27
CA LYS M 402 -22.60 -32.07 -61.62
C LYS M 402 -21.52 -31.05 -61.95
N ILE M 403 -21.82 -29.77 -61.78
CA ILE M 403 -21.02 -28.73 -62.41
C ILE M 403 -21.00 -27.45 -61.58
N ALA M 404 -20.28 -26.44 -62.03
CA ALA M 404 -20.31 -25.10 -61.45
C ALA M 404 -20.74 -24.11 -62.52
N THR M 405 -21.93 -23.56 -62.37
CA THR M 405 -22.45 -22.59 -63.32
C THR M 405 -21.92 -21.21 -62.96
N GLU M 406 -21.75 -20.35 -63.98
CA GLU M 406 -21.44 -18.94 -63.74
C GLU M 406 -22.54 -18.28 -62.92
N LYS M 407 -23.80 -18.53 -63.27
CA LYS M 407 -24.92 -18.01 -62.49
C LYS M 407 -24.94 -18.60 -61.09
N ASP M 408 -24.52 -19.85 -60.95
CA ASP M 408 -24.29 -20.40 -59.61
C ASP M 408 -23.15 -19.67 -58.92
N PHE M 409 -22.09 -19.35 -59.68
CA PHE M 409 -20.99 -18.59 -59.12
C PHE M 409 -21.36 -17.13 -58.94
N LEU M 410 -22.28 -16.62 -59.76
CA LEU M 410 -22.95 -15.36 -59.45
C LEU M 410 -23.67 -15.47 -58.11
N GLU M 411 -24.49 -16.51 -57.94
CA GLU M 411 -25.18 -16.72 -56.67
C GLU M 411 -24.21 -17.05 -55.54
N ALA M 412 -23.03 -17.58 -55.89
CA ALA M 412 -21.97 -17.71 -54.90
C ALA M 412 -21.44 -16.35 -54.49
N VAL M 413 -21.16 -15.48 -55.46
CA VAL M 413 -20.68 -14.16 -55.09
C VAL M 413 -21.82 -13.24 -54.67
N ASN M 414 -23.07 -13.65 -54.87
CA ASN M 414 -24.18 -12.88 -54.30
C ASN M 414 -24.22 -13.04 -52.78
N LYS M 415 -24.06 -14.27 -52.29
CA LYS M 415 -24.17 -14.46 -50.85
C LYS M 415 -22.95 -13.92 -50.11
N VAL M 416 -21.76 -14.13 -50.66
CA VAL M 416 -20.56 -13.81 -49.90
C VAL M 416 -20.32 -12.31 -49.85
N ILE M 417 -20.91 -11.52 -50.75
CA ILE M 417 -20.96 -10.08 -50.52
C ILE M 417 -21.86 -9.78 -49.33
N LYS M 418 -23.05 -10.38 -49.32
CA LYS M 418 -23.96 -10.24 -48.19
C LYS M 418 -23.41 -10.91 -46.94
N SER M 419 -22.66 -12.01 -47.10
CA SER M 419 -22.05 -12.66 -45.94
C SER M 419 -20.97 -11.78 -45.33
N TYR M 420 -20.18 -11.10 -46.15
CA TYR M 420 -19.08 -10.31 -45.62
C TYR M 420 -19.54 -8.94 -45.17
N ALA M 421 -20.72 -8.51 -45.61
CA ALA M 421 -21.26 -7.24 -45.14
C ALA M 421 -21.77 -7.36 -43.71
N LYS M 422 -22.49 -8.44 -43.39
CA LYS M 422 -23.04 -8.66 -42.07
C LYS M 422 -22.40 -9.88 -41.41
N PHE M 423 -21.09 -10.04 -41.60
CA PHE M 423 -20.32 -11.08 -40.94
C PHE M 423 -20.29 -10.83 -39.42
N SER M 424 -20.06 -11.90 -38.66
CA SER M 424 -20.09 -11.81 -37.20
C SER M 424 -18.98 -10.94 -36.66
N ALA M 425 -17.73 -11.26 -37.00
CA ALA M 425 -16.61 -10.45 -36.55
C ALA M 425 -16.51 -9.13 -37.31
N THR M 426 -17.02 -9.06 -38.54
CA THR M 426 -17.05 -7.82 -39.33
C THR M 426 -18.46 -7.51 -39.78
N ALA N 46 -3.81 -57.26 -49.80
CA ALA N 46 -3.10 -56.17 -49.15
C ALA N 46 -2.32 -55.36 -50.18
N SER N 47 -2.79 -54.13 -50.43
CA SER N 47 -2.26 -53.22 -51.44
C SER N 47 -2.19 -53.90 -52.81
N LYS N 48 -3.31 -54.51 -53.20
CA LYS N 48 -3.33 -55.40 -54.35
C LYS N 48 -3.27 -54.62 -55.67
N LEU N 49 -3.89 -53.44 -55.72
CA LEU N 49 -3.95 -52.63 -56.93
C LEU N 49 -4.34 -51.21 -56.54
N PRO N 50 -3.50 -50.21 -56.86
CA PRO N 50 -3.71 -48.87 -56.32
C PRO N 50 -4.65 -47.98 -57.14
N LEU N 51 -5.25 -48.46 -58.22
CA LEU N 51 -5.94 -47.58 -59.14
C LEU N 51 -7.40 -47.41 -58.69
N VAL N 52 -7.85 -46.17 -58.67
CA VAL N 52 -9.24 -45.87 -58.36
C VAL N 52 -9.74 -44.77 -59.30
N THR N 53 -8.87 -44.36 -60.25
CA THR N 53 -9.00 -43.07 -60.94
C THR N 53 -10.25 -42.82 -61.80
N PRO N 54 -11.07 -43.80 -62.27
CA PRO N 54 -12.37 -43.39 -62.82
C PRO N 54 -13.34 -42.84 -61.79
N HIS N 55 -13.45 -43.51 -60.64
CA HIS N 55 -14.20 -43.05 -59.46
C HIS N 55 -15.69 -42.87 -59.75
N THR N 56 -16.25 -43.69 -60.64
CA THR N 56 -17.65 -43.53 -61.01
C THR N 56 -18.17 -44.87 -61.53
N GLN N 57 -19.31 -44.83 -62.21
CA GLN N 57 -19.86 -45.98 -62.92
C GLN N 57 -19.31 -46.09 -64.34
N CYS N 58 -18.08 -45.62 -64.57
CA CYS N 58 -17.42 -45.82 -65.83
C CYS N 58 -17.14 -47.30 -66.04
N ARG N 59 -17.14 -47.70 -67.31
CA ARG N 59 -16.90 -49.09 -67.67
C ARG N 59 -15.47 -49.54 -67.38
N LEU N 60 -14.56 -48.57 -67.18
CA LEU N 60 -13.17 -48.89 -66.89
C LEU N 60 -13.01 -49.62 -65.56
N LYS N 61 -13.68 -49.14 -64.51
CA LYS N 61 -13.63 -49.85 -63.23
C LYS N 61 -14.30 -51.21 -63.30
N LEU N 62 -15.36 -51.33 -64.13
CA LEU N 62 -16.01 -52.61 -64.32
C LEU N 62 -15.08 -53.59 -65.03
N LEU N 63 -14.15 -53.08 -65.85
CA LEU N 63 -13.21 -53.99 -66.49
C LEU N 63 -12.03 -54.30 -65.57
N LYS N 64 -11.50 -53.29 -64.88
CA LYS N 64 -10.31 -53.47 -64.05
C LYS N 64 -10.58 -54.40 -62.87
N LEU N 65 -11.69 -54.19 -62.17
CA LEU N 65 -11.98 -54.98 -60.99
C LEU N 65 -12.35 -56.41 -61.33
N GLU N 66 -12.86 -56.65 -62.54
CA GLU N 66 -13.09 -58.02 -62.97
C GLU N 66 -11.83 -58.68 -63.50
N ARG N 67 -10.84 -57.90 -63.93
CA ARG N 67 -9.50 -58.47 -64.09
C ARG N 67 -8.95 -58.92 -62.75
N ILE N 68 -9.11 -58.07 -61.73
CA ILE N 68 -8.67 -58.39 -60.37
C ILE N 68 -9.45 -59.58 -59.84
N LYS N 69 -10.72 -59.71 -60.24
CA LYS N 69 -11.47 -60.91 -59.94
C LYS N 69 -10.88 -62.14 -60.63
N ASP N 70 -10.33 -61.95 -61.84
CA ASP N 70 -9.79 -63.10 -62.55
C ASP N 70 -8.42 -63.51 -62.03
N TYR N 71 -7.56 -62.53 -61.72
CA TYR N 71 -6.23 -62.86 -61.22
C TYR N 71 -6.27 -63.46 -59.81
N LEU N 72 -7.35 -63.20 -59.07
CA LEU N 72 -7.46 -63.73 -57.71
C LEU N 72 -8.13 -65.10 -57.67
N LEU N 73 -9.15 -65.31 -58.51
CA LEU N 73 -9.75 -66.63 -58.65
C LEU N 73 -8.73 -67.64 -59.17
N MET N 74 -7.97 -67.26 -60.19
CA MET N 74 -7.01 -68.18 -60.78
C MET N 74 -5.85 -68.46 -59.86
N GLU N 75 -5.42 -67.46 -59.07
CA GLU N 75 -4.41 -67.71 -58.06
C GLU N 75 -4.93 -68.64 -56.98
N GLU N 76 -6.22 -68.50 -56.64
CA GLU N 76 -6.83 -69.43 -55.70
C GLU N 76 -6.99 -70.82 -56.31
N GLU N 77 -7.47 -70.88 -57.55
CA GLU N 77 -7.68 -72.17 -58.20
C GLU N 77 -6.38 -72.86 -58.58
N PHE N 78 -5.30 -72.11 -58.76
CA PHE N 78 -3.99 -72.75 -58.85
C PHE N 78 -3.59 -73.34 -57.52
N ILE N 79 -3.75 -72.58 -56.44
CA ILE N 79 -3.25 -73.00 -55.15
C ILE N 79 -4.21 -73.95 -54.46
N ARG N 80 -5.47 -74.02 -54.92
CA ARG N 80 -6.37 -75.05 -54.45
C ARG N 80 -5.91 -76.43 -54.91
N ASN N 81 -5.28 -76.49 -56.09
CA ASN N 81 -4.75 -77.73 -56.62
C ASN N 81 -3.35 -78.04 -56.12
N GLN N 82 -2.93 -77.39 -55.02
CA GLN N 82 -1.76 -77.79 -54.27
C GLN N 82 -2.14 -78.71 -53.12
N GLU N 83 -3.21 -78.38 -52.37
CA GLU N 83 -3.68 -79.24 -51.29
C GLU N 83 -4.61 -80.33 -51.79
N GLN N 84 -4.65 -80.53 -53.11
CA GLN N 84 -5.40 -81.61 -53.71
C GLN N 84 -4.49 -82.74 -54.17
N MET N 85 -3.34 -82.41 -54.74
CA MET N 85 -2.49 -83.41 -55.38
C MET N 85 -1.13 -83.58 -54.70
N LYS N 86 -0.59 -82.52 -54.09
CA LYS N 86 0.57 -82.68 -53.19
C LYS N 86 0.28 -82.04 -51.82
N PRO N 87 -0.77 -82.53 -51.11
CA PRO N 87 -1.27 -81.79 -49.92
C PRO N 87 -0.34 -81.91 -48.71
N LEU N 88 0.88 -81.42 -48.87
CA LEU N 88 1.93 -81.59 -47.88
C LEU N 88 1.91 -80.46 -46.87
N GLU N 89 2.33 -80.78 -45.65
CA GLU N 89 2.47 -79.79 -44.58
C GLU N 89 3.95 -79.53 -44.41
N GLU N 90 4.45 -78.55 -45.15
CA GLU N 90 5.90 -78.37 -45.28
C GLU N 90 6.48 -77.53 -44.15
N LYS N 91 5.68 -76.62 -43.58
CA LYS N 91 6.25 -75.62 -42.70
C LYS N 91 5.34 -75.35 -41.51
N GLN N 92 4.77 -76.41 -40.93
CA GLN N 92 4.05 -76.24 -39.67
C GLN N 92 5.01 -75.99 -38.53
N GLU N 93 5.88 -76.95 -38.26
CA GLU N 93 6.94 -76.79 -37.28
C GLU N 93 8.32 -76.71 -37.89
N GLU N 94 8.49 -77.16 -39.14
CA GLU N 94 9.79 -77.15 -39.79
C GLU N 94 10.29 -75.72 -40.02
N GLU N 95 9.38 -74.79 -40.30
CA GLU N 95 9.75 -73.38 -40.31
C GLU N 95 9.99 -72.89 -38.88
N ARG N 96 9.21 -73.39 -37.91
CA ARG N 96 9.30 -72.87 -36.55
C ARG N 96 10.52 -73.45 -35.83
N SER N 97 10.70 -74.78 -35.88
CA SER N 97 11.79 -75.42 -35.18
C SER N 97 13.15 -75.11 -35.80
N LYS N 98 13.18 -74.64 -37.04
CA LYS N 98 14.42 -74.10 -37.58
C LYS N 98 14.79 -72.78 -36.91
N VAL N 99 13.80 -72.00 -36.53
CA VAL N 99 14.01 -70.63 -36.07
C VAL N 99 13.99 -70.53 -34.55
N ASP N 100 13.11 -71.28 -33.89
CA ASP N 100 13.12 -71.33 -32.43
C ASP N 100 14.41 -71.96 -31.91
N ASP N 101 15.03 -72.85 -32.69
CA ASP N 101 16.38 -73.30 -32.39
C ASP N 101 17.43 -72.30 -32.87
N LEU N 102 17.07 -71.43 -33.81
CA LEU N 102 18.03 -70.42 -34.25
C LEU N 102 18.15 -69.31 -33.22
N ARG N 103 17.03 -68.83 -32.70
CA ARG N 103 17.08 -67.87 -31.62
C ARG N 103 17.34 -68.57 -30.30
N GLY N 104 17.81 -67.80 -29.32
CA GLY N 104 18.01 -68.35 -28.00
C GLY N 104 16.71 -68.62 -27.28
N THR N 105 16.77 -69.50 -26.30
CA THR N 105 15.58 -69.79 -25.50
C THR N 105 15.29 -68.67 -24.50
N PRO N 106 16.26 -68.10 -23.75
CA PRO N 106 15.93 -66.87 -23.03
C PRO N 106 15.97 -65.69 -23.97
N MET N 107 14.89 -64.91 -23.98
CA MET N 107 14.82 -63.71 -24.78
C MET N 107 14.96 -62.50 -23.88
N SER N 108 15.60 -61.45 -24.40
CA SER N 108 15.84 -60.27 -23.61
C SER N 108 15.32 -59.04 -24.35
N VAL N 109 14.62 -58.18 -23.63
CA VAL N 109 13.95 -57.03 -24.22
C VAL N 109 14.89 -55.84 -24.19
N GLY N 110 15.13 -55.25 -25.36
CA GLY N 110 15.89 -54.03 -25.48
C GLY N 110 15.02 -52.85 -25.89
N THR N 111 15.67 -51.84 -26.44
CA THR N 111 15.00 -50.60 -26.82
C THR N 111 15.71 -49.99 -28.02
N LEU N 112 14.96 -49.66 -29.06
CA LEU N 112 15.54 -49.02 -30.23
C LEU N 112 15.96 -47.60 -29.92
N GLU N 113 17.11 -47.21 -30.49
CA GLU N 113 17.57 -45.84 -30.42
C GLU N 113 17.61 -45.18 -31.79
N GLU N 114 18.34 -45.76 -32.73
CA GLU N 114 18.42 -45.27 -34.10
C GLU N 114 18.43 -46.45 -35.04
N ILE N 115 18.15 -46.18 -36.31
CA ILE N 115 18.10 -47.20 -37.35
C ILE N 115 19.11 -46.80 -38.42
N ILE N 116 20.03 -47.70 -38.73
CA ILE N 116 21.00 -47.48 -39.79
C ILE N 116 20.66 -48.54 -40.84
N ASP N 117 21.41 -48.58 -41.94
CA ASP N 117 20.92 -48.77 -43.32
C ASP N 117 19.81 -49.78 -43.55
N ASP N 118 20.08 -51.07 -43.37
CA ASP N 118 19.03 -52.05 -43.60
C ASP N 118 18.97 -53.17 -42.57
N ASN N 119 20.10 -53.54 -41.95
CA ASN N 119 20.08 -54.73 -41.12
C ASN N 119 20.64 -54.43 -39.75
N HIS N 120 21.66 -53.60 -39.67
CA HIS N 120 22.28 -53.23 -38.41
C HIS N 120 21.68 -51.91 -37.93
N ALA N 121 21.20 -51.91 -36.70
CA ALA N 121 20.76 -50.71 -36.00
C ALA N 121 21.37 -50.71 -34.61
N ILE N 122 21.22 -49.60 -33.90
CA ILE N 122 21.72 -49.45 -32.55
C ILE N 122 20.56 -49.66 -31.60
N VAL N 123 20.82 -50.34 -30.49
CA VAL N 123 19.82 -50.66 -29.50
C VAL N 123 20.33 -50.21 -28.14
N SER N 124 19.52 -50.44 -27.11
CA SER N 124 19.90 -50.12 -25.74
C SER N 124 19.43 -51.22 -24.82
N THR N 125 20.32 -51.68 -23.95
CA THR N 125 19.96 -52.68 -22.97
C THR N 125 19.22 -52.00 -21.81
N SER N 126 18.85 -52.81 -20.81
CA SER N 126 18.09 -52.30 -19.68
C SER N 126 18.93 -51.39 -18.78
N VAL N 127 20.25 -51.46 -18.87
CA VAL N 127 21.10 -50.62 -18.04
C VAL N 127 21.68 -49.42 -18.80
N GLY N 128 21.73 -49.48 -20.12
CA GLY N 128 22.29 -48.38 -20.88
C GLY N 128 23.42 -48.79 -21.80
N SER N 129 23.89 -50.03 -21.67
CA SER N 129 24.90 -50.54 -22.58
C SER N 129 24.29 -50.74 -23.96
N GLU N 130 24.90 -50.14 -24.97
CA GLU N 130 24.31 -50.05 -26.30
C GLU N 130 25.11 -50.88 -27.28
N HIS N 131 24.40 -51.57 -28.17
CA HIS N 131 24.99 -52.59 -29.02
C HIS N 131 24.59 -52.35 -30.46
N TYR N 132 25.57 -52.48 -31.35
CA TYR N 132 25.41 -52.19 -32.77
C TYR N 132 25.20 -53.52 -33.48
N VAL N 133 23.99 -54.03 -33.35
CA VAL N 133 23.70 -55.41 -33.75
C VAL N 133 22.84 -55.42 -35.00
N SER N 134 22.92 -56.53 -35.72
CA SER N 134 22.19 -56.70 -36.96
C SER N 134 20.85 -57.39 -36.71
N ILE N 135 19.81 -56.93 -37.40
CA ILE N 135 18.49 -57.52 -37.25
C ILE N 135 18.33 -58.62 -38.28
N LEU N 136 17.41 -59.54 -38.03
CA LEU N 136 17.14 -60.63 -38.95
C LEU N 136 15.90 -60.31 -39.78
N SER N 137 15.66 -61.15 -40.79
CA SER N 137 14.46 -61.02 -41.61
C SER N 137 13.33 -61.89 -41.08
N PHE N 138 13.10 -61.79 -39.77
CA PHE N 138 12.03 -62.50 -39.08
C PHE N 138 11.10 -61.54 -38.38
N VAL N 139 11.53 -60.34 -38.17
CA VAL N 139 10.79 -59.30 -37.49
C VAL N 139 10.16 -58.40 -38.56
N ASP N 140 8.99 -57.86 -38.25
CA ASP N 140 8.36 -56.90 -39.14
C ASP N 140 9.17 -55.62 -39.14
N LYS N 141 9.89 -55.37 -40.23
CA LYS N 141 10.65 -54.14 -40.38
C LYS N 141 9.76 -52.92 -40.55
N ASP N 142 8.47 -53.10 -40.82
CA ASP N 142 7.60 -51.99 -41.13
C ASP N 142 7.08 -51.29 -39.87
N LEU N 143 6.80 -52.04 -38.81
CA LEU N 143 6.41 -51.44 -37.54
C LEU N 143 7.61 -51.21 -36.62
N LEU N 144 8.79 -51.02 -37.19
CA LEU N 144 10.02 -50.86 -36.44
C LEU N 144 10.41 -49.38 -36.51
N GLU N 145 9.89 -48.60 -35.58
CA GLU N 145 10.21 -47.18 -35.45
C GLU N 145 10.98 -46.98 -34.15
N PRO N 146 11.76 -45.91 -34.03
CA PRO N 146 12.51 -45.68 -32.79
C PRO N 146 11.62 -45.44 -31.59
N GLY N 147 12.10 -45.85 -30.44
CA GLY N 147 11.30 -45.82 -29.23
C GLY N 147 10.43 -47.03 -29.04
N CYS N 148 10.87 -48.20 -29.47
CA CYS N 148 10.11 -49.43 -29.36
C CYS N 148 10.95 -50.52 -28.73
N SER N 149 10.27 -51.43 -28.04
CA SER N 149 10.92 -52.59 -27.45
C SER N 149 11.19 -53.65 -28.51
N VAL N 150 12.28 -54.38 -28.32
CA VAL N 150 12.71 -55.41 -29.24
C VAL N 150 12.97 -56.69 -28.45
N LEU N 151 13.48 -57.70 -29.15
CA LEU N 151 13.91 -58.95 -28.55
C LEU N 151 15.32 -59.24 -29.03
N LEU N 152 16.18 -59.68 -28.13
CA LEU N 152 17.60 -59.76 -28.42
C LEU N 152 18.13 -61.18 -28.23
N ASN N 153 19.42 -61.33 -28.46
CA ASN N 153 20.14 -62.59 -28.35
C ASN N 153 21.18 -62.45 -27.24
N HIS N 154 21.88 -63.54 -26.95
CA HIS N 154 22.87 -63.54 -25.87
C HIS N 154 24.27 -63.28 -26.39
N LYS N 155 24.74 -64.13 -27.31
CA LYS N 155 26.12 -64.03 -27.77
C LYS N 155 26.32 -62.83 -28.67
N VAL N 156 25.60 -62.78 -29.79
CA VAL N 156 25.73 -61.68 -30.73
C VAL N 156 24.76 -60.56 -30.43
N HIS N 157 23.79 -60.77 -29.53
CA HIS N 157 22.79 -59.79 -29.11
C HIS N 157 21.96 -59.26 -30.27
N ALA N 158 21.77 -60.09 -31.30
CA ALA N 158 21.07 -59.64 -32.50
C ALA N 158 19.59 -59.50 -32.24
N VAL N 159 18.97 -58.56 -32.96
CA VAL N 159 17.55 -58.31 -32.80
C VAL N 159 16.78 -59.44 -33.46
N ILE N 160 15.99 -60.14 -32.66
CA ILE N 160 15.28 -61.32 -33.10
C ILE N 160 13.81 -61.04 -33.36
N GLY N 161 13.13 -60.40 -32.41
CA GLY N 161 11.73 -60.11 -32.58
C GLY N 161 11.37 -58.79 -31.96
N VAL N 162 10.11 -58.40 -32.13
CA VAL N 162 9.58 -57.18 -31.57
C VAL N 162 8.44 -57.54 -30.62
N LEU N 163 8.34 -56.81 -29.52
CA LEU N 163 7.21 -56.91 -28.62
C LEU N 163 6.22 -55.82 -28.98
N MET N 164 4.93 -56.17 -29.01
CA MET N 164 3.91 -55.21 -29.37
C MET N 164 3.74 -54.18 -28.27
N ASP N 165 3.23 -53.01 -28.67
CA ASP N 165 3.12 -51.87 -27.79
C ASP N 165 1.80 -51.91 -27.02
N ASP N 166 1.71 -51.06 -26.00
CA ASP N 166 0.48 -50.90 -25.26
C ASP N 166 -0.35 -49.76 -25.84
N THR N 167 -1.43 -49.42 -25.16
CA THR N 167 -2.23 -48.25 -25.49
C THR N 167 -1.71 -47.05 -24.72
N ASP N 168 -1.52 -45.93 -25.42
CA ASP N 168 -1.08 -44.71 -24.76
C ASP N 168 -2.16 -44.18 -23.83
N PRO N 169 -1.79 -43.55 -22.71
CA PRO N 169 -2.82 -43.05 -21.78
C PRO N 169 -3.54 -41.83 -22.29
N LEU N 170 -2.95 -41.07 -23.23
CA LEU N 170 -3.50 -39.78 -23.62
C LEU N 170 -4.81 -39.92 -24.38
N VAL N 171 -5.02 -41.03 -25.06
CA VAL N 171 -6.31 -41.29 -25.68
C VAL N 171 -7.36 -41.52 -24.61
N THR N 172 -7.03 -42.33 -23.61
CA THR N 172 -7.95 -42.62 -22.52
C THR N 172 -8.24 -41.39 -21.66
N VAL N 173 -7.37 -40.39 -21.67
CA VAL N 173 -7.65 -39.14 -20.96
C VAL N 173 -8.70 -38.33 -21.70
N MET N 174 -8.40 -37.99 -22.95
CA MET N 174 -9.09 -36.91 -23.64
C MET N 174 -10.24 -37.36 -24.54
N LYS N 175 -10.18 -38.58 -25.07
CA LYS N 175 -11.20 -39.05 -26.00
C LYS N 175 -12.47 -39.43 -25.25
N VAL N 176 -13.59 -38.84 -25.65
CA VAL N 176 -14.89 -39.40 -25.31
C VAL N 176 -14.98 -40.74 -26.04
N GLU N 177 -14.89 -41.83 -25.29
CA GLU N 177 -14.57 -43.12 -25.90
C GLU N 177 -15.76 -43.70 -26.66
N LYS N 178 -16.94 -43.65 -26.06
CA LYS N 178 -18.13 -44.23 -26.67
C LYS N 178 -19.09 -43.13 -27.08
N ALA N 179 -20.19 -43.54 -27.69
CA ALA N 179 -21.31 -42.66 -27.98
C ALA N 179 -21.95 -42.25 -26.65
N PRO N 180 -21.76 -41.02 -26.18
CA PRO N 180 -22.01 -40.73 -24.76
C PRO N 180 -23.48 -40.59 -24.37
N GLN N 181 -24.27 -39.87 -25.15
CA GLN N 181 -25.53 -39.31 -24.69
C GLN N 181 -26.54 -39.35 -25.84
N GLU N 182 -27.57 -38.52 -25.73
CA GLU N 182 -28.74 -38.60 -26.59
C GLU N 182 -28.43 -38.13 -28.01
N THR N 183 -29.28 -38.58 -28.93
CA THR N 183 -29.19 -38.31 -30.35
C THR N 183 -30.12 -37.13 -30.65
N TYR N 184 -30.42 -36.89 -31.92
CA TYR N 184 -31.18 -35.74 -32.40
C TYR N 184 -32.65 -35.72 -31.96
N ALA N 185 -33.11 -36.68 -31.15
CA ALA N 185 -34.38 -36.52 -30.47
C ALA N 185 -34.29 -35.60 -29.26
N ASP N 186 -33.08 -35.22 -28.85
CA ASP N 186 -32.86 -34.34 -27.71
C ASP N 186 -32.97 -32.87 -28.10
N ILE N 187 -32.49 -32.53 -29.29
CA ILE N 187 -32.35 -31.14 -29.70
C ILE N 187 -33.71 -30.52 -29.97
N GLY N 188 -33.85 -29.24 -29.64
CA GLY N 188 -35.09 -28.53 -29.91
C GLY N 188 -35.01 -27.64 -31.12
N GLY N 189 -35.47 -28.17 -32.26
CA GLY N 189 -35.76 -27.43 -33.49
C GLY N 189 -34.75 -26.43 -34.02
N LEU N 190 -33.55 -26.87 -34.37
CA LEU N 190 -32.58 -25.99 -34.98
C LEU N 190 -32.67 -26.02 -36.50
N ASP N 191 -32.42 -27.20 -37.10
CA ASP N 191 -32.83 -27.56 -38.47
C ASP N 191 -32.14 -26.78 -39.59
N ASN N 192 -31.38 -25.78 -39.23
CA ASN N 192 -30.51 -25.02 -40.11
C ASN N 192 -29.09 -25.04 -39.60
N GLN N 193 -28.93 -24.90 -38.29
CA GLN N 193 -27.66 -25.13 -37.64
C GLN N 193 -27.28 -26.60 -37.70
N ILE N 194 -28.28 -27.48 -37.69
CA ILE N 194 -28.04 -28.89 -37.92
C ILE N 194 -27.59 -29.13 -39.35
N GLN N 195 -28.15 -28.37 -40.29
CA GLN N 195 -27.85 -28.55 -41.70
C GLN N 195 -26.43 -28.08 -42.03
N GLU N 196 -25.92 -27.08 -41.33
CA GLU N 196 -24.61 -26.55 -41.66
C GLU N 196 -23.50 -27.49 -41.17
N ILE N 197 -23.63 -27.98 -39.94
CA ILE N 197 -22.61 -28.87 -39.38
C ILE N 197 -22.62 -30.23 -40.08
N LYS N 198 -23.76 -30.63 -40.64
CA LYS N 198 -23.84 -31.93 -41.30
C LYS N 198 -23.10 -31.93 -42.62
N GLU N 199 -23.32 -30.89 -43.44
CA GLU N 199 -22.64 -30.80 -44.72
C GLU N 199 -21.21 -30.30 -44.59
N SER N 200 -20.78 -29.89 -43.40
CA SER N 200 -19.39 -29.53 -43.20
C SER N 200 -18.55 -30.69 -42.67
N VAL N 201 -19.17 -31.61 -41.95
CA VAL N 201 -18.44 -32.70 -41.30
C VAL N 201 -18.96 -34.04 -41.78
N GLU N 202 -20.26 -34.28 -41.56
CA GLU N 202 -20.83 -35.62 -41.70
C GLU N 202 -20.91 -36.04 -43.17
N LEU N 203 -21.66 -35.30 -43.98
CA LEU N 203 -21.72 -35.56 -45.41
C LEU N 203 -20.38 -35.52 -46.14
N PRO N 204 -19.38 -34.69 -45.77
CA PRO N 204 -18.02 -34.95 -46.28
C PRO N 204 -17.46 -36.31 -45.87
N LEU N 205 -17.70 -36.72 -44.63
CA LEU N 205 -17.08 -37.95 -44.14
C LEU N 205 -17.87 -39.18 -44.59
N THR N 206 -19.18 -39.15 -44.45
CA THR N 206 -19.99 -40.35 -44.70
C THR N 206 -20.06 -40.68 -46.18
N HIS N 207 -20.40 -39.70 -47.02
CA HIS N 207 -20.47 -39.89 -48.45
C HIS N 207 -19.55 -38.91 -49.16
N PRO N 208 -18.23 -39.17 -49.19
CA PRO N 208 -17.38 -38.34 -50.06
C PRO N 208 -17.47 -38.78 -51.50
N GLU N 209 -18.30 -38.08 -52.27
CA GLU N 209 -18.29 -38.25 -53.71
C GLU N 209 -18.49 -36.97 -54.48
N TYR N 210 -19.02 -35.92 -53.85
CA TYR N 210 -19.39 -34.71 -54.56
C TYR N 210 -18.24 -33.73 -54.63
N TYR N 211 -17.44 -33.67 -53.56
CA TYR N 211 -16.27 -32.81 -53.51
C TYR N 211 -15.23 -33.23 -54.53
N GLU N 212 -15.09 -34.54 -54.74
CA GLU N 212 -14.09 -35.04 -55.64
C GLU N 212 -14.58 -35.08 -57.09
N GLU N 213 -15.84 -34.73 -57.33
CA GLU N 213 -16.27 -34.48 -58.70
C GLU N 213 -15.74 -33.15 -59.20
N MET N 214 -15.90 -32.10 -58.43
CA MET N 214 -15.38 -30.78 -58.80
C MET N 214 -13.98 -30.53 -58.27
N GLY N 215 -13.41 -31.48 -57.52
CA GLY N 215 -12.07 -31.32 -57.00
C GLY N 215 -11.93 -30.30 -55.90
N ILE N 216 -13.03 -29.87 -55.30
CA ILE N 216 -13.02 -28.76 -54.35
C ILE N 216 -12.95 -29.34 -52.94
N LYS N 217 -11.97 -28.87 -52.18
CA LYS N 217 -11.77 -29.35 -50.83
C LYS N 217 -12.88 -28.84 -49.91
N PRO N 218 -13.24 -29.60 -48.87
CA PRO N 218 -14.21 -29.11 -47.89
C PRO N 218 -13.63 -27.99 -47.06
N PRO N 219 -14.47 -27.14 -46.47
CA PRO N 219 -13.97 -26.15 -45.53
C PRO N 219 -13.47 -26.80 -44.25
N LYS N 220 -12.53 -26.13 -43.59
CA LYS N 220 -11.79 -26.75 -42.50
C LYS N 220 -12.43 -26.52 -41.12
N GLY N 221 -12.53 -25.26 -40.70
CA GLY N 221 -12.87 -24.95 -39.33
C GLY N 221 -14.28 -24.41 -39.17
N VAL N 222 -14.87 -24.69 -38.02
CA VAL N 222 -16.22 -24.26 -37.68
C VAL N 222 -16.19 -23.63 -36.29
N ILE N 223 -16.72 -22.42 -36.17
CA ILE N 223 -16.90 -21.78 -34.87
C ILE N 223 -18.37 -21.89 -34.46
N LEU N 224 -18.60 -22.34 -33.24
CA LEU N 224 -19.92 -22.33 -32.62
C LEU N 224 -19.94 -21.21 -31.58
N TYR N 225 -20.89 -20.28 -31.73
CA TYR N 225 -20.94 -19.14 -30.84
C TYR N 225 -22.38 -18.71 -30.63
N GLY N 226 -22.60 -17.99 -29.55
CA GLY N 226 -23.90 -17.53 -29.16
C GLY N 226 -23.94 -17.25 -27.68
N PRO N 227 -25.11 -16.86 -27.16
CA PRO N 227 -25.23 -16.66 -25.72
C PRO N 227 -25.11 -17.98 -24.99
N PRO N 228 -24.65 -17.97 -23.74
CA PRO N 228 -24.44 -19.24 -23.03
C PRO N 228 -25.75 -19.89 -22.65
N GLY N 229 -25.73 -21.21 -22.53
CA GLY N 229 -26.94 -21.96 -22.29
C GLY N 229 -27.75 -22.23 -23.53
N THR N 230 -27.12 -22.29 -24.70
CA THR N 230 -27.85 -22.44 -25.94
C THR N 230 -27.87 -23.88 -26.44
N GLY N 231 -26.81 -24.64 -26.19
CA GLY N 231 -26.75 -25.99 -26.71
C GLY N 231 -25.51 -26.26 -27.52
N LYS N 232 -24.46 -25.50 -27.23
CA LYS N 232 -23.21 -25.67 -27.95
C LYS N 232 -22.53 -26.98 -27.58
N THR N 233 -22.56 -27.33 -26.29
CA THR N 233 -22.01 -28.62 -25.87
C THR N 233 -22.90 -29.76 -26.34
N LEU N 234 -24.20 -29.52 -26.47
CA LEU N 234 -25.12 -30.54 -26.96
C LEU N 234 -24.82 -30.93 -28.40
N LEU N 235 -24.65 -29.93 -29.26
CA LEU N 235 -24.47 -30.18 -30.68
C LEU N 235 -23.14 -30.86 -30.96
N ALA N 236 -22.14 -30.62 -30.13
CA ALA N 236 -20.89 -31.35 -30.26
C ALA N 236 -21.08 -32.82 -29.87
N LYS N 237 -21.77 -33.06 -28.77
CA LYS N 237 -21.97 -34.42 -28.30
C LYS N 237 -22.96 -35.18 -29.16
N ALA N 238 -23.89 -34.47 -29.81
CA ALA N 238 -24.84 -35.13 -30.69
C ALA N 238 -24.14 -35.63 -31.95
N VAL N 239 -23.22 -34.83 -32.49
CA VAL N 239 -22.42 -35.31 -33.61
C VAL N 239 -21.42 -36.36 -33.12
N ALA N 240 -20.97 -36.23 -31.87
CA ALA N 240 -20.13 -37.26 -31.28
C ALA N 240 -20.91 -38.56 -31.05
N ASN N 241 -22.22 -38.46 -30.85
CA ASN N 241 -23.05 -39.66 -30.75
C ASN N 241 -23.13 -40.37 -32.10
N GLN N 242 -23.68 -39.69 -33.11
CA GLN N 242 -23.83 -40.28 -34.42
C GLN N 242 -22.62 -39.87 -35.26
N THR N 243 -21.65 -40.76 -35.34
CA THR N 243 -20.45 -40.51 -36.13
C THR N 243 -19.86 -41.83 -36.58
N SER N 244 -18.80 -41.75 -37.38
CA SER N 244 -18.03 -42.91 -37.78
C SER N 244 -16.54 -42.77 -37.51
N ALA N 245 -16.06 -41.56 -37.22
CA ALA N 245 -14.65 -41.32 -36.95
C ALA N 245 -14.48 -41.03 -35.47
N THR N 246 -13.22 -40.90 -35.06
CA THR N 246 -12.91 -40.65 -33.65
C THR N 246 -13.15 -39.19 -33.29
N PHE N 247 -13.57 -38.98 -32.05
CA PHE N 247 -13.94 -37.67 -31.55
C PHE N 247 -13.08 -37.35 -30.34
N LEU N 248 -12.65 -36.09 -30.23
CA LEU N 248 -11.77 -35.65 -29.15
C LEU N 248 -12.34 -34.40 -28.51
N ARG N 249 -12.58 -34.45 -27.22
CA ARG N 249 -13.10 -33.32 -26.46
C ARG N 249 -11.97 -32.72 -25.65
N VAL N 250 -11.86 -31.39 -25.68
CA VAL N 250 -10.81 -30.66 -24.97
C VAL N 250 -11.44 -29.44 -24.31
N VAL N 251 -11.31 -29.35 -22.98
CA VAL N 251 -11.70 -28.15 -22.27
C VAL N 251 -10.56 -27.14 -22.36
N GLY N 252 -10.84 -25.96 -22.89
CA GLY N 252 -9.78 -25.01 -23.19
C GLY N 252 -9.16 -24.37 -21.97
N SER N 253 -9.91 -24.29 -20.86
CA SER N 253 -9.39 -23.70 -19.64
C SER N 253 -8.33 -24.57 -18.98
N GLU N 254 -8.26 -25.85 -19.34
CA GLU N 254 -7.28 -26.77 -18.77
C GLU N 254 -5.99 -26.79 -19.57
N LEU N 255 -5.71 -25.74 -20.34
CA LEU N 255 -4.50 -25.67 -21.16
C LEU N 255 -3.52 -24.65 -20.61
N ILE N 256 -3.57 -24.39 -19.31
CA ILE N 256 -2.72 -23.41 -18.66
C ILE N 256 -2.00 -24.14 -17.55
N GLN N 257 -0.73 -24.44 -17.76
CA GLN N 257 0.07 -25.12 -16.75
C GLN N 257 0.81 -24.11 -15.90
N LYS N 258 1.04 -24.47 -14.64
CA LYS N 258 1.87 -23.63 -13.79
C LYS N 258 3.35 -23.79 -14.07
N TYR N 259 3.74 -24.81 -14.83
CA TYR N 259 5.05 -24.86 -15.44
C TYR N 259 5.00 -24.03 -16.72
N LEU N 260 6.04 -24.10 -17.54
CA LEU N 260 6.02 -23.30 -18.76
C LEU N 260 6.70 -24.06 -19.87
N GLY N 261 6.25 -23.80 -21.09
CA GLY N 261 6.51 -24.67 -22.22
C GLY N 261 5.53 -25.81 -22.35
N ASP N 262 4.81 -26.16 -21.28
CA ASP N 262 3.85 -27.24 -21.34
C ASP N 262 2.55 -26.84 -22.03
N GLY N 263 2.32 -25.54 -22.17
CA GLY N 263 1.23 -25.04 -22.98
C GLY N 263 1.33 -25.49 -24.43
N PRO N 264 2.41 -25.10 -25.11
CA PRO N 264 2.63 -25.63 -26.46
C PRO N 264 2.92 -27.12 -26.51
N LYS N 265 3.38 -27.72 -25.41
CA LYS N 265 3.69 -29.15 -25.41
C LYS N 265 2.42 -29.98 -25.51
N LEU N 266 1.37 -29.59 -24.79
CA LEU N 266 0.12 -30.32 -24.88
C LEU N 266 -0.56 -30.13 -26.22
N VAL N 267 -0.34 -28.99 -26.86
CA VAL N 267 -0.97 -28.73 -28.16
C VAL N 267 -0.32 -29.58 -29.24
N ARG N 268 1.01 -29.57 -29.29
CA ARG N 268 1.73 -30.30 -30.33
C ARG N 268 1.63 -31.81 -30.20
N GLU N 269 1.23 -32.32 -29.03
CA GLU N 269 0.95 -33.73 -28.90
C GLU N 269 -0.50 -34.06 -29.19
N LEU N 270 -1.39 -33.06 -29.09
CA LEU N 270 -2.81 -33.30 -29.30
C LEU N 270 -3.10 -33.63 -30.76
N PHE N 271 -2.62 -32.80 -31.68
CA PHE N 271 -2.87 -33.08 -33.09
C PHE N 271 -1.98 -34.19 -33.58
N ARG N 272 -0.86 -34.45 -32.88
CA ARG N 272 -0.02 -35.59 -33.21
C ARG N 272 -0.75 -36.90 -32.96
N VAL N 273 -1.43 -37.01 -31.82
CA VAL N 273 -2.22 -38.19 -31.53
C VAL N 273 -3.42 -38.27 -32.46
N ALA N 274 -4.06 -37.13 -32.74
CA ALA N 274 -5.24 -37.09 -33.59
C ALA N 274 -4.92 -37.46 -35.03
N GLU N 275 -3.71 -37.16 -35.49
CA GLU N 275 -3.33 -37.54 -36.84
C GLU N 275 -2.95 -39.01 -36.91
N GLU N 276 -2.14 -39.46 -35.97
CA GLU N 276 -1.62 -40.83 -36.02
C GLU N 276 -2.67 -41.87 -35.71
N HIS N 277 -3.76 -41.50 -35.04
CA HIS N 277 -4.71 -42.52 -34.60
C HIS N 277 -5.62 -42.94 -35.75
N ALA N 278 -6.40 -42.00 -36.27
CA ALA N 278 -7.54 -42.37 -37.11
C ALA N 278 -8.03 -41.18 -37.90
N PRO N 279 -9.04 -41.34 -38.76
CA PRO N 279 -9.94 -40.21 -39.04
C PRO N 279 -10.46 -39.61 -37.75
N SER N 280 -10.28 -38.30 -37.61
CA SER N 280 -10.44 -37.68 -36.30
C SER N 280 -11.22 -36.39 -36.41
N ILE N 281 -11.96 -36.09 -35.35
CA ILE N 281 -12.68 -34.83 -35.20
C ILE N 281 -12.25 -34.23 -33.88
N VAL N 282 -11.54 -33.11 -33.93
CA VAL N 282 -11.03 -32.46 -32.73
C VAL N 282 -11.99 -31.34 -32.33
N PHE N 283 -12.55 -31.44 -31.14
CA PHE N 283 -13.42 -30.41 -30.60
C PHE N 283 -12.75 -29.79 -29.39
N ILE N 284 -12.60 -28.47 -29.41
CA ILE N 284 -12.03 -27.74 -28.28
C ILE N 284 -13.08 -26.75 -27.81
N ASP N 285 -13.72 -27.08 -26.70
CA ASP N 285 -14.66 -26.15 -26.09
C ASP N 285 -13.88 -25.03 -25.42
N GLU N 286 -14.51 -23.84 -25.37
CA GLU N 286 -14.11 -22.71 -24.56
C GLU N 286 -12.70 -22.22 -24.94
N ILE N 287 -12.62 -21.61 -26.12
CA ILE N 287 -11.37 -20.96 -26.51
C ILE N 287 -11.43 -19.45 -26.34
N ASP N 288 -12.51 -18.92 -25.78
CA ASP N 288 -12.68 -17.48 -25.78
C ASP N 288 -11.86 -16.82 -24.67
N ALA N 289 -11.71 -17.48 -23.54
CA ALA N 289 -10.98 -16.92 -22.41
C ALA N 289 -9.56 -17.45 -22.31
N ILE N 290 -9.04 -18.07 -23.36
CA ILE N 290 -7.66 -18.54 -23.39
C ILE N 290 -6.89 -18.04 -24.59
N GLY N 291 -7.56 -17.52 -25.61
CA GLY N 291 -6.89 -17.15 -26.83
C GLY N 291 -7.36 -15.86 -27.45
N THR N 292 -7.67 -14.87 -26.62
CA THR N 292 -8.52 -13.78 -27.08
C THR N 292 -7.80 -12.82 -28.03
N LYS N 293 -6.76 -12.12 -27.57
CA LYS N 293 -5.98 -11.17 -28.37
C LYS N 293 -4.77 -10.73 -27.54
N ARG N 294 -4.00 -9.81 -28.11
CA ARG N 294 -2.74 -9.34 -27.51
C ARG N 294 -2.94 -8.06 -26.68
N TYR N 295 -3.97 -8.11 -25.81
CA TYR N 295 -4.73 -6.92 -25.37
C TYR N 295 -3.87 -5.79 -24.82
N ASP N 296 -2.84 -6.11 -24.04
CA ASP N 296 -1.91 -5.10 -23.58
C ASP N 296 -0.46 -5.41 -23.89
N SER N 297 -0.15 -6.61 -24.40
CA SER N 297 1.21 -7.09 -24.67
C SER N 297 2.09 -7.00 -23.42
N ASN N 298 1.61 -7.62 -22.35
CA ASN N 298 2.29 -7.62 -21.06
C ASN N 298 3.23 -8.82 -21.00
N SER N 299 3.77 -9.08 -19.82
CA SER N 299 4.54 -10.31 -19.61
C SER N 299 4.07 -10.99 -18.33
N GLY N 300 4.80 -12.01 -17.90
CA GLY N 300 4.46 -12.69 -16.65
C GLY N 300 3.21 -13.52 -16.75
N GLY N 301 3.28 -14.59 -17.52
CA GLY N 301 2.13 -15.48 -17.68
C GLY N 301 1.27 -15.21 -18.89
N GLU N 302 0.85 -13.96 -19.08
CA GLU N 302 0.06 -13.61 -20.26
C GLU N 302 0.89 -13.72 -21.52
N ARG N 303 2.20 -13.46 -21.40
CA ARG N 303 3.11 -13.69 -22.53
C ARG N 303 3.24 -15.17 -22.83
N GLU N 304 3.17 -16.02 -21.79
CA GLU N 304 3.16 -17.46 -22.00
C GLU N 304 1.89 -17.92 -22.70
N ILE N 305 0.75 -17.35 -22.30
CA ILE N 305 -0.53 -17.66 -22.94
C ILE N 305 -0.51 -17.25 -24.40
N GLN N 306 0.18 -16.14 -24.70
CA GLN N 306 0.38 -15.74 -26.08
C GLN N 306 1.20 -16.76 -26.85
N ARG N 307 2.19 -17.36 -26.20
CA ARG N 307 3.03 -18.34 -26.89
C ARG N 307 2.29 -19.64 -27.12
N THR N 308 1.35 -20.00 -26.23
CA THR N 308 0.58 -21.22 -26.42
C THR N 308 -0.36 -21.08 -27.61
N MET N 309 -0.99 -19.92 -27.75
CA MET N 309 -1.88 -19.70 -28.89
C MET N 309 -1.09 -19.52 -30.17
N LEU N 310 0.15 -19.07 -30.07
CA LEU N 310 0.97 -18.93 -31.26
C LEU N 310 1.41 -20.29 -31.78
N GLU N 311 1.65 -21.24 -30.88
CA GLU N 311 1.92 -22.61 -31.31
C GLU N 311 0.67 -23.26 -31.88
N LEU N 312 -0.47 -23.06 -31.22
CA LEU N 312 -1.74 -23.62 -31.69
C LEU N 312 -2.12 -23.09 -33.06
N LEU N 313 -1.81 -21.83 -33.31
CA LEU N 313 -2.07 -21.24 -34.61
C LEU N 313 -1.23 -21.90 -35.70
N ASN N 314 0.03 -22.21 -35.41
CA ASN N 314 0.82 -22.92 -36.41
C ASN N 314 0.45 -24.39 -36.47
N GLN N 315 0.15 -24.99 -35.31
CA GLN N 315 -0.22 -26.40 -35.28
C GLN N 315 -1.59 -26.62 -35.91
N LEU N 316 -2.45 -25.60 -35.91
CA LEU N 316 -3.67 -25.66 -36.68
C LEU N 316 -3.37 -25.70 -38.17
N ASP N 317 -2.72 -24.67 -38.70
CA ASP N 317 -2.41 -24.62 -40.12
C ASP N 317 -1.16 -23.76 -40.36
N GLY N 318 0.00 -24.40 -40.45
CA GLY N 318 1.08 -23.75 -41.16
C GLY N 318 1.67 -24.51 -42.32
N PHE N 319 1.87 -25.82 -42.17
CA PHE N 319 2.77 -26.60 -43.01
C PHE N 319 2.21 -28.00 -43.15
N ASP N 320 2.20 -28.52 -44.39
CA ASP N 320 1.92 -29.93 -44.69
C ASP N 320 0.56 -30.35 -44.16
N SER N 321 -0.47 -29.81 -44.82
CA SER N 321 -1.90 -29.84 -44.46
C SER N 321 -2.33 -31.18 -43.91
N ARG N 322 -2.90 -31.15 -42.70
CA ARG N 322 -2.81 -32.27 -41.78
C ARG N 322 -3.59 -33.48 -42.25
N GLY N 323 -4.74 -33.27 -42.88
CA GLY N 323 -5.40 -34.36 -43.57
C GLY N 323 -6.30 -35.16 -42.66
N ASP N 324 -7.60 -35.16 -42.97
CA ASP N 324 -8.64 -35.90 -42.25
C ASP N 324 -8.68 -35.47 -40.78
N VAL N 325 -8.46 -34.19 -40.55
CA VAL N 325 -8.49 -33.59 -39.22
C VAL N 325 -9.60 -32.55 -39.21
N LYS N 326 -10.62 -32.77 -38.40
CA LYS N 326 -11.77 -31.89 -38.33
C LYS N 326 -11.71 -31.10 -37.04
N VAL N 327 -11.72 -29.77 -37.16
CA VAL N 327 -11.53 -28.87 -36.03
C VAL N 327 -12.84 -28.12 -35.81
N ILE N 328 -13.40 -28.26 -34.60
CA ILE N 328 -14.62 -27.58 -34.23
C ILE N 328 -14.38 -26.84 -32.93
N MET N 329 -14.67 -25.54 -32.92
CA MET N 329 -14.35 -24.68 -31.79
C MET N 329 -15.63 -24.00 -31.30
N ALA N 330 -15.73 -23.79 -30.00
CA ALA N 330 -16.94 -23.29 -29.38
C ALA N 330 -16.61 -22.12 -28.45
N THR N 331 -17.34 -21.02 -28.60
CA THR N 331 -17.16 -19.83 -27.78
C THR N 331 -18.50 -19.31 -27.29
N ASN N 332 -18.45 -18.47 -26.27
CA ASN N 332 -19.59 -17.65 -25.88
C ASN N 332 -19.51 -16.28 -26.54
N ARG N 333 -18.40 -15.58 -26.33
CA ARG N 333 -18.17 -14.31 -26.98
C ARG N 333 -17.40 -14.52 -28.28
N ILE N 334 -17.68 -13.65 -29.25
CA ILE N 334 -17.06 -13.77 -30.57
C ILE N 334 -16.23 -12.53 -30.92
N GLU N 335 -16.49 -11.39 -30.29
CA GLU N 335 -15.91 -10.13 -30.76
C GLU N 335 -14.45 -10.00 -30.36
N THR N 336 -14.12 -10.35 -29.13
CA THR N 336 -12.74 -10.23 -28.65
C THR N 336 -11.97 -11.52 -28.95
N LEU N 337 -11.86 -11.81 -30.23
CA LEU N 337 -11.07 -12.93 -30.71
C LEU N 337 -9.99 -12.41 -31.66
N ASP N 338 -8.87 -13.10 -31.66
CA ASP N 338 -7.74 -12.69 -32.48
C ASP N 338 -8.04 -12.96 -33.94
N PRO N 339 -7.99 -11.96 -34.81
CA PRO N 339 -8.45 -12.14 -36.19
C PRO N 339 -7.54 -13.01 -37.04
N ALA N 340 -6.33 -13.30 -36.58
CA ALA N 340 -5.50 -14.25 -37.29
C ALA N 340 -6.04 -15.67 -37.19
N LEU N 341 -6.83 -15.97 -36.16
CA LEU N 341 -7.56 -17.23 -36.12
C LEU N 341 -8.84 -17.17 -36.91
N ILE N 342 -9.43 -15.98 -37.02
CA ILE N 342 -10.74 -15.84 -37.64
C ILE N 342 -10.64 -15.91 -39.17
N ARG N 343 -9.47 -15.65 -39.73
CA ARG N 343 -9.30 -15.59 -41.17
C ARG N 343 -9.52 -16.96 -41.81
N PRO N 344 -9.97 -17.00 -43.06
CA PRO N 344 -10.08 -18.27 -43.77
C PRO N 344 -8.71 -18.90 -44.02
N GLY N 345 -8.74 -20.19 -44.32
CA GLY N 345 -7.57 -21.02 -44.23
C GLY N 345 -7.45 -21.74 -42.91
N ARG N 346 -8.08 -21.18 -41.88
CA ARG N 346 -8.14 -21.82 -40.57
C ARG N 346 -9.57 -22.18 -40.20
N ILE N 347 -10.47 -21.22 -40.23
CA ILE N 347 -11.88 -21.42 -39.93
C ILE N 347 -12.69 -20.78 -41.05
N ASP N 348 -13.61 -21.54 -41.64
CA ASP N 348 -14.40 -21.04 -42.74
C ASP N 348 -15.88 -20.91 -42.44
N ARG N 349 -16.38 -21.55 -41.38
CA ARG N 349 -17.79 -21.53 -41.06
C ARG N 349 -18.02 -20.86 -39.71
N LYS N 350 -18.91 -19.87 -39.69
CA LYS N 350 -19.27 -19.15 -38.48
C LYS N 350 -20.78 -19.19 -38.33
N ILE N 351 -21.26 -19.79 -37.25
CA ILE N 351 -22.67 -20.11 -37.10
C ILE N 351 -23.22 -19.41 -35.86
N GLU N 352 -24.20 -18.52 -36.08
CA GLU N 352 -24.90 -17.88 -34.97
C GLU N 352 -25.87 -18.86 -34.31
N PHE N 353 -26.01 -18.72 -33.00
CA PHE N 353 -26.96 -19.51 -32.21
C PHE N 353 -27.94 -18.59 -31.52
N PRO N 354 -29.12 -18.36 -32.09
CA PRO N 354 -30.09 -17.46 -31.44
C PRO N 354 -30.89 -18.16 -30.37
N LEU N 355 -31.88 -17.46 -29.81
CA LEU N 355 -32.77 -18.02 -28.81
C LEU N 355 -34.21 -17.97 -29.31
N PRO N 356 -34.86 -19.10 -29.58
CA PRO N 356 -36.27 -19.07 -29.97
C PRO N 356 -37.15 -18.68 -28.80
N ASP N 357 -38.37 -18.25 -29.11
CA ASP N 357 -39.22 -17.60 -28.12
C ASP N 357 -40.38 -18.45 -27.65
N GLU N 358 -41.14 -19.07 -28.56
CA GLU N 358 -42.31 -19.85 -28.17
C GLU N 358 -42.49 -21.12 -28.98
N LYS N 359 -41.56 -21.46 -29.86
CA LYS N 359 -41.82 -22.49 -30.85
C LYS N 359 -41.06 -23.76 -30.60
N THR N 360 -39.74 -23.69 -30.51
CA THR N 360 -38.97 -24.87 -30.20
C THR N 360 -38.96 -25.18 -28.73
N LYS N 361 -39.29 -24.18 -27.89
CA LYS N 361 -39.38 -24.40 -26.45
C LYS N 361 -40.45 -25.42 -26.10
N LYS N 362 -41.56 -25.43 -26.86
CA LYS N 362 -42.66 -26.35 -26.63
C LYS N 362 -42.25 -27.82 -26.73
N ARG N 363 -41.16 -28.11 -27.45
CA ARG N 363 -40.54 -29.42 -27.37
C ARG N 363 -39.46 -29.51 -26.32
N ILE N 364 -38.73 -28.43 -26.06
CA ILE N 364 -37.68 -28.46 -25.03
C ILE N 364 -38.30 -28.62 -23.65
N PHE N 365 -39.42 -27.93 -23.40
CA PHE N 365 -40.21 -28.23 -22.21
C PHE N 365 -40.79 -29.62 -22.26
N GLN N 366 -41.09 -30.13 -23.45
CA GLN N 366 -41.64 -31.48 -23.55
C GLN N 366 -40.57 -32.54 -23.35
N ILE N 367 -39.39 -32.35 -23.96
CA ILE N 367 -38.33 -33.36 -23.89
C ILE N 367 -37.78 -33.49 -22.49
N HIS N 368 -37.60 -32.37 -21.79
CA HIS N 368 -37.15 -32.44 -20.41
C HIS N 368 -38.23 -32.93 -19.46
N THR N 369 -39.48 -32.93 -19.88
CA THR N 369 -40.56 -33.55 -19.12
C THR N 369 -41.07 -34.83 -19.78
N SER N 370 -40.34 -35.36 -20.75
CA SER N 370 -40.77 -36.59 -21.42
C SER N 370 -40.61 -37.80 -20.52
N ARG N 371 -39.61 -37.80 -19.66
CA ARG N 371 -39.41 -38.89 -18.71
C ARG N 371 -39.61 -38.31 -17.31
N MET N 372 -40.87 -38.19 -16.92
CA MET N 372 -41.34 -37.81 -15.59
C MET N 372 -42.86 -37.91 -15.63
N THR N 373 -43.48 -37.73 -14.47
CA THR N 373 -44.93 -37.70 -14.41
C THR N 373 -45.46 -36.33 -14.79
N LEU N 374 -46.77 -36.28 -14.99
CA LEU N 374 -47.43 -35.03 -15.33
C LEU N 374 -48.90 -35.16 -14.91
N ALA N 375 -49.24 -34.55 -13.78
CA ALA N 375 -50.65 -34.46 -13.43
C ALA N 375 -51.33 -33.44 -14.34
N ASP N 376 -52.65 -33.51 -14.39
CA ASP N 376 -53.41 -32.79 -15.40
C ASP N 376 -53.59 -31.30 -15.09
N ASP N 377 -53.07 -30.83 -13.96
CA ASP N 377 -53.28 -29.45 -13.54
C ASP N 377 -52.30 -28.46 -14.17
N VAL N 378 -51.44 -28.91 -15.08
CA VAL N 378 -50.38 -28.05 -15.58
C VAL N 378 -50.59 -27.78 -17.06
N THR N 379 -50.23 -26.56 -17.46
CA THR N 379 -50.16 -26.14 -18.85
C THR N 379 -48.80 -25.50 -19.07
N LEU N 380 -48.07 -25.98 -20.07
CA LEU N 380 -46.77 -25.40 -20.38
C LEU N 380 -46.89 -24.00 -20.97
N ASP N 381 -48.05 -23.67 -21.56
CA ASP N 381 -48.29 -22.36 -22.13
C ASP N 381 -48.42 -21.26 -21.09
N ASP N 382 -48.52 -21.62 -19.81
CA ASP N 382 -48.45 -20.63 -18.75
C ASP N 382 -47.08 -19.95 -18.69
N LEU N 383 -46.04 -20.66 -19.12
CA LEU N 383 -44.68 -20.13 -19.07
C LEU N 383 -44.04 -19.92 -20.42
N ILE N 384 -44.43 -20.69 -21.44
CA ILE N 384 -43.83 -20.52 -22.77
C ILE N 384 -44.29 -19.23 -23.41
N MET N 385 -45.60 -18.95 -23.32
CA MET N 385 -46.17 -17.79 -23.98
C MET N 385 -45.76 -16.49 -23.27
N ALA N 386 -45.44 -16.56 -21.98
CA ALA N 386 -45.20 -15.35 -21.20
C ALA N 386 -43.85 -14.71 -21.52
N LYS N 387 -42.77 -15.40 -21.19
CA LYS N 387 -41.43 -14.84 -21.34
C LYS N 387 -40.72 -15.53 -22.50
N ASP N 388 -39.91 -14.75 -23.22
CA ASP N 388 -39.41 -15.16 -24.52
C ASP N 388 -37.89 -15.21 -24.66
N ASP N 389 -37.13 -15.10 -23.57
CA ASP N 389 -35.68 -14.98 -23.69
C ASP N 389 -34.87 -16.07 -23.00
N LEU N 390 -35.47 -16.81 -22.07
CA LEU N 390 -34.71 -17.66 -21.17
C LEU N 390 -34.17 -18.88 -21.90
N SER N 391 -32.99 -19.32 -21.47
CA SER N 391 -32.22 -20.31 -22.19
C SER N 391 -32.80 -21.71 -22.04
N GLY N 392 -32.32 -22.60 -22.91
CA GLY N 392 -32.66 -24.01 -22.76
C GLY N 392 -32.06 -24.62 -21.51
N ALA N 393 -30.94 -24.06 -21.04
CA ALA N 393 -30.39 -24.49 -19.77
C ALA N 393 -31.28 -24.07 -18.61
N ASP N 394 -31.96 -22.93 -18.75
CA ASP N 394 -32.93 -22.53 -17.74
C ASP N 394 -34.13 -23.47 -17.73
N ILE N 395 -34.51 -23.99 -18.91
CA ILE N 395 -35.62 -24.93 -19.01
C ILE N 395 -35.27 -26.23 -18.30
N LYS N 396 -34.04 -26.71 -18.47
CA LYS N 396 -33.59 -27.87 -17.73
C LYS N 396 -33.49 -27.57 -16.24
N ALA N 397 -33.12 -26.33 -15.89
CA ALA N 397 -33.09 -25.94 -14.49
C ALA N 397 -34.49 -25.89 -13.88
N ILE N 398 -35.50 -25.57 -14.69
CA ILE N 398 -36.87 -25.63 -14.20
C ILE N 398 -37.33 -27.08 -14.06
N CYS N 399 -37.11 -27.88 -15.11
CA CYS N 399 -37.64 -29.24 -15.16
C CYS N 399 -36.96 -30.19 -14.20
N THR N 400 -35.82 -29.81 -13.62
CA THR N 400 -35.27 -30.58 -12.51
C THR N 400 -35.76 -30.08 -11.16
N GLU N 401 -35.94 -28.76 -11.04
CA GLU N 401 -36.35 -28.17 -9.77
C GLU N 401 -37.76 -28.56 -9.38
N ALA N 402 -38.65 -28.72 -10.38
CA ALA N 402 -39.99 -29.21 -10.11
C ALA N 402 -39.94 -30.65 -9.58
N GLY N 403 -39.00 -31.45 -10.07
CA GLY N 403 -38.78 -32.75 -9.48
C GLY N 403 -38.14 -32.66 -8.11
N LEU N 404 -37.44 -31.56 -7.82
CA LEU N 404 -36.87 -31.37 -6.49
C LEU N 404 -37.91 -30.91 -5.50
N MET N 405 -38.80 -30.00 -5.92
CA MET N 405 -39.78 -29.44 -5.00
C MET N 405 -40.84 -30.45 -4.62
N ALA N 406 -41.16 -31.39 -5.53
CA ALA N 406 -42.22 -32.35 -5.26
C ALA N 406 -41.77 -33.39 -4.23
N LEU N 407 -40.60 -33.98 -4.44
CA LEU N 407 -40.13 -35.06 -3.58
C LEU N 407 -39.53 -34.57 -2.28
N ARG N 408 -39.18 -33.28 -2.19
CA ARG N 408 -38.77 -32.73 -0.91
C ARG N 408 -39.94 -32.71 0.07
N GLU N 409 -41.11 -32.33 -0.43
CA GLU N 409 -42.33 -32.35 0.37
C GLU N 409 -43.04 -33.69 0.32
N ARG N 410 -42.41 -34.70 -0.28
CA ARG N 410 -42.82 -36.11 -0.21
C ARG N 410 -44.18 -36.35 -0.83
N ARG N 411 -44.52 -35.54 -1.82
CA ARG N 411 -45.86 -35.52 -2.38
C ARG N 411 -45.96 -36.48 -3.55
N MET N 412 -47.10 -36.41 -4.23
CA MET N 412 -47.35 -37.18 -5.43
C MET N 412 -46.83 -36.40 -6.64
N LYS N 413 -47.27 -36.79 -7.84
CA LYS N 413 -46.62 -36.56 -9.13
C LYS N 413 -46.14 -35.14 -9.43
N VAL N 414 -47.07 -34.22 -9.64
CA VAL N 414 -46.81 -32.91 -10.25
C VAL N 414 -47.92 -31.96 -9.79
N THR N 415 -47.57 -30.76 -9.34
CA THR N 415 -48.56 -29.70 -9.20
C THR N 415 -48.22 -28.56 -10.14
N ASN N 416 -49.20 -27.66 -10.32
CA ASN N 416 -48.93 -26.41 -11.01
C ASN N 416 -47.99 -25.53 -10.20
N GLU N 417 -48.16 -25.54 -8.87
CA GLU N 417 -47.32 -24.73 -7.99
C GLU N 417 -45.89 -25.24 -7.92
N ASP N 418 -45.64 -26.48 -8.35
CA ASP N 418 -44.27 -26.90 -8.62
C ASP N 418 -43.65 -26.04 -9.71
N PHE N 419 -44.35 -25.90 -10.84
CA PHE N 419 -43.83 -25.09 -11.94
C PHE N 419 -43.91 -23.60 -11.62
N LYS N 420 -44.80 -23.20 -10.73
CA LYS N 420 -44.84 -21.80 -10.31
C LYS N 420 -43.60 -21.45 -9.51
N LYS N 421 -43.32 -22.21 -8.45
CA LYS N 421 -42.19 -21.90 -7.57
C LYS N 421 -40.85 -22.19 -8.25
N SER N 422 -40.81 -23.15 -9.16
CA SER N 422 -39.57 -23.43 -9.87
C SER N 422 -39.22 -22.30 -10.83
N LYS N 423 -40.22 -21.76 -11.54
CA LYS N 423 -39.98 -20.62 -12.42
C LYS N 423 -39.58 -19.39 -11.62
N GLU N 424 -40.20 -19.19 -10.45
CA GLU N 424 -39.83 -18.09 -9.57
C GLU N 424 -38.39 -18.22 -9.08
N ASN N 425 -37.96 -19.45 -8.80
CA ASN N 425 -36.60 -19.67 -8.31
C ASN N 425 -35.56 -19.39 -9.38
N VAL N 426 -35.79 -19.89 -10.60
CA VAL N 426 -34.87 -19.70 -11.71
C VAL N 426 -34.75 -18.24 -12.12
N LEU N 427 -35.79 -17.42 -11.84
CA LEU N 427 -35.64 -15.98 -11.93
C LEU N 427 -34.56 -15.47 -10.98
N TYR N 428 -34.64 -15.85 -9.71
CA TYR N 428 -33.62 -15.45 -8.75
C TYR N 428 -32.29 -16.13 -9.00
N LYS N 429 -32.29 -17.29 -9.66
CA LYS N 429 -31.05 -17.91 -10.08
C LYS N 429 -30.35 -17.07 -11.13
N LYS N 430 -31.12 -16.32 -11.92
CA LYS N 430 -30.55 -15.33 -12.83
C LYS N 430 -30.34 -14.00 -12.09
N GLN N 431 -31.40 -13.49 -11.44
CA GLN N 431 -31.47 -12.09 -11.05
C GLN N 431 -30.55 -11.74 -9.88
N GLU N 432 -30.29 -12.68 -8.98
CA GLU N 432 -29.44 -12.38 -7.83
C GLU N 432 -27.98 -12.18 -8.21
N GLY N 433 -27.58 -12.56 -9.42
CA GLY N 433 -26.28 -12.21 -9.94
C GLY N 433 -26.35 -11.12 -10.99
N THR N 434 -27.36 -10.25 -10.93
CA THR N 434 -27.51 -9.16 -11.88
C THR N 434 -27.37 -7.82 -11.16
N PRO N 435 -26.47 -6.95 -11.61
CA PRO N 435 -26.33 -5.62 -11.01
C PRO N 435 -27.19 -4.54 -11.66
N GLU N 436 -28.12 -4.93 -12.53
CA GLU N 436 -28.86 -3.96 -13.32
C GLU N 436 -29.86 -3.21 -12.45
N GLY N 437 -29.87 -1.88 -12.58
CA GLY N 437 -30.82 -1.06 -11.86
C GLY N 437 -32.05 -0.78 -12.68
N LEU N 438 -32.21 0.46 -13.15
CA LEU N 438 -33.34 0.85 -13.99
C LEU N 438 -32.78 1.59 -15.20
N TYR N 439 -32.81 0.92 -16.36
CA TYR N 439 -32.31 1.41 -17.64
C TYR N 439 -30.88 1.92 -17.53
N LEU N 440 -30.04 1.11 -16.89
CA LEU N 440 -28.60 1.27 -16.85
C LEU N 440 -28.19 2.54 -16.10
N GLY O 9 -2.31 -139.49 23.44
CA GLY O 9 -2.46 -138.09 23.11
C GLY O 9 -2.34 -137.17 24.31
N SER O 10 -2.97 -137.55 25.41
CA SER O 10 -2.90 -136.75 26.62
C SER O 10 -1.57 -136.94 27.35
N GLY O 11 -0.87 -138.04 27.11
CA GLY O 11 0.37 -138.31 27.79
C GLY O 11 1.59 -138.22 26.90
N LEU O 12 1.40 -138.43 25.60
CA LEU O 12 2.51 -138.48 24.66
C LEU O 12 2.49 -137.37 23.63
N ARG O 13 1.31 -136.83 23.28
CA ARG O 13 1.23 -135.65 22.42
C ARG O 13 1.08 -134.36 23.20
N GLN O 14 0.40 -134.40 24.35
CA GLN O 14 0.09 -133.17 25.06
C GLN O 14 1.33 -132.56 25.70
N TYR O 15 2.36 -133.37 25.96
CA TYR O 15 3.63 -132.83 26.43
C TYR O 15 4.30 -131.97 25.37
N TYR O 16 4.12 -132.32 24.10
CA TYR O 16 4.68 -131.49 23.04
C TYR O 16 3.73 -130.39 22.59
N LEU O 17 2.44 -130.70 22.45
CA LEU O 17 1.48 -129.73 21.94
C LEU O 17 1.26 -128.58 22.89
N SER O 18 1.35 -128.80 24.19
CA SER O 18 1.31 -127.67 25.12
C SER O 18 2.63 -126.93 25.16
N LYS O 19 3.73 -127.60 24.82
CA LYS O 19 5.03 -126.97 24.90
C LYS O 19 5.31 -126.12 23.67
N ILE O 20 4.80 -126.53 22.50
CA ILE O 20 4.98 -125.73 21.28
C ILE O 20 4.11 -124.49 21.29
N GLU O 21 3.18 -124.39 22.23
CA GLU O 21 2.38 -123.18 22.42
C GLU O 21 3.26 -121.98 22.73
N GLU O 22 4.01 -122.05 23.84
CA GLU O 22 4.81 -120.91 24.26
C GLU O 22 6.00 -120.68 23.34
N LEU O 23 6.49 -121.73 22.68
CA LEU O 23 7.49 -121.55 21.64
C LEU O 23 6.90 -120.79 20.45
N GLN O 24 5.59 -120.92 20.22
CA GLN O 24 4.95 -120.08 19.21
C GLN O 24 4.70 -118.68 19.73
N LEU O 25 4.45 -118.53 21.04
CA LEU O 25 4.05 -117.23 21.59
C LEU O 25 5.19 -116.24 21.59
N ILE O 26 6.41 -116.69 21.88
CA ILE O 26 7.53 -115.76 21.95
C ILE O 26 7.95 -115.32 20.55
N VAL O 27 7.91 -116.25 19.59
CA VAL O 27 8.14 -115.90 18.19
C VAL O 27 7.03 -114.98 17.69
N ASN O 28 5.81 -115.20 18.18
CA ASN O 28 4.72 -114.27 17.91
C ASN O 28 4.98 -112.91 18.57
N ASP O 29 5.63 -112.92 19.73
CA ASP O 29 5.83 -111.69 20.49
C ASP O 29 6.90 -110.82 19.85
N LYS O 30 8.12 -111.34 19.74
CA LYS O 30 9.26 -110.53 19.38
C LYS O 30 9.29 -110.13 17.91
N SER O 31 8.42 -110.70 17.08
CA SER O 31 8.28 -110.21 15.71
C SER O 31 7.69 -108.81 15.69
N GLN O 32 6.76 -108.51 16.60
CA GLN O 32 6.31 -107.14 16.80
C GLN O 32 7.44 -106.28 17.34
N ASN O 33 8.25 -106.84 18.23
CA ASN O 33 9.39 -106.12 18.76
C ASN O 33 10.46 -105.91 17.70
N LEU O 34 10.59 -106.85 16.76
CA LEU O 34 11.61 -106.73 15.73
C LEU O 34 11.29 -105.59 14.77
N ARG O 35 10.07 -105.57 14.23
CA ARG O 35 9.69 -104.57 13.23
C ARG O 35 9.59 -103.18 13.82
N ARG O 36 9.46 -103.05 15.14
CA ARG O 36 9.65 -101.75 15.76
C ARG O 36 11.10 -101.32 15.66
N LEU O 37 12.03 -102.24 15.95
CA LEU O 37 13.45 -101.92 15.85
C LEU O 37 13.89 -101.81 14.39
N GLN O 38 13.19 -102.47 13.47
CA GLN O 38 13.53 -102.36 12.05
C GLN O 38 13.30 -100.94 11.55
N ALA O 39 12.12 -100.38 11.84
CA ALA O 39 11.76 -99.07 11.31
C ALA O 39 12.59 -97.96 11.92
N GLN O 40 13.02 -98.13 13.18
CA GLN O 40 13.84 -97.12 13.82
C GLN O 40 15.23 -97.05 13.20
N ARG O 41 15.78 -98.19 12.78
CA ARG O 41 17.04 -98.19 12.06
C ARG O 41 16.89 -97.54 10.69
N ASN O 42 15.74 -97.71 10.04
CA ASN O 42 15.54 -97.09 8.74
C ASN O 42 15.36 -95.59 8.83
N GLU O 43 14.94 -95.07 9.99
CA GLU O 43 14.85 -93.63 10.16
C GLU O 43 16.23 -92.99 10.23
N LEU O 44 17.13 -93.57 11.02
CA LEU O 44 18.45 -92.99 11.19
C LEU O 44 19.32 -93.22 9.96
N ASN O 45 19.17 -94.36 9.30
CA ASN O 45 19.94 -94.61 8.09
C ASN O 45 19.52 -93.69 6.96
N ALA O 46 18.23 -93.36 6.87
CA ALA O 46 17.81 -92.36 5.90
C ALA O 46 18.20 -90.96 6.34
N LYS O 47 18.46 -90.77 7.63
CA LYS O 47 18.89 -89.46 8.10
C LYS O 47 20.38 -89.26 7.87
N VAL O 48 21.18 -90.31 8.04
CA VAL O 48 22.63 -90.18 7.86
C VAL O 48 22.97 -90.11 6.38
N ARG O 49 22.28 -90.90 5.55
CA ARG O 49 22.53 -90.91 4.11
C ARG O 49 22.22 -89.56 3.48
N LEU O 50 21.15 -88.91 3.94
CA LEU O 50 20.81 -87.59 3.41
C LEU O 50 21.79 -86.53 3.85
N LEU O 51 22.51 -86.73 4.95
CA LEU O 51 23.53 -85.77 5.36
C LEU O 51 24.86 -85.99 4.65
N ARG O 52 25.22 -87.24 4.36
CA ARG O 52 26.48 -87.51 3.67
C ARG O 52 26.40 -87.10 2.21
N GLU O 53 25.25 -87.32 1.57
CA GLU O 53 25.03 -86.90 0.20
C GLU O 53 24.97 -85.38 0.07
N GLU O 54 24.65 -84.68 1.16
CA GLU O 54 24.25 -83.28 1.14
C GLU O 54 25.39 -82.35 0.71
N LEU O 55 26.64 -82.77 0.89
CA LEU O 55 27.77 -81.87 0.64
C LEU O 55 27.95 -81.56 -0.84
N GLN O 56 27.55 -82.47 -1.71
CA GLN O 56 27.63 -82.19 -3.14
C GLN O 56 26.46 -81.33 -3.60
N LEU O 57 25.28 -81.49 -2.98
CA LEU O 57 24.07 -80.84 -3.49
C LEU O 57 24.07 -79.36 -3.20
N LEU O 58 24.78 -78.91 -2.18
CA LEU O 58 24.91 -77.48 -1.95
C LEU O 58 26.18 -76.90 -2.57
N GLN O 59 26.94 -77.71 -3.30
CA GLN O 59 27.90 -77.19 -4.28
C GLN O 59 27.26 -77.15 -5.65
N GLU O 60 26.08 -76.54 -5.70
CA GLU O 60 25.26 -76.51 -6.90
C GLU O 60 24.54 -75.18 -6.96
N GLN O 61 24.45 -74.61 -8.17
CA GLN O 61 24.01 -73.25 -8.41
C GLN O 61 22.57 -73.02 -7.96
N GLY O 62 22.26 -71.76 -7.64
CA GLY O 62 20.98 -71.38 -7.12
C GLY O 62 19.97 -71.09 -8.21
N SER O 63 18.95 -70.33 -7.84
CA SER O 63 17.85 -70.03 -8.75
C SER O 63 17.39 -68.59 -8.56
N TYR O 64 17.02 -67.96 -9.66
CA TYR O 64 16.54 -66.59 -9.65
C TYR O 64 15.08 -66.55 -9.27
N VAL O 65 14.63 -65.37 -8.86
CA VAL O 65 13.22 -65.12 -8.58
C VAL O 65 12.78 -63.87 -9.32
N GLY O 66 11.67 -63.97 -10.04
CA GLY O 66 11.14 -62.85 -10.78
C GLY O 66 9.64 -62.83 -10.70
N GLU O 67 9.05 -61.80 -11.31
CA GLU O 67 7.61 -61.58 -11.26
C GLU O 67 7.05 -61.62 -12.68
N VAL O 68 6.00 -62.42 -12.87
CA VAL O 68 5.32 -62.51 -14.16
C VAL O 68 4.52 -61.24 -14.38
N VAL O 69 4.80 -60.54 -15.48
CA VAL O 69 3.92 -59.45 -15.89
C VAL O 69 2.61 -60.02 -16.42
N ARG O 70 2.69 -60.78 -17.51
CA ARG O 70 1.57 -61.50 -18.13
C ARG O 70 2.15 -62.43 -19.19
N ALA O 71 1.44 -63.52 -19.43
CA ALA O 71 1.90 -64.52 -20.39
C ALA O 71 1.45 -64.16 -21.80
N MET O 72 2.00 -64.86 -22.78
CA MET O 72 1.56 -64.75 -24.16
C MET O 72 1.50 -66.16 -24.74
N ASP O 73 1.31 -66.26 -26.05
CA ASP O 73 1.11 -67.54 -26.71
C ASP O 73 2.39 -68.38 -26.71
N LYS O 74 2.20 -69.67 -26.99
CA LYS O 74 3.27 -70.66 -27.18
C LYS O 74 4.11 -70.84 -25.91
N LYS O 75 3.41 -70.96 -24.77
CA LYS O 75 3.97 -71.43 -23.50
C LYS O 75 5.09 -70.55 -22.98
N LYS O 76 4.95 -69.24 -23.16
CA LYS O 76 5.95 -68.29 -22.72
C LYS O 76 5.30 -67.22 -21.85
N VAL O 77 6.12 -66.61 -21.00
CA VAL O 77 5.69 -65.54 -20.11
C VAL O 77 6.64 -64.36 -20.29
N LEU O 78 6.43 -63.31 -19.47
CA LEU O 78 7.20 -62.08 -19.56
C LEU O 78 7.51 -61.63 -18.14
N VAL O 79 8.79 -61.68 -17.76
CA VAL O 79 9.20 -61.56 -16.36
C VAL O 79 10.34 -60.56 -16.24
N LYS O 80 10.13 -59.51 -15.44
CA LYS O 80 11.20 -58.67 -14.91
C LYS O 80 11.74 -59.35 -13.65
N VAL O 81 13.07 -59.38 -13.49
CA VAL O 81 13.53 -60.34 -12.50
C VAL O 81 13.55 -59.71 -11.10
N HIS O 82 14.68 -59.11 -10.65
CA HIS O 82 14.53 -58.00 -9.73
C HIS O 82 15.07 -56.67 -10.27
N PRO O 83 16.39 -56.54 -10.69
CA PRO O 83 16.85 -55.20 -11.08
C PRO O 83 16.69 -54.93 -12.57
N GLU O 84 16.78 -55.99 -13.36
CA GLU O 84 17.12 -55.90 -14.76
C GLU O 84 15.85 -55.79 -15.60
N GLY O 85 15.98 -55.95 -16.90
CA GLY O 85 14.85 -55.86 -17.80
C GLY O 85 13.91 -57.04 -17.75
N LYS O 86 13.04 -57.12 -18.75
CA LYS O 86 12.00 -58.11 -18.80
C LYS O 86 12.39 -59.19 -19.79
N PHE O 87 12.14 -60.45 -19.44
CA PHE O 87 12.61 -61.58 -20.22
C PHE O 87 11.42 -62.41 -20.70
N VAL O 88 11.48 -62.83 -21.95
CA VAL O 88 10.53 -63.81 -22.48
C VAL O 88 11.19 -65.16 -22.35
N VAL O 89 10.62 -66.02 -21.50
CA VAL O 89 11.27 -67.27 -21.13
C VAL O 89 10.35 -68.46 -21.34
N ASP O 90 10.83 -69.63 -20.97
CA ASP O 90 10.11 -70.88 -21.11
C ASP O 90 9.48 -71.28 -19.78
N VAL O 91 8.41 -72.06 -19.86
CA VAL O 91 7.78 -72.62 -18.69
C VAL O 91 8.28 -74.05 -18.50
N ASP O 92 7.99 -74.62 -17.34
CA ASP O 92 8.37 -75.99 -17.04
C ASP O 92 7.34 -76.96 -17.62
N LYS O 93 7.65 -78.25 -17.52
CA LYS O 93 6.72 -79.29 -17.92
C LYS O 93 5.79 -79.71 -16.80
N ASN O 94 6.11 -79.37 -15.56
CA ASN O 94 5.24 -79.68 -14.44
C ASN O 94 4.19 -78.62 -14.18
N ILE O 95 4.39 -77.41 -14.70
CA ILE O 95 3.47 -76.32 -14.47
C ILE O 95 2.60 -76.14 -15.71
N ASP O 96 1.53 -75.37 -15.56
CA ASP O 96 0.60 -75.11 -16.64
C ASP O 96 0.53 -73.62 -16.92
N ILE O 97 0.05 -73.29 -18.12
CA ILE O 97 -0.14 -71.90 -18.50
C ILE O 97 -1.25 -71.26 -17.67
N ASN O 98 -2.32 -72.02 -17.41
CA ASN O 98 -3.48 -71.49 -16.70
C ASN O 98 -3.17 -71.22 -15.23
N ASP O 99 -2.15 -71.87 -14.67
CA ASP O 99 -1.76 -71.61 -13.29
C ASP O 99 -1.04 -70.28 -13.13
N VAL O 100 -0.56 -69.69 -14.22
CA VAL O 100 0.24 -68.47 -14.16
C VAL O 100 -0.70 -67.29 -14.00
N THR O 101 -0.71 -66.74 -12.85
CA THR O 101 -1.41 -65.48 -12.63
C THR O 101 -0.48 -64.31 -12.88
N PRO O 102 -1.00 -63.20 -13.41
CA PRO O 102 -0.19 -61.98 -13.45
C PRO O 102 0.09 -61.45 -12.06
N ASN O 103 1.25 -60.82 -11.92
CA ASN O 103 1.82 -60.37 -10.63
C ASN O 103 1.95 -61.52 -9.65
N CYS O 104 2.74 -62.51 -10.05
CA CYS O 104 2.99 -63.69 -9.24
C CYS O 104 4.44 -64.09 -9.36
N ARG O 105 5.07 -64.41 -8.23
CA ARG O 105 6.48 -64.75 -8.22
C ARG O 105 6.70 -66.16 -8.75
N VAL O 106 7.86 -66.35 -9.38
CA VAL O 106 8.25 -67.64 -9.96
C VAL O 106 9.70 -67.93 -9.61
N ALA O 107 10.04 -69.21 -9.63
CA ALA O 107 11.42 -69.65 -9.49
C ALA O 107 12.03 -69.78 -10.87
N LEU O 108 13.24 -69.25 -11.04
CA LEU O 108 13.84 -69.11 -12.35
C LEU O 108 15.25 -69.68 -12.33
N ARG O 109 15.57 -70.47 -13.35
CA ARG O 109 16.93 -70.97 -13.53
C ARG O 109 17.89 -69.82 -13.81
N ASN O 110 19.14 -69.98 -13.39
CA ASN O 110 20.16 -68.98 -13.69
C ASN O 110 20.84 -69.18 -15.04
N ASP O 111 20.79 -70.39 -15.61
CA ASP O 111 21.46 -70.65 -16.88
C ASP O 111 20.50 -70.50 -18.06
N SER O 112 19.49 -71.35 -18.13
CA SER O 112 18.57 -71.36 -19.25
C SER O 112 17.35 -70.48 -19.02
N TYR O 113 17.27 -69.88 -17.83
CA TYR O 113 16.18 -68.99 -17.42
C TYR O 113 14.83 -69.67 -17.55
N THR O 114 14.77 -70.92 -17.13
CA THR O 114 13.55 -71.68 -17.19
C THR O 114 12.82 -71.60 -15.86
N LEU O 115 11.51 -71.75 -15.92
CA LEU O 115 10.72 -71.77 -14.70
C LEU O 115 10.86 -73.12 -14.02
N HIS O 116 10.97 -73.10 -12.68
CA HIS O 116 10.92 -74.33 -11.91
C HIS O 116 9.59 -74.50 -11.20
N LYS O 117 9.14 -73.47 -10.50
CA LYS O 117 8.04 -73.64 -9.56
C LYS O 117 7.40 -72.29 -9.30
N ILE O 118 6.08 -72.27 -9.22
CA ILE O 118 5.35 -71.05 -8.87
C ILE O 118 5.57 -70.76 -7.40
N LEU O 119 6.08 -69.63 -7.10
CA LEU O 119 6.20 -69.26 -5.70
C LEU O 119 4.91 -68.62 -5.23
N PRO O 120 4.53 -68.84 -3.97
CA PRO O 120 3.25 -68.31 -3.49
C PRO O 120 3.30 -66.81 -3.27
N ASN O 121 2.13 -66.20 -3.33
CA ASN O 121 2.00 -64.79 -3.02
C ASN O 121 2.26 -64.57 -1.55
N LYS O 122 3.04 -63.54 -1.23
CA LYS O 122 3.52 -63.39 0.15
C LYS O 122 2.39 -62.94 1.07
N VAL O 123 1.78 -61.79 0.78
CA VAL O 123 0.46 -61.40 1.22
C VAL O 123 -0.12 -60.69 0.00
N ASP O 124 -1.42 -60.45 0.03
CA ASP O 124 -2.03 -59.61 -0.97
C ASP O 124 -2.08 -58.20 -0.37
N PRO O 125 -1.29 -57.25 -0.88
CA PRO O 125 -1.08 -55.98 -0.14
C PRO O 125 -2.32 -55.12 -0.05
N LEU O 126 -3.20 -55.16 -1.06
CA LEU O 126 -4.52 -54.59 -0.91
C LEU O 126 -5.34 -55.37 0.11
N VAL O 127 -5.31 -56.70 0.02
CA VAL O 127 -6.16 -57.54 0.86
C VAL O 127 -5.50 -57.84 2.20
N SER O 128 -4.26 -57.38 2.40
CA SER O 128 -3.73 -57.34 3.76
C SER O 128 -4.17 -56.07 4.47
N LEU O 129 -4.18 -54.94 3.75
CA LEU O 129 -4.70 -53.68 4.24
C LEU O 129 -6.11 -53.46 3.71
N MET O 130 -6.89 -54.54 3.68
CA MET O 130 -8.29 -54.41 3.28
C MET O 130 -9.02 -53.58 4.32
N MET O 131 -9.80 -52.63 3.84
CA MET O 131 -10.30 -51.59 4.73
C MET O 131 -11.43 -52.13 5.58
N VAL O 132 -11.49 -51.67 6.83
CA VAL O 132 -12.31 -52.34 7.83
C VAL O 132 -13.79 -52.07 7.57
N GLU O 133 -14.59 -53.12 7.72
CA GLU O 133 -16.04 -53.06 7.54
C GLU O 133 -16.73 -53.03 8.90
N LYS O 134 -16.16 -52.24 9.82
CA LYS O 134 -16.51 -52.23 11.23
C LYS O 134 -17.97 -51.82 11.45
N VAL O 135 -18.43 -52.02 12.68
CA VAL O 135 -19.85 -52.05 12.99
C VAL O 135 -20.46 -50.66 12.86
N PRO O 136 -21.49 -50.50 12.06
CA PRO O 136 -22.14 -49.19 11.93
C PRO O 136 -23.01 -48.87 13.14
N ASP O 137 -22.42 -48.27 14.16
CA ASP O 137 -23.19 -47.75 15.28
C ASP O 137 -23.45 -46.27 15.07
N SER O 138 -24.56 -45.80 15.61
CA SER O 138 -24.75 -44.37 15.77
C SER O 138 -24.51 -43.97 17.22
N THR O 139 -23.94 -42.79 17.38
CA THR O 139 -24.44 -41.87 18.39
C THR O 139 -25.57 -41.20 17.61
N TYR O 140 -26.69 -41.00 18.27
CA TYR O 140 -27.97 -40.81 17.60
C TYR O 140 -28.13 -39.39 17.09
N GLU O 141 -29.38 -38.96 16.94
CA GLU O 141 -29.77 -37.57 16.68
C GLU O 141 -29.14 -36.52 17.60
N MET O 142 -28.53 -36.94 18.72
CA MET O 142 -27.88 -36.06 19.68
C MET O 142 -26.51 -35.57 19.20
N ILE O 143 -26.46 -35.10 17.95
CA ILE O 143 -25.41 -34.23 17.44
C ILE O 143 -26.00 -32.85 17.12
N GLY O 144 -26.99 -32.42 17.91
CA GLY O 144 -27.71 -31.17 17.76
C GLY O 144 -26.83 -29.94 17.58
N GLY O 145 -27.34 -28.98 16.81
CA GLY O 145 -26.50 -27.93 16.26
C GLY O 145 -26.13 -28.19 14.82
N LEU O 146 -26.45 -29.38 14.30
CA LEU O 146 -26.17 -29.76 12.92
C LEU O 146 -27.43 -30.27 12.22
N ASP O 147 -28.60 -30.01 12.81
CA ASP O 147 -29.83 -30.69 12.42
C ASP O 147 -30.31 -30.28 11.04
N LYS O 148 -29.97 -29.07 10.60
CA LYS O 148 -30.27 -28.68 9.22
C LYS O 148 -29.48 -29.51 8.23
N GLN O 149 -28.21 -29.76 8.53
CA GLN O 149 -27.40 -30.62 7.68
C GLN O 149 -27.86 -32.07 7.77
N ILE O 150 -28.40 -32.47 8.92
CA ILE O 150 -28.91 -33.83 9.08
C ILE O 150 -30.15 -34.03 8.21
N LYS O 151 -31.00 -33.01 8.11
CA LYS O 151 -32.18 -33.11 7.25
C LYS O 151 -31.81 -33.15 5.78
N GLU O 152 -30.68 -32.57 5.41
CA GLU O 152 -30.23 -32.64 4.03
C GLU O 152 -29.76 -34.04 3.67
N ILE O 153 -29.08 -34.71 4.60
CA ILE O 153 -28.52 -36.02 4.32
C ILE O 153 -29.62 -37.07 4.25
N LYS O 154 -30.66 -36.92 5.08
CA LYS O 154 -31.80 -37.82 5.03
C LYS O 154 -32.53 -37.71 3.69
N GLU O 155 -32.64 -36.51 3.16
CA GLU O 155 -33.35 -36.27 1.92
C GLU O 155 -32.50 -36.51 0.68
N VAL O 156 -31.24 -36.90 0.85
CA VAL O 156 -30.37 -37.19 -0.29
C VAL O 156 -29.78 -38.60 -0.23
N ILE O 157 -29.80 -39.27 0.93
CA ILE O 157 -29.26 -40.61 1.07
C ILE O 157 -30.30 -41.58 1.60
N GLU O 158 -30.98 -41.22 2.70
CA GLU O 158 -31.97 -42.12 3.27
C GLU O 158 -33.21 -42.21 2.40
N LEU O 159 -33.69 -41.06 1.92
CA LEU O 159 -34.85 -41.04 1.04
C LEU O 159 -34.66 -41.79 -0.29
N PRO O 160 -33.48 -41.84 -0.93
CA PRO O 160 -33.33 -42.85 -1.99
C PRO O 160 -33.33 -44.28 -1.49
N VAL O 161 -32.72 -44.55 -0.34
CA VAL O 161 -32.66 -45.92 0.17
C VAL O 161 -34.02 -46.36 0.68
N LYS O 162 -34.65 -45.53 1.51
CA LYS O 162 -35.94 -45.91 2.08
C LYS O 162 -37.04 -45.89 1.05
N HIS O 163 -37.06 -44.86 0.19
CA HIS O 163 -38.15 -44.65 -0.77
C HIS O 163 -37.60 -44.75 -2.19
N PRO O 164 -37.43 -45.96 -2.74
CA PRO O 164 -37.05 -46.05 -4.14
C PRO O 164 -38.25 -45.75 -5.03
N GLU O 165 -39.44 -46.12 -4.55
CA GLU O 165 -40.63 -46.06 -5.39
C GLU O 165 -41.10 -44.64 -5.62
N LEU O 166 -40.75 -43.69 -4.76
CA LEU O 166 -41.03 -42.29 -5.06
C LEU O 166 -40.22 -41.84 -6.27
N PHE O 167 -39.02 -42.38 -6.43
CA PHE O 167 -38.23 -42.12 -7.63
C PHE O 167 -38.70 -42.95 -8.80
N GLU O 168 -39.19 -44.17 -8.51
CA GLU O 168 -39.68 -45.03 -9.57
C GLU O 168 -41.00 -44.53 -10.14
N ALA O 169 -41.87 -43.99 -9.27
CA ALA O 169 -43.12 -43.43 -9.75
C ALA O 169 -42.88 -42.14 -10.53
N LEU O 170 -42.16 -41.20 -9.93
CA LEU O 170 -41.95 -39.90 -10.56
C LEU O 170 -40.97 -39.97 -11.72
N GLY O 171 -40.13 -41.00 -11.78
CA GLY O 171 -39.20 -41.13 -12.88
C GLY O 171 -38.05 -40.15 -12.77
N ILE O 172 -37.26 -40.29 -11.71
CA ILE O 172 -36.06 -39.49 -11.51
C ILE O 172 -35.00 -40.38 -10.88
N ALA O 173 -33.75 -40.14 -11.24
CA ALA O 173 -32.67 -41.01 -10.80
C ALA O 173 -32.34 -40.78 -9.34
N GLN O 174 -31.89 -41.83 -8.69
CA GLN O 174 -31.46 -41.68 -7.31
C GLN O 174 -29.99 -41.28 -7.24
N PRO O 175 -29.63 -40.36 -6.36
CA PRO O 175 -28.23 -39.94 -6.25
C PRO O 175 -27.37 -41.02 -5.62
N LYS O 176 -26.06 -40.90 -5.84
CA LYS O 176 -25.11 -41.83 -5.28
C LYS O 176 -23.86 -41.18 -4.72
N GLY O 177 -23.68 -39.87 -4.88
CA GLY O 177 -22.49 -39.22 -4.38
C GLY O 177 -22.75 -37.88 -3.72
N VAL O 178 -22.40 -37.76 -2.45
CA VAL O 178 -22.64 -36.54 -1.68
C VAL O 178 -21.31 -35.96 -1.28
N LEU O 179 -21.14 -34.66 -1.45
CA LEU O 179 -19.93 -33.97 -1.04
C LEU O 179 -20.22 -33.16 0.22
N LEU O 180 -19.34 -33.27 1.21
CA LEU O 180 -19.41 -32.49 2.42
C LEU O 180 -18.22 -31.55 2.48
N TYR O 181 -18.43 -30.36 3.05
CA TYR O 181 -17.34 -29.41 3.12
C TYR O 181 -17.51 -28.48 4.31
N GLY O 182 -16.37 -28.00 4.80
CA GLY O 182 -16.32 -27.15 5.96
C GLY O 182 -14.92 -27.14 6.56
N PRO O 183 -14.78 -26.59 7.76
CA PRO O 183 -13.52 -26.73 8.48
C PRO O 183 -13.32 -28.17 8.92
N PRO O 184 -12.07 -28.63 9.05
CA PRO O 184 -11.84 -30.03 9.41
C PRO O 184 -12.12 -30.28 10.89
N GLY O 185 -12.65 -31.46 11.19
CA GLY O 185 -12.96 -31.82 12.55
C GLY O 185 -14.31 -31.34 13.05
N THR O 186 -15.15 -30.80 12.16
CA THR O 186 -16.50 -30.39 12.52
C THR O 186 -17.51 -31.51 12.28
N GLY O 187 -17.06 -32.76 12.31
CA GLY O 187 -17.94 -33.87 12.07
C GLY O 187 -18.08 -34.28 10.62
N LYS O 188 -17.03 -34.07 9.81
CA LYS O 188 -17.03 -34.64 8.47
C LYS O 188 -16.97 -36.15 8.55
N THR O 189 -16.20 -36.68 9.49
CA THR O 189 -16.07 -38.12 9.68
C THR O 189 -17.30 -38.69 10.37
N LEU O 190 -17.64 -38.15 11.53
CA LEU O 190 -18.51 -38.82 12.48
C LEU O 190 -19.98 -38.72 12.13
N LEU O 191 -20.35 -37.87 11.18
CA LEU O 191 -21.75 -37.72 10.83
C LEU O 191 -22.18 -38.77 9.81
N ALA O 192 -21.39 -38.97 8.76
CA ALA O 192 -21.65 -40.05 7.82
C ALA O 192 -21.43 -41.42 8.43
N ARG O 193 -20.61 -41.49 9.49
CA ARG O 193 -20.55 -42.69 10.33
C ARG O 193 -21.90 -43.01 10.93
N ALA O 194 -22.63 -41.98 11.37
CA ALA O 194 -23.91 -42.20 12.03
C ALA O 194 -25.02 -42.53 11.04
N VAL O 195 -25.04 -41.85 9.89
CA VAL O 195 -26.12 -42.00 8.92
C VAL O 195 -26.12 -43.40 8.31
N ALA O 196 -24.94 -44.00 8.15
CA ALA O 196 -24.84 -45.38 7.67
C ALA O 196 -25.46 -46.38 8.65
N HIS O 197 -25.61 -46.01 9.91
CA HIS O 197 -26.36 -46.82 10.85
C HIS O 197 -27.85 -46.54 10.84
N HIS O 198 -28.27 -45.29 10.63
CA HIS O 198 -29.69 -44.97 10.63
C HIS O 198 -30.43 -45.65 9.48
N THR O 199 -29.73 -45.93 8.39
CA THR O 199 -30.26 -46.73 7.30
C THR O 199 -29.91 -48.21 7.42
N ASP O 200 -29.05 -48.58 8.37
CA ASP O 200 -28.59 -49.95 8.63
C ASP O 200 -27.94 -50.55 7.37
N CYS O 201 -26.81 -49.96 7.00
CA CYS O 201 -26.02 -50.43 5.88
C CYS O 201 -24.58 -50.70 6.33
N THR O 202 -23.89 -51.53 5.56
CA THR O 202 -22.51 -51.92 5.88
C THR O 202 -21.59 -50.74 5.61
N PHE O 203 -21.08 -50.13 6.67
CA PHE O 203 -20.18 -49.00 6.50
C PHE O 203 -18.80 -49.47 6.07
N ILE O 204 -18.23 -48.76 5.10
CA ILE O 204 -16.89 -49.05 4.61
C ILE O 204 -16.12 -47.74 4.60
N ARG O 205 -15.11 -47.64 5.45
CA ARG O 205 -14.23 -46.48 5.50
C ARG O 205 -12.95 -46.78 4.75
N VAL O 206 -12.63 -45.95 3.76
CA VAL O 206 -11.39 -46.07 3.01
C VAL O 206 -10.54 -44.86 3.34
N SER O 207 -9.47 -45.08 4.10
CA SER O 207 -8.51 -44.02 4.36
C SER O 207 -7.68 -43.74 3.11
N GLY O 208 -6.90 -44.74 2.67
CA GLY O 208 -6.20 -44.82 1.39
C GLY O 208 -5.46 -43.59 0.92
N SER O 209 -4.62 -43.04 1.79
CA SER O 209 -4.28 -41.63 1.65
C SER O 209 -3.20 -41.39 0.60
N GLU O 210 -1.97 -41.83 0.86
CA GLU O 210 -0.88 -41.76 -0.10
C GLU O 210 0.00 -42.99 -0.12
N LEU O 211 -0.10 -43.86 0.89
CA LEU O 211 0.66 -45.11 0.90
C LEU O 211 0.19 -46.03 -0.21
N VAL O 212 -1.07 -45.90 -0.63
CA VAL O 212 -1.58 -46.62 -1.78
C VAL O 212 -1.41 -45.84 -3.08
N GLN O 213 -1.21 -44.51 -3.01
CA GLN O 213 -0.99 -43.71 -4.21
C GLN O 213 0.36 -44.01 -4.85
N LYS O 214 1.34 -44.43 -4.06
CA LYS O 214 2.65 -44.76 -4.60
C LYS O 214 2.65 -46.13 -5.28
N PHE O 215 1.76 -47.02 -4.87
CA PHE O 215 1.82 -48.42 -5.29
C PHE O 215 1.35 -48.52 -6.73
N ILE O 216 2.33 -48.66 -7.64
CA ILE O 216 2.07 -48.58 -9.07
C ILE O 216 1.38 -49.83 -9.58
N GLY O 217 1.97 -50.99 -9.30
CA GLY O 217 1.55 -52.22 -9.94
C GLY O 217 0.20 -52.73 -9.50
N GLU O 218 -0.18 -52.47 -8.26
CA GLU O 218 -1.52 -52.80 -7.79
C GLU O 218 -2.45 -51.60 -7.77
N GLY O 219 -1.99 -50.44 -8.26
CA GLY O 219 -2.83 -49.26 -8.33
C GLY O 219 -4.01 -49.38 -9.29
N ALA O 220 -3.93 -50.32 -10.23
CA ALA O 220 -4.98 -50.55 -11.20
C ALA O 220 -5.99 -51.60 -10.75
N ARG O 221 -5.88 -52.08 -9.50
CA ARG O 221 -6.85 -53.03 -8.98
C ARG O 221 -7.49 -52.64 -7.66
N MET O 222 -6.97 -51.62 -6.95
CA MET O 222 -7.42 -51.35 -5.60
C MET O 222 -8.86 -50.85 -5.57
N VAL O 223 -9.31 -50.26 -6.68
CA VAL O 223 -10.72 -49.88 -6.79
C VAL O 223 -11.56 -51.06 -7.26
N ARG O 224 -10.94 -52.02 -7.94
CA ARG O 224 -11.68 -53.11 -8.58
C ARG O 224 -12.28 -54.06 -7.54
N GLU O 225 -11.43 -54.70 -6.74
CA GLU O 225 -11.96 -55.62 -5.74
C GLU O 225 -12.63 -54.91 -4.58
N LEU O 226 -12.36 -53.62 -4.39
CA LEU O 226 -13.10 -52.85 -3.39
C LEU O 226 -14.56 -52.71 -3.79
N PHE O 227 -14.82 -52.45 -5.07
CA PHE O 227 -16.21 -52.40 -5.52
C PHE O 227 -16.80 -53.79 -5.65
N VAL O 228 -15.96 -54.83 -5.74
CA VAL O 228 -16.45 -56.19 -5.55
C VAL O 228 -16.90 -56.40 -4.12
N MET O 229 -16.11 -55.90 -3.15
CA MET O 229 -16.45 -56.03 -1.73
C MET O 229 -17.73 -55.30 -1.38
N ALA O 230 -18.01 -54.18 -2.04
CA ALA O 230 -19.24 -53.44 -1.75
C ALA O 230 -20.47 -54.17 -2.25
N ARG O 231 -20.39 -54.76 -3.44
CA ARG O 231 -21.51 -55.49 -3.99
C ARG O 231 -21.61 -56.92 -3.48
N GLU O 232 -20.64 -57.37 -2.70
CA GLU O 232 -20.66 -58.72 -2.13
C GLU O 232 -21.24 -58.77 -0.73
N HIS O 233 -20.85 -57.83 0.14
CA HIS O 233 -21.19 -57.94 1.55
C HIS O 233 -22.67 -57.65 1.79
N ALA O 234 -23.10 -56.44 1.47
CA ALA O 234 -24.42 -55.98 1.91
C ALA O 234 -24.83 -54.78 1.06
N PRO O 235 -26.05 -54.23 1.25
CA PRO O 235 -26.21 -52.80 0.97
C PRO O 235 -25.19 -52.03 1.77
N SER O 236 -24.27 -51.36 1.09
CA SER O 236 -23.09 -50.82 1.72
C SER O 236 -22.91 -49.36 1.38
N ILE O 237 -22.15 -48.66 2.22
CA ILE O 237 -21.89 -47.23 2.07
C ILE O 237 -20.39 -47.02 2.21
N ILE O 238 -19.78 -46.47 1.17
CA ILE O 238 -18.33 -46.27 1.13
C ILE O 238 -18.05 -44.81 1.42
N PHE O 239 -17.17 -44.56 2.38
CA PHE O 239 -16.82 -43.21 2.80
C PHE O 239 -15.42 -42.85 2.31
N MET O 240 -15.27 -41.61 1.87
CA MET O 240 -13.99 -41.12 1.38
C MET O 240 -13.61 -39.80 2.04
N ASP O 241 -12.52 -39.20 1.58
CA ASP O 241 -12.01 -37.97 2.16
C ASP O 241 -11.12 -37.27 1.11
N GLU O 242 -10.29 -36.33 1.58
CA GLU O 242 -9.53 -35.41 0.73
C GLU O 242 -8.44 -36.07 -0.12
N ILE O 243 -8.30 -37.39 -0.04
CA ILE O 243 -7.08 -38.11 -0.41
C ILE O 243 -6.75 -38.02 -1.89
N ASP O 244 -7.75 -37.91 -2.75
CA ASP O 244 -7.45 -37.83 -4.17
C ASP O 244 -7.03 -36.41 -4.55
N SER O 245 -7.67 -35.41 -3.94
CA SER O 245 -7.39 -34.01 -4.22
C SER O 245 -5.98 -33.63 -3.79
N ILE O 246 -5.47 -34.26 -2.73
CA ILE O 246 -4.08 -34.09 -2.37
C ILE O 246 -3.19 -34.84 -3.36
N GLY O 247 -3.69 -35.95 -3.91
CA GLY O 247 -2.95 -36.68 -4.92
C GLY O 247 -3.01 -36.05 -6.30
N SER O 248 -4.21 -35.88 -6.86
CA SER O 248 -4.32 -35.34 -8.21
C SER O 248 -5.61 -34.55 -8.37
N SER O 249 -5.61 -33.64 -9.33
CA SER O 249 -6.82 -32.94 -9.71
C SER O 249 -7.17 -33.17 -11.17
N ARG O 250 -6.24 -32.93 -12.07
CA ARG O 250 -6.51 -32.86 -13.50
C ARG O 250 -5.17 -33.11 -14.22
N LEU O 251 -5.08 -32.71 -15.49
CA LEU O 251 -3.96 -32.97 -16.41
C LEU O 251 -2.76 -32.06 -16.12
N GLU O 252 -2.73 -31.44 -14.94
CA GLU O 252 -1.56 -30.67 -14.50
C GLU O 252 -0.33 -31.54 -14.44
N GLY O 253 -0.41 -32.67 -13.76
CA GLY O 253 0.61 -33.70 -13.86
C GLY O 253 0.22 -34.68 -14.95
N GLY O 254 0.09 -34.19 -16.18
CA GLY O 254 -0.53 -34.93 -17.25
C GLY O 254 0.45 -35.65 -18.13
N SER O 255 0.75 -35.06 -19.30
CA SER O 255 1.66 -35.67 -20.26
C SER O 255 3.11 -35.71 -19.78
N GLY O 256 3.44 -35.02 -18.68
CA GLY O 256 4.80 -35.01 -18.17
C GLY O 256 5.10 -36.11 -17.17
N GLY O 257 4.56 -37.31 -17.40
CA GLY O 257 4.92 -38.45 -16.58
C GLY O 257 3.77 -39.26 -15.99
N ASP O 258 2.56 -38.66 -15.98
CA ASP O 258 1.25 -39.24 -15.64
C ASP O 258 1.08 -39.51 -14.14
N SER O 259 2.18 -39.48 -13.37
CA SER O 259 2.25 -39.45 -11.91
C SER O 259 1.52 -40.57 -11.16
N GLU O 260 0.96 -41.55 -11.88
CA GLU O 260 0.31 -42.78 -11.41
C GLU O 260 -0.98 -42.55 -10.61
N VAL O 261 -1.27 -41.31 -10.22
CA VAL O 261 -2.39 -41.06 -9.32
C VAL O 261 -3.62 -40.64 -10.09
N GLN O 262 -3.44 -39.79 -11.09
CA GLN O 262 -4.58 -39.42 -11.95
C GLN O 262 -5.02 -40.60 -12.80
N ARG O 263 -4.14 -41.55 -13.07
CA ARG O 263 -4.53 -42.74 -13.82
C ARG O 263 -5.46 -43.62 -12.98
N THR O 264 -5.24 -43.63 -11.67
CA THR O 264 -6.19 -44.27 -10.76
C THR O 264 -7.52 -43.53 -10.74
N MET O 265 -7.46 -42.19 -10.80
CA MET O 265 -8.67 -41.39 -10.82
C MET O 265 -9.47 -41.60 -12.10
N LEU O 266 -8.78 -41.88 -13.21
CA LEU O 266 -9.49 -42.21 -14.44
C LEU O 266 -10.15 -43.58 -14.37
N GLU O 267 -9.66 -44.46 -13.48
CA GLU O 267 -10.31 -45.73 -13.25
C GLU O 267 -11.42 -45.60 -12.22
N LEU O 268 -11.34 -44.59 -11.35
CA LEU O 268 -12.48 -44.23 -10.52
C LEU O 268 -13.64 -43.75 -11.38
N LEU O 269 -13.36 -42.85 -12.33
CA LEU O 269 -14.39 -42.36 -13.23
C LEU O 269 -14.87 -43.46 -14.17
N ASN O 270 -14.03 -44.46 -14.42
CA ASN O 270 -14.39 -45.52 -15.37
C ASN O 270 -15.50 -46.41 -14.82
N GLN O 271 -15.41 -46.79 -13.55
CA GLN O 271 -16.41 -47.71 -13.00
C GLN O 271 -17.71 -46.98 -12.69
N LEU O 272 -17.63 -45.75 -12.18
CA LEU O 272 -18.82 -44.96 -11.93
C LEU O 272 -19.55 -44.62 -13.22
N ASP O 273 -18.81 -44.51 -14.33
CA ASP O 273 -19.45 -44.42 -15.64
C ASP O 273 -20.06 -45.76 -16.05
N GLY O 274 -19.56 -46.88 -15.52
CA GLY O 274 -19.91 -48.19 -16.02
C GLY O 274 -21.35 -48.60 -15.76
N PHE O 275 -21.69 -48.91 -14.51
CA PHE O 275 -23.08 -49.04 -14.07
C PHE O 275 -23.12 -49.04 -12.55
N GLU O 276 -23.87 -48.11 -11.98
CA GLU O 276 -24.39 -48.32 -10.63
C GLU O 276 -25.91 -48.20 -10.56
N ALA O 277 -26.47 -47.04 -10.95
CA ALA O 277 -27.84 -46.60 -10.62
C ALA O 277 -28.15 -46.71 -9.12
N THR O 278 -27.08 -46.59 -8.31
CA THR O 278 -26.88 -46.74 -6.87
C THR O 278 -27.10 -48.19 -6.40
N LYS O 279 -28.06 -48.88 -6.99
CA LYS O 279 -28.37 -50.31 -6.94
C LYS O 279 -28.63 -50.88 -5.54
N ASN O 280 -27.84 -50.46 -4.53
CA ASN O 280 -28.19 -50.23 -3.14
C ASN O 280 -27.14 -49.35 -2.46
N ILE O 281 -26.14 -48.88 -3.20
CA ILE O 281 -24.88 -48.41 -2.63
C ILE O 281 -24.65 -46.96 -3.03
N LYS O 282 -24.58 -46.08 -2.04
CA LYS O 282 -24.06 -44.74 -2.21
C LYS O 282 -22.57 -44.71 -1.88
N VAL O 283 -21.93 -43.64 -2.32
CA VAL O 283 -20.59 -43.31 -1.85
C VAL O 283 -20.62 -41.89 -1.31
N ILE O 284 -19.87 -41.67 -0.23
CA ILE O 284 -19.85 -40.39 0.47
C ILE O 284 -18.40 -39.90 0.51
N MET O 285 -18.21 -38.62 0.23
CA MET O 285 -16.89 -38.01 0.24
C MET O 285 -16.98 -36.65 0.93
N ALA O 286 -16.01 -36.35 1.78
CA ALA O 286 -15.97 -35.11 2.54
C ALA O 286 -14.60 -34.48 2.41
N THR O 287 -14.57 -33.19 2.07
CA THR O 287 -13.29 -32.54 1.81
C THR O 287 -13.31 -31.09 2.29
N ASN O 288 -12.12 -30.63 2.66
CA ASN O 288 -11.77 -29.22 2.57
C ASN O 288 -10.86 -29.04 1.36
N ARG O 289 -10.51 -27.78 1.07
CA ARG O 289 -9.84 -27.38 -0.17
C ARG O 289 -10.65 -27.86 -1.38
N ILE O 290 -11.83 -27.24 -1.49
CA ILE O 290 -12.89 -27.72 -2.35
C ILE O 290 -12.71 -27.27 -3.78
N ASP O 291 -11.97 -26.19 -4.02
CA ASP O 291 -11.91 -25.57 -5.34
C ASP O 291 -10.63 -25.93 -6.09
N ILE O 292 -10.18 -27.17 -6.00
CA ILE O 292 -9.01 -27.61 -6.75
C ILE O 292 -9.30 -28.76 -7.69
N LEU O 293 -10.29 -29.61 -7.42
CA LEU O 293 -10.42 -30.85 -8.15
C LEU O 293 -11.23 -30.65 -9.42
N ASP O 294 -11.60 -31.75 -10.07
CA ASP O 294 -12.16 -31.78 -11.41
C ASP O 294 -13.67 -31.98 -11.40
N SER O 295 -14.38 -31.31 -10.48
CA SER O 295 -15.79 -31.61 -10.19
C SER O 295 -16.72 -31.32 -11.35
N ALA O 296 -16.30 -30.48 -12.30
CA ALA O 296 -17.18 -30.09 -13.41
C ALA O 296 -17.47 -31.26 -14.33
N LEU O 297 -16.48 -32.12 -14.58
CA LEU O 297 -16.76 -33.37 -15.29
C LEU O 297 -17.54 -34.32 -14.41
N LEU O 298 -17.40 -34.19 -13.10
CA LEU O 298 -18.02 -35.09 -12.15
C LEU O 298 -19.40 -34.62 -11.69
N ARG O 299 -19.78 -33.38 -12.00
CA ARG O 299 -21.15 -32.92 -11.74
C ARG O 299 -22.24 -33.76 -12.43
N PRO O 300 -22.20 -34.07 -13.74
CA PRO O 300 -23.37 -34.78 -14.30
C PRO O 300 -23.37 -36.25 -13.95
N GLY O 301 -24.32 -36.65 -13.13
CA GLY O 301 -24.51 -38.08 -12.85
C GLY O 301 -23.62 -38.72 -11.81
N ARG O 302 -22.35 -38.31 -11.74
CA ARG O 302 -21.37 -39.05 -10.95
C ARG O 302 -21.47 -38.70 -9.48
N ILE O 303 -21.34 -37.42 -9.16
CA ILE O 303 -21.54 -36.90 -7.81
C ILE O 303 -22.44 -35.68 -7.88
N ASP O 304 -22.87 -35.23 -6.70
CA ASP O 304 -24.07 -34.41 -6.56
C ASP O 304 -23.92 -33.40 -5.42
N ARG O 305 -25.08 -33.02 -4.86
CA ARG O 305 -25.29 -31.92 -3.92
C ARG O 305 -24.24 -31.83 -2.82
N LYS O 306 -23.89 -30.59 -2.50
CA LYS O 306 -22.82 -30.28 -1.56
C LYS O 306 -23.43 -29.64 -0.30
N ILE O 307 -22.88 -29.99 0.86
CA ILE O 307 -23.44 -29.61 2.15
C ILE O 307 -22.38 -28.89 2.96
N GLU O 308 -22.70 -27.68 3.41
CA GLU O 308 -21.75 -26.84 4.13
C GLU O 308 -21.75 -27.18 5.62
N PHE O 309 -20.59 -27.01 6.25
CA PHE O 309 -20.42 -27.21 7.68
C PHE O 309 -19.97 -25.90 8.32
N PRO O 310 -20.75 -25.30 9.19
CA PRO O 310 -20.32 -24.07 9.86
C PRO O 310 -19.41 -24.38 11.02
N PRO O 311 -18.75 -23.38 11.60
CA PRO O 311 -18.08 -23.60 12.88
C PRO O 311 -19.08 -23.93 13.96
N PRO O 312 -18.68 -24.73 14.97
CA PRO O 312 -19.66 -25.26 15.93
C PRO O 312 -20.20 -24.25 16.93
N ASN O 313 -21.08 -24.72 17.81
CA ASN O 313 -21.70 -23.88 18.83
C ASN O 313 -21.55 -24.51 20.20
N GLU O 314 -22.21 -23.92 21.20
CA GLU O 314 -22.11 -24.42 22.56
C GLU O 314 -22.76 -25.79 22.70
N GLU O 315 -23.97 -25.95 22.16
CA GLU O 315 -24.63 -27.26 22.17
C GLU O 315 -23.91 -28.24 21.25
N ALA O 316 -23.24 -27.75 20.22
CA ALA O 316 -22.47 -28.63 19.36
C ALA O 316 -21.20 -29.10 20.05
N ARG O 317 -20.42 -28.17 20.62
CA ARG O 317 -19.18 -28.52 21.29
C ARG O 317 -19.42 -29.35 22.54
N LEU O 318 -20.57 -29.19 23.19
CA LEU O 318 -20.91 -30.02 24.34
C LEU O 318 -21.15 -31.46 23.91
N ASP O 319 -21.81 -31.66 22.77
CA ASP O 319 -22.00 -33.00 22.24
C ASP O 319 -20.69 -33.57 21.76
N ILE O 320 -19.86 -32.75 21.10
CA ILE O 320 -18.53 -33.17 20.64
C ILE O 320 -17.63 -33.50 21.83
N LEU O 321 -17.82 -32.81 22.95
CA LEU O 321 -17.07 -33.14 24.16
C LEU O 321 -17.46 -34.51 24.70
N LYS O 322 -18.75 -34.81 24.74
CA LYS O 322 -19.20 -36.09 25.26
C LYS O 322 -18.82 -37.25 24.35
N ILE O 323 -18.68 -37.02 23.05
CA ILE O 323 -18.35 -38.11 22.14
C ILE O 323 -16.86 -38.42 22.17
N HIS O 324 -16.01 -37.40 22.20
CA HIS O 324 -14.57 -37.65 22.20
C HIS O 324 -14.02 -37.93 23.58
N SER O 325 -14.74 -37.62 24.65
CA SER O 325 -14.39 -38.06 25.99
C SER O 325 -15.12 -39.34 26.37
N ARG O 326 -15.77 -40.00 25.42
CA ARG O 326 -16.45 -41.25 25.73
C ARG O 326 -15.48 -42.37 26.07
N LYS O 327 -14.41 -42.55 25.31
CA LYS O 327 -13.50 -43.67 25.55
C LYS O 327 -12.40 -43.20 26.50
N MET O 328 -12.76 -43.08 27.77
CA MET O 328 -11.84 -42.70 28.84
C MET O 328 -12.25 -43.44 30.10
N ASN O 329 -11.49 -43.21 31.17
CA ASN O 329 -11.86 -43.67 32.51
C ASN O 329 -11.91 -42.41 33.37
N LEU O 330 -13.06 -41.74 33.33
CA LEU O 330 -13.22 -40.42 33.92
C LEU O 330 -14.06 -40.52 35.19
N THR O 331 -14.11 -39.41 35.92
CA THR O 331 -14.81 -39.32 37.20
C THR O 331 -15.89 -38.26 37.08
N ARG O 332 -17.07 -38.61 37.58
CA ARG O 332 -18.28 -37.81 37.51
C ARG O 332 -18.33 -36.90 38.74
N GLY O 333 -19.18 -35.87 38.69
CA GLY O 333 -19.14 -34.82 39.69
C GLY O 333 -18.48 -33.58 39.14
N ILE O 334 -18.96 -33.15 37.97
CA ILE O 334 -18.26 -32.20 37.11
C ILE O 334 -19.31 -31.46 36.29
N ASN O 335 -19.02 -30.22 35.92
CA ASN O 335 -19.90 -29.48 35.03
C ASN O 335 -19.21 -29.40 33.67
N LEU O 336 -19.59 -30.31 32.78
CA LEU O 336 -19.08 -30.28 31.40
C LEU O 336 -19.65 -29.09 30.63
N ARG O 337 -20.81 -28.59 31.03
CA ARG O 337 -21.41 -27.45 30.34
C ARG O 337 -20.64 -26.16 30.61
N LYS O 338 -20.04 -26.03 31.79
CA LYS O 338 -19.11 -24.92 32.00
C LYS O 338 -17.86 -25.08 31.14
N ILE O 339 -17.41 -26.33 30.98
CA ILE O 339 -16.23 -26.62 30.18
C ILE O 339 -16.48 -26.28 28.72
N ALA O 340 -17.69 -26.59 28.24
CA ALA O 340 -18.06 -26.23 26.87
C ALA O 340 -18.23 -24.73 26.70
N GLU O 341 -18.65 -24.04 27.76
CA GLU O 341 -18.90 -22.61 27.69
C GLU O 341 -17.68 -21.77 28.08
N LEU O 342 -16.58 -22.41 28.46
CA LEU O 342 -15.32 -21.68 28.55
C LEU O 342 -14.63 -21.54 27.20
N MET O 343 -15.15 -22.21 26.17
CA MET O 343 -14.58 -22.15 24.84
C MET O 343 -15.54 -21.39 23.92
N PRO O 344 -15.22 -20.16 23.53
CA PRO O 344 -16.12 -19.41 22.64
C PRO O 344 -16.12 -19.93 21.21
N GLY O 345 -14.94 -20.23 20.67
CA GLY O 345 -14.84 -20.56 19.27
C GLY O 345 -13.94 -21.74 18.97
N ALA O 346 -13.89 -22.71 19.88
CA ALA O 346 -13.03 -23.87 19.68
C ALA O 346 -13.63 -24.79 18.62
N SER O 347 -12.75 -25.50 17.90
CA SER O 347 -13.19 -26.48 16.92
C SER O 347 -13.32 -27.85 17.58
N GLY O 348 -13.92 -28.79 16.84
CA GLY O 348 -14.12 -30.13 17.36
C GLY O 348 -12.83 -30.91 17.47
N ALA O 349 -11.85 -30.62 16.61
CA ALA O 349 -10.55 -31.29 16.72
C ALA O 349 -9.76 -30.78 17.92
N GLU O 350 -10.00 -29.54 18.33
CA GLU O 350 -9.36 -29.01 19.54
C GLU O 350 -9.93 -29.66 20.79
N VAL O 351 -11.17 -30.15 20.72
CA VAL O 351 -11.77 -30.84 21.86
C VAL O 351 -11.06 -32.15 22.13
N LYS O 352 -10.62 -32.83 21.06
CA LYS O 352 -9.89 -34.09 21.20
C LYS O 352 -8.55 -33.89 21.89
N GLY O 353 -7.89 -32.75 21.65
CA GLY O 353 -6.64 -32.46 22.33
C GLY O 353 -6.82 -32.17 23.81
N VAL O 354 -8.01 -31.72 24.21
CA VAL O 354 -8.26 -31.45 25.62
C VAL O 354 -8.39 -32.75 26.39
N CYS O 355 -9.07 -33.74 25.80
CA CYS O 355 -9.28 -35.02 26.46
C CYS O 355 -7.99 -35.79 26.64
N THR O 356 -6.99 -35.52 25.79
CA THR O 356 -5.67 -36.10 26.00
C THR O 356 -4.96 -35.44 27.17
N GLU O 357 -5.05 -34.11 27.27
CA GLU O 357 -4.37 -33.39 28.33
C GLU O 357 -5.01 -33.65 29.69
N ALA O 358 -6.32 -33.89 29.71
CA ALA O 358 -6.98 -34.27 30.96
C ALA O 358 -6.54 -35.66 31.41
N GLY O 359 -6.36 -36.58 30.46
CA GLY O 359 -5.76 -37.86 30.78
C GLY O 359 -4.29 -37.73 31.12
N MET O 360 -3.63 -36.71 30.60
CA MET O 360 -2.24 -36.44 30.98
C MET O 360 -2.16 -35.91 32.40
N TYR O 361 -3.07 -35.01 32.77
CA TYR O 361 -3.13 -34.52 34.14
C TYR O 361 -3.58 -35.60 35.10
N ALA O 362 -4.35 -36.57 34.63
CA ALA O 362 -4.71 -37.71 35.45
C ALA O 362 -3.50 -38.59 35.71
N LEU O 363 -2.57 -38.65 34.75
CA LEU O 363 -1.39 -39.50 34.91
C LEU O 363 -0.45 -38.93 35.97
N ARG O 364 -0.26 -37.62 35.99
CA ARG O 364 0.61 -37.00 36.99
C ARG O 364 -0.02 -36.95 38.37
N GLU O 365 -1.32 -37.24 38.49
CA GLU O 365 -1.93 -37.48 39.79
C GLU O 365 -1.58 -38.86 40.35
N ARG O 366 -1.00 -39.74 39.51
CA ARG O 366 -0.92 -41.19 39.76
C ARG O 366 -2.28 -41.77 40.10
N ARG O 367 -3.31 -41.28 39.40
CA ARG O 367 -4.68 -41.68 39.62
C ARG O 367 -5.27 -42.12 38.29
N VAL O 368 -6.21 -43.05 38.35
CA VAL O 368 -7.04 -43.34 37.18
C VAL O 368 -8.35 -42.58 37.26
N HIS O 369 -8.56 -41.79 38.30
CA HIS O 369 -9.58 -40.74 38.30
C HIS O 369 -9.24 -39.67 37.29
N VAL O 370 -10.27 -39.02 36.75
CA VAL O 370 -10.10 -37.81 35.97
C VAL O 370 -11.07 -36.77 36.52
N THR O 371 -10.55 -35.81 37.28
CA THR O 371 -11.38 -34.88 38.04
C THR O 371 -11.70 -33.65 37.21
N GLN O 372 -12.45 -32.72 37.83
CA GLN O 372 -12.76 -31.45 37.18
C GLN O 372 -11.54 -30.54 37.15
N GLU O 373 -10.63 -30.71 38.10
CA GLU O 373 -9.40 -29.91 38.15
C GLU O 373 -8.52 -30.17 36.93
N ASP O 374 -8.59 -31.38 36.38
CA ASP O 374 -7.79 -31.71 35.20
C ASP O 374 -8.29 -30.99 33.96
N PHE O 375 -9.62 -30.94 33.77
CA PHE O 375 -10.16 -30.27 32.60
C PHE O 375 -10.00 -28.76 32.68
N GLU O 376 -10.20 -28.19 33.87
CA GLU O 376 -10.16 -26.74 34.03
C GLU O 376 -8.78 -26.17 33.80
N MET O 377 -7.74 -26.96 34.00
CA MET O 377 -6.40 -26.55 33.60
C MET O 377 -6.12 -26.88 32.13
N ALA O 378 -6.74 -27.94 31.61
CA ALA O 378 -6.50 -28.32 30.22
C ALA O 378 -7.20 -27.39 29.25
N VAL O 379 -8.38 -26.89 29.61
CA VAL O 379 -9.05 -25.90 28.77
C VAL O 379 -8.25 -24.61 28.73
N ALA O 380 -7.68 -24.21 29.87
CA ALA O 380 -6.83 -23.03 29.91
C ALA O 380 -5.52 -23.24 29.16
N LYS O 381 -5.07 -24.48 29.03
CA LYS O 381 -3.82 -24.74 28.34
C LYS O 381 -4.00 -24.76 26.82
N VAL O 382 -5.05 -25.43 26.35
CA VAL O 382 -5.28 -25.56 24.92
C VAL O 382 -5.70 -24.23 24.32
N MET O 383 -6.50 -23.45 25.06
CA MET O 383 -6.83 -22.10 24.59
C MET O 383 -5.62 -21.17 24.65
N GLN O 384 -4.66 -21.44 25.55
CA GLN O 384 -3.40 -20.72 25.51
C GLN O 384 -2.60 -21.13 24.28
N LYS O 385 -2.67 -22.40 23.89
CA LYS O 385 -2.11 -22.83 22.62
C LYS O 385 -2.90 -22.29 21.44
N ASP O 386 -4.17 -21.94 21.64
CA ASP O 386 -5.00 -21.33 20.62
C ASP O 386 -4.96 -19.80 20.67
N SER O 387 -4.01 -19.22 21.39
CA SER O 387 -3.93 -17.77 21.54
C SER O 387 -3.10 -17.10 20.46
N GLU O 388 -2.65 -17.85 19.45
CA GLU O 388 -2.01 -17.26 18.28
C GLU O 388 -3.09 -17.04 17.22
N LYS O 389 -3.54 -15.79 17.09
CA LYS O 389 -4.59 -15.35 16.16
C LYS O 389 -5.90 -16.12 16.32
N ASP P 39 5.68 -134.85 11.64
CA ASP P 39 6.22 -133.49 11.57
C ASP P 39 6.28 -132.84 12.94
N LEU P 40 5.73 -133.54 13.93
CA LEU P 40 5.42 -132.93 15.21
C LEU P 40 6.66 -132.70 16.06
N TYR P 41 7.66 -133.58 15.95
CA TYR P 41 8.93 -133.30 16.61
C TYR P 41 9.70 -132.21 15.89
N SER P 42 9.54 -132.11 14.57
CA SER P 42 10.23 -131.08 13.81
C SER P 42 9.67 -129.69 14.11
N ARG P 43 8.36 -129.61 14.35
CA ARG P 43 7.74 -128.34 14.72
C ARG P 43 8.26 -127.83 16.05
N TYR P 44 8.56 -128.74 16.98
CA TYR P 44 9.11 -128.31 18.26
C TYR P 44 10.57 -127.89 18.13
N LYS P 45 11.32 -128.50 17.23
CA LYS P 45 12.72 -128.14 17.09
C LYS P 45 12.89 -126.85 16.29
N LYS P 46 12.09 -126.68 15.24
CA LYS P 46 12.26 -125.52 14.36
C LYS P 46 11.82 -124.23 15.02
N LEU P 47 10.83 -124.28 15.92
CA LEU P 47 10.44 -123.08 16.63
C LEU P 47 11.47 -122.69 17.67
N GLN P 48 12.24 -123.67 18.18
CA GLN P 48 13.40 -123.34 19.00
C GLN P 48 14.47 -122.66 18.16
N GLN P 49 14.68 -123.11 16.93
CA GLN P 49 15.68 -122.49 16.07
C GLN P 49 15.25 -121.10 15.62
N GLU P 50 13.95 -120.85 15.57
CA GLU P 50 13.43 -119.52 15.29
C GLU P 50 13.37 -118.63 16.51
N LEU P 51 13.93 -119.07 17.64
CA LEU P 51 14.00 -118.21 18.82
C LEU P 51 15.32 -117.45 18.86
N GLU P 52 16.44 -118.18 18.95
CA GLU P 52 17.74 -117.51 19.12
C GLU P 52 18.24 -116.90 17.83
N PHE P 53 17.85 -117.45 16.67
CA PHE P 53 18.16 -116.79 15.42
C PHE P 53 17.37 -115.49 15.28
N LEU P 54 16.20 -115.41 15.91
CA LEU P 54 15.45 -114.18 15.99
C LEU P 54 15.88 -113.33 17.18
N GLU P 55 16.48 -113.94 18.20
CA GLU P 55 16.95 -113.18 19.36
C GLU P 55 18.23 -112.42 19.04
N VAL P 56 19.09 -112.98 18.19
CA VAL P 56 20.33 -112.33 17.85
C VAL P 56 20.08 -111.09 16.99
N GLN P 57 18.95 -111.05 16.28
CA GLN P 57 18.57 -109.84 15.55
C GLN P 57 18.13 -108.73 16.51
N GLU P 58 17.60 -109.10 17.68
CA GLU P 58 17.22 -108.09 18.66
C GLU P 58 18.46 -107.43 19.27
N GLU P 59 19.48 -108.22 19.58
CA GLU P 59 20.76 -107.69 20.04
C GLU P 59 21.47 -106.93 18.93
N TYR P 60 21.13 -107.20 17.67
CA TYR P 60 21.81 -106.61 16.54
C TYR P 60 21.45 -105.15 16.35
N ILE P 61 20.15 -104.81 16.45
CA ILE P 61 19.73 -103.43 16.23
C ILE P 61 20.12 -102.54 17.41
N LYS P 62 20.31 -103.13 18.60
CA LYS P 62 20.84 -102.37 19.72
C LYS P 62 22.27 -101.91 19.43
N ASP P 63 23.04 -102.71 18.70
CA ASP P 63 24.36 -102.26 18.28
C ASP P 63 24.26 -101.29 17.11
N GLU P 64 23.26 -101.46 16.25
CA GLU P 64 23.10 -100.59 15.09
C GLU P 64 22.68 -99.19 15.51
N GLN P 65 21.65 -99.09 16.34
CA GLN P 65 21.11 -97.79 16.72
C GLN P 65 22.07 -97.05 17.65
N LYS P 66 22.87 -97.78 18.42
CA LYS P 66 23.92 -97.13 19.20
C LYS P 66 25.03 -96.62 18.30
N ASN P 67 25.32 -97.33 17.21
CA ASN P 67 26.40 -96.92 16.32
C ASN P 67 25.99 -95.74 15.45
N LEU P 68 24.72 -95.69 15.03
CA LEU P 68 24.28 -94.62 14.15
C LEU P 68 24.15 -93.29 14.87
N LYS P 69 24.03 -93.29 16.20
CA LYS P 69 24.07 -92.02 16.92
C LYS P 69 25.45 -91.41 16.89
N LYS P 70 26.50 -92.23 16.87
CA LYS P 70 27.85 -91.71 16.72
C LYS P 70 28.06 -91.16 15.32
N GLU P 71 27.71 -91.95 14.30
CA GLU P 71 28.00 -91.60 12.93
C GLU P 71 27.22 -90.39 12.46
N PHE P 72 26.04 -90.18 13.02
CA PHE P 72 25.28 -88.98 12.67
C PHE P 72 25.91 -87.73 13.28
N LEU P 73 26.56 -87.87 14.42
CA LEU P 73 27.28 -86.73 14.98
C LEU P 73 28.64 -86.55 14.32
N HIS P 74 29.21 -87.62 13.78
CA HIS P 74 30.35 -87.44 12.88
C HIS P 74 29.90 -86.84 11.56
N ALA P 75 28.64 -87.06 11.17
CA ALA P 75 28.17 -86.54 9.89
C ALA P 75 27.88 -85.05 9.97
N GLN P 76 27.43 -84.56 11.13
CA GLN P 76 27.16 -83.13 11.29
C GLN P 76 28.44 -82.32 11.19
N GLU P 77 29.52 -82.83 11.79
CA GLU P 77 30.79 -82.11 11.83
C GLU P 77 31.43 -82.01 10.46
N GLU P 78 31.28 -83.05 9.63
CA GLU P 78 31.91 -83.05 8.32
C GLU P 78 31.19 -82.19 7.30
N VAL P 79 29.97 -81.74 7.60
CA VAL P 79 29.31 -80.75 6.75
C VAL P 79 30.00 -79.40 6.85
N LYS P 80 30.56 -79.11 8.03
CA LYS P 80 31.03 -77.78 8.40
C LYS P 80 32.25 -77.28 7.63
N ARG P 81 32.77 -78.04 6.65
CA ARG P 81 33.79 -77.48 5.76
C ARG P 81 33.22 -76.45 4.80
N ILE P 82 31.89 -76.38 4.68
CA ILE P 82 31.27 -75.52 3.71
C ILE P 82 31.41 -74.05 4.08
N GLN P 83 31.68 -73.72 5.34
CA GLN P 83 31.81 -72.31 5.69
C GLN P 83 33.16 -71.75 5.27
N SER P 84 34.23 -72.17 5.94
CA SER P 84 35.65 -71.93 5.62
C SER P 84 36.08 -70.47 5.42
N ILE P 85 35.16 -69.51 5.59
CA ILE P 85 35.34 -68.06 5.58
C ILE P 85 36.02 -67.55 4.31
N PRO P 86 35.51 -67.80 3.10
CA PRO P 86 35.36 -66.69 2.15
C PRO P 86 33.89 -66.30 2.01
N LEU P 87 33.18 -66.09 3.09
CA LEU P 87 31.72 -66.05 3.02
C LEU P 87 31.19 -64.67 2.69
N VAL P 88 30.10 -64.64 1.91
CA VAL P 88 29.43 -63.41 1.56
C VAL P 88 28.16 -63.32 2.39
N ILE P 89 27.63 -62.10 2.50
CA ILE P 89 26.58 -61.79 3.46
C ILE P 89 25.34 -61.36 2.69
N GLY P 90 24.22 -62.04 2.97
CA GLY P 90 22.93 -61.60 2.53
C GLY P 90 22.01 -61.30 3.70
N GLN P 91 20.71 -61.31 3.43
CA GLN P 91 19.72 -61.21 4.48
C GLN P 91 18.56 -62.14 4.17
N PHE P 92 18.06 -62.81 5.20
CA PHE P 92 16.95 -63.73 5.03
C PHE P 92 15.68 -62.97 4.71
N LEU P 93 14.90 -63.49 3.77
CA LEU P 93 13.65 -62.86 3.39
C LEU P 93 12.43 -63.68 3.75
N GLU P 94 12.28 -64.88 3.18
CA GLU P 94 11.10 -65.72 3.37
C GLU P 94 11.51 -67.18 3.20
N ALA P 95 10.58 -68.06 3.53
CA ALA P 95 10.78 -69.50 3.40
C ALA P 95 9.57 -70.11 2.69
N VAL P 96 9.84 -70.95 1.69
CA VAL P 96 8.76 -71.60 0.96
C VAL P 96 8.17 -72.75 1.75
N ASP P 97 9.00 -73.74 2.06
CA ASP P 97 8.55 -75.02 2.57
C ASP P 97 9.63 -75.54 3.50
N GLN P 98 9.61 -76.85 3.74
CA GLN P 98 10.74 -77.49 4.40
C GLN P 98 12.01 -77.27 3.60
N ASN P 99 13.06 -76.88 4.34
CA ASN P 99 14.46 -76.70 3.93
C ASN P 99 14.69 -76.07 2.54
N THR P 100 13.94 -75.02 2.25
CA THR P 100 14.17 -74.21 1.04
C THR P 100 13.57 -72.83 1.26
N ALA P 101 14.32 -71.77 0.93
CA ALA P 101 13.95 -70.41 1.34
C ALA P 101 14.35 -69.40 0.27
N ILE P 102 14.11 -68.12 0.58
CA ILE P 102 14.44 -66.99 -0.28
C ILE P 102 15.30 -66.02 0.53
N VAL P 103 16.43 -65.61 -0.04
CA VAL P 103 17.26 -64.59 0.59
C VAL P 103 17.49 -63.43 -0.36
N GLY P 104 17.70 -62.26 0.22
CA GLY P 104 18.08 -61.09 -0.55
C GLY P 104 19.54 -60.77 -0.33
N SER P 105 20.35 -60.91 -1.37
CA SER P 105 21.78 -60.70 -1.25
C SER P 105 22.11 -59.21 -1.16
N THR P 106 23.33 -58.93 -0.69
CA THR P 106 23.89 -57.60 -0.75
C THR P 106 24.63 -57.33 -2.05
N THR P 107 24.49 -58.22 -3.03
CA THR P 107 24.96 -57.99 -4.39
C THR P 107 23.90 -57.33 -5.26
N GLY P 108 22.76 -56.97 -4.68
CA GLY P 108 21.71 -56.27 -5.38
C GLY P 108 20.56 -57.16 -5.83
N SER P 109 20.85 -58.40 -6.19
CA SER P 109 19.84 -59.29 -6.77
C SER P 109 19.18 -60.12 -5.68
N ASN P 110 18.40 -61.12 -6.09
CA ASN P 110 17.49 -61.84 -5.22
C ASN P 110 17.39 -63.26 -5.72
N TYR P 111 17.48 -64.23 -4.80
CA TYR P 111 17.73 -65.61 -5.19
C TYR P 111 16.72 -66.56 -4.56
N TYR P 112 16.87 -67.84 -4.92
CA TYR P 112 16.05 -68.94 -4.42
C TYR P 112 16.99 -70.08 -4.09
N VAL P 113 17.20 -70.32 -2.80
CA VAL P 113 18.37 -71.04 -2.33
C VAL P 113 17.95 -72.28 -1.57
N ARG P 114 18.94 -73.07 -1.16
CA ARG P 114 18.75 -74.21 -0.27
C ARG P 114 19.47 -73.95 1.05
N ILE P 115 18.99 -74.60 2.12
CA ILE P 115 19.50 -74.35 3.46
C ILE P 115 20.01 -75.67 4.05
N LEU P 116 20.96 -75.55 4.97
CA LEU P 116 21.51 -76.71 5.66
C LEU P 116 20.57 -77.22 6.73
N SER P 117 20.58 -78.53 6.95
CA SER P 117 19.81 -79.12 8.04
C SER P 117 20.38 -78.80 9.42
N THR P 118 21.54 -78.15 9.51
CA THR P 118 22.22 -77.86 10.76
C THR P 118 21.64 -76.62 11.45
N ILE P 119 21.18 -75.63 10.68
CA ILE P 119 20.74 -74.35 11.24
C ILE P 119 19.48 -74.55 12.06
N ASP P 120 19.54 -74.15 13.33
CA ASP P 120 18.37 -74.12 14.19
C ASP P 120 17.39 -73.07 13.69
N ARG P 121 16.13 -73.46 13.55
CA ARG P 121 15.13 -72.66 12.87
C ARG P 121 14.52 -71.58 13.75
N GLU P 122 14.97 -71.46 14.99
CA GLU P 122 14.53 -70.39 15.88
C GLU P 122 15.17 -69.05 15.53
N LEU P 123 16.26 -69.07 14.77
CA LEU P 123 17.00 -67.85 14.47
C LEU P 123 16.40 -67.03 13.35
N LEU P 124 15.26 -67.43 12.80
CA LEU P 124 14.79 -66.84 11.55
C LEU P 124 13.69 -65.81 11.79
N LYS P 125 13.46 -65.00 10.77
CA LYS P 125 12.55 -63.85 10.69
C LYS P 125 12.79 -62.86 11.82
N PRO P 126 13.93 -62.16 11.81
CA PRO P 126 13.90 -60.69 11.92
C PRO P 126 14.18 -59.99 10.59
N ASN P 127 14.17 -60.74 9.48
CA ASN P 127 15.02 -60.50 8.30
C ASN P 127 16.48 -60.51 8.72
N ALA P 128 16.92 -61.67 9.20
CA ALA P 128 18.22 -61.82 9.82
C ALA P 128 19.34 -61.69 8.81
N SER P 129 20.47 -61.19 9.28
CA SER P 129 21.69 -61.21 8.49
C SER P 129 22.19 -62.64 8.39
N VAL P 130 22.44 -63.09 7.16
CA VAL P 130 22.81 -64.48 6.93
C VAL P 130 24.07 -64.52 6.07
N ALA P 131 24.73 -65.66 6.11
CA ALA P 131 25.90 -65.90 5.27
C ALA P 131 25.50 -66.77 4.08
N LEU P 132 26.22 -66.59 2.98
CA LEU P 132 25.92 -67.30 1.76
C LEU P 132 27.21 -67.81 1.15
N HIS P 133 27.10 -68.88 0.37
CA HIS P 133 28.23 -69.37 -0.40
C HIS P 133 28.52 -68.42 -1.55
N LYS P 134 29.78 -68.41 -1.98
CA LYS P 134 30.16 -67.61 -3.16
C LYS P 134 29.57 -68.16 -4.44
N HIS P 135 29.97 -69.37 -4.82
CA HIS P 135 29.63 -69.87 -6.14
C HIS P 135 28.20 -70.39 -6.18
N SER P 136 27.88 -71.29 -5.27
CA SER P 136 26.62 -72.01 -5.33
C SER P 136 25.48 -71.30 -4.63
N ASN P 137 25.81 -70.37 -3.71
CA ASN P 137 24.88 -69.40 -3.14
C ASN P 137 23.74 -70.09 -2.39
N ALA P 138 24.10 -70.74 -1.29
CA ALA P 138 23.13 -71.38 -0.43
C ALA P 138 23.20 -70.79 0.97
N LEU P 139 22.17 -71.05 1.78
CA LEU P 139 22.22 -70.63 3.17
C LEU P 139 23.12 -71.55 3.97
N VAL P 140 24.16 -70.96 4.56
CA VAL P 140 25.22 -71.70 5.23
C VAL P 140 25.27 -71.37 6.71
N ASP P 141 25.10 -70.09 7.07
CA ASP P 141 25.27 -69.67 8.45
C ASP P 141 24.32 -68.52 8.75
N VAL P 142 23.92 -68.43 10.02
CA VAL P 142 23.13 -67.32 10.53
C VAL P 142 24.02 -66.47 11.40
N LEU P 143 24.12 -65.19 11.06
CA LEU P 143 24.98 -64.25 11.78
C LEU P 143 24.32 -63.80 13.07
N PRO P 144 25.06 -63.17 13.97
CA PRO P 144 24.44 -62.34 15.01
C PRO P 144 23.65 -61.21 14.37
N PRO P 145 22.48 -60.88 14.92
CA PRO P 145 21.53 -60.03 14.20
C PRO P 145 21.95 -58.58 14.09
N GLU P 146 22.83 -58.12 14.95
CA GLU P 146 23.28 -56.73 14.97
C GLU P 146 24.44 -56.47 14.02
N ALA P 147 24.83 -57.45 13.22
CA ALA P 147 26.07 -57.35 12.47
C ALA P 147 25.93 -56.38 11.30
N ASP P 148 25.05 -56.68 10.35
CA ASP P 148 24.82 -55.81 9.21
C ASP P 148 23.96 -54.66 9.69
N SER P 149 24.61 -53.61 10.19
CA SER P 149 23.90 -52.42 10.63
C SER P 149 24.47 -51.18 9.96
N SER P 150 25.80 -51.15 9.80
CA SER P 150 26.62 -50.13 9.15
C SER P 150 26.64 -48.81 9.91
N ILE P 151 25.88 -48.65 10.99
CA ILE P 151 25.94 -47.50 11.87
C ILE P 151 25.94 -48.00 13.30
N MET P 152 26.53 -47.23 14.19
CA MET P 152 26.64 -47.61 15.59
C MET P 152 25.89 -46.62 16.46
N MET P 153 25.70 -47.00 17.72
CA MET P 153 25.06 -46.16 18.70
C MET P 153 26.08 -45.20 19.30
N LEU P 154 25.70 -44.50 20.37
CA LEU P 154 26.67 -43.77 21.18
C LEU P 154 27.60 -44.81 21.81
N THR P 155 28.85 -44.82 21.35
CA THR P 155 29.71 -45.99 21.48
C THR P 155 30.07 -46.40 22.90
N SER P 156 30.99 -45.66 23.53
CA SER P 156 31.31 -45.96 24.92
C SER P 156 31.60 -44.74 25.78
N ASP P 157 32.09 -43.65 25.20
CA ASP P 157 32.59 -42.55 26.01
C ASP P 157 32.20 -41.19 25.47
N GLN P 158 31.50 -41.11 24.35
CA GLN P 158 31.22 -39.81 23.74
C GLN P 158 29.97 -39.17 24.33
N LYS P 159 29.90 -39.15 25.66
CA LYS P 159 28.95 -38.30 26.32
C LYS P 159 29.44 -36.86 26.20
N PRO P 160 28.61 -35.93 25.72
CA PRO P 160 29.10 -34.60 25.37
C PRO P 160 29.35 -33.67 26.54
N ASP P 161 29.40 -34.20 27.78
CA ASP P 161 29.80 -33.49 28.98
C ASP P 161 28.87 -32.32 29.28
N VAL P 162 27.57 -32.60 29.27
CA VAL P 162 26.56 -31.63 29.65
C VAL P 162 25.75 -32.25 30.78
N MET P 163 25.85 -31.66 31.97
CA MET P 163 25.10 -32.19 33.10
C MET P 163 23.64 -31.80 32.98
N TYR P 164 22.81 -32.44 33.79
CA TYR P 164 21.38 -32.17 33.76
C TYR P 164 21.07 -30.80 34.37
N ALA P 165 21.84 -30.42 35.39
CA ALA P 165 21.69 -29.11 36.01
C ALA P 165 22.44 -28.01 35.26
N ASP P 166 23.09 -28.34 34.15
CA ASP P 166 23.78 -27.33 33.36
C ASP P 166 22.77 -26.41 32.66
N ILE P 167 21.63 -26.97 32.26
CA ILE P 167 20.57 -26.19 31.64
C ILE P 167 19.89 -25.34 32.70
N GLY P 168 19.76 -24.04 32.43
CA GLY P 168 19.15 -23.15 33.38
C GLY P 168 17.74 -22.74 33.02
N GLY P 169 16.79 -23.06 33.89
CA GLY P 169 15.45 -22.51 33.79
C GLY P 169 14.58 -23.06 32.68
N MET P 170 14.59 -24.38 32.51
CA MET P 170 13.68 -25.03 31.57
C MET P 170 12.88 -26.09 32.31
N ASP P 171 12.41 -25.73 33.50
CA ASP P 171 11.96 -26.71 34.48
C ASP P 171 10.64 -27.35 34.08
N ILE P 172 9.84 -26.68 33.26
CA ILE P 172 8.66 -27.31 32.71
C ILE P 172 9.07 -28.35 31.67
N GLN P 173 9.93 -27.95 30.74
CA GLN P 173 10.22 -28.77 29.59
C GLN P 173 11.27 -29.85 29.89
N LYS P 174 12.18 -29.58 30.83
CA LYS P 174 13.11 -30.63 31.25
C LYS P 174 12.36 -31.76 31.94
N GLN P 175 11.40 -31.41 32.78
CA GLN P 175 10.60 -32.40 33.48
C GLN P 175 9.65 -33.13 32.55
N GLU P 176 9.21 -32.45 31.49
CA GLU P 176 8.21 -33.04 30.60
C GLU P 176 8.83 -34.11 29.71
N VAL P 177 10.00 -33.82 29.14
CA VAL P 177 10.66 -34.78 28.25
C VAL P 177 11.19 -35.96 29.05
N ARG P 178 11.61 -35.72 30.29
CA ARG P 178 12.18 -36.77 31.14
C ARG P 178 11.15 -37.83 31.49
N GLU P 179 9.90 -37.42 31.72
CA GLU P 179 8.82 -38.37 31.90
C GLU P 179 8.27 -38.88 30.58
N ALA P 180 8.58 -38.22 29.47
CA ALA P 180 8.13 -38.69 28.17
C ALA P 180 8.94 -39.89 27.69
N VAL P 181 10.11 -40.10 28.26
CA VAL P 181 11.04 -41.12 27.80
C VAL P 181 11.20 -42.24 28.81
N GLU P 182 11.54 -41.89 30.05
CA GLU P 182 11.91 -42.90 31.03
C GLU P 182 10.69 -43.54 31.70
N LEU P 183 9.64 -42.77 31.91
CA LEU P 183 8.50 -43.23 32.71
C LEU P 183 7.70 -44.40 32.15
N PRO P 184 7.36 -44.50 30.84
CA PRO P 184 6.59 -45.68 30.40
C PRO P 184 7.36 -47.00 30.43
N LEU P 185 8.66 -46.99 30.71
CA LEU P 185 9.38 -48.22 30.99
C LEU P 185 8.85 -48.89 32.26
N THR P 186 8.41 -48.10 33.23
CA THR P 186 7.93 -48.61 34.51
C THR P 186 6.40 -48.63 34.59
N HIS P 187 5.76 -47.48 34.44
CA HIS P 187 4.32 -47.35 34.66
C HIS P 187 3.55 -47.41 33.33
N PHE P 188 3.63 -48.57 32.69
CA PHE P 188 3.01 -48.72 31.39
C PHE P 188 1.52 -48.96 31.50
N GLU P 189 1.09 -49.76 32.47
CA GLU P 189 -0.31 -50.14 32.55
C GLU P 189 -1.21 -49.05 33.15
N LEU P 190 -0.62 -47.98 33.69
CA LEU P 190 -1.43 -46.85 34.12
C LEU P 190 -2.03 -46.12 32.92
N TYR P 191 -1.39 -46.22 31.75
CA TYR P 191 -1.96 -45.65 30.54
C TYR P 191 -3.21 -46.38 30.12
N LYS P 192 -3.16 -47.71 30.09
CA LYS P 192 -4.27 -48.49 29.56
C LYS P 192 -5.46 -48.51 30.51
N GLN P 193 -5.21 -48.38 31.81
CA GLN P 193 -6.31 -48.34 32.76
C GLN P 193 -7.07 -47.02 32.64
N ILE P 194 -6.36 -45.93 32.34
CA ILE P 194 -7.04 -44.68 31.99
C ILE P 194 -7.55 -44.74 30.56
N GLY P 195 -6.76 -45.30 29.65
CA GLY P 195 -7.08 -45.29 28.24
C GLY P 195 -6.31 -44.20 27.52
N ILE P 196 -5.03 -44.07 27.84
CA ILE P 196 -4.22 -42.98 27.29
C ILE P 196 -3.61 -43.34 25.94
N ASP P 197 -3.25 -44.63 25.76
CA ASP P 197 -2.47 -45.16 24.63
C ASP P 197 -1.17 -44.37 24.51
N PRO P 198 -0.15 -44.76 25.28
CA PRO P 198 1.00 -43.88 25.52
C PRO P 198 1.76 -43.57 24.25
N PRO P 199 2.40 -42.40 24.17
CA PRO P 199 2.96 -41.96 22.90
C PRO P 199 4.22 -42.72 22.53
N ARG P 200 4.34 -43.00 21.23
CA ARG P 200 5.57 -43.59 20.71
C ARG P 200 6.66 -42.55 20.57
N GLY P 201 6.35 -41.43 19.96
CA GLY P 201 7.35 -40.43 19.69
C GLY P 201 7.04 -39.05 20.25
N VAL P 202 8.03 -38.17 20.23
CA VAL P 202 7.88 -36.81 20.72
C VAL P 202 8.56 -35.88 19.72
N LEU P 203 7.99 -34.69 19.53
CA LEU P 203 8.51 -33.70 18.61
C LEU P 203 8.87 -32.44 19.37
N MET P 204 9.98 -31.81 18.97
CA MET P 204 10.44 -30.58 19.56
C MET P 204 10.61 -29.54 18.47
N TYR P 205 10.34 -28.28 18.81
CA TYR P 205 10.42 -27.20 17.82
C TYR P 205 10.50 -25.88 18.56
N GLY P 206 10.89 -24.84 17.81
CA GLY P 206 10.99 -23.50 18.34
C GLY P 206 11.90 -22.60 17.55
N PRO P 207 12.17 -21.40 18.07
CA PRO P 207 13.12 -20.51 17.41
C PRO P 207 14.54 -21.06 17.49
N PRO P 208 15.41 -20.68 16.53
CA PRO P 208 16.72 -21.35 16.43
C PRO P 208 17.73 -20.97 17.49
N GLY P 209 17.72 -21.70 18.61
CA GLY P 209 18.67 -21.43 19.66
C GLY P 209 18.03 -21.26 21.01
N CYS P 210 16.85 -21.85 21.18
CA CYS P 210 16.14 -21.85 22.44
C CYS P 210 16.38 -23.15 23.19
N GLY P 211 17.54 -23.76 22.99
CA GLY P 211 17.90 -24.97 23.70
C GLY P 211 17.26 -26.23 23.18
N LYS P 212 17.12 -26.36 21.85
CA LYS P 212 16.54 -27.58 21.30
C LYS P 212 17.55 -28.70 21.30
N THR P 213 18.79 -28.41 20.92
CA THR P 213 19.78 -29.46 20.81
C THR P 213 20.38 -29.82 22.17
N MET P 214 20.51 -28.82 23.06
CA MET P 214 21.18 -29.02 24.34
C MET P 214 20.41 -29.98 25.25
N LEU P 215 19.08 -29.91 25.22
CA LEU P 215 18.28 -30.80 26.05
C LEU P 215 18.41 -32.24 25.59
N ALA P 216 18.43 -32.47 24.28
CA ALA P 216 18.74 -33.79 23.77
C ALA P 216 20.21 -34.14 23.99
N LYS P 217 21.08 -33.13 24.05
CA LYS P 217 22.48 -33.39 24.32
C LYS P 217 22.69 -33.79 25.78
N ALA P 218 21.91 -33.20 26.69
CA ALA P 218 22.08 -33.48 28.10
C ALA P 218 21.48 -34.82 28.50
N VAL P 219 20.43 -35.24 27.81
CA VAL P 219 19.73 -36.46 28.20
C VAL P 219 20.54 -37.70 27.87
N ALA P 220 21.50 -37.60 26.96
CA ALA P 220 22.37 -38.73 26.68
C ALA P 220 23.39 -38.94 27.80
N HIS P 221 23.78 -37.89 28.50
CA HIS P 221 24.78 -38.01 29.56
C HIS P 221 24.23 -38.73 30.78
N HIS P 222 23.02 -38.40 31.18
CA HIS P 222 22.41 -38.95 32.39
C HIS P 222 21.38 -40.03 32.08
N THR P 223 21.64 -40.86 31.08
CA THR P 223 20.84 -42.03 30.81
C THR P 223 21.72 -43.28 30.79
N THR P 224 21.07 -44.43 30.75
CA THR P 224 21.73 -45.70 30.61
C THR P 224 21.27 -46.50 29.40
N ALA P 225 20.22 -46.05 28.73
CA ALA P 225 19.66 -46.77 27.59
C ALA P 225 20.57 -46.62 26.37
N ALA P 226 20.24 -47.39 25.33
CA ALA P 226 20.96 -47.26 24.07
C ALA P 226 20.54 -45.98 23.37
N PHE P 227 21.53 -45.25 22.87
CA PHE P 227 21.28 -43.95 22.26
C PHE P 227 21.91 -43.91 20.88
N ILE P 228 21.09 -43.62 19.88
CA ILE P 228 21.52 -43.59 18.49
C ILE P 228 21.23 -42.20 17.94
N ARG P 229 22.29 -41.44 17.67
CA ARG P 229 22.13 -40.14 17.03
C ARG P 229 21.95 -40.34 15.53
N VAL P 230 21.07 -39.53 14.93
CA VAL P 230 20.75 -39.65 13.52
C VAL P 230 20.72 -38.24 12.93
N VAL P 231 21.54 -38.02 11.88
CA VAL P 231 21.55 -36.76 11.14
C VAL P 231 20.24 -36.64 10.35
N GLY P 232 19.93 -35.41 9.89
CA GLY P 232 18.76 -35.22 9.06
C GLY P 232 18.86 -35.90 7.71
N SER P 233 19.93 -35.64 6.97
CA SER P 233 19.97 -35.89 5.53
C SER P 233 21.21 -36.69 5.14
N GLU P 234 21.45 -37.82 5.78
CA GLU P 234 22.57 -38.65 5.37
C GLU P 234 22.18 -39.81 4.48
N PHE P 235 20.91 -40.21 4.47
CA PHE P 235 20.47 -41.34 3.67
C PHE P 235 19.96 -40.91 2.29
N VAL P 236 20.69 -40.02 1.64
CA VAL P 236 20.19 -39.41 0.42
C VAL P 236 21.17 -39.71 -0.70
N GLN P 237 21.88 -40.83 -0.57
CA GLN P 237 22.91 -41.24 -1.50
C GLN P 237 22.33 -41.44 -2.90
N LYS P 238 23.20 -41.32 -3.90
CA LYS P 238 22.79 -41.22 -5.29
C LYS P 238 22.45 -42.57 -5.91
N TYR P 239 22.32 -43.62 -5.11
CA TYR P 239 22.02 -44.95 -5.60
C TYR P 239 20.51 -45.12 -5.73
N LEU P 240 20.08 -46.36 -5.93
CA LEU P 240 18.68 -46.62 -6.24
C LEU P 240 17.80 -46.54 -5.00
N GLY P 241 18.05 -47.40 -4.03
CA GLY P 241 17.18 -47.50 -2.88
C GLY P 241 17.91 -47.67 -1.56
N GLU P 242 19.10 -47.05 -1.45
CA GLU P 242 19.88 -47.15 -0.22
C GLU P 242 19.20 -46.43 0.93
N GLY P 243 18.44 -45.37 0.63
CA GLY P 243 17.65 -44.64 1.59
C GLY P 243 16.72 -45.48 2.45
N PRO P 244 15.78 -46.21 1.83
CA PRO P 244 14.93 -47.12 2.63
C PRO P 244 15.70 -48.29 3.22
N ARG P 245 16.83 -48.68 2.65
CA ARG P 245 17.62 -49.73 3.27
C ARG P 245 18.27 -49.26 4.56
N MET P 246 18.71 -48.00 4.61
CA MET P 246 19.31 -47.47 5.82
C MET P 246 18.29 -47.28 6.93
N VAL P 247 17.04 -46.96 6.57
CA VAL P 247 15.99 -46.84 7.57
C VAL P 247 15.69 -48.19 8.20
N ARG P 248 15.74 -49.25 7.40
CA ARG P 248 15.62 -50.60 7.95
C ARG P 248 16.81 -50.97 8.82
N ASP P 249 18.00 -50.45 8.50
CA ASP P 249 19.18 -50.77 9.29
C ASP P 249 19.12 -50.11 10.66
N VAL P 250 18.50 -48.94 10.74
CA VAL P 250 18.38 -48.26 12.02
C VAL P 250 17.38 -48.98 12.92
N PHE P 251 16.20 -49.28 12.38
CA PHE P 251 15.10 -49.71 13.22
C PHE P 251 15.25 -51.15 13.68
N ARG P 252 15.90 -51.98 12.88
CA ARG P 252 16.24 -53.32 13.35
C ARG P 252 17.27 -53.27 14.46
N LEU P 253 18.16 -52.27 14.42
CA LEU P 253 19.16 -52.13 15.48
C LEU P 253 18.53 -51.67 16.77
N ALA P 254 17.47 -50.86 16.69
CA ALA P 254 16.77 -50.44 17.90
C ALA P 254 15.97 -51.58 18.50
N LYS P 255 15.34 -52.40 17.65
CA LYS P 255 14.57 -53.55 18.13
C LYS P 255 15.48 -54.60 18.75
N GLU P 256 16.69 -54.74 18.23
CA GLU P 256 17.57 -55.82 18.65
C GLU P 256 18.24 -55.53 19.98
N ASN P 257 18.66 -54.28 20.19
CA ASN P 257 19.57 -54.00 21.29
C ASN P 257 18.92 -54.02 22.66
N ALA P 258 18.01 -53.09 22.91
CA ALA P 258 17.68 -52.73 24.28
C ALA P 258 16.43 -51.87 24.29
N PRO P 259 15.92 -51.46 25.44
CA PRO P 259 15.23 -50.16 25.50
C PRO P 259 16.15 -49.08 24.97
N ALA P 260 15.76 -48.47 23.86
CA ALA P 260 16.65 -47.59 23.12
C ALA P 260 15.95 -46.27 22.82
N ILE P 261 16.78 -45.28 22.47
CA ILE P 261 16.31 -43.94 22.12
C ILE P 261 16.88 -43.59 20.76
N ILE P 262 16.01 -43.23 19.83
CA ILE P 262 16.42 -42.78 18.50
C ILE P 262 16.18 -41.27 18.45
N PHE P 263 17.23 -40.52 18.14
CA PHE P 263 17.13 -39.08 17.99
C PHE P 263 17.50 -38.69 16.58
N ILE P 264 16.53 -38.15 15.84
CA ILE P 264 16.75 -37.68 14.49
C ILE P 264 16.63 -36.16 14.52
N ASP P 265 17.77 -35.49 14.53
CA ASP P 265 17.77 -34.04 14.41
C ASP P 265 17.47 -33.65 12.98
N GLU P 266 16.75 -32.53 12.82
CA GLU P 266 16.50 -31.87 11.55
C GLU P 266 15.74 -32.76 10.56
N ILE P 267 14.51 -33.10 10.93
CA ILE P 267 13.66 -33.86 10.00
C ILE P 267 13.01 -32.98 8.96
N ASP P 268 13.26 -31.66 8.99
CA ASP P 268 12.76 -30.74 7.99
C ASP P 268 13.41 -30.98 6.63
N ALA P 269 14.58 -31.61 6.61
CA ALA P 269 15.23 -31.98 5.35
C ALA P 269 14.44 -33.04 4.60
N ILE P 270 13.66 -33.85 5.30
CA ILE P 270 12.97 -34.99 4.72
C ILE P 270 11.45 -34.83 4.82
N ALA P 271 10.95 -34.49 6.01
CA ALA P 271 9.50 -34.38 6.23
C ALA P 271 9.00 -33.08 5.61
N THR P 272 8.87 -33.10 4.29
CA THR P 272 8.32 -31.99 3.53
C THR P 272 6.91 -32.33 3.08
N LYS P 273 6.16 -31.30 2.73
CA LYS P 273 4.72 -31.43 2.54
C LYS P 273 4.35 -31.71 1.09
N ARG P 274 5.15 -31.20 0.14
CA ARG P 274 4.64 -30.72 -1.15
C ARG P 274 3.98 -31.77 -2.05
N PHE P 275 4.76 -32.60 -2.76
CA PHE P 275 4.33 -33.78 -3.52
C PHE P 275 5.52 -34.47 -4.17
N ASP P 276 5.25 -35.53 -4.93
CA ASP P 276 6.24 -36.26 -5.71
C ASP P 276 6.35 -35.60 -7.08
N ALA P 277 7.28 -34.66 -7.21
CA ALA P 277 7.60 -34.11 -8.52
C ALA P 277 8.37 -35.17 -9.31
N GLN P 278 7.78 -35.63 -10.41
CA GLN P 278 8.38 -36.69 -11.19
C GLN P 278 9.55 -36.14 -12.01
N THR P 279 10.74 -36.09 -11.41
CA THR P 279 11.94 -35.79 -12.19
C THR P 279 12.91 -36.96 -12.17
N GLY P 280 13.58 -37.21 -11.04
CA GLY P 280 14.19 -38.50 -10.77
C GLY P 280 14.38 -38.71 -9.28
N ALA P 281 13.93 -37.75 -8.48
CA ALA P 281 14.43 -37.60 -7.12
C ALA P 281 13.37 -37.70 -6.06
N ASP P 282 12.25 -36.98 -6.21
CA ASP P 282 11.25 -36.92 -5.15
C ASP P 282 10.49 -38.22 -5.00
N ARG P 283 10.53 -39.08 -6.02
CA ARG P 283 10.14 -40.48 -5.84
C ARG P 283 10.99 -41.12 -4.76
N GLU P 284 12.32 -41.02 -4.90
CA GLU P 284 13.22 -41.63 -3.94
C GLU P 284 13.15 -40.93 -2.59
N VAL P 285 12.79 -39.65 -2.57
CA VAL P 285 12.68 -38.94 -1.29
C VAL P 285 11.44 -39.40 -0.54
N GLN P 286 10.29 -39.38 -1.22
CA GLN P 286 9.02 -39.65 -0.52
C GLN P 286 8.88 -41.12 -0.17
N ARG P 287 9.51 -42.03 -0.93
CA ARG P 287 9.43 -43.44 -0.58
C ARG P 287 10.21 -43.76 0.68
N ILE P 288 11.16 -42.91 1.08
CA ILE P 288 11.76 -43.05 2.39
C ILE P 288 10.78 -42.63 3.47
N LEU P 289 10.03 -41.55 3.23
CA LEU P 289 8.97 -41.13 4.15
C LEU P 289 7.92 -42.21 4.32
N LEU P 290 7.57 -42.89 3.23
CA LEU P 290 6.68 -44.04 3.34
C LEU P 290 7.36 -45.18 4.10
N GLU P 291 8.64 -45.41 3.82
CA GLU P 291 9.40 -46.39 4.60
C GLU P 291 9.56 -45.95 6.04
N LEU P 292 9.63 -44.65 6.29
CA LEU P 292 9.66 -44.15 7.65
C LEU P 292 8.33 -44.40 8.35
N LEU P 293 7.22 -44.03 7.69
CA LEU P 293 5.91 -44.14 8.33
C LEU P 293 5.47 -45.58 8.52
N ASN P 294 5.88 -46.48 7.63
CA ASN P 294 5.47 -47.89 7.75
C ASN P 294 6.09 -48.54 8.97
N GLN P 295 7.38 -48.35 9.16
CA GLN P 295 8.06 -48.88 10.33
C GLN P 295 7.93 -47.97 11.54
N MET P 296 7.18 -46.88 11.42
CA MET P 296 6.79 -46.07 12.56
C MET P 296 5.53 -46.63 13.22
N ASP P 297 4.70 -47.32 12.45
CA ASP P 297 3.37 -47.67 12.94
C ASP P 297 3.36 -48.96 13.74
N GLY P 298 4.10 -49.96 13.31
CA GLY P 298 3.84 -51.30 13.74
C GLY P 298 4.89 -51.96 14.61
N PHE P 299 5.39 -51.29 15.66
CA PHE P 299 6.41 -51.93 16.49
C PHE P 299 5.89 -53.15 17.23
N ASP P 300 5.23 -52.96 18.38
CA ASP P 300 4.20 -53.88 18.89
C ASP P 300 3.25 -53.24 19.89
N GLN P 301 3.45 -51.94 20.17
CA GLN P 301 2.95 -51.24 21.39
C GLN P 301 3.46 -51.95 22.67
N ASN P 302 4.60 -52.65 22.59
CA ASN P 302 5.22 -53.21 23.79
C ASN P 302 6.73 -53.03 23.85
N VAL P 303 7.42 -52.85 22.72
CA VAL P 303 8.88 -52.71 22.72
C VAL P 303 9.24 -51.28 23.06
N ASN P 304 10.08 -51.11 24.08
CA ASN P 304 10.45 -49.79 24.54
C ASN P 304 11.42 -49.12 23.57
N VAL P 305 10.87 -48.41 22.58
CA VAL P 305 11.67 -47.61 21.68
C VAL P 305 11.11 -46.19 21.70
N LYS P 306 11.92 -45.23 22.09
CA LYS P 306 11.52 -43.83 22.09
C LYS P 306 12.17 -43.12 20.92
N VAL P 307 11.37 -42.31 20.22
CA VAL P 307 11.80 -41.61 19.03
C VAL P 307 11.65 -40.11 19.28
N ILE P 308 12.74 -39.37 19.12
CA ILE P 308 12.75 -37.94 19.38
C ILE P 308 13.18 -37.23 18.11
N MET P 309 12.42 -36.23 17.70
CA MET P 309 12.71 -35.47 16.50
C MET P 309 12.63 -33.99 16.82
N ALA P 310 13.40 -33.18 16.08
CA ALA P 310 13.50 -31.77 16.41
C ALA P 310 13.88 -30.96 15.19
N THR P 311 13.14 -29.89 14.93
CA THR P 311 13.45 -28.87 13.92
C THR P 311 13.26 -27.50 14.51
N ASN P 312 13.50 -26.48 13.69
CA ASN P 312 13.09 -25.12 14.03
C ASN P 312 11.73 -24.76 13.47
N ARG P 313 11.39 -25.31 12.32
CA ARG P 313 10.17 -24.98 11.59
C ARG P 313 9.20 -26.15 11.71
N ALA P 314 8.21 -26.02 12.59
CA ALA P 314 7.15 -27.02 12.68
C ALA P 314 5.95 -26.66 11.83
N ASP P 315 6.19 -26.30 10.59
CA ASP P 315 5.10 -25.88 9.72
C ASP P 315 5.09 -26.59 8.38
N THR P 316 6.27 -26.82 7.80
CA THR P 316 6.37 -27.37 6.45
C THR P 316 6.50 -28.89 6.50
N LEU P 317 5.53 -29.51 7.17
CA LEU P 317 5.59 -30.91 7.50
C LEU P 317 4.41 -31.65 6.90
N ASP P 318 4.58 -32.94 6.71
CA ASP P 318 3.47 -33.82 6.40
C ASP P 318 2.69 -34.08 7.68
N PRO P 319 1.38 -33.84 7.69
CA PRO P 319 0.57 -34.22 8.87
C PRO P 319 0.36 -35.72 9.04
N ALA P 320 0.90 -36.54 8.15
CA ALA P 320 0.96 -37.98 8.40
C ALA P 320 1.88 -38.30 9.57
N LEU P 321 2.87 -37.45 9.83
CA LEU P 321 3.56 -37.51 11.11
C LEU P 321 2.67 -37.07 12.25
N LEU P 322 1.75 -36.14 11.97
CA LEU P 322 0.93 -35.51 13.01
C LEU P 322 -0.36 -36.31 13.21
N ARG P 323 -0.19 -37.60 13.49
CA ARG P 323 -1.29 -38.52 13.65
C ARG P 323 -1.24 -39.15 15.03
N PRO P 324 -2.39 -39.51 15.60
CA PRO P 324 -2.39 -40.28 16.86
C PRO P 324 -1.82 -41.67 16.62
N GLY P 325 -0.78 -42.00 17.36
CA GLY P 325 -0.11 -43.28 17.21
C GLY P 325 1.36 -43.13 16.86
N ARG P 326 1.68 -42.15 16.02
CA ARG P 326 3.07 -41.92 15.64
C ARG P 326 3.72 -40.86 16.53
N LEU P 327 3.22 -39.63 16.46
CA LEU P 327 3.79 -38.50 17.18
C LEU P 327 2.66 -37.81 17.92
N ASP P 328 2.67 -37.89 19.25
CA ASP P 328 1.58 -37.36 20.05
C ASP P 328 1.99 -36.12 20.84
N ARG P 329 3.12 -36.17 21.52
CA ARG P 329 3.56 -35.04 22.32
C ARG P 329 4.18 -33.96 21.42
N LYS P 330 3.67 -32.75 21.54
CA LYS P 330 4.13 -31.60 20.75
C LYS P 330 4.64 -30.57 21.75
N ILE P 331 5.94 -30.36 21.78
CA ILE P 331 6.55 -29.46 22.75
C ILE P 331 7.26 -28.34 22.01
N GLU P 332 6.89 -27.10 22.31
CA GLU P 332 7.57 -25.93 21.79
C GLU P 332 8.58 -25.42 22.81
N PHE P 333 9.65 -24.80 22.30
CA PHE P 333 10.68 -24.18 23.13
C PHE P 333 10.64 -22.69 22.82
N PRO P 334 9.80 -21.93 23.49
CA PRO P 334 9.64 -20.51 23.14
C PRO P 334 10.78 -19.67 23.69
N LEU P 335 10.69 -18.37 23.43
CA LEU P 335 11.66 -17.41 23.95
C LEU P 335 11.48 -17.26 25.45
N PRO P 336 12.56 -16.94 26.18
CA PRO P 336 12.45 -16.81 27.64
C PRO P 336 11.71 -15.54 28.07
N ASP P 337 11.44 -15.43 29.36
CA ASP P 337 10.84 -14.25 29.97
C ASP P 337 11.75 -13.75 31.07
N ARG P 338 11.24 -12.79 31.85
CA ARG P 338 12.04 -12.12 32.88
C ARG P 338 12.57 -13.10 33.93
N ARG P 339 11.73 -14.03 34.36
CA ARG P 339 12.17 -15.03 35.32
C ARG P 339 13.21 -15.96 34.71
N GLN P 340 12.98 -16.42 33.48
CA GLN P 340 13.93 -17.35 32.86
C GLN P 340 15.19 -16.63 32.43
N LYS P 341 15.13 -15.33 32.13
CA LYS P 341 16.35 -14.58 31.88
C LYS P 341 17.22 -14.51 33.13
N ARG P 342 16.59 -14.39 34.31
CA ARG P 342 17.34 -14.40 35.56
C ARG P 342 17.97 -15.76 35.81
N LEU P 343 17.31 -16.83 35.39
CA LEU P 343 17.84 -18.17 35.64
C LEU P 343 19.02 -18.48 34.72
N ILE P 344 18.95 -18.03 33.47
CA ILE P 344 20.05 -18.27 32.54
C ILE P 344 21.23 -17.38 32.89
N PHE P 345 20.98 -16.14 33.29
CA PHE P 345 22.04 -15.26 33.78
C PHE P 345 22.71 -15.82 35.03
N SER P 346 21.96 -16.53 35.86
CA SER P 346 22.52 -17.09 37.08
C SER P 346 23.49 -18.22 36.78
N THR P 347 23.12 -19.09 35.85
CA THR P 347 23.93 -20.29 35.60
C THR P 347 25.21 -19.98 34.84
N ILE P 348 25.15 -19.09 33.85
CA ILE P 348 26.32 -18.81 33.02
C ILE P 348 27.34 -18.00 33.80
N THR P 349 26.89 -16.96 34.49
CA THR P 349 27.78 -16.08 35.24
C THR P 349 28.31 -16.72 36.51
N SER P 350 27.79 -17.88 36.92
CA SER P 350 28.31 -18.59 38.07
C SER P 350 29.70 -19.15 37.84
N LYS P 351 30.14 -19.25 36.58
CA LYS P 351 31.45 -19.81 36.27
C LYS P 351 32.56 -18.77 36.34
N MET P 352 32.32 -17.57 35.83
CA MET P 352 33.36 -16.57 35.68
C MET P 352 33.58 -15.82 37.00
N ASN P 353 34.38 -14.75 36.93
CA ASN P 353 34.83 -14.08 38.14
C ASN P 353 33.77 -13.16 38.73
N LEU P 354 33.35 -12.15 37.95
CA LEU P 354 32.23 -11.26 38.27
C LEU P 354 32.40 -10.51 39.59
N SER P 355 33.24 -9.45 39.58
CA SER P 355 33.25 -8.47 40.67
C SER P 355 31.85 -7.99 41.03
N GLU P 356 31.61 -7.73 42.31
CA GLU P 356 30.27 -7.53 42.83
C GLU P 356 29.73 -6.13 42.60
N GLU P 357 30.35 -5.35 41.72
CA GLU P 357 29.83 -4.05 41.33
C GLU P 357 28.88 -4.15 40.15
N VAL P 358 28.65 -5.36 39.63
CA VAL P 358 27.87 -5.55 38.42
C VAL P 358 26.47 -5.98 38.83
N ASP P 359 25.51 -5.08 38.68
CA ASP P 359 24.11 -5.41 38.93
C ASP P 359 23.57 -6.20 37.76
N LEU P 360 23.08 -7.41 38.03
CA LEU P 360 22.64 -8.30 36.97
C LEU P 360 21.20 -8.02 36.55
N GLU P 361 20.38 -7.51 37.46
CA GLU P 361 18.97 -7.28 37.16
C GLU P 361 18.78 -6.10 36.22
N ASP P 362 19.71 -5.15 36.22
CA ASP P 362 19.55 -3.94 35.41
C ASP P 362 19.66 -4.20 33.92
N TYR P 363 20.23 -5.32 33.51
CA TYR P 363 20.19 -5.72 32.12
C TYR P 363 19.05 -6.69 31.81
N VAL P 364 18.35 -7.17 32.83
CA VAL P 364 17.19 -8.02 32.57
C VAL P 364 16.02 -7.16 32.09
N ALA P 365 15.87 -5.97 32.67
CA ALA P 365 14.69 -5.14 32.46
C ALA P 365 14.56 -4.61 31.04
N ARG P 366 15.64 -4.55 30.29
CA ARG P 366 15.55 -4.26 28.87
C ARG P 366 14.98 -5.47 28.16
N PRO P 367 13.79 -5.39 27.55
CA PRO P 367 13.15 -6.59 26.99
C PRO P 367 13.89 -7.25 25.82
N ASP P 368 14.02 -6.53 24.71
CA ASP P 368 14.98 -6.80 23.62
C ASP P 368 14.76 -8.09 22.82
N LYS P 369 13.83 -8.96 23.26
CA LYS P 369 13.49 -10.23 22.62
C LYS P 369 14.73 -11.11 22.38
N ILE P 370 15.34 -11.51 23.47
CA ILE P 370 16.64 -12.17 23.44
C ILE P 370 16.45 -13.67 23.42
N SER P 371 17.09 -14.35 22.45
CA SER P 371 17.08 -15.80 22.43
C SER P 371 18.11 -16.35 23.42
N GLY P 372 17.90 -17.61 23.80
CA GLY P 372 18.72 -18.23 24.84
C GLY P 372 20.18 -18.42 24.46
N ALA P 373 20.49 -18.47 23.17
CA ALA P 373 21.88 -18.59 22.77
C ALA P 373 22.62 -17.27 22.83
N ASP P 374 21.89 -16.15 22.90
CA ASP P 374 22.55 -14.85 22.88
C ASP P 374 23.23 -14.54 24.20
N ILE P 375 22.70 -15.10 25.29
CA ILE P 375 23.23 -14.83 26.63
C ILE P 375 24.66 -15.32 26.75
N ASN P 376 24.95 -16.49 26.17
CA ASN P 376 26.31 -17.01 26.15
C ASN P 376 27.24 -16.08 25.36
N SER P 377 26.75 -15.53 24.25
CA SER P 377 27.54 -14.62 23.46
C SER P 377 27.77 -13.30 24.19
N ILE P 378 26.82 -12.87 25.01
CA ILE P 378 27.01 -11.69 25.84
C ILE P 378 28.11 -11.94 26.85
N CYS P 379 28.10 -13.11 27.48
CA CYS P 379 29.10 -13.42 28.47
C CYS P 379 30.46 -13.70 27.85
N GLN P 380 30.48 -14.18 26.60
CA GLN P 380 31.76 -14.31 25.90
C GLN P 380 32.33 -12.93 25.56
N GLU P 381 31.51 -12.10 24.92
CA GLU P 381 31.98 -10.80 24.42
C GLU P 381 32.39 -9.88 25.57
N SER P 382 31.66 -9.94 26.68
CA SER P 382 32.09 -9.23 27.88
C SER P 382 33.37 -9.83 28.44
N GLY P 383 33.50 -11.15 28.38
CA GLY P 383 34.69 -11.79 28.93
C GLY P 383 35.93 -11.51 28.11
N MET P 384 35.82 -11.64 26.78
CA MET P 384 36.97 -11.37 25.93
C MET P 384 37.27 -9.89 25.82
N LEU P 385 36.35 -9.03 26.25
CA LEU P 385 36.68 -7.62 26.34
C LEU P 385 37.61 -7.36 27.53
N ALA P 386 37.42 -8.11 28.62
CA ALA P 386 38.29 -7.96 29.77
C ALA P 386 39.66 -8.58 29.53
N VAL P 387 39.71 -9.61 28.69
CA VAL P 387 40.99 -10.21 28.30
C VAL P 387 41.78 -9.21 27.46
N ARG P 388 41.10 -8.40 26.66
CA ARG P 388 41.77 -7.44 25.79
C ARG P 388 42.45 -6.34 26.59
N GLU P 389 41.93 -6.04 27.78
CA GLU P 389 42.56 -5.06 28.66
C GLU P 389 43.57 -5.68 29.61
N ASN P 390 43.92 -6.96 29.42
CA ASN P 390 44.80 -7.73 30.30
C ASN P 390 44.30 -7.71 31.74
N ARG P 391 43.12 -8.29 31.94
CA ARG P 391 42.41 -8.16 33.19
C ARG P 391 41.63 -9.44 33.45
N TYR P 392 41.83 -10.03 34.63
CA TYR P 392 41.23 -11.30 34.98
C TYR P 392 39.94 -11.13 35.77
N ILE P 393 39.39 -9.93 35.84
CA ILE P 393 38.16 -9.65 36.58
C ILE P 393 37.26 -8.81 35.70
N VAL P 394 36.02 -9.24 35.53
CA VAL P 394 35.07 -8.58 34.64
C VAL P 394 34.38 -7.46 35.41
N LEU P 395 34.32 -6.28 34.80
CA LEU P 395 33.70 -5.11 35.40
C LEU P 395 32.40 -4.76 34.68
N ALA P 396 31.77 -3.68 35.15
CA ALA P 396 30.46 -3.29 34.65
C ALA P 396 30.51 -2.66 33.27
N LYS P 397 31.66 -2.10 32.88
CA LYS P 397 31.78 -1.51 31.55
C LYS P 397 31.79 -2.57 30.46
N ASP P 398 32.11 -3.81 30.81
CA ASP P 398 32.13 -4.87 29.80
C ASP P 398 30.72 -5.27 29.40
N PHE P 399 29.77 -5.15 30.31
CA PHE P 399 28.39 -5.49 29.97
C PHE P 399 27.70 -4.37 29.24
N GLU P 400 28.17 -3.13 29.42
CA GLU P 400 27.67 -2.02 28.62
C GLU P 400 28.02 -2.21 27.16
N LYS P 401 29.27 -2.57 26.89
CA LYS P 401 29.69 -2.83 25.52
C LYS P 401 29.13 -4.15 24.99
N ALA P 402 28.61 -5.00 25.87
CA ALA P 402 28.04 -6.27 25.42
C ALA P 402 26.73 -6.06 24.67
N TYR P 403 25.83 -5.24 25.22
CA TYR P 403 24.60 -4.95 24.50
C TYR P 403 24.85 -4.01 23.33
N LYS P 404 25.92 -3.22 23.40
CA LYS P 404 26.31 -2.39 22.28
C LYS P 404 27.02 -3.18 21.17
N THR P 405 27.15 -4.49 21.33
CA THR P 405 27.66 -5.36 20.28
C THR P 405 26.61 -6.34 19.79
N VAL P 406 25.94 -7.03 20.71
CA VAL P 406 25.02 -8.09 20.35
C VAL P 406 23.61 -7.56 20.14
N ILE P 407 23.08 -6.87 21.16
CA ILE P 407 21.72 -6.37 21.10
C ILE P 407 21.64 -5.15 20.19
N LYS P 408 22.77 -4.47 19.97
CA LYS P 408 22.92 -3.49 18.90
C LYS P 408 22.65 -4.15 17.55
N LYS P 409 22.30 -3.33 16.55
CA LYS P 409 21.44 -3.65 15.42
C LYS P 409 20.05 -4.05 15.94
N ASP P 410 19.38 -3.02 16.43
CA ASP P 410 17.98 -3.10 16.82
C ASP P 410 17.10 -1.98 16.29
N GLU P 411 17.67 -0.89 15.79
CA GLU P 411 16.93 0.36 15.59
C GLU P 411 17.04 0.86 14.16
N GLN P 412 15.90 0.97 13.48
CA GLN P 412 15.74 1.90 12.38
C GLN P 412 14.28 2.33 12.35
N GLU P 413 14.04 3.63 12.51
CA GLU P 413 12.68 4.15 12.57
C GLU P 413 12.64 5.52 11.94
N HIS P 414 11.47 5.87 11.43
CA HIS P 414 11.19 7.23 11.01
C HIS P 414 10.11 7.79 11.93
N GLU P 415 10.40 8.93 12.54
CA GLU P 415 9.59 9.42 13.65
C GLU P 415 8.20 9.86 13.19
N PHE P 416 8.06 10.29 11.94
CA PHE P 416 6.79 10.86 11.51
C PHE P 416 5.71 9.81 11.28
N TYR P 417 6.04 8.52 11.35
CA TYR P 417 5.01 7.49 11.27
C TYR P 417 4.07 7.54 12.47
N LYS P 418 4.58 7.93 13.63
CA LYS P 418 3.75 8.09 14.80
C LYS P 418 3.98 9.46 15.39
N MET Q 15 119.92 -51.02 -30.50
CA MET Q 15 119.05 -50.52 -29.44
C MET Q 15 119.57 -50.90 -28.06
N ALA Q 16 120.79 -51.45 -28.02
CA ALA Q 16 121.41 -51.82 -26.74
C ALA Q 16 121.76 -50.58 -25.93
N ASP Q 17 122.67 -49.75 -26.45
CA ASP Q 17 122.93 -48.45 -25.85
C ASP Q 17 123.35 -47.30 -26.79
N PRO Q 18 122.60 -46.96 -27.85
CA PRO Q 18 122.69 -45.58 -28.34
C PRO Q 18 121.57 -44.73 -27.76
N ARG Q 19 121.88 -43.45 -27.49
CA ARG Q 19 120.89 -42.55 -26.93
C ARG Q 19 119.93 -41.97 -27.97
N ASP Q 20 120.05 -42.37 -29.23
CA ASP Q 20 119.11 -41.90 -30.26
C ASP Q 20 118.13 -42.99 -30.67
N LYS Q 21 118.60 -44.21 -30.88
CA LYS Q 21 117.72 -45.30 -31.28
C LYS Q 21 116.88 -45.80 -30.11
N ALA Q 22 117.50 -45.98 -28.94
CA ALA Q 22 116.74 -46.37 -27.75
C ALA Q 22 115.90 -45.23 -27.21
N LEU Q 23 116.16 -43.99 -27.62
CA LEU Q 23 115.21 -42.90 -27.40
C LEU Q 23 113.98 -43.07 -28.28
N GLN Q 24 114.18 -43.56 -29.51
CA GLN Q 24 113.08 -43.84 -30.42
C GLN Q 24 112.56 -45.27 -30.30
N ASP Q 25 113.10 -46.06 -29.37
CA ASP Q 25 112.57 -47.40 -29.15
C ASP Q 25 111.22 -47.36 -28.44
N TYR Q 26 111.00 -46.35 -27.59
CA TYR Q 26 109.75 -46.22 -26.88
C TYR Q 26 108.85 -45.10 -27.41
N ARG Q 27 109.39 -44.20 -28.23
CA ARG Q 27 108.55 -43.18 -28.85
C ARG Q 27 107.82 -43.71 -30.07
N LYS Q 28 108.05 -44.97 -30.44
CA LYS Q 28 107.13 -45.75 -31.25
C LYS Q 28 106.24 -46.67 -30.40
N LYS Q 29 106.62 -46.92 -29.15
CA LYS Q 29 105.84 -47.74 -28.23
C LYS Q 29 104.82 -46.94 -27.43
N LEU Q 30 105.21 -45.76 -26.94
CA LEU Q 30 104.30 -44.94 -26.14
C LEU Q 30 103.14 -44.36 -26.96
N LEU Q 31 103.25 -44.36 -28.28
CA LEU Q 31 102.10 -44.03 -29.12
C LEU Q 31 101.17 -45.22 -29.30
N GLU Q 32 101.54 -46.40 -28.80
CA GLU Q 32 100.69 -47.59 -28.83
C GLU Q 32 100.13 -47.92 -27.45
N HIS Q 33 100.96 -47.82 -26.40
CA HIS Q 33 100.52 -48.23 -25.08
C HIS Q 33 99.57 -47.23 -24.44
N LYS Q 34 99.53 -45.99 -24.94
CA LYS Q 34 98.43 -45.09 -24.61
C LYS Q 34 97.31 -45.14 -25.63
N GLU Q 35 97.56 -45.75 -26.79
CA GLU Q 35 96.51 -45.99 -27.77
C GLU Q 35 95.64 -47.17 -27.37
N ILE Q 36 96.24 -48.19 -26.76
CA ILE Q 36 95.48 -49.34 -26.29
C ILE Q 36 94.79 -49.06 -24.96
N ASP Q 37 95.22 -48.01 -24.26
CA ASP Q 37 94.64 -47.66 -22.96
C ASP Q 37 93.46 -46.72 -23.07
N GLY Q 38 93.36 -45.95 -24.16
CA GLY Q 38 92.32 -44.93 -24.25
C GLY Q 38 90.94 -45.51 -24.50
N ARG Q 39 90.85 -46.50 -25.39
CA ARG Q 39 89.57 -47.13 -25.67
C ARG Q 39 89.15 -48.12 -24.59
N LEU Q 40 90.10 -48.54 -23.73
CA LEU Q 40 89.76 -49.51 -22.70
C LEU Q 40 88.92 -48.88 -21.60
N LYS Q 41 89.17 -47.61 -21.29
CA LYS Q 41 88.32 -46.90 -20.34
C LYS Q 41 87.00 -46.46 -20.98
N GLU Q 42 87.00 -46.30 -22.31
CA GLU Q 42 85.75 -46.03 -23.02
C GLU Q 42 84.85 -47.26 -23.03
N LEU Q 43 85.44 -48.45 -23.14
CA LEU Q 43 84.67 -49.68 -22.99
C LEU Q 43 84.19 -49.87 -21.56
N ARG Q 44 84.93 -49.35 -20.58
CA ARG Q 44 84.45 -49.37 -19.19
C ARG Q 44 83.26 -48.45 -19.00
N GLU Q 45 83.28 -47.27 -19.65
CA GLU Q 45 82.17 -46.33 -19.54
C GLU Q 45 80.93 -46.86 -20.25
N GLN Q 46 81.12 -47.53 -21.39
CA GLN Q 46 80.00 -48.13 -22.09
C GLN Q 46 79.45 -49.34 -21.34
N LEU Q 47 80.31 -50.03 -20.58
CA LEU Q 47 79.84 -51.11 -19.73
C LEU Q 47 79.17 -50.58 -18.47
N LYS Q 48 79.58 -49.39 -18.00
CA LYS Q 48 79.03 -48.85 -16.76
C LYS Q 48 77.61 -48.33 -16.96
N GLU Q 49 77.35 -47.62 -18.06
CA GLU Q 49 76.01 -47.12 -18.33
C GLU Q 49 75.07 -48.24 -18.73
N LEU Q 50 75.59 -49.32 -19.29
CA LEU Q 50 74.77 -50.45 -19.68
C LEU Q 50 74.28 -51.23 -18.46
N THR Q 51 75.12 -51.35 -17.44
CA THR Q 51 74.70 -51.99 -16.20
C THR Q 51 73.70 -51.12 -15.45
N LYS Q 52 73.85 -49.78 -15.55
CA LYS Q 52 72.88 -48.86 -14.96
C LYS Q 52 71.51 -49.00 -15.62
N GLN Q 53 71.49 -49.12 -16.94
CA GLN Q 53 70.24 -49.37 -17.65
C GLN Q 53 69.73 -50.78 -17.41
N TYR Q 54 70.65 -51.72 -17.15
CA TYR Q 54 70.23 -53.08 -16.79
C TYR Q 54 69.60 -53.11 -15.41
N GLU Q 55 70.04 -52.23 -14.52
CA GLU Q 55 69.45 -52.15 -13.17
C GLU Q 55 68.02 -51.65 -13.25
N LYS Q 56 67.72 -50.78 -14.21
CA LYS Q 56 66.34 -50.33 -14.40
C LYS Q 56 65.47 -51.46 -14.93
N SER Q 57 66.02 -52.33 -15.78
CA SER Q 57 65.25 -53.44 -16.33
C SER Q 57 64.97 -54.50 -15.26
N GLU Q 58 65.93 -54.72 -14.36
CA GLU Q 58 65.73 -55.73 -13.32
C GLU Q 58 64.74 -55.27 -12.28
N ASN Q 59 64.63 -53.96 -12.06
CA ASN Q 59 63.58 -53.44 -11.19
C ASN Q 59 62.20 -53.66 -11.81
N ASP Q 60 62.12 -53.59 -13.13
CA ASP Q 60 60.86 -53.78 -13.83
C ASP Q 60 60.50 -55.26 -13.94
N LEU Q 61 61.49 -56.14 -13.91
CA LEU Q 61 61.20 -57.57 -13.79
C LEU Q 61 60.56 -57.87 -12.44
N LYS Q 62 61.05 -57.22 -11.39
CA LYS Q 62 60.44 -57.38 -10.08
C LYS Q 62 59.08 -56.71 -10.01
N ALA Q 63 58.91 -55.61 -10.75
CA ALA Q 63 57.70 -54.81 -10.65
C ALA Q 63 56.49 -55.47 -11.29
N LEU Q 64 56.69 -56.43 -12.19
CA LEU Q 64 55.58 -56.90 -13.00
C LEU Q 64 54.65 -57.83 -12.23
N GLN Q 65 55.18 -58.68 -11.33
CA GLN Q 65 54.36 -59.66 -10.66
C GLN Q 65 53.72 -59.13 -9.38
N SER Q 66 53.58 -57.81 -9.25
CA SER Q 66 52.82 -57.26 -8.14
C SER Q 66 51.34 -57.20 -8.51
N VAL Q 67 50.49 -57.54 -7.54
CA VAL Q 67 49.06 -57.58 -7.73
C VAL Q 67 48.43 -56.63 -6.73
N GLY Q 68 47.51 -55.79 -7.21
CA GLY Q 68 46.84 -54.84 -6.35
C GLY Q 68 45.92 -55.51 -5.34
N GLN Q 69 45.48 -54.70 -4.37
CA GLN Q 69 44.72 -55.21 -3.24
C GLN Q 69 43.41 -54.44 -3.10
N ILE Q 70 42.40 -55.13 -2.60
CA ILE Q 70 41.06 -54.56 -2.44
C ILE Q 70 41.03 -53.68 -1.20
N VAL Q 71 40.41 -52.51 -1.32
CA VAL Q 71 40.28 -51.56 -0.22
C VAL Q 71 38.88 -51.68 0.34
N GLY Q 72 38.78 -51.85 1.66
CA GLY Q 72 37.48 -51.96 2.30
C GLY Q 72 37.55 -51.47 3.73
N GLU Q 73 36.40 -51.51 4.40
CA GLU Q 73 36.27 -51.00 5.75
C GLU Q 73 35.73 -52.08 6.67
N VAL Q 74 36.27 -52.12 7.89
CA VAL Q 74 35.88 -53.13 8.87
C VAL Q 74 34.57 -52.72 9.53
N LEU Q 75 33.58 -53.61 9.47
CA LEU Q 75 32.32 -53.33 10.13
C LEU Q 75 32.37 -53.70 11.60
N LYS Q 76 32.67 -54.96 11.90
CA LYS Q 76 32.81 -55.39 13.28
C LYS Q 76 33.68 -56.64 13.33
N GLN Q 77 34.06 -57.00 14.55
CA GLN Q 77 34.83 -58.21 14.81
C GLN Q 77 33.90 -59.32 15.26
N LEU Q 78 33.86 -60.41 14.51
CA LEU Q 78 32.97 -61.51 14.86
C LEU Q 78 33.61 -62.41 15.91
N THR Q 79 34.72 -63.07 15.56
CA THR Q 79 35.51 -63.83 16.52
C THR Q 79 36.95 -63.36 16.42
N GLU Q 80 37.88 -64.12 17.02
CA GLU Q 80 39.30 -63.75 16.97
C GLU Q 80 39.85 -63.82 15.56
N GLU Q 81 39.29 -64.67 14.70
CA GLU Q 81 39.76 -64.79 13.34
C GLU Q 81 38.68 -64.59 12.29
N LYS Q 82 37.46 -64.25 12.69
CA LYS Q 82 36.40 -63.92 11.75
C LYS Q 82 36.07 -62.44 11.86
N PHE Q 83 36.02 -61.77 10.72
CA PHE Q 83 35.81 -60.33 10.68
C PHE Q 83 34.80 -60.03 9.58
N ILE Q 84 33.99 -59.01 9.80
CA ILE Q 84 32.99 -58.58 8.83
C ILE Q 84 33.47 -57.26 8.25
N VAL Q 85 33.79 -57.27 6.96
CA VAL Q 85 34.22 -56.07 6.26
C VAL Q 85 33.26 -55.80 5.12
N LYS Q 86 33.48 -54.66 4.47
CA LYS Q 86 32.62 -54.25 3.37
C LYS Q 86 33.46 -53.55 2.30
N ALA Q 87 33.32 -54.01 1.07
CA ALA Q 87 33.98 -53.34 -0.04
C ALA Q 87 33.30 -52.00 -0.29
N THR Q 88 34.06 -51.06 -0.85
CA THR Q 88 33.56 -49.71 -1.04
C THR Q 88 32.53 -49.60 -2.16
N ASN Q 89 32.54 -50.55 -3.09
CA ASN Q 89 31.64 -50.50 -4.23
C ASN Q 89 30.31 -51.18 -3.98
N GLY Q 90 30.08 -51.72 -2.79
CA GLY Q 90 28.98 -52.65 -2.62
C GLY Q 90 29.13 -53.64 -1.50
N PRO Q 91 29.09 -54.93 -1.83
CA PRO Q 91 28.67 -55.98 -0.88
C PRO Q 91 29.60 -56.24 0.29
N ARG Q 92 29.15 -57.12 1.18
CA ARG Q 92 29.81 -57.40 2.44
C ARG Q 92 30.34 -58.83 2.45
N TYR Q 93 31.33 -59.07 3.30
CA TYR Q 93 32.03 -60.34 3.31
C TYR Q 93 32.35 -60.72 4.75
N VAL Q 94 32.81 -61.97 4.91
CA VAL Q 94 33.33 -62.47 6.17
C VAL Q 94 34.75 -62.95 5.89
N VAL Q 95 35.72 -62.41 6.63
CA VAL Q 95 37.13 -62.52 6.28
C VAL Q 95 37.93 -62.94 7.51
N GLY Q 96 39.26 -62.97 7.35
CA GLY Q 96 40.18 -63.21 8.44
C GLY Q 96 41.47 -62.44 8.23
N CYS Q 97 42.26 -62.34 9.30
CA CYS Q 97 43.56 -61.69 9.26
C CYS Q 97 44.63 -62.70 8.92
N ARG Q 98 45.91 -62.33 9.06
CA ARG Q 98 46.91 -63.34 8.76
C ARG Q 98 47.36 -64.09 10.00
N ARG Q 99 48.30 -63.51 10.76
CA ARG Q 99 48.61 -63.95 12.12
C ARG Q 99 48.90 -62.76 13.02
N GLN Q 100 49.65 -61.80 12.47
CA GLN Q 100 50.46 -60.87 13.23
C GLN Q 100 50.12 -59.43 12.85
N LEU Q 101 48.83 -59.12 12.85
CA LEU Q 101 48.36 -57.83 12.37
C LEU Q 101 48.03 -56.87 13.51
N ASP Q 102 48.18 -57.30 14.77
CA ASP Q 102 47.84 -56.55 15.98
C ASP Q 102 46.35 -56.16 15.96
N LYS Q 103 45.53 -57.21 16.11
CA LYS Q 103 44.08 -57.15 15.91
C LYS Q 103 43.35 -56.21 16.88
N SER Q 104 44.02 -55.69 17.90
CA SER Q 104 43.41 -54.67 18.75
C SER Q 104 43.12 -53.39 17.98
N LYS Q 105 43.96 -53.06 17.00
CA LYS Q 105 43.79 -51.83 16.24
C LYS Q 105 42.65 -51.89 15.25
N LEU Q 106 42.11 -53.07 14.98
CA LEU Q 106 40.92 -53.18 14.13
C LEU Q 106 39.71 -52.81 14.97
N LYS Q 107 39.08 -51.70 14.63
CA LYS Q 107 37.92 -51.19 15.34
C LYS Q 107 36.80 -51.02 14.34
N PRO Q 108 35.54 -51.01 14.80
CA PRO Q 108 34.44 -50.69 13.88
C PRO Q 108 34.55 -49.28 13.31
N GLY Q 109 34.79 -49.22 12.01
CA GLY Q 109 35.02 -47.96 11.31
C GLY Q 109 36.39 -47.82 10.69
N THR Q 110 37.34 -48.70 11.00
CA THR Q 110 38.67 -48.55 10.43
C THR Q 110 38.69 -49.08 8.99
N ARG Q 111 39.82 -48.84 8.33
CA ARG Q 111 39.98 -49.21 6.93
C ARG Q 111 41.14 -50.18 6.80
N VAL Q 112 40.99 -51.17 5.93
CA VAL Q 112 41.98 -52.21 5.70
C VAL Q 112 42.18 -52.40 4.21
N ALA Q 113 43.21 -53.17 3.89
CA ALA Q 113 43.47 -53.65 2.53
C ALA Q 113 43.25 -55.15 2.50
N LEU Q 114 42.56 -55.63 1.47
CA LEU Q 114 42.18 -57.03 1.38
C LEU Q 114 42.91 -57.71 0.23
N ASP Q 115 43.10 -59.02 0.37
CA ASP Q 115 43.65 -59.81 -0.71
C ASP Q 115 42.66 -59.89 -1.87
N MET Q 116 43.19 -60.01 -3.08
CA MET Q 116 42.32 -60.07 -4.26
C MET Q 116 41.62 -61.42 -4.37
N THR Q 117 42.35 -62.52 -4.18
CA THR Q 117 41.80 -63.86 -4.39
C THR Q 117 41.42 -64.55 -3.08
N THR Q 118 42.36 -64.62 -2.14
CA THR Q 118 42.07 -65.23 -0.84
C THR Q 118 41.07 -64.40 -0.06
N LEU Q 119 41.09 -63.08 -0.27
CA LEU Q 119 40.13 -62.12 0.26
C LEU Q 119 40.20 -62.09 1.78
N THR Q 120 41.42 -61.80 2.25
CA THR Q 120 41.76 -61.74 3.67
C THR Q 120 42.49 -60.44 3.96
N ILE Q 121 42.53 -60.08 5.24
CA ILE Q 121 43.01 -58.77 5.65
C ILE Q 121 44.54 -58.76 5.62
N MET Q 122 45.10 -57.75 4.97
CA MET Q 122 46.55 -57.59 4.85
C MET Q 122 47.11 -56.52 5.76
N ARG Q 123 46.53 -55.33 5.77
CA ARG Q 123 47.09 -54.23 6.55
C ARG Q 123 46.02 -53.20 6.84
N TYR Q 124 45.96 -52.74 8.09
CA TYR Q 124 45.17 -51.57 8.43
C TYR Q 124 45.89 -50.31 7.97
N LEU Q 125 45.12 -49.34 7.52
CA LEU Q 125 45.64 -48.13 6.91
C LEU Q 125 45.00 -46.91 7.56
N PRO Q 126 45.59 -45.70 7.39
CA PRO Q 126 44.92 -44.50 7.89
C PRO Q 126 43.70 -44.09 7.08
N ARG Q 127 43.15 -42.91 7.37
CA ARG Q 127 41.86 -42.51 6.80
C ARG Q 127 42.05 -41.83 5.44
N GLU Q 128 41.07 -42.06 4.55
CA GLU Q 128 41.02 -41.43 3.23
C GLU Q 128 40.92 -39.91 3.32
N VAL Q 129 41.13 -39.26 2.19
CA VAL Q 129 41.17 -37.79 2.14
C VAL Q 129 40.25 -37.19 1.10
N ASP Q 130 39.79 -37.93 0.07
CA ASP Q 130 38.93 -37.44 -1.02
C ASP Q 130 39.53 -36.23 -1.71
N PRO Q 131 40.44 -36.44 -2.68
CA PRO Q 131 41.47 -35.44 -3.04
C PRO Q 131 41.01 -34.08 -3.52
N LEU Q 132 39.70 -33.83 -3.57
CA LEU Q 132 39.18 -32.48 -3.62
C LEU Q 132 39.69 -31.65 -2.44
N VAL Q 133 39.84 -32.29 -1.29
CA VAL Q 133 40.42 -31.63 -0.13
C VAL Q 133 41.90 -31.33 -0.36
N TYR Q 134 42.63 -32.25 -0.99
CA TYR Q 134 44.01 -31.95 -1.37
C TYR Q 134 44.11 -30.85 -2.40
N ASN Q 135 43.07 -30.65 -3.20
CA ASN Q 135 43.03 -29.55 -4.14
C ASN Q 135 42.76 -28.22 -3.45
N MET Q 136 42.47 -28.22 -2.16
CA MET Q 136 42.25 -26.99 -1.43
C MET Q 136 43.00 -26.96 -0.11
N SER Q 137 43.97 -27.84 0.07
CA SER Q 137 44.81 -27.85 1.27
C SER Q 137 46.20 -27.30 0.96
N HIS Q 138 46.90 -27.93 0.02
CA HIS Q 138 48.28 -27.56 -0.33
C HIS Q 138 48.32 -26.73 -1.60
N GLU Q 139 47.30 -25.91 -1.83
CA GLU Q 139 47.11 -25.29 -3.13
C GLU Q 139 47.39 -23.79 -3.16
N ASP Q 140 47.27 -23.10 -2.03
CA ASP Q 140 47.51 -21.66 -2.00
C ASP Q 140 49.00 -21.35 -2.09
N PRO Q 141 49.41 -20.39 -2.92
CA PRO Q 141 50.75 -19.84 -2.85
C PRO Q 141 50.84 -18.68 -1.87
N GLY Q 142 52.06 -18.41 -1.43
CA GLY Q 142 52.33 -17.50 -0.33
C GLY Q 142 51.99 -16.04 -0.62
N ASN Q 143 52.24 -15.22 0.39
CA ASN Q 143 51.83 -13.82 0.38
C ASN Q 143 52.67 -13.06 1.38
N VAL Q 144 52.83 -11.77 1.11
CA VAL Q 144 53.31 -10.83 2.13
C VAL Q 144 52.27 -10.74 3.23
N SER Q 145 52.73 -10.58 4.48
CA SER Q 145 51.87 -10.54 5.63
C SER Q 145 51.09 -9.22 5.69
N TYR Q 146 50.37 -9.03 6.80
CA TYR Q 146 49.42 -7.95 6.98
C TYR Q 146 50.07 -6.59 7.16
N SER Q 147 51.39 -6.48 7.09
CA SER Q 147 52.00 -5.16 6.93
C SER Q 147 51.67 -4.58 5.56
N GLU Q 148 51.42 -5.45 4.58
CA GLU Q 148 51.04 -5.00 3.24
C GLU Q 148 49.66 -4.37 3.23
N ILE Q 149 48.71 -4.92 3.98
CA ILE Q 149 47.37 -4.36 4.01
C ILE Q 149 47.39 -3.19 4.97
N GLY Q 150 46.37 -2.33 4.93
CA GLY Q 150 46.36 -1.19 5.82
C GLY Q 150 45.00 -0.53 5.86
N GLY Q 151 44.82 0.27 6.91
CA GLY Q 151 43.63 1.08 7.06
C GLY Q 151 42.53 0.49 7.90
N LEU Q 152 42.68 -0.75 8.35
CA LEU Q 152 41.65 -1.42 9.13
C LEU Q 152 42.29 -2.20 10.28
N SER Q 153 43.23 -1.56 10.98
CA SER Q 153 44.00 -2.20 12.04
C SER Q 153 43.16 -2.59 13.25
N GLU Q 154 41.98 -2.01 13.41
CA GLU Q 154 41.05 -2.50 14.42
C GLU Q 154 40.60 -3.90 14.11
N GLN Q 155 40.15 -4.13 12.88
CA GLN Q 155 39.67 -5.44 12.46
C GLN Q 155 40.81 -6.43 12.35
N ILE Q 156 42.03 -5.95 12.09
CA ILE Q 156 43.20 -6.81 12.12
C ILE Q 156 43.43 -7.34 13.53
N ARG Q 157 43.35 -6.44 14.51
CA ARG Q 157 43.44 -6.85 15.91
C ARG Q 157 42.25 -7.70 16.30
N GLU Q 158 41.07 -7.38 15.77
CA GLU Q 158 39.84 -8.04 16.20
C GLU Q 158 39.79 -9.50 15.76
N LEU Q 159 40.39 -9.81 14.62
CA LEU Q 159 40.46 -11.19 14.18
C LEU Q 159 41.48 -11.99 14.97
N ARG Q 160 42.48 -11.31 15.54
CA ARG Q 160 43.55 -12.00 16.23
C ARG Q 160 43.08 -12.68 17.51
N GLU Q 161 42.07 -12.12 18.18
CA GLU Q 161 41.62 -12.75 19.42
C GLU Q 161 40.77 -13.98 19.16
N VAL Q 162 40.15 -14.09 17.98
CA VAL Q 162 39.28 -15.21 17.74
C VAL Q 162 40.02 -16.36 17.06
N ILE Q 163 41.21 -16.11 16.54
CA ILE Q 163 41.96 -17.15 15.84
C ILE Q 163 43.33 -17.36 16.47
N GLU Q 164 44.15 -16.31 16.46
CA GLU Q 164 45.57 -16.50 16.77
C GLU Q 164 45.81 -16.69 18.26
N LEU Q 165 45.20 -15.84 19.09
CA LEU Q 165 45.39 -15.94 20.54
C LEU Q 165 44.91 -17.25 21.19
N PRO Q 166 43.69 -17.76 20.96
CA PRO Q 166 43.23 -18.88 21.82
C PRO Q 166 43.91 -20.20 21.54
N LEU Q 167 44.68 -20.33 20.48
CA LEU Q 167 45.50 -21.52 20.30
C LEU Q 167 46.94 -21.30 20.70
N THR Q 168 47.49 -20.10 20.48
CA THR Q 168 48.82 -19.80 20.99
C THR Q 168 48.82 -19.57 22.49
N ASN Q 169 47.79 -18.93 23.03
CA ASN Q 169 47.70 -18.66 24.46
C ASN Q 169 46.31 -19.06 24.94
N PRO Q 170 46.09 -20.34 25.20
CA PRO Q 170 44.78 -20.78 25.70
C PRO Q 170 44.58 -20.61 27.20
N GLU Q 171 45.59 -20.10 27.90
CA GLU Q 171 45.55 -20.08 29.36
C GLU Q 171 44.64 -18.99 29.91
N LEU Q 172 44.63 -17.82 29.25
CA LEU Q 172 43.88 -16.69 29.78
C LEU Q 172 42.39 -16.91 29.69
N PHE Q 173 41.94 -17.70 28.73
CA PHE Q 173 40.52 -17.98 28.58
C PHE Q 173 40.04 -18.96 29.65
N GLN Q 174 40.92 -19.87 30.07
CA GLN Q 174 40.57 -20.78 31.15
C GLN Q 174 40.54 -20.07 32.48
N ARG Q 175 41.30 -18.99 32.62
CA ARG Q 175 41.42 -18.31 33.90
C ARG Q 175 40.17 -17.51 34.22
N VAL Q 176 39.68 -16.72 33.27
CA VAL Q 176 38.37 -16.14 33.42
C VAL Q 176 37.31 -17.23 33.36
N GLY Q 177 37.54 -18.26 32.55
CA GLY Q 177 36.67 -19.42 32.53
C GLY Q 177 35.62 -19.39 31.45
N ILE Q 178 35.92 -18.83 30.29
CA ILE Q 178 34.94 -18.69 29.21
C ILE Q 178 35.52 -19.33 27.96
N ILE Q 179 34.72 -20.16 27.31
CA ILE Q 179 35.11 -20.80 26.05
C ILE Q 179 35.29 -19.72 24.98
N PRO Q 180 36.37 -19.75 24.20
CA PRO Q 180 36.56 -18.73 23.15
C PRO Q 180 35.54 -18.91 22.04
N PRO Q 181 35.28 -17.85 21.27
CA PRO Q 181 34.31 -17.95 20.18
C PRO Q 181 34.80 -18.83 19.05
N LYS Q 182 33.85 -19.25 18.21
CA LYS Q 182 34.09 -20.26 17.20
C LYS Q 182 34.32 -19.68 15.81
N GLY Q 183 33.36 -18.90 15.30
CA GLY Q 183 33.43 -18.44 13.93
C GLY Q 183 33.06 -16.98 13.82
N CYS Q 184 33.52 -16.37 12.72
CA CYS Q 184 33.27 -14.97 12.45
C CYS Q 184 32.74 -14.79 11.04
N LEU Q 185 32.32 -13.56 10.76
CA LEU Q 185 31.69 -13.21 9.50
C LEU Q 185 32.25 -11.88 9.01
N LEU Q 186 32.73 -11.86 7.78
CA LEU Q 186 33.18 -10.63 7.13
C LEU Q 186 32.16 -10.20 6.11
N TYR Q 187 31.93 -8.91 6.01
CA TYR Q 187 30.95 -8.39 5.07
C TYR Q 187 31.29 -6.95 4.75
N GLY Q 188 30.75 -6.48 3.64
CA GLY Q 188 30.98 -5.12 3.20
C GLY Q 188 30.86 -5.00 1.70
N PRO Q 189 31.18 -3.82 1.17
CA PRO Q 189 31.17 -3.61 -0.27
C PRO Q 189 32.29 -4.37 -0.94
N PRO Q 190 32.19 -4.65 -2.23
CA PRO Q 190 33.28 -5.38 -2.91
C PRO Q 190 34.51 -4.50 -3.06
N GLY Q 191 35.67 -5.12 -2.92
CA GLY Q 191 36.92 -4.41 -3.05
C GLY Q 191 37.40 -3.69 -1.82
N THR Q 192 36.76 -3.90 -0.67
CA THR Q 192 37.29 -3.37 0.57
C THR Q 192 38.43 -4.21 1.13
N GLY Q 193 38.64 -5.41 0.59
CA GLY Q 193 39.77 -6.22 1.00
C GLY Q 193 39.41 -7.39 1.88
N LYS Q 194 38.21 -7.96 1.67
CA LYS Q 194 37.79 -9.09 2.48
C LYS Q 194 38.58 -10.34 2.13
N THR Q 195 38.76 -10.59 0.83
CA THR Q 195 39.56 -11.73 0.40
C THR Q 195 41.04 -11.48 0.68
N LEU Q 196 41.47 -10.22 0.56
CA LEU Q 196 42.87 -9.86 0.81
C LEU Q 196 43.27 -10.12 2.25
N LEU Q 197 42.36 -9.89 3.18
CA LEU Q 197 42.64 -10.10 4.59
C LEU Q 197 42.84 -11.58 4.90
N ALA Q 198 42.06 -12.44 4.26
CA ALA Q 198 42.18 -13.87 4.51
C ALA Q 198 43.46 -14.44 3.91
N ARG Q 199 44.01 -13.80 2.89
CA ARG Q 199 45.25 -14.27 2.30
C ARG Q 199 46.43 -14.04 3.24
N ALA Q 200 46.43 -12.91 3.95
CA ALA Q 200 47.52 -12.62 4.87
C ALA Q 200 47.45 -13.52 6.10
N VAL Q 201 46.25 -13.92 6.50
CA VAL Q 201 46.11 -14.86 7.60
C VAL Q 201 46.57 -16.25 7.16
N ALA Q 202 46.20 -16.63 5.93
CA ALA Q 202 46.61 -17.93 5.40
C ALA Q 202 48.10 -17.99 5.11
N SER Q 203 48.74 -16.84 4.84
CA SER Q 203 50.17 -16.83 4.54
C SER Q 203 51.04 -17.10 5.76
N GLN Q 204 50.46 -17.13 6.95
CA GLN Q 204 51.23 -17.49 8.14
C GLN Q 204 51.36 -19.01 8.25
N LEU Q 205 50.24 -19.73 8.25
CA LEU Q 205 50.26 -21.17 8.44
C LEU Q 205 50.83 -21.89 7.22
N ASP Q 206 50.15 -21.76 6.08
CA ASP Q 206 50.50 -22.34 4.78
C ASP Q 206 50.50 -23.88 4.78
N CYS Q 207 49.98 -24.51 5.82
CA CYS Q 207 49.88 -25.97 5.84
C CYS Q 207 48.50 -26.42 6.30
N ASN Q 208 47.87 -25.61 7.15
CA ASN Q 208 46.69 -26.02 7.90
C ASN Q 208 45.55 -25.06 7.65
N PHE Q 209 45.27 -24.79 6.38
CA PHE Q 209 44.28 -23.81 5.98
C PHE Q 209 43.44 -24.40 4.85
N LEU Q 210 42.13 -24.47 5.06
CA LEU Q 210 41.21 -24.97 4.05
C LEU Q 210 40.41 -23.82 3.48
N LYS Q 211 40.44 -23.68 2.15
CA LYS Q 211 39.67 -22.67 1.46
C LYS Q 211 38.66 -23.34 0.55
N VAL Q 212 37.43 -22.83 0.56
CA VAL Q 212 36.33 -23.37 -0.23
C VAL Q 212 35.68 -22.21 -0.98
N VAL Q 213 35.43 -22.41 -2.28
CA VAL Q 213 34.79 -21.38 -3.07
C VAL Q 213 33.30 -21.26 -2.79
N SER Q 214 32.71 -22.23 -2.10
CA SER Q 214 31.29 -22.35 -1.76
C SER Q 214 30.38 -22.32 -2.99
N SER Q 215 30.90 -22.69 -4.15
CA SER Q 215 30.09 -22.82 -5.35
C SER Q 215 30.36 -24.10 -6.12
N SER Q 216 31.53 -24.71 -5.97
CA SER Q 216 31.83 -25.99 -6.58
C SER Q 216 31.38 -27.15 -5.72
N ILE Q 217 30.59 -26.90 -4.68
CA ILE Q 217 30.15 -27.95 -3.80
C ILE Q 217 29.04 -28.75 -4.45
N VAL Q 218 28.19 -28.06 -5.20
CA VAL Q 218 27.06 -28.69 -5.88
C VAL Q 218 27.50 -29.73 -6.90
N ASP Q 219 26.63 -30.70 -7.16
CA ASP Q 219 26.90 -31.76 -8.11
C ASP Q 219 25.64 -32.11 -8.89
N LYS Q 220 25.67 -33.24 -9.60
CA LYS Q 220 24.53 -33.67 -10.38
C LYS Q 220 23.76 -34.79 -9.69
N TYR Q 221 24.37 -35.39 -8.67
CA TYR Q 221 23.73 -36.47 -7.93
C TYR Q 221 22.89 -35.95 -6.78
N ILE Q 222 22.25 -36.85 -6.04
CA ILE Q 222 21.39 -36.47 -4.91
C ILE Q 222 22.09 -36.28 -3.58
N GLY Q 223 22.97 -37.21 -3.21
CA GLY Q 223 23.80 -36.99 -2.05
C GLY Q 223 24.98 -36.12 -2.43
N GLU Q 224 26.19 -36.53 -2.07
CA GLU Q 224 27.42 -36.20 -2.79
C GLU Q 224 27.84 -34.73 -2.68
N SER Q 225 26.98 -33.86 -2.18
CA SER Q 225 27.34 -32.51 -1.80
C SER Q 225 27.44 -32.38 -0.30
N ALA Q 226 26.60 -33.12 0.43
CA ALA Q 226 26.84 -33.32 1.85
C ALA Q 226 28.14 -34.09 2.08
N ARG Q 227 28.40 -35.09 1.22
CA ARG Q 227 29.52 -36.00 1.41
C ARG Q 227 30.87 -35.27 1.37
N LEU Q 228 30.94 -34.15 0.66
CA LEU Q 228 32.12 -33.29 0.75
C LEU Q 228 32.23 -32.65 2.11
N ILE Q 229 31.11 -32.21 2.67
CA ILE Q 229 31.13 -31.43 3.90
C ILE Q 229 31.49 -32.32 5.08
N ARG Q 230 31.00 -33.57 5.08
CA ARG Q 230 31.39 -34.52 6.12
C ARG Q 230 32.88 -34.82 6.05
N GLU Q 231 33.42 -34.93 4.84
CA GLU Q 231 34.85 -35.20 4.68
C GLU Q 231 35.68 -34.00 5.09
N MET Q 232 35.18 -32.78 4.87
CA MET Q 232 35.90 -31.57 5.24
C MET Q 232 36.10 -31.47 6.74
N PHE Q 233 35.02 -31.57 7.50
CA PHE Q 233 35.13 -31.41 8.94
C PHE Q 233 35.86 -32.58 9.59
N ASN Q 234 35.77 -33.76 8.98
CA ASN Q 234 36.52 -34.90 9.47
C ASN Q 234 38.01 -34.74 9.19
N TYR Q 235 38.35 -34.14 8.05
CA TYR Q 235 39.74 -33.75 7.84
C TYR Q 235 40.12 -32.62 8.78
N ALA Q 236 39.16 -31.73 9.08
CA ALA Q 236 39.38 -30.73 10.10
C ALA Q 236 39.37 -31.32 11.49
N ARG Q 237 38.82 -32.52 11.65
CA ARG Q 237 38.87 -33.19 12.94
C ARG Q 237 40.24 -33.82 13.17
N ASP Q 238 40.85 -34.34 12.10
CA ASP Q 238 42.09 -35.11 12.23
C ASP Q 238 43.27 -34.21 12.59
N HIS Q 239 43.57 -33.24 11.73
CA HIS Q 239 44.49 -32.19 12.13
C HIS Q 239 43.78 -31.32 13.16
N GLN Q 240 44.44 -31.03 14.26
CA GLN Q 240 43.67 -30.44 15.33
C GLN Q 240 43.49 -28.92 15.20
N PRO Q 241 44.56 -28.10 14.95
CA PRO Q 241 44.24 -26.64 14.83
C PRO Q 241 43.91 -26.19 13.42
N CYS Q 242 42.68 -26.43 12.98
CA CYS Q 242 42.32 -26.15 11.59
C CYS Q 242 41.57 -24.83 11.44
N ILE Q 243 41.66 -24.27 10.24
CA ILE Q 243 40.97 -23.05 9.85
C ILE Q 243 40.13 -23.36 8.63
N ILE Q 244 38.85 -23.00 8.67
CA ILE Q 244 37.94 -23.18 7.55
C ILE Q 244 37.64 -21.79 6.99
N PHE Q 245 37.74 -21.65 5.67
CA PHE Q 245 37.40 -20.40 5.01
C PHE Q 245 36.47 -20.70 3.84
N MET Q 246 35.27 -20.12 3.88
CA MET Q 246 34.31 -20.24 2.79
C MET Q 246 33.93 -18.82 2.38
N ASP Q 247 34.51 -18.36 1.28
CA ASP Q 247 34.07 -17.12 0.69
C ASP Q 247 32.71 -17.34 0.04
N GLU Q 248 31.92 -16.26 -0.02
CA GLU Q 248 30.66 -16.10 -0.78
C GLU Q 248 29.67 -17.25 -0.51
N ILE Q 249 29.15 -17.23 0.72
CA ILE Q 249 28.17 -18.22 1.16
C ILE Q 249 26.88 -18.16 0.35
N ASP Q 250 26.56 -16.99 -0.25
CA ASP Q 250 25.27 -16.68 -0.85
C ASP Q 250 24.82 -17.66 -1.92
N ALA Q 251 25.76 -18.37 -2.54
CA ALA Q 251 25.40 -19.53 -3.37
C ALA Q 251 24.76 -20.61 -2.50
N ILE Q 252 25.51 -21.12 -1.53
CA ILE Q 252 25.01 -22.21 -0.71
C ILE Q 252 24.14 -21.71 0.43
N GLY Q 253 24.24 -20.43 0.80
CA GLY Q 253 23.57 -19.96 1.99
C GLY Q 253 22.07 -19.87 1.89
N GLY Q 254 21.57 -18.90 1.11
CA GLY Q 254 20.14 -18.68 0.98
C GLY Q 254 19.42 -18.33 2.27
N ARG Q 255 18.10 -18.23 2.25
CA ARG Q 255 17.35 -18.13 3.50
C ARG Q 255 16.41 -19.32 3.69
N ARG Q 256 15.37 -19.43 2.85
CA ARG Q 256 14.33 -20.45 2.95
C ARG Q 256 13.38 -20.23 1.77
N PHE Q 257 12.79 -21.31 1.25
CA PHE Q 257 11.71 -21.20 0.28
C PHE Q 257 10.53 -22.02 0.75
N SER Q 258 9.34 -21.54 0.44
CA SER Q 258 8.09 -22.20 0.84
C SER Q 258 7.73 -23.27 -0.19
N GLU Q 259 8.50 -24.36 -0.15
CA GLU Q 259 8.28 -25.58 -0.94
C GLU Q 259 8.28 -25.29 -2.44
N GLY Q 260 9.43 -24.87 -2.94
CA GLY Q 260 9.56 -24.58 -4.35
C GLY Q 260 10.08 -25.75 -5.17
N THR Q 261 11.17 -25.52 -5.88
CA THR Q 261 11.76 -26.54 -6.73
C THR Q 261 12.43 -27.60 -5.86
N SER Q 262 12.44 -28.84 -6.36
CA SER Q 262 13.23 -29.90 -5.71
C SER Q 262 14.72 -29.60 -5.74
N ALA Q 263 15.19 -28.82 -6.71
CA ALA Q 263 16.57 -28.37 -6.72
C ALA Q 263 16.88 -27.45 -5.55
N ASP Q 264 15.89 -26.67 -5.10
CA ASP Q 264 16.08 -25.89 -3.88
C ASP Q 264 16.19 -26.79 -2.66
N ARG Q 265 15.50 -27.93 -2.68
CA ARG Q 265 15.57 -28.84 -1.56
C ARG Q 265 16.92 -29.54 -1.48
N GLU Q 266 17.63 -29.63 -2.61
CA GLU Q 266 18.99 -30.15 -2.56
C GLU Q 266 19.92 -29.16 -1.90
N ILE Q 267 19.68 -27.88 -2.12
CA ILE Q 267 20.52 -26.86 -1.52
C ILE Q 267 20.26 -26.76 -0.03
N GLN Q 268 18.98 -26.86 0.36
CA GLN Q 268 18.63 -26.68 1.77
C GLN Q 268 19.07 -27.87 2.62
N ARG Q 269 19.01 -29.07 2.05
CA ARG Q 269 19.56 -30.23 2.76
C ARG Q 269 21.06 -30.14 2.88
N THR Q 270 21.72 -29.60 1.85
CA THR Q 270 23.15 -29.34 1.94
C THR Q 270 23.43 -28.25 2.95
N LEU Q 271 22.54 -27.27 3.06
CA LEU Q 271 22.73 -26.19 4.02
C LEU Q 271 22.55 -26.67 5.45
N MET Q 272 21.64 -27.61 5.68
CA MET Q 272 21.38 -28.07 7.04
C MET Q 272 22.45 -29.02 7.57
N GLU Q 273 23.32 -29.53 6.70
CA GLU Q 273 24.47 -30.28 7.21
C GLU Q 273 25.48 -29.36 7.87
N LEU Q 274 25.56 -28.11 7.41
CA LEU Q 274 26.39 -27.13 8.09
C LEU Q 274 25.78 -26.73 9.43
N LEU Q 275 24.46 -26.51 9.46
CA LEU Q 275 23.80 -26.14 10.69
C LEU Q 275 23.85 -27.24 11.72
N ASN Q 276 23.91 -28.49 11.27
CA ASN Q 276 24.22 -29.58 12.18
C ASN Q 276 25.66 -29.50 12.63
N GLN Q 277 26.60 -29.68 11.71
CA GLN Q 277 27.97 -29.96 12.11
C GLN Q 277 28.76 -28.71 12.53
N MET Q 278 28.09 -27.58 12.74
CA MET Q 278 28.70 -26.50 13.50
C MET Q 278 28.33 -26.58 14.97
N ASP Q 279 27.09 -26.95 15.29
CA ASP Q 279 26.66 -27.08 16.68
C ASP Q 279 26.37 -28.53 17.03
N GLY Q 280 25.33 -29.13 16.43
CA GLY Q 280 24.95 -30.53 16.49
C GLY Q 280 25.15 -31.33 17.77
N PHE Q 281 25.63 -32.56 17.59
CA PHE Q 281 25.99 -33.42 18.69
C PHE Q 281 27.47 -33.27 19.04
N ASP Q 282 28.33 -33.54 18.06
CA ASP Q 282 29.77 -33.48 18.25
C ASP Q 282 30.22 -32.03 18.32
N THR Q 283 30.77 -31.63 19.46
CA THR Q 283 31.34 -30.29 19.55
C THR Q 283 32.67 -30.24 18.80
N LEU Q 284 33.16 -29.03 18.62
CA LEU Q 284 34.42 -28.81 17.93
C LEU Q 284 35.45 -28.23 18.88
N HIS Q 285 36.72 -28.43 18.52
CA HIS Q 285 37.84 -27.91 19.27
C HIS Q 285 38.90 -27.46 18.28
N ARG Q 286 39.40 -26.24 18.47
CA ARG Q 286 40.43 -25.61 17.64
C ARG Q 286 40.04 -25.54 16.17
N VAL Q 287 38.76 -25.49 15.87
CA VAL Q 287 38.27 -25.41 14.50
C VAL Q 287 37.64 -24.04 14.34
N LYS Q 288 38.26 -23.19 13.54
CA LYS Q 288 37.79 -21.82 13.35
C LYS Q 288 37.29 -21.66 11.92
N MET Q 289 36.19 -20.92 11.78
CA MET Q 289 35.50 -20.79 10.50
C MET Q 289 35.38 -19.32 10.16
N ILE Q 290 36.06 -18.90 9.11
CA ILE Q 290 35.96 -17.54 8.61
C ILE Q 290 34.96 -17.55 7.47
N MET Q 291 34.02 -16.61 7.49
CA MET Q 291 32.98 -16.54 6.49
C MET Q 291 32.96 -15.13 5.90
N ALA Q 292 32.76 -15.06 4.59
CA ALA Q 292 32.78 -13.78 3.90
C ALA Q 292 31.66 -13.74 2.86
N THR Q 293 31.07 -12.56 2.71
CA THR Q 293 30.01 -12.35 1.73
C THR Q 293 29.93 -10.87 1.40
N ASN Q 294 29.09 -10.56 0.42
CA ASN Q 294 28.79 -9.17 0.08
C ASN Q 294 27.50 -8.69 0.69
N ARG Q 295 26.43 -9.48 0.59
CA ARG Q 295 25.18 -9.11 1.22
C ARG Q 295 24.84 -10.09 2.34
N PRO Q 296 24.64 -9.62 3.55
CA PRO Q 296 24.32 -10.53 4.66
C PRO Q 296 22.83 -10.65 4.90
N ASP Q 297 22.04 -9.84 4.19
CA ASP Q 297 20.61 -9.81 4.41
C ASP Q 297 19.93 -11.07 3.89
N THR Q 298 20.48 -11.68 2.86
CA THR Q 298 19.84 -12.84 2.24
C THR Q 298 20.14 -14.15 2.95
N LEU Q 299 20.77 -14.11 4.12
CA LEU Q 299 21.22 -15.32 4.78
C LEU Q 299 20.14 -15.89 5.70
N ASP Q 300 20.29 -17.18 5.99
CA ASP Q 300 19.36 -17.87 6.88
C ASP Q 300 19.58 -17.38 8.30
N PRO Q 301 18.53 -16.96 9.01
CA PRO Q 301 18.70 -16.57 10.42
C PRO Q 301 19.15 -17.69 11.34
N ALA Q 302 18.94 -18.95 10.96
CA ALA Q 302 19.49 -20.05 11.74
C ALA Q 302 21.00 -20.09 11.64
N LEU Q 303 21.56 -19.61 10.54
CA LEU Q 303 23.01 -19.54 10.40
C LEU Q 303 23.59 -18.37 11.18
N LEU Q 304 22.89 -17.25 11.21
CA LEU Q 304 23.42 -16.02 11.78
C LEU Q 304 23.23 -15.91 13.28
N ARG Q 305 22.71 -16.95 13.93
CA ARG Q 305 22.61 -16.83 15.36
C ARG Q 305 23.98 -17.07 15.99
N PRO Q 306 24.27 -16.45 17.14
CA PRO Q 306 25.57 -16.65 17.77
C PRO Q 306 25.75 -18.07 18.30
N GLY Q 307 26.98 -18.55 18.20
CA GLY Q 307 27.28 -19.93 18.53
C GLY Q 307 27.75 -20.64 17.28
N ARG Q 308 27.09 -20.39 16.16
CA ARG Q 308 27.57 -20.84 14.87
C ARG Q 308 28.40 -19.77 14.17
N LEU Q 309 27.87 -18.56 14.04
CA LEU Q 309 28.64 -17.40 13.65
C LEU Q 309 28.62 -16.44 14.83
N ASP Q 310 29.74 -16.35 15.54
CA ASP Q 310 29.74 -15.63 16.79
C ASP Q 310 29.79 -14.11 16.59
N ARG Q 311 30.87 -13.61 16.00
CA ARG Q 311 31.11 -12.18 15.94
C ARG Q 311 31.10 -11.72 14.49
N LYS Q 312 30.33 -10.66 14.23
CA LYS Q 312 30.15 -10.14 12.89
C LYS Q 312 31.09 -8.96 12.70
N ILE Q 313 32.12 -9.14 11.88
CA ILE Q 313 33.13 -8.11 11.68
C ILE Q 313 32.79 -7.33 10.42
N HIS Q 314 32.79 -6.01 10.53
CA HIS Q 314 32.37 -5.11 9.47
C HIS Q 314 33.60 -4.46 8.84
N ILE Q 315 33.66 -4.51 7.52
CA ILE Q 315 34.73 -3.89 6.75
C ILE Q 315 34.09 -2.86 5.83
N ASP Q 316 34.66 -1.65 5.81
CA ASP Q 316 34.02 -0.55 5.10
C ASP Q 316 34.93 0.16 4.10
N LEU Q 317 34.43 1.24 3.54
CA LEU Q 317 35.22 2.05 2.63
C LEU Q 317 36.26 2.84 3.43
N PRO Q 318 37.42 3.11 2.84
CA PRO Q 318 38.50 3.76 3.58
C PRO Q 318 38.19 5.22 3.91
N ASN Q 319 38.61 5.64 5.09
CA ASN Q 319 38.58 7.04 5.48
C ASN Q 319 39.73 7.78 4.81
N GLU Q 320 39.82 9.08 5.08
CA GLU Q 320 40.80 9.93 4.42
C GLU Q 320 42.22 9.58 4.83
N GLN Q 321 42.43 9.27 6.11
CA GLN Q 321 43.72 8.74 6.52
C GLN Q 321 43.92 7.34 5.95
N ALA Q 322 42.84 6.56 5.87
CA ALA Q 322 42.96 5.22 5.31
C ALA Q 322 43.17 5.25 3.81
N ARG Q 323 42.56 6.21 3.11
CA ARG Q 323 42.88 6.39 1.70
C ARG Q 323 44.30 6.86 1.50
N LEU Q 324 44.84 7.60 2.47
CA LEU Q 324 46.23 8.03 2.39
C LEU Q 324 47.17 6.86 2.57
N ASP Q 325 46.85 5.95 3.49
CA ASP Q 325 47.77 4.88 3.84
C ASP Q 325 47.85 3.84 2.73
N ILE Q 326 46.70 3.48 2.17
CA ILE Q 326 46.65 2.50 1.08
C ILE Q 326 47.36 3.04 -0.15
N LEU Q 327 47.26 4.35 -0.38
CA LEU Q 327 47.97 4.99 -1.48
C LEU Q 327 49.47 4.94 -1.27
N LYS Q 328 49.92 5.08 -0.02
CA LYS Q 328 51.34 4.95 0.27
C LYS Q 328 51.82 3.51 0.11
N ILE Q 329 50.93 2.54 0.25
CA ILE Q 329 51.31 1.14 0.10
C ILE Q 329 51.60 0.82 -1.36
N HIS Q 330 50.65 1.11 -2.24
CA HIS Q 330 50.81 0.75 -3.65
C HIS Q 330 51.73 1.68 -4.40
N ALA Q 331 52.16 2.79 -3.81
CA ALA Q 331 53.16 3.65 -4.44
C ALA Q 331 54.56 3.32 -3.98
N GLY Q 332 54.80 2.12 -3.47
CA GLY Q 332 56.10 1.73 -3.00
C GLY Q 332 57.12 1.56 -4.09
N PRO Q 333 56.99 0.51 -4.91
CA PRO Q 333 58.00 0.25 -5.96
C PRO Q 333 57.70 0.96 -7.27
N ILE Q 334 57.62 2.28 -7.22
CA ILE Q 334 57.39 3.10 -8.40
C ILE Q 334 58.57 4.04 -8.59
N THR Q 335 59.22 3.92 -9.74
CA THR Q 335 60.30 4.83 -10.10
C THR Q 335 59.72 6.21 -10.38
N LYS Q 336 59.96 7.15 -9.47
CA LYS Q 336 59.29 8.43 -9.51
C LYS Q 336 60.25 9.58 -9.27
N HIS Q 337 59.73 10.79 -9.11
CA HIS Q 337 60.50 11.93 -8.65
C HIS Q 337 59.95 12.43 -7.32
N GLY Q 338 60.78 13.12 -6.57
CA GLY Q 338 60.41 13.63 -5.27
C GLY Q 338 59.52 14.86 -5.34
N GLU Q 339 58.29 14.65 -5.83
CA GLU Q 339 57.37 15.76 -6.05
C GLU Q 339 55.95 15.34 -5.65
N ILE Q 340 55.81 14.21 -4.96
CA ILE Q 340 54.52 13.53 -4.86
C ILE Q 340 53.72 14.15 -3.73
N ASP Q 341 52.68 14.89 -4.10
CA ASP Q 341 51.66 15.32 -3.15
C ASP Q 341 50.63 14.19 -3.07
N TYR Q 342 50.75 13.37 -2.03
CA TYR Q 342 49.72 12.36 -1.80
C TYR Q 342 48.42 12.98 -1.35
N GLU Q 343 48.50 14.15 -0.69
CA GLU Q 343 47.32 14.73 -0.04
C GLU Q 343 46.32 15.26 -1.06
N ALA Q 344 46.80 15.82 -2.17
CA ALA Q 344 45.90 16.30 -3.20
C ALA Q 344 45.20 15.16 -3.92
N ILE Q 345 45.84 13.99 -3.99
CA ILE Q 345 45.23 12.83 -4.61
C ILE Q 345 44.10 12.30 -3.73
N VAL Q 346 44.36 12.20 -2.42
CA VAL Q 346 43.37 11.70 -1.48
C VAL Q 346 42.20 12.68 -1.35
N LYS Q 347 42.47 13.97 -1.52
CA LYS Q 347 41.42 14.98 -1.46
C LYS Q 347 40.43 14.83 -2.61
N LEU Q 348 40.90 14.41 -3.78
CA LEU Q 348 40.01 14.06 -4.87
C LEU Q 348 39.50 12.62 -4.79
N SER Q 349 39.97 11.86 -3.82
CA SER Q 349 39.60 10.46 -3.69
C SER Q 349 38.44 10.35 -2.72
N ASP Q 350 37.28 9.91 -3.21
CA ASP Q 350 36.10 9.79 -2.38
C ASP Q 350 35.42 8.46 -2.69
N GLY Q 351 35.16 7.68 -1.65
CA GLY Q 351 34.43 6.44 -1.79
C GLY Q 351 35.14 5.36 -2.57
N PHE Q 352 36.45 5.49 -2.78
CA PHE Q 352 37.17 4.54 -3.59
C PHE Q 352 37.40 3.24 -2.83
N ASN Q 353 37.60 2.17 -3.57
CA ASN Q 353 38.02 0.93 -2.96
C ASN Q 353 39.52 0.95 -2.74
N GLY Q 354 40.00 -0.03 -1.97
CA GLY Q 354 41.42 -0.30 -1.96
C GLY Q 354 41.92 -0.78 -3.31
N ALA Q 355 41.07 -1.51 -4.04
CA ALA Q 355 41.38 -1.88 -5.41
C ALA Q 355 41.33 -0.69 -6.34
N ASP Q 356 40.58 0.36 -6.01
CA ASP Q 356 40.55 1.54 -6.86
C ASP Q 356 41.84 2.31 -6.79
N LEU Q 357 42.44 2.40 -5.60
CA LEU Q 357 43.72 3.08 -5.47
C LEU Q 357 44.84 2.25 -6.07
N ARG Q 358 44.69 0.93 -6.08
CA ARG Q 358 45.57 0.07 -6.87
C ARG Q 358 45.46 0.40 -8.35
N ASN Q 359 44.24 0.69 -8.82
CA ASN Q 359 44.03 1.04 -10.22
C ASN Q 359 44.67 2.37 -10.56
N VAL Q 360 44.65 3.32 -9.62
CA VAL Q 360 45.24 4.63 -9.85
C VAL Q 360 46.75 4.52 -10.01
N CYS Q 361 47.39 3.69 -9.18
CA CYS Q 361 48.80 3.42 -9.35
C CYS Q 361 49.09 2.64 -10.63
N THR Q 362 48.13 1.83 -11.08
CA THR Q 362 48.31 1.13 -12.34
C THR Q 362 48.18 2.06 -13.53
N GLU Q 363 47.17 2.94 -13.50
CA GLU Q 363 46.91 3.79 -14.66
C GLU Q 363 47.94 4.90 -14.78
N ALA Q 364 48.46 5.40 -13.66
CA ALA Q 364 49.47 6.46 -13.72
C ALA Q 364 50.76 5.95 -14.32
N GLY Q 365 51.06 4.67 -14.14
CA GLY Q 365 52.17 4.07 -14.85
C GLY Q 365 51.91 3.94 -16.34
N MET Q 366 50.64 3.77 -16.72
CA MET Q 366 50.29 3.67 -18.13
C MET Q 366 50.46 5.00 -18.84
N PHE Q 367 50.26 6.11 -18.14
CA PHE Q 367 50.60 7.40 -18.73
C PHE Q 367 52.10 7.55 -18.89
N ALA Q 368 52.89 6.90 -18.05
CA ALA Q 368 54.33 7.01 -18.16
C ALA Q 368 54.88 6.14 -19.28
N ILE Q 369 54.22 5.02 -19.56
CA ILE Q 369 54.62 4.19 -20.70
C ILE Q 369 54.31 4.92 -22.00
N ARG Q 370 53.25 5.71 -22.01
CA ARG Q 370 53.08 6.73 -23.04
C ARG Q 370 54.22 7.72 -22.97
N ALA Q 371 54.80 8.02 -24.13
CA ALA Q 371 55.97 8.89 -24.34
C ALA Q 371 57.24 8.38 -23.66
N ASP Q 372 57.25 7.10 -23.24
CA ASP Q 372 58.45 6.33 -22.91
C ASP Q 372 59.28 6.93 -21.76
N HIS Q 373 58.63 7.60 -20.82
CA HIS Q 373 59.31 8.14 -19.65
C HIS Q 373 59.28 7.09 -18.55
N ASP Q 374 60.45 6.56 -18.21
CA ASP Q 374 60.52 5.51 -17.20
C ASP Q 374 60.26 6.05 -15.79
N PHE Q 375 60.59 7.32 -15.57
CA PHE Q 375 60.19 8.00 -14.35
C PHE Q 375 58.68 8.26 -14.38
N VAL Q 376 58.14 8.61 -13.21
CA VAL Q 376 56.72 8.96 -13.08
C VAL Q 376 56.64 10.35 -12.50
N VAL Q 377 56.00 11.24 -13.23
CA VAL Q 377 55.78 12.60 -12.78
C VAL Q 377 54.54 12.61 -11.90
N GLN Q 378 54.38 13.67 -11.11
CA GLN Q 378 53.21 13.77 -10.25
C GLN Q 378 51.94 14.03 -11.05
N GLU Q 379 52.07 14.67 -12.22
CA GLU Q 379 50.90 15.05 -12.99
C GLU Q 379 50.22 13.86 -13.68
N ASP Q 380 50.91 12.72 -13.78
CA ASP Q 380 50.27 11.53 -14.31
C ASP Q 380 49.25 10.97 -13.33
N PHE Q 381 49.41 11.26 -12.04
CA PHE Q 381 48.47 10.75 -11.05
C PHE Q 381 47.13 11.45 -11.14
N MET Q 382 47.15 12.78 -11.26
CA MET Q 382 45.89 13.53 -11.28
C MET Q 382 45.10 13.29 -12.56
N LYS Q 383 45.78 12.91 -13.64
CA LYS Q 383 45.07 12.42 -14.80
C LYS Q 383 44.47 11.05 -14.53
N ALA Q 384 45.20 10.22 -13.78
CA ALA Q 384 44.71 8.87 -13.48
C ALA Q 384 43.57 8.91 -12.48
N VAL Q 385 43.57 9.89 -11.57
CA VAL Q 385 42.47 10.00 -10.62
C VAL Q 385 41.18 10.40 -11.33
N ARG Q 386 41.28 11.34 -12.26
CA ARG Q 386 40.09 11.78 -12.98
C ARG Q 386 39.59 10.71 -13.93
N LYS Q 387 40.45 9.80 -14.37
CA LYS Q 387 40.00 8.71 -15.24
C LYS Q 387 39.27 7.64 -14.42
N VAL Q 388 39.84 7.26 -13.29
CA VAL Q 388 39.25 6.19 -12.49
C VAL Q 388 37.95 6.64 -11.85
N ALA Q 389 37.92 7.87 -11.35
CA ALA Q 389 36.68 8.42 -10.79
C ALA Q 389 35.62 8.66 -11.85
N ASP Q 390 36.02 8.79 -13.12
CA ASP Q 390 35.04 8.84 -14.19
C ASP Q 390 34.34 7.50 -14.39
N SER Q 391 35.05 6.40 -14.15
CA SER Q 391 34.48 5.08 -14.36
C SER Q 391 33.54 4.66 -13.25
N LYS Q 392 33.35 5.47 -12.22
CA LYS Q 392 32.40 5.15 -11.17
C LYS Q 392 31.08 5.86 -11.40
N LYS Q 393 30.68 5.96 -12.66
CA LYS Q 393 29.31 6.29 -13.01
C LYS Q 393 28.55 5.07 -13.48
N LEU Q 394 29.02 3.88 -13.10
CA LEU Q 394 28.45 2.63 -13.57
C LEU Q 394 28.14 1.65 -12.44
N GLU Q 395 28.40 2.01 -11.19
CA GLU Q 395 28.20 1.12 -10.06
C GLU Q 395 27.29 1.76 -9.02
N SER Q 396 26.51 0.94 -8.34
CA SER Q 396 25.59 1.42 -7.32
C SER Q 396 25.22 0.26 -6.39
N LYS Q 397 24.52 0.62 -5.30
CA LYS Q 397 24.02 -0.29 -4.27
C LYS Q 397 25.16 -1.11 -3.66
N LEU Q 398 26.01 -0.38 -2.96
CA LEU Q 398 27.19 -0.97 -2.35
C LEU Q 398 27.05 -1.21 -0.86
N ASP Q 399 26.08 -0.61 -0.20
CA ASP Q 399 25.81 -0.87 1.21
C ASP Q 399 24.68 -1.86 1.37
N TYR Q 400 24.80 -2.71 2.38
CA TYR Q 400 23.70 -3.57 2.79
C TYR Q 400 23.65 -3.60 4.29
N LYS Q 401 22.42 -3.67 4.81
CA LYS Q 401 22.20 -3.74 6.24
C LYS Q 401 22.79 -5.04 6.79
N PRO Q 402 23.40 -5.02 7.96
CA PRO Q 402 23.89 -6.27 8.56
C PRO Q 402 22.73 -7.16 8.96
N VAL Q 403 23.01 -8.47 8.96
CA VAL Q 403 22.06 -9.56 9.18
C VAL Q 403 20.94 -9.51 8.14
N GLU R 25 109.66 -33.80 -22.03
CA GLU R 25 110.31 -34.59 -23.06
C GLU R 25 111.83 -34.56 -22.88
N GLN R 26 112.31 -33.60 -22.09
CA GLN R 26 113.73 -33.54 -21.77
C GLN R 26 114.15 -34.72 -20.90
N ASP R 27 113.27 -35.13 -19.98
CA ASP R 27 113.49 -36.37 -19.24
C ASP R 27 113.40 -37.58 -20.16
N GLY R 28 112.60 -37.50 -21.23
CA GLY R 28 112.64 -38.51 -22.26
C GLY R 28 113.96 -38.55 -23.00
N ILE R 29 114.63 -37.40 -23.10
CA ILE R 29 115.96 -37.36 -23.69
C ILE R 29 117.02 -37.64 -22.63
N GLY R 30 116.83 -37.11 -21.42
CA GLY R 30 117.87 -37.19 -20.40
C GLY R 30 118.06 -38.57 -19.79
N GLU R 31 116.99 -39.37 -19.72
CA GLU R 31 117.12 -40.71 -19.15
C GLU R 31 117.77 -41.71 -20.11
N GLU R 32 117.98 -41.32 -21.37
CA GLU R 32 118.79 -42.11 -22.29
C GLU R 32 120.28 -41.81 -22.16
N VAL R 33 120.65 -40.84 -21.32
CA VAL R 33 122.05 -40.43 -21.18
C VAL R 33 122.72 -41.11 -20.00
N LEU R 34 122.04 -41.14 -18.85
CA LEU R 34 122.69 -41.52 -17.60
C LEU R 34 122.88 -43.03 -17.50
N LYS R 35 121.84 -43.80 -17.81
CA LYS R 35 121.83 -45.24 -17.61
C LYS R 35 121.57 -45.96 -18.95
N MET R 36 122.66 -46.18 -19.70
CA MET R 36 122.52 -46.70 -21.06
C MET R 36 122.39 -48.22 -21.12
N SER R 37 122.83 -48.94 -20.08
CA SER R 37 122.70 -50.39 -20.04
C SER R 37 122.02 -50.86 -18.76
N THR R 38 121.40 -49.93 -18.03
CA THR R 38 120.77 -50.22 -16.76
C THR R 38 119.25 -50.25 -16.85
N GLU R 39 118.64 -49.34 -17.61
CA GLU R 39 117.19 -49.32 -17.75
C GLU R 39 116.71 -49.14 -19.19
N GLU R 40 117.59 -49.05 -20.18
CA GLU R 40 117.13 -48.90 -21.56
C GLU R 40 116.49 -50.18 -22.06
N ILE R 41 117.11 -51.33 -21.79
CA ILE R 41 116.52 -52.63 -22.10
C ILE R 41 115.58 -53.08 -20.98
N ILE R 42 115.59 -52.39 -19.84
CA ILE R 42 114.95 -52.86 -18.62
C ILE R 42 113.68 -52.06 -18.29
N GLN R 43 113.80 -50.73 -18.15
CA GLN R 43 112.61 -49.91 -17.84
C GLN R 43 111.63 -49.89 -19.01
N ARG R 44 112.16 -49.84 -20.23
CA ARG R 44 111.33 -49.79 -21.43
C ARG R 44 110.66 -51.12 -21.74
N THR R 45 110.98 -52.18 -21.01
CA THR R 45 110.15 -53.38 -21.02
C THR R 45 109.17 -53.40 -19.86
N ARG R 46 109.64 -53.13 -18.62
CA ARG R 46 108.89 -53.51 -17.43
C ARG R 46 107.62 -52.69 -17.25
N LEU R 47 107.60 -51.44 -17.69
CA LEU R 47 106.37 -50.66 -17.65
C LEU R 47 105.63 -50.69 -18.98
N LEU R 48 106.09 -51.49 -19.94
CA LEU R 48 105.40 -51.68 -21.20
C LEU R 48 105.05 -53.14 -21.47
N ASP R 49 105.84 -54.10 -20.98
CA ASP R 49 105.39 -55.49 -20.97
C ASP R 49 104.26 -55.70 -19.98
N SER R 50 104.45 -55.23 -18.74
CA SER R 50 103.39 -55.34 -17.73
C SER R 50 102.21 -54.43 -18.04
N GLU R 51 102.40 -53.39 -18.86
CA GLU R 51 101.25 -52.62 -19.32
C GLU R 51 100.46 -53.40 -20.37
N ILE R 52 101.15 -53.97 -21.36
CA ILE R 52 100.45 -54.64 -22.45
C ILE R 52 99.84 -55.97 -21.98
N LYS R 53 100.32 -56.55 -20.88
CA LYS R 53 99.64 -57.74 -20.34
C LYS R 53 98.37 -57.38 -19.59
N ILE R 54 98.35 -56.21 -18.94
CA ILE R 54 97.10 -55.72 -18.34
C ILE R 54 96.17 -55.22 -19.44
N MET R 55 96.73 -54.56 -20.46
CA MET R 55 95.90 -54.10 -21.57
C MET R 55 95.44 -55.27 -22.46
N LYS R 56 96.05 -56.44 -22.32
CA LYS R 56 95.51 -57.63 -22.97
C LYS R 56 94.37 -58.24 -22.17
N SER R 57 94.51 -58.26 -20.85
CA SER R 57 93.51 -58.92 -20.01
C SER R 57 92.24 -58.08 -19.88
N GLU R 58 92.38 -56.75 -19.86
CA GLU R 58 91.25 -55.86 -19.64
C GLU R 58 90.62 -55.36 -20.93
N VAL R 59 91.11 -55.79 -22.09
CA VAL R 59 90.43 -55.46 -23.34
C VAL R 59 89.47 -56.56 -23.75
N LEU R 60 89.64 -57.77 -23.20
CA LEU R 60 88.74 -58.88 -23.49
C LEU R 60 87.72 -59.13 -22.40
N ARG R 61 88.05 -58.82 -21.15
CA ARG R 61 87.07 -58.96 -20.07
C ARG R 61 85.96 -57.92 -20.19
N VAL R 62 86.33 -56.68 -20.54
CA VAL R 62 85.34 -55.62 -20.60
C VAL R 62 84.49 -55.73 -21.88
N THR R 63 85.10 -56.18 -22.98
CA THR R 63 84.36 -56.32 -24.24
C THR R 63 83.37 -57.47 -24.18
N HIS R 64 83.78 -58.62 -23.65
CA HIS R 64 82.90 -59.77 -23.52
C HIS R 64 81.76 -59.50 -22.54
N GLU R 65 82.01 -58.72 -21.51
CA GLU R 65 80.92 -58.29 -20.63
C GLU R 65 80.06 -57.21 -21.27
N LEU R 66 80.59 -56.46 -22.25
CA LEU R 66 79.80 -55.45 -22.93
C LEU R 66 78.79 -56.07 -23.87
N GLN R 67 79.24 -57.04 -24.68
CA GLN R 67 78.37 -57.68 -25.65
C GLN R 67 77.30 -58.54 -24.99
N ALA R 68 77.63 -59.19 -23.87
CA ALA R 68 76.69 -60.09 -23.22
C ALA R 68 75.58 -59.32 -22.51
N MET R 69 75.84 -58.09 -22.10
CA MET R 69 74.84 -57.29 -21.41
C MET R 69 74.03 -56.41 -22.37
N LYS R 70 74.47 -56.26 -23.62
CA LYS R 70 73.56 -55.76 -24.65
C LYS R 70 72.49 -56.79 -24.97
N ASP R 71 72.81 -58.08 -24.78
CA ASP R 71 71.80 -59.13 -24.93
C ASP R 71 70.80 -59.08 -23.78
N LYS R 72 71.28 -58.80 -22.56
CA LYS R 72 70.41 -58.85 -21.39
C LYS R 72 69.50 -57.64 -21.28
N ILE R 73 69.92 -56.49 -21.83
CA ILE R 73 69.00 -55.37 -21.90
C ILE R 73 68.00 -55.59 -23.04
N LYS R 74 68.37 -56.38 -24.04
CA LYS R 74 67.47 -56.68 -25.15
C LYS R 74 66.35 -57.60 -24.70
N GLU R 75 66.69 -58.67 -23.98
CA GLU R 75 65.71 -59.67 -23.58
C GLU R 75 64.71 -59.11 -22.58
N ASN R 76 65.15 -58.18 -21.73
CA ASN R 76 64.25 -57.58 -20.78
C ASN R 76 63.34 -56.56 -21.44
N SER R 77 63.90 -55.72 -22.32
CA SER R 77 63.08 -54.73 -23.04
C SER R 77 62.14 -55.39 -24.03
N GLU R 78 62.47 -56.60 -24.50
CA GLU R 78 61.48 -57.42 -25.18
C GLU R 78 60.36 -57.84 -24.23
N LYS R 79 60.73 -58.25 -23.01
CA LYS R 79 59.74 -58.70 -22.03
C LYS R 79 58.91 -57.54 -21.51
N ILE R 80 59.49 -56.33 -21.46
CA ILE R 80 58.70 -55.16 -21.10
C ILE R 80 57.68 -54.86 -22.19
N LYS R 81 58.04 -55.06 -23.45
CA LYS R 81 57.12 -54.79 -24.56
C LYS R 81 55.93 -55.74 -24.54
N VAL R 82 56.13 -56.98 -24.10
CA VAL R 82 55.07 -57.98 -24.17
C VAL R 82 54.01 -57.71 -23.10
N ASN R 83 54.44 -57.52 -21.86
CA ASN R 83 53.49 -57.36 -20.77
C ASN R 83 52.98 -55.94 -20.62
N LYS R 84 53.54 -54.98 -21.36
CA LYS R 84 52.99 -53.63 -21.47
C LYS R 84 52.31 -53.58 -22.83
N THR R 85 51.02 -53.92 -22.87
CA THR R 85 50.28 -53.97 -24.12
C THR R 85 49.71 -52.59 -24.42
N LEU R 86 48.82 -52.50 -25.41
CA LEU R 86 48.09 -51.26 -25.61
C LEU R 86 46.79 -51.11 -24.78
N PRO R 87 45.83 -52.12 -24.72
CA PRO R 87 44.55 -51.80 -24.06
C PRO R 87 44.64 -51.62 -22.55
N TYR R 88 44.25 -50.44 -22.06
CA TYR R 88 44.34 -50.14 -20.63
C TYR R 88 43.03 -49.63 -20.08
N LEU R 89 42.94 -49.74 -18.75
CA LEU R 89 41.87 -49.17 -17.96
C LEU R 89 42.41 -47.91 -17.30
N VAL R 90 41.72 -46.79 -17.51
CA VAL R 90 42.18 -45.55 -16.91
C VAL R 90 41.56 -45.39 -15.54
N SER R 91 42.14 -44.51 -14.74
CA SER R 91 41.79 -44.44 -13.34
C SER R 91 42.26 -43.12 -12.76
N ASN R 92 42.10 -42.99 -11.44
CA ASN R 92 42.45 -41.78 -10.71
C ASN R 92 43.36 -42.14 -9.56
N VAL R 93 44.39 -41.32 -9.36
CA VAL R 93 45.23 -41.43 -8.18
C VAL R 93 44.56 -40.66 -7.05
N ILE R 94 44.13 -41.38 -6.00
CA ILE R 94 43.38 -40.73 -4.93
C ILE R 94 44.33 -40.02 -3.97
N GLU R 95 45.23 -40.77 -3.34
CA GLU R 95 46.29 -40.15 -2.56
C GLU R 95 47.53 -41.05 -2.57
N LEU R 96 48.61 -40.56 -1.96
CA LEU R 96 49.86 -41.29 -1.85
C LEU R 96 50.18 -41.54 -0.39
N LEU R 97 50.88 -42.64 -0.12
CA LEU R 97 51.19 -43.03 1.24
C LEU R 97 52.65 -43.45 1.32
N ASP R 98 53.07 -43.79 2.54
CA ASP R 98 54.37 -44.43 2.77
C ASP R 98 54.25 -45.23 4.06
N VAL R 99 54.25 -46.54 3.94
CA VAL R 99 54.14 -47.43 5.07
C VAL R 99 55.54 -47.76 5.57
N ASP R 100 55.67 -47.94 6.88
CA ASP R 100 56.92 -48.35 7.49
C ASP R 100 56.98 -49.86 7.62
N PRO R 101 58.14 -50.44 7.90
CA PRO R 101 58.18 -51.85 8.27
C PRO R 101 57.56 -52.15 9.63
N ASN R 102 57.65 -53.41 10.04
CA ASN R 102 57.09 -53.89 11.30
C ASN R 102 58.24 -54.32 12.19
N ASP R 103 57.90 -54.94 13.32
CA ASP R 103 58.88 -55.38 14.30
C ASP R 103 59.35 -56.81 14.08
N GLN R 104 58.43 -57.73 13.80
CA GLN R 104 58.77 -59.15 13.69
C GLN R 104 58.29 -59.70 12.37
N GLU R 105 59.20 -60.39 11.66
CA GLU R 105 58.88 -61.07 10.40
C GLU R 105 59.57 -62.43 10.47
N GLU R 106 58.84 -63.45 10.89
CA GLU R 106 59.39 -64.79 10.97
C GLU R 106 59.45 -65.42 9.59
N ASP R 107 60.45 -66.27 9.39
CA ASP R 107 60.60 -66.92 8.10
C ASP R 107 59.64 -68.10 7.98
N GLY R 108 59.59 -68.68 6.79
CA GLY R 108 58.62 -69.71 6.51
C GLY R 108 57.32 -69.13 5.98
N ALA R 109 56.78 -68.13 6.69
CA ALA R 109 55.66 -67.33 6.20
C ALA R 109 56.10 -65.94 5.76
N ASN R 110 57.36 -65.80 5.35
CA ASN R 110 57.89 -64.49 5.00
C ASN R 110 57.38 -64.06 3.63
N ILE R 111 56.79 -62.86 3.57
CA ILE R 111 56.34 -62.26 2.33
C ILE R 111 56.98 -60.88 2.20
N ASP R 112 57.47 -60.57 1.01
CA ASP R 112 58.07 -59.26 0.75
C ASP R 112 57.05 -58.15 0.75
N LEU R 113 55.77 -58.47 0.53
CA LEU R 113 54.72 -57.49 0.39
C LEU R 113 54.36 -56.83 1.72
N ASP R 114 54.54 -57.55 2.83
CA ASP R 114 54.10 -57.11 4.15
C ASP R 114 54.84 -55.86 4.61
N SER R 115 56.13 -56.00 4.86
CA SER R 115 56.85 -54.90 5.50
C SER R 115 58.27 -54.75 4.98
N GLN R 116 58.61 -55.40 3.86
CA GLN R 116 59.95 -55.31 3.34
C GLN R 116 60.17 -54.07 2.49
N ARG R 117 59.13 -53.26 2.29
CA ARG R 117 59.26 -52.01 1.57
C ARG R 117 58.79 -50.86 2.44
N LYS R 118 59.59 -49.79 2.44
CA LYS R 118 59.34 -48.63 3.28
C LYS R 118 59.15 -47.36 2.45
N GLY R 119 59.19 -47.47 1.13
CA GLY R 119 59.07 -46.31 0.26
C GLY R 119 57.65 -45.81 0.09
N LYS R 120 57.34 -45.34 -1.11
CA LYS R 120 56.05 -44.71 -1.37
C LYS R 120 55.02 -45.73 -1.86
N CYS R 121 53.77 -45.30 -1.87
CA CYS R 121 52.64 -46.19 -2.07
C CYS R 121 51.42 -45.33 -2.36
N ALA R 122 50.42 -45.91 -3.03
CA ALA R 122 49.30 -45.11 -3.52
C ALA R 122 48.01 -45.92 -3.51
N VAL R 123 46.89 -45.18 -3.58
CA VAL R 123 45.54 -45.75 -3.60
C VAL R 123 44.82 -45.20 -4.82
N ILE R 124 44.15 -46.09 -5.57
CA ILE R 124 43.65 -45.78 -6.91
C ILE R 124 42.20 -46.24 -7.04
N LYS R 125 41.34 -45.34 -7.50
CA LYS R 125 39.99 -45.69 -7.91
C LYS R 125 39.94 -45.76 -9.44
N THR R 126 39.38 -46.86 -9.95
CA THR R 126 39.29 -47.07 -11.38
C THR R 126 38.08 -46.34 -11.95
N SER R 127 37.89 -46.48 -13.26
CA SER R 127 36.70 -45.99 -13.92
C SER R 127 35.48 -46.84 -13.64
N THR R 128 35.67 -48.05 -13.13
CA THR R 128 34.57 -48.94 -12.77
C THR R 128 34.16 -48.81 -11.31
N ARG R 129 34.41 -47.64 -10.73
CA ARG R 129 34.03 -47.38 -9.34
C ARG R 129 34.55 -48.44 -8.38
N GLN R 130 35.82 -48.77 -8.50
CA GLN R 130 36.43 -49.75 -7.62
C GLN R 130 37.79 -49.25 -7.17
N THR R 131 38.00 -49.18 -5.87
CA THR R 131 39.24 -48.69 -5.30
C THR R 131 40.21 -49.83 -5.10
N TYR R 132 41.50 -49.52 -5.29
CA TYR R 132 42.53 -50.54 -5.19
C TYR R 132 43.74 -50.00 -4.45
N PHE R 133 44.44 -50.91 -3.80
CA PHE R 133 45.65 -50.61 -3.05
C PHE R 133 46.80 -51.36 -3.70
N LEU R 134 47.88 -50.64 -4.00
CA LEU R 134 49.04 -51.26 -4.57
C LEU R 134 50.29 -50.75 -3.89
N PRO R 135 51.14 -51.63 -3.38
CA PRO R 135 52.35 -51.17 -2.71
C PRO R 135 53.51 -50.95 -3.67
N VAL R 136 53.47 -51.62 -4.82
CA VAL R 136 54.44 -51.43 -5.87
C VAL R 136 53.80 -50.56 -6.93
N ILE R 137 54.43 -49.43 -7.24
CA ILE R 137 53.76 -48.40 -8.03
C ILE R 137 53.75 -48.77 -9.50
N GLY R 138 54.92 -48.97 -10.11
CA GLY R 138 54.96 -49.38 -11.49
C GLY R 138 55.93 -48.60 -12.35
N LEU R 139 55.62 -48.48 -13.64
CA LEU R 139 56.54 -47.86 -14.60
C LEU R 139 56.38 -46.35 -14.66
N VAL R 140 56.33 -45.70 -13.50
CA VAL R 140 56.26 -44.25 -13.37
C VAL R 140 57.12 -43.84 -12.19
N ASP R 141 57.13 -42.54 -11.90
CA ASP R 141 57.85 -42.01 -10.76
C ASP R 141 56.86 -41.45 -9.73
N ALA R 142 57.14 -41.71 -8.45
CA ALA R 142 56.28 -41.21 -7.39
C ALA R 142 56.41 -39.71 -7.20
N GLU R 143 57.50 -39.10 -7.67
CA GLU R 143 57.64 -37.66 -7.56
C GLU R 143 56.75 -36.95 -8.57
N LYS R 144 56.61 -37.51 -9.76
CA LYS R 144 55.77 -36.90 -10.78
C LYS R 144 54.28 -37.08 -10.52
N LEU R 145 53.91 -37.99 -9.63
CA LEU R 145 52.50 -38.20 -9.33
C LEU R 145 52.02 -37.23 -8.26
N LYS R 146 50.88 -36.63 -8.51
CA LYS R 146 50.14 -35.81 -7.56
C LYS R 146 48.77 -36.42 -7.43
N PRO R 147 48.06 -36.18 -6.32
CA PRO R 147 46.72 -36.76 -6.18
C PRO R 147 45.74 -36.15 -7.16
N GLY R 148 45.04 -37.02 -7.89
CA GLY R 148 44.11 -36.58 -8.92
C GLY R 148 44.70 -36.60 -10.30
N ASP R 149 45.39 -37.68 -10.65
CA ASP R 149 45.98 -37.82 -11.97
C ASP R 149 45.32 -38.94 -12.75
N LEU R 150 45.52 -38.91 -14.06
CA LEU R 150 44.94 -39.88 -14.98
C LEU R 150 46.05 -40.78 -15.48
N VAL R 151 45.97 -42.06 -15.12
CA VAL R 151 47.04 -43.01 -15.40
C VAL R 151 46.49 -44.21 -16.16
N GLY R 152 47.38 -44.85 -16.90
CA GLY R 152 47.05 -46.06 -17.62
C GLY R 152 47.37 -47.30 -16.81
N VAL R 153 46.35 -48.10 -16.50
CA VAL R 153 46.47 -49.20 -15.56
C VAL R 153 46.13 -50.49 -16.28
N ASN R 154 46.91 -51.54 -16.00
CA ASN R 154 46.60 -52.89 -16.46
C ASN R 154 45.24 -53.34 -15.97
N LYS R 155 44.57 -54.15 -16.79
CA LYS R 155 43.23 -54.60 -16.46
C LYS R 155 43.24 -55.63 -15.35
N ASP R 156 44.15 -56.60 -15.43
CA ASP R 156 44.11 -57.71 -14.49
C ASP R 156 44.99 -57.48 -13.27
N SER R 157 46.24 -57.09 -13.49
CA SER R 157 47.16 -56.90 -12.38
C SER R 157 46.88 -55.64 -11.60
N TYR R 158 46.18 -54.67 -12.20
CA TYR R 158 45.90 -53.35 -11.63
C TYR R 158 47.20 -52.63 -11.23
N LEU R 159 47.98 -52.30 -12.25
CA LEU R 159 49.28 -51.71 -12.01
C LEU R 159 49.48 -50.53 -12.96
N ILE R 160 50.06 -49.45 -12.44
CA ILE R 160 50.24 -48.22 -13.20
C ILE R 160 51.28 -48.47 -14.29
N LEU R 161 50.89 -48.22 -15.52
CA LEU R 161 51.76 -48.44 -16.67
C LEU R 161 51.98 -47.21 -17.52
N GLU R 162 51.06 -46.25 -17.51
CA GLU R 162 51.20 -45.04 -18.31
C GLU R 162 50.72 -43.86 -17.49
N THR R 163 51.13 -42.66 -17.92
CA THR R 163 50.67 -41.41 -17.33
C THR R 163 49.96 -40.62 -18.43
N LEU R 164 48.70 -40.45 -18.29
CA LEU R 164 48.02 -39.77 -19.37
C LEU R 164 48.03 -38.27 -19.15
N PRO R 165 48.06 -37.49 -20.23
CA PRO R 165 47.80 -36.06 -20.12
C PRO R 165 46.35 -35.86 -19.72
N THR R 166 46.11 -34.86 -18.87
CA THR R 166 44.76 -34.63 -18.36
C THR R 166 43.84 -34.12 -19.47
N GLU R 167 42.66 -34.72 -19.54
CA GLU R 167 41.65 -34.29 -20.50
C GLU R 167 40.59 -33.49 -19.77
N TYR R 168 39.86 -32.72 -20.55
CA TYR R 168 38.90 -31.75 -20.05
C TYR R 168 37.52 -32.12 -20.57
N ASP R 169 36.56 -31.25 -20.30
CA ASP R 169 35.21 -31.48 -20.77
C ASP R 169 35.13 -31.26 -22.27
N SER R 170 34.23 -32.01 -22.92
CA SER R 170 34.11 -31.94 -24.37
C SER R 170 33.56 -30.60 -24.85
N ARG R 171 32.75 -29.93 -24.04
CA ARG R 171 32.28 -28.61 -24.40
C ARG R 171 33.40 -27.58 -24.34
N VAL R 172 34.41 -27.82 -23.50
CA VAL R 172 35.53 -26.90 -23.40
C VAL R 172 36.39 -26.99 -24.65
N LYS R 173 36.55 -28.19 -25.21
CA LYS R 173 37.41 -28.38 -26.37
C LYS R 173 36.83 -27.71 -27.61
N ALA R 174 35.51 -27.50 -27.63
CA ALA R 174 34.90 -26.72 -28.70
C ALA R 174 35.27 -25.25 -28.64
N MET R 175 35.63 -24.75 -27.46
CA MET R 175 35.93 -23.34 -27.31
C MET R 175 37.31 -22.97 -27.82
N GLU R 176 38.18 -23.95 -28.09
CA GLU R 176 39.50 -23.66 -28.64
C GLU R 176 39.37 -23.17 -30.07
N VAL R 177 40.16 -22.16 -30.40
CA VAL R 177 40.12 -21.52 -31.72
C VAL R 177 41.22 -22.11 -32.58
N ASP R 178 40.86 -22.59 -33.77
CA ASP R 178 41.82 -23.18 -34.68
C ASP R 178 41.82 -22.58 -36.08
N GLU R 179 40.91 -21.65 -36.38
CA GLU R 179 40.85 -21.12 -37.73
C GLU R 179 41.86 -20.02 -37.96
N ARG R 180 42.04 -19.13 -36.97
CA ARG R 180 42.88 -17.93 -37.03
C ARG R 180 42.50 -17.06 -38.23
N PRO R 181 41.41 -16.27 -38.13
CA PRO R 181 40.99 -15.41 -39.26
C PRO R 181 41.95 -14.27 -39.54
N THR R 182 41.60 -13.37 -40.46
CA THR R 182 42.40 -12.17 -40.71
C THR R 182 41.52 -10.93 -40.72
N GLU R 183 41.79 -10.02 -39.79
CA GLU R 183 41.08 -8.76 -39.68
C GLU R 183 42.08 -7.66 -39.31
N GLN R 184 43.06 -7.43 -40.19
CA GLN R 184 44.07 -6.39 -39.97
C GLN R 184 43.45 -5.02 -39.76
N TYR R 185 44.18 -4.18 -39.01
CA TYR R 185 43.60 -3.00 -38.36
C TYR R 185 43.14 -1.92 -39.32
N SER R 186 43.57 -1.97 -40.58
CA SER R 186 43.08 -1.02 -41.58
C SER R 186 41.62 -1.25 -41.91
N ASP R 187 41.09 -2.44 -41.64
CA ASP R 187 39.68 -2.70 -41.91
C ASP R 187 38.76 -1.94 -40.97
N ILE R 188 39.23 -1.61 -39.77
CA ILE R 188 38.44 -0.90 -38.78
C ILE R 188 38.86 0.56 -38.80
N GLY R 189 37.92 1.46 -39.05
CA GLY R 189 38.19 2.87 -39.13
C GLY R 189 37.37 3.65 -38.13
N GLY R 190 37.89 4.82 -37.74
CA GLY R 190 37.16 5.72 -36.88
C GLY R 190 37.18 5.38 -35.41
N LEU R 191 37.99 4.42 -34.99
CA LEU R 191 38.03 3.98 -33.60
C LEU R 191 39.46 3.94 -33.08
N ASP R 192 40.25 4.94 -33.47
CA ASP R 192 41.71 4.85 -33.29
C ASP R 192 42.13 4.98 -31.83
N LYS R 193 41.40 5.74 -31.04
CA LYS R 193 41.73 5.85 -29.62
C LYS R 193 41.44 4.56 -28.89
N GLN R 194 40.39 3.85 -29.30
CA GLN R 194 40.05 2.60 -28.64
C GLN R 194 40.99 1.48 -29.05
N ILE R 195 41.55 1.56 -30.26
CA ILE R 195 42.53 0.57 -30.70
C ILE R 195 43.81 0.72 -29.89
N GLN R 196 44.18 1.96 -29.55
CA GLN R 196 45.37 2.21 -28.74
C GLN R 196 45.22 1.61 -27.35
N GLU R 197 44.13 1.95 -26.66
CA GLU R 197 43.94 1.53 -25.28
C GLU R 197 43.70 0.03 -25.14
N LEU R 198 43.37 -0.66 -26.23
CA LEU R 198 43.35 -2.11 -26.18
C LEU R 198 44.75 -2.68 -26.28
N VAL R 199 45.56 -2.14 -27.20
CA VAL R 199 46.91 -2.63 -27.43
C VAL R 199 47.80 -2.32 -26.23
N GLU R 200 47.62 -1.14 -25.62
CA GLU R 200 48.36 -0.78 -24.41
C GLU R 200 48.05 -1.73 -23.26
N ALA R 201 46.85 -2.28 -23.21
CA ALA R 201 46.44 -3.08 -22.06
C ALA R 201 46.85 -4.54 -22.19
N ILE R 202 46.86 -5.07 -23.42
CA ILE R 202 46.92 -6.51 -23.64
C ILE R 202 48.15 -6.91 -24.44
N VAL R 203 48.43 -6.20 -25.53
CA VAL R 203 49.48 -6.60 -26.45
C VAL R 203 50.86 -6.36 -25.83
N LEU R 204 51.02 -5.21 -25.18
CA LEU R 204 52.29 -4.88 -24.55
C LEU R 204 52.68 -5.74 -23.35
N PRO R 205 51.77 -6.18 -22.46
CA PRO R 205 52.20 -7.19 -21.48
C PRO R 205 52.50 -8.54 -22.11
N MET R 206 51.93 -8.83 -23.28
CA MET R 206 52.25 -10.08 -23.94
C MET R 206 53.64 -10.04 -24.58
N ASN R 207 54.11 -8.85 -24.95
CA ASN R 207 55.37 -8.71 -25.66
C ASN R 207 56.49 -8.16 -24.80
N HIS R 208 56.30 -6.99 -24.20
CA HIS R 208 57.37 -6.28 -23.51
C HIS R 208 57.11 -6.34 -22.01
N LYS R 209 57.55 -7.45 -21.39
CA LYS R 209 57.45 -7.57 -19.95
C LYS R 209 58.41 -6.62 -19.24
N GLU R 210 59.54 -6.33 -19.88
CA GLU R 210 60.57 -5.52 -19.23
C GLU R 210 60.16 -4.06 -19.13
N LYS R 211 59.36 -3.58 -20.09
CA LYS R 211 58.94 -2.18 -20.07
C LYS R 211 58.02 -1.89 -18.91
N PHE R 212 57.24 -2.88 -18.48
CA PHE R 212 56.48 -2.73 -17.24
C PHE R 212 57.39 -2.85 -16.03
N GLU R 213 58.25 -3.87 -16.01
CA GLU R 213 59.04 -4.18 -14.82
C GLU R 213 60.15 -3.18 -14.56
N ASN R 214 60.57 -2.40 -15.57
CA ASN R 214 61.52 -1.33 -15.31
C ASN R 214 60.88 -0.22 -14.49
N LEU R 215 59.65 0.15 -14.84
CA LEU R 215 58.87 0.97 -13.92
C LEU R 215 58.38 0.14 -12.76
N GLY R 216 58.12 -1.15 -13.00
CA GLY R 216 57.82 -2.10 -11.95
C GLY R 216 56.50 -1.93 -11.23
N ILE R 217 55.38 -2.11 -11.92
CA ILE R 217 54.14 -2.17 -11.16
C ILE R 217 53.37 -3.47 -11.36
N GLN R 218 52.67 -3.62 -12.50
CA GLN R 218 51.59 -4.58 -12.76
C GLN R 218 51.12 -4.43 -14.19
N PRO R 219 50.55 -5.47 -14.78
CA PRO R 219 49.67 -5.27 -15.93
C PRO R 219 48.23 -5.12 -15.48
N PRO R 220 47.38 -4.47 -16.26
CA PRO R 220 45.96 -4.36 -15.88
C PRO R 220 45.24 -5.69 -16.02
N LYS R 221 44.02 -5.72 -15.48
CA LYS R 221 43.26 -6.96 -15.35
C LYS R 221 41.87 -6.77 -15.96
N GLY R 222 41.71 -7.14 -17.23
CA GLY R 222 40.40 -7.14 -17.84
C GLY R 222 40.05 -5.85 -18.54
N VAL R 223 39.52 -5.96 -19.75
CA VAL R 223 39.08 -4.83 -20.55
C VAL R 223 37.65 -5.08 -20.98
N LEU R 224 36.79 -4.08 -20.79
CA LEU R 224 35.37 -4.18 -21.10
C LEU R 224 35.00 -3.27 -22.26
N MET R 225 34.31 -3.84 -23.25
CA MET R 225 33.66 -3.06 -24.30
C MET R 225 32.19 -2.92 -23.99
N TYR R 226 31.61 -1.79 -24.39
CA TYR R 226 30.19 -1.57 -24.26
C TYR R 226 29.78 -0.45 -25.20
N GLY R 227 28.52 -0.47 -25.61
CA GLY R 227 28.00 0.56 -26.48
C GLY R 227 26.74 0.16 -27.21
N PRO R 228 26.35 0.96 -28.20
CA PRO R 228 25.20 0.60 -29.03
C PRO R 228 25.50 -0.64 -29.85
N PRO R 229 24.48 -1.43 -30.20
CA PRO R 229 24.72 -2.77 -30.71
C PRO R 229 25.22 -2.86 -32.15
N GLY R 230 25.65 -1.78 -32.77
CA GLY R 230 26.18 -1.90 -34.11
C GLY R 230 27.48 -1.15 -34.31
N THR R 231 28.07 -0.66 -33.22
CA THR R 231 29.26 0.16 -33.33
C THR R 231 30.53 -0.64 -33.58
N GLY R 232 30.48 -1.95 -33.41
CA GLY R 232 31.64 -2.78 -33.66
C GLY R 232 32.33 -3.18 -32.39
N LYS R 233 32.03 -4.36 -31.90
CA LYS R 233 32.63 -4.91 -30.69
C LYS R 233 33.21 -6.28 -30.95
N THR R 234 32.57 -7.09 -31.78
CA THR R 234 33.13 -8.38 -32.17
C THR R 234 34.31 -8.18 -33.13
N LEU R 235 34.42 -7.00 -33.72
CA LEU R 235 35.49 -6.71 -34.66
C LEU R 235 36.85 -6.77 -33.99
N LEU R 236 37.06 -5.93 -32.98
CA LEU R 236 38.33 -5.89 -32.26
C LEU R 236 38.63 -7.19 -31.53
N ALA R 237 37.58 -7.95 -31.19
CA ALA R 237 37.78 -9.30 -30.68
C ALA R 237 38.37 -10.19 -31.76
N ARG R 238 37.77 -10.21 -32.94
CA ARG R 238 38.28 -11.02 -34.02
C ARG R 238 39.58 -10.44 -34.59
N ALA R 239 39.74 -9.11 -34.53
CA ALA R 239 40.91 -8.48 -35.12
C ALA R 239 42.17 -8.78 -34.33
N CYS R 240 42.11 -8.66 -33.00
CA CYS R 240 43.30 -8.90 -32.21
C CYS R 240 43.60 -10.38 -32.06
N ALA R 241 42.57 -11.23 -32.17
CA ALA R 241 42.83 -12.66 -32.27
C ALA R 241 43.47 -13.00 -33.59
N ALA R 242 43.20 -12.22 -34.63
CA ALA R 242 43.82 -12.44 -35.93
C ALA R 242 45.29 -12.05 -35.92
N GLN R 243 45.66 -11.04 -35.14
CA GLN R 243 47.01 -10.50 -35.21
C GLN R 243 47.96 -11.20 -34.23
N THR R 244 47.52 -11.41 -33.01
CA THR R 244 48.38 -12.05 -32.02
C THR R 244 48.49 -13.55 -32.29
N LYS R 245 49.41 -14.19 -31.58
CA LYS R 245 49.69 -15.61 -31.77
C LYS R 245 49.52 -16.40 -30.49
N ALA R 246 48.94 -15.80 -29.46
CA ALA R 246 48.70 -16.51 -28.21
C ALA R 246 47.49 -17.42 -28.34
N THR R 247 47.21 -18.18 -27.29
CA THR R 247 46.08 -19.11 -27.29
C THR R 247 44.80 -18.31 -27.08
N PHE R 248 44.13 -17.98 -28.17
CA PHE R 248 42.87 -17.28 -28.08
C PHE R 248 41.77 -18.30 -27.80
N LEU R 249 40.90 -17.96 -26.85
CA LEU R 249 39.87 -18.88 -26.38
C LEU R 249 38.54 -18.14 -26.35
N LYS R 250 37.57 -18.61 -27.14
CA LYS R 250 36.27 -17.96 -27.18
C LYS R 250 35.40 -18.45 -26.04
N LEU R 251 34.35 -17.67 -25.76
CA LEU R 251 33.33 -18.04 -24.81
C LEU R 251 32.10 -17.18 -25.05
N ALA R 252 30.95 -17.82 -25.22
CA ALA R 252 29.69 -17.09 -25.32
C ALA R 252 29.05 -16.99 -23.95
N GLY R 253 28.01 -16.17 -23.88
CA GLY R 253 27.26 -15.98 -22.67
C GLY R 253 26.49 -17.20 -22.20
N PRO R 254 25.46 -17.62 -22.96
CA PRO R 254 24.60 -18.71 -22.48
C PRO R 254 25.22 -20.10 -22.51
N GLN R 255 26.49 -20.21 -22.87
CA GLN R 255 27.16 -21.50 -22.80
C GLN R 255 27.38 -21.95 -21.37
N LEU R 256 27.45 -21.02 -20.43
CA LEU R 256 27.67 -21.38 -19.05
C LEU R 256 26.40 -21.85 -18.36
N VAL R 257 25.23 -21.57 -18.93
CA VAL R 257 23.97 -22.05 -18.39
C VAL R 257 23.74 -23.46 -18.88
N GLN R 258 23.52 -24.40 -17.96
CA GLN R 258 23.35 -25.79 -18.32
C GLN R 258 22.05 -26.33 -17.72
N MET R 259 21.77 -27.58 -18.08
CA MET R 259 20.52 -28.21 -17.68
C MET R 259 20.54 -28.58 -16.20
N PHE R 260 21.50 -29.43 -15.80
CA PHE R 260 21.62 -29.84 -14.42
C PHE R 260 22.34 -28.77 -13.61
N ILE R 261 22.22 -28.87 -12.29
CA ILE R 261 22.88 -27.91 -11.41
C ILE R 261 24.36 -28.21 -11.38
N GLY R 262 25.15 -27.27 -10.85
CA GLY R 262 26.57 -27.32 -11.13
C GLY R 262 26.77 -26.96 -12.58
N ASP R 263 27.77 -27.59 -13.21
CA ASP R 263 27.97 -27.66 -14.66
C ASP R 263 28.30 -26.33 -15.32
N GLY R 264 28.30 -25.23 -14.58
CA GLY R 264 28.91 -24.02 -15.04
C GLY R 264 30.13 -23.81 -14.18
N ALA R 265 29.97 -24.13 -12.90
CA ALA R 265 31.10 -24.15 -11.98
C ALA R 265 32.10 -25.22 -12.36
N LYS R 266 31.61 -26.33 -12.91
CA LYS R 266 32.51 -27.26 -13.58
C LYS R 266 33.07 -26.65 -14.85
N LEU R 267 32.26 -25.89 -15.56
CA LEU R 267 32.62 -25.44 -16.90
C LEU R 267 33.55 -24.24 -16.86
N VAL R 268 33.34 -23.31 -15.93
CA VAL R 268 34.23 -22.16 -15.80
C VAL R 268 35.59 -22.59 -15.29
N ARG R 269 35.61 -23.49 -14.32
CA ARG R 269 36.87 -23.92 -13.71
C ARG R 269 37.70 -24.75 -14.68
N ASP R 270 37.04 -25.57 -15.49
CA ASP R 270 37.77 -26.32 -16.50
C ASP R 270 38.24 -25.41 -17.64
N ALA R 271 37.53 -24.30 -17.86
CA ALA R 271 37.94 -23.38 -18.91
C ALA R 271 39.23 -22.66 -18.55
N PHE R 272 39.36 -22.25 -17.28
CA PHE R 272 40.54 -21.51 -16.89
C PHE R 272 41.74 -22.42 -16.74
N ALA R 273 41.52 -23.68 -16.37
CA ALA R 273 42.61 -24.65 -16.27
C ALA R 273 43.21 -24.93 -17.64
N LEU R 274 42.38 -24.86 -18.69
CA LEU R 274 42.92 -24.96 -20.04
C LEU R 274 43.73 -23.73 -20.40
N ALA R 275 43.38 -22.58 -19.84
CA ALA R 275 44.13 -21.36 -20.13
C ALA R 275 45.47 -21.36 -19.40
N LYS R 276 45.57 -22.07 -18.28
CA LYS R 276 46.83 -22.12 -17.55
C LYS R 276 47.86 -23.00 -18.26
N GLU R 277 47.41 -24.06 -18.91
CA GLU R 277 48.33 -24.97 -19.58
C GLU R 277 48.94 -24.39 -20.84
N LYS R 278 48.38 -23.33 -21.39
CA LYS R 278 48.83 -22.73 -22.63
C LYS R 278 49.06 -21.24 -22.40
N ALA R 279 49.88 -20.96 -21.38
CA ALA R 279 50.07 -19.72 -20.63
C ALA R 279 50.05 -18.40 -21.41
N PRO R 280 50.60 -18.29 -22.63
CA PRO R 280 50.17 -17.14 -23.43
C PRO R 280 48.75 -17.35 -23.92
N SER R 281 47.79 -16.70 -23.27
CA SER R 281 46.40 -17.07 -23.49
C SER R 281 45.49 -15.89 -23.20
N ILE R 282 44.44 -15.77 -24.01
CA ILE R 282 43.45 -14.70 -23.90
C ILE R 282 42.08 -15.34 -24.01
N ILE R 283 41.19 -15.01 -23.09
CA ILE R 283 39.81 -15.52 -23.10
C ILE R 283 38.88 -14.36 -23.41
N PHE R 284 38.03 -14.54 -24.42
CA PHE R 284 37.02 -13.56 -24.77
C PHE R 284 35.66 -14.04 -24.33
N ILE R 285 34.89 -13.17 -23.71
CA ILE R 285 33.53 -13.46 -23.29
C ILE R 285 32.59 -12.49 -23.98
N ASP R 286 31.54 -13.01 -24.59
CA ASP R 286 30.55 -12.17 -25.25
C ASP R 286 29.20 -12.37 -24.55
N GLU R 287 28.34 -11.36 -24.71
CA GLU R 287 27.05 -11.19 -24.02
C GLU R 287 27.12 -11.55 -22.53
N LEU R 288 27.97 -10.81 -21.82
CA LEU R 288 28.17 -11.02 -20.39
C LEU R 288 26.93 -10.68 -19.57
N ASP R 289 26.02 -9.88 -20.12
CA ASP R 289 24.76 -9.60 -19.44
C ASP R 289 23.86 -10.83 -19.33
N ALA R 290 24.10 -11.87 -20.12
CA ALA R 290 23.31 -13.09 -20.02
C ALA R 290 23.57 -13.83 -18.72
N ILE R 291 24.76 -13.66 -18.15
CA ILE R 291 25.08 -14.24 -16.86
C ILE R 291 25.33 -13.20 -15.79
N GLY R 292 25.74 -11.98 -16.16
CA GLY R 292 25.94 -10.92 -15.19
C GLY R 292 24.66 -10.16 -14.95
N THR R 293 24.09 -10.32 -13.77
CA THR R 293 22.79 -9.74 -13.47
C THR R 293 22.78 -9.31 -12.01
N LYS R 294 22.26 -8.11 -11.76
CA LYS R 294 22.10 -7.65 -10.39
C LYS R 294 21.10 -8.52 -9.66
N ARG R 295 21.56 -9.20 -8.62
CA ARG R 295 20.73 -10.10 -7.83
C ARG R 295 19.70 -9.36 -6.99
N PHE R 296 18.64 -10.06 -6.62
CA PHE R 296 17.57 -9.51 -5.80
C PHE R 296 16.76 -10.63 -5.19
N ASP R 297 15.56 -10.31 -4.70
CA ASP R 297 14.69 -11.32 -4.10
C ASP R 297 14.07 -12.20 -5.18
N SER R 298 14.82 -13.22 -5.60
CA SER R 298 14.34 -14.13 -6.63
C SER R 298 13.93 -15.47 -6.04
N GLU R 299 12.89 -16.07 -6.60
CA GLU R 299 12.40 -17.36 -6.14
C GLU R 299 12.71 -18.46 -7.14
N LYS R 300 11.90 -19.52 -7.11
CA LYS R 300 12.01 -20.70 -7.98
C LYS R 300 13.41 -21.10 -8.47
N ALA R 301 13.56 -21.25 -9.78
CA ALA R 301 14.84 -21.62 -10.37
C ALA R 301 15.42 -20.47 -11.19
N GLY R 302 15.71 -20.75 -12.45
CA GLY R 302 16.27 -19.75 -13.35
C GLY R 302 17.50 -19.10 -12.77
N ASP R 303 17.31 -18.04 -12.00
CA ASP R 303 18.42 -17.33 -11.37
C ASP R 303 19.17 -18.20 -10.38
N ARG R 304 18.47 -19.10 -9.71
CA ARG R 304 19.04 -19.95 -8.67
C ARG R 304 20.03 -21.00 -9.17
N GLU R 305 20.46 -20.95 -10.43
CA GLU R 305 21.73 -21.52 -10.84
C GLU R 305 22.64 -20.48 -11.47
N VAL R 306 22.07 -19.41 -12.01
CA VAL R 306 22.85 -18.42 -12.75
C VAL R 306 23.77 -17.64 -11.82
N GLN R 307 23.29 -17.20 -10.66
CA GLN R 307 24.17 -16.52 -9.72
C GLN R 307 25.20 -17.46 -9.12
N ARG R 308 24.92 -18.75 -9.08
CA ARG R 308 25.90 -19.70 -8.55
C ARG R 308 27.08 -19.85 -9.49
N THR R 309 26.82 -19.94 -10.78
CA THR R 309 27.90 -20.00 -11.75
C THR R 309 28.60 -18.66 -11.88
N MET R 310 27.88 -17.57 -11.64
CA MET R 310 28.46 -16.24 -11.73
C MET R 310 29.46 -15.99 -10.63
N LEU R 311 29.17 -16.46 -9.41
CA LEU R 311 30.10 -16.31 -8.31
C LEU R 311 31.36 -17.15 -8.52
N GLU R 312 31.22 -18.33 -9.13
CA GLU R 312 32.38 -19.13 -9.49
C GLU R 312 33.23 -18.41 -10.52
N LEU R 313 32.60 -17.64 -11.40
CA LEU R 313 33.35 -16.86 -12.38
C LEU R 313 34.13 -15.73 -11.71
N LEU R 314 33.55 -15.11 -10.69
CA LEU R 314 34.23 -14.03 -9.96
C LEU R 314 35.44 -14.55 -9.21
N ASN R 315 35.30 -15.71 -8.57
CA ASN R 315 36.37 -16.22 -7.73
C ASN R 315 37.52 -16.75 -8.57
N GLN R 316 37.21 -17.45 -9.65
CA GLN R 316 38.24 -18.01 -10.50
C GLN R 316 38.86 -16.97 -11.42
N LEU R 317 38.33 -15.75 -11.45
CA LEU R 317 38.96 -14.66 -12.17
C LEU R 317 39.92 -13.86 -11.31
N ASP R 318 39.47 -13.44 -10.14
CA ASP R 318 40.23 -12.51 -9.31
C ASP R 318 40.14 -12.94 -7.86
N GLY R 319 41.18 -12.61 -7.10
CA GLY R 319 41.13 -12.77 -5.66
C GLY R 319 42.11 -13.80 -5.12
N PHE R 320 41.57 -14.88 -4.57
CA PHE R 320 42.39 -15.93 -4.00
C PHE R 320 43.11 -16.67 -5.12
N GLN R 321 44.41 -16.92 -4.91
CA GLN R 321 45.37 -17.47 -5.89
C GLN R 321 45.37 -16.67 -7.18
N PRO R 322 45.97 -15.48 -7.19
CA PRO R 322 45.96 -14.68 -8.42
C PRO R 322 46.92 -15.26 -9.46
N ASN R 323 46.68 -14.87 -10.70
CA ASN R 323 47.56 -15.23 -11.80
C ASN R 323 47.69 -14.05 -12.75
N THR R 324 48.76 -14.06 -13.53
CA THR R 324 49.02 -13.04 -14.52
C THR R 324 49.08 -13.61 -15.94
N GLN R 325 48.79 -14.91 -16.08
CA GLN R 325 48.99 -15.61 -17.34
C GLN R 325 47.70 -15.83 -18.10
N VAL R 326 46.69 -14.99 -17.89
CA VAL R 326 45.45 -15.06 -18.64
C VAL R 326 44.82 -13.67 -18.62
N LYS R 327 44.27 -13.27 -19.76
CA LYS R 327 43.67 -11.96 -19.92
C LYS R 327 42.26 -12.12 -20.45
N VAL R 328 41.34 -11.32 -19.93
CA VAL R 328 39.90 -11.50 -20.16
C VAL R 328 39.36 -10.25 -20.83
N ILE R 329 38.64 -10.45 -21.94
CA ILE R 329 37.96 -9.40 -22.67
C ILE R 329 36.48 -9.69 -22.65
N ALA R 330 35.67 -8.69 -22.30
CA ALA R 330 34.23 -8.84 -22.25
C ALA R 330 33.56 -7.71 -23.03
N ALA R 331 32.33 -7.97 -23.46
CA ALA R 331 31.59 -7.01 -24.27
C ALA R 331 30.10 -7.26 -24.12
N THR R 332 29.34 -6.21 -23.81
CA THR R 332 27.89 -6.29 -23.70
C THR R 332 27.25 -5.20 -24.55
N ASN R 333 25.92 -5.14 -24.49
CA ASN R 333 25.15 -4.04 -25.02
C ASN R 333 24.63 -3.12 -23.93
N ARG R 334 24.18 -3.69 -22.83
CA ARG R 334 23.65 -2.92 -21.71
C ARG R 334 24.52 -3.15 -20.48
N VAL R 335 24.79 -2.06 -19.77
CA VAL R 335 25.72 -2.10 -18.64
C VAL R 335 24.98 -2.23 -17.32
N ASP R 336 23.80 -1.61 -17.21
CA ASP R 336 23.12 -1.43 -15.93
C ASP R 336 22.56 -2.71 -15.32
N ILE R 337 22.60 -3.84 -16.03
CA ILE R 337 22.18 -5.09 -15.43
C ILE R 337 23.25 -5.60 -14.48
N LEU R 338 24.51 -5.27 -14.75
CA LEU R 338 25.64 -5.99 -14.20
C LEU R 338 25.86 -5.69 -12.73
N ASP R 339 26.47 -6.65 -12.04
CA ASP R 339 26.86 -6.48 -10.66
C ASP R 339 27.96 -5.44 -10.54
N PRO R 340 28.06 -4.76 -9.38
CA PRO R 340 29.29 -4.04 -9.09
C PRO R 340 30.48 -4.94 -8.83
N ALA R 341 30.24 -6.21 -8.48
CA ALA R 341 31.34 -7.14 -8.25
C ALA R 341 32.07 -7.49 -9.55
N LEU R 342 31.34 -7.51 -10.67
CA LEU R 342 31.98 -7.74 -11.97
C LEU R 342 32.81 -6.55 -12.39
N LEU R 343 32.39 -5.35 -12.04
CA LEU R 343 32.94 -4.14 -12.62
C LEU R 343 34.02 -3.50 -11.75
N ARG R 344 34.55 -4.24 -10.76
CA ARG R 344 34.97 -3.66 -9.49
C ARG R 344 36.09 -2.64 -9.62
N SER R 345 37.35 -3.08 -9.72
CA SER R 345 38.35 -2.45 -10.57
C SER R 345 39.42 -3.48 -10.91
N GLY R 346 39.28 -4.68 -10.36
CA GLY R 346 40.36 -5.64 -10.42
C GLY R 346 39.92 -6.86 -11.20
N ARG R 347 38.61 -6.99 -11.34
CA ARG R 347 38.07 -8.03 -12.20
C ARG R 347 38.09 -7.57 -13.65
N LEU R 348 37.55 -6.38 -13.90
CA LEU R 348 37.58 -5.75 -15.22
C LEU R 348 38.16 -4.36 -15.04
N ASP R 349 39.38 -4.14 -15.52
CA ASP R 349 40.10 -2.93 -15.19
C ASP R 349 39.62 -1.74 -16.02
N ARG R 350 39.76 -1.83 -17.33
CA ARG R 350 39.51 -0.70 -18.21
C ARG R 350 38.11 -0.79 -18.80
N LYS R 351 37.42 0.34 -18.86
CA LYS R 351 36.06 0.42 -19.37
C LYS R 351 36.08 1.25 -20.64
N ILE R 352 35.74 0.63 -21.76
CA ILE R 352 35.89 1.24 -23.07
C ILE R 352 34.51 1.37 -23.69
N GLU R 353 34.06 2.60 -23.87
CA GLU R 353 32.82 2.83 -24.60
C GLU R 353 33.10 2.97 -26.09
N PHE R 354 32.12 2.61 -26.90
CA PHE R 354 32.19 2.77 -28.34
C PHE R 354 31.12 3.73 -28.80
N PRO R 355 31.47 4.94 -29.20
CA PRO R 355 30.45 5.88 -29.67
C PRO R 355 30.04 5.56 -31.10
N MET R 356 28.92 6.15 -31.50
CA MET R 356 28.49 6.06 -32.88
C MET R 356 29.40 6.90 -33.76
N PRO R 357 29.60 6.51 -35.03
CA PRO R 357 30.51 7.25 -35.91
C PRO R 357 30.01 8.67 -36.19
N ASN R 358 30.89 9.65 -35.98
CA ASN R 358 30.40 11.01 -35.78
C ASN R 358 30.07 11.72 -37.08
N GLU R 359 31.08 12.09 -37.86
CA GLU R 359 30.87 12.41 -39.25
C GLU R 359 31.87 11.70 -40.14
N GLU R 360 33.15 11.87 -39.80
CA GLU R 360 34.22 11.45 -40.69
C GLU R 360 34.44 9.95 -40.63
N ALA R 361 34.06 9.33 -39.52
CA ALA R 361 34.15 7.89 -39.45
C ALA R 361 33.13 7.23 -40.35
N ARG R 362 31.95 7.85 -40.52
CA ARG R 362 30.99 7.34 -41.50
C ARG R 362 31.55 7.45 -42.91
N ALA R 363 32.27 8.53 -43.20
CA ALA R 363 32.98 8.60 -44.46
C ALA R 363 34.13 7.61 -44.51
N ARG R 364 34.71 7.29 -43.37
CA ARG R 364 35.83 6.36 -43.35
C ARG R 364 35.36 4.92 -43.53
N ILE R 365 34.25 4.55 -42.89
CA ILE R 365 33.76 3.18 -42.95
C ILE R 365 33.27 2.84 -44.35
N MET R 366 32.53 3.76 -44.98
CA MET R 366 31.99 3.50 -46.30
C MET R 366 33.08 3.43 -47.36
N GLN R 367 34.22 4.07 -47.11
CA GLN R 367 35.35 3.91 -48.01
C GLN R 367 35.98 2.53 -47.86
N ILE R 368 35.94 1.96 -46.66
CA ILE R 368 36.56 0.66 -46.42
C ILE R 368 35.80 -0.44 -47.15
N HIS R 369 34.48 -0.46 -47.01
CA HIS R 369 33.69 -1.50 -47.65
C HIS R 369 33.49 -1.27 -49.14
N SER R 370 33.90 -0.12 -49.67
CA SER R 370 33.88 0.12 -51.12
C SER R 370 35.15 -0.32 -51.80
N ARG R 371 35.91 -1.22 -51.18
CA ARG R 371 37.22 -1.58 -51.70
C ARG R 371 37.12 -2.51 -52.90
N LYS R 372 36.35 -3.58 -52.78
CA LYS R 372 36.28 -4.58 -53.84
C LYS R 372 35.43 -4.13 -55.01
N MET R 373 34.44 -3.28 -54.76
CA MET R 373 33.44 -2.95 -55.77
C MET R 373 33.98 -1.94 -56.77
N ASN R 374 33.39 -1.96 -57.97
CA ASN R 374 33.77 -1.04 -59.04
C ASN R 374 33.06 0.28 -58.77
N VAL R 375 33.80 1.26 -58.28
CA VAL R 375 33.26 2.58 -57.97
C VAL R 375 33.63 3.52 -59.11
N SER R 376 32.63 4.21 -59.65
CA SER R 376 32.91 5.33 -60.53
C SER R 376 33.59 6.44 -59.74
N PRO R 377 34.74 6.92 -60.16
CA PRO R 377 35.48 7.87 -59.32
C PRO R 377 34.99 9.30 -59.41
N ASP R 378 33.67 9.51 -59.40
CA ASP R 378 33.06 10.81 -59.12
C ASP R 378 32.02 10.52 -58.04
N VAL R 379 32.51 10.36 -56.81
CA VAL R 379 31.70 10.06 -55.63
C VAL R 379 32.38 10.74 -54.45
N ASN R 380 31.69 11.65 -53.79
CA ASN R 380 32.20 12.23 -52.56
C ASN R 380 31.60 11.50 -51.38
N TYR R 381 32.45 10.86 -50.58
CA TYR R 381 32.00 10.23 -49.36
C TYR R 381 31.53 11.23 -48.33
N GLU R 382 32.06 12.45 -48.38
CA GLU R 382 31.60 13.50 -47.46
C GLU R 382 30.18 13.93 -47.78
N GLU R 383 29.80 13.88 -49.06
CA GLU R 383 28.38 14.04 -49.40
C GLU R 383 27.57 12.87 -48.86
N LEU R 384 28.15 11.67 -48.89
CA LEU R 384 27.44 10.50 -48.39
C LEU R 384 27.37 10.52 -46.87
N ALA R 385 28.48 10.84 -46.22
CA ALA R 385 28.52 10.87 -44.76
C ALA R 385 27.64 11.97 -44.18
N ARG R 386 27.39 13.04 -44.93
CA ARG R 386 26.49 14.06 -44.44
C ARG R 386 25.03 13.67 -44.64
N CYS R 387 24.72 12.82 -45.63
CA CYS R 387 23.36 12.39 -45.82
C CYS R 387 23.05 11.05 -45.17
N THR R 388 24.07 10.26 -44.81
CA THR R 388 23.85 9.09 -43.97
C THR R 388 23.79 9.57 -42.53
N ASP R 389 22.58 9.90 -42.08
CA ASP R 389 22.38 10.45 -40.75
C ASP R 389 22.03 9.33 -39.77
N ASP R 390 22.73 9.32 -38.63
CA ASP R 390 22.40 8.48 -37.47
C ASP R 390 22.48 6.99 -37.80
N PHE R 391 23.47 6.60 -38.59
CA PHE R 391 23.70 5.19 -38.87
C PHE R 391 24.81 4.67 -37.98
N ASN R 392 24.97 3.36 -37.98
CA ASN R 392 26.11 2.74 -37.33
C ASN R 392 27.01 2.10 -38.36
N GLY R 393 28.05 1.41 -37.89
CA GLY R 393 28.96 0.72 -38.80
C GLY R 393 28.33 -0.44 -39.53
N ALA R 394 27.28 -1.03 -38.97
CA ALA R 394 26.59 -2.11 -39.67
C ALA R 394 25.69 -1.54 -40.76
N GLN R 395 25.00 -0.44 -40.47
CA GLN R 395 24.11 0.14 -41.48
C GLN R 395 24.89 0.81 -42.59
N CYS R 396 26.03 1.42 -42.28
CA CYS R 396 26.86 2.00 -43.33
C CYS R 396 27.48 0.92 -44.20
N LYS R 397 27.71 -0.26 -43.64
CA LYS R 397 28.10 -1.39 -44.47
C LYS R 397 26.95 -1.85 -45.35
N ALA R 398 25.72 -1.79 -44.84
CA ALA R 398 24.57 -2.30 -45.57
C ALA R 398 24.21 -1.41 -46.76
N VAL R 399 24.45 -0.10 -46.66
CA VAL R 399 24.19 0.79 -47.78
C VAL R 399 25.16 0.50 -48.91
N CYS R 400 26.40 0.17 -48.58
CA CYS R 400 27.38 -0.17 -49.61
C CYS R 400 27.05 -1.50 -50.28
N VAL R 401 26.45 -2.43 -49.54
CA VAL R 401 26.11 -3.72 -50.12
C VAL R 401 24.92 -3.58 -51.06
N GLU R 402 23.89 -2.85 -50.63
CA GLU R 402 22.68 -2.72 -51.44
C GLU R 402 22.91 -1.92 -52.71
N ALA R 403 23.80 -0.93 -52.66
CA ALA R 403 24.07 -0.11 -53.84
C ALA R 403 24.77 -0.89 -54.94
N GLY R 404 25.47 -1.97 -54.61
CA GLY R 404 26.05 -2.80 -55.64
C GLY R 404 25.00 -3.59 -56.41
N MET R 405 24.01 -4.12 -55.70
CA MET R 405 22.97 -4.91 -56.36
C MET R 405 22.00 -4.06 -57.15
N ILE R 406 21.78 -2.82 -56.74
CA ILE R 406 20.91 -1.91 -57.49
C ILE R 406 21.52 -1.61 -58.85
N ALA R 407 22.85 -1.46 -58.91
CA ALA R 407 23.51 -1.37 -60.20
C ALA R 407 23.47 -2.69 -60.96
N LEU R 408 23.37 -3.80 -60.24
CA LEU R 408 23.22 -5.10 -60.90
C LEU R 408 21.83 -5.30 -61.47
N ARG R 409 20.82 -4.58 -60.95
CA ARG R 409 19.47 -4.66 -61.48
C ARG R 409 19.43 -4.14 -62.92
N ARG R 410 19.99 -2.97 -63.15
CA ARG R 410 20.04 -2.40 -64.49
C ARG R 410 21.32 -2.77 -65.24
N GLY R 411 22.18 -3.60 -64.65
CA GLY R 411 23.34 -4.08 -65.34
C GLY R 411 24.50 -3.12 -65.46
N ALA R 412 24.46 -1.99 -64.74
CA ALA R 412 25.59 -1.08 -64.75
C ALA R 412 26.76 -1.66 -63.97
N THR R 413 27.96 -1.33 -64.40
CA THR R 413 29.18 -1.85 -63.78
C THR R 413 29.65 -0.96 -62.63
N GLU R 414 29.81 0.32 -62.91
CA GLU R 414 30.22 1.27 -61.88
C GLU R 414 29.00 1.85 -61.17
N LEU R 415 29.26 2.69 -60.18
CA LEU R 415 28.22 3.19 -59.32
C LEU R 415 27.95 4.67 -59.60
N THR R 416 27.07 5.27 -58.81
CA THR R 416 26.76 6.69 -58.90
C THR R 416 26.34 7.16 -57.53
N HIS R 417 26.18 8.48 -57.39
CA HIS R 417 25.64 9.02 -56.16
C HIS R 417 24.19 8.62 -55.96
N GLU R 418 23.45 8.47 -57.05
CA GLU R 418 22.05 8.05 -56.98
C GLU R 418 21.92 6.62 -56.46
N ASP R 419 22.89 5.77 -56.76
CA ASP R 419 22.87 4.38 -56.30
C ASP R 419 22.95 4.31 -54.79
N TYR R 420 23.81 5.11 -54.18
CA TYR R 420 23.89 5.14 -52.72
C TYR R 420 22.64 5.77 -52.13
N MET R 421 22.09 6.80 -52.78
CA MET R 421 20.91 7.46 -52.26
C MET R 421 19.69 6.54 -52.31
N GLU R 422 19.63 5.64 -53.29
CA GLU R 422 18.55 4.67 -53.29
C GLU R 422 18.77 3.58 -52.25
N GLY R 423 20.03 3.26 -51.95
CA GLY R 423 20.32 2.31 -50.90
C GLY R 423 19.96 2.87 -49.53
N ILE R 424 20.12 4.17 -49.34
CA ILE R 424 19.72 4.82 -48.10
C ILE R 424 18.21 4.76 -47.94
N LEU R 425 17.48 4.90 -49.05
CA LEU R 425 16.02 4.79 -49.01
C LEU R 425 15.56 3.38 -48.68
N GLU R 426 16.37 2.36 -48.97
CA GLU R 426 16.00 1.00 -48.64
C GLU R 426 16.34 0.63 -47.20
N VAL R 427 17.50 1.08 -46.71
CA VAL R 427 17.88 0.76 -45.33
C VAL R 427 16.98 1.50 -44.34
N GLN R 428 16.64 2.75 -44.64
CA GLN R 428 15.72 3.49 -43.79
C GLN R 428 14.31 2.95 -43.86
N ALA R 429 13.95 2.27 -44.96
CA ALA R 429 12.69 1.54 -45.13
C ALA R 429 11.48 2.45 -44.98
N LYS R 430 11.37 3.40 -45.91
CA LYS R 430 10.21 4.28 -45.96
C LYS R 430 8.97 3.47 -46.35
N LYS R 431 7.95 3.51 -45.50
CA LYS R 431 6.84 2.59 -45.63
C LYS R 431 5.85 3.02 -46.72
N LYS R 432 5.24 4.19 -46.55
CA LYS R 432 4.01 4.48 -47.27
C LYS R 432 4.10 5.76 -48.10
N ALA R 433 2.95 6.22 -48.56
CA ALA R 433 2.85 7.34 -49.48
C ALA R 433 1.69 8.23 -49.00
N ASN R 434 1.23 9.11 -49.90
CA ASN R 434 0.21 10.15 -49.73
C ASN R 434 0.62 11.25 -48.78
N LEU R 435 1.85 11.22 -48.25
CA LEU R 435 2.40 12.33 -47.47
C LEU R 435 2.78 13.41 -48.48
N GLN R 436 1.78 14.19 -48.85
CA GLN R 436 1.94 15.24 -49.85
C GLN R 436 1.30 16.54 -49.41
N TYR R 437 0.67 16.57 -48.24
CA TYR R 437 0.02 17.76 -47.73
C TYR R 437 0.98 18.66 -46.96
N TYR R 438 2.28 18.52 -47.17
CA TYR R 438 3.26 19.38 -46.53
C TYR R 438 3.66 20.51 -47.46
N ALA R 439 4.64 21.29 -47.01
CA ALA R 439 5.24 22.42 -47.73
C ALA R 439 4.21 23.46 -48.18
N MET S 1 89.41 -82.96 -15.28
CA MET S 1 89.41 -83.65 -13.99
C MET S 1 88.00 -84.07 -13.61
N GLN S 2 87.90 -85.06 -12.74
CA GLN S 2 86.61 -85.52 -12.25
C GLN S 2 86.21 -84.72 -11.02
N ILE S 3 84.91 -84.53 -10.85
CA ILE S 3 84.32 -83.97 -9.65
C ILE S 3 83.16 -84.86 -9.24
N PHE S 4 82.51 -84.48 -8.14
CA PHE S 4 81.33 -85.17 -7.65
C PHE S 4 80.24 -84.17 -7.34
N VAL S 5 79.06 -84.40 -7.90
CA VAL S 5 77.88 -83.58 -7.62
C VAL S 5 76.92 -84.44 -6.82
N LYS S 6 76.82 -84.15 -5.53
CA LYS S 6 75.94 -84.90 -4.63
C LYS S 6 74.63 -84.15 -4.48
N THR S 7 73.53 -84.84 -4.78
CA THR S 7 72.22 -84.21 -4.65
C THR S 7 71.73 -84.38 -3.23
N LEU S 8 70.51 -83.90 -2.99
CA LEU S 8 69.84 -84.20 -1.74
C LEU S 8 69.07 -85.50 -1.81
N THR S 9 68.94 -86.07 -3.00
CA THR S 9 68.34 -87.37 -3.23
C THR S 9 69.32 -88.52 -3.03
N GLY S 10 70.41 -88.28 -2.31
CA GLY S 10 71.44 -89.30 -2.11
C GLY S 10 72.14 -89.74 -3.37
N LYS S 11 72.08 -88.95 -4.43
CA LYS S 11 72.56 -89.35 -5.75
C LYS S 11 73.84 -88.59 -6.06
N THR S 12 74.85 -89.33 -6.52
CA THR S 12 76.15 -88.77 -6.85
C THR S 12 76.31 -88.71 -8.35
N ILE S 13 76.61 -87.52 -8.86
CA ILE S 13 76.82 -87.29 -10.28
C ILE S 13 78.28 -86.89 -10.50
N THR S 14 78.97 -87.63 -11.35
CA THR S 14 80.36 -87.36 -11.68
C THR S 14 80.44 -86.57 -12.98
N LEU S 15 81.33 -85.59 -13.01
CA LEU S 15 81.50 -84.74 -14.18
C LEU S 15 82.97 -84.58 -14.49
N GLU S 16 83.31 -84.68 -15.77
CA GLU S 16 84.66 -84.45 -16.25
C GLU S 16 84.79 -83.01 -16.70
N VAL S 17 85.50 -82.20 -15.93
CA VAL S 17 85.63 -80.77 -16.15
C VAL S 17 87.10 -80.39 -16.15
N GLU S 18 87.36 -79.10 -16.26
CA GLU S 18 88.68 -78.51 -16.15
C GLU S 18 88.67 -77.45 -15.05
N PRO S 19 89.82 -77.22 -14.39
CA PRO S 19 89.84 -76.22 -13.30
C PRO S 19 89.63 -74.78 -13.75
N SER S 20 89.76 -74.50 -15.04
CA SER S 20 89.55 -73.16 -15.55
C SER S 20 88.13 -72.92 -16.05
N ASP S 21 87.28 -73.93 -16.00
CA ASP S 21 85.93 -73.82 -16.57
C ASP S 21 85.04 -72.96 -15.68
N THR S 22 84.08 -72.31 -16.31
CA THR S 22 83.10 -71.53 -15.58
C THR S 22 82.04 -72.45 -14.97
N ILE S 23 81.26 -71.88 -14.06
CA ILE S 23 80.23 -72.66 -13.38
C ILE S 23 79.05 -72.92 -14.30
N GLU S 24 78.73 -71.97 -15.17
CA GLU S 24 77.64 -72.14 -16.12
C GLU S 24 77.93 -73.22 -17.16
N ASN S 25 79.21 -73.49 -17.44
CA ASN S 25 79.54 -74.62 -18.30
C ASN S 25 79.33 -75.93 -17.58
N VAL S 26 79.56 -75.95 -16.26
CA VAL S 26 79.26 -77.13 -15.47
C VAL S 26 77.76 -77.35 -15.39
N LYS S 27 77.00 -76.27 -15.22
CA LYS S 27 75.54 -76.35 -15.20
C LYS S 27 74.99 -76.77 -16.55
N ALA S 28 75.71 -76.44 -17.63
CA ALA S 28 75.32 -76.94 -18.95
C ALA S 28 75.54 -78.44 -19.03
N LYS S 29 76.61 -78.95 -18.41
CA LYS S 29 76.89 -80.38 -18.43
C LYS S 29 75.87 -81.16 -17.60
N ILE S 30 75.35 -80.55 -16.54
CA ILE S 30 74.29 -81.18 -15.77
C ILE S 30 73.01 -81.25 -16.61
N GLN S 31 72.75 -80.19 -17.40
CA GLN S 31 71.64 -80.21 -18.35
C GLN S 31 71.87 -81.24 -19.44
N ASP S 32 73.14 -81.49 -19.80
CA ASP S 32 73.44 -82.51 -20.79
C ASP S 32 73.16 -83.91 -20.28
N LYS S 33 73.23 -84.10 -18.96
CA LYS S 33 72.94 -85.41 -18.39
C LYS S 33 71.53 -85.53 -17.82
N GLU S 34 70.85 -84.41 -17.58
CA GLU S 34 69.53 -84.45 -16.97
C GLU S 34 68.46 -83.69 -17.72
N GLY S 35 68.79 -82.59 -18.38
CA GLY S 35 67.78 -81.75 -18.97
C GLY S 35 67.24 -80.68 -18.07
N ILE S 36 67.89 -80.43 -16.94
CA ILE S 36 67.47 -79.39 -16.00
C ILE S 36 68.14 -78.08 -16.41
N PRO S 37 67.38 -77.01 -16.67
CA PRO S 37 68.02 -75.77 -17.10
C PRO S 37 68.78 -75.13 -15.96
N PRO S 38 69.82 -74.34 -16.27
CA PRO S 38 70.72 -73.85 -15.22
C PRO S 38 70.12 -72.80 -14.30
N ASP S 39 68.99 -72.20 -14.67
CA ASP S 39 68.32 -71.30 -13.73
C ASP S 39 67.68 -72.07 -12.59
N GLN S 40 67.33 -73.33 -12.83
CA GLN S 40 66.73 -74.18 -11.83
C GLN S 40 67.76 -74.94 -11.00
N GLN S 41 69.02 -74.58 -11.12
CA GLN S 41 70.11 -75.32 -10.47
C GLN S 41 70.86 -74.41 -9.52
N ARG S 42 71.16 -74.92 -8.33
CA ARG S 42 71.96 -74.23 -7.33
C ARG S 42 73.11 -75.15 -6.94
N LEU S 43 74.30 -74.57 -6.81
CA LEU S 43 75.49 -75.34 -6.52
C LEU S 43 76.14 -74.84 -5.24
N ILE S 44 76.31 -75.74 -4.29
CA ILE S 44 76.88 -75.43 -2.97
C ILE S 44 78.15 -76.22 -2.80
N PHE S 45 79.25 -75.52 -2.51
CA PHE S 45 80.54 -76.15 -2.23
C PHE S 45 81.01 -75.67 -0.86
N ALA S 46 80.98 -76.60 0.10
CA ALA S 46 81.39 -76.36 1.50
C ALA S 46 80.63 -75.19 2.12
N GLY S 47 79.31 -75.22 1.96
CA GLY S 47 78.47 -74.18 2.52
C GLY S 47 78.59 -72.84 1.82
N LYS S 48 79.04 -72.81 0.57
CA LYS S 48 79.20 -71.57 -0.16
C LYS S 48 78.41 -71.62 -1.46
N GLN S 49 77.72 -70.53 -1.75
CA GLN S 49 77.02 -70.39 -3.03
C GLN S 49 78.03 -70.12 -4.14
N LEU S 50 77.81 -70.75 -5.29
CA LEU S 50 78.70 -70.61 -6.42
C LEU S 50 78.07 -69.71 -7.48
N GLU S 51 78.90 -68.91 -8.15
CA GLU S 51 78.44 -67.95 -9.13
C GLU S 51 78.99 -68.30 -10.51
N ASP S 52 78.15 -68.13 -11.54
CA ASP S 52 78.51 -68.54 -12.90
C ASP S 52 79.59 -67.67 -13.51
N GLY S 53 79.80 -66.46 -13.00
CA GLY S 53 80.83 -65.58 -13.55
C GLY S 53 82.25 -65.94 -13.17
N ARG S 54 82.43 -66.90 -12.27
CA ARG S 54 83.75 -67.29 -11.80
C ARG S 54 84.13 -68.65 -12.37
N THR S 55 85.30 -69.13 -11.96
CA THR S 55 85.81 -70.42 -12.37
C THR S 55 85.96 -71.35 -11.17
N LEU S 56 86.30 -72.60 -11.46
CA LEU S 56 86.53 -73.57 -10.39
C LEU S 56 87.80 -73.26 -9.62
N SER S 57 88.79 -72.66 -10.28
CA SER S 57 90.01 -72.23 -9.59
C SER S 57 89.76 -71.04 -8.69
N ASP S 58 88.70 -70.26 -8.96
CA ASP S 58 88.37 -69.14 -8.08
C ASP S 58 87.88 -69.60 -6.73
N TYR S 59 87.17 -70.72 -6.68
CA TYR S 59 86.70 -71.30 -5.43
C TYR S 59 87.60 -72.43 -4.94
N ASN S 60 88.76 -72.61 -5.57
CA ASN S 60 89.73 -73.68 -5.28
C ASN S 60 89.11 -75.07 -5.40
N ILE S 61 88.14 -75.22 -6.30
CA ILE S 61 87.52 -76.52 -6.53
C ILE S 61 88.45 -77.33 -7.42
N GLN S 62 88.83 -78.52 -6.96
CA GLN S 62 89.86 -79.33 -7.57
C GLN S 62 89.29 -80.70 -7.93
N ARG S 63 90.19 -81.62 -8.25
CA ARG S 63 89.80 -82.95 -8.70
C ARG S 63 89.10 -83.72 -7.59
N GLU S 64 87.92 -84.26 -7.92
CA GLU S 64 87.16 -85.18 -7.08
C GLU S 64 86.72 -84.53 -5.77
N SER S 65 86.28 -83.28 -5.86
CA SER S 65 85.64 -82.62 -4.74
C SER S 65 84.14 -82.89 -4.76
N THR S 66 83.48 -82.57 -3.65
CA THR S 66 82.06 -82.85 -3.49
C THR S 66 81.26 -81.56 -3.60
N LEU S 67 80.30 -81.53 -4.51
CA LEU S 67 79.37 -80.42 -4.64
C LEU S 67 78.02 -80.79 -4.05
N HIS S 68 77.16 -79.80 -3.93
CA HIS S 68 75.79 -80.01 -3.46
C HIS S 68 74.83 -79.33 -4.42
N LEU S 69 73.89 -80.12 -4.94
CA LEU S 69 72.95 -79.67 -5.96
C LEU S 69 71.57 -79.53 -5.34
N VAL S 70 71.08 -78.30 -5.27
CA VAL S 70 69.75 -78.00 -4.78
C VAL S 70 68.96 -77.38 -5.93
N LEU S 71 67.72 -77.81 -6.11
CA LEU S 71 66.93 -77.35 -7.22
C LEU S 71 66.10 -76.12 -6.83
N ARG S 72 65.61 -75.42 -7.86
CA ARG S 72 64.76 -74.26 -7.66
C ARG S 72 63.43 -74.72 -7.07
N LEU S 73 62.93 -74.07 -6.02
CA LEU S 73 61.63 -74.49 -5.47
C LEU S 73 60.63 -73.34 -5.30
N ARG S 74 59.93 -73.00 -6.38
CA ARG S 74 58.90 -71.95 -6.41
C ARG S 74 57.61 -72.69 -6.86
N GLY S 75 56.47 -72.42 -6.21
CA GLY S 75 55.15 -72.99 -6.53
C GLY S 75 54.14 -71.82 -6.65
N GLY S 76 52.82 -71.97 -6.78
CA GLY S 76 52.25 -70.63 -6.82
C GLY S 76 51.05 -70.53 -7.74
N UNK T 1 3.08 -20.36 -12.27
CA UNK T 1 2.85 -19.49 -13.42
C UNK T 1 4.17 -18.98 -13.97
N UNK T 2 4.59 -19.58 -15.09
CA UNK T 2 5.83 -19.26 -15.81
C UNK T 2 7.06 -19.35 -14.92
N UNK T 3 7.38 -20.56 -14.46
CA UNK T 3 8.54 -20.76 -13.61
C UNK T 3 9.29 -22.03 -14.02
N UNK T 4 10.58 -21.87 -14.31
CA UNK T 4 11.41 -22.97 -14.79
C UNK T 4 11.90 -23.85 -13.66
N UNK T 5 12.64 -24.89 -14.03
CA UNK T 5 13.17 -25.83 -13.05
C UNK T 5 14.49 -26.41 -13.53
N UNK T 6 15.30 -26.89 -12.58
CA UNK T 6 16.53 -27.60 -12.93
C UNK T 6 16.27 -29.09 -12.81
N UNK T 7 17.32 -29.87 -12.57
CA UNK T 7 17.14 -31.32 -12.47
C UNK T 7 18.17 -31.98 -11.57
N UNK T 8 18.27 -33.30 -11.69
CA UNK T 8 19.09 -34.12 -10.80
C UNK T 8 19.37 -35.49 -11.40
N UNK T 9 20.16 -36.29 -10.71
CA UNK T 9 20.49 -37.63 -11.21
C UNK T 9 20.45 -38.68 -10.12
N UNK T 10 19.85 -39.83 -10.44
CA UNK T 10 19.85 -40.96 -9.53
C UNK T 10 20.51 -42.13 -10.22
N UNK T 11 21.83 -42.24 -10.08
CA UNK T 11 22.59 -43.27 -10.78
C UNK T 11 22.35 -44.66 -10.19
N UNK T 12 22.19 -45.64 -11.07
CA UNK T 12 21.93 -47.00 -10.63
C UNK T 12 23.21 -47.65 -10.10
N UNK T 13 23.04 -48.75 -9.37
CA UNK T 13 24.18 -49.48 -8.85
C UNK T 13 24.68 -50.47 -9.88
N UNK T 14 25.81 -51.11 -9.60
CA UNK T 14 26.39 -52.09 -10.53
C UNK T 14 27.04 -53.23 -9.77
N UNK T 15 26.96 -54.43 -10.32
CA UNK T 15 27.54 -55.60 -9.68
C UNK T 15 27.96 -56.63 -10.73
N UNK T 16 29.03 -57.36 -10.44
CA UNK T 16 29.54 -58.37 -11.36
C UNK T 16 29.89 -59.67 -10.64
N UNK T 17 29.87 -60.78 -11.37
CA UNK T 17 30.21 -62.08 -10.81
C UNK T 17 30.74 -63.01 -11.89
N UNK T 18 31.54 -64.00 -11.48
CA UNK T 18 32.11 -64.95 -12.43
C UNK T 18 32.11 -66.37 -11.85
N UNK T 19 32.60 -67.31 -12.64
CA UNK T 19 32.73 -68.70 -12.19
C UNK T 19 33.97 -68.83 -11.29
N UNK T 20 34.91 -67.92 -11.48
CA UNK T 20 36.13 -67.76 -10.67
C UNK T 20 36.98 -69.03 -10.62
N UNK T 21 37.26 -69.58 -11.79
CA UNK T 21 38.08 -70.78 -11.91
C UNK T 21 39.24 -70.50 -12.86
N UNK T 22 39.58 -69.23 -12.98
CA UNK T 22 40.66 -68.77 -13.83
C UNK T 22 41.84 -68.33 -12.99
N UNK T 23 43.02 -68.86 -13.34
CA UNK T 23 44.27 -68.51 -12.66
C UNK T 23 44.89 -67.29 -13.33
N UNK T 24 45.54 -66.43 -12.57
CA UNK T 24 46.11 -65.23 -13.17
C UNK T 24 47.62 -65.14 -13.24
N LYS T 25 48.32 -66.22 -13.58
CA LYS T 25 49.77 -66.15 -13.67
C LYS T 25 50.23 -66.10 -15.12
N UNK T 26 50.48 -67.26 -15.71
CA UNK T 26 50.93 -67.34 -17.09
C UNK T 26 52.29 -66.69 -17.31
N UNK T 27 52.86 -66.15 -16.23
CA UNK T 27 54.16 -65.50 -16.29
C UNK T 27 55.20 -66.32 -15.53
N UNK T 28 56.28 -66.69 -16.21
CA UNK T 28 57.32 -67.50 -15.58
C UNK T 28 57.32 -68.95 -16.06
N SER U 4 6.38 -4.12 -1.47
CA SER U 4 5.62 -4.43 -2.67
C SER U 4 5.13 -3.18 -3.37
N SER U 5 4.70 -3.32 -4.61
CA SER U 5 4.13 -2.22 -5.38
C SER U 5 2.63 -2.45 -5.58
N ALA U 6 1.86 -1.37 -5.47
CA ALA U 6 0.41 -1.45 -5.61
C ALA U 6 -0.07 -0.10 -6.14
N GLY U 7 -0.68 -0.12 -7.33
CA GLY U 7 -1.10 1.11 -7.98
C GLY U 7 0.09 1.91 -8.47
N PHE U 8 0.38 3.01 -7.79
CA PHE U 8 1.56 3.83 -8.06
C PHE U 8 2.20 4.26 -6.77
N ASP U 9 2.33 3.33 -5.82
CA ASP U 9 2.86 3.66 -4.51
C ASP U 9 4.35 3.97 -4.55
N ARG U 10 5.07 3.37 -5.48
CA ARG U 10 6.50 3.62 -5.61
C ARG U 10 6.82 4.92 -6.32
N HIS U 11 5.81 5.61 -6.86
CA HIS U 11 6.06 6.75 -7.74
C HIS U 11 5.58 8.07 -7.16
N ILE U 12 4.34 8.13 -6.69
CA ILE U 12 3.82 9.39 -6.15
C ILE U 12 3.46 9.22 -4.68
N THR U 13 2.98 10.29 -4.07
CA THR U 13 2.70 10.30 -2.63
C THR U 13 1.30 9.78 -2.38
N ILE U 14 1.18 8.44 -2.39
CA ILE U 14 -0.03 7.75 -1.96
C ILE U 14 0.39 6.69 -0.95
N PHE U 15 -0.61 6.04 -0.36
CA PHE U 15 -0.35 5.09 0.72
C PHE U 15 -0.04 3.70 0.16
N SER U 16 0.85 3.00 0.84
CA SER U 16 1.11 1.60 0.57
C SER U 16 -0.02 0.76 1.17
N PRO U 17 -0.11 -0.52 0.81
CA PRO U 17 -1.00 -1.40 1.58
C PRO U 17 -0.59 -1.58 3.03
N GLU U 18 0.69 -1.47 3.34
CA GLU U 18 1.14 -1.57 4.73
C GLU U 18 0.89 -0.29 5.52
N GLY U 19 0.55 0.81 4.87
CA GLY U 19 0.39 2.08 5.53
C GLY U 19 1.57 3.02 5.36
N ARG U 20 2.65 2.57 4.75
CA ARG U 20 3.78 3.42 4.46
C ARG U 20 3.48 4.35 3.30
N LEU U 21 4.43 5.24 3.02
CA LEU U 21 4.48 5.95 1.75
C LEU U 21 5.95 6.21 1.45
N TYR U 22 6.39 5.76 0.28
CA TYR U 22 7.80 5.51 0.03
C TYR U 22 8.57 6.74 -0.43
N GLN U 23 7.91 7.72 -1.06
CA GLN U 23 8.62 8.85 -1.63
C GLN U 23 9.25 9.73 -0.55
N VAL U 24 8.63 9.83 0.62
CA VAL U 24 9.24 10.59 1.69
C VAL U 24 10.39 9.82 2.33
N GLU U 25 10.24 8.51 2.50
CA GLU U 25 11.38 7.78 3.02
C GLU U 25 12.41 7.45 1.95
N TYR U 26 12.13 7.77 0.68
CA TYR U 26 13.22 7.89 -0.28
C TYR U 26 13.95 9.21 -0.13
N ALA U 27 13.28 10.22 0.43
CA ALA U 27 13.88 11.54 0.55
C ALA U 27 14.82 11.65 1.75
N PHE U 28 14.72 10.75 2.73
CA PHE U 28 15.60 10.84 3.88
C PHE U 28 17.03 10.44 3.53
N LYS U 29 17.20 9.51 2.60
CA LYS U 29 18.52 9.20 2.09
C LYS U 29 18.85 10.01 0.85
N ALA U 30 18.03 11.00 0.52
CA ALA U 30 18.46 11.99 -0.45
C ALA U 30 19.40 13.02 0.17
N ILE U 31 19.41 13.13 1.50
CA ILE U 31 20.38 14.00 2.16
C ILE U 31 21.78 13.41 2.04
N ASN U 32 21.89 12.08 2.13
CA ASN U 32 23.16 11.41 2.35
C ASN U 32 24.11 11.47 1.17
N GLN U 33 23.67 11.90 -0.01
CA GLN U 33 24.60 12.06 -1.12
C GLN U 33 25.42 13.34 -1.03
N GLY U 34 25.14 14.19 -0.05
CA GLY U 34 25.96 15.38 0.13
C GLY U 34 27.36 15.07 0.63
N GLY U 35 27.50 14.00 1.41
CA GLY U 35 28.78 13.63 1.99
C GLY U 35 29.23 14.65 3.01
N LEU U 36 28.43 14.85 4.06
CA LEU U 36 28.65 15.96 4.97
C LEU U 36 27.95 15.64 6.27
N THR U 37 28.46 16.22 7.36
CA THR U 37 27.90 15.98 8.69
C THR U 37 27.93 17.27 9.48
N SER U 38 26.77 17.66 10.02
CA SER U 38 26.62 18.85 10.83
C SER U 38 26.30 18.45 12.26
N VAL U 39 26.80 19.21 13.23
CA VAL U 39 26.61 18.92 14.65
C VAL U 39 26.13 20.19 15.34
N ALA U 40 25.06 20.07 16.13
CA ALA U 40 24.56 21.16 16.96
C ALA U 40 24.62 20.75 18.42
N VAL U 41 25.09 21.65 19.27
CA VAL U 41 25.18 21.43 20.72
C VAL U 41 24.69 22.68 21.44
N ARG U 42 23.69 22.52 22.31
CA ARG U 42 23.20 23.61 23.15
C ARG U 42 23.74 23.46 24.56
N GLY U 43 24.21 24.56 25.15
CA GLY U 43 24.71 24.52 26.50
C GLY U 43 23.87 25.30 27.49
N LYS U 44 24.50 25.78 28.56
CA LYS U 44 23.76 26.49 29.60
C LYS U 44 23.41 27.91 29.14
N ASP U 45 24.32 28.57 28.45
CA ASP U 45 24.06 29.92 27.97
C ASP U 45 24.57 30.15 26.56
N CYS U 46 24.79 29.08 25.79
CA CYS U 46 25.32 29.23 24.43
C CYS U 46 24.88 28.04 23.59
N ALA U 47 24.90 28.25 22.27
CA ALA U 47 24.57 27.23 21.29
C ALA U 47 25.58 27.29 20.17
N VAL U 48 26.09 26.13 19.75
CA VAL U 48 27.21 26.03 18.83
C VAL U 48 26.83 25.14 17.66
N ILE U 49 26.98 25.65 16.45
CA ILE U 49 26.91 24.86 15.22
C ILE U 49 28.34 24.60 14.77
N VAL U 50 28.62 23.38 14.31
CA VAL U 50 29.93 23.06 13.74
C VAL U 50 29.72 22.11 12.56
N THR U 51 30.38 22.41 11.44
CA THR U 51 30.22 21.66 10.21
C THR U 51 31.49 21.82 9.39
N GLN U 52 32.02 20.72 8.85
CA GLN U 52 33.18 20.80 7.98
C GLN U 52 32.75 21.24 6.58
N LYS U 53 33.75 21.47 5.72
CA LYS U 53 33.51 21.58 4.29
C LYS U 53 34.62 20.87 3.54
N LYS U 54 34.32 20.51 2.31
CA LYS U 54 35.28 19.88 1.42
C LYS U 54 35.52 20.81 0.23
N VAL U 55 36.76 21.26 0.06
CA VAL U 55 37.12 22.08 -1.09
C VAL U 55 38.05 21.27 -1.96
N PRO U 56 37.53 20.60 -2.99
CA PRO U 56 38.38 19.70 -3.79
C PRO U 56 39.26 20.40 -4.82
N ASP U 57 39.05 21.68 -5.08
CA ASP U 57 39.78 22.37 -6.14
C ASP U 57 40.46 23.61 -5.58
N LYS U 58 41.66 23.88 -6.08
CA LYS U 58 42.33 25.13 -5.79
C LYS U 58 41.73 26.29 -6.56
N LEU U 59 41.06 26.03 -7.68
CA LEU U 59 40.37 27.06 -8.43
C LEU U 59 39.04 27.42 -7.82
N LEU U 60 38.52 26.57 -6.95
CA LEU U 60 37.26 26.83 -6.28
C LEU U 60 37.50 27.78 -5.11
N ASP U 61 36.58 28.71 -4.90
CA ASP U 61 36.81 29.78 -3.94
C ASP U 61 36.64 29.29 -2.51
N SER U 62 36.82 30.20 -1.56
CA SER U 62 36.74 29.84 -0.15
C SER U 62 35.52 30.41 0.55
N SER U 63 35.09 31.60 0.19
CA SER U 63 33.99 32.26 0.89
C SER U 63 32.62 31.82 0.38
N THR U 64 32.55 31.15 -0.76
CA THR U 64 31.28 30.81 -1.39
C THR U 64 30.89 29.35 -1.16
N VAL U 65 31.34 28.75 -0.06
CA VAL U 65 31.14 27.33 0.16
C VAL U 65 30.30 27.14 1.42
N THR U 66 30.36 28.12 2.32
CA THR U 66 29.92 27.94 3.70
C THR U 66 28.40 27.79 3.79
N HIS U 67 27.96 26.72 4.46
CA HIS U 67 26.55 26.43 4.65
C HIS U 67 25.92 27.21 5.78
N LEU U 68 26.71 27.93 6.57
CA LEU U 68 26.14 28.74 7.64
C LEU U 68 25.44 29.95 7.05
N PHE U 69 24.14 30.04 7.27
CA PHE U 69 23.29 31.03 6.61
C PHE U 69 22.61 31.87 7.68
N LYS U 70 22.97 33.14 7.74
CA LYS U 70 22.38 34.06 8.69
C LYS U 70 20.96 34.40 8.25
N ILE U 71 19.97 33.90 8.98
CA ILE U 71 18.58 34.20 8.64
C ILE U 71 18.21 35.61 9.08
N THR U 72 18.31 35.88 10.37
CA THR U 72 18.01 37.20 10.89
C THR U 72 19.21 37.57 11.76
N GLU U 73 19.15 38.70 12.49
CA GLU U 73 20.28 39.12 13.31
C GLU U 73 20.51 38.19 14.50
N ASN U 74 19.49 37.45 14.92
CA ASN U 74 19.60 36.60 16.09
C ASN U 74 19.44 35.12 15.77
N ILE U 75 19.18 34.76 14.52
CA ILE U 75 18.92 33.38 14.15
C ILE U 75 19.82 33.01 12.98
N GLY U 76 20.69 32.03 13.19
CA GLY U 76 21.46 31.43 12.12
C GLY U 76 21.02 30.00 11.90
N CYS U 77 21.49 29.43 10.80
CA CYS U 77 21.13 28.06 10.47
C CYS U 77 22.22 27.40 9.66
N VAL U 78 22.13 26.09 9.57
CA VAL U 78 23.04 25.29 8.75
C VAL U 78 22.18 24.36 7.91
N MET U 79 22.69 24.00 6.73
CA MET U 79 21.94 23.22 5.76
C MET U 79 22.70 21.96 5.40
N THR U 80 21.98 20.85 5.30
CA THR U 80 22.53 19.62 4.75
C THR U 80 21.70 19.21 3.54
N GLY U 81 21.99 18.03 3.00
CA GLY U 81 21.31 17.58 1.81
C GLY U 81 21.90 18.22 0.57
N MET U 82 21.13 18.17 -0.50
CA MET U 82 21.61 18.75 -1.75
C MET U 82 21.50 20.26 -1.72
N THR U 83 22.34 20.91 -2.54
CA THR U 83 22.61 22.32 -2.37
C THR U 83 21.46 23.20 -2.88
N ALA U 84 20.92 22.86 -4.05
CA ALA U 84 19.90 23.69 -4.67
C ALA U 84 18.60 23.69 -3.87
N ASP U 85 18.23 22.54 -3.30
CA ASP U 85 17.06 22.50 -2.45
C ASP U 85 17.31 23.19 -1.11
N SER U 86 18.57 23.23 -0.67
CA SER U 86 18.88 23.85 0.60
C SER U 86 18.78 25.36 0.52
N ARG U 87 19.24 25.95 -0.59
CA ARG U 87 19.26 27.40 -0.70
C ARG U 87 17.87 27.97 -0.92
N SER U 88 17.04 27.26 -1.69
CA SER U 88 15.67 27.72 -1.89
C SER U 88 14.84 27.61 -0.62
N GLN U 89 15.24 26.72 0.29
CA GLN U 89 14.63 26.67 1.61
C GLN U 89 14.92 27.92 2.41
N VAL U 90 16.08 28.55 2.17
CA VAL U 90 16.53 29.65 3.02
C VAL U 90 15.74 30.91 2.74
N GLN U 91 15.53 31.25 1.46
CA GLN U 91 14.75 32.45 1.16
C GLN U 91 13.28 32.31 1.53
N ARG U 92 12.78 31.09 1.66
CA ARG U 92 11.48 30.92 2.30
C ARG U 92 11.54 31.33 3.76
N ALA U 93 12.65 31.00 4.44
CA ALA U 93 12.78 31.34 5.84
C ALA U 93 13.09 32.82 6.02
N ARG U 94 13.84 33.41 5.08
CA ARG U 94 14.14 34.82 5.16
C ARG U 94 12.90 35.67 4.90
N TYR U 95 12.00 35.18 4.05
CA TYR U 95 10.82 35.96 3.69
C TYR U 95 9.81 35.95 4.81
N GLU U 96 9.56 34.80 5.43
CA GLU U 96 8.55 34.74 6.46
C GLU U 96 9.05 35.22 7.81
N ALA U 97 10.36 35.37 7.99
CA ALA U 97 10.85 36.02 9.18
C ALA U 97 10.58 37.52 9.13
N ALA U 98 10.68 38.11 7.92
CA ALA U 98 10.40 39.52 7.77
C ALA U 98 8.92 39.83 7.87
N ASN U 99 8.07 38.89 7.47
CA ASN U 99 6.63 39.11 7.54
C ASN U 99 6.14 39.13 8.98
N TRP U 100 6.86 38.45 9.87
CA TRP U 100 6.52 38.52 11.29
C TRP U 100 6.75 39.91 11.83
N LYS U 101 7.81 40.59 11.38
CA LYS U 101 8.08 41.94 11.84
C LYS U 101 7.04 42.91 11.33
N TYR U 102 6.56 42.70 10.10
CA TYR U 102 5.60 43.63 9.53
C TYR U 102 4.21 43.39 10.08
N LYS U 103 3.83 42.13 10.30
CA LYS U 103 2.49 41.85 10.78
C LYS U 103 2.37 41.99 12.29
N TYR U 104 3.43 41.64 13.04
CA TYR U 104 3.33 41.54 14.48
C TYR U 104 4.28 42.43 15.24
N GLY U 105 5.16 43.15 14.56
CA GLY U 105 6.01 44.12 15.25
C GLY U 105 7.26 43.60 15.92
N TYR U 106 7.11 42.65 16.84
CA TYR U 106 8.24 42.17 17.62
C TYR U 106 8.96 41.07 16.84
N GLU U 107 10.07 40.58 17.41
CA GLU U 107 10.93 39.62 16.72
C GLU U 107 10.38 38.21 16.85
N ILE U 108 10.54 37.44 15.78
CA ILE U 108 9.97 36.08 15.73
C ILE U 108 10.75 35.16 16.66
N PRO U 109 10.11 34.26 17.37
CA PRO U 109 10.83 33.23 18.11
C PRO U 109 11.39 32.17 17.18
N VAL U 110 12.39 31.45 17.69
CA VAL U 110 13.03 30.40 16.88
C VAL U 110 12.09 29.20 16.75
N ASP U 111 11.19 29.01 17.72
CA ASP U 111 10.26 27.90 17.64
C ASP U 111 9.12 28.16 16.67
N MET U 112 8.66 29.41 16.59
CA MET U 112 7.56 29.73 15.69
C MET U 112 7.97 29.64 14.23
N LEU U 113 9.26 29.76 13.94
CA LEU U 113 9.70 29.69 12.55
C LEU U 113 9.67 28.27 12.04
N CYS U 114 9.99 27.30 12.90
CA CYS U 114 9.95 25.90 12.47
C CYS U 114 8.54 25.39 12.30
N LYS U 115 7.55 26.04 12.91
CA LYS U 115 6.16 25.72 12.59
C LYS U 115 5.83 26.16 11.18
N ARG U 116 6.32 27.33 10.77
CA ARG U 116 6.00 27.85 9.45
C ARG U 116 6.69 27.03 8.36
N ILE U 117 7.91 26.57 8.62
CA ILE U 117 8.65 25.82 7.60
C ILE U 117 8.06 24.42 7.42
N ALA U 118 7.79 23.74 8.53
CA ALA U 118 7.31 22.36 8.45
C ALA U 118 5.90 22.28 7.91
N ASP U 119 5.09 23.33 8.09
CA ASP U 119 3.78 23.35 7.47
C ASP U 119 3.86 23.60 5.97
N ILE U 120 4.90 24.30 5.52
CA ILE U 120 5.13 24.42 4.09
C ILE U 120 5.59 23.10 3.51
N SER U 121 6.53 22.43 4.18
CA SER U 121 7.04 21.15 3.72
C SER U 121 6.01 20.04 3.84
N GLN U 122 4.94 20.24 4.61
CA GLN U 122 3.81 19.35 4.58
C GLN U 122 3.18 19.30 3.20
N VAL U 123 2.95 20.47 2.59
CA VAL U 123 2.14 20.58 1.38
C VAL U 123 2.84 19.91 0.20
N TYR U 124 4.17 19.92 0.18
CA TYR U 124 4.94 19.13 -0.78
C TYR U 124 4.63 17.65 -0.65
N THR U 125 4.59 17.15 0.58
CA THR U 125 4.13 15.78 0.80
C THR U 125 2.64 15.65 0.55
N GLN U 126 1.88 16.66 0.97
CA GLN U 126 0.43 16.53 1.03
C GLN U 126 -0.20 16.53 -0.36
N ASN U 127 0.20 17.46 -1.21
CA ASN U 127 -0.18 17.42 -2.61
C ASN U 127 0.68 16.40 -3.35
N ALA U 128 0.16 15.90 -4.48
CA ALA U 128 0.79 14.78 -5.18
C ALA U 128 1.31 15.16 -6.57
N GLU U 129 1.64 16.43 -6.80
CA GLU U 129 2.21 16.86 -8.07
C GLU U 129 3.38 17.80 -7.86
N MET U 130 4.16 17.56 -6.81
CA MET U 130 5.26 18.45 -6.46
C MET U 130 6.25 17.67 -5.61
N ARG U 131 7.53 17.95 -5.83
CA ARG U 131 8.74 17.28 -5.35
C ARG U 131 9.07 17.74 -3.93
N PRO U 132 9.39 16.81 -3.03
CA PRO U 132 9.37 17.15 -1.60
C PRO U 132 10.63 17.75 -0.99
N LEU U 133 11.58 18.25 -1.79
CA LEU U 133 12.68 19.11 -1.33
C LEU U 133 13.59 18.41 -0.30
N GLY U 134 14.34 17.44 -0.77
CA GLY U 134 15.16 16.63 0.11
C GLY U 134 16.37 17.31 0.71
N CYS U 135 16.14 18.25 1.64
CA CYS U 135 17.20 18.86 2.43
C CYS U 135 16.71 19.04 3.85
N CYS U 136 17.66 19.16 4.77
CA CYS U 136 17.34 19.26 6.18
C CYS U 136 17.73 20.62 6.74
N MET U 137 17.14 20.95 7.89
CA MET U 137 17.15 22.29 8.45
C MET U 137 17.52 22.20 9.92
N ILE U 138 18.44 23.05 10.37
CA ILE U 138 18.83 23.10 11.79
C ILE U 138 18.95 24.55 12.20
N LEU U 139 18.22 24.96 13.24
CA LEU U 139 18.25 26.33 13.71
C LEU U 139 18.84 26.42 15.11
N ILE U 140 19.30 27.64 15.44
CA ILE U 140 19.65 28.03 16.80
C ILE U 140 19.07 29.42 17.06
N GLY U 141 19.16 29.86 18.30
CA GLY U 141 18.65 31.16 18.67
C GLY U 141 18.46 31.29 20.16
N ILE U 142 18.37 32.54 20.61
CA ILE U 142 18.20 32.89 22.01
C ILE U 142 16.77 33.41 22.19
N ASP U 143 16.08 32.89 23.20
CA ASP U 143 14.75 33.35 23.55
C ASP U 143 14.79 34.03 24.91
N GLU U 144 13.92 35.02 25.07
CA GLU U 144 13.75 35.68 26.36
C GLU U 144 13.07 34.74 27.34
N GLU U 145 13.65 34.62 28.54
CA GLU U 145 13.19 33.77 29.64
C GLU U 145 13.14 32.29 29.26
N GLN U 146 13.86 31.88 28.22
CA GLN U 146 13.93 30.48 27.82
C GLN U 146 15.34 30.02 27.49
N GLY U 147 16.30 30.92 27.31
CA GLY U 147 17.66 30.55 27.02
C GLY U 147 17.85 30.18 25.56
N PRO U 148 18.93 29.47 25.26
CA PRO U 148 19.17 29.02 23.89
C PRO U 148 18.24 27.89 23.49
N GLN U 149 18.09 27.70 22.19
CA GLN U 149 17.29 26.62 21.63
C GLN U 149 17.98 26.04 20.40
N VAL U 150 17.66 24.78 20.12
CA VAL U 150 18.12 24.06 18.94
C VAL U 150 16.93 23.29 18.37
N TYR U 151 16.61 23.50 17.11
CA TYR U 151 15.51 22.81 16.47
C TYR U 151 15.97 22.18 15.17
N LYS U 152 15.12 21.33 14.62
CA LYS U 152 15.39 20.65 13.36
C LYS U 152 14.09 20.47 12.60
N CYS U 153 14.09 20.87 11.33
CA CYS U 153 12.97 20.59 10.45
C CYS U 153 13.37 19.51 9.46
N ASP U 154 12.37 18.83 8.93
CA ASP U 154 12.56 17.62 8.14
C ASP U 154 11.75 17.72 6.86
N PRO U 155 12.16 17.01 5.79
CA PRO U 155 11.34 17.00 4.58
C PRO U 155 10.01 16.30 4.75
N ALA U 156 9.86 15.43 5.75
CA ALA U 156 8.54 14.95 6.11
C ALA U 156 7.69 16.06 6.70
N GLY U 157 8.33 17.00 7.39
CA GLY U 157 7.61 18.15 7.91
C GLY U 157 7.30 18.08 9.39
N TYR U 158 8.24 17.63 10.20
CA TYR U 158 8.04 17.62 11.64
C TYR U 158 9.28 18.13 12.35
N TYR U 159 9.06 18.74 13.50
CA TYR U 159 10.07 19.46 14.24
C TYR U 159 10.00 19.07 15.72
N CYS U 160 11.14 19.13 16.39
CA CYS U 160 11.20 18.97 17.83
C CYS U 160 12.50 19.58 18.33
N GLY U 161 12.48 20.07 19.57
CA GLY U 161 13.66 20.63 20.17
C GLY U 161 14.65 19.56 20.58
N PHE U 162 15.87 20.01 20.88
CA PHE U 162 16.94 19.09 21.27
C PHE U 162 17.82 19.75 22.30
N LYS U 163 18.76 18.97 22.83
CA LYS U 163 19.83 19.47 23.66
C LYS U 163 21.18 19.45 22.96
N ALA U 164 21.47 18.38 22.22
CA ALA U 164 22.65 18.32 21.35
C ALA U 164 22.37 17.25 20.32
N THR U 165 22.29 17.63 19.05
CA THR U 165 21.86 16.68 18.03
C THR U 165 22.54 16.99 16.69
N ALA U 166 23.16 15.96 16.11
CA ALA U 166 23.86 16.06 14.85
C ALA U 166 22.93 15.71 13.69
N ALA U 167 23.44 15.93 12.48
CA ALA U 167 22.72 15.64 11.25
C ALA U 167 23.73 15.39 10.14
N GLY U 168 23.22 14.99 8.98
CA GLY U 168 24.08 14.74 7.85
C GLY U 168 24.11 13.27 7.44
N VAL U 169 25.25 12.63 7.62
CA VAL U 169 25.42 11.23 7.27
C VAL U 169 25.55 10.37 8.51
N LYS U 170 26.22 10.87 9.54
CA LYS U 170 26.73 10.07 10.64
C LYS U 170 25.94 10.30 11.93
N GLN U 171 24.60 10.34 11.82
CA GLN U 171 23.76 10.55 12.99
C GLN U 171 23.90 9.40 13.99
N THR U 172 23.90 8.17 13.49
CA THR U 172 23.85 7.01 14.38
C THR U 172 25.16 6.82 15.14
N GLU U 173 26.25 7.37 14.63
CA GLU U 173 27.52 7.33 15.35
C GLU U 173 27.70 8.54 16.26
N SER U 174 27.18 9.69 15.84
CA SER U 174 27.34 10.90 16.65
C SER U 174 26.38 10.93 17.81
N THR U 175 25.12 10.54 17.60
CA THR U 175 24.15 10.54 18.69
C THR U 175 24.46 9.43 19.70
N SER U 176 25.07 8.34 19.24
CA SER U 176 25.56 7.34 20.18
C SER U 176 26.74 7.87 21.00
N PHE U 177 27.49 8.81 20.43
CA PHE U 177 28.55 9.44 21.20
C PHE U 177 28.00 10.44 22.20
N LEU U 178 26.98 11.20 21.79
CA LEU U 178 26.49 12.29 22.64
C LEU U 178 25.68 11.77 23.81
N GLU U 179 24.97 10.65 23.64
CA GLU U 179 24.23 10.07 24.75
C GLU U 179 25.17 9.58 25.83
N LYS U 180 26.33 9.05 25.46
CA LYS U 180 27.35 8.73 26.46
C LYS U 180 28.01 9.98 27.02
N LYS U 181 27.87 11.11 26.35
CA LYS U 181 28.53 12.35 26.73
C LYS U 181 27.66 13.26 27.59
N VAL U 182 26.37 13.39 27.25
CA VAL U 182 25.53 14.38 27.89
C VAL U 182 25.13 13.94 29.29
N LYS U 183 24.58 12.73 29.41
CA LYS U 183 23.86 12.35 30.62
C LYS U 183 24.77 12.03 31.80
N LYS U 184 26.09 12.10 31.68
CA LYS U 184 26.94 11.84 32.84
C LYS U 184 27.31 13.12 33.59
N LYS U 185 26.28 13.94 33.84
CA LYS U 185 26.31 15.11 34.74
C LYS U 185 27.41 16.11 34.36
N PHE U 186 27.33 16.60 33.13
CA PHE U 186 28.33 17.53 32.61
C PHE U 186 27.81 18.95 32.76
N ASP U 187 28.61 19.81 33.40
CA ASP U 187 28.32 21.23 33.49
C ASP U 187 28.86 21.92 32.25
N TRP U 188 28.03 22.74 31.61
CA TRP U 188 28.33 23.28 30.29
C TRP U 188 28.64 24.76 30.40
N THR U 189 29.92 25.10 30.31
CA THR U 189 30.34 26.48 30.13
C THR U 189 30.34 26.81 28.65
N PHE U 190 30.96 27.92 28.27
CA PHE U 190 31.06 28.26 26.86
C PHE U 190 32.01 27.33 26.12
N GLU U 191 33.25 27.26 26.57
CA GLU U 191 34.24 26.42 25.91
C GLU U 191 34.01 24.94 26.15
N GLN U 192 33.23 24.60 27.18
CA GLN U 192 32.85 23.20 27.39
C GLN U 192 31.97 22.70 26.25
N THR U 193 31.11 23.57 25.73
CA THR U 193 30.28 23.19 24.59
C THR U 193 31.09 23.13 23.31
N VAL U 194 32.05 24.05 23.16
CA VAL U 194 32.81 24.13 21.93
C VAL U 194 33.78 22.96 21.81
N GLU U 195 34.44 22.61 22.92
CA GLU U 195 35.41 21.52 22.88
C GLU U 195 34.74 20.18 22.61
N THR U 196 33.53 19.98 23.12
CA THR U 196 32.80 18.76 22.79
C THR U 196 32.25 18.80 21.37
N ALA U 197 32.04 19.99 20.81
CA ALA U 197 31.48 20.07 19.47
C ALA U 197 32.51 19.70 18.41
N ILE U 198 33.78 19.98 18.66
CA ILE U 198 34.82 19.53 17.75
C ILE U 198 35.15 18.07 17.97
N THR U 199 35.31 17.66 19.23
CA THR U 199 35.82 16.33 19.50
C THR U 199 34.78 15.24 19.29
N CYS U 200 33.50 15.57 19.23
CA CYS U 200 32.53 14.58 18.79
C CYS U 200 32.68 14.33 17.30
N LEU U 201 32.83 15.40 16.52
CA LEU U 201 33.06 15.27 15.09
C LEU U 201 34.46 14.73 14.80
N SER U 202 35.43 15.04 15.66
CA SER U 202 36.79 14.60 15.42
C SER U 202 36.99 13.13 15.73
N THR U 203 36.09 12.51 16.47
CA THR U 203 36.18 11.07 16.72
C THR U 203 35.32 10.26 15.77
N VAL U 204 34.23 10.84 15.26
CA VAL U 204 33.42 10.14 14.27
C VAL U 204 34.17 10.07 12.94
N LEU U 205 34.70 11.21 12.49
CA LEU U 205 35.39 11.24 11.22
C LEU U 205 36.86 10.85 11.33
N SER U 206 37.45 10.97 12.53
CA SER U 206 38.84 10.61 12.84
C SER U 206 39.83 11.35 11.94
N ILE U 207 39.87 12.67 12.12
CA ILE U 207 40.60 13.56 11.24
C ILE U 207 41.73 14.28 11.98
N ASP U 208 41.39 14.97 13.09
CA ASP U 208 42.26 15.91 13.81
C ASP U 208 42.77 17.00 12.85
N PHE U 209 41.80 17.82 12.45
CA PHE U 209 41.87 18.63 11.25
C PHE U 209 42.70 19.90 11.40
N LYS U 210 43.08 20.44 10.25
CA LYS U 210 43.54 21.80 10.09
C LYS U 210 42.38 22.75 10.42
N PRO U 211 42.66 23.96 10.90
CA PRO U 211 41.57 24.89 11.19
C PRO U 211 40.82 25.48 9.99
N SER U 212 41.05 24.98 8.78
CA SER U 212 40.40 25.55 7.61
C SER U 212 39.14 24.82 7.20
N GLU U 213 39.02 23.53 7.48
CA GLU U 213 37.90 22.75 6.93
C GLU U 213 36.58 23.04 7.61
N ILE U 214 36.59 23.34 8.90
CA ILE U 214 35.34 23.44 9.64
C ILE U 214 34.89 24.88 9.72
N GLU U 215 33.60 25.07 10.03
CA GLU U 215 33.06 26.38 10.38
C GLU U 215 32.29 26.27 11.69
N VAL U 216 32.28 27.37 12.44
CA VAL U 216 31.60 27.41 13.73
C VAL U 216 30.74 28.67 13.78
N GLY U 217 29.43 28.48 13.84
CA GLY U 217 28.50 29.55 14.18
C GLY U 217 28.16 29.46 15.65
N VAL U 218 28.00 30.62 16.28
CA VAL U 218 27.83 30.67 17.73
C VAL U 218 26.78 31.71 18.08
N VAL U 219 26.13 31.51 19.22
CA VAL U 219 25.27 32.51 19.83
C VAL U 219 25.32 32.29 21.32
N THR U 220 25.26 33.37 22.09
CA THR U 220 25.52 33.35 23.52
C THR U 220 24.63 34.39 24.17
N VAL U 221 24.20 34.17 25.41
CA VAL U 221 23.52 35.25 26.09
C VAL U 221 24.59 36.07 26.82
N GLU U 222 25.41 36.75 26.03
CA GLU U 222 26.01 38.05 26.31
C GLU U 222 26.05 38.88 25.05
N ASN U 223 26.02 38.25 23.89
CA ASN U 223 25.95 38.91 22.59
C ASN U 223 24.98 38.06 21.78
N PRO U 224 23.70 38.44 21.71
CA PRO U 224 22.71 37.60 21.04
C PRO U 224 22.80 37.59 19.52
N LYS U 225 23.71 38.35 18.92
CA LYS U 225 23.85 38.34 17.47
C LYS U 225 24.47 37.04 17.01
N PHE U 226 23.96 36.54 15.89
CA PHE U 226 24.56 35.35 15.27
C PHE U 226 25.92 35.70 14.69
N ARG U 227 26.88 34.83 14.93
CA ARG U 227 28.28 35.16 14.69
C ARG U 227 29.03 33.97 14.13
N ILE U 228 29.70 34.17 13.01
CA ILE U 228 30.53 33.15 12.38
C ILE U 228 31.98 33.42 12.77
N LEU U 229 32.65 32.40 13.29
CA LEU U 229 33.99 32.57 13.82
C LEU U 229 35.02 32.75 12.71
N THR U 230 36.20 33.24 13.11
CA THR U 230 37.33 33.47 12.24
C THR U 230 38.33 32.35 12.46
N GLU U 231 39.13 32.04 11.43
CA GLU U 231 40.04 30.90 11.47
C GLU U 231 41.13 31.07 12.52
N ALA U 232 41.43 32.32 12.90
CA ALA U 232 42.38 32.58 13.99
C ALA U 232 41.82 32.10 15.32
N GLU U 233 40.60 32.53 15.66
CA GLU U 233 40.01 32.12 16.93
C GLU U 233 39.47 30.69 16.88
N ILE U 234 39.21 30.16 15.69
CA ILE U 234 38.99 28.73 15.56
C ILE U 234 40.25 27.96 15.93
N ASP U 235 41.41 28.48 15.50
CA ASP U 235 42.68 27.85 15.86
C ASP U 235 42.99 28.02 17.34
N ALA U 236 42.43 29.04 17.98
CA ALA U 236 42.61 29.20 19.42
C ALA U 236 41.89 28.10 20.19
N HIS U 237 40.64 27.81 19.83
CA HIS U 237 39.92 26.72 20.48
C HIS U 237 40.44 25.36 20.06
N LEU U 238 41.07 25.24 18.90
CA LEU U 238 41.50 23.94 18.42
C LEU U 238 42.73 23.46 19.16
N VAL U 239 43.70 24.34 19.39
CA VAL U 239 44.85 23.97 20.21
C VAL U 239 44.54 23.98 21.70
N ALA U 240 43.38 24.52 22.08
CA ALA U 240 42.98 24.50 23.48
C ALA U 240 42.64 23.09 23.93
N LEU U 241 41.96 22.33 23.08
CA LEU U 241 41.71 20.93 23.38
C LEU U 241 42.90 20.04 23.06
N ALA U 242 43.92 20.57 22.39
CA ALA U 242 45.18 19.86 22.24
C ALA U 242 46.01 20.14 23.49
N GLU U 243 45.89 19.26 24.47
CA GLU U 243 46.65 19.42 25.72
C GLU U 243 48.11 19.05 25.49
N GLU V 2 0.18 24.80 -10.64
CA GLU V 2 -0.41 23.59 -11.22
C GLU V 2 -0.99 23.89 -12.61
N ARG V 3 -1.75 22.93 -13.13
CA ARG V 3 -2.30 23.02 -14.47
C ARG V 3 -3.82 22.99 -14.52
N GLY V 4 -4.47 22.30 -13.60
CA GLY V 4 -5.91 22.10 -13.68
C GLY V 4 -6.27 20.66 -13.99
N TYR V 5 -5.53 19.72 -13.43
CA TYR V 5 -5.82 18.30 -13.62
C TYR V 5 -7.04 17.89 -12.78
N SER V 6 -7.02 18.18 -11.48
CA SER V 6 -8.16 18.09 -10.55
C SER V 6 -8.85 16.73 -10.51
N PHE V 7 -8.21 15.66 -10.96
CA PHE V 7 -8.87 14.35 -10.96
C PHE V 7 -8.58 13.61 -9.66
N SER V 8 -9.63 13.01 -9.11
CA SER V 8 -9.50 12.28 -7.86
C SER V 8 -8.77 10.96 -8.10
N LEU V 9 -7.75 10.70 -7.28
CA LEU V 9 -6.98 9.48 -7.37
C LEU V 9 -7.59 8.32 -6.57
N THR V 10 -8.75 8.52 -5.96
CA THR V 10 -9.43 7.50 -5.20
C THR V 10 -10.73 7.15 -5.92
N THR V 11 -10.82 5.94 -6.45
CA THR V 11 -12.01 5.45 -7.15
C THR V 11 -12.49 4.17 -6.48
N PHE V 12 -13.62 3.66 -6.96
CA PHE V 12 -14.19 2.45 -6.38
C PHE V 12 -13.46 1.22 -6.86
N SER V 13 -13.48 0.19 -6.02
CA SER V 13 -13.01 -1.12 -6.42
C SER V 13 -14.07 -1.82 -7.25
N PRO V 14 -13.70 -2.85 -8.00
CA PRO V 14 -14.72 -3.73 -8.59
C PRO V 14 -15.53 -4.47 -7.56
N SER V 15 -14.97 -4.71 -6.37
CA SER V 15 -15.74 -5.25 -5.27
C SER V 15 -16.72 -4.23 -4.70
N GLY V 16 -16.44 -2.94 -4.86
CA GLY V 16 -17.29 -1.91 -4.31
C GLY V 16 -16.75 -1.36 -3.01
N LYS V 17 -15.46 -1.07 -2.97
CA LYS V 17 -14.84 -0.50 -1.80
C LYS V 17 -13.87 0.59 -2.24
N LEU V 18 -13.41 1.38 -1.28
CA LEU V 18 -12.44 2.45 -1.53
C LEU V 18 -11.12 2.03 -0.90
N VAL V 19 -10.13 1.80 -1.75
CA VAL V 19 -8.93 1.09 -1.32
C VAL V 19 -7.99 2.01 -0.55
N GLN V 20 -7.85 3.26 -1.01
CA GLN V 20 -6.90 4.18 -0.37
C GLN V 20 -7.34 4.59 1.02
N ILE V 21 -8.65 4.60 1.28
CA ILE V 21 -9.13 4.89 2.61
C ILE V 21 -8.82 3.73 3.55
N GLU V 22 -8.94 2.50 3.05
CA GLU V 22 -8.57 1.33 3.83
C GLU V 22 -7.08 1.29 4.12
N TYR V 23 -6.26 1.79 3.20
CA TYR V 23 -4.82 1.82 3.43
C TYR V 23 -4.44 2.93 4.39
N ALA V 24 -5.21 4.01 4.42
CA ALA V 24 -4.92 5.09 5.36
C ALA V 24 -5.26 4.69 6.79
N LEU V 25 -6.23 3.79 6.97
CA LEU V 25 -6.54 3.30 8.31
C LEU V 25 -5.45 2.37 8.83
N ALA V 26 -4.67 1.77 7.93
CA ALA V 26 -3.54 0.97 8.37
C ALA V 26 -2.44 1.83 8.98
N ALA V 27 -2.27 3.05 8.48
CA ALA V 27 -1.29 3.95 9.08
C ALA V 27 -1.78 4.49 10.41
N VAL V 28 -3.09 4.55 10.61
CA VAL V 28 -3.63 4.97 11.90
C VAL V 28 -3.40 3.91 12.95
N ALA V 29 -3.58 2.64 12.58
CA ALA V 29 -3.41 1.54 13.52
C ALA V 29 -1.96 1.33 13.94
N GLY V 30 -1.01 1.82 13.15
CA GLY V 30 0.38 1.74 13.53
C GLY V 30 0.87 2.96 14.26
N GLY V 31 -0.07 3.82 14.68
CA GLY V 31 0.27 5.03 15.39
C GLY V 31 0.49 4.79 16.86
N ALA V 32 0.72 5.88 17.58
CA ALA V 32 0.91 5.80 19.02
C ALA V 32 -0.42 5.50 19.71
N PRO V 33 -0.42 4.70 20.76
CA PRO V 33 -1.67 4.37 21.44
C PRO V 33 -2.20 5.53 22.25
N SER V 34 -3.52 5.58 22.39
CA SER V 34 -4.18 6.63 23.16
C SER V 34 -5.52 6.11 23.64
N VAL V 35 -6.11 6.84 24.58
CA VAL V 35 -7.38 6.42 25.18
C VAL V 35 -8.12 7.67 25.65
N GLY V 36 -9.44 7.57 25.68
CA GLY V 36 -10.29 8.65 26.15
C GLY V 36 -11.54 8.14 26.84
N ILE V 37 -11.85 8.67 28.01
CA ILE V 37 -12.92 8.14 28.87
C ILE V 37 -13.79 9.30 29.34
N LYS V 38 -15.10 9.17 29.13
CA LYS V 38 -16.09 10.14 29.56
C LYS V 38 -16.81 9.57 30.78
N ALA V 39 -16.59 10.17 31.95
CA ALA V 39 -17.17 9.66 33.20
C ALA V 39 -17.86 10.78 33.99
N ALA V 40 -19.07 11.13 33.56
CA ALA V 40 -20.14 11.71 34.38
C ALA V 40 -19.91 13.10 34.95
N ASN V 41 -18.69 13.63 34.89
CA ASN V 41 -18.46 15.04 35.17
C ASN V 41 -17.46 15.70 34.24
N GLY V 42 -16.58 14.94 33.60
CA GLY V 42 -15.63 15.47 32.66
C GLY V 42 -15.04 14.33 31.86
N VAL V 43 -14.23 14.69 30.88
CA VAL V 43 -13.63 13.73 29.97
C VAL V 43 -12.13 13.71 30.21
N VAL V 44 -11.55 12.52 30.23
CA VAL V 44 -10.12 12.34 30.47
C VAL V 44 -9.50 11.79 29.20
N LEU V 45 -8.50 12.49 28.68
CA LEU V 45 -7.73 12.05 27.53
C LEU V 45 -6.30 11.74 27.95
N ALA V 46 -5.75 10.67 27.39
CA ALA V 46 -4.40 10.24 27.74
C ALA V 46 -3.72 9.68 26.52
N THR V 47 -2.48 10.09 26.30
CA THR V 47 -1.69 9.64 25.16
C THR V 47 -0.40 9.01 25.67
N GLU V 48 0.42 8.55 24.74
CA GLU V 48 1.59 7.72 25.03
C GLU V 48 2.76 8.30 24.26
N LYS V 49 3.50 9.22 24.89
CA LYS V 49 4.52 10.01 24.23
C LYS V 49 5.90 9.45 24.60
N LYS V 50 6.53 8.76 23.67
CA LYS V 50 7.88 8.24 23.87
C LYS V 50 8.88 9.05 23.07
N GLN V 51 9.85 9.64 23.76
CA GLN V 51 11.01 10.17 23.08
C GLN V 51 11.92 9.02 22.69
N LYS V 52 12.35 8.99 21.42
CA LYS V 52 13.17 7.90 20.92
C LYS V 52 14.59 7.92 21.47
N SER V 53 15.04 9.06 22.01
CA SER V 53 16.38 9.17 22.56
C SER V 53 16.33 9.98 23.84
N ILE V 54 17.45 10.01 24.54
CA ILE V 54 17.57 10.85 25.74
C ILE V 54 17.88 12.30 25.41
N LEU V 55 18.02 12.64 24.13
CA LEU V 55 18.40 13.97 23.70
C LEU V 55 17.21 14.85 23.36
N TYR V 56 16.02 14.28 23.26
CA TYR V 56 14.85 15.04 22.85
C TYR V 56 14.38 15.95 23.96
N ASP V 57 13.73 17.05 23.60
CA ASP V 57 13.08 17.91 24.56
C ASP V 57 11.62 17.51 24.66
N GLU V 58 11.07 17.60 25.87
CA GLU V 58 9.71 17.17 26.12
C GLU V 58 8.73 18.32 26.25
N ARG V 59 9.19 19.51 26.62
CA ARG V 59 8.33 20.67 26.76
C ARG V 59 8.14 21.42 25.45
N SER V 60 8.56 20.85 24.33
CA SER V 60 8.45 21.50 23.04
C SER V 60 7.26 20.99 22.24
N VAL V 61 7.21 19.69 21.99
CA VAL V 61 6.14 19.11 21.18
C VAL V 61 5.03 18.63 22.10
N HIS V 62 3.80 18.98 21.76
CA HIS V 62 2.65 18.72 22.61
C HIS V 62 1.65 17.83 21.88
N LYS V 63 0.92 17.03 22.65
CA LYS V 63 -0.08 16.11 22.11
C LYS V 63 -1.49 16.49 22.50
N VAL V 64 -1.77 16.62 23.80
CA VAL V 64 -3.05 17.16 24.23
C VAL V 64 -3.08 18.64 23.86
N GLU V 65 -3.97 19.00 22.95
CA GLU V 65 -3.95 20.33 22.37
C GLU V 65 -5.30 21.00 22.57
N PRO V 66 -5.35 22.22 23.10
CA PRO V 66 -6.64 22.90 23.25
C PRO V 66 -7.09 23.55 21.95
N ILE V 67 -8.40 23.62 21.78
CA ILE V 67 -9.02 24.33 20.67
C ILE V 67 -9.73 25.58 21.16
N THR V 68 -10.55 25.45 22.19
CA THR V 68 -11.20 26.60 22.82
C THR V 68 -10.85 26.45 24.30
N LYS V 69 -11.45 27.25 25.17
CA LYS V 69 -11.23 27.10 26.61
C LYS V 69 -12.02 25.94 27.20
N HIS V 70 -12.81 25.24 26.39
CA HIS V 70 -13.57 24.10 26.88
C HIS V 70 -13.51 22.91 25.92
N ILE V 71 -12.64 22.95 24.91
CA ILE V 71 -12.58 21.91 23.88
C ILE V 71 -11.12 21.49 23.70
N GLY V 72 -10.84 20.21 23.94
CA GLY V 72 -9.53 19.65 23.71
C GLY V 72 -9.58 18.56 22.65
N LEU V 73 -8.39 18.13 22.21
CA LEU V 73 -8.32 17.29 21.01
C LEU V 73 -6.99 16.56 20.99
N VAL V 74 -7.02 15.22 20.87
CA VAL V 74 -5.81 14.42 20.71
C VAL V 74 -5.93 13.59 19.44
N TYR V 75 -4.92 12.77 19.16
CA TYR V 75 -4.91 12.02 17.92
C TYR V 75 -4.16 10.71 18.09
N SER V 76 -4.21 9.90 17.03
CA SER V 76 -3.39 8.70 16.91
C SER V 76 -3.20 8.46 15.42
N GLY V 77 -1.99 8.70 14.94
CA GLY V 77 -1.73 8.65 13.52
C GLY V 77 -0.34 9.16 13.21
N MET V 78 -0.21 10.04 12.22
CA MET V 78 1.08 10.62 11.89
C MET V 78 1.13 12.08 12.32
N GLY V 79 2.30 12.48 12.82
CA GLY V 79 2.54 13.78 13.39
C GLY V 79 2.27 15.02 12.54
N PRO V 80 2.92 15.14 11.38
CA PRO V 80 2.76 16.39 10.60
C PRO V 80 1.36 16.63 10.05
N ASP V 81 0.61 15.58 9.73
CA ASP V 81 -0.76 15.80 9.25
C ASP V 81 -1.69 16.23 10.36
N TYR V 82 -1.32 15.98 11.61
CA TYR V 82 -2.13 16.43 12.74
C TYR V 82 -2.15 17.95 12.84
N ARG V 83 -1.00 18.59 12.62
CA ARG V 83 -0.89 20.03 12.79
C ARG V 83 -1.59 20.82 11.69
N VAL V 84 -1.98 20.16 10.60
CA VAL V 84 -2.73 20.86 9.57
C VAL V 84 -4.14 21.15 10.04
N LEU V 85 -4.88 20.11 10.38
CA LEU V 85 -6.28 20.26 10.73
C LEU V 85 -6.49 20.78 12.14
N VAL V 86 -5.44 20.91 12.95
CA VAL V 86 -5.55 21.70 14.16
C VAL V 86 -5.75 23.16 13.82
N HIS V 87 -4.81 23.72 13.03
CA HIS V 87 -4.88 25.12 12.61
C HIS V 87 -6.12 25.39 11.76
N ARG V 88 -6.62 24.38 11.05
CA ARG V 88 -7.90 24.52 10.37
C ARG V 88 -9.03 24.63 11.38
N ALA V 89 -9.01 23.80 12.42
CA ALA V 89 -10.09 23.81 13.40
C ALA V 89 -9.98 24.99 14.36
N ARG V 90 -8.77 25.50 14.57
CA ARG V 90 -8.60 26.73 15.35
C ARG V 90 -9.33 27.89 14.70
N LYS V 91 -9.12 28.07 13.39
CA LYS V 91 -9.77 29.16 12.66
C LYS V 91 -11.26 28.92 12.53
N LEU V 92 -11.67 27.66 12.37
CA LEU V 92 -13.07 27.33 12.14
C LEU V 92 -13.91 27.57 13.40
N ALA V 93 -13.30 27.48 14.57
CA ALA V 93 -14.01 27.83 15.80
C ALA V 93 -14.22 29.32 15.93
N GLN V 94 -13.45 30.13 15.20
CA GLN V 94 -13.56 31.57 15.35
C GLN V 94 -14.71 32.14 14.53
N GLN V 95 -14.99 31.58 13.35
CA GLN V 95 -16.09 32.10 12.56
C GLN V 95 -17.45 31.75 13.17
N TYR V 96 -17.52 30.73 14.02
CA TYR V 96 -18.72 30.58 14.82
C TYR V 96 -18.83 31.70 15.83
N TYR V 97 -17.69 32.08 16.42
CA TYR V 97 -17.71 33.06 17.50
C TYR V 97 -17.83 34.48 16.97
N LEU V 98 -17.39 34.73 15.73
CA LEU V 98 -17.60 36.06 15.16
C LEU V 98 -19.05 36.25 14.77
N VAL V 99 -19.72 35.19 14.32
CA VAL V 99 -21.11 35.30 13.93
C VAL V 99 -22.02 35.29 15.14
N TYR V 100 -21.92 34.27 15.97
CA TYR V 100 -22.91 34.00 16.99
C TYR V 100 -22.56 34.57 18.36
N GLN V 101 -21.31 35.03 18.54
CA GLN V 101 -20.81 35.62 19.79
C GLN V 101 -21.00 34.66 20.97
N GLU V 102 -20.64 33.40 20.74
CA GLU V 102 -20.98 32.36 21.69
C GLU V 102 -20.05 31.20 21.45
N PRO V 103 -19.58 30.52 22.51
CA PRO V 103 -18.64 29.41 22.31
C PRO V 103 -19.28 28.23 21.60
N ILE V 104 -18.52 27.66 20.68
CA ILE V 104 -19.07 26.68 19.74
C ILE V 104 -19.30 25.36 20.46
N PRO V 105 -20.43 24.68 20.22
CA PRO V 105 -20.66 23.37 20.83
C PRO V 105 -19.73 22.33 20.25
N THR V 106 -19.51 21.27 21.02
CA THR V 106 -18.57 20.23 20.61
C THR V 106 -19.11 19.40 19.46
N ALA V 107 -20.43 19.25 19.37
CA ALA V 107 -21.02 18.56 18.24
C ALA V 107 -20.89 19.36 16.96
N GLN V 108 -20.73 20.68 17.08
CA GLN V 108 -20.74 21.54 15.90
C GLN V 108 -19.40 21.51 15.17
N LEU V 109 -18.29 21.29 15.88
CA LEU V 109 -17.01 21.14 15.19
C LEU V 109 -16.97 19.85 14.38
N VAL V 110 -17.46 18.77 14.97
CA VAL V 110 -17.36 17.45 14.37
C VAL V 110 -18.22 17.36 13.11
N GLN V 111 -19.29 18.15 13.05
CA GLN V 111 -20.00 18.35 11.80
C GLN V 111 -19.10 19.01 10.77
N ARG V 112 -18.30 19.99 11.20
CA ARG V 112 -17.57 20.84 10.28
C ARG V 112 -16.16 20.32 9.99
N VAL V 113 -15.49 19.74 11.00
CA VAL V 113 -14.14 19.23 10.78
C VAL V 113 -14.17 18.01 9.87
N ALA V 114 -15.15 17.12 10.07
CA ALA V 114 -15.28 15.97 9.19
C ALA V 114 -15.73 16.37 7.79
N SER V 115 -16.46 17.47 7.67
CA SER V 115 -16.85 17.95 6.34
C SER V 115 -15.64 18.48 5.57
N VAL V 116 -14.67 19.06 6.27
CA VAL V 116 -13.38 19.36 5.66
C VAL V 116 -12.68 18.08 5.25
N MET V 117 -12.79 17.06 6.09
CA MET V 117 -11.97 15.87 5.93
C MET V 117 -12.58 14.91 4.89
N GLN V 118 -13.90 14.85 4.81
CA GLN V 118 -14.57 14.01 3.82
C GLN V 118 -14.42 14.57 2.41
N GLU V 119 -14.61 15.87 2.25
CA GLU V 119 -14.44 16.52 0.95
C GLU V 119 -13.00 16.44 0.48
N TYR V 120 -12.07 16.39 1.42
CA TYR V 120 -10.66 16.34 1.06
C TYR V 120 -10.27 15.00 0.43
N THR V 121 -11.02 13.94 0.74
CA THR V 121 -10.77 12.66 0.10
C THR V 121 -11.35 12.61 -1.31
N GLN V 122 -12.53 13.20 -1.50
CA GLN V 122 -13.17 13.20 -2.81
C GLN V 122 -12.49 14.15 -3.78
N SER V 123 -11.74 15.13 -3.27
CA SER V 123 -11.10 16.12 -4.11
C SER V 123 -9.97 15.51 -4.94
N GLY V 124 -9.44 16.30 -5.86
CA GLY V 124 -8.56 15.79 -6.90
C GLY V 124 -7.09 15.92 -6.56
N GLY V 125 -6.36 14.83 -6.76
CA GLY V 125 -4.91 14.87 -6.73
C GLY V 125 -4.28 14.92 -5.37
N VAL V 126 -4.99 14.51 -4.31
CA VAL V 126 -4.43 14.46 -2.98
C VAL V 126 -4.79 13.12 -2.34
N ARG V 127 -3.94 12.67 -1.43
CA ARG V 127 -4.24 11.50 -0.62
C ARG V 127 -5.12 11.92 0.55
N PRO V 128 -5.80 10.97 1.20
CA PRO V 128 -6.49 11.30 2.45
C PRO V 128 -5.50 11.49 3.58
N PHE V 129 -6.03 11.95 4.71
CA PHE V 129 -5.21 12.07 5.91
C PHE V 129 -4.94 10.69 6.50
N GLY V 130 -4.00 10.64 7.44
CA GLY V 130 -3.69 9.42 8.13
C GLY V 130 -3.81 9.56 9.63
N VAL V 131 -4.80 10.33 10.08
CA VAL V 131 -4.95 10.70 11.48
C VAL V 131 -6.39 10.46 11.90
N SER V 132 -6.59 9.74 12.98
CA SER V 132 -7.88 9.72 13.67
C SER V 132 -7.81 10.64 14.88
N LEU V 133 -8.97 11.13 15.30
CA LEU V 133 -9.03 12.14 16.35
C LEU V 133 -9.88 11.67 17.51
N LEU V 134 -9.73 12.38 18.63
CA LEU V 134 -10.62 12.25 19.77
C LEU V 134 -10.89 13.64 20.31
N ILE V 135 -12.17 14.02 20.37
CA ILE V 135 -12.56 15.38 20.69
C ILE V 135 -13.42 15.34 21.95
N CYS V 136 -13.15 16.26 22.88
CA CYS V 136 -13.78 16.29 24.18
C CYS V 136 -14.28 17.68 24.49
N GLY V 137 -15.25 17.77 25.39
CA GLY V 137 -15.74 19.06 25.84
C GLY V 137 -16.99 19.01 26.70
N TRP V 138 -17.01 19.81 27.77
CA TRP V 138 -18.17 19.88 28.66
C TRP V 138 -19.01 21.10 28.31
N ASN V 139 -19.77 20.95 27.21
CA ASN V 139 -20.68 21.99 26.77
C ASN V 139 -22.08 21.71 27.32
N GLU V 140 -22.66 22.71 27.97
CA GLU V 140 -24.02 22.68 28.53
C GLU V 140 -24.18 21.54 29.55
N GLY V 141 -23.30 21.55 30.56
CA GLY V 141 -23.37 20.57 31.62
C GLY V 141 -22.82 19.21 31.26
N ARG V 142 -23.50 18.52 30.35
CA ARG V 142 -23.12 17.16 29.98
C ARG V 142 -21.87 17.19 29.10
N PRO V 143 -20.83 16.45 29.45
CA PRO V 143 -19.63 16.40 28.60
C PRO V 143 -19.83 15.48 27.41
N TYR V 144 -18.93 15.62 26.44
CA TYR V 144 -19.02 14.88 25.19
C TYR V 144 -17.67 14.28 24.83
N LEU V 145 -17.72 13.20 24.03
CA LEU V 145 -16.51 12.51 23.59
C LEU V 145 -16.78 11.93 22.22
N PHE V 146 -16.13 12.48 21.20
CA PHE V 146 -16.36 12.11 19.82
C PHE V 146 -15.07 11.62 19.19
N GLN V 147 -15.21 10.78 18.15
CA GLN V 147 -14.06 10.21 17.45
C GLN V 147 -14.31 10.27 15.95
N SER V 148 -13.43 10.95 15.23
CA SER V 148 -13.47 10.97 13.77
C SER V 148 -12.43 9.99 13.24
N ASP V 149 -12.26 9.96 11.92
CA ASP V 149 -11.37 9.02 11.27
C ASP V 149 -11.02 9.56 9.88
N PRO V 150 -10.01 9.00 9.20
CA PRO V 150 -9.73 9.44 7.81
C PRO V 150 -10.82 9.09 6.80
N SER V 151 -11.78 8.23 7.13
CA SER V 151 -12.87 7.97 6.20
C SER V 151 -13.93 9.07 6.21
N GLY V 152 -13.76 10.11 7.02
CA GLY V 152 -14.72 11.17 7.11
C GLY V 152 -15.82 10.96 8.12
N ALA V 153 -15.98 9.74 8.63
CA ALA V 153 -17.07 9.43 9.53
C ALA V 153 -16.78 9.95 10.94
N TYR V 154 -17.76 9.81 11.81
CA TYR V 154 -17.57 10.16 13.21
C TYR V 154 -18.54 9.38 14.07
N PHE V 155 -18.17 9.22 15.34
CA PHE V 155 -18.95 8.41 16.26
C PHE V 155 -19.04 9.14 17.60
N ALA V 156 -19.51 8.42 18.61
CA ALA V 156 -19.71 8.99 19.93
C ALA V 156 -19.51 7.87 20.93
N TRP V 157 -18.40 7.91 21.67
CA TRP V 157 -17.99 6.81 22.53
C TRP V 157 -18.11 7.18 24.00
N LYS V 158 -18.51 6.21 24.81
CA LYS V 158 -18.35 6.34 26.25
C LYS V 158 -16.88 6.26 26.64
N ALA V 159 -16.19 5.28 26.10
CA ALA V 159 -14.75 5.13 26.28
C ALA V 159 -14.22 4.28 25.13
N THR V 160 -13.10 4.70 24.56
CA THR V 160 -12.52 4.00 23.42
C THR V 160 -11.02 4.19 23.43
N ALA V 161 -10.35 3.53 22.48
CA ALA V 161 -8.91 3.59 22.38
C ALA V 161 -8.49 3.43 20.93
N MET V 162 -7.48 4.20 20.54
CA MET V 162 -6.92 4.14 19.19
C MET V 162 -5.42 3.96 19.29
N GLY V 163 -4.82 3.51 18.19
CA GLY V 163 -3.38 3.32 18.14
C GLY V 163 -2.99 1.86 18.05
N LYS V 164 -1.87 1.51 18.67
CA LYS V 164 -1.46 0.11 18.72
C LYS V 164 -2.17 -0.60 19.86
N ASN V 165 -2.48 -1.89 19.63
CA ASN V 165 -3.21 -2.75 20.56
C ASN V 165 -4.56 -2.16 20.95
N TYR V 166 -5.21 -1.50 19.99
CA TYR V 166 -6.46 -0.82 20.29
C TYR V 166 -7.61 -1.78 20.50
N VAL V 167 -7.48 -3.02 20.04
CA VAL V 167 -8.50 -4.02 20.34
C VAL V 167 -8.25 -4.67 21.69
N ASN V 168 -7.01 -4.65 22.17
CA ASN V 168 -6.74 -5.21 23.49
C ASN V 168 -7.22 -4.27 24.58
N GLY V 169 -6.98 -2.96 24.41
CA GLY V 169 -7.57 -1.99 25.30
C GLY V 169 -9.05 -1.82 25.13
N LYS V 170 -9.60 -2.28 24.00
CA LYS V 170 -11.05 -2.26 23.82
C LYS V 170 -11.72 -3.29 24.72
N THR V 171 -11.13 -4.47 24.82
CA THR V 171 -11.64 -5.48 25.75
C THR V 171 -11.36 -5.09 27.19
N PHE V 172 -10.29 -4.32 27.43
CA PHE V 172 -9.95 -3.91 28.78
C PHE V 172 -10.94 -2.88 29.30
N LEU V 173 -11.29 -1.90 28.46
CA LEU V 173 -12.25 -0.88 28.87
C LEU V 173 -13.65 -1.43 29.00
N GLU V 174 -13.98 -2.52 28.30
CA GLU V 174 -15.31 -3.09 28.42
C GLU V 174 -15.50 -3.76 29.77
N LYS V 175 -14.45 -4.37 30.31
CA LYS V 175 -14.56 -5.04 31.60
C LYS V 175 -14.30 -4.10 32.76
N ARG V 176 -13.27 -3.26 32.67
CA ARG V 176 -12.89 -2.43 33.81
C ARG V 176 -13.84 -1.26 34.00
N TYR V 177 -14.20 -0.57 32.93
CA TYR V 177 -15.07 0.57 33.08
C TYR V 177 -16.52 0.13 33.22
N ASN V 178 -17.38 1.08 33.54
CA ASN V 178 -18.78 0.81 33.84
C ASN V 178 -19.59 2.01 33.40
N GLU V 179 -20.81 2.12 33.94
CA GLU V 179 -21.70 3.23 33.59
C GLU V 179 -21.15 4.55 34.07
N ASP V 180 -20.97 4.71 35.38
CA ASP V 180 -20.58 5.97 35.96
C ASP V 180 -19.32 5.82 36.82
N LEU V 181 -18.56 6.89 36.87
CA LEU V 181 -17.34 6.99 37.66
C LEU V 181 -17.21 8.44 38.12
N GLU V 182 -16.02 8.80 38.56
CA GLU V 182 -15.67 10.20 38.77
C GLU V 182 -14.54 10.57 37.83
N LEU V 183 -14.10 11.83 37.93
CA LEU V 183 -12.96 12.25 37.12
C LEU V 183 -11.68 11.59 37.59
N GLU V 184 -11.53 11.42 38.91
CA GLU V 184 -10.30 10.86 39.45
C GLU V 184 -10.21 9.36 39.22
N ASP V 185 -11.35 8.68 39.20
CA ASP V 185 -11.34 7.26 38.87
C ASP V 185 -11.06 7.03 37.39
N ALA V 186 -11.47 7.98 36.55
CA ALA V 186 -11.26 7.84 35.11
C ALA V 186 -9.80 7.95 34.75
N ILE V 187 -9.05 8.78 35.48
CA ILE V 187 -7.62 8.91 35.19
C ILE V 187 -6.89 7.65 35.63
N HIS V 188 -7.37 7.00 36.69
CA HIS V 188 -6.73 5.80 37.20
C HIS V 188 -6.84 4.65 36.22
N THR V 189 -7.99 4.50 35.57
CA THR V 189 -8.14 3.44 34.60
C THR V 189 -7.59 3.81 33.23
N ALA V 190 -7.46 5.11 32.94
CA ALA V 190 -6.84 5.53 31.68
C ALA V 190 -5.34 5.24 31.69
N ILE V 191 -4.70 5.36 32.85
CA ILE V 191 -3.31 4.96 32.94
C ILE V 191 -3.21 3.45 32.96
N LEU V 192 -4.23 2.78 33.51
CA LEU V 192 -4.23 1.32 33.60
C LEU V 192 -4.34 0.69 32.21
N THR V 193 -5.05 1.33 31.29
CA THR V 193 -5.03 0.85 29.91
C THR V 193 -3.85 1.40 29.13
N LEU V 194 -3.22 2.46 29.62
CA LEU V 194 -1.99 2.92 28.99
C LEU V 194 -0.80 2.09 29.45
N LYS V 195 -0.82 1.63 30.70
CA LYS V 195 0.20 0.71 31.20
C LYS V 195 0.05 -0.69 30.61
N GLU V 196 -1.08 -0.98 29.96
CA GLU V 196 -1.29 -2.27 29.33
C GLU V 196 -0.34 -2.47 28.15
N SER V 197 -0.02 -1.41 27.43
CA SER V 197 0.72 -1.53 26.18
C SER V 197 2.00 -0.69 26.14
N PHE V 198 2.36 -0.02 27.23
CA PHE V 198 3.52 0.85 27.21
C PHE V 198 4.80 0.04 27.41
N GLU V 199 5.91 0.75 27.50
CA GLU V 199 7.20 0.15 27.80
C GLU V 199 7.36 0.00 29.30
N GLY V 200 8.57 -0.28 29.76
CA GLY V 200 8.82 -0.55 31.16
C GLY V 200 8.61 0.61 32.11
N GLN V 201 9.44 1.64 32.00
CA GLN V 201 9.32 2.80 32.88
C GLN V 201 8.23 3.72 32.39
N MET V 202 7.39 4.18 33.32
CA MET V 202 6.37 5.18 33.03
C MET V 202 6.60 6.36 33.95
N THR V 203 7.03 7.48 33.38
CA THR V 203 7.36 8.68 34.13
C THR V 203 6.42 9.80 33.71
N GLU V 204 6.73 11.01 34.16
CA GLU V 204 5.98 12.19 33.77
C GLU V 204 6.14 12.55 32.30
N ASP V 205 7.16 12.02 31.62
CA ASP V 205 7.37 12.29 30.21
C ASP V 205 6.95 11.15 29.31
N ASN V 206 6.69 9.96 29.85
CA ASN V 206 6.23 8.86 29.03
C ASN V 206 4.78 9.03 28.61
N ILE V 207 3.98 9.69 29.44
CA ILE V 207 2.56 9.91 29.17
C ILE V 207 2.27 11.40 29.33
N GLU V 208 1.10 11.79 28.84
CA GLU V 208 0.69 13.19 28.93
C GLU V 208 -0.83 13.24 28.86
N VAL V 209 -1.45 13.86 29.87
CA VAL V 209 -2.87 13.71 30.15
C VAL V 209 -3.53 15.10 30.18
N GLY V 210 -4.64 15.24 29.46
CA GLY V 210 -5.47 16.43 29.56
C GLY V 210 -6.89 16.05 29.92
N ILE V 211 -7.57 16.96 30.62
CA ILE V 211 -8.91 16.70 31.13
C ILE V 211 -9.85 17.84 30.76
N CYS V 212 -11.15 17.55 30.81
CA CYS V 212 -12.19 18.56 30.78
C CYS V 212 -12.91 18.60 32.11
N ASN V 213 -13.33 19.80 32.49
CA ASN V 213 -14.28 20.00 33.56
C ASN V 213 -15.40 20.86 33.03
N GLU V 214 -16.42 21.05 33.86
CA GLU V 214 -17.37 22.10 33.56
C GLU V 214 -16.77 23.47 33.85
N ALA V 215 -15.72 23.50 34.68
CA ALA V 215 -14.92 24.71 34.84
C ALA V 215 -14.08 25.03 33.60
N GLY V 216 -13.90 24.06 32.70
CA GLY V 216 -13.20 24.33 31.46
C GLY V 216 -12.22 23.25 31.09
N PHE V 217 -11.68 23.32 29.88
CA PHE V 217 -10.62 22.40 29.48
C PHE V 217 -9.32 22.77 30.17
N ARG V 218 -8.58 21.75 30.59
CA ARG V 218 -7.37 21.97 31.36
C ARG V 218 -6.35 20.90 30.97
N ARG V 219 -5.10 21.31 30.84
CA ARG V 219 -4.02 20.37 30.56
C ARG V 219 -3.17 20.19 31.81
N LEU V 220 -2.86 18.94 32.13
CA LEU V 220 -2.12 18.66 33.35
C LEU V 220 -0.63 18.85 33.12
N THR V 221 0.02 19.43 34.12
CA THR V 221 1.46 19.62 34.13
C THR V 221 2.15 18.33 34.55
N PRO V 222 3.43 18.14 34.23
CA PRO V 222 4.12 16.90 34.63
C PRO V 222 4.31 16.74 36.13
N THR V 223 4.10 17.79 36.93
CA THR V 223 4.19 17.65 38.38
C THR V 223 3.08 16.75 38.91
N GLU V 224 1.83 17.08 38.62
CA GLU V 224 0.71 16.31 39.14
C GLU V 224 0.60 14.95 38.48
N VAL V 225 1.09 14.80 37.25
CA VAL V 225 1.13 13.50 36.61
C VAL V 225 2.13 12.59 37.32
N LYS V 226 3.26 13.16 37.73
CA LYS V 226 4.18 12.45 38.62
C LYS V 226 3.55 12.22 39.98
N ASP V 227 2.69 13.14 40.42
CA ASP V 227 2.01 12.96 41.70
C ASP V 227 0.88 11.95 41.60
N TYR V 228 0.22 11.87 40.45
CA TYR V 228 -0.81 10.85 40.29
C TYR V 228 -0.22 9.50 39.96
N LEU V 229 1.07 9.46 39.61
CA LEU V 229 1.74 8.20 39.29
C LEU V 229 1.90 7.28 40.49
N ALA V 230 1.76 7.81 41.71
CA ALA V 230 1.60 6.96 42.88
C ALA V 230 0.32 6.15 42.76
N ALA V 231 0.39 4.89 43.21
CA ALA V 231 -0.60 3.85 42.94
C ALA V 231 -0.85 3.75 41.42
N ILE V 232 0.23 3.34 40.74
CA ILE V 232 0.26 3.35 39.28
C ILE V 232 -0.71 2.32 38.71
N ALA V 233 -1.04 2.51 37.43
CA ALA V 233 -2.09 1.80 36.69
C ALA V 233 -3.43 1.85 37.43
N SER W 1 1.33 12.59 -14.99
CA SER W 1 0.56 13.63 -15.66
C SER W 1 -0.63 13.06 -16.41
N ARG W 2 -0.36 12.05 -17.25
CA ARG W 2 -1.40 11.40 -18.02
C ARG W 2 -1.61 9.93 -17.66
N ARG W 3 -0.60 9.27 -17.11
CA ARG W 3 -0.74 7.86 -16.78
C ARG W 3 -1.35 7.64 -15.41
N TYR W 4 -1.57 8.70 -14.64
CA TYR W 4 -2.15 8.59 -13.31
C TYR W 4 -3.66 8.77 -13.31
N ASP W 5 -4.25 9.11 -14.45
CA ASP W 5 -5.69 9.29 -14.53
C ASP W 5 -6.39 7.93 -14.48
N SER W 6 -7.57 7.91 -13.87
CA SER W 6 -8.29 6.67 -13.64
C SER W 6 -9.36 6.38 -14.68
N ARG W 7 -9.82 7.39 -15.42
CA ARG W 7 -10.80 7.28 -16.50
C ARG W 7 -12.12 6.68 -16.02
N THR W 8 -12.78 7.41 -15.12
CA THR W 8 -14.09 7.04 -14.61
C THR W 8 -15.22 7.72 -15.38
N THR W 9 -14.99 7.98 -16.66
CA THR W 9 -15.93 8.70 -17.50
C THR W 9 -16.25 7.93 -18.78
N ILE W 10 -15.31 7.14 -19.29
CA ILE W 10 -15.50 6.36 -20.51
C ILE W 10 -16.50 5.23 -20.26
N PHE W 11 -17.31 4.93 -21.28
CA PHE W 11 -18.21 3.79 -21.24
C PHE W 11 -17.43 2.47 -21.24
N SER W 12 -18.17 1.37 -21.06
CA SER W 12 -17.57 0.06 -21.14
C SER W 12 -17.51 -0.40 -22.60
N PRO W 13 -16.58 -1.29 -22.93
CA PRO W 13 -16.58 -1.88 -24.28
C PRO W 13 -17.80 -2.71 -24.60
N GLU W 14 -18.54 -3.18 -23.58
CA GLU W 14 -19.85 -3.76 -23.80
C GLU W 14 -20.83 -2.74 -24.35
N GLY W 15 -20.63 -1.47 -24.01
CA GLY W 15 -21.53 -0.43 -24.46
C GLY W 15 -22.38 0.10 -23.34
N ARG W 16 -21.87 -0.01 -22.12
CA ARG W 16 -22.60 0.40 -20.92
C ARG W 16 -21.64 1.17 -20.02
N LEU W 17 -22.07 1.44 -18.81
CA LEU W 17 -21.17 2.09 -17.86
C LEU W 17 -20.32 1.06 -17.14
N TYR W 18 -19.28 1.55 -16.47
CA TYR W 18 -18.25 0.69 -15.90
C TYR W 18 -17.95 1.00 -14.45
N GLN W 19 -18.08 2.25 -14.04
CA GLN W 19 -17.77 2.69 -12.68
C GLN W 19 -19.00 2.76 -11.79
N VAL W 20 -20.15 3.12 -12.35
CA VAL W 20 -21.38 3.25 -11.58
C VAL W 20 -21.83 1.88 -11.08
N GLU W 21 -21.62 0.83 -11.89
CA GLU W 21 -22.00 -0.52 -11.48
C GLU W 21 -21.15 -1.00 -10.31
N TYR W 22 -19.90 -0.53 -10.22
CA TYR W 22 -19.10 -0.83 -9.06
C TYR W 22 -19.62 -0.10 -7.84
N ALA W 23 -20.17 1.10 -8.04
CA ALA W 23 -20.65 1.90 -6.91
C ALA W 23 -21.95 1.35 -6.38
N MET W 24 -22.84 0.90 -7.25
CA MET W 24 -24.18 0.46 -6.84
C MET W 24 -24.14 -0.84 -6.05
N GLU W 25 -23.07 -1.61 -6.14
CA GLU W 25 -22.95 -2.82 -5.36
C GLU W 25 -22.46 -2.58 -3.95
N ALA W 26 -21.99 -1.38 -3.64
CA ALA W 26 -21.65 -1.04 -2.27
C ALA W 26 -22.87 -0.73 -1.43
N ILE W 27 -23.98 -0.35 -2.07
CA ILE W 27 -25.19 -0.01 -1.34
C ILE W 27 -25.83 -1.25 -0.73
N GLY W 28 -25.74 -2.38 -1.44
CA GLY W 28 -26.36 -3.62 -0.96
C GLY W 28 -25.77 -4.12 0.34
N HIS W 29 -24.47 -3.93 0.53
CA HIS W 29 -23.85 -4.20 1.82
C HIS W 29 -23.94 -2.96 2.69
N ALA W 30 -23.80 -3.18 4.01
CA ALA W 30 -23.71 -2.13 5.03
C ALA W 30 -24.95 -1.23 5.05
N GLY W 31 -26.08 -1.86 5.38
CA GLY W 31 -27.32 -1.13 5.56
C GLY W 31 -28.54 -1.85 5.01
N THR W 32 -29.68 -1.70 5.68
CA THR W 32 -30.94 -2.29 5.23
C THR W 32 -32.08 -1.41 5.72
N CYS W 33 -32.83 -0.83 4.78
CA CYS W 33 -33.89 0.10 5.12
C CYS W 33 -35.07 -0.08 4.18
N LEU W 34 -36.24 0.37 4.63
CA LEU W 34 -37.46 0.29 3.84
C LEU W 34 -38.46 1.32 4.38
N GLY W 35 -39.53 1.50 3.61
CA GLY W 35 -40.61 2.38 4.00
C GLY W 35 -41.87 1.97 3.30
N ILE W 36 -43.00 2.17 3.98
CA ILE W 36 -44.29 1.68 3.48
C ILE W 36 -45.37 2.70 3.80
N LEU W 37 -46.11 3.13 2.79
CA LEU W 37 -47.36 3.85 2.97
C LEU W 37 -48.45 3.20 2.13
N ALA W 38 -49.67 3.22 2.66
CA ALA W 38 -50.84 3.00 1.81
C ALA W 38 -52.00 3.93 2.16
N ASN W 39 -51.93 4.65 3.27
CA ASN W 39 -52.97 5.59 3.69
C ASN W 39 -52.29 6.73 4.45
N ASP W 40 -53.07 7.44 5.26
CA ASP W 40 -52.60 8.64 5.96
C ASP W 40 -51.50 8.31 6.96
N GLY W 41 -50.28 8.65 6.60
CA GLY W 41 -49.12 8.30 7.39
C GLY W 41 -48.12 7.49 6.59
N VAL W 42 -46.86 7.47 7.03
CA VAL W 42 -45.81 6.76 6.33
C VAL W 42 -44.73 6.44 7.34
N LEU W 43 -44.12 5.26 7.20
CA LEU W 43 -43.12 4.78 8.14
C LEU W 43 -41.76 4.66 7.47
N LEU W 44 -40.73 4.50 8.30
CA LEU W 44 -39.37 4.23 7.85
C LEU W 44 -38.75 3.24 8.82
N ALA W 45 -38.11 2.21 8.27
CA ALA W 45 -37.45 1.19 9.07
C ALA W 45 -35.95 1.34 8.94
N ALA W 46 -35.26 1.36 10.07
CA ALA W 46 -33.81 1.47 10.12
C ALA W 46 -33.22 0.24 10.78
N GLU W 47 -31.89 0.15 10.76
CA GLU W 47 -31.17 -0.99 11.28
C GLU W 47 -29.80 -0.53 11.76
N ARG W 48 -29.46 -0.87 13.01
CA ARG W 48 -28.16 -0.52 13.56
C ARG W 48 -27.11 -1.49 13.03
N ARG W 49 -26.22 -1.00 12.17
CA ARG W 49 -25.14 -1.86 11.69
C ARG W 49 -24.08 -2.08 12.78
N ASN W 50 -23.70 -1.02 13.48
CA ASN W 50 -22.79 -1.11 14.61
C ASN W 50 -23.59 -0.93 15.90
N ILE W 51 -23.67 -2.00 16.70
CA ILE W 51 -24.51 -2.00 17.89
C ILE W 51 -23.66 -2.28 19.12
N HIS W 52 -22.41 -1.82 19.12
CA HIS W 52 -21.50 -2.07 20.22
C HIS W 52 -21.93 -1.32 21.48
N LYS W 53 -21.66 -1.94 22.64
CA LYS W 53 -22.20 -1.50 23.92
C LYS W 53 -21.36 -0.42 24.60
N LEU W 54 -20.47 0.24 23.88
CA LEU W 54 -19.73 1.38 24.44
C LEU W 54 -20.01 2.67 23.69
N LEU W 55 -20.97 2.68 22.78
CA LEU W 55 -21.36 3.91 22.13
C LEU W 55 -22.19 4.77 23.06
N ASP W 56 -22.23 6.07 22.77
CA ASP W 56 -23.00 7.00 23.60
C ASP W 56 -24.49 6.94 23.29
N GLU W 57 -24.82 6.92 22.00
CA GLU W 57 -26.20 7.12 21.49
C GLU W 57 -26.84 8.38 22.07
N VAL W 58 -26.05 9.46 22.12
CA VAL W 58 -26.53 10.74 22.66
C VAL W 58 -26.92 11.71 21.57
N PHE W 59 -26.91 11.28 20.30
CA PHE W 59 -27.42 12.13 19.24
C PHE W 59 -28.93 12.27 19.32
N PHE W 60 -29.61 11.21 19.82
CA PHE W 60 -31.06 11.12 19.96
C PHE W 60 -31.78 11.32 18.63
N SER W 61 -31.09 10.93 17.57
CA SER W 61 -31.48 11.02 16.18
C SER W 61 -30.41 10.26 15.41
N GLU W 62 -30.76 9.83 14.21
CA GLU W 62 -29.98 8.80 13.57
C GLU W 62 -30.09 9.03 12.07
N LYS W 63 -29.88 7.97 11.28
CA LYS W 63 -30.07 7.86 9.84
C LYS W 63 -31.32 8.57 9.30
N ILE W 64 -32.39 8.62 10.09
CA ILE W 64 -33.51 9.51 9.81
C ILE W 64 -33.00 10.95 9.94
N TYR W 65 -32.82 11.64 8.83
CA TYR W 65 -32.39 13.04 8.85
C TYR W 65 -33.56 13.94 8.50
N LYS W 66 -34.07 14.67 9.49
CA LYS W 66 -35.18 15.59 9.27
C LYS W 66 -34.66 16.81 8.54
N LEU W 67 -34.87 16.84 7.23
CA LEU W 67 -34.30 17.87 6.36
C LEU W 67 -35.25 19.03 6.12
N ASN W 68 -36.47 18.96 6.62
CA ASN W 68 -37.50 19.96 6.38
C ASN W 68 -38.56 19.77 7.44
N GLU W 69 -39.51 20.71 7.49
CA GLU W 69 -40.66 20.54 8.37
C GLU W 69 -41.69 19.56 7.82
N ASP W 70 -41.53 19.10 6.59
CA ASP W 70 -42.44 18.15 5.99
C ASP W 70 -41.75 16.91 5.43
N MET W 71 -40.43 16.84 5.43
CA MET W 71 -39.73 15.74 4.79
C MET W 71 -38.53 15.29 5.62
N ALA W 72 -38.15 14.03 5.40
CA ALA W 72 -36.93 13.46 5.96
C ALA W 72 -36.48 12.34 5.02
N CYS W 73 -35.32 11.77 5.33
CA CYS W 73 -34.70 10.79 4.45
C CYS W 73 -34.02 9.70 5.26
N SER W 74 -33.77 8.57 4.59
CA SER W 74 -33.09 7.43 5.20
C SER W 74 -32.01 7.01 4.22
N VAL W 75 -30.75 7.07 4.65
CA VAL W 75 -29.62 6.96 3.74
C VAL W 75 -28.86 5.67 4.03
N ALA W 76 -28.24 5.12 3.00
CA ALA W 76 -27.41 3.92 3.14
C ALA W 76 -26.31 3.93 2.10
N GLY W 77 -25.08 3.75 2.54
CA GLY W 77 -23.93 3.77 1.66
C GLY W 77 -22.69 4.19 2.41
N ILE W 78 -21.84 5.00 1.79
CA ILE W 78 -20.73 5.62 2.51
C ILE W 78 -21.30 6.68 3.44
N THR W 79 -20.86 6.64 4.70
CA THR W 79 -21.54 7.38 5.76
C THR W 79 -21.39 8.88 5.61
N SER W 80 -20.15 9.37 5.55
CA SER W 80 -19.98 10.81 5.43
C SER W 80 -20.06 11.32 4.00
N ASP W 81 -20.28 10.43 3.03
CA ASP W 81 -20.68 10.90 1.71
C ASP W 81 -22.11 11.44 1.74
N ALA W 82 -22.91 10.96 2.70
CA ALA W 82 -24.26 11.47 2.89
C ALA W 82 -24.26 12.87 3.49
N ASN W 83 -23.30 13.16 4.38
CA ASN W 83 -23.31 14.44 5.09
C ASN W 83 -23.03 15.60 4.16
N VAL W 84 -22.37 15.36 3.04
CA VAL W 84 -22.31 16.36 1.98
C VAL W 84 -23.69 16.53 1.37
N LEU W 85 -24.40 15.42 1.12
CA LEU W 85 -25.67 15.50 0.42
C LEU W 85 -26.79 15.99 1.32
N THR W 86 -26.75 15.63 2.60
CA THR W 86 -27.82 16.07 3.50
C THR W 86 -27.74 17.56 3.78
N ASN W 87 -26.53 18.11 3.89
CA ASN W 87 -26.40 19.55 4.09
C ASN W 87 -26.74 20.31 2.82
N GLU W 88 -26.48 19.70 1.66
CA GLU W 88 -26.78 20.37 0.39
C GLU W 88 -28.28 20.36 0.11
N LEU W 89 -28.91 19.22 0.27
CA LEU W 89 -30.34 19.09 -0.01
C LEU W 89 -31.17 19.86 1.00
N ARG W 90 -30.66 20.06 2.21
CA ARG W 90 -31.34 20.89 3.18
C ARG W 90 -31.37 22.34 2.75
N LEU W 91 -30.37 22.80 2.02
CA LEU W 91 -30.31 24.19 1.65
C LEU W 91 -31.05 24.46 0.35
N ILE W 92 -31.17 23.46 -0.52
CA ILE W 92 -31.99 23.59 -1.73
C ILE W 92 -33.45 23.77 -1.36
N ALA W 93 -33.91 23.00 -0.36
CA ALA W 93 -35.28 23.14 0.12
C ALA W 93 -35.49 24.49 0.81
N GLN W 94 -34.43 25.09 1.33
CA GLN W 94 -34.57 26.35 2.05
C GLN W 94 -34.44 27.56 1.15
N ARG W 95 -33.61 27.49 0.10
CA ARG W 95 -33.55 28.58 -0.86
C ARG W 95 -34.79 28.62 -1.76
N TYR W 96 -35.51 27.52 -1.86
CA TYR W 96 -36.82 27.54 -2.49
C TYR W 96 -37.80 28.36 -1.68
N LEU W 97 -37.76 28.21 -0.36
CA LEU W 97 -38.66 28.93 0.53
C LEU W 97 -38.36 30.42 0.54
N LEU W 98 -37.09 30.79 0.37
CA LEU W 98 -36.74 32.21 0.27
C LEU W 98 -37.31 32.81 -1.01
N GLN W 99 -37.40 32.02 -2.06
CA GLN W 99 -37.79 32.55 -3.36
C GLN W 99 -39.30 32.71 -3.48
N TYR W 100 -40.08 31.78 -2.92
CA TYR W 100 -41.52 31.77 -3.12
C TYR W 100 -42.33 32.01 -1.87
N GLN W 101 -41.75 31.81 -0.68
CA GLN W 101 -42.46 31.77 0.60
C GLN W 101 -43.60 30.75 0.55
N GLU W 102 -43.23 29.51 0.21
CA GLU W 102 -44.16 28.41 0.12
C GLU W 102 -43.33 27.14 0.24
N PRO W 103 -43.79 26.12 0.96
CA PRO W 103 -42.96 24.93 1.17
C PRO W 103 -42.73 24.13 -0.10
N ILE W 104 -41.59 23.47 -0.14
CA ILE W 104 -41.13 22.81 -1.36
C ILE W 104 -41.91 21.51 -1.57
N PRO W 105 -42.48 21.31 -2.76
CA PRO W 105 -43.09 20.02 -3.08
C PRO W 105 -42.05 18.92 -3.16
N CYS W 106 -42.48 17.71 -2.81
CA CYS W 106 -41.55 16.61 -2.59
C CYS W 106 -40.97 16.09 -3.90
N GLU W 107 -41.63 16.33 -5.02
CA GLU W 107 -41.17 15.81 -6.31
C GLU W 107 -39.91 16.53 -6.77
N GLN W 108 -39.99 17.85 -6.92
CA GLN W 108 -38.92 18.60 -7.53
C GLN W 108 -37.72 18.80 -6.61
N LEU W 109 -37.84 18.48 -5.32
CA LEU W 109 -36.66 18.45 -4.47
C LEU W 109 -35.78 17.26 -4.84
N VAL W 110 -36.39 16.12 -5.16
CA VAL W 110 -35.64 14.93 -5.54
C VAL W 110 -34.94 15.16 -6.88
N THR W 111 -35.59 15.88 -7.79
CA THR W 111 -34.98 16.20 -9.08
C THR W 111 -33.79 17.12 -8.92
N ALA W 112 -33.78 17.95 -7.87
CA ALA W 112 -32.65 18.83 -7.64
C ALA W 112 -31.42 18.05 -7.20
N LEU W 113 -31.61 17.00 -6.40
CA LEU W 113 -30.46 16.22 -5.97
C LEU W 113 -29.95 15.32 -7.10
N CYS W 114 -30.87 14.73 -7.85
CA CYS W 114 -30.48 13.80 -8.91
C CYS W 114 -29.79 14.48 -10.07
N ASP W 115 -29.94 15.80 -10.20
CA ASP W 115 -29.12 16.52 -11.17
C ASP W 115 -27.71 16.75 -10.65
N ILE W 116 -27.54 16.81 -9.33
CA ILE W 116 -26.21 16.96 -8.76
C ILE W 116 -25.46 15.64 -8.84
N LYS W 117 -26.14 14.53 -8.52
CA LYS W 117 -25.48 13.22 -8.55
C LYS W 117 -25.12 12.79 -9.95
N GLN W 118 -25.89 13.23 -10.95
CA GLN W 118 -25.54 12.91 -12.32
C GLN W 118 -24.33 13.70 -12.80
N ALA W 119 -24.17 14.93 -12.29
CA ALA W 119 -23.16 15.84 -12.80
C ALA W 119 -21.75 15.35 -12.54
N TYR W 120 -21.55 14.51 -11.52
CA TYR W 120 -20.26 13.88 -11.34
C TYR W 120 -20.06 12.69 -12.27
N THR W 121 -21.14 12.09 -12.75
CA THR W 121 -21.00 10.99 -13.69
C THR W 121 -20.83 11.49 -15.11
N GLN W 122 -21.32 12.69 -15.41
CA GLN W 122 -21.24 13.21 -16.77
C GLN W 122 -19.82 13.60 -17.13
N PHE W 123 -19.21 14.47 -16.35
CA PHE W 123 -17.94 15.04 -16.74
C PHE W 123 -17.01 15.19 -15.55
N GLY W 124 -15.72 14.98 -15.79
CA GLY W 124 -14.70 15.31 -14.82
C GLY W 124 -13.81 14.17 -14.40
N GLY W 125 -14.37 12.98 -14.25
CA GLY W 125 -13.62 11.94 -13.59
C GLY W 125 -13.60 12.04 -12.09
N LYS W 126 -14.44 12.91 -11.52
CA LYS W 126 -14.67 12.92 -10.10
C LYS W 126 -15.32 11.62 -9.67
N ARG W 127 -14.95 11.13 -8.50
CA ARG W 127 -15.54 9.92 -7.96
C ARG W 127 -17.03 10.12 -7.68
N PRO W 128 -17.90 9.27 -8.19
CA PRO W 128 -19.34 9.47 -7.98
C PRO W 128 -19.75 9.10 -6.57
N PHE W 129 -20.99 9.44 -6.24
CA PHE W 129 -21.54 9.13 -4.92
C PHE W 129 -21.85 7.65 -4.81
N GLY W 130 -21.42 7.03 -3.72
CA GLY W 130 -21.85 5.69 -3.41
C GLY W 130 -23.03 5.69 -2.45
N VAL W 131 -24.07 6.43 -2.79
CA VAL W 131 -25.16 6.73 -1.86
C VAL W 131 -26.50 6.49 -2.54
N SER W 132 -27.32 5.63 -1.95
CA SER W 132 -28.74 5.54 -2.27
C SER W 132 -29.52 5.88 -1.02
N LEU W 133 -30.68 6.52 -1.20
CA LEU W 133 -31.45 6.96 -0.05
C LEU W 133 -32.92 7.05 -0.42
N LEU W 134 -33.76 7.19 0.60
CA LEU W 134 -35.20 7.20 0.46
C LEU W 134 -35.78 8.58 0.76
N TYR W 135 -37.08 8.71 0.59
CA TYR W 135 -37.76 9.99 0.78
C TYR W 135 -39.15 9.76 1.35
N ILE W 136 -39.53 10.60 2.30
CA ILE W 136 -40.89 10.64 2.83
C ILE W 136 -41.33 12.09 2.88
N GLY W 137 -42.62 12.31 2.68
CA GLY W 137 -43.10 13.69 2.69
C GLY W 137 -44.55 13.90 2.37
N TRP W 138 -45.08 15.04 2.81
CA TRP W 138 -46.44 15.46 2.53
C TRP W 138 -46.42 16.72 1.68
N ASP W 139 -47.37 16.85 0.76
CA ASP W 139 -47.47 18.03 -0.07
C ASP W 139 -48.94 18.41 -0.22
N LYS W 140 -49.17 19.50 -0.95
CA LYS W 140 -50.52 19.97 -1.21
C LYS W 140 -51.17 19.31 -2.41
N HIS W 141 -50.43 18.49 -3.15
CA HIS W 141 -50.92 17.98 -4.43
C HIS W 141 -51.18 16.48 -4.42
N TYR W 142 -50.43 15.70 -3.66
CA TYR W 142 -50.65 14.26 -3.64
C TYR W 142 -50.59 13.66 -2.26
N GLY W 143 -50.28 14.44 -1.22
CA GLY W 143 -50.21 13.89 0.11
C GLY W 143 -48.93 13.13 0.37
N PHE W 144 -49.06 11.89 0.78
CA PHE W 144 -47.92 11.10 1.27
C PHE W 144 -47.23 10.41 0.11
N GLN W 145 -45.90 10.50 0.08
CA GLN W 145 -45.12 10.07 -1.08
C GLN W 145 -43.86 9.35 -0.62
N LEU W 146 -43.41 8.40 -1.45
CA LEU W 146 -42.14 7.70 -1.28
C LEU W 146 -41.32 7.83 -2.55
N TYR W 147 -40.00 7.96 -2.40
CA TYR W 147 -39.12 8.01 -3.55
C TYR W 147 -37.81 7.30 -3.26
N GLN W 148 -37.38 6.48 -4.21
CA GLN W 148 -36.09 5.82 -4.19
C GLN W 148 -35.09 6.68 -4.95
N SER W 149 -33.84 6.70 -4.49
CA SER W 149 -32.79 7.41 -5.18
C SER W 149 -31.68 6.44 -5.56
N ASP W 150 -30.90 6.81 -6.56
CA ASP W 150 -29.82 5.99 -7.11
C ASP W 150 -28.56 6.83 -7.22
N PRO W 151 -27.39 6.18 -7.25
CA PRO W 151 -26.16 6.93 -7.55
C PRO W 151 -26.10 7.45 -8.97
N SER W 152 -26.86 6.87 -9.90
CA SER W 152 -26.87 7.29 -11.28
C SER W 152 -27.66 8.57 -11.53
N GLY W 153 -28.35 9.08 -10.51
CA GLY W 153 -29.26 10.19 -10.71
C GLY W 153 -30.64 9.79 -11.15
N ASN W 154 -31.00 8.51 -11.01
CA ASN W 154 -32.31 8.01 -11.37
C ASN W 154 -33.15 7.90 -10.10
N TYR W 155 -34.46 8.13 -10.26
CA TYR W 155 -35.38 8.05 -9.13
C TYR W 155 -36.69 7.45 -9.62
N GLY W 156 -37.67 7.42 -8.73
CA GLY W 156 -38.97 6.90 -9.08
C GLY W 156 -39.89 6.92 -7.89
N GLY W 157 -41.18 6.84 -8.18
CA GLY W 157 -42.19 6.79 -7.14
C GLY W 157 -42.49 5.35 -6.73
N TRP W 158 -42.67 5.15 -5.42
CA TRP W 158 -42.82 3.82 -4.86
C TRP W 158 -43.90 3.85 -3.78
N LYS W 159 -44.39 2.67 -3.41
CA LYS W 159 -45.24 2.53 -2.24
C LYS W 159 -44.72 1.53 -1.23
N ALA W 160 -43.81 0.64 -1.62
CA ALA W 160 -43.04 -0.19 -0.71
C ALA W 160 -41.68 -0.40 -1.35
N THR W 161 -40.62 -0.31 -0.55
CA THR W 161 -39.29 -0.17 -1.12
C THR W 161 -38.30 -1.05 -0.36
N CYS W 162 -37.02 -0.83 -0.65
CA CYS W 162 -35.91 -1.71 -0.33
C CYS W 162 -34.60 -0.97 -0.58
N ILE W 163 -33.61 -1.24 0.25
CA ILE W 163 -32.25 -0.77 -0.04
C ILE W 163 -31.26 -1.93 0.03
N GLY W 164 -31.23 -2.63 1.16
CA GLY W 164 -30.18 -3.58 1.42
C GLY W 164 -30.29 -4.85 0.59
N ASN W 165 -29.14 -5.53 0.46
CA ASN W 165 -29.09 -6.78 -0.27
C ASN W 165 -29.87 -7.87 0.47
N ASN W 166 -29.89 -7.80 1.80
CA ASN W 166 -30.74 -8.68 2.57
C ASN W 166 -32.21 -8.38 2.34
N SER W 167 -32.54 -7.15 1.98
CA SER W 167 -33.92 -6.75 1.71
C SER W 167 -34.35 -7.04 0.27
N ALA W 168 -33.50 -7.68 -0.53
CA ALA W 168 -33.94 -8.16 -1.83
C ALA W 168 -34.97 -9.28 -1.68
N ALA W 169 -34.81 -10.11 -0.65
CA ALA W 169 -35.83 -11.10 -0.33
C ALA W 169 -37.05 -10.47 0.32
N ALA W 170 -36.92 -9.27 0.88
CA ALA W 170 -38.08 -8.58 1.43
C ALA W 170 -39.03 -8.11 0.33
N VAL W 171 -38.51 -7.89 -0.87
CA VAL W 171 -39.35 -7.52 -2.01
C VAL W 171 -40.28 -8.68 -2.36
N SER W 172 -39.79 -9.90 -2.22
CA SER W 172 -40.64 -11.07 -2.40
C SER W 172 -41.72 -11.16 -1.32
N MET W 173 -41.40 -10.70 -0.11
CA MET W 173 -42.43 -10.64 0.93
C MET W 173 -43.38 -9.47 0.68
N LEU W 174 -42.84 -8.33 0.21
CA LEU W 174 -43.69 -7.17 -0.02
C LEU W 174 -44.60 -7.35 -1.22
N LYS W 175 -44.27 -8.23 -2.16
CA LYS W 175 -45.25 -8.56 -3.18
C LYS W 175 -46.34 -9.47 -2.63
N GLN W 176 -46.05 -10.23 -1.57
CA GLN W 176 -46.99 -11.23 -1.10
C GLN W 176 -48.00 -10.65 -0.11
N ASP W 177 -47.59 -9.70 0.73
CA ASP W 177 -48.39 -9.28 1.86
C ASP W 177 -48.81 -7.81 1.78
N TYR W 178 -48.83 -7.23 0.59
CA TYR W 178 -49.23 -5.85 0.46
C TYR W 178 -50.68 -5.76 -0.01
N LYS W 179 -51.28 -4.62 0.27
CA LYS W 179 -52.70 -4.35 0.15
C LYS W 179 -52.91 -3.20 -0.83
N GLU W 180 -54.14 -2.70 -0.91
CA GLU W 180 -54.42 -1.53 -1.73
C GLU W 180 -55.26 -0.58 -0.89
N GLY W 181 -54.58 0.30 -0.15
CA GLY W 181 -55.26 1.28 0.67
C GLY W 181 -55.99 0.71 1.88
N GLU W 182 -55.27 -0.01 2.73
CA GLU W 182 -55.80 -0.43 4.03
C GLU W 182 -54.75 -0.23 5.11
N MET W 183 -54.07 0.91 5.10
CA MET W 183 -52.98 1.15 6.05
C MET W 183 -53.55 1.81 7.31
N THR W 184 -54.19 1.01 8.12
CA THR W 184 -54.26 1.32 9.54
C THR W 184 -52.85 1.26 10.08
N LEU W 185 -52.49 2.21 10.94
CA LEU W 185 -51.09 2.31 11.36
C LEU W 185 -50.81 1.41 12.56
N LYS W 186 -51.26 0.16 12.46
CA LYS W 186 -50.77 -0.94 13.27
C LYS W 186 -50.50 -2.09 12.31
N SER W 187 -51.31 -2.16 11.24
CA SER W 187 -51.11 -3.16 10.21
C SER W 187 -49.86 -2.87 9.41
N ALA W 188 -49.58 -1.58 9.17
CA ALA W 188 -48.35 -1.21 8.51
C ALA W 188 -47.15 -1.40 9.44
N LEU W 189 -47.34 -1.24 10.74
CA LEU W 189 -46.23 -1.40 11.68
C LEU W 189 -45.96 -2.87 11.97
N ALA W 190 -47.01 -3.69 12.10
CA ALA W 190 -46.81 -5.11 12.34
C ALA W 190 -46.26 -5.81 11.10
N LEU W 191 -46.53 -5.24 9.91
CA LEU W 191 -45.89 -5.77 8.71
C LEU W 191 -44.40 -5.47 8.71
N ALA W 192 -44.02 -4.26 9.14
CA ALA W 192 -42.61 -3.89 9.15
C ALA W 192 -41.83 -4.66 10.20
N ILE W 193 -42.48 -5.00 11.31
CA ILE W 193 -41.84 -5.89 12.28
C ILE W 193 -41.76 -7.31 11.72
N LYS W 194 -42.71 -7.68 10.87
CA LYS W 194 -42.69 -9.01 10.27
C LYS W 194 -41.62 -9.13 9.20
N VAL W 195 -41.36 -8.05 8.46
CA VAL W 195 -40.34 -8.08 7.42
C VAL W 195 -38.95 -8.19 8.04
N LEU W 196 -38.63 -7.31 8.98
CA LEU W 196 -37.31 -7.31 9.61
C LEU W 196 -37.09 -8.49 10.54
N ASN W 197 -38.14 -9.24 10.86
CA ASN W 197 -37.95 -10.49 11.59
C ASN W 197 -37.27 -11.53 10.71
N LYS W 198 -37.78 -11.70 9.49
CA LYS W 198 -37.24 -12.76 8.62
C LYS W 198 -35.98 -12.30 7.92
N THR W 199 -35.92 -11.05 7.50
CA THR W 199 -34.79 -10.59 6.69
C THR W 199 -33.52 -10.44 7.52
N MET W 200 -33.59 -9.65 8.59
CA MET W 200 -32.43 -9.45 9.45
C MET W 200 -32.11 -10.75 10.19
N ASP W 201 -30.92 -11.29 9.95
CA ASP W 201 -30.54 -12.59 10.47
C ASP W 201 -30.22 -12.57 11.96
N VAL W 202 -30.18 -11.39 12.58
CA VAL W 202 -30.11 -11.29 14.03
C VAL W 202 -31.38 -11.87 14.62
N SER W 203 -31.23 -12.87 15.48
CA SER W 203 -32.39 -13.59 15.99
C SER W 203 -33.16 -12.75 17.01
N LYS W 204 -34.47 -13.00 17.07
CA LYS W 204 -35.46 -12.49 18.02
C LYS W 204 -35.75 -11.00 17.92
N LEU W 205 -35.03 -10.26 17.06
CA LEU W 205 -35.26 -8.84 16.75
C LEU W 205 -35.18 -7.98 18.02
N SER W 206 -33.95 -7.85 18.51
CA SER W 206 -33.70 -6.97 19.65
C SER W 206 -34.09 -5.53 19.31
N ALA W 207 -34.65 -4.84 20.30
CA ALA W 207 -35.21 -3.52 20.07
C ALA W 207 -34.15 -2.47 19.85
N GLU W 208 -32.92 -2.72 20.30
CA GLU W 208 -31.85 -1.75 20.11
C GLU W 208 -31.25 -1.81 18.72
N LYS W 209 -31.44 -2.91 18.01
CA LYS W 209 -30.83 -3.06 16.69
C LYS W 209 -31.62 -2.37 15.59
N VAL W 210 -32.88 -2.06 15.83
CA VAL W 210 -33.73 -1.47 14.79
C VAL W 210 -34.17 -0.08 15.21
N GLU W 211 -34.89 0.61 14.34
CA GLU W 211 -35.41 1.95 14.60
C GLU W 211 -36.54 2.22 13.63
N ILE W 212 -37.60 2.87 14.13
CA ILE W 212 -38.79 3.18 13.35
C ILE W 212 -39.10 4.66 13.54
N ALA W 213 -39.29 5.37 12.43
CA ALA W 213 -39.70 6.77 12.45
C ALA W 213 -40.88 6.96 11.52
N THR W 214 -41.91 7.64 11.99
CA THR W 214 -43.14 7.83 11.23
C THR W 214 -43.44 9.30 11.01
N LEU W 215 -44.26 9.57 10.00
CA LEU W 215 -44.73 10.92 9.70
C LEU W 215 -46.24 10.87 9.58
N THR W 216 -46.93 11.55 10.49
CA THR W 216 -48.39 11.63 10.46
C THR W 216 -48.80 13.07 10.18
N ARG W 217 -49.96 13.23 9.55
CA ARG W 217 -50.47 14.56 9.26
C ARG W 217 -51.36 15.03 10.40
N GLU W 218 -51.00 16.17 10.98
CA GLU W 218 -51.76 16.82 12.03
C GLU W 218 -52.75 17.77 11.34
N ASN W 219 -53.37 18.71 12.06
CA ASN W 219 -54.25 19.70 11.45
C ASN W 219 -53.50 20.54 10.43
N GLY W 220 -52.36 21.11 10.82
CA GLY W 220 -51.52 21.80 9.87
C GLY W 220 -50.04 21.66 10.19
N LYS W 221 -49.70 20.69 11.04
CA LYS W 221 -48.36 20.66 11.60
C LYS W 221 -47.43 19.67 10.91
N THR W 222 -47.96 18.56 10.41
CA THR W 222 -47.19 17.44 9.82
C THR W 222 -46.15 16.94 10.82
N VAL W 223 -46.68 16.32 11.88
CA VAL W 223 -45.85 15.84 12.99
C VAL W 223 -44.94 14.72 12.49
N ILE W 224 -43.64 14.94 12.62
CA ILE W 224 -42.64 13.92 12.33
C ILE W 224 -42.30 13.23 13.64
N ARG W 225 -42.49 11.92 13.68
CA ARG W 225 -42.45 11.16 14.92
C ARG W 225 -41.29 10.19 14.90
N VAL W 226 -40.39 10.32 15.86
CA VAL W 226 -39.35 9.34 16.10
C VAL W 226 -39.72 8.65 17.40
N LEU W 227 -40.33 7.48 17.29
CA LEU W 227 -40.90 6.80 18.45
C LEU W 227 -39.82 6.16 19.30
N LYS W 228 -40.03 6.17 20.62
CA LYS W 228 -38.99 5.81 21.57
C LYS W 228 -38.85 4.29 21.70
N GLN W 229 -37.95 3.87 22.58
CA GLN W 229 -37.55 2.46 22.65
C GLN W 229 -38.49 1.59 23.46
N LYS W 230 -39.41 2.19 24.23
CA LYS W 230 -40.31 1.38 25.03
C LYS W 230 -41.38 0.74 24.17
N GLU W 231 -42.03 1.52 23.30
CA GLU W 231 -43.09 1.03 22.45
C GLU W 231 -42.59 0.18 21.29
N VAL W 232 -41.29 0.17 21.02
CA VAL W 232 -40.73 -0.83 20.12
C VAL W 232 -40.88 -2.21 20.73
N GLU W 233 -40.63 -2.32 22.04
CA GLU W 233 -40.57 -3.61 22.71
C GLU W 233 -41.95 -4.27 22.79
N GLN W 234 -42.98 -3.48 23.07
CA GLN W 234 -44.33 -4.04 23.09
C GLN W 234 -44.82 -4.36 21.70
N LEU W 235 -44.26 -3.74 20.67
CA LEU W 235 -44.58 -4.12 19.30
C LEU W 235 -43.90 -5.42 18.92
N ILE W 236 -42.71 -5.66 19.47
CA ILE W 236 -42.04 -6.94 19.27
C ILE W 236 -42.78 -8.05 20.00
N LYS W 237 -43.20 -7.79 21.24
CA LYS W 237 -43.98 -8.78 21.99
C LYS W 237 -45.36 -8.98 21.40
N LYS W 238 -45.88 -7.97 20.70
CA LYS W 238 -47.11 -8.17 19.94
C LYS W 238 -46.88 -9.12 18.77
N HIS W 239 -45.76 -8.95 18.07
CA HIS W 239 -45.47 -9.81 16.93
C HIS W 239 -45.08 -11.22 17.36
N GLU W 240 -44.42 -11.35 18.51
CA GLU W 240 -44.14 -12.68 19.04
C GLU W 240 -45.40 -13.37 19.52
N GLU W 241 -46.39 -12.59 19.96
CA GLU W 241 -47.67 -13.17 20.34
C GLU W 241 -48.44 -13.66 19.13
N GLU W 242 -48.32 -12.96 18.00
CA GLU W 242 -49.04 -13.37 16.80
C GLU W 242 -48.40 -14.57 16.14
N GLU W 243 -47.09 -14.75 16.34
CA GLU W 243 -46.43 -15.95 15.81
C GLU W 243 -46.84 -17.18 16.61
N ALA W 244 -46.97 -17.04 17.92
CA ALA W 244 -47.42 -18.16 18.74
C ALA W 244 -48.91 -18.43 18.54
N LYS W 245 -49.67 -17.41 18.12
CA LYS W 245 -51.08 -17.61 17.85
C LYS W 245 -51.30 -18.31 16.52
N ALA W 246 -50.53 -17.93 15.49
CA ALA W 246 -50.73 -18.48 14.16
C ALA W 246 -50.21 -19.91 14.02
N GLU W 247 -49.31 -20.34 14.90
CA GLU W 247 -48.80 -21.70 14.84
C GLU W 247 -49.71 -22.71 15.52
N ARG W 248 -50.84 -22.28 16.08
CA ARG W 248 -51.78 -23.21 16.68
C ARG W 248 -52.50 -24.07 15.64
N GLU W 249 -52.60 -23.58 14.40
CA GLU W 249 -53.24 -24.37 13.34
C GLU W 249 -52.39 -25.56 12.92
N LYS W 250 -51.08 -25.50 13.12
CA LYS W 250 -50.20 -26.62 12.77
C LYS W 250 -50.22 -27.66 13.87
N SER X 1 -12.12 22.91 -14.25
CA SER X 1 -11.02 22.82 -15.21
C SER X 1 -10.53 21.38 -15.35
N TYR X 2 -10.74 20.79 -16.53
CA TYR X 2 -10.28 19.44 -16.83
C TYR X 2 -9.81 19.42 -18.28
N ASP X 3 -8.51 19.63 -18.48
CA ASP X 3 -7.94 19.71 -19.82
C ASP X 3 -7.46 18.32 -20.23
N ARG X 4 -8.42 17.50 -20.64
CA ARG X 4 -8.09 16.16 -21.14
C ARG X 4 -9.14 15.74 -22.14
N ALA X 5 -8.69 15.35 -23.33
CA ALA X 5 -9.60 14.89 -24.37
C ALA X 5 -10.03 13.45 -24.08
N ILE X 6 -11.30 13.16 -24.33
CA ILE X 6 -11.82 11.81 -24.15
C ILE X 6 -11.91 11.07 -25.47
N THR X 7 -12.45 11.72 -26.49
CA THR X 7 -12.75 11.09 -27.76
C THR X 7 -11.72 11.51 -28.80
N VAL X 8 -10.95 10.56 -29.30
CA VAL X 8 -9.94 10.79 -30.31
C VAL X 8 -10.17 9.80 -31.46
N PHE X 9 -9.28 9.87 -32.44
CA PHE X 9 -9.37 9.01 -33.62
C PHE X 9 -8.70 7.67 -33.38
N SER X 10 -9.18 6.68 -34.09
CA SER X 10 -8.68 5.32 -34.12
C SER X 10 -7.83 5.12 -35.36
N PRO X 11 -6.96 4.10 -35.39
CA PRO X 11 -6.15 3.87 -36.60
C PRO X 11 -6.94 3.47 -37.84
N ASP X 12 -8.13 2.88 -37.68
CA ASP X 12 -8.91 2.56 -38.86
C ASP X 12 -9.72 3.74 -39.38
N GLY X 13 -9.73 4.86 -38.67
CA GLY X 13 -10.43 6.04 -39.12
C GLY X 13 -11.75 6.33 -38.45
N HIS X 14 -12.01 5.74 -37.29
CA HIS X 14 -13.29 5.92 -36.62
C HIS X 14 -13.09 6.56 -35.26
N LEU X 15 -14.20 6.91 -34.64
CA LEU X 15 -14.20 7.34 -33.25
C LEU X 15 -14.48 6.14 -32.37
N PHE X 16 -13.89 6.12 -31.19
CA PHE X 16 -14.31 5.11 -30.23
C PHE X 16 -15.69 5.48 -29.71
N GLN X 17 -15.77 6.59 -28.97
CA GLN X 17 -16.82 6.80 -27.98
C GLN X 17 -18.22 6.96 -28.58
N VAL X 18 -18.32 7.38 -29.83
CA VAL X 18 -19.64 7.57 -30.42
C VAL X 18 -20.27 6.22 -30.76
N GLU X 19 -19.49 5.31 -31.32
CA GLU X 19 -19.95 3.98 -31.69
C GLU X 19 -19.81 2.98 -30.55
N TYR X 20 -19.81 3.50 -29.34
CA TYR X 20 -19.41 2.82 -28.12
C TYR X 20 -20.50 3.14 -27.11
N ALA X 21 -21.20 4.23 -27.39
CA ALA X 21 -22.36 4.67 -26.63
C ALA X 21 -23.67 4.32 -27.30
N GLN X 22 -23.65 3.99 -28.59
CA GLN X 22 -24.88 3.60 -29.28
C GLN X 22 -25.38 2.24 -28.83
N GLU X 23 -24.52 1.43 -28.21
CA GLU X 23 -24.98 0.17 -27.63
C GLU X 23 -25.84 0.42 -26.39
N ALA X 24 -25.59 1.53 -25.68
CA ALA X 24 -26.45 1.89 -24.57
C ALA X 24 -27.85 2.26 -25.03
N VAL X 25 -27.96 2.84 -26.23
CA VAL X 25 -29.27 3.05 -26.83
C VAL X 25 -29.90 1.72 -27.19
N LYS X 26 -29.09 0.76 -27.64
CA LYS X 26 -29.59 -0.55 -28.00
C LYS X 26 -30.02 -1.38 -26.79
N LYS X 27 -29.60 -1.01 -25.59
CA LYS X 27 -30.02 -1.70 -24.38
C LYS X 27 -31.18 -1.00 -23.68
N GLY X 28 -31.83 -0.05 -24.34
CA GLY X 28 -33.02 0.58 -23.81
C GLY X 28 -34.29 -0.06 -24.35
N SER X 29 -35.41 0.36 -23.76
CA SER X 29 -36.70 -0.13 -24.22
C SER X 29 -37.08 0.48 -25.55
N THR X 30 -37.99 -0.19 -26.25
CA THR X 30 -38.38 0.23 -27.59
C THR X 30 -39.50 1.25 -27.52
N ALA X 31 -39.51 2.14 -28.51
CA ALA X 31 -40.56 3.14 -28.66
C ALA X 31 -40.65 3.51 -30.13
N VAL X 32 -41.81 3.31 -30.73
CA VAL X 32 -41.99 3.55 -32.15
C VAL X 32 -42.90 4.74 -32.34
N GLY X 33 -42.94 5.25 -33.56
CA GLY X 33 -43.79 6.37 -33.89
C GLY X 33 -43.90 6.62 -35.38
N VAL X 34 -45.14 6.75 -35.86
CA VAL X 34 -45.41 7.02 -37.26
C VAL X 34 -46.14 8.35 -37.34
N ARG X 35 -46.33 8.84 -38.57
CA ARG X 35 -47.12 10.03 -38.79
C ARG X 35 -48.17 9.75 -39.85
N GLY X 36 -49.33 10.36 -39.67
CA GLY X 36 -50.36 10.38 -40.69
C GLY X 36 -50.35 11.69 -41.44
N ARG X 37 -51.53 12.09 -41.90
CA ARG X 37 -51.69 13.41 -42.47
C ARG X 37 -52.37 14.38 -41.51
N ASP X 38 -53.06 13.87 -40.50
CA ASP X 38 -53.74 14.72 -39.53
C ASP X 38 -53.36 14.41 -38.09
N ILE X 39 -53.19 13.14 -37.74
CA ILE X 39 -52.94 12.72 -36.38
C ILE X 39 -51.65 11.92 -36.35
N VAL X 40 -50.69 12.38 -35.56
CA VAL X 40 -49.47 11.63 -35.33
C VAL X 40 -49.70 10.67 -34.16
N VAL X 41 -48.85 9.66 -34.08
CA VAL X 41 -48.94 8.67 -33.02
C VAL X 41 -47.55 8.19 -32.67
N LEU X 42 -47.33 7.93 -31.39
CA LEU X 42 -46.09 7.33 -30.92
C LEU X 42 -46.39 6.51 -29.68
N GLY X 43 -45.77 5.34 -29.60
CA GLY X 43 -46.04 4.45 -28.49
C GLY X 43 -44.80 3.80 -27.93
N VAL X 44 -44.59 3.93 -26.63
CA VAL X 44 -43.50 3.22 -25.98
C VAL X 44 -43.94 1.80 -25.67
N GLU X 45 -42.97 0.92 -25.48
CA GLU X 45 -43.24 -0.44 -25.08
C GLU X 45 -42.39 -0.76 -23.86
N LYS X 46 -42.59 -1.98 -23.33
CA LYS X 46 -41.87 -2.52 -22.18
C LYS X 46 -42.01 -1.63 -20.95
N LYS X 47 -43.25 -1.54 -20.47
CA LYS X 47 -43.52 -0.78 -19.25
C LYS X 47 -42.86 -1.45 -18.05
N SER X 48 -43.14 -2.74 -17.85
CA SER X 48 -42.49 -3.61 -16.85
C SER X 48 -42.67 -3.06 -15.43
N VAL X 49 -43.92 -2.77 -15.09
CA VAL X 49 -44.24 -2.21 -13.78
C VAL X 49 -44.07 -3.29 -12.71
N ALA X 50 -43.84 -2.85 -11.48
CA ALA X 50 -43.67 -3.78 -10.37
C ALA X 50 -45.00 -4.21 -9.76
N LYS X 51 -46.12 -3.77 -10.31
CA LYS X 51 -47.49 -4.16 -9.98
C LYS X 51 -47.93 -3.78 -8.57
N LEU X 52 -47.10 -3.05 -7.82
CA LEU X 52 -47.51 -2.54 -6.52
C LEU X 52 -46.97 -1.14 -6.29
N GLN X 53 -46.45 -0.46 -7.31
CA GLN X 53 -45.66 0.75 -7.14
C GLN X 53 -46.25 1.85 -8.02
N ASP X 54 -45.64 3.04 -7.95
CA ASP X 54 -46.14 4.18 -8.67
C ASP X 54 -45.69 4.14 -10.13
N GLU X 55 -46.40 4.87 -10.97
CA GLU X 55 -46.15 4.87 -12.40
C GLU X 55 -46.13 6.24 -13.05
N ARG X 56 -46.58 7.28 -12.37
CA ARG X 56 -46.60 8.62 -12.96
C ARG X 56 -45.23 9.30 -12.94
N THR X 57 -44.23 8.66 -12.35
CA THR X 57 -42.89 9.21 -12.31
C THR X 57 -41.93 8.53 -13.29
N VAL X 58 -42.39 7.48 -13.97
CA VAL X 58 -41.54 6.69 -14.85
C VAL X 58 -41.98 7.00 -16.29
N ARG X 59 -42.53 8.20 -16.48
CA ARG X 59 -43.05 8.61 -17.77
C ARG X 59 -41.92 8.80 -18.78
N LYS X 60 -42.05 8.15 -19.93
CA LYS X 60 -41.06 8.21 -21.00
C LYS X 60 -41.51 9.04 -22.18
N ILE X 61 -42.67 9.68 -22.08
CA ILE X 61 -43.20 10.54 -23.13
C ILE X 61 -43.54 11.86 -22.47
N CYS X 62 -42.78 12.90 -22.78
CA CYS X 62 -43.10 14.23 -22.27
C CYS X 62 -43.17 15.22 -23.41
N ALA X 63 -43.31 16.51 -23.09
CA ALA X 63 -43.46 17.53 -24.12
C ALA X 63 -42.58 18.72 -23.80
N LEU X 64 -42.00 19.30 -24.85
CA LEU X 64 -41.23 20.53 -24.67
C LEU X 64 -42.14 21.75 -24.71
N ASP X 65 -43.15 21.71 -25.56
CA ASP X 65 -44.08 22.82 -25.69
C ASP X 65 -45.46 22.22 -25.94
N ASP X 66 -46.41 23.04 -26.36
CA ASP X 66 -47.75 22.57 -26.69
C ASP X 66 -47.84 22.06 -28.12
N ASN X 67 -46.70 21.82 -28.77
CA ASN X 67 -46.66 21.41 -30.16
C ASN X 67 -45.77 20.18 -30.30
N VAL X 68 -44.75 20.10 -29.44
CA VAL X 68 -43.64 19.17 -29.63
C VAL X 68 -43.70 18.11 -28.54
N CYS X 69 -43.56 16.84 -28.93
CA CYS X 69 -43.64 15.72 -28.01
C CYS X 69 -42.36 14.90 -28.05
N MET X 70 -42.01 14.29 -26.92
CA MET X 70 -40.76 13.58 -26.74
C MET X 70 -40.95 12.08 -26.59
N ALA X 71 -39.94 11.33 -27.02
CA ALA X 71 -39.81 9.91 -26.78
C ALA X 71 -38.35 9.55 -27.04
N PHE X 72 -37.76 8.75 -26.17
CA PHE X 72 -36.32 8.53 -26.21
C PHE X 72 -36.01 7.07 -25.88
N ALA X 73 -34.72 6.78 -25.85
CA ALA X 73 -34.20 5.49 -25.40
C ALA X 73 -32.93 5.75 -24.60
N GLY X 74 -32.20 4.69 -24.30
CA GLY X 74 -30.97 4.84 -23.56
C GLY X 74 -31.21 4.88 -22.06
N LEU X 75 -30.35 5.60 -21.36
CA LEU X 75 -30.44 5.66 -19.92
C LEU X 75 -31.27 6.86 -19.49
N THR X 76 -31.79 6.78 -18.26
CA THR X 76 -32.83 7.69 -17.80
C THR X 76 -32.30 9.08 -17.51
N ALA X 77 -31.15 9.16 -16.84
CA ALA X 77 -30.68 10.42 -16.28
C ALA X 77 -30.21 11.38 -17.36
N ASP X 78 -29.64 10.88 -18.46
CA ASP X 78 -29.14 11.75 -19.50
C ASP X 78 -30.26 12.41 -20.28
N ALA X 79 -31.44 11.78 -20.32
CA ALA X 79 -32.58 12.41 -20.98
C ALA X 79 -33.09 13.59 -20.19
N ARG X 80 -33.00 13.53 -18.86
CA ARG X 80 -33.56 14.57 -18.00
C ARG X 80 -32.81 15.89 -18.18
N ILE X 81 -31.50 15.82 -18.42
CA ILE X 81 -30.75 17.05 -18.65
C ILE X 81 -31.09 17.63 -20.01
N VAL X 82 -31.24 16.78 -21.02
CA VAL X 82 -31.53 17.24 -22.37
C VAL X 82 -32.93 17.82 -22.46
N ILE X 83 -33.89 17.19 -21.79
CA ILE X 83 -35.27 17.65 -21.85
C ILE X 83 -35.44 18.98 -21.12
N ASN X 84 -34.91 19.08 -19.90
CA ASN X 84 -35.04 20.32 -19.15
C ASN X 84 -34.17 21.43 -19.71
N ARG X 85 -33.18 21.11 -20.53
CA ARG X 85 -32.50 22.14 -21.29
C ARG X 85 -33.37 22.64 -22.44
N ALA X 86 -34.00 21.72 -23.16
CA ALA X 86 -34.75 22.08 -24.36
C ALA X 86 -36.06 22.77 -24.02
N ARG X 87 -36.59 22.56 -22.81
CA ARG X 87 -37.75 23.33 -22.38
C ARG X 87 -37.41 24.81 -22.22
N VAL X 88 -36.17 25.10 -21.82
CA VAL X 88 -35.74 26.48 -21.66
C VAL X 88 -35.57 27.14 -23.01
N GLU X 89 -34.99 26.42 -23.97
CA GLU X 89 -34.64 27.03 -25.26
C GLU X 89 -35.88 27.30 -26.10
N CYS X 90 -36.84 26.37 -26.10
CA CYS X 90 -38.08 26.59 -26.84
C CYS X 90 -38.92 27.69 -26.21
N GLN X 91 -38.76 27.92 -24.91
CA GLN X 91 -39.51 29.00 -24.30
C GLN X 91 -38.79 30.33 -24.46
N SER X 92 -37.46 30.31 -24.50
CA SER X 92 -36.69 31.52 -24.76
C SER X 92 -36.75 31.93 -26.22
N HIS X 93 -37.07 30.99 -27.12
CA HIS X 93 -37.32 31.35 -28.51
C HIS X 93 -38.55 32.24 -28.64
N ARG X 94 -39.56 32.00 -27.82
CA ARG X 94 -40.75 32.83 -27.83
C ARG X 94 -40.50 34.19 -27.18
N LEU X 95 -39.52 34.29 -26.27
CA LEU X 95 -39.11 35.58 -25.74
C LEU X 95 -38.48 36.44 -26.83
N THR X 96 -37.79 35.80 -27.76
CA THR X 96 -37.41 36.34 -29.06
C THR X 96 -38.63 36.30 -29.98
N VAL X 97 -38.37 36.03 -31.27
CA VAL X 97 -39.37 35.88 -32.33
C VAL X 97 -40.62 35.15 -31.87
N GLU X 98 -41.78 35.79 -32.08
CA GLU X 98 -42.98 35.48 -31.31
C GLU X 98 -43.74 34.26 -31.80
N ASP X 99 -43.23 33.57 -32.81
CA ASP X 99 -43.90 32.38 -33.30
C ASP X 99 -43.74 31.23 -32.30
N PRO X 100 -44.59 30.21 -32.39
CA PRO X 100 -44.26 28.94 -31.75
C PRO X 100 -43.08 28.30 -32.47
N VAL X 101 -42.36 27.46 -31.72
CA VAL X 101 -41.11 26.90 -32.21
C VAL X 101 -41.41 25.83 -33.25
N THR X 102 -40.79 25.95 -34.42
CA THR X 102 -40.91 24.90 -35.43
C THR X 102 -40.14 23.66 -34.96
N VAL X 103 -40.64 22.50 -35.38
CA VAL X 103 -40.08 21.24 -34.89
C VAL X 103 -38.70 20.97 -35.48
N GLU X 104 -38.38 21.61 -36.60
CA GLU X 104 -37.04 21.48 -37.15
C GLU X 104 -36.04 22.34 -36.38
N TYR X 105 -36.50 23.43 -35.77
CA TYR X 105 -35.60 24.32 -35.03
C TYR X 105 -35.10 23.66 -33.75
N ILE X 106 -35.99 22.97 -33.04
CA ILE X 106 -35.60 22.39 -31.75
C ILE X 106 -34.72 21.16 -31.94
N THR X 107 -34.82 20.47 -33.07
CA THR X 107 -33.92 19.34 -33.32
C THR X 107 -32.51 19.81 -33.63
N ARG X 108 -32.36 20.97 -34.28
CA ARG X 108 -31.03 21.50 -34.49
C ARG X 108 -30.41 22.00 -33.20
N TYR X 109 -31.23 22.40 -32.24
CA TYR X 109 -30.67 22.82 -30.96
C TYR X 109 -30.15 21.62 -30.18
N ILE X 110 -30.88 20.50 -30.22
CA ILE X 110 -30.46 19.32 -29.46
C ILE X 110 -29.24 18.69 -30.09
N ALA X 111 -29.22 18.59 -31.43
CA ALA X 111 -28.11 17.94 -32.11
C ALA X 111 -26.83 18.77 -32.01
N SER X 112 -26.95 20.09 -32.04
CA SER X 112 -25.77 20.93 -31.87
C SER X 112 -25.29 20.92 -30.43
N LEU X 113 -26.21 20.76 -29.48
CA LEU X 113 -25.80 20.64 -28.09
C LEU X 113 -25.09 19.32 -27.85
N LYS X 114 -25.58 18.25 -28.47
CA LYS X 114 -24.99 16.94 -28.26
C LYS X 114 -23.69 16.76 -29.04
N GLN X 115 -23.47 17.56 -30.08
CA GLN X 115 -22.25 17.43 -30.86
C GLN X 115 -21.06 18.06 -30.14
N ARG X 116 -21.21 19.29 -29.64
CA ARG X 116 -20.14 19.93 -28.90
C ARG X 116 -19.91 19.27 -27.54
N TYR X 117 -20.87 18.48 -27.08
CA TYR X 117 -20.72 17.67 -25.87
C TYR X 117 -19.89 16.44 -26.12
N THR X 118 -19.56 16.14 -27.39
CA THR X 118 -18.55 15.16 -27.76
C THR X 118 -17.26 15.79 -28.26
N GLN X 119 -17.35 16.99 -28.81
CA GLN X 119 -16.18 17.67 -29.35
C GLN X 119 -15.26 18.18 -28.24
N SER X 120 -15.82 18.53 -27.09
CA SER X 120 -15.06 19.18 -26.03
C SER X 120 -14.19 18.18 -25.27
N ASN X 121 -13.58 18.63 -24.20
CA ASN X 121 -12.61 17.86 -23.44
C ASN X 121 -13.19 17.45 -22.10
N GLY X 122 -12.86 16.23 -21.67
CA GLY X 122 -13.26 15.77 -20.35
C GLY X 122 -14.74 15.53 -20.16
N ARG X 123 -15.48 15.26 -21.24
CA ARG X 123 -16.93 15.16 -21.19
C ARG X 123 -17.34 13.85 -21.85
N ARG X 124 -18.01 13.00 -21.10
CA ARG X 124 -18.68 11.82 -21.67
C ARG X 124 -19.76 12.29 -22.64
N PRO X 125 -20.02 11.56 -23.72
CA PRO X 125 -21.19 11.87 -24.56
C PRO X 125 -22.48 11.46 -23.86
N PHE X 126 -23.60 11.91 -24.42
CA PHE X 126 -24.87 11.37 -23.96
C PHE X 126 -25.07 9.96 -24.51
N GLY X 127 -25.99 9.24 -23.89
CA GLY X 127 -26.31 7.90 -24.34
C GLY X 127 -27.78 7.72 -24.66
N ILE X 128 -28.40 8.74 -25.25
CA ILE X 128 -29.82 8.69 -25.57
C ILE X 128 -30.00 8.93 -27.05
N SER X 129 -31.21 8.64 -27.53
CA SER X 129 -31.60 8.90 -28.91
C SER X 129 -33.09 9.23 -28.89
N ALA X 130 -33.43 10.45 -29.24
CA ALA X 130 -34.77 10.95 -29.03
C ALA X 130 -35.59 10.92 -30.31
N LEU X 131 -36.91 10.87 -30.14
CA LEU X 131 -37.87 11.06 -31.22
C LEU X 131 -38.62 12.35 -30.98
N ILE X 132 -38.67 13.20 -32.00
CA ILE X 132 -39.20 14.55 -31.88
C ILE X 132 -40.33 14.67 -32.87
N VAL X 133 -41.57 14.76 -32.37
CA VAL X 133 -42.76 14.75 -33.20
C VAL X 133 -43.53 16.04 -32.96
N GLY X 134 -43.87 16.74 -34.02
CA GLY X 134 -44.65 17.95 -33.92
C GLY X 134 -45.37 18.26 -35.20
N PHE X 135 -46.48 18.98 -35.09
CA PHE X 135 -47.27 19.43 -36.23
C PHE X 135 -47.37 20.95 -36.13
N ASP X 136 -46.51 21.65 -36.85
CA ASP X 136 -46.29 23.08 -36.65
C ASP X 136 -47.40 23.90 -37.29
N PHE X 137 -47.16 25.20 -37.41
CA PHE X 137 -48.00 26.06 -38.23
C PHE X 137 -47.97 25.59 -39.67
N ASP X 138 -49.10 25.82 -40.37
CA ASP X 138 -49.57 25.28 -41.65
C ASP X 138 -50.06 23.84 -41.47
N GLY X 139 -49.88 23.28 -40.28
CA GLY X 139 -50.45 21.97 -39.96
C GLY X 139 -49.84 20.81 -40.70
N THR X 140 -48.52 20.81 -40.91
CA THR X 140 -47.87 19.73 -41.60
C THR X 140 -47.24 18.80 -40.57
N PRO X 141 -47.75 17.58 -40.39
CA PRO X 141 -47.17 16.68 -39.39
C PRO X 141 -45.87 16.06 -39.88
N ARG X 142 -44.87 16.06 -39.01
CA ARG X 142 -43.58 15.48 -39.37
C ARG X 142 -42.86 15.06 -38.10
N LEU X 143 -41.88 14.18 -38.26
CA LEU X 143 -41.09 13.71 -37.14
C LEU X 143 -39.63 13.68 -37.51
N TYR X 144 -38.78 13.72 -36.49
CA TYR X 144 -37.34 13.66 -36.61
C TYR X 144 -36.79 12.61 -35.65
N GLN X 145 -35.48 12.45 -35.68
CA GLN X 145 -34.79 11.64 -34.69
C GLN X 145 -33.40 12.19 -34.47
N THR X 146 -32.79 11.80 -33.36
CA THR X 146 -31.45 12.20 -33.03
C THR X 146 -30.54 10.97 -33.00
N ASP X 147 -29.30 11.21 -32.59
CA ASP X 147 -28.25 10.20 -32.52
C ASP X 147 -27.23 10.72 -31.54
N PRO X 148 -26.52 9.85 -30.82
CA PRO X 148 -25.46 10.33 -29.92
C PRO X 148 -24.33 11.06 -30.61
N SER X 149 -24.14 10.87 -31.93
CA SER X 149 -23.25 11.75 -32.66
C SER X 149 -23.82 13.15 -32.79
N GLY X 150 -25.14 13.28 -32.83
CA GLY X 150 -25.78 14.56 -32.97
C GLY X 150 -26.20 14.87 -34.40
N THR X 151 -26.87 13.93 -35.05
CA THR X 151 -27.33 14.10 -36.43
C THR X 151 -28.86 14.07 -36.44
N TYR X 152 -29.49 15.24 -36.54
CA TYR X 152 -30.93 15.30 -36.68
C TYR X 152 -31.34 14.80 -38.06
N HIS X 153 -32.46 14.11 -38.12
CA HIS X 153 -32.69 13.22 -39.26
C HIS X 153 -34.17 12.91 -39.36
N ALA X 154 -34.80 13.26 -40.47
CA ALA X 154 -36.25 13.17 -40.62
C ALA X 154 -36.65 11.82 -41.22
N TRP X 155 -37.56 11.12 -40.53
CA TRP X 155 -38.15 9.89 -41.03
C TRP X 155 -39.66 10.04 -41.16
N LYS X 156 -40.29 8.96 -41.63
CA LYS X 156 -41.73 8.82 -41.62
C LYS X 156 -42.21 7.76 -40.65
N ALA X 157 -41.32 6.86 -40.22
CA ALA X 157 -41.61 5.88 -39.17
C ALA X 157 -40.28 5.48 -38.55
N ASN X 158 -40.27 5.27 -37.24
CA ASN X 158 -39.04 5.04 -36.51
C ASN X 158 -39.23 3.90 -35.52
N ALA X 159 -38.13 3.22 -35.23
CA ALA X 159 -38.08 2.19 -34.20
C ALA X 159 -36.70 2.21 -33.58
N ILE X 160 -36.65 2.29 -32.26
CA ILE X 160 -35.42 2.33 -31.49
C ILE X 160 -35.49 1.29 -30.38
N GLY X 161 -34.46 1.25 -29.55
CA GLY X 161 -34.45 0.35 -28.41
C GLY X 161 -34.01 -1.05 -28.76
N ARG X 162 -34.22 -1.94 -27.79
CA ARG X 162 -33.77 -3.34 -27.91
C ARG X 162 -34.71 -4.09 -28.85
N GLY X 163 -34.31 -4.18 -30.13
CA GLY X 163 -35.15 -4.79 -31.13
C GLY X 163 -35.63 -3.79 -32.16
N ALA X 164 -34.77 -2.82 -32.47
CA ALA X 164 -35.13 -1.76 -33.39
C ALA X 164 -35.22 -2.23 -34.83
N LYS X 165 -34.25 -3.04 -35.27
CA LYS X 165 -34.19 -3.45 -36.66
C LYS X 165 -35.30 -4.43 -37.01
N SER X 166 -35.77 -5.20 -36.04
CA SER X 166 -36.87 -6.14 -36.30
C SER X 166 -38.17 -5.39 -36.54
N VAL X 167 -38.43 -4.34 -35.74
CA VAL X 167 -39.63 -3.55 -35.93
C VAL X 167 -39.52 -2.72 -37.20
N ARG X 168 -38.31 -2.21 -37.49
CA ARG X 168 -38.09 -1.50 -38.74
C ARG X 168 -38.22 -2.42 -39.95
N GLU X 169 -37.88 -3.69 -39.79
CA GLU X 169 -38.13 -4.66 -40.86
C GLU X 169 -39.61 -4.96 -41.00
N PHE X 170 -40.37 -4.87 -39.90
CA PHE X 170 -41.81 -5.05 -39.98
C PHE X 170 -42.47 -3.90 -40.72
N LEU X 171 -42.02 -2.67 -40.46
CA LEU X 171 -42.52 -1.53 -41.20
C LEU X 171 -41.97 -1.48 -42.62
N GLU X 172 -40.90 -2.22 -42.88
CA GLU X 172 -40.29 -2.23 -44.22
C GLU X 172 -41.22 -2.89 -45.24
N LYS X 173 -41.97 -3.91 -44.83
CA LYS X 173 -42.98 -4.51 -45.68
C LYS X 173 -44.37 -3.94 -45.40
N ASN X 174 -44.45 -2.71 -44.92
CA ASN X 174 -45.70 -2.14 -44.44
C ASN X 174 -45.81 -0.68 -44.88
N TYR X 175 -45.50 -0.43 -46.16
CA TYR X 175 -45.44 0.92 -46.72
C TYR X 175 -46.77 1.45 -47.19
N THR X 176 -47.88 0.89 -46.71
CA THR X 176 -49.19 1.18 -47.28
C THR X 176 -49.66 2.56 -46.89
N ASP X 177 -50.15 3.32 -47.88
CA ASP X 177 -50.80 4.59 -47.61
C ASP X 177 -52.21 4.40 -47.07
N GLU X 178 -52.77 3.20 -47.26
CA GLU X 178 -54.12 2.92 -46.74
C GLU X 178 -54.11 2.82 -45.22
N ALA X 179 -52.99 2.41 -44.62
CA ALA X 179 -52.90 2.43 -43.17
C ALA X 179 -52.79 3.84 -42.62
N ILE X 180 -52.39 4.81 -43.45
CA ILE X 180 -52.31 6.20 -43.02
C ILE X 180 -53.57 6.94 -43.45
N GLU X 181 -54.60 6.20 -43.85
CA GLU X 181 -55.87 6.82 -44.25
C GLU X 181 -56.76 7.06 -43.03
N THR X 182 -57.11 5.98 -42.33
CA THR X 182 -57.93 6.10 -41.12
C THR X 182 -57.04 6.28 -39.90
N ASP X 183 -57.52 7.11 -38.97
CA ASP X 183 -56.73 7.41 -37.78
C ASP X 183 -56.65 6.21 -36.85
N ASP X 184 -57.79 5.57 -36.59
CA ASP X 184 -57.82 4.39 -35.74
C ASP X 184 -57.11 3.20 -36.38
N LEU X 185 -57.05 3.15 -37.71
CA LEU X 185 -56.25 2.13 -38.37
C LEU X 185 -54.76 2.39 -38.19
N THR X 186 -54.37 3.67 -38.19
CA THR X 186 -52.98 4.02 -37.92
C THR X 186 -52.61 3.73 -36.47
N ILE X 187 -53.55 3.90 -35.55
CA ILE X 187 -53.31 3.53 -34.16
C ILE X 187 -53.25 2.01 -34.04
N LYS X 188 -54.11 1.30 -34.77
CA LYS X 188 -54.04 -0.15 -34.84
C LYS X 188 -52.81 -0.62 -35.60
N LEU X 189 -52.26 0.23 -36.47
CA LEU X 189 -51.01 -0.09 -37.15
C LEU X 189 -49.85 -0.15 -36.16
N VAL X 190 -49.79 0.83 -35.27
CA VAL X 190 -48.73 0.88 -34.26
C VAL X 190 -48.94 -0.22 -33.24
N ILE X 191 -50.19 -0.51 -32.89
CA ILE X 191 -50.49 -1.57 -31.93
C ILE X 191 -50.17 -2.94 -32.52
N LYS X 192 -50.34 -3.10 -33.84
CA LYS X 192 -49.91 -4.32 -34.49
C LYS X 192 -48.38 -4.37 -34.56
N ALA X 193 -47.75 -3.22 -34.77
CA ALA X 193 -46.29 -3.17 -34.83
C ALA X 193 -45.67 -3.38 -33.46
N LEU X 194 -46.28 -2.82 -32.42
CA LEU X 194 -45.81 -3.05 -31.06
C LEU X 194 -46.15 -4.44 -30.56
N LEU X 195 -47.09 -5.13 -31.22
CA LEU X 195 -47.33 -6.53 -30.89
C LEU X 195 -46.18 -7.41 -31.36
N GLU X 196 -45.46 -6.99 -32.40
CA GLU X 196 -44.26 -7.71 -32.84
C GLU X 196 -43.10 -7.54 -31.87
N VAL X 197 -43.17 -6.53 -31.00
CA VAL X 197 -42.21 -6.31 -29.92
C VAL X 197 -42.45 -7.33 -28.82
N VAL X 198 -41.60 -7.30 -27.78
CA VAL X 198 -41.67 -8.22 -26.64
C VAL X 198 -43.03 -8.14 -25.96
N GLN X 199 -43.30 -9.15 -25.12
CA GLN X 199 -44.55 -9.94 -25.09
C GLN X 199 -45.83 -9.24 -25.53
N SER X 200 -46.04 -7.98 -25.11
CA SER X 200 -47.12 -7.11 -25.58
C SER X 200 -48.49 -7.73 -25.31
N GLY X 201 -48.74 -8.03 -24.04
CA GLY X 201 -50.00 -8.62 -23.64
C GLY X 201 -51.08 -7.61 -23.32
N GLY X 202 -51.05 -6.46 -24.00
CA GLY X 202 -52.00 -5.39 -23.77
C GLY X 202 -51.77 -4.56 -22.53
N LYS X 203 -50.76 -4.87 -21.73
CA LYS X 203 -50.49 -4.17 -20.49
C LYS X 203 -49.22 -3.33 -20.53
N ASN X 204 -48.23 -3.74 -21.31
CA ASN X 204 -46.97 -3.00 -21.40
C ASN X 204 -46.95 -2.00 -22.55
N ILE X 205 -48.10 -1.71 -23.15
CA ILE X 205 -48.19 -0.84 -24.30
C ILE X 205 -48.78 0.48 -23.83
N GLU X 206 -47.96 1.52 -23.79
CA GLU X 206 -48.40 2.87 -23.47
C GLU X 206 -48.25 3.73 -24.71
N LEU X 207 -49.37 4.04 -25.36
CA LEU X 207 -49.37 4.81 -26.59
C LEU X 207 -50.00 6.18 -26.33
N ALA X 208 -49.61 7.13 -27.18
CA ALA X 208 -50.08 8.50 -27.05
C ALA X 208 -50.14 9.13 -28.43
N VAL X 209 -51.21 9.86 -28.70
CA VAL X 209 -51.44 10.46 -30.00
C VAL X 209 -51.52 11.98 -29.85
N MET X 210 -51.60 12.66 -31.00
CA MET X 210 -51.75 14.11 -31.02
C MET X 210 -52.44 14.47 -32.33
N ARG X 211 -53.61 15.09 -32.24
CA ARG X 211 -54.44 15.36 -33.40
C ARG X 211 -54.14 16.72 -34.04
N ARG X 212 -52.93 17.25 -33.82
CA ARG X 212 -52.35 18.45 -34.42
C ARG X 212 -53.03 19.76 -34.01
N ASP X 213 -54.10 19.70 -33.20
CA ASP X 213 -54.82 20.89 -32.76
C ASP X 213 -55.09 20.82 -31.27
N GLN X 214 -54.26 20.09 -30.53
CA GLN X 214 -54.54 19.70 -29.16
C GLN X 214 -53.23 19.21 -28.55
N SER X 215 -53.13 19.30 -27.24
CA SER X 215 -52.01 18.72 -26.52
C SER X 215 -52.08 17.19 -26.58
N LEU X 216 -51.02 16.55 -26.11
CA LEU X 216 -50.90 15.10 -26.18
C LEU X 216 -51.93 14.42 -25.29
N LYS X 217 -52.70 13.51 -25.87
CA LYS X 217 -53.75 12.80 -25.16
C LYS X 217 -53.39 11.32 -25.13
N ILE X 218 -53.09 10.82 -23.94
CA ILE X 218 -52.77 9.39 -23.77
C ILE X 218 -54.08 8.61 -23.76
N LEU X 219 -54.15 7.55 -24.55
CA LEU X 219 -55.30 6.67 -24.51
C LEU X 219 -55.35 5.92 -23.19
N ASN X 220 -56.56 5.73 -22.67
CA ASN X 220 -56.76 5.06 -21.41
C ASN X 220 -56.54 3.56 -21.56
N PRO X 221 -56.29 2.84 -20.45
CA PRO X 221 -56.17 1.37 -20.56
C PRO X 221 -57.50 0.64 -20.68
N GLU X 222 -58.39 1.14 -21.53
CA GLU X 222 -59.58 0.46 -21.99
C GLU X 222 -59.66 0.44 -23.51
N GLU X 223 -59.20 1.52 -24.15
CA GLU X 223 -59.05 1.51 -25.60
C GLU X 223 -57.88 0.66 -26.03
N ILE X 224 -56.88 0.50 -25.15
CA ILE X 224 -55.79 -0.43 -25.43
C ILE X 224 -56.32 -1.86 -25.43
N GLU X 225 -57.24 -2.17 -24.52
CA GLU X 225 -57.92 -3.46 -24.57
C GLU X 225 -58.89 -3.52 -25.74
N LYS X 226 -59.47 -2.39 -26.13
CA LYS X 226 -60.43 -2.38 -27.23
C LYS X 226 -59.72 -2.53 -28.58
N TYR X 227 -58.57 -1.85 -28.75
CA TYR X 227 -57.86 -1.93 -30.01
C TYR X 227 -57.14 -3.25 -30.17
N VAL X 228 -56.71 -3.87 -29.07
CA VAL X 228 -56.13 -5.20 -29.16
C VAL X 228 -57.21 -6.24 -29.41
N ALA X 229 -58.46 -5.92 -29.06
CA ALA X 229 -59.56 -6.82 -29.36
C ALA X 229 -59.87 -6.83 -30.85
N GLU X 230 -59.93 -5.65 -31.46
CA GLU X 230 -60.20 -5.59 -32.90
C GLU X 230 -58.99 -6.01 -33.72
N ILE X 231 -57.78 -5.92 -33.16
CA ILE X 231 -56.62 -6.45 -33.86
C ILE X 231 -56.65 -7.97 -33.84
N GLU X 232 -57.16 -8.55 -32.75
CA GLU X 232 -57.37 -9.99 -32.71
C GLU X 232 -58.53 -10.40 -33.61
N LYS X 233 -59.53 -9.53 -33.77
CA LYS X 233 -60.63 -9.82 -34.67
C LYS X 233 -60.21 -9.69 -36.12
N GLU X 234 -59.34 -8.73 -36.42
CA GLU X 234 -58.84 -8.58 -37.78
C GLU X 234 -57.86 -9.69 -38.14
N LYS X 235 -57.15 -10.23 -37.15
CA LYS X 235 -56.26 -11.36 -37.38
C LYS X 235 -57.01 -12.67 -37.55
N GLU X 236 -58.27 -12.74 -37.10
CA GLU X 236 -59.05 -13.96 -37.21
C GLU X 236 -59.56 -14.21 -38.64
N GLU X 237 -59.47 -13.22 -39.52
CA GLU X 237 -59.92 -13.35 -40.90
C GLU X 237 -58.82 -13.88 -41.83
N ASN X 238 -57.81 -14.55 -41.28
CA ASN X 238 -56.74 -15.10 -42.11
C ASN X 238 -57.18 -16.31 -42.90
N GLU X 239 -58.25 -17.00 -42.48
CA GLU X 239 -58.72 -18.18 -43.17
C GLU X 239 -59.40 -17.83 -44.50
N TYR Y 7 -2.05 1.41 -25.84
CA TYR Y 7 -2.86 1.79 -26.98
C TYR Y 7 -3.35 3.24 -26.86
N ASP Y 8 -2.72 3.98 -25.95
CA ASP Y 8 -3.11 5.36 -25.64
C ASP Y 8 -1.87 6.24 -25.69
N ARG Y 9 -1.64 6.89 -26.82
CA ARG Y 9 -0.50 7.78 -27.01
C ARG Y 9 -0.98 9.22 -27.14
N GLY Y 10 -0.05 10.12 -27.41
CA GLY Y 10 -0.38 11.53 -27.42
C GLY Y 10 -1.19 11.95 -28.63
N VAL Y 11 -2.02 12.98 -28.43
CA VAL Y 11 -2.75 13.62 -29.52
C VAL Y 11 -1.90 14.66 -30.21
N ASN Y 12 -0.73 14.98 -29.68
CA ASN Y 12 0.04 16.13 -30.12
C ASN Y 12 1.51 15.71 -30.28
N THR Y 13 1.73 14.54 -30.85
CA THR Y 13 3.02 13.90 -30.85
C THR Y 13 3.41 13.52 -32.27
N PHE Y 14 4.63 13.86 -32.67
CA PHE Y 14 5.11 13.49 -33.99
C PHE Y 14 5.41 12.00 -34.07
N SER Y 15 5.35 11.48 -35.29
CA SER Y 15 5.71 10.08 -35.53
C SER Y 15 7.22 9.89 -35.35
N PRO Y 16 7.64 8.67 -35.03
CA PRO Y 16 9.08 8.37 -35.12
C PRO Y 16 9.63 8.46 -36.53
N GLU Y 17 8.81 8.12 -37.53
CA GLU Y 17 9.19 8.43 -38.90
C GLU Y 17 9.20 9.93 -39.12
N GLY Y 18 8.27 10.65 -38.48
CA GLY Y 18 8.36 12.08 -38.46
C GLY Y 18 7.12 12.84 -38.87
N ARG Y 19 6.04 12.15 -39.22
CA ARG Y 19 4.89 12.89 -39.75
C ARG Y 19 4.00 13.50 -38.65
N LEU Y 20 3.20 12.66 -37.97
CA LEU Y 20 2.13 12.99 -37.04
C LEU Y 20 1.50 11.68 -36.55
N PHE Y 21 0.55 11.77 -35.63
CA PHE Y 21 -0.22 10.60 -35.23
C PHE Y 21 -1.68 10.66 -35.67
N GLN Y 22 -2.40 11.69 -35.26
CA GLN Y 22 -3.85 11.64 -35.30
C GLN Y 22 -4.44 12.24 -36.57
N VAL Y 23 -3.79 13.26 -37.13
CA VAL Y 23 -4.30 13.91 -38.34
C VAL Y 23 -4.15 12.99 -39.54
N GLU Y 24 -3.20 12.06 -39.48
CA GLU Y 24 -3.12 11.00 -40.47
C GLU Y 24 -4.35 10.10 -40.42
N TYR Y 25 -4.92 9.90 -39.23
CA TYR Y 25 -6.14 9.11 -39.11
C TYR Y 25 -7.35 9.91 -39.57
N ALA Y 26 -7.26 11.24 -39.53
CA ALA Y 26 -8.38 12.09 -39.96
C ALA Y 26 -8.63 11.97 -41.45
N ILE Y 27 -7.56 11.79 -42.24
CA ILE Y 27 -7.71 11.61 -43.67
C ILE Y 27 -8.36 10.27 -43.97
N GLU Y 28 -8.12 9.27 -43.12
CA GLU Y 28 -8.78 7.98 -43.26
C GLU Y 28 -10.26 8.07 -42.99
N ALA Y 29 -10.68 9.02 -42.14
CA ALA Y 29 -12.09 9.17 -41.82
C ALA Y 29 -12.90 9.76 -42.96
N ILE Y 30 -12.24 10.38 -43.95
CA ILE Y 30 -12.95 10.89 -45.11
C ILE Y 30 -13.39 9.74 -46.01
N LYS Y 31 -12.65 8.63 -45.97
CA LYS Y 31 -12.86 7.51 -46.89
C LYS Y 31 -14.20 6.82 -46.68
N LEU Y 32 -14.74 6.88 -45.47
CA LEU Y 32 -16.04 6.25 -45.20
C LEU Y 32 -17.21 7.17 -45.49
N GLY Y 33 -16.99 8.33 -46.11
CA GLY Y 33 -18.07 9.21 -46.49
C GLY Y 33 -18.46 9.06 -47.94
N SER Y 34 -19.60 9.67 -48.27
CA SER Y 34 -20.11 9.58 -49.64
C SER Y 34 -19.27 10.44 -50.59
N THR Y 35 -19.41 10.17 -51.87
CA THR Y 35 -18.58 10.81 -52.87
C THR Y 35 -19.22 12.11 -53.38
N ALA Y 36 -18.38 12.96 -53.97
CA ALA Y 36 -18.81 14.25 -54.47
C ALA Y 36 -17.85 14.69 -55.57
N ILE Y 37 -18.40 15.39 -56.57
CA ILE Y 37 -17.65 15.86 -57.72
C ILE Y 37 -17.99 17.32 -57.96
N GLY Y 38 -16.95 18.16 -58.04
CA GLY Y 38 -17.12 19.54 -58.45
C GLY Y 38 -16.14 19.88 -59.55
N ILE Y 39 -16.63 20.61 -60.56
CA ILE Y 39 -15.84 20.95 -61.74
C ILE Y 39 -15.91 22.45 -61.96
N GLN Y 40 -14.75 23.10 -62.08
CA GLN Y 40 -14.68 24.51 -62.45
C GLN Y 40 -14.55 24.63 -63.95
N THR Y 41 -15.48 25.36 -64.55
CA THR Y 41 -15.50 25.65 -65.97
C THR Y 41 -15.28 27.14 -66.12
N SER Y 42 -14.87 27.58 -67.32
CA SER Y 42 -14.77 29.01 -67.58
C SER Y 42 -16.14 29.69 -67.60
N GLU Y 43 -17.21 28.94 -67.80
CA GLU Y 43 -18.56 29.50 -67.81
C GLU Y 43 -19.22 29.48 -66.44
N GLY Y 44 -18.74 28.64 -65.53
CA GLY Y 44 -19.34 28.56 -64.20
C GLY Y 44 -18.77 27.40 -63.44
N VAL Y 45 -19.40 27.07 -62.32
CA VAL Y 45 -18.99 25.96 -61.48
C VAL Y 45 -20.18 25.04 -61.27
N CYS Y 46 -20.08 23.82 -61.78
CA CYS Y 46 -21.05 22.78 -61.51
C CYS Y 46 -20.53 21.90 -60.38
N LEU Y 47 -21.46 21.17 -59.75
CA LEU Y 47 -21.10 20.43 -58.55
C LEU Y 47 -22.12 19.31 -58.37
N ALA Y 48 -21.67 18.19 -57.81
CA ALA Y 48 -22.50 17.00 -57.70
C ALA Y 48 -22.15 16.23 -56.45
N VAL Y 49 -23.11 15.42 -55.98
CA VAL Y 49 -22.92 14.61 -54.78
C VAL Y 49 -23.93 13.46 -54.83
N GLU Y 50 -23.68 12.42 -54.05
CA GLU Y 50 -24.60 11.29 -53.86
C GLU Y 50 -25.14 11.34 -52.44
N LYS Y 51 -26.44 11.07 -52.30
CA LYS Y 51 -27.08 11.18 -50.99
C LYS Y 51 -26.93 9.95 -50.11
N ARG Y 52 -26.81 8.75 -50.71
CA ARG Y 52 -26.72 7.46 -50.03
C ARG Y 52 -27.96 7.25 -49.14
N ILE Y 53 -29.10 7.06 -49.82
CA ILE Y 53 -30.35 6.82 -49.14
C ILE Y 53 -30.33 5.44 -48.50
N THR Y 54 -30.74 5.37 -47.23
CA THR Y 54 -30.77 4.11 -46.49
C THR Y 54 -32.14 3.44 -46.54
N SER Y 55 -33.20 4.19 -46.22
CA SER Y 55 -34.53 3.62 -46.10
C SER Y 55 -35.54 4.48 -46.82
N PRO Y 56 -36.60 3.87 -47.37
CA PRO Y 56 -37.68 4.68 -47.96
C PRO Y 56 -38.52 5.41 -46.93
N LEU Y 57 -38.49 4.99 -45.66
CA LEU Y 57 -39.13 5.76 -44.60
C LEU Y 57 -38.42 7.08 -44.36
N MET Y 58 -37.15 7.16 -44.73
CA MET Y 58 -36.37 8.37 -44.51
C MET Y 58 -36.79 9.44 -45.50
N GLU Y 59 -36.98 10.65 -45.00
CA GLU Y 59 -37.27 11.77 -45.88
C GLU Y 59 -36.00 12.16 -46.61
N PRO Y 60 -36.04 12.31 -47.93
CA PRO Y 60 -34.80 12.53 -48.69
C PRO Y 60 -34.22 13.94 -48.57
N SER Y 61 -35.04 14.98 -48.53
CA SER Y 61 -34.51 16.34 -48.56
C SER Y 61 -33.96 16.79 -47.22
N SER Y 62 -34.15 16.01 -46.15
CA SER Y 62 -33.53 16.33 -44.87
C SER Y 62 -32.04 16.02 -44.84
N ILE Y 63 -31.53 15.28 -45.83
CA ILE Y 63 -30.11 14.99 -45.95
C ILE Y 63 -29.56 15.88 -47.06
N GLU Y 64 -28.77 16.87 -46.69
CA GLU Y 64 -28.19 17.79 -47.65
C GLU Y 64 -26.67 17.71 -47.61
N LYS Y 65 -26.07 17.98 -48.75
CA LYS Y 65 -24.62 18.09 -48.89
C LYS Y 65 -24.22 19.43 -49.47
N ILE Y 66 -24.94 19.93 -50.47
CA ILE Y 66 -24.75 21.30 -50.94
C ILE Y 66 -25.44 22.23 -49.96
N VAL Y 67 -24.67 23.11 -49.33
CA VAL Y 67 -25.16 24.09 -48.39
C VAL Y 67 -24.61 25.44 -48.80
N GLU Y 68 -25.47 26.44 -48.95
CA GLU Y 68 -25.02 27.76 -49.33
C GLU Y 68 -24.26 28.43 -48.19
N ILE Y 69 -23.20 29.13 -48.54
CA ILE Y 69 -22.43 29.93 -47.60
C ILE Y 69 -22.78 31.40 -47.73
N ASP Y 70 -22.71 31.92 -48.94
CA ASP Y 70 -23.16 33.27 -49.26
C ASP Y 70 -24.09 33.12 -50.46
N ALA Y 71 -24.51 34.22 -51.07
CA ALA Y 71 -25.38 34.14 -52.24
C ALA Y 71 -24.65 33.64 -53.47
N HIS Y 72 -23.32 33.70 -53.49
CA HIS Y 72 -22.56 33.33 -54.67
C HIS Y 72 -21.48 32.30 -54.35
N ILE Y 73 -21.59 31.62 -53.21
CA ILE Y 73 -20.60 30.64 -52.78
C ILE Y 73 -21.34 29.41 -52.28
N GLY Y 74 -21.06 28.26 -52.90
CA GLY Y 74 -21.61 26.99 -52.47
C GLY Y 74 -20.61 26.18 -51.66
N CYS Y 75 -21.04 24.97 -51.30
CA CYS Y 75 -20.21 24.07 -50.51
C CYS Y 75 -20.57 22.63 -50.83
N ALA Y 76 -19.69 21.73 -50.40
CA ALA Y 76 -19.86 20.30 -50.56
C ALA Y 76 -19.07 19.60 -49.48
N MET Y 77 -19.70 18.67 -48.76
CA MET Y 77 -19.07 18.03 -47.62
C MET Y 77 -19.09 16.52 -47.79
N SER Y 78 -18.12 15.89 -47.14
CA SER Y 78 -18.04 14.43 -47.07
C SER Y 78 -17.28 14.06 -45.82
N GLY Y 79 -17.90 13.28 -44.94
CA GLY Y 79 -17.29 12.95 -43.67
C GLY Y 79 -18.31 13.00 -42.56
N LEU Y 80 -17.86 13.37 -41.35
CA LEU Y 80 -18.78 13.46 -40.23
C LEU Y 80 -19.68 14.68 -40.39
N ILE Y 81 -20.97 14.48 -40.18
CA ILE Y 81 -21.95 15.46 -40.64
C ILE Y 81 -21.98 16.68 -39.73
N ALA Y 82 -22.22 16.46 -38.44
CA ALA Y 82 -22.38 17.58 -37.52
C ALA Y 82 -21.06 18.27 -37.18
N ASP Y 83 -19.93 17.64 -37.47
CA ASP Y 83 -18.66 18.37 -37.40
C ASP Y 83 -18.55 19.36 -38.53
N ALA Y 84 -19.14 19.06 -39.69
CA ALA Y 84 -19.15 20.02 -40.78
C ALA Y 84 -20.10 21.17 -40.49
N LYS Y 85 -21.16 20.91 -39.72
CA LYS Y 85 -22.14 21.95 -39.40
C LYS Y 85 -21.57 23.04 -38.51
N THR Y 86 -20.49 22.75 -37.79
CA THR Y 86 -19.77 23.80 -37.08
C THR Y 86 -19.04 24.72 -38.04
N LEU Y 87 -18.42 24.14 -39.08
CA LEU Y 87 -17.65 24.92 -40.03
C LEU Y 87 -18.54 25.73 -40.95
N ILE Y 88 -19.74 25.24 -41.25
CA ILE Y 88 -20.66 25.96 -42.12
C ILE Y 88 -21.15 27.22 -41.43
N ASP Y 89 -21.50 27.11 -40.15
CA ASP Y 89 -22.07 28.23 -39.42
C ASP Y 89 -21.04 29.34 -39.22
N LYS Y 90 -19.76 28.97 -39.07
CA LYS Y 90 -18.73 30.00 -38.94
C LYS Y 90 -18.47 30.69 -40.27
N ALA Y 91 -18.42 29.92 -41.35
CA ALA Y 91 -18.12 30.48 -42.66
C ALA Y 91 -19.23 31.39 -43.17
N ARG Y 92 -20.46 31.16 -42.73
CA ARG Y 92 -21.54 32.10 -43.04
C ARG Y 92 -21.35 33.41 -42.30
N VAL Y 93 -20.94 33.35 -41.03
CA VAL Y 93 -20.84 34.54 -40.20
C VAL Y 93 -19.68 35.42 -40.66
N GLU Y 94 -18.54 34.80 -40.96
CA GLU Y 94 -17.34 35.56 -41.29
C GLU Y 94 -17.40 36.21 -42.66
N THR Y 95 -18.35 35.81 -43.52
CA THR Y 95 -18.64 36.60 -44.70
C THR Y 95 -19.50 37.80 -44.35
N GLN Y 96 -20.36 37.68 -43.34
CA GLN Y 96 -21.19 38.81 -42.95
C GLN Y 96 -20.41 39.85 -42.17
N ASN Y 97 -19.37 39.42 -41.43
CA ASN Y 97 -18.45 40.38 -40.85
C ASN Y 97 -17.68 41.13 -41.93
N HIS Y 98 -17.48 40.51 -43.08
CA HIS Y 98 -16.75 41.17 -44.14
C HIS Y 98 -17.60 42.21 -44.85
N TRP Y 99 -18.89 41.92 -45.06
CA TRP Y 99 -19.71 42.87 -45.81
C TRP Y 99 -20.16 44.02 -44.94
N PHE Y 100 -20.42 43.76 -43.67
CA PHE Y 100 -20.85 44.80 -42.75
C PHE Y 100 -19.68 45.49 -42.06
N THR Y 101 -18.49 45.39 -42.64
CA THR Y 101 -17.38 46.28 -42.32
C THR Y 101 -16.69 46.84 -43.55
N TYR Y 102 -17.01 46.36 -44.76
CA TYR Y 102 -16.33 46.82 -45.96
C TYR Y 102 -17.24 47.11 -47.14
N ASN Y 103 -18.53 46.76 -47.08
CA ASN Y 103 -19.50 46.89 -48.19
C ASN Y 103 -19.02 46.21 -49.46
N GLU Y 104 -18.42 45.02 -49.31
CA GLU Y 104 -18.04 44.23 -50.46
C GLU Y 104 -18.13 42.77 -50.08
N THR Y 105 -18.15 41.91 -51.09
CA THR Y 105 -18.26 40.48 -50.88
C THR Y 105 -16.88 39.88 -50.68
N MET Y 106 -16.78 39.00 -49.69
CA MET Y 106 -15.53 38.28 -49.46
C MET Y 106 -15.30 37.28 -50.59
N THR Y 107 -14.07 37.26 -51.12
CA THR Y 107 -13.76 36.41 -52.26
C THR Y 107 -13.70 34.95 -51.84
N VAL Y 108 -13.69 34.08 -52.86
CA VAL Y 108 -13.85 32.65 -52.63
C VAL Y 108 -12.61 32.07 -51.98
N GLU Y 109 -11.43 32.58 -52.34
CA GLU Y 109 -10.20 32.13 -51.69
C GLU Y 109 -10.14 32.61 -50.25
N SER Y 110 -10.47 33.87 -50.02
CA SER Y 110 -10.35 34.45 -48.69
C SER Y 110 -11.41 33.98 -47.72
N VAL Y 111 -12.45 33.29 -48.17
CA VAL Y 111 -13.35 32.61 -47.25
C VAL Y 111 -12.63 31.46 -46.56
N THR Y 112 -11.97 30.61 -47.36
CA THR Y 112 -11.37 29.39 -46.87
C THR Y 112 -10.13 29.67 -46.02
N GLN Y 113 -9.51 30.83 -46.19
CA GLN Y 113 -8.43 31.24 -45.30
C GLN Y 113 -8.93 31.38 -43.87
N ALA Y 114 -10.13 31.93 -43.70
CA ALA Y 114 -10.69 32.06 -42.37
C ALA Y 114 -11.20 30.73 -41.85
N VAL Y 115 -11.61 29.83 -42.74
CA VAL Y 115 -12.09 28.52 -42.33
C VAL Y 115 -10.93 27.65 -41.87
N SER Y 116 -9.84 27.64 -42.64
CA SER Y 116 -8.71 26.77 -42.36
C SER Y 116 -7.82 27.29 -41.24
N ASN Y 117 -8.14 28.42 -40.62
CA ASN Y 117 -7.36 28.85 -39.46
C ASN Y 117 -7.61 27.96 -38.27
N LEU Y 118 -8.87 27.68 -37.95
CA LEU Y 118 -9.18 26.77 -36.86
C LEU Y 118 -9.46 25.36 -37.35
N ALA Y 119 -9.00 25.03 -38.55
CA ALA Y 119 -8.95 23.62 -38.94
C ALA Y 119 -7.96 22.87 -38.08
N LEU Y 120 -6.83 23.48 -37.75
CA LEU Y 120 -5.88 22.92 -36.79
C LEU Y 120 -5.66 23.94 -35.69
N GLN Y 121 -6.56 23.95 -34.72
CA GLN Y 121 -6.36 24.68 -33.47
C GLN Y 121 -6.83 23.86 -32.28
N PHE Y 122 -6.90 22.55 -32.44
CA PHE Y 122 -7.36 21.68 -31.36
C PHE Y 122 -6.28 21.58 -30.28
N GLY Y 123 -6.73 21.39 -29.05
CA GLY Y 123 -5.82 21.27 -27.93
C GLY Y 123 -6.58 21.28 -26.62
N GLU Y 124 -5.83 21.53 -25.54
CA GLU Y 124 -6.38 21.53 -24.19
C GLU Y 124 -6.76 22.94 -23.74
N GLU Y 125 -5.79 23.85 -23.72
CA GLU Y 125 -6.03 25.23 -23.31
C GLU Y 125 -6.50 26.04 -24.50
N ASP Y 126 -6.52 27.37 -24.34
CA ASP Y 126 -6.86 28.36 -25.36
C ASP Y 126 -8.26 28.19 -25.93
N SER Y 133 -9.33 19.58 -27.70
CA SER Y 133 -10.26 18.87 -28.58
C SER Y 133 -9.50 18.06 -29.62
N ARG Y 134 -10.24 17.40 -30.49
CA ARG Y 134 -9.73 16.57 -31.57
C ARG Y 134 -9.78 17.32 -32.89
N PRO Y 135 -8.99 16.93 -33.89
CA PRO Y 135 -9.15 17.53 -35.21
C PRO Y 135 -10.44 17.09 -35.88
N PHE Y 136 -10.88 17.91 -36.83
CA PHE Y 136 -12.15 17.69 -37.52
C PHE Y 136 -12.03 16.53 -38.50
N GLY Y 137 -13.18 16.07 -38.98
CA GLY Y 137 -13.21 14.89 -39.82
C GLY Y 137 -13.97 15.04 -41.12
N VAL Y 138 -13.88 16.19 -41.77
CA VAL Y 138 -14.64 16.45 -43.00
C VAL Y 138 -13.74 17.15 -44.00
N ALA Y 139 -13.90 16.81 -45.28
CA ALA Y 139 -13.23 17.48 -46.38
C ALA Y 139 -14.25 18.28 -47.17
N LEU Y 140 -13.86 19.47 -47.63
CA LEU Y 140 -14.80 20.40 -48.23
C LEU Y 140 -14.38 20.79 -49.63
N LEU Y 141 -15.37 21.14 -50.44
CA LEU Y 141 -15.18 21.75 -51.75
C LEU Y 141 -15.94 23.06 -51.78
N PHE Y 142 -15.25 24.14 -52.11
CA PHE Y 142 -15.83 25.47 -52.17
C PHE Y 142 -15.81 25.97 -53.60
N GLY Y 143 -16.98 26.07 -54.21
CA GLY Y 143 -17.13 26.74 -55.48
C GLY Y 143 -17.71 28.13 -55.29
N GLY Y 144 -17.58 28.93 -56.33
CA GLY Y 144 -18.08 30.30 -56.27
C GLY Y 144 -17.52 31.13 -57.40
N VAL Y 145 -18.21 32.24 -57.65
CA VAL Y 145 -17.84 33.18 -58.71
C VAL Y 145 -17.55 34.53 -58.06
N ASP Y 146 -16.38 35.08 -58.36
CA ASP Y 146 -15.99 36.39 -57.85
C ASP Y 146 -15.30 37.14 -58.96
N GLU Y 147 -14.56 38.19 -58.60
CA GLU Y 147 -13.94 39.09 -59.57
C GLU Y 147 -12.90 38.41 -60.45
N LYS Y 148 -12.32 37.31 -60.00
CA LYS Y 148 -11.42 36.52 -60.83
C LYS Y 148 -12.14 35.41 -61.59
N GLY Y 149 -13.42 35.59 -61.88
CA GLY Y 149 -14.19 34.56 -62.54
C GLY Y 149 -14.64 33.50 -61.56
N PRO Y 150 -15.13 32.39 -62.09
CA PRO Y 150 -15.51 31.27 -61.21
C PRO Y 150 -14.28 30.56 -60.66
N GLN Y 151 -14.38 30.12 -59.42
CA GLN Y 151 -13.27 29.48 -58.71
C GLN Y 151 -13.74 28.17 -58.09
N LEU Y 152 -12.78 27.33 -57.74
CA LEU Y 152 -13.06 26.07 -57.06
C LEU Y 152 -11.86 25.70 -56.22
N PHE Y 153 -12.10 25.45 -54.93
CA PHE Y 153 -11.04 25.17 -53.99
C PHE Y 153 -11.33 23.88 -53.25
N HIS Y 154 -10.30 23.38 -52.58
CA HIS Y 154 -10.41 22.14 -51.82
C HIS Y 154 -9.59 22.24 -50.56
N MET Y 155 -10.16 21.80 -49.44
CA MET Y 155 -9.41 21.76 -48.19
C MET Y 155 -9.48 20.38 -47.56
N ASP Y 156 -8.97 20.24 -46.35
CA ASP Y 156 -8.86 18.95 -45.68
C ASP Y 156 -8.80 19.21 -44.18
N PRO Y 157 -8.94 18.16 -43.35
CA PRO Y 157 -8.71 18.36 -41.91
C PRO Y 157 -7.30 18.77 -41.53
N SER Y 158 -6.30 18.56 -42.39
CA SER Y 158 -4.94 18.97 -42.07
C SER Y 158 -4.66 20.43 -42.43
N GLY Y 159 -5.70 21.19 -42.78
CA GLY Y 159 -5.53 22.59 -43.10
C GLY Y 159 -4.84 22.90 -44.41
N THR Y 160 -4.49 21.88 -45.19
CA THR Y 160 -3.78 22.09 -46.46
C THR Y 160 -4.77 22.58 -47.49
N PHE Y 161 -4.62 23.85 -47.87
CA PHE Y 161 -5.56 24.52 -48.75
C PHE Y 161 -4.96 24.68 -50.14
N VAL Y 162 -5.75 24.40 -51.17
CA VAL Y 162 -5.25 24.32 -52.54
C VAL Y 162 -6.40 24.63 -53.50
N GLN Y 163 -6.07 25.09 -54.69
CA GLN Y 163 -7.02 25.31 -55.76
C GLN Y 163 -6.96 24.16 -56.75
N CYS Y 164 -8.12 23.63 -57.11
CA CYS Y 164 -8.21 22.54 -58.07
C CYS Y 164 -9.11 22.94 -59.22
N ASP Y 165 -8.81 22.41 -60.41
CA ASP Y 165 -9.69 22.64 -61.55
C ASP Y 165 -10.95 21.79 -61.47
N ALA Y 166 -10.82 20.51 -61.13
CA ALA Y 166 -11.99 19.67 -60.93
C ALA Y 166 -11.60 18.55 -59.97
N ARG Y 167 -11.94 18.72 -58.70
CA ARG Y 167 -11.58 17.78 -57.65
C ARG Y 167 -12.76 16.90 -57.31
N ALA Y 168 -12.49 15.62 -57.09
CA ALA Y 168 -13.52 14.67 -56.65
C ALA Y 168 -13.03 13.92 -55.43
N ILE Y 169 -13.82 13.96 -54.36
CA ILE Y 169 -13.48 13.33 -53.09
C ILE Y 169 -14.61 12.42 -52.65
N GLY Y 170 -14.35 11.64 -51.60
CA GLY Y 170 -15.33 10.70 -51.07
C GLY Y 170 -14.81 9.28 -50.97
N SER Y 171 -15.72 8.30 -50.96
CA SER Y 171 -15.31 6.91 -50.85
C SER Y 171 -14.67 6.42 -52.14
N ALA Y 172 -15.23 6.80 -53.28
CA ALA Y 172 -14.71 6.42 -54.59
C ALA Y 172 -13.84 7.51 -55.18
N SER Y 173 -13.06 8.19 -54.32
CA SER Y 173 -12.30 9.35 -54.73
C SER Y 173 -11.14 9.00 -55.64
N GLU Y 174 -10.62 7.77 -55.55
CA GLU Y 174 -9.46 7.40 -56.35
C GLU Y 174 -9.86 7.14 -57.80
N GLY Y 175 -10.87 6.29 -58.00
CA GLY Y 175 -11.33 6.00 -59.35
C GLY Y 175 -12.02 7.17 -60.03
N ALA Y 176 -12.54 8.11 -59.24
CA ALA Y 176 -13.12 9.31 -59.82
C ALA Y 176 -12.05 10.20 -60.44
N GLN Y 177 -10.97 10.46 -59.68
CA GLN Y 177 -9.90 11.33 -60.16
C GLN Y 177 -9.16 10.76 -61.35
N SER Y 178 -9.10 9.43 -61.47
CA SER Y 178 -8.45 8.82 -62.62
C SER Y 178 -9.30 8.98 -63.87
N SER Y 179 -10.60 8.73 -63.75
CA SER Y 179 -11.49 8.87 -64.89
C SER Y 179 -11.71 10.33 -65.26
N LEU Y 180 -11.56 11.23 -64.30
CA LEU Y 180 -11.83 12.64 -64.58
C LEU Y 180 -10.70 13.27 -65.38
N GLN Y 181 -9.46 12.80 -65.20
CA GLN Y 181 -8.34 13.32 -65.97
C GLN Y 181 -8.41 12.92 -67.43
N GLU Y 182 -9.19 11.89 -67.75
CA GLU Y 182 -9.38 11.51 -69.15
C GLU Y 182 -10.28 12.50 -69.86
N VAL Y 183 -11.33 12.97 -69.20
CA VAL Y 183 -12.44 13.64 -69.86
C VAL Y 183 -12.40 15.14 -69.67
N TYR Y 184 -11.39 15.68 -69.01
CA TYR Y 184 -11.33 17.10 -68.71
C TYR Y 184 -10.35 17.81 -69.65
N HIS Y 185 -10.70 19.03 -70.04
CA HIS Y 185 -9.78 19.94 -70.69
C HIS Y 185 -10.15 21.36 -70.26
N LYS Y 186 -9.42 22.34 -70.79
CA LYS Y 186 -9.58 23.71 -70.31
C LYS Y 186 -10.75 24.43 -70.97
N SER Y 187 -11.11 24.04 -72.19
CA SER Y 187 -12.12 24.76 -72.96
C SER Y 187 -13.49 24.11 -72.87
N MET Y 188 -13.84 23.58 -71.71
CA MET Y 188 -15.14 22.97 -71.49
C MET Y 188 -16.24 24.03 -71.50
N THR Y 189 -17.46 23.58 -71.73
CA THR Y 189 -18.63 24.43 -71.52
C THR Y 189 -19.39 23.91 -70.30
N LEU Y 190 -20.52 24.55 -70.00
CA LEU Y 190 -21.21 24.27 -68.75
C LEU Y 190 -21.96 22.95 -68.79
N LYS Y 191 -22.94 22.84 -69.70
CA LYS Y 191 -23.76 21.64 -69.79
C LYS Y 191 -22.98 20.42 -70.26
N GLU Y 192 -21.88 20.63 -70.97
CA GLU Y 192 -20.99 19.52 -71.31
C GLU Y 192 -20.34 18.97 -70.05
N ALA Y 193 -19.96 19.85 -69.12
CA ALA Y 193 -19.34 19.40 -67.89
C ALA Y 193 -20.36 18.79 -66.93
N ILE Y 194 -21.63 19.16 -67.06
CA ILE Y 194 -22.65 18.64 -66.16
C ILE Y 194 -22.94 17.18 -66.46
N LYS Y 195 -23.21 16.85 -67.73
CA LYS Y 195 -23.51 15.48 -68.07
C LYS Y 195 -22.27 14.59 -68.05
N SER Y 196 -21.08 15.16 -68.18
CA SER Y 196 -19.87 14.36 -68.05
C SER Y 196 -19.62 13.96 -66.60
N SER Y 197 -20.12 14.74 -65.66
CA SER Y 197 -19.90 14.44 -64.25
C SER Y 197 -20.75 13.26 -63.79
N LEU Y 198 -22.02 13.24 -64.20
CA LEU Y 198 -22.93 12.18 -63.77
C LEU Y 198 -22.62 10.84 -64.43
N ILE Y 199 -21.94 10.86 -65.57
CA ILE Y 199 -21.42 9.61 -66.13
C ILE Y 199 -20.40 8.99 -65.18
N ILE Y 200 -19.55 9.84 -64.59
CA ILE Y 200 -18.60 9.37 -63.59
C ILE Y 200 -19.34 8.92 -62.34
N LEU Y 201 -20.45 9.57 -62.01
CA LEU Y 201 -21.21 9.23 -60.81
C LEU Y 201 -21.85 7.85 -60.91
N LYS Y 202 -22.48 7.55 -62.04
CA LYS Y 202 -23.15 6.26 -62.17
C LYS Y 202 -22.15 5.11 -62.31
N GLN Y 203 -20.90 5.41 -62.66
CA GLN Y 203 -19.88 4.36 -62.67
C GLN Y 203 -19.39 4.05 -61.26
N VAL Y 204 -19.40 5.05 -60.36
CA VAL Y 204 -18.80 4.87 -59.04
C VAL Y 204 -19.81 4.57 -57.96
N MET Y 205 -21.11 4.75 -58.20
CA MET Y 205 -22.10 4.34 -57.23
C MET Y 205 -22.65 2.98 -57.59
N GLU Y 206 -23.49 2.45 -56.71
CA GLU Y 206 -24.02 1.10 -56.84
C GLU Y 206 -25.50 1.05 -57.15
N GLU Y 207 -26.25 2.10 -56.86
CA GLU Y 207 -27.69 2.11 -57.11
C GLU Y 207 -27.98 2.72 -58.47
N LYS Y 208 -29.23 2.57 -58.91
CA LYS Y 208 -29.65 3.16 -60.16
C LYS Y 208 -29.80 4.67 -60.00
N LEU Y 209 -29.42 5.40 -61.05
CA LEU Y 209 -29.51 6.85 -61.01
C LEU Y 209 -30.97 7.28 -61.18
N ASN Y 210 -31.45 8.13 -60.27
CA ASN Y 210 -32.83 8.56 -60.33
C ASN Y 210 -32.93 9.99 -59.82
N ALA Y 211 -34.14 10.42 -59.50
CA ALA Y 211 -34.38 11.77 -59.00
C ALA Y 211 -34.09 11.92 -57.51
N THR Y 212 -33.67 10.86 -56.85
CA THR Y 212 -33.50 10.88 -55.40
C THR Y 212 -32.08 10.64 -54.94
N ASN Y 213 -31.24 9.99 -55.74
CA ASN Y 213 -29.91 9.61 -55.26
C ASN Y 213 -28.94 10.78 -55.27
N ILE Y 214 -29.05 11.70 -56.22
CA ILE Y 214 -28.06 12.74 -56.40
C ILE Y 214 -28.74 14.10 -56.34
N GLU Y 215 -27.91 15.15 -56.35
CA GLU Y 215 -28.36 16.51 -56.52
C GLU Y 215 -27.20 17.35 -57.06
N LEU Y 216 -27.55 18.41 -57.79
CA LEU Y 216 -26.57 19.28 -58.42
C LEU Y 216 -26.63 20.67 -57.81
N ALA Y 217 -25.65 21.48 -58.19
CA ALA Y 217 -25.58 22.89 -57.77
C ALA Y 217 -24.67 23.59 -58.77
N THR Y 218 -25.23 24.56 -59.50
CA THR Y 218 -24.50 25.23 -60.57
C THR Y 218 -24.58 26.73 -60.35
N VAL Y 219 -23.43 27.35 -60.13
CA VAL Y 219 -23.32 28.80 -59.98
C VAL Y 219 -22.69 29.37 -61.24
N GLN Y 220 -23.18 30.51 -61.67
CA GLN Y 220 -22.75 31.18 -62.90
C GLN Y 220 -22.51 32.65 -62.62
N PRO Y 221 -21.73 33.34 -63.45
CA PRO Y 221 -21.71 34.80 -63.38
C PRO Y 221 -23.03 35.42 -63.78
N GLY Y 222 -23.68 34.89 -64.82
CA GLY Y 222 -24.98 35.37 -65.21
C GLY Y 222 -26.06 34.96 -64.24
N GLN Y 223 -26.36 33.67 -64.19
CA GLN Y 223 -27.26 33.13 -63.18
C GLN Y 223 -26.49 33.10 -61.87
N ASN Y 224 -26.65 34.15 -61.08
CA ASN Y 224 -25.71 34.45 -60.00
C ASN Y 224 -25.85 33.51 -58.81
N PHE Y 225 -26.94 32.76 -58.72
CA PHE Y 225 -27.15 31.86 -57.61
C PHE Y 225 -27.03 30.43 -58.10
N HIS Y 226 -26.92 29.50 -57.18
CA HIS Y 226 -27.05 28.09 -57.50
C HIS Y 226 -28.50 27.68 -57.30
N MET Y 227 -29.08 27.04 -58.32
CA MET Y 227 -30.53 26.91 -58.40
C MET Y 227 -30.85 25.57 -59.07
N PHE Y 228 -31.11 24.56 -58.24
CA PHE Y 228 -31.30 23.21 -58.75
C PHE Y 228 -32.50 22.52 -58.10
N THR Y 229 -33.69 23.09 -58.28
CA THR Y 229 -34.92 22.39 -57.94
C THR Y 229 -35.02 21.05 -58.68
N LYS Y 230 -35.80 20.15 -58.09
CA LYS Y 230 -36.03 18.84 -58.67
C LYS Y 230 -36.86 18.94 -59.94
N GLU Y 231 -36.84 17.86 -60.72
CA GLU Y 231 -37.48 17.62 -62.02
C GLU Y 231 -36.83 18.42 -63.15
N GLU Y 232 -35.90 19.32 -62.81
CA GLU Y 232 -34.79 19.62 -63.71
C GLU Y 232 -33.80 18.48 -63.70
N LEU Y 233 -33.75 17.77 -62.57
CA LEU Y 233 -32.85 16.63 -62.42
C LEU Y 233 -33.28 15.48 -63.34
N GLU Y 234 -34.59 15.23 -63.42
CA GLU Y 234 -35.10 14.22 -64.33
C GLU Y 234 -34.96 14.62 -65.79
N GLU Y 235 -34.86 15.93 -66.06
CA GLU Y 235 -34.66 16.40 -67.42
C GLU Y 235 -33.26 16.04 -67.93
N VAL Y 236 -32.29 15.94 -67.03
CA VAL Y 236 -30.92 15.64 -67.46
C VAL Y 236 -30.72 14.13 -67.59
N ILE Y 237 -31.39 13.34 -66.74
CA ILE Y 237 -31.28 11.89 -66.80
C ILE Y 237 -31.89 11.35 -68.09
N LYS Y 238 -33.04 11.90 -68.51
CA LYS Y 238 -33.64 11.46 -69.76
C LYS Y 238 -32.85 11.91 -70.98
N ASP Y 239 -31.96 12.88 -70.83
CA ASP Y 239 -31.07 13.30 -71.90
C ASP Y 239 -29.72 12.62 -71.86
N ILE Y 240 -29.57 11.60 -71.00
CA ILE Y 240 -28.32 10.85 -70.94
C ILE Y 240 -28.68 9.36 -71.00
N ASN Z 9 11.96 3.13 -26.16
CA ASN Z 9 10.91 3.80 -26.93
C ASN Z 9 9.92 4.54 -26.04
N GLN Z 10 9.85 4.11 -24.78
CA GLN Z 10 8.87 4.67 -23.86
C GLN Z 10 9.23 6.09 -23.42
N TYR Z 11 10.49 6.49 -23.54
CA TYR Z 11 10.90 7.85 -23.25
C TYR Z 11 10.89 8.74 -24.49
N ASP Z 12 10.37 8.23 -25.60
CA ASP Z 12 10.31 8.97 -26.85
C ASP Z 12 8.92 9.50 -27.14
N ASN Z 13 8.14 9.78 -26.10
CA ASN Z 13 6.73 10.15 -26.26
C ASN Z 13 6.53 11.66 -26.12
N ASP Z 14 6.92 12.23 -24.99
CA ASP Z 14 6.65 13.63 -24.69
C ASP Z 14 7.87 14.50 -24.90
N VAL Z 15 7.61 15.81 -25.02
CA VAL Z 15 8.69 16.77 -25.18
C VAL Z 15 9.44 16.96 -23.87
N THR Z 16 8.74 16.80 -22.75
CA THR Z 16 9.32 17.06 -21.44
C THR Z 16 10.36 16.01 -21.06
N VAL Z 17 10.16 14.76 -21.47
CA VAL Z 17 10.99 13.66 -21.00
C VAL Z 17 12.35 13.70 -21.71
N TRP Z 18 13.42 13.85 -20.92
CA TRP Z 18 14.76 13.73 -21.44
C TRP Z 18 15.10 12.29 -21.77
N SER Z 19 16.11 12.12 -22.57
CA SER Z 19 16.58 10.76 -22.87
C SER Z 19 17.67 10.37 -21.90
N PRO Z 20 17.87 9.07 -21.68
CA PRO Z 20 19.06 8.62 -20.95
C PRO Z 20 20.36 8.87 -21.69
N GLN Z 21 20.32 9.13 -22.99
CA GLN Z 21 21.48 9.62 -23.70
C GLN Z 21 21.55 11.14 -23.70
N GLY Z 22 20.41 11.81 -23.52
CA GLY Z 22 20.39 13.26 -23.43
C GLY Z 22 19.98 13.93 -24.72
N ARG Z 23 19.07 13.33 -25.47
CA ARG Z 23 18.58 13.87 -26.73
C ARG Z 23 17.06 13.75 -26.75
N ILE Z 24 16.36 14.87 -26.72
CA ILE Z 24 14.90 14.86 -26.74
C ILE Z 24 14.46 14.49 -28.16
N HIS Z 25 13.89 13.29 -28.31
CA HIS Z 25 13.60 12.77 -29.63
C HIS Z 25 12.44 13.45 -30.34
N GLN Z 26 11.61 14.22 -29.62
CA GLN Z 26 10.51 14.89 -30.27
C GLN Z 26 10.99 16.01 -31.20
N ILE Z 27 12.07 16.69 -30.82
CA ILE Z 27 12.67 17.67 -31.70
C ILE Z 27 13.33 16.97 -32.88
N GLU Z 28 13.98 15.83 -32.63
CA GLU Z 28 14.63 15.08 -33.70
C GLU Z 28 13.63 14.50 -34.68
N TYR Z 29 12.39 14.30 -34.25
CA TYR Z 29 11.35 13.88 -35.18
C TYR Z 29 10.83 15.08 -35.98
N ALA Z 30 10.86 16.27 -35.39
CA ALA Z 30 10.39 17.45 -36.09
C ALA Z 30 11.37 17.91 -37.15
N MET Z 31 12.64 17.57 -37.01
CA MET Z 31 13.61 17.82 -38.08
C MET Z 31 13.30 16.98 -39.31
N GLU Z 32 12.70 15.81 -39.12
CA GLU Z 32 12.34 14.98 -40.25
C GLU Z 32 11.15 15.55 -41.01
N ALA Z 33 10.29 16.30 -40.33
CA ALA Z 33 9.14 16.89 -41.00
C ALA Z 33 9.56 18.02 -41.93
N VAL Z 34 10.67 18.67 -41.65
CA VAL Z 34 11.17 19.71 -42.53
C VAL Z 34 11.72 19.10 -43.81
N LYS Z 35 12.33 17.92 -43.70
CA LYS Z 35 12.92 17.26 -44.87
C LYS Z 35 11.89 16.68 -45.83
N GLN Z 36 10.61 16.72 -45.48
CA GLN Z 36 9.59 16.23 -46.40
C GLN Z 36 9.09 17.29 -47.37
N GLY Z 37 9.26 18.56 -47.04
CA GLY Z 37 8.81 19.62 -47.91
C GLY Z 37 9.70 19.78 -49.13
N SER Z 38 9.22 20.60 -50.06
CA SER Z 38 9.97 20.85 -51.29
C SER Z 38 11.15 21.77 -51.02
N ALA Z 39 12.16 21.64 -51.86
CA ALA Z 39 13.41 22.36 -51.65
C ALA Z 39 13.27 23.83 -52.03
N THR Z 40 14.14 24.64 -51.45
CA THR Z 40 14.25 26.06 -51.75
C THR Z 40 15.65 26.54 -51.40
N VAL Z 41 16.12 27.56 -52.11
CA VAL Z 41 17.48 28.05 -52.01
C VAL Z 41 17.45 29.56 -51.86
N GLY Z 42 18.15 30.08 -50.85
CA GLY Z 42 18.31 31.51 -50.68
C GLY Z 42 19.78 31.88 -50.60
N LEU Z 43 20.09 33.09 -51.06
CA LEU Z 43 21.47 33.57 -51.13
C LEU Z 43 21.44 35.08 -51.25
N LYS Z 44 22.63 35.69 -51.16
CA LYS Z 44 22.71 37.15 -51.20
C LYS Z 44 24.03 37.61 -51.80
N SER Z 45 23.99 38.79 -52.40
CA SER Z 45 25.16 39.51 -52.86
C SER Z 45 25.54 40.56 -51.81
N LYS Z 46 26.43 41.48 -52.20
CA LYS Z 46 26.68 42.63 -51.34
C LYS Z 46 25.47 43.55 -51.27
N THR Z 47 24.72 43.66 -52.35
CA THR Z 47 23.66 44.65 -52.45
C THR Z 47 22.29 44.06 -52.72
N HIS Z 48 22.15 42.74 -52.84
CA HIS Z 48 20.85 42.15 -53.12
C HIS Z 48 20.75 40.80 -52.41
N ALA Z 49 19.51 40.39 -52.16
CA ALA Z 49 19.21 39.12 -51.52
C ALA Z 49 18.08 38.45 -52.29
N VAL Z 50 18.37 37.27 -52.84
CA VAL Z 50 17.43 36.55 -53.70
C VAL Z 50 17.24 35.15 -53.15
N LEU Z 51 15.99 34.77 -52.93
CA LEU Z 51 15.65 33.40 -52.56
C LEU Z 51 14.73 32.81 -53.63
N VAL Z 52 15.03 31.58 -54.03
CA VAL Z 52 14.32 30.89 -55.10
C VAL Z 52 13.71 29.62 -54.52
N ALA Z 53 12.43 29.40 -54.82
CA ALA Z 53 11.70 28.26 -54.27
C ALA Z 53 11.23 27.35 -55.39
N LEU Z 54 10.85 26.13 -54.99
CA LEU Z 54 10.34 25.11 -55.90
C LEU Z 54 8.97 24.66 -55.41
N LYS Z 55 8.00 24.63 -56.33
CA LYS Z 55 6.64 24.24 -55.98
C LYS Z 55 6.39 22.79 -56.35
N ARG Z 56 5.34 22.23 -55.74
CA ARG Z 56 4.84 20.91 -56.08
C ARG Z 56 3.37 21.00 -56.40
N ALA Z 57 2.86 19.95 -57.06
CA ALA Z 57 1.45 19.86 -57.42
C ALA Z 57 0.86 18.59 -56.81
N GLN Z 58 -0.34 18.72 -56.25
CA GLN Z 58 -1.02 17.55 -55.74
C GLN Z 58 -1.54 16.67 -56.86
N SER Z 59 -2.01 17.28 -57.94
CA SER Z 59 -2.43 16.55 -59.13
C SER Z 59 -2.20 17.46 -60.34
N GLU Z 60 -2.64 16.99 -61.50
CA GLU Z 60 -2.45 17.77 -62.73
C GLU Z 60 -3.41 18.94 -62.79
N LEU Z 61 -4.67 18.72 -62.45
CA LEU Z 61 -5.66 19.77 -62.44
C LEU Z 61 -5.49 20.74 -61.27
N ALA Z 62 -4.85 20.31 -60.19
CA ALA Z 62 -4.66 21.16 -59.04
C ALA Z 62 -3.56 22.17 -59.29
N ALA Z 63 -3.72 23.36 -58.73
CA ALA Z 63 -2.68 24.37 -58.83
C ALA Z 63 -1.52 24.04 -57.91
N HIS Z 64 -0.38 24.69 -58.14
CA HIS Z 64 0.81 24.42 -57.35
C HIS Z 64 0.76 25.20 -56.04
N GLN Z 65 1.18 24.53 -54.96
CA GLN Z 65 1.17 25.14 -53.64
C GLN Z 65 2.26 26.19 -53.55
N LYS Z 66 1.88 27.41 -53.17
CA LYS Z 66 2.82 28.51 -53.17
C LYS Z 66 3.76 28.43 -51.97
N LYS Z 67 4.95 28.99 -52.14
CA LYS Z 67 6.01 28.87 -51.14
C LYS Z 67 6.41 30.23 -50.56
N ILE Z 68 6.77 31.18 -51.40
CA ILE Z 68 7.24 32.48 -50.94
C ILE Z 68 6.03 33.35 -50.62
N LEU Z 69 6.11 34.12 -49.53
CA LEU Z 69 5.04 35.03 -49.19
C LEU Z 69 5.59 36.35 -48.68
N HIS Z 70 4.96 37.44 -49.08
CA HIS Z 70 5.36 38.77 -48.67
C HIS Z 70 4.97 39.04 -47.23
N VAL Z 71 5.90 39.63 -46.48
CA VAL Z 71 5.63 40.00 -45.09
C VAL Z 71 5.63 41.51 -44.97
N ASP Z 72 6.77 42.14 -45.26
CA ASP Z 72 6.89 43.58 -45.16
C ASP Z 72 7.57 44.07 -46.43
N ASN Z 73 7.85 45.36 -46.53
CA ASN Z 73 8.41 45.91 -47.75
C ASN Z 73 9.87 45.53 -47.98
N HIS Z 74 10.51 44.92 -47.00
CA HIS Z 74 11.87 44.45 -47.21
C HIS Z 74 12.01 42.99 -46.75
N ILE Z 75 11.18 42.57 -45.82
CA ILE Z 75 11.24 41.19 -45.31
C ILE Z 75 10.26 40.32 -46.07
N GLY Z 76 10.76 39.23 -46.63
CA GLY Z 76 9.91 38.17 -47.13
C GLY Z 76 10.55 36.83 -46.82
N ILE Z 77 9.70 35.83 -46.59
CA ILE Z 77 10.17 34.54 -46.09
C ILE Z 77 9.80 33.43 -47.07
N SER Z 78 10.53 32.32 -46.94
CA SER Z 78 10.20 31.05 -47.58
C SER Z 78 9.68 30.09 -46.53
N ILE Z 79 9.25 28.90 -46.97
CA ILE Z 79 8.55 27.98 -46.10
C ILE Z 79 8.98 26.55 -46.42
N ALA Z 80 8.91 25.69 -45.40
CA ALA Z 80 9.09 24.25 -45.57
C ALA Z 80 8.45 23.54 -44.40
N GLY Z 81 7.76 22.44 -44.67
CA GLY Z 81 7.17 21.64 -43.62
C GLY Z 81 5.66 21.70 -43.58
N LEU Z 82 5.10 22.02 -42.42
CA LEU Z 82 3.66 22.07 -42.26
C LEU Z 82 3.10 23.37 -42.84
N THR Z 83 1.78 23.41 -42.94
CA THR Z 83 1.09 24.61 -43.39
C THR Z 83 0.31 25.31 -42.28
N ALA Z 84 -0.04 24.61 -41.21
CA ALA Z 84 -0.64 25.27 -40.07
C ALA Z 84 0.40 26.09 -39.33
N ASP Z 85 1.58 25.51 -39.07
CA ASP Z 85 2.69 26.23 -38.48
C ASP Z 85 3.22 27.32 -39.39
N ALA Z 86 2.98 27.21 -40.70
CA ALA Z 86 3.32 28.28 -41.62
C ALA Z 86 2.51 29.53 -41.32
N ARG Z 87 1.18 29.42 -41.38
CA ARG Z 87 0.33 30.58 -41.23
C ARG Z 87 0.26 31.08 -39.80
N LEU Z 88 0.51 30.21 -38.82
CA LEU Z 88 0.48 30.63 -37.43
C LEU Z 88 1.68 31.51 -37.10
N LEU Z 89 2.85 31.17 -37.62
CA LEU Z 89 4.00 32.04 -37.47
C LEU Z 89 3.94 33.23 -38.41
N CYS Z 90 3.25 33.10 -39.53
CA CYS Z 90 3.11 34.22 -40.46
C CYS Z 90 2.26 35.33 -39.87
N ASN Z 91 1.17 34.98 -39.20
CA ASN Z 91 0.34 35.98 -38.55
C ASN Z 91 1.06 36.64 -37.39
N PHE Z 92 1.93 35.90 -36.71
CA PHE Z 92 2.80 36.53 -35.72
C PHE Z 92 3.87 37.37 -36.37
N MET Z 93 4.30 37.01 -37.57
CA MET Z 93 5.37 37.74 -38.25
C MET Z 93 4.87 39.09 -38.76
N ARG Z 94 3.72 39.09 -39.45
CA ARG Z 94 3.14 40.35 -39.93
C ARG Z 94 2.73 41.26 -38.78
N GLN Z 95 2.39 40.69 -37.63
CA GLN Z 95 1.95 41.49 -36.50
C GLN Z 95 3.09 42.31 -35.94
N GLU Z 96 4.25 41.68 -35.77
CA GLU Z 96 5.39 42.34 -35.12
C GLU Z 96 5.99 43.43 -36.01
N CYS Z 97 5.85 43.31 -37.32
CA CYS Z 97 6.44 44.30 -38.22
C CYS Z 97 5.67 45.61 -38.16
N LEU Z 98 4.34 45.54 -38.18
CA LEU Z 98 3.54 46.75 -38.13
C LEU Z 98 3.43 47.35 -36.74
N ASP Z 99 3.85 46.63 -35.70
CA ASP Z 99 3.82 47.21 -34.36
C ASP Z 99 4.93 48.24 -34.19
N SER Z 100 6.16 47.87 -34.52
CA SER Z 100 7.26 48.83 -34.48
C SER Z 100 7.10 49.90 -35.56
N ARG Z 101 6.40 49.57 -36.63
CA ARG Z 101 6.01 50.60 -37.60
C ARG Z 101 5.00 51.56 -36.97
N PHE Z 102 4.14 51.07 -36.09
CA PHE Z 102 3.18 51.93 -35.41
C PHE Z 102 3.81 52.69 -34.26
N VAL Z 103 4.73 52.05 -33.54
CA VAL Z 103 5.29 52.66 -32.34
C VAL Z 103 6.46 53.58 -32.69
N PHE Z 104 7.50 53.02 -33.30
CA PHE Z 104 8.72 53.77 -33.54
C PHE Z 104 8.75 54.46 -34.89
N ASP Z 105 7.80 54.16 -35.77
CA ASP Z 105 7.72 54.66 -37.14
C ASP Z 105 9.01 54.37 -37.91
N ARG Z 106 9.42 53.10 -37.87
CA ARG Z 106 10.61 52.64 -38.58
C ARG Z 106 10.45 51.16 -38.85
N PRO Z 107 11.07 50.64 -39.89
CA PRO Z 107 11.03 49.20 -40.11
C PRO Z 107 11.95 48.47 -39.15
N LEU Z 108 11.54 47.24 -38.80
CA LEU Z 108 12.36 46.41 -37.95
C LEU Z 108 13.64 45.99 -38.67
N PRO Z 109 14.78 46.04 -38.00
CA PRO Z 109 15.94 45.32 -38.49
C PRO Z 109 15.69 43.82 -38.43
N VAL Z 110 16.28 43.11 -39.39
CA VAL Z 110 15.96 41.72 -39.63
C VAL Z 110 16.46 40.84 -38.48
N SER Z 111 17.58 41.22 -37.86
CA SER Z 111 18.23 40.34 -36.89
C SER Z 111 17.42 40.19 -35.61
N ARG Z 112 16.95 41.29 -35.03
CA ARG Z 112 16.25 41.18 -33.76
C ARG Z 112 14.82 40.72 -33.91
N LEU Z 113 14.26 40.75 -35.12
CA LEU Z 113 12.95 40.14 -35.34
C LEU Z 113 13.03 38.62 -35.23
N VAL Z 114 14.12 38.04 -35.73
CA VAL Z 114 14.27 36.59 -35.69
C VAL Z 114 14.52 36.11 -34.27
N SER Z 115 15.12 36.97 -33.44
CA SER Z 115 15.27 36.65 -32.02
C SER Z 115 13.93 36.60 -31.31
N LEU Z 116 12.93 37.33 -31.81
CA LEU Z 116 11.58 37.18 -31.27
C LEU Z 116 10.95 35.85 -31.66
N ILE Z 117 11.38 35.28 -32.79
CA ILE Z 117 10.81 34.02 -33.24
C ILE Z 117 11.35 32.87 -32.40
N GLY Z 118 12.65 32.91 -32.08
CA GLY Z 118 13.23 31.89 -31.23
C GLY Z 118 12.69 31.93 -29.81
N SER Z 119 12.32 33.12 -29.34
CA SER Z 119 11.59 33.21 -28.08
C SER Z 119 10.17 32.70 -28.22
N LYS Z 120 9.56 32.88 -29.40
CA LYS Z 120 8.18 32.45 -29.59
C LYS Z 120 8.08 30.94 -29.66
N THR Z 121 9.00 30.29 -30.36
CA THR Z 121 8.97 28.84 -30.50
C THR Z 121 9.62 28.11 -29.34
N GLN Z 122 10.10 28.83 -28.34
CA GLN Z 122 10.77 28.17 -27.22
C GLN Z 122 9.77 27.50 -26.27
N ILE Z 123 8.68 28.22 -25.96
CA ILE Z 123 7.72 27.74 -24.96
C ILE Z 123 7.03 26.42 -25.35
N PRO Z 124 6.54 26.22 -26.59
CA PRO Z 124 5.99 24.88 -26.89
C PRO Z 124 7.01 23.78 -27.03
N THR Z 125 8.30 24.08 -26.91
CA THR Z 125 9.32 23.04 -26.86
C THR Z 125 9.76 22.73 -25.45
N GLN Z 126 9.08 23.27 -24.45
CA GLN Z 126 9.46 22.95 -23.09
C GLN Z 126 8.29 22.51 -22.21
N ARG Z 127 7.12 23.11 -22.39
CA ARG Z 127 6.00 22.76 -21.53
C ARG Z 127 5.28 21.53 -22.07
N TYR Z 128 4.37 21.00 -21.25
CA TYR Z 128 3.70 19.75 -21.56
C TYR Z 128 2.56 19.97 -22.52
N GLY Z 129 2.28 18.96 -23.34
CA GLY Z 129 1.12 18.97 -24.21
C GLY Z 129 1.20 19.93 -25.37
N ARG Z 130 2.40 20.33 -25.77
CA ARG Z 130 2.59 21.29 -26.84
C ARG Z 130 3.60 20.74 -27.82
N ARG Z 131 3.23 20.63 -29.09
CA ARG Z 131 4.18 20.19 -30.09
C ARG Z 131 5.13 21.32 -30.44
N PRO Z 132 6.32 20.99 -30.93
CA PRO Z 132 7.15 22.01 -31.57
C PRO Z 132 6.55 22.38 -32.93
N TYR Z 133 7.01 23.51 -33.45
CA TYR Z 133 6.54 24.01 -34.73
C TYR Z 133 7.39 23.40 -35.83
N GLY Z 134 6.81 22.50 -36.60
CA GLY Z 134 7.53 21.95 -37.74
C GLY Z 134 7.52 22.94 -38.88
N VAL Z 135 8.66 23.60 -39.09
CA VAL Z 135 8.72 24.74 -40.00
C VAL Z 135 10.16 24.92 -40.45
N GLY Z 136 10.33 25.52 -41.62
CA GLY Z 136 11.62 25.63 -42.28
C GLY Z 136 11.96 27.02 -42.77
N LEU Z 137 11.74 28.04 -41.95
CA LEU Z 137 11.79 29.43 -42.42
C LEU Z 137 13.18 29.84 -42.91
N LEU Z 138 13.24 30.24 -44.18
CA LEU Z 138 14.35 31.03 -44.72
C LEU Z 138 13.90 32.47 -44.80
N ILE Z 139 14.72 33.38 -44.27
CA ILE Z 139 14.33 34.77 -44.08
C ILE Z 139 15.33 35.67 -44.81
N ALA Z 140 14.81 36.61 -45.60
CA ALA Z 140 15.63 37.59 -46.30
C ALA Z 140 15.08 38.99 -46.09
N GLY Z 141 15.97 39.96 -45.98
CA GLY Z 141 15.52 41.32 -45.78
C GLY Z 141 16.69 42.27 -45.63
N TYR Z 142 16.35 43.56 -45.53
CA TYR Z 142 17.31 44.60 -45.21
C TYR Z 142 17.08 45.16 -43.82
N ASP Z 143 18.14 45.23 -43.05
CA ASP Z 143 18.28 46.23 -42.01
C ASP Z 143 19.03 47.42 -42.62
N ASP Z 144 19.54 48.31 -41.77
CA ASP Z 144 20.28 49.46 -42.25
C ASP Z 144 21.69 49.12 -42.72
N MET Z 145 22.13 47.87 -42.58
CA MET Z 145 23.50 47.49 -42.91
C MET Z 145 23.57 46.34 -43.91
N GLY Z 146 22.56 46.22 -44.77
CA GLY Z 146 22.67 45.35 -45.92
C GLY Z 146 21.77 44.14 -45.89
N PRO Z 147 21.98 43.22 -46.84
CA PRO Z 147 21.14 42.03 -46.92
C PRO Z 147 21.51 41.00 -45.87
N HIS Z 148 20.56 40.12 -45.59
CA HIS Z 148 20.74 39.06 -44.62
C HIS Z 148 19.96 37.84 -45.08
N ILE Z 149 20.56 36.66 -44.89
CA ILE Z 149 19.90 35.39 -45.14
C ILE Z 149 19.94 34.60 -43.85
N PHE Z 150 18.76 34.29 -43.32
CA PHE Z 150 18.62 33.55 -42.07
C PHE Z 150 17.90 32.24 -42.33
N GLN Z 151 18.19 31.25 -41.50
CA GLN Z 151 17.43 30.02 -41.49
C GLN Z 151 17.10 29.66 -40.06
N THR Z 152 16.00 28.94 -39.89
CA THR Z 152 15.53 28.52 -38.59
C THR Z 152 15.48 26.99 -38.53
N CYS Z 153 14.92 26.49 -37.44
CA CYS Z 153 14.78 25.06 -37.20
C CYS Z 153 13.72 24.87 -36.14
N PRO Z 154 13.13 23.68 -36.02
CA PRO Z 154 12.20 23.44 -34.90
C PRO Z 154 12.87 23.43 -33.54
N SER Z 155 14.20 23.28 -33.48
CA SER Z 155 14.92 23.44 -32.23
C SER Z 155 15.22 24.88 -31.90
N ALA Z 156 14.80 25.82 -32.76
CA ALA Z 156 14.96 27.27 -32.58
C ALA Z 156 16.43 27.67 -32.44
N ASN Z 157 17.22 27.32 -33.44
CA ASN Z 157 18.61 27.72 -33.53
C ASN Z 157 18.79 28.49 -34.84
N TYR Z 158 18.55 29.80 -34.79
CA TYR Z 158 18.61 30.61 -36.00
C TYR Z 158 20.06 30.88 -36.38
N PHE Z 159 20.34 30.83 -37.68
CA PHE Z 159 21.70 30.85 -38.21
C PHE Z 159 21.84 32.00 -39.19
N ASP Z 160 22.84 32.86 -38.95
CA ASP Z 160 23.19 33.94 -39.87
C ASP Z 160 24.09 33.34 -40.93
N CYS Z 161 23.48 32.85 -42.00
CA CYS Z 161 24.20 32.20 -43.08
C CYS Z 161 24.35 33.13 -44.27
N ARG Z 162 25.03 32.65 -45.31
CA ARG Z 162 25.11 33.37 -46.58
C ARG Z 162 24.46 32.66 -47.74
N ALA Z 163 24.30 31.34 -47.67
CA ALA Z 163 23.57 30.58 -48.68
C ALA Z 163 23.25 29.23 -48.06
N MET Z 164 21.96 28.91 -47.98
CA MET Z 164 21.56 27.60 -47.48
C MET Z 164 20.42 27.06 -48.33
N SER Z 165 20.11 25.80 -48.07
CA SER Z 165 18.96 25.16 -48.66
C SER Z 165 18.41 24.11 -47.72
N ILE Z 166 17.10 24.10 -47.56
CA ILE Z 166 16.41 23.19 -46.67
C ILE Z 166 15.23 22.57 -47.45
N GLY Z 167 14.77 21.39 -46.98
CA GLY Z 167 13.84 20.53 -47.68
C GLY Z 167 14.51 19.28 -48.27
N ALA Z 168 13.76 18.63 -49.17
CA ALA Z 168 14.01 17.28 -49.71
C ALA Z 168 15.10 17.35 -50.73
N ARG Z 169 16.06 16.45 -50.57
CA ARG Z 169 17.36 16.39 -51.19
C ARG Z 169 18.05 17.75 -51.34
N SER Z 170 18.10 18.54 -50.27
CA SER Z 170 18.97 19.72 -50.26
C SER Z 170 20.42 19.36 -50.03
N GLN Z 171 20.72 18.08 -49.79
CA GLN Z 171 22.09 17.60 -49.69
C GLN Z 171 22.90 17.99 -50.92
N SER Z 172 22.34 17.75 -52.10
CA SER Z 172 23.02 18.13 -53.33
C SER Z 172 22.99 19.63 -53.58
N ALA Z 173 22.03 20.34 -53.00
CA ALA Z 173 21.93 21.77 -53.23
C ALA Z 173 23.05 22.52 -52.53
N ARG Z 174 23.46 22.05 -51.35
CA ARG Z 174 24.50 22.71 -50.60
C ARG Z 174 25.85 22.57 -51.28
N THR Z 175 26.09 21.42 -51.94
CA THR Z 175 27.38 21.13 -52.54
C THR Z 175 27.70 22.07 -53.69
N TYR Z 176 26.69 22.53 -54.41
CA TYR Z 176 26.92 23.51 -55.48
C TYR Z 176 27.31 24.88 -54.93
N LEU Z 177 26.95 25.16 -53.68
CA LEU Z 177 27.07 26.52 -53.18
C LEU Z 177 28.50 26.89 -52.81
N GLU Z 178 29.24 26.00 -52.15
CA GLU Z 178 30.57 26.37 -51.69
C GLU Z 178 31.57 26.42 -52.82
N ARG Z 179 31.34 25.70 -53.91
CA ARG Z 179 32.22 25.84 -55.06
C ARG Z 179 31.87 27.02 -55.94
N HIS Z 180 30.87 27.82 -55.55
CA HIS Z 180 30.59 29.08 -56.23
C HIS Z 180 30.27 30.19 -55.24
N MET Z 181 30.62 30.03 -53.96
CA MET Z 181 30.32 31.06 -52.97
C MET Z 181 31.20 32.29 -53.12
N SER Z 182 32.36 32.16 -53.75
CA SER Z 182 33.23 33.32 -53.94
C SER Z 182 32.68 34.25 -55.02
N GLU Z 183 31.92 33.70 -55.97
CA GLU Z 183 31.31 34.49 -57.03
C GLU Z 183 30.09 35.27 -56.58
N PHE Z 184 29.58 34.99 -55.38
CA PHE Z 184 28.28 35.49 -54.95
C PHE Z 184 28.36 36.86 -54.31
N MET Z 185 29.40 37.63 -54.58
CA MET Z 185 29.54 38.94 -53.98
C MET Z 185 29.64 40.06 -55.01
N GLU Z 186 30.30 39.81 -56.14
CA GLU Z 186 30.54 40.85 -57.12
C GLU Z 186 29.53 40.88 -58.25
N CYS Z 187 28.78 39.79 -58.45
CA CYS Z 187 27.89 39.69 -59.59
C CYS Z 187 26.55 40.36 -59.28
N ASN Z 188 25.94 40.93 -60.32
CA ASN Z 188 24.66 41.60 -60.16
C ASN Z 188 23.52 40.62 -60.46
N LEU Z 189 22.30 41.15 -60.56
CA LEU Z 189 21.09 40.37 -60.31
C LEU Z 189 20.83 39.35 -61.41
N ASN Z 190 21.20 39.67 -62.65
CA ASN Z 190 20.82 38.83 -63.78
C ASN Z 190 21.53 37.49 -63.74
N GLU Z 191 22.78 37.47 -63.27
CA GLU Z 191 23.42 36.19 -63.05
C GLU Z 191 23.41 35.75 -61.60
N LEU Z 192 23.08 36.65 -60.66
CA LEU Z 192 22.90 36.22 -59.27
C LEU Z 192 21.69 35.32 -59.13
N VAL Z 193 20.60 35.66 -59.82
CA VAL Z 193 19.41 34.81 -59.79
C VAL Z 193 19.68 33.49 -60.47
N LYS Z 194 20.26 33.51 -61.67
CA LYS Z 194 20.49 32.26 -62.37
C LYS Z 194 21.70 31.50 -61.86
N HIS Z 195 22.49 32.07 -60.94
CA HIS Z 195 23.35 31.22 -60.11
C HIS Z 195 22.51 30.39 -59.15
N GLY Z 196 21.42 30.98 -58.63
CA GLY Z 196 20.64 30.31 -57.61
C GLY Z 196 19.82 29.16 -58.16
N LEU Z 197 19.21 29.36 -59.33
CA LEU Z 197 18.41 28.28 -59.90
C LEU Z 197 19.24 27.26 -60.65
N ARG Z 198 20.55 27.47 -60.80
CA ARG Z 198 21.42 26.35 -61.13
C ARG Z 198 21.61 25.40 -59.96
N ALA Z 199 21.31 25.85 -58.74
CA ALA Z 199 21.44 24.97 -57.58
C ALA Z 199 20.19 24.13 -57.37
N LEU Z 200 19.02 24.62 -57.78
CA LEU Z 200 17.79 23.84 -57.62
C LEU Z 200 17.75 22.64 -58.54
N ARG Z 201 18.42 22.72 -59.68
CA ARG Z 201 18.25 21.71 -60.73
C ARG Z 201 19.01 20.41 -60.44
N GLU Z 202 19.74 20.32 -59.34
CA GLU Z 202 20.29 19.05 -58.89
C GLU Z 202 19.48 18.46 -57.74
N THR Z 203 18.42 19.14 -57.31
CA THR Z 203 17.48 18.60 -56.35
C THR Z 203 16.30 17.93 -57.04
N LEU Z 204 16.49 17.47 -58.26
CA LEU Z 204 15.44 17.02 -59.14
C LEU Z 204 15.82 15.70 -59.79
N PRO Z 205 14.84 14.93 -60.24
CA PRO Z 205 15.12 13.87 -61.21
C PRO Z 205 15.59 14.48 -62.53
N ALA Z 206 16.22 13.64 -63.35
CA ALA Z 206 16.97 14.12 -64.51
C ALA Z 206 16.11 14.30 -65.75
N GLU Z 207 14.80 14.57 -65.59
CA GLU Z 207 13.95 14.71 -66.77
C GLU Z 207 12.97 15.88 -66.69
N GLN Z 208 13.02 16.70 -65.64
CA GLN Z 208 12.22 17.91 -65.59
C GLN Z 208 12.94 18.91 -64.72
N ASP Z 209 12.90 20.19 -65.11
CA ASP Z 209 13.59 21.21 -64.34
C ASP Z 209 12.70 22.33 -63.81
N LEU Z 210 12.14 23.18 -64.67
CA LEU Z 210 11.61 24.45 -64.18
C LEU Z 210 10.47 25.02 -65.01
N THR Z 211 9.62 24.17 -65.59
CA THR Z 211 8.84 24.59 -66.76
C THR Z 211 7.69 25.54 -66.47
N THR Z 212 8.02 26.73 -65.92
CA THR Z 212 7.12 27.87 -65.72
C THR Z 212 5.83 27.52 -64.98
N LYS Z 213 5.88 26.50 -64.12
CA LYS Z 213 4.74 26.16 -63.30
C LYS Z 213 5.11 25.82 -61.89
N ASN Z 214 6.39 25.76 -61.55
CA ASN Z 214 6.81 25.23 -60.26
C ASN Z 214 7.90 26.04 -59.58
N VAL Z 215 8.23 27.23 -60.08
CA VAL Z 215 9.33 28.02 -59.53
C VAL Z 215 8.82 29.43 -59.24
N SER Z 216 9.32 30.02 -58.16
CA SER Z 216 9.03 31.40 -57.82
C SER Z 216 10.28 32.04 -57.23
N ILE Z 217 10.44 33.33 -57.46
CA ILE Z 217 11.64 34.06 -57.08
C ILE Z 217 11.23 35.35 -56.38
N GLY Z 218 11.76 35.57 -55.18
CA GLY Z 218 11.57 36.83 -54.48
C GLY Z 218 12.87 37.59 -54.33
N ILE Z 219 12.87 38.88 -54.65
CA ILE Z 219 14.07 39.71 -54.62
C ILE Z 219 13.81 40.90 -53.72
N VAL Z 220 14.73 41.20 -52.82
CA VAL Z 220 14.76 42.46 -52.09
C VAL Z 220 16.08 43.16 -52.42
N GLY Z 221 16.02 44.48 -52.63
CA GLY Z 221 17.17 45.22 -53.08
C GLY Z 221 17.23 46.59 -52.44
N LYS Z 222 18.24 47.36 -52.86
CA LYS Z 222 18.47 48.69 -52.30
C LYS Z 222 17.35 49.64 -52.68
N ASP Z 223 17.14 49.86 -53.98
CA ASP Z 223 16.02 50.63 -54.47
C ASP Z 223 14.86 49.74 -54.89
N LEU Z 224 14.71 48.58 -54.23
CA LEU Z 224 13.75 47.58 -54.66
C LEU Z 224 12.99 47.05 -53.45
N GLU Z 225 11.67 47.21 -53.48
CA GLU Z 225 10.80 46.56 -52.52
C GLU Z 225 10.75 45.07 -52.81
N PHE Z 226 10.44 44.27 -51.78
CA PHE Z 226 10.40 42.82 -51.92
C PHE Z 226 9.30 42.39 -52.88
N THR Z 227 9.70 41.82 -54.01
CA THR Z 227 8.81 41.54 -55.12
C THR Z 227 8.83 40.06 -55.44
N ILE Z 228 7.65 39.46 -55.59
CA ILE Z 228 7.51 38.04 -55.86
C ILE Z 228 7.06 37.87 -57.31
N TYR Z 229 7.75 37.03 -58.05
CA TYR Z 229 7.37 36.69 -59.41
C TYR Z 229 6.91 35.23 -59.44
N ASP Z 230 6.00 34.93 -60.38
CA ASP Z 230 5.43 33.58 -60.45
C ASP Z 230 4.98 33.25 -61.86
N ASP Z 231 5.77 32.44 -62.55
CA ASP Z 231 5.39 31.63 -63.71
C ASP Z 231 5.08 32.41 -65.00
N ASP Z 232 5.04 33.72 -64.94
CA ASP Z 232 4.84 34.51 -66.14
C ASP Z 232 5.91 35.56 -66.34
N ASP Z 233 6.30 36.24 -65.27
CA ASP Z 233 7.45 37.13 -65.29
C ASP Z 233 8.72 36.43 -64.81
N VAL Z 234 8.62 35.13 -64.52
CA VAL Z 234 9.80 34.33 -64.27
C VAL Z 234 10.47 33.95 -65.59
N SER Z 235 9.69 33.80 -66.65
CA SER Z 235 10.14 33.48 -68.01
C SER Z 235 11.25 34.37 -68.60
N PRO Z 236 11.37 35.67 -68.26
CA PRO Z 236 12.62 36.36 -68.63
C PRO Z 236 13.84 35.85 -67.89
N PHE Z 237 13.68 35.31 -66.69
CA PHE Z 237 14.84 34.81 -65.96
C PHE Z 237 15.25 33.42 -66.42
N LEU Z 238 14.29 32.65 -66.96
CA LEU Z 238 14.54 31.25 -67.29
C LEU Z 238 15.21 31.07 -68.65
N GLU Z 239 15.46 32.14 -69.38
CA GLU Z 239 16.23 32.03 -70.60
C GLU Z 239 17.72 32.16 -70.30
N GLY Z 240 18.54 31.70 -71.24
CA GLY Z 240 19.97 31.74 -71.07
C GLY Z 240 20.47 30.71 -70.08
N LEU Z 241 20.06 29.46 -70.27
CA LEU Z 241 20.47 28.36 -69.41
C LEU Z 241 21.06 27.24 -70.25
N GLU Z 242 22.06 26.57 -69.68
CA GLU Z 242 22.58 25.34 -70.24
C GLU Z 242 21.84 24.15 -69.64
N GLU Z 243 21.72 23.09 -70.44
CA GLU Z 243 21.06 21.89 -69.98
C GLU Z 243 21.96 21.11 -69.02
N ARG Z 244 21.39 20.13 -68.37
CA ARG Z 244 22.18 19.29 -67.46
C ARG Z 244 23.05 18.32 -68.25
N PRO Z 245 24.33 18.19 -67.94
CA PRO Z 245 25.17 17.20 -68.61
C PRO Z 245 24.90 15.80 -68.10
N GLN Z 246 25.52 14.83 -68.77
CA GLN Z 246 25.35 13.42 -68.41
C GLN Z 246 26.61 12.62 -68.72
N THR AA 5 15.27 2.72 -14.48
CA THR AA 5 14.08 2.74 -15.32
C THR AA 5 12.82 2.60 -14.47
N GLY AA 6 11.73 3.21 -14.93
CA GLY AA 6 10.51 3.27 -14.17
C GLY AA 6 10.43 4.43 -13.20
N TYR AA 7 11.56 5.03 -12.86
CA TYR AA 7 11.62 6.16 -11.94
C TYR AA 7 12.24 7.39 -12.58
N ASP AA 8 12.72 7.27 -13.81
CA ASP AA 8 13.46 8.34 -14.47
C ASP AA 8 12.61 9.15 -15.43
N LEU AA 9 11.29 9.01 -15.38
CA LEU AA 9 10.44 9.72 -16.33
C LEU AA 9 10.22 11.16 -15.92
N SER AA 10 9.61 11.38 -14.77
CA SER AA 10 9.29 12.74 -14.35
C SER AA 10 10.45 13.34 -13.57
N ALA AA 11 10.38 14.66 -13.38
CA ALA AA 11 11.31 15.37 -12.52
C ALA AA 11 10.72 15.61 -11.14
N SER AA 12 9.63 14.91 -10.80
CA SER AA 12 8.99 15.04 -9.52
C SER AA 12 9.02 13.76 -8.71
N THR AA 13 9.67 12.71 -9.21
CA THR AA 13 9.74 11.42 -8.55
C THR AA 13 11.18 11.14 -8.16
N PHE AA 14 11.39 10.67 -6.94
CA PHE AA 14 12.71 10.29 -6.50
C PHE AA 14 13.03 8.85 -6.89
N SER AA 15 14.31 8.60 -7.10
CA SER AA 15 14.77 7.24 -7.30
C SER AA 15 14.76 6.51 -5.96
N PRO AA 16 14.67 5.18 -5.97
CA PRO AA 16 14.72 4.43 -4.71
C PRO AA 16 16.09 4.38 -4.04
N ASP AA 17 17.09 5.13 -4.51
CA ASP AA 17 18.30 5.36 -3.74
C ASP AA 17 18.50 6.83 -3.37
N GLY AA 18 17.72 7.74 -3.93
CA GLY AA 18 17.74 9.09 -3.44
C GLY AA 18 18.20 10.19 -4.37
N ARG AA 19 17.94 10.07 -5.68
CA ARG AA 19 18.27 11.16 -6.59
C ARG AA 19 17.24 11.24 -7.70
N VAL AA 20 17.46 12.16 -8.63
CA VAL AA 20 16.54 12.45 -9.73
C VAL AA 20 17.31 12.31 -11.03
N PHE AA 21 16.89 11.38 -11.88
CA PHE AA 21 17.65 11.11 -13.10
C PHE AA 21 17.41 12.12 -14.20
N GLN AA 22 16.29 12.83 -14.17
CA GLN AA 22 16.03 13.85 -15.19
C GLN AA 22 17.01 15.00 -15.09
N VAL AA 23 17.45 15.32 -13.88
CA VAL AA 23 18.53 16.28 -13.73
C VAL AA 23 19.85 15.65 -14.16
N GLU AA 24 20.02 14.35 -13.87
CA GLU AA 24 21.24 13.64 -14.23
C GLU AA 24 21.39 13.49 -15.74
N TYR AA 25 20.28 13.37 -16.46
CA TYR AA 25 20.36 13.23 -17.91
C TYR AA 25 20.74 14.55 -18.56
N ALA AA 26 20.18 15.64 -18.07
CA ALA AA 26 20.41 16.94 -18.67
C ALA AA 26 21.81 17.48 -18.37
N MET AA 27 22.50 16.95 -17.36
CA MET AA 27 23.86 17.40 -17.08
C MET AA 27 24.82 16.94 -18.17
N LYS AA 28 24.73 15.69 -18.58
CA LYS AA 28 25.63 15.22 -19.62
C LYS AA 28 25.15 15.59 -21.02
N ALA AA 29 23.96 16.16 -21.15
CA ALA AA 29 23.60 16.81 -22.41
C ALA AA 29 24.40 18.08 -22.61
N VAL AA 30 24.77 18.75 -21.52
CA VAL AA 30 25.66 19.90 -21.60
C VAL AA 30 27.08 19.44 -21.95
N GLU AA 31 27.42 18.21 -21.58
CA GLU AA 31 28.77 17.68 -21.77
C GLU AA 31 29.10 17.49 -23.24
N ASN AA 32 28.09 17.27 -24.08
CA ASN AA 32 28.35 17.00 -25.49
C ASN AA 32 28.68 18.25 -26.31
N SER AA 33 28.61 19.43 -25.72
CA SER AA 33 28.91 20.65 -26.46
C SER AA 33 30.40 20.99 -26.39
N SER AA 34 30.79 21.99 -27.17
CA SER AA 34 32.19 22.37 -27.28
C SER AA 34 32.64 23.13 -26.03
N THR AA 35 33.92 23.47 -26.00
CA THR AA 35 34.59 23.92 -24.79
C THR AA 35 34.51 25.43 -24.68
N ALA AA 36 34.05 25.91 -23.52
CA ALA AA 36 34.08 27.32 -23.18
C ALA AA 36 34.67 27.47 -21.79
N ILE AA 37 35.74 28.25 -21.68
CA ILE AA 37 36.47 28.39 -20.44
C ILE AA 37 36.38 29.83 -19.95
N GLY AA 38 36.78 30.04 -18.72
CA GLY AA 38 36.77 31.37 -18.12
C GLY AA 38 37.80 31.46 -17.03
N ILE AA 39 38.30 32.67 -16.81
CA ILE AA 39 39.40 32.91 -15.88
C ILE AA 39 39.35 34.38 -15.50
N ARG AA 40 39.88 34.71 -14.33
CA ARG AA 40 39.97 36.09 -13.90
C ARG AA 40 41.38 36.42 -13.42
N CYS AA 41 41.83 37.62 -13.76
CA CYS AA 41 43.08 38.16 -13.24
C CYS AA 41 42.73 39.04 -12.04
N LYS AA 42 43.71 39.82 -11.57
CA LYS AA 42 43.47 40.63 -10.39
C LYS AA 42 42.63 41.87 -10.67
N ASP AA 43 42.49 42.27 -11.93
CA ASP AA 43 41.64 43.40 -12.25
C ASP AA 43 40.82 43.15 -13.50
N GLY AA 44 40.24 41.96 -13.60
CA GLY AA 44 39.34 41.70 -14.72
C GLY AA 44 39.05 40.22 -14.86
N VAL AA 45 38.12 39.95 -15.76
CA VAL AA 45 37.70 38.60 -16.10
C VAL AA 45 37.84 38.43 -17.60
N VAL AA 46 38.44 37.32 -18.03
CA VAL AA 46 38.66 37.03 -19.44
C VAL AA 46 37.84 35.79 -19.81
N PHE AA 47 37.02 35.93 -20.85
CA PHE AA 47 36.25 34.83 -21.40
C PHE AA 47 36.91 34.29 -22.66
N GLY AA 48 36.69 33.01 -22.91
CA GLY AA 48 37.18 32.38 -24.12
C GLY AA 48 36.31 31.21 -24.54
N VAL AA 49 35.82 31.23 -25.78
CA VAL AA 49 34.90 30.22 -26.27
C VAL AA 49 35.43 29.69 -27.58
N GLU AA 50 35.66 28.38 -27.65
CA GLU AA 50 35.92 27.74 -28.92
C GLU AA 50 34.62 27.56 -29.69
N LYS AA 51 34.62 27.95 -30.96
CA LYS AA 51 33.45 27.78 -31.81
C LYS AA 51 33.86 26.98 -33.04
N LEU AA 52 33.01 26.02 -33.41
CA LEU AA 52 33.30 25.07 -34.47
C LEU AA 52 32.64 25.51 -35.78
N VAL AA 53 33.44 25.64 -36.82
CA VAL AA 53 32.94 25.79 -38.17
C VAL AA 53 32.74 24.40 -38.74
N LEU AA 54 31.53 24.09 -39.21
CA LEU AA 54 31.28 22.73 -39.67
C LEU AA 54 31.79 22.52 -41.09
N SER AA 55 31.15 23.16 -42.08
CA SER AA 55 31.76 23.28 -43.39
C SER AA 55 31.84 24.74 -43.84
N LYS AA 56 30.69 25.39 -44.04
CA LYS AA 56 30.59 26.84 -44.05
C LYS AA 56 29.59 27.32 -43.02
N LEU AA 57 28.32 26.98 -43.19
CA LEU AA 57 27.24 26.92 -42.21
C LEU AA 57 26.77 28.25 -41.66
N TYR AA 58 27.52 29.33 -41.90
CA TYR AA 58 27.18 30.68 -41.43
C TYR AA 58 28.14 31.76 -41.93
N GLU AA 59 27.61 32.98 -42.05
CA GLU AA 59 28.43 34.17 -42.04
C GLU AA 59 29.12 34.30 -40.69
N GLU AA 60 30.45 34.43 -40.72
CA GLU AA 60 31.26 34.45 -39.51
C GLU AA 60 30.93 35.67 -38.66
N GLY AA 61 30.63 35.42 -37.38
CA GLY AA 61 29.97 36.38 -36.52
C GLY AA 61 28.58 35.96 -36.12
N SER AA 62 28.06 34.88 -36.70
CA SER AA 62 26.77 34.34 -36.32
C SER AA 62 26.82 33.75 -34.91
N ASN AA 63 25.64 33.73 -34.27
CA ASN AA 63 25.24 33.02 -33.05
C ASN AA 63 26.33 32.84 -31.99
N LYS AA 64 27.02 33.93 -31.68
CA LYS AA 64 28.14 33.88 -30.76
C LYS AA 64 27.64 33.58 -29.35
N ARG AA 65 28.30 32.65 -28.67
CA ARG AA 65 27.87 32.22 -27.35
C ARG AA 65 28.38 33.11 -26.23
N LEU AA 66 28.93 34.26 -26.55
CA LEU AA 66 29.31 35.26 -25.55
C LEU AA 66 28.24 36.34 -25.57
N PHE AA 67 27.26 36.20 -24.67
CA PHE AA 67 26.13 37.12 -24.64
C PHE AA 67 26.51 38.37 -23.85
N ASN AA 68 25.53 39.22 -23.58
CA ASN AA 68 25.81 40.49 -22.90
C ASN AA 68 24.56 40.85 -22.10
N VAL AA 69 24.57 40.52 -20.81
CA VAL AA 69 23.38 40.72 -19.97
C VAL AA 69 23.25 42.19 -19.56
N ASP AA 70 24.28 42.74 -18.96
CA ASP AA 70 24.24 44.10 -18.47
C ASP AA 70 25.47 44.82 -19.01
N ARG AA 71 25.60 46.11 -18.68
CA ARG AA 71 26.76 46.88 -19.13
C ARG AA 71 28.05 46.35 -18.53
N HIS AA 72 27.98 45.79 -17.32
CA HIS AA 72 29.16 45.28 -16.65
C HIS AA 72 29.11 43.77 -16.42
N VAL AA 73 28.15 43.05 -17.02
CA VAL AA 73 27.95 41.63 -16.77
C VAL AA 73 27.94 40.90 -18.11
N GLY AA 74 28.66 39.77 -18.19
CA GLY AA 74 28.72 39.00 -19.40
C GLY AA 74 28.42 37.52 -19.17
N MET AA 75 28.15 36.82 -20.27
CA MET AA 75 27.83 35.41 -20.28
C MET AA 75 28.91 34.63 -20.99
N ALA AA 76 28.92 33.32 -20.76
CA ALA AA 76 29.66 32.38 -21.61
C ALA AA 76 28.91 31.05 -21.54
N VAL AA 77 28.01 30.84 -22.49
CA VAL AA 77 27.09 29.72 -22.42
C VAL AA 77 27.65 28.52 -23.16
N ALA AA 78 27.18 27.35 -22.77
CA ALA AA 78 27.50 26.10 -23.46
C ALA AA 78 26.37 25.12 -23.20
N GLY AA 79 26.41 23.99 -23.89
CA GLY AA 79 25.33 23.03 -23.82
C GLY AA 79 24.35 23.24 -24.94
N LEU AA 80 23.05 23.16 -24.64
CA LEU AA 80 22.03 23.47 -25.62
C LEU AA 80 22.03 24.98 -25.87
N LEU AA 81 21.61 25.36 -27.07
CA LEU AA 81 21.77 26.75 -27.49
C LEU AA 81 20.51 27.58 -27.30
N ALA AA 82 19.34 27.04 -27.62
CA ALA AA 82 18.12 27.84 -27.62
C ALA AA 82 17.67 28.21 -26.21
N ASP AA 83 17.89 27.31 -25.25
CA ASP AA 83 17.56 27.63 -23.86
C ASP AA 83 18.54 28.62 -23.26
N ALA AA 84 19.75 28.73 -23.82
CA ALA AA 84 20.70 29.71 -23.33
C ALA AA 84 20.26 31.12 -23.68
N ARG AA 85 19.62 31.30 -24.84
CA ARG AA 85 19.06 32.59 -25.18
C ARG AA 85 17.84 32.91 -24.33
N SER AA 86 17.18 31.89 -23.79
CA SER AA 86 16.09 32.14 -22.86
C SER AA 86 16.59 32.65 -21.53
N LEU AA 87 17.67 32.05 -21.02
CA LEU AA 87 18.27 32.50 -19.77
C LEU AA 87 18.89 33.88 -19.91
N ALA AA 88 19.35 34.23 -21.11
CA ALA AA 88 19.84 35.58 -21.33
C ALA AA 88 18.70 36.59 -21.25
N ASP AA 89 17.51 36.21 -21.70
CA ASP AA 89 16.37 37.12 -21.61
C ASP AA 89 15.86 37.25 -20.19
N ILE AA 90 16.04 36.21 -19.37
CA ILE AA 90 15.68 36.32 -17.96
C ILE AA 90 16.66 37.22 -17.23
N ALA AA 91 17.95 37.08 -17.52
CA ALA AA 91 18.97 37.82 -16.80
C ALA AA 91 18.98 39.30 -17.18
N ARG AA 92 18.69 39.62 -18.46
CA ARG AA 92 18.53 41.02 -18.82
C ARG AA 92 17.30 41.62 -18.17
N GLU AA 93 16.25 40.82 -18.02
CA GLU AA 93 15.02 41.31 -17.41
C GLU AA 93 15.21 41.53 -15.92
N GLU AA 94 16.01 40.69 -15.27
CA GLU AA 94 16.19 40.80 -13.82
C GLU AA 94 17.03 42.01 -13.46
N ALA AA 95 18.05 42.30 -14.27
CA ALA AA 95 18.91 43.45 -14.00
C ALA AA 95 18.19 44.78 -14.25
N SER AA 96 17.13 44.77 -15.03
CA SER AA 96 16.38 46.00 -15.27
C SER AA 96 15.50 46.34 -14.07
N ASN AA 97 14.95 45.32 -13.41
CA ASN AA 97 14.09 45.57 -12.26
C ASN AA 97 14.88 46.02 -11.05
N PHE AA 98 16.13 45.56 -10.92
CA PHE AA 98 17.00 46.06 -9.87
C PHE AA 98 17.35 47.52 -10.13
N ARG AA 99 17.54 47.88 -11.39
CA ARG AA 99 17.82 49.26 -11.76
C ARG AA 99 16.62 50.15 -11.49
N SER AA 100 15.42 49.65 -11.78
CA SER AA 100 14.23 50.47 -11.65
C SER AA 100 13.81 50.63 -10.19
N ASN AA 101 13.93 49.58 -9.39
CA ASN AA 101 13.45 49.64 -8.03
C ASN AA 101 14.47 50.24 -7.09
N PHE AA 102 15.75 49.92 -7.28
CA PHE AA 102 16.77 50.25 -6.30
C PHE AA 102 17.76 51.29 -6.79
N GLY AA 103 17.82 51.56 -8.09
CA GLY AA 103 18.48 52.75 -8.60
C GLY AA 103 19.97 52.66 -8.79
N TYR AA 104 20.56 51.46 -8.85
CA TYR AA 104 21.98 51.33 -9.12
C TYR AA 104 22.23 49.96 -9.74
N ASN AA 105 23.51 49.67 -10.03
CA ASN AA 105 23.86 48.48 -10.78
C ASN AA 105 23.73 47.23 -9.95
N ILE AA 106 23.40 46.14 -10.62
CA ILE AA 106 23.12 44.86 -9.93
C ILE AA 106 24.44 44.23 -9.49
N PRO AA 107 24.57 43.84 -8.23
CA PRO AA 107 25.74 43.05 -7.82
C PRO AA 107 25.66 41.65 -8.41
N LEU AA 108 26.83 41.09 -8.68
CA LEU AA 108 26.87 39.78 -9.34
C LEU AA 108 26.46 38.66 -8.40
N LYS AA 109 26.56 38.86 -7.09
CA LYS AA 109 26.16 37.83 -6.14
C LYS AA 109 24.64 37.65 -6.14
N HIS AA 110 23.89 38.74 -6.25
CA HIS AA 110 22.44 38.63 -6.32
C HIS AA 110 21.99 38.11 -7.67
N LEU AA 111 22.64 38.56 -8.75
CA LEU AA 111 22.24 38.17 -10.09
C LEU AA 111 22.47 36.69 -10.32
N ALA AA 112 23.48 36.11 -9.68
CA ALA AA 112 23.64 34.67 -9.71
C ALA AA 112 22.52 33.98 -8.95
N ASP AA 113 22.09 34.56 -7.83
CA ASP AA 113 21.12 33.90 -6.98
C ASP AA 113 19.72 33.96 -7.56
N ARG AA 114 19.37 35.08 -8.20
CA ARG AA 114 18.03 35.21 -8.77
C ARG AA 114 17.84 34.29 -9.97
N VAL AA 115 18.91 34.09 -10.75
CA VAL AA 115 18.82 33.20 -11.89
C VAL AA 115 18.80 31.74 -11.45
N ALA AA 116 19.63 31.40 -10.46
CA ALA AA 116 19.73 30.02 -10.02
C ALA AA 116 18.47 29.53 -9.33
N MET AA 117 17.72 30.43 -8.69
CA MET AA 117 16.40 30.05 -8.19
C MET AA 117 15.44 29.80 -9.34
N TYR AA 118 15.58 30.55 -10.44
CA TYR AA 118 14.71 30.34 -11.58
C TYR AA 118 15.05 29.05 -12.31
N VAL AA 119 16.34 28.68 -12.33
CA VAL AA 119 16.73 27.39 -12.89
C VAL AA 119 16.25 26.26 -11.98
N HIS AA 120 16.29 26.49 -10.67
CA HIS AA 120 15.82 25.49 -9.72
C HIS AA 120 14.34 25.21 -9.86
N ALA AA 121 13.56 26.23 -10.24
CA ALA AA 121 12.11 26.12 -10.25
C ALA AA 121 11.59 25.15 -11.33
N TYR AA 122 12.41 24.86 -12.33
CA TYR AA 122 12.00 23.91 -13.37
C TYR AA 122 12.49 22.50 -13.08
N THR AA 123 12.89 22.22 -11.85
CA THR AA 123 13.33 20.89 -11.46
C THR AA 123 12.39 20.25 -10.45
N LEU AA 124 11.22 20.83 -10.24
CA LEU AA 124 10.31 20.38 -9.20
C LEU AA 124 8.99 19.84 -9.75
N TYR AA 125 8.65 20.14 -10.99
CA TYR AA 125 7.32 19.85 -11.49
C TYR AA 125 7.41 18.92 -12.69
N SER AA 126 6.33 18.17 -12.90
CA SER AA 126 6.24 17.28 -14.05
C SER AA 126 5.79 18.00 -15.31
N ALA AA 127 5.32 19.24 -15.20
CA ALA AA 127 4.83 19.96 -16.38
C ALA AA 127 5.97 20.50 -17.23
N VAL AA 128 7.11 20.82 -16.64
CA VAL AA 128 8.23 21.37 -17.37
C VAL AA 128 9.45 20.50 -17.16
N ARG AA 129 10.43 20.66 -18.02
CA ARG AA 129 11.68 19.93 -17.92
C ARG AA 129 12.79 20.81 -17.36
N PRO AA 130 13.86 20.22 -16.84
CA PRO AA 130 15.03 21.03 -16.47
C PRO AA 130 15.73 21.58 -17.70
N PHE AA 131 16.49 22.64 -17.47
CA PHE AA 131 17.27 23.26 -18.53
C PHE AA 131 18.43 22.37 -18.94
N GLY AA 132 18.85 22.52 -20.19
CA GLY AA 132 20.02 21.83 -20.68
C GLY AA 132 21.17 22.77 -20.95
N CYS AA 133 21.35 23.76 -20.09
CA CYS AA 133 22.38 24.77 -20.28
C CYS AA 133 23.27 24.88 -19.05
N SER AA 134 24.48 25.38 -19.27
CA SER AA 134 25.37 25.79 -18.21
C SER AA 134 26.21 26.93 -18.74
N PHE AA 135 26.60 27.84 -17.86
CA PHE AA 135 27.18 29.09 -18.31
C PHE AA 135 28.08 29.68 -17.23
N MET AA 136 28.61 30.86 -17.52
CA MET AA 136 29.51 31.60 -16.66
C MET AA 136 28.94 32.99 -16.45
N LEU AA 137 29.45 33.67 -15.43
CA LEU AA 137 29.06 35.05 -15.15
C LEU AA 137 30.31 35.82 -14.71
N GLY AA 138 30.72 36.78 -15.51
CA GLY AA 138 31.87 37.60 -15.21
C GLY AA 138 31.47 39.06 -15.07
N SER AA 139 32.13 39.74 -14.13
CA SER AA 139 31.85 41.16 -13.92
C SER AA 139 33.07 41.81 -13.28
N TYR AA 140 33.00 43.13 -13.17
CA TYR AA 140 34.05 43.90 -12.53
C TYR AA 140 33.44 45.15 -11.93
N SER AA 141 33.93 45.53 -10.75
CA SER AA 141 33.51 46.76 -10.10
C SER AA 141 34.67 47.26 -9.26
N VAL AA 142 34.83 48.59 -9.20
CA VAL AA 142 35.92 49.16 -8.42
C VAL AA 142 35.66 49.07 -6.93
N ASN AA 143 34.39 48.95 -6.52
CA ASN AA 143 34.07 48.73 -5.12
C ASN AA 143 34.00 47.26 -4.75
N ASP AA 144 34.11 46.36 -5.73
CA ASP AA 144 33.93 44.93 -5.49
C ASP AA 144 35.10 44.10 -5.98
N GLY AA 145 35.67 44.43 -7.12
CA GLY AA 145 36.67 43.60 -7.74
C GLY AA 145 36.09 42.81 -8.91
N ALA AA 146 36.82 41.79 -9.31
CA ALA AA 146 36.40 40.91 -10.39
C ALA AA 146 35.83 39.62 -9.80
N GLN AA 147 34.63 39.26 -10.22
CA GLN AA 147 33.97 38.07 -9.72
C GLN AA 147 33.59 37.15 -10.87
N LEU AA 148 33.67 35.85 -10.62
CA LEU AA 148 33.40 34.85 -11.64
C LEU AA 148 32.56 33.74 -11.02
N TYR AA 149 31.39 33.49 -11.59
CA TYR AA 149 30.43 32.53 -11.07
C TYR AA 149 30.15 31.46 -12.11
N MET AA 150 29.30 30.50 -11.74
CA MET AA 150 29.14 29.25 -12.47
C MET AA 150 27.87 28.55 -12.04
N ILE AA 151 27.02 28.20 -13.00
CA ILE AA 151 25.70 27.64 -12.71
C ILE AA 151 25.53 26.36 -13.51
N ASP AA 152 25.24 25.26 -12.82
CA ASP AA 152 24.96 23.96 -13.41
C ASP AA 152 23.49 23.88 -13.80
N PRO AA 153 23.07 22.84 -14.54
CA PRO AA 153 21.61 22.67 -14.75
C PRO AA 153 20.81 22.37 -13.50
N SER AA 154 21.43 21.88 -12.42
CA SER AA 154 20.65 21.61 -11.22
C SER AA 154 20.32 22.88 -10.45
N GLY AA 155 21.19 23.88 -10.51
CA GLY AA 155 20.97 25.13 -9.81
C GLY AA 155 22.01 25.48 -8.78
N VAL AA 156 23.09 24.71 -8.65
CA VAL AA 156 24.16 25.05 -7.72
C VAL AA 156 24.97 26.20 -8.31
N SER AA 157 25.16 27.26 -7.53
CA SER AA 157 25.80 28.47 -8.00
C SER AA 157 26.77 28.96 -6.95
N TYR AA 158 28.06 29.02 -7.30
CA TYR AA 158 29.07 29.63 -6.44
C TYR AA 158 30.23 30.08 -7.33
N GLY AA 159 31.33 30.46 -6.68
CA GLY AA 159 32.41 31.15 -7.34
C GLY AA 159 33.59 30.27 -7.73
N TYR AA 160 34.44 30.84 -8.57
CA TYR AA 160 35.68 30.22 -9.01
C TYR AA 160 36.69 31.29 -9.33
N TRP AA 161 37.96 30.91 -9.40
CA TRP AA 161 38.93 31.72 -10.12
C TRP AA 161 39.04 31.32 -11.58
N GLY AA 162 38.72 30.06 -11.89
CA GLY AA 162 38.70 29.60 -13.27
C GLY AA 162 37.85 28.36 -13.39
N CYS AA 163 37.23 28.20 -14.54
CA CYS AA 163 36.33 27.07 -14.77
C CYS AA 163 36.25 26.78 -16.25
N ALA AA 164 35.71 25.61 -16.57
CA ALA AA 164 35.62 25.15 -17.95
C ALA AA 164 34.35 24.34 -18.13
N ILE AA 165 33.68 24.54 -19.26
CA ILE AA 165 32.43 23.86 -19.57
C ILE AA 165 32.56 23.26 -20.96
N GLY AA 166 32.15 22.00 -21.12
CA GLY AA 166 32.07 21.40 -22.43
C GLY AA 166 32.52 19.95 -22.39
N LYS AA 167 32.90 19.46 -23.57
CA LYS AA 167 33.55 18.14 -23.64
C LYS AA 167 34.86 18.16 -22.87
N ALA AA 168 35.80 18.99 -23.30
CA ALA AA 168 37.04 19.15 -22.56
C ALA AA 168 36.77 19.98 -21.32
N ARG AA 169 36.50 19.32 -20.21
CA ARG AA 169 36.33 20.00 -18.93
C ARG AA 169 37.44 19.64 -17.96
N GLN AA 170 37.61 18.35 -17.67
CA GLN AA 170 38.66 17.94 -16.75
C GLN AA 170 40.01 18.01 -17.42
N ALA AA 171 40.10 17.65 -18.70
CA ALA AA 171 41.34 17.77 -19.44
C ALA AA 171 41.72 19.22 -19.69
N ALA AA 172 40.75 20.13 -19.67
CA ALA AA 172 41.02 21.53 -19.90
C ALA AA 172 41.37 22.30 -18.63
N LYS AA 173 41.02 21.79 -17.47
CA LYS AA 173 41.29 22.50 -16.22
C LYS AA 173 42.59 22.04 -15.57
N THR AA 174 43.27 21.06 -16.15
CA THR AA 174 44.54 20.60 -15.60
C THR AA 174 45.63 21.64 -15.85
N GLU AA 175 45.57 22.33 -16.98
CA GLU AA 175 46.55 23.35 -17.31
C GLU AA 175 46.14 24.75 -16.85
N ILE AA 176 44.90 24.92 -16.38
CA ILE AA 176 44.50 26.21 -15.84
C ILE AA 176 45.19 26.46 -14.50
N GLU AA 177 45.26 25.43 -13.66
CA GLU AA 177 45.93 25.56 -12.37
C GLU AA 177 47.44 25.64 -12.50
N LYS AA 178 48.00 25.30 -13.66
CA LYS AA 178 49.43 25.46 -13.89
C LYS AA 178 49.83 26.93 -13.97
N LEU AA 179 48.89 27.81 -14.29
CA LEU AA 179 49.21 29.23 -14.41
C LEU AA 179 49.25 29.89 -13.04
N GLN AA 180 49.85 31.08 -13.01
CA GLN AA 180 49.66 32.01 -11.92
C GLN AA 180 48.50 32.92 -12.25
N MET AA 181 47.82 33.39 -11.21
CA MET AA 181 46.54 34.01 -11.41
C MET AA 181 46.44 35.32 -10.64
N LYS AA 182 47.15 35.39 -9.51
CA LYS AA 182 47.08 36.57 -8.66
C LYS AA 182 47.79 37.75 -9.30
N GLU AA 183 49.04 37.56 -9.69
CA GLU AA 183 49.90 38.66 -10.12
C GLU AA 183 49.70 39.05 -11.57
N MET AA 184 48.88 38.32 -12.32
CA MET AA 184 48.76 38.56 -13.74
C MET AA 184 47.85 39.74 -14.05
N THR AA 185 48.20 40.48 -15.09
CA THR AA 185 47.28 41.42 -15.72
C THR AA 185 46.53 40.68 -16.83
N CYS AA 186 45.29 41.10 -17.08
CA CYS AA 186 44.44 40.36 -18.01
C CYS AA 186 44.90 40.45 -19.45
N ARG AA 187 45.63 41.51 -19.82
CA ARG AA 187 46.16 41.58 -21.19
C ARG AA 187 47.19 40.50 -21.45
N ASP AA 188 47.95 40.12 -20.42
CA ASP AA 188 48.79 38.93 -20.53
C ASP AA 188 47.94 37.67 -20.62
N ILE AA 189 46.79 37.67 -19.94
CA ILE AA 189 45.95 36.48 -19.87
C ILE AA 189 45.20 36.27 -21.18
N VAL AA 190 44.99 37.33 -21.96
CA VAL AA 190 44.31 37.23 -23.24
C VAL AA 190 45.08 36.33 -24.20
N LYS AA 191 46.40 36.49 -24.24
CA LYS AA 191 47.19 35.56 -25.03
C LYS AA 191 47.47 34.25 -24.30
N GLU AA 192 47.14 34.16 -23.01
CA GLU AA 192 47.24 32.87 -22.33
C GLU AA 192 46.06 31.99 -22.65
N VAL AA 193 44.83 32.53 -22.58
CA VAL AA 193 43.60 31.79 -22.83
C VAL AA 193 43.56 31.23 -24.25
N ALA AA 194 44.24 31.91 -25.18
CA ALA AA 194 44.32 31.43 -26.56
C ALA AA 194 45.00 30.09 -26.67
N LYS AA 195 46.01 29.82 -25.83
CA LYS AA 195 46.73 28.57 -26.02
C LYS AA 195 46.03 27.39 -25.35
N ILE AA 196 45.25 27.62 -24.29
CA ILE AA 196 44.51 26.53 -23.65
C ILE AA 196 43.44 26.00 -24.60
N ILE AA 197 42.77 26.90 -25.31
CA ILE AA 197 41.86 26.49 -26.38
C ILE AA 197 42.63 25.81 -27.49
N TYR AA 198 43.81 26.32 -27.82
CA TYR AA 198 44.55 25.81 -28.97
C TYR AA 198 45.25 24.50 -28.68
N ILE AA 199 45.65 24.25 -27.43
CA ILE AA 199 46.24 22.97 -27.07
C ILE AA 199 45.21 21.85 -27.17
N VAL AA 200 44.03 22.06 -26.60
CA VAL AA 200 43.00 21.04 -26.58
C VAL AA 200 42.27 21.09 -27.92
N HIS AA 201 41.44 20.08 -28.20
CA HIS AA 201 40.68 19.92 -29.44
C HIS AA 201 41.60 19.81 -30.66
N ASP AA 202 42.27 18.66 -30.73
CA ASP AA 202 42.91 18.23 -31.96
C ASP AA 202 41.89 18.16 -33.09
N GLU AA 203 42.34 18.39 -34.31
CA GLU AA 203 41.48 18.46 -35.48
C GLU AA 203 41.05 17.09 -36.00
N VAL AA 204 41.31 16.02 -35.25
CA VAL AA 204 40.79 14.71 -35.61
C VAL AA 204 39.27 14.68 -35.52
N LYS AA 205 38.72 15.31 -34.47
CA LYS AA 205 37.28 15.38 -34.33
C LYS AA 205 36.68 16.34 -35.35
N ASP AA 206 37.07 17.62 -35.31
CA ASP AA 206 36.58 18.63 -36.22
C ASP AA 206 37.75 19.44 -36.75
N LYS AA 207 37.83 19.57 -38.08
CA LYS AA 207 39.00 20.18 -38.70
C LYS AA 207 39.01 21.69 -38.49
N ALA AA 208 37.85 22.33 -38.53
CA ALA AA 208 37.76 23.78 -38.47
C ALA AA 208 37.18 24.21 -37.13
N PHE AA 209 37.90 25.10 -36.46
CA PHE AA 209 37.40 25.72 -35.24
C PHE AA 209 37.79 27.19 -35.25
N GLU AA 210 37.16 27.96 -34.37
CA GLU AA 210 37.36 29.39 -34.36
C GLU AA 210 37.18 29.91 -32.94
N LEU AA 211 37.97 30.92 -32.59
CA LEU AA 211 38.10 31.38 -31.22
C LEU AA 211 37.44 32.74 -31.04
N GLU AA 212 36.59 32.85 -30.02
CA GLU AA 212 36.10 34.14 -29.55
C GLU AA 212 36.71 34.44 -28.20
N LEU AA 213 36.82 35.74 -27.90
CA LEU AA 213 37.37 36.19 -26.63
C LEU AA 213 36.58 37.40 -26.16
N SER AA 214 35.98 37.30 -24.98
CA SER AA 214 35.31 38.42 -24.35
C SER AA 214 36.07 38.83 -23.10
N TRP AA 215 35.89 40.08 -22.70
CA TRP AA 215 36.88 40.70 -21.83
C TRP AA 215 36.27 41.90 -21.13
N VAL AA 216 36.10 41.80 -19.82
CA VAL AA 216 35.65 42.91 -18.99
C VAL AA 216 36.68 43.09 -17.88
N GLY AA 217 36.92 44.33 -17.49
CA GLY AA 217 37.87 44.56 -16.42
C GLY AA 217 38.15 46.04 -16.24
N GLU AA 218 39.27 46.31 -15.56
CA GLU AA 218 39.63 47.67 -15.20
C GLU AA 218 40.04 48.48 -16.42
N LEU AA 219 40.61 47.83 -17.43
CA LEU AA 219 41.00 48.54 -18.64
C LEU AA 219 39.78 48.96 -19.44
N THR AA 220 38.69 48.21 -19.31
CA THR AA 220 37.47 48.49 -20.05
C THR AA 220 36.51 49.36 -19.26
N ASN AA 221 36.99 50.01 -18.18
CA ASN AA 221 36.24 50.95 -17.34
C ASN AA 221 35.00 50.31 -16.71
N GLY AA 222 35.03 49.00 -16.48
CA GLY AA 222 33.91 48.28 -15.96
C GLY AA 222 32.91 47.82 -17.00
N ARG AA 223 32.86 48.49 -18.15
CA ARG AA 223 31.97 48.09 -19.23
C ARG AA 223 32.43 46.78 -19.84
N HIS AA 224 31.48 45.97 -20.26
CA HIS AA 224 31.78 44.70 -20.92
C HIS AA 224 31.74 44.89 -22.42
N GLU AA 225 32.76 44.39 -23.10
CA GLU AA 225 32.76 44.33 -24.55
C GLU AA 225 33.66 43.19 -25.01
N ILE AA 226 33.62 42.92 -26.31
CA ILE AA 226 34.50 41.93 -26.90
C ILE AA 226 35.92 42.50 -26.97
N VAL AA 227 36.89 41.62 -27.14
CA VAL AA 227 38.27 42.05 -27.35
C VAL AA 227 38.37 42.76 -28.70
N PRO AA 228 39.35 43.62 -28.90
CA PRO AA 228 39.70 43.98 -30.27
C PRO AA 228 40.29 42.74 -30.91
N LYS AA 229 39.51 42.09 -31.76
CA LYS AA 229 39.83 40.73 -32.18
C LYS AA 229 40.69 40.71 -33.44
N ASP AA 230 40.18 41.29 -34.53
CA ASP AA 230 41.01 41.50 -35.71
C ASP AA 230 42.16 42.46 -35.43
N ILE AA 231 41.96 43.38 -34.49
CA ILE AA 231 43.04 44.22 -34.02
C ILE AA 231 43.98 43.39 -33.16
N ARG AA 232 45.28 43.66 -33.32
CA ARG AA 232 46.41 43.28 -32.48
C ARG AA 232 46.78 41.80 -32.57
N GLU AA 233 45.84 40.94 -32.96
CA GLU AA 233 45.96 39.54 -33.40
C GLU AA 233 47.05 38.72 -32.70
N GLU AA 234 47.20 38.89 -31.39
CA GLU AA 234 48.23 38.15 -30.68
C GLU AA 234 47.69 36.90 -30.02
N ALA AA 235 46.41 36.60 -30.24
CA ALA AA 235 45.87 35.33 -29.80
C ALA AA 235 46.48 34.19 -30.60
N GLU AA 236 46.26 34.20 -31.91
CA GLU AA 236 46.61 33.06 -32.75
C GLU AA 236 48.11 32.97 -33.01
N LYS AA 237 48.81 34.11 -32.99
CA LYS AA 237 50.25 34.09 -33.24
C LYS AA 237 50.99 33.45 -32.07
N TYR AA 238 50.63 33.84 -30.86
CA TYR AA 238 51.28 33.31 -29.68
C TYR AA 238 50.78 31.90 -29.34
N ALA AA 239 49.59 31.52 -29.80
CA ALA AA 239 49.09 30.18 -29.54
C ALA AA 239 49.76 29.14 -30.43
N LYS AA 240 50.06 29.48 -31.68
CA LYS AA 240 50.67 28.53 -32.60
C LYS AA 240 52.17 28.36 -32.38
N GLU AA 241 52.71 28.91 -31.31
CA GLU AA 241 54.06 28.61 -30.85
C GLU AA 241 54.11 27.34 -30.01
N SER AA 242 53.01 26.60 -29.93
CA SER AA 242 52.94 25.33 -29.24
C SER AA 242 53.18 24.15 -30.17
N LEU AA 243 54.00 24.35 -31.20
CA LEU AA 243 54.27 23.32 -32.19
C LEU AA 243 55.12 22.19 -31.64
N LYS AA 244 55.84 22.42 -30.54
CA LYS AA 244 56.66 21.39 -29.93
C LYS AA 244 56.79 21.63 -28.42
N THR BA 34 4.58 71.90 12.21
CA THR BA 34 5.51 70.89 11.72
C THR BA 34 6.67 71.54 11.00
N THR BA 35 7.88 71.33 11.52
CA THR BA 35 9.08 71.89 10.92
C THR BA 35 10.20 70.88 11.09
N ILE BA 36 10.78 70.45 9.97
CA ILE BA 36 11.85 69.46 10.00
C ILE BA 36 13.10 70.07 9.39
N MET BA 37 14.24 69.51 9.78
CA MET BA 37 15.53 70.14 9.57
C MET BA 37 16.56 69.06 9.33
N ALA BA 38 17.45 69.27 8.36
CA ALA BA 38 18.49 68.30 8.06
C ALA BA 38 19.69 69.02 7.46
N VAL BA 39 20.87 68.84 8.06
CA VAL BA 39 22.11 69.45 7.60
C VAL BA 39 23.19 68.40 7.63
N GLN BA 40 23.88 68.20 6.51
CA GLN BA 40 25.03 67.31 6.51
C GLN BA 40 26.30 68.08 6.83
N PHE BA 41 27.31 67.33 7.25
CA PHE BA 41 28.63 67.90 7.51
C PHE BA 41 29.66 66.90 7.01
N ASP BA 42 30.91 67.07 7.44
CA ASP BA 42 32.00 66.25 6.94
C ASP BA 42 31.87 64.79 7.37
N GLY BA 43 31.75 64.56 8.67
CA GLY BA 43 31.67 63.19 9.17
C GLY BA 43 30.34 62.52 8.92
N GLY BA 44 29.25 63.28 8.97
CA GLY BA 44 27.93 62.70 8.78
C GLY BA 44 26.85 63.74 8.58
N VAL BA 45 25.68 63.50 9.17
CA VAL BA 45 24.53 64.39 9.03
C VAL BA 45 24.03 64.77 10.41
N VAL BA 46 23.21 65.82 10.45
CA VAL BA 46 22.54 66.28 11.66
C VAL BA 46 21.07 66.48 11.34
N LEU BA 47 20.20 65.85 12.09
CA LEU BA 47 18.76 65.98 11.89
C LEU BA 47 18.14 66.75 13.04
N GLY BA 48 16.92 67.23 12.81
CA GLY BA 48 16.18 67.94 13.83
C GLY BA 48 14.75 68.20 13.45
N ALA BA 49 13.86 68.23 14.44
CA ALA BA 49 12.45 68.46 14.20
C ALA BA 49 11.81 68.96 15.48
N ASP BA 50 10.59 69.46 15.34
CA ASP BA 50 9.78 69.85 16.49
C ASP BA 50 9.04 68.63 17.03
N SER BA 51 8.04 68.86 17.88
CA SER BA 51 7.30 67.77 18.49
C SER BA 51 5.80 67.98 18.49
N ARG BA 52 5.32 69.06 17.90
CA ARG BA 52 3.92 69.47 18.02
C ARG BA 52 3.10 68.81 16.92
N THR BA 53 2.03 68.12 17.32
CA THR BA 53 1.09 67.51 16.39
C THR BA 53 -0.29 68.11 16.64
N THR BA 54 -0.87 68.72 15.62
CA THR BA 54 -2.11 69.45 15.76
C THR BA 54 -3.24 68.75 15.03
N THR BA 55 -4.45 69.24 15.30
CA THR BA 55 -5.63 68.87 14.51
C THR BA 55 -6.58 70.05 14.55
N GLY BA 56 -6.73 70.73 13.41
CA GLY BA 56 -7.43 72.00 13.40
C GLY BA 56 -6.66 73.05 14.15
N SER BA 57 -7.21 73.54 15.25
CA SER BA 57 -6.54 74.48 16.13
C SER BA 57 -6.34 73.89 17.53
N TYR BA 58 -6.28 72.56 17.63
CA TYR BA 58 -6.11 71.88 18.91
C TYR BA 58 -4.88 71.00 18.87
N ILE BA 59 -4.12 71.06 19.96
CA ILE BA 59 -2.90 70.26 20.09
C ILE BA 59 -3.29 68.84 20.44
N ALA BA 60 -3.19 67.93 19.48
CA ALA BA 60 -3.47 66.53 19.77
C ALA BA 60 -2.36 65.89 20.59
N ASN BA 61 -1.13 66.35 20.43
CA ASN BA 61 0.01 65.74 21.10
C ASN BA 61 1.09 66.80 21.32
N ARG BA 62 1.60 66.86 22.56
CA ARG BA 62 2.65 67.81 22.90
C ARG BA 62 3.99 67.39 22.33
N VAL BA 63 4.38 66.15 22.58
CA VAL BA 63 5.68 65.62 22.19
C VAL BA 63 5.46 64.44 21.26
N THR BA 64 6.21 64.42 20.16
CA THR BA 64 6.02 63.43 19.11
C THR BA 64 7.35 63.15 18.44
N ASP BA 65 7.68 61.88 18.25
CA ASP BA 65 8.89 61.49 17.52
C ASP BA 65 8.64 61.66 16.03
N LYS BA 66 9.08 62.79 15.48
CA LYS BA 66 8.96 62.99 14.04
C LYS BA 66 9.96 62.14 13.28
N LEU BA 67 11.19 62.04 13.80
CA LEU BA 67 12.23 61.28 13.13
C LEU BA 67 12.08 59.79 13.40
N THR BA 68 12.37 58.98 12.39
CA THR BA 68 12.04 57.56 12.43
C THR BA 68 13.27 56.70 12.13
N PRO BA 69 13.66 55.80 13.02
CA PRO BA 69 14.80 54.92 12.74
C PRO BA 69 14.48 53.77 11.80
N ILE BA 70 14.64 53.99 10.49
CA ILE BA 70 14.51 52.89 9.53
C ILE BA 70 15.61 51.85 9.77
N HIS BA 71 16.86 52.28 9.66
CA HIS BA 71 18.01 51.43 9.84
C HIS BA 71 18.90 52.07 10.90
N ASP BA 72 19.97 51.38 11.29
CA ASP BA 72 20.87 51.85 12.32
C ASP BA 72 21.66 53.08 11.91
N ARG BA 73 21.77 53.35 10.60
CA ARG BA 73 22.48 54.51 10.12
C ARG BA 73 21.62 55.44 9.28
N ILE BA 74 20.37 55.11 9.02
CA ILE BA 74 19.51 55.86 8.11
C ILE BA 74 18.24 56.24 8.85
N PHE BA 75 17.99 57.54 8.97
CA PHE BA 75 16.74 58.04 9.53
C PHE BA 75 15.92 58.72 8.44
N CYS BA 76 14.67 59.01 8.78
CA CYS BA 76 13.89 59.96 8.01
C CYS BA 76 13.01 60.75 8.97
N CYS BA 77 12.74 61.99 8.60
CA CYS BA 77 11.80 62.84 9.33
C CYS BA 77 10.61 63.10 8.42
N ARG BA 78 9.42 62.85 8.95
CA ARG BA 78 8.22 62.78 8.15
C ARG BA 78 7.36 64.02 8.36
N SER BA 79 6.63 64.40 7.32
CA SER BA 79 5.77 65.58 7.36
C SER BA 79 4.60 65.36 6.41
N GLY BA 80 3.60 66.22 6.56
CA GLY BA 80 2.38 66.11 5.79
C GLY BA 80 1.28 65.43 6.57
N SER BA 81 0.71 64.37 6.01
CA SER BA 81 -0.31 63.61 6.71
C SER BA 81 0.33 62.79 7.83
N ALA BA 82 -0.50 62.40 8.80
CA ALA BA 82 -0.02 61.62 9.92
C ALA BA 82 -0.12 60.12 9.64
N ALA BA 83 -1.31 59.67 9.25
CA ALA BA 83 -1.51 58.24 9.01
C ALA BA 83 -0.84 57.76 7.74
N ASP BA 84 -0.60 58.64 6.78
CA ASP BA 84 0.08 58.23 5.55
C ASP BA 84 1.55 57.96 5.79
N THR BA 85 2.23 58.90 6.45
CA THR BA 85 3.67 58.80 6.60
C THR BA 85 4.07 57.71 7.58
N GLN BA 86 3.18 57.34 8.51
CA GLN BA 86 3.47 56.20 9.37
C GLN BA 86 3.35 54.90 8.58
N ALA BA 87 2.43 54.85 7.63
CA ALA BA 87 2.24 53.62 6.85
C ALA BA 87 3.35 53.44 5.82
N VAL BA 88 3.84 54.54 5.24
CA VAL BA 88 4.88 54.43 4.23
C VAL BA 88 6.21 54.04 4.86
N ALA BA 89 6.51 54.60 6.04
CA ALA BA 89 7.77 54.32 6.72
C ALA BA 89 7.85 52.88 7.22
N ASP BA 90 6.71 52.22 7.44
CA ASP BA 90 6.76 50.82 7.83
C ASP BA 90 7.07 49.93 6.64
N ALA BA 91 6.56 50.27 5.46
CA ALA BA 91 6.77 49.44 4.29
C ALA BA 91 8.20 49.55 3.77
N VAL BA 92 8.80 50.73 3.88
CA VAL BA 92 10.18 50.89 3.43
C VAL BA 92 11.13 50.19 4.39
N THR BA 93 10.82 50.23 5.68
CA THR BA 93 11.60 49.49 6.67
C THR BA 93 11.47 47.98 6.47
N TYR BA 94 10.29 47.54 6.01
CA TYR BA 94 10.10 46.14 5.67
C TYR BA 94 10.93 45.74 4.46
N GLN BA 95 10.95 46.56 3.43
CA GLN BA 95 11.63 46.20 2.20
C GLN BA 95 13.14 46.34 2.31
N LEU BA 96 13.61 47.42 2.97
CA LEU BA 96 15.04 47.63 3.11
C LEU BA 96 15.66 46.64 4.08
N GLY BA 97 14.90 46.26 5.12
CA GLY BA 97 15.41 45.28 6.06
C GLY BA 97 15.52 43.89 5.45
N PHE BA 98 14.59 43.54 4.57
CA PHE BA 98 14.68 42.26 3.89
C PHE BA 98 15.81 42.27 2.86
N HIS BA 99 16.03 43.40 2.22
CA HIS BA 99 17.02 43.47 1.16
C HIS BA 99 18.44 43.48 1.70
N SER BA 100 18.67 44.15 2.83
CA SER BA 100 20.03 44.29 3.34
C SER BA 100 20.56 42.99 3.93
N ILE BA 101 19.68 42.17 4.49
CA ILE BA 101 20.10 40.85 4.96
C ILE BA 101 20.44 39.95 3.78
N GLU BA 102 19.69 40.09 2.68
CA GLU BA 102 20.03 39.37 1.46
C GLU BA 102 21.32 39.90 0.85
N LEU BA 103 21.58 41.21 0.99
CA LEU BA 103 22.88 41.76 0.60
C LEU BA 103 24.01 41.21 1.44
N ASN BA 104 23.73 40.96 2.73
CA ASN BA 104 24.74 40.80 3.79
C ASN BA 104 25.72 41.98 3.76
N GLU BA 105 25.15 43.18 3.64
CA GLU BA 105 25.89 44.43 3.48
C GLU BA 105 25.08 45.53 4.17
N PRO BA 106 25.74 46.59 4.63
CA PRO BA 106 25.01 47.78 5.06
C PRO BA 106 24.38 48.48 3.87
N PRO BA 107 23.14 48.92 3.98
CA PRO BA 107 22.45 49.51 2.83
C PRO BA 107 22.94 50.92 2.53
N LEU BA 108 22.73 51.32 1.28
CA LEU BA 108 23.08 52.66 0.86
C LEU BA 108 21.94 53.62 1.18
N VAL BA 109 22.30 54.87 1.45
CA VAL BA 109 21.30 55.89 1.74
C VAL BA 109 20.52 56.23 0.48
N HIS BA 110 21.18 56.21 -0.67
CA HIS BA 110 20.50 56.45 -1.94
C HIS BA 110 19.55 55.32 -2.30
N THR BA 111 19.83 54.11 -1.81
CA THR BA 111 18.92 53.00 -2.02
C THR BA 111 17.62 53.19 -1.27
N ALA BA 112 17.71 53.68 -0.03
CA ALA BA 112 16.51 53.88 0.78
C ALA BA 112 15.67 55.03 0.27
N ALA BA 113 16.33 56.09 -0.20
CA ALA BA 113 15.60 57.23 -0.77
C ALA BA 113 14.95 56.89 -2.10
N SER BA 114 15.45 55.87 -2.80
CA SER BA 114 14.80 55.42 -4.03
C SER BA 114 13.48 54.72 -3.73
N LEU BA 115 13.38 54.08 -2.57
CA LEU BA 115 12.16 53.32 -2.26
C LEU BA 115 11.01 54.25 -1.90
N PHE BA 116 11.31 55.39 -1.27
CA PHE BA 116 10.26 56.37 -1.02
C PHE BA 116 9.79 57.01 -2.32
N LYS BA 117 10.68 57.15 -3.30
CA LYS BA 117 10.30 57.74 -4.57
C LYS BA 117 9.36 56.82 -5.34
N GLU BA 118 9.59 55.51 -5.25
CA GLU BA 118 8.76 54.57 -5.99
C GLU BA 118 7.35 54.48 -5.42
N MET BA 119 7.22 54.66 -4.10
CA MET BA 119 5.90 54.59 -3.50
C MET BA 119 5.15 55.91 -3.63
N CYS BA 120 5.85 57.03 -3.42
CA CYS BA 120 5.17 58.32 -3.44
C CYS BA 120 4.79 58.75 -4.85
N TYR BA 121 5.54 58.33 -5.86
CA TYR BA 121 5.14 58.67 -7.23
C TYR BA 121 4.00 57.78 -7.71
N ARG BA 122 3.97 56.53 -7.25
CA ARG BA 122 2.92 55.62 -7.68
C ARG BA 122 1.58 56.00 -7.09
N TYR BA 123 1.59 56.50 -5.85
CA TYR BA 123 0.37 56.86 -5.14
C TYR BA 123 0.38 58.34 -4.80
N ARG BA 124 0.76 59.17 -5.77
CA ARG BA 124 0.76 60.61 -5.56
C ARG BA 124 -0.64 61.19 -5.52
N GLU BA 125 -1.64 60.46 -5.99
CA GLU BA 125 -3.01 60.92 -5.92
C GLU BA 125 -3.65 60.64 -4.56
N ASP BA 126 -2.95 59.92 -3.68
CA ASP BA 126 -3.55 59.47 -2.43
C ASP BA 126 -2.74 59.81 -1.19
N LEU BA 127 -1.60 60.46 -1.34
CA LEU BA 127 -0.69 60.69 -0.21
C LEU BA 127 -0.28 62.15 -0.17
N MET BA 128 0.01 62.62 1.04
CA MET BA 128 0.60 63.94 1.28
C MET BA 128 1.79 63.70 2.20
N ALA BA 129 2.96 63.44 1.61
CA ALA BA 129 4.15 63.05 2.35
C ALA BA 129 5.27 64.04 2.08
N GLY BA 130 5.96 64.45 3.15
CA GLY BA 130 7.03 65.42 3.08
C GLY BA 130 8.37 64.89 3.54
N ILE BA 131 8.73 63.69 3.09
CA ILE BA 131 9.82 62.93 3.70
C ILE BA 131 11.16 63.56 3.33
N ILE BA 132 12.02 63.72 4.33
CA ILE BA 132 13.44 64.00 4.14
C ILE BA 132 14.23 62.83 4.68
N ILE BA 133 15.06 62.23 3.84
CA ILE BA 133 15.85 61.06 4.19
C ILE BA 133 17.30 61.50 4.37
N ALA BA 134 17.90 61.15 5.49
CA ALA BA 134 19.29 61.48 5.74
C ALA BA 134 19.95 60.35 6.51
N GLY BA 135 21.26 60.28 6.41
CA GLY BA 135 21.99 59.26 7.13
C GLY BA 135 23.38 59.09 6.59
N TRP BA 136 24.23 58.48 7.41
CA TRP BA 136 25.61 58.22 7.05
C TRP BA 136 25.71 56.89 6.30
N ASP BA 137 26.62 56.83 5.35
CA ASP BA 137 26.88 55.64 4.56
C ASP BA 137 28.37 55.37 4.52
N PRO BA 138 28.78 54.11 4.56
CA PRO BA 138 30.23 53.81 4.50
C PRO BA 138 30.86 54.12 3.17
N GLN BA 139 30.13 53.98 2.07
CA GLN BA 139 30.71 54.23 0.77
C GLN BA 139 30.86 55.72 0.50
N GLU BA 140 29.91 56.53 0.96
CA GLU BA 140 29.84 57.92 0.54
C GLU BA 140 29.76 58.94 1.66
N GLY BA 141 29.78 58.52 2.93
CA GLY BA 141 29.68 59.48 4.00
C GLY BA 141 28.26 59.92 4.26
N GLY BA 142 28.08 61.16 4.73
CA GLY BA 142 26.76 61.67 5.04
C GLY BA 142 26.04 62.15 3.79
N GLN BA 143 24.75 61.86 3.72
CA GLN BA 143 23.92 62.23 2.59
C GLN BA 143 22.57 62.72 3.09
N VAL BA 144 21.98 63.66 2.35
CA VAL BA 144 20.67 64.22 2.65
C VAL BA 144 19.87 64.25 1.35
N TYR BA 145 18.69 63.64 1.36
CA TYR BA 145 17.81 63.63 0.21
C TYR BA 145 16.47 64.26 0.57
N SER BA 146 15.77 64.71 -0.45
CA SER BA 146 14.50 65.42 -0.29
C SER BA 146 13.45 64.79 -1.17
N VAL BA 147 12.35 64.34 -0.57
CA VAL BA 147 11.20 63.84 -1.30
C VAL BA 147 9.99 64.66 -0.89
N PRO BA 148 9.63 65.66 -1.69
CA PRO BA 148 8.43 66.45 -1.37
C PRO BA 148 7.14 65.77 -1.78
N MET BA 149 6.03 66.51 -1.71
CA MET BA 149 4.70 65.96 -1.96
C MET BA 149 4.51 65.46 -3.38
N GLY BA 150 5.31 65.94 -4.35
CA GLY BA 150 5.14 65.49 -5.72
C GLY BA 150 5.60 64.07 -5.95
N GLY BA 151 6.76 63.72 -5.41
CA GLY BA 151 7.30 62.38 -5.60
C GLY BA 151 8.67 62.38 -6.24
N MET BA 152 9.27 63.56 -6.37
CA MET BA 152 10.62 63.66 -6.92
C MET BA 152 11.66 63.42 -5.83
N MET BA 153 12.92 63.36 -6.25
CA MET BA 153 14.03 63.09 -5.36
C MET BA 153 15.22 63.94 -5.78
N VAL BA 154 15.88 64.56 -4.80
CA VAL BA 154 17.04 65.40 -5.07
C VAL BA 154 17.96 65.36 -3.87
N ARG BA 155 19.26 65.41 -4.13
CA ARG BA 155 20.27 65.45 -3.08
C ARG BA 155 20.67 66.90 -2.83
N GLN BA 156 20.73 67.28 -1.55
CA GLN BA 156 21.06 68.63 -1.17
C GLN BA 156 22.14 68.64 -0.10
N SER BA 157 22.65 69.83 0.19
CA SER BA 157 23.57 70.02 1.30
C SER BA 157 22.83 70.26 2.61
N PHE BA 158 21.67 70.91 2.56
CA PHE BA 158 20.79 71.01 3.71
C PHE BA 158 19.37 71.07 3.20
N ALA BA 159 18.47 70.40 3.91
CA ALA BA 159 17.08 70.30 3.49
C ALA BA 159 16.16 70.64 4.65
N ILE BA 160 15.13 71.44 4.36
CA ILE BA 160 14.11 71.76 5.35
C ILE BA 160 12.76 71.46 4.72
N GLY BA 161 11.77 71.22 5.58
CA GLY BA 161 10.44 70.92 5.12
C GLY BA 161 9.42 71.19 6.21
N GLY BA 162 8.16 70.98 5.88
CA GLY BA 162 7.07 71.23 6.81
C GLY BA 162 6.39 72.55 6.55
N SER BA 163 5.34 72.79 7.32
CA SER BA 163 4.56 74.01 7.16
C SER BA 163 5.33 75.23 7.67
N GLY BA 164 6.10 75.05 8.74
CA GLY BA 164 6.85 76.15 9.28
C GLY BA 164 8.18 76.42 8.62
N SER BA 165 8.52 75.68 7.57
CA SER BA 165 9.79 75.88 6.90
C SER BA 165 9.82 77.13 6.04
N SER BA 166 8.67 77.70 5.72
CA SER BA 166 8.62 78.87 4.85
C SER BA 166 9.11 80.13 5.55
N TYR BA 167 9.19 80.13 6.87
CA TYR BA 167 9.51 81.33 7.62
C TYR BA 167 11.01 81.48 7.85
N ILE BA 168 11.80 80.48 7.50
CA ILE BA 168 13.22 80.47 7.79
C ILE BA 168 14.05 80.29 6.53
N TYR BA 169 13.46 80.58 5.36
CA TYR BA 169 14.23 80.57 4.11
C TYR BA 169 15.30 81.64 4.12
N GLY BA 170 14.97 82.84 4.57
CA GLY BA 170 15.95 83.91 4.61
C GLY BA 170 17.02 83.70 5.65
N TYR BA 171 16.68 83.11 6.78
CA TYR BA 171 17.67 82.89 7.82
C TYR BA 171 18.63 81.77 7.43
N VAL BA 172 18.13 80.71 6.80
CA VAL BA 172 18.99 79.57 6.51
C VAL BA 172 19.93 79.86 5.35
N ASP BA 173 19.65 80.88 4.54
CA ASP BA 173 20.53 81.19 3.43
C ASP BA 173 21.71 82.04 3.87
N ALA BA 174 21.46 83.05 4.71
CA ALA BA 174 22.55 83.93 5.13
C ALA BA 174 23.43 83.28 6.17
N THR BA 175 22.87 82.42 7.02
CA THR BA 175 23.64 81.86 8.12
C THR BA 175 24.51 80.70 7.67
N TYR BA 176 24.10 79.98 6.62
CA TYR BA 176 24.79 78.77 6.22
C TYR BA 176 26.15 79.07 5.62
N ARG BA 177 27.14 78.28 6.02
CA ARG BA 177 28.51 78.45 5.59
C ARG BA 177 29.10 77.06 5.36
N GLU BA 178 29.76 76.89 4.22
CA GLU BA 178 30.30 75.59 3.86
C GLU BA 178 31.54 75.28 4.69
N GLY BA 179 31.58 74.08 5.26
CA GLY BA 179 32.73 73.65 6.03
C GLY BA 179 32.53 73.80 7.53
N MET BA 180 31.38 73.38 8.02
CA MET BA 180 31.10 73.44 9.45
C MET BA 180 31.61 72.19 10.15
N THR BA 181 31.73 72.29 11.47
CA THR BA 181 32.00 71.14 12.30
C THR BA 181 30.67 70.51 12.70
N LYS BA 182 30.71 69.51 13.56
CA LYS BA 182 29.45 68.92 14.02
C LYS BA 182 28.75 69.82 15.01
N GLU BA 183 29.51 70.42 15.94
CA GLU BA 183 28.91 71.22 16.99
C GLU BA 183 28.36 72.54 16.48
N GLU BA 184 28.92 73.04 15.38
CA GLU BA 184 28.34 74.21 14.73
C GLU BA 184 26.99 73.87 14.10
N CYS BA 185 26.88 72.66 13.53
CA CYS BA 185 25.62 72.25 12.92
C CYS BA 185 24.54 72.01 13.96
N LEU BA 186 24.91 71.48 15.12
CA LEU BA 186 23.95 71.39 16.22
C LEU BA 186 23.55 72.77 16.72
N GLN BA 187 24.46 73.74 16.66
CA GLN BA 187 24.08 75.10 16.96
C GLN BA 187 23.26 75.70 15.82
N PHE BA 188 23.55 75.29 14.59
CA PHE BA 188 22.88 75.85 13.43
C PHE BA 188 21.41 75.43 13.37
N THR BA 189 21.13 74.16 13.60
CA THR BA 189 19.76 73.68 13.55
C THR BA 189 18.96 74.08 14.78
N ALA BA 190 19.62 74.34 15.90
CA ALA BA 190 18.90 74.73 17.12
C ALA BA 190 18.33 76.13 16.99
N ASN BA 191 19.09 77.06 16.42
CA ASN BA 191 18.57 78.39 16.22
C ASN BA 191 17.55 78.42 15.09
N ALA BA 192 17.68 77.52 14.12
CA ALA BA 192 16.78 77.53 12.97
C ALA BA 192 15.40 77.02 13.36
N LEU BA 193 15.34 75.98 14.19
CA LEU BA 193 14.05 75.47 14.62
C LEU BA 193 13.40 76.38 15.65
N ALA BA 194 14.20 77.10 16.43
CA ALA BA 194 13.65 77.98 17.46
C ALA BA 194 12.92 79.18 16.85
N LEU BA 195 13.43 79.67 15.71
CA LEU BA 195 12.76 80.77 15.04
C LEU BA 195 11.48 80.32 14.35
N ALA BA 196 11.45 79.08 13.86
CA ALA BA 196 10.23 78.59 13.22
C ALA BA 196 9.15 78.27 14.25
N MET BA 197 9.54 77.71 15.39
CA MET BA 197 8.60 77.44 16.47
C MET BA 197 8.00 78.72 17.04
N GLU BA 198 8.78 79.80 17.06
CA GLU BA 198 8.29 81.05 17.63
C GLU BA 198 7.25 81.70 16.73
N ARG BA 199 7.48 81.68 15.43
CA ARG BA 199 6.65 82.42 14.50
C ARG BA 199 5.46 81.61 14.00
N ASP BA 200 5.63 80.32 13.80
CA ASP BA 200 4.53 79.50 13.30
C ASP BA 200 3.63 79.07 14.44
N GLY BA 201 2.34 79.03 14.15
CA GLY BA 201 1.37 78.52 15.09
C GLY BA 201 1.26 77.01 14.99
N SER BA 202 1.65 76.47 13.84
CA SER BA 202 1.57 75.02 13.66
C SER BA 202 2.75 74.32 14.33
N SER BA 203 3.92 74.94 14.31
CA SER BA 203 5.11 74.34 14.89
C SER BA 203 5.30 74.80 16.31
N GLY BA 204 6.01 73.99 17.09
CA GLY BA 204 6.27 74.28 18.49
C GLY BA 204 6.54 72.99 19.25
N GLY BA 205 6.33 73.05 20.54
CA GLY BA 205 6.55 71.88 21.39
C GLY BA 205 7.95 71.86 21.98
N VAL BA 206 8.77 70.90 21.55
CA VAL BA 206 10.11 70.74 22.08
C VAL BA 206 11.01 70.27 20.92
N ILE BA 207 12.30 70.52 21.06
CA ILE BA 207 13.25 70.27 19.98
C ILE BA 207 13.91 68.91 20.19
N ARG BA 208 13.79 68.04 19.19
CA ARG BA 208 14.49 66.77 19.17
C ARG BA 208 15.56 66.80 18.09
N LEU BA 209 16.75 66.32 18.44
CA LEU BA 209 17.89 66.33 17.53
C LEU BA 209 18.45 64.92 17.37
N ALA BA 210 19.25 64.75 16.33
CA ALA BA 210 19.89 63.47 16.04
C ALA BA 210 21.14 63.72 15.22
N ALA BA 211 22.24 63.10 15.61
CA ALA BA 211 23.51 63.24 14.91
C ALA BA 211 24.00 61.86 14.51
N ILE BA 212 24.05 61.61 13.21
CA ILE BA 212 24.43 60.31 12.67
C ILE BA 212 25.83 60.43 12.10
N ALA BA 213 26.74 59.58 12.58
CA ALA BA 213 28.11 59.53 12.07
C ALA BA 213 28.49 58.07 11.92
N GLU BA 214 29.79 57.84 11.68
CA GLU BA 214 30.30 56.48 11.65
C GLU BA 214 30.30 55.85 13.04
N SER BA 215 30.49 56.67 14.07
CA SER BA 215 30.64 56.12 15.42
C SER BA 215 29.32 55.63 16.01
N GLY BA 216 28.23 56.33 15.72
CA GLY BA 216 26.96 55.97 16.32
C GLY BA 216 25.93 57.05 16.08
N VAL BA 217 24.85 56.99 16.86
CA VAL BA 217 23.74 57.93 16.76
C VAL BA 217 23.54 58.55 18.14
N GLU BA 218 23.59 59.86 18.20
CA GLU BA 218 23.38 60.61 19.44
C GLU BA 218 22.07 61.39 19.33
N ARG BA 219 21.20 61.22 20.32
CA ARG BA 219 19.89 61.87 20.32
C ARG BA 219 19.74 62.66 21.61
N GLN BA 220 19.07 63.81 21.52
CA GLN BA 220 18.93 64.68 22.67
C GLN BA 220 17.71 65.57 22.49
N VAL BA 221 17.27 66.15 23.61
CA VAL BA 221 16.09 67.00 23.66
C VAL BA 221 16.50 68.31 24.32
N LEU BA 222 16.19 69.43 23.67
CA LEU BA 222 16.65 70.74 24.12
C LEU BA 222 15.47 71.66 24.40
N LEU BA 223 15.81 72.90 24.78
CA LEU BA 223 14.86 74.00 24.86
C LEU BA 223 15.66 75.31 24.79
N GLY BA 224 15.23 76.21 23.91
CA GLY BA 224 15.91 77.48 23.74
C GLY BA 224 16.82 77.51 22.52
N THR CA 43 -19.79 61.18 24.88
CA THR CA 43 -18.81 60.10 24.98
C THR CA 43 -17.47 60.65 25.43
N THR CA 44 -16.95 60.12 26.54
CA THR CA 44 -15.69 60.58 27.09
C THR CA 44 -14.95 59.37 27.66
N ILE CA 45 -13.84 59.00 27.02
CA ILE CA 45 -12.99 57.93 27.50
C ILE CA 45 -11.61 58.49 27.79
N ALA CA 46 -10.93 57.87 28.76
CA ALA CA 46 -9.63 58.36 29.19
C ALA CA 46 -8.85 57.21 29.80
N GLY CA 47 -7.53 57.40 29.87
CA GLY CA 47 -6.66 56.40 30.45
C GLY CA 47 -5.36 57.03 30.90
N VAL CA 48 -4.68 56.35 31.84
CA VAL CA 48 -3.45 56.85 32.41
C VAL CA 48 -2.62 55.64 32.86
N VAL CA 49 -1.31 55.85 32.95
CA VAL CA 49 -0.37 54.81 33.36
C VAL CA 49 0.24 55.23 34.69
N TYR CA 50 -0.08 54.52 35.76
CA TYR CA 50 0.55 54.80 37.03
C TYR CA 50 1.78 53.92 37.19
N LYS CA 51 2.33 53.87 38.41
CA LYS CA 51 3.63 53.25 38.63
C LYS CA 51 3.62 51.73 38.47
N ASP CA 52 2.44 51.10 38.50
CA ASP CA 52 2.37 49.65 38.37
C ASP CA 52 1.45 49.17 37.27
N GLY CA 53 0.50 49.97 36.82
CA GLY CA 53 -0.44 49.51 35.82
C GLY CA 53 -1.13 50.61 35.07
N ILE CA 54 -2.33 50.31 34.58
CA ILE CA 54 -3.09 51.19 33.71
C ILE CA 54 -4.52 51.28 34.24
N VAL CA 55 -5.05 52.49 34.34
CA VAL CA 55 -6.43 52.72 34.75
C VAL CA 55 -7.18 53.32 33.58
N LEU CA 56 -8.30 52.69 33.20
CA LEU CA 56 -9.16 53.17 32.13
C LEU CA 56 -10.51 53.58 32.72
N GLY CA 57 -11.23 54.42 31.98
CA GLY CA 57 -12.53 54.86 32.46
C GLY CA 57 -13.37 55.45 31.34
N ALA CA 58 -14.69 55.43 31.56
CA ALA CA 58 -15.65 55.94 30.60
C ALA CA 58 -16.98 56.16 31.31
N ASP CA 59 -17.92 56.79 30.59
CA ASP CA 59 -19.30 56.88 31.02
C ASP CA 59 -20.11 55.77 30.36
N THR CA 60 -21.42 55.76 30.62
CA THR CA 60 -22.30 54.75 30.04
C THR CA 60 -23.49 55.38 29.32
N ARG CA 61 -23.31 56.53 28.69
CA ARG CA 61 -24.36 57.14 27.88
C ARG CA 61 -24.07 56.91 26.40
N ALA CA 62 -25.08 56.42 25.68
CA ALA CA 62 -25.04 56.27 24.24
C ALA CA 62 -26.22 57.05 23.66
N THR CA 63 -25.92 58.15 22.96
CA THR CA 63 -26.97 59.02 22.46
C THR CA 63 -27.37 58.62 21.05
N GLU CA 64 -28.43 59.27 20.57
CA GLU CA 64 -28.91 59.07 19.21
C GLU CA 64 -29.55 60.39 18.77
N GLY CA 65 -28.89 61.10 17.87
CA GLY CA 65 -29.32 62.43 17.53
C GLY CA 65 -29.09 63.36 18.70
N MET CA 66 -30.19 63.88 19.27
CA MET CA 66 -30.11 64.63 20.52
C MET CA 66 -30.97 63.99 21.60
N VAL CA 67 -31.26 62.70 21.46
CA VAL CA 67 -32.11 61.96 22.39
C VAL CA 67 -31.28 60.85 23.01
N VAL CA 68 -31.35 60.73 24.33
CA VAL CA 68 -30.60 59.70 25.05
C VAL CA 68 -31.24 58.36 24.75
N ALA CA 69 -30.52 57.51 24.03
CA ALA CA 69 -31.02 56.19 23.67
C ALA CA 69 -30.71 55.14 24.72
N ASP CA 70 -29.52 55.17 25.30
CA ASP CA 70 -29.09 54.18 26.28
C ASP CA 70 -28.54 54.89 27.50
N LYS CA 71 -29.13 54.60 28.65
CA LYS CA 71 -28.64 55.17 29.90
C LYS CA 71 -27.49 54.38 30.49
N ASN CA 72 -27.36 53.11 30.13
CA ASN CA 72 -26.29 52.24 30.64
C ASN CA 72 -25.72 51.47 29.45
N CYS CA 73 -24.72 52.06 28.80
CA CYS CA 73 -24.03 51.38 27.72
C CYS CA 73 -22.79 50.68 28.28
N SER CA 74 -21.90 50.22 27.40
CA SER CA 74 -20.68 49.55 27.84
C SER CA 74 -19.60 49.84 26.81
N LYS CA 75 -18.67 50.71 27.15
CA LYS CA 75 -17.66 51.16 26.19
C LYS CA 75 -16.26 50.71 26.55
N ILE CA 76 -16.11 49.71 27.41
CA ILE CA 76 -14.83 49.08 27.70
C ILE CA 76 -14.92 47.63 27.26
N HIS CA 77 -14.02 47.20 26.39
CA HIS CA 77 -14.14 45.90 25.75
C HIS CA 77 -13.00 44.98 26.13
N PHE CA 78 -13.26 43.68 25.97
CA PHE CA 78 -12.27 42.64 26.18
C PHE CA 78 -11.46 42.44 24.91
N ILE CA 79 -10.15 42.27 25.06
CA ILE CA 79 -9.27 41.85 23.98
C ILE CA 79 -8.50 40.59 24.36
N SER CA 80 -7.77 40.63 25.46
CA SER CA 80 -7.01 39.50 25.97
C SER CA 80 -7.14 39.58 27.48
N PRO CA 81 -6.70 38.57 28.25
CA PRO CA 81 -6.71 38.73 29.72
C PRO CA 81 -5.80 39.81 30.28
N ASN CA 82 -4.94 40.44 29.48
CA ASN CA 82 -4.17 41.58 29.95
C ASN CA 82 -4.43 42.88 29.21
N ILE CA 83 -5.14 42.85 28.08
CA ILE CA 83 -5.32 44.03 27.25
C ILE CA 83 -6.81 44.29 27.11
N TYR CA 84 -7.25 45.50 27.45
CA TYR CA 84 -8.59 45.98 27.15
C TYR CA 84 -8.53 47.16 26.20
N CYS CA 85 -9.70 47.57 25.72
CA CYS CA 85 -9.77 48.66 24.75
C CYS CA 85 -11.07 49.43 24.94
N CYS CA 86 -10.97 50.75 24.85
CA CYS CA 86 -12.12 51.65 24.95
C CYS CA 86 -12.43 52.22 23.59
N GLY CA 87 -13.72 52.30 23.26
CA GLY CA 87 -14.12 52.75 21.95
C GLY CA 87 -14.87 54.06 21.94
N ALA CA 88 -14.82 54.78 20.82
CA ALA CA 88 -15.52 56.04 20.66
C ALA CA 88 -15.82 56.25 19.19
N GLY CA 89 -16.85 57.04 18.92
CA GLY CA 89 -17.25 57.31 17.55
C GLY CA 89 -18.47 56.52 17.14
N THR CA 90 -18.42 55.90 15.96
CA THR CA 90 -19.52 55.06 15.50
C THR CA 90 -19.55 53.79 16.32
N ALA CA 91 -20.70 53.50 16.93
CA ALA CA 91 -20.78 52.45 17.93
C ALA CA 91 -20.67 51.06 17.30
N ALA CA 92 -21.26 50.86 16.13
CA ALA CA 92 -21.17 49.56 15.48
C ALA CA 92 -19.80 49.33 14.86
N ASP CA 93 -19.13 50.41 14.45
CA ASP CA 93 -17.79 50.26 13.88
C ASP CA 93 -16.77 49.90 14.95
N THR CA 94 -16.96 50.41 16.17
CA THR CA 94 -16.05 50.04 17.24
C THR CA 94 -16.32 48.63 17.74
N ASP CA 95 -17.57 48.19 17.71
CA ASP CA 95 -17.91 46.86 18.20
C ASP CA 95 -17.42 45.78 17.25
N MET CA 96 -17.65 45.94 15.96
CA MET CA 96 -17.27 44.91 15.01
C MET CA 96 -15.77 44.88 14.75
N THR CA 97 -15.05 45.95 15.05
CA THR CA 97 -13.60 45.93 14.90
C THR CA 97 -12.94 45.28 16.09
N THR CA 98 -13.41 45.59 17.31
CA THR CA 98 -12.77 45.10 18.51
C THR CA 98 -13.00 43.61 18.72
N GLN CA 99 -13.98 43.01 18.04
CA GLN CA 99 -14.20 41.58 18.15
C GLN CA 99 -13.31 40.81 17.20
N LEU CA 100 -12.99 41.40 16.04
CA LEU CA 100 -12.16 40.71 15.05
C LEU CA 100 -10.72 40.62 15.53
N ILE CA 101 -10.20 41.69 16.13
CA ILE CA 101 -8.83 41.69 16.62
C ILE CA 101 -8.71 40.79 17.85
N SER CA 102 -9.74 40.80 18.69
CA SER CA 102 -9.74 39.91 19.85
C SER CA 102 -9.88 38.45 19.43
N SER CA 103 -10.53 38.20 18.29
CA SER CA 103 -10.56 36.85 17.75
C SER CA 103 -9.19 36.45 17.20
N ASN CA 104 -8.48 37.40 16.59
CA ASN CA 104 -7.20 37.08 15.99
C ASN CA 104 -6.11 36.88 17.04
N LEU CA 105 -6.16 37.66 18.12
CA LEU CA 105 -5.16 37.50 19.17
C LEU CA 105 -5.39 36.24 19.99
N GLU CA 106 -6.64 35.82 20.13
CA GLU CA 106 -6.91 34.51 20.72
C GLU CA 106 -6.37 33.40 19.82
N LEU CA 107 -6.51 33.58 18.51
CA LEU CA 107 -5.93 32.64 17.56
C LEU CA 107 -4.41 32.69 17.59
N HIS CA 108 -3.84 33.88 17.77
CA HIS CA 108 -2.39 34.02 17.75
C HIS CA 108 -1.76 33.47 19.02
N SER CA 109 -2.31 33.83 20.18
CA SER CA 109 -1.71 33.44 21.45
C SER CA 109 -1.88 31.95 21.73
N LEU CA 110 -2.96 31.35 21.22
CA LEU CA 110 -3.14 29.93 21.42
C LEU CA 110 -2.21 29.14 20.53
N SER CA 111 -1.78 29.72 19.41
CA SER CA 111 -0.77 29.09 18.58
C SER CA 111 0.60 29.20 19.21
N THR CA 112 0.95 30.39 19.71
CA THR CA 112 2.27 30.57 20.31
C THR CA 112 2.34 29.94 21.70
N GLY CA 113 1.19 29.76 22.35
CA GLY CA 113 1.19 29.27 23.71
C GLY CA 113 1.69 30.26 24.72
N ARG CA 114 1.67 31.56 24.41
CA ARG CA 114 2.20 32.57 25.30
C ARG CA 114 1.19 33.70 25.54
N LEU CA 115 1.64 34.74 26.19
CA LEU CA 115 0.83 35.91 26.50
C LEU CA 115 1.00 36.93 25.38
N PRO CA 116 -0.08 37.58 24.93
CA PRO CA 116 0.05 38.55 23.83
C PRO CA 116 0.77 39.82 24.26
N ARG CA 117 1.16 40.60 23.27
CA ARG CA 117 1.82 41.88 23.50
C ARG CA 117 0.97 43.01 22.94
N VAL CA 118 1.10 44.18 23.55
CA VAL CA 118 0.26 45.31 23.20
C VAL CA 118 0.65 45.86 21.82
N VAL CA 119 1.93 45.76 21.46
CA VAL CA 119 2.38 46.20 20.15
C VAL CA 119 1.86 45.31 19.03
N THR CA 120 1.42 44.09 19.35
CA THR CA 120 0.79 43.25 18.34
C THR CA 120 -0.59 43.78 18.00
N ALA CA 121 -1.36 44.16 19.02
CA ALA CA 121 -2.70 44.70 18.78
C ALA CA 121 -2.64 46.09 18.17
N ASN CA 122 -1.59 46.85 18.46
CA ASN CA 122 -1.42 48.15 17.83
C ASN CA 122 -1.14 47.99 16.34
N ARG CA 123 -0.34 46.98 15.98
CA ARG CA 123 0.04 46.80 14.59
C ARG CA 123 -1.13 46.33 13.74
N MET CA 124 -2.02 45.53 14.32
CA MET CA 124 -3.19 45.06 13.58
C MET CA 124 -4.17 46.18 13.32
N LEU CA 125 -4.36 47.06 14.30
CA LEU CA 125 -5.38 48.10 14.18
C LEU CA 125 -4.95 49.22 13.24
N LYS CA 126 -3.68 49.64 13.32
CA LYS CA 126 -3.23 50.72 12.45
C LYS CA 126 -3.10 50.25 11.00
N GLN CA 127 -2.99 48.95 10.77
CA GLN CA 127 -2.90 48.42 9.43
C GLN CA 127 -4.27 48.14 8.84
N MET CA 128 -5.24 47.77 9.68
CA MET CA 128 -6.59 47.53 9.19
C MET CA 128 -7.31 48.82 8.87
N LEU CA 129 -7.22 49.81 9.78
CA LEU CA 129 -7.96 51.05 9.59
C LEU CA 129 -7.38 51.90 8.47
N PHE CA 130 -6.09 51.76 8.20
CA PHE CA 130 -5.50 52.48 7.09
C PHE CA 130 -5.97 51.93 5.76
N ARG CA 131 -6.27 50.63 5.71
CA ARG CA 131 -6.69 50.01 4.46
C ARG CA 131 -8.10 50.46 4.08
N TYR CA 132 -8.97 50.68 5.06
CA TYR CA 132 -10.32 51.14 4.78
C TYR CA 132 -10.43 52.65 4.65
N GLN CA 133 -9.30 53.36 4.63
CA GLN CA 133 -9.19 54.78 4.25
C GLN CA 133 -10.02 55.70 5.14
N GLY CA 134 -10.23 55.32 6.39
CA GLY CA 134 -10.96 56.15 7.31
C GLY CA 134 -12.46 56.13 7.15
N TYR CA 135 -13.00 55.27 6.30
CA TYR CA 135 -14.45 55.15 6.23
C TYR CA 135 -15.02 54.47 7.46
N ILE CA 136 -14.24 53.62 8.10
CA ILE CA 136 -14.63 53.04 9.39
C ILE CA 136 -14.20 54.00 10.49
N GLY CA 137 -15.16 54.72 11.04
CA GLY CA 137 -14.85 55.69 12.07
C GLY CA 137 -14.80 55.06 13.45
N ALA CA 138 -13.59 54.82 13.95
CA ALA CA 138 -13.41 54.15 15.24
C ALA CA 138 -12.27 54.83 15.98
N ALA CA 139 -12.61 55.56 17.04
CA ALA CA 139 -11.62 56.16 17.92
C ALA CA 139 -11.36 55.19 19.07
N LEU CA 140 -10.09 54.84 19.27
CA LEU CA 140 -9.75 53.77 20.20
C LEU CA 140 -8.68 54.21 21.17
N VAL CA 141 -8.75 53.64 22.37
CA VAL CA 141 -7.69 53.74 23.38
C VAL CA 141 -7.28 52.33 23.72
N LEU CA 142 -6.01 52.01 23.51
CA LEU CA 142 -5.49 50.66 23.70
C LEU CA 142 -4.55 50.63 24.88
N GLY CA 143 -4.79 49.73 25.82
CA GLY CA 143 -3.95 49.62 26.99
C GLY CA 143 -3.79 48.21 27.50
N GLY CA 144 -2.61 47.87 27.99
CA GLY CA 144 -2.37 46.54 28.51
C GLY CA 144 -1.00 46.45 29.16
N VAL CA 145 -0.79 45.35 29.87
CA VAL CA 145 0.46 45.08 30.57
C VAL CA 145 1.10 43.86 29.93
N ASP CA 146 2.33 44.01 29.49
CA ASP CA 146 3.09 42.94 28.85
C ASP CA 146 4.21 42.48 29.77
N VAL CA 147 5.08 41.62 29.22
CA VAL CA 147 6.36 41.34 29.86
C VAL CA 147 7.18 42.62 29.97
N THR CA 148 7.13 43.47 28.94
CA THR CA 148 7.84 44.74 28.95
C THR CA 148 7.21 45.77 29.88
N GLY CA 149 5.99 45.54 30.36
CA GLY CA 149 5.35 46.46 31.26
C GLY CA 149 4.08 47.05 30.70
N PRO CA 150 3.60 48.13 31.29
CA PRO CA 150 2.38 48.76 30.80
C PRO CA 150 2.63 49.57 29.54
N HIS CA 151 1.61 49.60 28.69
CA HIS CA 151 1.69 50.32 27.42
C HIS CA 151 0.32 50.91 27.11
N LEU CA 152 0.30 52.17 26.69
CA LEU CA 152 -0.93 52.88 26.40
C LEU CA 152 -0.84 53.49 25.01
N TYR CA 153 -1.91 53.33 24.22
CA TYR CA 153 -1.95 53.87 22.88
C TYR CA 153 -3.26 54.59 22.63
N SER CA 154 -3.23 55.48 21.64
CA SER CA 154 -4.42 56.14 21.12
C SER CA 154 -4.44 55.95 19.61
N ILE CA 155 -5.56 55.51 19.08
CA ILE CA 155 -5.69 55.17 17.68
C ILE CA 155 -6.83 55.98 17.08
N TYR CA 156 -6.53 56.75 16.10
CA TYR CA 156 -7.35 57.62 15.30
C TYR CA 156 -7.88 56.87 14.09
N PRO CA 157 -9.07 57.21 13.55
CA PRO CA 157 -9.71 56.35 12.55
C PRO CA 157 -9.07 56.34 11.17
N HIS CA 158 -7.96 57.04 10.98
CA HIS CA 158 -7.23 56.94 9.72
C HIS CA 158 -6.02 56.03 9.80
N GLY CA 159 -5.42 55.87 10.98
CA GLY CA 159 -4.29 54.97 11.11
C GLY CA 159 -3.14 55.56 11.91
N SER CA 160 -3.26 56.80 12.32
CA SER CA 160 -2.21 57.44 13.12
C SER CA 160 -2.32 56.98 14.57
N THR CA 161 -1.21 56.50 15.12
CA THR CA 161 -1.16 55.98 16.48
C THR CA 161 -0.11 56.74 17.29
N ASP CA 162 -0.34 56.82 18.60
CA ASP CA 162 0.51 57.56 19.52
C ASP CA 162 0.70 56.77 20.81
N LYS CA 163 1.94 56.63 21.25
CA LYS CA 163 2.24 56.09 22.56
C LYS CA 163 2.39 57.26 23.53
N LEU CA 164 1.50 57.34 24.51
CA LEU CA 164 1.46 58.45 25.45
C LEU CA 164 1.27 57.92 26.87
N PRO CA 165 1.67 58.68 27.88
CA PRO CA 165 1.36 58.28 29.26
C PRO CA 165 -0.10 58.49 29.65
N TYR CA 166 -0.82 59.37 28.96
CA TYR CA 166 -2.24 59.57 29.24
C TYR CA 166 -2.91 60.12 28.00
N VAL CA 167 -4.14 59.65 27.72
CA VAL CA 167 -4.89 60.04 26.54
C VAL CA 167 -6.35 60.27 26.91
N THR CA 168 -7.03 61.07 26.09
CA THR CA 168 -8.49 61.21 26.12
C THR CA 168 -9.01 61.15 24.71
N MET CA 169 -10.14 60.48 24.52
CA MET CA 169 -10.83 60.48 23.23
C MET CA 169 -12.31 60.70 23.48
N GLY CA 170 -13.01 61.14 22.44
CA GLY CA 170 -14.44 61.31 22.49
C GLY CA 170 -14.85 62.77 22.33
N SER CA 171 -16.15 63.00 22.50
CA SER CA 171 -16.70 64.33 22.33
C SER CA 171 -16.33 65.24 23.50
N GLY CA 172 -16.42 64.72 24.72
CA GLY CA 172 -16.06 65.50 25.88
C GLY CA 172 -14.64 65.23 26.33
N SER CA 173 -13.77 64.93 25.37
CA SER CA 173 -12.37 64.64 25.69
C SER CA 173 -11.60 65.89 26.07
N LEU CA 174 -12.07 67.06 25.66
CA LEU CA 174 -11.36 68.29 25.98
C LEU CA 174 -11.50 68.65 27.44
N ALA CA 175 -12.63 68.29 28.06
CA ALA CA 175 -12.82 68.57 29.47
C ALA CA 175 -11.94 67.69 30.34
N ALA CA 176 -11.79 66.42 29.96
CA ALA CA 176 -10.99 65.51 30.77
C ALA CA 176 -9.50 65.78 30.60
N MET CA 177 -9.09 66.31 29.47
CA MET CA 177 -7.69 66.61 29.24
C MET CA 177 -7.23 67.79 30.09
N ALA CA 178 -8.12 68.73 30.37
CA ALA CA 178 -7.78 69.84 31.26
C ALA CA 178 -7.63 69.37 32.70
N VAL CA 179 -8.30 68.29 33.07
CA VAL CA 179 -8.10 67.72 34.40
C VAL CA 179 -6.77 67.00 34.48
N PHE CA 180 -6.37 66.33 33.37
CA PHE CA 180 -5.11 65.61 33.35
C PHE CA 180 -3.92 66.55 33.46
N GLU CA 181 -3.88 67.59 32.63
CA GLU CA 181 -2.71 68.47 32.61
C GLU CA 181 -2.59 69.28 33.89
N ASP CA 182 -3.72 69.61 34.52
CA ASP CA 182 -3.66 70.33 35.78
C ASP CA 182 -3.20 69.46 36.93
N LYS CA 183 -3.50 68.16 36.91
CA LYS CA 183 -3.29 67.29 38.06
C LYS CA 183 -2.62 65.99 37.67
N PHE CA 184 -1.57 66.04 36.87
CA PHE CA 184 -0.77 64.87 36.59
C PHE CA 184 0.56 64.97 37.33
N ARG CA 185 1.05 63.83 37.78
CA ARG CA 185 2.40 63.69 38.24
C ARG CA 185 2.79 62.25 37.93
N PRO CA 186 4.04 61.99 37.56
CA PRO CA 186 4.42 60.63 37.20
C PRO CA 186 4.58 59.76 38.45
N ASP CA 187 4.43 58.45 38.23
CA ASP CA 187 4.59 57.40 39.23
C ASP CA 187 3.63 57.59 40.41
N MET CA 188 2.36 57.68 40.09
CA MET CA 188 1.35 57.73 41.13
C MET CA 188 1.07 56.33 41.67
N GLU CA 189 0.29 56.27 42.72
CA GLU CA 189 -0.16 54.99 43.24
C GLU CA 189 -1.49 54.63 42.60
N GLU CA 190 -2.05 53.49 43.03
CA GLU CA 190 -3.28 53.02 42.41
C GLU CA 190 -4.49 53.84 42.87
N GLU CA 191 -4.60 54.08 44.18
CA GLU CA 191 -5.72 54.86 44.68
C GLU CA 191 -5.62 56.34 44.33
N GLU CA 192 -4.40 56.83 44.07
CA GLU CA 192 -4.26 58.19 43.59
C GLU CA 192 -4.67 58.28 42.13
N ALA CA 193 -4.40 57.23 41.35
CA ALA CA 193 -4.76 57.25 39.93
C ALA CA 193 -6.26 57.04 39.74
N LYS CA 194 -6.87 56.20 40.59
CA LYS CA 194 -8.32 55.99 40.51
C LYS CA 194 -9.08 57.24 40.91
N ASN CA 195 -8.49 58.08 41.76
CA ASN CA 195 -9.09 59.37 42.06
C ASN CA 195 -8.99 60.30 40.86
N LEU CA 196 -7.93 60.19 40.07
CA LEU CA 196 -7.70 61.14 38.98
C LEU CA 196 -8.59 60.86 37.79
N VAL CA 197 -8.76 59.58 37.42
CA VAL CA 197 -9.54 59.25 36.24
C VAL CA 197 -11.03 59.49 36.49
N SER CA 198 -11.52 59.10 37.68
CA SER CA 198 -12.92 59.33 38.03
C SER CA 198 -13.22 60.81 38.18
N GLU CA 199 -12.22 61.62 38.48
CA GLU CA 199 -12.39 63.07 38.44
C GLU CA 199 -12.48 63.58 37.01
N ALA CA 200 -11.68 63.01 36.11
CA ALA CA 200 -11.62 63.51 34.75
C ALA CA 200 -12.84 63.10 33.94
N ILE CA 201 -13.35 61.88 34.17
CA ILE CA 201 -14.56 61.43 33.49
C ILE CA 201 -15.77 62.24 33.97
N ALA CA 202 -15.79 62.58 35.25
CA ALA CA 202 -16.89 63.38 35.78
C ALA CA 202 -16.86 64.81 35.24
N ALA CA 203 -15.70 65.29 34.83
CA ALA CA 203 -15.62 66.60 34.22
C ALA CA 203 -16.30 66.63 32.86
N GLY CA 204 -16.16 65.56 32.08
CA GLY CA 204 -16.89 65.45 30.83
C GLY CA 204 -18.37 65.19 31.01
N ILE CA 205 -18.77 64.68 32.17
CA ILE CA 205 -20.19 64.45 32.44
C ILE CA 205 -20.93 65.76 32.61
N PHE CA 206 -20.40 66.65 33.45
CA PHE CA 206 -21.10 67.87 33.80
C PHE CA 206 -20.81 69.03 32.85
N ASN CA 207 -20.16 68.78 31.72
CA ASN CA 207 -19.80 69.87 30.83
C ASN CA 207 -20.17 69.58 29.37
N ASP CA 208 -20.27 68.30 29.02
CA ASP CA 208 -20.61 67.90 27.66
C ASP CA 208 -22.02 67.35 27.61
N LEU CA 209 -22.73 67.68 26.53
CA LEU CA 209 -24.11 67.23 26.38
C LEU CA 209 -24.18 65.76 26.01
N GLY CA 210 -23.25 65.28 25.19
CA GLY CA 210 -23.27 63.90 24.75
C GLY CA 210 -22.88 62.89 25.81
N SER CA 211 -22.32 63.34 26.92
CA SER CA 211 -21.89 62.47 27.99
C SER CA 211 -22.84 62.59 29.18
N GLY CA 212 -22.55 61.83 30.23
CA GLY CA 212 -23.29 61.92 31.47
C GLY CA 212 -24.09 60.69 31.83
N SER CA 213 -23.49 59.85 32.67
CA SER CA 213 -24.06 58.61 33.19
C SER CA 213 -23.17 58.08 34.30
N ASN CA 214 -23.39 56.83 34.69
CA ASN CA 214 -22.49 56.18 35.64
C ASN CA 214 -21.09 56.04 35.06
N ILE CA 215 -20.10 55.95 35.94
CA ILE CA 215 -18.69 55.95 35.55
C ILE CA 215 -18.16 54.53 35.64
N ASP CA 216 -17.58 54.05 34.54
CA ASP CA 216 -16.88 52.78 34.54
C ASP CA 216 -15.42 52.99 34.91
N LEU CA 217 -14.81 51.96 35.48
CA LEU CA 217 -13.37 51.93 35.64
C LEU CA 217 -12.84 50.53 35.39
N CYS CA 218 -11.54 50.47 35.14
CA CYS CA 218 -10.82 49.21 35.05
C CYS CA 218 -9.39 49.42 35.47
N VAL CA 219 -8.87 48.50 36.28
CA VAL CA 219 -7.49 48.53 36.71
C VAL CA 219 -6.80 47.29 36.19
N ILE CA 220 -5.80 47.48 35.34
CA ILE CA 220 -5.01 46.39 34.80
C ILE CA 220 -3.61 46.52 35.37
N SER CA 221 -3.16 45.49 36.08
CA SER CA 221 -1.82 45.51 36.67
C SER CA 221 -1.05 44.28 36.24
N LYS CA 222 0.09 44.03 36.89
CA LYS CA 222 0.93 42.90 36.53
C LYS CA 222 0.27 41.57 36.84
N ASN CA 223 -0.53 41.51 37.88
CA ASN CA 223 -1.28 40.30 38.19
C ASN CA 223 -2.76 40.54 38.40
N LYS CA 224 -3.14 41.66 39.02
CA LYS CA 224 -4.52 41.92 39.40
C LYS CA 224 -5.28 42.55 38.24
N LEU CA 225 -6.52 42.08 38.04
CA LEU CA 225 -7.43 42.61 37.04
C LEU CA 225 -8.74 42.96 37.73
N ASP CA 226 -9.10 44.24 37.71
CA ASP CA 226 -10.31 44.72 38.36
C ASP CA 226 -11.18 45.42 37.34
N PHE CA 227 -12.47 45.09 37.34
CA PHE CA 227 -13.42 45.66 36.41
C PHE CA 227 -14.66 46.08 37.19
N LEU CA 228 -15.00 47.37 37.12
CA LEU CA 228 -16.02 47.96 37.99
C LEU CA 228 -17.11 48.56 37.11
N ARG CA 229 -18.21 47.84 36.95
CA ARG CA 229 -19.26 48.31 36.04
C ARG CA 229 -20.04 49.46 36.69
N PRO CA 230 -20.38 49.44 37.99
CA PRO CA 230 -20.55 50.72 38.67
C PRO CA 230 -19.32 51.10 39.46
N TYR CA 231 -18.93 52.37 39.41
CA TYR CA 231 -17.93 52.88 40.34
C TYR CA 231 -18.45 54.05 41.15
N THR CA 232 -19.09 55.01 40.50
CA THR CA 232 -19.67 56.17 41.17
C THR CA 232 -20.92 56.55 40.40
N VAL CA 233 -22.02 56.72 41.13
CA VAL CA 233 -23.29 57.14 40.54
C VAL CA 233 -23.46 58.62 40.86
N PRO CA 234 -23.25 59.53 39.91
CA PRO CA 234 -23.35 60.95 40.22
C PRO CA 234 -24.75 61.50 40.12
N ASN CA 235 -25.62 60.82 39.37
CA ASN CA 235 -26.96 61.33 39.08
C ASN CA 235 -28.00 60.27 39.36
N LYS CA 236 -29.14 60.71 39.86
CA LYS CA 236 -30.27 59.85 40.15
C LYS CA 236 -31.47 60.30 39.33
N LYS CA 237 -32.58 59.59 39.50
CA LYS CA 237 -33.86 59.99 38.95
C LYS CA 237 -34.80 60.33 40.09
N GLY CA 238 -35.54 61.42 39.95
CA GLY CA 238 -36.47 61.82 40.98
C GLY CA 238 -37.66 60.88 41.10
N THR CA 239 -38.30 60.94 42.25
CA THR CA 239 -39.42 60.05 42.54
C THR CA 239 -40.67 60.52 41.81
N ARG CA 240 -41.56 59.57 41.53
CA ARG CA 240 -42.82 59.86 40.86
C ARG CA 240 -43.85 60.23 41.90
N LEU CA 241 -44.47 61.40 41.75
CA LEU CA 241 -45.35 61.94 42.78
C LEU CA 241 -46.81 61.52 42.60
N GLY CA 242 -47.29 61.42 41.37
CA GLY CA 242 -48.70 61.18 41.11
C GLY CA 242 -48.96 59.74 40.72
N ARG CA 243 -49.99 59.16 41.34
CA ARG CA 243 -50.47 57.86 40.92
C ARG CA 243 -51.21 57.99 39.61
N TYR CA 244 -50.70 57.32 38.58
CA TYR CA 244 -51.22 57.46 37.22
C TYR CA 244 -51.99 56.24 36.75
N ARG CA 245 -52.12 55.22 37.59
CA ARG CA 245 -52.66 53.94 37.16
C ARG CA 245 -54.17 53.96 37.16
N CYS CA 246 -54.76 53.74 35.99
CA CYS CA 246 -56.12 53.26 35.91
C CYS CA 246 -56.09 51.74 35.85
N GLU CA 247 -57.14 51.12 36.39
CA GLU CA 247 -57.13 49.67 36.57
C GLU CA 247 -57.39 48.96 35.25
N LYS CA 248 -57.42 47.63 35.32
CA LYS CA 248 -57.57 46.79 34.12
C LYS CA 248 -58.99 46.89 33.59
N GLY CA 249 -59.12 47.35 32.35
CA GLY CA 249 -60.42 47.48 31.72
C GLY CA 249 -60.66 48.86 31.16
N THR CA 250 -59.66 49.73 31.26
CA THR CA 250 -59.78 51.10 30.77
C THR CA 250 -59.33 51.23 29.32
N THR CA 251 -59.15 50.13 28.61
CA THR CA 251 -58.72 50.15 27.22
C THR CA 251 -59.68 49.31 26.39
N ALA CA 252 -60.23 49.90 25.33
CA ALA CA 252 -61.16 49.18 24.46
C ALA CA 252 -60.41 48.21 23.57
N VAL CA 253 -60.89 46.96 23.53
CA VAL CA 253 -60.27 45.88 22.78
C VAL CA 253 -61.26 45.41 21.72
N LEU CA 254 -60.80 45.31 20.47
CA LEU CA 254 -61.68 44.84 19.40
C LEU CA 254 -61.73 43.32 19.36
N THR CA 255 -60.59 42.65 19.23
CA THR CA 255 -60.56 41.22 19.02
C THR CA 255 -59.41 40.60 19.79
N GLU CA 256 -59.70 39.63 20.64
CA GLU CA 256 -58.70 38.89 21.39
C GLU CA 256 -58.46 37.53 20.78
N LYS CA 257 -57.36 36.90 21.18
CA LYS CA 257 -56.96 35.61 20.64
C LYS CA 257 -56.02 34.92 21.62
N ILE CA 258 -56.29 33.65 21.91
CA ILE CA 258 -55.55 32.87 22.89
C ILE CA 258 -54.92 31.69 22.20
N THR CA 259 -53.63 31.45 22.46
CA THR CA 259 -52.94 30.29 21.92
C THR CA 259 -52.10 29.64 23.01
N PRO CA 260 -52.49 28.45 23.48
CA PRO CA 260 -51.72 27.80 24.55
C PRO CA 260 -50.42 27.23 24.03
N LEU CA 261 -49.52 26.95 24.97
CA LEU CA 261 -48.22 26.37 24.66
C LEU CA 261 -47.94 25.14 25.51
N GLU CA 262 -46.70 24.68 25.51
CA GLU CA 262 -46.32 23.52 26.30
C GLU CA 262 -45.08 23.80 27.15
N SER DA 1 -37.54 62.00 4.97
CA SER DA 1 -36.38 61.12 4.89
C SER DA 1 -36.75 59.78 4.28
N ILE DA 2 -35.74 58.92 4.15
CA ILE DA 2 -35.98 57.58 3.64
C ILE DA 2 -36.69 56.74 4.69
N MET DA 3 -36.38 56.95 5.97
CA MET DA 3 -37.09 56.28 7.04
C MET DA 3 -38.53 56.74 7.14
N SER DA 4 -38.81 57.99 6.79
CA SER DA 4 -40.16 58.54 6.86
C SER DA 4 -40.94 58.33 5.56
N TYR DA 5 -40.51 57.41 4.71
CA TYR DA 5 -41.21 57.16 3.46
C TYR DA 5 -42.54 56.46 3.72
N ASN DA 6 -42.51 55.36 4.48
CA ASN DA 6 -43.72 54.64 4.83
C ASN DA 6 -44.12 54.81 6.28
N GLY DA 7 -43.18 55.15 7.15
CA GLY DA 7 -43.49 55.32 8.55
C GLY DA 7 -43.68 54.00 9.28
N GLY DA 8 -44.07 54.12 10.55
CA GLY DA 8 -44.30 52.97 11.39
C GLY DA 8 -43.77 53.17 12.80
N ALA DA 9 -44.11 52.22 13.66
CA ALA DA 9 -43.73 52.26 15.06
C ALA DA 9 -43.75 50.86 15.63
N VAL DA 10 -42.68 50.49 16.32
CA VAL DA 10 -42.58 49.20 17.01
C VAL DA 10 -42.14 49.47 18.44
N MET DA 11 -42.88 48.92 19.40
CA MET DA 11 -42.57 49.07 20.81
C MET DA 11 -42.56 47.70 21.48
N ALA DA 12 -41.54 47.46 22.30
CA ALA DA 12 -41.49 46.28 23.16
C ALA DA 12 -41.30 46.73 24.60
N MET DA 13 -41.81 45.92 25.53
CA MET DA 13 -41.74 46.28 26.94
C MET DA 13 -41.63 45.03 27.79
N LYS DA 14 -40.70 45.05 28.74
CA LYS DA 14 -40.45 43.91 29.61
C LYS DA 14 -41.30 44.02 30.87
N GLY DA 15 -41.92 42.90 31.26
CA GLY DA 15 -42.70 42.87 32.48
C GLY DA 15 -42.02 42.11 33.59
N LYS DA 16 -42.81 41.49 34.47
CA LYS DA 16 -42.25 40.70 35.57
C LYS DA 16 -41.71 39.38 35.05
N ASN DA 17 -42.59 38.53 34.53
CA ASN DA 17 -42.19 37.23 34.01
C ASN DA 17 -42.61 37.09 32.56
N CYS DA 18 -43.23 38.10 31.98
CA CYS DA 18 -43.75 38.09 30.63
C CYS DA 18 -43.20 39.30 29.88
N VAL DA 19 -43.37 39.29 28.58
CA VAL DA 19 -42.90 40.38 27.74
C VAL DA 19 -44.00 40.69 26.72
N ALA DA 20 -44.10 41.95 26.33
CA ALA DA 20 -45.12 42.40 25.40
C ALA DA 20 -44.49 43.22 24.27
N ILE DA 21 -45.10 43.14 23.11
CA ILE DA 21 -44.63 43.82 21.91
C ILE DA 21 -45.84 44.28 21.11
N ALA DA 22 -45.73 45.44 20.47
CA ALA DA 22 -46.85 46.00 19.73
C ALA DA 22 -46.35 46.83 18.57
N ALA DA 23 -47.21 46.98 17.57
CA ALA DA 23 -46.90 47.79 16.40
C ALA DA 23 -48.21 48.32 15.82
N ASP DA 24 -48.09 49.19 14.84
CA ASP DA 24 -49.25 49.76 14.16
C ASP DA 24 -49.62 48.89 12.96
N ARG DA 25 -50.58 49.37 12.15
CA ARG DA 25 -51.09 48.61 11.04
C ARG DA 25 -51.07 49.32 9.70
N ARG DA 26 -50.71 50.60 9.66
CA ARG DA 26 -50.86 51.40 8.45
C ARG DA 26 -49.74 51.14 7.46
N PHE DA 27 -50.11 50.97 6.20
CA PHE DA 27 -49.17 50.94 5.08
C PHE DA 27 -49.51 52.07 4.12
N GLY DA 28 -48.56 52.99 3.92
CA GLY DA 28 -48.82 54.15 3.08
C GLY DA 28 -47.57 54.64 2.38
N ILE DA 29 -47.78 55.57 1.46
CA ILE DA 29 -46.69 56.21 0.73
C ILE DA 29 -46.85 57.72 0.95
N GLN DA 30 -46.25 58.21 2.03
CA GLN DA 30 -45.93 59.60 2.35
C GLN DA 30 -47.11 60.53 2.60
N ALA DA 31 -48.29 60.23 2.08
CA ALA DA 31 -49.50 60.93 2.48
C ALA DA 31 -50.70 60.00 2.35
N GLN DA 32 -50.52 58.94 1.57
CA GLN DA 32 -51.62 58.15 1.03
C GLN DA 32 -51.49 56.73 1.53
N MET DA 33 -52.42 56.33 2.38
CA MET DA 33 -52.43 54.95 2.83
C MET DA 33 -52.92 54.02 1.71
N VAL DA 34 -52.60 52.75 1.86
CA VAL DA 34 -53.01 51.71 0.93
C VAL DA 34 -53.85 50.64 1.62
N THR DA 35 -53.42 50.19 2.79
CA THR DA 35 -54.09 49.10 3.48
C THR DA 35 -53.83 49.22 4.97
N THR DA 36 -54.52 48.38 5.74
CA THR DA 36 -54.44 48.38 7.20
C THR DA 36 -54.03 47.02 7.75
N ASP DA 37 -53.35 46.19 6.97
CA ASP DA 37 -53.03 44.84 7.41
C ASP DA 37 -51.58 44.49 7.12
N PHE DA 38 -50.71 45.48 7.11
CA PHE DA 38 -49.30 45.25 6.82
C PHE DA 38 -48.62 44.66 8.05
N GLN DA 39 -48.15 43.42 7.95
CA GLN DA 39 -47.54 42.74 9.09
C GLN DA 39 -46.14 43.26 9.34
N LYS DA 40 -45.87 43.62 10.59
CA LYS DA 40 -44.55 44.08 11.00
C LYS DA 40 -43.94 43.26 12.11
N ILE DA 41 -44.70 42.35 12.72
CA ILE DA 41 -44.21 41.47 13.77
C ILE DA 41 -44.20 40.05 13.23
N PHE DA 42 -43.06 39.39 13.29
CA PHE DA 42 -42.91 38.07 12.71
C PHE DA 42 -42.44 37.08 13.77
N PRO DA 43 -43.04 35.90 13.87
CA PRO DA 43 -42.60 34.92 14.86
C PRO DA 43 -41.31 34.23 14.42
N MET DA 44 -40.38 34.13 15.36
CA MET DA 44 -39.13 33.40 15.17
C MET DA 44 -39.08 32.36 16.29
N GLY DA 45 -39.69 31.20 16.04
CA GLY DA 45 -39.83 30.21 17.07
C GLY DA 45 -40.95 30.57 18.05
N ASP DA 46 -41.08 29.74 19.07
CA ASP DA 46 -42.10 29.94 20.09
C ASP DA 46 -41.56 30.79 21.22
N ARG DA 47 -42.43 31.62 21.78
CA ARG DA 47 -42.13 32.56 22.88
C ARG DA 47 -40.99 33.52 22.52
N LEU DA 48 -40.89 33.89 21.24
CA LEU DA 48 -39.84 34.79 20.77
C LEU DA 48 -40.28 35.37 19.44
N TYR DA 49 -40.49 36.69 19.39
CA TYR DA 49 -40.91 37.37 18.18
C TYR DA 49 -39.84 38.38 17.76
N ILE DA 50 -40.11 39.07 16.65
CA ILE DA 50 -39.27 40.16 16.19
C ILE DA 50 -40.15 41.17 15.48
N GLY DA 51 -39.83 42.45 15.64
CA GLY DA 51 -40.56 43.52 14.99
C GLY DA 51 -39.63 44.34 14.11
N LEU DA 52 -40.17 44.83 13.00
CA LEU DA 52 -39.40 45.59 12.03
C LEU DA 52 -40.14 46.87 11.67
N ALA DA 53 -39.38 47.96 11.52
CA ALA DA 53 -39.96 49.23 11.13
C ALA DA 53 -38.97 49.96 10.22
N GLY DA 54 -39.51 50.88 9.42
CA GLY DA 54 -38.72 51.64 8.48
C GLY DA 54 -39.24 51.49 7.07
N LEU DA 55 -38.31 51.38 6.13
CA LEU DA 55 -38.68 51.20 4.73
C LEU DA 55 -39.26 49.80 4.52
N ALA DA 56 -40.45 49.76 3.90
CA ALA DA 56 -41.21 48.53 3.79
C ALA DA 56 -40.59 47.51 2.85
N THR DA 57 -39.65 47.93 2.01
CA THR DA 57 -38.87 46.97 1.24
C THR DA 57 -37.98 46.14 2.14
N ASP DA 58 -37.20 46.80 3.00
CA ASP DA 58 -36.28 46.10 3.87
C ASP DA 58 -36.98 45.40 5.01
N VAL DA 59 -38.23 45.76 5.30
CA VAL DA 59 -39.02 45.01 6.26
C VAL DA 59 -39.30 43.61 5.72
N GLN DA 60 -39.81 43.53 4.50
CA GLN DA 60 -40.10 42.23 3.91
C GLN DA 60 -38.86 41.50 3.44
N THR DA 61 -37.74 42.20 3.25
CA THR DA 61 -36.54 41.53 2.76
C THR DA 61 -35.76 40.88 3.90
N VAL DA 62 -35.52 41.63 4.97
CA VAL DA 62 -34.71 41.13 6.08
C VAL DA 62 -35.43 40.02 6.83
N ALA DA 63 -36.76 40.12 6.92
CA ALA DA 63 -37.55 39.09 7.60
C ALA DA 63 -37.53 37.76 6.86
N GLN DA 64 -37.20 37.76 5.57
CA GLN DA 64 -37.04 36.53 4.83
C GLN DA 64 -35.61 36.03 4.82
N ARG DA 65 -34.64 36.95 4.83
CA ARG DA 65 -33.23 36.55 4.95
C ARG DA 65 -32.94 36.00 6.34
N LEU DA 66 -33.55 36.58 7.36
CA LEU DA 66 -33.36 36.07 8.71
C LEU DA 66 -34.03 34.71 8.88
N LYS DA 67 -35.20 34.53 8.27
CA LYS DA 67 -35.86 33.24 8.30
C LYS DA 67 -35.07 32.20 7.50
N PHE DA 68 -34.33 32.65 6.48
CA PHE DA 68 -33.47 31.76 5.72
C PHE DA 68 -32.36 31.17 6.59
N ARG DA 69 -31.67 32.03 7.33
CA ARG DA 69 -30.58 31.56 8.18
C ARG DA 69 -31.07 30.87 9.44
N LEU DA 70 -32.31 31.13 9.85
CA LEU DA 70 -32.80 30.55 11.10
C LEU DA 70 -33.12 29.08 10.95
N ASN DA 71 -33.77 28.70 9.84
CA ASN DA 71 -34.12 27.31 9.64
C ASN DA 71 -32.90 26.44 9.41
N LEU DA 72 -31.84 27.00 8.85
CA LEU DA 72 -30.59 26.26 8.73
C LEU DA 72 -29.94 26.06 10.08
N TYR DA 73 -30.11 27.01 11.00
CA TYR DA 73 -29.51 26.89 12.31
C TYR DA 73 -30.24 25.85 13.16
N GLU DA 74 -31.56 25.79 13.07
CA GLU DA 74 -32.33 24.88 13.89
C GLU DA 74 -32.40 23.47 13.31
N LEU DA 75 -31.78 23.23 12.16
CA LEU DA 75 -31.63 21.88 11.63
C LEU DA 75 -30.23 21.33 11.77
N LYS DA 76 -29.21 22.18 11.76
CA LYS DA 76 -27.87 21.72 12.08
C LYS DA 76 -27.75 21.38 13.56
N GLU DA 77 -28.32 22.23 14.41
CA GLU DA 77 -28.48 21.90 15.81
C GLU DA 77 -29.86 21.31 16.04
N GLY DA 78 -30.02 20.65 17.18
CA GLY DA 78 -31.30 20.06 17.50
C GLY DA 78 -32.18 21.00 18.31
N ARG DA 79 -31.54 21.95 18.99
CA ARG DA 79 -32.23 22.85 19.89
C ARG DA 79 -32.85 24.02 19.13
N GLN DA 80 -33.57 24.86 19.87
CA GLN DA 80 -34.05 26.13 19.35
C GLN DA 80 -32.96 27.18 19.54
N ILE DA 81 -33.24 28.41 19.13
CA ILE DA 81 -32.25 29.48 19.19
C ILE DA 81 -32.45 30.28 20.47
N LYS DA 82 -31.34 30.67 21.09
CA LYS DA 82 -31.37 31.54 22.24
C LYS DA 82 -31.53 32.99 21.79
N PRO DA 83 -32.10 33.85 22.64
CA PRO DA 83 -32.32 35.25 22.23
C PRO DA 83 -31.03 36.05 22.03
N TYR DA 84 -29.97 35.75 22.78
CA TYR DA 84 -28.68 36.38 22.51
C TYR DA 84 -28.11 35.92 21.19
N THR DA 85 -28.38 34.67 20.80
CA THR DA 85 -27.86 34.14 19.56
C THR DA 85 -28.52 34.81 18.37
N LEU DA 86 -29.81 35.15 18.50
CA LEU DA 86 -30.50 35.81 17.39
C LEU DA 86 -30.03 37.25 17.23
N MET DA 87 -29.75 37.92 18.35
CA MET DA 87 -29.28 39.30 18.31
C MET DA 87 -27.92 39.40 17.63
N SER DA 88 -27.05 38.42 17.86
CA SER DA 88 -25.78 38.37 17.16
C SER DA 88 -25.97 37.99 15.70
N MET DA 89 -27.04 37.25 15.39
CA MET DA 89 -27.30 36.86 14.01
C MET DA 89 -27.79 38.04 13.18
N VAL DA 90 -28.68 38.85 13.76
CA VAL DA 90 -29.22 40.00 13.04
C VAL DA 90 -28.14 41.07 12.86
N ALA DA 91 -27.30 41.26 13.88
CA ALA DA 91 -26.23 42.25 13.80
C ALA DA 91 -25.19 41.87 12.77
N ASN DA 92 -25.03 40.57 12.51
CA ASN DA 92 -24.18 40.15 11.42
C ASN DA 92 -24.80 40.51 10.08
N LEU DA 93 -26.12 40.30 9.94
CA LEU DA 93 -26.77 40.42 8.65
C LEU DA 93 -26.87 41.87 8.21
N LEU DA 94 -26.95 42.81 9.15
CA LEU DA 94 -26.99 44.22 8.79
C LEU DA 94 -25.61 44.77 8.49
N TYR DA 95 -24.58 44.25 9.14
CA TYR DA 95 -23.24 44.78 8.98
C TYR DA 95 -22.60 44.34 7.68
N GLU DA 96 -23.09 43.26 7.07
CA GLU DA 96 -22.59 42.82 5.77
C GLU DA 96 -22.88 43.87 4.70
N LYS DA 97 -24.07 44.44 4.72
CA LYS DA 97 -24.38 45.61 3.90
C LYS DA 97 -23.97 46.87 4.67
N ARG DA 98 -22.66 47.04 4.80
CA ARG DA 98 -22.13 48.16 5.58
C ARG DA 98 -22.34 49.48 4.85
N PHE DA 99 -22.15 49.48 3.54
CA PHE DA 99 -22.21 50.72 2.79
C PHE DA 99 -23.44 50.84 1.91
N GLY DA 100 -24.04 49.72 1.48
CA GLY DA 100 -25.38 49.71 0.94
C GLY DA 100 -26.45 49.24 1.93
N PRO DA 101 -26.71 50.01 2.97
CA PRO DA 101 -27.39 49.45 4.16
C PRO DA 101 -28.88 49.23 3.93
N TYR DA 102 -29.42 48.30 4.71
CA TYR DA 102 -30.86 48.15 4.80
C TYR DA 102 -31.43 49.25 5.69
N TYR DA 103 -32.56 49.80 5.28
CA TYR DA 103 -33.20 50.89 6.01
C TYR DA 103 -34.28 50.32 6.90
N THR DA 104 -33.86 49.70 7.99
CA THR DA 104 -34.78 49.15 8.97
C THR DA 104 -34.11 49.14 10.33
N GLU DA 105 -34.93 49.06 11.38
CA GLU DA 105 -34.45 49.05 12.76
C GLU DA 105 -35.18 47.95 13.52
N PRO DA 106 -34.54 46.82 13.74
CA PRO DA 106 -35.24 45.67 14.33
C PRO DA 106 -35.41 45.81 15.83
N VAL DA 107 -36.45 45.14 16.33
CA VAL DA 107 -36.73 45.03 17.76
C VAL DA 107 -37.02 43.57 18.06
N ILE DA 108 -36.30 43.01 19.02
CA ILE DA 108 -36.41 41.59 19.37
C ILE DA 108 -36.97 41.48 20.78
N ALA DA 109 -38.01 40.67 20.94
CA ALA DA 109 -38.56 40.35 22.24
C ALA DA 109 -38.79 38.85 22.32
N GLY DA 110 -38.60 38.31 23.52
CA GLY DA 110 -38.80 36.88 23.71
C GLY DA 110 -38.37 36.45 25.09
N LEU DA 111 -38.62 35.17 25.36
CA LEU DA 111 -38.29 34.57 26.64
C LEU DA 111 -37.09 33.64 26.52
N ASP DA 112 -36.63 33.18 27.68
CA ASP DA 112 -35.66 32.10 27.73
C ASP DA 112 -36.30 30.82 27.20
N PRO DA 113 -35.61 30.06 26.35
CA PRO DA 113 -36.10 28.71 26.02
C PRO DA 113 -35.93 27.69 27.14
N LYS DA 114 -35.29 28.06 28.25
CA LYS DA 114 -35.20 27.18 29.42
C LYS DA 114 -36.03 27.66 30.59
N THR DA 115 -36.00 28.95 30.90
CA THR DA 115 -36.73 29.53 32.01
C THR DA 115 -37.75 30.53 31.48
N PHE DA 116 -38.31 31.31 32.40
CA PHE DA 116 -39.25 32.38 32.06
C PHE DA 116 -38.56 33.71 31.85
N LYS DA 117 -37.24 33.72 31.70
CA LYS DA 117 -36.48 34.96 31.70
C LYS DA 117 -36.70 35.73 30.41
N PRO DA 118 -37.20 36.96 30.46
CA PRO DA 118 -37.45 37.72 29.24
C PRO DA 118 -36.20 38.35 28.68
N PHE DA 119 -36.33 38.91 27.49
CA PHE DA 119 -35.22 39.56 26.81
C PHE DA 119 -35.76 40.57 25.81
N ILE DA 120 -35.18 41.76 25.81
CA ILE DA 120 -35.50 42.80 24.82
C ILE DA 120 -34.21 43.45 24.35
N CYS DA 121 -34.20 43.83 23.07
CA CYS DA 121 -33.09 44.58 22.50
C CYS DA 121 -33.57 45.27 21.23
N SER DA 122 -32.78 46.25 20.79
CA SER DA 122 -33.02 46.93 19.53
C SER DA 122 -31.67 47.24 18.89
N LEU DA 123 -31.68 47.44 17.58
CA LEU DA 123 -30.45 47.59 16.82
C LEU DA 123 -30.53 48.80 15.91
N ASP DA 124 -29.37 49.27 15.48
CA ASP DA 124 -29.28 50.36 14.52
C ASP DA 124 -29.46 49.82 13.11
N LEU DA 125 -29.40 50.72 12.14
CA LEU DA 125 -29.51 50.30 10.74
C LEU DA 125 -28.23 49.66 10.23
N ILE DA 126 -27.11 49.86 10.92
CA ILE DA 126 -25.87 49.17 10.56
C ILE DA 126 -25.53 48.03 11.51
N GLY DA 127 -26.20 47.93 12.66
CA GLY DA 127 -26.09 46.73 13.45
C GLY DA 127 -25.46 46.83 14.83
N CYS DA 128 -25.63 47.96 15.51
CA CYS DA 128 -25.16 48.07 16.89
C CYS DA 128 -26.23 47.57 17.84
N PRO DA 129 -25.99 46.50 18.59
CA PRO DA 129 -26.98 46.01 19.53
C PRO DA 129 -27.07 46.88 20.77
N MET DA 130 -28.22 46.80 21.44
CA MET DA 130 -28.46 47.62 22.63
C MET DA 130 -29.53 46.91 23.46
N VAL DA 131 -29.12 46.35 24.59
CA VAL DA 131 -30.05 45.66 25.47
C VAL DA 131 -30.43 46.57 26.63
N THR DA 132 -31.70 46.51 27.02
CA THR DA 132 -32.18 47.25 28.18
C THR DA 132 -32.95 46.32 29.10
N ASP DA 133 -33.61 46.87 30.11
CA ASP DA 133 -34.40 46.09 31.04
C ASP DA 133 -35.85 46.55 31.15
N ASP DA 134 -36.22 47.65 30.52
CA ASP DA 134 -37.57 48.18 30.64
C ASP DA 134 -38.33 48.21 29.33
N PHE DA 135 -37.79 48.84 28.30
CA PHE DA 135 -38.50 48.99 27.03
C PHE DA 135 -37.51 49.35 25.94
N VAL DA 136 -37.87 49.01 24.70
CA VAL DA 136 -37.18 49.50 23.51
C VAL DA 136 -38.23 49.94 22.50
N VAL DA 137 -37.92 51.00 21.76
CA VAL DA 137 -38.83 51.55 20.77
C VAL DA 137 -38.08 51.78 19.46
N SER DA 138 -38.84 51.86 18.37
CA SER DA 138 -38.29 52.12 17.06
C SER DA 138 -39.39 52.64 16.14
N GLY DA 139 -38.98 53.46 15.19
CA GLY DA 139 -39.89 53.99 14.19
C GLY DA 139 -39.70 55.48 14.04
N THR DA 140 -40.66 56.10 13.34
CA THR DA 140 -40.58 57.54 13.10
C THR DA 140 -40.95 58.33 14.34
N CYS DA 141 -42.00 57.91 15.04
CA CYS DA 141 -42.50 58.64 16.22
C CYS DA 141 -41.81 58.15 17.49
N ALA DA 142 -40.48 58.28 17.49
CA ALA DA 142 -39.69 57.73 18.59
C ALA DA 142 -39.83 58.58 19.85
N GLU DA 143 -39.79 59.91 19.70
CA GLU DA 143 -39.75 60.79 20.87
C GLU DA 143 -41.06 60.77 21.65
N GLN DA 144 -42.18 60.55 20.96
CA GLN DA 144 -43.45 60.40 21.66
C GLN DA 144 -43.48 59.09 22.44
N MET DA 145 -42.79 58.06 21.95
CA MET DA 145 -42.78 56.79 22.65
C MET DA 145 -41.85 56.81 23.85
N TYR DA 146 -40.81 57.65 23.85
CA TYR DA 146 -40.01 57.77 25.06
C TYR DA 146 -40.75 58.52 26.15
N GLY DA 147 -41.61 59.47 25.78
CA GLY DA 147 -42.36 60.21 26.77
C GLY DA 147 -43.39 59.37 27.50
N MET DA 148 -43.89 58.33 26.84
CA MET DA 148 -44.82 57.42 27.48
C MET DA 148 -44.12 56.53 28.49
N CYS DA 149 -43.14 55.76 28.02
CA CYS DA 149 -42.57 54.69 28.82
C CYS DA 149 -41.71 55.19 29.96
N GLU DA 150 -41.14 56.39 29.85
CA GLU DA 150 -40.44 56.97 30.98
C GLU DA 150 -41.40 57.43 32.08
N SER DA 151 -42.69 57.55 31.79
CA SER DA 151 -43.66 58.03 32.75
C SER DA 151 -44.70 57.01 33.13
N LEU DA 152 -44.65 55.81 32.57
CA LEU DA 152 -45.66 54.80 32.85
C LEU DA 152 -45.10 53.45 33.27
N TRP DA 153 -43.85 53.14 32.94
CA TRP DA 153 -43.31 51.82 33.20
C TRP DA 153 -42.99 51.66 34.68
N GLU DA 154 -43.32 50.49 35.23
CA GLU DA 154 -42.98 50.09 36.58
C GLU DA 154 -42.21 48.79 36.54
N PRO DA 155 -41.32 48.52 37.53
CA PRO DA 155 -40.46 47.34 37.45
C PRO DA 155 -41.15 45.98 37.44
N ASN DA 156 -41.97 45.71 38.45
CA ASN DA 156 -42.57 44.38 38.61
C ASN DA 156 -44.07 44.49 38.36
N MET DA 157 -44.52 43.97 37.21
CA MET DA 157 -45.88 44.17 36.75
C MET DA 157 -46.48 42.86 36.30
N ASP DA 158 -47.71 42.59 36.75
CA ASP DA 158 -48.49 41.46 36.29
C ASP DA 158 -48.84 41.61 34.81
N PRO DA 159 -49.18 40.51 34.11
CA PRO DA 159 -49.54 40.63 32.69
C PRO DA 159 -50.79 41.46 32.40
N ASP DA 160 -51.61 41.76 33.40
CA ASP DA 160 -52.79 42.59 33.15
C ASP DA 160 -52.40 44.05 33.02
N HIS DA 161 -51.69 44.58 34.01
CA HIS DA 161 -51.28 45.99 33.96
C HIS DA 161 -50.19 46.23 32.94
N LEU DA 162 -49.42 45.20 32.57
CA LEU DA 162 -48.48 45.34 31.47
C LEU DA 162 -49.21 45.56 30.16
N PHE DA 163 -50.33 44.87 29.97
CA PHE DA 163 -51.17 45.12 28.79
C PHE DA 163 -51.77 46.52 28.82
N GLU DA 164 -52.18 46.99 29.98
CA GLU DA 164 -52.81 48.30 30.06
C GLU DA 164 -51.80 49.43 29.94
N THR DA 165 -50.54 49.17 30.26
CA THR DA 165 -49.52 50.22 30.15
C THR DA 165 -49.05 50.36 28.71
N ILE DA 166 -48.79 49.26 28.02
CA ILE DA 166 -48.32 49.33 26.65
C ILE DA 166 -49.44 49.73 25.69
N SER DA 167 -50.70 49.57 26.10
CA SER DA 167 -51.81 50.03 25.28
C SER DA 167 -51.92 51.54 25.31
N GLN DA 168 -51.87 52.12 26.51
CA GLN DA 168 -51.93 53.58 26.64
C GLN DA 168 -50.66 54.25 26.14
N ALA DA 169 -49.54 53.53 26.09
CA ALA DA 169 -48.32 54.09 25.54
C ALA DA 169 -48.43 54.22 24.02
N MET DA 170 -49.05 53.25 23.37
CA MET DA 170 -49.15 53.28 21.91
C MET DA 170 -50.25 54.22 21.44
N LEU DA 171 -51.42 54.18 22.09
CA LEU DA 171 -52.55 54.95 21.60
C LEU DA 171 -52.36 56.45 21.77
N ASN DA 172 -51.53 56.86 22.72
CA ASN DA 172 -51.29 58.29 22.89
C ASN DA 172 -50.13 58.77 22.02
N ALA DA 173 -49.15 57.92 21.74
CA ALA DA 173 -48.00 58.34 20.96
C ALA DA 173 -48.27 58.28 19.46
N VAL DA 174 -48.98 57.27 19.00
CA VAL DA 174 -49.19 57.12 17.56
C VAL DA 174 -50.25 58.09 17.05
N ASP DA 175 -51.26 58.40 17.88
CA ASP DA 175 -52.22 59.43 17.50
C ASP DA 175 -51.62 60.82 17.45
N ARG DA 176 -50.53 61.05 18.17
CA ARG DA 176 -49.79 62.29 18.01
C ARG DA 176 -48.98 62.29 16.72
N ASP DA 177 -48.56 61.11 16.26
CA ASP DA 177 -47.89 61.02 14.97
C ASP DA 177 -48.90 61.15 13.84
N ALA DA 178 -48.42 61.66 12.70
CA ALA DA 178 -49.27 61.85 11.53
C ALA DA 178 -49.26 60.64 10.61
N VAL DA 179 -48.07 60.17 10.22
CA VAL DA 179 -47.98 59.14 9.19
C VAL DA 179 -48.11 57.73 9.74
N SER DA 180 -48.42 57.56 11.02
CA SER DA 180 -48.61 56.24 11.60
C SER DA 180 -49.96 56.20 12.30
N GLY DA 181 -50.60 55.03 12.25
CA GLY DA 181 -51.91 54.88 12.84
C GLY DA 181 -52.67 53.70 12.29
N MET DA 182 -53.99 53.87 12.15
CA MET DA 182 -54.90 52.93 11.51
C MET DA 182 -54.90 51.56 12.20
N GLY DA 183 -54.86 51.58 13.54
CA GLY DA 183 -54.96 50.35 14.30
C GLY DA 183 -53.66 49.89 14.91
N VAL DA 184 -53.74 49.27 16.09
CA VAL DA 184 -52.58 48.77 16.81
C VAL DA 184 -52.85 47.33 17.22
N ILE DA 185 -51.93 46.44 16.89
CA ILE DA 185 -51.99 45.05 17.34
C ILE DA 185 -50.97 44.86 18.45
N VAL DA 186 -51.34 44.08 19.47
CA VAL DA 186 -50.52 43.89 20.67
C VAL DA 186 -50.34 42.41 20.89
N HIS DA 187 -49.09 41.96 20.95
CA HIS DA 187 -48.76 40.61 21.37
C HIS DA 187 -48.28 40.65 22.81
N ILE DA 188 -48.88 39.83 23.66
CA ILE DA 188 -48.42 39.63 25.02
C ILE DA 188 -48.24 38.13 25.26
N ILE DA 189 -46.99 37.72 25.42
CA ILE DA 189 -46.63 36.32 25.52
C ILE DA 189 -46.11 36.06 26.91
N GLU DA 190 -46.19 34.80 27.34
CA GLU DA 190 -45.73 34.38 28.65
C GLU DA 190 -45.26 32.94 28.54
N LYS DA 191 -45.08 32.29 29.70
CA LYS DA 191 -44.50 30.95 29.72
C LYS DA 191 -45.47 29.91 29.16
N ASP DA 192 -46.77 30.11 29.36
CA ASP DA 192 -47.74 29.07 29.08
C ASP DA 192 -48.61 29.32 27.86
N LYS DA 193 -48.82 30.57 27.47
CA LYS DA 193 -49.68 30.85 26.33
C LYS DA 193 -49.28 32.17 25.69
N ILE DA 194 -49.84 32.41 24.51
CA ILE DA 194 -49.60 33.60 23.72
C ILE DA 194 -50.93 34.29 23.47
N THR DA 195 -51.02 35.56 23.86
CA THR DA 195 -52.25 36.34 23.72
C THR DA 195 -52.01 37.46 22.72
N THR DA 196 -52.89 37.54 21.71
CA THR DA 196 -52.80 38.56 20.67
C THR DA 196 -54.11 39.33 20.63
N ARG DA 197 -54.03 40.64 20.82
CA ARG DA 197 -55.22 41.48 20.79
C ARG DA 197 -55.02 42.64 19.82
N THR DA 198 -56.14 43.15 19.31
CA THR DA 198 -56.16 44.33 18.47
C THR DA 198 -56.95 45.42 19.18
N LEU DA 199 -56.40 46.62 19.21
CA LEU DA 199 -56.99 47.70 19.97
C LEU DA 199 -57.90 48.55 19.10
N LYS DA 200 -58.74 49.34 19.75
CA LYS DA 200 -59.67 50.24 19.08
C LYS DA 200 -59.06 51.63 19.04
N ALA DA 201 -58.52 52.00 17.89
CA ALA DA 201 -57.82 53.27 17.72
C ALA DA 201 -58.58 54.19 16.78
N ARG DA 202 -58.09 55.41 16.68
CA ARG DA 202 -58.65 56.39 15.75
C ARG DA 202 -58.25 56.02 14.33
N MET DA 203 -59.23 55.89 13.45
CA MET DA 203 -59.00 55.48 12.08
C MET DA 203 -58.82 56.67 11.14
N ASP DA 204 -58.50 57.83 11.67
CA ASP DA 204 -58.31 59.02 10.84
C ASP DA 204 -56.86 59.20 10.42
N MET EA 1 -49.34 58.30 -14.59
CA MET EA 1 -49.58 58.90 -15.90
C MET EA 1 -50.72 58.20 -16.61
N GLU EA 2 -50.77 56.88 -16.48
CA GLU EA 2 -51.85 56.08 -17.02
C GLU EA 2 -52.49 55.27 -15.90
N TYR EA 3 -53.73 54.86 -16.11
CA TYR EA 3 -54.62 54.50 -15.02
C TYR EA 3 -55.01 53.03 -15.05
N LEU EA 4 -55.02 52.41 -13.87
CA LEU EA 4 -55.44 51.02 -13.70
C LEU EA 4 -56.33 50.92 -12.47
N ILE EA 5 -57.10 49.83 -12.37
CA ILE EA 5 -58.04 49.67 -11.28
C ILE EA 5 -58.21 48.18 -10.97
N GLY EA 6 -58.52 47.89 -9.70
CA GLY EA 6 -58.41 46.55 -9.13
C GLY EA 6 -59.56 46.01 -8.31
N ILE EA 7 -60.81 46.15 -8.76
CA ILE EA 7 -61.97 45.75 -7.95
C ILE EA 7 -61.95 44.24 -7.71
N GLN EA 8 -61.91 43.85 -6.44
CA GLN EA 8 -61.89 42.45 -6.02
C GLN EA 8 -63.25 42.03 -5.48
N GLY EA 9 -63.75 40.89 -5.94
CA GLY EA 9 -65.03 40.40 -5.50
C GLY EA 9 -64.94 39.16 -4.62
N PRO EA 10 -66.09 38.56 -4.31
CA PRO EA 10 -66.07 37.32 -3.52
C PRO EA 10 -65.49 36.14 -4.25
N ASP EA 11 -65.85 35.95 -5.53
CA ASP EA 11 -65.31 34.84 -6.30
C ASP EA 11 -64.83 35.29 -7.68
N TYR EA 12 -64.53 36.57 -7.85
CA TYR EA 12 -64.12 37.08 -9.14
C TYR EA 12 -63.17 38.24 -8.92
N VAL EA 13 -62.29 38.47 -9.89
CA VAL EA 13 -61.39 39.62 -9.88
C VAL EA 13 -61.69 40.46 -11.10
N LEU EA 14 -62.09 41.71 -10.86
CA LEU EA 14 -62.45 42.63 -11.93
C LEU EA 14 -61.31 43.62 -12.10
N VAL EA 15 -60.64 43.57 -13.24
CA VAL EA 15 -59.55 44.49 -13.55
C VAL EA 15 -59.90 45.25 -14.82
N ALA EA 16 -59.40 46.48 -14.90
CA ALA EA 16 -59.56 47.29 -16.09
C ALA EA 16 -58.28 48.07 -16.32
N SER EA 17 -58.20 48.70 -17.48
CA SER EA 17 -56.96 49.33 -17.92
C SER EA 17 -57.32 50.49 -18.83
N ASP EA 18 -56.31 51.01 -19.54
CA ASP EA 18 -56.54 51.96 -20.60
C ASP EA 18 -55.79 51.49 -21.85
N ARG EA 19 -56.06 52.14 -22.97
CA ARG EA 19 -55.52 51.70 -24.24
C ARG EA 19 -54.61 52.75 -24.86
N VAL EA 20 -54.22 53.77 -24.10
CA VAL EA 20 -53.49 54.91 -24.65
C VAL EA 20 -52.00 54.67 -24.48
N ALA EA 21 -51.27 54.72 -25.58
CA ALA EA 21 -49.81 54.72 -25.56
C ALA EA 21 -49.35 56.15 -25.82
N ALA EA 22 -48.79 56.79 -24.80
CA ALA EA 22 -48.52 58.21 -24.84
C ALA EA 22 -47.25 58.51 -25.63
N SER EA 23 -46.97 59.80 -25.77
CA SER EA 23 -45.80 60.33 -26.46
C SER EA 23 -45.46 61.66 -25.80
N ASN EA 24 -44.73 62.50 -26.54
CA ASN EA 24 -44.36 63.84 -26.09
C ASN EA 24 -45.59 64.67 -25.73
N ILE EA 25 -46.42 65.01 -26.71
CA ILE EA 25 -47.67 65.72 -26.45
C ILE EA 25 -48.78 65.02 -27.22
N VAL EA 26 -48.43 64.10 -28.08
CA VAL EA 26 -49.38 63.49 -28.99
C VAL EA 26 -49.71 62.09 -28.50
N GLN EA 27 -50.69 61.47 -29.14
CA GLN EA 27 -51.15 60.13 -28.79
C GLN EA 27 -50.90 59.24 -30.00
N MET EA 28 -49.84 58.44 -29.94
CA MET EA 28 -49.45 57.66 -31.10
C MET EA 28 -50.38 56.46 -31.30
N LYS EA 29 -50.54 55.64 -30.26
CA LYS EA 29 -51.35 54.45 -30.33
C LYS EA 29 -52.48 54.55 -29.32
N ASP EA 30 -53.69 54.27 -29.77
CA ASP EA 30 -54.90 54.41 -28.96
C ASP EA 30 -55.62 53.08 -28.75
N ASP EA 31 -54.95 51.97 -29.04
CA ASP EA 31 -55.47 50.65 -28.72
C ASP EA 31 -54.36 49.80 -28.14
N HIS EA 32 -53.58 50.38 -27.24
CA HIS EA 32 -52.51 49.66 -26.58
C HIS EA 32 -53.09 48.66 -25.59
N ASP EA 33 -52.28 47.65 -25.24
CA ASP EA 33 -52.72 46.62 -24.30
C ASP EA 33 -51.65 46.49 -23.22
N LYS EA 34 -52.03 46.80 -21.99
CA LYS EA 34 -51.11 46.69 -20.86
C LYS EA 34 -51.07 45.28 -20.27
N MET EA 35 -51.93 44.39 -20.73
CA MET EA 35 -52.19 43.12 -20.08
C MET EA 35 -51.24 42.03 -20.59
N PHE EA 36 -50.97 41.07 -19.70
CA PHE EA 36 -50.07 39.97 -20.00
C PHE EA 36 -50.60 38.70 -19.34
N LYS EA 37 -51.11 37.79 -20.14
CA LYS EA 37 -51.65 36.53 -19.63
C LYS EA 37 -50.48 35.64 -19.20
N MET EA 38 -50.25 35.57 -17.89
CA MET EA 38 -49.19 34.71 -17.38
C MET EA 38 -49.60 33.25 -17.45
N SER EA 39 -50.78 32.92 -16.93
CA SER EA 39 -51.30 31.57 -17.02
C SER EA 39 -52.81 31.66 -17.21
N GLU EA 40 -53.50 30.54 -17.02
CA GLU EA 40 -54.94 30.50 -17.26
C GLU EA 40 -55.75 31.21 -16.19
N LYS EA 41 -55.16 31.50 -15.03
CA LYS EA 41 -55.91 32.18 -13.98
C LYS EA 41 -55.12 33.31 -13.35
N ILE EA 42 -54.09 33.84 -14.00
CA ILE EA 42 -53.26 34.91 -13.47
C ILE EA 42 -53.03 35.94 -14.57
N LEU EA 43 -53.38 37.19 -14.31
CA LEU EA 43 -53.11 38.28 -15.23
C LEU EA 43 -52.03 39.21 -14.69
N LEU EA 44 -51.57 40.11 -15.57
CA LEU EA 44 -50.51 41.04 -15.21
C LEU EA 44 -50.57 42.24 -16.14
N LEU EA 45 -50.91 43.40 -15.59
CA LEU EA 45 -50.75 44.70 -16.23
C LEU EA 45 -49.31 45.16 -16.04
N CYS EA 46 -48.99 46.39 -16.45
CA CYS EA 46 -47.74 47.02 -16.04
C CYS EA 46 -47.81 48.53 -16.26
N VAL EA 47 -47.23 49.29 -15.33
CA VAL EA 47 -47.09 50.74 -15.43
C VAL EA 47 -45.70 51.12 -14.95
N GLY EA 48 -44.99 51.92 -15.73
CA GLY EA 48 -43.70 52.42 -15.31
C GLY EA 48 -42.87 53.04 -16.40
N GLU EA 49 -41.56 52.81 -16.35
CA GLU EA 49 -40.64 53.35 -17.34
C GLU EA 49 -40.85 52.67 -18.69
N ALA EA 50 -40.80 53.49 -19.75
CA ALA EA 50 -41.26 53.08 -21.07
C ALA EA 50 -40.45 51.94 -21.68
N GLY EA 51 -39.21 51.73 -21.24
CA GLY EA 51 -38.46 50.58 -21.70
C GLY EA 51 -38.58 49.42 -20.74
N ASP EA 52 -38.89 49.71 -19.49
CA ASP EA 52 -38.85 48.68 -18.46
C ASP EA 52 -40.14 47.87 -18.39
N THR EA 53 -41.26 48.45 -18.82
CA THR EA 53 -42.56 47.78 -18.68
C THR EA 53 -42.65 46.55 -19.57
N VAL EA 54 -42.00 46.57 -20.73
CA VAL EA 54 -42.16 45.46 -21.65
C VAL EA 54 -41.33 44.26 -21.21
N GLN EA 55 -40.06 44.48 -20.86
CA GLN EA 55 -39.14 43.37 -20.68
C GLN EA 55 -39.35 42.63 -19.38
N PHE EA 56 -39.80 43.32 -18.34
CA PHE EA 56 -40.01 42.64 -17.06
C PHE EA 56 -41.26 41.80 -17.10
N ALA EA 57 -42.27 42.25 -17.84
CA ALA EA 57 -43.43 41.41 -18.13
C ALA EA 57 -43.03 40.20 -18.96
N GLU EA 58 -42.10 40.40 -19.90
CA GLU EA 58 -41.61 39.27 -20.69
C GLU EA 58 -40.74 38.34 -19.85
N TYR EA 59 -40.00 38.90 -18.88
CA TYR EA 59 -39.12 38.08 -18.07
C TYR EA 59 -39.90 37.25 -17.06
N ILE EA 60 -40.93 37.83 -16.47
CA ILE EA 60 -41.76 37.10 -15.52
C ILE EA 60 -42.66 36.10 -16.23
N GLN EA 61 -43.02 36.37 -17.49
CA GLN EA 61 -43.87 35.47 -18.27
C GLN EA 61 -43.21 34.12 -18.48
N LYS EA 62 -41.94 34.12 -18.88
CA LYS EA 62 -41.30 32.87 -19.26
C LYS EA 62 -40.93 32.04 -18.05
N ASN EA 63 -40.53 32.68 -16.96
CA ASN EA 63 -40.14 31.94 -15.76
C ASN EA 63 -41.32 31.27 -15.10
N VAL EA 64 -42.52 31.82 -15.27
CA VAL EA 64 -43.72 31.14 -14.81
C VAL EA 64 -44.10 30.03 -15.78
N GLN EA 65 -43.89 30.25 -17.08
CA GLN EA 65 -44.14 29.20 -18.05
C GLN EA 65 -43.14 28.06 -17.95
N LEU EA 66 -41.95 28.30 -17.39
CA LEU EA 66 -41.06 27.18 -17.08
C LEU EA 66 -41.65 26.30 -15.98
N TYR EA 67 -42.28 26.91 -14.98
CA TYR EA 67 -42.79 26.16 -13.84
C TYR EA 67 -43.92 25.23 -14.26
N LYS EA 68 -44.79 25.68 -15.15
CA LYS EA 68 -45.87 24.84 -15.64
C LYS EA 68 -45.35 23.77 -16.58
N MET EA 69 -44.28 24.07 -17.30
CA MET EA 69 -43.81 23.12 -18.31
C MET EA 69 -42.94 22.04 -17.69
N ARG EA 70 -42.26 22.35 -16.60
CA ARG EA 70 -41.40 21.37 -15.95
C ARG EA 70 -42.19 20.53 -14.94
N ASN EA 71 -42.96 21.17 -14.08
CA ASN EA 71 -43.62 20.46 -13.00
C ASN EA 71 -45.02 20.00 -13.37
N GLY EA 72 -45.57 20.46 -14.48
CA GLY EA 72 -46.85 19.98 -14.93
C GLY EA 72 -48.06 20.63 -14.31
N TYR EA 73 -47.89 21.69 -13.52
CA TYR EA 73 -49.02 22.37 -12.94
C TYR EA 73 -48.68 23.84 -12.73
N GLU EA 74 -49.71 24.63 -12.45
CA GLU EA 74 -49.64 26.09 -12.41
C GLU EA 74 -49.21 26.56 -11.03
N LEU EA 75 -48.50 27.69 -11.00
CA LEU EA 75 -48.24 28.37 -9.74
C LEU EA 75 -49.54 28.88 -9.11
N SER EA 76 -49.52 28.98 -7.79
CA SER EA 76 -50.54 29.72 -7.09
C SER EA 76 -50.33 31.21 -7.32
N PRO EA 77 -51.37 32.03 -7.20
CA PRO EA 77 -51.17 33.49 -7.29
C PRO EA 77 -50.33 34.05 -6.16
N THR EA 78 -50.28 33.38 -5.01
CA THR EA 78 -49.43 33.85 -3.93
C THR EA 78 -47.96 33.62 -4.25
N ALA EA 79 -47.61 32.43 -4.74
CA ALA EA 79 -46.24 32.13 -5.09
C ALA EA 79 -45.81 32.89 -6.35
N ALA EA 80 -46.76 33.22 -7.22
CA ALA EA 80 -46.42 34.01 -8.39
C ALA EA 80 -46.11 35.45 -8.01
N ALA EA 81 -46.85 36.00 -7.04
CA ALA EA 81 -46.63 37.38 -6.63
C ALA EA 81 -45.32 37.53 -5.87
N ASN EA 82 -44.92 36.49 -5.16
CA ASN EA 82 -43.72 36.60 -4.35
C ASN EA 82 -42.47 36.26 -5.15
N PHE EA 83 -42.63 35.69 -6.35
CA PHE EA 83 -41.50 35.56 -7.26
C PHE EA 83 -41.16 36.89 -7.92
N THR EA 84 -42.18 37.70 -8.19
CA THR EA 84 -41.95 39.00 -8.82
C THR EA 84 -41.29 39.98 -7.86
N ARG EA 85 -41.67 39.92 -6.59
CA ARG EA 85 -41.09 40.83 -5.60
C ARG EA 85 -39.62 40.51 -5.36
N ARG EA 86 -39.22 39.25 -5.55
CA ARG EA 86 -37.82 38.88 -5.38
C ARG EA 86 -36.96 39.48 -6.47
N ASN EA 87 -37.42 39.46 -7.71
CA ASN EA 87 -36.59 39.89 -8.84
C ASN EA 87 -36.42 41.41 -8.87
N LEU EA 88 -37.42 42.16 -8.41
CA LEU EA 88 -37.25 43.61 -8.36
C LEU EA 88 -36.39 44.02 -7.18
N ALA EA 89 -36.53 43.34 -6.06
CA ALA EA 89 -35.77 43.73 -4.87
C ALA EA 89 -34.30 43.34 -4.98
N ASP EA 90 -33.99 42.28 -5.74
CA ASP EA 90 -32.60 41.87 -5.87
C ASP EA 90 -31.82 42.85 -6.73
N CYS EA 91 -32.34 43.17 -7.90
CA CYS EA 91 -31.61 44.04 -8.82
C CYS EA 91 -31.94 45.51 -8.60
N LEU EA 92 -32.59 45.84 -7.48
CA LEU EA 92 -32.79 47.24 -7.10
C LEU EA 92 -31.46 47.90 -6.75
N ARG EA 93 -30.69 47.27 -5.85
CA ARG EA 93 -29.37 47.75 -5.48
C ARG EA 93 -28.36 47.29 -6.54
N SER EA 94 -28.43 47.94 -7.69
CA SER EA 94 -27.61 47.56 -8.82
C SER EA 94 -27.37 48.77 -9.69
N ARG EA 95 -26.50 48.61 -10.70
CA ARG EA 95 -26.25 49.66 -11.66
C ARG EA 95 -27.43 49.89 -12.60
N THR EA 96 -28.34 48.93 -12.71
CA THR EA 96 -29.54 49.06 -13.54
C THR EA 96 -30.73 49.00 -12.60
N PRO EA 97 -31.19 50.14 -12.10
CA PRO EA 97 -32.39 50.14 -11.27
C PRO EA 97 -33.63 49.94 -12.12
N TYR EA 98 -34.65 49.34 -11.51
CA TYR EA 98 -35.84 48.91 -12.22
C TYR EA 98 -37.00 49.77 -11.74
N HIS EA 99 -37.86 50.20 -12.66
CA HIS EA 99 -38.90 51.18 -12.32
C HIS EA 99 -40.22 50.81 -12.99
N VAL EA 100 -41.01 49.97 -12.33
CA VAL EA 100 -42.35 49.59 -12.77
C VAL EA 100 -43.25 49.54 -11.54
N ASN EA 101 -44.56 49.55 -11.78
CA ASN EA 101 -45.52 49.60 -10.67
C ASN EA 101 -46.71 48.71 -11.03
N LEU EA 102 -46.65 47.43 -10.68
CA LEU EA 102 -47.86 46.64 -10.87
C LEU EA 102 -47.95 45.41 -9.99
N LEU EA 103 -49.17 45.18 -9.55
CA LEU EA 103 -49.69 44.07 -8.76
C LEU EA 103 -49.79 42.75 -9.54
N LEU EA 104 -50.58 41.82 -8.98
CA LEU EA 104 -51.15 40.72 -9.72
C LEU EA 104 -52.64 40.62 -9.48
N ALA EA 105 -53.28 39.84 -10.33
CA ALA EA 105 -54.70 39.52 -10.20
C ALA EA 105 -54.84 38.05 -10.55
N GLY EA 106 -55.12 37.22 -9.55
CA GLY EA 106 -55.12 35.79 -9.74
C GLY EA 106 -56.26 35.12 -9.02
N TYR EA 107 -56.63 33.95 -9.55
CA TYR EA 107 -57.64 33.11 -8.93
C TYR EA 107 -57.01 31.76 -8.60
N ASP EA 108 -57.10 31.35 -7.35
CA ASP EA 108 -56.62 30.05 -6.94
C ASP EA 108 -57.76 29.06 -6.92
N GLU EA 109 -57.44 27.79 -7.17
CA GLU EA 109 -58.45 26.74 -7.06
C GLU EA 109 -58.79 26.42 -5.62
N HIS EA 110 -57.88 26.67 -4.69
CA HIS EA 110 -58.10 26.43 -3.27
C HIS EA 110 -58.39 27.71 -2.49
N GLU EA 111 -57.65 28.77 -2.75
CA GLU EA 111 -57.78 30.00 -1.99
C GLU EA 111 -58.72 31.00 -2.65
N GLY EA 112 -59.25 30.69 -3.83
CA GLY EA 112 -60.15 31.58 -4.50
C GLY EA 112 -59.44 32.75 -5.14
N PRO EA 113 -60.12 33.89 -5.21
CA PRO EA 113 -59.53 35.05 -5.88
C PRO EA 113 -58.59 35.81 -4.96
N ALA EA 114 -57.68 36.55 -5.58
CA ALA EA 114 -56.69 37.30 -4.83
C ALA EA 114 -56.22 38.51 -5.64
N LEU EA 115 -55.81 39.55 -4.92
CA LEU EA 115 -55.32 40.79 -5.50
C LEU EA 115 -54.14 41.27 -4.67
N TYR EA 116 -53.07 41.69 -5.31
CA TYR EA 116 -51.88 42.16 -4.62
C TYR EA 116 -51.62 43.62 -4.96
N TYR EA 117 -50.43 44.09 -4.59
CA TYR EA 117 -50.01 45.45 -4.91
C TYR EA 117 -48.49 45.48 -4.94
N MET EA 118 -47.93 46.36 -5.75
CA MET EA 118 -46.49 46.47 -5.86
C MET EA 118 -46.10 47.92 -6.15
N ASP EA 119 -45.02 48.36 -5.51
CA ASP EA 119 -44.40 49.64 -5.77
C ASP EA 119 -43.12 49.38 -6.56
N TYR EA 120 -42.47 50.46 -7.02
CA TYR EA 120 -41.18 50.28 -7.68
C TYR EA 120 -40.07 50.05 -6.67
N LEU EA 121 -40.34 50.26 -5.39
CA LEU EA 121 -39.46 49.83 -4.33
C LEU EA 121 -39.76 48.42 -3.86
N ALA EA 122 -40.64 47.70 -4.59
CA ALA EA 122 -40.92 46.27 -4.41
C ALA EA 122 -41.46 45.95 -3.01
N ALA EA 123 -42.66 46.45 -2.76
CA ALA EA 123 -43.39 46.14 -1.54
C ALA EA 123 -44.71 45.45 -1.91
N LEU EA 124 -45.01 44.34 -1.24
CA LEU EA 124 -46.25 43.62 -1.46
C LEU EA 124 -47.34 44.10 -0.52
N ALA EA 125 -48.58 44.00 -0.99
CA ALA EA 125 -49.73 44.39 -0.19
C ALA EA 125 -50.96 43.65 -0.72
N LYS EA 126 -51.48 42.72 0.08
CA LYS EA 126 -52.77 42.13 -0.21
C LYS EA 126 -53.87 43.17 -0.01
N ALA EA 127 -54.68 43.40 -1.03
CA ALA EA 127 -55.63 44.51 -1.00
C ALA EA 127 -56.98 44.08 -1.57
N PRO EA 128 -58.07 44.63 -1.05
CA PRO EA 128 -59.40 44.37 -1.63
C PRO EA 128 -59.78 45.27 -2.80
N PHE EA 129 -58.99 46.30 -3.08
CA PHE EA 129 -59.04 47.12 -4.28
C PHE EA 129 -57.81 48.00 -4.31
N ALA EA 130 -57.35 48.31 -5.53
CA ALA EA 130 -56.15 49.12 -5.68
C ALA EA 130 -56.21 49.86 -7.01
N ALA EA 131 -55.27 50.80 -7.16
CA ALA EA 131 -55.17 51.59 -8.38
C ALA EA 131 -53.77 52.16 -8.47
N HIS EA 132 -53.39 52.56 -9.68
CA HIS EA 132 -52.13 53.25 -9.94
C HIS EA 132 -52.41 54.50 -10.75
N GLY EA 133 -51.35 55.22 -11.08
CA GLY EA 133 -51.46 56.44 -11.84
C GLY EA 133 -52.04 57.59 -11.02
N TYR EA 134 -52.23 58.72 -11.71
CA TYR EA 134 -52.78 59.90 -11.06
C TYR EA 134 -54.28 59.80 -10.84
N GLY EA 135 -54.96 58.92 -11.57
CA GLY EA 135 -56.38 58.73 -11.36
C GLY EA 135 -56.74 58.05 -10.06
N ALA EA 136 -55.75 57.45 -9.39
CA ALA EA 136 -55.98 56.88 -8.06
C ALA EA 136 -56.32 57.96 -7.04
N PHE EA 137 -55.82 59.18 -7.25
CA PHE EA 137 -56.14 60.28 -6.36
C PHE EA 137 -57.56 60.78 -6.51
N LEU EA 138 -58.27 60.37 -7.56
CA LEU EA 138 -59.63 60.81 -7.78
C LEU EA 138 -60.64 59.68 -7.78
N THR EA 139 -60.22 58.43 -7.55
CA THR EA 139 -61.13 57.30 -7.60
C THR EA 139 -61.12 56.43 -6.36
N LEU EA 140 -60.11 56.55 -5.49
CA LEU EA 140 -60.11 55.76 -4.27
C LEU EA 140 -61.07 56.30 -3.21
N SER EA 141 -61.77 57.40 -3.48
CA SER EA 141 -62.85 57.83 -2.62
C SER EA 141 -64.17 57.18 -3.02
N ILE EA 142 -64.46 57.11 -4.32
CA ILE EA 142 -65.71 56.50 -4.78
C ILE EA 142 -65.70 55.01 -4.51
N LEU EA 143 -64.59 54.36 -4.82
CA LEU EA 143 -64.48 52.92 -4.63
C LEU EA 143 -64.42 52.55 -3.15
N ASP EA 144 -64.05 53.50 -2.30
CA ASP EA 144 -64.21 53.30 -0.86
C ASP EA 144 -65.63 53.60 -0.42
N ARG EA 145 -66.31 54.51 -1.13
CA ARG EA 145 -67.66 54.88 -0.79
C ARG EA 145 -68.65 53.75 -1.06
N TYR EA 146 -68.77 53.37 -2.33
CA TYR EA 146 -69.78 52.39 -2.75
C TYR EA 146 -69.22 50.98 -2.78
N TYR EA 147 -68.63 50.51 -1.69
CA TYR EA 147 -68.06 49.17 -1.66
C TYR EA 147 -68.81 48.30 -0.67
N THR EA 148 -68.90 47.01 -1.02
CA THR EA 148 -69.44 45.98 -0.17
C THR EA 148 -68.56 44.77 -0.40
N PRO EA 149 -68.15 44.08 0.67
CA PRO EA 149 -67.37 42.85 0.49
C PRO EA 149 -68.15 41.71 -0.16
N THR EA 150 -69.47 41.77 -0.14
CA THR EA 150 -70.33 40.76 -0.76
C THR EA 150 -71.01 41.32 -2.00
N ILE EA 151 -70.29 42.11 -2.77
CA ILE EA 151 -70.86 42.76 -3.95
C ILE EA 151 -70.97 41.76 -5.08
N SER EA 152 -71.94 41.96 -5.97
CA SER EA 152 -72.09 41.11 -7.13
C SER EA 152 -71.41 41.75 -8.33
N ARG EA 153 -71.12 40.91 -9.33
CA ARG EA 153 -70.36 41.39 -10.48
C ARG EA 153 -71.17 42.30 -11.39
N GLU EA 154 -72.50 42.23 -11.32
CA GLU EA 154 -73.31 43.16 -12.08
C GLU EA 154 -73.26 44.55 -11.46
N ARG EA 155 -73.24 44.59 -10.12
CA ARG EA 155 -73.02 45.87 -9.43
C ARG EA 155 -71.59 46.36 -9.62
N ALA EA 156 -70.64 45.45 -9.78
CA ALA EA 156 -69.23 45.82 -9.86
C ALA EA 156 -68.92 46.50 -11.19
N VAL EA 157 -69.56 46.05 -12.27
CA VAL EA 157 -69.43 46.76 -13.54
C VAL EA 157 -70.09 48.13 -13.45
N GLU EA 158 -71.27 48.19 -12.80
CA GLU EA 158 -71.93 49.47 -12.57
C GLU EA 158 -71.13 50.35 -11.63
N LEU EA 159 -70.45 49.76 -10.65
CA LEU EA 159 -69.51 50.50 -9.83
C LEU EA 159 -68.31 50.98 -10.64
N LEU EA 160 -67.91 50.20 -11.64
CA LEU EA 160 -66.83 50.63 -12.52
C LEU EA 160 -67.30 51.74 -13.46
N ARG EA 161 -68.59 51.78 -13.78
CA ARG EA 161 -69.13 52.92 -14.52
C ARG EA 161 -69.03 54.20 -13.70
N LYS EA 162 -69.32 54.11 -12.39
CA LYS EA 162 -69.24 55.28 -11.54
C LYS EA 162 -67.80 55.72 -11.34
N CYS EA 163 -66.87 54.79 -11.33
CA CYS EA 163 -65.45 55.10 -11.19
C CYS EA 163 -64.89 55.76 -12.44
N LEU EA 164 -65.49 55.50 -13.60
CA LEU EA 164 -64.94 55.96 -14.87
C LEU EA 164 -65.56 57.25 -15.35
N GLU EA 165 -66.78 57.56 -14.94
CA GLU EA 165 -67.38 58.83 -15.34
C GLU EA 165 -66.77 60.02 -14.59
N GLU EA 166 -66.19 59.78 -13.43
CA GLU EA 166 -65.44 60.83 -12.75
C GLU EA 166 -64.05 61.04 -13.33
N LEU EA 167 -63.59 60.12 -14.18
CA LEU EA 167 -62.32 60.31 -14.84
C LEU EA 167 -62.42 61.39 -15.91
N GLN EA 168 -63.40 61.26 -16.80
CA GLN EA 168 -63.59 62.25 -17.86
C GLN EA 168 -64.53 63.35 -17.43
N LYS EA 169 -64.30 63.88 -16.25
CA LYS EA 169 -64.97 65.07 -15.75
C LYS EA 169 -63.98 66.08 -15.21
N ARG EA 170 -62.93 65.63 -14.53
CA ARG EA 170 -61.98 66.50 -13.86
C ARG EA 170 -60.55 66.05 -14.12
N PHE EA 171 -60.22 65.78 -15.37
CA PHE EA 171 -58.85 65.47 -15.73
C PHE EA 171 -58.26 66.49 -16.68
N ILE EA 172 -56.93 66.47 -16.71
CA ILE EA 172 -56.16 67.14 -17.75
C ILE EA 172 -55.65 66.14 -18.78
N LEU EA 173 -56.22 64.94 -18.81
CA LEU EA 173 -55.84 63.89 -19.74
C LEU EA 173 -57.03 63.55 -20.62
N ASN EA 174 -56.79 62.70 -21.62
CA ASN EA 174 -57.83 62.33 -22.57
C ASN EA 174 -58.53 61.03 -22.17
N LEU EA 175 -57.80 59.92 -22.20
CA LEU EA 175 -58.19 58.55 -21.82
C LEU EA 175 -59.56 58.11 -22.34
N PRO EA 176 -59.72 57.89 -23.65
CA PRO EA 176 -61.07 57.59 -24.18
C PRO EA 176 -61.59 56.18 -23.93
N THR EA 177 -60.76 55.15 -24.15
CA THR EA 177 -61.23 53.78 -24.23
C THR EA 177 -60.51 52.91 -23.21
N PHE EA 178 -61.26 52.06 -22.51
CA PHE EA 178 -60.77 51.27 -21.39
C PHE EA 178 -61.11 49.80 -21.60
N SER EA 179 -60.09 48.94 -21.53
CA SER EA 179 -60.28 47.51 -21.69
C SER EA 179 -60.48 46.84 -20.33
N VAL EA 180 -61.34 45.82 -20.30
CA VAL EA 180 -61.80 45.19 -19.07
C VAL EA 180 -61.70 43.68 -19.21
N ARG EA 181 -61.10 43.02 -18.22
CA ARG EA 181 -61.15 41.57 -18.09
C ARG EA 181 -61.96 41.18 -16.86
N ILE EA 182 -62.14 39.87 -16.70
CA ILE EA 182 -62.76 39.30 -15.51
C ILE EA 182 -62.25 37.88 -15.35
N ILE EA 183 -61.93 37.50 -14.12
CA ILE EA 183 -61.35 36.19 -13.81
C ILE EA 183 -62.29 35.48 -12.86
N ASP EA 184 -62.57 34.20 -13.12
CA ASP EA 184 -63.50 33.43 -12.30
C ASP EA 184 -62.94 32.02 -12.14
N LYS EA 185 -63.80 31.09 -11.73
CA LYS EA 185 -63.43 29.69 -11.69
C LYS EA 185 -63.16 29.10 -13.07
N ASN EA 186 -63.73 29.70 -14.11
CA ASN EA 186 -63.53 29.21 -15.47
C ASN EA 186 -62.36 29.88 -16.18
N GLY EA 187 -61.63 30.76 -15.51
CA GLY EA 187 -60.45 31.34 -16.12
C GLY EA 187 -60.63 32.77 -16.60
N ILE EA 188 -59.97 33.13 -17.69
CA ILE EA 188 -59.95 34.49 -18.18
C ILE EA 188 -61.13 34.70 -19.11
N HIS EA 189 -61.92 35.73 -18.83
CA HIS EA 189 -62.99 36.13 -19.73
C HIS EA 189 -62.82 37.61 -20.07
N ASP EA 190 -63.01 37.91 -21.35
CA ASP EA 190 -62.84 39.27 -21.85
C ASP EA 190 -64.21 39.94 -21.95
N LEU EA 191 -64.41 40.98 -21.16
CA LEU EA 191 -65.60 41.80 -21.28
C LEU EA 191 -65.41 42.81 -22.41
N ASP EA 192 -66.45 43.58 -22.69
CA ASP EA 192 -66.41 44.50 -23.81
C ASP EA 192 -65.51 45.71 -23.52
N ASN EA 193 -65.08 46.36 -24.58
CA ASN EA 193 -64.22 47.53 -24.48
C ASN EA 193 -65.05 48.72 -24.03
N ILE EA 194 -64.81 49.21 -22.81
CA ILE EA 194 -65.53 50.35 -22.30
C ILE EA 194 -64.95 51.61 -22.92
N SER EA 195 -65.81 52.41 -23.55
CA SER EA 195 -65.36 53.58 -24.28
C SER EA 195 -66.30 54.74 -23.98
N PHE EA 196 -65.95 55.89 -24.52
CA PHE EA 196 -66.79 57.08 -24.44
C PHE EA 196 -66.78 57.75 -25.81
N PRO EA 197 -67.94 57.88 -26.45
CA PRO EA 197 -67.98 58.48 -27.79
C PRO EA 197 -67.65 59.97 -27.75
N LYS EA 198 -67.15 60.47 -28.88
CA LYS EA 198 -66.71 61.85 -28.99
C LYS EA 198 -67.82 62.79 -29.46
N GLN EA 199 -68.66 62.33 -30.38
CA GLN EA 199 -69.73 63.17 -30.91
C GLN EA 199 -71.05 62.86 -30.22
N THR FA 59 -36.00 67.46 -39.90
CA THR FA 59 -36.21 66.02 -39.96
C THR FA 59 -37.68 65.68 -39.81
N THR FA 60 -38.26 65.06 -40.83
CA THR FA 60 -39.66 64.66 -40.78
C THR FA 60 -39.87 63.42 -41.62
N THR FA 61 -40.28 62.34 -40.99
CA THR FA 61 -40.64 61.11 -41.67
C THR FA 61 -42.08 60.76 -41.33
N LEU FA 62 -42.69 59.94 -42.19
CA LEU FA 62 -43.99 59.37 -41.88
C LEU FA 62 -44.12 58.03 -42.58
N ALA FA 63 -45.03 57.22 -42.07
CA ALA FA 63 -45.31 55.91 -42.65
C ALA FA 63 -46.71 55.51 -42.27
N PHE FA 64 -47.43 54.92 -43.23
CA PHE FA 64 -48.77 54.43 -42.97
C PHE FA 64 -49.05 53.27 -43.89
N LYS FA 65 -49.84 52.32 -43.39
CA LYS FA 65 -50.25 51.16 -44.17
C LYS FA 65 -51.73 51.26 -44.49
N PHE FA 66 -52.10 50.64 -45.59
CA PHE FA 66 -53.47 50.67 -46.09
C PHE FA 66 -53.71 49.37 -46.84
N ARG FA 67 -54.73 49.35 -47.71
CA ARG FA 67 -55.06 48.15 -48.47
C ARG FA 67 -53.91 47.70 -49.35
N HIS FA 68 -53.31 48.61 -50.11
CA HIS FA 68 -52.21 48.25 -51.00
C HIS FA 68 -50.85 48.62 -50.37
N GLY FA 69 -50.55 47.96 -49.26
CA GLY FA 69 -49.21 48.04 -48.72
C GLY FA 69 -48.95 49.28 -47.87
N VAL FA 70 -47.67 49.66 -47.80
CA VAL FA 70 -47.18 50.69 -46.89
C VAL FA 70 -46.52 51.79 -47.72
N ILE FA 71 -46.79 53.04 -47.35
CA ILE FA 71 -46.16 54.20 -47.97
C ILE FA 71 -45.23 54.85 -46.96
N VAL FA 72 -43.97 55.07 -47.36
CA VAL FA 72 -42.96 55.69 -46.52
C VAL FA 72 -42.44 56.94 -47.22
N ALA FA 73 -42.41 58.06 -46.51
CA ALA FA 73 -41.91 59.30 -47.06
C ALA FA 73 -41.06 60.03 -46.03
N ALA FA 74 -40.11 60.83 -46.52
CA ALA FA 74 -39.18 61.54 -45.65
C ALA FA 74 -38.60 62.73 -46.40
N ASP FA 75 -37.98 63.63 -45.63
CA ASP FA 75 -37.26 64.77 -46.19
C ASP FA 75 -35.80 64.39 -46.40
N SER FA 76 -34.94 65.39 -46.67
CA SER FA 76 -33.55 65.08 -46.97
C SER FA 76 -32.57 66.06 -46.36
N ARG FA 77 -32.99 66.88 -45.40
CA ARG FA 77 -32.12 67.92 -44.83
C ARG FA 77 -31.56 67.48 -43.49
N ALA FA 78 -30.24 67.56 -43.35
CA ALA FA 78 -29.56 67.33 -42.09
C ALA FA 78 -28.80 68.58 -41.71
N THR FA 79 -29.03 69.08 -40.50
CA THR FA 79 -28.46 70.34 -40.06
C THR FA 79 -27.39 70.10 -38.98
N ALA FA 80 -26.80 71.19 -38.52
CA ALA FA 80 -25.84 71.17 -37.42
C ALA FA 80 -25.99 72.51 -36.69
N GLY FA 81 -26.81 72.50 -35.63
CA GLY FA 81 -27.15 73.72 -34.92
C GLY FA 81 -28.05 74.60 -35.76
N ALA FA 82 -27.53 75.77 -36.15
CA ALA FA 82 -28.22 76.65 -37.08
C ALA FA 82 -27.68 76.52 -38.50
N TYR FA 83 -26.67 75.67 -38.69
CA TYR FA 83 -26.01 75.50 -39.98
C TYR FA 83 -26.52 74.23 -40.64
N ILE FA 84 -26.77 74.31 -41.94
CA ILE FA 84 -27.22 73.15 -42.71
C ILE FA 84 -26.00 72.41 -43.23
N ALA FA 85 -25.89 71.13 -42.86
CA ALA FA 85 -24.78 70.31 -43.35
C ALA FA 85 -24.97 69.96 -44.81
N SER FA 86 -26.12 69.39 -45.16
CA SER FA 86 -26.37 68.97 -46.53
C SER FA 86 -27.86 69.03 -46.83
N GLN FA 87 -28.19 68.89 -48.11
CA GLN FA 87 -29.56 68.86 -48.57
C GLN FA 87 -29.96 67.52 -49.17
N THR FA 88 -29.01 66.60 -49.36
CA THR FA 88 -29.28 65.37 -50.10
C THR FA 88 -29.03 64.13 -49.25
N VAL FA 89 -29.52 64.13 -48.01
CA VAL FA 89 -29.32 62.99 -47.12
C VAL FA 89 -30.45 61.99 -47.35
N LYS FA 90 -30.08 60.75 -47.68
CA LYS FA 90 -31.05 59.68 -47.88
C LYS FA 90 -31.41 59.11 -46.53
N LYS FA 91 -32.55 59.55 -45.98
CA LYS FA 91 -32.90 59.20 -44.61
C LYS FA 91 -33.58 57.85 -44.50
N VAL FA 92 -34.18 57.35 -45.57
CA VAL FA 92 -34.84 56.05 -45.51
C VAL FA 92 -33.81 54.98 -45.82
N ILE FA 93 -33.36 54.28 -44.79
CA ILE FA 93 -32.26 53.32 -44.93
C ILE FA 93 -32.81 52.01 -45.48
N GLU FA 94 -32.29 51.58 -46.62
CA GLU FA 94 -32.75 50.36 -47.27
C GLU FA 94 -32.02 49.17 -46.66
N ILE FA 95 -32.76 48.30 -46.00
CA ILE FA 95 -32.19 47.16 -45.30
C ILE FA 95 -32.11 45.94 -46.19
N ASN FA 96 -33.23 45.56 -46.78
CA ASN FA 96 -33.34 44.34 -47.55
C ASN FA 96 -34.13 44.65 -48.82
N PRO FA 97 -34.30 43.70 -49.74
CA PRO FA 97 -35.35 43.84 -50.75
C PRO FA 97 -36.77 43.71 -50.21
N TYR FA 98 -36.95 43.49 -48.91
CA TYR FA 98 -38.27 43.30 -48.34
C TYR FA 98 -38.44 44.03 -47.01
N LEU FA 99 -37.47 44.84 -46.59
CA LEU FA 99 -37.58 45.63 -45.37
C LEU FA 99 -37.01 47.02 -45.60
N LEU FA 100 -37.56 47.99 -44.87
CA LEU FA 100 -37.09 49.37 -44.94
C LEU FA 100 -37.01 49.97 -43.55
N GLY FA 101 -35.99 50.78 -43.32
CA GLY FA 101 -35.83 51.47 -42.06
C GLY FA 101 -35.63 52.95 -42.29
N THR FA 102 -35.90 53.72 -41.23
CA THR FA 102 -35.86 55.17 -41.29
C THR FA 102 -34.70 55.70 -40.45
N MET FA 103 -34.64 57.02 -40.33
CA MET FA 103 -33.60 57.70 -39.56
C MET FA 103 -34.24 58.80 -38.74
N ALA FA 104 -33.81 58.93 -37.48
CA ALA FA 104 -34.43 59.88 -36.56
C ALA FA 104 -33.41 60.29 -35.51
N GLY FA 105 -33.16 61.60 -35.41
CA GLY FA 105 -32.24 62.11 -34.42
C GLY FA 105 -30.79 61.87 -34.77
N GLY FA 106 -30.15 60.94 -34.06
CA GLY FA 106 -28.75 60.64 -34.31
C GLY FA 106 -28.58 59.93 -35.62
N ALA FA 107 -27.87 60.56 -36.57
CA ALA FA 107 -27.71 59.99 -37.90
C ALA FA 107 -26.81 58.77 -37.87
N ALA FA 108 -25.66 58.87 -37.18
CA ALA FA 108 -24.75 57.74 -37.12
C ALA FA 108 -25.27 56.64 -36.23
N ASP FA 109 -26.13 56.97 -35.26
CA ASP FA 109 -26.75 55.95 -34.43
C ASP FA 109 -27.75 55.14 -35.23
N CYS FA 110 -28.57 55.80 -36.04
CA CYS FA 110 -29.53 55.06 -36.86
C CYS FA 110 -28.85 54.34 -38.00
N SER FA 111 -27.73 54.87 -38.49
CA SER FA 111 -27.05 54.23 -39.61
C SER FA 111 -26.30 52.98 -39.17
N PHE FA 112 -25.79 52.98 -37.94
CA PHE FA 112 -25.00 51.85 -37.47
C PHE FA 112 -25.89 50.67 -37.14
N TRP FA 113 -26.86 50.87 -36.25
CA TRP FA 113 -27.58 49.75 -35.67
C TRP FA 113 -28.53 49.10 -36.67
N GLU FA 114 -29.07 49.87 -37.61
CA GLU FA 114 -29.86 49.24 -38.66
C GLU FA 114 -28.99 48.47 -39.63
N ARG FA 115 -27.76 48.92 -39.84
CA ARG FA 115 -26.80 48.11 -40.59
C ARG FA 115 -26.45 46.85 -39.82
N LEU FA 116 -26.35 46.96 -38.50
CA LEU FA 116 -26.12 45.78 -37.68
C LEU FA 116 -27.35 44.87 -37.62
N LEU FA 117 -28.54 45.47 -37.72
CA LEU FA 117 -29.77 44.68 -37.77
C LEU FA 117 -29.86 43.87 -39.06
N ALA FA 118 -29.35 44.42 -40.16
CA ALA FA 118 -29.35 43.68 -41.42
C ALA FA 118 -28.40 42.51 -41.38
N ARG FA 119 -27.39 42.57 -40.52
CA ARG FA 119 -26.46 41.45 -40.39
C ARG FA 119 -27.15 40.23 -39.78
N GLN FA 120 -27.99 40.45 -38.78
CA GLN FA 120 -28.65 39.32 -38.12
C GLN FA 120 -29.74 38.73 -38.98
N CYS FA 121 -30.42 39.57 -39.77
CA CYS FA 121 -31.50 39.09 -40.63
C CYS FA 121 -30.96 38.24 -41.78
N ARG FA 122 -29.75 38.53 -42.24
CA ARG FA 122 -29.18 37.74 -43.33
C ARG FA 122 -28.75 36.37 -42.83
N ILE FA 123 -28.16 36.32 -41.63
CA ILE FA 123 -27.74 35.05 -41.04
C ILE FA 123 -28.95 34.21 -40.68
N TYR FA 124 -30.04 34.86 -40.27
CA TYR FA 124 -31.28 34.16 -39.96
C TYR FA 124 -31.87 33.48 -41.19
N GLU FA 125 -31.72 34.12 -42.35
CA GLU FA 125 -32.26 33.53 -43.57
C GLU FA 125 -31.43 32.35 -44.04
N LEU FA 126 -30.11 32.40 -43.83
CA LEU FA 126 -29.26 31.30 -44.25
C LEU FA 126 -29.44 30.07 -43.37
N ARG FA 127 -29.79 30.27 -42.11
CA ARG FA 127 -29.94 29.14 -41.20
C ARG FA 127 -31.32 28.51 -41.29
N ASN FA 128 -32.34 29.32 -41.56
CA ASN FA 128 -33.72 28.86 -41.49
C ASN FA 128 -34.38 28.71 -42.85
N LYS FA 129 -33.71 29.11 -43.93
CA LYS FA 129 -34.21 29.04 -45.30
C LYS FA 129 -35.53 29.78 -45.47
N GLU FA 130 -35.64 30.93 -44.82
CA GLU FA 130 -36.88 31.70 -44.79
C GLU FA 130 -36.55 33.14 -44.43
N ARG FA 131 -37.24 34.08 -45.07
CA ARG FA 131 -37.09 35.47 -44.71
C ARG FA 131 -37.66 35.73 -43.33
N ILE FA 132 -37.08 36.71 -42.64
CA ILE FA 132 -37.48 37.01 -41.29
C ILE FA 132 -38.79 37.79 -41.30
N SER FA 133 -39.53 37.72 -40.20
CA SER FA 133 -40.78 38.44 -40.12
C SER FA 133 -40.55 39.86 -39.58
N VAL FA 134 -41.56 40.71 -39.77
CA VAL FA 134 -41.41 42.13 -39.46
C VAL FA 134 -41.40 42.35 -37.96
N ALA FA 135 -42.23 41.62 -37.23
CA ALA FA 135 -42.21 41.70 -35.77
C ALA FA 135 -40.94 41.12 -35.17
N ALA FA 136 -40.27 40.23 -35.89
CA ALA FA 136 -39.02 39.66 -35.40
C ALA FA 136 -37.90 40.69 -35.44
N ALA FA 137 -37.80 41.43 -36.53
CA ALA FA 137 -36.71 42.39 -36.68
C ALA FA 137 -36.87 43.57 -35.75
N SER FA 138 -38.10 43.96 -35.45
CA SER FA 138 -38.31 45.02 -34.48
C SER FA 138 -37.97 44.57 -33.07
N LYS FA 139 -38.11 43.28 -32.79
CA LYS FA 139 -37.79 42.78 -31.46
C LYS FA 139 -36.29 42.70 -31.25
N LEU FA 140 -35.54 42.33 -32.29
CA LEU FA 140 -34.09 42.25 -32.19
C LEU FA 140 -33.47 43.62 -32.02
N LEU FA 141 -34.06 44.63 -32.66
CA LEU FA 141 -33.51 45.98 -32.57
C LEU FA 141 -33.78 46.59 -31.21
N ALA FA 142 -34.93 46.26 -30.60
CA ALA FA 142 -35.25 46.82 -29.29
C ALA FA 142 -34.35 46.25 -28.21
N ASN FA 143 -33.90 45.01 -28.36
CA ASN FA 143 -33.04 44.42 -27.33
C ASN FA 143 -31.60 44.93 -27.43
N MET FA 144 -31.14 45.27 -28.63
CA MET FA 144 -29.77 45.76 -28.77
C MET FA 144 -29.61 47.16 -28.23
N VAL FA 145 -30.63 48.01 -28.44
CA VAL FA 145 -30.53 49.39 -28.00
C VAL FA 145 -30.76 49.50 -26.50
N TYR FA 146 -31.47 48.54 -25.90
CA TYR FA 146 -31.76 48.61 -24.48
C TYR FA 146 -30.53 48.40 -23.63
N GLN FA 147 -29.51 47.71 -24.16
CA GLN FA 147 -28.28 47.49 -23.40
C GLN FA 147 -27.48 48.77 -23.19
N TYR FA 148 -27.71 49.80 -24.00
CA TYR FA 148 -27.05 51.08 -23.85
C TYR FA 148 -28.02 52.15 -23.36
N LYS FA 149 -28.98 51.76 -22.53
CA LYS FA 149 -29.98 52.70 -22.04
C LYS FA 149 -29.35 53.63 -21.02
N GLY FA 150 -29.64 54.92 -21.16
CA GLY FA 150 -29.09 55.92 -20.27
C GLY FA 150 -27.73 56.44 -20.66
N MET FA 151 -27.11 55.88 -21.68
CA MET FA 151 -25.81 56.35 -22.15
C MET FA 151 -25.92 57.40 -23.24
N GLY FA 152 -27.14 57.78 -23.63
CA GLY FA 152 -27.31 58.85 -24.58
C GLY FA 152 -27.27 58.45 -26.03
N LEU FA 153 -28.15 57.54 -26.44
CA LEU FA 153 -28.36 57.23 -27.84
C LEU FA 153 -29.61 57.92 -28.35
N SER FA 154 -29.53 58.44 -29.56
CA SER FA 154 -30.65 59.12 -30.21
C SER FA 154 -31.10 58.28 -31.38
N MET FA 155 -32.26 57.62 -31.23
CA MET FA 155 -32.73 56.70 -32.25
C MET FA 155 -34.23 56.52 -32.09
N GLY FA 156 -35.00 56.94 -33.08
CA GLY FA 156 -36.45 56.82 -33.03
C GLY FA 156 -37.04 56.24 -34.28
N THR FA 157 -36.37 55.26 -34.87
CA THR FA 157 -36.66 54.82 -36.23
C THR FA 157 -37.96 54.00 -36.31
N MET FA 158 -38.29 53.62 -37.54
CA MET FA 158 -39.46 52.79 -37.84
C MET FA 158 -39.02 51.61 -38.70
N ILE FA 159 -39.79 50.53 -38.62
CA ILE FA 159 -39.52 49.31 -39.36
C ILE FA 159 -40.73 49.02 -40.25
N CYS FA 160 -40.48 48.81 -41.53
CA CYS FA 160 -41.54 48.59 -42.50
C CYS FA 160 -41.21 47.35 -43.33
N GLY FA 161 -42.25 46.65 -43.76
CA GLY FA 161 -42.06 45.52 -44.63
C GLY FA 161 -43.27 44.62 -44.74
N TRP FA 162 -43.28 43.77 -45.76
CA TRP FA 162 -44.35 42.81 -45.93
C TRP FA 162 -44.03 41.53 -45.15
N ASP FA 163 -45.06 40.90 -44.62
CA ASP FA 163 -44.90 39.71 -43.79
C ASP FA 163 -45.91 38.67 -44.26
N LYS FA 164 -45.79 37.45 -43.73
CA LYS FA 164 -46.79 36.42 -43.98
C LYS FA 164 -48.14 36.77 -43.34
N ARG FA 165 -48.14 37.61 -42.32
CA ARG FA 165 -49.36 38.12 -41.71
C ARG FA 165 -49.83 39.43 -42.35
N GLY FA 166 -49.30 39.78 -43.51
CA GLY FA 166 -49.72 40.95 -44.22
C GLY FA 166 -48.71 42.07 -44.16
N PRO FA 167 -49.19 43.31 -44.12
CA PRO FA 167 -48.28 44.45 -43.95
C PRO FA 167 -47.69 44.46 -42.55
N GLY FA 168 -46.57 45.16 -42.41
CA GLY FA 168 -45.92 45.26 -41.13
C GLY FA 168 -45.40 46.66 -40.85
N LEU FA 169 -45.79 47.21 -39.71
CA LEU FA 169 -45.36 48.56 -39.34
C LEU FA 169 -45.15 48.60 -37.84
N TYR FA 170 -43.92 48.87 -37.42
CA TYR FA 170 -43.58 48.95 -36.01
C TYR FA 170 -42.79 50.23 -35.78
N TYR FA 171 -42.52 50.53 -34.51
CA TYR FA 171 -41.91 51.79 -34.13
C TYR FA 171 -40.98 51.55 -32.96
N VAL FA 172 -39.68 51.76 -33.16
CA VAL FA 172 -38.66 51.47 -32.17
C VAL FA 172 -38.01 52.78 -31.76
N ASP FA 173 -37.96 53.04 -30.46
CA ASP FA 173 -37.24 54.17 -29.89
C ASP FA 173 -35.94 53.73 -29.25
N SER FA 174 -35.12 54.72 -28.91
CA SER FA 174 -33.98 54.50 -28.04
C SER FA 174 -34.37 54.42 -26.58
N GLU FA 175 -35.64 54.66 -26.26
CA GLU FA 175 -36.16 54.55 -24.91
C GLU FA 175 -36.86 53.22 -24.66
N GLY FA 176 -36.61 52.22 -25.49
CA GLY FA 176 -37.20 50.92 -25.30
C GLY FA 176 -38.63 50.79 -25.76
N ASN FA 177 -39.18 51.80 -26.43
CA ASN FA 177 -40.55 51.72 -26.93
C ASN FA 177 -40.61 50.82 -28.16
N ARG FA 178 -41.60 49.94 -28.18
CA ARG FA 178 -41.82 49.07 -29.33
C ARG FA 178 -43.32 48.88 -29.46
N ILE FA 179 -43.94 49.64 -30.35
CA ILE FA 179 -45.37 49.59 -30.55
C ILE FA 179 -45.67 49.34 -32.03
N SER FA 180 -46.78 48.66 -32.27
CA SER FA 180 -47.32 48.54 -33.61
C SER FA 180 -48.28 49.68 -33.86
N GLY FA 181 -48.93 49.67 -35.02
CA GLY FA 181 -49.91 50.70 -35.33
C GLY FA 181 -50.14 50.79 -36.82
N ALA FA 182 -50.96 51.78 -37.17
CA ALA FA 182 -51.33 52.02 -38.57
C ALA FA 182 -50.67 53.24 -39.17
N THR FA 183 -50.58 54.35 -38.43
CA THR FA 183 -49.95 55.57 -38.92
C THR FA 183 -48.92 56.04 -37.91
N PHE FA 184 -47.80 56.57 -38.40
CA PHE FA 184 -46.78 57.14 -37.54
C PHE FA 184 -46.15 58.34 -38.23
N SER FA 185 -45.51 59.17 -37.42
CA SER FA 185 -44.78 60.33 -37.92
C SER FA 185 -43.68 60.67 -36.93
N VAL FA 186 -42.43 60.66 -37.39
CA VAL FA 186 -41.27 60.80 -36.51
C VAL FA 186 -40.46 62.00 -36.97
N GLY FA 187 -40.00 62.81 -36.02
CA GLY FA 187 -39.10 63.89 -36.33
C GLY FA 187 -39.36 65.14 -35.53
N SER FA 188 -38.54 66.17 -35.76
CA SER FA 188 -38.78 67.45 -35.11
C SER FA 188 -40.00 68.14 -35.71
N GLY FA 189 -40.28 67.89 -36.98
CA GLY FA 189 -41.48 68.42 -37.60
C GLY FA 189 -42.50 67.34 -37.81
N SER FA 190 -42.54 66.37 -36.89
CA SER FA 190 -43.49 65.28 -37.00
C SER FA 190 -44.91 65.73 -36.69
N VAL FA 191 -45.08 66.67 -35.76
CA VAL FA 191 -46.39 67.10 -35.33
C VAL FA 191 -47.13 67.87 -36.42
N TYR FA 192 -46.40 68.44 -37.37
CA TYR FA 192 -47.03 69.07 -38.52
C TYR FA 192 -47.50 68.06 -39.54
N ALA FA 193 -47.04 66.83 -39.44
CA ALA FA 193 -47.44 65.79 -40.37
C ALA FA 193 -48.62 64.97 -39.87
N TYR FA 194 -48.86 64.93 -38.56
CA TYR FA 194 -49.99 64.16 -38.04
C TYR FA 194 -51.32 64.79 -38.45
N GLY FA 195 -51.38 66.11 -38.49
CA GLY FA 195 -52.66 66.77 -38.66
C GLY FA 195 -53.18 66.70 -40.09
N VAL FA 196 -52.29 66.93 -41.06
CA VAL FA 196 -52.71 66.92 -42.45
C VAL FA 196 -52.93 65.48 -42.93
N MET FA 197 -52.24 64.51 -42.32
CA MET FA 197 -52.39 63.12 -42.75
C MET FA 197 -53.67 62.52 -42.21
N ASP FA 198 -53.98 62.76 -40.94
CA ASP FA 198 -55.18 62.18 -40.33
C ASP FA 198 -56.45 62.79 -40.90
N ARG FA 199 -56.37 64.00 -41.43
CA ARG FA 199 -57.51 64.59 -42.12
C ARG FA 199 -57.75 63.88 -43.45
N GLY FA 200 -56.70 63.39 -44.08
CA GLY FA 200 -56.84 62.77 -45.38
C GLY FA 200 -56.69 61.27 -45.40
N TYR FA 201 -56.43 60.66 -44.25
CA TYR FA 201 -56.20 59.23 -44.21
C TYR FA 201 -57.51 58.45 -44.30
N SER FA 202 -57.48 57.37 -45.08
CA SER FA 202 -58.49 56.34 -45.03
C SER FA 202 -57.80 55.01 -45.31
N TYR FA 203 -58.42 53.92 -44.85
CA TYR FA 203 -57.84 52.62 -45.16
C TYR FA 203 -58.08 52.25 -46.61
N ASP FA 204 -59.21 52.68 -47.17
CA ASP FA 204 -59.57 52.33 -48.54
C ASP FA 204 -59.22 53.51 -49.44
N LEU FA 205 -57.93 53.63 -49.75
CA LEU FA 205 -57.45 54.63 -50.67
C LEU FA 205 -56.88 53.95 -51.91
N GLU FA 206 -56.67 54.74 -52.94
CA GLU FA 206 -56.05 54.26 -54.16
C GLU FA 206 -54.55 54.49 -54.11
N VAL FA 207 -53.86 53.95 -55.11
CA VAL FA 207 -52.40 54.04 -55.14
C VAL FA 207 -51.97 55.46 -55.49
N GLU FA 208 -52.62 56.05 -56.50
CA GLU FA 208 -52.32 57.43 -56.86
C GLU FA 208 -52.82 58.40 -55.80
N GLN FA 209 -53.87 58.03 -55.07
CA GLN FA 209 -54.35 58.87 -54.00
C GLN FA 209 -53.41 58.87 -52.80
N ALA FA 210 -52.87 57.70 -52.46
CA ALA FA 210 -51.98 57.60 -51.31
C ALA FA 210 -50.64 58.24 -51.58
N TYR FA 211 -50.23 58.34 -52.85
CA TYR FA 211 -48.99 59.03 -53.18
C TYR FA 211 -49.13 60.52 -52.91
N ASP FA 212 -50.22 61.13 -53.35
CA ASP FA 212 -50.39 62.56 -53.22
C ASP FA 212 -50.70 63.00 -51.80
N LEU FA 213 -51.25 62.09 -50.97
CA LEU FA 213 -51.46 62.43 -49.57
C LEU FA 213 -50.13 62.53 -48.83
N ALA FA 214 -49.27 61.54 -48.99
CA ALA FA 214 -48.00 61.54 -48.32
C ALA FA 214 -47.04 62.57 -48.91
N ARG FA 215 -47.26 62.97 -50.15
CA ARG FA 215 -46.35 63.93 -50.77
C ARG FA 215 -46.60 65.34 -50.25
N ARG FA 216 -47.87 65.72 -50.11
CA ARG FA 216 -48.18 67.05 -49.60
C ARG FA 216 -47.94 67.14 -48.09
N ALA FA 217 -48.09 66.01 -47.39
CA ALA FA 217 -47.92 66.00 -45.94
C ALA FA 217 -46.48 66.31 -45.55
N ILE FA 218 -45.52 65.83 -46.32
CA ILE FA 218 -44.13 66.23 -46.10
C ILE FA 218 -43.93 67.69 -46.48
N TYR FA 219 -44.63 68.15 -47.52
CA TYR FA 219 -44.50 69.54 -47.95
C TYR FA 219 -45.04 70.52 -46.92
N GLN FA 220 -46.13 70.17 -46.25
CA GLN FA 220 -46.66 71.05 -45.22
C GLN FA 220 -45.79 71.06 -43.98
N ALA FA 221 -45.02 70.00 -43.75
CA ALA FA 221 -44.14 69.96 -42.60
C ALA FA 221 -42.92 70.84 -42.80
N THR FA 222 -42.26 70.69 -43.95
CA THR FA 222 -41.06 71.48 -44.25
C THR FA 222 -41.37 72.95 -44.44
N TYR FA 223 -42.60 73.29 -44.82
CA TYR FA 223 -42.98 74.68 -44.97
C TYR FA 223 -43.11 75.36 -43.62
N ARG FA 224 -43.59 74.65 -42.61
CA ARG FA 224 -43.70 75.21 -41.28
C ARG FA 224 -42.39 75.09 -40.50
N ASP FA 225 -41.80 73.91 -40.50
CA ASP FA 225 -40.59 73.67 -39.72
C ASP FA 225 -39.38 74.30 -40.38
N ALA FA 226 -38.40 74.66 -39.55
CA ALA FA 226 -37.14 75.21 -40.05
C ALA FA 226 -36.11 74.12 -40.33
N TYR FA 227 -36.08 73.07 -39.51
CA TYR FA 227 -35.07 72.04 -39.68
C TYR FA 227 -35.43 71.02 -40.76
N SER FA 228 -36.69 70.98 -41.19
CA SER FA 228 -37.08 70.07 -42.25
C SER FA 228 -37.08 70.79 -43.59
N GLY FA 229 -36.66 70.08 -44.62
CA GLY FA 229 -36.59 70.67 -45.94
C GLY FA 229 -35.84 69.76 -46.89
N GLY FA 230 -35.55 70.30 -48.07
CA GLY FA 230 -34.74 69.58 -49.04
C GLY FA 230 -35.52 68.99 -50.20
N ALA FA 231 -35.66 67.67 -50.19
CA ALA FA 231 -36.39 66.96 -51.22
C ALA FA 231 -37.24 65.88 -50.57
N VAL FA 232 -38.26 65.43 -51.30
CA VAL FA 232 -39.23 64.50 -50.76
C VAL FA 232 -39.01 63.15 -51.43
N ASN FA 233 -38.51 62.19 -50.68
CA ASN FA 233 -38.38 60.83 -51.15
C ASN FA 233 -39.64 60.06 -50.80
N LEU FA 234 -39.99 59.09 -51.66
CA LEU FA 234 -41.26 58.39 -51.54
C LEU FA 234 -41.07 56.94 -51.96
N TYR FA 235 -41.32 56.01 -51.04
CA TYR FA 235 -41.20 54.59 -51.31
C TYR FA 235 -42.55 53.91 -51.11
N HIS FA 236 -42.73 52.79 -51.80
CA HIS FA 236 -43.95 51.98 -51.68
C HIS FA 236 -43.55 50.55 -51.37
N VAL FA 237 -44.03 50.04 -50.24
CA VAL FA 237 -43.82 48.65 -49.87
C VAL FA 237 -44.99 47.83 -50.40
N ARG FA 238 -44.70 46.88 -51.25
CA ARG FA 238 -45.71 45.99 -51.80
C ARG FA 238 -45.50 44.58 -51.28
N GLU FA 239 -46.29 43.64 -51.80
CA GLU FA 239 -46.21 42.26 -51.31
C GLU FA 239 -44.94 41.57 -51.79
N ASP FA 240 -44.58 41.79 -53.05
CA ASP FA 240 -43.33 41.22 -53.56
C ASP FA 240 -42.11 41.89 -52.95
N GLY FA 241 -42.23 43.15 -52.57
CA GLY FA 241 -41.10 43.90 -52.06
C GLY FA 241 -41.33 45.39 -52.25
N TRP FA 242 -40.38 46.16 -51.75
CA TRP FA 242 -40.53 47.60 -51.86
C TRP FA 242 -40.13 48.08 -53.24
N ILE FA 243 -40.57 49.28 -53.57
CA ILE FA 243 -40.28 49.90 -54.87
C ILE FA 243 -40.20 51.41 -54.66
N ARG FA 244 -39.16 52.03 -55.21
CA ARG FA 244 -39.04 53.47 -55.17
C ARG FA 244 -40.06 54.12 -56.10
N VAL FA 245 -40.77 55.12 -55.59
CA VAL FA 245 -41.79 55.78 -56.39
C VAL FA 245 -41.18 56.97 -57.12
N SER FA 246 -40.71 57.95 -56.36
CA SER FA 246 -40.21 59.19 -56.95
C SER FA 246 -39.35 59.91 -55.92
N SER FA 247 -38.75 61.02 -56.36
CA SER FA 247 -37.98 61.89 -55.47
C SER FA 247 -38.17 63.31 -55.98
N ASP FA 248 -38.98 64.09 -55.29
CA ASP FA 248 -39.40 65.40 -55.75
C ASP FA 248 -38.76 66.50 -54.91
N ASN FA 249 -38.51 67.64 -55.55
CA ASN FA 249 -37.97 68.79 -54.86
C ASN FA 249 -39.10 69.61 -54.26
N VAL FA 250 -38.80 70.24 -53.11
CA VAL FA 250 -39.80 71.06 -52.44
C VAL FA 250 -40.08 72.33 -53.22
N ALA FA 251 -39.05 72.88 -53.87
CA ALA FA 251 -39.21 74.07 -54.69
C ALA FA 251 -40.07 73.82 -55.91
N ASP FA 252 -40.09 72.58 -56.41
CA ASP FA 252 -40.98 72.24 -57.52
C ASP FA 252 -42.40 71.99 -57.04
N LEU FA 253 -42.57 71.45 -55.84
CA LEU FA 253 -43.91 71.24 -55.30
C LEU FA 253 -44.57 72.55 -54.93
N HIS FA 254 -43.77 73.58 -54.62
CA HIS FA 254 -44.33 74.87 -54.22
C HIS FA 254 -45.07 75.53 -55.38
N GLU FA 255 -44.56 75.36 -56.59
CA GLU FA 255 -45.26 75.85 -57.77
C GLU FA 255 -46.46 74.99 -58.14
N LYS FA 256 -46.47 73.73 -57.70
CA LYS FA 256 -47.59 72.86 -58.01
C LYS FA 256 -48.78 73.17 -57.11
N TYR FA 257 -48.55 73.32 -55.82
CA TYR FA 257 -49.63 73.58 -54.88
C TYR FA 257 -49.90 75.06 -54.68
N SER FA 258 -49.28 75.92 -55.49
CA SER FA 258 -49.63 77.34 -55.44
C SER FA 258 -50.95 77.59 -56.14
N GLY FA 259 -51.15 76.99 -57.30
CA GLY FA 259 -52.38 77.14 -58.05
C GLY FA 259 -53.40 76.08 -57.72
N ARG GA 28 -9.48 71.78 -14.45
CA ARG GA 28 -9.03 70.39 -14.49
C ARG GA 28 -8.34 70.09 -15.81
N PHE GA 29 -7.99 68.83 -16.02
CA PHE GA 29 -7.40 68.38 -17.27
C PHE GA 29 -8.49 68.20 -18.31
N SER GA 30 -8.60 69.15 -19.22
CA SER GA 30 -9.53 68.97 -20.34
C SER GA 30 -8.79 68.30 -21.49
N PRO GA 31 -9.32 67.22 -22.06
CA PRO GA 31 -8.56 66.44 -23.03
C PRO GA 31 -8.65 66.92 -24.46
N TYR GA 32 -9.43 67.97 -24.74
CA TYR GA 32 -9.65 68.43 -26.10
C TYR GA 32 -9.15 69.86 -26.25
N VAL GA 33 -8.77 70.20 -27.48
CA VAL GA 33 -8.40 71.56 -27.86
C VAL GA 33 -8.58 71.67 -29.38
N PHE GA 34 -8.88 72.88 -29.84
CA PHE GA 34 -9.08 73.13 -31.26
C PHE GA 34 -7.79 73.65 -31.88
N ASN GA 35 -7.48 73.16 -33.09
CA ASN GA 35 -6.25 73.52 -33.77
C ASN GA 35 -6.46 74.30 -35.04
N GLY GA 36 -7.51 74.02 -35.80
CA GLY GA 36 -7.78 74.77 -37.01
C GLY GA 36 -7.59 73.96 -38.27
N GLY GA 37 -7.33 74.65 -39.38
CA GLY GA 37 -7.21 74.00 -40.66
C GLY GA 37 -8.53 73.97 -41.42
N THR GA 38 -8.42 73.87 -42.75
CA THR GA 38 -9.59 73.87 -43.61
C THR GA 38 -9.30 72.96 -44.79
N ILE GA 39 -10.21 72.02 -45.05
CA ILE GA 39 -10.04 70.99 -46.07
C ILE GA 39 -11.11 71.19 -47.13
N LEU GA 40 -10.72 71.01 -48.39
CA LEU GA 40 -11.64 71.14 -49.51
C LEU GA 40 -11.45 69.97 -50.46
N ALA GA 41 -12.56 69.40 -50.93
CA ALA GA 41 -12.52 68.34 -51.92
C ALA GA 41 -13.57 68.57 -52.99
N ILE GA 42 -13.23 68.24 -54.23
CA ILE GA 42 -14.12 68.37 -55.38
C ILE GA 42 -14.06 67.09 -56.19
N ALA GA 43 -15.21 66.44 -56.36
CA ALA GA 43 -15.29 65.24 -57.20
C ALA GA 43 -15.42 65.68 -58.65
N GLY GA 44 -14.39 65.41 -59.44
CA GLY GA 44 -14.42 65.70 -60.86
C GLY GA 44 -15.08 64.58 -61.64
N GLU GA 45 -15.07 64.73 -62.96
CA GLU GA 45 -15.60 63.68 -63.81
C GLU GA 45 -14.66 62.49 -63.87
N ASP GA 46 -13.37 62.74 -63.95
CA ASP GA 46 -12.37 61.68 -63.94
C ASP GA 46 -11.19 62.04 -63.06
N PHE GA 47 -11.42 62.88 -62.05
CA PHE GA 47 -10.34 63.37 -61.21
C PHE GA 47 -10.90 63.70 -59.83
N ALA GA 48 -9.99 64.06 -58.93
CA ALA GA 48 -10.35 64.45 -57.58
C ALA GA 48 -9.30 65.40 -57.07
N ILE GA 49 -9.73 66.55 -56.56
CA ILE GA 49 -8.83 67.60 -56.09
C ILE GA 49 -9.04 67.74 -54.59
N VAL GA 50 -7.96 67.62 -53.82
CA VAL GA 50 -7.99 67.79 -52.38
C VAL GA 50 -7.04 68.90 -52.01
N ALA GA 51 -7.52 69.90 -51.28
CA ALA GA 51 -6.74 71.07 -50.91
C ALA GA 51 -6.84 71.33 -49.42
N SER GA 52 -5.78 71.90 -48.86
CA SER GA 52 -5.73 72.23 -47.44
C SER GA 52 -4.66 73.27 -47.21
N ASP GA 53 -4.78 73.97 -46.09
CA ASP GA 53 -3.77 74.93 -45.67
C ASP GA 53 -2.72 74.24 -44.81
N THR GA 54 -1.72 75.01 -44.37
CA THR GA 54 -0.58 74.45 -43.63
C THR GA 54 -0.37 75.08 -42.27
N ARG GA 55 -1.31 75.90 -41.78
CA ARG GA 55 -1.15 76.51 -40.49
C ARG GA 55 -1.62 75.57 -39.39
N LEU GA 56 -0.80 75.43 -38.35
CA LEU GA 56 -1.17 74.70 -37.15
C LEU GA 56 -1.09 75.68 -35.98
N SER GA 57 -2.26 76.13 -35.53
CA SER GA 57 -2.36 77.11 -34.46
C SER GA 57 -2.99 76.51 -33.23
N GLU GA 58 -2.86 77.22 -32.12
CA GLU GA 58 -3.50 76.83 -30.87
C GLU GA 58 -3.70 78.07 -30.02
N GLY GA 59 -4.95 78.34 -29.63
CA GLY GA 59 -5.26 79.53 -28.89
C GLY GA 59 -5.11 80.77 -29.73
N PHE GA 60 -4.13 81.61 -29.40
CA PHE GA 60 -3.83 82.82 -30.16
C PHE GA 60 -2.45 82.78 -30.79
N SER GA 61 -1.80 81.61 -30.78
CA SER GA 61 -0.42 81.51 -31.19
C SER GA 61 -0.28 80.56 -32.36
N ILE GA 62 0.87 80.62 -33.01
CA ILE GA 62 1.18 79.80 -34.17
C ILE GA 62 2.26 78.82 -33.77
N HIS GA 63 1.98 77.53 -33.91
CA HIS GA 63 3.03 76.55 -33.71
C HIS GA 63 3.94 76.48 -34.93
N THR GA 64 3.36 76.31 -36.12
CA THR GA 64 4.15 76.22 -37.32
C THR GA 64 3.35 76.75 -38.49
N ARG GA 65 4.04 76.95 -39.61
CA ARG GA 65 3.43 77.38 -40.86
C ARG GA 65 3.54 76.32 -41.94
N ASP GA 66 4.01 75.12 -41.59
CA ASP GA 66 4.18 74.03 -42.55
C ASP GA 66 3.59 72.78 -41.89
N SER GA 67 2.33 72.52 -42.17
CA SER GA 67 1.63 71.34 -41.64
C SER GA 67 0.49 70.98 -42.57
N PRO GA 68 0.78 70.23 -43.63
CA PRO GA 68 -0.28 69.87 -44.58
C PRO GA 68 -1.22 68.83 -43.99
N LYS GA 69 -2.44 68.81 -44.50
CA LYS GA 69 -3.46 67.88 -44.07
C LYS GA 69 -3.72 66.80 -45.11
N CYS GA 70 -2.96 66.78 -46.20
CA CYS GA 70 -3.12 65.76 -47.21
C CYS GA 70 -2.35 64.50 -46.82
N TYR GA 71 -2.93 63.34 -47.11
CA TYR GA 71 -2.28 62.06 -46.80
C TYR GA 71 -2.59 61.09 -47.93
N LYS GA 72 -1.56 60.69 -48.67
CA LYS GA 72 -1.74 59.73 -49.75
C LYS GA 72 -1.88 58.33 -49.15
N LEU GA 73 -3.11 57.82 -49.13
CA LEU GA 73 -3.34 56.48 -48.60
C LEU GA 73 -2.94 55.42 -49.61
N THR GA 74 -3.58 55.42 -50.76
CA THR GA 74 -3.22 54.58 -51.89
C THR GA 74 -2.83 55.48 -53.06
N ASP GA 75 -2.67 54.87 -54.22
CA ASP GA 75 -2.42 55.65 -55.43
C ASP GA 75 -3.66 56.36 -55.94
N LYS GA 76 -4.84 56.06 -55.40
CA LYS GA 76 -6.09 56.65 -55.86
C LYS GA 76 -6.94 57.19 -54.72
N THR GA 77 -6.36 57.45 -53.55
CA THR GA 77 -7.15 57.89 -52.41
C THR GA 77 -6.31 58.80 -51.53
N VAL GA 78 -6.84 60.00 -51.28
CA VAL GA 78 -6.22 60.98 -50.39
C VAL GA 78 -7.25 61.37 -49.33
N ILE GA 79 -6.82 61.36 -48.07
CA ILE GA 79 -7.69 61.71 -46.96
C ILE GA 79 -7.22 63.04 -46.37
N GLY GA 80 -8.16 63.80 -45.84
CA GLY GA 80 -7.87 65.00 -45.07
C GLY GA 80 -8.43 64.87 -43.67
N CYS GA 81 -7.68 65.41 -42.70
CA CYS GA 81 -8.06 65.31 -41.30
C CYS GA 81 -7.89 66.67 -40.64
N SER GA 82 -8.96 67.18 -40.05
CA SER GA 82 -8.93 68.45 -39.34
C SER GA 82 -9.33 68.24 -37.89
N GLY GA 83 -9.40 69.33 -37.15
CA GLY GA 83 -9.84 69.26 -35.77
C GLY GA 83 -8.69 69.14 -34.79
N PHE GA 84 -8.85 68.29 -33.79
CA PHE GA 84 -7.81 68.09 -32.78
C PHE GA 84 -6.66 67.29 -33.38
N HIS GA 85 -5.46 67.87 -33.32
CA HIS GA 85 -4.34 67.34 -34.09
C HIS GA 85 -3.78 66.06 -33.48
N GLY GA 86 -3.93 65.87 -32.17
CA GLY GA 86 -3.48 64.63 -31.56
C GLY GA 86 -4.29 63.43 -31.98
N ASP GA 87 -5.57 63.63 -32.25
CA ASP GA 87 -6.38 62.54 -32.80
C ASP GA 87 -6.12 62.35 -34.28
N CYS GA 88 -5.68 63.40 -34.98
CA CYS GA 88 -5.38 63.28 -36.40
C CYS GA 88 -4.16 62.42 -36.65
N LEU GA 89 -3.16 62.52 -35.77
CA LEU GA 89 -1.97 61.69 -35.92
C LEU GA 89 -2.25 60.25 -35.55
N THR GA 90 -3.14 60.03 -34.57
CA THR GA 90 -3.49 58.67 -34.17
C THR GA 90 -4.33 57.99 -35.23
N LEU GA 91 -5.36 58.67 -35.72
CA LEU GA 91 -6.31 58.05 -36.64
C LEU GA 91 -5.68 57.78 -37.99
N THR GA 92 -4.66 58.55 -38.37
CA THR GA 92 -3.95 58.28 -39.62
C THR GA 92 -3.18 56.97 -39.55
N LYS GA 93 -2.51 56.73 -38.43
CA LYS GA 93 -1.68 55.54 -38.29
C LYS GA 93 -2.49 54.27 -38.10
N ILE GA 94 -3.74 54.39 -37.66
CA ILE GA 94 -4.60 53.22 -37.55
C ILE GA 94 -5.02 52.74 -38.94
N ILE GA 95 -5.32 53.68 -39.84
CA ILE GA 95 -5.78 53.34 -41.18
C ILE GA 95 -4.64 52.74 -41.99
N GLU GA 96 -3.42 53.24 -41.79
CA GLU GA 96 -2.26 52.73 -42.53
C GLU GA 96 -1.92 51.31 -42.15
N ALA GA 97 -2.24 50.90 -40.93
CA ALA GA 97 -2.05 49.52 -40.54
C ALA GA 97 -3.09 48.61 -41.19
N ARG GA 98 -4.35 49.05 -41.20
CA ARG GA 98 -5.43 48.21 -41.71
C ARG GA 98 -5.43 48.10 -43.22
N LEU GA 99 -4.78 49.03 -43.92
CA LEU GA 99 -4.54 48.85 -45.35
C LEU GA 99 -3.61 47.67 -45.60
N LYS GA 100 -2.56 47.55 -44.78
CA LYS GA 100 -1.65 46.43 -44.92
C LYS GA 100 -2.28 45.13 -44.45
N MET GA 101 -3.14 45.19 -43.44
CA MET GA 101 -3.83 44.00 -42.97
C MET GA 101 -4.84 43.51 -43.98
N TYR GA 102 -5.40 44.41 -44.78
CA TYR GA 102 -6.27 44.01 -45.87
C TYR GA 102 -5.51 43.28 -46.95
N LYS GA 103 -4.32 43.80 -47.29
CA LYS GA 103 -3.60 43.31 -48.47
C LYS GA 103 -2.98 41.95 -48.21
N HIS GA 104 -2.45 41.73 -47.00
CA HIS GA 104 -1.92 40.42 -46.67
C HIS GA 104 -3.01 39.38 -46.47
N SER GA 105 -4.25 39.81 -46.32
CA SER GA 105 -5.37 38.88 -46.15
C SER GA 105 -6.20 38.68 -47.40
N ASN GA 106 -6.09 39.57 -48.39
CA ASN GA 106 -6.97 39.52 -49.54
C ASN GA 106 -6.25 39.67 -50.88
N ASN GA 107 -4.93 39.89 -50.86
CA ASN GA 107 -4.07 39.93 -52.05
C ASN GA 107 -4.48 41.03 -53.03
N LYS GA 108 -4.98 42.14 -52.50
CA LYS GA 108 -5.41 43.27 -53.31
C LYS GA 108 -5.44 44.51 -52.43
N ALA GA 109 -5.72 45.65 -53.04
CA ALA GA 109 -5.83 46.90 -52.32
C ALA GA 109 -7.31 47.26 -52.12
N MET GA 110 -7.56 48.14 -51.17
CA MET GA 110 -8.93 48.57 -50.93
C MET GA 110 -9.38 49.55 -52.00
N THR GA 111 -10.70 49.63 -52.18
CA THR GA 111 -11.28 50.61 -53.08
C THR GA 111 -11.48 51.91 -52.30
N THR GA 112 -12.10 52.89 -52.96
CA THR GA 112 -12.39 54.14 -52.27
C THR GA 112 -13.56 53.97 -51.31
N GLY GA 113 -14.62 53.31 -51.76
CA GLY GA 113 -15.79 53.12 -50.92
C GLY GA 113 -15.57 52.14 -49.79
N ALA GA 114 -14.62 51.21 -49.96
CA ALA GA 114 -14.33 50.26 -48.90
C ALA GA 114 -13.63 50.93 -47.73
N ILE GA 115 -12.79 51.94 -48.02
CA ILE GA 115 -12.13 52.67 -46.95
C ILE GA 115 -13.14 53.52 -46.18
N ALA GA 116 -14.09 54.12 -46.89
CA ALA GA 116 -15.13 54.90 -46.24
C ALA GA 116 -16.05 54.03 -45.41
N ALA GA 117 -16.28 52.79 -45.83
CA ALA GA 117 -17.08 51.88 -45.03
C ALA GA 117 -16.30 51.38 -43.81
N MET GA 118 -14.98 51.24 -43.95
CA MET GA 118 -14.16 50.79 -42.82
C MET GA 118 -14.01 51.91 -41.79
N LEU GA 119 -13.88 53.15 -42.25
CA LEU GA 119 -13.64 54.27 -41.36
C LEU GA 119 -14.84 54.56 -40.48
N SER GA 120 -16.05 54.27 -40.97
CA SER GA 120 -17.26 54.53 -40.20
C SER GA 120 -17.35 53.63 -38.97
N THR GA 121 -16.87 52.39 -39.07
CA THR GA 121 -16.87 51.52 -37.90
C THR GA 121 -15.76 51.91 -36.92
N ILE GA 122 -14.67 52.49 -37.43
CA ILE GA 122 -13.58 52.90 -36.55
C ILE GA 122 -14.00 54.13 -35.75
N LEU GA 123 -14.68 55.07 -36.39
CA LEU GA 123 -15.16 56.26 -35.68
C LEU GA 123 -16.26 55.94 -34.68
N TYR GA 124 -17.08 54.94 -34.98
CA TYR GA 124 -18.12 54.56 -34.03
C TYR GA 124 -17.56 53.74 -32.88
N SER GA 125 -16.38 53.13 -33.06
CA SER GA 125 -15.81 52.24 -32.05
C SER GA 125 -15.42 52.97 -30.77
N ARG GA 126 -15.33 54.29 -30.81
CA ARG GA 126 -15.09 55.08 -29.61
C ARG GA 126 -16.26 56.03 -29.41
N ARG GA 127 -17.48 55.47 -29.48
CA ARG GA 127 -18.70 56.27 -29.46
C ARG GA 127 -18.84 57.11 -28.19
N PHE GA 128 -18.40 56.58 -27.06
CA PHE GA 128 -18.56 57.28 -25.80
C PHE GA 128 -17.27 57.94 -25.32
N PHE GA 129 -16.24 57.97 -26.16
CA PHE GA 129 -15.12 58.89 -25.98
C PHE GA 129 -14.60 59.23 -27.36
N PRO GA 130 -15.24 60.19 -28.03
CA PRO GA 130 -15.07 60.32 -29.48
C PRO GA 130 -13.78 61.03 -29.87
N TYR GA 131 -13.37 60.77 -31.10
CA TYR GA 131 -12.41 61.63 -31.75
C TYR GA 131 -13.05 62.98 -32.01
N TYR GA 132 -12.21 64.00 -32.12
CA TYR GA 132 -12.67 65.32 -32.53
C TYR GA 132 -11.94 65.61 -33.84
N VAL GA 133 -12.47 65.05 -34.92
CA VAL GA 133 -11.81 65.01 -36.22
C VAL GA 133 -12.89 65.06 -37.29
N TYR GA 134 -12.76 66.01 -38.22
CA TYR GA 134 -13.61 66.06 -39.40
C TYR GA 134 -12.83 65.47 -40.57
N ASN GA 135 -13.42 64.48 -41.24
CA ASN GA 135 -12.75 63.71 -42.25
C ASN GA 135 -13.41 63.87 -43.60
N ILE GA 136 -12.60 64.00 -44.64
CA ILE GA 136 -13.05 64.00 -46.03
C ILE GA 136 -12.15 63.07 -46.80
N ILE GA 137 -12.74 62.09 -47.48
CA ILE GA 137 -12.00 61.18 -48.35
C ILE GA 137 -12.38 61.49 -49.79
N GLY GA 138 -11.37 61.81 -50.59
CA GLY GA 138 -11.56 61.96 -52.02
C GLY GA 138 -10.74 60.96 -52.80
N GLY GA 139 -11.08 60.76 -54.05
CA GLY GA 139 -10.33 59.83 -54.89
C GLY GA 139 -11.22 59.20 -55.93
N LEU GA 140 -10.60 58.39 -56.77
CA LEU GA 140 -11.30 57.75 -57.86
C LEU GA 140 -12.00 56.48 -57.40
N ASP GA 141 -13.08 56.14 -58.09
CA ASP GA 141 -13.79 54.90 -57.83
C ASP GA 141 -13.19 53.79 -58.67
N GLU GA 142 -13.89 52.67 -58.79
CA GLU GA 142 -13.45 51.58 -59.65
C GLU GA 142 -13.87 51.76 -61.10
N GLU GA 143 -14.36 52.95 -61.47
CA GLU GA 143 -14.67 53.27 -62.86
C GLU GA 143 -13.96 54.53 -63.33
N GLY GA 144 -13.07 55.08 -62.51
CA GLY GA 144 -12.35 56.29 -62.89
C GLY GA 144 -13.17 57.55 -62.81
N LYS GA 145 -14.00 57.69 -61.79
CA LYS GA 145 -14.78 58.89 -61.57
C LYS GA 145 -14.51 59.43 -60.17
N GLY GA 146 -14.67 60.73 -60.02
CA GLY GA 146 -14.37 61.36 -58.74
C GLY GA 146 -15.44 61.03 -57.71
N ALA GA 147 -14.99 60.60 -56.53
CA ALA GA 147 -15.88 60.30 -55.42
C ALA GA 147 -15.38 61.05 -54.18
N VAL GA 148 -16.28 61.74 -53.51
CA VAL GA 148 -15.97 62.49 -52.30
C VAL GA 148 -16.90 62.00 -51.19
N TYR GA 149 -16.33 61.54 -50.10
CA TYR GA 149 -17.08 61.07 -48.94
C TYR GA 149 -16.78 61.99 -47.77
N SER GA 150 -17.81 62.64 -47.24
CA SER GA 150 -17.68 63.46 -46.05
C SER GA 150 -18.01 62.63 -44.83
N PHE GA 151 -17.58 63.12 -43.67
CA PHE GA 151 -17.74 62.37 -42.42
C PHE GA 151 -18.13 63.32 -41.30
N ASP GA 152 -18.33 62.75 -40.13
CA ASP GA 152 -18.63 63.46 -38.90
C ASP GA 152 -17.83 62.79 -37.79
N PRO GA 153 -17.66 63.45 -36.63
CA PRO GA 153 -16.86 62.83 -35.56
C PRO GA 153 -17.49 61.60 -34.90
N VAL GA 154 -18.66 61.13 -35.32
CA VAL GA 154 -19.23 59.91 -34.74
C VAL GA 154 -19.37 58.78 -35.74
N GLY GA 155 -19.46 59.04 -37.04
CA GLY GA 155 -19.37 57.93 -37.97
C GLY GA 155 -20.29 57.93 -39.18
N SER GA 156 -21.19 58.90 -39.30
CA SER GA 156 -22.08 58.92 -40.45
C SER GA 156 -21.37 59.49 -41.67
N TYR GA 157 -21.78 59.04 -42.84
CA TYR GA 157 -21.12 59.47 -44.07
C TYR GA 157 -22.07 59.40 -45.23
N GLN GA 158 -21.71 60.09 -46.30
CA GLN GA 158 -22.46 60.06 -47.55
C GLN GA 158 -21.52 60.47 -48.68
N ARG GA 159 -21.96 60.20 -49.91
CA ARG GA 159 -21.18 60.54 -51.09
C ARG GA 159 -21.71 61.83 -51.68
N ASP GA 160 -20.82 62.80 -51.87
CA ASP GA 160 -21.18 64.11 -52.36
C ASP GA 160 -20.28 64.51 -53.53
N SER GA 161 -20.63 65.60 -54.19
CA SER GA 161 -19.82 66.12 -55.28
C SER GA 161 -18.73 67.06 -54.82
N PHE GA 162 -18.95 67.75 -53.71
CA PHE GA 162 -17.97 68.68 -53.15
C PHE GA 162 -18.36 68.93 -51.69
N LYS GA 163 -17.36 68.94 -50.82
CA LYS GA 163 -17.53 69.32 -49.43
C LYS GA 163 -16.34 70.13 -48.98
N ALA GA 164 -16.57 70.94 -47.95
CA ALA GA 164 -15.52 71.73 -47.33
C ALA GA 164 -15.64 71.57 -45.83
N GLY GA 165 -14.56 71.16 -45.18
CA GLY GA 165 -14.57 70.93 -43.76
C GLY GA 165 -13.46 71.70 -43.07
N GLY GA 166 -13.66 71.92 -41.77
CA GLY GA 166 -12.69 72.65 -40.98
C GLY GA 166 -13.26 73.90 -40.36
N SER GA 167 -12.38 74.86 -40.08
CA SER GA 167 -12.81 76.09 -39.42
C SER GA 167 -13.55 77.01 -40.39
N ALA GA 168 -13.07 77.09 -41.62
CA ALA GA 168 -13.66 77.98 -42.63
C ALA GA 168 -14.66 77.25 -43.52
N SER GA 169 -15.35 76.25 -42.96
CA SER GA 169 -16.27 75.44 -43.75
C SER GA 169 -17.52 76.21 -44.15
N ALA GA 170 -17.96 77.14 -43.31
CA ALA GA 170 -19.16 77.92 -43.61
C ALA GA 170 -18.92 78.98 -44.66
N MET GA 171 -17.68 79.41 -44.86
CA MET GA 171 -17.37 80.43 -45.85
C MET GA 171 -17.10 79.86 -47.23
N LEU GA 172 -17.15 78.53 -47.39
CA LEU GA 172 -16.79 77.91 -48.65
C LEU GA 172 -17.89 77.06 -49.25
N GLN GA 173 -18.81 76.52 -48.44
CA GLN GA 173 -19.93 75.76 -48.97
C GLN GA 173 -20.88 76.54 -49.87
N PRO GA 174 -21.39 77.73 -49.52
CA PRO GA 174 -22.40 78.35 -50.40
C PRO GA 174 -21.84 78.89 -51.69
N LEU GA 175 -20.53 79.13 -51.78
CA LEU GA 175 -19.97 79.66 -53.00
C LEU GA 175 -19.85 78.58 -54.07
N LEU GA 176 -19.47 77.38 -53.67
CA LEU GA 176 -19.42 76.27 -54.61
C LEU GA 176 -20.81 75.78 -54.98
N ASP GA 177 -21.83 76.12 -54.19
CA ASP GA 177 -23.20 75.89 -54.62
C ASP GA 177 -23.55 76.76 -55.82
N ASN GA 178 -23.01 77.98 -55.86
CA ASN GA 178 -23.28 78.86 -56.98
C ASN GA 178 -22.44 78.45 -58.19
N GLN GA 179 -21.16 78.18 -57.99
CA GLN GA 179 -20.27 77.93 -59.11
C GLN GA 179 -20.39 76.48 -59.60
N VAL GA 180 -20.12 75.52 -58.72
CA VAL GA 180 -20.12 74.13 -59.13
C VAL GA 180 -21.54 73.58 -59.18
N GLY GA 181 -22.37 73.92 -58.18
CA GLY GA 181 -23.72 73.39 -58.14
C GLY GA 181 -24.69 74.05 -59.09
N PHE GA 182 -24.37 75.28 -59.54
CA PHE GA 182 -25.20 76.08 -60.45
C PHE GA 182 -26.60 76.32 -59.88
N LYS GA 183 -26.66 76.60 -58.59
CA LYS GA 183 -27.94 76.85 -57.94
C LYS GA 183 -28.24 78.34 -57.91
N ASN GA 184 -29.54 78.65 -57.82
CA ASN GA 184 -30.08 80.00 -57.69
C ASN GA 184 -29.71 80.92 -58.84
N MET GA 185 -29.52 80.36 -60.04
CA MET GA 185 -29.26 81.16 -61.23
C MET GA 185 -30.28 80.84 -62.30
N GLN GA 186 -30.83 81.88 -62.91
CA GLN GA 186 -31.78 81.73 -63.99
C GLN GA 186 -31.05 81.69 -65.33
N ASN GA 187 -31.45 80.75 -66.19
CA ASN GA 187 -30.95 80.57 -67.55
C ASN GA 187 -29.44 80.30 -67.59
N VAL GA 188 -28.92 79.68 -66.54
CA VAL GA 188 -27.52 79.28 -66.48
C VAL GA 188 -27.43 77.83 -66.93
N GLU GA 189 -26.58 77.58 -67.92
CA GLU GA 189 -26.41 76.23 -68.43
C GLU GA 189 -25.63 75.38 -67.42
N HIS GA 190 -25.64 74.07 -67.67
CA HIS GA 190 -24.95 73.11 -66.81
C HIS GA 190 -23.83 72.47 -67.62
N VAL GA 191 -22.69 73.16 -67.65
CA VAL GA 191 -21.48 72.63 -68.26
C VAL GA 191 -20.77 71.81 -67.18
N PRO GA 192 -20.18 70.66 -67.50
CA PRO GA 192 -19.37 69.95 -66.51
C PRO GA 192 -18.09 70.73 -66.20
N LEU GA 193 -17.69 70.67 -64.95
CA LEU GA 193 -16.49 71.36 -64.52
C LEU GA 193 -15.26 70.66 -65.09
N SER GA 194 -14.45 71.41 -65.83
CA SER GA 194 -13.23 70.87 -66.40
C SER GA 194 -12.14 70.83 -65.33
N LEU GA 195 -10.95 70.37 -65.71
CA LEU GA 195 -9.86 70.32 -64.76
C LEU GA 195 -9.28 71.70 -64.51
N ASP GA 196 -9.06 72.47 -65.59
CA ASP GA 196 -8.42 73.77 -65.46
C ASP GA 196 -9.35 74.80 -64.83
N ARG GA 197 -10.65 74.70 -65.09
CA ARG GA 197 -11.59 75.60 -64.43
C ARG GA 197 -11.69 75.29 -62.94
N ALA GA 198 -11.55 74.02 -62.57
CA ALA GA 198 -11.59 73.65 -61.15
C ALA GA 198 -10.34 74.11 -60.42
N MET GA 199 -9.23 74.27 -61.12
CA MET GA 199 -8.00 74.71 -60.46
C MET GA 199 -8.10 76.16 -60.00
N ARG GA 200 -8.64 77.04 -60.84
CA ARG GA 200 -8.77 78.42 -60.44
C ARG GA 200 -9.93 78.65 -59.49
N LEU GA 201 -10.90 77.73 -59.43
CA LEU GA 201 -11.92 77.81 -58.40
C LEU GA 201 -11.35 77.52 -57.02
N VAL GA 202 -10.40 76.61 -56.93
CA VAL GA 202 -9.78 76.31 -55.65
C VAL GA 202 -8.87 77.44 -55.22
N LYS GA 203 -8.13 78.02 -56.17
CA LYS GA 203 -7.17 79.07 -55.83
C LYS GA 203 -7.85 80.37 -55.45
N ASP GA 204 -9.11 80.57 -55.85
CA ASP GA 204 -9.79 81.82 -55.51
C ASP GA 204 -10.46 81.76 -54.15
N VAL GA 205 -10.98 80.60 -53.76
CA VAL GA 205 -11.77 80.54 -52.53
C VAL GA 205 -10.90 80.60 -51.30
N PHE GA 206 -9.64 80.11 -51.37
CA PHE GA 206 -8.77 80.19 -50.22
C PHE GA 206 -8.15 81.58 -50.05
N ILE GA 207 -8.13 82.39 -51.11
CA ILE GA 207 -7.75 83.78 -50.95
C ILE GA 207 -8.83 84.53 -50.16
N SER GA 208 -10.09 84.31 -50.52
CA SER GA 208 -11.19 84.96 -49.81
C SER GA 208 -11.37 84.41 -48.42
N ALA GA 209 -11.02 83.14 -48.20
CA ALA GA 209 -11.11 82.57 -46.86
C ALA GA 209 -10.01 83.09 -45.96
N ALA GA 210 -8.83 83.37 -46.51
CA ALA GA 210 -7.73 83.87 -45.71
C ALA GA 210 -7.95 85.32 -45.28
N GLU GA 211 -8.82 86.05 -45.96
CA GLU GA 211 -9.09 87.43 -45.58
C GLU GA 211 -9.94 87.50 -44.32
N ARG GA 212 -10.89 86.59 -44.17
CA ARG GA 212 -11.85 86.67 -43.08
C ARG GA 212 -11.60 85.68 -41.96
N ASP GA 213 -11.05 84.52 -42.27
CA ASP GA 213 -10.69 83.58 -41.21
C ASP GA 213 -9.30 83.92 -40.68
N VAL GA 214 -9.13 83.72 -39.37
CA VAL GA 214 -7.81 83.86 -38.76
C VAL GA 214 -7.04 82.56 -38.75
N TYR GA 215 -7.70 81.43 -38.99
CA TYR GA 215 -7.03 80.14 -38.98
C TYR GA 215 -6.45 79.76 -40.34
N THR GA 216 -6.90 80.39 -41.41
CA THR GA 216 -6.40 80.05 -42.74
C THR GA 216 -5.00 80.60 -42.92
N GLY GA 217 -4.08 79.72 -43.28
CA GLY GA 217 -2.65 80.00 -43.19
C GLY GA 217 -2.06 80.49 -44.49
N ASP GA 218 -0.90 79.94 -44.82
CA ASP GA 218 -0.03 80.52 -45.85
C ASP GA 218 0.10 79.65 -47.08
N ALA GA 219 0.53 78.40 -46.92
CA ALA GA 219 0.74 77.53 -48.06
C ALA GA 219 -0.50 76.69 -48.31
N LEU GA 220 -0.88 76.58 -49.57
CA LEU GA 220 -2.07 75.84 -49.97
C LEU GA 220 -1.60 74.59 -50.72
N ARG GA 221 -1.53 73.48 -50.00
CA ARG GA 221 -1.19 72.21 -50.62
C ARG GA 221 -2.39 71.68 -51.39
N ILE GA 222 -2.21 71.42 -52.69
CA ILE GA 222 -3.28 70.95 -53.54
C ILE GA 222 -2.84 69.62 -54.14
N CYS GA 223 -3.61 68.58 -53.87
CA CYS GA 223 -3.34 67.25 -54.42
C CYS GA 223 -4.39 66.93 -55.49
N ILE GA 224 -3.94 66.46 -56.64
CA ILE GA 224 -4.80 66.14 -57.77
C ILE GA 224 -4.65 64.65 -58.06
N VAL GA 225 -5.73 63.91 -57.88
CA VAL GA 225 -5.74 62.47 -58.13
C VAL GA 225 -6.37 62.23 -59.49
N THR GA 226 -5.57 61.77 -60.43
CA THR GA 226 -6.04 61.39 -61.75
C THR GA 226 -5.89 59.88 -61.91
N LYS GA 227 -6.16 59.40 -63.12
CA LYS GA 227 -5.97 57.99 -63.45
C LYS GA 227 -4.52 57.65 -63.79
N GLU GA 228 -3.58 58.55 -63.51
CA GLU GA 228 -2.18 58.36 -63.86
C GLU GA 228 -1.24 58.60 -62.70
N GLY GA 229 -1.75 59.02 -61.54
CA GLY GA 229 -0.93 59.30 -60.39
C GLY GA 229 -1.51 60.44 -59.60
N ILE GA 230 -0.73 60.92 -58.63
CA ILE GA 230 -1.13 62.01 -57.75
C ILE GA 230 -0.13 63.15 -57.91
N ARG GA 231 -0.62 64.32 -58.28
CA ARG GA 231 0.21 65.51 -58.42
C ARG GA 231 -0.03 66.43 -57.23
N GLU GA 232 1.05 67.00 -56.71
CA GLU GA 232 0.96 67.99 -55.64
C GLU GA 232 1.35 69.36 -56.15
N GLU GA 233 0.83 70.39 -55.48
CA GLU GA 233 1.08 71.77 -55.87
C GLU GA 233 0.85 72.67 -54.66
N THR GA 234 1.74 73.63 -54.48
CA THR GA 234 1.71 74.53 -53.33
C THR GA 234 1.59 75.98 -53.80
N VAL GA 235 0.60 76.70 -53.30
CA VAL GA 235 0.35 78.09 -53.63
C VAL GA 235 0.37 78.88 -52.33
N SER GA 236 1.05 80.02 -52.33
CA SER GA 236 1.19 80.83 -51.13
C SER GA 236 -0.03 81.72 -50.93
N LEU GA 237 -0.24 82.11 -49.66
CA LEU GA 237 -1.28 83.07 -49.30
C LEU GA 237 -0.67 84.17 -48.44
N ARG GA 238 -1.51 85.03 -47.86
CA ARG GA 238 -1.01 86.12 -47.02
C ARG GA 238 -0.59 85.58 -45.65
N LYS GA 239 0.45 86.21 -45.10
CA LYS GA 239 1.18 85.63 -43.97
C LYS GA 239 0.76 86.22 -42.63
N ASP GA 240 -0.32 86.98 -42.57
CA ASP GA 240 -0.74 87.61 -41.31
C ASP GA 240 -1.27 86.63 -40.28
N THR HA 45 -1.59 62.41 -13.53
CA THR HA 45 -1.28 63.60 -12.76
C THR HA 45 -2.34 64.67 -12.97
N GLN HA 46 -2.99 65.07 -11.88
CA GLN HA 46 -3.99 66.12 -11.93
C GLN HA 46 -3.47 67.48 -11.47
N ASN HA 47 -2.46 67.50 -10.62
CA ASN HA 47 -1.94 68.76 -10.09
C ASN HA 47 -0.42 68.76 -10.11
N PRO HA 48 0.21 69.60 -10.93
CA PRO HA 48 1.68 69.68 -10.94
C PRO HA 48 2.20 70.37 -9.69
N MET HA 49 3.02 69.66 -8.93
CA MET HA 49 3.56 70.22 -7.70
C MET HA 49 4.79 71.08 -7.97
N VAL HA 50 5.87 70.47 -8.46
CA VAL HA 50 7.12 71.16 -8.71
C VAL HA 50 7.28 71.27 -10.22
N THR HA 51 7.30 72.50 -10.72
CA THR HA 51 7.24 72.75 -12.14
C THR HA 51 8.53 73.37 -12.66
N GLY HA 52 8.77 73.16 -13.95
CA GLY HA 52 9.81 73.86 -14.67
C GLY HA 52 9.25 75.08 -15.38
N THR HA 53 9.96 75.51 -16.41
CA THR HA 53 9.56 76.69 -17.18
C THR HA 53 10.08 76.52 -18.60
N SER HA 54 10.17 77.66 -19.32
CA SER HA 54 10.40 77.67 -20.76
C SER HA 54 11.71 77.01 -21.17
N VAL HA 55 11.67 76.30 -22.29
CA VAL HA 55 12.82 75.62 -22.88
C VAL HA 55 12.93 76.07 -24.32
N LEU HA 56 14.13 76.47 -24.75
CA LEU HA 56 14.36 76.96 -26.10
C LEU HA 56 15.15 75.94 -26.91
N GLY HA 57 15.04 76.08 -28.22
CA GLY HA 57 15.78 75.23 -29.14
C GLY HA 57 15.73 75.72 -30.56
N VAL HA 58 16.85 75.63 -31.28
CA VAL HA 58 16.93 76.13 -32.65
C VAL HA 58 18.01 75.33 -33.39
N LYS HA 59 17.76 75.08 -34.67
CA LYS HA 59 18.73 74.39 -35.51
C LYS HA 59 19.82 75.35 -35.96
N PHE HA 60 20.93 74.78 -36.39
CA PHE HA 60 21.96 75.53 -37.11
C PHE HA 60 22.60 74.58 -38.13
N GLU HA 61 23.69 75.03 -38.73
CA GLU HA 61 24.38 74.24 -39.73
C GLU HA 61 25.10 73.08 -39.06
N GLY HA 62 24.52 71.88 -39.17
CA GLY HA 62 25.15 70.70 -38.62
C GLY HA 62 25.01 70.57 -37.12
N GLY HA 63 23.80 70.73 -36.61
CA GLY HA 63 23.57 70.54 -35.18
C GLY HA 63 22.38 71.33 -34.71
N VAL HA 64 21.97 71.00 -33.48
CA VAL HA 64 20.85 71.66 -32.81
C VAL HA 64 21.32 72.08 -31.43
N VAL HA 65 21.02 73.32 -31.05
CA VAL HA 65 21.35 73.83 -29.73
C VAL HA 65 20.07 74.02 -28.93
N ILE HA 66 20.09 73.59 -27.67
CA ILE HA 66 18.95 73.64 -26.76
C ILE HA 66 19.41 74.19 -25.41
N ALA HA 67 18.69 75.19 -24.89
CA ALA HA 67 19.02 75.78 -23.61
C ALA HA 67 17.79 75.84 -22.73
N ALA HA 68 18.01 75.69 -21.42
CA ALA HA 68 16.98 75.84 -20.41
C ALA HA 68 17.65 76.21 -19.10
N ASP HA 69 16.86 76.68 -18.15
CA ASP HA 69 17.41 77.14 -16.89
C ASP HA 69 17.45 76.00 -15.87
N MET HA 70 17.77 76.33 -14.62
CA MET HA 70 18.08 75.34 -13.61
C MET HA 70 17.26 75.57 -12.35
N LEU HA 71 15.98 75.89 -12.51
CA LEU HA 71 15.13 76.23 -11.38
C LEU HA 71 13.90 75.33 -11.35
N GLY HA 72 13.60 74.78 -10.18
CA GLY HA 72 12.33 74.12 -9.94
C GLY HA 72 11.49 74.93 -8.97
N SER HA 73 10.25 75.23 -9.35
CA SER HA 73 9.41 76.11 -8.55
C SER HA 73 8.19 75.37 -8.04
N TYR HA 74 7.76 75.74 -6.83
CA TYR HA 74 6.55 75.22 -6.20
C TYR HA 74 5.63 76.43 -6.03
N GLY HA 75 4.80 76.67 -7.03
CA GLY HA 75 3.97 77.88 -7.00
C GLY HA 75 4.83 79.11 -7.24
N SER HA 76 4.64 80.13 -6.40
CA SER HA 76 5.48 81.31 -6.48
C SER HA 76 6.84 81.09 -5.81
N LEU HA 77 6.99 80.01 -5.05
CA LEU HA 77 8.23 79.75 -4.35
C LEU HA 77 9.27 79.14 -5.28
N ALA HA 78 10.46 79.75 -5.32
CA ALA HA 78 11.60 79.19 -6.01
C ALA HA 78 12.31 78.28 -5.02
N ARG HA 79 11.86 77.02 -4.96
CA ARG HA 79 12.29 76.14 -3.89
C ARG HA 79 13.64 75.49 -4.20
N PHE HA 80 13.78 74.89 -5.38
CA PHE HA 80 14.97 74.14 -5.73
C PHE HA 80 15.78 74.95 -6.74
N ARG HA 81 16.82 75.61 -6.25
CA ARG HA 81 17.57 76.53 -7.09
C ARG HA 81 18.56 75.82 -8.03
N ASN HA 82 18.79 74.52 -7.85
CA ASN HA 82 19.85 73.83 -8.59
C ASN HA 82 19.37 72.44 -8.97
N ILE HA 83 18.77 72.34 -10.16
CA ILE HA 83 18.37 71.07 -10.75
C ILE HA 83 18.75 71.11 -12.23
N SER HA 84 18.81 69.92 -12.84
CA SER HA 84 19.08 69.80 -14.26
C SER HA 84 17.80 69.41 -14.97
N ARG HA 85 17.51 70.08 -16.08
CA ARG HA 85 16.29 69.84 -16.84
C ARG HA 85 16.56 69.35 -18.25
N ILE HA 86 17.79 68.90 -18.53
CA ILE HA 86 18.18 68.42 -19.84
C ILE HA 86 18.80 67.03 -19.67
N MET HA 87 18.25 66.05 -20.38
CA MET HA 87 18.79 64.69 -20.36
C MET HA 87 19.57 64.44 -21.63
N ARG HA 88 20.79 63.93 -21.50
CA ARG HA 88 21.63 63.60 -22.65
C ARG HA 88 21.37 62.15 -23.04
N VAL HA 89 20.48 61.96 -24.01
CA VAL HA 89 20.33 60.65 -24.63
C VAL HA 89 21.58 60.38 -25.47
N ASN HA 90 21.81 59.11 -25.79
CA ASN HA 90 23.11 58.47 -25.97
C ASN HA 90 24.20 59.22 -26.75
N ASN HA 91 24.03 59.44 -28.04
CA ASN HA 91 25.10 60.11 -28.79
C ASN HA 91 24.61 61.18 -29.76
N SER HA 92 23.40 61.08 -30.29
CA SER HA 92 22.98 61.95 -31.38
C SER HA 92 21.70 62.69 -31.09
N THR HA 93 20.99 62.36 -30.02
CA THR HA 93 19.72 62.97 -29.69
C THR HA 93 19.76 63.43 -28.24
N MET HA 94 18.75 64.23 -27.86
CA MET HA 94 18.87 65.06 -26.68
C MET HA 94 17.48 65.58 -26.31
N LEU HA 95 17.24 65.71 -25.01
CA LEU HA 95 15.89 65.98 -24.51
C LEU HA 95 15.88 67.06 -23.45
N GLY HA 96 14.98 68.03 -23.59
CA GLY HA 96 14.65 68.93 -22.52
C GLY HA 96 13.15 69.00 -22.34
N ALA HA 97 12.73 69.46 -21.17
CA ALA HA 97 11.31 69.40 -20.85
C ALA HA 97 10.91 70.51 -19.90
N SER HA 98 9.62 70.81 -19.93
CA SER HA 98 8.96 71.74 -19.02
C SER HA 98 7.88 70.97 -18.25
N GLY HA 99 7.08 71.70 -17.49
CA GLY HA 99 5.99 71.08 -16.76
C GLY HA 99 6.45 70.45 -15.47
N ASP HA 100 5.72 69.41 -15.04
CA ASP HA 100 6.00 68.75 -13.78
C ASP HA 100 7.33 68.01 -13.82
N TYR HA 101 8.12 68.18 -12.77
CA TYR HA 101 9.45 67.62 -12.74
C TYR HA 101 9.48 66.18 -12.25
N ALA HA 102 8.52 65.79 -11.41
CA ALA HA 102 8.46 64.42 -10.95
C ALA HA 102 8.08 63.46 -12.08
N ASP HA 103 7.26 63.93 -13.03
CA ASP HA 103 7.00 63.15 -14.22
C ASP HA 103 8.22 63.10 -15.13
N PHE HA 104 9.06 64.13 -15.09
CA PHE HA 104 10.26 64.14 -15.91
C PHE HA 104 11.29 63.12 -15.43
N GLN HA 105 11.37 62.91 -14.11
CA GLN HA 105 12.25 61.86 -13.61
C GLN HA 105 11.74 60.47 -13.97
N TYR HA 106 10.43 60.34 -14.19
CA TYR HA 106 9.88 59.05 -14.61
C TYR HA 106 10.28 58.73 -16.04
N LEU HA 107 10.17 59.71 -16.93
CA LEU HA 107 10.55 59.48 -18.32
C LEU HA 107 12.05 59.42 -18.48
N LYS HA 108 12.80 60.06 -17.58
CA LYS HA 108 14.25 59.89 -17.54
C LYS HA 108 14.61 58.46 -17.17
N GLN HA 109 13.79 57.82 -16.35
CA GLN HA 109 14.04 56.45 -15.96
C GLN HA 109 13.71 55.46 -17.08
N VAL HA 110 12.62 55.73 -17.81
CA VAL HA 110 12.17 54.79 -18.82
C VAL HA 110 13.02 54.87 -20.08
N LEU HA 111 13.28 56.08 -20.57
CA LEU HA 111 14.11 56.27 -21.74
C LEU HA 111 15.55 55.84 -21.50
N GLY HA 112 16.04 56.01 -20.28
CA GLY HA 112 17.37 55.55 -19.95
C GLY HA 112 17.51 54.04 -20.04
N GLN HA 113 16.43 53.30 -19.76
CA GLN HA 113 16.50 51.85 -19.83
C GLN HA 113 16.47 51.36 -21.27
N MET HA 114 15.65 51.98 -22.12
CA MET HA 114 15.48 51.52 -23.49
C MET HA 114 16.74 51.71 -24.33
N VAL HA 115 17.53 52.73 -24.03
CA VAL HA 115 18.78 52.94 -24.76
C VAL HA 115 19.79 51.88 -24.39
N ILE HA 116 19.82 51.48 -23.12
CA ILE HA 116 20.69 50.40 -22.68
C ILE HA 116 20.27 49.07 -23.30
N ASP HA 117 18.96 48.89 -23.52
CA ASP HA 117 18.44 47.63 -24.03
C ASP HA 117 18.89 47.36 -25.46
N GLU HA 118 19.05 48.39 -26.27
CA GLU HA 118 19.52 48.15 -27.64
C GLU HA 118 21.03 48.03 -27.69
N GLU HA 119 21.74 48.73 -26.81
CA GLU HA 119 23.20 48.65 -26.78
C GLU HA 119 23.69 47.26 -26.36
N LEU HA 120 22.90 46.55 -25.56
CA LEU HA 120 23.28 45.21 -25.16
C LEU HA 120 23.03 44.20 -26.26
N LEU HA 121 22.20 44.52 -27.25
CA LEU HA 121 22.09 43.66 -28.42
C LEU HA 121 23.37 43.73 -29.25
N GLY HA 122 23.86 44.95 -29.49
CA GLY HA 122 25.12 45.12 -30.17
C GLY HA 122 25.11 44.79 -31.64
N ASP HA 123 23.94 44.86 -32.27
CA ASP HA 123 23.80 44.51 -33.68
C ASP HA 123 24.18 45.64 -34.61
N GLY HA 124 24.59 46.80 -34.09
CA GLY HA 124 24.94 47.92 -34.92
C GLY HA 124 23.79 48.79 -35.31
N HIS HA 125 22.77 48.91 -34.47
CA HIS HA 125 21.66 49.79 -34.70
C HIS HA 125 21.46 50.71 -33.50
N SER HA 126 20.69 51.75 -33.71
CA SER HA 126 20.38 52.70 -32.64
C SER HA 126 19.05 53.35 -32.94
N TYR HA 127 18.52 54.06 -31.96
CA TYR HA 127 17.29 54.80 -32.17
C TYR HA 127 17.60 56.14 -32.81
N SER HA 128 16.93 56.43 -33.92
CA SER HA 128 17.02 57.73 -34.53
C SER HA 128 16.30 58.75 -33.64
N PRO HA 129 16.63 60.05 -33.78
CA PRO HA 129 15.88 61.06 -33.05
C PRO HA 129 14.42 61.14 -33.46
N ARG HA 130 14.08 60.74 -34.67
CA ARG HA 130 12.68 60.71 -35.07
C ARG HA 130 11.93 59.56 -34.43
N ALA HA 131 12.59 58.43 -34.22
CA ALA HA 131 11.92 57.27 -33.63
C ALA HA 131 11.60 57.52 -32.17
N ILE HA 132 12.47 58.24 -31.46
CA ILE HA 132 12.17 58.59 -30.08
C ILE HA 132 11.05 59.62 -30.02
N HIS HA 133 11.03 60.55 -30.97
CA HIS HA 133 9.92 61.48 -31.11
C HIS HA 133 8.63 60.77 -31.47
N SER HA 134 8.72 59.68 -32.23
CA SER HA 134 7.53 58.90 -32.53
C SER HA 134 7.10 58.07 -31.34
N TRP HA 135 8.06 57.54 -30.59
CA TRP HA 135 7.74 56.73 -29.41
C TRP HA 135 7.10 57.57 -28.32
N LEU HA 136 7.65 58.76 -28.11
CA LEU HA 136 7.21 59.59 -26.99
C LEU HA 136 5.83 60.18 -27.26
N THR HA 137 5.45 60.31 -28.52
CA THR HA 137 4.12 60.79 -28.87
C THR HA 137 3.06 59.77 -28.49
N ARG HA 138 3.31 58.49 -28.79
CA ARG HA 138 2.36 57.45 -28.42
C ARG HA 138 2.30 57.25 -26.91
N ALA HA 139 3.39 57.58 -26.21
CA ALA HA 139 3.37 57.49 -24.75
C ALA HA 139 2.45 58.55 -24.16
N MET HA 140 2.44 59.74 -24.74
CA MET HA 140 1.60 60.82 -24.22
C MET HA 140 0.13 60.58 -24.56
N TYR HA 141 -0.14 60.10 -25.77
CA TYR HA 141 -1.53 59.95 -26.22
C TYR HA 141 -2.23 58.82 -25.48
N SER HA 142 -1.51 57.74 -25.23
CA SER HA 142 -2.10 56.64 -24.46
C SER HA 142 -2.29 57.03 -23.01
N ARG HA 143 -1.47 57.93 -22.50
CA ARG HA 143 -1.57 58.33 -21.10
C ARG HA 143 -2.76 59.26 -20.89
N ARG HA 144 -2.99 60.19 -21.81
CA ARG HA 144 -4.12 61.10 -21.69
C ARG HA 144 -5.44 60.44 -22.01
N SER HA 145 -5.43 59.30 -22.71
CA SER HA 145 -6.68 58.63 -23.05
C SER HA 145 -7.29 57.93 -21.85
N LYS HA 146 -6.53 57.73 -20.78
CA LYS HA 146 -7.03 57.17 -19.54
C LYS HA 146 -7.38 58.25 -18.52
N MET HA 147 -7.44 59.51 -18.96
CA MET HA 147 -7.78 60.68 -18.14
C MET HA 147 -6.83 60.83 -16.95
N ASN HA 148 -5.55 60.57 -17.19
CA ASN HA 148 -4.53 60.64 -16.15
C ASN HA 148 -3.20 61.01 -16.79
N PRO HA 149 -3.06 62.25 -17.24
CA PRO HA 149 -1.96 62.60 -18.16
C PRO HA 149 -0.63 62.74 -17.43
N LEU HA 150 0.40 63.03 -18.22
CA LEU HA 150 1.71 63.39 -17.70
C LEU HA 150 1.95 64.86 -18.01
N TRP HA 151 2.00 65.68 -16.97
CA TRP HA 151 2.07 67.13 -17.10
C TRP HA 151 3.49 67.52 -17.53
N ASN HA 152 3.73 67.45 -18.84
CA ASN HA 152 5.02 67.85 -19.38
C ASN HA 152 4.83 68.56 -20.70
N THR HA 153 5.95 69.08 -21.21
CA THR HA 153 6.05 69.61 -22.56
C THR HA 153 7.51 69.46 -22.97
N MET HA 154 7.76 68.62 -23.96
CA MET HA 154 9.09 68.10 -24.20
C MET HA 154 9.62 68.52 -25.57
N VAL HA 155 10.91 68.82 -25.62
CA VAL HA 155 11.60 69.25 -26.83
C VAL HA 155 12.71 68.27 -27.11
N ILE HA 156 12.73 67.70 -28.31
CA ILE HA 156 13.72 66.71 -28.71
C ILE HA 156 14.58 67.30 -29.81
N GLY HA 157 15.88 67.42 -29.55
CA GLY HA 157 16.84 67.85 -30.54
C GLY HA 157 17.78 66.71 -30.90
N GLY HA 158 17.96 66.50 -32.19
CA GLY HA 158 18.77 65.39 -32.66
C GLY HA 158 19.54 65.77 -33.91
N TYR HA 159 20.63 65.04 -34.13
CA TYR HA 159 21.45 65.22 -35.32
C TYR HA 159 22.00 63.88 -35.74
N ALA HA 160 21.41 63.29 -36.77
CA ALA HA 160 21.89 62.02 -37.32
C ALA HA 160 21.85 62.09 -38.84
N ASP HA 161 22.83 61.42 -39.46
CA ASP HA 161 22.98 61.29 -40.91
C ASP HA 161 23.09 62.65 -41.59
N GLY HA 162 23.78 63.59 -40.92
CA GLY HA 162 23.91 64.93 -41.46
C GLY HA 162 22.62 65.71 -41.48
N GLU HA 163 21.67 65.37 -40.62
CA GLU HA 163 20.36 66.01 -40.61
C GLU HA 163 20.03 66.47 -39.21
N SER HA 164 19.83 67.78 -39.05
CA SER HA 164 19.42 68.33 -37.77
C SER HA 164 17.94 68.09 -37.57
N PHE HA 165 17.58 67.51 -36.43
CA PHE HA 165 16.20 67.24 -36.08
C PHE HA 165 15.80 68.06 -34.86
N LEU HA 166 14.58 68.58 -34.88
CA LEU HA 166 14.06 69.36 -33.76
C LEU HA 166 12.56 69.09 -33.66
N GLY HA 167 12.16 68.36 -32.64
CA GLY HA 167 10.78 67.92 -32.50
C GLY HA 167 10.14 68.42 -31.22
N TYR HA 168 8.82 68.61 -31.30
CA TYR HA 168 8.01 69.10 -30.19
C TYR HA 168 7.07 67.98 -29.75
N VAL HA 169 6.82 67.91 -28.43
CA VAL HA 169 5.88 66.95 -27.86
C VAL HA 169 5.05 67.70 -26.82
N ASP HA 170 3.73 67.67 -26.98
CA ASP HA 170 2.83 68.27 -26.03
C ASP HA 170 2.30 67.20 -25.07
N MET HA 171 1.69 67.67 -23.97
CA MET HA 171 0.98 66.78 -23.06
C MET HA 171 -0.20 66.11 -23.74
N LEU HA 172 -0.90 66.83 -24.61
CA LEU HA 172 -2.10 66.33 -25.27
C LEU HA 172 -1.80 65.53 -26.53
N GLY HA 173 -0.57 65.07 -26.70
CA GLY HA 173 -0.23 64.31 -27.89
C GLY HA 173 -0.06 65.11 -29.15
N VAL HA 174 0.11 66.42 -29.03
CA VAL HA 174 0.34 67.27 -30.21
C VAL HA 174 1.83 67.29 -30.49
N ALA HA 175 2.22 66.96 -31.71
CA ALA HA 175 3.63 66.87 -32.07
C ALA HA 175 3.83 67.37 -33.48
N TYR HA 176 4.96 68.04 -33.70
CA TYR HA 176 5.31 68.55 -35.03
C TYR HA 176 6.82 68.77 -35.08
N GLU HA 177 7.27 69.33 -36.20
CA GLU HA 177 8.67 69.69 -36.40
C GLU HA 177 8.74 71.17 -36.77
N ALA HA 178 9.84 71.81 -36.38
CA ALA HA 178 10.00 73.23 -36.61
C ALA HA 178 11.49 73.55 -36.59
N PRO HA 179 11.93 74.59 -37.31
CA PRO HA 179 13.33 75.02 -37.18
C PRO HA 179 13.64 75.70 -35.87
N SER HA 180 12.64 76.14 -35.12
CA SER HA 180 12.87 76.77 -33.83
C SER HA 180 11.67 76.48 -32.94
N LEU HA 181 11.93 76.07 -31.70
CA LEU HA 181 10.88 75.74 -30.77
C LEU HA 181 11.01 76.55 -29.50
N ALA HA 182 9.88 76.70 -28.80
CA ALA HA 182 9.82 77.42 -27.54
C ALA HA 182 8.60 76.95 -26.78
N THR HA 183 8.76 76.76 -25.48
CA THR HA 183 7.69 76.30 -24.61
C THR HA 183 7.31 77.40 -23.64
N GLY HA 184 6.08 77.29 -23.10
CA GLY HA 184 5.66 78.20 -22.04
C GLY HA 184 5.50 79.63 -22.52
N TYR HA 185 6.01 80.56 -21.73
CA TYR HA 185 6.03 81.96 -22.13
C TYR HA 185 7.09 82.28 -23.17
N GLY HA 186 8.06 81.37 -23.38
CA GLY HA 186 9.01 81.55 -24.46
C GLY HA 186 8.36 81.51 -25.82
N ALA HA 187 7.26 80.76 -25.95
CA ALA HA 187 6.47 80.77 -27.18
C ALA HA 187 5.77 82.10 -27.40
N TYR HA 188 5.59 82.90 -26.35
CA TYR HA 188 5.08 84.24 -26.51
C TYR HA 188 6.17 85.29 -26.63
N LEU HA 189 7.36 85.02 -26.09
CA LEU HA 189 8.40 86.03 -26.01
C LEU HA 189 9.58 85.73 -26.93
N ALA HA 190 10.20 84.56 -26.79
CA ALA HA 190 11.39 84.28 -27.57
C ALA HA 190 11.06 83.81 -28.98
N GLN HA 191 9.89 83.21 -29.15
CA GLN HA 191 9.46 82.74 -30.48
C GLN HA 191 9.31 83.85 -31.53
N PRO HA 192 8.85 85.07 -31.22
CA PRO HA 192 8.98 86.14 -32.24
C PRO HA 192 10.42 86.51 -32.57
N LEU HA 193 11.36 86.34 -31.64
CA LEU HA 193 12.75 86.63 -31.98
C LEU HA 193 13.36 85.55 -32.85
N LEU HA 194 12.91 84.30 -32.67
CA LEU HA 194 13.47 83.20 -33.45
C LEU HA 194 13.00 83.27 -34.89
N ARG HA 195 11.70 83.45 -35.10
CA ARG HA 195 11.15 83.44 -36.45
C ARG HA 195 11.52 84.66 -37.25
N GLU HA 196 11.88 85.77 -36.59
CA GLU HA 196 12.24 86.98 -37.31
C GLU HA 196 13.59 86.82 -38.01
N VAL HA 197 14.55 86.20 -37.33
CA VAL HA 197 15.86 86.00 -37.92
C VAL HA 197 15.82 84.89 -38.96
N LEU HA 198 15.08 83.83 -38.69
CA LEU HA 198 15.06 82.68 -39.59
C LEU HA 198 14.33 82.97 -40.89
N GLU HA 199 13.29 83.80 -40.84
CA GLU HA 199 12.63 84.21 -42.08
C GLU HA 199 13.46 85.22 -42.86
N LYS HA 200 14.36 85.94 -42.19
CA LYS HA 200 15.29 86.81 -42.91
C LYS HA 200 16.44 86.01 -43.50
N GLN HA 201 17.09 85.18 -42.67
CA GLN HA 201 18.17 84.31 -43.10
C GLN HA 201 17.84 82.89 -42.69
N PRO HA 202 17.65 81.97 -43.62
CA PRO HA 202 17.18 80.63 -43.24
C PRO HA 202 18.22 79.79 -42.51
N VAL HA 203 19.47 79.83 -42.94
CA VAL HA 203 20.52 79.02 -42.34
C VAL HA 203 21.30 79.87 -41.35
N LEU HA 204 21.90 79.20 -40.38
CA LEU HA 204 22.71 79.88 -39.37
C LEU HA 204 23.95 79.05 -39.09
N SER HA 205 25.02 79.72 -38.67
CA SER HA 205 26.20 79.03 -38.21
C SER HA 205 26.03 78.68 -36.74
N GLN HA 206 27.07 78.10 -36.14
CA GLN HA 206 26.97 77.70 -34.74
C GLN HA 206 27.13 78.90 -33.82
N THR HA 207 28.03 79.82 -34.14
CA THR HA 207 28.26 80.98 -33.28
C THR HA 207 27.11 81.97 -33.38
N GLU HA 208 26.47 82.07 -34.55
CA GLU HA 208 25.31 82.94 -34.69
C GLU HA 208 24.12 82.40 -33.89
N ALA HA 209 23.93 81.08 -33.90
CA ALA HA 209 22.81 80.50 -33.17
C ALA HA 209 23.04 80.52 -31.67
N ARG HA 210 24.30 80.35 -31.23
CA ARG HA 210 24.56 80.30 -29.80
C ARG HA 210 24.42 81.68 -29.17
N ASP HA 211 24.83 82.72 -29.88
CA ASP HA 211 24.66 84.08 -29.38
C ASP HA 211 23.19 84.49 -29.36
N LEU HA 212 22.41 83.99 -30.31
CA LEU HA 212 21.02 84.41 -30.40
C LEU HA 212 20.17 83.80 -29.29
N VAL HA 213 20.58 82.63 -28.78
CA VAL HA 213 19.87 82.03 -27.66
C VAL HA 213 20.12 82.82 -26.38
N GLU HA 214 21.35 83.30 -26.20
CA GLU HA 214 21.71 84.08 -25.01
C GLU HA 214 20.96 85.40 -24.96
N ARG HA 215 20.58 85.94 -26.11
CA ARG HA 215 19.77 87.15 -26.14
C ARG HA 215 18.35 86.84 -25.73
N CYS HA 216 17.82 85.70 -26.17
CA CYS HA 216 16.44 85.33 -25.83
C CYS HA 216 16.32 84.92 -24.37
N MET HA 217 17.35 84.25 -23.84
CA MET HA 217 17.36 83.91 -22.43
C MET HA 217 17.50 85.15 -21.55
N ARG HA 218 18.11 86.20 -22.07
CA ARG HA 218 18.15 87.47 -21.35
C ARG HA 218 16.77 88.07 -21.24
N VAL HA 219 16.00 88.05 -22.33
CA VAL HA 219 14.67 88.65 -22.36
C VAL HA 219 13.72 87.89 -21.46
N LEU HA 220 13.84 86.56 -21.43
CA LEU HA 220 13.02 85.76 -20.52
C LEU HA 220 13.39 85.99 -19.07
N TYR HA 221 14.59 86.47 -18.78
CA TYR HA 221 14.91 86.80 -17.39
C TYR HA 221 14.21 88.08 -16.95
N TYR HA 222 13.93 88.98 -17.87
CA TYR HA 222 13.22 90.21 -17.51
C TYR HA 222 11.73 89.97 -17.30
N ARG HA 223 11.07 89.41 -18.31
CA ARG HA 223 9.61 89.45 -18.37
C ARG HA 223 8.92 88.23 -17.80
N ASP HA 224 9.62 87.14 -17.54
CA ASP HA 224 8.99 85.99 -16.92
C ASP HA 224 9.12 86.09 -15.42
N ALA HA 225 8.00 85.89 -14.72
CA ALA HA 225 7.99 86.02 -13.28
C ALA HA 225 8.65 84.86 -12.57
N ARG HA 226 8.83 83.73 -13.24
CA ARG HA 226 9.31 82.51 -12.61
C ARG HA 226 10.53 81.97 -13.35
N SER HA 227 11.48 82.86 -13.64
CA SER HA 227 12.74 82.50 -14.26
C SER HA 227 13.87 82.69 -13.25
N TYR HA 228 15.09 82.39 -13.70
CA TYR HA 228 16.23 82.39 -12.80
C TYR HA 228 17.51 82.60 -13.61
N ASN HA 229 18.47 83.27 -13.00
CA ASN HA 229 19.68 83.68 -13.71
C ASN HA 229 20.78 82.63 -13.63
N ARG HA 230 20.44 81.40 -14.03
CA ARG HA 230 21.40 80.31 -14.03
C ARG HA 230 20.87 79.25 -14.98
N PHE HA 231 21.52 79.10 -16.13
CA PHE HA 231 21.03 78.22 -17.16
C PHE HA 231 22.18 77.45 -17.76
N GLN HA 232 21.85 76.41 -18.50
CA GLN HA 232 22.83 75.56 -19.13
C GLN HA 232 22.44 75.31 -20.58
N ILE HA 233 23.46 75.21 -21.43
CA ILE HA 233 23.29 75.12 -22.87
C ILE HA 233 23.82 73.78 -23.35
N ALA HA 234 22.98 73.04 -24.06
CA ALA HA 234 23.34 71.73 -24.56
C ALA HA 234 23.28 71.72 -26.08
N THR HA 235 24.25 71.07 -26.71
CA THR HA 235 24.43 71.17 -28.16
C THR HA 235 24.84 69.82 -28.73
N VAL HA 236 24.11 69.37 -29.74
CA VAL HA 236 24.49 68.18 -30.48
C VAL HA 236 25.25 68.60 -31.73
N THR HA 237 26.23 67.78 -32.09
CA THR HA 237 26.98 67.94 -33.34
C THR HA 237 27.10 66.56 -33.95
N GLU HA 238 27.96 66.44 -34.96
CA GLU HA 238 28.38 65.12 -35.41
C GLU HA 238 29.41 64.51 -34.47
N LYS HA 239 30.00 65.31 -33.58
CA LYS HA 239 30.97 64.81 -32.62
C LYS HA 239 30.32 64.28 -31.35
N GLY HA 240 29.02 64.52 -31.15
CA GLY HA 240 28.33 63.99 -30.01
C GLY HA 240 27.53 65.06 -29.30
N VAL HA 241 27.19 64.78 -28.04
CA VAL HA 241 26.37 65.66 -27.22
C VAL HA 241 27.25 66.29 -26.16
N GLU HA 242 27.22 67.62 -26.07
CA GLU HA 242 28.00 68.36 -25.08
C GLU HA 242 27.10 69.33 -24.35
N ILE HA 243 27.21 69.36 -23.02
CA ILE HA 243 26.37 70.19 -22.17
C ILE HA 243 27.27 71.19 -21.46
N GLU HA 244 26.96 72.47 -21.60
CA GLU HA 244 27.74 73.50 -20.94
C GLU HA 244 27.25 73.69 -19.50
N GLY HA 245 27.96 74.52 -18.75
CA GLY HA 245 27.74 74.65 -17.33
C GLY HA 245 26.71 75.69 -16.96
N PRO HA 246 26.66 76.05 -15.66
CA PRO HA 246 25.65 77.01 -15.20
C PRO HA 246 25.97 78.43 -15.60
N LEU HA 247 25.60 78.80 -16.82
CA LEU HA 247 25.89 80.13 -17.32
C LEU HA 247 24.87 81.13 -16.81
N SER HA 248 25.19 82.41 -16.97
CA SER HA 248 24.33 83.48 -16.48
C SER HA 248 24.35 84.61 -17.50
N THR HA 249 23.38 85.52 -17.36
CA THR HA 249 23.23 86.65 -18.25
C THR HA 249 23.79 87.91 -17.60
N GLU HA 250 23.68 89.01 -18.34
CA GLU HA 250 24.10 90.33 -17.86
C GLU HA 250 22.96 91.29 -18.13
N THR HA 251 22.34 91.79 -17.08
CA THR HA 251 21.16 92.61 -17.20
C THR HA 251 21.53 94.08 -17.39
N ASN HA 252 20.53 94.89 -17.74
CA ASN HA 252 20.69 96.33 -17.88
C ASN HA 252 19.58 96.98 -17.08
N TRP HA 253 19.95 97.90 -16.19
CA TRP HA 253 18.99 98.57 -15.33
C TRP HA 253 19.14 100.08 -15.40
N ASP HA 254 19.52 100.60 -16.56
CA ASP HA 254 19.73 102.04 -16.71
C ASP HA 254 18.42 102.81 -16.79
N ILE HA 255 17.30 102.14 -17.08
CA ILE HA 255 16.01 102.82 -17.14
C ILE HA 255 15.38 103.02 -15.78
N ALA HA 256 16.03 102.54 -14.71
CA ALA HA 256 15.46 102.71 -13.37
C ALA HA 256 15.59 104.14 -12.89
N HIS HA 257 16.55 104.90 -13.42
CA HIS HA 257 16.68 106.31 -13.06
C HIS HA 257 15.60 107.16 -13.71
N MET HA 258 15.05 106.70 -14.84
CA MET HA 258 13.95 107.39 -15.49
C MET HA 258 12.68 107.12 -14.68
N ILE HA 259 12.14 108.17 -14.07
CA ILE HA 259 10.95 108.03 -13.24
C ILE HA 259 9.71 107.84 -14.11
N SER IA 4 -34.11 157.13 -6.53
CA SER IA 4 -35.50 156.88 -6.20
C SER IA 4 -35.72 155.44 -5.81
N SER IA 5 -36.88 155.16 -5.21
CA SER IA 5 -37.27 153.81 -4.84
C SER IA 5 -38.42 153.34 -5.72
N ALA IA 6 -38.37 152.08 -6.12
CA ALA IA 6 -39.38 151.49 -6.99
C ALA IA 6 -39.46 150.00 -6.70
N GLY IA 7 -40.63 149.55 -6.23
CA GLY IA 7 -40.79 148.17 -5.82
C GLY IA 7 -40.03 147.89 -4.54
N PHE IA 8 -38.95 147.14 -4.65
CA PHE IA 8 -38.05 146.88 -3.53
C PHE IA 8 -36.60 146.99 -3.97
N ASP IA 9 -36.30 148.04 -4.75
CA ASP IA 9 -34.96 148.20 -5.30
C ASP IA 9 -33.94 148.55 -4.23
N ARG IA 10 -34.37 149.23 -3.17
CA ARG IA 10 -33.46 149.60 -2.09
C ARG IA 10 -33.18 148.45 -1.14
N HIS IA 11 -33.86 147.32 -1.28
CA HIS IA 11 -33.81 146.26 -0.29
C HIS IA 11 -33.16 144.99 -0.80
N ILE IA 12 -33.58 144.48 -1.95
CA ILE IA 12 -33.02 143.24 -2.47
C ILE IA 12 -32.34 143.49 -3.80
N THR IA 13 -31.77 142.45 -4.40
CA THR IA 13 -30.98 142.58 -5.62
C THR IA 13 -31.91 142.49 -6.83
N ILE IA 14 -32.56 143.61 -7.12
CA ILE IA 14 -33.31 143.79 -8.35
C ILE IA 14 -32.84 145.08 -9.01
N PHE IA 15 -33.35 145.35 -10.21
CA PHE IA 15 -32.89 146.49 -10.99
C PHE IA 15 -33.66 147.75 -10.61
N SER IA 16 -32.95 148.87 -10.65
CA SER IA 16 -33.57 150.18 -10.52
C SER IA 16 -34.22 150.55 -11.85
N PRO IA 17 -35.06 151.59 -11.88
CA PRO IA 17 -35.48 152.12 -13.17
C PRO IA 17 -34.35 152.70 -14.00
N GLU IA 18 -33.30 153.21 -13.35
CA GLU IA 18 -32.15 153.72 -14.07
C GLU IA 18 -31.25 152.63 -14.60
N GLY IA 19 -31.42 151.39 -14.16
CA GLY IA 19 -30.53 150.31 -14.53
C GLY IA 19 -29.51 149.95 -13.47
N ARG IA 20 -29.44 150.71 -12.37
CA ARG IA 20 -28.57 150.38 -11.27
C ARG IA 20 -29.13 149.21 -10.46
N LEU IA 21 -28.35 148.79 -9.47
CA LEU IA 21 -28.85 147.96 -8.39
C LEU IA 21 -28.03 148.30 -7.16
N TYR IA 22 -28.74 148.68 -6.09
CA TYR IA 22 -28.11 149.46 -5.02
C TYR IA 22 -27.43 148.62 -3.97
N GLN IA 23 -27.84 147.37 -3.77
CA GLN IA 23 -27.28 146.56 -2.69
C GLN IA 23 -25.81 146.24 -2.90
N VAL IA 24 -25.38 146.09 -4.15
CA VAL IA 24 -23.97 145.86 -4.40
C VAL IA 24 -23.18 147.14 -4.23
N GLU IA 25 -23.71 148.27 -4.68
CA GLU IA 25 -22.98 149.50 -4.44
C GLU IA 25 -23.19 150.05 -3.04
N TYR IA 26 -24.05 149.42 -2.23
CA TYR IA 26 -23.97 149.60 -0.80
C TYR IA 26 -22.87 148.77 -0.19
N ALA IA 27 -22.47 147.69 -0.86
CA ALA IA 27 -21.45 146.80 -0.33
C ALA IA 27 -20.04 147.30 -0.57
N PHE IA 28 -19.84 148.24 -1.50
CA PHE IA 28 -18.49 148.74 -1.74
C PHE IA 28 -18.02 149.63 -0.61
N LYS IA 29 -18.92 150.37 0.01
CA LYS IA 29 -18.58 151.12 1.21
C LYS IA 29 -18.85 150.33 2.47
N ALA IA 30 -19.14 149.04 2.34
CA ALA IA 30 -19.09 148.17 3.50
C ALA IA 30 -17.68 147.77 3.85
N ILE IA 31 -16.74 147.90 2.91
CA ILE IA 31 -15.33 147.66 3.21
C ILE IA 31 -14.80 148.76 4.12
N ASN IA 32 -15.24 149.99 3.90
CA ASN IA 32 -14.59 151.17 4.47
C ASN IA 32 -14.76 151.32 5.98
N GLN IA 33 -15.64 150.55 6.62
CA GLN IA 33 -15.72 150.61 8.07
C GLN IA 33 -14.61 149.84 8.76
N GLY IA 34 -13.77 149.13 8.02
CA GLY IA 34 -12.64 148.47 8.64
C GLY IA 34 -11.57 149.42 9.13
N GLY IA 35 -11.43 150.58 8.47
CA GLY IA 35 -10.41 151.54 8.83
C GLY IA 35 -9.03 151.01 8.57
N LEU IA 36 -8.74 150.68 7.31
CA LEU IA 36 -7.54 149.94 6.98
C LEU IA 36 -7.24 150.16 5.51
N THR IA 37 -5.95 150.06 5.15
CA THR IA 37 -5.53 150.26 3.77
C THR IA 37 -4.44 149.26 3.44
N SER IA 38 -4.63 148.52 2.34
CA SER IA 38 -3.67 147.54 1.87
C SER IA 38 -3.10 148.00 0.53
N VAL IA 39 -1.83 147.72 0.30
CA VAL IA 39 -1.13 148.14 -0.92
C VAL IA 39 -0.43 146.93 -1.52
N ALA IA 40 -0.62 146.72 -2.82
CA ALA IA 40 0.08 145.69 -3.58
C ALA IA 40 0.92 146.33 -4.67
N VAL IA 41 2.16 145.88 -4.83
CA VAL IA 41 3.07 146.37 -5.87
C VAL IA 41 3.78 145.18 -6.50
N ARG IA 42 3.67 145.04 -7.81
CA ARG IA 42 4.39 144.02 -8.56
C ARG IA 42 5.58 144.63 -9.26
N GLY IA 43 6.73 143.96 -9.19
CA GLY IA 43 7.92 144.43 -9.86
C GLY IA 43 8.39 143.56 -11.00
N LYS IA 44 9.69 143.59 -11.28
CA LYS IA 44 10.22 142.82 -12.40
C LYS IA 44 10.31 141.35 -12.06
N ASP IA 45 10.70 141.03 -10.82
CA ASP IA 45 10.80 139.63 -10.42
C ASP IA 45 10.27 139.40 -9.01
N CYS IA 46 9.44 140.31 -8.49
CA CYS IA 46 8.94 140.16 -7.14
C CYS IA 46 7.61 140.88 -7.00
N ALA IA 47 6.83 140.46 -6.00
CA ALA IA 47 5.55 141.06 -5.68
C ALA IA 47 5.46 141.25 -4.17
N VAL IA 48 5.00 142.42 -3.74
CA VAL IA 48 5.04 142.81 -2.33
C VAL IA 48 3.65 143.24 -1.90
N ILE IA 49 3.16 142.64 -0.82
CA ILE IA 49 1.98 143.10 -0.11
C ILE IA 49 2.44 143.85 1.12
N VAL IA 50 1.79 144.98 1.43
CA VAL IA 50 2.08 145.72 2.65
C VAL IA 50 0.78 146.27 3.21
N THR IA 51 0.58 146.09 4.52
CA THR IA 51 -0.67 146.48 5.19
C THR IA 51 -0.35 146.73 6.65
N GLN IA 52 -0.86 147.83 7.20
CA GLN IA 52 -0.68 148.10 8.61
C GLN IA 52 -1.68 147.29 9.44
N LYS IA 53 -1.54 147.36 10.75
CA LYS IA 53 -2.58 146.90 11.66
C LYS IA 53 -2.70 147.88 12.81
N LYS IA 54 -3.85 147.85 13.46
CA LYS IA 54 -4.11 148.66 14.65
C LYS IA 54 -4.35 147.74 15.83
N VAL IA 55 -3.51 147.84 16.84
CA VAL IA 55 -3.69 147.05 18.06
C VAL IA 55 -4.05 148.02 19.17
N PRO IA 56 -5.33 148.22 19.47
CA PRO IA 56 -5.73 149.24 20.46
C PRO IA 56 -5.56 148.81 21.90
N ASP IA 57 -5.31 147.54 22.19
CA ASP IA 57 -5.26 147.06 23.55
C ASP IA 57 -3.94 146.35 23.82
N LYS IA 58 -3.43 146.53 25.03
CA LYS IA 58 -2.28 145.75 25.47
C LYS IA 58 -2.67 144.33 25.83
N LEU IA 59 -3.93 144.09 26.17
CA LEU IA 59 -4.41 142.74 26.44
C LEU IA 59 -4.68 141.96 25.17
N LEU IA 60 -4.79 142.65 24.04
CA LEU IA 60 -5.01 141.98 22.77
C LEU IA 60 -3.68 141.46 22.24
N ASP IA 61 -3.72 140.27 21.64
CA ASP IA 61 -2.48 139.58 21.27
C ASP IA 61 -1.85 140.21 20.03
N SER IA 62 -0.73 139.65 19.61
CA SER IA 62 0.00 140.17 18.47
C SER IA 62 -0.05 139.28 17.25
N SER IA 63 -0.03 137.97 17.44
CA SER IA 63 0.02 137.04 16.32
C SER IA 63 -1.34 136.76 15.70
N THR IA 64 -2.42 137.12 16.38
CA THR IA 64 -3.77 136.77 15.94
C THR IA 64 -4.48 137.94 15.26
N VAL IA 65 -3.74 138.85 14.65
CA VAL IA 65 -4.31 140.08 14.11
C VAL IA 65 -4.09 140.10 12.60
N THR IA 66 -3.04 139.42 12.15
CA THR IA 66 -2.48 139.63 10.82
C THR IA 66 -3.41 139.13 9.72
N HIS IA 67 -3.70 140.01 8.77
CA HIS IA 67 -4.57 139.70 7.64
C HIS IA 67 -3.87 138.93 6.53
N LEU IA 68 -2.56 138.77 6.60
CA LEU IA 68 -1.86 138.00 5.59
C LEU IA 68 -2.17 136.52 5.77
N PHE IA 69 -2.79 135.93 4.76
CA PHE IA 69 -3.31 134.58 4.85
C PHE IA 69 -2.68 133.72 3.77
N LYS IA 70 -1.87 132.76 4.18
CA LYS IA 70 -1.22 131.85 3.26
C LYS IA 70 -2.24 130.87 2.70
N ILE IA 71 -2.57 131.02 1.42
CA ILE IA 71 -3.54 130.11 0.81
C ILE IA 71 -2.87 128.78 0.50
N THR IA 72 -1.85 128.81 -0.35
CA THR IA 72 -1.12 127.60 -0.71
C THR IA 72 0.36 127.93 -0.47
N GLU IA 73 1.27 127.04 -0.85
CA GLU IA 73 2.69 127.29 -0.63
C GLU IA 73 3.24 128.41 -1.51
N ASN IA 74 2.57 128.71 -2.62
CA ASN IA 74 3.04 129.72 -3.54
C ASN IA 74 2.10 130.91 -3.67
N ILE IA 75 0.96 130.90 -2.99
CA ILE IA 75 -0.04 131.95 -3.13
C ILE IA 75 -0.41 132.44 -1.75
N GLY IA 76 -0.15 133.73 -1.49
CA GLY IA 76 -0.64 134.39 -0.31
C GLY IA 76 -1.66 135.45 -0.69
N CYS IA 77 -2.35 135.96 0.33
CA CYS IA 77 -3.37 136.96 0.08
C CYS IA 77 -3.50 137.87 1.29
N VAL IA 78 -4.19 138.98 1.07
CA VAL IA 78 -4.51 139.94 2.13
C VAL IA 78 -6.00 140.25 2.02
N MET IA 79 -6.62 140.58 3.15
CA MET IA 79 -8.05 140.78 3.22
C MET IA 79 -8.36 142.16 3.77
N THR IA 80 -9.35 142.81 3.18
CA THR IA 80 -9.89 144.05 3.72
C THR IA 80 -11.38 143.84 4.00
N GLY IA 81 -12.05 144.92 4.37
CA GLY IA 81 -13.45 144.82 4.71
C GLY IA 81 -13.64 144.30 6.12
N MET IA 82 -14.85 143.81 6.38
CA MET IA 82 -15.13 143.29 7.70
C MET IA 82 -14.52 141.90 7.88
N THR IA 83 -14.28 141.54 9.13
CA THR IA 83 -13.39 140.43 9.44
C THR IA 83 -14.06 139.08 9.21
N ALA IA 84 -15.32 138.94 9.65
CA ALA IA 84 -16.01 137.66 9.56
C ALA IA 84 -16.28 137.25 8.12
N ASP IA 85 -16.62 138.22 7.27
CA ASP IA 85 -16.80 137.89 5.86
C ASP IA 85 -15.46 137.62 5.18
N SER IA 86 -14.38 138.21 5.69
CA SER IA 86 -13.08 138.01 5.07
C SER IA 86 -12.55 136.61 5.33
N ARG IA 87 -12.75 136.09 6.55
CA ARG IA 87 -12.19 134.79 6.90
C ARG IA 87 -12.95 133.67 6.23
N SER IA 88 -14.27 133.79 6.12
CA SER IA 88 -15.06 132.77 5.44
C SER IA 88 -14.77 132.74 3.95
N GLN IA 89 -14.31 133.85 3.39
CA GLN IA 89 -13.83 133.88 2.02
C GLN IA 89 -12.59 133.03 1.84
N VAL IA 90 -11.77 132.92 2.89
CA VAL IA 90 -10.46 132.29 2.76
C VAL IA 90 -10.58 130.77 2.67
N GLN IA 91 -11.41 130.16 3.51
CA GLN IA 91 -11.58 128.71 3.43
C GLN IA 91 -12.31 128.28 2.17
N ARG IA 92 -13.06 129.17 1.52
CA ARG IA 92 -13.50 128.88 0.16
C ARG IA 92 -12.32 128.80 -0.79
N ALA IA 93 -11.34 129.68 -0.61
CA ALA IA 93 -10.18 129.68 -1.49
C ALA IA 93 -9.25 128.53 -1.15
N ARG IA 94 -9.15 128.17 0.13
CA ARG IA 94 -8.31 127.04 0.52
C ARG IA 94 -8.89 125.73 0.03
N TYR IA 95 -10.21 125.64 -0.02
CA TYR IA 95 -10.84 124.38 -0.41
C TYR IA 95 -10.73 124.14 -1.90
N GLU IA 96 -10.97 125.16 -2.71
CA GLU IA 96 -10.93 124.97 -4.14
C GLU IA 96 -9.53 124.99 -4.71
N ALA IA 97 -8.54 125.45 -3.95
CA ALA IA 97 -7.16 125.29 -4.38
C ALA IA 97 -6.73 123.84 -4.27
N ALA IA 98 -7.21 123.15 -3.23
CA ALA IA 98 -6.87 121.74 -3.04
C ALA IA 98 -7.60 120.85 -4.04
N ASN IA 99 -8.79 121.26 -4.48
CA ASN IA 99 -9.53 120.46 -5.45
C ASN IA 99 -8.88 120.49 -6.81
N TRP IA 100 -8.14 121.55 -7.11
CA TRP IA 100 -7.38 121.60 -8.35
C TRP IA 100 -6.29 120.56 -8.36
N LYS IA 101 -5.64 120.33 -7.20
CA LYS IA 101 -4.59 119.32 -7.13
C LYS IA 101 -5.16 117.92 -7.27
N TYR IA 102 -6.35 117.69 -6.74
CA TYR IA 102 -6.93 116.37 -6.79
C TYR IA 102 -7.52 116.07 -8.16
N LYS IA 103 -8.15 117.07 -8.79
CA LYS IA 103 -8.77 116.83 -10.07
C LYS IA 103 -7.79 116.92 -11.23
N TYR IA 104 -6.80 117.81 -11.13
CA TYR IA 104 -5.96 118.12 -12.27
C TYR IA 104 -4.48 117.86 -12.04
N GLY IA 105 -4.08 117.49 -10.84
CA GLY IA 105 -2.69 117.11 -10.61
C GLY IA 105 -1.69 118.21 -10.37
N TYR IA 106 -1.57 119.15 -11.30
CA TYR IA 106 -0.58 120.20 -11.20
C TYR IA 106 -1.11 121.35 -10.35
N GLU IA 107 -0.27 122.36 -10.11
CA GLU IA 107 -0.59 123.44 -9.21
C GLU IA 107 -1.45 124.50 -9.91
N ILE IA 108 -2.40 125.06 -9.17
CA ILE IA 108 -3.36 126.02 -9.73
C ILE IA 108 -2.65 127.32 -10.05
N PRO IA 109 -2.97 127.98 -11.16
CA PRO IA 109 -2.47 129.33 -11.40
C PRO IA 109 -3.19 130.34 -10.53
N VAL IA 110 -2.55 131.50 -10.36
CA VAL IA 110 -3.14 132.56 -9.54
C VAL IA 110 -4.31 133.21 -10.27
N ASP IA 111 -4.31 133.16 -11.60
CA ASP IA 111 -5.42 133.74 -12.36
C ASP IA 111 -6.65 132.84 -12.36
N MET IA 112 -6.45 131.52 -12.38
CA MET IA 112 -7.59 130.62 -12.41
C MET IA 112 -8.34 130.61 -11.09
N LEU IA 113 -7.67 131.00 -9.99
CA LEU IA 113 -8.35 131.01 -8.70
C LEU IA 113 -9.32 132.17 -8.61
N CYS IA 114 -8.98 133.32 -9.18
CA CYS IA 114 -9.86 134.46 -9.13
C CYS IA 114 -11.07 134.29 -10.04
N LYS IA 115 -11.00 133.39 -11.02
CA LYS IA 115 -12.21 133.04 -11.75
C LYS IA 115 -13.16 132.26 -10.87
N ARG IA 116 -12.63 131.35 -10.05
CA ARG IA 116 -13.47 130.53 -9.19
C ARG IA 116 -14.12 131.36 -8.10
N ILE IA 117 -13.40 132.34 -7.55
CA ILE IA 117 -13.93 133.13 -6.46
C ILE IA 117 -15.00 134.08 -6.96
N ALA IA 118 -14.74 134.78 -8.07
CA ALA IA 118 -15.67 135.78 -8.56
C ALA IA 118 -16.94 135.15 -9.12
N ASP IA 119 -16.86 133.90 -9.60
CA ASP IA 119 -18.07 133.22 -10.01
C ASP IA 119 -18.90 132.77 -8.81
N ILE IA 120 -18.27 132.51 -7.68
CA ILE IA 120 -19.02 132.25 -6.46
C ILE IA 120 -19.68 133.53 -5.97
N SER IA 121 -18.94 134.63 -5.95
CA SER IA 121 -19.48 135.91 -5.50
C SER IA 121 -20.52 136.47 -6.46
N GLN IA 122 -20.57 135.97 -7.70
CA GLN IA 122 -21.68 136.27 -8.59
C GLN IA 122 -23.00 135.81 -8.00
N VAL IA 123 -23.04 134.56 -7.51
CA VAL IA 123 -24.29 133.91 -7.14
C VAL IA 123 -24.94 134.60 -5.92
N TYR IA 124 -24.12 135.16 -5.03
CA TYR IA 124 -24.61 136.01 -3.95
C TYR IA 124 -25.35 137.22 -4.51
N THR IA 125 -24.78 137.86 -5.53
CA THR IA 125 -25.50 138.92 -6.22
C THR IA 125 -26.64 138.35 -7.05
N GLN IA 126 -26.40 137.21 -7.68
CA GLN IA 126 -27.32 136.71 -8.72
C GLN IA 126 -28.62 136.22 -8.12
N ASN IA 127 -28.54 135.40 -7.07
CA ASN IA 127 -29.72 135.02 -6.30
C ASN IA 127 -30.12 136.18 -5.38
N ALA IA 128 -31.39 136.19 -4.98
CA ALA IA 128 -31.94 137.32 -4.24
C ALA IA 128 -32.36 136.97 -2.82
N GLU IA 129 -31.78 135.94 -2.22
CA GLU IA 129 -32.09 135.59 -0.83
C GLU IA 129 -30.82 135.28 -0.06
N MET IA 130 -29.74 136.01 -0.34
CA MET IA 130 -28.46 135.75 0.28
C MET IA 130 -27.61 137.02 0.19
N ARG IA 131 -26.86 137.28 1.24
CA ARG IA 131 -26.07 138.46 1.58
C ARG IA 131 -24.74 138.46 0.84
N PRO IA 132 -24.35 139.57 0.22
CA PRO IA 132 -23.26 139.52 -0.77
C PRO IA 132 -21.83 139.63 -0.29
N LEU IA 133 -21.56 139.45 1.02
CA LEU IA 133 -20.20 139.24 1.57
C LEU IA 133 -19.27 140.42 1.28
N GLY IA 134 -19.54 141.53 1.96
CA GLY IA 134 -18.79 142.75 1.71
C GLY IA 134 -17.35 142.76 2.20
N CYS IA 135 -16.48 142.00 1.53
CA CYS IA 135 -15.04 142.04 1.76
C CYS IA 135 -14.33 141.93 0.43
N CYS IA 136 -13.08 142.38 0.41
CA CYS IA 136 -12.30 142.41 -0.82
C CYS IA 136 -11.11 141.47 -0.73
N MET IA 137 -10.57 141.13 -1.89
CA MET IA 137 -9.63 140.03 -2.06
C MET IA 137 -8.46 140.53 -2.90
N ILE IA 138 -7.23 140.25 -2.48
CA ILE IA 138 -6.04 140.62 -3.25
C ILE IA 138 -5.08 139.45 -3.22
N LEU IA 139 -4.66 138.97 -4.39
CA LEU IA 139 -3.75 137.83 -4.49
C LEU IA 139 -2.41 138.24 -5.10
N ILE IA 140 -1.40 137.43 -4.83
CA ILE IA 140 -0.12 137.47 -5.51
C ILE IA 140 0.29 136.03 -5.84
N GLY IA 141 1.36 135.90 -6.61
CA GLY IA 141 1.84 134.59 -7.00
C GLY IA 141 2.77 134.66 -8.19
N ILE IA 142 3.54 133.59 -8.35
CA ILE IA 142 4.50 133.45 -9.43
C ILE IA 142 3.98 132.42 -10.41
N ASP IA 143 3.98 132.77 -11.70
CA ASP IA 143 3.60 131.85 -12.75
C ASP IA 143 4.80 131.49 -13.61
N GLU IA 144 4.80 130.27 -14.12
CA GLU IA 144 5.83 129.84 -15.06
C GLU IA 144 5.65 130.56 -16.40
N GLU IA 145 6.76 131.12 -16.90
CA GLU IA 145 6.84 131.87 -18.16
C GLU IA 145 5.92 133.10 -18.18
N GLN IA 146 5.50 133.59 -17.01
CA GLN IA 146 4.69 134.79 -16.91
C GLN IA 146 5.14 135.74 -15.82
N GLY IA 147 6.00 135.32 -14.91
CA GLY IA 147 6.48 136.17 -13.85
C GLY IA 147 5.48 136.34 -12.73
N PRO IA 148 5.64 137.37 -11.92
CA PRO IA 148 4.69 137.63 -10.83
C PRO IA 148 3.38 138.17 -11.36
N GLN IA 149 2.34 138.04 -10.53
CA GLN IA 149 1.02 138.57 -10.83
C GLN IA 149 0.39 139.16 -9.59
N VAL IA 150 -0.54 140.09 -9.82
CA VAL IA 150 -1.34 140.71 -8.77
C VAL IA 150 -2.77 140.79 -9.29
N TYR IA 151 -3.72 140.24 -8.54
CA TYR IA 151 -5.12 140.28 -8.92
C TYR IA 151 -5.97 140.81 -7.77
N LYS IA 152 -7.22 141.10 -8.09
CA LYS IA 152 -8.17 141.59 -7.10
C LYS IA 152 -9.56 141.07 -7.43
N CYS IA 153 -10.22 140.50 -6.43
CA CYS IA 153 -11.61 140.11 -6.58
C CYS IA 153 -12.48 141.07 -5.79
N ASP IA 154 -13.74 141.16 -6.17
CA ASP IA 154 -14.66 142.17 -5.69
C ASP IA 154 -15.96 141.51 -5.27
N PRO IA 155 -16.71 142.13 -4.35
CA PRO IA 155 -18.03 141.57 -4.00
C PRO IA 155 -19.04 141.66 -5.13
N ALA IA 156 -18.83 142.54 -6.10
CA ALA IA 156 -19.62 142.46 -7.33
C ALA IA 156 -19.27 141.23 -8.13
N GLY IA 157 -18.03 140.78 -8.05
CA GLY IA 157 -17.63 139.55 -8.70
C GLY IA 157 -16.88 139.74 -10.00
N TYR IA 158 -15.96 140.69 -10.04
CA TYR IA 158 -15.14 140.86 -11.24
C TYR IA 158 -13.69 141.04 -10.84
N TYR IA 159 -12.79 140.62 -11.73
CA TYR IA 159 -11.38 140.54 -11.47
C TYR IA 159 -10.62 141.12 -12.66
N CYS IA 160 -9.44 141.67 -12.38
CA CYS IA 160 -8.52 142.09 -13.42
C CYS IA 160 -7.12 142.19 -12.83
N GLY IA 161 -6.11 141.97 -13.66
CA GLY IA 161 -4.74 142.08 -13.22
C GLY IA 161 -4.32 143.51 -13.04
N PHE IA 162 -3.18 143.69 -12.38
CA PHE IA 162 -2.66 145.02 -12.11
C PHE IA 162 -1.14 145.00 -12.18
N LYS IA 163 -0.56 146.19 -12.07
CA LYS IA 163 0.88 146.34 -11.88
C LYS IA 163 1.24 146.82 -10.48
N ALA IA 164 0.47 147.75 -9.94
CA ALA IA 164 0.60 148.16 -8.54
C ALA IA 164 -0.72 148.81 -8.15
N THR IA 165 -1.44 148.21 -7.21
CA THR IA 165 -2.78 148.70 -6.91
C THR IA 165 -3.12 148.49 -5.44
N ALA IA 166 -3.56 149.55 -4.80
CA ALA IA 166 -3.92 149.55 -3.39
C ALA IA 166 -5.41 149.26 -3.20
N ALA IA 167 -5.79 149.07 -1.95
CA ALA IA 167 -7.18 148.80 -1.58
C ALA IA 167 -7.39 149.26 -0.15
N GLY IA 168 -8.65 149.19 0.29
CA GLY IA 168 -8.98 149.58 1.64
C GLY IA 168 -9.85 150.82 1.70
N VAL IA 169 -9.31 151.91 2.22
CA VAL IA 169 -10.02 153.17 2.34
C VAL IA 169 -9.49 154.21 1.38
N LYS IA 170 -8.19 154.22 1.16
CA LYS IA 170 -7.49 155.35 0.55
C LYS IA 170 -7.03 155.03 -0.87
N GLN IA 171 -7.91 154.41 -1.67
CA GLN IA 171 -7.56 154.07 -3.05
C GLN IA 171 -7.30 155.32 -3.88
N THR IA 172 -8.17 156.33 -3.74
CA THR IA 172 -8.10 157.49 -4.62
C THR IA 172 -6.87 158.35 -4.35
N GLU IA 173 -6.29 158.24 -3.14
CA GLU IA 173 -5.05 158.94 -2.84
C GLU IA 173 -3.83 158.09 -3.18
N SER IA 174 -3.93 156.78 -3.02
CA SER IA 174 -2.79 155.92 -3.28
C SER IA 174 -2.59 155.70 -4.78
N THR IA 175 -3.68 155.46 -5.52
CA THR IA 175 -3.56 155.25 -6.95
C THR IA 175 -3.17 156.53 -7.67
N SER IA 176 -3.56 157.68 -7.13
CA SER IA 176 -3.07 158.94 -7.66
C SER IA 176 -1.58 159.12 -7.39
N PHE IA 177 -1.08 158.50 -6.32
CA PHE IA 177 0.35 158.53 -6.06
C PHE IA 177 1.09 157.58 -6.97
N LEU IA 178 0.52 156.40 -7.24
CA LEU IA 178 1.25 155.38 -7.98
C LEU IA 178 1.30 155.69 -9.47
N GLU IA 179 0.27 156.36 -10.00
CA GLU IA 179 0.30 156.75 -11.41
C GLU IA 179 1.38 157.79 -11.66
N LYS IA 180 1.63 158.68 -10.70
CA LYS IA 180 2.77 159.57 -10.82
C LYS IA 180 4.09 158.84 -10.57
N LYS IA 181 4.05 157.66 -9.98
CA LYS IA 181 5.24 156.91 -9.62
C LYS IA 181 5.64 155.89 -10.66
N VAL IA 182 4.69 155.16 -11.22
CA VAL IA 182 5.02 154.02 -12.09
C VAL IA 182 5.50 154.50 -13.45
N LYS IA 183 4.73 155.36 -14.11
CA LYS IA 183 4.92 155.60 -15.53
C LYS IA 183 6.13 156.48 -15.86
N LYS IA 184 6.89 156.96 -14.88
CA LYS IA 184 8.07 157.76 -15.21
C LYS IA 184 9.34 156.91 -15.29
N LYS IA 185 9.22 155.78 -16.01
CA LYS IA 185 10.33 154.92 -16.44
C LYS IA 185 11.19 154.44 -15.27
N PHE IA 186 10.54 153.75 -14.33
CA PHE IA 186 11.20 153.26 -13.14
C PHE IA 186 11.60 151.80 -13.34
N ASP IA 187 12.87 151.50 -13.13
CA ASP IA 187 13.36 150.12 -13.13
C ASP IA 187 13.16 149.53 -11.75
N TRP IA 188 12.59 148.33 -11.70
CA TRP IA 188 12.13 147.75 -10.45
C TRP IA 188 13.04 146.59 -10.06
N THR IA 189 13.90 146.82 -9.07
CA THR IA 189 14.64 145.74 -8.44
C THR IA 189 13.79 145.18 -7.30
N PHE IA 190 14.40 144.41 -6.42
CA PHE IA 190 13.68 143.89 -5.26
C PHE IA 190 13.37 145.00 -4.26
N GLU IA 191 14.41 145.67 -3.78
CA GLU IA 191 14.23 146.71 -2.78
C GLU IA 191 13.61 147.97 -3.38
N GLN IA 192 13.65 148.12 -4.70
CA GLN IA 192 12.97 149.23 -5.34
C GLN IA 192 11.46 149.11 -5.18
N THR IA 193 10.95 147.88 -5.23
CA THR IA 193 9.52 147.67 -5.01
C THR IA 193 9.16 147.83 -3.55
N VAL IA 194 10.04 147.41 -2.64
CA VAL IA 194 9.72 147.44 -1.22
C VAL IA 194 9.75 148.87 -0.71
N GLU IA 195 10.74 149.66 -1.14
CA GLU IA 195 10.85 151.03 -0.66
C GLU IA 195 9.69 151.89 -1.14
N THR IA 196 9.19 151.64 -2.34
CA THR IA 196 8.00 152.35 -2.79
C THR IA 196 6.74 151.84 -2.11
N ALA IA 197 6.75 150.60 -1.64
CA ALA IA 197 5.56 150.03 -1.02
C ALA IA 197 5.33 150.63 0.36
N ILE IA 198 6.40 150.96 1.08
CA ILE IA 198 6.25 151.64 2.36
C ILE IA 198 5.96 153.12 2.15
N THR IA 199 6.74 153.78 1.27
CA THR IA 199 6.65 155.22 1.18
C THR IA 199 5.41 155.71 0.45
N CYS IA 200 4.73 154.85 -0.29
CA CYS IA 200 3.40 155.24 -0.78
C CYS IA 200 2.41 155.27 0.37
N LEU IA 201 2.45 154.24 1.22
CA LEU IA 201 1.59 154.21 2.39
C LEU IA 201 2.03 155.22 3.43
N SER IA 202 3.33 155.51 3.50
CA SER IA 202 3.82 156.45 4.50
C SER IA 202 3.53 157.90 4.15
N THR IA 203 3.19 158.19 2.90
CA THR IA 203 2.79 159.55 2.53
C THR IA 203 1.28 159.73 2.52
N VAL IA 204 0.53 158.67 2.26
CA VAL IA 204 -0.93 158.77 2.34
C VAL IA 204 -1.37 158.91 3.79
N LEU IA 205 -0.86 158.06 4.66
CA LEU IA 205 -1.26 158.10 6.06
C LEU IA 205 -0.44 159.09 6.88
N SER IA 206 0.76 159.44 6.41
CA SER IA 206 1.67 160.42 7.04
C SER IA 206 2.02 160.02 8.48
N ILE IA 207 2.71 158.90 8.60
CA ILE IA 207 2.97 158.27 9.89
C ILE IA 207 4.46 158.23 10.22
N ASP IA 208 5.28 157.68 9.32
CA ASP IA 208 6.69 157.34 9.53
C ASP IA 208 6.83 156.42 10.74
N PHE IA 209 6.34 155.21 10.54
CA PHE IA 209 5.92 154.31 11.60
C PHE IA 209 7.08 153.57 12.27
N LYS IA 210 6.77 153.05 13.46
CA LYS IA 210 7.53 152.00 14.10
C LYS IA 210 7.44 150.73 13.26
N PRO IA 211 8.45 149.85 13.31
CA PRO IA 211 8.37 148.61 12.53
C PRO IA 211 7.37 147.56 13.02
N SER IA 212 6.49 147.89 13.96
CA SER IA 212 5.56 146.90 14.49
C SER IA 212 4.20 146.93 13.82
N GLU IA 213 3.76 148.09 13.31
CA GLU IA 213 2.38 148.21 12.85
C GLU IA 213 2.13 147.50 11.52
N ILE IA 214 3.11 147.47 10.64
CA ILE IA 214 2.88 146.98 9.29
C ILE IA 214 3.27 145.51 9.19
N GLU IA 215 2.76 144.85 8.14
CA GLU IA 215 3.20 143.53 7.75
C GLU IA 215 3.56 143.53 6.27
N VAL IA 216 4.52 142.68 5.91
CA VAL IA 216 4.97 142.57 4.53
C VAL IA 216 5.00 141.10 4.13
N GLY IA 217 4.16 140.72 3.18
CA GLY IA 217 4.27 139.43 2.52
C GLY IA 217 5.00 139.63 1.20
N VAL IA 218 5.80 138.64 0.83
CA VAL IA 218 6.68 138.78 -0.32
C VAL IA 218 6.70 137.46 -1.09
N VAL IA 219 6.96 137.56 -2.39
CA VAL IA 219 7.26 136.41 -3.23
C VAL IA 219 8.19 136.91 -4.33
N THR IA 220 9.13 136.04 -4.74
CA THR IA 220 10.22 136.44 -5.61
C THR IA 220 10.55 135.23 -6.49
N VAL IA 221 11.01 135.48 -7.73
CA VAL IA 221 11.50 134.35 -8.48
C VAL IA 221 12.98 134.20 -8.16
N GLU IA 222 13.26 133.80 -6.92
CA GLU IA 222 14.37 132.96 -6.51
C GLU IA 222 13.93 132.01 -5.41
N ASN IA 223 12.86 132.37 -4.70
CA ASN IA 223 12.24 131.52 -3.69
C ASN IA 223 10.75 131.72 -3.88
N PRO IA 224 10.08 130.82 -4.61
CA PRO IA 224 8.65 131.02 -4.93
C PRO IA 224 7.71 130.80 -3.76
N LYS IA 225 8.20 130.41 -2.59
CA LYS IA 225 7.33 130.23 -1.43
C LYS IA 225 6.84 131.57 -0.92
N PHE IA 226 5.57 131.60 -0.52
CA PHE IA 226 5.03 132.79 0.12
C PHE IA 226 5.64 132.96 1.50
N ARG IA 227 6.02 134.19 1.82
CA ARG IA 227 6.87 134.45 2.97
C ARG IA 227 6.45 135.73 3.67
N ILE IA 228 6.21 135.64 4.97
CA ILE IA 228 5.87 136.79 5.80
C ILE IA 228 7.13 137.24 6.52
N LEU IA 229 7.46 138.52 6.40
CA LEU IA 229 8.71 139.02 6.94
C LEU IA 229 8.68 139.10 8.46
N THR IA 230 9.88 139.25 9.02
CA THR IA 230 10.10 139.38 10.45
C THR IA 230 10.40 140.84 10.76
N GLU IA 231 10.07 141.27 11.98
CA GLU IA 231 10.17 142.68 12.35
C GLU IA 231 11.62 143.17 12.34
N ALA IA 232 12.59 142.26 12.49
CA ALA IA 232 13.99 142.63 12.36
C ALA IA 232 14.33 143.04 10.94
N GLU IA 233 13.99 142.20 9.96
CA GLU IA 233 14.28 142.54 8.56
C GLU IA 233 13.31 143.56 8.00
N ILE IA 234 12.13 143.72 8.60
CA ILE IA 234 11.29 144.88 8.30
C ILE IA 234 12.00 146.15 8.74
N ASP IA 235 12.65 146.12 9.90
CA ASP IA 235 13.40 147.28 10.38
C ASP IA 235 14.64 147.53 9.53
N ALA IA 236 15.16 146.48 8.87
CA ALA IA 236 16.28 146.67 7.96
C ALA IA 236 15.89 147.48 6.74
N HIS IA 237 14.75 147.15 6.13
CA HIS IA 237 14.27 147.91 4.99
C HIS IA 237 13.73 149.28 5.40
N LEU IA 238 13.30 149.44 6.64
CA LEU IA 238 12.69 150.70 7.05
C LEU IA 238 13.74 151.79 7.23
N VAL IA 239 14.87 151.45 7.86
CA VAL IA 239 15.96 152.41 7.96
C VAL IA 239 16.75 152.53 6.67
N ALA IA 240 16.52 151.62 5.72
CA ALA IA 240 17.20 151.72 4.43
C ALA IA 240 16.68 152.90 3.63
N LEU IA 241 15.37 153.14 3.67
CA LEU IA 241 14.81 154.33 3.05
C LEU IA 241 14.97 155.57 3.91
N ALA IA 242 15.37 155.41 5.17
CA ALA IA 242 15.74 156.55 5.99
C ALA IA 242 17.20 156.88 5.68
N GLU IA 243 17.40 157.79 4.72
CA GLU IA 243 18.76 158.18 4.35
C GLU IA 243 19.35 159.10 5.41
N GLU JA 2 -31.76 127.26 1.09
CA GLU JA 2 -33.02 127.97 0.92
C GLU JA 2 -34.17 127.23 1.58
N ARG JA 3 -35.39 127.66 1.29
CA ARG JA 3 -36.59 127.12 1.92
C ARG JA 3 -37.57 126.49 0.94
N GLY JA 4 -37.65 126.99 -0.28
CA GLY JA 4 -38.67 126.54 -1.21
C GLY JA 4 -39.72 127.61 -1.47
N TYR JA 5 -39.28 128.86 -1.55
CA TYR JA 5 -40.18 129.96 -1.86
C TYR JA 5 -40.57 129.95 -3.35
N SER JA 6 -39.57 129.94 -4.23
CA SER JA 6 -39.68 129.69 -5.69
C SER JA 6 -40.66 130.61 -6.41
N PHE JA 7 -41.02 131.76 -5.85
CA PHE JA 7 -41.98 132.63 -6.50
C PHE JA 7 -41.26 133.64 -7.39
N SER JA 8 -41.80 133.83 -8.60
CA SER JA 8 -41.20 134.75 -9.55
C SER JA 8 -41.46 136.19 -9.11
N LEU JA 9 -40.41 136.99 -9.09
CA LEU JA 9 -40.50 138.39 -8.73
C LEU JA 9 -40.84 139.29 -9.90
N THR JA 10 -41.06 138.73 -11.09
CA THR JA 10 -41.41 139.49 -12.28
C THR JA 10 -42.84 139.12 -12.68
N THR JA 11 -43.76 140.06 -12.56
CA THR JA 11 -45.15 139.86 -12.93
C THR JA 11 -45.56 140.92 -13.95
N PHE JA 12 -46.79 140.81 -14.45
CA PHE JA 12 -47.27 141.73 -15.46
C PHE JA 12 -47.66 143.06 -14.84
N SER JA 13 -47.56 144.11 -15.64
CA SER JA 13 -48.09 145.41 -15.27
C SER JA 13 -49.59 145.43 -15.49
N PRO JA 14 -50.29 146.38 -14.87
CA PRO JA 14 -51.69 146.62 -15.28
C PRO JA 14 -51.82 147.11 -16.71
N SER JA 15 -50.79 147.78 -17.24
CA SER JA 15 -50.76 148.11 -18.65
C SER JA 15 -50.55 146.89 -19.53
N GLY JA 16 -49.94 145.84 -19.00
CA GLY JA 16 -49.66 144.66 -19.79
C GLY JA 16 -48.23 144.62 -20.28
N LYS JA 17 -47.28 144.92 -19.40
CA LYS JA 17 -45.88 144.88 -19.73
C LYS JA 17 -45.12 144.24 -18.58
N LEU JA 18 -43.85 143.91 -18.83
CA LEU JA 18 -42.97 143.33 -17.83
C LEU JA 18 -41.93 144.37 -17.47
N VAL JA 19 -41.98 144.85 -16.24
CA VAL JA 19 -41.25 146.06 -15.88
C VAL JA 19 -39.77 145.78 -15.67
N GLN JA 20 -39.45 144.65 -15.02
CA GLN JA 20 -38.06 144.35 -14.69
C GLN JA 20 -37.23 144.03 -15.93
N ILE JA 21 -37.86 143.52 -16.97
CA ILE JA 21 -37.15 143.29 -18.21
C ILE JA 21 -36.83 144.61 -18.90
N GLU JA 22 -37.75 145.57 -18.82
CA GLU JA 22 -37.50 146.90 -19.36
C GLU JA 22 -36.42 147.62 -18.58
N TYR JA 23 -36.32 147.37 -17.28
CA TYR JA 23 -35.26 147.99 -16.49
C TYR JA 23 -33.92 147.33 -16.74
N ALA JA 24 -33.90 146.04 -17.09
CA ALA JA 24 -32.65 145.37 -17.39
C ALA JA 24 -32.08 145.84 -18.72
N LEU JA 25 -32.94 146.26 -19.64
CA LEU JA 25 -32.45 146.79 -20.91
C LEU JA 25 -31.82 148.16 -20.74
N ALA JA 26 -32.19 148.87 -19.67
CA ALA JA 26 -31.55 150.15 -19.38
C ALA JA 26 -30.10 149.96 -18.95
N ALA JA 27 -29.82 148.86 -18.26
CA ALA JA 27 -28.44 148.57 -17.88
C ALA JA 27 -27.62 148.12 -19.08
N VAL JA 28 -28.27 147.54 -20.09
CA VAL JA 28 -27.57 147.16 -21.31
C VAL JA 28 -27.17 148.39 -22.10
N ALA JA 29 -28.07 149.38 -22.18
CA ALA JA 29 -27.81 150.60 -22.94
C ALA JA 29 -26.74 151.46 -22.32
N GLY JA 30 -26.46 151.30 -21.03
CA GLY JA 30 -25.38 152.04 -20.40
C GLY JA 30 -24.08 151.27 -20.40
N GLY JA 31 -24.01 150.19 -21.16
CA GLY JA 31 -22.82 149.38 -21.25
C GLY JA 31 -21.80 149.94 -22.22
N ALA JA 32 -20.73 149.19 -22.39
CA ALA JA 32 -19.69 149.60 -23.33
C ALA JA 32 -20.18 149.42 -24.76
N PRO JA 33 -19.82 150.32 -25.67
CA PRO JA 33 -20.29 150.19 -27.05
C PRO JA 33 -19.57 149.08 -27.80
N SER JA 34 -20.27 148.50 -28.76
CA SER JA 34 -19.73 147.42 -29.57
C SER JA 34 -20.46 147.39 -30.90
N VAL JA 35 -19.89 146.66 -31.85
CA VAL JA 35 -20.43 146.59 -33.20
C VAL JA 35 -20.05 145.25 -33.82
N GLY JA 36 -20.90 144.78 -34.74
CA GLY JA 36 -20.64 143.54 -35.45
C GLY JA 36 -21.17 143.59 -36.86
N ILE JA 37 -20.36 143.19 -37.84
CA ILE JA 37 -20.67 143.35 -39.26
C ILE JA 37 -20.41 142.03 -39.98
N LYS JA 38 -21.41 141.56 -40.71
CA LYS JA 38 -21.33 140.34 -41.52
C LYS JA 38 -21.20 140.77 -42.99
N ALA JA 39 -20.02 140.52 -43.58
CA ALA JA 39 -19.78 140.95 -44.96
C ALA JA 39 -19.20 139.80 -45.79
N ALA JA 40 -20.08 138.90 -46.24
CA ALA JA 40 -19.95 138.07 -47.43
C ALA JA 40 -18.83 137.03 -47.46
N ASN JA 41 -17.90 137.07 -46.51
CA ASN JA 41 -16.97 135.96 -46.32
C ASN JA 41 -16.70 135.64 -44.86
N GLY JA 42 -16.90 136.58 -43.95
CA GLY JA 42 -16.72 136.34 -42.53
C GLY JA 42 -17.37 137.47 -41.76
N VAL JA 43 -17.37 137.32 -40.44
CA VAL JA 43 -18.01 138.28 -39.56
C VAL JA 43 -16.93 138.98 -38.74
N VAL JA 44 -17.08 140.28 -38.57
CA VAL JA 44 -16.11 141.09 -37.83
C VAL JA 44 -16.81 141.63 -36.59
N LEU JA 45 -16.23 141.33 -35.43
CA LEU JA 45 -16.71 141.85 -34.15
C LEU JA 45 -15.69 142.81 -33.58
N ALA JA 46 -16.17 143.89 -32.98
CA ALA JA 46 -15.28 144.90 -32.43
C ALA JA 46 -15.93 145.49 -31.18
N THR JA 47 -15.13 145.61 -30.12
CA THR JA 47 -15.58 146.15 -28.85
C THR JA 47 -14.72 147.35 -28.48
N GLU JA 48 -15.03 147.95 -27.33
CA GLU JA 48 -14.47 149.22 -26.92
C GLU JA 48 -14.01 149.08 -25.47
N LYS JA 49 -12.76 148.68 -25.29
CA LYS JA 49 -12.22 148.30 -23.98
C LYS JA 49 -11.36 149.44 -23.45
N LYS JA 50 -11.89 150.16 -22.46
CA LYS JA 50 -11.15 151.24 -21.81
C LYS JA 50 -10.72 150.80 -20.42
N GLN JA 51 -9.42 150.80 -20.18
CA GLN JA 51 -8.91 150.71 -18.82
C GLN JA 51 -9.11 152.07 -18.13
N LYS JA 52 -9.70 152.04 -16.94
CA LYS JA 52 -9.98 153.28 -16.22
C LYS JA 52 -8.74 153.95 -15.66
N SER JA 53 -7.62 153.23 -15.56
CA SER JA 53 -6.39 153.80 -15.05
C SER JA 53 -5.23 153.28 -15.87
N ILE JA 54 -4.05 153.85 -15.63
CA ILE JA 54 -2.83 153.36 -16.28
C ILE JA 54 -2.25 152.15 -15.58
N LEU JA 55 -2.87 151.69 -14.50
CA LEU JA 55 -2.35 150.59 -13.70
C LEU JA 55 -2.93 149.25 -14.09
N TYR JA 56 -3.98 149.22 -14.91
CA TYR JA 56 -4.65 147.98 -15.25
C TYR JA 56 -3.80 147.17 -16.21
N ASP JA 57 -3.98 145.85 -16.17
CA ASP JA 57 -3.38 144.99 -17.17
C ASP JA 57 -4.38 144.72 -18.28
N GLU JA 58 -3.87 144.64 -19.51
CA GLU JA 58 -4.73 144.47 -20.66
C GLU JA 58 -4.77 143.06 -21.21
N ARG JA 59 -3.72 142.27 -20.97
CA ARG JA 59 -3.67 140.89 -21.44
C ARG JA 59 -4.33 139.92 -20.47
N SER JA 60 -5.07 140.41 -19.48
CA SER JA 60 -5.71 139.56 -18.49
C SER JA 60 -7.20 139.36 -18.80
N VAL JA 61 -7.95 140.45 -18.89
CA VAL JA 61 -9.38 140.38 -19.11
C VAL JA 61 -9.65 140.49 -20.59
N HIS JA 62 -10.50 139.60 -21.10
CA HIS JA 62 -10.76 139.49 -22.53
C HIS JA 62 -12.23 139.72 -22.81
N LYS JA 63 -12.51 140.25 -24.00
CA LYS JA 63 -13.87 140.55 -24.43
C LYS JA 63 -14.33 139.69 -25.59
N VAL JA 64 -13.58 139.68 -26.69
CA VAL JA 64 -13.85 138.73 -27.76
C VAL JA 64 -13.48 137.34 -27.25
N GLU JA 65 -14.49 136.47 -27.12
CA GLU JA 65 -14.29 135.21 -26.45
C GLU JA 65 -14.71 134.07 -27.37
N PRO JA 66 -13.87 133.06 -27.59
CA PRO JA 66 -14.27 131.94 -28.42
C PRO JA 66 -15.14 130.94 -27.66
N ILE JA 67 -16.02 130.29 -28.39
CA ILE JA 67 -16.83 129.21 -27.87
C ILE JA 67 -16.43 127.87 -28.48
N THR JA 68 -16.30 127.82 -29.80
CA THR JA 68 -15.78 126.64 -30.48
C THR JA 68 -14.65 127.17 -31.35
N LYS JA 69 -14.10 126.36 -32.25
CA LYS JA 69 -13.09 126.83 -33.18
C LYS JA 69 -13.67 127.64 -34.34
N HIS JA 70 -14.99 127.78 -34.40
CA HIS JA 70 -15.63 128.55 -35.45
C HIS JA 70 -16.72 129.47 -34.92
N ILE JA 71 -16.85 129.63 -33.60
CA ILE JA 71 -17.93 130.40 -32.99
C ILE JA 71 -17.33 131.36 -31.97
N GLY JA 72 -17.54 132.66 -32.18
CA GLY JA 72 -17.13 133.67 -31.23
C GLY JA 72 -18.33 134.44 -30.69
N LEU JA 73 -18.08 135.25 -29.67
CA LEU JA 73 -19.17 135.82 -28.90
C LEU JA 73 -18.67 137.04 -28.12
N VAL JA 74 -19.35 138.17 -28.29
CA VAL JA 74 -19.05 139.38 -27.51
C VAL JA 74 -20.31 139.85 -26.81
N TYR JA 75 -20.24 140.96 -26.09
CA TYR JA 75 -21.37 141.41 -25.30
C TYR JA 75 -21.35 142.92 -25.15
N SER JA 76 -22.42 143.43 -24.56
CA SER JA 76 -22.52 144.83 -24.14
C SER JA 76 -23.48 144.86 -22.97
N GLY JA 77 -22.96 145.08 -21.78
CA GLY JA 77 -23.76 144.99 -20.58
C GLY JA 77 -22.90 145.08 -19.34
N MET JA 78 -23.09 144.18 -18.39
CA MET JA 78 -22.27 144.15 -17.19
C MET JA 78 -21.33 142.95 -17.22
N GLY JA 79 -20.13 143.17 -16.73
CA GLY JA 79 -19.03 142.22 -16.76
C GLY JA 79 -19.24 140.86 -16.10
N PRO JA 80 -19.56 140.82 -14.80
CA PRO JA 80 -19.65 139.52 -14.12
C PRO JA 80 -20.76 138.62 -14.62
N ASP JA 81 -21.89 139.16 -15.05
CA ASP JA 81 -22.96 138.31 -15.57
C ASP JA 81 -22.61 137.72 -16.93
N TYR JA 82 -21.66 138.32 -17.64
CA TYR JA 82 -21.22 137.77 -18.92
C TYR JA 82 -20.52 136.43 -18.73
N ARG JA 83 -19.69 136.31 -17.70
CA ARG JA 83 -18.90 135.11 -17.50
C ARG JA 83 -19.72 133.93 -17.03
N VAL JA 84 -20.96 134.15 -16.61
CA VAL JA 84 -21.82 133.03 -16.23
C VAL JA 84 -22.24 132.25 -17.45
N LEU JA 85 -22.92 132.93 -18.39
CA LEU JA 85 -23.48 132.25 -19.53
C LEU JA 85 -22.45 131.96 -20.62
N VAL JA 86 -21.22 132.43 -20.48
CA VAL JA 86 -20.14 131.89 -21.30
C VAL JA 86 -19.88 130.44 -20.92
N HIS JA 87 -19.58 130.21 -19.63
CA HIS JA 87 -19.32 128.87 -19.13
C HIS JA 87 -20.52 127.95 -19.28
N ARG JA 88 -21.72 128.51 -19.26
CA ARG JA 88 -22.90 127.72 -19.60
C ARG JA 88 -22.89 127.31 -21.07
N ALA JA 89 -22.53 128.24 -21.96
CA ALA JA 89 -22.54 127.94 -23.38
C ALA JA 89 -21.34 127.11 -23.81
N ARG JA 90 -20.23 127.21 -23.07
CA ARG JA 90 -19.09 126.32 -23.30
C ARG JA 90 -19.48 124.86 -23.10
N LYS JA 91 -20.15 124.57 -21.98
CA LYS JA 91 -20.57 123.21 -21.69
C LYS JA 91 -21.68 122.76 -22.63
N LEU JA 92 -22.57 123.68 -23.01
CA LEU JA 92 -23.72 123.33 -23.83
C LEU JA 92 -23.31 122.99 -25.26
N ALA JA 93 -22.19 123.53 -25.72
CA ALA JA 93 -21.67 123.13 -27.02
C ALA JA 93 -21.07 121.73 -27.00
N GLN JA 94 -20.74 121.21 -25.82
CA GLN JA 94 -20.10 119.92 -25.75
C GLN JA 94 -21.11 118.78 -25.82
N GLN JA 95 -22.30 118.94 -25.24
CA GLN JA 95 -23.28 117.88 -25.31
C GLN JA 95 -23.87 117.73 -26.71
N TYR JA 96 -23.77 118.75 -27.54
CA TYR JA 96 -24.05 118.51 -28.96
C TYR JA 96 -22.96 117.65 -29.57
N TYR JA 97 -21.71 117.89 -29.18
CA TYR JA 97 -20.60 117.21 -29.80
C TYR JA 97 -20.42 115.79 -29.25
N LEU JA 98 -20.85 115.55 -28.02
CA LEU JA 98 -20.80 114.19 -27.50
C LEU JA 98 -21.88 113.33 -28.14
N VAL JA 99 -23.03 113.91 -28.45
CA VAL JA 99 -24.11 113.13 -29.06
C VAL JA 99 -23.86 112.98 -30.56
N TYR JA 100 -23.69 114.08 -31.27
CA TYR JA 100 -23.73 114.07 -32.72
C TYR JA 100 -22.37 113.94 -33.37
N GLN JA 101 -21.28 114.11 -32.60
CA GLN JA 101 -19.89 114.01 -33.08
C GLN JA 101 -19.63 114.99 -34.22
N GLU JA 102 -20.10 116.22 -34.05
CA GLU JA 102 -20.13 117.16 -35.15
C GLU JA 102 -20.19 118.55 -34.55
N PRO JA 103 -19.50 119.54 -35.13
CA PRO JA 103 -19.51 120.89 -34.55
C PRO JA 103 -20.88 121.54 -34.67
N ILE JA 104 -21.28 122.21 -33.60
CA ILE JA 104 -22.65 122.69 -33.44
C ILE JA 104 -22.88 123.88 -34.36
N PRO JA 105 -24.02 123.96 -35.06
CA PRO JA 105 -24.30 125.13 -35.88
C PRO JA 105 -24.58 126.36 -35.02
N THR JA 106 -24.36 127.53 -35.63
CA THR JA 106 -24.49 128.78 -34.88
C THR JA 106 -25.95 129.08 -34.56
N ALA JA 107 -26.89 128.63 -35.39
CA ALA JA 107 -28.30 128.81 -35.08
C ALA JA 107 -28.72 127.92 -33.92
N GLN JA 108 -27.98 126.84 -33.67
CA GLN JA 108 -28.41 125.88 -32.66
C GLN JA 108 -28.09 126.35 -31.25
N LEU JA 109 -27.03 127.14 -31.06
CA LEU JA 109 -26.75 127.70 -29.75
C LEU JA 109 -27.81 128.71 -29.36
N VAL JA 110 -28.19 129.57 -30.30
CA VAL JA 110 -29.07 130.68 -30.02
C VAL JA 110 -30.48 130.17 -29.70
N GLN JA 111 -30.84 129.00 -30.24
CA GLN JA 111 -32.03 128.30 -29.74
C GLN JA 111 -31.88 127.92 -28.28
N ARG JA 112 -30.68 127.46 -27.90
CA ARG JA 112 -30.49 126.87 -26.60
C ARG JA 112 -30.03 127.87 -25.55
N VAL JA 113 -29.20 128.84 -25.93
CA VAL JA 113 -28.72 129.84 -24.98
C VAL JA 113 -29.87 130.75 -24.54
N ALA JA 114 -30.72 131.16 -25.49
CA ALA JA 114 -31.86 131.97 -25.14
C ALA JA 114 -32.90 131.19 -24.34
N SER JA 115 -32.97 129.87 -24.55
CA SER JA 115 -33.88 129.05 -23.76
C SER JA 115 -33.43 128.96 -22.30
N VAL JA 116 -32.12 128.98 -22.07
CA VAL JA 116 -31.60 129.15 -20.72
C VAL JA 116 -31.99 130.52 -20.18
N MET JA 117 -31.93 131.52 -21.03
CA MET JA 117 -32.05 132.90 -20.59
C MET JA 117 -33.50 133.31 -20.40
N GLN JA 118 -34.40 132.79 -21.24
CA GLN JA 118 -35.82 133.08 -21.10
C GLN JA 118 -36.43 132.41 -19.88
N GLU JA 119 -36.10 131.13 -19.66
CA GLU JA 119 -36.59 130.41 -18.50
C GLU JA 119 -36.04 131.01 -17.21
N TYR JA 120 -34.87 131.62 -17.27
CA TYR JA 120 -34.26 132.21 -16.09
C TYR JA 120 -35.02 133.44 -15.62
N THR JA 121 -35.71 134.13 -16.52
CA THR JA 121 -36.54 135.25 -16.11
C THR JA 121 -37.85 134.80 -15.48
N GLN JA 122 -38.44 133.74 -16.02
CA GLN JA 122 -39.71 133.24 -15.50
C GLN JA 122 -39.53 132.53 -14.18
N SER JA 123 -38.32 132.05 -13.87
CA SER JA 123 -38.06 131.30 -12.66
C SER JA 123 -38.17 132.19 -11.42
N GLY JA 124 -38.13 131.55 -10.26
CA GLY JA 124 -38.48 132.19 -9.00
C GLY JA 124 -37.30 132.76 -8.26
N GLY JA 125 -37.45 134.01 -7.81
CA GLY JA 125 -36.52 134.59 -6.87
C GLY JA 125 -35.20 135.05 -7.44
N VAL JA 126 -35.11 135.30 -8.74
CA VAL JA 126 -33.90 135.81 -9.37
C VAL JA 126 -34.27 136.96 -10.29
N ARG JA 127 -33.34 137.88 -10.47
CA ARG JA 127 -33.48 138.93 -11.46
C ARG JA 127 -33.07 138.39 -12.82
N PRO JA 128 -33.46 139.06 -13.91
CA PRO JA 128 -32.92 138.69 -15.22
C PRO JA 128 -31.47 139.14 -15.36
N PHE JA 129 -30.85 138.70 -16.45
CA PHE JA 129 -29.50 139.15 -16.76
C PHE JA 129 -29.52 140.59 -17.25
N GLY JA 130 -28.35 141.20 -17.31
CA GLY JA 130 -28.22 142.54 -17.83
C GLY JA 130 -27.23 142.63 -18.97
N VAL JA 131 -27.22 141.59 -19.82
CA VAL JA 131 -26.22 141.44 -20.87
C VAL JA 131 -26.93 141.11 -22.18
N SER JA 132 -26.65 141.87 -23.23
CA SER JA 132 -26.98 141.46 -24.58
C SER JA 132 -25.75 140.88 -25.25
N LEU JA 133 -25.98 140.02 -26.24
CA LEU JA 133 -24.89 139.27 -26.87
C LEU JA 133 -24.84 139.53 -28.36
N LEU JA 134 -23.72 139.15 -28.95
CA LEU JA 134 -23.55 139.10 -30.41
C LEU JA 134 -22.77 137.84 -30.72
N ILE JA 135 -23.36 136.98 -31.54
CA ILE JA 135 -22.80 135.65 -31.81
C ILE JA 135 -22.52 135.54 -33.30
N CYS JA 136 -21.34 134.99 -33.63
CA CYS JA 136 -20.86 134.93 -34.99
C CYS JA 136 -20.37 133.53 -35.30
N GLY JA 137 -20.34 133.20 -36.59
CA GLY JA 137 -19.79 131.93 -37.02
C GLY JA 137 -20.00 131.59 -38.47
N TRP JA 138 -18.97 131.06 -39.12
CA TRP JA 138 -19.07 130.66 -40.52
C TRP JA 138 -19.30 129.15 -40.62
N ASN JA 139 -20.55 128.77 -40.36
CA ASN JA 139 -20.97 127.38 -40.46
C ASN JA 139 -21.58 127.15 -41.83
N GLU JA 140 -21.08 126.12 -42.52
CA GLU JA 140 -21.56 125.67 -43.83
C GLU JA 140 -21.47 126.79 -44.88
N GLY JA 141 -20.26 127.32 -45.02
CA GLY JA 141 -20.00 128.35 -46.02
C GLY JA 141 -20.49 129.73 -45.63
N ARG JA 142 -21.80 129.89 -45.54
CA ARG JA 142 -22.39 131.20 -45.25
C ARG JA 142 -22.19 131.55 -43.79
N PRO JA 143 -21.62 132.71 -43.47
CA PRO JA 143 -21.48 133.11 -42.07
C PRO JA 143 -22.78 133.65 -41.50
N TYR JA 144 -22.81 133.73 -40.17
CA TYR JA 144 -24.01 134.14 -39.45
C TYR JA 144 -23.67 135.18 -38.39
N LEU JA 145 -24.69 135.97 -38.04
CA LEU JA 145 -24.53 137.02 -37.04
C LEU JA 145 -25.86 137.19 -36.32
N PHE JA 146 -25.90 136.80 -35.05
CA PHE JA 146 -27.12 136.79 -34.26
C PHE JA 146 -26.96 137.67 -33.03
N GLN JA 147 -28.07 138.16 -32.51
CA GLN JA 147 -28.08 139.04 -31.35
C GLN JA 147 -29.21 138.63 -30.41
N SER JA 148 -28.86 138.27 -29.18
CA SER JA 148 -29.84 137.98 -28.15
C SER JA 148 -29.97 139.20 -27.24
N ASP JA 149 -30.75 139.07 -26.18
CA ASP JA 149 -31.03 140.18 -25.27
C ASP JA 149 -31.51 139.60 -23.94
N PRO JA 150 -31.58 140.41 -22.87
CA PRO JA 150 -32.14 139.90 -21.60
C PRO JA 150 -33.62 139.57 -21.65
N SER JA 151 -34.37 139.97 -22.68
CA SER JA 151 -35.76 139.58 -22.76
C SER JA 151 -35.95 138.16 -23.29
N GLY JA 152 -34.87 137.45 -23.58
CA GLY JA 152 -34.94 136.11 -24.10
C GLY JA 152 -35.03 136.01 -25.60
N ALA JA 153 -35.32 137.11 -26.29
CA ALA JA 153 -35.52 137.07 -27.73
C ALA JA 153 -34.19 136.98 -28.46
N TYR JA 154 -34.27 136.84 -29.78
CA TYR JA 154 -33.08 136.86 -30.60
C TYR JA 154 -33.44 137.29 -32.01
N PHE JA 155 -32.44 137.81 -32.71
CA PHE JA 155 -32.64 138.36 -34.04
C PHE JA 155 -31.50 137.91 -34.94
N ALA JA 156 -31.43 138.51 -36.12
CA ALA JA 156 -30.42 138.16 -37.12
C ALA JA 156 -30.12 139.42 -37.91
N TRP JA 157 -28.93 139.98 -37.70
CA TRP JA 157 -28.58 141.28 -38.25
C TRP JA 157 -27.51 141.15 -39.32
N LYS JA 158 -27.63 141.99 -40.35
CA LYS JA 158 -26.52 142.18 -41.27
C LYS JA 158 -25.39 142.95 -40.60
N ALA JA 159 -25.74 144.03 -39.91
CA ALA JA 159 -24.80 144.80 -39.12
C ALA JA 159 -25.60 145.58 -38.08
N THR JA 160 -25.11 145.59 -36.84
CA THR JA 160 -25.80 146.25 -35.76
C THR JA 160 -24.79 146.73 -34.73
N ALA JA 161 -25.29 147.42 -33.72
CA ALA JA 161 -24.44 147.97 -32.68
C ALA JA 161 -25.21 148.04 -31.37
N MET JA 162 -24.53 147.72 -30.28
CA MET JA 162 -25.10 147.77 -28.95
C MET JA 162 -24.19 148.59 -28.04
N GLY JA 163 -24.74 149.04 -26.93
CA GLY JA 163 -23.97 149.82 -25.97
C GLY JA 163 -24.40 151.27 -25.90
N LYS JA 164 -23.46 152.18 -25.66
CA LYS JA 164 -23.77 153.59 -25.68
C LYS JA 164 -23.75 154.12 -27.11
N ASN JA 165 -24.64 155.10 -27.37
CA ASN JA 165 -24.84 155.72 -28.68
C ASN JA 165 -25.15 154.67 -29.76
N TYR JA 166 -25.92 153.65 -29.38
CA TYR JA 166 -26.19 152.56 -30.30
C TYR JA 166 -27.17 152.97 -31.38
N VAL JA 167 -27.92 154.05 -31.18
CA VAL JA 167 -28.78 154.55 -32.25
C VAL JA 167 -28.01 155.46 -33.19
N ASN JA 168 -26.92 156.06 -32.71
CA ASN JA 168 -26.10 156.90 -33.58
C ASN JA 168 -25.28 156.05 -34.53
N GLY JA 169 -24.69 154.96 -34.02
CA GLY JA 169 -24.04 154.00 -34.89
C GLY JA 169 -25.02 153.19 -35.72
N LYS JA 170 -26.29 153.17 -35.34
CA LYS JA 170 -27.30 152.51 -36.17
C LYS JA 170 -27.54 153.30 -37.44
N THR JA 171 -27.61 154.62 -37.34
CA THR JA 171 -27.74 155.44 -38.53
C THR JA 171 -26.44 155.48 -39.33
N PHE JA 172 -25.31 155.29 -38.64
CA PHE JA 172 -24.02 155.31 -39.33
C PHE JA 172 -23.85 154.06 -40.19
N LEU JA 173 -24.20 152.89 -39.64
CA LEU JA 173 -24.09 151.65 -40.40
C LEU JA 173 -25.11 151.57 -41.53
N GLU JA 174 -26.22 152.28 -41.41
CA GLU JA 174 -27.22 152.24 -42.49
C GLU JA 174 -26.72 152.98 -43.71
N LYS JA 175 -25.97 154.07 -43.51
CA LYS JA 175 -25.47 154.84 -44.64
C LYS JA 175 -24.14 154.31 -45.15
N ARG JA 176 -23.21 154.00 -44.26
CA ARG JA 176 -21.86 153.62 -44.69
C ARG JA 176 -21.83 152.21 -45.25
N TYR JA 177 -22.46 151.25 -44.59
CA TYR JA 177 -22.42 149.89 -45.07
C TYR JA 177 -23.40 149.70 -46.22
N ASN JA 178 -23.31 148.53 -46.86
CA ASN JA 178 -24.09 148.23 -48.04
C ASN JA 178 -24.39 146.74 -48.05
N GLU JA 179 -24.72 146.22 -49.23
CA GLU JA 179 -25.04 144.81 -49.39
C GLU JA 179 -23.81 143.94 -49.14
N ASP JA 180 -22.77 144.12 -49.94
CA ASP JA 180 -21.60 143.25 -49.88
C ASP JA 180 -20.33 144.07 -49.70
N LEU JA 181 -19.37 143.46 -49.03
CA LEU JA 181 -18.05 144.02 -48.79
C LEU JA 181 -17.06 142.88 -48.78
N GLU JA 182 -15.87 143.13 -48.25
CA GLU JA 182 -14.93 142.08 -47.92
C GLU JA 182 -14.69 142.06 -46.43
N LEU JA 183 -13.83 141.16 -45.99
CA LEU JA 183 -13.48 141.12 -44.57
C LEU JA 183 -12.65 142.33 -44.18
N GLU JA 184 -11.76 142.77 -45.06
CA GLU JA 184 -10.88 143.89 -44.74
C GLU JA 184 -11.62 145.21 -44.78
N ASP JA 185 -12.63 145.33 -45.64
CA ASP JA 185 -13.45 146.54 -45.65
C ASP JA 185 -14.34 146.61 -44.42
N ALA JA 186 -14.75 145.45 -43.92
CA ALA JA 186 -15.64 145.41 -42.76
C ALA JA 186 -14.93 145.87 -41.50
N ILE JA 187 -13.63 145.58 -41.38
CA ILE JA 187 -12.89 146.02 -40.21
C ILE JA 187 -12.69 147.53 -40.26
N HIS JA 188 -12.54 148.08 -41.48
CA HIS JA 188 -12.32 149.51 -41.63
C HIS JA 188 -13.54 150.32 -41.19
N THR JA 189 -14.73 149.84 -41.50
CA THR JA 189 -15.93 150.55 -41.08
C THR JA 189 -16.34 150.21 -39.66
N ALA JA 190 -15.89 149.07 -39.13
CA ALA JA 190 -16.17 148.74 -37.73
C ALA JA 190 -15.37 149.63 -36.80
N ILE JA 191 -14.15 150.00 -37.19
CA ILE JA 191 -13.40 150.96 -36.40
C ILE JA 191 -13.97 152.36 -36.62
N LEU JA 192 -14.52 152.61 -37.81
CA LEU JA 192 -15.08 153.92 -38.13
C LEU JA 192 -16.33 154.20 -37.31
N THR JA 193 -17.11 153.17 -37.00
CA THR JA 193 -18.21 153.36 -36.07
C THR JA 193 -17.78 153.23 -34.61
N LEU JA 194 -16.62 152.64 -34.36
CA LEU JA 194 -16.07 152.66 -33.01
C LEU JA 194 -15.40 153.98 -32.70
N LYS JA 195 -14.77 154.60 -33.71
CA LYS JA 195 -14.21 155.94 -33.55
C LYS JA 195 -15.28 157.01 -33.46
N GLU JA 196 -16.52 156.68 -33.80
CA GLU JA 196 -17.63 157.63 -33.70
C GLU JA 196 -17.90 158.00 -32.25
N SER JA 197 -17.74 157.06 -31.33
CA SER JA 197 -18.17 157.27 -29.95
C SER JA 197 -17.06 157.06 -28.93
N PHE JA 198 -15.83 156.81 -29.36
CA PHE JA 198 -14.75 156.53 -28.42
C PHE JA 198 -14.17 157.82 -27.87
N GLU JA 199 -13.12 157.68 -27.06
CA GLU JA 199 -12.39 158.82 -26.53
C GLU JA 199 -11.35 159.27 -27.56
N GLY JA 200 -10.42 160.12 -27.12
CA GLY JA 200 -9.45 160.72 -28.03
C GLY JA 200 -8.47 159.75 -28.65
N GLN JA 201 -7.59 159.17 -27.84
CA GLN JA 201 -6.59 158.25 -28.36
C GLN JA 201 -7.19 156.88 -28.57
N MET JA 202 -6.90 156.28 -29.72
CA MET JA 202 -7.30 154.90 -30.01
C MET JA 202 -6.04 154.11 -30.32
N THR JA 203 -5.68 153.21 -29.42
CA THR JA 203 -4.46 152.41 -29.54
C THR JA 203 -4.85 150.94 -29.65
N GLU JA 204 -3.85 150.08 -29.56
CA GLU JA 204 -4.06 148.64 -29.58
C GLU JA 204 -4.78 148.13 -28.33
N ASP JA 205 -4.85 148.93 -27.26
CA ASP JA 205 -5.53 148.53 -26.05
C ASP JA 205 -6.88 149.21 -25.87
N ASN JA 206 -7.17 150.23 -26.64
CA ASN JA 206 -8.47 150.88 -26.54
C ASN JA 206 -9.57 150.04 -27.17
N ILE JA 207 -9.23 149.26 -28.20
CA ILE JA 207 -10.19 148.42 -28.90
C ILE JA 207 -9.63 147.00 -28.94
N GLU JA 208 -10.50 146.07 -29.30
CA GLU JA 208 -10.12 144.67 -29.40
C GLU JA 208 -11.07 143.96 -30.34
N VAL JA 209 -10.52 143.32 -31.38
CA VAL JA 209 -11.27 142.89 -32.55
C VAL JA 209 -11.06 141.40 -32.76
N GLY JA 210 -12.16 140.67 -32.95
CA GLY JA 210 -12.11 139.28 -33.36
C GLY JA 210 -12.90 139.08 -34.64
N ILE JA 211 -12.48 138.09 -35.44
CA ILE JA 211 -13.07 137.85 -36.74
C ILE JA 211 -13.41 136.37 -36.90
N CYS JA 212 -14.30 136.09 -37.85
CA CYS JA 212 -14.54 134.74 -38.34
C CYS JA 212 -14.08 134.62 -39.77
N ASN JA 213 -13.57 133.45 -40.12
CA ASN JA 213 -13.36 133.06 -41.49
C ASN JA 213 -14.04 131.72 -41.71
N GLU JA 214 -14.04 131.26 -42.96
CA GLU JA 214 -14.38 129.87 -43.18
C GLU JA 214 -13.23 128.96 -42.76
N ALA JA 215 -12.02 129.52 -42.65
CA ALA JA 215 -10.91 128.82 -42.03
C ALA JA 215 -11.09 128.68 -40.52
N GLY JA 216 -11.97 129.45 -39.91
CA GLY JA 216 -12.25 129.31 -38.51
C GLY JA 216 -12.35 130.62 -37.76
N PHE JA 217 -12.80 130.56 -36.51
CA PHE JA 217 -12.80 131.76 -35.68
C PHE JA 217 -11.38 132.11 -35.26
N ARG JA 218 -11.08 133.40 -35.24
CA ARG JA 218 -9.73 133.87 -34.96
C ARG JA 218 -9.82 135.17 -34.19
N ARG JA 219 -8.97 135.32 -33.20
CA ARG JA 219 -8.88 136.56 -32.45
C ARG JA 219 -7.61 137.31 -32.82
N LEU JA 220 -7.74 138.60 -33.07
CA LEU JA 220 -6.59 139.37 -33.51
C LEU JA 220 -5.73 139.80 -32.33
N THR JA 221 -4.43 139.74 -32.52
CA THR JA 221 -3.45 140.17 -31.54
C THR JA 221 -3.30 141.69 -31.62
N PRO JA 222 -2.81 142.35 -30.56
CA PRO JA 222 -2.65 143.81 -30.62
C PRO JA 222 -1.59 144.30 -31.60
N THR JA 223 -0.75 143.42 -32.15
CA THR JA 223 0.21 143.83 -33.17
C THR JA 223 -0.50 144.26 -34.44
N GLU JA 224 -1.32 143.36 -35.01
CA GLU JA 224 -2.00 143.67 -36.26
C GLU JA 224 -3.09 144.72 -36.09
N VAL JA 225 -3.65 144.85 -34.89
CA VAL JA 225 -4.62 145.92 -34.64
C VAL JA 225 -3.90 147.26 -34.64
N LYS JA 226 -2.69 147.31 -34.10
CA LYS JA 226 -1.85 148.49 -34.26
C LYS JA 226 -1.43 148.67 -35.71
N ASP JA 227 -1.27 147.56 -36.44
CA ASP JA 227 -0.92 147.64 -37.84
C ASP JA 227 -2.10 148.05 -38.70
N TYR JA 228 -3.32 147.64 -38.32
CA TYR JA 228 -4.49 148.06 -39.06
C TYR JA 228 -4.92 149.47 -38.66
N LEU JA 229 -4.37 150.00 -37.57
CA LEU JA 229 -4.70 151.34 -37.10
C LEU JA 229 -4.19 152.43 -38.04
N ALA JA 230 -3.25 152.12 -38.92
CA ALA JA 230 -2.93 153.01 -40.03
C ALA JA 230 -4.15 153.16 -40.93
N ALA JA 231 -4.34 154.38 -41.44
CA ALA JA 231 -5.58 154.84 -42.06
C ALA JA 231 -6.77 154.57 -41.15
N ILE JA 232 -6.75 155.27 -40.01
CA ILE JA 232 -7.68 155.02 -38.92
C ILE JA 232 -9.09 155.42 -39.34
N ALA JA 233 -10.07 154.89 -38.59
CA ALA JA 233 -11.51 154.95 -38.88
C ALA JA 233 -11.82 154.46 -40.29
N SER KA 1 -39.69 137.93 2.92
CA SER KA 1 -40.15 136.56 3.08
C SER KA 1 -41.63 136.44 2.72
N ARG KA 2 -42.46 137.29 3.33
CA ARG KA 2 -43.89 137.28 3.05
C ARG KA 2 -44.40 138.55 2.39
N ARG KA 3 -43.70 139.67 2.55
CA ARG KA 3 -44.15 140.92 1.95
C ARG KA 3 -43.70 141.08 0.51
N TYR KA 4 -42.86 140.18 0.01
CA TYR KA 4 -42.37 140.26 -1.35
C TYR KA 4 -43.21 139.45 -2.33
N ASP KA 5 -44.19 138.69 -1.84
CA ASP KA 5 -45.04 137.91 -2.71
C ASP KA 5 -46.01 138.82 -3.47
N SER KA 6 -46.33 138.43 -4.70
CA SER KA 6 -47.13 139.26 -5.58
C SER KA 6 -48.61 138.88 -5.60
N ARG KA 7 -48.94 137.66 -5.18
CA ARG KA 7 -50.32 137.15 -5.07
C ARG KA 7 -51.05 137.19 -6.42
N THR KA 8 -50.54 136.41 -7.37
CA THR KA 8 -51.15 136.26 -8.68
C THR KA 8 -52.06 135.05 -8.75
N THR KA 9 -52.67 134.69 -7.63
CA THR KA 9 -53.51 133.51 -7.52
C THR KA 9 -54.88 133.82 -6.96
N ILE KA 10 -55.00 134.85 -6.10
CA ILE KA 10 -56.26 135.24 -5.50
C ILE KA 10 -57.18 135.86 -6.55
N PHE KA 11 -58.49 135.60 -6.41
CA PHE KA 11 -59.48 136.23 -7.26
C PHE KA 11 -59.57 137.74 -6.98
N SER KA 12 -60.36 138.42 -7.81
CA SER KA 12 -60.61 139.83 -7.59
C SER KA 12 -61.75 140.01 -6.59
N PRO KA 13 -61.79 141.15 -5.90
CA PRO KA 13 -62.94 141.44 -5.02
C PRO KA 13 -64.25 141.60 -5.77
N GLU KA 14 -64.21 141.86 -7.07
CA GLU KA 14 -65.41 141.78 -7.91
C GLU KA 14 -65.94 140.36 -7.98
N GLY KA 15 -65.06 139.37 -7.86
CA GLY KA 15 -65.45 137.98 -7.93
C GLY KA 15 -64.99 137.34 -9.22
N ARG KA 16 -63.91 137.86 -9.78
CA ARG KA 16 -63.37 137.39 -11.04
C ARG KA 16 -61.86 137.29 -10.90
N LEU KA 17 -61.18 137.07 -12.02
CA LEU KA 17 -59.73 137.04 -11.99
C LEU KA 17 -59.17 138.45 -12.13
N TYR KA 18 -57.89 138.58 -11.83
CA TYR KA 18 -57.24 139.87 -11.70
C TYR KA 18 -55.95 139.97 -12.49
N GLN KA 19 -55.23 138.88 -12.65
CA GLN KA 19 -53.94 138.86 -13.33
C GLN KA 19 -54.05 138.42 -14.78
N VAL KA 20 -54.97 137.50 -15.08
CA VAL KA 20 -55.15 137.00 -16.43
C VAL KA 20 -55.67 138.10 -17.35
N GLU KA 21 -56.54 138.98 -16.82
CA GLU KA 21 -57.06 140.08 -17.62
C GLU KA 21 -55.97 141.08 -17.99
N TYR KA 22 -54.95 141.22 -17.13
CA TYR KA 22 -53.81 142.03 -17.49
C TYR KA 22 -52.98 141.37 -18.58
N ALA KA 23 -52.95 140.03 -18.58
CA ALA KA 23 -52.15 139.31 -19.56
C ALA KA 23 -52.80 139.32 -20.93
N MET KA 24 -54.13 139.19 -20.97
CA MET KA 24 -54.85 139.08 -22.23
C MET KA 24 -54.86 140.37 -23.02
N GLU KA 25 -54.58 141.50 -22.39
CA GLU KA 25 -54.51 142.77 -23.09
C GLU KA 25 -53.15 143.01 -23.74
N ALA KA 26 -52.16 142.19 -23.42
CA ALA KA 26 -50.88 142.28 -24.12
C ALA KA 26 -50.93 141.62 -25.49
N ILE KA 27 -51.87 140.70 -25.69
CA ILE KA 27 -51.96 139.99 -26.97
C ILE KA 27 -52.47 140.92 -28.07
N GLY KA 28 -53.38 141.85 -27.70
CA GLY KA 28 -53.96 142.76 -28.69
C GLY KA 28 -52.94 143.69 -29.33
N HIS KA 29 -51.94 144.10 -28.57
CA HIS KA 29 -50.81 144.83 -29.13
C HIS KA 29 -49.75 143.84 -29.58
N ALA KA 30 -48.87 144.32 -30.48
CA ALA KA 30 -47.69 143.60 -30.97
C ALA KA 30 -48.06 142.28 -31.65
N GLY KA 31 -48.79 142.40 -32.75
CA GLY KA 31 -49.11 141.25 -33.56
C GLY KA 31 -50.52 141.28 -34.12
N THR KA 32 -50.70 140.76 -35.34
CA THR KA 32 -52.02 140.66 -35.96
C THR KA 32 -52.00 139.48 -36.90
N CYS KA 33 -52.84 138.48 -36.64
CA CYS KA 33 -52.87 137.26 -37.41
C CYS KA 33 -54.30 136.75 -37.56
N LEU KA 34 -54.51 135.93 -38.58
CA LEU KA 34 -55.81 135.32 -38.83
C LEU KA 34 -55.62 134.08 -39.70
N GLY KA 35 -56.70 133.33 -39.83
CA GLY KA 35 -56.71 132.15 -40.67
C GLY KA 35 -58.13 131.85 -41.09
N ILE KA 36 -58.29 131.30 -42.29
CA ILE KA 36 -59.60 131.09 -42.88
C ILE KA 36 -59.62 129.78 -43.65
N LEU KA 37 -60.56 128.91 -43.33
CA LEU KA 37 -60.89 127.76 -44.16
C LEU KA 37 -62.39 127.72 -44.41
N ALA KA 38 -62.77 127.27 -45.60
CA ALA KA 38 -64.14 126.81 -45.81
C ALA KA 38 -64.22 125.56 -46.67
N ASN KA 39 -63.13 125.13 -47.29
CA ASN KA 39 -63.07 123.93 -48.12
C ASN KA 39 -61.67 123.35 -47.98
N ASP KA 40 -61.29 122.52 -48.96
CA ASP KA 40 -60.03 121.78 -48.92
C ASP KA 40 -58.83 122.71 -48.97
N GLY KA 41 -58.18 122.87 -47.83
CA GLY KA 41 -57.10 123.82 -47.69
C GLY KA 41 -57.38 124.83 -46.60
N VAL KA 42 -56.32 125.46 -46.09
CA VAL KA 42 -56.46 126.42 -45.00
C VAL KA 42 -55.25 127.36 -45.07
N LEU KA 43 -55.49 128.64 -44.79
CA LEU KA 43 -54.44 129.65 -44.89
C LEU KA 43 -54.13 130.23 -43.51
N LEU KA 44 -53.02 130.95 -43.46
CA LEU KA 44 -52.60 131.70 -42.28
C LEU KA 44 -52.00 133.01 -42.74
N ALA KA 45 -52.41 134.11 -42.11
CA ALA KA 45 -51.91 135.43 -42.43
C ALA KA 45 -51.02 135.93 -41.31
N ALA KA 46 -49.84 136.40 -41.67
CA ALA KA 46 -48.88 136.93 -40.70
C ALA KA 46 -48.59 138.39 -41.02
N GLU KA 47 -47.84 139.04 -40.13
CA GLU KA 47 -47.54 140.46 -40.25
C GLU KA 47 -46.19 140.72 -39.59
N ARG KA 48 -45.29 141.37 -40.32
CA ARG KA 48 -43.99 141.72 -39.78
C ARG KA 48 -44.11 142.94 -38.89
N ARG KA 49 -43.95 142.75 -37.58
CA ARG KA 49 -43.98 143.89 -36.67
C ARG KA 49 -42.70 144.72 -36.79
N ASN KA 50 -41.54 144.07 -36.85
CA ASN KA 50 -40.27 144.74 -37.07
C ASN KA 50 -39.82 144.46 -38.49
N ILE KA 51 -39.78 145.50 -39.32
CA ILE KA 51 -39.49 145.35 -40.74
C ILE KA 51 -38.26 146.18 -41.12
N HIS KA 52 -37.31 146.30 -40.20
CA HIS KA 52 -36.12 147.11 -40.43
C HIS KA 52 -35.22 146.48 -41.49
N LYS KA 53 -34.54 147.33 -42.26
CA LYS KA 53 -33.82 146.93 -43.45
C LYS KA 53 -32.40 146.46 -43.18
N LEU KA 54 -32.07 146.12 -41.94
CA LEU KA 54 -30.76 145.54 -41.64
C LEU KA 54 -30.87 144.14 -41.06
N LEU KA 55 -32.07 143.57 -41.04
CA LEU KA 55 -32.21 142.19 -40.59
C LEU KA 55 -31.73 141.24 -41.67
N ASP KA 56 -31.40 140.01 -41.25
CA ASP KA 56 -30.91 139.01 -42.18
C ASP KA 56 -32.05 138.37 -42.96
N GLU KA 57 -33.13 138.01 -42.26
CA GLU KA 57 -34.22 137.15 -42.78
C GLU KA 57 -33.68 135.87 -43.38
N VAL KA 58 -32.71 135.25 -42.70
CA VAL KA 58 -32.11 134.01 -43.17
C VAL KA 58 -32.66 132.79 -42.47
N PHE KA 59 -33.68 132.96 -41.62
CA PHE KA 59 -34.34 131.81 -41.04
C PHE KA 59 -35.15 131.05 -42.09
N PHE KA 60 -35.67 131.78 -43.08
CA PHE KA 60 -36.49 131.25 -44.18
C PHE KA 60 -37.74 130.54 -43.66
N SER KA 61 -38.20 131.01 -42.51
CA SER KA 61 -39.33 130.52 -41.75
C SER KA 61 -39.52 131.52 -40.62
N GLU KA 62 -40.72 131.54 -40.07
CA GLU KA 62 -41.11 132.69 -39.27
C GLU KA 62 -42.09 132.18 -38.23
N LYS KA 63 -42.96 133.07 -37.73
CA LYS KA 63 -44.09 132.83 -36.83
C LYS KA 63 -44.89 131.58 -37.14
N ILE KA 64 -44.99 131.21 -38.41
CA ILE KA 64 -45.48 129.88 -38.79
C ILE KA 64 -44.48 128.86 -38.29
N TYR KA 65 -44.81 128.12 -37.23
CA TYR KA 65 -43.95 127.08 -36.70
C TYR KA 65 -44.52 125.72 -37.06
N LYS KA 66 -43.86 125.03 -37.98
CA LYS KA 66 -44.27 123.69 -38.40
C LYS KA 66 -43.93 122.71 -37.29
N LEU KA 67 -44.92 122.36 -36.48
CA LEU KA 67 -44.73 121.55 -35.29
C LEU KA 67 -44.96 120.07 -35.53
N ASN KA 68 -45.41 119.71 -36.73
CA ASN KA 68 -45.77 118.33 -37.04
C ASN KA 68 -45.78 118.21 -38.56
N GLU KA 69 -45.93 116.98 -39.05
CA GLU KA 69 -46.10 116.79 -40.49
C GLU KA 69 -47.51 117.12 -40.96
N ASP KA 70 -48.44 117.39 -40.04
CA ASP KA 70 -49.80 117.73 -40.40
C ASP KA 70 -50.29 119.03 -39.78
N MET KA 71 -49.51 119.66 -38.90
CA MET KA 71 -49.98 120.82 -38.17
C MET KA 71 -48.89 121.88 -38.05
N ALA KA 72 -49.34 123.12 -37.88
CA ALA KA 72 -48.47 124.25 -37.57
C ALA KA 72 -49.30 125.28 -36.80
N CYS KA 73 -48.63 126.34 -36.35
CA CYS KA 73 -49.27 127.33 -35.49
C CYS KA 73 -48.77 128.72 -35.82
N SER KA 74 -49.55 129.71 -35.39
CA SER KA 74 -49.21 131.12 -35.57
C SER KA 74 -49.38 131.79 -34.22
N VAL KA 75 -48.31 132.35 -33.69
CA VAL KA 75 -48.29 132.79 -32.30
C VAL KA 75 -48.17 134.31 -32.23
N ALA KA 76 -48.72 134.89 -31.17
CA ALA KA 76 -48.64 136.33 -30.96
C ALA KA 76 -48.67 136.61 -29.47
N GLY KA 77 -47.70 137.39 -28.99
CA GLY KA 77 -47.58 137.70 -27.59
C GLY KA 77 -46.14 138.00 -27.22
N ILE KA 78 -45.70 137.53 -26.06
CA ILE KA 78 -44.29 137.60 -25.72
C ILE KA 78 -43.56 136.57 -26.58
N THR KA 79 -42.45 137.01 -27.20
CA THR KA 79 -41.85 136.24 -28.28
C THR KA 79 -41.21 134.95 -27.78
N SER KA 80 -40.29 135.03 -26.83
CA SER KA 80 -39.66 133.81 -26.35
C SER KA 80 -40.46 133.09 -25.30
N ASP KA 81 -41.62 133.60 -24.90
CA ASP KA 81 -42.55 132.79 -24.13
C ASP KA 81 -43.16 131.72 -25.02
N ALA KA 82 -43.21 131.95 -26.33
CA ALA KA 82 -43.69 130.95 -27.27
C ALA KA 82 -42.69 129.82 -27.44
N ASN KA 83 -41.39 130.13 -27.39
CA ASN KA 83 -40.37 129.12 -27.66
C ASN KA 83 -40.33 128.03 -26.60
N VAL KA 84 -40.78 128.34 -25.39
CA VAL KA 84 -41.04 127.31 -24.40
C VAL KA 84 -42.21 126.45 -24.85
N LEU KA 85 -43.27 127.09 -25.35
CA LEU KA 85 -44.49 126.36 -25.68
C LEU KA 85 -44.35 125.59 -26.99
N THR KA 86 -43.62 126.14 -27.95
CA THR KA 86 -43.48 125.45 -29.23
C THR KA 86 -42.60 124.20 -29.10
N ASN KA 87 -41.56 124.27 -28.27
CA ASN KA 87 -40.74 123.08 -28.06
C ASN KA 87 -41.48 122.05 -27.22
N GLU KA 88 -42.36 122.48 -26.33
CA GLU KA 88 -43.10 121.55 -25.50
C GLU KA 88 -44.21 120.86 -26.29
N LEU KA 89 -44.97 121.64 -27.05
CA LEU KA 89 -46.08 121.08 -27.82
C LEU KA 89 -45.58 120.21 -28.97
N ARG KA 90 -44.37 120.47 -29.44
CA ARG KA 90 -43.79 119.60 -30.46
C ARG KA 90 -43.48 118.23 -29.90
N LEU KA 91 -43.16 118.14 -28.62
CA LEU KA 91 -42.78 116.86 -28.04
C LEU KA 91 -43.99 116.08 -27.55
N ILE KA 92 -45.07 116.77 -27.19
CA ILE KA 92 -46.32 116.10 -26.85
C ILE KA 92 -46.89 115.37 -28.06
N ALA KA 93 -46.82 116.01 -29.23
CA ALA KA 93 -47.26 115.38 -30.46
C ALA KA 93 -46.37 114.23 -30.85
N GLN KA 94 -45.12 114.23 -30.40
CA GLN KA 94 -44.18 113.19 -30.78
C GLN KA 94 -44.19 112.01 -29.82
N ARG KA 95 -44.43 112.26 -28.53
CA ARG KA 95 -44.58 111.15 -27.59
C ARG KA 95 -45.90 110.42 -27.77
N TYR KA 96 -46.88 111.07 -28.39
CA TYR KA 96 -48.10 110.38 -28.80
C TYR KA 96 -47.79 109.36 -29.88
N LEU KA 97 -46.95 109.74 -30.83
CA LEU KA 97 -46.59 108.88 -31.94
C LEU KA 97 -45.76 107.69 -31.47
N LEU KA 98 -44.95 107.87 -30.44
CA LEU KA 98 -44.21 106.76 -29.86
C LEU KA 98 -45.15 105.76 -29.20
N GLN KA 99 -46.25 106.24 -28.65
CA GLN KA 99 -47.13 105.37 -27.89
C GLN KA 99 -48.07 104.56 -28.78
N TYR KA 100 -48.55 105.15 -29.88
CA TYR KA 100 -49.56 104.51 -30.69
C TYR KA 100 -49.12 104.15 -32.10
N GLN KA 101 -48.05 104.77 -32.60
CA GLN KA 101 -47.64 104.73 -34.01
C GLN KA 101 -48.79 105.13 -34.92
N GLU KA 102 -49.32 106.33 -34.65
CA GLU KA 102 -50.42 106.90 -35.41
C GLU KA 102 -50.37 108.39 -35.18
N PRO KA 103 -50.60 109.23 -36.19
CA PRO KA 103 -50.47 110.68 -36.02
C PRO KA 103 -51.52 111.26 -35.10
N ILE KA 104 -51.14 112.34 -34.43
CA ILE KA 104 -51.96 112.91 -33.36
C ILE KA 104 -53.13 113.69 -33.97
N PRO KA 105 -54.35 113.42 -33.54
CA PRO KA 105 -55.49 114.24 -33.95
C PRO KA 105 -55.37 115.65 -33.41
N CYS KA 106 -55.91 116.59 -34.17
CA CYS KA 106 -55.68 118.01 -33.90
C CYS KA 106 -56.42 118.50 -32.67
N GLU KA 107 -57.48 117.80 -32.26
CA GLU KA 107 -58.27 118.25 -31.12
C GLU KA 107 -57.52 118.08 -29.82
N GLN KA 108 -57.12 116.85 -29.52
CA GLN KA 108 -56.54 116.54 -28.22
C GLN KA 108 -55.11 117.03 -28.05
N LEU KA 109 -54.47 117.48 -29.12
CA LEU KA 109 -53.20 118.17 -28.95
C LEU KA 109 -53.41 119.53 -28.31
N VAL KA 110 -54.48 120.22 -28.70
CA VAL KA 110 -54.78 121.53 -28.14
C VAL KA 110 -55.17 121.41 -26.67
N THR KA 111 -55.86 120.33 -26.32
CA THR KA 111 -56.22 120.10 -24.92
C THR KA 111 -55.00 119.81 -24.07
N ALA KA 112 -53.94 119.27 -24.67
CA ALA KA 112 -52.72 119.01 -23.91
C ALA KA 112 -52.01 120.31 -23.56
N LEU KA 113 -52.02 121.29 -24.45
CA LEU KA 113 -51.38 122.57 -24.14
C LEU KA 113 -52.20 123.38 -23.15
N CYS KA 114 -53.53 123.39 -23.34
CA CYS KA 114 -54.39 124.20 -22.49
C CYS KA 114 -54.46 123.69 -21.05
N ASP KA 115 -54.08 122.43 -20.81
CA ASP KA 115 -53.93 121.97 -19.44
C ASP KA 115 -52.62 122.47 -18.84
N ILE KA 116 -51.61 122.72 -19.66
CA ILE KA 116 -50.35 123.25 -19.16
C ILE KA 116 -50.51 124.74 -18.83
N LYS KA 117 -51.19 125.48 -19.72
CA LYS KA 117 -51.36 126.91 -19.52
C LYS KA 117 -52.27 127.22 -18.34
N GLN KA 118 -53.22 126.33 -18.05
CA GLN KA 118 -54.07 126.52 -16.88
C GLN KA 118 -53.31 126.26 -15.59
N ALA KA 119 -52.36 125.33 -15.62
CA ALA KA 119 -51.69 124.87 -14.41
C ALA KA 119 -50.87 125.97 -13.74
N TYR KA 120 -50.43 126.95 -14.51
CA TYR KA 120 -49.78 128.11 -13.89
C TYR KA 120 -50.79 129.08 -13.31
N THR KA 121 -52.03 129.07 -13.79
CA THR KA 121 -53.05 129.95 -13.23
C THR KA 121 -53.69 129.34 -11.99
N GLN KA 122 -53.67 128.00 -11.88
CA GLN KA 122 -54.32 127.35 -10.76
C GLN KA 122 -53.53 127.55 -9.47
N PHE KA 123 -52.26 127.18 -9.47
CA PHE KA 123 -51.51 127.16 -8.22
C PHE KA 123 -50.09 127.62 -8.44
N GLY KA 124 -49.56 128.32 -7.45
CA GLY KA 124 -48.14 128.63 -7.41
C GLY KA 124 -47.80 130.10 -7.32
N GLY KA 125 -48.54 130.94 -8.03
CA GLY KA 125 -48.09 132.31 -8.19
C GLY KA 125 -47.03 132.47 -9.25
N LYS KA 126 -46.79 131.44 -10.05
CA LYS KA 126 -45.97 131.57 -11.24
C LYS KA 126 -46.63 132.52 -12.22
N ARG KA 127 -45.82 133.31 -12.91
CA ARG KA 127 -46.34 134.23 -13.91
C ARG KA 127 -46.96 133.45 -15.06
N PRO KA 128 -48.20 133.74 -15.44
CA PRO KA 128 -48.85 132.99 -16.52
C PRO KA 128 -48.31 133.38 -17.88
N PHE KA 129 -48.70 132.61 -18.88
CA PHE KA 129 -48.28 132.86 -20.25
C PHE KA 129 -49.02 134.05 -20.82
N GLY KA 130 -48.29 134.97 -21.43
CA GLY KA 130 -48.92 136.03 -22.19
C GLY KA 130 -48.97 135.69 -23.67
N VAL KA 131 -49.53 134.53 -23.98
CA VAL KA 131 -49.43 133.94 -25.32
C VAL KA 131 -50.81 133.47 -25.76
N SER KA 132 -51.27 133.97 -26.90
CA SER KA 132 -52.38 133.40 -27.64
C SER KA 132 -51.88 132.96 -29.00
N LEU KA 133 -52.43 131.87 -29.52
CA LEU KA 133 -51.94 131.35 -30.79
C LEU KA 133 -53.05 130.57 -31.48
N LEU KA 134 -52.81 130.25 -32.76
CA LEU KA 134 -53.78 129.60 -33.62
C LEU KA 134 -53.33 128.18 -33.96
N TYR KA 135 -54.18 127.47 -34.68
CA TYR KA 135 -53.93 126.08 -35.04
C TYR KA 135 -54.48 125.79 -36.41
N ILE KA 136 -53.73 125.04 -37.20
CA ILE KA 136 -54.18 124.52 -38.48
C ILE KA 136 -53.79 123.05 -38.55
N GLY KA 137 -54.62 122.25 -39.21
CA GLY KA 137 -54.31 120.84 -39.29
C GLY KA 137 -55.33 119.97 -39.98
N TRP KA 138 -54.86 118.81 -40.45
CA TRP KA 138 -55.70 117.80 -41.08
C TRP KA 138 -55.71 116.54 -40.22
N ASP KA 139 -56.86 115.87 -40.16
CA ASP KA 139 -56.97 114.63 -39.42
C ASP KA 139 -57.80 113.63 -40.21
N LYS KA 140 -57.97 112.45 -39.64
CA LYS KA 140 -58.76 111.40 -40.27
C LYS KA 140 -60.24 111.51 -39.96
N HIS KA 141 -60.64 112.42 -39.09
CA HIS KA 141 -62.01 112.45 -38.59
C HIS KA 141 -62.81 113.65 -39.04
N TYR KA 142 -62.17 114.81 -39.23
CA TYR KA 142 -62.90 115.99 -39.66
C TYR KA 142 -62.19 116.79 -40.73
N GLY KA 143 -60.97 116.40 -41.13
CA GLY KA 143 -60.27 117.15 -42.14
C GLY KA 143 -59.64 118.42 -41.61
N PHE KA 144 -59.97 119.55 -42.24
CA PHE KA 144 -59.29 120.80 -41.96
C PHE KA 144 -59.94 121.51 -40.79
N GLN KA 145 -59.13 122.01 -39.87
CA GLN KA 145 -59.61 122.53 -38.59
C GLN KA 145 -58.84 123.79 -38.21
N LEU KA 146 -59.53 124.68 -37.50
CA LEU KA 146 -58.93 125.87 -36.89
C LEU KA 146 -59.23 125.90 -35.41
N TYR KA 147 -58.28 126.37 -34.61
CA TYR KA 147 -58.50 126.52 -33.19
C TYR KA 147 -57.80 127.77 -32.66
N GLN KA 148 -58.53 128.51 -31.83
CA GLN KA 148 -58.02 129.65 -31.11
C GLN KA 148 -57.56 129.18 -29.73
N SER KA 149 -56.49 129.78 -29.23
CA SER KA 149 -56.01 129.49 -27.89
C SER KA 149 -56.00 130.77 -27.06
N ASP KA 150 -56.04 130.60 -25.75
CA ASP KA 150 -56.11 131.69 -24.80
C ASP KA 150 -55.06 131.49 -23.72
N PRO KA 151 -54.64 132.56 -23.02
CA PRO KA 151 -53.78 132.37 -21.85
C PRO KA 151 -54.48 131.69 -20.69
N SER KA 152 -55.81 131.72 -20.64
CA SER KA 152 -56.56 131.10 -19.57
C SER KA 152 -56.66 129.59 -19.69
N GLY KA 153 -56.19 129.01 -20.79
CA GLY KA 153 -56.40 127.60 -21.04
C GLY KA 153 -57.71 127.29 -21.72
N ASN KA 154 -58.37 128.29 -22.29
CA ASN KA 154 -59.62 128.11 -23.01
C ASN KA 154 -59.32 128.05 -24.50
N TYR KA 155 -60.13 127.27 -25.21
CA TYR KA 155 -59.96 127.14 -26.66
C TYR KA 155 -61.33 127.02 -27.29
N GLY KA 156 -61.35 126.77 -28.60
CA GLY KA 156 -62.60 126.61 -29.31
C GLY KA 156 -62.34 126.40 -30.78
N GLY KA 157 -63.36 125.86 -31.45
CA GLY KA 157 -63.30 125.65 -32.89
C GLY KA 157 -63.80 126.87 -33.64
N TRP KA 158 -63.12 127.20 -34.73
CA TRP KA 158 -63.41 128.40 -35.49
C TRP KA 158 -63.33 128.09 -36.98
N LYS KA 159 -63.87 128.99 -37.80
CA LYS KA 159 -63.66 128.95 -39.23
C LYS KA 159 -63.09 130.24 -39.80
N ALA KA 160 -63.19 131.35 -39.08
CA ALA KA 160 -62.46 132.57 -39.38
C ALA KA 160 -62.15 133.24 -38.05
N THR KA 161 -60.93 133.75 -37.90
CA THR KA 161 -60.45 134.10 -36.58
C THR KA 161 -59.71 135.43 -36.63
N CYS KA 162 -59.03 135.75 -35.52
CA CYS KA 162 -58.52 137.06 -35.16
C CYS KA 162 -57.58 136.92 -33.99
N ILE KA 163 -56.53 137.73 -33.95
CA ILE KA 163 -55.70 137.85 -32.76
C ILE KA 163 -55.55 139.32 -32.36
N GLY KA 164 -55.08 140.14 -33.29
CA GLY KA 164 -54.66 141.48 -32.94
C GLY KA 164 -55.82 142.42 -32.67
N ASN KA 165 -55.51 143.49 -31.92
CA ASN KA 165 -56.50 144.51 -31.60
C ASN KA 165 -56.94 145.26 -32.84
N ASN KA 166 -56.03 145.40 -33.81
CA ASN KA 166 -56.39 145.96 -35.10
C ASN KA 166 -57.32 145.02 -35.86
N SER KA 167 -57.24 143.72 -35.60
CA SER KA 167 -58.09 142.73 -36.24
C SER KA 167 -59.43 142.55 -35.55
N ALA KA 168 -59.73 143.36 -34.52
CA ALA KA 168 -61.08 143.36 -33.97
C ALA KA 168 -62.07 143.94 -34.96
N ALA KA 169 -61.64 144.91 -35.77
CA ALA KA 169 -62.46 145.41 -36.85
C ALA KA 169 -62.51 144.43 -38.01
N ALA KA 170 -61.54 143.53 -38.11
CA ALA KA 170 -61.57 142.51 -39.15
C ALA KA 170 -62.69 141.50 -38.92
N VAL KA 171 -63.08 141.31 -37.65
CA VAL KA 171 -64.20 140.43 -37.34
C VAL KA 171 -65.49 141.00 -37.92
N SER KA 172 -65.63 142.32 -37.92
CA SER KA 172 -66.76 142.96 -38.58
C SER KA 172 -66.72 142.76 -40.08
N MET KA 173 -65.53 142.69 -40.67
CA MET KA 173 -65.43 142.37 -42.09
C MET KA 173 -65.68 140.89 -42.32
N LEU KA 174 -65.18 140.03 -41.42
CA LEU KA 174 -65.35 138.60 -41.60
C LEU KA 174 -66.79 138.15 -41.37
N LYS KA 175 -67.59 138.92 -40.64
CA LYS KA 175 -69.01 138.61 -40.63
C LYS KA 175 -69.70 139.05 -41.91
N GLN KA 176 -69.13 140.02 -42.62
CA GLN KA 176 -69.81 140.59 -43.78
C GLN KA 176 -69.51 139.80 -45.05
N ASP KA 177 -68.30 139.28 -45.21
CA ASP KA 177 -67.85 138.75 -46.49
C ASP KA 177 -67.52 137.26 -46.44
N TYR KA 178 -68.08 136.54 -45.49
CA TYR KA 178 -67.83 135.12 -45.40
C TYR KA 178 -68.98 134.34 -46.01
N LYS KA 179 -68.68 133.12 -46.41
CA LYS KA 179 -69.50 132.24 -47.22
C LYS KA 179 -69.80 130.97 -46.43
N GLU KA 180 -70.39 129.98 -47.10
CA GLU KA 180 -70.62 128.67 -46.49
C GLU KA 180 -70.16 127.61 -47.48
N GLY KA 181 -68.88 127.25 -47.39
CA GLY KA 181 -68.31 126.24 -48.26
C GLY KA 181 -68.19 126.64 -49.72
N GLU KA 182 -67.49 127.74 -49.99
CA GLU KA 182 -67.12 128.10 -51.36
C GLU KA 182 -65.67 128.56 -51.40
N MET KA 183 -64.78 127.84 -50.72
CA MET KA 183 -63.38 128.25 -50.64
C MET KA 183 -62.60 127.63 -51.80
N THR KA 184 -62.79 128.23 -52.97
CA THR KA 184 -61.75 128.15 -53.97
C THR KA 184 -60.54 128.90 -53.43
N LEU KA 185 -59.35 128.37 -53.64
CA LEU KA 185 -58.17 128.95 -52.99
C LEU KA 185 -57.58 130.08 -53.83
N LYS KA 186 -58.45 130.97 -54.29
CA LYS KA 186 -58.08 132.31 -54.75
C LYS KA 186 -59.05 133.26 -54.09
N SER KA 187 -60.29 132.80 -53.89
CA SER KA 187 -61.28 133.60 -53.19
C SER KA 187 -60.94 133.73 -51.72
N ALA KA 188 -60.38 132.67 -51.12
CA ALA KA 188 -59.91 132.77 -49.75
C ALA KA 188 -58.66 133.62 -49.66
N LEU KA 189 -57.82 133.62 -50.69
CA LEU KA 189 -56.60 134.39 -50.66
C LEU KA 189 -56.85 135.87 -50.96
N ALA KA 190 -57.75 136.15 -51.91
CA ALA KA 190 -58.08 137.55 -52.20
C ALA KA 190 -58.87 138.18 -51.07
N LEU KA 191 -59.59 137.38 -50.30
CA LEU KA 191 -60.23 137.89 -49.10
C LEU KA 191 -59.20 138.27 -48.06
N ALA KA 192 -58.17 137.45 -47.88
CA ALA KA 192 -57.15 137.72 -46.88
C ALA KA 192 -56.29 138.92 -47.26
N ILE KA 193 -56.08 139.14 -48.55
CA ILE KA 193 -55.43 140.37 -49.00
C ILE KA 193 -56.35 141.56 -48.80
N LYS KA 194 -57.66 141.34 -48.89
CA LYS KA 194 -58.62 142.42 -48.69
C LYS KA 194 -58.74 142.80 -47.23
N VAL KA 195 -58.62 141.83 -46.32
CA VAL KA 195 -58.71 142.12 -44.89
C VAL KA 195 -57.50 142.93 -44.44
N LEU KA 196 -56.29 142.44 -44.74
CA LEU KA 196 -55.08 143.11 -44.31
C LEU KA 196 -54.82 144.42 -45.05
N ASN KA 197 -55.55 144.69 -46.12
CA ASN KA 197 -55.48 145.99 -46.75
C ASN KA 197 -56.11 147.06 -45.86
N LYS KA 198 -57.31 146.79 -45.35
CA LYS KA 198 -58.01 147.80 -44.57
C LYS KA 198 -57.52 147.82 -43.12
N THR KA 199 -57.23 146.66 -42.54
CA THR KA 199 -56.91 146.61 -41.12
C THR KA 199 -55.51 147.17 -40.85
N MET KA 200 -54.50 146.62 -41.52
CA MET KA 200 -53.13 147.09 -41.34
C MET KA 200 -53.00 148.51 -41.90
N ASP KA 201 -52.66 149.46 -41.03
CA ASP KA 201 -52.62 150.87 -41.39
C ASP KA 201 -51.42 151.23 -42.25
N VAL KA 202 -50.48 150.31 -42.45
CA VAL KA 202 -49.42 150.50 -43.42
C VAL KA 202 -50.05 150.57 -44.81
N SER KA 203 -49.80 151.66 -45.51
CA SER KA 203 -50.47 151.89 -46.79
C SER KA 203 -49.89 151.00 -47.88
N LYS KA 204 -50.76 150.66 -48.84
CA LYS KA 204 -50.50 149.95 -50.10
C LYS KA 204 -50.12 148.48 -49.94
N LEU KA 205 -49.94 147.99 -48.71
CA LEU KA 205 -49.69 146.58 -48.37
C LEU KA 205 -48.43 146.08 -49.07
N SER KA 206 -47.29 146.57 -48.59
CA SER KA 206 -46.00 146.09 -49.07
C SER KA 206 -45.84 144.60 -48.82
N ALA KA 207 -45.23 143.91 -49.79
CA ALA KA 207 -45.16 142.46 -49.75
C ALA KA 207 -44.21 141.94 -48.68
N GLU KA 208 -43.27 142.77 -48.23
CA GLU KA 208 -42.34 142.34 -47.20
C GLU KA 208 -42.93 142.41 -45.80
N LYS KA 209 -44.00 143.19 -45.62
CA LYS KA 209 -44.59 143.36 -44.30
C LYS KA 209 -45.51 142.22 -43.90
N VAL KA 210 -45.98 141.43 -44.86
CA VAL KA 210 -46.94 140.38 -44.56
C VAL KA 210 -46.33 139.03 -44.91
N GLU KA 211 -47.06 137.95 -44.62
CA GLU KA 211 -46.63 136.60 -44.92
C GLU KA 211 -47.86 135.69 -44.92
N ILE KA 212 -47.88 134.75 -45.86
CA ILE KA 212 -49.00 133.83 -46.04
C ILE KA 212 -48.44 132.41 -46.11
N ALA KA 213 -48.99 131.51 -45.31
CA ALA KA 213 -48.63 130.10 -45.35
C ALA KA 213 -49.90 129.27 -45.42
N THR KA 214 -49.92 128.29 -46.34
CA THR KA 214 -51.10 127.47 -46.56
C THR KA 214 -50.79 126.01 -46.34
N LEU KA 215 -51.84 125.23 -46.11
CA LEU KA 215 -51.77 123.79 -45.95
C LEU KA 215 -52.79 123.15 -46.88
N THR KA 216 -52.31 122.41 -47.86
CA THR KA 216 -53.17 121.71 -48.80
C THR KA 216 -53.01 120.21 -48.61
N ARG KA 217 -54.07 119.46 -48.91
CA ARG KA 217 -54.01 118.01 -48.80
C ARG KA 217 -53.57 117.41 -50.12
N GLU KA 218 -52.48 116.64 -50.08
CA GLU KA 218 -51.96 115.92 -51.23
C GLU KA 218 -52.63 114.54 -51.21
N ASN KA 219 -52.12 113.57 -51.98
CA ASN KA 219 -52.63 112.21 -51.93
C ASN KA 219 -52.51 111.61 -50.54
N GLY KA 220 -51.32 111.66 -49.96
CA GLY KA 220 -51.15 111.25 -48.58
C GLY KA 220 -50.10 112.06 -47.86
N LYS KA 221 -49.73 113.21 -48.42
CA LYS KA 221 -48.55 113.92 -47.94
C LYS KA 221 -48.87 115.08 -47.00
N THR KA 222 -50.01 115.75 -47.19
CA THR KA 222 -50.41 116.96 -46.47
C THR KA 222 -49.32 118.04 -46.59
N VAL KA 223 -49.19 118.53 -47.82
CA VAL KA 223 -48.16 119.51 -48.15
C VAL KA 223 -48.41 120.80 -47.39
N ILE KA 224 -47.44 121.19 -46.58
CA ILE KA 224 -47.46 122.48 -45.89
C ILE KA 224 -46.67 123.46 -46.73
N ARG KA 225 -47.31 124.55 -47.14
CA ARG KA 225 -46.78 125.45 -48.15
C ARG KA 225 -46.50 126.81 -47.53
N VAL KA 226 -45.25 127.23 -47.59
CA VAL KA 226 -44.87 128.60 -47.26
C VAL KA 226 -44.52 129.27 -48.58
N LEU KA 227 -45.47 130.02 -49.12
CA LEU KA 227 -45.32 130.58 -50.46
C LEU KA 227 -44.36 131.77 -50.46
N LYS KA 228 -43.60 131.89 -51.55
CA LYS KA 228 -42.48 132.82 -51.63
C LYS KA 228 -42.96 134.24 -51.91
N GLN KA 229 -42.00 135.17 -52.02
CA GLN KA 229 -42.30 136.59 -52.05
C GLN KA 229 -42.70 137.10 -53.43
N LYS KA 230 -42.48 136.30 -54.48
CA LYS KA 230 -42.84 136.76 -55.82
C LYS KA 230 -44.35 136.72 -56.04
N GLU KA 231 -44.99 135.61 -55.69
CA GLU KA 231 -46.42 135.43 -55.87
C GLU KA 231 -47.25 136.20 -54.86
N VAL KA 232 -46.64 136.73 -53.80
CA VAL KA 232 -47.34 137.71 -52.97
C VAL KA 232 -47.61 138.97 -53.77
N GLU KA 233 -46.63 139.39 -54.56
CA GLU KA 233 -46.69 140.68 -55.24
C GLU KA 233 -47.74 140.68 -56.34
N GLN KA 234 -47.84 139.59 -57.09
CA GLN KA 234 -48.89 139.50 -58.11
C GLN KA 234 -50.27 139.34 -57.49
N LEU KA 235 -50.35 138.84 -56.26
CA LEU KA 235 -51.62 138.81 -55.56
C LEU KA 235 -52.01 140.20 -55.08
N ILE KA 236 -51.03 141.02 -54.72
CA ILE KA 236 -51.30 142.41 -54.36
C ILE KA 236 -51.73 143.20 -55.59
N LYS KA 237 -51.04 143.00 -56.71
CA LYS KA 237 -51.42 143.67 -57.95
C LYS KA 237 -52.74 143.14 -58.49
N LYS KA 238 -53.10 141.91 -58.15
CA LYS KA 238 -54.44 141.42 -58.46
C LYS KA 238 -55.49 142.16 -57.64
N HIS KA 239 -55.22 142.37 -56.35
CA HIS KA 239 -56.18 143.07 -55.50
C HIS KA 239 -56.25 144.55 -55.81
N GLU KA 240 -55.13 145.16 -56.22
CA GLU KA 240 -55.16 146.54 -56.66
C GLU KA 240 -55.91 146.69 -57.97
N GLU KA 241 -55.89 145.66 -58.81
CA GLU KA 241 -56.65 145.68 -60.05
C GLU KA 241 -58.14 145.58 -59.78
N GLU KA 242 -58.52 144.80 -58.76
CA GLU KA 242 -59.94 144.66 -58.45
C GLU KA 242 -60.50 145.90 -57.77
N GLU KA 243 -59.65 146.65 -57.07
CA GLU KA 243 -60.11 147.89 -56.47
C GLU KA 243 -60.36 148.95 -57.55
N ALA KA 244 -59.48 149.00 -58.56
CA ALA KA 244 -59.69 149.94 -59.66
C ALA KA 244 -60.84 149.50 -60.56
N LYS KA 245 -61.15 148.20 -60.56
CA LYS KA 245 -62.28 147.73 -61.36
C LYS KA 245 -63.60 148.02 -60.67
N ALA KA 246 -63.66 147.83 -59.36
CA ALA KA 246 -64.91 148.01 -58.61
C ALA KA 246 -65.30 149.47 -58.44
N GLU KA 247 -64.35 150.40 -58.55
CA GLU KA 247 -64.64 151.81 -58.42
C GLU KA 247 -65.18 152.43 -59.71
N ARG KA 248 -65.31 151.66 -60.78
CA ARG KA 248 -65.87 152.17 -62.02
C ARG KA 248 -67.37 152.45 -61.90
N GLU KA 249 -68.06 151.77 -60.98
CA GLU KA 249 -69.48 152.00 -60.80
C GLU KA 249 -69.76 153.36 -60.16
N LYS KA 250 -68.81 153.90 -59.40
CA LYS KA 250 -68.98 155.20 -58.77
C LYS KA 250 -68.69 156.33 -59.78
N SER LA 1 -42.67 123.88 -5.32
CA SER LA 1 -42.68 124.27 -3.92
C SER LA 1 -43.16 125.70 -3.74
N TYR LA 2 -44.31 125.86 -3.10
CA TYR LA 2 -44.88 127.18 -2.81
C TYR LA 2 -45.53 127.12 -1.43
N ASP LA 3 -44.77 127.50 -0.41
CA ASP LA 3 -45.25 127.42 0.97
C ASP LA 3 -45.88 128.76 1.35
N ARG LA 4 -47.12 128.95 0.89
CA ARG LA 4 -47.87 130.14 1.23
C ARG LA 4 -49.35 129.83 1.22
N ALA LA 5 -50.02 130.12 2.33
CA ALA LA 5 -51.45 129.88 2.43
C ALA LA 5 -52.21 130.98 1.68
N ILE LA 6 -53.28 130.59 1.00
CA ILE LA 6 -54.12 131.56 0.30
C ILE LA 6 -55.37 131.88 1.09
N THR LA 7 -56.04 130.86 1.59
CA THR LA 7 -57.34 131.00 2.22
C THR LA 7 -57.18 130.89 3.74
N VAL LA 8 -57.48 131.98 4.45
CA VAL LA 8 -57.43 132.03 5.89
C VAL LA 8 -58.75 132.55 6.43
N PHE LA 9 -58.83 132.70 7.74
CA PHE LA 9 -60.03 133.15 8.40
C PHE LA 9 -60.12 134.67 8.43
N SER LA 10 -61.33 135.16 8.48
CA SER LA 10 -61.70 136.55 8.59
C SER LA 10 -62.08 136.87 10.03
N PRO LA 11 -62.06 138.15 10.44
CA PRO LA 11 -62.45 138.46 11.82
C PRO LA 11 -63.91 138.19 12.15
N ASP LA 12 -64.80 138.18 11.17
CA ASP LA 12 -66.19 137.86 11.47
C ASP LA 12 -66.45 136.36 11.54
N GLY LA 13 -65.47 135.53 11.19
CA GLY LA 13 -65.61 134.10 11.28
C GLY LA 13 -65.84 133.37 9.98
N HIS LA 14 -65.54 134.00 8.84
CA HIS LA 14 -65.79 133.40 7.54
C HIS LA 14 -64.49 133.21 6.78
N LEU LA 15 -64.60 132.52 5.67
CA LEU LA 15 -63.51 132.43 4.71
C LEU LA 15 -63.69 133.52 3.67
N PHE LA 16 -62.57 134.06 3.17
CA PHE LA 16 -62.70 134.92 2.01
C PHE LA 16 -63.04 134.08 0.80
N GLN LA 17 -62.08 133.24 0.39
CA GLN LA 17 -61.98 132.77 -0.99
C GLN LA 17 -63.12 131.87 -1.43
N VAL LA 18 -63.80 131.21 -0.50
CA VAL LA 18 -64.87 130.31 -0.88
C VAL LA 18 -66.11 131.10 -1.28
N GLU LA 19 -66.44 132.14 -0.51
CA GLU LA 19 -67.59 132.99 -0.76
C GLU LA 19 -67.24 134.15 -1.68
N TYR LA 20 -66.21 133.96 -2.49
CA TYR LA 20 -65.51 134.98 -3.25
C TYR LA 20 -65.38 134.41 -4.65
N ALA LA 21 -65.46 133.08 -4.72
CA ALA LA 21 -65.46 132.32 -5.96
C ALA LA 21 -66.85 131.88 -6.37
N GLN LA 22 -67.82 131.91 -5.45
CA GLN LA 22 -69.18 131.54 -5.81
C GLN LA 22 -69.85 132.57 -6.70
N GLU LA 23 -69.32 133.80 -6.75
CA GLU LA 23 -69.82 134.78 -7.70
C GLU LA 23 -69.42 134.43 -9.12
N ALA LA 24 -68.31 133.73 -9.29
CA ALA LA 24 -67.93 133.26 -10.63
C ALA LA 24 -68.89 132.19 -11.12
N VAL LA 25 -69.45 131.40 -10.21
CA VAL LA 25 -70.52 130.48 -10.58
C VAL LA 25 -71.77 131.27 -10.96
N LYS LA 26 -72.03 132.38 -10.26
CA LYS LA 26 -73.19 133.20 -10.55
C LYS LA 26 -73.07 133.96 -11.86
N LYS LA 27 -71.86 134.09 -12.41
CA LYS LA 27 -71.67 134.73 -13.70
C LYS LA 27 -71.59 133.73 -14.85
N GLY LA 28 -71.96 132.48 -14.62
CA GLY LA 28 -72.03 131.50 -15.67
C GLY LA 28 -73.44 131.35 -16.22
N SER LA 29 -73.55 130.59 -17.30
CA SER LA 29 -74.85 130.33 -17.90
C SER LA 29 -75.64 129.34 -17.04
N THR LA 30 -76.95 129.36 -17.23
CA THR LA 30 -77.85 128.54 -16.42
C THR LA 30 -77.99 127.15 -17.02
N ALA LA 31 -78.21 126.18 -16.14
CA ALA LA 31 -78.47 124.81 -16.56
C ALA LA 31 -79.27 124.14 -15.45
N VAL LA 32 -80.47 123.66 -15.80
CA VAL LA 32 -81.37 123.08 -14.82
C VAL LA 32 -81.47 121.58 -15.06
N GLY LA 33 -82.03 120.88 -14.09
CA GLY LA 33 -82.22 119.45 -14.22
C GLY LA 33 -83.12 118.87 -13.16
N VAL LA 34 -84.12 118.10 -13.56
CA VAL LA 34 -85.04 117.45 -12.66
C VAL LA 34 -84.90 115.94 -12.85
N ARG LA 35 -85.57 115.20 -11.98
CA ARG LA 35 -85.62 113.75 -12.11
C ARG LA 35 -87.07 113.29 -12.07
N GLY LA 36 -87.37 112.26 -12.85
CA GLY LA 36 -88.62 111.56 -12.76
C GLY LA 36 -88.48 110.28 -11.98
N ARG LA 37 -89.30 109.29 -12.34
CA ARG LA 37 -89.12 107.96 -11.79
C ARG LA 37 -88.47 107.00 -12.78
N ASP LA 38 -88.47 107.34 -14.06
CA ASP LA 38 -87.86 106.48 -15.07
C ASP LA 38 -86.85 107.22 -15.95
N ILE LA 39 -87.14 108.47 -16.31
CA ILE LA 39 -86.31 109.23 -17.22
C ILE LA 39 -85.89 110.52 -16.55
N VAL LA 40 -84.59 110.73 -16.43
CA VAL LA 40 -84.07 111.99 -15.94
C VAL LA 40 -83.92 112.95 -17.11
N VAL LA 41 -83.82 114.25 -16.80
CA VAL LA 41 -83.67 115.27 -17.82
C VAL LA 41 -82.84 116.39 -17.25
N LEU LA 42 -82.01 116.99 -18.10
CA LEU LA 42 -81.25 118.17 -17.74
C LEU LA 42 -81.03 118.99 -19.00
N GLY LA 43 -81.16 120.31 -18.86
CA GLY LA 43 -81.03 121.17 -20.01
C GLY LA 43 -80.24 122.43 -19.72
N VAL LA 44 -79.23 122.68 -20.54
CA VAL LA 44 -78.48 123.92 -20.42
C VAL LA 44 -79.23 125.01 -21.19
N GLU LA 45 -78.93 126.25 -20.84
CA GLU LA 45 -79.49 127.39 -21.55
C GLU LA 45 -78.35 128.31 -21.96
N LYS LA 46 -78.72 129.37 -22.69
CA LYS LA 46 -77.80 130.42 -23.16
C LYS LA 46 -76.67 129.83 -24.02
N LYS LA 47 -77.07 129.27 -25.17
CA LYS LA 47 -76.09 128.75 -26.11
C LYS LA 47 -75.24 129.88 -26.68
N SER LA 48 -75.90 130.91 -27.23
CA SER LA 48 -75.28 132.16 -27.71
C SER LA 48 -74.21 131.89 -28.78
N VAL LA 49 -74.62 131.13 -29.80
CA VAL LA 49 -73.70 130.78 -30.87
C VAL LA 49 -73.43 132.00 -31.74
N ALA LA 50 -72.29 131.98 -32.43
CA ALA LA 50 -71.92 133.10 -33.30
C ALA LA 50 -72.52 132.99 -34.69
N LYS LA 51 -73.35 131.96 -34.94
CA LYS LA 51 -74.16 131.74 -36.14
C LYS LA 51 -73.33 131.50 -37.40
N LEU LA 52 -72.01 131.40 -37.29
CA LEU LA 52 -71.18 131.03 -38.42
C LEU LA 52 -70.03 130.12 -38.01
N GLN LA 53 -70.06 129.57 -36.80
CA GLN LA 53 -68.91 128.92 -36.21
C GLN LA 53 -69.29 127.53 -35.74
N ASP LA 54 -68.32 126.80 -35.20
CA ASP LA 54 -68.54 125.43 -34.80
C ASP LA 54 -69.22 125.38 -33.43
N GLU LA 55 -69.84 124.24 -33.13
CA GLU LA 55 -70.61 124.07 -31.91
C GLU LA 55 -70.35 122.76 -31.19
N ARG LA 56 -69.69 121.79 -31.81
CA ARG LA 56 -69.45 120.51 -31.15
C ARG LA 56 -68.29 120.57 -30.16
N THR LA 57 -67.61 121.69 -30.05
CA THR LA 57 -66.50 121.86 -29.12
C THR LA 57 -66.89 122.67 -27.89
N VAL LA 58 -68.09 123.23 -27.87
CA VAL LA 58 -68.52 124.12 -26.79
C VAL LA 58 -69.56 123.36 -25.96
N ARG LA 59 -69.45 122.03 -25.97
CA ARG LA 59 -70.39 121.17 -25.27
C ARG LA 59 -70.26 121.33 -23.77
N LYS LA 60 -71.39 121.59 -23.11
CA LYS LA 60 -71.44 121.79 -21.67
C LYS LA 60 -72.07 120.60 -20.94
N ILE LA 61 -72.41 119.55 -21.66
CA ILE LA 61 -72.99 118.34 -21.08
C ILE LA 61 -72.15 117.18 -21.57
N CYS LA 62 -71.39 116.56 -20.66
CA CYS LA 62 -70.62 115.38 -21.02
C CYS LA 62 -70.93 114.25 -20.04
N ALA LA 63 -70.19 113.15 -20.15
CA ALA LA 63 -70.45 111.98 -19.32
C ALA LA 63 -69.15 111.44 -18.77
N LEU LA 64 -69.20 110.99 -17.51
CA LEU LA 64 -68.04 110.32 -16.94
C LEU LA 64 -68.03 108.84 -17.28
N ASP LA 65 -69.21 108.23 -17.32
CA ASP LA 65 -69.32 106.81 -17.65
C ASP LA 65 -70.60 106.65 -18.45
N ASP LA 66 -71.03 105.42 -18.63
CA ASP LA 66 -72.29 105.13 -19.33
C ASP LA 66 -73.50 105.22 -18.41
N ASN LA 67 -73.34 105.83 -17.24
CA ASN LA 67 -74.40 105.92 -16.25
C ASN LA 67 -74.54 107.36 -15.77
N VAL LA 68 -73.43 108.09 -15.76
CA VAL LA 68 -73.32 109.36 -15.07
C VAL LA 68 -73.16 110.46 -16.10
N CYS LA 69 -73.91 111.55 -15.94
CA CYS LA 69 -73.91 112.66 -16.86
C CYS LA 69 -73.55 113.96 -16.14
N MET LA 70 -72.92 114.88 -16.86
CA MET LA 70 -72.39 116.11 -16.29
C MET LA 70 -73.12 117.34 -16.80
N ALA LA 71 -73.14 118.36 -15.95
CA ALA LA 71 -73.60 119.70 -16.27
C ALA LA 71 -73.04 120.62 -15.20
N PHE LA 72 -72.51 121.77 -15.61
CA PHE LA 72 -71.78 122.62 -14.67
C PHE LA 72 -72.07 124.09 -14.97
N ALA LA 73 -71.42 124.96 -14.19
CA ALA LA 73 -71.43 126.39 -14.42
C ALA LA 73 -70.02 126.92 -14.14
N GLY LA 74 -69.89 128.24 -14.06
CA GLY LA 74 -68.61 128.83 -13.79
C GLY LA 74 -67.77 128.99 -15.05
N LEU LA 75 -66.46 128.90 -14.89
CA LEU LA 75 -65.56 129.11 -16.01
C LEU LA 75 -65.21 127.77 -16.65
N THR LA 76 -64.78 127.86 -17.91
CA THR LA 76 -64.68 126.68 -18.78
C THR LA 76 -63.51 125.80 -18.41
N ALA LA 77 -62.35 126.40 -18.14
CA ALA LA 77 -61.12 125.64 -18.03
C ALA LA 77 -61.06 124.80 -16.76
N ASP LA 78 -61.66 125.29 -15.67
CA ASP LA 78 -61.61 124.54 -14.42
C ASP LA 78 -62.47 123.29 -14.46
N ALA LA 79 -63.51 123.28 -15.30
CA ALA LA 79 -64.32 122.08 -15.45
C ALA LA 79 -63.56 120.99 -16.17
N ARG LA 80 -62.69 121.36 -17.11
CA ARG LA 80 -61.97 120.38 -17.91
C ARG LA 80 -61.02 119.55 -17.07
N ILE LA 81 -60.40 120.16 -16.05
CA ILE LA 81 -59.52 119.41 -15.17
C ILE LA 81 -60.32 118.46 -14.29
N VAL LA 82 -61.46 118.92 -13.80
CA VAL LA 82 -62.28 118.12 -12.90
C VAL LA 82 -62.90 116.95 -13.65
N ILE LA 83 -63.35 117.18 -14.88
CA ILE LA 83 -64.01 116.14 -15.66
C ILE LA 83 -63.01 115.06 -16.06
N ASN LA 84 -61.87 115.48 -16.62
CA ASN LA 84 -60.87 114.50 -17.04
C ASN LA 84 -60.17 113.82 -15.87
N ARG LA 85 -60.26 114.40 -14.67
CA ARG LA 85 -59.84 113.66 -13.48
C ARG LA 85 -60.85 112.59 -13.12
N ALA LA 86 -62.14 112.95 -13.14
CA ALA LA 86 -63.18 112.04 -12.68
C ALA LA 86 -63.44 110.90 -13.67
N ARG LA 87 -63.07 111.10 -14.94
CA ARG LA 87 -63.14 109.98 -15.90
C ARG LA 87 -62.13 108.90 -15.53
N VAL LA 88 -60.99 109.30 -14.97
CA VAL LA 88 -59.97 108.34 -14.57
C VAL LA 88 -60.42 107.58 -13.35
N GLU LA 89 -61.02 108.27 -12.38
CA GLU LA 89 -61.35 107.65 -11.11
C GLU LA 89 -62.51 106.67 -11.24
N CYS LA 90 -63.53 107.02 -12.02
CA CYS LA 90 -64.64 106.11 -12.24
C CYS LA 90 -64.22 104.89 -13.06
N GLN LA 91 -63.19 105.04 -13.88
CA GLN LA 91 -62.73 103.88 -14.64
C GLN LA 91 -61.76 103.04 -13.81
N SER LA 92 -61.00 103.67 -12.92
CA SER LA 92 -60.13 102.92 -12.02
C SER LA 92 -60.90 102.25 -10.91
N HIS LA 93 -62.12 102.71 -10.62
CA HIS LA 93 -62.98 102.00 -9.69
C HIS LA 93 -63.38 100.65 -10.24
N ARG LA 94 -63.59 100.55 -11.54
CA ARG LA 94 -63.91 99.28 -12.17
C ARG LA 94 -62.70 98.35 -12.25
N LEU LA 95 -61.48 98.92 -12.28
CA LEU LA 95 -60.28 98.10 -12.17
C LEU LA 95 -60.18 97.43 -10.81
N THR LA 96 -60.68 98.11 -9.77
CA THR LA 96 -61.02 97.54 -8.47
C THR LA 96 -62.36 96.84 -8.59
N VAL LA 97 -63.16 96.92 -7.54
CA VAL LA 97 -64.51 96.37 -7.42
C VAL LA 97 -65.32 96.50 -8.69
N GLU LA 98 -65.84 95.38 -9.18
CA GLU LA 98 -66.22 95.25 -10.59
C GLU LA 98 -67.57 95.85 -10.92
N ASP LA 99 -68.25 96.47 -9.97
CA ASP LA 99 -69.52 97.09 -10.23
C ASP LA 99 -69.34 98.36 -11.08
N PRO LA 100 -70.40 98.83 -11.73
CA PRO LA 100 -70.39 100.22 -12.22
C PRO LA 100 -70.44 101.17 -11.03
N VAL LA 101 -69.93 102.37 -11.26
CA VAL LA 101 -69.76 103.33 -10.18
C VAL LA 101 -71.12 103.90 -9.79
N THR LA 102 -71.43 103.84 -8.50
CA THR LA 102 -72.65 104.49 -8.02
C THR LA 102 -72.48 106.00 -8.08
N VAL LA 103 -73.60 106.70 -8.29
CA VAL LA 103 -73.55 108.13 -8.51
C VAL LA 103 -73.23 108.87 -7.21
N GLU LA 104 -73.44 108.25 -6.05
CA GLU LA 104 -73.04 108.87 -4.81
C GLU LA 104 -71.54 108.76 -4.58
N TYR LA 105 -70.91 107.72 -5.15
CA TYR LA 105 -69.47 107.54 -4.96
C TYR LA 105 -68.67 108.59 -5.69
N ILE LA 106 -69.08 108.92 -6.92
CA ILE LA 106 -68.29 109.86 -7.71
C ILE LA 106 -68.45 111.29 -7.23
N THR LA 107 -69.57 111.62 -6.56
CA THR LA 107 -69.73 112.95 -5.99
C THR LA 107 -68.86 113.13 -4.76
N ARG LA 108 -68.63 112.07 -3.99
CA ARG LA 108 -67.71 112.18 -2.87
C ARG LA 108 -66.28 112.30 -3.33
N TYR LA 109 -65.96 111.77 -4.51
CA TYR LA 109 -64.60 111.94 -5.03
C TYR LA 109 -64.36 113.37 -5.47
N ILE LA 110 -65.36 114.00 -6.11
CA ILE LA 110 -65.18 115.35 -6.60
C ILE LA 110 -65.15 116.34 -5.44
N ALA LA 111 -66.05 116.17 -4.46
CA ALA LA 111 -66.12 117.10 -3.35
C ALA LA 111 -64.90 117.00 -2.45
N SER LA 112 -64.36 115.79 -2.28
CA SER LA 112 -63.13 115.65 -1.49
C SER LA 112 -61.93 116.18 -2.25
N LEU LA 113 -61.94 116.08 -3.58
CA LEU LA 113 -60.87 116.66 -4.36
C LEU LA 113 -60.92 118.18 -4.31
N LYS LA 114 -62.11 118.74 -4.34
CA LYS LA 114 -62.24 120.19 -4.34
C LYS LA 114 -62.04 120.78 -2.96
N GLN LA 115 -62.20 119.98 -1.90
CA GLN LA 115 -62.03 120.50 -0.55
C GLN LA 115 -60.55 120.65 -0.21
N ARG LA 116 -59.75 119.62 -0.46
CA ARG LA 116 -58.31 119.73 -0.21
C ARG LA 116 -57.62 120.68 -1.17
N TYR LA 117 -58.28 121.02 -2.28
CA TYR LA 117 -57.80 122.02 -3.21
C TYR LA 117 -58.05 123.43 -2.69
N THR LA 118 -58.79 123.57 -1.60
CA THR LA 118 -58.89 124.81 -0.84
C THR LA 118 -58.14 124.76 0.47
N GLN LA 119 -57.97 123.57 1.04
CA GLN LA 119 -57.29 123.41 2.31
C GLN LA 119 -55.78 123.63 2.18
N SER LA 120 -55.21 123.31 1.03
CA SER LA 120 -53.77 123.31 0.85
C SER LA 120 -53.24 124.73 0.68
N ASN LA 121 -51.96 124.85 0.35
CA ASN LA 121 -51.26 126.12 0.29
C ASN LA 121 -50.95 126.48 -1.15
N GLY LA 122 -51.06 127.76 -1.47
CA GLY LA 122 -50.68 128.25 -2.78
C GLY LA 122 -51.56 127.81 -3.92
N ARG LA 123 -52.81 127.48 -3.65
CA ARG LA 123 -53.71 126.91 -4.65
C ARG LA 123 -55.01 127.71 -4.64
N ARG LA 124 -55.34 128.30 -5.79
CA ARG LA 124 -56.66 128.88 -5.99
C ARG LA 124 -57.71 127.78 -5.90
N PRO LA 125 -58.91 128.06 -5.40
CA PRO LA 125 -60.00 127.08 -5.50
C PRO LA 125 -60.52 126.98 -6.92
N PHE LA 126 -61.35 125.96 -7.15
CA PHE LA 126 -62.07 125.93 -8.41
C PHE LA 126 -63.22 126.94 -8.37
N GLY LA 127 -63.72 127.27 -9.56
CA GLY LA 127 -64.84 128.18 -9.66
C GLY LA 127 -66.01 127.59 -10.41
N ILE LA 128 -66.29 126.31 -10.20
CA ILE LA 128 -67.36 125.63 -10.90
C ILE LA 128 -68.31 125.02 -9.87
N SER LA 129 -69.48 124.62 -10.36
CA SER LA 129 -70.48 123.93 -9.55
C SER LA 129 -71.21 122.97 -10.47
N ALA LA 130 -71.06 121.68 -10.22
CA ALA LA 130 -71.49 120.67 -11.17
C ALA LA 130 -72.82 120.06 -10.75
N LEU LA 131 -73.53 119.52 -11.75
CA LEU LA 131 -74.71 118.70 -11.54
C LEU LA 131 -74.39 117.28 -11.98
N ILE LA 132 -74.67 116.32 -11.11
CA ILE LA 132 -74.27 114.94 -11.32
C ILE LA 132 -75.54 114.10 -11.30
N VAL LA 133 -75.91 113.56 -12.45
CA VAL LA 133 -77.16 112.84 -12.62
C VAL LA 133 -76.86 111.42 -13.08
N GLY LA 134 -77.42 110.44 -12.38
CA GLY LA 134 -77.25 109.06 -12.77
C GLY LA 134 -78.35 108.20 -12.22
N PHE LA 135 -78.61 107.09 -12.91
CA PHE LA 135 -79.60 106.10 -12.49
C PHE LA 135 -78.88 104.76 -12.37
N ASP LA 136 -78.48 104.42 -11.15
CA ASP LA 136 -77.54 103.32 -10.92
C ASP LA 136 -78.23 101.97 -11.03
N PHE LA 137 -77.54 100.93 -10.56
CA PHE LA 137 -78.16 99.63 -10.35
C PHE LA 137 -79.30 99.76 -9.34
N ASP LA 138 -80.31 98.88 -9.52
CA ASP LA 138 -81.67 98.88 -8.96
C ASP LA 138 -82.54 99.93 -9.67
N GLY LA 139 -81.94 100.74 -10.54
CA GLY LA 139 -82.69 101.67 -11.36
C GLY LA 139 -83.35 102.81 -10.62
N THR LA 140 -82.69 103.36 -9.61
CA THR LA 140 -83.26 104.46 -8.86
C THR LA 140 -82.67 105.76 -9.37
N PRO LA 141 -83.44 106.62 -10.04
CA PRO LA 141 -82.88 107.86 -10.56
C PRO LA 141 -82.70 108.91 -9.46
N ARG LA 142 -81.54 109.54 -9.45
CA ARG LA 142 -81.26 110.56 -8.45
C ARG LA 142 -80.22 111.52 -9.01
N LEU LA 143 -80.15 112.70 -8.39
CA LEU LA 143 -79.19 113.70 -8.80
C LEU LA 143 -78.55 114.33 -7.57
N TYR LA 144 -77.37 114.90 -7.77
CA TYR LA 144 -76.60 115.59 -6.75
C TYR LA 144 -76.16 116.94 -7.28
N GLN LA 145 -75.46 117.70 -6.44
CA GLN LA 145 -74.81 118.91 -6.87
C GLN LA 145 -73.56 119.12 -6.03
N THR LA 146 -72.67 119.96 -6.53
CA THR LA 146 -71.45 120.31 -5.82
C THR LA 146 -71.47 121.80 -5.47
N ASP LA 147 -70.34 122.26 -4.94
CA ASP LA 147 -70.15 123.62 -4.48
C ASP LA 147 -68.66 123.85 -4.44
N PRO LA 148 -68.19 125.07 -4.67
CA PRO LA 148 -66.74 125.33 -4.56
C PRO LA 148 -66.15 125.09 -3.18
N SER LA 149 -66.97 125.06 -2.13
CA SER LA 149 -66.48 124.57 -0.84
C SER LA 149 -66.25 123.07 -0.88
N GLY LA 150 -67.01 122.34 -1.69
CA GLY LA 150 -66.87 120.90 -1.77
C GLY LA 150 -67.88 120.15 -0.94
N THR LA 151 -69.16 120.52 -1.06
CA THR LA 151 -70.24 119.88 -0.31
C THR LA 151 -71.19 119.20 -1.30
N TYR LA 152 -71.07 117.88 -1.43
CA TYR LA 152 -72.00 117.13 -2.25
C TYR LA 152 -73.36 117.08 -1.58
N HIS LA 153 -74.42 117.15 -2.38
CA HIS LA 153 -75.70 117.58 -1.84
C HIS LA 153 -76.81 117.14 -2.80
N ALA LA 154 -77.73 116.31 -2.31
CA ALA LA 154 -78.75 115.71 -3.17
C ALA LA 154 -80.01 116.55 -3.22
N TRP LA 155 -80.45 116.87 -4.43
CA TRP LA 155 -81.72 117.56 -4.67
C TRP LA 155 -82.65 116.70 -5.52
N LYS LA 156 -83.83 117.25 -5.76
CA LYS LA 156 -84.77 116.71 -6.74
C LYS LA 156 -84.94 117.60 -7.95
N ALA LA 157 -84.56 118.87 -7.85
CA ALA LA 157 -84.51 119.79 -8.98
C ALA LA 157 -83.51 120.88 -8.63
N ASN LA 158 -82.76 121.33 -9.64
CA ASN LA 158 -81.66 122.26 -9.42
C ASN LA 158 -81.69 123.36 -10.47
N ALA LA 159 -81.16 124.51 -10.08
CA ALA LA 159 -80.97 125.64 -10.99
C ALA LA 159 -79.73 126.40 -10.55
N ILE LA 160 -78.81 126.61 -11.49
CA ILE LA 160 -77.55 127.30 -11.25
C ILE LA 160 -77.39 128.40 -12.30
N GLY LA 161 -76.25 129.08 -12.25
CA GLY LA 161 -75.94 130.09 -13.24
C GLY LA 161 -76.57 131.43 -12.94
N ARG LA 162 -76.51 132.31 -13.94
CA ARG LA 162 -76.98 133.69 -13.81
C ARG LA 162 -78.50 133.70 -13.84
N GLY LA 163 -79.12 133.71 -12.66
CA GLY LA 163 -80.57 133.64 -12.57
C GLY LA 163 -81.03 132.35 -11.94
N ALA LA 164 -80.25 131.85 -10.99
CA ALA LA 164 -80.55 130.56 -10.36
C ALA LA 164 -81.76 130.64 -9.44
N LYS LA 165 -81.83 131.70 -8.63
CA LYS LA 165 -82.88 131.79 -7.62
C LYS LA 165 -84.25 132.05 -8.24
N SER LA 166 -84.27 132.70 -9.40
CA SER LA 166 -85.54 132.94 -10.09
C SER LA 166 -86.13 131.65 -10.64
N VAL LA 167 -85.28 130.78 -11.20
CA VAL LA 167 -85.74 129.51 -11.72
C VAL LA 167 -86.09 128.58 -10.56
N ARG LA 168 -85.31 128.65 -9.47
CA ARG LA 168 -85.64 127.87 -8.28
C ARG LA 168 -86.92 128.36 -7.63
N GLU LA 169 -87.23 129.66 -7.74
CA GLU LA 169 -88.52 130.14 -7.28
C GLU LA 169 -89.64 129.70 -8.20
N PHE LA 170 -89.36 129.49 -9.48
CA PHE LA 170 -90.36 128.96 -10.39
C PHE LA 170 -90.68 127.51 -10.07
N LEU LA 171 -89.67 126.72 -9.77
CA LEU LA 171 -89.89 125.35 -9.34
C LEU LA 171 -90.44 125.27 -7.93
N GLU LA 172 -90.33 126.35 -7.17
CA GLU LA 172 -90.82 126.36 -5.79
C GLU LA 172 -92.34 126.29 -5.74
N LYS LA 173 -93.02 126.91 -6.71
CA LYS LA 173 -94.46 126.78 -6.84
C LYS LA 173 -94.85 125.72 -7.85
N ASN LA 174 -94.00 124.71 -8.05
CA ASN LA 174 -94.18 123.74 -9.11
C ASN LA 174 -93.83 122.34 -8.60
N TYR LA 175 -94.35 122.00 -7.42
CA TYR LA 175 -94.02 120.76 -6.73
C TYR LA 175 -94.88 119.58 -7.16
N THR LA 176 -95.50 119.66 -8.34
CA THR LA 176 -96.52 118.69 -8.71
C THR LA 176 -95.90 117.35 -9.06
N ASP LA 177 -96.47 116.27 -8.53
CA ASP LA 177 -96.08 114.93 -8.92
C ASP LA 177 -96.68 114.55 -10.27
N GLU LA 178 -97.71 115.27 -10.71
CA GLU LA 178 -98.32 115.01 -12.01
C GLU LA 178 -97.38 115.41 -13.15
N ALA LA 179 -96.53 116.40 -12.94
CA ALA LA 179 -95.54 116.73 -13.95
C ALA LA 179 -94.44 115.68 -14.04
N ILE LA 180 -94.26 114.86 -13.01
CA ILE LA 180 -93.28 113.78 -13.03
C ILE LA 180 -93.97 112.47 -13.40
N GLU LA 181 -95.20 112.55 -13.89
CA GLU LA 181 -95.92 111.35 -14.32
C GLU LA 181 -95.57 110.98 -15.76
N THR LA 182 -95.84 111.88 -16.69
CA THR LA 182 -95.51 111.66 -18.10
C THR LA 182 -94.10 112.16 -18.38
N ASP LA 183 -93.40 111.42 -19.25
CA ASP LA 183 -92.02 111.77 -19.57
C ASP LA 183 -91.95 113.03 -20.41
N ASP LA 184 -92.77 113.10 -21.45
CA ASP LA 184 -92.81 114.29 -22.31
C ASP LA 184 -93.35 115.51 -21.57
N LEU LA 185 -94.20 115.30 -20.56
CA LEU LA 185 -94.62 116.42 -19.73
C LEU LA 185 -93.48 116.92 -18.86
N THR LA 186 -92.64 116.00 -18.36
CA THR LA 186 -91.46 116.40 -17.61
C THR LA 186 -90.44 117.12 -18.49
N ILE LA 187 -90.34 116.72 -19.76
CA ILE LA 187 -89.49 117.44 -20.69
C ILE LA 187 -90.09 118.81 -21.01
N LYS LA 188 -91.41 118.86 -21.15
CA LYS LA 188 -92.10 120.14 -21.30
C LYS LA 188 -92.08 120.96 -20.02
N LEU LA 189 -91.91 120.30 -18.86
CA LEU LA 189 -91.74 121.02 -17.61
C LEU LA 189 -90.43 121.80 -17.60
N VAL LA 190 -89.35 121.17 -18.05
CA VAL LA 190 -88.05 121.82 -18.10
C VAL LA 190 -88.05 122.89 -19.18
N ILE LA 191 -88.71 122.63 -20.31
CA ILE LA 191 -88.79 123.60 -21.39
C ILE LA 191 -89.62 124.80 -20.98
N LYS LA 192 -90.64 124.60 -20.15
CA LYS LA 192 -91.38 125.72 -19.59
C LYS LA 192 -90.53 126.45 -18.55
N ALA LA 193 -89.73 125.71 -17.79
CA ALA LA 193 -88.87 126.33 -16.80
C ALA LA 193 -87.72 127.09 -17.45
N LEU LA 194 -87.15 126.52 -18.51
CA LEU LA 194 -86.11 127.22 -19.25
C LEU LA 194 -86.66 128.36 -20.08
N LEU LA 195 -87.98 128.39 -20.32
CA LEU LA 195 -88.58 129.55 -20.96
C LEU LA 195 -88.60 130.75 -20.02
N GLU LA 196 -88.64 130.51 -18.70
CA GLU LA 196 -88.53 131.59 -17.73
C GLU LA 196 -87.13 132.17 -17.65
N VAL LA 197 -86.14 131.46 -18.17
CA VAL LA 197 -84.76 131.93 -18.31
C VAL LA 197 -84.69 132.93 -19.46
N VAL LA 198 -83.49 133.51 -19.66
CA VAL LA 198 -83.25 134.50 -20.71
C VAL LA 198 -83.59 133.95 -22.09
N GLN LA 199 -83.70 134.87 -23.06
CA GLN LA 199 -84.80 134.98 -24.03
C GLN LA 199 -85.52 133.69 -24.41
N SER LA 200 -84.79 132.60 -24.65
CA SER LA 200 -85.33 131.25 -24.86
C SER LA 200 -86.28 131.20 -26.05
N GLY LA 201 -85.76 131.60 -27.21
CA GLY LA 201 -86.55 131.61 -28.42
C GLY LA 201 -86.50 130.30 -29.19
N GLY LA 202 -86.37 129.19 -28.47
CA GLY LA 202 -86.30 127.88 -29.08
C GLY LA 202 -84.97 127.53 -29.70
N LYS LA 203 -83.99 128.43 -29.69
CA LYS LA 203 -82.70 128.19 -30.31
C LYS LA 203 -81.56 128.05 -29.31
N ASN LA 204 -81.64 128.69 -28.15
CA ASN LA 204 -80.60 128.63 -27.14
C ASN LA 204 -80.85 127.54 -26.11
N ILE LA 205 -81.79 126.63 -26.36
CA ILE LA 205 -82.17 125.60 -25.41
C ILE LA 205 -81.60 124.28 -25.92
N GLU LA 206 -80.58 123.78 -25.23
CA GLU LA 206 -79.99 122.48 -25.53
C GLU LA 206 -80.29 121.55 -24.36
N LEU LA 207 -81.24 120.64 -24.56
CA LEU LA 207 -81.65 119.71 -23.52
C LEU LA 207 -81.22 118.30 -23.87
N ALA LA 208 -81.07 117.48 -22.83
CA ALA LA 208 -80.62 116.10 -23.00
C ALA LA 208 -81.24 115.25 -21.91
N VAL LA 209 -81.71 114.07 -22.28
CA VAL LA 209 -82.40 113.18 -21.36
C VAL LA 209 -81.63 111.87 -21.26
N MET LA 210 -82.08 111.01 -20.35
CA MET LA 210 -81.51 109.69 -20.18
C MET LA 210 -82.58 108.79 -19.60
N ARG LA 211 -82.94 107.73 -20.32
CA ARG LA 211 -84.05 106.86 -19.95
C ARG LA 211 -83.62 105.71 -19.05
N ARG LA 212 -82.52 105.86 -18.33
CA ARG LA 212 -81.97 104.97 -17.30
C ARG LA 212 -81.50 103.61 -17.83
N ASP LA 213 -81.65 103.33 -19.13
CA ASP LA 213 -81.24 102.06 -19.72
C ASP LA 213 -80.47 102.30 -21.01
N GLN LA 214 -79.85 103.46 -21.14
CA GLN LA 214 -79.33 103.95 -22.41
C GLN LA 214 -78.39 105.11 -22.09
N SER LA 215 -77.44 105.34 -22.98
CA SER LA 215 -76.58 106.51 -22.89
C SER LA 215 -77.39 107.79 -23.14
N LEU LA 216 -76.74 108.93 -22.91
CA LEU LA 216 -77.43 110.21 -23.03
C LEU LA 216 -77.79 110.50 -24.49
N LYS LA 217 -79.05 110.82 -24.71
CA LYS LA 217 -79.58 111.10 -26.05
C LYS LA 217 -80.05 112.54 -26.09
N ILE LA 218 -79.35 113.36 -26.86
CA ILE LA 218 -79.72 114.76 -27.02
C ILE LA 218 -80.87 114.83 -28.02
N LEU LA 219 -81.93 115.57 -27.66
CA LEU LA 219 -83.01 115.79 -28.59
C LEU LA 219 -82.55 116.69 -29.74
N ASN LA 220 -83.04 116.39 -30.93
CA ASN LA 220 -82.67 117.15 -32.12
C ASN LA 220 -83.35 118.51 -32.12
N PRO LA 221 -82.84 119.47 -32.90
CA PRO LA 221 -83.53 120.77 -33.00
C PRO LA 221 -84.76 120.75 -33.90
N GLU LA 222 -85.60 119.75 -33.76
CA GLU LA 222 -86.94 119.69 -34.31
C GLU LA 222 -87.96 119.35 -33.23
N GLU LA 223 -87.58 118.50 -32.28
CA GLU LA 223 -88.43 118.29 -31.11
C GLU LA 223 -88.40 119.48 -30.18
N ILE LA 224 -87.32 120.26 -30.20
CA ILE LA 224 -87.28 121.50 -29.45
C ILE LA 224 -88.28 122.49 -30.04
N GLU LA 225 -88.40 122.51 -31.37
CA GLU LA 225 -89.45 123.30 -32.00
C GLU LA 225 -90.82 122.67 -31.78
N LYS LA 226 -90.88 121.35 -31.66
CA LYS LA 226 -92.15 120.67 -31.46
C LYS LA 226 -92.65 120.84 -30.04
N TYR LA 227 -91.76 120.75 -29.05
CA TYR LA 227 -92.18 120.89 -27.66
C TYR LA 227 -92.47 122.34 -27.30
N VAL LA 228 -91.80 123.29 -27.95
CA VAL LA 228 -92.14 124.69 -27.74
C VAL LA 228 -93.45 125.03 -28.42
N ALA LA 229 -93.83 124.26 -29.44
CA ALA LA 229 -95.11 124.47 -30.09
C ALA LA 229 -96.26 124.02 -29.20
N GLU LA 230 -96.12 122.85 -28.58
CA GLU LA 230 -97.18 122.38 -27.68
C GLU LA 230 -97.17 123.12 -26.35
N ILE LA 231 -96.04 123.72 -25.96
CA ILE LA 231 -96.04 124.58 -24.79
C ILE LA 231 -96.77 125.87 -25.09
N GLU LA 232 -96.65 126.37 -26.32
CA GLU LA 232 -97.45 127.51 -26.74
C GLU LA 232 -98.91 127.15 -26.90
N LYS LA 233 -99.19 125.91 -27.28
CA LYS LA 233 -100.58 125.46 -27.38
C LYS LA 233 -101.19 125.25 -26.00
N GLU LA 234 -100.41 124.76 -25.05
CA GLU LA 234 -100.91 124.59 -23.69
C GLU LA 234 -101.06 125.92 -22.98
N LYS LA 235 -100.26 126.92 -23.35
CA LYS LA 235 -100.41 128.25 -22.78
C LYS LA 235 -101.60 129.00 -23.38
N GLU LA 236 -102.10 128.57 -24.54
CA GLU LA 236 -103.23 129.24 -25.18
C GLU LA 236 -104.56 128.92 -24.50
N GLU LA 237 -104.60 127.93 -23.62
CA GLU LA 237 -105.81 127.56 -22.91
C GLU LA 237 -106.00 128.33 -21.60
N ASN LA 238 -105.37 129.49 -21.47
CA ASN LA 238 -105.51 130.28 -20.26
C ASN LA 238 -106.87 130.97 -20.16
N GLU LA 239 -107.56 131.15 -21.28
CA GLU LA 239 -108.86 131.81 -21.28
C GLU LA 239 -109.95 130.92 -20.68
N TYR MA 7 -53.54 144.29 7.00
CA TYR MA 7 -54.64 143.38 7.35
C TYR MA 7 -54.22 141.93 7.18
N ASP MA 8 -52.92 141.70 7.06
CA ASP MA 8 -52.35 140.38 6.79
C ASP MA 8 -51.24 140.10 7.79
N ARG MA 9 -51.56 139.42 8.88
CA ARG MA 9 -50.59 139.08 9.92
C ARG MA 9 -50.35 137.57 9.91
N GLY MA 10 -49.55 137.11 10.87
CA GLY MA 10 -49.15 135.72 10.90
C GLY MA 10 -50.28 134.78 11.31
N VAL MA 11 -50.19 133.56 10.78
CA VAL MA 11 -51.08 132.48 11.20
C VAL MA 11 -50.57 131.78 12.43
N ASN MA 12 -49.36 132.09 12.87
CA ASN MA 12 -48.66 131.33 13.88
C ASN MA 12 -48.05 132.27 14.90
N THR MA 13 -48.80 133.31 15.28
CA THR MA 13 -48.28 134.42 16.05
C THR MA 13 -49.13 134.65 17.27
N PHE MA 14 -48.50 134.78 18.43
CA PHE MA 14 -49.22 135.07 19.65
C PHE MA 14 -49.73 136.50 19.66
N SER MA 15 -50.80 136.72 20.43
CA SER MA 15 -51.34 138.04 20.63
C SER MA 15 -50.38 138.90 21.46
N PRO MA 16 -50.43 140.22 21.31
CA PRO MA 16 -49.73 141.08 22.28
C PRO MA 16 -50.28 140.96 23.69
N GLU MA 17 -51.59 140.73 23.83
CA GLU MA 17 -52.12 140.36 25.13
C GLU MA 17 -51.61 138.98 25.54
N GLY MA 18 -51.45 138.09 24.57
CA GLY MA 18 -50.76 136.85 24.84
C GLY MA 18 -51.47 135.58 24.45
N ARG MA 19 -52.66 135.66 23.87
CA ARG MA 19 -53.39 134.42 23.62
C ARG MA 19 -52.96 133.72 22.33
N LEU MA 20 -53.37 134.25 21.17
CA LEU MA 20 -53.28 133.68 19.82
C LEU MA 20 -53.91 134.66 18.84
N PHE MA 21 -53.86 134.37 17.55
CA PHE MA 21 -54.58 135.15 16.56
C PHE MA 21 -55.74 134.39 15.92
N GLN MA 22 -55.47 133.25 15.31
CA GLN MA 22 -56.42 132.68 14.37
C GLN MA 22 -57.36 131.66 15.01
N VAL MA 23 -56.88 130.92 16.01
CA VAL MA 23 -57.71 129.90 16.65
C VAL MA 23 -58.80 130.55 17.49
N GLU MA 24 -58.57 131.79 17.92
CA GLU MA 24 -59.64 132.58 18.53
C GLU MA 24 -60.76 132.87 17.53
N TYR MA 25 -60.41 133.03 16.25
CA TYR MA 25 -61.43 133.23 15.23
C TYR MA 25 -62.14 131.92 14.89
N ALA MA 26 -61.49 130.79 15.14
CA ALA MA 26 -62.08 129.49 14.84
C ALA MA 26 -63.26 129.21 15.74
N ILE MA 27 -63.20 129.67 17.00
CA ILE MA 27 -64.31 129.49 17.93
C ILE MA 27 -65.49 130.34 17.49
N GLU MA 28 -65.21 131.49 16.87
CA GLU MA 28 -66.26 132.33 16.33
C GLU MA 28 -66.97 131.67 15.16
N ALA MA 29 -66.26 130.82 14.41
CA ALA MA 29 -66.86 130.15 13.26
C ALA MA 29 -67.86 129.08 13.67
N ILE MA 30 -67.83 128.62 14.92
CA ILE MA 30 -68.80 127.64 15.38
C ILE MA 30 -70.16 128.31 15.56
N LYS MA 31 -70.17 129.62 15.84
CA LYS MA 31 -71.38 130.34 16.21
C LYS MA 31 -72.36 130.43 15.05
N LEU MA 32 -71.89 130.39 13.81
CA LEU MA 32 -72.76 130.44 12.66
C LEU MA 32 -73.30 129.08 12.24
N GLY MA 33 -73.06 128.02 13.03
CA GLY MA 33 -73.59 126.71 12.72
C GLY MA 33 -74.86 126.40 13.51
N SER MA 34 -75.52 125.32 13.09
CA SER MA 34 -76.75 124.92 13.74
C SER MA 34 -76.49 124.34 15.12
N THR MA 35 -77.55 124.28 15.93
CA THR MA 35 -77.40 123.87 17.32
C THR MA 35 -77.56 122.37 17.47
N ALA MA 36 -77.06 121.86 18.59
CA ALA MA 36 -77.10 120.42 18.89
C ALA MA 36 -77.05 120.23 20.39
N ILE MA 37 -77.73 119.20 20.87
CA ILE MA 37 -77.82 118.88 22.29
C ILE MA 37 -77.54 117.40 22.48
N GLY MA 38 -76.60 117.08 23.35
CA GLY MA 38 -76.38 115.71 23.77
C GLY MA 38 -76.34 115.60 25.28
N ILE MA 39 -76.98 114.57 25.81
CA ILE MA 39 -77.12 114.38 27.24
C ILE MA 39 -76.66 112.98 27.61
N GLN MA 40 -75.75 112.88 28.57
CA GLN MA 40 -75.33 111.59 29.11
C GLN MA 40 -76.18 111.25 30.32
N THR MA 41 -76.84 110.09 30.25
CA THR MA 41 -77.65 109.57 31.32
C THR MA 41 -76.96 108.30 31.82
N SER MA 42 -77.31 107.86 33.04
CA SER MA 42 -76.80 106.59 33.53
C SER MA 42 -77.36 105.40 32.75
N GLU MA 43 -78.49 105.57 32.06
CA GLU MA 43 -79.07 104.51 31.26
C GLU MA 43 -78.60 104.50 29.82
N GLY MA 44 -78.07 105.62 29.34
CA GLY MA 44 -77.61 105.68 27.96
C GLY MA 44 -77.25 107.10 27.59
N VAL MA 45 -77.05 107.33 26.29
CA VAL MA 45 -76.73 108.66 25.78
C VAL MA 45 -77.73 109.00 24.69
N CYS MA 46 -78.53 110.03 24.93
CA CYS MA 46 -79.40 110.60 23.90
C CYS MA 46 -78.73 111.82 23.29
N LEU MA 47 -79.19 112.19 22.11
CA LEU MA 47 -78.51 113.21 21.34
C LEU MA 47 -79.51 113.81 20.36
N ALA MA 48 -79.35 115.10 20.07
CA ALA MA 48 -80.30 115.82 19.25
C ALA MA 48 -79.60 116.89 18.43
N VAL MA 49 -80.23 117.30 17.32
CA VAL MA 49 -79.68 118.32 16.44
C VAL MA 49 -80.84 118.89 15.62
N GLU MA 50 -80.63 120.08 15.05
CA GLU MA 50 -81.56 120.71 14.13
C GLU MA 50 -80.95 120.71 12.73
N LYS MA 51 -81.77 120.44 11.72
CA LYS MA 51 -81.26 120.30 10.36
C LYS MA 51 -81.12 121.62 9.62
N ARG MA 52 -81.96 122.62 9.95
CA ARG MA 52 -82.02 123.93 9.29
C ARG MA 52 -82.29 123.77 7.78
N ILE MA 53 -83.52 123.33 7.50
CA ILE MA 53 -83.96 123.14 6.14
C ILE MA 53 -84.12 124.50 5.46
N THR MA 54 -83.58 124.62 4.25
CA THR MA 54 -83.66 125.86 3.50
C THR MA 54 -84.82 125.86 2.51
N SER MA 55 -84.95 124.82 1.69
CA SER MA 55 -85.93 124.79 0.62
C SER MA 55 -86.65 123.45 0.62
N PRO MA 56 -87.93 123.44 0.23
CA PRO MA 56 -88.63 122.16 0.08
C PRO MA 56 -88.16 121.35 -1.11
N LEU MA 57 -87.50 121.97 -2.10
CA LEU MA 57 -86.86 121.22 -3.17
C LEU MA 57 -85.69 120.39 -2.66
N MET MA 58 -85.11 120.79 -1.54
CA MET MA 58 -83.97 120.09 -0.99
C MET MA 58 -84.41 118.77 -0.36
N GLU MA 59 -83.67 117.72 -0.66
CA GLU MA 59 -83.94 116.44 -0.04
C GLU MA 59 -83.47 116.49 1.41
N PRO MA 60 -84.30 116.09 2.38
CA PRO MA 60 -83.93 116.27 3.78
C PRO MA 60 -82.87 115.30 4.30
N SER MA 61 -82.91 114.03 3.89
CA SER MA 61 -82.02 113.05 4.48
C SER MA 61 -80.59 113.13 3.94
N SER MA 62 -80.35 113.95 2.92
CA SER MA 62 -78.99 114.17 2.44
C SER MA 62 -78.19 115.08 3.36
N ILE MA 63 -78.84 115.75 4.31
CA ILE MA 63 -78.16 116.59 5.28
C ILE MA 63 -78.17 115.83 6.60
N GLU MA 64 -77.01 115.36 7.02
CA GLU MA 64 -76.88 114.61 8.26
C GLU MA 64 -75.95 115.32 9.21
N LYS MA 65 -76.22 115.14 10.49
CA LYS MA 65 -75.37 115.61 11.56
C LYS MA 65 -74.91 114.49 12.48
N ILE MA 66 -75.80 113.56 12.80
CA ILE MA 66 -75.39 112.34 13.50
C ILE MA 66 -74.77 111.39 12.48
N VAL MA 67 -73.51 111.08 12.68
CA VAL MA 67 -72.77 110.16 11.82
C VAL MA 67 -72.11 109.12 12.71
N GLU MA 68 -72.31 107.85 12.39
CA GLU MA 68 -71.69 106.80 13.19
C GLU MA 68 -70.20 106.74 12.96
N ILE MA 69 -69.46 106.49 14.04
CA ILE MA 69 -68.03 106.28 13.98
C ILE MA 69 -67.69 104.82 14.09
N ASP MA 70 -68.22 104.16 15.10
CA ASP MA 70 -68.12 102.71 15.26
C ASP MA 70 -69.55 102.23 15.49
N ALA MA 71 -69.73 100.95 15.84
CA ALA MA 71 -71.06 100.44 16.10
C ALA MA 71 -71.64 100.96 17.40
N HIS MA 72 -70.80 101.46 18.31
CA HIS MA 72 -71.27 101.90 19.62
C HIS MA 72 -70.84 103.32 19.93
N ILE MA 73 -70.45 104.09 18.92
CA ILE MA 73 -69.98 105.46 19.10
C ILE MA 73 -70.64 106.34 18.05
N GLY MA 74 -71.38 107.35 18.50
CA GLY MA 74 -71.98 108.33 17.61
C GLY MA 74 -71.19 109.62 17.56
N CYS MA 75 -71.75 110.57 16.81
CA CYS MA 75 -71.11 111.87 16.64
C CYS MA 75 -72.16 112.94 16.40
N ALA MA 76 -71.73 114.19 16.53
CA ALA MA 76 -72.57 115.36 16.29
C ALA MA 76 -71.66 116.51 15.91
N MET MA 77 -72.00 117.20 14.83
CA MET MA 77 -71.14 118.25 14.32
C MET MA 77 -71.90 119.56 14.18
N SER MA 78 -71.15 120.65 14.24
CA SER MA 78 -71.70 121.99 14.02
C SER MA 78 -70.56 122.87 13.54
N GLY MA 79 -70.71 123.47 12.37
CA GLY MA 79 -69.64 124.25 11.79
C GLY MA 79 -69.51 123.99 10.31
N LEU MA 80 -68.29 124.08 9.78
CA LEU MA 80 -68.09 123.82 8.36
C LEU MA 80 -68.22 122.33 8.09
N ILE MA 81 -68.96 121.99 7.05
CA ILE MA 81 -69.44 120.63 6.88
C ILE MA 81 -68.35 119.71 6.39
N ALA MA 82 -67.73 120.04 5.26
CA ALA MA 82 -66.74 119.16 4.66
C ALA MA 82 -65.41 119.16 5.39
N ASP MA 83 -65.17 120.16 6.26
CA ASP MA 83 -64.03 120.06 7.17
C ASP MA 83 -64.27 119.00 8.23
N ALA MA 84 -65.52 118.80 8.63
CA ALA MA 84 -65.82 117.74 9.58
C ALA MA 84 -65.73 116.37 8.92
N LYS MA 85 -65.99 116.30 7.62
CA LYS MA 85 -65.94 115.03 6.90
C LYS MA 85 -64.52 114.47 6.81
N THR MA 86 -63.51 115.32 6.95
CA THR MA 86 -62.14 114.83 7.07
C THR MA 86 -61.93 114.15 8.41
N LEU MA 87 -62.47 114.73 9.48
CA LEU MA 87 -62.28 114.17 10.82
C LEU MA 87 -63.09 112.91 11.04
N ILE MA 88 -64.24 112.79 10.38
CA ILE MA 88 -65.06 111.59 10.52
C ILE MA 88 -64.36 110.39 9.90
N ASP MA 89 -63.79 110.58 8.70
CA ASP MA 89 -63.16 109.49 7.98
C ASP MA 89 -61.92 108.98 8.69
N LYS MA 90 -61.20 109.87 9.36
CA LYS MA 90 -60.03 109.43 10.12
C LYS MA 90 -60.44 108.68 11.37
N ALA MA 91 -61.46 109.17 12.08
CA ALA MA 91 -61.89 108.56 13.33
C ALA MA 91 -62.51 107.19 13.11
N ARG MA 92 -63.08 106.95 11.93
CA ARG MA 92 -63.54 105.61 11.60
C ARG MA 92 -62.37 104.66 11.39
N VAL MA 93 -61.31 105.14 10.72
CA VAL MA 93 -60.18 104.27 10.38
C VAL MA 93 -59.39 103.90 11.62
N GLU MA 94 -59.16 104.87 12.50
CA GLU MA 94 -58.29 104.64 13.65
C GLU MA 94 -58.96 103.78 14.73
N THR MA 95 -60.27 103.59 14.66
CA THR MA 95 -60.89 102.53 15.46
C THR MA 95 -60.67 101.16 14.82
N GLN MA 96 -60.59 101.10 13.50
CA GLN MA 96 -60.36 99.82 12.84
C GLN MA 96 -58.90 99.38 12.96
N ASN MA 97 -57.98 100.32 13.04
CA ASN MA 97 -56.60 99.97 13.37
C ASN MA 97 -56.51 99.43 14.79
N HIS MA 98 -57.41 99.86 15.68
CA HIS MA 98 -57.37 99.38 17.05
C HIS MA 98 -57.91 97.96 17.16
N TRP MA 99 -58.97 97.64 16.41
CA TRP MA 99 -59.56 96.31 16.57
C TRP MA 99 -58.77 95.26 15.81
N PHE MA 100 -58.20 95.62 14.67
CA PHE MA 100 -57.41 94.69 13.88
C PHE MA 100 -55.95 94.69 14.27
N THR MA 101 -55.62 95.19 15.46
CA THR MA 101 -54.35 94.94 16.11
C THR MA 101 -54.49 94.49 17.56
N TYR MA 102 -55.68 94.56 18.15
CA TYR MA 102 -55.85 94.21 19.56
C TYR MA 102 -57.07 93.34 19.86
N ASN MA 103 -57.97 93.12 18.90
CA ASN MA 103 -59.25 92.39 19.10
C ASN MA 103 -60.08 92.96 20.24
N GLU MA 104 -60.11 94.29 20.33
CA GLU MA 104 -60.99 94.93 21.29
C GLU MA 104 -61.43 96.27 20.72
N THR MA 105 -62.47 96.82 21.31
CA THR MA 105 -63.03 98.08 20.85
C THR MA 105 -62.30 99.24 21.53
N MET MA 106 -61.96 100.26 20.72
CA MET MA 106 -61.36 101.46 21.26
C MET MA 106 -62.39 102.23 22.08
N THR MA 107 -61.99 102.67 23.28
CA THR MA 107 -62.91 103.33 24.19
C THR MA 107 -63.24 104.73 23.69
N VAL MA 108 -64.28 105.32 24.30
CA VAL MA 108 -64.85 106.57 23.80
C VAL MA 108 -63.90 107.73 24.04
N GLU MA 109 -63.19 107.71 25.17
CA GLU MA 109 -62.20 108.74 25.44
C GLU MA 109 -61.01 108.62 24.51
N SER MA 110 -60.50 107.40 24.32
CA SER MA 110 -59.32 107.19 23.53
C SER MA 110 -59.53 107.34 22.03
N VAL MA 111 -60.78 107.43 21.56
CA VAL MA 111 -61.03 107.82 20.18
C VAL MA 111 -60.64 109.28 19.98
N THR MA 112 -61.11 110.15 20.86
CA THR MA 112 -60.94 111.58 20.71
C THR MA 112 -59.51 112.02 20.94
N GLN MA 113 -58.73 111.22 21.67
CA GLN MA 113 -57.31 111.48 21.80
C GLN MA 113 -56.61 111.42 20.45
N ALA MA 114 -57.00 110.45 19.62
CA ALA MA 114 -56.42 110.35 18.29
C ALA MA 114 -56.97 111.42 17.36
N VAL MA 115 -58.20 111.87 17.60
CA VAL MA 115 -58.79 112.91 16.76
C VAL MA 115 -58.16 114.26 17.06
N SER MA 116 -57.99 114.57 18.33
CA SER MA 116 -57.49 115.88 18.74
C SER MA 116 -55.98 116.01 18.60
N ASN MA 117 -55.28 114.99 18.12
CA ASN MA 117 -53.85 115.15 17.86
C ASN MA 117 -53.61 116.07 16.68
N LEU MA 118 -54.29 115.84 15.57
CA LEU MA 118 -54.17 116.71 14.41
C LEU MA 118 -55.27 117.76 14.36
N ALA MA 119 -55.93 118.02 15.48
CA ALA MA 119 -56.76 119.21 15.58
C ALA MA 119 -55.91 120.47 15.49
N LEU MA 120 -54.73 120.46 16.09
CA LEU MA 120 -53.76 121.54 15.92
C LEU MA 120 -52.45 120.93 15.44
N GLN MA 121 -52.37 120.73 14.13
CA GLN MA 121 -51.12 120.40 13.47
C GLN MA 121 -50.97 121.15 12.16
N PHE MA 122 -51.69 122.26 12.02
CA PHE MA 122 -51.63 123.04 10.79
C PHE MA 122 -50.32 123.78 10.68
N GLY MA 123 -49.87 123.99 9.45
CA GLY MA 123 -48.62 124.69 9.22
C GLY MA 123 -48.23 124.61 7.77
N GLU MA 124 -46.95 124.91 7.52
CA GLU MA 124 -46.41 124.93 6.16
C GLU MA 124 -45.73 123.61 5.81
N GLU MA 125 -44.73 123.22 6.58
CA GLU MA 125 -44.00 121.97 6.35
C GLU MA 125 -44.72 120.82 7.04
N ASP MA 126 -44.05 119.66 7.11
CA ASP MA 126 -44.50 118.45 7.81
C ASP MA 126 -45.83 117.91 7.26
N SER MA 133 -51.38 124.75 6.46
CA SER MA 133 -52.84 124.82 6.37
C SER MA 133 -53.40 125.68 7.51
N ARG MA 134 -54.71 125.77 7.54
CA ARG MA 134 -55.46 126.53 8.54
C ARG MA 134 -56.03 125.58 9.59
N PRO MA 135 -56.38 126.08 10.78
CA PRO MA 135 -57.08 125.23 11.74
C PRO MA 135 -58.51 124.94 11.30
N PHE MA 136 -59.05 123.85 11.83
CA PHE MA 136 -60.38 123.39 11.46
C PHE MA 136 -61.45 124.28 12.07
N GLY MA 137 -62.68 124.11 11.58
CA GLY MA 137 -63.76 124.98 11.99
C GLY MA 137 -65.02 124.28 12.46
N VAL MA 138 -64.89 123.18 13.18
CA VAL MA 138 -66.04 122.40 13.61
C VAL MA 138 -65.84 121.97 15.06
N ALA MA 139 -66.93 121.96 15.83
CA ALA MA 139 -66.95 121.44 17.19
C ALA MA 139 -67.74 120.15 17.21
N LEU MA 140 -67.29 119.19 18.00
CA LEU MA 140 -67.86 117.85 17.97
C LEU MA 140 -68.35 117.41 19.33
N LEU MA 141 -69.35 116.54 19.32
CA LEU MA 141 -69.82 115.83 20.51
C LEU MA 141 -69.73 114.34 20.23
N PHE MA 142 -69.06 113.62 21.11
CA PHE MA 142 -68.88 112.18 20.98
C PHE MA 142 -69.59 111.49 22.13
N GLY MA 143 -70.67 110.78 21.81
CA GLY MA 143 -71.30 109.87 22.75
C GLY MA 143 -70.94 108.43 22.45
N GLY MA 144 -71.19 107.58 23.42
CA GLY MA 144 -70.87 106.18 23.27
C GLY MA 144 -70.90 105.45 24.60
N VAL MA 145 -71.01 104.14 24.51
CA VAL MA 145 -71.07 103.27 25.68
C VAL MA 145 -69.88 102.32 25.61
N ASP MA 146 -69.11 102.26 26.69
CA ASP MA 146 -67.96 101.37 26.78
C ASP MA 146 -67.95 100.78 28.19
N GLU MA 147 -66.79 100.24 28.58
CA GLU MA 147 -66.66 99.50 29.85
C GLU MA 147 -66.89 100.38 31.07
N LYS MA 148 -66.71 101.69 30.96
CA LYS MA 148 -67.05 102.62 32.02
C LYS MA 148 -68.47 103.16 31.92
N GLY MA 149 -69.38 102.40 31.32
CA GLY MA 149 -70.73 102.86 31.11
C GLY MA 149 -70.82 103.80 29.94
N PRO MA 150 -71.96 104.47 29.81
CA PRO MA 150 -72.10 105.47 28.74
C PRO MA 150 -71.28 106.73 29.05
N GLN MA 151 -70.72 107.31 28.00
CA GLN MA 151 -69.86 108.47 28.12
C GLN MA 151 -70.30 109.54 27.14
N LEU MA 152 -69.85 110.76 27.38
CA LEU MA 152 -70.12 111.89 26.50
C LEU MA 152 -68.98 112.88 26.61
N PHE MA 153 -68.39 113.24 25.47
CA PHE MA 153 -67.24 114.13 25.45
C PHE MA 153 -67.50 115.29 24.50
N HIS MA 154 -66.65 116.29 24.61
CA HIS MA 154 -66.75 117.48 23.78
C HIS MA 154 -65.37 117.98 23.43
N MET MA 155 -65.18 118.35 22.16
CA MET MA 155 -63.92 118.93 21.74
C MET MA 155 -64.16 120.25 21.01
N ASP MA 156 -63.09 120.81 20.44
CA ASP MA 156 -63.15 122.12 19.82
C ASP MA 156 -62.02 122.20 18.80
N PRO MA 157 -62.01 123.23 17.93
CA PRO MA 157 -60.84 123.42 17.07
C PRO MA 157 -59.54 123.73 17.79
N SER MA 158 -59.58 124.17 19.04
CA SER MA 158 -58.35 124.45 19.78
C SER MA 158 -57.78 123.20 20.46
N GLY MA 159 -58.32 122.02 20.16
CA GLY MA 159 -57.82 120.80 20.72
C GLY MA 159 -58.12 120.57 22.19
N THR MA 160 -58.86 121.47 22.83
CA THR MA 160 -59.15 121.35 24.26
C THR MA 160 -60.24 120.29 24.43
N PHE MA 161 -59.85 119.16 25.01
CA PHE MA 161 -60.71 118.01 25.15
C PHE MA 161 -61.17 117.85 26.59
N VAL MA 162 -62.47 117.57 26.76
CA VAL MA 162 -63.08 117.59 28.09
C VAL MA 162 -64.29 116.66 28.07
N GLN MA 163 -64.67 116.17 29.25
CA GLN MA 163 -65.87 115.37 29.42
C GLN MA 163 -66.98 116.23 30.00
N CYS MA 164 -68.16 116.14 29.42
CA CYS MA 164 -69.32 116.89 29.88
C CYS MA 164 -70.46 115.93 30.19
N ASP MA 165 -71.28 116.30 31.17
CA ASP MA 165 -72.47 115.51 31.46
C ASP MA 165 -73.56 115.75 30.42
N ALA MA 166 -73.81 117.00 30.06
CA ALA MA 166 -74.78 117.30 29.00
C ALA MA 166 -74.40 118.64 28.38
N ARG MA 167 -73.69 118.59 27.25
CA ARG MA 167 -73.17 119.76 26.58
C ARG MA 167 -74.08 120.11 25.40
N ALA MA 168 -74.32 121.40 25.20
CA ALA MA 168 -75.09 121.88 24.06
C ALA MA 168 -74.30 122.98 23.36
N ILE MA 169 -74.07 122.82 22.06
CA ILE MA 169 -73.31 123.76 21.26
C ILE MA 169 -74.12 124.17 20.04
N GLY MA 170 -73.60 125.16 19.32
CA GLY MA 170 -74.27 125.69 18.14
C GLY MA 170 -74.49 127.18 18.17
N SER MA 171 -75.47 127.67 17.40
CA SER MA 171 -75.74 129.10 17.38
C SER MA 171 -76.41 129.55 18.67
N ALA MA 172 -77.34 128.76 19.20
CA ALA MA 172 -78.04 129.08 20.42
C ALA MA 172 -77.42 128.38 21.62
N SER MA 173 -76.09 128.26 21.60
CA SER MA 173 -75.37 127.48 22.60
C SER MA 173 -75.42 128.12 23.98
N GLU MA 174 -75.56 129.44 24.06
CA GLU MA 174 -75.54 130.10 25.35
C GLU MA 174 -76.84 129.89 26.10
N GLY MA 175 -77.97 130.18 25.46
CA GLY MA 175 -79.26 129.98 26.08
C GLY MA 175 -79.63 128.54 26.30
N ALA MA 176 -79.02 127.62 25.54
CA ALA MA 176 -79.24 126.21 25.78
C ALA MA 176 -78.60 125.76 27.07
N GLN MA 177 -77.33 126.12 27.29
CA GLN MA 177 -76.59 125.72 28.47
C GLN MA 177 -77.18 126.31 29.75
N SER MA 178 -77.78 127.49 29.66
CA SER MA 178 -78.40 128.09 30.84
C SER MA 178 -79.67 127.36 31.21
N SER MA 179 -80.51 127.04 30.22
CA SER MA 179 -81.75 126.33 30.48
C SER MA 179 -81.51 124.88 30.85
N LEU MA 180 -80.38 124.32 30.38
CA LEU MA 180 -80.12 122.91 30.64
C LEU MA 180 -79.68 122.68 32.08
N GLN MA 181 -79.00 123.65 32.69
CA GLN MA 181 -78.58 123.52 34.08
C GLN MA 181 -79.75 123.57 35.04
N GLU MA 182 -80.89 124.09 34.59
CA GLU MA 182 -82.09 124.08 35.43
C GLU MA 182 -82.69 122.69 35.51
N VAL MA 183 -82.69 121.96 34.40
CA VAL MA 183 -83.53 120.77 34.26
C VAL MA 183 -82.72 119.48 34.39
N TYR MA 184 -81.43 119.56 34.68
CA TYR MA 184 -80.58 118.39 34.72
C TYR MA 184 -80.29 118.00 36.16
N HIS MA 185 -80.23 116.69 36.41
CA HIS MA 185 -79.70 116.15 37.65
C HIS MA 185 -79.02 114.81 37.31
N LYS MA 186 -78.50 114.15 38.34
CA LYS MA 186 -77.69 112.97 38.10
C LYS MA 186 -78.53 111.72 37.94
N SER MA 187 -79.73 111.67 38.52
CA SER MA 187 -80.54 110.46 38.53
C SER MA 187 -81.60 110.47 37.45
N MET MA 188 -81.29 111.03 36.27
CA MET MA 188 -82.21 111.05 35.16
C MET MA 188 -82.44 109.64 34.61
N THR MA 189 -83.55 109.48 33.89
CA THR MA 189 -83.76 108.28 33.10
C THR MA 189 -83.65 108.64 31.62
N LEU MA 190 -83.87 107.65 30.76
CA LEU MA 190 -83.60 107.84 29.35
C LEU MA 190 -84.67 108.69 28.67
N LYS MA 191 -85.92 108.20 28.67
CA LYS MA 191 -87.00 108.89 27.99
C LYS MA 191 -87.36 110.22 28.66
N GLU MA 192 -87.06 110.37 29.94
CA GLU MA 192 -87.21 111.67 30.60
C GLU MA 192 -86.21 112.67 30.02
N ALA MA 193 -84.99 112.22 29.73
CA ALA MA 193 -83.99 113.12 29.17
C ALA MA 193 -84.26 113.41 27.70
N ILE MA 194 -84.97 112.51 27.01
CA ILE MA 194 -85.24 112.72 25.59
C ILE MA 194 -86.24 113.83 25.39
N LYS MA 195 -87.38 113.77 26.08
CA LYS MA 195 -88.39 114.79 25.91
C LYS MA 195 -88.00 116.11 26.57
N SER MA 196 -87.10 116.09 27.55
CA SER MA 196 -86.62 117.33 28.13
C SER MA 196 -85.69 118.06 27.17
N SER MA 197 -85.04 117.34 26.27
CA SER MA 197 -84.10 117.97 25.34
C SER MA 197 -84.85 118.73 24.25
N LEU MA 198 -85.91 118.13 23.70
CA LEU MA 198 -86.64 118.77 22.62
C LEU MA 198 -87.46 119.96 23.09
N ILE MA 199 -87.79 120.03 24.38
CA ILE MA 199 -88.38 121.24 24.93
C ILE MA 199 -87.39 122.40 24.82
N ILE MA 200 -86.11 122.12 25.08
CA ILE MA 200 -85.07 123.12 24.91
C ILE MA 200 -84.90 123.45 23.42
N LEU MA 201 -85.10 122.46 22.55
CA LEU MA 201 -84.92 122.67 21.11
C LEU MA 201 -85.97 123.61 20.54
N LYS MA 202 -87.24 123.39 20.90
CA LYS MA 202 -88.30 124.23 20.35
C LYS MA 202 -88.28 125.64 20.94
N GLN MA 203 -87.60 125.84 22.05
CA GLN MA 203 -87.42 127.20 22.57
C GLN MA 203 -86.33 127.94 21.82
N VAL MA 204 -85.32 127.22 21.32
CA VAL MA 204 -84.16 127.89 20.72
C VAL MA 204 -84.21 127.93 19.20
N MET MA 205 -85.09 127.18 18.56
CA MET MA 205 -85.25 127.29 17.12
C MET MA 205 -86.42 128.21 16.80
N GLU MA 206 -86.57 128.49 15.51
CA GLU MA 206 -87.57 129.43 15.04
C GLU MA 206 -88.73 128.80 14.28
N GLU MA 207 -88.54 127.60 13.73
CA GLU MA 207 -89.58 126.95 12.96
C GLU MA 207 -90.39 126.01 13.87
N LYS MA 208 -91.51 125.54 13.34
CA LYS MA 208 -92.34 124.61 14.08
C LYS MA 208 -91.68 123.23 14.10
N LEU MA 209 -91.80 122.54 15.23
CA LEU MA 209 -91.21 121.22 15.37
C LEU MA 209 -92.04 120.20 14.60
N ASN MA 210 -91.37 119.42 13.76
CA ASN MA 210 -92.07 118.44 12.95
C ASN MA 210 -91.17 117.23 12.75
N ALA MA 211 -91.53 116.38 11.78
CA ALA MA 211 -90.77 115.19 11.47
C ALA MA 211 -89.55 115.46 10.61
N THR MA 212 -89.31 116.72 10.22
CA THR MA 212 -88.25 117.03 9.28
C THR MA 212 -87.17 117.94 9.85
N ASN MA 213 -87.46 118.71 10.88
CA ASN MA 213 -86.49 119.69 11.35
C ASN MA 213 -85.38 119.07 12.19
N ILE MA 214 -85.68 118.03 12.97
CA ILE MA 214 -84.74 117.49 13.93
C ILE MA 214 -84.51 116.01 13.64
N GLU MA 215 -83.57 115.43 14.38
CA GLU MA 215 -83.35 113.99 14.41
C GLU MA 215 -82.65 113.65 15.71
N LEU MA 216 -82.87 112.43 16.18
CA LEU MA 216 -82.30 111.94 17.43
C LEU MA 216 -81.33 110.81 17.17
N ALA MA 217 -80.63 110.42 18.23
CA ALA MA 217 -79.71 109.30 18.21
C ALA MA 217 -79.49 108.85 19.65
N THR MA 218 -79.89 107.64 19.97
CA THR MA 218 -79.86 107.14 21.34
C THR MA 218 -79.10 105.82 21.37
N VAL MA 219 -77.98 105.79 22.07
CA VAL MA 219 -77.19 104.58 22.26
C VAL MA 219 -77.38 104.11 23.70
N GLN MA 220 -77.47 102.80 23.88
CA GLN MA 220 -77.72 102.17 25.17
C GLN MA 220 -76.74 101.02 25.35
N PRO MA 221 -76.51 100.59 26.59
CA PRO MA 221 -75.82 99.30 26.78
C PRO MA 221 -76.64 98.12 26.30
N GLY MA 222 -77.94 98.12 26.55
CA GLY MA 222 -78.79 97.07 26.05
C GLY MA 222 -79.00 97.17 24.56
N GLN MA 223 -79.71 98.19 24.11
CA GLN MA 223 -79.84 98.48 22.68
C GLN MA 223 -78.52 99.08 22.24
N ASN MA 224 -77.63 98.23 21.73
CA ASN MA 224 -76.22 98.57 21.60
C ASN MA 224 -75.94 99.57 20.49
N PHE MA 225 -76.88 99.77 19.59
CA PHE MA 225 -76.68 100.70 18.49
C PHE MA 225 -77.54 101.93 18.70
N HIS MA 226 -77.26 102.98 17.94
CA HIS MA 226 -78.18 104.11 17.87
C HIS MA 226 -79.12 103.89 16.69
N MET MA 227 -80.42 104.02 16.95
CA MET MA 227 -81.43 103.51 16.03
C MET MA 227 -82.63 104.44 16.08
N PHE MA 228 -82.70 105.38 15.14
CA PHE MA 228 -83.74 106.40 15.18
C PHE MA 228 -84.35 106.63 13.79
N THR MA 229 -84.95 105.58 13.23
CA THR MA 229 -85.80 105.75 12.06
C THR MA 229 -86.93 106.76 12.32
N LYS MA 230 -87.41 107.33 11.22
CA LYS MA 230 -88.49 108.29 11.27
C LYS MA 230 -89.80 107.61 11.67
N GLU MA 231 -90.77 108.44 12.08
CA GLU MA 231 -92.12 108.13 12.57
C GLU MA 231 -92.11 107.47 13.95
N GLU MA 232 -90.92 107.15 14.46
CA GLU MA 232 -90.70 107.17 15.90
C GLU MA 232 -90.58 108.60 16.37
N LEU MA 233 -90.12 109.47 15.47
CA LEU MA 233 -89.96 110.89 15.77
C LEU MA 233 -91.31 111.55 15.97
N GLU MA 234 -92.29 111.20 15.12
CA GLU MA 234 -93.64 111.71 15.29
C GLU MA 234 -94.33 111.14 16.51
N GLU MA 235 -93.89 109.97 16.98
CA GLU MA 235 -94.44 109.38 18.19
C GLU MA 235 -94.08 110.20 19.42
N VAL MA 236 -92.92 110.86 19.40
CA VAL MA 236 -92.50 111.62 20.57
C VAL MA 236 -93.11 113.03 20.55
N ILE MA 237 -93.31 113.60 19.36
CA ILE MA 237 -93.92 114.93 19.25
C ILE MA 237 -95.38 114.90 19.70
N LYS MA 238 -96.11 113.85 19.34
CA LYS MA 238 -97.50 113.75 19.77
C LYS MA 238 -97.62 113.46 21.26
N ASP MA 239 -96.55 113.00 21.90
CA ASP MA 239 -96.52 112.80 23.34
C ASP MA 239 -95.95 114.00 24.10
N ILE MA 240 -95.73 115.11 23.41
CA ILE MA 240 -95.26 116.31 24.07
C ILE MA 240 -96.15 117.48 23.63
N ASN NA 9 -43.70 149.00 16.66
CA ASN NA 9 -44.58 147.84 16.64
C ASN NA 9 -44.29 146.92 15.46
N GLN NA 10 -43.68 147.50 14.42
CA GLN NA 10 -43.43 146.76 13.19
C GLN NA 10 -42.34 145.72 13.34
N TYR NA 11 -41.47 145.87 14.34
CA TYR NA 11 -40.44 144.88 14.62
C TYR NA 11 -40.90 143.87 15.66
N ASP NA 12 -42.18 143.90 16.05
CA ASP NA 12 -42.73 142.99 17.05
C ASP NA 12 -43.55 141.88 16.41
N ASN NA 13 -43.23 141.50 15.18
CA ASN NA 13 -44.05 140.55 14.43
C ASN NA 13 -43.45 139.15 14.44
N ASP NA 14 -42.22 139.00 13.98
CA ASP NA 14 -41.62 137.70 13.81
C ASP NA 14 -40.62 137.39 14.92
N VAL NA 15 -40.31 136.10 15.05
CA VAL NA 15 -39.34 135.65 16.04
C VAL NA 15 -37.94 136.03 15.61
N THR NA 16 -37.69 136.08 14.30
CA THR NA 16 -36.35 136.33 13.78
C THR NA 16 -35.90 137.76 14.02
N VAL NA 17 -36.82 138.72 13.98
CA VAL NA 17 -36.46 140.13 14.01
C VAL NA 17 -36.07 140.54 15.43
N TRP NA 18 -34.82 140.98 15.60
CA TRP NA 18 -34.38 141.56 16.86
C TRP NA 18 -35.01 142.93 17.07
N SER NA 19 -34.98 143.36 18.31
CA SER NA 19 -35.45 144.70 18.60
C SER NA 19 -34.29 145.69 18.55
N PRO NA 20 -34.57 146.97 18.33
CA PRO NA 20 -33.53 147.99 18.51
C PRO NA 20 -33.12 148.17 19.95
N GLN NA 21 -33.89 147.69 20.91
CA GLN NA 21 -33.43 147.61 22.28
C GLN NA 21 -32.76 146.29 22.58
N GLY NA 22 -33.06 145.26 21.80
CA GLY NA 22 -32.41 143.97 21.97
C GLY NA 22 -33.23 142.96 22.74
N ARG NA 23 -34.55 143.00 22.57
CA ARG NA 23 -35.45 142.08 23.26
C ARG NA 23 -36.47 141.57 22.25
N ILE NA 24 -36.40 140.27 21.94
CA ILE NA 24 -37.33 139.68 20.99
C ILE NA 24 -38.70 139.57 21.67
N HIS NA 25 -39.65 140.36 21.20
CA HIS NA 25 -40.94 140.49 21.88
C HIS NA 25 -41.83 139.27 21.73
N GLN NA 26 -41.54 138.36 20.79
CA GLN NA 26 -42.38 137.18 20.64
C GLN NA 26 -42.22 136.23 21.82
N ILE NA 27 -41.02 136.13 22.37
CA ILE NA 27 -40.82 135.35 23.59
C ILE NA 27 -41.48 136.04 24.77
N GLU NA 28 -41.39 137.37 24.83
CA GLU NA 28 -42.01 138.13 25.91
C GLU NA 28 -43.53 138.05 25.86
N TYR NA 29 -44.10 137.80 24.69
CA TYR NA 29 -45.54 137.57 24.61
C TYR NA 29 -45.89 136.15 25.04
N ALA NA 30 -44.97 135.20 24.84
CA ALA NA 30 -45.23 133.83 25.22
C ALA NA 30 -45.14 133.64 26.73
N MET NA 31 -44.38 134.50 27.41
CA MET NA 31 -44.38 134.49 28.87
C MET NA 31 -45.75 134.89 29.42
N GLU NA 32 -46.49 135.72 28.69
CA GLU NA 32 -47.82 136.11 29.14
C GLU NA 32 -48.81 134.97 29.00
N ALA NA 33 -48.58 134.06 28.05
CA ALA NA 33 -49.49 132.94 27.87
C ALA NA 33 -49.38 131.93 29.01
N VAL NA 34 -48.21 131.87 29.65
CA VAL NA 34 -48.05 131.00 30.81
C VAL NA 34 -48.82 131.54 32.00
N LYS NA 35 -48.87 132.87 32.14
CA LYS NA 35 -49.54 133.50 33.26
C LYS NA 35 -51.06 133.42 33.19
N GLN NA 36 -51.62 132.91 32.09
CA GLN NA 36 -53.07 132.76 32.00
C GLN NA 36 -53.56 131.44 32.55
N GLY NA 37 -52.72 130.42 32.62
CA GLY NA 37 -53.12 129.14 33.14
C GLY NA 37 -53.32 129.15 34.65
N SER NA 38 -53.88 128.06 35.14
CA SER NA 38 -54.12 127.93 36.57
C SER NA 38 -52.83 127.66 37.31
N ALA NA 39 -52.81 128.03 38.57
CA ALA NA 39 -51.59 127.95 39.37
C ALA NA 39 -51.32 126.51 39.81
N THR NA 40 -50.05 126.26 40.09
CA THR NA 40 -49.60 124.98 40.62
C THR NA 40 -48.28 125.20 41.37
N VAL NA 41 -48.03 124.35 42.37
CA VAL NA 41 -46.92 124.51 43.29
C VAL NA 41 -46.20 123.17 43.41
N GLY NA 42 -44.88 123.18 43.23
CA GLY NA 42 -44.06 122.00 43.44
C GLY NA 42 -42.94 122.29 44.42
N LEU NA 43 -42.56 121.26 45.18
CA LEU NA 43 -41.55 121.39 46.21
C LEU NA 43 -41.00 120.01 46.53
N LYS NA 44 -39.95 119.98 47.36
CA LYS NA 44 -39.31 118.71 47.68
C LYS NA 44 -38.69 118.75 49.07
N SER NA 45 -38.62 117.57 49.69
CA SER NA 45 -37.89 117.32 50.91
C SER NA 45 -36.53 116.73 50.58
N LYS NA 46 -35.85 116.20 51.60
CA LYS NA 46 -34.64 115.44 51.34
C LYS NA 46 -34.95 114.13 50.64
N THR NA 47 -36.09 113.53 50.94
CA THR NA 47 -36.40 112.19 50.47
C THR NA 47 -37.67 112.10 49.65
N HIS NA 48 -38.39 113.19 49.43
CA HIS NA 48 -39.63 113.13 48.67
C HIS NA 48 -39.79 114.41 47.86
N ALA NA 49 -40.57 114.31 46.79
CA ALA NA 49 -40.87 115.44 45.91
C ALA NA 49 -42.35 115.43 45.62
N VAL NA 50 -43.04 116.50 46.01
CA VAL NA 50 -44.49 116.60 45.90
C VAL NA 50 -44.83 117.87 45.13
N LEU NA 51 -45.63 117.74 44.07
CA LEU NA 51 -46.17 118.88 43.37
C LEU NA 51 -47.69 118.83 43.43
N VAL NA 52 -48.29 119.98 43.72
CA VAL NA 52 -49.73 120.12 43.91
C VAL NA 52 -50.26 121.08 42.86
N ALA NA 53 -51.35 120.71 42.19
CA ALA NA 53 -51.91 121.52 41.13
C ALA NA 53 -53.33 121.93 41.47
N LEU NA 54 -53.81 122.93 40.73
CA LEU NA 54 -55.16 123.47 40.88
C LEU NA 54 -55.88 123.39 39.55
N LYS NA 55 -57.09 122.85 39.56
CA LYS NA 55 -57.87 122.69 38.34
C LYS NA 55 -58.88 123.82 38.19
N ARG NA 56 -59.36 123.99 36.96
CA ARG NA 56 -60.45 124.90 36.66
C ARG NA 56 -61.55 124.15 35.94
N ALA NA 57 -62.73 124.75 35.89
CA ALA NA 57 -63.88 124.19 35.21
C ALA NA 57 -64.38 125.18 34.16
N GLN NA 58 -64.70 124.66 32.98
CA GLN NA 58 -65.27 125.52 31.95
C GLN NA 58 -66.71 125.89 32.28
N SER NA 59 -67.46 124.95 32.85
CA SER NA 59 -68.81 125.21 33.33
C SER NA 59 -69.09 124.29 34.50
N GLU NA 60 -70.33 124.31 34.99
CA GLU NA 60 -70.70 123.49 36.13
C GLU NA 60 -70.84 122.02 35.74
N LEU NA 61 -71.50 121.77 34.62
CA LEU NA 61 -71.66 120.41 34.11
C LEU NA 61 -70.37 119.83 33.54
N ALA NA 62 -69.44 120.68 33.11
CA ALA NA 62 -68.20 120.19 32.53
C ALA NA 62 -67.26 119.71 33.62
N ALA NA 63 -66.48 118.68 33.30
CA ALA NA 63 -65.48 118.19 34.24
C ALA NA 63 -64.29 119.14 34.28
N HIS NA 64 -63.47 118.99 35.31
CA HIS NA 64 -62.32 119.86 35.48
C HIS NA 64 -61.15 119.38 34.63
N GLN NA 65 -60.46 120.35 34.01
CA GLN NA 65 -59.33 120.03 33.14
C GLN NA 65 -58.15 119.56 33.97
N LYS NA 66 -57.63 118.39 33.64
CA LYS NA 66 -56.57 117.79 34.45
C LYS NA 66 -55.24 118.47 34.19
N LYS NA 67 -54.38 118.44 35.20
CA LYS NA 67 -53.10 119.15 35.17
C LYS NA 67 -51.91 118.22 35.23
N ILE NA 68 -51.84 117.37 36.24
CA ILE NA 68 -50.69 116.49 36.42
C ILE NA 68 -50.86 115.26 35.54
N LEU NA 69 -49.77 114.80 34.93
CA LEU NA 69 -49.84 113.60 34.11
C LEU NA 69 -48.59 112.75 34.32
N HIS NA 70 -48.79 111.44 34.38
CA HIS NA 70 -47.71 110.49 34.57
C HIS NA 70 -46.88 110.35 33.31
N VAL NA 71 -45.57 110.34 33.47
CA VAL NA 71 -44.66 110.14 32.35
C VAL NA 71 -43.94 108.82 32.51
N ASP NA 72 -43.17 108.68 33.58
CA ASP NA 72 -42.43 107.46 33.82
C ASP NA 72 -42.64 107.08 35.29
N ASN NA 73 -41.99 106.02 35.76
CA ASN NA 73 -42.20 105.54 37.12
C ASN NA 73 -41.62 106.46 38.19
N HIS NA 74 -40.82 107.45 37.80
CA HIS NA 74 -40.32 108.40 38.77
C HIS NA 74 -40.54 109.82 38.29
N ILE NA 75 -40.63 110.03 36.99
CA ILE NA 75 -40.82 111.36 36.44
C ILE NA 75 -42.30 111.61 36.19
N GLY NA 76 -42.82 112.69 36.75
CA GLY NA 76 -44.13 113.20 36.39
C GLY NA 76 -44.09 114.71 36.35
N ILE NA 77 -44.88 115.29 35.46
CA ILE NA 77 -44.80 116.72 35.20
C ILE NA 77 -46.14 117.39 35.47
N SER NA 78 -46.08 118.70 35.68
CA SER NA 78 -47.23 119.58 35.72
C SER NA 78 -47.26 120.42 34.44
N ILE NA 79 -48.32 121.21 34.28
CA ILE NA 79 -48.57 121.90 33.03
C ILE NA 79 -49.12 123.29 33.31
N ALA NA 80 -48.86 124.22 32.38
CA ALA NA 80 -49.45 125.55 32.38
C ALA NA 80 -49.37 126.13 30.98
N GLY NA 81 -50.45 126.76 30.55
CA GLY NA 81 -50.45 127.42 29.26
C GLY NA 81 -51.34 126.74 28.24
N LEU NA 82 -50.78 126.43 27.07
CA LEU NA 82 -51.55 125.82 26.01
C LEU NA 82 -51.73 124.33 26.27
N THR NA 83 -52.60 123.71 25.47
CA THR NA 83 -52.82 122.28 25.54
C THR NA 83 -52.27 121.52 24.34
N ALA NA 84 -52.09 122.20 23.20
CA ALA NA 84 -51.41 121.56 22.07
C ALA NA 84 -49.93 121.40 22.37
N ASP NA 85 -49.29 122.45 22.86
CA ASP NA 85 -47.89 122.36 23.29
C ASP NA 85 -47.71 121.45 24.49
N ALA NA 86 -48.77 121.23 25.26
CA ALA NA 86 -48.73 120.25 26.34
C ALA NA 86 -48.50 118.84 25.79
N ARG NA 87 -49.42 118.38 24.93
CA ARG NA 87 -49.36 117.01 24.45
C ARG NA 87 -48.23 116.80 23.44
N LEU NA 88 -47.80 117.86 22.76
CA LEU NA 88 -46.72 117.72 21.78
C LEU NA 88 -45.39 117.48 22.49
N LEU NA 89 -45.16 118.18 23.60
CA LEU NA 89 -43.97 117.91 24.40
C LEU NA 89 -44.12 116.66 25.24
N CYS NA 90 -45.36 116.28 25.56
CA CYS NA 90 -45.59 115.08 26.34
C CYS NA 90 -45.26 113.83 25.53
N ASN NA 91 -45.63 113.81 24.25
CA ASN NA 91 -45.30 112.68 23.40
C ASN NA 91 -43.81 112.60 23.15
N PHE NA 92 -43.12 113.74 23.11
CA PHE NA 92 -41.67 113.73 23.06
C PHE NA 92 -41.08 113.29 24.39
N MET NA 93 -41.76 113.59 25.50
CA MET NA 93 -41.25 113.26 26.82
C MET NA 93 -41.33 111.76 27.08
N ARG NA 94 -42.49 111.15 26.82
CA ARG NA 94 -42.64 109.70 26.98
C ARG NA 94 -41.75 108.93 26.03
N GLN NA 95 -41.44 109.51 24.87
CA GLN NA 95 -40.63 108.80 23.89
C GLN NA 95 -39.19 108.65 24.38
N GLU NA 96 -38.62 109.72 24.92
CA GLU NA 96 -37.22 109.71 25.31
C GLU NA 96 -36.97 108.85 26.54
N CYS NA 97 -37.99 108.65 27.38
CA CYS NA 97 -37.80 107.86 28.58
C CYS NA 97 -37.68 106.39 28.26
N LEU NA 98 -38.55 105.89 27.37
CA LEU NA 98 -38.51 104.48 27.02
C LEU NA 98 -37.40 104.15 26.03
N ASP NA 99 -36.75 105.15 25.42
CA ASP NA 99 -35.64 104.86 24.52
C ASP NA 99 -34.41 104.43 25.31
N SER NA 100 -34.02 105.21 26.32
CA SER NA 100 -32.91 104.82 27.17
C SER NA 100 -33.27 103.61 28.03
N ARG NA 101 -34.55 103.41 28.28
CA ARG NA 101 -35.01 102.17 28.89
C ARG NA 101 -34.81 101.00 27.93
N PHE NA 102 -34.98 101.24 26.63
CA PHE NA 102 -34.76 100.19 25.64
C PHE NA 102 -33.28 99.99 25.35
N VAL NA 103 -32.50 101.06 25.34
CA VAL NA 103 -31.10 100.96 24.94
C VAL NA 103 -30.23 100.57 26.12
N PHE NA 104 -30.22 101.39 27.16
CA PHE NA 104 -29.29 101.18 28.27
C PHE NA 104 -29.88 100.35 29.40
N ASP NA 105 -31.19 100.07 29.35
CA ASP NA 105 -31.93 99.34 30.39
C ASP NA 105 -31.77 100.00 31.75
N ARG NA 106 -32.02 101.31 31.78
CA ARG NA 106 -31.94 102.08 33.01
C ARG NA 106 -32.84 103.29 32.85
N PRO NA 107 -33.36 103.83 33.95
CA PRO NA 107 -34.14 105.06 33.84
C PRO NA 107 -33.25 106.26 33.62
N LEU NA 108 -33.78 107.25 32.90
CA LEU NA 108 -33.06 108.49 32.69
C LEU NA 108 -32.93 109.26 33.99
N PRO NA 109 -31.75 109.82 34.26
CA PRO NA 109 -31.65 110.86 35.28
C PRO NA 109 -32.40 112.09 34.83
N VAL NA 110 -32.97 112.80 35.80
CA VAL NA 110 -33.91 113.88 35.53
C VAL NA 110 -33.22 115.07 34.88
N SER NA 111 -31.95 115.31 35.23
CA SER NA 111 -31.26 116.53 34.81
C SER NA 111 -30.99 116.55 33.32
N ARG NA 112 -30.43 115.47 32.77
CA ARG NA 112 -30.07 115.51 31.35
C ARG NA 112 -31.26 115.30 30.43
N LEU NA 113 -32.39 114.82 30.95
CA LEU NA 113 -33.60 114.78 30.13
C LEU NA 113 -34.12 116.19 29.87
N VAL NA 114 -34.03 117.08 30.85
CA VAL NA 114 -34.51 118.44 30.70
C VAL NA 114 -33.61 119.22 29.74
N SER NA 115 -32.33 118.85 29.67
CA SER NA 115 -31.43 119.45 28.69
C SER NA 115 -31.82 119.07 27.27
N LEU NA 116 -32.47 117.91 27.08
CA LEU NA 116 -33.00 117.57 25.77
C LEU NA 116 -34.20 118.43 25.42
N ILE NA 117 -34.93 118.91 26.43
CA ILE NA 117 -36.11 119.73 26.17
C ILE NA 117 -35.70 121.13 25.73
N GLY NA 118 -34.67 121.69 26.36
CA GLY NA 118 -34.18 122.99 25.96
C GLY NA 118 -33.54 122.97 24.58
N SER NA 119 -32.97 121.84 24.19
CA SER NA 119 -32.55 121.69 22.80
C SER NA 119 -33.74 121.52 21.87
N LYS NA 120 -34.81 120.91 22.36
CA LYS NA 120 -35.99 120.68 21.52
C LYS NA 120 -36.73 121.98 21.24
N THR NA 121 -36.90 122.81 22.25
CA THR NA 121 -37.63 124.06 22.11
C THR NA 121 -36.75 125.19 21.57
N GLN NA 122 -35.49 124.93 21.27
CA GLN NA 122 -34.61 125.99 20.79
C GLN NA 122 -34.88 126.33 19.33
N ILE NA 123 -35.05 125.30 18.50
CA ILE NA 123 -35.19 125.51 17.05
C ILE NA 123 -36.43 126.33 16.66
N PRO NA 124 -37.63 126.09 17.20
CA PRO NA 124 -38.75 126.99 16.82
C PRO NA 124 -38.66 128.37 17.43
N THR NA 125 -37.66 128.67 18.25
CA THR NA 125 -37.43 130.02 18.72
C THR NA 125 -36.35 130.74 17.93
N GLN NA 126 -35.88 130.14 16.84
CA GLN NA 126 -34.88 130.84 16.05
C GLN NA 126 -35.21 130.89 14.57
N ARG NA 127 -35.80 129.84 14.01
CA ARG NA 127 -36.08 129.83 12.58
C ARG NA 127 -37.39 130.54 12.29
N TYR NA 128 -37.64 130.78 11.02
CA TYR NA 128 -38.78 131.57 10.58
C TYR NA 128 -40.04 130.71 10.56
N GLY NA 129 -41.18 131.37 10.80
CA GLY NA 129 -42.47 130.72 10.66
C GLY NA 129 -42.79 129.70 11.72
N ARG NA 130 -42.14 129.77 12.87
CA ARG NA 130 -42.32 128.79 13.94
C ARG NA 130 -42.58 129.54 15.23
N ARG NA 131 -43.70 129.25 15.88
CA ARG NA 131 -43.95 129.86 17.18
C ARG NA 131 -43.12 129.19 18.25
N PRO NA 132 -42.85 129.89 19.34
CA PRO NA 132 -42.34 129.21 20.53
C PRO NA 132 -43.44 128.39 21.18
N TYR NA 133 -43.02 127.48 22.05
CA TYR NA 133 -43.96 126.60 22.76
C TYR NA 133 -44.42 127.32 24.03
N GLY NA 134 -45.67 127.75 24.05
CA GLY NA 134 -46.20 128.34 25.26
C GLY NA 134 -46.54 127.25 26.26
N VAL NA 135 -45.71 127.09 27.28
CA VAL NA 135 -45.79 125.94 28.16
C VAL NA 135 -45.12 126.30 29.48
N GLY NA 136 -45.53 125.62 30.55
CA GLY NA 136 -45.13 125.95 31.90
C GLY NA 136 -44.65 124.76 32.71
N LEU NA 137 -43.82 123.90 32.15
CA LEU NA 137 -43.52 122.61 32.75
C LEU NA 137 -42.80 122.72 34.09
N LEU NA 138 -43.44 122.17 35.13
CA LEU NA 138 -42.78 121.84 36.39
C LEU NA 138 -42.50 120.35 36.39
N ILE NA 139 -41.27 119.97 36.70
CA ILE NA 139 -40.80 118.60 36.53
C ILE NA 139 -40.29 118.09 37.88
N ALA NA 140 -40.73 116.89 38.26
CA ALA NA 140 -40.27 116.24 39.48
C ALA NA 140 -39.89 114.80 39.19
N GLY NA 141 -38.85 114.32 39.86
CA GLY NA 141 -38.42 112.96 39.65
C GLY NA 141 -37.20 112.62 40.48
N TYR NA 142 -36.80 111.35 40.38
CA TYR NA 142 -35.56 110.87 40.96
C TYR NA 142 -34.55 110.53 39.88
N ASP NA 143 -33.35 111.04 40.05
CA ASP NA 143 -32.16 110.39 39.56
C ASP NA 143 -31.59 109.53 40.69
N ASP NA 144 -30.34 109.09 40.56
CA ASP NA 144 -29.71 108.30 41.59
C ASP NA 144 -29.29 109.10 42.81
N MET NA 145 -29.46 110.43 42.80
CA MET NA 145 -28.98 111.27 43.89
C MET NA 145 -30.08 112.15 44.47
N GLY NA 146 -31.33 111.70 44.41
CA GLY NA 146 -32.39 112.31 45.18
C GLY NA 146 -33.44 113.02 44.36
N PRO NA 147 -34.32 113.75 45.03
CA PRO NA 147 -35.39 114.46 44.33
C PRO NA 147 -34.89 115.72 43.64
N HIS NA 148 -35.68 116.15 42.65
CA HIS NA 148 -35.38 117.35 41.90
C HIS NA 148 -36.67 118.04 41.51
N ILE NA 149 -36.67 119.36 41.58
CA ILE NA 149 -37.78 120.18 41.11
C ILE NA 149 -37.23 121.13 40.06
N PHE NA 150 -37.74 121.01 38.84
CA PHE NA 150 -37.31 121.82 37.72
C PHE NA 150 -38.48 122.65 37.22
N GLN NA 151 -38.16 123.81 36.63
CA GLN NA 151 -39.16 124.59 35.92
C GLN NA 151 -38.57 125.03 34.59
N THR NA 152 -39.44 125.24 33.63
CA THR NA 152 -39.04 125.66 32.29
C THR NA 152 -39.68 127.00 31.96
N CYS NA 153 -39.52 127.41 30.72
CA CYS NA 153 -40.04 128.67 30.21
C CYS NA 153 -40.08 128.58 28.69
N PRO NA 154 -40.87 129.42 28.03
CA PRO NA 154 -40.81 129.45 26.56
C PRO NA 154 -39.49 129.98 26.02
N SER NA 155 -38.69 130.67 26.82
CA SER NA 155 -37.35 131.05 26.42
C SER NA 155 -36.33 129.95 26.61
N ALA NA 156 -36.76 128.79 27.12
CA ALA NA 156 -35.94 127.59 27.34
C ALA NA 156 -34.76 127.87 28.28
N ASN NA 157 -35.10 128.33 29.47
CA ASN NA 157 -34.12 128.54 30.54
C ASN NA 157 -34.56 127.70 31.73
N TYR NA 158 -34.11 126.44 31.75
CA TYR NA 158 -34.53 125.53 32.81
C TYR NA 158 -33.77 125.82 34.10
N PHE NA 159 -34.48 125.76 35.22
CA PHE NA 159 -33.99 126.21 36.51
C PHE NA 159 -34.05 125.06 37.51
N ASP NA 160 -32.92 124.75 38.14
CA ASP NA 160 -32.86 123.77 39.22
C ASP NA 160 -33.26 124.49 40.50
N CYS NA 161 -34.55 124.50 40.78
CA CYS NA 161 -35.09 125.18 41.94
C CYS NA 161 -35.39 124.19 43.06
N ARG NA 162 -35.86 124.73 44.19
CA ARG NA 162 -36.35 123.91 45.28
C ARG NA 162 -37.82 124.05 45.58
N ALA NA 163 -38.43 125.18 45.21
CA ALA NA 163 -39.86 125.37 45.33
C ALA NA 163 -40.23 126.55 44.44
N MET NA 164 -41.11 126.32 43.48
CA MET NA 164 -41.58 127.40 42.63
C MET NA 164 -43.07 127.26 42.39
N SER NA 165 -43.62 128.31 41.80
CA SER NA 165 -44.99 128.29 41.36
C SER NA 165 -45.15 129.16 40.14
N ILE NA 166 -45.87 128.65 39.14
CA ILE NA 166 -46.09 129.34 37.88
C ILE NA 166 -47.60 129.26 37.56
N GLY NA 167 -48.07 130.20 36.73
CA GLY NA 167 -49.47 130.46 36.46
C GLY NA 167 -49.97 131.76 37.13
N ALA NA 168 -51.30 131.87 37.19
CA ALA NA 168 -52.08 133.07 37.52
C ALA NA 168 -52.05 133.29 39.00
N ARG NA 169 -51.72 134.51 39.37
CA ARG NA 169 -51.35 135.00 40.67
C ARG NA 169 -50.45 134.04 41.48
N SER NA 170 -49.37 133.55 40.86
CA SER NA 170 -48.34 132.86 41.62
C SER NA 170 -47.43 133.84 42.36
N GLN NA 171 -47.63 135.14 42.18
CA GLN NA 171 -46.92 136.15 42.93
C GLN NA 171 -47.06 135.93 44.43
N SER NA 172 -48.29 135.69 44.88
CA SER NA 172 -48.53 135.42 46.29
C SER NA 172 -48.08 134.03 46.69
N ALA NA 173 -47.99 133.10 45.75
CA ALA NA 173 -47.60 131.74 46.09
C ALA NA 173 -46.14 131.66 46.46
N ARG NA 174 -45.30 132.47 45.79
CA ARG NA 174 -43.87 132.44 46.05
C ARG NA 174 -43.55 133.00 47.42
N THR NA 175 -44.31 134.01 47.86
CA THR NA 175 -44.04 134.70 49.12
C THR NA 175 -44.20 133.79 50.32
N TYR NA 176 -45.12 132.82 50.26
CA TYR NA 176 -45.28 131.87 51.34
C TYR NA 176 -44.09 130.91 51.42
N LEU NA 177 -43.37 130.72 50.32
CA LEU NA 177 -42.39 129.65 50.27
C LEU NA 177 -41.10 129.98 51.02
N GLU NA 178 -40.58 131.21 50.87
CA GLU NA 178 -39.29 131.50 51.48
C GLU NA 178 -39.40 131.67 52.99
N ARG NA 179 -40.57 132.03 53.50
CA ARG NA 179 -40.72 132.08 54.95
C ARG NA 179 -41.03 130.71 55.55
N HIS NA 180 -41.05 129.64 54.73
CA HIS NA 180 -41.14 128.29 55.25
C HIS NA 180 -40.22 127.34 54.50
N MET NA 181 -39.22 127.85 53.77
CA MET NA 181 -38.32 126.98 53.02
C MET NA 181 -37.36 126.23 53.92
N SER NA 182 -37.11 126.72 55.13
CA SER NA 182 -36.22 126.01 56.04
C SER NA 182 -36.88 124.76 56.61
N GLU NA 183 -38.21 124.77 56.71
CA GLU NA 183 -38.95 123.62 57.21
C GLU NA 183 -39.09 122.51 56.19
N PHE NA 184 -38.73 122.74 54.93
CA PHE NA 184 -39.04 121.84 53.83
C PHE NA 184 -37.98 120.76 53.65
N MET NA 185 -37.21 120.45 54.68
CA MET NA 185 -36.17 119.45 54.55
C MET NA 185 -36.31 118.32 55.54
N GLU NA 186 -36.75 118.61 56.76
CA GLU NA 186 -36.81 117.61 57.82
C GLU NA 186 -38.18 116.97 57.97
N CYS NA 187 -39.23 117.59 57.44
CA CYS NA 187 -40.58 117.11 57.66
C CYS NA 187 -40.94 116.02 56.65
N ASN NA 188 -41.75 115.06 57.10
CA ASN NA 188 -42.17 113.96 56.24
C ASN NA 188 -43.48 114.31 55.54
N LEU NA 189 -44.08 113.31 54.89
CA LEU NA 189 -45.00 113.55 53.77
C LEU NA 189 -46.32 114.16 54.23
N ASN NA 190 -46.77 113.79 55.44
CA ASN NA 190 -48.11 114.19 55.87
C ASN NA 190 -48.20 115.69 56.08
N GLU NA 191 -47.13 116.31 56.57
CA GLU NA 191 -47.12 117.76 56.62
C GLU NA 191 -46.35 118.40 55.48
N LEU NA 192 -45.56 117.63 54.74
CA LEU NA 192 -44.93 118.18 53.54
C LEU NA 192 -45.96 118.51 52.48
N VAL NA 193 -46.96 117.64 52.31
CA VAL NA 193 -48.03 117.90 51.35
C VAL NA 193 -48.87 119.08 51.81
N LYS NA 194 -49.29 119.07 53.08
CA LYS NA 194 -50.14 120.17 53.52
C LYS NA 194 -49.37 121.44 53.84
N HIS NA 195 -48.03 121.43 53.78
CA HIS NA 195 -47.32 122.68 53.61
C HIS NA 195 -47.55 123.24 52.21
N GLY NA 196 -47.62 122.36 51.22
CA GLY NA 196 -47.72 122.82 49.84
C GLY NA 196 -49.07 123.40 49.51
N LEU NA 197 -50.15 122.77 49.98
CA LEU NA 197 -51.47 123.28 49.70
C LEU NA 197 -51.89 124.41 50.63
N ARG NA 198 -51.07 124.75 51.63
CA ARG NA 198 -51.23 126.04 52.27
C ARG NA 198 -50.73 127.16 51.38
N ALA NA 199 -49.92 126.86 50.36
CA ALA NA 199 -49.45 127.91 49.47
C ALA NA 199 -50.44 128.18 48.34
N LEU NA 200 -51.23 127.18 47.94
CA LEU NA 200 -52.20 127.40 46.88
C LEU NA 200 -53.36 128.29 47.33
N ARG NA 201 -53.66 128.30 48.62
CA ARG NA 201 -54.88 128.94 49.09
C ARG NA 201 -54.77 130.46 49.17
N GLU NA 202 -53.61 131.05 48.84
CA GLU NA 202 -53.52 132.49 48.67
C GLU NA 202 -53.50 132.88 47.20
N THR NA 203 -53.59 131.91 46.30
CA THR NA 203 -53.77 132.17 44.88
C THR NA 203 -55.24 132.14 44.49
N LEU NA 204 -56.11 132.44 45.43
CA LEU NA 204 -57.55 132.23 45.31
C LEU NA 204 -58.29 133.45 45.80
N PRO NA 205 -59.52 133.65 45.34
CA PRO NA 205 -60.43 134.54 46.07
C PRO NA 205 -60.76 133.96 47.44
N ALA NA 206 -61.27 134.82 48.32
CA ALA NA 206 -61.37 134.50 49.74
C ALA NA 206 -62.65 133.76 50.11
N GLU NA 207 -63.24 133.02 49.16
CA GLU NA 207 -64.49 132.33 49.46
C GLU NA 207 -64.55 130.88 48.96
N GLN NA 208 -63.48 130.37 48.37
CA GLN NA 208 -63.44 128.95 47.99
C GLN NA 208 -61.99 128.52 48.01
N ASP NA 209 -61.74 127.29 48.48
CA ASP NA 209 -60.36 126.82 48.55
C ASP NA 209 -60.10 125.54 47.75
N LEU NA 210 -60.66 124.39 48.15
CA LEU NA 210 -60.12 123.12 47.65
C LEU NA 210 -61.15 122.00 47.60
N THR NA 211 -62.42 122.30 47.30
CA THR NA 211 -63.50 121.40 47.71
C THR NA 211 -63.61 120.12 46.88
N THR NA 212 -62.55 119.29 46.89
CA THR NA 212 -62.49 117.93 46.34
C THR NA 212 -62.95 117.84 44.89
N LYS NA 213 -62.78 118.91 44.13
CA LYS NA 213 -63.10 118.89 42.71
C LYS NA 213 -62.06 119.60 41.88
N ASN NA 214 -61.08 120.25 42.48
CA ASN NA 214 -60.19 121.12 41.72
C ASN NA 214 -58.72 120.97 42.09
N VAL NA 215 -58.34 119.97 42.87
CA VAL NA 215 -56.97 119.82 43.34
C VAL NA 215 -56.50 118.40 43.01
N SER NA 216 -55.23 118.27 42.67
CA SER NA 216 -54.59 116.98 42.46
C SER NA 216 -53.16 117.03 42.96
N ILE NA 217 -52.67 115.90 43.45
CA ILE NA 217 -51.36 115.82 44.09
C ILE NA 217 -50.62 114.63 43.52
N GLY NA 218 -49.40 114.85 43.04
CA GLY NA 218 -48.52 113.77 42.61
C GLY NA 218 -47.30 113.66 43.49
N ILE NA 219 -46.96 112.45 43.94
CA ILE NA 219 -45.85 112.23 44.85
C ILE NA 219 -44.92 111.21 44.22
N VAL NA 220 -43.63 111.50 44.22
CA VAL NA 220 -42.60 110.51 43.92
C VAL NA 220 -41.71 110.37 45.16
N GLY NA 221 -41.33 109.13 45.49
CA GLY NA 221 -40.59 108.87 46.71
C GLY NA 221 -39.56 107.78 46.51
N LYS NA 222 -38.89 107.44 47.61
CA LYS NA 222 -37.82 106.45 47.57
C LYS NA 222 -38.36 105.07 47.26
N ASP NA 223 -39.25 104.56 48.11
CA ASP NA 223 -39.96 103.31 47.84
C ASP NA 223 -41.32 103.56 47.23
N LEU NA 224 -41.47 104.64 46.46
CA LEU NA 224 -42.77 105.06 45.97
C LEU NA 224 -42.67 105.43 44.50
N GLU NA 225 -43.44 104.74 43.67
CA GLU NA 225 -43.61 105.13 42.28
C GLU NA 225 -44.46 106.38 42.21
N PHE NA 226 -44.31 107.15 41.13
CA PHE NA 226 -45.04 108.40 40.96
C PHE NA 226 -46.54 108.15 40.87
N THR NA 227 -47.27 108.63 41.86
CA THR NA 227 -48.69 108.31 42.02
C THR NA 227 -49.50 109.60 42.01
N ILE NA 228 -50.58 109.61 41.24
CA ILE NA 228 -51.46 110.76 41.11
C ILE NA 228 -52.76 110.47 41.83
N TYR NA 229 -53.17 111.38 42.70
CA TYR NA 229 -54.46 111.29 43.39
C TYR NA 229 -55.38 112.39 42.86
N ASP NA 230 -56.68 112.12 42.89
CA ASP NA 230 -57.65 113.08 42.33
C ASP NA 230 -59.01 112.92 43.01
N ASP NA 231 -59.31 113.86 43.91
CA ASP NA 231 -60.66 114.21 44.37
C ASP NA 231 -61.37 113.16 45.21
N ASP NA 232 -60.81 111.98 45.36
CA ASP NA 232 -61.41 110.98 46.24
C ASP NA 232 -60.42 110.46 47.27
N ASP NA 233 -59.19 110.20 46.86
CA ASP NA 233 -58.11 109.89 47.79
C ASP NA 233 -57.31 111.11 48.17
N VAL NA 234 -57.71 112.29 47.68
CA VAL NA 234 -57.16 113.54 48.14
C VAL NA 234 -57.77 113.92 49.49
N SER NA 235 -59.03 113.54 49.72
CA SER NA 235 -59.78 113.77 50.96
C SER NA 235 -59.11 113.35 52.26
N PRO NA 236 -58.26 112.29 52.32
CA PRO NA 236 -57.45 112.13 53.53
C PRO NA 236 -56.41 113.22 53.73
N PHE NA 237 -55.94 113.85 52.65
CA PHE NA 237 -54.95 114.92 52.81
C PHE NA 237 -55.59 116.24 53.18
N LEU NA 238 -56.86 116.44 52.81
CA LEU NA 238 -57.52 117.72 52.99
C LEU NA 238 -58.07 117.92 54.39
N GLU NA 239 -57.94 116.94 55.27
CA GLU NA 239 -58.33 117.14 56.66
C GLU NA 239 -57.15 117.70 57.45
N GLY NA 240 -57.46 118.29 58.60
CA GLY NA 240 -56.43 118.87 59.43
C GLY NA 240 -55.92 120.18 58.87
N LEU NA 241 -56.82 121.09 58.53
CA LEU NA 241 -56.46 122.39 58.00
C LEU NA 241 -57.12 123.49 58.80
N GLU NA 242 -56.39 124.59 58.95
CA GLU NA 242 -56.96 125.81 59.50
C GLU NA 242 -57.52 126.67 58.38
N GLU NA 243 -58.57 127.43 58.71
CA GLU NA 243 -59.19 128.31 57.73
C GLU NA 243 -58.31 129.55 57.51
N ARG NA 244 -58.65 130.30 56.49
CA ARG NA 244 -57.91 131.53 56.21
C ARG NA 244 -58.31 132.62 57.20
N PRO NA 245 -57.36 133.32 57.81
CA PRO NA 245 -57.69 134.43 58.69
C PRO NA 245 -58.13 135.67 57.90
N GLN NA 246 -58.59 136.67 58.64
CA GLN NA 246 -59.04 137.92 58.04
C GLN NA 246 -58.81 139.11 58.97
N THR OA 5 -34.04 152.96 10.11
CA THR OA 5 -35.33 152.31 9.95
C THR OA 5 -35.61 152.05 8.47
N GLY OA 6 -36.35 150.98 8.18
CA GLY OA 6 -36.58 150.54 6.83
C GLY OA 6 -35.50 149.64 6.26
N TYR OA 7 -34.32 149.63 6.87
CA TYR OA 7 -33.20 148.81 6.44
C TYR OA 7 -32.74 147.86 7.51
N ASP OA 8 -33.30 147.94 8.71
CA ASP OA 8 -32.83 147.20 9.86
C ASP OA 8 -33.66 145.95 10.14
N LEU OA 9 -34.51 145.53 9.20
CA LEU OA 9 -35.37 144.39 9.46
C LEU OA 9 -34.64 143.08 9.26
N SER OA 10 -34.17 142.82 8.05
CA SER OA 10 -33.52 141.55 7.77
C SER OA 10 -32.03 141.63 8.07
N ALA OA 11 -31.41 140.45 8.11
CA ALA OA 11 -29.96 140.34 8.21
C ALA OA 11 -29.32 140.12 6.85
N SER OA 12 -30.07 140.34 5.78
CA SER OA 12 -29.56 140.18 4.43
C SER OA 12 -29.54 141.48 3.64
N THR OA 13 -29.90 142.59 4.26
CA THR OA 13 -29.95 143.89 3.61
C THR OA 13 -28.92 144.81 4.23
N PHE OA 14 -28.17 145.51 3.39
CA PHE OA 14 -27.21 146.48 3.88
C PHE OA 14 -27.87 147.84 4.13
N SER OA 15 -27.32 148.56 5.10
CA SER OA 15 -27.72 149.94 5.31
C SER OA 15 -27.14 150.81 4.20
N PRO OA 16 -27.76 151.96 3.92
CA PRO OA 16 -27.21 152.86 2.91
C PRO OA 16 -25.94 153.58 3.32
N ASP OA 17 -25.31 153.25 4.44
CA ASP OA 17 -23.95 153.68 4.73
C ASP OA 17 -22.97 152.52 4.84
N GLY OA 18 -23.44 151.28 4.88
CA GLY OA 18 -22.54 150.16 4.76
C GLY OA 18 -22.42 149.21 5.94
N ARG OA 19 -23.49 148.99 6.70
CA ARG OA 19 -23.44 148.01 7.78
C ARG OA 19 -24.79 147.32 7.91
N VAL OA 20 -24.89 146.43 8.90
CA VAL OA 20 -26.07 145.61 9.14
C VAL OA 20 -26.50 145.83 10.57
N PHE OA 21 -27.71 146.35 10.76
CA PHE OA 21 -28.16 146.70 12.11
C PHE OA 21 -28.62 145.51 12.92
N GLN OA 22 -29.02 144.40 12.28
CA GLN OA 22 -29.42 143.22 13.02
C GLN OA 22 -28.26 142.61 13.80
N VAL OA 23 -27.05 142.71 13.26
CA VAL OA 23 -25.88 142.33 14.03
C VAL OA 23 -25.60 143.37 15.11
N GLU OA 24 -25.85 144.65 14.79
CA GLU OA 24 -25.62 145.73 15.74
C GLU OA 24 -26.58 145.67 16.92
N TYR OA 25 -27.80 145.20 16.69
CA TYR OA 25 -28.77 145.12 17.78
C TYR OA 25 -28.43 143.98 18.73
N ALA OA 26 -27.99 142.86 18.18
CA ALA OA 26 -27.70 141.69 19.00
C ALA OA 26 -26.41 141.83 19.79
N MET OA 27 -25.54 142.77 19.42
CA MET OA 27 -24.32 142.98 20.19
C MET OA 27 -24.62 143.61 21.54
N LYS OA 28 -25.46 144.62 21.57
CA LYS OA 28 -25.79 145.24 22.85
C LYS OA 28 -26.86 144.47 23.61
N ALA OA 29 -27.46 143.44 23.02
CA ALA OA 29 -28.24 142.50 23.81
C ALA OA 29 -27.35 141.67 24.71
N VAL OA 30 -26.11 141.40 24.28
CA VAL OA 30 -25.14 140.73 25.12
C VAL OA 30 -24.68 141.68 26.23
N GLU OA 31 -24.73 142.98 25.97
CA GLU OA 31 -24.23 143.98 26.91
C GLU OA 31 -25.08 144.04 28.18
N ASN OA 32 -26.37 143.68 28.09
CA ASN OA 32 -27.25 143.79 29.24
C ASN OA 32 -27.06 142.67 30.26
N SER OA 33 -26.22 141.68 30.00
CA SER OA 33 -26.02 140.59 30.94
C SER OA 33 -24.91 140.93 31.93
N SER OA 34 -24.77 140.07 32.94
CA SER OA 34 -23.80 140.29 34.00
C SER OA 34 -22.38 140.01 33.52
N THR OA 35 -21.43 140.24 34.40
CA THR OA 35 -20.01 140.32 34.02
C THR OA 35 -19.36 138.95 34.16
N ALA OA 36 -18.69 138.53 33.10
CA ALA OA 36 -17.85 137.33 33.10
C ALA OA 36 -16.50 137.69 32.51
N ILE OA 37 -15.43 137.45 33.27
CA ILE OA 37 -14.09 137.84 32.86
C ILE OA 37 -13.24 136.59 32.69
N GLY OA 38 -12.09 136.79 32.09
CA GLY OA 38 -11.14 135.69 31.88
C GLY OA 38 -9.74 136.23 31.78
N ILE OA 39 -8.77 135.39 32.14
CA ILE OA 39 -7.37 135.79 32.24
C ILE OA 39 -6.55 134.51 32.17
N ARG OA 40 -5.29 134.65 31.73
CA ARG OA 40 -4.38 133.51 31.71
C ARG OA 40 -3.06 133.89 32.35
N CYS OA 41 -2.50 132.95 33.10
CA CYS OA 41 -1.16 133.07 33.62
C CYS OA 41 -0.21 132.35 32.68
N LYS OA 42 1.03 132.13 33.12
CA LYS OA 42 2.00 131.51 32.24
C LYS OA 42 1.81 130.01 32.10
N ASP OA 43 1.05 129.38 32.99
CA ASP OA 43 0.79 127.96 32.85
C ASP OA 43 -0.66 127.63 33.18
N GLY OA 44 -1.59 128.44 32.67
CA GLY OA 44 -2.99 128.11 32.85
C GLY OA 44 -3.88 129.28 32.51
N VAL OA 45 -5.18 128.99 32.51
CA VAL OA 45 -6.23 129.96 32.23
C VAL OA 45 -7.20 129.92 33.41
N VAL OA 46 -7.56 131.08 33.93
CA VAL OA 46 -8.49 131.21 35.05
C VAL OA 46 -9.76 131.90 34.57
N PHE OA 47 -10.90 131.26 34.81
CA PHE OA 47 -12.20 131.84 34.51
C PHE OA 47 -12.84 132.38 35.78
N GLY OA 48 -13.69 133.39 35.59
CA GLY OA 48 -14.45 133.95 36.70
C GLY OA 48 -15.75 134.55 36.22
N VAL OA 49 -16.86 134.13 36.81
CA VAL OA 49 -18.19 134.56 36.39
C VAL OA 49 -18.94 135.05 37.61
N GLU OA 50 -19.39 136.29 37.58
CA GLU OA 50 -20.33 136.77 38.58
C GLU OA 50 -21.72 136.25 38.25
N LYS OA 51 -22.41 135.69 39.25
CA LYS OA 51 -23.77 135.22 39.06
C LYS OA 51 -24.67 135.89 40.09
N LEU OA 52 -25.83 136.33 39.64
CA LEU OA 52 -26.75 137.12 40.45
C LEU OA 52 -27.84 136.23 41.03
N VAL OA 53 -27.98 136.27 42.35
CA VAL OA 53 -29.12 135.70 43.04
C VAL OA 53 -30.21 136.77 43.08
N LEU OA 54 -31.40 136.46 42.57
CA LEU OA 54 -32.42 137.49 42.51
C LEU OA 54 -33.13 137.65 43.85
N SER OA 55 -33.93 136.65 44.24
CA SER OA 55 -34.36 136.57 45.64
C SER OA 55 -34.00 135.22 46.26
N LYS OA 56 -34.59 134.14 45.75
CA LYS OA 56 -34.05 132.80 45.94
C LYS OA 56 -33.77 132.13 44.61
N LEU OA 57 -34.83 131.88 43.84
CA LEU OA 57 -34.88 131.65 42.40
C LEU OA 57 -34.26 130.34 41.91
N TYR OA 58 -33.50 129.65 42.78
CA TYR OA 58 -32.85 128.39 42.43
C TYR OA 58 -32.13 127.74 43.61
N GLU OA 59 -32.03 126.41 43.56
CA GLU OA 59 -31.01 125.69 44.30
C GLU OA 59 -29.64 126.08 43.79
N GLU OA 60 -28.77 126.52 44.72
CA GLU OA 60 -27.45 127.03 44.37
C GLU OA 60 -26.59 125.95 43.73
N GLY OA 61 -26.05 126.27 42.56
CA GLY OA 61 -25.48 125.29 41.66
C GLY OA 61 -26.27 125.15 40.37
N SER OA 62 -27.42 125.79 40.27
CA SER OA 62 -28.20 125.81 39.05
C SER OA 62 -27.48 126.59 37.96
N ASN OA 63 -27.79 126.22 36.71
CA ASN OA 63 -27.53 126.90 35.42
C ASN OA 63 -26.23 127.70 35.34
N LYS OA 64 -25.14 127.07 35.76
CA LYS OA 64 -23.84 127.73 35.81
C LYS OA 64 -23.35 128.02 34.41
N ARG OA 65 -22.88 129.24 34.19
CA ARG OA 65 -22.46 129.68 32.87
C ARG OA 65 -21.02 129.29 32.53
N LEU OA 66 -20.40 128.43 33.33
CA LEU OA 66 -19.10 127.85 33.02
C LEU OA 66 -19.32 126.45 32.50
N PHE OA 67 -19.41 126.31 31.18
CA PHE OA 67 -19.71 125.03 30.57
C PHE OA 67 -18.43 124.21 30.46
N ASN OA 68 -18.51 123.08 29.76
CA ASN OA 68 -17.37 122.17 29.66
C ASN OA 68 -17.46 121.47 28.31
N VAL OA 69 -16.73 121.99 27.32
CA VAL OA 69 -16.83 121.46 25.96
C VAL OA 69 -16.04 120.17 25.82
N ASP OA 70 -14.76 120.20 26.15
CA ASP OA 70 -13.89 119.04 26.01
C ASP OA 70 -13.20 118.82 27.34
N ARG OA 71 -12.36 117.79 27.40
CA ARG OA 71 -11.62 117.49 28.62
C ARG OA 71 -10.63 118.61 28.95
N HIS OA 72 -10.11 119.29 27.93
CA HIS OA 72 -9.14 120.35 28.13
C HIS OA 72 -9.65 121.72 27.67
N VAL OA 73 -10.93 121.86 27.36
CA VAL OA 73 -11.48 123.09 26.80
C VAL OA 73 -12.68 123.51 27.63
N GLY OA 74 -12.75 124.80 27.99
CA GLY OA 74 -13.84 125.32 28.78
C GLY OA 74 -14.49 126.54 28.16
N MET OA 75 -15.68 126.87 28.66
CA MET OA 75 -16.47 128.00 28.21
C MET OA 75 -16.59 129.04 29.33
N ALA OA 76 -16.98 130.25 28.94
CA ALA OA 76 -17.46 131.25 29.89
C ALA OA 76 -18.45 132.14 29.12
N VAL OA 77 -19.72 131.78 29.18
CA VAL OA 77 -20.71 132.41 28.32
C VAL OA 77 -21.35 133.59 29.04
N ALA OA 78 -21.88 134.52 28.24
CA ALA OA 78 -22.65 135.65 28.74
C ALA OA 78 -23.59 136.10 27.63
N GLY OA 79 -24.49 137.00 27.98
CA GLY OA 79 -25.51 137.42 27.04
C GLY OA 79 -26.79 136.63 27.25
N LEU OA 80 -27.42 136.23 26.16
CA LEU OA 80 -28.57 135.36 26.25
C LEU OA 80 -28.12 133.97 26.69
N LEU OA 81 -29.02 133.25 27.36
CA LEU OA 81 -28.63 132.00 28.00
C LEU OA 81 -28.93 130.76 27.17
N ALA OA 82 -30.10 130.72 26.54
CA ALA OA 82 -30.54 129.49 25.87
C ALA OA 82 -29.73 129.21 24.61
N ASP OA 83 -29.33 130.26 23.89
CA ASP OA 83 -28.48 130.07 22.72
C ASP OA 83 -27.06 129.70 23.09
N ALA OA 84 -26.63 130.01 24.32
CA ALA OA 84 -25.30 129.61 24.77
C ALA OA 84 -25.23 128.11 24.97
N ARG OA 85 -26.32 127.49 25.42
CA ARG OA 85 -26.37 126.04 25.52
C ARG OA 85 -26.42 125.39 24.14
N SER OA 86 -26.89 126.12 23.14
CA SER OA 86 -26.87 125.59 21.78
C SER OA 86 -25.46 125.58 21.23
N LEU OA 87 -24.70 126.66 21.48
CA LEU OA 87 -23.31 126.71 21.03
C LEU OA 87 -22.44 125.71 21.77
N ALA OA 88 -22.80 125.39 23.01
CA ALA OA 88 -22.08 124.34 23.73
C ALA OA 88 -22.30 122.98 23.09
N ASP OA 89 -23.51 122.75 22.56
CA ASP OA 89 -23.79 121.48 21.90
C ASP OA 89 -23.11 121.40 20.55
N ILE OA 90 -22.88 122.54 19.89
CA ILE OA 90 -22.14 122.53 18.63
C ILE OA 90 -20.67 122.25 18.91
N ALA OA 91 -20.11 122.87 19.96
CA ALA OA 91 -18.69 122.74 20.22
C ALA OA 91 -18.33 121.37 20.77
N ARG OA 92 -19.22 120.75 21.55
CA ARG OA 92 -18.98 119.36 21.96
C ARG OA 92 -19.07 118.43 20.77
N GLU OA 93 -19.94 118.73 19.82
CA GLU OA 93 -20.10 117.89 18.66
C GLU OA 93 -18.91 118.01 17.72
N GLU OA 94 -18.34 119.21 17.63
CA GLU OA 94 -17.22 119.43 16.73
C GLU OA 94 -15.95 118.76 17.23
N ALA OA 95 -15.73 118.79 18.54
CA ALA OA 95 -14.53 118.17 19.10
C ALA OA 95 -14.59 116.64 19.04
N SER OA 96 -15.78 116.07 18.90
CA SER OA 96 -15.89 114.62 18.78
C SER OA 96 -15.52 114.15 17.39
N ASN OA 97 -15.84 114.95 16.36
CA ASN OA 97 -15.51 114.55 14.99
C ASN OA 97 -14.02 114.69 14.72
N PHE OA 98 -13.35 115.64 15.37
CA PHE OA 98 -11.91 115.73 15.26
C PHE OA 98 -11.26 114.53 15.93
N ARG OA 99 -11.83 114.08 17.05
CA ARG OA 99 -11.33 112.90 17.73
C ARG OA 99 -11.52 111.65 16.89
N SER OA 100 -12.67 111.54 16.23
CA SER OA 100 -12.99 110.34 15.48
C SER OA 100 -12.22 110.26 14.17
N ASN OA 101 -12.05 111.40 13.49
CA ASN OA 101 -11.42 111.37 12.18
C ASN OA 101 -9.91 111.41 12.27
N PHE OA 102 -9.37 112.21 13.20
CA PHE OA 102 -7.95 112.50 13.22
C PHE OA 102 -7.22 111.90 14.41
N GLY OA 103 -7.94 111.46 15.45
CA GLY OA 103 -7.36 110.60 16.45
C GLY OA 103 -6.60 111.25 17.57
N TYR OA 104 -6.78 112.56 17.79
CA TYR OA 104 -6.12 113.23 18.91
C TYR OA 104 -6.95 114.45 19.30
N ASN OA 105 -6.46 115.19 20.29
CA ASN OA 105 -7.22 116.27 20.89
C ASN OA 105 -7.28 117.48 19.98
N ILE OA 106 -8.38 118.20 20.05
CA ILE OA 106 -8.62 119.34 19.16
C ILE OA 106 -7.77 120.52 19.61
N PRO OA 107 -7.02 121.15 18.70
CA PRO OA 107 -6.36 122.41 19.04
C PRO OA 107 -7.37 123.53 19.18
N LEU OA 108 -7.06 124.47 20.06
CA LEU OA 108 -8.01 125.54 20.35
C LEU OA 108 -8.12 126.53 19.19
N LYS OA 109 -7.09 126.62 18.35
CA LYS OA 109 -7.15 127.52 17.21
C LYS OA 109 -8.17 127.06 16.17
N HIS OA 110 -8.26 125.75 15.94
CA HIS OA 110 -9.26 125.24 15.01
C HIS OA 110 -10.65 125.28 15.61
N LEU OA 111 -10.76 124.97 16.90
CA LEU OA 111 -12.06 124.92 17.56
C LEU OA 111 -12.69 126.30 17.62
N ALA OA 112 -11.87 127.35 17.73
CA ALA OA 112 -12.40 128.70 17.61
C ALA OA 112 -12.88 128.98 16.19
N ASP OA 113 -12.16 128.48 15.19
CA ASP OA 113 -12.48 128.81 13.81
C ASP OA 113 -13.72 128.07 13.32
N ARG OA 114 -13.89 126.82 13.74
CA ARG OA 114 -15.05 126.05 13.30
C ARG OA 114 -16.34 126.59 13.90
N VAL OA 115 -16.27 127.08 15.14
CA VAL OA 115 -17.46 127.64 15.77
C VAL OA 115 -17.78 129.01 15.17
N ALA OA 116 -16.75 129.83 14.94
CA ALA OA 116 -16.96 131.19 14.45
C ALA OA 116 -17.50 131.21 13.03
N MET OA 117 -17.18 130.19 12.22
CA MET OA 117 -17.82 130.08 10.93
C MET OA 117 -19.29 129.71 11.07
N TYR OA 118 -19.61 128.92 12.10
CA TYR OA 118 -21.00 128.54 12.33
C TYR OA 118 -21.80 129.73 12.86
N VAL OA 119 -21.18 130.58 13.67
CA VAL OA 119 -21.83 131.79 14.12
C VAL OA 119 -22.00 132.76 12.95
N HIS OA 120 -21.02 132.80 12.05
CA HIS OA 120 -21.09 133.66 10.87
C HIS OA 120 -22.22 133.26 9.94
N ALA OA 121 -22.54 131.97 9.88
CA ALA OA 121 -23.50 131.46 8.92
C ALA OA 121 -24.92 131.91 9.19
N TYR OA 122 -25.22 132.35 10.42
CA TYR OA 122 -26.54 132.86 10.74
C TYR OA 122 -26.64 134.37 10.63
N THR OA 123 -25.69 135.00 9.93
CA THR OA 123 -25.70 136.43 9.71
C THR OA 123 -25.90 136.79 8.26
N LEU OA 124 -26.24 135.81 7.41
CA LEU OA 124 -26.31 136.02 5.98
C LEU OA 124 -27.71 135.87 5.41
N TYR OA 125 -28.62 135.24 6.14
CA TYR OA 125 -29.92 134.86 5.58
C TYR OA 125 -31.04 135.51 6.37
N SER OA 126 -32.16 135.71 5.67
CA SER OA 126 -33.34 136.26 6.31
C SER OA 126 -34.16 135.23 7.04
N ALA OA 127 -33.86 133.94 6.87
CA ALA OA 127 -34.65 132.90 7.52
C ALA OA 127 -34.29 132.74 8.99
N VAL OA 128 -33.05 133.03 9.37
CA VAL OA 128 -32.60 132.89 10.74
C VAL OA 128 -32.06 134.21 11.24
N ARG OA 129 -31.95 134.33 12.55
CA ARG OA 129 -31.41 135.52 13.17
C ARG OA 129 -29.99 135.29 13.65
N PRO OA 130 -29.21 136.35 13.88
CA PRO OA 130 -27.91 136.18 14.52
C PRO OA 130 -28.06 135.76 15.98
N PHE OA 131 -26.99 135.17 16.50
CA PHE OA 131 -26.94 134.76 17.89
C PHE OA 131 -26.86 135.97 18.80
N GLY OA 132 -27.36 135.79 20.03
CA GLY OA 132 -27.25 136.82 21.04
C GLY OA 132 -26.32 136.41 22.16
N CYS OA 133 -25.22 135.75 21.81
CA CYS OA 133 -24.28 135.25 22.81
C CYS OA 133 -22.87 135.72 22.51
N SER OA 134 -22.06 135.75 23.56
CA SER OA 134 -20.63 135.93 23.44
C SER OA 134 -19.98 135.17 24.59
N PHE OA 135 -18.78 134.66 24.34
CA PHE OA 135 -18.19 133.71 25.28
C PHE OA 135 -16.67 133.74 25.18
N MET OA 136 -16.05 132.86 25.95
CA MET OA 136 -14.62 132.71 26.05
C MET OA 136 -14.24 131.28 25.75
N LEU OA 137 -12.97 131.05 25.45
CA LEU OA 137 -12.46 129.70 25.23
C LEU OA 137 -11.07 129.61 25.86
N GLY OA 138 -10.94 128.78 26.88
CA GLY OA 138 -9.68 128.58 27.56
C GLY OA 138 -9.22 127.13 27.45
N SER OA 139 -7.91 126.95 27.31
CA SER OA 139 -7.36 125.61 27.21
C SER OA 139 -5.91 125.64 27.68
N TYR OA 140 -5.33 124.44 27.77
CA TYR OA 140 -3.93 124.31 28.12
C TYR OA 140 -3.39 123.04 27.49
N SER OA 141 -2.16 123.11 27.02
CA SER OA 141 -1.47 121.94 26.48
C SER OA 141 0.02 122.11 26.71
N VAL OA 142 0.71 121.00 27.01
CA VAL OA 142 2.14 121.07 27.26
C VAL OA 142 2.93 121.30 25.98
N ASN OA 143 2.35 120.96 24.82
CA ASN OA 143 2.99 121.26 23.55
C ASN OA 143 2.58 122.60 22.99
N ASP OA 144 1.62 123.28 23.61
CA ASP OA 144 1.09 124.52 23.08
C ASP OA 144 1.15 125.68 24.06
N GLY OA 145 0.87 125.42 25.34
CA GLY OA 145 0.75 126.49 26.31
C GLY OA 145 -0.72 126.73 26.64
N ALA OA 146 -0.96 127.89 27.25
CA ALA OA 146 -2.30 128.32 27.60
C ALA OA 146 -2.79 129.33 26.58
N GLN OA 147 -3.97 129.09 26.03
CA GLN OA 147 -4.55 129.95 25.02
C GLN OA 147 -5.92 130.43 25.46
N LEU OA 148 -6.25 131.68 25.11
CA LEU OA 148 -7.51 132.28 25.50
C LEU OA 148 -8.08 133.02 24.31
N TYR OA 149 -9.29 132.66 23.91
CA TYR OA 149 -9.95 133.20 22.73
C TYR OA 149 -11.26 133.87 23.12
N MET OA 150 -11.94 134.43 22.11
CA MET OA 150 -13.04 135.37 22.34
C MET OA 150 -13.84 135.53 21.06
N ILE OA 151 -15.15 135.34 21.13
CA ILE OA 151 -16.00 135.34 19.96
C ILE OA 151 -17.19 136.28 20.21
N ASP OA 152 -17.35 137.25 19.34
CA ASP OA 152 -18.46 138.20 19.36
C ASP OA 152 -19.67 137.59 18.66
N PRO OA 153 -20.86 138.22 18.73
CA PRO OA 153 -21.97 137.72 17.91
C PRO OA 153 -21.77 137.87 16.41
N SER OA 154 -20.88 138.75 15.95
CA SER OA 154 -20.69 138.88 14.50
C SER OA 154 -19.86 137.74 13.94
N GLY OA 155 -18.93 137.20 14.73
CA GLY OA 155 -18.09 136.10 14.29
C GLY OA 155 -16.60 136.39 14.29
N VAL OA 156 -16.17 137.55 14.78
CA VAL OA 156 -14.75 137.85 14.86
C VAL OA 156 -14.16 137.06 16.02
N SER OA 157 -13.09 136.33 15.75
CA SER OA 157 -12.49 135.43 16.73
C SER OA 157 -10.98 135.56 16.69
N TYR OA 158 -10.39 135.99 17.81
CA TYR OA 158 -8.94 136.01 17.95
C TYR OA 158 -8.60 135.94 19.44
N GLY OA 159 -7.34 136.18 19.77
CA GLY OA 159 -6.82 135.89 21.09
C GLY OA 159 -6.71 137.11 21.99
N TYR OA 160 -6.49 136.81 23.27
CA TYR OA 160 -6.27 137.81 24.30
C TYR OA 160 -5.40 137.21 25.39
N TRP OA 161 -4.82 138.08 26.21
CA TRP OA 161 -4.35 137.63 27.51
C TRP OA 161 -5.42 137.79 28.59
N GLY OA 162 -6.34 138.73 28.40
CA GLY OA 162 -7.45 138.89 29.30
C GLY OA 162 -8.58 139.63 28.62
N CYS OA 163 -9.81 139.32 29.03
CA CYS OA 163 -10.98 139.92 28.40
C CYS OA 163 -12.13 139.89 29.38
N ALA OA 164 -13.17 140.66 29.07
CA ALA OA 164 -14.33 140.80 29.94
C ALA OA 164 -15.58 140.97 29.08
N ILE OA 165 -16.65 140.31 29.49
CA ILE OA 165 -17.93 140.36 28.79
C ILE OA 165 -19.02 140.71 29.78
N GLY OA 166 -19.91 141.64 29.41
CA GLY OA 166 -21.07 141.91 30.21
C GLY OA 166 -21.37 143.40 30.24
N LYS OA 167 -22.11 143.82 31.26
CA LYS OA 167 -22.30 145.24 31.52
C LYS OA 167 -20.96 145.91 31.83
N ALA OA 168 -20.32 145.48 32.91
CA ALA OA 168 -18.99 145.98 33.21
C ALA OA 168 -17.99 145.33 32.28
N ARG OA 169 -17.69 145.99 31.16
CA ARG OA 169 -16.68 145.53 30.24
C ARG OA 169 -15.49 146.47 30.20
N GLN OA 170 -15.73 147.75 29.89
CA GLN OA 170 -14.64 148.71 29.84
C GLN OA 170 -14.19 149.10 31.24
N ALA OA 171 -15.15 149.24 32.16
CA ALA OA 171 -14.81 149.53 33.54
C ALA OA 171 -14.14 148.34 34.22
N ALA OA 172 -14.35 147.13 33.72
CA ALA OA 172 -13.75 145.95 34.31
C ALA OA 172 -12.38 145.62 33.75
N LYS OA 173 -12.03 146.13 32.58
CA LYS OA 173 -10.75 145.82 31.97
C LYS OA 173 -9.70 146.87 32.27
N THR OA 174 -10.07 147.95 32.97
CA THR OA 174 -9.10 148.96 33.35
C THR OA 174 -8.15 148.44 34.43
N GLU OA 175 -8.66 147.62 35.33
CA GLU OA 175 -7.82 147.06 36.39
C GLU OA 175 -7.21 145.73 36.02
N ILE OA 176 -7.60 145.14 34.89
CA ILE OA 176 -6.96 143.90 34.44
C ILE OA 176 -5.54 144.20 33.96
N GLU OA 177 -5.37 145.28 33.22
CA GLU OA 177 -4.04 145.67 32.75
C GLU OA 177 -3.15 146.20 33.86
N LYS OA 178 -3.71 146.55 35.01
CA LYS OA 178 -2.90 146.95 36.16
C LYS OA 178 -2.10 145.80 36.74
N LEU OA 179 -2.52 144.56 36.49
CA LEU OA 179 -1.82 143.41 37.03
C LEU OA 179 -0.60 143.06 36.17
N GLN OA 180 0.28 142.26 36.75
CA GLN OA 180 1.28 141.54 35.98
C GLN OA 180 0.71 140.17 35.61
N MET OA 181 1.17 139.66 34.49
CA MET OA 181 0.49 138.53 33.89
C MET OA 181 1.49 137.45 33.48
N LYS OA 182 2.70 137.86 33.14
CA LYS OA 182 3.71 136.93 32.67
C LYS OA 182 4.22 136.06 33.81
N GLU OA 183 4.68 136.69 34.89
CA GLU OA 183 5.38 135.99 35.96
C GLU OA 183 4.45 135.31 36.95
N MET OA 184 3.14 135.49 36.83
CA MET OA 184 2.22 134.99 37.84
C MET OA 184 1.95 133.51 37.66
N THR OA 185 1.78 132.81 38.78
CA THR OA 185 1.17 131.49 38.78
C THR OA 185 -0.33 131.65 38.97
N CYS OA 186 -1.10 130.72 38.40
CA CYS OA 186 -2.54 130.87 38.39
C CYS OA 186 -3.17 130.72 39.77
N ARG OA 187 -2.53 130.03 40.72
CA ARG OA 187 -3.08 129.95 42.06
C ARG OA 187 -3.05 131.31 42.75
N ASP OA 188 -2.05 132.14 42.44
CA ASP OA 188 -2.10 133.53 42.87
C ASP OA 188 -3.21 134.28 42.16
N ILE OA 189 -3.47 133.93 40.90
CA ILE OA 189 -4.45 134.65 40.10
C ILE OA 189 -5.87 134.31 40.53
N VAL OA 190 -6.08 133.13 41.13
CA VAL OA 190 -7.40 132.72 41.60
C VAL OA 190 -7.92 133.69 42.67
N LYS OA 191 -7.06 134.08 43.59
CA LYS OA 191 -7.48 135.12 44.53
C LYS OA 191 -7.36 136.52 43.95
N GLU OA 192 -6.75 136.69 42.78
CA GLU OA 192 -6.76 137.99 42.14
C GLU OA 192 -8.09 138.24 41.43
N VAL OA 193 -8.58 137.25 40.66
CA VAL OA 193 -9.83 137.36 39.90
C VAL OA 193 -11.03 137.61 40.82
N ALA OA 194 -10.93 137.13 42.06
CA ALA OA 194 -11.98 137.34 43.05
C ALA OA 194 -12.20 138.83 43.35
N LYS OA 195 -11.13 139.63 43.35
CA LYS OA 195 -11.32 141.01 43.75
C LYS OA 195 -11.81 141.88 42.60
N ILE OA 196 -11.49 141.53 41.35
CA ILE OA 196 -11.98 142.30 40.21
C ILE OA 196 -13.50 142.18 40.11
N ILE OA 197 -14.01 140.96 40.33
CA ILE OA 197 -15.45 140.77 40.44
C ILE OA 197 -16.00 141.52 41.65
N TYR OA 198 -15.27 141.50 42.76
CA TYR OA 198 -15.79 142.06 44.00
C TYR OA 198 -15.70 143.58 44.03
N ILE OA 199 -14.72 144.18 43.33
CA ILE OA 199 -14.65 145.64 43.24
C ILE OA 199 -15.83 146.18 42.46
N VAL OA 200 -16.09 145.60 41.29
CA VAL OA 200 -17.15 146.08 40.41
C VAL OA 200 -18.47 145.52 40.92
N HIS OA 201 -19.59 146.03 40.40
CA HIS OA 201 -20.95 145.64 40.78
C HIS OA 201 -21.22 145.92 42.26
N ASP OA 202 -21.33 147.21 42.56
CA ASP OA 202 -21.92 147.65 43.81
C ASP OA 202 -23.35 147.11 43.94
N GLU OA 203 -23.76 146.88 45.18
CA GLU OA 203 -25.06 146.26 45.47
C GLU OA 203 -26.24 147.21 45.34
N VAL OA 204 -26.03 148.41 44.77
CA VAL OA 204 -27.13 149.30 44.47
C VAL OA 204 -28.03 148.71 43.39
N LYS OA 205 -27.42 148.10 42.37
CA LYS OA 205 -28.20 147.45 41.32
C LYS OA 205 -28.85 146.18 41.84
N ASP OA 206 -28.04 145.21 42.28
CA ASP OA 206 -28.54 143.94 42.80
C ASP OA 206 -27.82 143.62 44.10
N LYS OA 207 -28.60 143.32 45.14
CA LYS OA 207 -28.02 143.14 46.47
C LYS OA 207 -27.25 141.84 46.58
N ALA OA 208 -27.74 140.78 45.95
CA ALA OA 208 -27.16 139.45 46.09
C ALA OA 208 -26.44 139.05 44.81
N PHE OA 209 -25.18 138.66 44.94
CA PHE OA 209 -24.42 138.11 43.82
C PHE OA 209 -23.59 136.96 44.35
N GLU OA 210 -23.07 136.17 43.41
CA GLU OA 210 -22.34 134.97 43.79
C GLU OA 210 -21.32 134.67 42.72
N LEU OA 211 -20.17 134.15 43.16
CA LEU OA 211 -18.98 134.02 42.33
C LEU OA 211 -18.71 132.56 41.99
N GLU OA 212 -18.52 132.28 40.70
CA GLU OA 212 -17.98 131.02 40.24
C GLU OA 212 -16.57 131.22 39.72
N LEU OA 213 -15.77 130.16 39.79
CA LEU OA 213 -14.39 130.20 39.30
C LEU OA 213 -14.09 128.87 38.64
N SER OA 214 -13.72 128.91 37.37
CA SER OA 214 -13.25 127.73 36.65
C SER OA 214 -11.78 127.90 36.32
N TRP OA 215 -11.10 126.77 36.12
CA TRP OA 215 -9.65 126.78 36.24
C TRP OA 215 -9.07 125.56 35.54
N VAL OA 216 -8.36 125.80 34.44
CA VAL OA 216 -7.62 124.78 33.73
C VAL OA 216 -6.17 125.23 33.63
N GLY OA 217 -5.24 124.29 33.72
CA GLY OA 217 -3.84 124.64 33.60
C GLY OA 217 -2.94 123.48 33.90
N GLU OA 218 -1.68 123.83 34.20
CA GLU OA 218 -0.65 122.81 34.41
C GLU OA 218 -0.88 122.05 35.70
N LEU OA 219 -1.45 122.70 36.72
CA LEU OA 219 -1.71 122.02 37.98
C LEU OA 219 -2.83 120.99 37.81
N THR OA 220 -3.74 121.23 36.88
CA THR OA 220 -4.87 120.35 36.65
C THR OA 220 -4.58 119.30 35.59
N ASN OA 221 -3.31 119.12 35.23
CA ASN OA 221 -2.83 118.11 34.28
C ASN OA 221 -3.44 118.27 32.89
N GLY OA 222 -3.82 119.49 32.53
CA GLY OA 222 -4.47 119.76 31.27
C GLY OA 222 -5.98 119.58 31.30
N ARG OA 223 -6.49 118.77 32.22
CA ARG OA 223 -7.92 118.56 32.34
C ARG OA 223 -8.58 119.83 32.88
N HIS OA 224 -9.80 120.08 32.42
CA HIS OA 224 -10.57 121.23 32.88
C HIS OA 224 -11.52 120.80 33.98
N GLU OA 225 -11.53 121.55 35.08
CA GLU OA 225 -12.52 121.36 36.11
C GLU OA 225 -12.73 122.67 36.86
N ILE OA 226 -13.73 122.68 37.73
CA ILE OA 226 -13.99 123.83 38.58
C ILE OA 226 -12.92 123.89 39.67
N VAL OA 227 -12.78 125.07 40.29
CA VAL OA 227 -11.88 125.22 41.43
C VAL OA 227 -12.42 124.39 42.59
N PRO OA 228 -11.58 124.00 43.53
CA PRO OA 228 -12.12 123.59 44.83
C PRO OA 228 -12.68 124.83 45.48
N LYS OA 229 -14.01 124.96 45.47
CA LYS OA 229 -14.66 126.23 45.76
C LYS OA 229 -14.95 126.39 47.25
N ASP OA 230 -15.75 125.49 47.80
CA ASP OA 230 -15.94 125.44 49.25
C ASP OA 230 -14.64 125.11 49.97
N ILE OA 231 -13.76 124.36 49.30
CA ILE OA 231 -12.42 124.13 49.82
C ILE OA 231 -11.61 125.41 49.68
N ARG OA 232 -10.79 125.68 50.70
CA ARG OA 232 -9.69 126.63 50.76
C ARG OA 232 -10.13 128.10 50.83
N GLU OA 233 -11.33 128.41 50.34
CA GLU OA 233 -12.13 129.63 50.50
C GLU OA 233 -11.33 130.95 50.57
N GLU OA 234 -10.30 131.08 49.75
CA GLU OA 234 -9.49 132.29 49.79
C GLU OA 234 -9.91 133.28 48.73
N ALA OA 235 -10.98 132.98 47.99
CA ALA OA 235 -11.55 133.97 47.09
C ALA OA 235 -12.18 135.11 47.88
N GLU OA 236 -13.18 134.79 48.70
CA GLU OA 236 -13.98 135.81 49.35
C GLU OA 236 -13.26 136.46 50.52
N LYS OA 237 -12.34 135.74 51.17
CA LYS OA 237 -11.61 136.32 52.30
C LYS OA 237 -10.65 137.39 51.82
N TYR OA 238 -9.90 137.10 50.76
CA TYR OA 238 -8.94 138.04 50.24
C TYR OA 238 -9.60 139.15 49.43
N ALA OA 239 -10.81 138.92 48.92
CA ALA OA 239 -11.51 139.95 48.17
C ALA OA 239 -12.11 141.01 49.08
N LYS OA 240 -12.61 140.62 50.25
CA LYS OA 240 -13.24 141.57 51.16
C LYS OA 240 -12.23 142.38 51.97
N GLU OA 241 -10.95 142.29 51.64
CA GLU OA 241 -9.94 143.20 52.14
C GLU OA 241 -9.87 144.50 51.34
N SER OA 242 -10.81 144.71 50.43
CA SER OA 242 -10.93 145.94 49.66
C SER OA 242 -11.89 146.94 50.30
N LEU OA 243 -11.97 146.92 51.64
CA LEU OA 243 -12.89 147.80 52.35
C LEU OA 243 -12.45 149.26 52.33
N LYS OA 244 -11.19 149.53 52.04
CA LYS OA 244 -10.69 150.90 51.95
C LYS OA 244 -9.52 150.99 50.99
N THR PA 34 6.30 91.37 -4.43
CA THR PA 34 6.13 92.57 -3.63
C THR PA 34 6.64 92.36 -2.22
N THR PA 35 7.64 93.15 -1.84
CA THR PA 35 8.22 93.07 -0.51
C THR PA 35 8.60 94.47 -0.07
N ILE PA 36 8.03 94.91 1.05
CA ILE PA 36 8.28 96.25 1.56
C ILE PA 36 8.92 96.14 2.94
N MET PA 37 9.64 97.19 3.31
CA MET PA 37 10.56 97.15 4.44
C MET PA 37 10.59 98.51 5.10
N ALA PA 38 10.58 98.52 6.43
CA ALA PA 38 10.61 99.79 7.16
C ALA PA 38 11.25 99.55 8.52
N VAL PA 39 12.30 100.31 8.83
CA VAL PA 39 13.02 100.23 10.10
C VAL PA 39 13.26 101.63 10.60
N GLN PA 40 12.86 101.90 11.84
CA GLN PA 40 13.18 103.18 12.44
C GLN PA 40 14.51 103.10 13.18
N PHE PA 41 15.10 104.26 13.43
CA PHE PA 41 16.33 104.37 14.19
C PHE PA 41 16.20 105.61 15.06
N ASP PA 42 17.32 106.07 15.61
CA ASP PA 42 17.32 107.18 16.56
C ASP PA 42 16.90 108.49 15.90
N GLY PA 43 17.59 108.87 14.82
CA GLY PA 43 17.28 110.13 14.17
C GLY PA 43 16.01 110.11 13.36
N GLY PA 44 15.70 108.99 12.73
CA GLY PA 44 14.52 108.91 11.90
C GLY PA 44 14.16 107.49 11.52
N VAL PA 45 13.72 107.30 10.27
CA VAL PA 45 13.31 106.01 9.77
C VAL PA 45 14.07 105.68 8.49
N VAL PA 46 14.04 104.41 8.10
CA VAL PA 46 14.62 103.93 6.86
C VAL PA 46 13.59 103.05 6.17
N LEU PA 47 13.27 103.39 4.92
CA LEU PA 47 12.31 102.63 4.14
C LEU PA 47 13.02 101.87 3.03
N GLY PA 48 12.32 100.89 2.47
CA GLY PA 48 12.84 100.11 1.37
C GLY PA 48 11.82 99.20 0.74
N ALA PA 49 11.94 98.98 -0.56
CA ALA PA 49 11.00 98.12 -1.27
C ALA PA 49 11.67 97.62 -2.55
N ASP PA 50 11.04 96.64 -3.18
CA ASP PA 50 11.47 96.16 -4.47
C ASP PA 50 10.85 97.01 -5.57
N SER PA 51 10.89 96.52 -6.81
CA SER PA 51 10.38 97.28 -7.93
C SER PA 51 9.53 96.45 -8.88
N ARG PA 52 9.31 95.18 -8.59
CA ARG PA 52 8.70 94.25 -9.52
C ARG PA 52 7.18 94.29 -9.39
N THR PA 53 6.50 94.51 -10.50
CA THR PA 53 5.04 94.50 -10.55
C THR PA 53 4.61 93.42 -11.54
N THR PA 54 3.84 92.46 -11.07
CA THR PA 54 3.48 91.30 -11.87
C THR PA 54 2.00 91.30 -12.21
N THR PA 55 1.63 90.41 -13.11
CA THR PA 55 0.23 90.09 -13.38
C THR PA 55 0.17 88.63 -13.84
N GLY PA 56 -0.37 87.78 -12.99
CA GLY PA 56 -0.29 86.35 -13.21
C GLY PA 56 1.15 85.89 -13.06
N SER PA 57 1.73 85.40 -14.15
CA SER PA 57 3.14 85.01 -14.19
C SER PA 57 3.93 85.86 -15.17
N TYR PA 58 3.47 87.08 -15.43
CA TYR PA 58 4.12 87.97 -16.38
C TYR PA 58 4.50 89.28 -15.70
N ILE PA 59 5.71 89.75 -15.97
CA ILE PA 59 6.20 90.99 -15.40
C ILE PA 59 5.59 92.15 -16.17
N ALA PA 60 4.63 92.83 -15.55
CA ALA PA 60 4.05 94.00 -16.20
C ALA PA 60 5.00 95.19 -16.17
N ASN PA 61 5.86 95.27 -15.16
CA ASN PA 61 6.73 96.42 -15.00
C ASN PA 61 8.00 95.98 -14.28
N ARG PA 62 9.15 96.37 -14.82
CA ARG PA 62 10.43 96.02 -14.21
C ARG PA 62 10.71 96.88 -12.99
N VAL PA 63 10.59 98.19 -13.14
CA VAL PA 63 10.90 99.14 -12.08
C VAL PA 63 9.64 99.94 -11.74
N THR PA 64 9.37 100.08 -10.46
CA THR PA 64 8.13 100.69 -9.99
C THR PA 64 8.39 101.39 -8.67
N ASP PA 65 7.94 102.63 -8.54
CA ASP PA 65 8.02 103.36 -7.28
C ASP PA 65 6.96 102.85 -6.32
N LYS PA 66 7.35 101.94 -5.43
CA LYS PA 66 6.41 101.46 -4.42
C LYS PA 66 6.17 102.51 -3.36
N LEU PA 67 7.22 103.22 -2.95
CA LEU PA 67 7.10 104.21 -1.90
C LEU PA 67 6.55 105.52 -2.46
N THR PA 68 5.71 106.19 -1.67
CA THR PA 68 4.93 107.32 -2.17
C THR PA 68 5.13 108.54 -1.28
N PRO PA 69 5.57 109.66 -1.83
CA PRO PA 69 5.71 110.88 -1.04
C PRO PA 69 4.41 111.61 -0.76
N ILE PA 70 3.73 111.25 0.33
CA ILE PA 70 2.54 112.01 0.77
C ILE PA 70 2.94 113.43 1.13
N HIS PA 71 3.82 113.57 2.11
CA HIS PA 71 4.29 114.86 2.60
C HIS PA 71 5.81 114.84 2.52
N ASP PA 72 6.42 115.99 2.82
CA ASP PA 72 7.88 116.13 2.74
C ASP PA 72 8.61 115.30 3.79
N ARG PA 73 7.93 114.88 4.86
CA ARG PA 73 8.54 114.07 5.88
C ARG PA 73 7.86 112.74 6.09
N ILE PA 74 6.76 112.46 5.39
CA ILE PA 74 5.96 111.27 5.63
C ILE PA 74 5.82 110.51 4.32
N PHE PA 75 6.30 109.27 4.29
CA PHE PA 75 6.12 108.39 3.15
C PHE PA 75 5.18 107.26 3.51
N CYS PA 76 4.76 106.52 2.49
CA CYS PA 76 4.17 105.21 2.71
C CYS PA 76 4.60 104.30 1.56
N CYS PA 77 4.72 103.01 1.86
CA CYS PA 77 4.98 101.99 0.87
C CYS PA 77 3.76 101.10 0.78
N ARG PA 78 3.26 100.91 -0.43
CA ARG PA 78 1.97 100.31 -0.66
C ARG PA 78 2.11 98.88 -1.16
N SER PA 79 1.13 98.04 -0.81
CA SER PA 79 1.13 96.64 -1.21
C SER PA 79 -0.30 96.17 -1.34
N GLY PA 80 -0.47 95.01 -1.95
CA GLY PA 80 -1.78 94.44 -2.20
C GLY PA 80 -2.22 94.71 -3.63
N SER PA 81 -3.40 95.31 -3.77
CA SER PA 81 -3.89 95.68 -5.09
C SER PA 81 -3.10 96.87 -5.64
N ALA PA 82 -3.14 97.03 -6.96
CA ALA PA 82 -2.43 98.13 -7.60
C ALA PA 82 -3.32 99.35 -7.73
N ALA PA 83 -4.51 99.19 -8.30
CA ALA PA 83 -5.40 100.32 -8.52
C ALA PA 83 -6.03 100.82 -7.23
N ASP PA 84 -6.14 99.97 -6.21
CA ASP PA 84 -6.72 100.41 -4.94
C ASP PA 84 -5.76 101.32 -4.19
N THR PA 85 -4.51 100.89 -4.05
CA THR PA 85 -3.56 101.63 -3.23
C THR PA 85 -3.12 102.93 -3.88
N GLN PA 86 -3.22 103.04 -5.20
CA GLN PA 86 -2.97 104.32 -5.84
C GLN PA 86 -4.11 105.29 -5.57
N ALA PA 87 -5.33 104.78 -5.49
CA ALA PA 87 -6.48 105.65 -5.27
C ALA PA 87 -6.56 106.10 -3.81
N VAL PA 88 -6.17 105.24 -2.87
CA VAL PA 88 -6.25 105.61 -1.46
C VAL PA 88 -5.17 106.63 -1.12
N ALA PA 89 -3.97 106.46 -1.68
CA ALA PA 89 -2.87 107.37 -1.40
C ALA PA 89 -3.09 108.77 -1.96
N ASP PA 90 -3.94 108.91 -2.98
CA ASP PA 90 -4.25 110.24 -3.48
C ASP PA 90 -5.22 110.96 -2.57
N ALA PA 91 -6.17 110.23 -1.99
CA ALA PA 91 -7.17 110.85 -1.14
C ALA PA 91 -6.59 111.27 0.20
N VAL PA 92 -5.64 110.50 0.74
CA VAL PA 92 -5.01 110.86 2.00
C VAL PA 92 -4.10 112.07 1.81
N THR PA 93 -3.41 112.13 0.66
CA THR PA 93 -2.59 113.29 0.33
C THR PA 93 -3.45 114.53 0.12
N TYR PA 94 -4.67 114.34 -0.39
CA TYR PA 94 -5.61 115.44 -0.52
C TYR PA 94 -6.07 115.95 0.84
N GLN PA 95 -6.39 115.03 1.76
CA GLN PA 95 -6.94 115.44 3.04
C GLN PA 95 -5.86 115.98 3.98
N LEU PA 96 -4.69 115.33 3.99
CA LEU PA 96 -3.62 115.79 4.88
C LEU PA 96 -3.02 117.10 4.39
N GLY PA 97 -2.96 117.29 3.08
CA GLY PA 97 -2.44 118.55 2.56
C GLY PA 97 -3.37 119.71 2.83
N PHE PA 98 -4.67 119.47 2.79
CA PHE PA 98 -5.62 120.53 3.14
C PHE PA 98 -5.59 120.83 4.62
N HIS PA 99 -5.40 119.81 5.44
CA HIS PA 99 -5.46 119.98 6.88
C HIS PA 99 -4.22 120.67 7.43
N SER PA 100 -3.05 120.38 6.87
CA SER PA 100 -1.81 120.92 7.42
C SER PA 100 -1.66 122.40 7.11
N ILE PA 101 -2.18 122.85 5.98
CA ILE PA 101 -2.17 124.29 5.68
C ILE PA 101 -3.12 125.02 6.61
N GLU PA 102 -4.24 124.39 6.94
CA GLU PA 102 -5.15 124.96 7.93
C GLU PA 102 -4.53 124.93 9.33
N LEU PA 103 -3.71 123.91 9.62
CA LEU PA 103 -2.94 123.90 10.86
C LEU PA 103 -1.93 125.03 10.89
N ASN PA 104 -1.35 125.35 9.73
CA ASN PA 104 -0.10 126.10 9.60
C ASN PA 104 0.99 125.47 10.47
N GLU PA 105 1.07 124.15 10.40
CA GLU PA 105 1.95 123.32 11.21
C GLU PA 105 2.38 122.12 10.38
N PRO PA 106 3.55 121.54 10.66
CA PRO PA 106 3.89 120.26 10.07
C PRO PA 106 3.01 119.15 10.64
N PRO PA 107 2.50 118.26 9.82
CA PRO PA 107 1.57 117.24 10.31
C PRO PA 107 2.27 116.15 11.10
N LEU PA 108 1.49 115.48 11.94
CA LEU PA 108 2.00 114.36 12.72
C LEU PA 108 1.92 113.08 11.90
N VAL PA 109 2.85 112.17 12.16
CA VAL PA 109 2.86 110.89 11.46
C VAL PA 109 1.69 110.04 11.92
N HIS PA 110 1.34 110.14 13.20
CA HIS PA 110 0.17 109.41 13.71
C HIS PA 110 -1.13 109.95 13.15
N THR PA 111 -1.15 111.22 12.77
CA THR PA 111 -2.33 111.79 12.13
C THR PA 111 -2.55 111.19 10.75
N ALA PA 112 -1.46 111.01 9.99
CA ALA PA 112 -1.59 110.47 8.64
C ALA PA 112 -1.95 108.99 8.67
N ALA PA 113 -1.41 108.24 9.63
CA ALA PA 113 -1.75 106.84 9.76
C ALA PA 113 -3.17 106.63 10.24
N SER PA 114 -3.76 107.62 10.90
CA SER PA 114 -5.17 107.52 11.28
C SER PA 114 -6.07 107.63 10.08
N LEU PA 115 -5.65 108.37 9.04
CA LEU PA 115 -6.51 108.56 7.89
C LEU PA 115 -6.59 107.32 7.02
N PHE PA 116 -5.51 106.55 6.97
CA PHE PA 116 -5.57 105.26 6.27
C PHE PA 116 -6.45 104.28 7.00
N LYS PA 117 -6.48 104.36 8.33
CA LYS PA 117 -7.31 103.45 9.12
C LYS PA 117 -8.79 103.74 8.90
N GLU PA 118 -9.15 105.00 8.75
CA GLU PA 118 -10.56 105.36 8.58
C GLU PA 118 -11.07 104.94 7.22
N MET PA 119 -10.22 104.95 6.20
CA MET PA 119 -10.66 104.55 4.87
C MET PA 119 -10.64 103.04 4.70
N CYS PA 120 -9.61 102.38 5.22
CA CYS PA 120 -9.48 100.94 5.00
C CYS PA 120 -10.46 100.15 5.86
N TYR PA 121 -10.84 100.67 7.02
CA TYR PA 121 -11.86 99.96 7.80
C TYR PA 121 -13.25 100.18 7.25
N ARG PA 122 -13.51 101.35 6.68
CA ARG PA 122 -14.83 101.64 6.15
C ARG PA 122 -15.10 100.84 4.88
N TYR PA 123 -14.06 100.61 4.08
CA TYR PA 123 -14.19 99.89 2.82
C TYR PA 123 -13.33 98.64 2.83
N ARG PA 124 -13.38 97.91 3.94
CA ARG PA 124 -12.62 96.66 4.04
C ARG PA 124 -13.20 95.55 3.19
N GLU PA 125 -14.45 95.70 2.74
CA GLU PA 125 -15.05 94.72 1.86
C GLU PA 125 -14.67 94.93 0.40
N ASP PA 126 -13.96 96.01 0.09
CA ASP PA 126 -13.71 96.38 -1.29
C ASP PA 126 -12.24 96.63 -1.61
N LEU PA 127 -11.35 96.53 -0.63
CA LEU PA 127 -9.95 96.89 -0.82
C LEU PA 127 -9.04 95.78 -0.31
N MET PA 128 -7.86 95.70 -0.93
CA MET PA 128 -6.78 94.83 -0.47
C MET PA 128 -5.53 95.71 -0.39
N ALA PA 129 -5.32 96.34 0.75
CA ALA PA 129 -4.27 97.32 0.94
C ALA PA 129 -3.32 96.87 2.04
N GLY PA 130 -2.03 96.99 1.79
CA GLY PA 130 -0.99 96.57 2.72
C GLY PA 130 -0.09 97.70 3.18
N ILE PA 131 -0.67 98.83 3.53
CA ILE PA 131 0.08 100.07 3.68
C ILE PA 131 0.93 100.04 4.95
N ILE PA 132 2.19 100.43 4.81
CA ILE PA 132 3.06 100.75 5.94
C ILE PA 132 3.40 102.23 5.86
N ILE PA 133 3.09 102.97 6.92
CA ILE PA 133 3.33 104.41 6.97
C ILE PA 133 4.52 104.66 7.89
N ALA PA 134 5.48 105.42 7.39
CA ALA PA 134 6.65 105.77 8.20
C ALA PA 134 7.08 107.18 7.86
N GLY PA 135 7.80 107.79 8.79
CA GLY PA 135 8.28 109.14 8.57
C GLY PA 135 8.72 109.79 9.86
N TRP PA 136 9.52 110.84 9.71
CA TRP PA 136 10.02 111.60 10.84
C TRP PA 136 9.03 112.69 11.22
N ASP PA 137 8.94 112.96 12.51
CA ASP PA 137 8.07 113.98 13.04
C ASP PA 137 8.83 114.85 14.02
N PRO PA 138 8.58 116.16 14.04
CA PRO PA 138 9.30 117.03 14.98
C PRO PA 138 8.95 116.80 16.43
N GLN PA 139 7.71 116.42 16.72
CA GLN PA 139 7.30 116.21 18.10
C GLN PA 139 7.87 114.91 18.65
N GLU PA 140 7.93 113.86 17.83
CA GLU PA 140 8.19 112.52 18.33
C GLU PA 140 9.33 111.79 17.64
N GLY PA 141 9.99 112.38 16.66
CA GLY PA 141 11.06 111.68 15.98
C GLY PA 141 10.53 110.72 14.92
N GLY PA 142 11.27 109.64 14.68
CA GLY PA 142 10.87 108.67 13.68
C GLY PA 142 9.81 107.71 14.19
N GLN PA 143 8.85 107.42 13.34
CA GLN PA 143 7.74 106.53 13.69
C GLN PA 143 7.46 105.60 12.51
N VAL PA 144 7.00 104.40 12.83
CA VAL PA 144 6.63 103.40 11.84
C VAL PA 144 5.29 102.79 12.26
N TYR PA 145 4.31 102.84 11.37
CA TYR PA 145 2.99 102.27 11.63
C TYR PA 145 2.68 101.20 10.59
N SER PA 146 1.76 100.31 10.95
CA SER PA 146 1.39 99.18 10.12
C SER PA 146 -0.11 99.13 9.96
N VAL PA 147 -0.58 99.16 8.72
CA VAL PA 147 -2.00 99.00 8.40
C VAL PA 147 -2.12 97.82 7.45
N PRO PA 148 -2.45 96.64 7.95
CA PRO PA 148 -2.62 95.48 7.07
C PRO PA 148 -3.99 95.47 6.41
N MET PA 149 -4.31 94.34 5.75
CA MET PA 149 -5.54 94.22 4.95
C MET PA 149 -6.80 94.33 5.78
N GLY PA 150 -6.74 94.09 7.09
CA GLY PA 150 -7.95 94.16 7.90
C GLY PA 150 -8.42 95.59 8.13
N GLY PA 151 -7.50 96.50 8.44
CA GLY PA 151 -7.86 97.87 8.70
C GLY PA 151 -7.45 98.35 10.07
N MET PA 152 -6.66 97.54 10.77
CA MET PA 152 -6.14 97.92 12.08
C MET PA 152 -4.89 98.78 11.93
N MET PA 153 -4.42 99.29 13.06
CA MET PA 153 -3.25 100.16 13.09
C MET PA 153 -2.43 99.84 14.33
N VAL PA 154 -1.11 99.75 14.16
CA VAL PA 154 -0.22 99.44 15.29
C VAL PA 154 1.13 100.09 15.00
N ARG PA 155 1.79 100.56 16.06
CA ARG PA 155 3.12 101.13 15.98
C ARG PA 155 4.15 100.06 16.30
N GLN PA 156 5.19 99.97 15.49
CA GLN PA 156 6.23 98.98 15.66
C GLN PA 156 7.61 99.63 15.59
N SER PA 157 8.62 98.83 15.93
CA SER PA 157 10.00 99.24 15.75
C SER PA 157 10.51 98.94 14.36
N PHE PA 158 10.03 97.87 13.74
CA PHE PA 158 10.31 97.60 12.34
C PHE PA 158 9.11 96.85 11.77
N ALA PA 159 8.73 97.18 10.55
CA ALA PA 159 7.56 96.60 9.92
C ALA PA 159 7.90 96.12 8.53
N ILE PA 160 7.43 94.92 8.19
CA ILE PA 160 7.58 94.37 6.86
C ILE PA 160 6.20 93.95 6.37
N GLY PA 161 6.06 93.88 5.04
CA GLY PA 161 4.81 93.50 4.45
C GLY PA 161 5.02 93.01 3.03
N GLY PA 162 3.93 92.61 2.40
CA GLY PA 162 3.99 92.09 1.04
C GLY PA 162 3.95 90.57 1.03
N SER PA 163 3.91 90.05 -0.20
CA SER PA 163 3.85 88.61 -0.38
C SER PA 163 5.18 87.95 -0.04
N GLY PA 164 6.29 88.61 -0.33
CA GLY PA 164 7.58 88.05 -0.03
C GLY PA 164 8.08 88.27 1.36
N SER PA 165 7.27 88.89 2.23
CA SER PA 165 7.71 89.13 3.60
C SER PA 165 7.69 87.89 4.46
N SER PA 166 7.01 86.84 4.02
CA SER PA 166 6.91 85.62 4.84
C SER PA 166 8.20 84.84 4.88
N TYR PA 167 9.13 85.10 3.96
CA TYR PA 167 10.33 84.31 3.85
C TYR PA 167 11.48 84.85 4.69
N ILE PA 168 11.29 86.03 5.29
CA ILE PA 168 12.36 86.69 6.02
C ILE PA 168 11.96 86.98 7.46
N TYR PA 169 10.96 86.27 7.97
CA TYR PA 169 10.60 86.38 9.38
C TYR PA 169 11.72 85.90 10.28
N GLY PA 170 12.33 84.77 9.93
CA GLY PA 170 13.41 84.25 10.74
C GLY PA 170 14.68 85.06 10.66
N TYR PA 171 14.96 85.65 9.49
CA TYR PA 171 16.17 86.45 9.36
C TYR PA 171 16.02 87.78 10.09
N VAL PA 172 14.84 88.39 10.02
CA VAL PA 172 14.70 89.72 10.60
C VAL PA 172 14.63 89.66 12.12
N ASP PA 173 14.36 88.50 12.70
CA ASP PA 173 14.30 88.41 14.15
C ASP PA 173 15.68 88.24 14.77
N ALA PA 174 16.50 87.39 14.16
CA ALA PA 174 17.83 87.14 14.72
C ALA PA 174 18.79 88.27 14.45
N THR PA 175 18.64 88.95 13.30
CA THR PA 175 19.61 89.96 12.90
C THR PA 175 19.34 91.28 13.61
N TYR PA 176 18.09 91.56 13.96
CA TYR PA 176 17.73 92.86 14.51
C TYR PA 176 18.32 93.07 15.90
N ARG PA 177 18.85 94.27 16.12
CA ARG PA 177 19.48 94.63 17.37
C ARG PA 177 19.10 96.07 17.68
N GLU PA 178 18.67 96.31 18.93
CA GLU PA 178 18.23 97.63 19.31
C GLU PA 178 19.40 98.58 19.47
N GLY PA 179 19.29 99.76 18.88
CA GLY PA 179 20.32 100.76 19.00
C GLY PA 179 21.26 100.81 17.80
N MET PA 180 20.69 100.77 16.61
CA MET PA 180 21.49 100.84 15.39
C MET PA 180 21.74 102.29 15.00
N THR PA 181 22.74 102.49 14.14
CA THR PA 181 22.96 103.77 13.50
C THR PA 181 22.13 103.82 12.23
N LYS PA 182 22.30 104.89 11.44
CA LYS PA 182 21.57 104.96 10.18
C LYS PA 182 22.18 104.01 9.15
N GLU PA 183 23.51 103.98 9.07
CA GLU PA 183 24.19 103.19 8.05
C GLU PA 183 24.07 101.71 8.29
N GLU PA 184 23.89 101.30 9.55
CA GLU PA 184 23.61 99.90 9.84
C GLU PA 184 22.22 99.53 9.35
N CYS PA 185 21.25 100.44 9.48
CA CYS PA 185 19.90 100.16 9.03
C CYS PA 185 19.82 100.09 7.51
N LEU PA 186 20.59 100.93 6.81
CA LEU PA 186 20.69 100.79 5.36
C LEU PA 186 21.35 99.48 4.98
N GLN PA 187 22.29 99.01 5.78
CA GLN PA 187 22.84 97.68 5.56
C GLN PA 187 21.84 96.60 5.96
N PHE PA 188 21.02 96.87 6.97
CA PHE PA 188 20.08 95.88 7.47
C PHE PA 188 18.95 95.62 6.47
N THR PA 189 18.38 96.67 5.90
CA THR PA 189 17.31 96.50 4.94
C THR PA 189 17.80 96.01 3.59
N ALA PA 190 19.07 96.26 3.25
CA ALA PA 190 19.58 95.82 1.96
C ALA PA 190 19.74 94.32 1.92
N ASN PA 191 20.24 93.72 3.00
CA ASN PA 191 20.35 92.27 3.03
C ASN PA 191 18.99 91.61 3.19
N ALA PA 192 18.04 92.30 3.83
CA ALA PA 192 16.73 91.71 4.06
C ALA PA 192 15.93 91.64 2.78
N LEU PA 193 15.98 92.69 1.96
CA LEU PA 193 15.25 92.66 0.70
C LEU PA 193 15.93 91.76 -0.33
N ALA PA 194 17.25 91.58 -0.23
CA ALA PA 194 17.96 90.75 -1.19
C ALA PA 194 17.62 89.28 -1.01
N LEU PA 195 17.39 88.86 0.23
CA LEU PA 195 17.01 87.48 0.47
C LEU PA 195 15.58 87.21 0.05
N ALA PA 196 14.70 88.21 0.17
CA ALA PA 196 13.32 88.02 -0.26
C ALA PA 196 13.19 88.01 -1.77
N MET PA 197 13.95 88.88 -2.44
CA MET PA 197 13.96 88.90 -3.90
C MET PA 197 14.52 87.62 -4.50
N GLU PA 198 15.47 86.99 -3.80
CA GLU PA 198 16.09 85.78 -4.32
C GLU PA 198 15.13 84.60 -4.24
N ARG PA 199 14.39 84.48 -3.14
CA ARG PA 199 13.58 83.31 -2.88
C ARG PA 199 12.17 83.43 -3.45
N ASP PA 200 11.59 84.62 -3.41
CA ASP PA 200 10.23 84.79 -3.92
C ASP PA 200 10.25 84.98 -5.42
N GLY PA 201 9.25 84.41 -6.08
CA GLY PA 201 9.05 84.62 -7.49
C GLY PA 201 8.28 85.90 -7.75
N SER PA 202 7.52 86.35 -6.75
CA SER PA 202 6.74 87.57 -6.92
C SER PA 202 7.61 88.80 -6.77
N SER PA 203 8.58 88.75 -5.85
CA SER PA 203 9.44 89.90 -5.60
C SER PA 203 10.70 89.81 -6.43
N GLY PA 204 11.30 90.97 -6.67
CA GLY PA 204 12.51 91.07 -7.48
C GLY PA 204 12.63 92.46 -8.08
N GLY PA 205 13.38 92.54 -9.15
CA GLY PA 205 13.57 93.82 -9.83
C GLY PA 205 14.84 94.54 -9.33
N VAL PA 206 14.64 95.66 -8.64
CA VAL PA 206 15.75 96.47 -8.17
C VAL PA 206 15.34 97.06 -6.82
N ILE PA 207 16.33 97.43 -6.02
CA ILE PA 207 16.09 97.87 -4.65
C ILE PA 207 16.06 99.39 -4.61
N ARG PA 208 14.96 99.94 -4.10
CA ARG PA 208 14.82 101.36 -3.85
C ARG PA 208 14.79 101.61 -2.35
N LEU PA 209 15.55 102.60 -1.90
CA LEU PA 209 15.66 102.93 -0.48
C LEU PA 209 15.29 104.38 -0.25
N ALA PA 210 15.02 104.70 1.01
CA ALA PA 210 14.69 106.05 1.42
C ALA PA 210 15.02 106.21 2.89
N ALA PA 211 15.69 107.31 3.23
CA ALA PA 211 16.08 107.61 4.60
C ALA PA 211 15.51 108.97 4.98
N ILE PA 212 14.58 108.99 5.91
CA ILE PA 212 13.91 110.22 6.34
C ILE PA 212 14.45 110.61 7.70
N ALA PA 213 14.96 111.83 7.80
CA ALA PA 213 15.44 112.36 9.06
C ALA PA 213 14.97 113.80 9.17
N GLU PA 214 15.50 114.51 10.16
CA GLU PA 214 15.22 115.93 10.29
C GLU PA 214 15.86 116.73 9.16
N SER PA 215 17.02 116.27 8.66
CA SER PA 215 17.77 117.07 7.69
C SER PA 215 17.14 117.02 6.31
N GLY PA 216 16.58 115.90 5.92
CA GLY PA 216 16.04 115.77 4.58
C GLY PA 216 15.70 114.33 4.26
N VAL PA 217 15.53 114.06 2.97
CA VAL PA 217 15.18 112.75 2.47
C VAL PA 217 16.22 112.35 1.43
N GLU PA 218 16.86 111.20 1.67
CA GLU PA 218 17.86 110.66 0.75
C GLU PA 218 17.32 109.40 0.10
N ARG PA 219 17.36 109.35 -1.22
CA ARG PA 219 16.84 108.22 -1.97
C ARG PA 219 17.93 107.68 -2.88
N GLN PA 220 17.94 106.35 -3.06
CA GLN PA 220 18.99 105.72 -3.84
C GLN PA 220 18.50 104.39 -4.36
N VAL PA 221 19.20 103.87 -5.36
CA VAL PA 221 18.89 102.61 -6.03
C VAL PA 221 20.13 101.74 -6.00
N LEU PA 222 19.99 100.51 -5.54
CA LEU PA 222 21.13 99.62 -5.34
C LEU PA 222 20.97 98.34 -6.16
N LEU PA 223 21.97 97.46 -5.99
CA LEU PA 223 21.91 96.09 -6.48
C LEU PA 223 22.91 95.27 -5.69
N GLY PA 224 22.46 94.12 -5.17
CA GLY PA 224 23.30 93.26 -4.37
C GLY PA 224 23.07 93.41 -2.87
N THR QA 43 -4.91 92.67 -31.68
CA THR QA 43 -4.71 94.06 -31.30
C THR QA 43 -3.35 94.23 -30.64
N THR QA 44 -2.53 95.12 -31.20
CA THR QA 44 -1.19 95.35 -30.69
C THR QA 44 -0.89 96.84 -30.82
N ILE QA 45 -0.77 97.52 -29.68
CA ILE QA 45 -0.40 98.92 -29.64
C ILE QA 45 0.89 99.06 -28.85
N ALA QA 46 1.67 100.07 -29.21
CA ALA QA 46 2.97 100.27 -28.58
C ALA QA 46 3.37 101.74 -28.70
N GLY QA 47 4.30 102.14 -27.86
CA GLY QA 47 4.79 103.51 -27.86
C GLY QA 47 6.16 103.59 -27.23
N VAL QA 48 6.90 104.64 -27.58
CA VAL QA 48 8.25 104.84 -27.09
C VAL QA 48 8.54 106.33 -27.08
N VAL QA 49 9.49 106.73 -26.25
CA VAL QA 49 9.89 108.12 -26.10
C VAL QA 49 11.34 108.25 -26.58
N TYR QA 50 11.53 108.94 -27.70
CA TYR QA 50 12.89 109.18 -28.17
C TYR QA 50 13.37 110.52 -27.62
N LYS QA 51 14.48 111.02 -28.14
CA LYS QA 51 15.17 112.16 -27.55
C LYS QA 51 14.40 113.47 -27.70
N ASP QA 52 13.42 113.54 -28.61
CA ASP QA 52 12.67 114.76 -28.81
C ASP QA 52 11.17 114.60 -28.71
N GLY QA 53 10.62 113.41 -28.85
CA GLY QA 53 9.19 113.24 -28.83
C GLY QA 53 8.76 111.83 -28.55
N ILE QA 54 7.56 111.49 -29.05
CA ILE QA 54 6.89 110.23 -28.76
C ILE QA 54 6.39 109.65 -30.08
N VAL QA 55 6.66 108.36 -30.30
CA VAL QA 55 6.17 107.64 -31.47
C VAL QA 55 5.20 106.58 -31.02
N LEU QA 56 3.99 106.59 -31.59
CA LEU QA 56 2.96 105.61 -31.30
C LEU QA 56 2.69 104.77 -32.54
N GLY QA 57 2.13 103.59 -32.35
CA GLY QA 57 1.83 102.73 -33.48
C GLY QA 57 0.83 101.65 -33.13
N ALA QA 58 0.15 101.15 -34.16
CA ALA QA 58 -0.85 100.11 -34.01
C ALA QA 58 -1.11 99.48 -35.37
N ASP QA 59 -1.89 98.39 -35.36
CA ASP QA 59 -2.42 97.80 -36.57
C ASP QA 59 -3.84 98.32 -36.82
N THR QA 60 -4.47 97.82 -37.87
CA THR QA 60 -5.83 98.23 -38.20
C THR QA 60 -6.76 97.04 -38.36
N ARG QA 61 -6.57 95.97 -37.58
CA ARG QA 61 -7.49 94.84 -37.59
C ARG QA 61 -8.39 94.90 -36.36
N ALA QA 62 -9.70 94.77 -36.59
CA ALA QA 62 -10.69 94.66 -35.52
C ALA QA 62 -11.45 93.37 -35.75
N THR QA 63 -11.26 92.40 -34.87
CA THR QA 63 -11.86 91.08 -35.05
C THR QA 63 -13.21 91.01 -34.34
N GLU QA 64 -13.91 89.90 -34.59
CA GLU QA 64 -15.18 89.61 -33.95
C GLU QA 64 -15.30 88.10 -33.83
N GLY QA 65 -15.19 87.59 -32.61
CA GLY QA 65 -15.09 86.15 -32.42
C GLY QA 65 -13.78 85.65 -32.98
N MET QA 66 -13.84 84.82 -34.02
CA MET QA 66 -12.66 84.42 -34.76
C MET QA 66 -12.75 84.81 -36.22
N VAL QA 67 -13.58 85.81 -36.54
CA VAL QA 67 -13.81 86.27 -37.90
C VAL QA 67 -13.37 87.72 -37.99
N VAL QA 68 -12.58 88.03 -39.02
CA VAL QA 68 -12.10 89.39 -39.22
C VAL QA 68 -13.28 90.26 -39.66
N ALA QA 69 -13.67 91.20 -38.80
CA ALA QA 69 -14.79 92.08 -39.09
C ALA QA 69 -14.35 93.34 -39.83
N ASP QA 70 -13.23 93.92 -39.45
CA ASP QA 70 -12.74 95.16 -40.06
C ASP QA 70 -11.29 94.98 -40.46
N LYS QA 71 -11.01 95.20 -41.75
CA LYS QA 71 -9.65 95.13 -42.24
C LYS QA 71 -8.89 96.43 -42.03
N ASN QA 72 -9.60 97.55 -41.90
CA ASN QA 72 -8.97 98.86 -41.71
C ASN QA 72 -9.73 99.56 -40.60
N CYS QA 73 -9.30 99.36 -39.36
CA CYS QA 73 -9.88 100.06 -38.22
C CYS QA 73 -9.04 101.30 -37.94
N SER QA 74 -9.27 101.93 -36.79
CA SER QA 74 -8.53 103.12 -36.41
C SER QA 74 -8.42 103.15 -34.89
N LYS QA 75 -7.24 102.83 -34.37
CA LYS QA 75 -7.06 102.69 -32.93
C LYS QA 75 -6.14 103.75 -32.34
N ILE QA 76 -5.93 104.86 -33.04
CA ILE QA 76 -5.21 106.02 -32.50
C ILE QA 76 -6.18 107.18 -32.50
N HIS QA 77 -6.39 107.79 -31.33
CA HIS QA 77 -7.45 108.77 -31.17
C HIS QA 77 -6.89 110.15 -30.85
N PHE QA 78 -7.71 111.16 -31.12
CA PHE QA 78 -7.41 112.54 -30.79
C PHE QA 78 -7.83 112.83 -29.36
N ILE QA 79 -7.00 113.57 -28.64
CA ILE QA 79 -7.36 114.13 -27.34
C ILE QA 79 -7.18 115.63 -27.31
N SER QA 80 -5.99 116.11 -27.63
CA SER QA 80 -5.67 117.52 -27.68
C SER QA 80 -4.71 117.68 -28.87
N PRO QA 81 -4.36 118.89 -29.29
CA PRO QA 81 -3.35 119.02 -30.36
C PRO QA 81 -1.95 118.55 -29.98
N ASN QA 82 -1.67 118.20 -28.73
CA ASN QA 82 -0.40 117.62 -28.36
C ASN QA 82 -0.49 116.22 -27.78
N ILE QA 83 -1.67 115.73 -27.42
CA ILE QA 83 -1.83 114.45 -26.74
C ILE QA 83 -2.73 113.56 -27.58
N TYR QA 84 -2.24 112.37 -27.91
CA TYR QA 84 -3.07 111.32 -28.51
C TYR QA 84 -3.14 110.13 -27.56
N CYS QA 85 -4.00 109.17 -27.92
CA CYS QA 85 -4.22 108.01 -27.08
C CYS QA 85 -4.56 106.80 -27.95
N CYS QA 86 -3.99 105.66 -27.59
CA CYS QA 86 -4.25 104.40 -28.27
C CYS QA 86 -5.09 103.50 -27.39
N GLY QA 87 -6.07 102.83 -27.99
CA GLY QA 87 -6.99 102.02 -27.22
C GLY QA 87 -6.89 100.54 -27.50
N ALA QA 88 -7.30 99.72 -26.52
CA ALA QA 88 -7.28 98.28 -26.65
C ALA QA 88 -8.34 97.69 -25.73
N GLY QA 89 -8.82 96.50 -26.09
CA GLY QA 89 -9.85 95.84 -25.32
C GLY QA 89 -11.22 95.96 -25.95
N THR QA 90 -12.23 96.31 -25.17
CA THR QA 90 -13.57 96.50 -25.70
C THR QA 90 -13.60 97.78 -26.53
N ALA QA 91 -14.03 97.64 -27.79
CA ALA QA 91 -13.87 98.72 -28.75
C ALA QA 91 -14.81 99.89 -28.45
N ALA QA 92 -16.03 99.60 -28.03
CA ALA QA 92 -16.96 100.68 -27.72
C ALA QA 92 -16.63 101.35 -26.39
N ASP QA 93 -16.03 100.61 -25.46
CA ASP QA 93 -15.64 101.20 -24.18
C ASP QA 93 -14.46 102.15 -24.35
N THR QA 94 -13.56 101.83 -25.28
CA THR QA 94 -12.44 102.75 -25.52
C THR QA 94 -12.89 103.97 -26.31
N ASP QA 95 -13.87 103.82 -27.20
CA ASP QA 95 -14.33 104.95 -28.00
C ASP QA 95 -15.11 105.95 -27.16
N MET QA 96 -16.04 105.46 -26.34
CA MET QA 96 -16.88 106.37 -25.57
C MET QA 96 -16.15 106.99 -24.40
N THR QA 97 -15.03 106.40 -23.95
CA THR QA 97 -14.26 107.02 -22.89
C THR QA 97 -13.34 108.09 -23.44
N THR QA 98 -12.70 107.83 -24.57
CA THR QA 98 -11.72 108.75 -25.12
C THR QA 98 -12.37 110.02 -25.67
N GLN QA 99 -13.67 110.00 -25.93
CA GLN QA 99 -14.36 111.20 -26.39
C GLN QA 99 -14.77 112.09 -25.24
N LEU QA 100 -15.09 111.49 -24.09
CA LEU QA 100 -15.51 112.27 -22.93
C LEU QA 100 -14.35 113.06 -22.33
N ILE QA 101 -13.18 112.43 -22.25
CA ILE QA 101 -12.01 113.12 -21.70
C ILE QA 101 -11.52 114.18 -22.67
N SER QA 102 -11.58 113.90 -23.97
CA SER QA 102 -11.20 114.89 -24.96
C SER QA 102 -12.20 116.05 -25.00
N SER QA 103 -13.45 115.78 -24.63
CA SER QA 103 -14.41 116.87 -24.48
C SER QA 103 -14.11 117.70 -23.25
N ASN QA 104 -13.65 117.06 -22.18
CA ASN QA 104 -13.40 117.78 -20.93
C ASN QA 104 -12.13 118.61 -21.02
N LEU QA 105 -11.10 118.10 -21.71
CA LEU QA 105 -9.87 118.85 -21.84
C LEU QA 105 -10.01 120.02 -22.80
N GLU QA 106 -10.88 119.89 -23.80
CA GLU QA 106 -11.21 121.04 -24.64
C GLU QA 106 -11.95 122.08 -23.81
N LEU QA 107 -12.83 121.63 -22.91
CA LEU QA 107 -13.50 122.54 -22.00
C LEU QA 107 -12.52 123.16 -21.00
N HIS QA 108 -11.54 122.37 -20.56
CA HIS QA 108 -10.60 122.86 -19.56
C HIS QA 108 -9.61 123.84 -20.16
N SER QA 109 -9.04 123.50 -21.32
CA SER QA 109 -7.99 124.34 -21.91
C SER QA 109 -8.56 125.63 -22.48
N LEU QA 110 -9.82 125.60 -22.92
CA LEU QA 110 -10.41 126.83 -23.44
C LEU QA 110 -10.76 127.77 -22.29
N SER QA 111 -10.98 127.23 -21.10
CA SER QA 111 -11.18 128.07 -19.93
C SER QA 111 -9.87 128.68 -19.46
N THR QA 112 -8.81 127.86 -19.39
CA THR QA 112 -7.53 128.36 -18.93
C THR QA 112 -6.84 129.20 -20.00
N GLY QA 113 -7.20 129.00 -21.26
CA GLY QA 113 -6.51 129.68 -22.33
C GLY QA 113 -5.11 129.19 -22.58
N ARG QA 114 -4.78 127.97 -22.14
CA ARG QA 114 -3.42 127.46 -22.28
C ARG QA 114 -3.40 126.08 -22.92
N LEU QA 115 -2.25 125.47 -22.93
CA LEU QA 115 -2.04 124.14 -23.48
C LEU QA 115 -2.22 123.10 -22.39
N PRO QA 116 -2.90 121.99 -22.66
CA PRO QA 116 -3.13 120.99 -21.61
C PRO QA 116 -1.86 120.25 -21.24
N ARG QA 117 -1.94 119.53 -20.12
CA ARG QA 117 -0.83 118.74 -19.64
C ARG QA 117 -1.23 117.27 -19.60
N VAL QA 118 -0.24 116.39 -19.76
CA VAL QA 118 -0.52 114.96 -19.87
C VAL QA 118 -0.93 114.40 -18.51
N VAL QA 119 -0.42 114.98 -17.42
CA VAL QA 119 -0.83 114.54 -16.09
C VAL QA 119 -2.26 114.90 -15.77
N THR QA 120 -2.86 115.85 -16.49
CA THR QA 120 -4.27 116.14 -16.32
C THR QA 120 -5.13 115.02 -16.90
N ALA QA 121 -4.76 114.54 -18.09
CA ALA QA 121 -5.51 113.45 -18.71
C ALA QA 121 -5.28 112.13 -17.98
N ASN QA 122 -4.11 111.96 -17.37
CA ASN QA 122 -3.87 110.76 -16.57
C ASN QA 122 -4.74 110.76 -15.33
N ARG QA 123 -4.92 111.92 -14.71
CA ARG QA 123 -5.68 112.00 -13.48
C ARG QA 123 -7.16 111.76 -13.71
N MET QA 124 -7.68 112.20 -14.87
CA MET QA 124 -9.09 111.98 -15.17
C MET QA 124 -9.38 110.51 -15.45
N LEU QA 125 -8.46 109.84 -16.14
CA LEU QA 125 -8.73 108.46 -16.55
C LEU QA 125 -8.59 107.48 -15.39
N LYS QA 126 -7.59 107.66 -14.55
CA LYS QA 126 -7.42 106.74 -13.42
C LYS QA 126 -8.49 106.95 -12.37
N GLN QA 127 -9.13 108.10 -12.34
CA GLN QA 127 -10.19 108.37 -11.39
C GLN QA 127 -11.54 107.93 -11.91
N MET QA 128 -11.75 108.00 -13.23
CA MET QA 128 -13.01 107.56 -13.80
C MET QA 128 -13.10 106.04 -13.84
N LEU QA 129 -12.03 105.37 -14.27
CA LEU QA 129 -12.07 103.92 -14.42
C LEU QA 129 -12.09 103.21 -13.07
N PHE QA 130 -11.52 103.83 -12.04
CA PHE QA 130 -11.59 103.23 -10.71
C PHE QA 130 -12.99 103.29 -10.14
N ARG QA 131 -13.76 104.31 -10.53
CA ARG QA 131 -15.12 104.44 -10.01
C ARG QA 131 -16.05 103.38 -10.58
N TYR QA 132 -15.84 102.98 -11.83
CA TYR QA 132 -16.66 101.95 -12.44
C TYR QA 132 -16.17 100.55 -12.16
N GLN QA 133 -15.17 100.39 -11.29
CA GLN QA 133 -14.75 99.12 -10.70
C GLN QA 133 -14.27 98.11 -11.74
N GLY QA 134 -13.74 98.60 -12.85
CA GLY QA 134 -13.23 97.70 -13.87
C GLY QA 134 -14.26 97.05 -14.75
N TYR QA 135 -15.53 97.44 -14.64
CA TYR QA 135 -16.52 96.91 -15.56
C TYR QA 135 -16.34 97.49 -16.96
N ILE QA 136 -15.81 98.70 -17.05
CA ILE QA 136 -15.46 99.27 -18.35
C ILE QA 136 -14.06 98.81 -18.70
N GLY QA 137 -13.96 97.86 -19.61
CA GLY QA 137 -12.68 97.31 -20.00
C GLY QA 137 -12.01 98.14 -21.07
N ALA QA 138 -11.03 98.96 -20.68
CA ALA QA 138 -10.37 99.87 -21.61
C ALA QA 138 -8.88 99.87 -21.29
N ALA QA 139 -8.08 99.28 -22.17
CA ALA QA 139 -6.63 99.34 -22.05
C ALA QA 139 -6.12 100.51 -22.88
N LEU QA 140 -5.37 101.40 -22.25
CA LEU QA 140 -5.00 102.66 -22.88
C LEU QA 140 -3.51 102.91 -22.80
N VAL QA 141 -3.01 103.59 -23.81
CA VAL QA 141 -1.65 104.14 -23.83
C VAL QA 141 -1.78 105.63 -24.06
N LEU QA 142 -1.28 106.41 -23.12
CA LEU QA 142 -1.42 107.86 -23.14
C LEU QA 142 -0.06 108.50 -23.39
N GLY QA 143 0.00 109.38 -24.37
CA GLY QA 143 1.26 110.04 -24.69
C GLY QA 143 1.08 111.45 -25.20
N GLY QA 144 1.98 112.34 -24.83
CA GLY QA 144 1.91 113.72 -25.28
C GLY QA 144 3.14 114.49 -24.86
N VAL QA 145 3.26 115.69 -25.43
CA VAL QA 145 4.37 116.59 -25.15
C VAL QA 145 3.83 117.83 -24.48
N ASP QA 146 4.35 118.15 -23.30
CA ASP QA 146 3.95 119.30 -22.52
C ASP QA 146 5.05 120.35 -22.53
N VAL QA 147 4.85 121.38 -21.70
CA VAL QA 147 5.94 122.29 -21.36
C VAL QA 147 7.06 121.53 -20.68
N THR QA 148 6.72 120.57 -19.82
CA THR QA 148 7.70 119.75 -19.14
C THR QA 148 8.38 118.73 -20.05
N GLY QA 149 7.84 118.50 -21.25
CA GLY QA 149 8.44 117.58 -22.19
C GLY QA 149 7.54 116.42 -22.51
N PRO QA 150 8.11 115.36 -23.09
CA PRO QA 150 7.30 114.19 -23.44
C PRO QA 150 6.97 113.35 -22.21
N HIS QA 151 5.78 112.74 -22.25
CA HIS QA 151 5.31 111.89 -21.16
C HIS QA 151 4.52 110.74 -21.74
N LEU QA 152 4.78 109.54 -21.23
CA LEU QA 152 4.13 108.33 -21.70
C LEU QA 152 3.53 107.59 -20.54
N TYR QA 153 2.29 107.12 -20.69
CA TYR QA 153 1.61 106.38 -19.65
C TYR QA 153 0.94 105.14 -20.21
N SER QA 154 0.70 104.19 -19.32
CA SER QA 154 -0.10 103.00 -19.60
C SER QA 154 -1.18 102.89 -18.55
N ILE QA 155 -2.42 102.70 -19.00
CA ILE QA 155 -3.57 102.70 -18.11
C ILE QA 155 -4.31 101.38 -18.29
N TYR QA 156 -4.44 100.65 -17.24
CA TYR QA 156 -5.10 99.38 -17.05
C TYR QA 156 -6.56 99.60 -16.66
N PRO QA 157 -7.49 98.69 -16.99
CA PRO QA 157 -8.91 99.01 -16.83
C PRO QA 157 -9.44 99.03 -15.40
N HIS QA 158 -8.58 98.87 -14.41
CA HIS QA 158 -8.99 99.03 -13.02
C HIS QA 158 -8.59 100.37 -12.43
N GLY QA 159 -7.52 100.98 -12.92
CA GLY QA 159 -7.12 102.27 -12.42
C GLY QA 159 -5.64 102.40 -12.14
N SER QA 160 -4.89 101.31 -12.31
CA SER QA 160 -3.45 101.34 -12.10
C SER QA 160 -2.76 101.96 -13.30
N THR QA 161 -1.91 102.96 -13.05
CA THR QA 161 -1.21 103.69 -14.10
C THR QA 161 0.29 103.62 -13.87
N ASP QA 162 1.05 103.68 -14.97
CA ASP QA 162 2.50 103.56 -14.94
C ASP QA 162 3.12 104.56 -15.89
N LYS QA 163 4.12 105.30 -15.41
CA LYS QA 163 4.95 106.14 -16.27
C LYS QA 163 6.17 105.35 -16.68
N LEU QA 164 6.31 105.07 -17.96
CA LEU QA 164 7.37 104.24 -18.49
C LEU QA 164 7.96 104.89 -19.74
N PRO QA 165 9.21 104.56 -20.09
CA PRO QA 165 9.76 105.04 -21.37
C PRO QA 165 9.21 104.30 -22.58
N TYR QA 166 8.69 103.09 -22.41
CA TYR QA 166 8.08 102.37 -23.53
C TYR QA 166 7.09 101.36 -22.97
N VAL QA 167 5.95 101.21 -23.65
CA VAL QA 167 4.86 100.33 -23.22
C VAL QA 167 4.31 99.56 -24.43
N THR QA 168 3.70 98.42 -24.14
CA THR QA 168 2.88 97.69 -25.10
C THR QA 168 1.60 97.25 -24.42
N MET QA 169 0.49 97.33 -25.14
CA MET QA 169 -0.78 96.80 -24.67
C MET QA 169 -1.45 96.02 -25.80
N GLY QA 170 -2.36 95.15 -25.42
CA GLY QA 170 -3.14 94.39 -26.38
C GLY QA 170 -2.85 92.90 -26.29
N SER QA 171 -3.46 92.17 -27.23
CA SER QA 171 -3.33 90.73 -27.25
C SER QA 171 -1.95 90.29 -27.71
N GLY QA 172 -1.42 90.94 -28.74
CA GLY QA 172 -0.09 90.61 -29.21
C GLY QA 172 0.96 91.54 -28.64
N SER QA 173 0.74 92.00 -27.42
CA SER QA 173 1.68 92.91 -26.78
C SER QA 173 2.95 92.20 -26.35
N LEU QA 174 2.89 90.87 -26.14
CA LEU QA 174 4.07 90.14 -25.70
C LEU QA 174 5.10 90.04 -26.81
N ALA QA 175 4.66 89.99 -28.06
CA ALA QA 175 5.59 89.91 -29.17
C ALA QA 175 6.33 91.23 -29.37
N ALA QA 176 5.62 92.35 -29.22
CA ALA QA 176 6.25 93.65 -29.42
C ALA QA 176 7.18 94.01 -28.28
N MET QA 177 6.91 93.50 -27.07
CA MET QA 177 7.76 93.80 -25.93
C MET QA 177 9.12 93.11 -26.06
N ALA QA 178 9.15 91.94 -26.70
CA ALA QA 178 10.42 91.26 -26.93
C ALA QA 178 11.27 92.00 -27.94
N VAL QA 179 10.64 92.74 -28.85
CA VAL QA 179 11.38 93.57 -29.79
C VAL QA 179 11.94 94.79 -29.07
N PHE QA 180 11.17 95.35 -28.13
CA PHE QA 180 11.62 96.53 -27.40
C PHE QA 180 12.83 96.23 -26.53
N GLU QA 181 12.76 95.16 -25.72
CA GLU QA 181 13.84 94.88 -24.79
C GLU QA 181 15.11 94.45 -25.51
N ASP QA 182 14.97 93.79 -26.65
CA ASP QA 182 16.15 93.39 -27.41
C ASP QA 182 16.82 94.58 -28.10
N LYS QA 183 16.05 95.60 -28.49
CA LYS QA 183 16.57 96.66 -29.35
C LYS QA 183 16.17 98.04 -28.84
N PHE QA 184 16.31 98.28 -27.54
CA PHE QA 184 16.12 99.62 -27.01
C PHE QA 184 17.47 100.24 -26.66
N ARG QA 185 17.57 101.54 -26.85
CA ARG QA 185 18.65 102.32 -26.31
C ARG QA 185 18.06 103.70 -26.07
N PRO QA 186 18.48 104.39 -25.01
CA PRO QA 186 17.90 105.70 -24.73
C PRO QA 186 18.43 106.76 -25.68
N ASP QA 187 17.63 107.83 -25.85
CA ASP QA 187 17.94 109.01 -26.65
C ASP QA 187 18.21 108.64 -28.11
N MET QA 188 17.25 107.96 -28.71
CA MET QA 188 17.33 107.67 -30.13
C MET QA 188 16.92 108.89 -30.93
N GLU QA 189 17.10 108.80 -32.24
CA GLU QA 189 16.62 109.84 -33.14
C GLU QA 189 15.22 109.48 -33.61
N GLU QA 190 14.66 110.32 -34.48
CA GLU QA 190 13.29 110.11 -34.94
C GLU QA 190 13.21 108.95 -35.92
N GLU QA 191 14.11 108.92 -36.91
CA GLU QA 191 14.08 107.84 -37.89
C GLU QA 191 14.56 106.52 -37.31
N GLU QA 192 15.34 106.56 -36.24
CA GLU QA 192 15.70 105.32 -35.56
C GLU QA 192 14.52 104.80 -34.75
N ALA QA 193 13.73 105.70 -34.19
CA ALA QA 193 12.57 105.29 -33.39
C ALA QA 193 11.44 104.80 -34.28
N LYS QA 194 11.26 105.43 -35.44
CA LYS QA 194 10.23 104.99 -36.37
C LYS QA 194 10.55 103.62 -36.95
N ASN QA 195 11.84 103.29 -37.05
CA ASN QA 195 12.22 101.94 -37.44
C ASN QA 195 11.89 100.94 -36.35
N LEU QA 196 11.98 101.35 -35.09
CA LEU QA 196 11.81 100.41 -33.98
C LEU QA 196 10.35 100.06 -33.75
N VAL QA 197 9.46 101.05 -33.80
CA VAL QA 197 8.06 100.79 -33.52
C VAL QA 197 7.42 100.00 -34.65
N SER QA 198 7.73 100.35 -35.90
CA SER QA 198 7.19 99.62 -37.04
C SER QA 198 7.74 98.20 -37.11
N GLU QA 199 8.90 97.96 -36.52
CA GLU QA 199 9.39 96.60 -36.37
C GLU QA 199 8.62 95.85 -35.29
N ALA QA 200 8.28 96.54 -34.20
CA ALA QA 200 7.63 95.87 -33.08
C ALA QA 200 6.17 95.56 -33.37
N ILE QA 201 5.48 96.47 -34.08
CA ILE QA 201 4.09 96.23 -34.46
C ILE QA 201 4.01 95.09 -35.47
N ALA QA 202 4.98 95.00 -36.37
CA ALA QA 202 5.01 93.93 -37.35
C ALA QA 202 5.28 92.58 -36.70
N ALA QA 203 5.94 92.57 -35.55
CA ALA QA 203 6.15 91.33 -34.82
C ALA QA 203 4.84 90.77 -34.28
N GLY QA 204 3.95 91.64 -33.81
CA GLY QA 204 2.63 91.19 -33.39
C GLY QA 204 1.73 90.82 -34.54
N ILE QA 205 2.02 91.32 -35.75
CA ILE QA 205 1.23 90.96 -36.92
C ILE QA 205 1.45 89.52 -37.31
N PHE QA 206 2.71 89.11 -37.42
CA PHE QA 206 3.05 87.79 -37.93
C PHE QA 206 3.10 86.72 -36.85
N ASN QA 207 2.63 87.01 -35.64
CA ASN QA 207 2.74 86.03 -34.56
C ASN QA 207 1.43 85.87 -33.80
N ASP QA 208 0.58 86.90 -33.82
CA ASP QA 208 -0.69 86.87 -33.12
C ASP QA 208 -1.83 86.74 -34.11
N LEU QA 209 -2.84 85.95 -33.74
CA LEU QA 209 -3.98 85.73 -34.62
C LEU QA 209 -4.90 86.94 -34.65
N GLY QA 210 -5.08 87.61 -33.51
CA GLY QA 210 -5.98 88.74 -33.44
C GLY QA 210 -5.47 89.99 -34.13
N SER QA 211 -4.19 90.04 -34.49
CA SER QA 211 -3.60 91.19 -35.13
C SER QA 211 -3.36 90.90 -36.61
N GLY QA 212 -2.80 91.88 -37.31
CA GLY QA 212 -2.40 91.71 -38.69
C GLY QA 212 -3.20 92.52 -39.69
N SER QA 213 -2.63 93.68 -40.04
CA SER QA 213 -3.18 94.63 -41.02
C SER QA 213 -2.12 95.67 -41.32
N ASN QA 214 -2.53 96.76 -41.96
CA ASN QA 214 -1.64 97.89 -42.17
C ASN QA 214 -1.23 98.51 -40.84
N ILE QA 215 -0.07 99.16 -40.85
CA ILE QA 215 0.55 99.70 -39.64
C ILE QA 215 0.33 101.20 -39.59
N ASP QA 216 -0.25 101.68 -38.48
CA ASP QA 216 -0.37 103.10 -38.24
C ASP QA 216 0.85 103.60 -37.50
N LEU QA 217 1.17 104.88 -37.69
CA LEU QA 217 2.15 105.54 -36.85
C LEU QA 217 1.70 106.96 -36.55
N CYS QA 218 2.32 107.54 -35.53
CA CYS QA 218 2.15 108.94 -35.20
C CYS QA 218 3.40 109.43 -34.52
N VAL QA 219 3.86 110.61 -34.92
CA VAL QA 219 5.02 111.25 -34.32
C VAL QA 219 4.56 112.56 -33.69
N ILE QA 220 4.69 112.66 -32.38
CA ILE QA 220 4.36 113.87 -31.64
C ILE QA 220 5.66 114.46 -31.11
N SER QA 221 5.95 115.69 -31.50
CA SER QA 221 7.17 116.35 -31.04
C SER QA 221 6.84 117.69 -30.43
N LYS QA 222 7.86 118.51 -30.19
CA LYS QA 222 7.66 119.81 -29.56
C LYS QA 222 6.88 120.76 -30.45
N ASN QA 223 7.05 120.65 -31.76
CA ASN QA 223 6.27 121.46 -32.68
C ASN QA 223 5.60 120.67 -33.78
N LYS QA 224 6.25 119.62 -34.27
CA LYS QA 224 5.76 118.87 -35.43
C LYS QA 224 4.80 117.78 -34.99
N LEU QA 225 3.71 117.64 -35.73
CA LEU QA 225 2.71 116.59 -35.52
C LEU QA 225 2.51 115.85 -36.82
N ASP QA 226 2.83 114.56 -36.83
CA ASP QA 226 2.72 113.73 -38.04
C ASP QA 226 1.81 112.55 -37.75
N PHE QA 227 0.88 112.30 -38.66
CA PHE QA 227 -0.08 111.22 -38.51
C PHE QA 227 -0.14 110.46 -39.83
N LEU QA 228 0.16 109.17 -39.79
CA LEU QA 228 0.36 108.36 -40.99
C LEU QA 228 -0.64 107.21 -40.97
N ARG QA 229 -1.73 107.34 -41.72
CA ARG QA 229 -2.77 106.32 -41.67
C ARG QA 229 -2.33 105.09 -42.46
N PRO QA 230 -1.69 105.20 -43.64
CA PRO QA 230 -0.81 104.11 -44.03
C PRO QA 230 0.65 104.44 -43.72
N TYR QA 231 1.40 103.48 -43.22
CA TYR QA 231 2.85 103.62 -43.14
C TYR QA 231 3.56 102.51 -43.88
N THR QA 232 3.16 101.26 -43.67
CA THR QA 232 3.73 100.11 -44.35
C THR QA 232 2.62 99.10 -44.55
N VAL QA 233 2.49 98.61 -45.78
CA VAL QA 233 1.52 97.59 -46.12
C VAL QA 233 2.27 96.25 -46.21
N PRO QA 234 2.15 95.38 -45.23
CA PRO QA 234 2.92 94.13 -45.28
C PRO QA 234 2.21 93.03 -46.04
N ASN QA 235 0.89 93.13 -46.19
CA ASN QA 235 0.10 92.05 -46.77
C ASN QA 235 -0.81 92.60 -47.85
N LYS QA 236 -0.99 91.81 -48.90
CA LYS QA 236 -1.88 92.14 -50.01
C LYS QA 236 -2.96 91.09 -50.12
N LYS QA 237 -3.84 91.27 -51.10
CA LYS QA 237 -4.83 90.27 -51.48
C LYS QA 237 -4.51 89.78 -52.88
N GLY QA 238 -4.59 88.47 -53.08
CA GLY QA 238 -4.31 87.91 -54.38
C GLY QA 238 -5.37 88.25 -55.40
N THR QA 239 -4.97 88.14 -56.67
CA THR QA 239 -5.85 88.50 -57.77
C THR QA 239 -6.90 87.42 -57.99
N ARG QA 240 -8.05 87.82 -58.53
CA ARG QA 240 -9.13 86.91 -58.82
C ARG QA 240 -8.93 86.34 -60.22
N LEU QA 241 -8.90 85.01 -60.31
CA LEU QA 241 -8.53 84.34 -61.56
C LEU QA 241 -9.73 84.06 -62.46
N GLY QA 242 -10.89 83.72 -61.90
CA GLY QA 242 -12.03 83.28 -62.68
C GLY QA 242 -13.07 84.38 -62.82
N ARG QA 243 -13.55 84.55 -64.05
CA ARG QA 243 -14.68 85.45 -64.28
C ARG QA 243 -15.95 84.78 -63.79
N TYR QA 244 -16.60 85.40 -62.82
CA TYR QA 244 -17.74 84.80 -62.14
C TYR QA 244 -19.05 85.46 -62.52
N ARG QA 245 -19.02 86.47 -63.39
CA ARG QA 245 -20.19 87.30 -63.65
C ARG QA 245 -21.12 86.63 -64.65
N CYS QA 246 -22.34 86.38 -64.22
CA CYS QA 246 -23.45 86.20 -65.14
C CYS QA 246 -24.11 87.55 -65.34
N GLU QA 247 -24.68 87.76 -66.53
CA GLU QA 247 -25.17 89.07 -66.90
C GLU QA 247 -26.51 89.35 -66.23
N LYS QA 248 -27.06 90.53 -66.53
CA LYS QA 248 -28.29 91.00 -65.90
C LYS QA 248 -29.48 90.20 -66.43
N GLY QA 249 -30.18 89.52 -65.54
CA GLY QA 249 -31.34 88.74 -65.92
C GLY QA 249 -31.26 87.30 -65.43
N THR QA 250 -30.21 86.98 -64.69
CA THR QA 250 -30.02 85.63 -64.18
C THR QA 250 -30.63 85.43 -62.80
N THR QA 251 -31.47 86.36 -62.35
CA THR QA 251 -32.12 86.27 -61.05
C THR QA 251 -33.61 86.46 -61.23
N ALA QA 252 -34.40 85.52 -60.71
CA ALA QA 252 -35.85 85.59 -60.82
C ALA QA 252 -36.39 86.62 -59.84
N VAL QA 253 -37.26 87.50 -60.34
CA VAL QA 253 -37.84 88.59 -59.55
C VAL QA 253 -39.34 88.40 -59.52
N LEU QA 254 -39.93 88.46 -58.32
CA LEU QA 254 -41.37 88.31 -58.20
C LEU QA 254 -42.10 89.62 -58.47
N THR QA 255 -41.76 90.67 -57.72
CA THR QA 255 -42.50 91.92 -57.80
C THR QA 255 -41.55 93.11 -57.69
N GLU QA 256 -41.60 93.99 -58.68
CA GLU QA 256 -40.79 95.20 -58.69
C GLU QA 256 -41.64 96.41 -58.31
N LYS QA 257 -40.96 97.51 -57.98
CA LYS QA 257 -41.63 98.72 -57.54
C LYS QA 257 -40.70 99.91 -57.76
N ILE QA 258 -41.23 100.97 -58.37
CA ILE QA 258 -40.45 102.15 -58.72
C ILE QA 258 -41.04 103.36 -57.99
N THR QA 259 -40.17 104.15 -57.38
CA THR QA 259 -40.60 105.38 -56.72
C THR QA 259 -39.65 106.51 -57.08
N PRO QA 260 -40.08 107.49 -57.88
CA PRO QA 260 -39.19 108.58 -58.25
C PRO QA 260 -38.97 109.55 -57.10
N LEU QA 261 -37.92 110.36 -57.24
CA LEU QA 261 -37.58 111.36 -56.25
C LEU QA 261 -37.37 112.72 -56.90
N GLU QA 262 -36.81 113.66 -56.15
CA GLU QA 262 -36.56 115.00 -56.67
C GLU QA 262 -35.11 115.43 -56.43
N SER RA 1 -28.66 80.91 -28.81
CA SER RA 1 -28.39 82.17 -28.15
C SER RA 1 -29.59 83.09 -28.18
N ILE RA 2 -29.43 84.27 -27.57
CA ILE RA 2 -30.49 85.26 -27.60
C ILE RA 2 -30.60 85.88 -28.99
N MET RA 3 -29.47 86.05 -29.67
CA MET RA 3 -29.48 86.53 -31.04
C MET RA 3 -30.11 85.52 -32.00
N SER RA 4 -29.97 84.23 -31.70
CA SER RA 4 -30.51 83.18 -32.54
C SER RA 4 -31.94 82.79 -32.15
N TYR RA 5 -32.63 83.65 -31.40
CA TYR RA 5 -34.00 83.34 -31.01
C TYR RA 5 -34.94 83.43 -32.20
N ASN RA 6 -34.89 84.54 -32.93
CA ASN RA 6 -35.72 84.73 -34.10
C ASN RA 6 -34.93 84.65 -35.40
N GLY RA 7 -33.63 84.93 -35.36
CA GLY RA 7 -32.82 84.88 -36.55
C GLY RA 7 -33.02 86.09 -37.44
N GLY RA 8 -32.36 86.05 -38.59
CA GLY RA 8 -32.45 87.12 -39.57
C GLY RA 8 -31.10 87.41 -40.21
N ALA RA 9 -31.16 88.26 -41.24
CA ALA RA 9 -29.97 88.63 -41.99
C ALA RA 9 -30.22 89.97 -42.67
N VAL RA 10 -29.27 90.88 -42.53
CA VAL RA 10 -29.31 92.19 -43.19
C VAL RA 10 -27.97 92.39 -43.90
N MET RA 11 -28.03 92.71 -45.19
CA MET RA 11 -26.83 92.97 -45.97
C MET RA 11 -26.98 94.30 -46.70
N ALA RA 12 -25.91 95.11 -46.67
CA ALA RA 12 -25.82 96.32 -47.47
C ALA RA 12 -24.57 96.26 -48.32
N MET RA 13 -24.60 96.93 -49.46
CA MET RA 13 -23.48 96.88 -50.40
C MET RA 13 -23.38 98.19 -51.15
N LYS RA 14 -22.18 98.74 -51.23
CA LYS RA 14 -21.93 100.01 -51.90
C LYS RA 14 -21.58 99.76 -53.36
N GLY RA 15 -22.17 100.55 -54.25
CA GLY RA 15 -21.86 100.45 -55.67
C GLY RA 15 -21.04 101.62 -56.16
N LYS RA 16 -21.22 101.99 -57.44
CA LYS RA 16 -20.49 103.12 -58.00
C LYS RA 16 -21.06 104.44 -57.51
N ASN RA 17 -22.31 104.71 -57.86
CA ASN RA 17 -22.98 105.94 -57.43
C ASN RA 17 -24.25 105.64 -56.69
N CYS RA 18 -24.57 104.37 -56.50
CA CYS RA 18 -25.79 103.92 -55.85
C CYS RA 18 -25.43 102.95 -54.74
N VAL RA 19 -26.41 102.65 -53.90
CA VAL RA 19 -26.20 101.74 -52.79
C VAL RA 19 -27.42 100.82 -52.71
N ALA RA 20 -27.19 99.58 -52.27
CA ALA RA 20 -28.24 98.58 -52.18
C ALA RA 20 -28.24 97.94 -50.81
N ILE RA 21 -29.43 97.53 -50.38
CA ILE RA 21 -29.63 96.91 -49.07
C ILE RA 21 -30.71 95.85 -49.21
N ALA RA 22 -30.56 94.77 -48.47
CA ALA RA 22 -31.50 93.66 -48.57
C ALA RA 22 -31.60 92.94 -47.24
N ALA RA 23 -32.72 92.25 -47.06
CA ALA RA 23 -32.97 91.45 -45.86
C ALA RA 23 -33.92 90.32 -46.22
N ASP RA 24 -34.12 89.42 -45.26
CA ASP RA 24 -35.03 88.31 -45.44
C ASP RA 24 -36.44 88.70 -44.96
N ARG RA 25 -37.34 87.72 -44.92
CA ARG RA 25 -38.73 87.98 -44.59
C ARG RA 25 -39.29 87.11 -43.48
N ARG RA 26 -38.54 86.14 -42.97
CA ARG RA 26 -39.09 85.14 -42.06
C ARG RA 26 -39.18 85.68 -40.64
N PHE RA 27 -40.31 85.45 -39.98
CA PHE RA 27 -40.49 85.69 -38.56
C PHE RA 27 -40.85 84.38 -37.89
N GLY RA 28 -40.00 83.93 -36.95
CA GLY RA 28 -40.21 82.65 -36.30
C GLY RA 28 -39.70 82.64 -34.88
N ILE RA 29 -40.04 81.56 -34.18
CA ILE RA 29 -39.57 81.33 -32.81
C ILE RA 29 -38.88 79.97 -32.81
N GLN RA 30 -37.59 79.98 -33.12
CA GLN RA 30 -36.58 78.95 -32.89
C GLN RA 30 -36.73 77.66 -33.70
N ALA RA 31 -37.93 77.32 -34.14
CA ALA RA 31 -38.11 76.25 -35.11
C ALA RA 31 -39.33 76.53 -35.98
N GLN RA 32 -40.18 77.41 -35.48
CA GLN RA 32 -41.55 77.54 -35.94
C GLN RA 32 -41.77 78.93 -36.49
N MET RA 33 -41.95 79.04 -37.79
CA MET RA 33 -42.26 80.34 -38.37
C MET RA 33 -43.68 80.75 -38.04
N VAL RA 34 -43.95 82.04 -38.17
CA VAL RA 34 -45.26 82.62 -37.94
C VAL RA 34 -45.78 83.32 -39.19
N THR RA 35 -44.94 84.11 -39.84
CA THR RA 35 -45.36 84.91 -40.98
C THR RA 35 -44.15 85.18 -41.86
N THR RA 36 -44.44 85.76 -43.04
CA THR RA 36 -43.41 86.05 -44.04
C THR RA 36 -43.38 87.53 -44.42
N ASP RA 37 -43.85 88.42 -43.54
CA ASP RA 37 -43.94 89.83 -43.90
C ASP RA 37 -43.40 90.72 -42.79
N PHE RA 38 -42.44 90.21 -42.03
CA PHE RA 38 -41.88 90.98 -40.93
C PHE RA 38 -40.89 92.00 -41.48
N GLN RA 39 -41.20 93.28 -41.31
CA GLN RA 39 -40.38 94.35 -41.86
C GLN RA 39 -39.12 94.54 -41.02
N LYS RA 40 -37.97 94.57 -41.69
CA LYS RA 40 -36.70 94.79 -41.03
C LYS RA 40 -35.94 95.99 -41.58
N ILE RA 41 -36.40 96.57 -42.69
CA ILE RA 41 -35.77 97.75 -43.28
C ILE RA 41 -36.75 98.90 -43.14
N PHE RA 42 -36.29 100.00 -42.55
CA PHE RA 42 -37.15 101.13 -42.27
C PHE RA 42 -36.59 102.39 -42.89
N PRO RA 43 -37.41 103.18 -43.57
CA PRO RA 43 -36.90 104.42 -44.18
C PRO RA 43 -36.70 105.51 -43.13
N MET RA 44 -35.55 106.17 -43.21
CA MET RA 44 -35.23 107.33 -42.38
C MET RA 44 -34.90 108.47 -43.35
N GLY RA 45 -35.94 109.17 -43.77
CA GLY RA 45 -35.77 110.18 -44.80
C GLY RA 45 -35.65 109.55 -46.17
N ASP RA 46 -35.40 110.40 -47.16
CA ASP RA 46 -35.28 109.97 -48.54
C ASP RA 46 -33.82 109.65 -48.85
N ARG RA 47 -33.63 108.63 -49.69
CA ARG RA 47 -32.32 108.13 -50.12
C ARG RA 47 -31.45 107.70 -48.94
N LEU RA 48 -32.08 107.20 -47.88
CA LEU RA 48 -31.36 106.78 -46.68
C LEU RA 48 -32.25 105.84 -45.89
N TYR RA 49 -31.84 104.58 -45.77
CA TYR RA 49 -32.60 103.57 -45.05
C TYR RA 49 -31.80 103.07 -43.85
N ILE RA 50 -32.40 102.15 -43.10
CA ILE RA 50 -31.71 101.46 -42.01
C ILE RA 50 -32.29 100.06 -41.89
N GLY RA 51 -31.44 99.10 -41.57
CA GLY RA 51 -31.85 97.72 -41.39
C GLY RA 51 -31.51 97.24 -39.99
N LEU RA 52 -32.36 96.38 -39.45
CA LEU RA 52 -32.21 95.87 -38.10
C LEU RA 52 -32.35 94.36 -38.11
N ALA RA 53 -31.52 93.69 -37.29
CA ALA RA 53 -31.57 92.24 -37.17
C ALA RA 53 -31.27 91.87 -35.73
N GLY RA 54 -31.71 90.68 -35.35
CA GLY RA 54 -31.52 90.19 -34.00
C GLY RA 54 -32.85 89.84 -33.34
N LEU RA 55 -32.95 90.17 -32.06
CA LEU RA 55 -34.18 89.93 -31.32
C LEU RA 55 -35.28 90.87 -31.79
N ALA RA 56 -36.44 90.29 -32.14
CA ALA RA 56 -37.51 91.02 -32.79
C ALA RA 56 -38.18 92.04 -31.86
N THR RA 57 -37.99 91.91 -30.55
CA THR RA 57 -38.44 92.96 -29.65
C THR RA 57 -37.65 94.25 -29.87
N ASP RA 58 -36.33 94.14 -29.85
CA ASP RA 58 -35.47 95.31 -30.00
C ASP RA 58 -35.46 95.85 -31.42
N VAL RA 59 -35.87 95.03 -32.40
CA VAL RA 59 -36.05 95.53 -33.76
C VAL RA 59 -37.19 96.54 -33.80
N GLN RA 60 -38.33 96.18 -33.26
CA GLN RA 60 -39.47 97.10 -33.26
C GLN RA 60 -39.34 98.20 -32.22
N THR RA 61 -38.47 98.04 -31.22
CA THR RA 61 -38.35 99.06 -30.19
C THR RA 61 -37.40 100.17 -30.61
N VAL RA 62 -36.21 99.80 -31.10
CA VAL RA 62 -35.19 100.78 -31.46
C VAL RA 62 -35.62 101.58 -32.67
N ALA RA 63 -36.33 100.94 -33.61
CA ALA RA 63 -36.81 101.63 -34.81
C ALA RA 63 -37.87 102.69 -34.49
N GLN RA 64 -38.51 102.60 -33.34
CA GLN RA 64 -39.44 103.63 -32.92
C GLN RA 64 -38.78 104.68 -32.04
N ARG RA 65 -37.79 104.29 -31.24
CA ARG RA 65 -37.03 105.27 -30.47
C ARG RA 65 -36.17 106.13 -31.38
N LEU RA 66 -35.61 105.54 -32.44
CA LEU RA 66 -34.81 106.31 -33.38
C LEU RA 66 -35.69 107.25 -34.19
N LYS RA 67 -36.89 106.80 -34.55
CA LYS RA 67 -37.84 107.66 -35.24
C LYS RA 67 -38.33 108.77 -34.32
N PHE RA 68 -38.36 108.52 -33.01
CA PHE RA 68 -38.73 109.55 -32.04
C PHE RA 68 -37.72 110.70 -32.05
N ARG RA 69 -36.44 110.38 -31.97
CA ARG RA 69 -35.41 111.41 -31.95
C ARG RA 69 -35.17 112.03 -33.33
N LEU RA 70 -35.55 111.34 -34.39
CA LEU RA 70 -35.27 111.85 -35.73
C LEU RA 70 -36.20 112.99 -36.10
N ASN RA 71 -37.49 112.85 -35.79
CA ASN RA 71 -38.45 113.89 -36.12
C ASN RA 71 -38.23 115.16 -35.29
N LEU RA 72 -37.70 115.02 -34.08
CA LEU RA 72 -37.35 116.19 -33.30
C LEU RA 72 -36.13 116.89 -33.89
N TYR RA 73 -35.23 116.13 -34.50
CA TYR RA 73 -34.04 116.74 -35.09
C TYR RA 73 -34.36 117.49 -36.37
N GLU RA 74 -35.25 116.94 -37.19
CA GLU RA 74 -35.59 117.57 -38.45
C GLU RA 74 -36.61 118.68 -38.33
N LEU RA 75 -37.09 118.97 -37.12
CA LEU RA 75 -37.94 120.13 -36.89
C LEU RA 75 -37.23 121.25 -36.16
N LYS RA 76 -36.24 120.93 -35.32
CA LYS RA 76 -35.41 121.97 -34.75
C LYS RA 76 -34.51 122.57 -35.81
N GLU RA 77 -33.92 121.73 -36.66
CA GLU RA 77 -33.23 122.21 -37.83
C GLU RA 77 -34.18 122.17 -39.02
N GLY RA 78 -33.82 122.89 -40.08
CA GLY RA 78 -34.64 122.91 -41.26
C GLY RA 78 -34.24 121.84 -42.26
N ARG RA 79 -32.99 121.40 -42.16
CA ARG RA 79 -32.42 120.46 -43.12
C ARG RA 79 -32.79 119.03 -42.77
N GLN RA 80 -32.39 118.11 -43.63
CA GLN RA 80 -32.48 116.69 -43.35
C GLN RA 80 -31.23 116.25 -42.59
N ILE RA 81 -31.14 114.98 -42.25
CA ILE RA 81 -30.05 114.47 -41.45
C ILE RA 81 -28.97 113.90 -42.37
N LYS RA 82 -27.71 114.14 -42.01
CA LYS RA 82 -26.59 113.57 -42.72
C LYS RA 82 -26.35 112.13 -42.24
N PRO RA 83 -25.78 111.27 -43.09
CA PRO RA 83 -25.58 109.88 -42.68
C PRO RA 83 -24.58 109.69 -41.54
N TYR RA 84 -23.57 110.54 -41.44
CA TYR RA 84 -22.68 110.50 -40.27
C TYR RA 84 -23.40 110.91 -39.01
N THR RA 85 -24.36 111.83 -39.14
CA THR RA 85 -25.10 112.31 -37.98
C THR RA 85 -26.00 111.21 -37.43
N LEU RA 86 -26.55 110.39 -38.31
CA LEU RA 86 -27.43 109.31 -37.86
C LEU RA 86 -26.63 108.21 -37.18
N MET RA 87 -25.42 107.94 -37.68
CA MET RA 87 -24.56 106.91 -37.09
C MET RA 87 -24.14 107.29 -35.68
N SER RA 88 -23.87 108.58 -35.46
CA SER RA 88 -23.58 109.04 -34.11
C SER RA 88 -24.83 109.04 -33.24
N MET RA 89 -26.01 109.17 -33.86
CA MET RA 89 -27.25 109.16 -33.09
C MET RA 89 -27.59 107.76 -32.60
N VAL RA 90 -27.41 106.76 -33.47
CA VAL RA 90 -27.71 105.38 -33.09
C VAL RA 90 -26.71 104.87 -32.07
N ALA RA 91 -25.44 105.25 -32.21
CA ALA RA 91 -24.41 104.82 -31.27
C ALA RA 91 -24.62 105.43 -29.89
N ASN RA 92 -25.24 106.60 -29.83
CA ASN RA 92 -25.64 107.14 -28.54
C ASN RA 92 -26.75 106.32 -27.92
N LEU RA 93 -27.73 105.92 -28.72
CA LEU RA 93 -28.94 105.29 -28.20
C LEU RA 93 -28.66 103.89 -27.69
N LEU RA 94 -27.68 103.19 -28.26
CA LEU RA 94 -27.34 101.87 -27.78
C LEU RA 94 -26.45 101.91 -26.54
N TYR RA 95 -25.62 102.94 -26.43
CA TYR RA 95 -24.68 103.03 -25.33
C TYR RA 95 -25.34 103.46 -24.03
N GLU RA 96 -26.51 104.10 -24.11
CA GLU RA 96 -27.26 104.46 -22.91
C GLU RA 96 -27.68 103.24 -22.13
N LYS RA 97 -28.16 102.21 -22.83
CA LYS RA 97 -28.38 100.90 -22.23
C LYS RA 97 -27.08 100.10 -22.30
N ARG RA 98 -26.12 100.54 -21.50
CA ARG RA 98 -24.80 99.92 -21.52
C ARG RA 98 -24.83 98.53 -20.89
N PHE RA 99 -25.59 98.37 -19.82
CA PHE RA 99 -25.58 97.12 -19.08
C PHE RA 99 -26.87 96.32 -19.23
N GLY RA 100 -28.00 96.98 -19.52
CA GLY RA 100 -29.19 96.32 -20.03
C GLY RA 100 -29.39 96.44 -21.52
N PRO RA 101 -28.52 95.83 -22.33
CA PRO RA 101 -28.41 96.25 -23.73
C PRO RA 101 -29.55 95.76 -24.60
N TYR RA 102 -29.76 96.48 -25.68
CA TYR RA 102 -30.66 96.01 -26.73
C TYR RA 102 -29.95 94.95 -27.55
N TYR RA 103 -30.68 93.90 -27.92
CA TYR RA 103 -30.11 92.79 -28.67
C TYR RA 103 -30.43 92.98 -30.15
N THR RA 104 -29.71 93.91 -30.76
CA THR RA 104 -29.86 94.18 -32.18
C THR RA 104 -28.55 94.71 -32.74
N GLU RA 105 -28.41 94.62 -34.05
CA GLU RA 105 -27.20 95.07 -34.74
C GLU RA 105 -27.62 95.86 -35.98
N PRO RA 106 -27.57 97.18 -35.92
CA PRO RA 106 -28.10 97.99 -37.01
C PRO RA 106 -27.16 98.07 -38.20
N VAL RA 107 -27.75 98.30 -39.36
CA VAL RA 107 -27.03 98.53 -40.62
C VAL RA 107 -27.63 99.76 -41.27
N ILE RA 108 -26.80 100.73 -41.60
CA ILE RA 108 -27.24 102.00 -42.18
C ILE RA 108 -26.70 102.11 -43.60
N ALA RA 109 -27.58 102.38 -44.55
CA ALA RA 109 -27.20 102.67 -45.92
C ALA RA 109 -27.92 103.91 -46.40
N GLY RA 110 -27.26 104.69 -47.23
CA GLY RA 110 -27.87 105.90 -47.75
C GLY RA 110 -26.87 106.70 -48.56
N LEU RA 111 -27.40 107.78 -49.15
CA LEU RA 111 -26.61 108.68 -49.97
C LEU RA 111 -26.36 110.00 -49.25
N ASP RA 112 -25.51 110.80 -49.87
CA ASP RA 112 -25.34 112.18 -49.47
C ASP RA 112 -26.64 112.95 -49.72
N PRO RA 113 -27.11 113.77 -48.78
CA PRO RA 113 -28.20 114.69 -49.11
C PRO RA 113 -27.80 115.86 -49.99
N LYS RA 114 -26.51 116.02 -50.31
CA LYS RA 114 -26.06 117.04 -51.25
C LYS RA 114 -25.59 116.46 -52.57
N THR RA 115 -24.81 115.39 -52.55
CA THR RA 115 -24.26 114.76 -53.75
C THR RA 115 -24.81 113.34 -53.86
N PHE RA 116 -24.22 112.56 -54.76
CA PHE RA 116 -24.56 111.17 -54.94
C PHE RA 116 -23.70 110.24 -54.09
N LYS RA 117 -22.98 110.78 -53.11
CA LYS RA 117 -21.98 110.00 -52.38
C LYS RA 117 -22.63 109.00 -51.45
N PRO RA 118 -22.38 107.72 -51.60
CA PRO RA 118 -23.02 106.71 -50.75
C PRO RA 118 -22.34 106.60 -49.39
N PHE RA 119 -22.98 105.83 -48.51
CA PHE RA 119 -22.47 105.62 -47.17
C PHE RA 119 -23.02 104.32 -46.63
N ILE RA 120 -22.15 103.50 -46.02
CA ILE RA 120 -22.55 102.29 -45.34
C ILE RA 120 -21.80 102.18 -44.01
N CYS RA 121 -22.47 101.62 -43.02
CA CYS RA 121 -21.85 101.34 -41.73
C CYS RA 121 -22.67 100.30 -41.00
N SER RA 122 -22.07 99.70 -39.99
CA SER RA 122 -22.76 98.77 -39.10
C SER RA 122 -22.21 98.96 -37.69
N LEU RA 123 -23.00 98.55 -36.72
CA LEU RA 123 -22.69 98.82 -35.32
C LEU RA 123 -22.81 97.54 -34.50
N ASP RA 124 -22.19 97.56 -33.32
CA ASP RA 124 -22.31 96.46 -32.38
C ASP RA 124 -23.58 96.61 -31.56
N LEU RA 125 -23.79 95.67 -30.65
CA LEU RA 125 -24.96 95.73 -29.79
C LEU RA 125 -24.81 96.77 -28.68
N ILE RA 126 -23.58 97.20 -28.41
CA ILE RA 126 -23.34 98.28 -27.45
C ILE RA 126 -23.00 99.61 -28.12
N GLY RA 127 -22.70 99.61 -29.42
CA GLY RA 127 -22.62 100.86 -30.14
C GLY RA 127 -21.29 101.28 -30.70
N CYS RA 128 -20.45 100.33 -31.11
CA CYS RA 128 -19.20 100.68 -31.78
C CYS RA 128 -19.45 100.83 -33.27
N PRO RA 129 -19.26 102.01 -33.84
CA PRO RA 129 -19.46 102.18 -35.28
C PRO RA 129 -18.31 101.59 -36.07
N MET RA 130 -18.60 101.29 -37.34
CA MET RA 130 -17.62 100.67 -38.22
C MET RA 130 -18.02 100.98 -39.66
N VAL RA 131 -17.27 101.84 -40.31
CA VAL RA 131 -17.55 102.22 -41.69
C VAL RA 131 -16.62 101.45 -42.62
N THR RA 132 -17.17 101.02 -43.76
CA THR RA 132 -16.37 100.37 -44.80
C THR RA 132 -16.64 101.03 -46.14
N ASP RA 133 -16.14 100.42 -47.21
CA ASP RA 133 -16.34 100.94 -48.55
C ASP RA 133 -16.95 99.94 -49.51
N ASP RA 134 -17.12 98.68 -49.10
CA ASP RA 134 -17.64 97.65 -49.99
C ASP RA 134 -18.97 97.07 -49.53
N PHE RA 135 -19.05 96.56 -48.30
CA PHE RA 135 -20.26 95.90 -47.84
C PHE RA 135 -20.22 95.82 -46.32
N VAL RA 136 -21.41 95.74 -45.71
CA VAL RA 136 -21.56 95.40 -44.30
C VAL RA 136 -22.68 94.38 -44.19
N VAL RA 137 -22.53 93.45 -43.24
CA VAL RA 137 -23.50 92.38 -43.03
C VAL RA 137 -23.80 92.27 -41.54
N SER RA 138 -24.96 91.68 -41.25
CA SER RA 138 -25.39 91.46 -39.87
C SER RA 138 -26.43 90.37 -39.84
N GLY RA 139 -26.47 89.64 -38.73
CA GLY RA 139 -27.45 88.61 -38.51
C GLY RA 139 -26.81 87.34 -38.01
N THR RA 140 -27.57 86.26 -38.02
CA THR RA 140 -27.07 84.98 -37.54
C THR RA 140 -26.13 84.34 -38.56
N CYS RA 141 -26.50 84.38 -39.83
CA CYS RA 141 -25.71 83.74 -40.89
C CYS RA 141 -24.65 84.69 -41.44
N ALA RA 142 -23.79 85.14 -40.54
CA ALA RA 142 -22.80 86.15 -40.92
C ALA RA 142 -21.69 85.57 -41.78
N GLU RA 143 -21.19 84.39 -41.41
CA GLU RA 143 -20.01 83.83 -42.07
C GLU RA 143 -20.31 83.42 -43.51
N GLN RA 144 -21.54 83.00 -43.80
CA GLN RA 144 -21.93 82.72 -45.17
C GLN RA 144 -21.99 84.00 -45.98
N MET RA 145 -22.34 85.12 -45.35
CA MET RA 145 -22.42 86.38 -46.08
C MET RA 145 -21.05 86.98 -46.35
N TYR RA 146 -20.06 86.68 -45.51
CA TYR RA 146 -18.70 87.13 -45.82
C TYR RA 146 -18.11 86.34 -46.99
N GLY RA 147 -18.47 85.07 -47.11
CA GLY RA 147 -17.95 84.27 -48.20
C GLY RA 147 -18.47 84.69 -49.56
N MET RA 148 -19.66 85.28 -49.59
CA MET RA 148 -20.19 85.79 -50.85
C MET RA 148 -19.48 87.06 -51.28
N CYS RA 149 -19.52 88.08 -50.42
CA CYS RA 149 -19.12 89.42 -50.81
C CYS RA 149 -17.61 89.55 -50.98
N GLU RA 150 -16.82 88.72 -50.31
CA GLU RA 150 -15.39 88.70 -50.58
C GLU RA 150 -15.05 88.07 -51.92
N SER RA 151 -15.98 87.36 -52.54
CA SER RA 151 -15.73 86.69 -53.80
C SER RA 151 -16.56 87.21 -54.96
N LEU RA 152 -17.42 88.20 -54.72
CA LEU RA 152 -18.28 88.71 -55.78
C LEU RA 152 -18.25 90.21 -55.94
N TRP RA 153 -17.83 90.96 -54.94
CA TRP RA 153 -17.89 92.42 -55.01
C TRP RA 153 -16.79 92.96 -55.90
N GLU RA 154 -17.13 93.94 -56.72
CA GLU RA 154 -16.21 94.68 -57.55
C GLU RA 154 -16.33 96.17 -57.24
N PRO RA 155 -15.25 96.95 -57.43
CA PRO RA 155 -15.27 98.37 -57.00
C PRO RA 155 -16.28 99.26 -57.71
N ASN RA 156 -16.25 99.33 -59.03
CA ASN RA 156 -17.08 100.27 -59.78
C ASN RA 156 -18.11 99.48 -60.57
N MET RA 157 -19.36 99.55 -60.12
CA MET RA 157 -20.42 98.69 -60.64
C MET RA 157 -21.66 99.51 -60.95
N ASP RA 158 -22.22 99.30 -62.14
CA ASP RA 158 -23.50 99.88 -62.52
C ASP RA 158 -24.63 99.34 -61.64
N PRO RA 159 -25.77 100.04 -61.56
CA PRO RA 159 -26.88 99.53 -60.74
C PRO RA 159 -27.49 98.21 -61.22
N ASP RA 160 -27.20 97.76 -62.43
CA ASP RA 160 -27.73 96.48 -62.87
C ASP RA 160 -26.94 95.32 -62.27
N HIS RA 161 -25.61 95.33 -62.42
CA HIS RA 161 -24.79 94.27 -61.87
C HIS RA 161 -24.70 94.34 -60.35
N LEU RA 162 -24.92 95.51 -59.77
CA LEU RA 162 -25.01 95.61 -58.32
C LEU RA 162 -26.23 94.85 -57.80
N PHE RA 163 -27.34 94.95 -58.54
CA PHE RA 163 -28.52 94.17 -58.19
C PHE RA 163 -28.27 92.67 -58.35
N GLU RA 164 -27.55 92.29 -59.40
CA GLU RA 164 -27.32 90.87 -59.63
C GLU RA 164 -26.30 90.28 -58.67
N THR RA 165 -25.41 91.12 -58.12
CA THR RA 165 -24.43 90.61 -57.17
C THR RA 165 -25.02 90.42 -55.79
N ILE RA 166 -25.79 91.40 -55.32
CA ILE RA 166 -26.39 91.30 -53.99
C ILE RA 166 -27.52 90.29 -53.97
N SER RA 167 -28.09 89.95 -55.13
CA SER RA 167 -29.13 88.92 -55.18
C SER RA 167 -28.51 87.54 -55.00
N GLN RA 168 -27.43 87.27 -55.74
CA GLN RA 168 -26.76 85.98 -55.63
C GLN RA 168 -26.03 85.84 -54.30
N ALA RA 169 -25.69 86.95 -53.65
CA ALA RA 169 -25.07 86.88 -52.34
C ALA RA 169 -26.08 86.45 -51.27
N MET RA 170 -27.32 86.94 -51.39
CA MET RA 170 -28.31 86.59 -50.39
C MET RA 170 -28.90 85.21 -50.60
N LEU RA 171 -29.21 84.86 -51.85
CA LEU RA 171 -29.90 83.60 -52.12
C LEU RA 171 -29.02 82.39 -51.85
N ASN RA 172 -27.70 82.55 -51.92
CA ASN RA 172 -26.83 81.42 -51.62
C ASN RA 172 -26.48 81.34 -50.14
N ALA RA 173 -26.44 82.47 -49.45
CA ALA RA 173 -26.07 82.45 -48.04
C ALA RA 173 -27.25 82.13 -47.13
N VAL RA 174 -28.43 82.64 -47.45
CA VAL RA 174 -29.57 82.43 -46.57
C VAL RA 174 -30.13 81.01 -46.72
N ASP RA 175 -30.07 80.44 -47.94
CA ASP RA 175 -30.48 79.06 -48.12
C ASP RA 175 -29.53 78.08 -47.43
N ARG RA 176 -28.29 78.47 -47.20
CA ARG RA 176 -27.40 77.67 -46.37
C ARG RA 176 -27.77 77.79 -44.89
N ASP RA 177 -28.33 78.94 -44.49
CA ASP RA 177 -28.81 79.08 -43.12
C ASP RA 177 -30.12 78.31 -42.94
N ALA RA 178 -30.36 77.87 -41.71
CA ALA RA 178 -31.57 77.14 -41.38
C ALA RA 178 -32.69 78.04 -40.93
N VAL RA 179 -32.44 78.91 -39.94
CA VAL RA 179 -33.50 79.68 -39.31
C VAL RA 179 -33.83 80.97 -40.05
N SER RA 180 -33.24 81.20 -41.21
CA SER RA 180 -33.54 82.40 -42.00
C SER RA 180 -33.92 81.98 -43.41
N GLY RA 181 -34.85 82.72 -44.01
CA GLY RA 181 -35.33 82.39 -45.33
C GLY RA 181 -36.67 83.01 -45.63
N MET RA 182 -37.49 82.27 -46.39
CA MET RA 182 -38.88 82.59 -46.68
C MET RA 182 -39.01 83.92 -47.43
N GLY RA 183 -38.11 84.15 -48.37
CA GLY RA 183 -38.19 85.33 -49.21
C GLY RA 183 -37.19 86.42 -48.88
N VAL RA 184 -36.72 87.14 -49.90
CA VAL RA 184 -35.74 88.21 -49.74
C VAL RA 184 -36.27 89.43 -50.48
N ILE RA 185 -36.30 90.58 -49.79
CA ILE RA 185 -36.65 91.85 -50.40
C ILE RA 185 -35.36 92.66 -50.57
N VAL RA 186 -35.25 93.36 -51.69
CA VAL RA 186 -34.04 94.09 -52.06
C VAL RA 186 -34.42 95.53 -52.37
N HIS RA 187 -33.81 96.47 -51.66
CA HIS RA 187 -33.91 97.88 -52.00
C HIS RA 187 -32.64 98.31 -52.71
N ILE RA 188 -32.80 98.92 -53.87
CA ILE RA 188 -31.70 99.55 -54.60
C ILE RA 188 -32.08 100.98 -54.91
N ILE RA 189 -31.38 101.92 -54.28
CA ILE RA 189 -31.71 103.33 -54.36
C ILE RA 189 -30.58 104.03 -55.08
N GLU RA 190 -30.89 105.18 -55.66
CA GLU RA 190 -29.92 105.98 -56.39
C GLU RA 190 -30.33 107.45 -56.26
N LYS RA 191 -29.73 108.30 -57.09
CA LYS RA 191 -29.94 109.73 -56.96
C LYS RA 191 -31.35 110.14 -57.39
N ASP RA 192 -31.93 109.44 -58.35
CA ASP RA 192 -33.16 109.89 -58.98
C ASP RA 192 -34.39 109.08 -58.61
N LYS RA 193 -34.23 107.81 -58.25
CA LYS RA 193 -35.40 106.99 -57.95
C LYS RA 193 -35.01 105.90 -56.97
N ILE RA 194 -36.03 105.22 -56.45
CA ILE RA 194 -35.89 104.14 -55.50
C ILE RA 194 -36.57 102.91 -56.08
N THR RA 195 -35.83 101.81 -56.19
CA THR RA 195 -36.33 100.58 -56.76
C THR RA 195 -36.37 99.50 -55.69
N THR RA 196 -37.53 98.88 -55.51
CA THR RA 196 -37.74 97.83 -54.52
C THR RA 196 -38.23 96.58 -55.21
N ARG RA 197 -37.49 95.48 -55.07
CA ARG RA 197 -37.88 94.22 -55.68
C ARG RA 197 -37.90 93.12 -54.64
N THR RA 198 -38.70 92.08 -54.93
CA THR RA 198 -38.77 90.88 -54.12
C THR RA 198 -38.31 89.70 -54.95
N LEU RA 199 -37.43 88.89 -54.41
CA LEU RA 199 -36.82 87.81 -55.16
C LEU RA 199 -37.59 86.51 -54.97
N LYS RA 200 -37.33 85.56 -55.86
CA LYS RA 200 -37.97 84.24 -55.83
C LYS RA 200 -37.01 83.28 -55.15
N ALA RA 201 -37.28 82.98 -53.88
CA ALA RA 201 -36.41 82.13 -53.08
C ALA RA 201 -37.10 80.82 -52.74
N ARG RA 202 -36.35 79.93 -52.12
CA ARG RA 202 -36.89 78.67 -51.64
C ARG RA 202 -37.73 78.91 -50.40
N MET RA 203 -38.98 78.44 -50.44
CA MET RA 203 -39.92 78.66 -49.36
C MET RA 203 -39.93 77.53 -48.34
N ASP RA 204 -38.86 76.72 -48.31
CA ASP RA 204 -38.78 75.61 -47.37
C ASP RA 204 -38.10 76.01 -46.07
N MET SA 1 -50.40 75.53 -23.19
CA MET SA 1 -51.16 74.67 -22.30
C MET SA 1 -52.63 74.67 -22.66
N GLU SA 2 -53.14 75.84 -23.03
CA GLU SA 2 -54.52 75.97 -23.49
C GLU SA 2 -54.50 76.63 -24.87
N TYR SA 3 -55.58 76.43 -25.62
CA TYR SA 3 -55.56 76.55 -27.07
C TYR SA 3 -56.46 77.68 -27.54
N LEU SA 4 -55.95 78.45 -28.52
CA LEU SA 4 -56.69 79.52 -29.16
C LEU SA 4 -56.47 79.45 -30.67
N ILE SA 5 -57.34 80.09 -31.44
CA ILE SA 5 -57.26 80.04 -32.90
C ILE SA 5 -57.80 81.34 -33.49
N GLY SA 6 -57.28 81.70 -34.66
CA GLY SA 6 -57.41 83.02 -35.23
C GLY SA 6 -57.81 83.15 -36.70
N ILE SA 7 -58.80 82.42 -37.18
CA ILE SA 7 -59.14 82.43 -38.60
C ILE SA 7 -59.64 83.80 -39.03
N GLN SA 8 -58.94 84.40 -39.99
CA GLN SA 8 -59.26 85.73 -40.53
C GLN SA 8 -59.90 85.61 -41.90
N GLY SA 9 -61.01 86.32 -42.09
CA GLY SA 9 -61.72 86.28 -43.35
C GLY SA 9 -61.61 87.58 -44.13
N PRO SA 10 -62.37 87.68 -45.23
CA PRO SA 10 -62.36 88.92 -46.01
C PRO SA 10 -63.01 90.09 -45.29
N ASP SA 11 -64.15 89.86 -44.64
CA ASP SA 11 -64.82 90.93 -43.91
C ASP SA 11 -65.25 90.49 -42.52
N TYR SA 12 -64.61 89.47 -41.98
CA TYR SA 12 -65.00 88.95 -40.68
C TYR SA 12 -63.77 88.36 -40.00
N VAL SA 13 -63.78 88.36 -38.67
CA VAL SA 13 -62.73 87.75 -37.88
C VAL SA 13 -63.35 86.65 -37.05
N LEU SA 14 -62.91 85.42 -37.27
CA LEU SA 14 -63.43 84.26 -36.57
C LEU SA 14 -62.42 83.83 -35.52
N VAL SA 15 -62.79 83.95 -34.25
CA VAL SA 15 -61.93 83.55 -33.15
C VAL SA 15 -62.65 82.50 -32.32
N ALA SA 16 -61.87 81.62 -31.72
CA ALA SA 16 -62.40 80.62 -30.83
C ALA SA 16 -61.44 80.43 -29.67
N SER SA 17 -61.89 79.70 -28.65
CA SER SA 17 -61.15 79.59 -27.41
C SER SA 17 -61.47 78.25 -26.77
N ASP SA 18 -61.10 78.08 -25.51
CA ASP SA 18 -61.54 76.95 -24.72
C ASP SA 18 -62.10 77.47 -23.41
N ARG SA 19 -62.73 76.58 -22.67
CA ARG SA 19 -63.43 76.96 -21.45
C ARG SA 19 -62.83 76.32 -20.21
N VAL SA 20 -61.65 75.71 -20.33
CA VAL SA 20 -61.07 74.93 -19.25
C VAL SA 20 -60.15 75.81 -18.41
N ALA SA 21 -60.41 75.87 -17.12
CA ALA SA 21 -59.51 76.50 -16.16
C ALA SA 21 -58.78 75.38 -15.42
N ALA SA 22 -57.49 75.25 -15.68
CA ALA SA 22 -56.73 74.10 -15.22
C ALA SA 22 -56.34 74.24 -13.76
N SER SA 23 -55.71 73.19 -13.25
CA SER SA 23 -55.24 73.10 -11.88
C SER SA 23 -54.01 72.20 -11.88
N ASN SA 24 -53.69 71.63 -10.73
CA ASN SA 24 -52.58 70.69 -10.58
C ASN SA 24 -52.73 69.49 -11.52
N ILE SA 25 -53.74 68.66 -11.29
CA ILE SA 25 -54.03 67.53 -12.18
C ILE SA 25 -55.52 67.52 -12.50
N VAL SA 26 -56.28 68.34 -11.78
CA VAL SA 26 -57.72 68.31 -11.86
C VAL SA 26 -58.20 69.49 -12.69
N GLN SA 27 -59.49 69.51 -12.98
CA GLN SA 27 -60.12 70.55 -13.77
C GLN SA 27 -61.16 71.22 -12.89
N MET SA 28 -60.81 72.40 -12.36
CA MET SA 28 -61.70 73.06 -11.39
C MET SA 28 -62.91 73.68 -12.07
N LYS SA 29 -62.67 74.52 -13.07
CA LYS SA 29 -63.73 75.22 -13.77
C LYS SA 29 -63.71 74.83 -15.23
N ASP SA 30 -64.87 74.47 -15.77
CA ASP SA 30 -65.01 73.98 -17.14
C ASP SA 30 -65.88 74.89 -18.00
N ASP SA 31 -66.15 76.09 -17.54
CA ASP SA 31 -66.83 77.10 -18.34
C ASP SA 31 -66.13 78.44 -18.18
N HIS SA 32 -64.80 78.42 -18.21
CA HIS SA 32 -64.02 79.64 -18.09
C HIS SA 32 -64.16 80.46 -19.37
N ASP SA 33 -63.87 81.74 -19.27
CA ASP SA 33 -63.95 82.65 -20.41
C ASP SA 33 -62.65 83.42 -20.51
N LYS SA 34 -61.92 83.21 -21.61
CA LYS SA 34 -60.67 83.91 -21.85
C LYS SA 34 -60.86 85.27 -22.48
N MET SA 35 -62.08 85.60 -22.88
CA MET SA 35 -62.36 86.75 -23.74
C MET SA 35 -62.57 88.02 -22.94
N PHE SA 36 -62.25 89.15 -23.56
CA PHE SA 36 -62.36 90.46 -22.93
C PHE SA 36 -62.80 91.45 -23.99
N LYS SA 37 -64.05 91.91 -23.91
CA LYS SA 37 -64.58 92.89 -24.86
C LYS SA 37 -63.96 94.24 -24.55
N MET SA 38 -62.99 94.64 -25.35
CA MET SA 38 -62.37 95.95 -25.17
C MET SA 38 -63.31 97.06 -25.64
N SER SA 39 -63.82 96.94 -26.86
CA SER SA 39 -64.78 97.89 -27.39
C SER SA 39 -65.79 97.14 -28.23
N GLU SA 40 -66.56 97.86 -29.02
CA GLU SA 40 -67.62 97.23 -29.81
C GLU SA 40 -67.10 96.45 -31.01
N LYS SA 41 -65.85 96.66 -31.41
CA LYS SA 41 -65.32 95.93 -32.55
C LYS SA 41 -63.92 95.38 -32.29
N ILE SA 42 -63.51 95.24 -31.03
CA ILE SA 42 -62.18 94.75 -30.68
C ILE SA 42 -62.32 93.74 -29.55
N LEU SA 43 -61.82 92.52 -29.75
CA LEU SA 43 -61.80 91.50 -28.71
C LEU SA 43 -60.38 91.24 -28.23
N LEU SA 44 -60.28 90.49 -27.14
CA LEU SA 44 -59.00 90.19 -26.52
C LEU SA 44 -59.13 88.93 -25.68
N LEU SA 45 -58.47 87.86 -26.10
CA LEU SA 45 -58.25 86.66 -25.31
C LEU SA 45 -57.03 86.90 -24.42
N CYS SA 46 -56.57 85.88 -23.69
CA CYS SA 46 -55.27 85.93 -23.04
C CYS SA 46 -54.81 84.53 -22.66
N VAL SA 47 -53.51 84.28 -22.82
CA VAL SA 47 -52.85 83.04 -22.41
C VAL SA 47 -51.52 83.38 -21.77
N GLY SA 48 -51.26 82.84 -20.58
CA GLY SA 48 -49.96 83.03 -19.95
C GLY SA 48 -49.92 82.63 -18.49
N GLU SA 49 -49.19 83.41 -17.70
CA GLU SA 49 -49.04 83.15 -16.28
C GLU SA 49 -50.37 83.42 -15.56
N ALA SA 50 -50.69 82.52 -14.60
CA ALA SA 50 -52.02 82.45 -14.02
C ALA SA 50 -52.42 83.69 -13.23
N GLY SA 51 -51.47 84.49 -12.78
CA GLY SA 51 -51.81 85.74 -12.14
C GLY SA 51 -51.76 86.90 -13.12
N ASP SA 52 -50.99 86.73 -14.19
CA ASP SA 52 -50.72 87.85 -15.09
C ASP SA 52 -51.81 88.02 -16.14
N THR SA 53 -52.53 86.95 -16.47
CA THR SA 53 -53.53 87.01 -17.54
C THR SA 53 -54.70 87.90 -17.18
N VAL SA 54 -55.06 87.95 -15.90
CA VAL SA 54 -56.25 88.70 -15.52
C VAL SA 54 -55.97 90.19 -15.50
N GLN SA 55 -54.87 90.60 -14.88
CA GLN SA 55 -54.67 92.01 -14.58
C GLN SA 55 -54.26 92.82 -15.80
N PHE SA 56 -53.54 92.20 -16.74
CA PHE SA 56 -53.11 92.95 -17.92
C PHE SA 56 -54.28 93.15 -18.87
N ALA SA 57 -55.19 92.17 -18.92
CA ALA SA 57 -56.45 92.38 -19.64
C ALA SA 57 -57.27 93.46 -18.98
N GLU SA 58 -57.25 93.52 -17.64
CA GLU SA 58 -57.96 94.58 -16.94
C GLU SA 58 -57.26 95.92 -17.12
N TYR SA 59 -55.95 95.93 -17.24
CA TYR SA 59 -55.21 97.18 -17.38
C TYR SA 59 -55.39 97.76 -18.78
N ILE SA 60 -55.38 96.91 -19.81
CA ILE SA 60 -55.56 97.38 -21.17
C ILE SA 60 -57.02 97.75 -21.42
N GLN SA 61 -57.96 97.12 -20.69
CA GLN SA 61 -59.37 97.41 -20.86
C GLN SA 61 -59.69 98.85 -20.49
N LYS SA 62 -59.19 99.32 -19.35
CA LYS SA 62 -59.60 100.63 -18.87
C LYS SA 62 -58.93 101.75 -19.66
N ASN SA 63 -57.68 101.55 -20.07
CA ASN SA 63 -56.96 102.59 -20.80
C ASN SA 63 -57.54 102.80 -22.20
N VAL SA 64 -58.15 101.76 -22.77
CA VAL SA 64 -58.87 101.95 -24.02
C VAL SA 64 -60.22 102.58 -23.76
N GLN SA 65 -60.87 102.23 -22.64
CA GLN SA 65 -62.12 102.88 -22.27
C GLN SA 65 -61.94 104.34 -21.88
N LEU SA 66 -60.73 104.75 -21.46
CA LEU SA 66 -60.45 106.18 -21.30
C LEU SA 66 -60.48 106.90 -22.63
N TYR SA 67 -59.93 106.26 -23.67
CA TYR SA 67 -59.82 106.91 -24.98
C TYR SA 67 -61.18 107.18 -25.58
N LYS SA 68 -62.11 106.23 -25.43
CA LYS SA 68 -63.45 106.44 -25.94
C LYS SA 68 -64.22 107.43 -25.10
N MET SA 69 -63.92 107.50 -23.80
CA MET SA 69 -64.72 108.35 -22.93
C MET SA 69 -64.25 109.79 -22.99
N ARG SA 70 -62.96 110.01 -23.27
CA ARG SA 70 -62.43 111.36 -23.36
C ARG SA 70 -62.62 111.96 -24.75
N ASN SA 71 -62.23 111.21 -25.78
CA ASN SA 71 -62.24 111.75 -27.12
C ASN SA 71 -63.54 111.49 -27.87
N GLY SA 72 -64.41 110.64 -27.34
CA GLY SA 72 -65.70 110.44 -27.95
C GLY SA 72 -65.74 109.47 -29.10
N TYR SA 73 -64.65 108.75 -29.37
CA TYR SA 73 -64.67 107.75 -30.43
C TYR SA 73 -63.67 106.64 -30.10
N GLU SA 74 -63.79 105.55 -30.85
CA GLU SA 74 -63.09 104.31 -30.58
C GLU SA 74 -61.71 104.32 -31.22
N LEU SA 75 -60.76 103.63 -30.57
CA LEU SA 75 -59.47 103.36 -31.19
C LEU SA 75 -59.63 102.48 -32.43
N SER SA 76 -58.69 102.63 -33.35
CA SER SA 76 -58.54 101.66 -34.41
C SER SA 76 -57.91 100.40 -33.84
N PRO SA 77 -58.12 99.24 -34.49
CA PRO SA 77 -57.42 98.02 -34.03
C PRO SA 77 -55.92 98.08 -34.20
N THR SA 78 -55.41 98.91 -35.11
CA THR SA 78 -53.97 99.06 -35.25
C THR SA 78 -53.39 99.84 -34.08
N ALA SA 79 -54.02 100.95 -33.70
CA ALA SA 79 -53.54 101.74 -32.58
C ALA SA 79 -53.78 101.03 -31.26
N ALA SA 80 -54.80 100.17 -31.19
CA ALA SA 80 -55.02 99.40 -29.98
C ALA SA 80 -53.96 98.33 -29.81
N ALA SA 81 -53.53 97.70 -30.91
CA ALA SA 81 -52.52 96.65 -30.80
C ALA SA 81 -51.16 97.22 -30.47
N ASN SA 82 -50.89 98.45 -30.89
CA ASN SA 82 -49.57 99.01 -30.67
C ASN SA 82 -49.49 99.70 -29.32
N PHE SA 83 -50.62 99.92 -28.65
CA PHE SA 83 -50.59 100.35 -27.26
C PHE SA 83 -50.25 99.20 -26.33
N THR SA 84 -50.69 97.99 -26.67
CA THR SA 84 -50.41 96.83 -25.83
C THR SA 84 -48.96 96.43 -25.91
N ARG SA 85 -48.35 96.54 -27.11
CA ARG SA 85 -46.96 96.17 -27.28
C ARG SA 85 -46.04 97.13 -26.53
N ARG SA 86 -46.48 98.37 -26.34
CA ARG SA 86 -45.67 99.33 -25.61
C ARG SA 86 -45.59 98.97 -24.13
N ASN SA 87 -46.72 98.57 -23.54
CA ASN SA 87 -46.77 98.34 -22.10
C ASN SA 87 -46.03 97.07 -21.70
N LEU SA 88 -46.01 96.07 -22.56
CA LEU SA 88 -45.26 94.86 -22.24
C LEU SA 88 -43.76 95.08 -22.44
N ALA SA 89 -43.39 95.83 -23.48
CA ALA SA 89 -41.98 96.02 -23.76
C ALA SA 89 -41.32 96.97 -22.78
N ASP SA 90 -42.09 97.91 -22.21
CA ASP SA 90 -41.51 98.85 -21.25
C ASP SA 90 -41.18 98.16 -19.94
N CYS SA 91 -42.13 97.42 -19.38
CA CYS SA 91 -41.92 96.81 -18.08
C CYS SA 91 -41.34 95.41 -18.20
N LEU SA 92 -40.86 95.04 -19.39
CA LEU SA 92 -40.12 93.79 -19.55
C LEU SA 92 -38.78 93.85 -18.82
N ARG SA 93 -37.99 94.89 -19.07
CA ARG SA 93 -36.73 95.11 -18.37
C ARG SA 93 -37.01 95.75 -17.01
N SER SA 94 -37.54 94.93 -16.11
CA SER SA 94 -37.95 95.43 -14.80
C SER SA 94 -37.86 94.29 -13.80
N ARG SA 95 -38.06 94.63 -12.53
CA ARG SA 95 -38.09 93.63 -11.48
C ARG SA 95 -39.33 92.75 -11.53
N THR SA 96 -40.38 93.18 -12.23
CA THR SA 96 -41.61 92.41 -12.40
C THR SA 96 -41.73 92.11 -13.89
N PRO SA 97 -41.19 91.00 -14.37
CA PRO SA 97 -41.38 90.63 -15.76
C PRO SA 97 -42.78 90.13 -16.00
N TYR SA 98 -43.26 90.33 -17.21
CA TYR SA 98 -44.64 90.07 -17.57
C TYR SA 98 -44.67 88.90 -18.54
N HIS SA 99 -45.61 87.98 -18.37
CA HIS SA 99 -45.59 86.73 -19.14
C HIS SA 99 -47.01 86.37 -19.59
N VAL SA 100 -47.41 86.89 -20.75
CA VAL SA 100 -48.69 86.59 -21.39
C VAL SA 100 -48.45 86.46 -22.89
N ASN SA 101 -49.41 85.83 -23.58
CA ASN SA 101 -49.24 85.59 -25.02
C ASN SA 101 -50.58 85.79 -25.71
N LEU SA 102 -50.87 87.03 -26.14
CA LEU SA 102 -52.09 87.16 -26.94
C LEU SA 102 -52.08 88.37 -27.85
N LEU SA 103 -52.64 88.13 -29.02
CA LEU SA 103 -52.92 89.03 -30.14
C LEU SA 103 -54.05 90.01 -29.88
N LEU SA 104 -54.57 90.59 -30.96
CA LEU SA 104 -55.88 91.20 -30.99
C LEU SA 104 -56.68 90.68 -32.18
N ALA SA 105 -57.99 90.94 -32.12
CA ALA SA 105 -58.90 90.64 -33.21
C ALA SA 105 -59.86 91.82 -33.31
N GLY SA 106 -59.73 92.61 -34.38
CA GLY SA 106 -60.46 93.84 -34.47
C GLY SA 106 -60.98 94.08 -35.88
N TYR SA 107 -62.05 94.86 -35.95
CA TYR SA 107 -62.63 95.28 -37.21
C TYR SA 107 -62.62 96.80 -37.26
N ASP SA 108 -62.01 97.35 -38.30
CA ASP SA 108 -62.00 98.79 -38.50
C ASP SA 108 -63.12 99.18 -39.45
N GLU SA 109 -63.64 100.40 -39.28
CA GLU SA 109 -64.63 100.91 -40.20
C GLU SA 109 -64.02 101.30 -41.54
N HIS SA 110 -62.74 101.65 -41.56
CA HIS SA 110 -62.05 102.02 -42.79
C HIS SA 110 -61.16 100.91 -43.33
N GLU SA 111 -60.42 100.25 -42.46
CA GLU SA 111 -59.46 99.23 -42.89
C GLU SA 111 -60.03 97.82 -42.85
N GLY SA 112 -61.27 97.66 -42.41
CA GLY SA 112 -61.89 96.36 -42.37
C GLY SA 112 -61.36 95.51 -41.22
N PRO SA 113 -61.34 94.20 -41.42
CA PRO SA 113 -60.92 93.30 -40.35
C PRO SA 113 -59.40 93.22 -40.25
N ALA SA 114 -58.94 92.82 -39.07
CA ALA SA 114 -57.51 92.73 -38.83
C ALA SA 114 -57.24 91.72 -37.72
N LEU SA 115 -56.06 91.10 -37.78
CA LEU SA 115 -55.61 90.12 -36.82
C LEU SA 115 -54.13 90.34 -36.56
N TYR SA 116 -53.72 90.30 -35.31
CA TYR SA 116 -52.34 90.54 -34.94
C TYR SA 116 -51.76 89.29 -34.26
N TYR SA 117 -50.59 89.44 -33.65
CA TYR SA 117 -49.95 88.37 -32.91
C TYR SA 117 -49.04 89.00 -31.87
N MET SA 118 -48.85 88.31 -30.75
CA MET SA 118 -48.00 88.80 -29.69
C MET SA 118 -47.33 87.64 -28.98
N ASP SA 119 -46.06 87.84 -28.65
CA ASP SA 119 -45.29 86.91 -27.83
C ASP SA 119 -45.14 87.55 -26.45
N TYR SA 120 -44.59 86.80 -25.49
CA TYR SA 120 -44.31 87.39 -24.19
C TYR SA 120 -43.05 88.25 -24.22
N LEU SA 121 -42.29 88.18 -25.29
CA LEU SA 121 -41.23 89.13 -25.55
C LEU SA 121 -41.72 90.34 -26.34
N ALA SA 122 -43.04 90.47 -26.53
CA ALA SA 122 -43.72 91.65 -27.08
C ALA SA 122 -43.26 91.95 -28.51
N ALA SA 123 -43.60 91.04 -29.41
CA ALA SA 123 -43.39 91.21 -30.84
C ALA SA 123 -44.72 91.19 -31.56
N LEU SA 124 -44.94 92.17 -32.44
CA LEU SA 124 -46.16 92.23 -33.23
C LEU SA 124 -46.00 91.52 -34.56
N ALA SA 125 -47.11 90.98 -35.06
CA ALA SA 125 -47.12 90.29 -36.34
C ALA SA 125 -48.53 90.31 -36.90
N LYS SA 126 -48.74 91.06 -37.99
CA LYS SA 126 -49.98 90.98 -38.74
C LYS SA 126 -50.06 89.62 -39.42
N ALA SA 127 -51.13 88.88 -39.18
CA ALA SA 127 -51.21 87.51 -39.65
C ALA SA 127 -52.59 87.20 -40.20
N PRO SA 128 -52.68 86.33 -41.22
CA PRO SA 128 -53.98 85.90 -41.72
C PRO SA 128 -54.60 84.73 -40.97
N PHE SA 129 -53.85 84.09 -40.06
CA PHE SA 129 -54.34 83.13 -39.08
C PHE SA 129 -53.23 82.88 -38.08
N ALA SA 130 -53.61 82.58 -36.84
CA ALA SA 130 -52.63 82.35 -35.80
C ALA SA 130 -53.22 81.43 -34.75
N ALA SA 131 -52.36 80.97 -33.84
CA ALA SA 131 -52.75 80.09 -32.76
C ALA SA 131 -51.71 80.17 -31.66
N HIS SA 132 -52.11 79.77 -30.45
CA HIS SA 132 -51.21 79.65 -29.32
C HIS SA 132 -51.37 78.27 -28.69
N GLY SA 133 -50.63 78.04 -27.61
CA GLY SA 133 -50.69 76.76 -26.93
C GLY SA 133 -49.99 75.65 -27.70
N TYR SA 134 -50.07 74.45 -27.14
CA TYR SA 134 -49.47 73.29 -27.78
C TYR SA 134 -50.28 72.77 -28.94
N GLY SA 135 -51.57 73.12 -29.02
CA GLY SA 135 -52.37 72.72 -30.15
C GLY SA 135 -52.02 73.41 -31.45
N ALA SA 136 -51.24 74.49 -31.39
CA ALA SA 136 -50.75 75.12 -32.61
C ALA SA 136 -49.81 74.22 -33.38
N PHE SA 137 -49.12 73.31 -32.69
CA PHE SA 137 -48.23 72.36 -33.35
C PHE SA 137 -48.99 71.28 -34.10
N LEU SA 138 -50.29 71.15 -33.88
CA LEU SA 138 -51.09 70.13 -34.55
C LEU SA 138 -52.20 70.70 -35.43
N THR SA 139 -52.33 72.01 -35.52
CA THR SA 139 -53.40 72.63 -36.29
C THR SA 139 -52.95 73.62 -37.33
N LEU SA 140 -51.71 74.10 -37.28
CA LEU SA 140 -51.24 75.03 -38.30
C LEU SA 140 -50.89 74.33 -39.61
N SER SA 141 -51.03 73.01 -39.69
CA SER SA 141 -50.93 72.33 -40.95
C SER SA 141 -52.27 72.26 -41.67
N ILE SA 142 -53.35 71.97 -40.93
CA ILE SA 142 -54.68 71.88 -41.52
C ILE SA 142 -55.15 73.25 -41.97
N LEU SA 143 -54.94 74.25 -41.12
CA LEU SA 143 -55.37 75.60 -41.44
C LEU SA 143 -54.51 76.23 -42.53
N ASP SA 144 -53.32 75.70 -42.74
CA ASP SA 144 -52.55 76.06 -43.93
C ASP SA 144 -53.00 75.27 -45.14
N ARG SA 145 -53.49 74.05 -44.91
CA ARG SA 145 -53.93 73.20 -46.01
C ARG SA 145 -55.20 73.72 -46.65
N TYR SA 146 -56.29 73.78 -45.88
CA TYR SA 146 -57.60 74.14 -46.41
C TYR SA 146 -57.88 75.62 -46.27
N TYR SA 147 -57.01 76.48 -46.76
CA TYR SA 147 -57.22 77.91 -46.62
C TYR SA 147 -57.40 78.55 -47.99
N THR SA 148 -58.24 79.58 -48.03
CA THR SA 148 -58.45 80.42 -49.17
C THR SA 148 -58.59 81.83 -48.64
N PRO SA 149 -57.93 82.82 -49.26
CA PRO SA 149 -58.11 84.20 -48.83
C PRO SA 149 -59.50 84.75 -49.07
N THR SA 150 -60.28 84.13 -49.96
CA THR SA 150 -61.65 84.54 -50.25
C THR SA 150 -62.65 83.53 -49.70
N ILE SA 151 -62.38 83.00 -48.52
CA ILE SA 151 -63.22 81.97 -47.94
C ILE SA 151 -64.48 82.61 -47.36
N SER SA 152 -65.57 81.85 -47.34
CA SER SA 152 -66.80 82.32 -46.74
C SER SA 152 -66.90 81.84 -45.30
N ARG SA 153 -67.74 82.51 -44.52
CA ARG SA 153 -67.84 82.21 -43.10
C ARG SA 153 -68.54 80.90 -42.82
N GLU SA 154 -69.34 80.40 -43.75
CA GLU SA 154 -69.94 79.08 -43.58
C GLU SA 154 -68.89 77.99 -43.78
N ARG SA 155 -67.97 78.21 -44.72
CA ARG SA 155 -66.84 77.30 -44.85
C ARG SA 155 -65.88 77.44 -43.68
N ALA SA 156 -65.80 78.64 -43.09
CA ALA SA 156 -64.82 78.88 -42.03
C ALA SA 156 -65.22 78.18 -40.74
N VAL SA 157 -66.52 78.10 -40.46
CA VAL SA 157 -66.98 77.30 -39.33
C VAL SA 157 -66.73 75.83 -39.60
N GLU SA 158 -66.99 75.39 -40.84
CA GLU SA 158 -66.69 74.01 -41.23
C GLU SA 158 -65.20 73.75 -41.22
N LEU SA 159 -64.38 74.74 -41.58
CA LEU SA 159 -62.93 74.63 -41.42
C LEU SA 159 -62.54 74.58 -39.95
N LEU SA 160 -63.30 75.26 -39.09
CA LEU SA 160 -63.04 75.18 -37.67
C LEU SA 160 -63.47 73.83 -37.10
N ARG SA 161 -64.45 73.17 -37.72
CA ARG SA 161 -64.77 71.80 -37.34
C ARG SA 161 -63.62 70.86 -37.66
N LYS SA 162 -62.97 71.06 -38.80
CA LYS SA 162 -61.84 70.22 -39.18
C LYS SA 162 -60.64 70.47 -38.28
N CYS SA 163 -60.47 71.71 -37.83
CA CYS SA 163 -59.39 72.06 -36.94
C CYS SA 163 -59.58 71.49 -35.54
N LEU SA 164 -60.82 71.25 -35.14
CA LEU SA 164 -61.13 70.86 -33.78
C LEU SA 164 -61.27 69.36 -33.61
N GLU SA 165 -61.61 68.63 -34.68
CA GLU SA 165 -61.69 67.19 -34.56
C GLU SA 165 -60.31 66.53 -34.49
N GLU SA 166 -59.28 67.20 -34.99
CA GLU SA 166 -57.91 66.71 -34.80
C GLU SA 166 -57.38 67.02 -33.43
N LEU SA 167 -58.04 67.87 -32.67
CA LEU SA 167 -57.62 68.14 -31.30
C LEU SA 167 -57.92 66.95 -30.40
N GLN SA 168 -59.17 66.47 -30.43
CA GLN SA 168 -59.56 65.33 -29.61
C GLN SA 168 -59.38 64.02 -30.37
N LYS SA 169 -58.23 63.87 -30.97
CA LYS SA 169 -57.79 62.62 -31.57
C LYS SA 169 -56.39 62.25 -31.13
N ARG SA 170 -55.49 63.23 -31.01
CA ARG SA 170 -54.08 62.99 -30.71
C ARG SA 170 -53.58 63.95 -29.66
N PHE SA 171 -54.33 64.10 -28.57
CA PHE SA 171 -53.86 64.90 -27.45
C PHE SA 171 -53.69 64.08 -26.19
N ILE SA 172 -52.90 64.66 -25.28
CA ILE SA 172 -52.83 64.22 -23.90
C ILE SA 172 -53.64 65.13 -22.99
N LEU SA 173 -54.53 65.94 -23.55
CA LEU SA 173 -55.37 66.86 -22.81
C LEU SA 173 -56.83 66.49 -23.02
N ASN SA 174 -57.71 67.16 -22.27
CA ASN SA 174 -59.13 66.86 -22.35
C ASN SA 174 -59.86 67.79 -23.32
N LEU SA 175 -59.91 69.09 -23.02
CA LEU SA 175 -60.49 70.20 -23.79
C LEU SA 175 -61.87 69.90 -24.39
N PRO SA 176 -62.93 69.79 -23.59
CA PRO SA 176 -64.22 69.38 -24.16
C PRO SA 176 -64.99 70.45 -24.93
N THR SA 177 -65.08 71.67 -24.41
CA THR SA 177 -66.02 72.68 -24.90
C THR SA 177 -65.27 73.94 -25.31
N PHE SA 178 -65.63 74.49 -26.46
CA PHE SA 178 -64.93 75.61 -27.08
C PHE SA 178 -65.91 76.72 -27.40
N SER SA 179 -65.62 77.93 -26.94
CA SER SA 179 -66.46 79.09 -27.19
C SER SA 179 -65.97 79.85 -28.43
N VAL SA 180 -66.92 80.38 -29.20
CA VAL SA 180 -66.66 80.96 -30.51
C VAL SA 180 -67.34 82.32 -30.61
N ARG SA 181 -66.60 83.34 -31.04
CA ARG SA 181 -67.18 84.63 -31.42
C ARG SA 181 -67.02 84.85 -32.92
N ILE SA 182 -67.59 85.95 -33.39
CA ILE SA 182 -67.43 86.41 -34.76
C ILE SA 182 -67.64 87.92 -34.78
N ILE SA 183 -66.79 88.62 -35.52
CA ILE SA 183 -66.80 90.08 -35.59
C ILE SA 183 -67.04 90.47 -37.04
N ASP SA 184 -67.94 91.43 -37.24
CA ASP SA 184 -68.29 91.87 -38.60
C ASP SA 184 -68.46 93.39 -38.58
N LYS SA 185 -69.12 93.91 -39.62
CA LYS SA 185 -69.47 95.33 -39.65
C LYS SA 185 -70.47 95.70 -38.57
N ASN SA 186 -71.25 94.74 -38.08
CA ASN SA 186 -72.24 95.01 -37.05
C ASN SA 186 -71.72 94.79 -35.64
N GLY SA 187 -70.44 94.45 -35.48
CA GLY SA 187 -69.88 94.33 -34.15
C GLY SA 187 -69.68 92.91 -33.69
N ILE SA 188 -69.85 92.67 -32.39
CA ILE SA 188 -69.56 91.39 -31.78
C ILE SA 188 -70.81 90.52 -31.85
N HIS SA 189 -70.67 89.32 -32.40
CA HIS SA 189 -71.74 88.34 -32.40
C HIS SA 189 -71.23 87.06 -31.77
N ASP SA 190 -72.05 86.47 -30.92
CA ASP SA 190 -71.70 85.25 -30.21
C ASP SA 190 -72.31 84.06 -30.92
N LEU SA 191 -71.46 83.19 -31.46
CA LEU SA 191 -71.92 81.93 -32.02
C LEU SA 191 -72.11 80.92 -30.89
N ASP SA 192 -72.59 79.73 -31.25
CA ASP SA 192 -72.91 78.73 -30.25
C ASP SA 192 -71.65 78.11 -29.67
N ASN SA 193 -71.80 77.51 -28.49
CA ASN SA 193 -70.71 76.87 -27.79
C ASN SA 193 -70.40 75.54 -28.46
N ILE SA 194 -69.24 75.44 -29.09
CA ILE SA 194 -68.84 74.21 -29.75
C ILE SA 194 -68.35 73.23 -28.69
N SER SA 195 -68.95 72.05 -28.67
CA SER SA 195 -68.66 71.06 -27.64
C SER SA 195 -68.53 69.70 -28.28
N PHE SA 196 -68.17 68.72 -27.46
CA PHE SA 196 -68.12 67.33 -27.86
C PHE SA 196 -68.73 66.49 -26.75
N PRO SA 197 -69.81 65.76 -27.03
CA PRO SA 197 -70.46 64.97 -25.98
C PRO SA 197 -69.59 63.81 -25.53
N LYS SA 198 -69.82 63.37 -24.29
CA LYS SA 198 -69.02 62.32 -23.68
C LYS SA 198 -69.61 60.92 -23.91
N GLN SA 199 -70.92 60.80 -23.88
CA GLN SA 199 -71.57 59.50 -24.06
C GLN SA 199 -72.06 59.33 -25.50
N THR TA 59 -55.08 68.70 5.69
CA THR TA 59 -55.87 69.88 5.36
C THR TA 59 -56.83 69.58 4.21
N THR TA 60 -58.13 69.70 4.47
CA THR TA 60 -59.13 69.45 3.45
C THR TA 60 -60.35 70.32 3.71
N THR TA 61 -60.64 71.22 2.78
CA THR TA 61 -61.85 72.03 2.83
C THR TA 61 -62.66 71.78 1.57
N LEU TA 62 -63.96 72.10 1.65
CA LEU TA 62 -64.80 72.09 0.46
C LEU TA 62 -65.92 73.11 0.66
N ALA TA 63 -66.49 73.53 -0.46
CA ALA TA 63 -67.60 74.46 -0.44
C ALA TA 63 -68.40 74.28 -1.73
N PHE TA 64 -69.72 74.32 -1.59
CA PHE TA 64 -70.59 74.23 -2.76
C PHE TA 64 -71.87 74.98 -2.48
N LYS TA 65 -72.43 75.56 -3.52
CA LYS TA 65 -73.69 76.27 -3.43
C LYS TA 65 -74.78 75.51 -4.16
N PHE TA 66 -76.00 75.69 -3.70
CA PHE TA 66 -77.16 75.00 -4.25
C PHE TA 66 -78.36 75.93 -4.07
N ARG TA 67 -79.57 75.35 -4.11
CA ARG TA 67 -80.80 76.12 -3.98
C ARG TA 67 -80.86 76.87 -2.65
N HIS TA 68 -80.60 76.18 -1.55
CA HIS TA 68 -80.65 76.82 -0.23
C HIS TA 68 -79.25 77.18 0.26
N GLY TA 69 -78.61 78.09 -0.46
CA GLY TA 69 -77.38 78.70 0.04
C GLY TA 69 -76.14 77.84 -0.18
N VAL TA 70 -75.15 78.08 0.66
CA VAL TA 70 -73.80 77.53 0.51
C VAL TA 70 -73.47 76.70 1.73
N ILE TA 71 -72.85 75.54 1.51
CA ILE TA 71 -72.37 74.67 2.59
C ILE TA 71 -70.85 74.67 2.57
N VAL TA 72 -70.25 74.94 3.73
CA VAL TA 72 -68.80 74.99 3.89
C VAL TA 72 -68.41 73.98 4.96
N ALA TA 73 -67.44 73.12 4.66
CA ALA TA 73 -66.96 72.13 5.61
C ALA TA 73 -65.44 72.04 5.55
N ALA TA 74 -64.83 71.66 6.68
CA ALA TA 74 -63.39 71.57 6.78
C ALA TA 74 -63.00 70.64 7.91
N ASP TA 75 -61.73 70.23 7.91
CA ASP TA 75 -61.17 69.44 8.99
C ASP TA 75 -60.56 70.37 10.05
N SER TA 76 -59.79 69.81 10.97
CA SER TA 76 -59.27 70.62 12.06
C SER TA 76 -57.82 70.28 12.45
N ARG TA 77 -57.11 69.54 11.61
CA ARG TA 77 -55.75 69.10 11.94
C ARG TA 77 -54.72 69.97 11.26
N ALA TA 78 -53.77 70.48 12.05
CA ALA TA 78 -52.61 71.20 11.52
C ALA TA 78 -51.36 70.49 11.97
N THR TA 79 -50.48 70.16 11.03
CA THR TA 79 -49.30 69.36 11.29
C THR TA 79 -48.04 70.22 11.17
N ALA TA 80 -46.90 69.59 11.41
CA ALA TA 80 -45.59 70.20 11.24
C ALA TA 80 -44.62 69.09 10.83
N GLY TA 81 -44.44 68.94 9.53
CA GLY TA 81 -43.66 67.83 9.00
C GLY TA 81 -44.38 66.52 9.18
N ALA TA 82 -43.82 65.64 10.00
CA ALA TA 82 -44.48 64.40 10.39
C ALA TA 82 -45.14 64.49 11.75
N TYR TA 83 -45.01 65.64 12.41
CA TYR TA 83 -45.53 65.86 13.75
C TYR TA 83 -46.83 66.64 13.68
N ILE TA 84 -47.80 66.24 14.48
CA ILE TA 84 -49.08 66.94 14.54
C ILE TA 84 -49.00 68.03 15.59
N ALA TA 85 -49.22 69.27 15.18
CA ALA TA 85 -49.21 70.38 16.12
C ALA TA 85 -50.45 70.36 17.01
N SER TA 86 -51.63 70.31 16.40
CA SER TA 86 -52.87 70.34 17.16
C SER TA 86 -53.96 69.59 16.41
N GLN TA 87 -55.06 69.35 17.10
CA GLN TA 87 -56.23 68.70 16.53
C GLN TA 87 -57.45 69.62 16.47
N THR TA 88 -57.39 70.80 17.07
CA THR TA 88 -58.57 71.64 17.21
C THR TA 88 -58.38 73.00 16.55
N VAL TA 89 -57.87 73.01 15.33
CA VAL TA 89 -57.66 74.26 14.60
C VAL TA 89 -58.93 74.62 13.86
N LYS TA 90 -59.45 75.82 14.13
CA LYS TA 90 -60.64 76.31 13.45
C LYS TA 90 -60.22 76.90 12.10
N LYS TA 91 -60.37 76.12 11.04
CA LYS TA 91 -59.83 76.52 9.76
C LYS TA 91 -60.76 77.46 8.99
N VAL TA 92 -62.06 77.45 9.29
CA VAL TA 92 -62.98 78.33 8.57
C VAL TA 92 -63.00 79.66 9.30
N ILE TA 93 -62.35 80.66 8.72
CA ILE TA 93 -62.18 81.95 9.37
C ILE TA 93 -63.44 82.78 9.18
N GLU TA 94 -64.06 83.18 10.29
CA GLU TA 94 -65.29 83.95 10.24
C GLU TA 94 -64.95 85.43 10.08
N ILE TA 95 -65.35 86.00 8.95
CA ILE TA 95 -65.01 87.38 8.62
C ILE TA 95 -66.09 88.34 9.11
N ASN TA 96 -67.33 88.09 8.73
CA ASN TA 96 -68.44 88.99 9.02
C ASN TA 96 -69.62 88.15 9.47
N PRO TA 97 -70.74 88.75 9.87
CA PRO TA 97 -72.00 88.00 9.95
C PRO TA 97 -72.56 87.60 8.59
N TYR TA 98 -71.92 87.96 7.48
CA TYR TA 98 -72.43 87.66 6.15
C TYR TA 98 -71.35 87.16 5.20
N LEU TA 99 -70.12 86.94 5.67
CA LEU TA 99 -69.05 86.41 4.84
C LEU TA 99 -68.26 85.38 5.63
N LEU TA 100 -67.69 84.42 4.92
CA LEU TA 100 -66.86 83.38 5.51
C LEU TA 100 -65.64 83.13 4.64
N GLY TA 101 -64.51 82.88 5.30
CA GLY TA 101 -63.29 82.56 4.60
C GLY TA 101 -62.67 81.29 5.16
N THR TA 102 -61.81 80.68 4.34
CA THR TA 102 -61.19 79.41 4.66
C THR TA 102 -59.70 79.59 4.91
N MET TA 103 -59.01 78.46 5.09
CA MET TA 103 -57.57 78.45 5.33
C MET TA 103 -56.96 77.35 4.49
N ALA TA 104 -55.81 77.63 3.90
CA ALA TA 104 -55.18 76.69 2.98
C ALA TA 104 -53.68 76.93 2.95
N GLY TA 105 -52.90 75.91 3.27
CA GLY TA 105 -51.46 76.02 3.24
C GLY TA 105 -50.88 76.80 4.41
N GLY TA 106 -50.43 78.02 4.16
CA GLY TA 106 -49.86 78.84 5.21
C GLY TA 106 -50.92 79.32 6.17
N ALA TA 107 -50.83 78.89 7.43
CA ALA TA 107 -51.87 79.23 8.40
C ALA TA 107 -51.81 80.70 8.78
N ALA TA 108 -50.62 81.23 9.04
CA ALA TA 108 -50.49 82.63 9.40
C ALA TA 108 -50.70 83.54 8.21
N ASP TA 109 -50.44 83.05 7.00
CA ASP TA 109 -50.71 83.84 5.81
C ASP TA 109 -52.22 83.99 5.58
N CYS TA 110 -52.97 82.90 5.74
CA CYS TA 110 -54.41 83.00 5.58
C CYS TA 110 -55.07 83.73 6.74
N SER TA 111 -54.47 83.66 7.94
CA SER TA 111 -55.06 84.32 9.09
C SER TA 111 -54.83 85.82 9.04
N PHE TA 112 -53.71 86.26 8.49
CA PHE TA 112 -53.41 87.68 8.46
C PHE TA 112 -54.24 88.41 7.43
N TRP TA 113 -54.18 87.96 6.17
CA TRP TA 113 -54.72 88.75 5.07
C TRP TA 113 -56.24 88.75 5.06
N GLU TA 114 -56.86 87.68 5.54
CA GLU TA 114 -58.31 87.70 5.67
C GLU TA 114 -58.75 88.58 6.82
N ARG TA 115 -57.93 88.68 7.86
CA ARG TA 115 -58.19 89.67 8.90
C ARG TA 115 -58.00 91.07 8.35
N LEU TA 116 -57.03 91.25 7.46
CA LEU TA 116 -56.84 92.54 6.82
C LEU TA 116 -57.96 92.82 5.81
N LEU TA 117 -58.51 91.77 5.20
CA LEU TA 117 -59.62 91.94 4.28
C LEU TA 117 -60.88 92.38 5.02
N ALA TA 118 -61.06 91.93 6.26
CA ALA TA 118 -62.21 92.36 7.05
C ALA TA 118 -62.11 93.82 7.45
N ARG TA 119 -60.88 94.35 7.50
CA ARG TA 119 -60.70 95.76 7.82
C ARG TA 119 -61.25 96.65 6.71
N GLN TA 120 -61.01 96.27 5.46
CA GLN TA 120 -61.46 97.11 4.35
C GLN TA 120 -62.97 97.00 4.15
N CYS TA 121 -63.54 95.83 4.43
CA CYS TA 121 -64.97 95.65 4.26
C CYS TA 121 -65.77 96.42 5.30
N ARG TA 122 -65.22 96.61 6.49
CA ARG TA 122 -65.91 97.36 7.51
C ARG TA 122 -65.91 98.85 7.20
N ILE TA 123 -64.77 99.36 6.71
CA ILE TA 123 -64.67 100.77 6.33
C ILE TA 123 -65.55 101.06 5.12
N TYR TA 124 -65.67 100.09 4.21
CA TYR TA 124 -66.52 100.22 3.04
C TYR TA 124 -67.99 100.35 3.44
N GLU TA 125 -68.39 99.65 4.50
CA GLU TA 125 -69.78 99.72 4.94
C GLU TA 125 -70.08 101.05 5.62
N LEU TA 126 -69.11 101.61 6.34
CA LEU TA 126 -69.34 102.86 7.02
C LEU TA 126 -69.40 104.03 6.04
N ARG TA 127 -68.69 103.93 4.92
CA ARG TA 127 -68.67 105.03 3.96
C ARG TA 127 -69.85 104.98 3.01
N ASN TA 128 -70.32 103.77 2.67
CA ASN TA 128 -71.32 103.60 1.63
C ASN TA 128 -72.69 103.21 2.16
N LYS TA 129 -72.80 102.95 3.47
CA LYS TA 129 -74.06 102.57 4.13
C LYS TA 129 -74.67 101.31 3.51
N GLU TA 130 -73.80 100.36 3.17
CA GLU TA 130 -74.21 99.17 2.45
C GLU TA 130 -73.17 98.09 2.66
N ARG TA 131 -73.61 96.85 2.84
CA ARG TA 131 -72.68 95.73 2.92
C ARG TA 131 -72.01 95.50 1.58
N ILE TA 132 -70.77 95.01 1.63
CA ILE TA 132 -70.00 94.81 0.43
C ILE TA 132 -70.48 93.55 -0.30
N SER TA 133 -70.24 93.49 -1.60
CA SER TA 133 -70.65 92.32 -2.36
C SER TA 133 -69.55 91.26 -2.35
N VAL TA 134 -69.93 90.04 -2.73
CA VAL TA 134 -69.03 88.91 -2.61
C VAL TA 134 -67.93 88.98 -3.66
N ALA TA 135 -68.27 89.41 -4.87
CA ALA TA 135 -67.26 89.59 -5.91
C ALA TA 135 -66.34 90.76 -5.62
N ALA TA 136 -66.78 91.71 -4.80
CA ALA TA 136 -65.93 92.84 -4.43
C ALA TA 136 -64.81 92.39 -3.49
N ALA TA 137 -65.16 91.59 -2.49
CA ALA TA 137 -64.18 91.19 -1.49
C ALA TA 137 -63.15 90.23 -2.07
N SER TA 138 -63.54 89.41 -3.04
CA SER TA 138 -62.58 88.55 -3.70
C SER TA 138 -61.63 89.34 -4.59
N LYS TA 139 -62.10 90.48 -5.11
CA LYS TA 139 -61.22 91.29 -5.96
C LYS TA 139 -60.20 92.04 -5.13
N LEU TA 140 -60.59 92.51 -3.94
CA LEU TA 140 -59.65 93.22 -3.08
C LEU TA 140 -58.57 92.29 -2.55
N LEU TA 141 -58.93 91.04 -2.29
CA LEU TA 141 -57.95 90.10 -1.76
C LEU TA 141 -56.96 89.68 -2.83
N ALA TA 142 -57.40 89.58 -4.08
CA ALA TA 142 -56.50 89.18 -5.16
C ALA TA 142 -55.47 90.27 -5.45
N ASN TA 143 -55.82 91.54 -5.26
CA ASN TA 143 -54.87 92.60 -5.55
C ASN TA 143 -53.84 92.75 -4.44
N MET TA 144 -54.19 92.43 -3.20
CA MET TA 144 -53.23 92.57 -2.11
C MET TA 144 -52.17 91.48 -2.16
N VAL TA 145 -52.58 90.27 -2.53
CA VAL TA 145 -51.63 89.15 -2.54
C VAL TA 145 -50.73 89.22 -3.76
N TYR TA 146 -51.19 89.88 -4.84
CA TYR TA 146 -50.40 89.95 -6.07
C TYR TA 146 -49.16 90.81 -5.90
N GLN TA 147 -49.18 91.75 -4.96
CA GLN TA 147 -48.02 92.61 -4.75
C GLN TA 147 -46.84 91.87 -4.14
N TYR TA 148 -47.08 90.71 -3.54
CA TYR TA 148 -46.02 89.88 -2.98
C TYR TA 148 -45.84 88.61 -3.79
N LYS TA 149 -46.06 88.69 -5.10
CA LYS TA 149 -45.94 87.52 -5.95
C LYS TA 149 -44.48 87.14 -6.12
N GLY TA 150 -44.19 85.84 -5.99
CA GLY TA 150 -42.84 85.35 -6.11
C GLY TA 150 -42.03 85.40 -4.83
N MET TA 151 -42.57 85.99 -3.77
CA MET TA 151 -41.87 86.04 -2.49
C MET TA 151 -42.22 84.87 -1.58
N GLY TA 152 -43.05 83.95 -2.03
CA GLY TA 152 -43.32 82.76 -1.26
C GLY TA 152 -44.43 82.88 -0.24
N LEU TA 153 -45.63 83.23 -0.69
CA LEU TA 153 -46.82 83.17 0.15
C LEU TA 153 -47.62 81.92 -0.19
N SER TA 154 -48.16 81.29 0.84
CA SER TA 154 -48.97 80.10 0.70
C SER TA 154 -50.40 80.45 1.11
N MET TA 155 -51.29 80.56 0.12
CA MET TA 155 -52.66 80.99 0.40
C MET TA 155 -53.54 80.53 -0.75
N GLY TA 156 -54.50 79.66 -0.46
CA GLY TA 156 -55.40 79.15 -1.48
C GLY TA 156 -56.85 79.18 -1.05
N THR TA 157 -57.25 80.24 -0.35
CA THR TA 157 -58.50 80.27 0.37
C THR TA 157 -59.71 80.43 -0.55
N MET TA 158 -60.90 80.41 0.05
CA MET TA 158 -62.16 80.58 -0.64
C MET TA 158 -62.96 81.67 0.06
N ILE TA 159 -63.85 82.30 -0.69
CA ILE TA 159 -64.71 83.37 -0.18
C ILE TA 159 -66.15 82.95 -0.38
N CYS TA 160 -66.94 83.02 0.69
CA CYS TA 160 -68.34 82.59 0.66
C CYS TA 160 -69.21 83.68 1.27
N GLY TA 161 -70.43 83.78 0.77
CA GLY TA 161 -71.37 84.72 1.34
C GLY TA 161 -72.57 84.98 0.46
N TRP TA 162 -73.63 85.54 1.05
CA TRP TA 162 -74.81 85.91 0.29
C TRP TA 162 -74.64 87.31 -0.28
N ASP TA 163 -75.20 87.52 -1.47
CA ASP TA 163 -75.07 88.78 -2.17
C ASP TA 163 -76.45 89.18 -2.68
N LYS TA 164 -76.55 90.42 -3.20
CA LYS TA 164 -77.77 90.86 -3.86
C LYS TA 164 -78.03 90.09 -5.15
N ARG TA 165 -76.99 89.52 -5.76
CA ARG TA 165 -77.13 88.65 -6.92
C ARG TA 165 -77.27 87.18 -6.53
N GLY TA 166 -77.57 86.90 -5.26
CA GLY TA 166 -77.79 85.54 -4.83
C GLY TA 166 -76.64 84.99 -4.00
N PRO TA 167 -76.38 83.70 -4.12
CA PRO TA 167 -75.22 83.11 -3.46
C PRO TA 167 -73.93 83.60 -4.09
N GLY TA 168 -72.85 83.49 -3.33
CA GLY TA 168 -71.56 83.90 -3.82
C GLY TA 168 -70.46 82.94 -3.44
N LEU TA 169 -69.70 82.48 -4.43
CA LEU TA 169 -68.62 81.54 -4.18
C LEU TA 169 -67.48 81.84 -5.13
N TYR TA 170 -66.33 82.22 -4.58
CA TYR TA 170 -65.14 82.53 -5.37
C TYR TA 170 -63.96 81.78 -4.80
N TYR TA 171 -62.83 81.86 -5.50
CA TYR TA 171 -61.66 81.07 -5.14
C TYR TA 171 -60.41 81.89 -5.43
N VAL TA 172 -59.67 82.23 -4.39
CA VAL TA 172 -58.50 83.09 -4.50
C VAL TA 172 -57.26 82.28 -4.14
N ASP TA 173 -56.27 82.31 -5.01
CA ASP TA 173 -54.96 81.71 -4.75
C ASP TA 173 -53.93 82.77 -4.44
N SER TA 174 -52.77 82.31 -3.97
CA SER TA 174 -51.59 83.15 -3.89
C SER TA 174 -50.90 83.30 -5.24
N GLU TA 175 -51.37 82.60 -6.26
CA GLU TA 175 -50.86 82.71 -7.62
C GLU TA 175 -51.68 83.63 -8.48
N GLY TA 176 -52.51 84.49 -7.89
CA GLY TA 176 -53.32 85.42 -8.65
C GLY TA 176 -54.56 84.83 -9.28
N ASN TA 177 -54.89 83.59 -8.98
CA ASN TA 177 -56.09 82.98 -9.53
C ASN TA 177 -57.33 83.54 -8.83
N ARG TA 178 -58.34 83.89 -9.61
CA ARG TA 178 -59.61 84.37 -9.07
C ARG TA 178 -60.70 83.86 -10.01
N ILE TA 179 -61.34 82.77 -9.61
CA ILE TA 179 -62.38 82.16 -10.43
C ILE TA 179 -63.64 81.99 -9.60
N SER TA 180 -64.78 82.08 -10.27
CA SER TA 180 -66.05 81.72 -9.67
C SER TA 180 -66.32 80.25 -9.92
N GLY TA 181 -67.48 79.78 -9.50
CA GLY TA 181 -67.85 78.40 -9.74
C GLY TA 181 -68.94 77.95 -8.79
N ALA TA 182 -69.25 76.66 -8.89
CA ALA TA 182 -70.30 76.04 -8.09
C ALA TA 182 -69.76 75.14 -6.99
N THR TA 183 -68.75 74.33 -7.28
CA THR TA 183 -68.16 73.43 -6.29
C THR TA 183 -66.65 73.64 -6.27
N PHE TA 184 -66.06 73.56 -5.09
CA PHE TA 184 -64.62 73.64 -4.94
C PHE TA 184 -64.16 72.73 -3.82
N SER TA 185 -62.87 72.40 -3.84
CA SER TA 185 -62.26 71.61 -2.78
C SER TA 185 -60.79 71.95 -2.72
N VAL TA 186 -60.32 72.42 -1.56
CA VAL TA 186 -58.97 72.94 -1.41
C VAL TA 186 -58.26 72.14 -0.34
N GLY TA 187 -57.00 71.80 -0.59
CA GLY TA 187 -56.18 71.17 0.43
C GLY TA 187 -55.27 70.09 -0.11
N SER TA 188 -54.47 69.49 0.78
CA SER TA 188 -53.65 68.36 0.37
C SER TA 188 -54.49 67.13 0.12
N GLY TA 189 -55.62 66.99 0.82
CA GLY TA 189 -56.54 65.92 0.58
C GLY TA 189 -57.77 66.39 -0.14
N SER TA 190 -57.60 67.39 -1.00
CA SER TA 190 -58.74 67.94 -1.75
C SER TA 190 -59.21 66.98 -2.83
N VAL TA 191 -58.29 66.24 -3.45
CA VAL TA 191 -58.64 65.37 -4.57
C VAL TA 191 -59.48 64.19 -4.12
N TYR TA 192 -59.42 63.83 -2.84
CA TYR TA 192 -60.27 62.79 -2.30
C TYR TA 192 -61.68 63.30 -2.05
N ALA TA 193 -61.86 64.62 -2.03
CA ALA TA 193 -63.17 65.19 -1.80
C ALA TA 193 -63.92 65.50 -3.08
N TYR TA 194 -63.22 65.67 -4.21
CA TYR TA 194 -63.91 65.95 -5.47
C TYR TA 194 -64.73 64.76 -5.93
N GLY TA 195 -64.22 63.55 -5.72
CA GLY TA 195 -64.85 62.39 -6.32
C GLY TA 195 -66.14 61.98 -5.63
N VAL TA 196 -66.12 61.98 -4.29
CA VAL TA 196 -67.31 61.58 -3.56
C VAL TA 196 -68.38 62.67 -3.60
N MET TA 197 -67.96 63.92 -3.75
CA MET TA 197 -68.93 65.01 -3.78
C MET TA 197 -69.63 65.09 -5.14
N ASP TA 198 -68.87 64.96 -6.23
CA ASP TA 198 -69.46 65.08 -7.55
C ASP TA 198 -70.37 63.90 -7.88
N ARG TA 199 -70.14 62.77 -7.23
CA ARG TA 199 -71.05 61.64 -7.38
C ARG TA 199 -72.38 61.92 -6.69
N GLY TA 200 -72.35 62.70 -5.62
CA GLY TA 200 -73.56 62.95 -4.85
C GLY TA 200 -74.13 64.35 -5.02
N TYR TA 201 -73.48 65.20 -5.79
CA TYR TA 201 -73.93 66.57 -5.91
C TYR TA 201 -75.13 66.69 -6.85
N SER TA 202 -76.08 67.52 -6.45
CA SER TA 202 -77.12 68.01 -7.33
C SER TA 202 -77.45 69.43 -6.91
N TYR TA 203 -78.00 70.21 -7.84
CA TYR TA 203 -78.40 71.56 -7.46
C TYR TA 203 -79.67 71.53 -6.63
N ASP TA 204 -80.55 70.57 -6.88
CA ASP TA 204 -81.82 70.47 -6.18
C ASP TA 204 -81.70 69.43 -5.09
N LEU TA 205 -81.06 69.82 -4.00
CA LEU TA 205 -80.93 68.98 -2.82
C LEU TA 205 -81.69 69.60 -1.66
N GLU TA 206 -81.91 68.81 -0.63
CA GLU TA 206 -82.54 69.29 0.59
C GLU TA 206 -81.47 69.74 1.58
N VAL TA 207 -81.94 70.34 2.67
CA VAL TA 207 -81.02 70.88 3.67
C VAL TA 207 -80.38 69.75 4.46
N GLU TA 208 -81.19 68.77 4.88
CA GLU TA 208 -80.64 67.61 5.57
C GLU TA 208 -79.84 66.71 4.64
N GLN TA 209 -80.16 66.73 3.34
CA GLN TA 209 -79.39 65.96 2.38
C GLN TA 209 -78.03 66.58 2.14
N ALA TA 210 -77.97 67.91 2.04
CA ALA TA 210 -76.70 68.58 1.77
C ALA TA 210 -75.78 68.55 2.97
N TYR TA 211 -76.33 68.41 4.18
CA TYR TA 211 -75.49 68.26 5.36
C TYR TA 211 -74.74 66.93 5.33
N ASP TA 212 -75.45 65.85 5.04
CA ASP TA 212 -74.85 64.53 5.09
C ASP TA 212 -73.92 64.26 3.91
N LEU TA 213 -74.10 64.96 2.80
CA LEU TA 213 -73.16 64.82 1.68
C LEU TA 213 -71.82 65.44 2.04
N ALA TA 214 -71.82 66.65 2.56
CA ALA TA 214 -70.57 67.33 2.90
C ALA TA 214 -69.93 66.72 4.14
N ARG TA 215 -70.72 66.06 4.98
CA ARG TA 215 -70.15 65.48 6.20
C ARG TA 215 -69.36 64.22 5.89
N ARG TA 216 -69.90 63.36 5.02
CA ARG TA 216 -69.17 62.15 4.68
C ARG TA 216 -68.00 62.43 3.75
N ALA TA 217 -68.11 63.49 2.94
CA ALA TA 217 -67.05 63.82 1.99
C ALA TA 217 -65.78 64.23 2.70
N ILE TA 218 -65.89 64.94 3.83
CA ILE TA 218 -64.72 65.22 4.66
C ILE TA 218 -64.22 63.95 5.32
N TYR TA 219 -65.13 63.05 5.69
CA TYR TA 219 -64.74 61.80 6.34
C TYR TA 219 -63.97 60.88 5.40
N GLN TA 220 -64.35 60.85 4.13
CA GLN TA 220 -63.63 60.01 3.17
C GLN TA 220 -62.27 60.60 2.84
N ALA TA 221 -62.10 61.91 3.01
CA ALA TA 221 -60.82 62.52 2.73
C ALA TA 221 -59.82 62.23 3.84
N THR TA 222 -60.23 62.44 5.10
CA THR TA 222 -59.35 62.20 6.23
C THR TA 222 -59.03 60.73 6.43
N TYR TA 223 -59.90 59.84 5.95
CA TYR TA 223 -59.64 58.42 6.06
C TYR TA 223 -58.53 58.00 5.12
N ARG TA 224 -58.47 58.60 3.93
CA ARG TA 224 -57.41 58.29 2.97
C ARG TA 224 -56.15 59.10 3.25
N ASP TA 225 -56.29 60.40 3.44
CA ASP TA 225 -55.13 61.27 3.62
C ASP TA 225 -54.55 61.11 5.02
N ALA TA 226 -53.24 61.36 5.12
CA ALA TA 226 -52.56 61.33 6.41
C ALA TA 226 -52.58 62.68 7.10
N TYR TA 227 -52.46 63.77 6.34
CA TYR TA 227 -52.41 65.08 6.95
C TYR TA 227 -53.76 65.64 7.33
N SER TA 228 -54.85 65.06 6.80
CA SER TA 228 -56.18 65.51 7.15
C SER TA 228 -56.76 64.64 8.26
N GLY TA 229 -57.48 65.26 9.17
CA GLY TA 229 -58.06 64.54 10.29
C GLY TA 229 -58.61 65.51 11.32
N GLY TA 230 -58.98 64.94 12.46
CA GLY TA 230 -59.44 65.76 13.57
C GLY TA 230 -60.92 65.75 13.81
N ALA TA 231 -61.58 66.86 13.49
CA ALA TA 231 -63.01 66.98 13.63
C ALA TA 231 -63.57 67.69 12.41
N VAL TA 232 -64.86 67.53 12.19
CA VAL TA 232 -65.52 68.03 10.99
C VAL TA 232 -66.40 69.21 11.39
N ASN TA 233 -66.00 70.40 11.00
CA ASN TA 233 -66.82 71.59 11.19
C ASN TA 233 -67.71 71.79 9.97
N LEU TA 234 -68.90 72.34 10.20
CA LEU TA 234 -69.91 72.44 9.15
C LEU TA 234 -70.69 73.73 9.34
N TYR TA 235 -70.63 74.61 8.33
CA TYR TA 235 -71.35 75.88 8.35
C TYR TA 235 -72.35 75.93 7.21
N HIS TA 236 -73.39 76.73 7.39
CA HIS TA 236 -74.41 76.93 6.36
C HIS TA 236 -74.58 78.42 6.15
N VAL TA 237 -74.34 78.88 4.93
CA VAL TA 237 -74.57 80.26 4.55
C VAL TA 237 -75.99 80.38 4.02
N ARG TA 238 -76.79 81.22 4.67
CA ARG TA 238 -78.15 81.46 4.25
C ARG TA 238 -78.28 82.90 3.76
N GLU TA 239 -79.51 83.31 3.44
CA GLU TA 239 -79.73 84.64 2.90
C GLU TA 239 -79.56 85.71 3.97
N ASP TA 240 -80.08 85.45 5.17
CA ASP TA 240 -79.89 86.40 6.27
C ASP TA 240 -78.45 86.44 6.75
N GLY TA 241 -77.73 85.34 6.61
CA GLY TA 241 -76.38 85.24 7.11
C GLY TA 241 -76.01 83.80 7.35
N TRP TA 242 -74.76 83.61 7.74
CA TRP TA 242 -74.30 82.26 7.98
C TRP TA 242 -74.76 81.76 9.35
N ILE TA 243 -74.73 80.44 9.50
CA ILE TA 243 -75.14 79.79 10.75
C ILE TA 243 -74.31 78.53 10.91
N ARG TA 244 -73.78 78.33 12.12
CA ARG TA 244 -73.04 77.11 12.42
C ARG TA 244 -74.00 75.93 12.53
N VAL TA 245 -73.68 74.83 11.86
CA VAL TA 245 -74.55 73.67 11.89
C VAL TA 245 -74.14 72.75 13.03
N SER TA 246 -72.93 72.21 12.96
CA SER TA 246 -72.48 71.23 13.94
C SER TA 246 -70.96 71.14 13.88
N SER TA 247 -70.41 70.33 14.78
CA SER TA 247 -68.97 70.05 14.80
C SER TA 247 -68.81 68.62 15.29
N ASP TA 248 -68.52 67.70 14.38
CA ASP TA 248 -68.52 66.28 14.68
C ASP TA 248 -67.11 65.72 14.68
N ASN TA 249 -66.88 64.72 15.52
CA ASN TA 249 -65.60 64.06 15.57
C ASN TA 249 -65.54 62.95 14.51
N VAL TA 250 -64.33 62.72 13.99
CA VAL TA 250 -64.16 61.68 12.98
C VAL TA 250 -64.30 60.30 13.59
N ALA TA 251 -63.86 60.15 14.84
CA ALA TA 251 -63.98 58.87 15.53
C ALA TA 251 -65.43 58.51 15.82
N ASP TA 252 -66.30 59.51 15.96
CA ASP TA 252 -67.72 59.24 16.13
C ASP TA 252 -68.39 58.92 14.79
N LEU TA 253 -67.94 59.54 13.71
CA LEU TA 253 -68.50 59.25 12.40
C LEU TA 253 -68.09 57.88 11.92
N HIS TA 254 -66.95 57.36 12.39
CA HIS TA 254 -66.49 56.05 11.96
C HIS TA 254 -67.42 54.95 12.43
N GLU TA 255 -67.99 55.09 13.63
CA GLU TA 255 -68.98 54.16 14.11
C GLU TA 255 -70.32 54.33 13.43
N LYS TA 256 -70.59 55.52 12.89
CA LYS TA 256 -71.86 55.76 12.22
C LYS TA 256 -71.87 55.14 10.83
N TYR TA 257 -70.80 55.33 10.07
CA TYR TA 257 -70.75 54.81 8.72
C TYR TA 257 -70.15 53.41 8.65
N SER TA 258 -69.92 52.76 9.80
CA SER TA 258 -69.49 51.38 9.79
C SER TA 258 -70.67 50.45 9.47
N GLY TA 259 -71.82 50.69 10.08
CA GLY TA 259 -73.00 49.90 9.84
C GLY TA 259 -73.87 50.47 8.74
N ARG UA 28 -20.18 80.74 5.67
CA ARG UA 28 -20.53 82.16 5.75
C ARG UA 28 -21.10 82.49 7.12
N PHE UA 29 -21.56 83.72 7.27
CA PHE UA 29 -22.21 84.16 8.50
C PHE UA 29 -23.65 83.66 8.50
N SER UA 30 -23.92 82.62 9.26
CA SER UA 30 -25.30 82.19 9.44
C SER UA 30 -25.90 82.89 10.64
N PRO UA 31 -27.06 83.53 10.52
CA PRO UA 31 -27.57 84.38 11.59
C PRO UA 31 -28.36 83.66 12.67
N TYR UA 32 -28.58 82.36 12.53
CA TYR UA 32 -29.42 81.61 13.45
C TYR UA 32 -28.60 80.53 14.15
N VAL UA 33 -29.04 80.18 15.37
CA VAL UA 33 -28.48 79.06 16.13
C VAL UA 33 -29.55 78.63 17.13
N PHE UA 34 -29.52 77.35 17.48
CA PHE UA 34 -30.48 76.80 18.43
C PHE UA 34 -29.88 76.78 19.83
N ASN UA 35 -30.69 77.13 20.82
CA ASN UA 35 -30.22 77.23 22.20
C ASN UA 35 -30.87 76.21 23.13
N GLY UA 36 -32.14 75.89 22.94
CA GLY UA 36 -32.78 74.91 23.77
C GLY UA 36 -33.85 75.47 24.67
N GLY UA 37 -34.13 74.79 25.77
CA GLY UA 37 -35.18 75.19 26.67
C GLY UA 37 -36.51 74.52 26.35
N THR UA 38 -37.36 74.43 27.37
CA THR UA 38 -38.65 73.78 27.23
C THR UA 38 -39.65 74.50 28.11
N ILE UA 39 -40.78 74.89 27.53
CA ILE UA 39 -41.78 75.71 28.21
C ILE UA 39 -43.06 74.90 28.31
N LEU UA 40 -43.74 74.99 29.46
CA LEU UA 40 -44.98 74.29 29.69
C LEU UA 40 -46.00 75.24 30.30
N ALA UA 41 -47.24 75.19 29.81
CA ALA UA 41 -48.32 75.98 30.38
C ALA UA 41 -49.57 75.13 30.50
N ILE UA 42 -50.33 75.36 31.58
CA ILE UA 42 -51.58 74.67 31.84
C ILE UA 42 -52.63 75.70 32.24
N ALA UA 43 -53.73 75.75 31.50
CA ALA UA 43 -54.84 76.61 31.85
C ALA UA 43 -55.70 75.93 32.90
N GLY UA 44 -55.70 76.46 34.12
CA GLY UA 44 -56.53 75.96 35.18
C GLY UA 44 -57.94 76.53 35.10
N GLU UA 45 -58.74 76.17 36.10
CA GLU UA 45 -60.08 76.73 36.18
C GLU UA 45 -60.04 78.17 36.64
N ASP UA 46 -59.19 78.49 37.60
CA ASP UA 46 -59.03 79.86 38.06
C ASP UA 46 -57.55 80.19 38.26
N PHE UA 47 -56.67 79.53 37.53
CA PHE UA 47 -55.25 79.72 37.71
C PHE UA 47 -54.54 79.42 36.40
N ALA UA 48 -53.23 79.64 36.40
CA ALA UA 48 -52.39 79.37 35.25
C ALA UA 48 -51.00 79.07 35.74
N ILE UA 49 -50.44 77.95 35.29
CA ILE UA 49 -49.13 77.50 35.72
C ILE UA 49 -48.20 77.54 34.52
N VAL UA 50 -47.09 78.24 34.64
CA VAL UA 50 -46.08 78.32 33.60
C VAL UA 50 -44.76 77.82 34.16
N ALA UA 51 -44.15 76.85 33.48
CA ALA UA 51 -42.93 76.22 33.94
C ALA UA 51 -41.89 76.19 32.83
N SER UA 52 -40.62 76.25 33.23
CA SER UA 52 -39.51 76.22 32.28
C SER UA 52 -38.25 75.79 33.01
N ASP UA 53 -37.28 75.31 32.24
CA ASP UA 53 -35.97 74.97 32.77
C ASP UA 53 -35.05 76.19 32.72
N THR UA 54 -33.82 76.01 33.19
CA THR UA 54 -32.87 77.11 33.31
C THR UA 54 -31.56 76.88 32.56
N ARG UA 55 -31.48 75.84 31.73
CA ARG UA 55 -30.26 75.58 30.99
C ARG UA 55 -30.21 76.41 29.72
N LEU UA 56 -29.09 77.07 29.48
CA LEU UA 56 -28.83 77.78 28.23
C LEU UA 56 -27.60 77.13 27.60
N SER UA 57 -27.81 76.32 26.58
CA SER UA 57 -26.76 75.58 25.92
C SER UA 57 -26.59 76.06 24.49
N GLU UA 58 -25.46 75.67 23.89
CA GLU UA 58 -25.20 75.97 22.48
C GLU UA 58 -24.23 74.93 21.95
N GLY UA 59 -24.63 74.23 20.90
CA GLY UA 59 -23.82 73.17 20.35
C GLY UA 59 -23.76 71.98 21.29
N PHE UA 60 -22.57 71.71 21.84
CA PHE UA 60 -22.38 70.64 22.81
C PHE UA 60 -21.96 71.17 24.17
N SER UA 61 -22.05 72.47 24.39
CA SER UA 61 -21.51 73.09 25.58
C SER UA 61 -22.61 73.79 26.36
N ILE UA 62 -22.31 74.10 27.61
CA ILE UA 62 -23.24 74.77 28.51
C ILE UA 62 -22.72 76.16 28.77
N HIS UA 63 -23.54 77.17 28.45
CA HIS UA 63 -23.19 78.52 28.83
C HIS UA 63 -23.45 78.76 30.30
N THR UA 64 -24.67 78.45 30.76
CA THR UA 64 -25.02 78.67 32.14
C THR UA 64 -26.07 77.65 32.56
N ARG UA 65 -26.29 77.58 33.87
CA ARG UA 65 -27.31 76.71 34.44
C ARG UA 65 -28.41 77.51 35.12
N ASP UA 66 -28.41 78.84 34.97
CA ASP UA 66 -29.39 79.72 35.58
C ASP UA 66 -29.86 80.69 34.50
N SER UA 67 -30.93 80.33 33.81
CA SER UA 67 -31.51 81.17 32.77
C SER UA 67 -32.98 80.83 32.63
N PRO UA 68 -33.83 81.44 33.46
CA PRO UA 68 -35.26 81.14 33.39
C PRO UA 68 -35.90 81.77 32.15
N LYS UA 69 -37.00 81.16 31.72
CA LYS UA 69 -37.74 81.63 30.56
C LYS UA 69 -39.05 82.30 30.95
N CYS UA 70 -39.31 82.45 32.24
CA CYS UA 70 -40.52 83.12 32.70
C CYS UA 70 -40.31 84.62 32.70
N TYR UA 71 -41.36 85.35 32.33
CA TYR UA 71 -41.31 86.82 32.30
C TYR UA 71 -42.66 87.34 32.76
N LYS UA 72 -42.69 88.02 33.90
CA LYS UA 72 -43.92 88.61 34.40
C LYS UA 72 -44.21 89.89 33.62
N LEU UA 73 -45.17 89.82 32.69
CA LEU UA 73 -45.53 91.00 31.92
C LEU UA 73 -46.41 91.93 32.75
N THR UA 74 -47.56 91.46 33.16
CA THR UA 74 -48.45 92.16 34.07
C THR UA 74 -48.59 91.34 35.33
N ASP UA 75 -49.52 91.74 36.19
CA ASP UA 75 -49.84 90.95 37.37
C ASP UA 75 -50.63 89.69 37.04
N LYS UA 76 -51.13 89.56 35.81
CA LYS UA 76 -51.96 88.41 35.44
C LYS UA 76 -51.50 87.77 34.14
N THR UA 77 -50.26 88.00 33.72
CA THR UA 77 -49.80 87.47 32.44
C THR UA 77 -48.31 87.16 32.50
N VAL UA 78 -47.95 85.92 32.18
CA VAL UA 78 -46.57 85.47 32.13
C VAL UA 78 -46.33 84.87 30.74
N ILE UA 79 -45.24 85.28 30.10
CA ILE UA 79 -44.89 84.79 28.78
C ILE UA 79 -43.65 83.92 28.89
N GLY UA 80 -43.55 82.93 28.01
CA GLY UA 80 -42.35 82.12 27.86
C GLY UA 80 -41.82 82.23 26.46
N CYS UA 81 -40.50 82.25 26.33
CA CYS UA 81 -39.83 82.42 25.04
C CYS UA 81 -38.72 81.41 24.92
N SER UA 82 -38.77 80.59 23.87
CA SER UA 82 -37.74 79.60 23.60
C SER UA 82 -37.12 79.87 22.23
N GLY UA 83 -36.19 78.99 21.83
CA GLY UA 83 -35.58 79.11 20.53
C GLY UA 83 -34.27 79.89 20.56
N PHE UA 84 -34.08 80.74 19.56
CA PHE UA 84 -32.86 81.54 19.49
C PHE UA 84 -32.88 82.64 20.54
N HIS UA 85 -31.86 82.65 21.40
CA HIS UA 85 -31.90 83.47 22.61
C HIS UA 85 -31.71 84.94 22.30
N GLY UA 86 -31.02 85.28 21.21
CA GLY UA 86 -30.85 86.67 20.85
C GLY UA 86 -32.15 87.32 20.41
N ASP UA 87 -33.04 86.55 19.78
CA ASP UA 87 -34.35 87.07 19.47
C ASP UA 87 -35.26 87.10 20.68
N CYS UA 88 -35.00 86.23 21.66
CA CYS UA 88 -35.81 86.22 22.88
C CYS UA 88 -35.58 87.47 23.72
N LEU UA 89 -34.35 87.96 23.76
CA LEU UA 89 -34.06 89.17 24.51
C LEU UA 89 -34.61 90.40 23.79
N THR UA 90 -34.61 90.38 22.46
CA THR UA 90 -35.13 91.50 21.70
C THR UA 90 -36.65 91.56 21.79
N LEU UA 91 -37.32 90.43 21.58
CA LEU UA 91 -38.77 90.41 21.52
C LEU UA 91 -39.41 90.70 22.88
N THR UA 92 -38.70 90.39 23.96
CA THR UA 92 -39.20 90.71 25.30
C THR UA 92 -39.24 92.21 25.51
N LYS UA 93 -38.18 92.91 25.10
CA LYS UA 93 -38.09 94.34 25.35
C LYS UA 93 -39.01 95.15 24.45
N ILE UA 94 -39.43 94.60 23.31
CA ILE UA 94 -40.40 95.28 22.46
C ILE UA 94 -41.77 95.28 23.11
N ILE UA 95 -42.15 94.16 23.73
CA ILE UA 95 -43.47 94.03 24.35
C ILE UA 95 -43.56 94.92 25.59
N GLU UA 96 -42.46 95.03 26.34
CA GLU UA 96 -42.46 95.84 27.55
C GLU UA 96 -42.61 97.32 27.25
N ALA UA 97 -42.16 97.76 26.07
CA ALA UA 97 -42.39 99.14 25.67
C ALA UA 97 -43.83 99.37 25.30
N ARG UA 98 -44.43 98.45 24.55
CA ARG UA 98 -45.79 98.64 24.06
C ARG UA 98 -46.84 98.47 25.14
N LEU UA 99 -46.50 97.80 26.25
CA LEU UA 99 -47.38 97.83 27.41
C LEU UA 99 -47.48 99.23 28.00
N LYS UA 100 -46.34 99.92 28.08
CA LYS UA 100 -46.35 101.29 28.59
C LYS UA 100 -46.98 102.24 27.61
N MET UA 101 -46.81 102.00 26.30
CA MET UA 101 -47.44 102.84 25.30
C MET UA 101 -48.95 102.67 25.28
N TYR UA 102 -49.43 101.48 25.64
CA TYR UA 102 -50.86 101.27 25.79
C TYR UA 102 -51.41 102.08 26.97
N LYS UA 103 -50.69 102.06 28.09
CA LYS UA 103 -51.23 102.59 29.33
C LYS UA 103 -51.26 104.12 29.32
N HIS UA 104 -50.23 104.75 28.75
CA HIS UA 104 -50.24 106.19 28.63
C HIS UA 104 -51.22 106.68 27.58
N SER UA 105 -51.71 105.80 26.71
CA SER UA 105 -52.68 106.17 25.69
C SER UA 105 -54.10 105.77 26.03
N ASN UA 106 -54.31 104.86 26.97
CA ASN UA 106 -55.64 104.32 27.22
C ASN UA 106 -56.01 104.28 28.69
N ASN UA 107 -55.10 104.64 29.60
CA ASN UA 107 -55.33 104.77 31.05
C ASN UA 107 -55.76 103.45 31.68
N LYS UA 108 -55.25 102.34 31.16
CA LYS UA 108 -55.58 101.02 31.67
C LYS UA 108 -54.48 100.06 31.22
N ALA UA 109 -54.56 98.83 31.68
CA ALA UA 109 -53.62 97.79 31.30
C ALA UA 109 -54.26 96.87 30.25
N MET UA 110 -53.40 96.14 29.54
CA MET UA 110 -53.90 95.22 28.54
C MET UA 110 -54.47 93.97 29.19
N THR UA 111 -55.36 93.31 28.46
CA THR UA 111 -55.89 92.03 28.91
C THR UA 111 -54.95 90.93 28.44
N THR UA 112 -55.35 89.68 28.68
CA THR UA 112 -54.53 88.56 28.21
C THR UA 112 -54.69 88.38 26.71
N GLY UA 113 -55.94 88.43 26.22
CA GLY UA 113 -56.17 88.25 24.80
C GLY UA 113 -55.70 89.41 23.95
N ALA UA 114 -55.63 90.61 24.54
CA ALA UA 114 -55.15 91.76 23.79
C ALA UA 114 -53.67 91.67 23.51
N ILE UA 115 -52.91 91.09 24.45
CA ILE UA 115 -51.48 90.90 24.24
C ILE UA 115 -51.23 89.86 23.17
N ALA UA 116 -52.03 88.79 23.15
CA ALA UA 116 -51.91 87.76 22.13
C ALA UA 116 -52.30 88.30 20.76
N ALA UA 117 -53.25 89.22 20.70
CA ALA UA 117 -53.60 89.83 19.42
C ALA UA 117 -52.52 90.80 18.97
N MET UA 118 -51.86 91.47 19.92
CA MET UA 118 -50.81 92.41 19.55
C MET UA 118 -49.55 91.68 19.10
N LEU UA 119 -49.25 90.55 19.75
CA LEU UA 119 -48.03 89.81 19.45
C LEU UA 119 -48.06 89.19 18.06
N SER UA 120 -49.26 88.85 17.57
CA SER UA 120 -49.39 88.23 16.25
C SER UA 120 -49.00 89.20 15.14
N THR UA 121 -49.30 90.48 15.32
CA THR UA 121 -48.90 91.46 14.32
C THR UA 121 -47.42 91.76 14.40
N ILE UA 122 -46.82 91.63 15.59
CA ILE UA 122 -45.39 91.87 15.74
C ILE UA 122 -44.59 90.75 15.09
N LEU UA 123 -45.04 89.51 15.28
CA LEU UA 123 -44.36 88.37 14.66
C LEU UA 123 -44.51 88.37 13.15
N TYR UA 124 -45.64 88.85 12.64
CA TYR UA 124 -45.81 88.91 11.20
C TYR UA 124 -45.06 90.07 10.58
N SER UA 125 -44.71 91.09 11.39
CA SER UA 125 -44.08 92.29 10.87
C SER UA 125 -42.68 92.04 10.32
N ARG UA 126 -42.08 90.90 10.65
CA ARG UA 126 -40.80 90.51 10.07
C ARG UA 126 -40.99 89.21 9.32
N ARG UA 127 -42.02 89.16 8.45
CA ARG UA 127 -42.42 87.93 7.77
C ARG UA 127 -41.30 87.35 6.91
N PHE UA 128 -40.51 88.21 6.28
CA PHE UA 128 -39.48 87.74 5.38
C PHE UA 128 -38.08 87.79 5.99
N PHE UA 129 -37.99 88.06 7.30
CA PHE UA 129 -36.79 87.76 8.08
C PHE UA 129 -37.25 87.43 9.48
N PRO UA 130 -37.66 86.20 9.72
CA PRO UA 130 -38.46 85.89 10.91
C PRO UA 130 -37.62 85.76 12.16
N TYR UA 131 -38.30 85.94 13.29
CA TYR UA 131 -37.77 85.48 14.55
C TYR UA 131 -37.76 83.96 14.56
N TYR UA 132 -36.88 83.39 15.37
CA TYR UA 132 -36.87 81.96 15.60
C TYR UA 132 -37.15 81.79 17.08
N VAL UA 133 -38.44 81.87 17.43
CA VAL UA 133 -38.92 81.97 18.80
C VAL UA 133 -40.26 81.27 18.89
N TYR UA 134 -40.39 80.32 19.81
CA TYR UA 134 -41.68 79.71 20.13
C TYR UA 134 -42.22 80.36 21.38
N ASN UA 135 -43.44 80.86 21.30
CA ASN UA 135 -44.05 81.67 22.36
C ASN UA 135 -45.28 81.00 22.93
N ILE UA 136 -45.40 81.06 24.24
CA ILE UA 136 -46.60 80.63 24.96
C ILE UA 136 -46.96 81.71 25.96
N ILE UA 137 -48.19 82.20 25.89
CA ILE UA 137 -48.70 83.17 26.85
C ILE UA 137 -49.74 82.49 27.71
N GLY UA 138 -49.53 82.49 29.01
CA GLY UA 138 -50.52 82.02 29.95
C GLY UA 138 -50.95 83.13 30.88
N GLY UA 139 -52.08 82.96 31.54
CA GLY UA 139 -52.56 83.95 32.48
C GLY UA 139 -54.08 83.94 32.54
N LEU UA 140 -54.59 84.78 33.42
CA LEU UA 140 -56.03 84.85 33.65
C LEU UA 140 -56.68 85.77 32.62
N ASP UA 141 -57.95 85.48 32.35
CA ASP UA 141 -58.75 86.32 31.46
C ASP UA 141 -59.42 87.42 32.29
N GLU UA 142 -60.40 88.09 31.71
CA GLU UA 142 -61.17 89.10 32.43
C GLU UA 142 -62.31 88.51 33.24
N GLU UA 143 -62.35 87.19 33.41
CA GLU UA 143 -63.32 86.52 34.26
C GLU UA 143 -62.66 85.63 35.31
N GLY UA 144 -61.33 85.65 35.40
CA GLY UA 144 -60.63 84.83 36.36
C GLY UA 144 -60.54 83.37 35.99
N LYS UA 145 -60.31 83.08 34.71
CA LYS UA 145 -60.14 81.71 34.24
C LYS UA 145 -58.82 81.60 33.50
N GLY UA 146 -58.25 80.40 33.52
CA GLY UA 146 -56.96 80.20 32.89
C GLY UA 146 -57.06 80.21 31.38
N ALA UA 147 -56.20 80.98 30.74
CA ALA UA 147 -56.13 81.06 29.28
C ALA UA 147 -54.69 80.84 28.84
N VAL UA 148 -54.52 79.94 27.88
CA VAL UA 148 -53.20 79.63 27.33
C VAL UA 148 -53.25 79.84 25.83
N TYR UA 149 -52.37 80.70 25.33
CA TYR UA 149 -52.26 80.99 23.91
C TYR UA 149 -50.91 80.51 23.41
N SER UA 150 -50.93 79.58 22.46
CA SER UA 150 -49.70 79.12 21.83
C SER UA 150 -49.44 79.93 20.56
N PHE UA 151 -48.20 79.87 20.09
CA PHE UA 151 -47.79 80.68 18.95
C PHE UA 151 -46.89 79.87 18.03
N ASP UA 152 -46.49 80.50 16.94
CA ASP UA 152 -45.55 79.95 15.97
C ASP UA 152 -44.60 81.08 15.58
N PRO UA 153 -43.45 80.77 14.97
CA PRO UA 153 -42.51 81.84 14.60
C PRO UA 153 -42.99 82.78 13.49
N VAL UA 154 -44.19 82.63 12.94
CA VAL UA 154 -44.68 83.56 11.93
C VAL UA 154 -45.91 84.33 12.37
N GLY UA 155 -46.72 83.85 13.29
CA GLY UA 155 -47.76 84.70 13.84
C GLY UA 155 -49.12 84.09 14.11
N SER UA 156 -49.33 82.83 13.77
CA SER UA 156 -50.64 82.23 14.03
C SER UA 156 -50.76 81.81 15.49
N TYR UA 157 -51.99 81.84 15.99
CA TYR UA 157 -52.20 81.52 17.40
C TYR UA 157 -53.60 80.98 17.61
N GLN UA 158 -53.79 80.33 18.74
CA GLN UA 158 -55.08 79.83 19.16
C GLN UA 158 -55.08 79.67 20.67
N ARG UA 159 -56.27 79.51 21.23
CA ARG UA 159 -56.44 79.33 22.66
C ARG UA 159 -56.59 77.85 22.97
N ASP UA 160 -55.77 77.34 23.87
CA ASP UA 160 -55.75 75.93 24.23
C ASP UA 160 -55.80 75.78 25.73
N SER UA 161 -55.98 74.54 26.17
CA SER UA 161 -56.00 74.23 27.60
C SER UA 161 -54.61 73.96 28.16
N PHE UA 162 -53.71 73.43 27.32
CA PHE UA 162 -52.35 73.13 27.72
C PHE UA 162 -51.51 72.99 26.46
N LYS UA 163 -50.32 73.57 26.49
CA LYS UA 163 -49.35 73.40 25.41
C LYS UA 163 -47.95 73.26 26.02
N ALA UA 164 -47.08 72.63 25.27
CA ALA UA 164 -45.68 72.48 25.65
C ALA UA 164 -44.84 72.83 24.44
N GLY UA 165 -43.91 73.77 24.61
CA GLY UA 165 -43.07 74.22 23.53
C GLY UA 165 -41.61 74.13 23.89
N GLY UA 166 -40.78 74.08 22.86
CA GLY UA 166 -39.35 73.99 23.04
C GLY UA 166 -38.75 72.74 22.44
N SER UA 167 -37.61 72.31 22.98
CA SER UA 167 -36.92 71.15 22.43
C SER UA 167 -37.62 69.85 22.82
N ALA UA 168 -38.11 69.76 24.05
CA ALA UA 168 -38.76 68.56 24.56
C ALA UA 168 -40.27 68.63 24.40
N SER UA 169 -40.75 69.30 23.36
CA SER UA 169 -42.19 69.50 23.19
C SER UA 169 -42.89 68.21 22.79
N ALA UA 170 -42.21 67.34 22.05
CA ALA UA 170 -42.82 66.09 21.62
C ALA UA 170 -42.91 65.06 22.72
N MET UA 171 -42.11 65.18 23.77
CA MET UA 171 -42.13 64.24 24.88
C MET UA 171 -43.11 64.62 25.96
N LEU UA 172 -43.82 65.74 25.81
CA LEU UA 172 -44.70 66.24 26.85
C LEU UA 172 -46.13 66.41 26.42
N GLN UA 173 -46.38 66.64 25.13
CA GLN UA 173 -47.76 66.75 24.64
C GLN UA 173 -48.60 65.48 24.81
N PRO UA 174 -48.17 64.26 24.41
CA PRO UA 174 -49.12 63.13 24.50
C PRO UA 174 -49.40 62.67 25.91
N LEU UA 175 -48.55 63.00 26.87
CA LEU UA 175 -48.79 62.56 28.24
C LEU UA 175 -49.88 63.38 28.90
N LEU UA 176 -49.89 64.69 28.65
CA LEU UA 176 -50.96 65.52 29.18
C LEU UA 176 -52.28 65.30 28.45
N ASP UA 177 -52.23 64.70 27.25
CA ASP UA 177 -53.46 64.24 26.62
C ASP UA 177 -54.09 63.10 27.41
N ASN UA 178 -53.27 62.25 28.01
CA ASN UA 178 -53.80 61.16 28.82
C ASN UA 178 -54.27 61.67 30.17
N GLN UA 179 -53.46 62.50 30.82
CA GLN UA 179 -53.76 62.91 32.19
C GLN UA 179 -54.77 64.06 32.21
N VAL UA 180 -54.43 65.17 31.57
CA VAL UA 180 -55.30 66.34 31.63
C VAL UA 180 -56.44 66.20 30.63
N GLY UA 181 -56.15 65.72 29.42
CA GLY UA 181 -57.17 65.62 28.40
C GLY UA 181 -58.11 64.45 28.57
N PHE UA 182 -57.70 63.43 29.33
CA PHE UA 182 -58.47 62.20 29.57
C PHE UA 182 -58.85 61.49 28.28
N LYS UA 183 -57.91 61.43 27.35
CA LYS UA 183 -58.17 60.78 26.07
C LYS UA 183 -57.70 59.34 26.11
N ASN UA 184 -58.31 58.53 25.25
CA ASN UA 184 -57.97 57.11 25.02
C ASN UA 184 -58.11 56.26 26.28
N MET UA 185 -59.03 56.63 27.17
CA MET UA 185 -59.31 55.82 28.36
C MET UA 185 -60.79 55.48 28.41
N GLN UA 186 -61.09 54.22 28.68
CA GLN UA 186 -62.46 53.76 28.80
C GLN UA 186 -62.90 53.86 30.25
N ASN UA 187 -64.12 54.39 30.46
CA ASN UA 187 -64.79 54.52 31.75
C ASN UA 187 -64.00 55.40 32.72
N VAL UA 188 -63.25 56.36 32.20
CA VAL UA 188 -62.52 57.32 33.00
C VAL UA 188 -63.38 58.56 33.13
N GLU UA 189 -63.63 58.98 34.37
CA GLU UA 189 -64.43 60.17 34.62
C GLU UA 189 -63.65 61.43 34.25
N HIS UA 190 -64.38 62.55 34.19
CA HIS UA 190 -63.79 63.84 33.85
C HIS UA 190 -63.91 64.74 35.08
N VAL UA 191 -62.93 64.62 35.97
CA VAL UA 191 -62.81 65.50 37.12
C VAL UA 191 -62.02 66.72 36.67
N PRO UA 192 -62.36 67.93 37.08
CA PRO UA 192 -61.51 69.08 36.77
C PRO UA 192 -60.19 68.99 37.53
N LEU UA 193 -59.13 69.44 36.86
CA LEU UA 193 -57.81 69.41 37.47
C LEU UA 193 -57.73 70.46 38.58
N SER UA 194 -57.40 70.01 39.78
CA SER UA 194 -57.27 70.91 40.91
C SER UA 194 -55.90 71.60 40.85
N LEU UA 195 -55.62 72.46 41.83
CA LEU UA 195 -54.33 73.13 41.84
C LEU UA 195 -53.22 72.19 42.30
N ASP UA 196 -53.47 71.42 43.36
CA ASP UA 196 -52.44 70.57 43.92
C ASP UA 196 -52.14 69.37 43.02
N ARG UA 197 -53.16 68.86 42.33
CA ARG UA 197 -52.92 67.78 41.39
C ARG UA 197 -52.13 68.26 40.19
N ALA UA 198 -52.35 69.51 39.78
CA ALA UA 198 -51.59 70.06 38.66
C ALA UA 198 -50.14 70.32 39.02
N MET UA 199 -49.84 70.53 40.31
CA MET UA 199 -48.47 70.78 40.71
C MET UA 199 -47.60 69.53 40.57
N ARG UA 200 -48.12 68.39 40.98
CA ARG UA 200 -47.34 67.16 40.84
C ARG UA 200 -47.33 66.63 39.42
N LEU UA 201 -48.28 67.05 38.58
CA LEU UA 201 -48.20 66.71 37.17
C LEU UA 201 -47.05 67.45 36.49
N VAL UA 202 -46.81 68.69 36.89
CA VAL UA 202 -45.69 69.44 36.30
C VAL UA 202 -44.36 68.91 36.80
N LYS UA 203 -44.29 68.55 38.08
CA LYS UA 203 -43.04 68.08 38.65
C LYS UA 203 -42.64 66.70 38.15
N ASP UA 204 -43.59 65.91 37.64
CA ASP UA 204 -43.25 64.58 37.18
C ASP UA 204 -42.79 64.57 35.72
N VAL UA 205 -43.36 65.45 34.89
CA VAL UA 205 -43.06 65.38 33.47
C VAL UA 205 -41.67 65.92 33.16
N PHE UA 206 -41.16 66.86 33.95
CA PHE UA 206 -39.82 67.37 33.70
C PHE UA 206 -38.74 66.43 34.24
N ILE UA 207 -39.08 65.54 35.16
CA ILE UA 207 -38.14 64.49 35.54
C ILE UA 207 -37.96 63.51 34.40
N SER UA 208 -39.07 63.10 33.78
CA SER UA 208 -39.01 62.17 32.66
C SER UA 208 -38.43 62.83 31.41
N ALA UA 209 -38.61 64.15 31.27
CA ALA UA 209 -38.03 64.84 30.13
C ALA UA 209 -36.52 65.00 30.29
N ALA UA 210 -36.04 65.18 31.52
CA ALA UA 210 -34.62 65.34 31.76
C ALA UA 210 -33.85 64.04 31.55
N GLU UA 211 -34.53 62.89 31.59
CA GLU UA 211 -33.86 61.62 31.40
C GLU UA 211 -33.51 61.41 29.92
N ARG UA 212 -34.39 61.84 29.02
CA ARG UA 212 -34.23 61.54 27.60
C ARG UA 212 -33.75 62.73 26.79
N ASP UA 213 -34.11 63.95 27.16
CA ASP UA 213 -33.59 65.11 26.47
C ASP UA 213 -32.24 65.50 27.05
N VAL UA 214 -31.35 65.97 26.19
CA VAL UA 214 -30.08 66.51 26.64
C VAL UA 214 -30.16 68.00 26.90
N TYR UA 215 -31.20 68.68 26.45
CA TYR UA 215 -31.33 70.11 26.66
C TYR UA 215 -32.03 70.46 27.96
N THR UA 216 -32.76 69.52 28.56
CA THR UA 216 -33.48 69.81 29.79
C THR UA 216 -32.50 69.89 30.95
N GLY UA 217 -32.54 71.01 31.66
CA GLY UA 217 -31.48 71.38 32.59
C GLY UA 217 -31.77 70.98 34.02
N ASP UA 218 -31.50 71.90 34.93
CA ASP UA 218 -31.41 71.58 36.35
C ASP UA 218 -32.51 72.20 37.18
N ALA UA 219 -32.68 73.51 37.13
CA ALA UA 219 -33.67 74.18 37.95
C ALA UA 219 -34.96 74.35 37.16
N LEU UA 220 -36.07 74.07 37.81
CA LEU UA 220 -37.39 74.15 37.19
C LEU UA 220 -38.13 75.32 37.81
N ARG UA 221 -38.09 76.46 37.15
CA ARG UA 221 -38.83 77.63 37.60
C ARG UA 221 -40.30 77.45 37.27
N ILE UA 222 -41.16 77.53 38.29
CA ILE UA 222 -42.59 77.35 38.12
C ILE UA 222 -43.28 78.60 38.61
N CYS UA 223 -44.02 79.25 37.73
CA CYS UA 223 -44.79 80.44 38.08
C CYS UA 223 -46.27 80.09 38.09
N ILE UA 224 -46.96 80.50 39.16
CA ILE UA 224 -48.38 80.22 39.35
C ILE UA 224 -49.11 81.55 39.40
N VAL UA 225 -49.98 81.78 38.42
CA VAL UA 225 -50.76 83.01 38.35
C VAL UA 225 -52.14 82.71 38.87
N THR UA 226 -52.48 83.30 40.01
CA THR UA 226 -53.80 83.21 40.59
C THR UA 226 -54.46 84.58 40.55
N LYS UA 227 -55.63 84.68 41.18
CA LYS UA 227 -56.34 85.95 41.29
C LYS UA 227 -55.81 86.82 42.42
N GLU UA 228 -54.67 86.48 43.00
CA GLU UA 228 -54.13 87.19 44.15
C GLU UA 228 -52.66 87.58 43.97
N GLY UA 229 -52.04 87.19 42.86
CA GLY UA 229 -50.64 87.49 42.62
C GLY UA 229 -49.99 86.37 41.85
N ILE UA 230 -48.67 86.45 41.75
CA ILE UA 230 -47.87 85.46 41.04
C ILE UA 230 -46.88 84.85 42.01
N ARG UA 231 -46.91 83.54 42.17
CA ARG UA 231 -45.99 82.82 43.03
C ARG UA 231 -44.96 82.10 42.18
N GLU UA 232 -43.70 82.14 42.61
CA GLU UA 232 -42.63 81.42 41.93
C GLU UA 232 -42.14 80.28 42.81
N GLU UA 233 -41.57 79.27 42.16
CA GLU UA 233 -41.09 78.08 42.85
C GLU UA 233 -40.05 77.40 41.97
N THR UA 234 -38.97 76.94 42.60
CA THR UA 234 -37.85 76.33 41.90
C THR UA 234 -37.61 74.93 42.43
N VAL UA 235 -37.58 73.95 41.53
CA VAL UA 235 -37.36 72.55 41.85
C VAL UA 235 -36.15 72.07 41.06
N SER UA 236 -35.24 71.36 41.72
CA SER UA 236 -34.02 70.92 41.06
C SER UA 236 -34.25 69.63 40.27
N LEU UA 237 -33.39 69.42 39.28
CA LEU UA 237 -33.38 68.18 38.49
C LEU UA 237 -31.96 67.62 38.45
N ARG UA 238 -31.72 66.60 37.63
CA ARG UA 238 -30.40 65.99 37.55
C ARG UA 238 -29.46 66.89 36.73
N LYS UA 239 -28.19 66.87 37.12
CA LYS UA 239 -27.23 67.89 36.68
C LYS UA 239 -26.34 67.43 35.53
N ASP UA 240 -26.65 66.29 34.91
CA ASP UA 240 -25.80 65.78 33.84
C ASP UA 240 -25.88 66.60 32.55
N THR VA 45 -18.63 92.64 8.53
CA THR VA 45 -17.42 91.84 8.39
C THR VA 45 -17.75 90.41 8.02
N GLN VA 46 -17.26 89.96 6.88
CA GLN VA 46 -17.46 88.59 6.43
C GLN VA 46 -16.26 87.69 6.69
N ASN VA 47 -15.06 88.25 6.74
CA ASN VA 47 -13.86 87.46 6.91
C ASN VA 47 -12.94 88.11 7.94
N PRO VA 48 -12.72 87.48 9.10
CA PRO VA 48 -11.80 88.04 10.09
C PRO VA 48 -10.35 87.87 9.64
N MET VA 49 -9.64 88.99 9.51
CA MET VA 49 -8.25 88.92 9.06
C MET VA 49 -7.31 88.65 10.23
N VAL VA 50 -7.23 89.57 11.18
CA VAL VA 50 -6.33 89.45 12.33
C VAL VA 50 -7.18 89.16 13.55
N THR VA 51 -6.97 87.99 14.14
CA THR VA 51 -7.85 87.50 15.18
C THR VA 51 -7.14 87.42 16.53
N GLY VA 52 -7.93 87.48 17.59
CA GLY VA 52 -7.47 87.18 18.92
C GLY VA 52 -7.76 85.74 19.28
N THR VA 53 -7.82 85.49 20.58
CA THR VA 53 -8.07 84.14 21.09
C THR VA 53 -8.76 84.26 22.44
N SER VA 54 -8.69 83.17 23.23
CA SER VA 54 -9.50 83.01 24.43
C SER VA 54 -9.25 84.08 25.49
N VAL VA 55 -10.33 84.49 26.14
CA VAL VA 55 -10.29 85.49 27.21
C VAL VA 55 -10.99 84.89 28.42
N LEU VA 56 -10.36 84.98 29.59
CA LEU VA 56 -10.91 84.42 30.82
C LEU VA 56 -11.38 85.51 31.75
N GLY VA 57 -12.27 85.13 32.66
CA GLY VA 57 -12.78 86.04 33.67
C GLY VA 57 -13.53 85.33 34.76
N VAL VA 58 -13.37 85.77 36.01
CA VAL VA 58 -14.01 85.13 37.15
C VAL VA 58 -14.18 86.17 38.25
N LYS VA 59 -15.28 86.07 38.98
CA LYS VA 59 -15.54 86.94 40.12
C LYS VA 59 -14.75 86.48 41.34
N PHE VA 60 -14.60 87.40 42.29
CA PHE VA 60 -14.13 87.04 43.61
C PHE VA 60 -14.81 87.97 44.61
N GLU VA 61 -14.34 87.94 45.85
CA GLU VA 61 -14.92 88.77 46.91
C GLU VA 61 -14.53 90.23 46.68
N GLY VA 62 -15.46 91.02 46.16
CA GLY VA 62 -15.22 92.43 45.97
C GLY VA 62 -14.36 92.74 44.76
N GLY VA 63 -14.71 92.18 43.61
CA GLY VA 63 -13.98 92.49 42.39
C GLY VA 63 -14.06 91.36 41.40
N VAL VA 64 -13.65 91.68 40.18
CA VAL VA 64 -13.62 90.75 39.05
C VAL VA 64 -12.23 90.81 38.44
N VAL VA 65 -11.63 89.65 38.18
CA VAL VA 65 -10.33 89.56 37.53
C VAL VA 65 -10.51 88.98 36.13
N ILE VA 66 -9.85 89.59 35.14
CA ILE VA 66 -9.93 89.21 33.74
C ILE VA 66 -8.53 89.15 33.17
N ALA VA 67 -8.19 88.05 32.49
CA ALA VA 67 -6.89 87.89 31.86
C ALA VA 67 -7.03 87.46 30.42
N ALA VA 68 -6.09 87.91 29.60
CA ALA VA 68 -6.01 87.52 28.20
C ALA VA 68 -4.57 87.70 27.76
N ASP VA 69 -4.23 87.10 26.62
CA ASP VA 69 -2.85 87.15 26.15
C ASP VA 69 -2.65 88.35 25.23
N MET VA 70 -1.48 88.42 24.59
CA MET VA 70 -1.04 89.61 23.87
C MET VA 70 -0.61 89.26 22.46
N LEU VA 71 -1.38 88.41 21.79
CA LEU VA 71 -1.00 87.93 20.45
C LEU VA 71 -2.12 88.22 19.47
N GLY VA 72 -1.76 88.78 18.32
CA GLY VA 72 -2.67 88.84 17.19
C GLY VA 72 -2.20 87.94 16.07
N SER VA 73 -3.07 87.07 15.58
CA SER VA 73 -2.70 86.06 14.60
C SER VA 73 -3.43 86.29 13.28
N TYR VA 74 -2.74 85.99 12.19
CA TYR VA 74 -3.28 86.03 10.84
C TYR VA 74 -3.23 84.60 10.31
N GLY VA 75 -4.30 83.85 10.53
CA GLY VA 75 -4.27 82.44 10.19
C GLY VA 75 -3.37 81.67 11.15
N SER VA 76 -2.51 80.84 10.59
CA SER VA 76 -1.53 80.14 11.41
C SER VA 76 -0.35 81.02 11.79
N LEU VA 77 -0.21 82.17 11.14
CA LEU VA 77 0.92 83.07 11.40
C LEU VA 77 0.67 83.88 12.67
N ALA VA 78 1.64 83.85 13.58
CA ALA VA 78 1.64 84.73 14.74
C ALA VA 78 2.34 86.01 14.33
N ARG VA 79 1.57 86.93 13.76
CA ARG VA 79 2.17 88.09 13.11
C ARG VA 79 2.51 89.19 14.11
N PHE VA 80 1.57 89.57 14.96
CA PHE VA 80 1.74 90.70 15.87
C PHE VA 80 1.92 90.15 17.28
N ARG VA 81 3.18 90.09 17.73
CA ARG VA 81 3.47 89.46 19.01
C ARG VA 81 3.16 90.34 20.21
N ASN VA 82 2.86 91.63 19.99
CA ASN VA 82 2.74 92.57 21.12
C ASN VA 82 1.58 93.52 20.83
N ILE VA 83 0.38 93.15 21.28
CA ILE VA 83 -0.79 94.01 21.23
C ILE VA 83 -1.52 93.88 22.56
N SER VA 84 -2.39 94.85 22.83
CA SER VA 84 -3.22 94.83 24.03
C SER VA 84 -4.65 94.51 23.63
N ARG VA 85 -5.27 93.59 24.37
CA ARG VA 85 -6.63 93.15 24.07
C ARG VA 85 -7.59 93.47 25.20
N ILE VA 86 -7.22 94.33 26.13
CA ILE VA 86 -8.06 94.71 27.26
C ILE VA 86 -8.15 96.23 27.29
N MET VA 87 -9.37 96.75 27.27
CA MET VA 87 -9.61 98.18 27.38
C MET VA 87 -10.08 98.51 28.78
N ARG VA 88 -9.47 99.52 29.39
CA ARG VA 88 -9.85 99.96 30.73
C ARG VA 88 -10.89 101.07 30.59
N VAL VA 89 -12.16 100.70 30.68
CA VAL VA 89 -13.22 101.68 30.79
C VAL VA 89 -13.12 102.32 32.18
N ASN VA 90 -13.73 103.50 32.34
CA ASN VA 90 -13.33 104.58 33.22
C ASN VA 90 -12.85 104.26 34.64
N ASN VA 91 -13.71 103.76 35.51
CA ASN VA 91 -13.28 103.49 36.88
C ASN VA 91 -13.76 102.18 37.46
N SER VA 92 -14.90 101.65 37.03
CA SER VA 92 -15.49 100.51 37.70
C SER VA 92 -15.77 99.35 36.77
N THR VA 93 -15.66 99.53 35.46
CA THR VA 93 -15.95 98.49 34.49
C THR VA 93 -14.78 98.35 33.54
N MET VA 94 -14.81 97.29 32.74
CA MET VA 94 -13.59 96.79 32.10
C MET VA 94 -13.98 95.80 31.01
N LEU VA 95 -13.21 95.80 29.92
CA LEU VA 95 -13.61 95.09 28.72
C LEU VA 95 -12.44 94.30 28.13
N GLY VA 96 -12.68 93.03 27.80
CA GLY VA 96 -11.77 92.27 26.98
C GLY VA 96 -12.56 91.59 25.87
N ALA VA 97 -11.85 91.21 24.81
CA ALA VA 97 -12.54 90.72 23.64
C ALA VA 97 -11.69 89.72 22.87
N SER VA 98 -12.36 88.90 22.09
CA SER VA 98 -11.78 87.96 21.15
C SER VA 98 -12.26 88.30 19.75
N GLY VA 99 -11.93 87.44 18.79
CA GLY VA 99 -12.39 87.64 17.44
C GLY VA 99 -11.52 88.63 16.69
N ASP VA 100 -12.13 89.31 15.71
CA ASP VA 100 -11.40 90.23 14.86
C ASP VA 100 -10.93 91.45 15.63
N TYR VA 101 -9.68 91.83 15.41
CA TYR VA 101 -9.07 92.89 16.18
C TYR VA 101 -9.34 94.27 15.58
N ALA VA 102 -9.55 94.34 14.26
CA ALA VA 102 -9.87 95.62 13.64
C ALA VA 102 -11.26 96.09 14.04
N ASP VA 103 -12.18 95.17 14.27
CA ASP VA 103 -13.48 95.55 14.84
C ASP VA 103 -13.35 95.97 16.30
N PHE VA 104 -12.36 95.41 17.00
CA PHE VA 104 -12.16 95.78 18.41
C PHE VA 104 -11.65 97.20 18.55
N GLN VA 105 -10.82 97.66 17.61
CA GLN VA 105 -10.39 99.06 17.63
C GLN VA 105 -11.53 100.00 17.31
N TYR VA 106 -12.54 99.52 16.58
CA TYR VA 106 -13.70 100.35 16.30
C TYR VA 106 -14.54 100.56 17.54
N LEU VA 107 -14.79 99.48 18.30
CA LEU VA 107 -15.57 99.61 19.52
C LEU VA 107 -14.78 100.29 20.62
N LYS VA 108 -13.45 100.19 20.57
CA LYS VA 108 -12.60 100.97 21.47
C LYS VA 108 -12.74 102.47 21.19
N GLN VA 109 -12.98 102.83 19.93
CA GLN VA 109 -13.15 104.22 19.56
C GLN VA 109 -14.51 104.74 19.99
N VAL VA 110 -15.55 103.93 19.86
CA VAL VA 110 -16.91 104.39 20.12
C VAL VA 110 -17.18 104.47 21.62
N LEU VA 111 -16.82 103.41 22.35
CA LEU VA 111 -17.01 103.41 23.80
C LEU VA 111 -16.15 104.44 24.50
N GLY VA 112 -14.97 104.71 23.95
CA GLY VA 112 -14.13 105.76 24.52
C GLY VA 112 -14.75 107.14 24.40
N GLN VA 113 -15.53 107.37 23.36
CA GLN VA 113 -16.16 108.68 23.18
C GLN VA 113 -17.34 108.86 24.14
N MET VA 114 -18.13 107.80 24.33
CA MET VA 114 -19.36 107.90 25.14
C MET VA 114 -19.05 108.12 26.61
N VAL VA 115 -17.92 107.61 27.10
CA VAL VA 115 -17.55 107.82 28.48
C VAL VA 115 -17.15 109.28 28.70
N ILE VA 116 -16.45 109.86 27.72
CA ILE VA 116 -16.09 111.27 27.78
C ILE VA 116 -17.32 112.16 27.72
N ASP VA 117 -18.35 111.71 26.99
CA ASP VA 117 -19.55 112.53 26.79
C ASP VA 117 -20.33 112.72 28.08
N GLU VA 118 -20.33 111.72 28.96
CA GLU VA 118 -21.05 111.90 30.22
C GLU VA 118 -20.21 112.65 31.24
N GLU VA 119 -18.88 112.49 31.19
CA GLU VA 119 -18.01 113.19 32.12
C GLU VA 119 -18.01 114.70 31.90
N LEU VA 120 -18.27 115.12 30.67
CA LEU VA 120 -18.35 116.55 30.38
C LEU VA 120 -19.66 117.15 30.84
N LEU VA 121 -20.69 116.35 31.07
CA LEU VA 121 -21.90 116.84 31.70
C LEU VA 121 -21.63 117.19 33.16
N GLY VA 122 -20.97 116.29 33.87
CA GLY VA 122 -20.56 116.56 35.24
C GLY VA 122 -21.70 116.60 36.24
N ASP VA 123 -22.81 115.93 35.94
CA ASP VA 123 -23.97 115.92 36.81
C ASP VA 123 -23.86 114.91 37.95
N GLY VA 124 -22.77 114.17 38.04
CA GLY VA 124 -22.62 113.19 39.09
C GLY VA 124 -23.22 111.84 38.76
N HIS VA 125 -23.23 111.45 37.50
CA HIS VA 125 -23.71 110.14 37.08
C HIS VA 125 -22.64 109.46 36.25
N SER VA 126 -22.82 108.16 36.06
CA SER VA 126 -21.89 107.38 35.26
C SER VA 126 -22.64 106.18 34.70
N TYR VA 127 -22.01 105.49 33.76
CA TYR VA 127 -22.59 104.27 33.24
C TYR VA 127 -22.24 103.11 34.16
N SER VA 128 -23.26 102.37 34.57
CA SER VA 128 -23.06 101.14 35.31
C SER VA 128 -22.47 100.08 34.38
N PRO VA 129 -21.81 99.06 34.92
CA PRO VA 129 -21.36 97.96 34.06
C PRO VA 129 -22.49 97.19 33.42
N ARG VA 130 -23.69 97.20 34.00
CA ARG VA 130 -24.81 96.55 33.37
C ARG VA 130 -25.35 97.35 32.20
N ALA VA 131 -25.28 98.68 32.28
CA ALA VA 131 -25.80 99.52 31.20
C ALA VA 131 -24.93 99.42 29.96
N ILE VA 132 -23.62 99.27 30.15
CA ILE VA 132 -22.72 99.07 29.02
C ILE VA 132 -22.94 97.69 28.41
N HIS VA 133 -23.19 96.70 29.27
CA HIS VA 133 -23.56 95.37 28.78
C HIS VA 133 -24.91 95.38 28.08
N SER VA 134 -25.82 96.25 28.49
CA SER VA 134 -27.09 96.38 27.79
C SER VA 134 -26.92 97.14 26.49
N TRP VA 135 -26.05 98.16 26.48
CA TRP VA 135 -25.82 98.94 25.27
C TRP VA 135 -25.13 98.10 24.20
N LEU VA 136 -24.14 97.32 24.61
CA LEU VA 136 -23.32 96.59 23.66
C LEU VA 136 -24.09 95.43 23.04
N THR VA 137 -25.11 94.93 23.75
CA THR VA 137 -25.96 93.88 23.20
C THR VA 137 -26.79 94.39 22.04
N ARG VA 138 -27.38 95.57 22.20
CA ARG VA 138 -28.17 96.16 21.12
C ARG VA 138 -27.29 96.58 19.95
N ALA VA 139 -26.02 96.87 20.20
CA ALA VA 139 -25.11 97.19 19.12
C ALA VA 139 -24.82 95.95 18.26
N MET VA 140 -24.69 94.79 18.89
CA MET VA 140 -24.42 93.57 18.14
C MET VA 140 -25.64 93.09 17.39
N TYR VA 141 -26.83 93.19 18.01
CA TYR VA 141 -28.03 92.65 17.40
C TYR VA 141 -28.46 93.48 16.20
N SER VA 142 -28.31 94.80 16.27
CA SER VA 142 -28.64 95.65 15.14
C SER VA 142 -27.63 95.46 14.02
N ARG VA 143 -26.40 95.11 14.36
CA ARG VA 143 -25.37 94.96 13.35
C ARG VA 143 -25.56 93.66 12.56
N ARG VA 144 -25.92 92.57 13.25
CA ARG VA 144 -26.14 91.31 12.57
C ARG VA 144 -27.46 91.27 11.82
N SER VA 145 -28.40 92.16 12.13
CA SER VA 145 -29.67 92.16 11.45
C SER VA 145 -29.56 92.72 10.04
N LYS VA 146 -28.47 93.41 9.73
CA LYS VA 146 -28.19 93.90 8.39
C LYS VA 146 -27.28 92.98 7.60
N MET VA 147 -27.06 91.75 8.11
CA MET VA 147 -26.23 90.71 7.50
C MET VA 147 -24.80 91.20 7.28
N ASN VA 148 -24.27 91.95 8.26
CA ASN VA 148 -22.92 92.50 8.18
C ASN VA 148 -22.37 92.63 9.60
N PRO VA 149 -22.05 91.52 10.24
CA PRO VA 149 -21.84 91.51 11.69
C PRO VA 149 -20.48 92.08 12.07
N LEU VA 150 -20.23 92.13 13.38
CA LEU VA 150 -18.94 92.46 13.93
C LEU VA 150 -18.36 91.21 14.58
N TRP VA 151 -17.29 90.68 13.99
CA TRP VA 151 -16.72 89.40 14.39
C TRP VA 151 -15.96 89.59 15.71
N ASN VA 152 -16.70 89.53 16.82
CA ASN VA 152 -16.10 89.64 18.13
C ASN VA 152 -16.79 88.71 19.10
N THR VA 153 -16.21 88.63 20.29
CA THR VA 153 -16.82 87.97 21.44
C THR VA 153 -16.27 88.65 22.67
N MET VA 154 -17.11 89.34 23.42
CA MET VA 154 -16.67 90.33 24.38
C MET VA 154 -17.08 89.95 25.80
N VAL VA 155 -16.20 90.24 26.74
CA VAL VA 155 -16.39 89.93 28.16
C VAL VA 155 -16.31 91.24 28.92
N ILE VA 156 -17.33 91.54 29.72
CA ILE VA 156 -17.41 92.78 30.48
C ILE VA 156 -17.35 92.44 31.96
N GLY VA 157 -16.33 92.93 32.65
CA GLY VA 157 -16.20 92.79 34.08
C GLY VA 157 -16.35 94.14 34.75
N GLY VA 158 -17.19 94.19 35.78
CA GLY VA 158 -17.48 95.43 36.46
C GLY VA 158 -17.67 95.21 37.94
N TYR VA 159 -17.45 96.29 38.70
CA TYR VA 159 -17.65 96.28 40.14
C TYR VA 159 -18.17 97.63 40.58
N ALA VA 160 -19.46 97.72 40.84
CA ALA VA 160 -20.07 98.95 41.31
C ALA VA 160 -21.08 98.62 42.41
N ASP VA 161 -21.16 99.52 43.39
CA ASP VA 161 -22.09 99.45 44.53
C ASP VA 161 -21.88 98.17 45.35
N GLY VA 162 -20.63 97.76 45.48
CA GLY VA 162 -20.32 96.53 46.19
C GLY VA 162 -20.80 95.27 45.50
N GLU VA 163 -20.95 95.32 44.18
CA GLU VA 163 -21.50 94.20 43.42
C GLU VA 163 -20.57 93.88 42.26
N SER VA 164 -20.03 92.67 42.25
CA SER VA 164 -19.19 92.24 41.14
C SER VA 164 -20.08 91.83 39.98
N PHE VA 165 -19.78 92.39 38.80
CA PHE VA 165 -20.53 92.10 37.59
C PHE VA 165 -19.63 91.41 36.58
N LEU VA 166 -20.17 90.42 35.87
CA LEU VA 166 -19.41 89.70 34.86
C LEU VA 166 -20.37 89.32 33.75
N GLY VA 167 -20.25 89.97 32.60
CA GLY VA 167 -21.21 89.79 31.52
C GLY VA 167 -20.55 89.27 30.25
N TYR VA 168 -21.33 88.53 29.47
CA TYR VA 168 -20.89 87.96 28.21
C TYR VA 168 -21.64 88.62 27.06
N VAL VA 169 -20.96 88.80 25.93
CA VAL VA 169 -21.57 89.34 24.73
C VAL VA 169 -21.08 88.50 23.55
N ASP VA 170 -22.00 87.94 22.80
CA ASP VA 170 -21.68 87.18 21.60
C ASP VA 170 -21.82 88.06 20.37
N MET VA 171 -21.27 87.58 19.25
CA MET VA 171 -21.48 88.22 17.95
C MET VA 171 -22.94 88.19 17.55
N LEU VA 172 -23.64 87.10 17.85
CA LEU VA 172 -25.03 86.92 17.45
C LEU VA 172 -26.02 87.54 18.42
N GLY VA 173 -25.58 88.44 19.29
CA GLY VA 173 -26.48 89.06 20.24
C GLY VA 173 -26.87 88.20 21.41
N VAL VA 174 -26.13 87.13 21.68
CA VAL VA 174 -26.41 86.28 22.83
C VAL VA 174 -25.66 86.85 24.03
N ALA VA 175 -26.37 87.10 25.12
CA ALA VA 175 -25.78 87.72 26.28
C ALA VA 175 -26.37 87.12 27.55
N TYR VA 176 -25.54 86.98 28.58
CA TYR VA 176 -25.98 86.46 29.86
C TYR VA 176 -25.00 86.89 30.93
N GLU VA 177 -25.21 86.40 32.15
CA GLU VA 177 -24.34 86.64 33.28
C GLU VA 177 -23.90 85.30 33.86
N ALA VA 178 -22.69 85.27 34.42
CA ALA VA 178 -22.13 84.04 34.95
C ALA VA 178 -21.07 84.40 35.97
N PRO VA 179 -20.83 83.54 36.97
CA PRO VA 179 -19.71 83.79 37.89
C PRO VA 179 -18.34 83.53 37.26
N SER VA 180 -18.29 82.85 36.12
CA SER VA 180 -17.02 82.61 35.44
C SER VA 180 -17.30 82.50 33.95
N LEU VA 181 -16.49 83.18 33.14
CA LEU VA 181 -16.66 83.20 31.71
C LEU VA 181 -15.39 82.75 31.01
N ALA VA 182 -15.57 82.26 29.79
CA ALA VA 182 -14.46 81.81 28.95
C ALA VA 182 -14.92 81.83 27.50
N THR VA 183 -14.03 82.30 26.63
CA THR VA 183 -14.32 82.39 25.21
C THR VA 183 -13.45 81.42 24.44
N GLY VA 184 -13.87 81.08 23.23
CA GLY VA 184 -13.05 80.28 22.33
C GLY VA 184 -12.86 78.86 22.83
N TYR VA 185 -11.62 78.40 22.77
CA TYR VA 185 -11.26 77.09 23.31
C TYR VA 185 -11.17 77.09 24.82
N GLY VA 186 -11.11 78.26 25.45
CA GLY VA 186 -11.15 78.32 26.91
C GLY VA 186 -12.48 77.86 27.46
N ALA VA 187 -13.56 78.02 26.69
CA ALA VA 187 -14.86 77.47 27.06
C ALA VA 187 -14.86 75.95 27.01
N TYR VA 188 -13.94 75.35 26.28
CA TYR VA 188 -13.79 73.91 26.27
C TYR VA 188 -12.75 73.42 27.27
N LEU VA 189 -11.77 74.26 27.62
CA LEU VA 189 -10.64 73.83 28.43
C LEU VA 189 -10.65 74.45 29.82
N ALA VA 190 -10.67 75.78 29.92
CA ALA VA 190 -10.58 76.41 31.23
C ALA VA 190 -11.92 76.42 31.96
N GLN VA 191 -13.02 76.43 31.21
CA GLN VA 191 -14.35 76.43 31.81
C GLN VA 191 -14.67 75.20 32.67
N PRO VA 192 -14.22 73.97 32.36
CA PRO VA 192 -14.36 72.91 33.38
C PRO VA 192 -13.54 73.13 34.64
N LEU VA 193 -12.42 73.85 34.55
CA LEU VA 193 -11.65 74.13 35.75
C LEU VA 193 -12.33 75.20 36.61
N LEU VA 194 -13.00 76.15 35.96
CA LEU VA 194 -13.65 77.23 36.70
C LEU VA 194 -14.87 76.73 37.46
N ARG VA 195 -15.73 75.97 36.79
CA ARG VA 195 -16.97 75.50 37.40
C ARG VA 195 -16.74 74.44 38.45
N GLU VA 196 -15.62 73.72 38.40
CA GLU VA 196 -15.36 72.68 39.38
C GLU VA 196 -15.05 73.28 40.75
N VAL VA 197 -14.28 74.36 40.77
CA VAL VA 197 -13.94 75.00 42.04
C VAL VA 197 -15.13 75.79 42.58
N LEU VA 198 -15.86 76.47 41.69
CA LEU VA 198 -16.96 77.32 42.15
C LEU VA 198 -18.15 76.51 42.65
N GLU VA 199 -18.40 75.34 42.07
CA GLU VA 199 -19.45 74.49 42.62
C GLU VA 199 -19.03 73.81 43.92
N LYS VA 200 -17.72 73.66 44.15
CA LYS VA 200 -17.25 73.18 45.45
C LYS VA 200 -17.27 74.29 46.49
N GLN VA 201 -16.68 75.43 46.17
CA GLN VA 201 -16.67 76.59 47.06
C GLN VA 201 -17.20 77.78 46.28
N PRO VA 202 -18.34 78.36 46.67
CA PRO VA 202 -18.94 79.42 45.84
C PRO VA 202 -18.18 80.73 45.85
N VAL VA 203 -17.68 81.16 47.00
CA VAL VA 203 -16.98 82.43 47.11
C VAL VA 203 -15.48 82.18 47.05
N LEU VA 204 -14.74 83.21 46.62
CA LEU VA 204 -13.30 83.13 46.53
C LEU VA 204 -12.71 84.44 47.01
N SER VA 205 -11.49 84.37 47.52
CA SER VA 205 -10.75 85.57 47.84
C SER VA 205 -10.03 86.06 46.59
N GLN VA 206 -9.23 87.13 46.75
CA GLN VA 206 -8.54 87.68 45.59
C GLN VA 206 -7.32 86.83 45.22
N THR VA 207 -6.59 86.35 46.23
CA THR VA 207 -5.39 85.57 45.96
C THR VA 207 -5.73 84.19 45.45
N GLU VA 208 -6.86 83.62 45.89
CA GLU VA 208 -7.29 82.33 45.38
C GLU VA 208 -7.72 82.43 43.92
N ALA VA 209 -8.41 83.52 43.56
CA ALA VA 209 -8.87 83.68 42.19
C ALA VA 209 -7.73 84.02 41.25
N ARG VA 210 -6.74 84.79 41.72
CA ARG VA 210 -5.64 85.19 40.85
C ARG VA 210 -4.72 84.02 40.54
N ASP VA 211 -4.49 83.14 41.53
CA ASP VA 211 -3.69 81.96 41.28
C ASP VA 211 -4.41 80.96 40.38
N LEU VA 212 -5.73 80.91 40.45
CA LEU VA 212 -6.47 79.93 39.68
C LEU VA 212 -6.51 80.30 38.20
N VAL VA 213 -6.42 81.60 37.89
CA VAL VA 213 -6.38 82.01 36.49
C VAL VA 213 -5.04 81.65 35.87
N GLU VA 214 -3.95 81.78 36.64
CA GLU VA 214 -2.62 81.44 36.14
C GLU VA 214 -2.48 79.96 35.85
N ARG VA 215 -3.24 79.13 36.53
CA ARG VA 215 -3.24 77.70 36.24
C ARG VA 215 -3.99 77.42 34.94
N CYS VA 216 -5.09 78.13 34.70
CA CYS VA 216 -5.87 77.93 33.48
C CYS VA 216 -5.14 78.50 32.27
N MET VA 217 -4.45 79.63 32.45
CA MET VA 217 -3.66 80.17 31.35
C MET VA 217 -2.46 79.29 31.02
N ARG VA 218 -1.98 78.53 32.00
CA ARG VA 218 -0.94 77.55 31.72
C ARG VA 218 -1.46 76.43 30.84
N VAL VA 219 -2.67 75.93 31.13
CA VAL VA 219 -3.24 74.83 30.37
C VAL VA 219 -3.55 75.25 28.95
N LEU VA 220 -4.04 76.48 28.78
CA LEU VA 220 -4.28 77.00 27.44
C LEU VA 220 -2.99 77.20 26.65
N TYR VA 221 -1.85 77.34 27.33
CA TYR VA 221 -0.60 77.43 26.59
C TYR VA 221 -0.20 76.07 26.02
N TYR VA 222 -0.59 74.98 26.67
CA TYR VA 222 -0.26 73.66 26.16
C TYR VA 222 -1.15 73.27 24.98
N ARG VA 223 -2.46 73.31 25.17
CA ARG VA 223 -3.38 72.63 24.27
C ARG VA 223 -3.95 73.52 23.17
N ASP VA 224 -3.82 74.84 23.26
CA ASP VA 224 -4.29 75.69 22.18
C ASP VA 224 -3.17 75.92 21.19
N ALA VA 225 -3.48 75.73 19.91
CA ALA VA 225 -2.47 75.86 18.87
C ALA VA 225 -2.09 77.30 18.58
N ARG VA 226 -2.91 78.26 18.99
CA ARG VA 226 -2.72 79.65 18.63
C ARG VA 226 -2.69 80.52 19.88
N SER VA 227 -1.92 80.10 20.87
CA SER VA 227 -1.70 80.85 22.10
C SER VA 227 -0.25 81.34 22.15
N TYR VA 228 0.07 82.05 23.23
CA TYR VA 228 1.37 82.71 23.31
C TYR VA 228 1.71 82.92 24.78
N ASN VA 229 3.00 82.84 25.11
CA ASN VA 229 3.45 82.87 26.50
C ASN VA 229 3.72 84.29 26.97
N ARG VA 230 2.73 85.17 26.82
CA ARG VA 230 2.85 86.55 27.26
C ARG VA 230 1.44 87.09 27.42
N PHE VA 231 1.02 87.31 28.66
CA PHE VA 231 -0.35 87.69 28.93
C PHE VA 231 -0.36 88.78 30.00
N GLN VA 232 -1.50 89.43 30.13
CA GLN VA 232 -1.67 90.49 31.08
C GLN VA 232 -2.97 90.29 31.84
N ILE VA 233 -2.96 90.67 33.12
CA ILE VA 233 -4.06 90.42 34.04
C ILE VA 233 -4.62 91.77 34.49
N ALA VA 234 -5.92 91.94 34.34
CA ALA VA 234 -6.58 93.18 34.70
C ALA VA 234 -7.63 92.89 35.76
N THR VA 235 -7.72 93.77 36.76
CA THR VA 235 -8.53 93.52 37.95
C THR VA 235 -9.24 94.78 38.39
N VAL VA 236 -10.56 94.70 38.56
CA VAL VA 236 -11.33 95.78 39.15
C VAL VA 236 -11.49 95.53 40.63
N THR VA 237 -11.47 96.61 41.41
CA THR VA 237 -11.77 96.58 42.83
C THR VA 237 -12.70 97.75 43.12
N GLU VA 238 -12.88 98.04 44.39
CA GLU VA 238 -13.48 99.32 44.76
C GLU VA 238 -12.49 100.46 44.66
N LYS VA 239 -11.20 100.16 44.54
CA LYS VA 239 -10.18 101.19 44.38
C LYS VA 239 -9.97 101.60 42.93
N GLY VA 240 -10.52 100.87 41.97
CA GLY VA 240 -10.42 101.23 40.58
C GLY VA 240 -9.99 100.06 39.74
N VAL VA 241 -9.48 100.38 38.54
CA VAL VA 241 -9.07 99.39 37.56
C VAL VA 241 -7.55 99.39 37.49
N GLU VA 242 -6.95 98.22 37.63
CA GLU VA 242 -5.51 98.08 37.55
C GLU VA 242 -5.16 96.95 36.60
N ILE VA 243 -4.21 97.20 35.71
CA ILE VA 243 -3.79 96.25 34.68
C ILE VA 243 -2.35 95.87 34.93
N GLU VA 244 -2.08 94.58 35.06
CA GLU VA 244 -0.72 94.11 35.27
C GLU VA 244 0.00 93.98 33.94
N GLY VA 245 1.30 93.68 34.01
CA GLY VA 245 2.15 93.72 32.85
C GLY VA 245 2.21 92.42 32.08
N PRO VA 246 3.19 92.30 31.17
CA PRO VA 246 3.28 91.10 30.34
C PRO VA 246 3.82 89.90 31.08
N LEU VA 247 2.95 89.20 31.79
CA LEU VA 247 3.35 88.07 32.60
C LEU VA 247 3.49 86.83 31.72
N SER VA 248 4.14 85.81 32.28
CA SER VA 248 4.38 84.57 31.55
C SER VA 248 4.22 83.40 32.50
N THR VA 249 4.09 82.21 31.92
CA THR VA 249 3.89 80.98 32.67
C THR VA 249 5.20 80.21 32.80
N GLU VA 250 5.12 79.07 33.46
CA GLU VA 250 6.25 78.17 33.63
C GLU VA 250 5.79 76.77 33.25
N THR VA 251 6.31 76.25 32.14
CA THR VA 251 5.85 74.99 31.60
C THR VA 251 6.60 73.82 32.25
N ASN VA 252 6.09 72.62 31.99
CA ASN VA 252 6.71 71.38 32.44
C ASN VA 252 6.84 70.46 31.24
N TRP VA 253 8.04 69.97 31.00
CA TRP VA 253 8.30 69.10 29.87
C TRP VA 253 9.00 67.82 30.28
N ASP VA 254 8.67 67.32 31.48
CA ASP VA 254 9.32 66.11 31.97
C ASP VA 254 8.80 64.84 31.30
N ILE VA 255 7.63 64.91 30.66
CA ILE VA 255 7.09 63.73 29.98
C ILE VA 255 7.68 63.53 28.59
N ALA VA 256 8.58 64.41 28.15
CA ALA VA 256 9.20 64.26 26.84
C ALA VA 256 10.21 63.12 26.83
N HIS VA 257 10.77 62.78 27.99
CA HIS VA 257 11.68 61.64 28.05
C HIS VA 257 10.95 60.31 27.97
N MET VA 258 9.68 60.29 28.35
CA MET VA 258 8.85 59.10 28.21
C MET VA 258 8.50 58.92 26.75
N ILE VA 259 9.01 57.87 26.12
CA ILE VA 259 8.78 57.62 24.71
C ILE VA 259 7.36 57.11 24.49
ZN ZN WA . 49.67 -73.41 -6.56
PG ATP XA . -0.34 -15.53 -41.08
O1G ATP XA . -1.56 -15.55 -40.19
O2G ATP XA . 0.68 -16.58 -40.75
O3G ATP XA . 0.26 -14.17 -41.30
PB ATP XA . 0.00 -16.37 -43.73
O1B ATP XA . 0.81 -17.59 -43.39
O2B ATP XA . 0.65 -15.14 -44.28
O3B ATP XA . -0.94 -15.92 -42.51
PA ATP XA . -0.59 -17.87 -45.91
O1A ATP XA . -0.63 -19.24 -45.28
O2A ATP XA . 0.69 -17.34 -46.52
O3A ATP XA . -1.07 -16.83 -44.81
O5' ATP XA . -1.77 -17.82 -46.99
C5' ATP XA . -3.07 -18.21 -46.55
C4' ATP XA . -3.82 -18.82 -47.72
O4' ATP XA . -4.33 -17.79 -48.56
C3' ATP XA . -2.90 -19.68 -48.56
O3' ATP XA . -3.26 -21.06 -48.42
C2' ATP XA . -3.12 -19.23 -49.98
O2' ATP XA . -3.65 -20.30 -50.76
C1' ATP XA . -4.11 -18.08 -49.93
N9 ATP XA . -3.45 -16.90 -50.50
C8 ATP XA . -3.14 -15.80 -49.80
N7 ATP XA . -2.54 -14.87 -50.58
C5 ATP XA . -2.45 -15.40 -51.81
C6 ATP XA . -1.90 -14.95 -53.11
N6 ATP XA . -1.34 -13.73 -53.24
N1 ATP XA . -2.00 -15.79 -54.16
C2 ATP XA . -2.57 -17.00 -54.03
N3 ATP XA . -3.08 -17.47 -52.88
C4 ATP XA . -3.06 -16.73 -51.76
MG MG YA . 1.72 -18.20 -41.62
PB ADP ZA . -22.61 -23.94 -22.83
O1B ADP ZA . -23.11 -23.23 -24.06
O2B ADP ZA . -22.46 -23.06 -21.63
O3B ADP ZA . -21.44 -24.86 -23.10
PA ADP ZA . -24.74 -25.50 -23.63
O1A ADP ZA . -23.88 -26.12 -24.68
O2A ADP ZA . -25.67 -24.40 -24.08
O3A ADP ZA . -23.81 -24.94 -22.45
O5' ADP ZA . -25.66 -26.62 -22.93
C5' ADP ZA . -27.06 -26.39 -23.00
C4' ADP ZA . -27.89 -27.06 -21.90
O4' ADP ZA . -29.22 -26.56 -22.01
C3' ADP ZA . -27.95 -28.56 -22.07
O3' ADP ZA . -27.65 -29.20 -20.83
C2' ADP ZA . -29.39 -28.87 -22.44
O2' ADP ZA . -29.94 -29.82 -21.52
C1' ADP ZA . -30.16 -27.56 -22.37
N9 ADP ZA . -30.62 -27.22 -23.74
C8 ADP ZA . -30.27 -26.09 -24.38
N7 ADP ZA . -30.83 -26.03 -25.61
C5 ADP ZA . -31.57 -27.14 -25.76
C6 ADP ZA . -32.42 -27.68 -26.83
N6 ADP ZA . -32.58 -27.00 -27.99
N1 ADP ZA . -33.03 -28.87 -26.62
C2 ADP ZA . -32.86 -29.54 -25.46
N3 ADP ZA . -32.09 -29.10 -24.44
C4 ADP ZA . -31.44 -27.92 -24.53
PG ATP AB . 19.38 -24.43 16.07
O1G ATP AB . 17.88 -24.45 15.92
O2G ATP AB . 20.03 -23.15 15.60
O3G ATP AB . 20.07 -25.69 15.66
PB ATP AB . 18.93 -25.43 18.65
O1B ATP AB . 18.55 -26.65 17.87
O2B ATP AB . 17.90 -24.69 19.46
O3B ATP AB . 19.59 -24.36 17.66
PA ATP AB . 20.89 -24.64 20.44
O1A ATP AB . 21.68 -23.79 19.49
O2A ATP AB . 19.89 -23.97 21.34
O3A ATP AB . 20.18 -25.79 19.59
O5' ATP AB . 21.98 -25.39 21.35
C5' ATP AB . 22.16 -24.90 22.67
C4' ATP AB . 22.94 -23.60 22.59
O4' ATP AB . 22.11 -22.53 23.05
C3' ATP AB . 24.17 -23.63 23.45
O3' ATP AB . 25.28 -23.14 22.70
C2' ATP AB . 23.90 -22.66 24.57
O2' ATP AB . 24.99 -21.73 24.64
C1' ATP AB . 22.62 -21.93 24.23
N9 ATP AB . 21.55 -22.08 25.25
C8 ATP AB . 20.26 -22.08 24.88
N7 ATP AB . 19.43 -22.22 25.94
C5 ATP AB . 20.20 -22.32 27.03
C6 ATP AB . 19.93 -22.48 28.47
N6 ATP AB . 18.67 -22.57 28.93
N1 ATP AB . 20.99 -22.54 29.30
C2 ATP AB . 22.25 -22.45 28.85
N3 ATP AB . 22.55 -22.29 27.55
C4 ATP AB . 21.59 -22.21 26.59
MG MG BB . 20.53 -26.86 17.33
PB ADP CB . 36.59 -8.21 -1.69
O1B ADP CB . 36.09 -8.50 -3.09
O2B ADP CB . 37.03 -9.44 -0.94
O3B ADP CB . 35.72 -7.27 -0.91
PA ADP CB . 39.25 -8.22 -2.33
O1A ADP CB . 38.91 -9.19 -3.43
O2A ADP CB . 39.93 -8.73 -1.08
O3A ADP CB . 37.94 -7.40 -1.92
O5' ADP CB . 40.19 -7.08 -2.95
C5' ADP CB . 41.55 -7.40 -3.18
C4' ADP CB . 42.27 -6.21 -3.79
O4' ADP CB . 41.84 -4.98 -3.21
C3' ADP CB . 43.75 -6.35 -3.53
O3' ADP CB . 44.44 -6.60 -4.75
C2' ADP CB . 44.19 -5.02 -2.98
O2' ADP CB . 45.12 -4.41 -3.87
C1' ADP CB . 42.96 -4.16 -2.86
N9 ADP CB . 42.73 -3.71 -1.47
C8 ADP CB . 41.54 -3.82 -0.86
N7 ADP CB . 41.58 -3.35 0.40
C5 ADP CB . 42.83 -2.92 0.62
C6 ADP CB . 43.54 -2.31 1.76
N6 ADP CB . 42.92 -2.06 2.93
N1 ADP CB . 44.85 -2.00 1.60
C2 ADP CB . 45.48 -2.24 0.45
N3 ADP CB . 44.90 -2.80 -0.63
C4 ADP CB . 43.59 -3.15 -0.61
PG ATP DB . 26.03 -7.02 -31.46
O1G ATP DB . 25.62 -6.79 -32.88
O2G ATP DB . 25.49 -8.30 -30.86
O3G ATP DB . 25.92 -5.83 -30.55
PB ATP DB . 28.65 -6.29 -32.15
O1B ATP DB . 28.29 -4.88 -31.76
O2B ATP DB . 30.01 -6.82 -31.82
O3B ATP DB . 27.59 -7.35 -31.61
PA ATP DB . 29.31 -5.49 -34.68
O1A ATP DB . 28.78 -4.09 -34.47
O2A ATP DB . 30.76 -5.80 -34.45
O3A ATP DB . 28.45 -6.45 -33.72
O5' ATP DB . 28.92 -5.89 -36.18
C5' ATP DB . 29.91 -6.44 -37.03
C4' ATP DB . 29.73 -5.87 -38.44
O4' ATP DB . 29.59 -4.45 -38.38
C3' ATP DB . 30.94 -6.17 -39.29
O3' ATP DB . 30.55 -6.87 -40.48
C2' ATP DB . 31.52 -4.83 -39.67
O2' ATP DB . 31.78 -4.78 -41.06
C1' ATP DB . 30.47 -3.80 -39.30
N9 ATP DB . 31.07 -2.64 -38.59
C8 ATP DB . 30.54 -2.15 -37.46
N7 ATP DB . 31.25 -1.09 -37.01
C5 ATP DB . 32.26 -0.89 -37.87
C6 ATP DB . 33.37 0.07 -37.96
N6 ATP DB . 33.53 1.03 -37.03
N1 ATP DB . 34.21 -0.04 -39.02
C2 ATP DB . 34.04 -0.99 -39.94
N3 ATP DB . 33.05 -1.89 -39.91
C4 ATP DB . 32.13 -1.90 -38.92
MG MG EB . 29.07 -8.64 -31.09
#